data_9P8C
#
_entry.id   9P8C
#
loop_
_entity.id
_entity.type
_entity.pdbx_description
1 polymer 'SERPINE1 mRNA-binding protein 1'
2 polymer 'Transcription factor BTF3'
3 polymer '28S rRNA'
4 polymer '5S rRNA'
5 polymer '5.8S rRNA'
6 polymer '60S ribosomal protein L8'
7 polymer 'Large ribosomal subunit protein uL3'
8 polymer '60S ribosomal protein L4'
9 polymer 'Large ribosomal subunit protein uL18'
10 polymer 'Large ribosomal subunit protein eL6'
11 polymer '60S ribosomal protein L7'
12 polymer '60S ribosomal protein L7a'
13 polymer '60S ribosomal protein L9'
14 polymer 'Ribosomal protein uL16-like'
15 polymer '60S ribosomal protein L11'
16 polymer 'Large ribosomal subunit protein eL13'
17 polymer '60S ribosomal protein L14'
18 polymer '60S ribosomal protein L15'
19 polymer '60S ribosomal protein L13a'
20 polymer '60S ribosomal protein L17'
21 polymer '60S ribosomal protein L18'
22 polymer '60S ribosomal protein L19'
23 polymer '60S ribosomal protein L18a'
24 polymer '60S ribosomal protein L21'
25 polymer 'Heparin-binding protein HBp15'
26 polymer '60S ribosomal protein L23'
27 polymer 'Ribosomal protein L24'
28 polymer '60S ribosomal protein L23a'
29 polymer '60S ribosomal protein L26'
30 polymer '60S ribosomal protein L27'
31 polymer '60S ribosomal protein L27a'
32 polymer 'Large ribosomal subunit protein eL29'
33 polymer '60S ribosomal protein L30'
34 polymer '60S ribosomal protein L31'
35 polymer '60S ribosomal protein L32'
36 polymer '60S ribosomal protein L35a'
37 polymer '60S ribosomal protein L34'
38 polymer '60S ribosomal protein L35'
39 polymer '60S ribosomal protein L36'
40 polymer '60S ribosomal protein L37'
41 polymer '60S ribosomal protein L38'
42 polymer '60S ribosomal protein L39'
43 polymer 'Large ribosomal subunit protein eL40'
44 polymer '60S ribosomal protein L41'
45 polymer '60S ribosomal protein L36a'
46 polymer '60S ribosomal protein L37a'
47 polymer '60S ribosomal protein L28'
48 polymer '60S acidic ribosomal protein P0'
49 polymer 'Large ribosomal subunit protein uL11'
50 polymer '40S ribosomal protein SA'
51 polymer '40S ribosomal protein S3a'
52 polymer '40S ribosomal protein S2'
53 polymer 'Small ribosomal subunit protein eS4, X isoform'
54 polymer '40S ribosomal protein S6'
55 polymer 'Small ribosomal subunit protein eS7'
56 polymer '40S ribosomal protein S8'
57 polymer '40S ribosomal protein S9'
58 polymer '40S ribosomal protein S11'
59 polymer '40S ribosomal protein S13'
60 polymer 'Small ribosomal subunit protein uS11'
61 polymer 'Small ribosomal subunit protein eS21'
62 polymer '40S ribosomal protein S15a'
63 polymer '40S ribosomal protein S23'
64 polymer '40S ribosomal protein S24'
65 polymer '40S ribosomal protein S26'
66 polymer 'Small ribosomal subunit protein eS27'
67 polymer 'Small ribosomal subunit protein eS30'
68 polymer '18S rRNA'
69 polymer 'Small ribosomal subunit protein eS17'
70 polymer 'Small ribosomal subunit protein uS3'
71 polymer '40S ribosomal protein S5'
72 polymer '40S ribosomal protein S10'
73 polymer 'Small ribosomal subunit protein eS12'
74 polymer 'Small ribosomal subunit protein uS19'
75 polymer 'Small ribosomal subunit protein uS9'
76 polymer '40S ribosomal protein S18'
77 polymer '40S ribosomal protein S19'
78 polymer '40S ribosomal protein S20'
79 polymer 'Small ribosomal subunit protein eS25'
80 polymer '40S ribosomal protein S28'
81 polymer '40S ribosomal protein S29'
82 polymer 'Ubiquitin-40S ribosomal protein S27a'
83 polymer 'Receptor of activated protein C kinase 1'
84 polymer 'Elongation factor 2'
85 polymer 'Proliferation-associated protein 2G4'
86 non-polymer 'MAGNESIUM ION'
87 non-polymer SPERMINE
88 non-polymer SPERMIDINE
89 non-polymer 'ZINC ION'
#
loop_
_entity_poly.entity_id
_entity_poly.type
_entity_poly.pdbx_seq_one_letter_code
_entity_poly.pdbx_strand_id
1 'polypeptide(L)'
;MPGHLQEGFGCVVTNRFDQLFDDESDPFEVLKAAENKKKEAGGGGVGGPGAKSAAQAAAQTNSNAAGKQLRKESQKDRKN
PLPPSVGVVDKKEETQPPVALKKEGIRRVGRRPDQQLQGEGKIIDRRPERRPPRERRFEKPLEEKGEGGEFSVDRPIIDR
PIRGRGGLGRGRGGRGRGMGRGDGFDSRGKREFDRHSGSDRSSFSHYSGLKHEDKRGGSGSHNWGTVKDELTESPKYIQK
QISYNYSDLDQSNVTEETPEGEEHHPVADTENKENEVEEVKEEGPKEMTLDEWKAIQNKDRAKVEFNIRKPNEGADGQWK
KGFVLHKSKSEEAHAEDSVMDHHFRKPANDITSQLEINFGDLGRPGRGGRGGRGGRGRGGRPNRGSRTDKSSASAPDVDD
PEAFPALA
;
CD
2 'polypeptide(L)' IMNQEKLAKLQAQVRIGGKGTARRKKKVVHR CI
3 'polyribonucleotide'
;CGCGACCUCAGAUCAGACGUGGCGACCCGCUGAAUUUAAGCAUAUUAGUCAGCGGAGGAGAAGAAACUAACCAGGAUUCC
CUCAGUAACGGCGAGUGAACAGGGAAGAGCCCAGCGCCGAAUCCCCGCCCCGCGGCGGGGCGCGGGACAUGUGGCGUACG
GAAGACCCGCUCCCCGGCGCCGCUCGUGGGGGGCCCAAGUCCUUCUGAUCGAGGCCCAGCCCGUGGACGGUGUGAGGCCG
GUAGCGGCCCCCGGCGCGCCGGGCCCGGGUCUUCCCGGAGUCGGGUUGCUUGGGAAUGCAGCCCAAAGCGGGUGGUAAAC
UCCAUCUAAGGCUAAAUACCGGCACGAGACCGAUAGUCAACAAGUACCGUAAGGGAAAGUUGAAAAGAACUUUGAAG
(A2M)G(A2M)GAGUUCAAGAGGGCGUGAAACCGUUAAGAGGUAAACGGGUGGGGUCCGCGCAGUCCGCCCGGAGGAUUC
AACCCGGCGGCGGGUCCGGCCGUGUCGGCGGCCCGGCGGAUCUUUCCCGCCCCCCGUUCCUCCCGACCCCUCCACCCGCC
CUCCCUUCCCCCGCCGCCCCUCCUCCUCCUCCCCGGAGGGGGCGGGCUCCGGCGGGUGCGGGGGUGGGCGGGCGGGGCCG
GGGGUGGGGUCGGCGGGGGACCGUCCCCCGACCGGCGACCGGCCGCCGCCGGGCGCAUUUCCACCGCGGCGGUGCGCCGC
GACCGGCUCCGGGACGGCUGGGAAGGCCCGGCGGGGAAGGUGGCUCGGGGGGCCCCGUCCGUCCGUCCGUCCGUCCUCCU
CCUCCCCCGUCUCCGCCCCCCGGCCCCGCGUCCUCCCUCGGGAGGGCGCGCGGGUCGGGGCGGCGGCGGCGGCGGCGGUG
GCGGCGGCGGCGGCGGCGGCGGGACCGAAACCCCCCCCGAGUGUUACAGCCCCCCCGGCAGCAGCACUCGCCGAAUCCCG
GGGCCGAGGGAGCGAGACCCGUCGCCGCGCUCUCCCCCCUCCCGGCGCCCACCCCCGCGGGGAAUCCCCCGCGAGGGGGG
UCUCCCCCGCGGGGGCGCGCCGGCGUCUCCUCGUGGGGGGGCCGGGCCACCCCUCCCACGGCGCGACCGCUCUCCCACCC
CUCCUCCCCGCGCCCCCGCCCCGGCGACGGGGGGGGUGCCGCGCGCGGGUCGGGGGGCGGGGCGGACUGUCCCCAGUGCG
CCCCGGGCGGGUCGCGCCGUCGGGCCCGGGGGAGGUUCUCUCGGGGCCACGCGCGCGUCCCCCGAAGAGGGGGACGGCGG
AGCGAGCGCACGGGGUCGGCGGCGACGUCGGCUACCCACCCGACCC(OMG)UCUUG(1MA)(A2M)AC(A2M)CGGACCA
AGGAGU(OMC)UAACACGUGCGCGAGUCGGGGGCUCGCACGAAAGCCGCCGUGGCGCAAUGAAGGUGAAGGCCGGCGCGC
UCGCCGGCCGAGGUGGGAUCCCGAGGCCUCUCCAGUCCGCCGAGGGCGCACCACCGGCCCGUCUCGCCCGCCGCGCCGGG
GAGGUGGAGCACGAGCGCACGUGUUAGGACCC(OMG)A(A2M)AGAUGGUGA(A2M)C(PSU)AUGCCUGGGCAGGGCGA
AGCCAGAGGAAACUCUGGUGGAGGUCCG(PSU)AGCGGUCCUGACGUGCAAAUCGGUCGUCCGACCUGGGUAUAG(OMG)
GGCGAAAGACUAAUCGAACCAUCUAGUAGCUGGUUCCCUCCGAAGUUUCCC(PSU)CAGGA(PSU)AGCUGGCGCUCUCG
CAGACCCGACGCACCCCCGCCACGCAGUUUUAUCCGGUAAAGCGAA(PSU)GAUUAGAGGUCUUGGGGCCGAAACGAUCU
CAACCUA(PSU)(PSU)CUCAAACUU(PSU)AAAUGGGUAAGAAGCCCGGCUCGCUGGCGUGGAGCCGGGCGUGGAAUGC
GAGUGCCUAGUGGGCCAC(PSU)U(PSU)UGGUAAGC(A2M)GAACUGGCGCUGCGGGAUGAACCGAACGCCGGGUUAAG
GCGCCCGAUGCCGACGCUCAUCAGACCCCAGAAAAGGUGUUGGUUGAUAUAGACAGCAGGACGGUGGCCAUGGAAGUCGG
AAUCCGCUAAGGAGUGUGUAACAACUCACCUGCCGAAUCAACUAGCCCUGAAAAUGGAUGGCGCUGGAGCGUCGGGCCCA
UACCCGGCCGUCGCCGGCAGUCGAGAGUGGACGGGAGCGGCGGGGGCGGCGCGCGCGCGCGCGCGUGUGGUGUGCGUCGG
AGGGCGGCGGCGGCGGCGGCGGCGGGGGUGUGGGGUCCUUCCCCCGCCCCCCCCCCCACGCCUCCUCCCCUCCUCCCGCC
CACGCCCCGCUCCCCGCCCCCGGAGCCCCGCGGACGCUACGCCGCGACGAGUAGGAGGGCCGCUGCGGUGAGCCUUGAAG
CCUAGGGCGCGGGCCCGGGUGGAGCCGCCGCAGGUGCAGAU(OMC)UUGGUGGUAGU(A2M)(OMG)(OMC)AAAUAUUC
AAACGAGAACUUUGAAGGCCGAAGUGG(A2M)GAAGGGUUCCAUGUGAACAG(OMC)A(OMG)UUGAACAUGGGUCAGUC
GGUCCUGAGAGAUGGGCGAGCGCCGUUCCGAAGGGACGGGCGAUGGCCUCCGUUGCCCUCGGCCGAUCGAAAGGGAGUCG
GGUUCAGAUCCCCGAAUCCGGAGUGGCGGAGAUGGGCGCCGCGAGGCGUCCAGUGCGGUAACGCGACCGAUCCCGGAGAA
GCCGGCGGGAGCCCCGGGGAGAGUUCUCUU(PSU)UCUUUGUGAAGGGCAGGGCGCCCUGGAAUGGGUUCGCCCCGAGAG
AGGGGCCCGUGCCUUGGAAAGCGUCGCGGUUCCGGCGGCGUCCGGUGAGCUCUCGCUGGCCCUUGAAAAUCCGGGGGAGA
GGGUGUAAAUCUCGCGCCGGGCCGUACCC(A2M)UAUCCGCAGCAGGUCU(OMC)CAAGGUGAAC(A2M)GCCUCUGG
(OMC)AUGUUGGAACAA(OMU)G(PSU)AGGUAAGGGAAGUCGGCAAGC(OMC)GGAUCCGUAACUUC(OMG)GGAUAAG
GAUUGGCUCUAAGGGCUGGGUCGGUCGGGCUGGGGCGCGAAGCGGGGCUGGGCGCGCGCCGCGGCUGGACGAGGCGCCGC
CGCCCCCCCCACGCCCGGGGCACCCCCCUCGCGGCCCUCCCCCGCCCCACCCCGCGCGCGCCGCUCGCUCCCUCCCCGCC
CCGCGCCCUCUCUCUCUCUCUCUCCCCCGCUCCCCGUCCUCCCCCCUCCCCGGGGGAGCGCCGCGUGGGGGCGGCGGCGG
GGGGAGAAGGGUCGGGGCGGCAGGGGCCGGCGGCGGCCCGCCGCGGGGCCCCGGCGGCGGGGGCACGGUCCCCCGCGAGG
GGGGCCCGGGCACCCGGGGGGCCGGCGGCGGCGGCGACUCUGGACGCGAGCCGGGCCCUUCCCGUGGAUCGCCCCAGCUG
CGGCGGGCGUCGCGGCCGCCCCCGGGGAGCCCGGCGGGCGCCGGCGCGCCCCCCCCCCCACCCCACGUCUCGUCGCGCGC
GCGUCCGCUGGGGGCGGGGAGCGGUCGGGCGGCGGCGGUCGGCGGGCGGCGGGGCGGGGCGGUUCGUCCCCCCGCCCUAC
CCCCCCGGCCCCGUCCGCCCCCCGUUCCCCCCUCCUCCUCGGCGCGCGGCGGCGGCGGCGGCAGGCGGCGGAGGGGCCGC
GGGCCGGUCCCCCCCGCCGGGUCCGCCCCCGGGGCCGCGGUUCCGCGCGGCGCCUCGCCUCGGCCGGCGCCUAGCAGCCG
ACUUAGAACUGGUGCGGACCAGG(OMG)GAAUCCGAC(PSU)G(PSU)UUAAUUAAAACAAAGCAUCGCGAAGGCCCGCG
GCGGGUGUUGACGCGAUGUGAUU(PSU)CUGCC(OMC)AGUGCUCUGAAUGUCA(A2M)AGUGAAGAAAUUCAAUGAAGC
GCGG(OMG)UAAACGGCGGGAGUAACUAUGACUCUCUUAAGGUAGC(5MC)AA(A2M)UGCCUC(OMG)UCAUCUAAUUA
GUGA(OMC)GCGCAUGAA(UY1)GGA(PSU)GA(A2M)CGAG(A2M)UUCCCACUGU(OMC)CC(PSU)ACCUAC(PSU)
A(PSU)CCAGCGAAACCAC(A2M)G(OMC)CAAGGGAACGGGCU(PSU)GG(OMC)GGAAUCAGCGG(OMG)GAAAGAAG
ACCCUGUUGAGC(PSU)UGAC(OMU)CUAGUCUGGCACGGUGAAGAGACAUGAGAGGUGUAGAAUAAGUGGGAGGCCCCC
GGCGCCCCCCCGGUGUCCCCGCGAGGGGCCCGGGGCGGGGUCCGCCGGCCCUGCGGGCCGCCGGUGAAAUACCACUACUC
UGAUCGUUUUUUCACUGACCCGGUGAGGCGGGGGGGCGAGCCCCGAGGGGCUCUCGCUUCUGGCGCCAAGCGCCCGGCCG
CGCGCCGGCCGGGCGCGACCCGCUCCGGGGACAGUGCCAGGUGGGGAGUUUGACUG(OMG)GGCGGUACACCUGUCAAAC
GGUA(6MZ)CGCAGG(OMU)(OMG)UCCUAAGGCGAGCUCAGGGAGGACAGAAACCUCCCGUGGAGCAGAAGGGCAAAAG
CUCGCUUGA(PSU)CU(PSU)GA(PSU)UUUCAG(OMU)ACGAA(PSU)ACAGACCGUGAAAGCGGGGCCUCACGAUCCU
UCUGACCUU(PSU)UGGGUUU(PSU)AAGCAGGA(OMG)GUGUCAGAAAAGUUACCACAG(OMG)GAUAACUGGC(PSU)
UGUGGCGGCCAAGCGUUCAUAGCGACG(PSU)CGCUUUUUGA(PSU)CCUU(5MC)GAUGUCGG(OMC)(PSU)CUUCCU
AUCAUUG(PSU)GAAGCAGAAUUCACCAAGCGU(PSU)(OMG)GAU(OMU)(OMG)(PSU)UCACCCACUAAUAGGGAAC
G(PSU)G(A2M)GCUGGG(UR3)U(PSU)AGA(OMC)CGUCGUGAGACAGGU(PSU)AGUUUUACCCUACUGAUG(A2M)
UGUG(PSU)UG(PSU)UGCCAUGGUA(A2M)UCCUGCUCAGUACGAGAGGAACCGCAG(OMG)U(OMU)CA(OMG)ACAU
(PSU)UGGUGUA(PSU)(OMG)UGCUUGGCUGAGGAGCCAAUGGGGCGAAGCUACCA(PSU)CUGUGGGAUUAUGAC
(PSU)GAACGCCUCUAAGUCAGAAUCCCGCCCAGGCGGAACGAUACGGCAGCGCCGCGGAGCCUCGGUUGGCCUCGGAUA
GCCGGUCCCCCGCCUGUCCCCGCCGGCGGGCCGCCCCCCCCCUCCACGCGCCCCGCGCGCGCGGGAGGGCGCGUGCCCCG
CCGCGCGCCGGGACCGGGGUCCGGUGCGGAGUGCCCUUCGUCCUGGGAAACGGGGCGCGGCCGGAGAGGCGGCCGCCCCC
UCGCCCGUCACGCACCGCACGUUCGUGGGGAACCUGGCGCUAAACCA(PSU)(PSU)CGUAGACGACCUGCUUCUGGGUC
GGGG(PSU)UUCGUACG(PSU)AGCAGAGCAGCUCCCUCGCUGCGAUCUAUUGAAAGUCAGCCCUCGACACAAGGGUUUG
UC
;
L5
4 'polyribonucleotide'
;GUCUACGGCCAUACCACCCUGAACGCGCCCGAUCUCGUCUGAUCUCGGAAGCUAAGCAGGGUCGGGCCUGGUUAGUACUU
GGAUGGGAGACCGCCUGGGAAUACCGGGUGCUGUAGGCUU
;
L7
5 'polyribonucleotide'
;CGACUCUUAGCGGUGGAUCACUCGGCUCGUGCGUCGAUGAAGAACGCAGCUAGC(PSU)GCGAGAAUUAAUG(PSU)GAA
UU(OMG)CAGGACACAUUGAUCAUCGACACUUCGAACGCACUUGCGGCCCCGGGUUCCUCCCGGGGCUACGCCUGUCUGA
GCGUCGCU
;
L8
6 'polypeptide(L)'
;GRVIRGQRKGAGSVFRAHVKHRKGAARLRAVDFAERHGYIKGIVKDIIHDPGRGAPLAKVVFRDPYRFKKRTELFIAAEG
IHTGQFVYCGKKAQLNIGNVLPVGTMPEGTIVCCLEEKPGDRGKLARASGNYATVISHNPETKKTRVKLPSGSKKVISSA
NRAVVGVVAGGGRIDKPILKAGRAYHKYKAKRNCWPRVRGVAMNPVEHPFGGGNHQHIGKPSTIRRDAPAGRKVGLIAAR
RTGRLRGT
;
LA
7 'polypeptide(L)'
;SHRKFSAPRHGSLGFLPRKRSSRHRGKVKSFPKDDPSKPVHLTAFLGYKAGMTHIVREVDRPGSKVNKKEVVEAVTIVET
PPMVVVGIVGYVETPRGLRTFKTVFAEHISDECKRRFYKNWHKSKKKAFTKYCKKWQDEDGKKQLEKDFSSMKKYCQVIR
VIAHTQMRLLPLRQKKAHLMEIQVNGGTVAEKLDWARERLEQQVPVNQVFGQDEMIDVIGVTKGKGYKGVTSRWHTKKLP
RKTHRGLRKVACIGAWHPARVAFSVARAGQKGYHHRTEINKKIYKIGQGYLIKDGKLIKNNASTDYDLSDKSINPLGGFV
HYGEVTNDFVMLKGCVVGTKKRVLTLRKSLLVQTKRRALEKIDLKFIDTTSKFGHGRFQTMEEKKAFMGPLKKDRIAKEE
GA
;
LB
8 'polypeptide(L)'
;MACARPLISVYSEKGESSGKNVTLPAVFKAPIRPDIVNFVHTNLRKNNRQPYAVSELAGHQTSAESWGTGRAVARIPRVR
GGGTHRSGQGAFGNMCRGGRMFAPTKTWRRWHRRVNTTQKRYAICSALAASALPALVMSKGHRIEEVPELPLVVEDKVEG
YKKTKEAVLLLKKLKAWNDIKKVYASQRMRAGKGKMRNRRRIQRRGPCIIYNEDNGIIKAFRNIPGITLLNVSKLNILKL
APGGHVGRFCIWTESAFRKLDELYGTWRKAASLKSNYNLPMHKMINTDLSRILKSPEIQRALRAPRKKIHRRVLKKNPLK
NLRIMLKLNPYAKTMRRNTILRQARNHKLRVDKAAAAAAALQAKSDEK
;
LC
9 'polypeptide(L)'
;GFVKVVKNKAYFKRYQVKFRRRREGKTDYYARKRLVIQDKNKYNTPKYRMIVRVTNRDIICQIAYARIEGDMIVCAAYAH
ELPKYGVKVGLTNYAAAYCTGLLLARRLLNRFGMDKIYEGQVEVTGDEYNVESIDGQPGAFTCYLDAGLARTTTGNKVFG
ALKGAVDGGLSIPHSTKRFPGYDSESKEFNAEVHRKHIMGQNVADYMRYLMEEDEDAYKKQFSQYIKNSVTPDMMEEMYK
KAHAAIRENPVYEKKPKKEVKKKRWNRPKMSLAQKKDRVAQKKASFLRAQERA
;
LD
10 'polypeptide(L)'
;KGKPHCSRNPVLVRGIGRYSRSAMYSRKAMYKRKYSAAKSKVEKKKKEKVLATVTKPVGGDKNGGTRVVKLRKMPRYYPT
EDVPRKLLSHGKKPFSQHVRKLRASITPGTILIILTGRHRGKRVVFLKQLASGLLLVTGPLVLNRVPLRRTHQKFVIATS
TKIDISNVKIPKHLTDAYFKKKKLRKPRHQEGEIFDTEKEKYEITEQRKIDQKAVDSQILPKIKAIPQLQGYLRSVFALT
NGIYPHKLVF
;
LE
11 'polypeptide(L)'
;NFAELKIKRLRKKFAQKMLRKARRKLIYEKAKHYHKEYRQMYRTEIRMARMARKAGNFYVPAEPKLAFVIRIRGINGVSP
KVRKVLQLLRLRQIFNGTFVKLNKASINMLRIVEPYIAWGYPNLKSVNELIYKRGYGKINKKRIALTDNALIARSLGKYG
IICMEDLIHEIYTVGKRFKEANNFLWPFKLSSPRGGMKKKTTHFVEGGDAGNREDQINRLIRRMN
;
LF
12 'polypeptide(L)'
;KVVNPLFEKRPKNFGIGQDIQPKRDLTRFVKWPRYIRLQRQRAILYKRLKVPPAINQFTQALDRQTATQLLKLAHKYRPE
TKQEKKQRLLARAEKKAAGKGDVPTKRPPVLRAGVNTVTTLVENKKAQLVVIAHDVDPIELVVFLPALCRKMGVPYCIIK
GKARLGRLVHRKTCTTVAFTQVNSEDKGALAKLVEAIRTNYNDRYDEIRRHWGGNVLGPKSVARIAKLEKAKAKELATKL
G
;
LG
13 'polypeptide(L)'
;MKTILSNQTVDIPENVDITLKGRTVIVKGPRGTLRRDFNHINVELSLLGKKKKRLRVDKWWGNRKELATVRTICSHVQNM
IKGVTLGFRYKMRSVYAHFPINVVIQENGSLVEIRNFLGEKYIRRVRMRPGVACSVSQAQKDELILEGNDIELVSNSAAL
IQQATTVKNKDIRKFLDGIYVSEKGTVQQA
;
LH
14 'polypeptide(L)'
;GRRPARCYRYCKNKPYPKSRFCRGVPDAKIRIFDLGRKKAKVDEFPLGGHMVSDEYEQLSSEALEAARICANKYMVKSCG
RDGFHMRVRLHPFHVIRINKMLSCAGADRLQTGMRGAFGKPQGTVARVHIGQVIMSIRTKLQNEEHVIEALRRAKFKFPG
RQKIHISKKWGFTKFNADEFEDMVAKKCLIPDGCGVKYVPSHGPLDKWRVLHS
;
LI
15 'polypeptide(L)'
;QDQGEKENPMRELRIRKLCLNICVGESGDRLTRAAKVLEQLTGQTPVFSKARYTVRSFGIRRNEKIAVHCTVRGAKAEEI
LEKGLKVREYELRKNNFSDTGNFGFGIQEHIDLGIKYDPSIGIYGLDFYVVLGRPGFSIADKKRRTGCIGAKHRISKEEA
MRWFQQKYDGIILPGK
;
LJ
16 'polypeptide(L)'
;APSRNGMVLKPHFHKDWQRRVATWFNQPARKIRRRKARQAKARRIAPRPASGPIRPIVRCPTVRYHTKVRAGRGFSLEEL
RVAGIHKKVARTIGISVDPRRRNKSTESLQANVQRLKEYRSKLILFPRKPSAPKKGDSSAEELKLATQLTGPVMPVRNVY
KKEKARVITEEEKNFKAFASLRMARANARLFGIRAKRAKEAAEQDVEKKK
;
LL
17 'polypeptide(L)'
;VFRRFVEVGRVAYVSFGPHAGKLVAIVDVIDQNRALVDGPCTQVRRQAMPFKCMQLTDFILKFPHSAHQKYVRQAWQKAD
INTKWAATRWAKKIEARERKAKMTDFDRFKVMKAKKMRNRIIKNEVKKLQKAALLKASP
;
LM
18 'polypeptide(L)'
;GAYKYIQELWRKKQSDVMRFLLRVRCWQYRQLSALHRAPRPTRPDKARRLGYKAKQGYVIYRIRVRRGGRKRPVPKGATY
GKPVHHGVNQLKFARSLQSVAEERAGRHCGALRVLNSYWVGEDSTYKFFEVILIDPFHKAIRRNPDTQWITKPVHKHREM
RGLTSAGRKSRGLGKGHKFHHTIGGSRRAAWRRRNTLQLHRYR
;
LN
19 'polypeptide(L)'
;EVQVLVLDGRGHLLGRLAAIVAKQVLLGRKVVVVRCEGINISGNFYRNKLKYLAFLRKRMNTNPSRGPYHFRAPSRIFWR
TVRGMLPHKTKRGQAALDRLKVFDGIPPPYDKKKRMVVPAALKVVRLKPTRKFAYLGRLAHEVGWKYQAVTATLEEKRKE
KAKIHYRKKKQLMRLRKQAEKNVEKKIDKYTEVLKTHGLLV
;
LO
20 'polypeptide(L)'
;VRYSLDPENPTKSCKSRGSNLRVHFKNTRETAQAIKGMHIRKATKYLKDVTLQKQCVPFRRYNGGVGRCAQAKQWGWTQG
RWPKKSAEFLLHMLKNAESNAELKGLDVDSLVIEHIQVNKAPKMRRRTYRAHGRINPYMSSPCHIEMILTEKE
;
LP
21 'polypeptide(L)'
;GVDIRHNKDRKVRRKEPKSQDIYLRLLVKLYRFLARRTNSTFNQVVLKRLFMSRTNRPPLSLSRMIRKMKLPGRENKTAV
VVGTITDDVRVQEVPKLKVCALRVTSRARSRILRAGGKILTFDQLALDSPKGCGTVLLSGPRKGREVYRHFGKAPGTPHS
HTKPYVRSKGRKFERARGRRASRGYKN
;
LQ
22 'polypeptide(L)'
;SMLRLQKRLASSVLRCGKKKVWLDPNETNEIANANSRQQIRKLIKDGLIIRKPVTVHSRARCRKNTLARRKGRHMGIGKR
KGTANARMPEKVTWMRRMRILRRLLRRYRESKKIDRHMYHSLYLKVKGNVFKNKRILMEHIHKLKADKARKKLLADQAEA
RRSKTKEARKRREERLQAKKEEIIKTL
;
LR
23 'polypeptide(L)'
;KASGTLREYKVVGRCLPTPKCHTPPLYRMRIFAPNHVVAKSRFWYFVSQLKKMKKSSGEIVYCGQVFEKSPLRVKNFGIW
LRYDSRSGTHNMYREYRDLTTAGAVTQCYRDMGARHRARAHSIQIMKVEEIAASKCRRPAVKQFHDSKIKFPLPHRVLRR
QHKPRFTTKRPNTFF
;
LS
24 'polypeptide(L)'
;TNTKGKRRGTRYMFSRPFRKHGVVPLATYMRIYKKGDIVDIKGMGTVQKGMPHKCYHGKTGRVYNVTQHAVGIVVNKQVK
GKILAKRINVRIEHIKHSKSRDSFLKRVKENDQKKKEAKEKGTWVQLKRQPAPPREAHFVRTNGKEPELLEPIPYEFMA
;
LT
25 'polypeptide(L)'
;QVLKFTLDCTHPVEDGIMDAANFEQFLQERIKVNGKAGNLGGGVVTIERSKSKITVTSEVPFSKRYLKYLTKKYLKKNNL
RDWLRVVANSKESYELRYFQI
;
LU
26 'polypeptide(L)'
;SGAKFRISLGLPVGAVINCADNTGAKNLYIISVKGIKGRLNRLPAAGVGDMVMATVKKGKPELRKKVHPAVVIRQRKSYR
RKDGVFLYFEDNAGVIVNNKGEMKGSAITGPVAKECADLWPRIASNAGSIA
;
LV
27 'polypeptide(L)'
;MKVELCSFSGYKIYPGHGRRYARTDGKVFQFLNAKCESAFLSKRNPRQINWTVLYRRKHKKGQSEEIQKKRTRRAVKFQR
AITGASLADIMAKRNQKPEVRKAQREQAIRAAKEAKKAKQASKK
;
LW
28 'polypeptide(L)'
;KKKIRTSPTFRRPKTLRLRRQPKYPRKSAPRRNKLDHYAIIKFPLTTESAMKKIEDNNTLVFIVDVKANKHQIKQAVKKL
YDIDVAKVNTLIRPDGEKKAYVRLAPDYDALDVANKIGII
;
LX
29 'polypeptide(L)'
;MKFNPFVTSDRSKNRKRHFNAPSHIRRKIMSSPLSKELRQKYNVRSMPIRKDDEVQVVRGHYKGQQIGKVVQVYRKKYVI
YIERVQREKANGTTVHVGIHPSKVVITRLKLDKDRKKILERKAKSRQVGKEKGK
;
LY
30 'polypeptide(L)'
;GKFMKPGKVVLVLAGRYSGRKAVIVKNIDDGTSDRPYSHALVAGIDRYPRKVTAAMGKKKIAKRSKIKSFVKVYNYNHLM
PTRYSVDIPLDKTVVNKDVFRDPALKRKARREAKVKFEERYKTGKNKWFFQKLRF
;
LZ
31 'polypeptide(L)'
;PSRLRKTRKLRGHVSHGHGRIGKHRKHPGGRGNAGGLHHHRINFDKYHPGYFGKVGMKHYHLKRNQSFCPTVNLDKLWTL
VSEQTRVNAAKNKTGAAPIIDVVRSGYYKVLGKGKLPKQPVIVKAKFFSRRAEEKIKSVGGACVLVA
;
La
32 'polypeptide(L)'
;AKSKNHTTHNQSRKWHRNGIKKPRSQRYESLKGVDPKFLRNMRFAKKHNKKGLKKMQANNAKAMSARAEAIKALVKPKEV
KPKIPKGVSRKLDRLAYIAHPKLGKRARARIAKGLRLCRPK
;
Lb
33 'polypeptide(L)'
;KSLESINSRLQLVMKSGKYVLGYKQTLKMIRQGKAKLVILANNCPALRKSEIEYYAMLAKTGVHHYSGNNIELGTACGKY
YRVCTLAIIDPGDSDIIR
;
Lc
34 'polypeptide(L)'
;NEVVTREYTINIHKRIHGVGFKKRAPRALKEIRKFAMKEMGTPDVRIDTRLNKAVWAKGIRNVPYRIRVRLSRKRNEDED
SPNKLYTLVTYVPVTTFKNLQTVNVDE
;
Ld
35 'polypeptide(L)'
;AALRPLVKPKIVKKRTKKFIRHQSDRYVKIKRNWRKPRGIDNRVRRRFKGQILMPNIGYGSNKKTKHMLPSGFRKFLVHN
VKELEVLLMCNKSYCAEIAHNVSSKNRKAIVERAAQLAIRVTNPNARL
;
Le
36 'polypeptide(L)'
;SGRLWSKAIFAGYKRGLRNQREHTALLKIEGVYARDETEFYLGKRCAYVYKAKNNTVTPGGKPNKTRVIWGKVTRAHGNS
GMVRAKFRSNLPAKAIGHRIRVMLYPSRI
;
Lf
37 'polypeptide(L)'
;VQRLTYRRRLSYNTASNKTRLSRTPGNRIVYLYTKKVGKAPKSACGVCPGRLRGVRAVRPKVLMRLSKTKKHVSRAYGGS
MCAKCVRDRIKRAFLIEEQKIVVKVLKAQAQSQK
;
Lg
38 'polypeptide(L)'
;AKIKARDLRGKKKEELLKQLDDLKVELSQLRVAKVTGGAASKLSKIRVVRKSIARVLTVINQTQKENLRKFYKGKKYKPL
DLRPKKTRAMRRRLNKHEENLKTKKQQRKERLYPLRKYAVKA
;
Lh
39 'polypeptide(L)'
;ALRYPMAVGLNKGHKVTKNVSKPRHSRRRGRLTKHTKFVRDMIREVCGFAPYERRAMELLKVSKDKRALKFIKKRVGTHI
RAKRKREELSNVLAAMRKAAAK
;
Li
40 'polypeptide(L)'
;TKGTSSFGKRRNKTHTLCRRCGSKAYHLQKSTCGKCGYPAKRKRKYNWSAKAKRRNTTGTGRMRHLKIVYRRFRHGFREG
TTPKPK
;
Lj
41 'polypeptide(L)' PRKIEEIKDFLLTARRKDAKSVKIKKNKDNVKFKVRCSRYLYTLVITDKEKAEKLKQSLPPGLAVKELK Lk
42 'polypeptide(L)' SSHKTFRIKRFLAKKQKQNRPIPQWIRMKTGNKIRYNSKRRHWRRTKLGL Ll
43 'polypeptide(L)' IIEPSLRQLAQKYNCDKMICRKCYARLHPRAVNCRKKKCGHTNNLRPKKKVK Lm
44 'polypeptide(L)' MRAKWRKKRMRRLKRKRRKMRQRS Ln
45 'polypeptide(L)'
;VNVPKTRRTFCKKCGKHQPHKVTQYKKGKDSLYAQGKRRYDRKQSGYGGQTKPIFRKKAKTTKKIVLRLECVEPNCRSKR
MLAIKRCKHFELGGDKKRKGQVIQF
;
Lo
46 'polypeptide(L)'
;AKRTKKVGIVGKYGTRYGASLRKMVKKIEISQHAKYTCSFCGKTKMKRRAVGIWHCGSCMKTVAGGAWTYNTTSAVTVKS
AIRRLKELKDQ
;
Lp
47 'polypeptide(L)'
;SAHLQWMVVRNCSSFLIKRNKQTYSTEPNNLKARNSFRYNGLIHRKTVGVEPAADGKGVVVVIKRRSGQRKPATSYVRTT
INKNARATLSSIRHMIRKNKYRPDLRMAAIRRASAILRSQKPVMV
;
Lr
48 'polypeptide(L)'
;DRATWKSNYFLKIIQLLDDYPKCFIVGADNVGSKQMQQIRMSLRGKAVVLMGKNTMMRKAIRGHLENNPALEKLLPHIRG
NVGFVFTKEDLTEIRDMLLANKVPAAARAGAIAPCEVTVPAQNTGLGPEKTSFFQALGITTKISRGTIEILSDVQLIKTG
DKVGASEATLLNMLNISPFSFGLVIQQVFDNGSIYN
;
Ls
49 'polypeptide(L)'
;PNEIKVVYLRCTGGEVGATSALAPKIGPLGLSPKKVGDDIAKATGDWKGLRITVKLTIQNRQAQIEVVPSASALIIKALK
EPPRDRKKQKNIKHSGNITFDEIVNIARQMRHRSLARELSGTIKEILGTAQSVGCNVDGRHPHDIIDDINSGAVECP
;
Lt
50 'polypeptide(L)'
;GALDVLQMKEEDVLKFLAAGTHLGGTNLDFQMEQYIYKRKSDGIYIINLKRTWEKLLLAARAIVAIENPADVSVISSRNT
GQRAVLKFAAATGATPIAGRFTPGTFTNQIQAAFREPRLLVVTDPRADHQPLTEASYVNLPTIALCNTDSPLRYVDIAIP
CNNKGAHSVGLMWWMLAREVLRMRGTISREHPWEVMPDLYFYRDPEEIEKEEQAAAEKAVT
;
SA
51 'polypeptide(L)'
;VVDPFSKKDWYDVKAPAMFNIRNIGKTLVTRTQGTKIASDGLKGRVFEVSLADLQNDEVAFRKFKLITEDVQGKNCLTNF
HGMDLTRDKMCSMVKKWQTMIEAHVDVKTTDGYLLRLFCVGFTKKRNNQIRKTSYAQHQQVRQIRKKMMEIMTREVQTND
LKEVVNKLIPDSIGKDIEKACQSIYPLHDVFVRKVKMLKKPKFELGKLMELHGE
;
SB
52 'polypeptide(L)'
;EWMPVTKLGRLVKDMKIKSLEEIYLFSLPIKESEIIDFFLGASLKDEVLKIMPVQKQTRAGQRTRFKAFVAIGDYNGHVG
LGVKCSKEVATAIRGAIILAKLSIVPVRRGYWGNKIGKPHTVPCKVTGRCGSVLVRLIPAPRGTGIVSAPVPKKLLMMAG
IDDCYTSARGCTATLGNFAKATFDAISKTYSYLTPDLWKETVFTKSPYQEFTDHLVKTHTRV
;
SC
53 'polypeptide(L)'
;ARGPKKHLKRVAAPKHWMLDKLTGVFAPRPSTGPHKLRECLPLIIFLRNRLKYALTGDEVKKICMQRFIKIDGKVRTDIT
YPAGFMDVISIDKTGENFRLIYDTKGRFAVHRITPEEAKYKLCKVRKIFVGTKGIPHLVTHDARTIRYPDPLIKVNDTIQ
IDLETGKITDFIKFDTGNLCMVTGGANLGRIGVITNRERHPGSFDVVHVKDANGNSFATRLSNIFVIGKGNKPWISLPRG
KGIRLTIAEERDKRLAAKQSSG
;
SE
54 'polypeptide(L)'
;MKLNISFPATGCQKLIEVDDERKLRTFYEKRMATEVAADALGEEWKGYVVRISGGNDKQGFPMKQGVLTHGRVRLLLSKG
HSCYRPRRTGERKRKSVRGCIVDANLSVLNLVIVKKGEKDIPGLTDTTVPRRLGPKRASRIRKLFNLSKEDDVRQYVVRK
PLNKEGKKPRTKAPKIQRLVTPRVLQHKRRRIALKKQRTKKNKEEAAEYAKLLAKRMKEAKEKRQEQIAKRRRLSSL
;
SG
55 'polypeptide(L)'
;SAKIVKPNGEKPDEFESGISQALLELEMNSDLKAQLRELNITAAKEIEVGGGRKAIIIFVPVPQLKSFQKIQVRLVRELE
KKFSGKHVVFIAQRRILPKPTRKSRTKNKQKRPRSRTLTAVHDAILEDLVFPSEIVGKRIRVKLDGSRLIKVHLDKAQQN
NVEHKVETFSGVYKKLTGKDVNFEFPEFQ
;
SH
56 'polypeptide(L)'
;GISRDNWHKRRKTGGKRKPYHKKRKYELGRPAANTKIGPRRIHTVRVRGGNKKYRALRLDVGNFSWGSECCTRKTRIIDV
VYNASNNELVRTKTLVKNCIVLIDSTPYRQWYESHYALPLGRKKGAKLTPEEEEILNKKRSKKIQKKYDERKKNAKISSL
LEEQFQQGKLLACIASRPGQCGRADGYVLEGKELEFYLRKIKARKG
;
SI
57 'polypeptide(L)'
;PVARSWVCRKTYVTPRRPFEKSRLDQELKLIGEYGLRNKREVWRVKFTLAKIRKAARELLTLDEKDPRRLFEGNALLRRL
VRIGVLDEGKMKLDYILGLKIEDFLERRLQTQVFKLGLAKSIHHARVLIRQRHIRVRKQVVNIPSFIVRLDSQKHIDFSL
RSPYGGGRPGRVKRKNAKKGQGGAG
;
SJ
58 'polypeptide(L)'
;ADIQTERAYQKQPTIFQNKKRVLLGETGKEKLPRYYKNIGLGFKTPKEAIEGTYIDKKCPFTGNVSIRGRILSGVVTKMK
MQRTIVIRRDYLHYIRKYNRFEKRHKNMSVHLSPCFRDVQIGDIVTVGECRPLSKTVRFNVLKVTKAAGTKKQ
;
SL
59 'polypeptide(L)'
;GRMHAPGKGLSQSALPYRRSVPTWLKLTSDDVKEQIYKLAKKGLTPSQIGVILRDSHGVAQVRFVTGNKILRILKSKGLA
PDLPEDLYHLIKKAVAVRKHLERNRKDKDAKFRLILIESRIHRLARYYKTKRVLPPNWKYESSTASALVA
;
SN
60 'polypeptide(L)'
;EQVISLGPQVAEGENVFGVCHIFASFNDTFVHVTDLSGKETICRVTGGMKVKADRDESSPYAAMLAAQDVAQRCKELGIT
ALHIKLRATGGNRTKTPGPGAQSALRALARSGMKIGRIEDVTPIPSDSTRRKGGRRGRRL
;
SO
61 'polypeptide(L)'
;MQNDAGEFVDLYVPRKCSASNRIIGAKDHASIQMNVAEVDKVTGRFNGQFKTYAICGAIRRMGESDDSILRLAKADGIVS
KNF
;
SV
62 'polypeptide(L)'
;VRMNVLADALKSINNAEKRGKRQVLIRPCSKVIVRFLTVMMKHGYIGEFEIIDDHRAGKIVVNLTGRLNKCGVISPRFDV
QLKDLEKWQNNLLPSRQFGFIVLTTSAGIMDHEEARRKHTGGKILGFFF
;
SW
63 'polypeptide(L)'
;GKCRGLRTARKLRSHRRDQKWHDKQYKKAHLGTALKANPFGGASHAKGIVLEKVGVEAKQPNSAIRKCVRVQLIKNGKKI
TAFVPNDGCLNFIEENDEVLVAGFGRKGHAVGDIPGVRFKVVKVANVSLLALYKGKKERPR
;
SX
64 'polypeptide(L)'
;NDTVTIRTRKFMTNRLLQRKQMVIDVLHPGKATVPKTEIREKLAKMYKTTPDVIFVFGFRTHFGGGKTTGFGMIYDSLDY
AKKNEPKHRLARHGLYEKKKTSRKQRKERKNRMKKVRGTAKANVGAGKKPK
;
SY
65 'polypeptide(L)'
;TKKRRNNGRAKKGRGHVQPIRCTNCARCVPKDKAIKKFVIRNIVEAAAVRDISEASVFDAYVLPKLYVKLHYCVSCAIHS
KVVRNRSREARKDRTPPPRFRP
;
Sa
66 'polypeptide(L)'
;PLAKDLLHPSPEEEKRKHKKKRLVQSPNSYFMDVKCPGCYKITTVFSHAQTVVLCVGCSTVLCQPTGGKARLTEGCSFRR
KQH
;
Sb
67 'polypeptide(L)' VHGSLARAGKVRGQTPKVAKQEKKKKKTGRAKRRMQYNRRFVNVVPTFGKKKGPNANS Se
68 'polyribonucleotide'
;UACCUGGUUGAUCCUGCCAGUAGCAU(A2M)UGCUUGUCUCAAAGAUUAAGCCAUGCAUGUCUAAGUACGCACGGCCGGU
ACAGUGAAACUGCGAA(PSU)GGCUC(A2M)UUAAA(PSU)CAG(PSU)UAUGGU(OMU)CCUU(OMU)GGUCGCUCGCU
CCUCUCCCACUUGGAUAACUGUGGUA(A2M)UUCUAG(A2M)GCUAA(OMU)A(OMC)AUGCCGACGGGCGCUGACCCCC
UUCGCGGGGGGGAUGCGUGCAUUUAUCAGUGGUGACUCUAGAUAACCUCGGGCCGAUCGCACGCCCCCCGUGGCGGCGAC
GACCCAUUCGAACGUC(OMU)GCCCUAUCAACUUUCGAUGGUAGUCGCCGUGCCUACCAUGGUGACCACGGG(PSU)GAC
GGGGAAUCAGGGUUCGAU(OMU)CCGGAGA(OMG)GGAGCCUGAGAAACGGCUACCACAU(OMC)CAAGG(A2M)AGGCA
GCAGGCGCGC(A2M)AAUUACCCACUCCCGACCCGGGGA(OMG)GUAGUGA(OMC)GAAAAAUAACAAUACAGGACUCUU
UCGAGGCCCUGUAAUUGGAAUGAGUCCACUUUAA(A2M)UCCUUUAACGAGGAUCCAUUGGAG(OMG)GCAAGUCUGGUG
CCAGCAGCCGCGG(OMU)AAUUCCAGCUCCAAUA(OMG)CGUA(PSU)A(PSU)UAAAGUUGCUGCAGUU(A2M)AAAAG
CUCGUAG(PSU)U(OMG)GA(PSU)CUUGGGAGCGGGCGUCCCCGCCCUCUCGGCCGGGGCCCGAAGCG(OMU)U(PSU)
ACUUUGAAAAAA(PSU)UAGAGUGUUCAAAGCAGGCCCGAGCCGCCUGGAUACCGCAGCUAGGAA(PSU)AA(PSU)
(OMG)GAAUAGGACCGCGGUUCUAUUUUGUUGGUUUUCGGAACUGAGGCCAUGAUUAAGAGGGACGGCCGGGGGCAUUCG
UAUUGCGCCGCUAGAGGUGAAAU(PSU)CUUGGACCGGCGCAAGACGGACCAGAGCGAAAGCAUU(PSU)GCCAAGAAUG
UUUUCAUUAAUCAAGA(A2M)CGAAAGUCGGAGG(PSU)(PSU)CGAAGACGA(PSU)CAGAUACCGUCGUAGUUCCGAC
CA(PSU)AAACGAUGCCGACCGGCGAUGCGGCGGCGUUAUUCCCAUGACCCGCCGGGCAGCUUCCGGGAAACCAAAGUCU
UUGGGUUCCGGGGGGAGUA(PSU)GG(PSU)UGCAAAGCUGAAACUUAAAGGAAUUGACGGAAGGGCACCACCAGGAGUG
GAGCC(PSU)GCGGCUUAAUU(PSU)GAC(B8N)CAACACGGGAAACCUCACCCGGC(OMC)CGGACACGGACAGGA
(OMU)UGACAGAUUGAUAGCUCUUUCUCGAUUCCGUGGGUGG(OMU)G(OMG)UGCAUGGC(4AC)GUUCUUAGUUGGUG
GAGCGAUUUGUCUGG(PSU)UAAUUCCGAUAACGA(A2M)CGAGACU(OMC)UGGCAUGCUAACUAGUUACGCGACCCCC
GAGCGGUCGGCGUCCCCCAACU(OMU)CUUAGAGGGACAAGUGGCGUUCAGCCACCCGAGAUUGAGCAAUAACA(OMG)G
UCUGUGAUGCCCUUAGAUGUCCGGGGCUGCACGCGCGCUACACUGACUGGCUCAGCGUGUGCCUACCCUACGCCGGCAGG
CGCGGGUAACCCGUUGAACCCCAUUCGUGAUGGGGAUCGGGGAUUGCAAUUAUUCCCCAUGAACGAG(G7M)AAUUCCCA
GUAAGUGCGGGUCAUAAGCUUGCGUUGAUUAAGUCCCUGCCCUUUGUACACACCG(OMC)CCGUCGCUACUACCGAUUGG
AUGGUUUAGUGAGGCCCUCGGAUCGGCCCCGCCGGGGUCGGCCCACGGCCCUGGCGGAGCGCUGAGAAGACGGUCGAACU
UGACUAUCUAGAGGAAGUAAAAGUCGUA(6MZ)CAAGGUUUC(4AC)GUAGGUG(MA6)(MA6)CCUGCGGAAGGAUCAU
UA
;
S2
69 'polypeptide(L)'
;MGRVRTKTVKKAARVIIEKYYTRLGNDFHTNKRVCEEIAIIPSKKLRNKIAGYVTHLMKRIQRGPVRGISIKLQEEERER
RDNYVPEVSALDQEIIEVDPDTKEMLKLLDFGSLSNLQVTQPTVGMNFKTPRGPV
;
SR
70 'polypeptide(L)'
;MAVQISKKRKFVADGIFKAELNEFLTRELAEDGYSGVEVRVTPTRTEIIILATRTQNVLGEKGRRIRELTAVVQKRFGFP
EGSVELYAEKVATRGLCAIAQAESLRYKLLGGLAVRRACYGVLRFIMESGAKGCEVVVSGKLRGQRAKSMKFVDGLMIHS
GDPVNYYVDTAVRHVLLRQGVLGIKVKIMLPWDPTGKIGPKKPLPDHVSIVEPKDEILPTTPISEQK
;
SD
71 'polypeptide(L)'
;DIKLFGKWSTDDVQINDISLQDYIAVKEKYAKYLPHSAGRYAAKRFRKAQCPIVERLTNSMMMHGRNNGKKLMTVRIVKH
AFEIIHLLTGENPLQVLVNAIINSGPREDSTRIGRAGTVRRQAVDVSPLRRVNQAIWLLCTGAREAAFRNIKTIAECLAD
ELINAAKGSSNSYAIKKKDELERVAKSNR
;
SF
72 'polypeptide(L)'
;MLMPKKNRIAIYELLFKEGVMVAKKDVHMPKHPELADKNVPNLHVMKAMQSLKSRGYVKEQFAWRHFYWYLTNEGIQYLR
DYLHLPPEIVPATLRRSR
;
SK
73 'polypeptide(L)'
;VMDVNTALQEVLKTALIHDGLARGIREAAKALDKRQAHLCVLASNCDEPMYVKLVEALCAEHQINLIKVDDNKKLGEWVG
LCKIDREGKPRKVVGCSCVVVKDYGKESQAKDVIEEYFKCKK
;
SM
74 'polypeptide(L)'
;TYRGVDLDQLLDMSYEQLMQLYSARQRRRLNRGLRRKQHSLLKRLRKAKKEAPPMEKPEVVKTHLRDMIILPEMVGSMVG
VYNGKTFNQVEIKPEMIGHYLGEFSITYKPVKHGRPGIGAT
;
SP
75 'polypeptide(L)'
;SKGPLQSVQVFGRKKTATAVAHCKRGNGLIKVNGRPLEMIEPRTLQYKLLEPVLLLGKERFAGVDIRVRVKGGGHVAQIY
AIRQSISKALVAYYQKYVDEASKKEIKDILIQYDRTLLVADPRRCESKKFGGPGARARYQKSYR
;
SQ
76 'polypeptide(L)'
;MSLVIPEKFQHILRVLNTNIDGRRKIAFAITAIKGVGRRYAHVVLRKADIDLTKRAGELTEDEVERVITIMQNPRQYKIP
DWFLNRQKDVKDGKYSQVLANGLDNKLREDLERLKKIRAHRGLRHFWGLRVRGQHTKTTGRRGRT
;
SS
77 'polypeptide(L)'
;PGVTVKDVNQQEFVRALAAFLKKSGKLKVPEWVDTVKLAKHKELAPYDENWFYTRAASTARHLYLRGGAGVGSMTKIYGG
RQRNGVMPSHFSRGSKSVARRVLQALEGLKMVEKDQDGGRKLTPQGQRDLDRIAGQVAAANKK
;
ST
78 'polypeptide(L)'
;AIHRIRITLTSRNVKSLEKVCADLIRGAKEKNLKVKGPVRMPTKTLRITTRKTPCGEGSKTWDRFQMRIHKRLIDLHSPS
EIVKQITSISIEPGVEVEVTIADA
;
SU
79 'polypeptide(L)' RDKLNNLVLFDKATYDKLCKEVPNYKLITPAVVSERLKIRGSLARAALQELLSKGLIKLVSKHRAQVIYTRNTKG SZ
80 'polypeptide(L)' RVQPIKLARVTKVLGRTGSQGQCTQVRVEFMDDTSRSIIRNVKGPVREGDVLTLLESEREARRL Sc
81 'polypeptide(L)' GHQQLYWSHPRKFGQGSRSCRVCSNRHGLIRKYGLNMCRQCFRQYAKDIGFIKLD Sd
82 'polypeptide(L)' YTTPKKNKHKRKKVKLAVLKYYKVDENGKISRLRRECPSDECGAGVFMASHFDRHYCGKCCLTYCFN Sf
83 'polypeptide(L)'
;TEQMTLRGTLKGHNGWVTQIATTPQFPDMILSASRDKTIIMWKLTRDETNYGIPQRALRGHSHFVSDVVISSDGQFALSG
SWDGTLRLWDLTTGTTTRRFVGHTKDVLSVAFSSDNRQIVSGSRDKTIKLWNTLGVCKYTVQDESHSEWVSCVRFSPNSS
NPIIVSCGWDKLVKVWNLANCKLKTNHIGHTGYLNTVTVSPDGSLCASGGKDGQAMLWDLNEGKHLYTLDGGDIINALCF
SPNRYWLCAATGPSIKIWDLEGKIIVDELKQEVISTSSKAEPPQCTSLAWSADGQTLFAGYTDNLVRVWQVTI
;
Sg
84 'polypeptide(L)'
;NFTVDQIRAIMDKKANIRNMSVIAHVDHGKSTLTDSLVCKAGIIASARAGETRFTDTRKDEQERCITIKSTAISLFYELS
ENDLNFIKQSKDGAGFLINLIDSPGHVDFSSEVTAALRVTDGALVVVDCVSGVCVQTETVLRQAIAERIKPVLMMNKMDR
ALLELQLEPEELYQTFQRIVENVNVIISTYGEGESGPMGNIMIDPVLGTVGFGSGLHGWAFTLKQFAEMYVAKFAAKGEG
QLGPAERAKKVEDMMKKLWGDRYFDPANGKFSKSATSPEGKKLPRTFCQLILDPIFKVFDAIMNFKKEETAKLIEKLDIK
LDSEDKDKEGKPLLKAVMRRWLPAGDALLQMITIHLPSPVTAQKYRCELLYEGPPDDEAAMGIKSCDPKGPLMMYISKMV
PTSDKGRFYAFGRVFSGLVSTGLKVRIMGPNYTPGKKEDLYLKPIQRTILMMGRYVEPIEDVPCGNIVGLVGVDQFLVKT
GTITTFEHAHNMRVMKFSVSPVVRVAVEAKNPADLPKLVEGLKRLAKSDPMVQCIIEESGEHIIAGAGELHLEICLKDLE
EDHACIPIKKSDPVVSYRETVSEESNVLCLSKSPNKHNRLYMKARPFPDGLAEDIDKGEVSARQELKQRARYLAEKYEWD
VAEARKIWCFGPDGTGPNILTDITKGVQYLNEIKDSVVAGFQWATKEGALCEENMRGVRFDVHDVTLHADAIHRGGGQII
PTARRCLYASVLTAQPRLMEPIYLVEIQCPEQVVGGIYGVLNRKRGHVFEESQVAGTPMFVVKAYLPVNESFGFTADLRS
NTGGQAFPQCVFDHWQILPGDPFDNSSRPSQVVAETRKRKGLKEGIPALDNFLDKL
;
CB
85 'polypeptide(L)'
;QQEQTIAEDLVVTKYKMGGDIANRVLRSLVEASSSGVSVLSLCEKGDAMIMEETGKIFKKEKEMKKGIAFPTSISVNNCV
CHFSPLKSDQDYILKEGDLVKIDLGVHVDGFIANVAHTFVVDVAQGTQVTGRKADVIKAAHLCAEAALRLVKPGNQNTQV
TEAWNKVAHSFNCTPIEGMLSHQLKQHVIDGEKTIIQNPTDQQKKDHEKAEFEVHEVYAVDVLVSSGEGKAKDAGQRTTI
YKRDPSKQYGLKMKTSRAFFSEVERRFDAMPFTLRAFEDEKKARMGVVECAKHELLQPFNVLYEKEGEFVAQFKFTVLLM
PNGPMRITSGPFEPDLYKSEMEVQDAELKALLQSSA
;
CA
#
loop_
_chem_comp.id
_chem_comp.type
_chem_comp.name
_chem_comp.formula
1MA RNA linking 6-HYDRO-1-METHYLADENOSINE-5'-MONOPHOSPHATE 'C11 H16 N5 O7 P'
4AC RNA linking N(4)-ACETYLCYTIDINE-5'-MONOPHOSPHATE 'C11 H16 N3 O9 P'
5MC RNA linking 5-METHYLCYTIDINE-5'-MONOPHOSPHATE 'C10 H16 N3 O8 P'
6MZ RNA linking N6-METHYLADENOSINE-5'-MONOPHOSPHATE 'C11 H16 N5 O7 P'
A RNA linking ADENOSINE-5'-MONOPHOSPHATE 'C10 H14 N5 O7 P'
A2M RNA linking '2'-O-methyladenosine 5'-(dihydrogen phosphate)' 'C11 H16 N5 O7 P'
B8N RNA linking '(2~{R})-2-azanyl-4-[5-[(2~{S},3~{R},4~{S},5~{R})-3,4-bis(oxidanyl)-5-(phosphonooxymethyl)oxolan-2-yl]-3-methyl-2,6-bis(oxidanylidene)pyrimidin-1-yl]butanoic acid' 'C14 H22 N3 O11 P'
C RNA linking CYTIDINE-5'-MONOPHOSPHATE 'C9 H14 N3 O8 P'
G RNA linking GUANOSINE-5'-MONOPHOSPHATE 'C10 H14 N5 O8 P'
G7M RNA linking N7-METHYL-GUANOSINE-5'-MONOPHOSPHATE 'C11 H17 N5 O8 P 1'
MA6 RNA linking 6N-DIMETHYLADENOSINE-5'-MONOPHOSHATE 'C12 H18 N5 O7 P'
MG non-polymer 'MAGNESIUM ION' 'Mg 2'
OMC RNA linking O2'-METHYLYCYTIDINE-5'-MONOPHOSPHATE 'C10 H16 N3 O8 P'
OMG RNA linking O2'-METHYLGUANOSINE-5'-MONOPHOSPHATE 'C11 H16 N5 O8 P'
OMU RNA linking 'O2'-METHYLURIDINE 5'-MONOPHOSPHATE' 'C10 H15 N2 O9 P'
PSU RNA linking PSEUDOURIDINE-5'-MONOPHOSPHATE 'C9 H13 N2 O9 P'
SPD non-polymer SPERMIDINE 'C7 H19 N3'
SPM non-polymer SPERMINE 'C10 H26 N4'
U RNA linking URIDINE-5'-MONOPHOSPHATE 'C9 H13 N2 O9 P'
UR3 RNA linking 3-METHYLURIDINE-5'-MONOPHOSHATE 'C10 H15 N2 O9 P'
UY1 RNA linking 2'-O-methylpseudouridine-5'-monophosphate 'C10 H15 N2 O9 P'
ZN non-polymer 'ZINC ION' 'Zn 2'
#
# COMPACT_ATOMS: atom_id res chain seq x y z
N ASP A 183 10.45 -7.47 -49.94
CA ASP A 183 9.82 -8.62 -49.29
C ASP A 183 8.84 -9.27 -50.24
N GLY A 184 8.63 -8.64 -51.37
CA GLY A 184 7.67 -9.11 -52.35
C GLY A 184 8.16 -10.20 -53.27
N PHE A 185 9.34 -10.76 -53.01
CA PHE A 185 9.88 -11.86 -53.81
C PHE A 185 10.35 -12.97 -52.89
N ASP A 186 10.45 -14.17 -53.43
CA ASP A 186 10.94 -15.31 -52.66
C ASP A 186 12.46 -15.31 -52.69
N SER A 187 13.06 -16.39 -52.21
CA SER A 187 14.53 -16.49 -52.22
C SER A 187 15.06 -16.53 -53.64
N ARG A 188 14.25 -16.98 -54.60
CA ARG A 188 14.66 -16.92 -55.99
C ARG A 188 14.64 -15.49 -56.52
N GLY A 189 13.64 -14.71 -56.13
CA GLY A 189 13.40 -13.39 -56.67
C GLY A 189 12.12 -13.25 -57.46
N LYS A 190 11.33 -14.31 -57.58
CA LYS A 190 10.08 -14.24 -58.31
C LYS A 190 9.04 -13.47 -57.50
N ARG A 191 8.25 -12.65 -58.20
CA ARG A 191 7.29 -11.79 -57.54
C ARG A 191 6.13 -12.60 -56.99
N GLU A 192 5.81 -12.38 -55.72
CA GLU A 192 4.64 -12.99 -55.13
C GLU A 192 3.37 -12.18 -55.39
N PHE A 193 3.50 -10.95 -55.88
CA PHE A 193 2.35 -10.08 -56.17
C PHE A 193 2.63 -9.34 -57.49
N ASP A 194 2.20 -9.93 -58.60
CA ASP A 194 2.38 -9.29 -59.90
C ASP A 194 1.35 -8.22 -60.18
N ARG A 195 0.24 -8.20 -59.46
CA ARG A 195 -0.73 -7.14 -59.53
C ARG A 195 -0.50 -6.05 -58.48
N HIS A 196 0.53 -6.18 -57.67
CA HIS A 196 0.99 -5.10 -56.80
C HIS A 196 2.13 -4.40 -57.53
N SER A 197 1.79 -3.34 -58.26
CA SER A 197 2.79 -2.60 -59.01
C SER A 197 3.80 -1.95 -58.07
N GLY A 198 5.08 -2.20 -58.33
CA GLY A 198 6.15 -1.60 -57.56
C GLY A 198 6.49 -0.18 -57.97
N SER A 199 5.85 0.34 -59.00
CA SER A 199 6.06 1.71 -59.45
C SER A 199 5.06 2.62 -58.77
N ASP A 200 5.54 3.76 -58.28
CA ASP A 200 4.70 4.72 -57.57
C ASP A 200 3.97 5.68 -58.49
N ARG A 201 4.35 5.76 -59.77
CA ARG A 201 3.69 6.67 -60.70
C ARG A 201 2.72 5.96 -61.64
N SER A 208 2.89 4.66 -61.84
CA SER A 208 1.99 3.86 -62.66
C SER A 208 1.43 2.72 -61.83
N GLY A 209 0.35 2.11 -62.35
CA GLY A 209 -0.27 0.99 -61.70
C GLY A 209 -0.43 -0.18 -62.65
N LEU A 210 -1.40 -1.06 -62.39
CA LEU A 210 -1.64 -2.17 -63.30
C LEU A 210 -2.51 -1.78 -64.48
N LYS A 211 -3.03 -0.54 -64.49
CA LYS A 211 -3.81 -0.03 -65.61
C LYS A 211 -3.17 1.24 -66.16
N HIS A 212 -3.16 1.34 -67.49
CA HIS A 212 -2.69 2.54 -68.14
C HIS A 212 -3.74 3.63 -67.99
N GLU A 213 -3.38 4.73 -67.35
CA GLU A 213 -4.29 5.83 -67.13
C GLU A 213 -3.80 7.04 -67.90
N ASP A 214 -4.66 7.58 -68.77
CA ASP A 214 -4.27 8.68 -69.63
C ASP A 214 -4.15 9.96 -68.83
N LYS A 215 -2.97 10.57 -68.83
CA LYS A 215 -2.76 11.80 -68.08
C LYS A 215 -3.57 12.94 -68.69
N ARG A 216 -4.18 13.75 -67.82
CA ARG A 216 -5.05 14.85 -68.20
C ARG A 216 -6.23 14.38 -69.05
N GLY A 217 -6.62 13.11 -68.90
CA GLY A 217 -7.75 12.57 -69.63
C GLY A 217 -7.57 12.48 -71.12
N GLY A 218 -6.40 12.04 -71.58
CA GLY A 218 -6.13 11.95 -73.01
C GLY A 218 -6.10 13.29 -73.71
N SER A 219 -5.65 14.34 -73.03
CA SER A 219 -5.70 15.69 -73.57
C SER A 219 -4.29 16.17 -73.88
N GLY A 220 -4.21 17.11 -74.83
CA GLY A 220 -2.94 17.71 -75.20
C GLY A 220 -2.26 16.98 -76.35
N SER A 221 -1.16 17.58 -76.80
CA SER A 221 -0.35 16.99 -77.85
C SER A 221 0.62 15.96 -77.26
N HIS A 222 1.22 15.17 -78.15
CA HIS A 222 2.17 14.11 -77.77
C HIS A 222 1.54 13.16 -76.76
N ASN A 223 0.26 12.85 -76.96
CA ASN A 223 -0.51 12.08 -75.99
C ASN A 223 -1.64 11.36 -76.71
N TRP A 224 -2.19 10.36 -76.04
CA TRP A 224 -3.39 9.69 -76.54
C TRP A 224 -4.55 10.68 -76.60
N GLY A 225 -5.49 10.42 -77.50
CA GLY A 225 -6.56 11.35 -77.77
C GLY A 225 -7.67 11.34 -76.75
N THR A 226 -8.64 12.23 -76.99
CA THR A 226 -9.83 12.38 -76.14
C THR A 226 -11.03 12.60 -77.07
N VAL A 227 -12.14 13.05 -76.50
CA VAL A 227 -13.39 13.17 -77.25
C VAL A 227 -13.25 14.17 -78.40
N LYS A 228 -12.50 15.26 -78.18
CA LYS A 228 -12.42 16.30 -79.19
C LYS A 228 -11.51 15.90 -80.35
N ASP A 229 -10.61 14.94 -80.12
CA ASP A 229 -9.75 14.48 -81.20
C ASP A 229 -10.51 13.65 -82.22
N GLU A 230 -11.70 13.19 -81.87
CA GLU A 230 -12.52 12.44 -82.82
C GLU A 230 -13.16 13.36 -83.86
N LEU A 231 -13.66 14.50 -83.44
CA LEU A 231 -14.35 15.41 -84.36
C LEU A 231 -13.37 16.13 -85.28
N THR A 289 38.42 15.12 -114.66
CA THR A 289 38.18 13.91 -113.90
C THR A 289 39.46 13.50 -113.15
N LEU A 290 39.30 12.69 -112.11
CA LEU A 290 40.43 12.30 -111.25
C LEU A 290 41.48 11.52 -112.03
N ASP A 291 41.04 10.61 -112.89
CA ASP A 291 41.98 9.78 -113.65
C ASP A 291 42.81 10.63 -114.62
N GLU A 292 42.17 11.57 -115.33
CA GLU A 292 42.93 12.40 -116.26
C GLU A 292 43.81 13.38 -115.50
N TRP A 293 43.37 13.81 -114.32
CA TRP A 293 44.24 14.63 -113.48
C TRP A 293 45.51 13.87 -113.13
N LYS A 294 45.37 12.60 -112.74
CA LYS A 294 46.57 11.78 -112.49
C LYS A 294 47.41 11.60 -113.74
N ALA A 295 46.76 11.39 -114.89
CA ALA A 295 47.49 11.13 -116.13
C ALA A 295 48.32 12.34 -116.55
N ILE A 296 47.79 13.54 -116.38
CA ILE A 296 48.59 14.73 -116.70
C ILE A 296 49.56 15.12 -115.59
N GLN A 297 49.26 14.77 -114.34
CA GLN A 297 50.15 15.12 -113.23
C GLN A 297 51.39 14.26 -113.21
N ASN A 298 51.24 12.95 -113.42
CA ASN A 298 52.34 12.01 -113.21
C ASN A 298 53.34 11.97 -114.36
N LYS A 299 53.05 12.63 -115.49
CA LYS A 299 53.98 12.61 -116.60
C LYS A 299 55.20 13.51 -116.38
N ASP A 300 55.15 14.42 -115.41
CA ASP A 300 56.29 15.29 -115.14
C ASP A 300 56.50 15.49 -113.64
N ILE B 1 -60.58 46.95 87.86
CA ILE B 1 -60.46 48.00 86.84
C ILE B 1 -59.05 47.97 86.26
N MET B 2 -58.91 48.48 85.05
CA MET B 2 -57.62 48.53 84.36
C MET B 2 -57.23 49.99 84.21
N ASN B 3 -56.60 50.53 85.26
CA ASN B 3 -56.34 51.95 85.40
C ASN B 3 -55.09 52.33 84.60
N GLN B 4 -54.53 53.51 84.89
CA GLN B 4 -53.35 53.98 84.17
C GLN B 4 -52.18 53.01 84.32
N GLU B 5 -51.95 52.51 85.53
CA GLU B 5 -50.81 51.62 85.77
C GLU B 5 -50.97 50.31 85.02
N LYS B 6 -52.12 49.66 85.14
CA LYS B 6 -52.35 48.39 84.45
C LYS B 6 -52.34 48.57 82.93
N LEU B 7 -52.95 49.66 82.44
CA LEU B 7 -52.96 49.90 81.00
C LEU B 7 -51.55 50.17 80.48
N ALA B 8 -50.73 50.88 81.25
CA ALA B 8 -49.36 51.14 80.83
C ALA B 8 -48.54 49.85 80.78
N LYS B 9 -48.67 49.02 81.82
CA LYS B 9 -47.91 47.77 81.83
C LYS B 9 -48.50 46.73 80.89
N LEU B 10 -49.71 46.95 80.38
CA LEU B 10 -50.33 45.99 79.47
C LEU B 10 -49.55 45.87 78.15
N GLN B 11 -49.13 47.01 77.60
CA GLN B 11 -48.41 47.00 76.33
C GLN B 11 -47.06 46.32 76.44
N ALA B 12 -46.50 46.21 77.64
CA ALA B 12 -45.22 45.52 77.81
C ALA B 12 -45.34 44.04 77.48
N GLN B 13 -46.41 43.40 77.96
CA GLN B 13 -46.54 41.95 77.80
C GLN B 13 -47.46 41.55 76.66
N VAL B 14 -48.28 42.47 76.15
CA VAL B 14 -49.13 42.13 75.00
C VAL B 14 -48.28 41.80 73.78
N ARG B 15 -47.23 42.60 73.54
CA ARG B 15 -46.38 42.42 72.36
C ARG B 15 -45.43 41.25 72.58
N ILE B 16 -45.81 40.08 72.08
CA ILE B 16 -44.97 38.90 72.17
C ILE B 16 -44.09 38.75 70.92
N GLY B 17 -44.03 39.78 70.09
CA GLY B 17 -43.20 39.74 68.90
C GLY B 17 -43.11 41.10 68.28
N GLY B 18 -42.40 41.17 67.16
CA GLY B 18 -42.19 42.42 66.45
C GLY B 18 -43.40 42.86 65.66
N LYS B 19 -43.13 43.46 64.50
CA LYS B 19 -44.21 43.89 63.62
C LYS B 19 -44.77 42.69 62.86
N GLY B 20 -46.10 42.60 62.83
CA GLY B 20 -46.77 41.54 62.10
C GLY B 20 -47.05 40.29 62.88
N THR B 21 -46.65 40.21 64.14
CA THR B 21 -46.90 39.04 64.97
C THR B 21 -48.27 39.14 65.64
N ALA B 22 -48.77 37.98 66.06
CA ALA B 22 -50.03 37.94 66.78
C ALA B 22 -49.84 38.41 68.21
N ARG B 23 -50.79 39.20 68.70
CA ARG B 23 -50.74 39.65 70.08
C ARG B 23 -51.13 38.50 71.01
N ARG B 24 -50.84 38.70 72.30
CA ARG B 24 -51.24 37.72 73.30
C ARG B 24 -52.67 37.99 73.75
N LYS B 25 -53.41 36.91 74.05
CA LYS B 25 -54.80 37.02 74.45
C LYS B 25 -54.99 36.92 75.96
N LYS B 26 -54.41 35.90 76.59
CA LYS B 26 -54.67 35.67 78.00
C LYS B 26 -53.48 34.99 78.66
N LYS B 27 -53.34 35.22 79.97
CA LYS B 27 -52.38 34.49 80.79
C LYS B 27 -52.90 34.52 82.23
N VAL B 28 -53.51 33.42 82.68
CA VAL B 28 -54.06 33.30 84.02
C VAL B 28 -53.56 31.98 84.63
N VAL B 29 -53.25 32.01 85.92
CA VAL B 29 -52.80 30.83 86.66
C VAL B 29 -53.96 30.25 87.46
N HIS B 30 -54.15 28.94 87.35
CA HIS B 30 -55.23 28.24 88.02
C HIS B 30 -54.67 27.13 88.91
N ARG B 31 -55.41 26.82 89.97
CA ARG B 31 -54.99 25.81 90.94
C ARG B 31 -56.18 25.09 91.55
P A2M C 398 -9.84 10.17 91.41
OP1 A2M C 398 -9.32 8.80 91.08
O5' A2M C 398 -8.58 11.39 91.80
C5' A2M C 398 -7.68 11.65 90.85
C4' A2M C 398 -7.21 13.08 91.01
O4' A2M C 398 -8.31 13.93 91.17
C3' A2M C 398 -6.35 13.22 92.24
O3' A2M C 398 -5.14 12.62 91.93
C2' A2M C 398 -6.45 14.71 92.50
O2' A2M C 398 -5.72 15.47 91.57
C1' A2M C 398 -7.94 14.84 92.19
CM' A2M C 398 -6.14 16.82 91.62
N9 A2M C 398 -8.81 14.65 93.32
C8 A2M C 398 -9.56 13.57 93.76
N7 A2M C 398 -10.25 13.85 94.89
C5 A2M C 398 -9.89 15.15 95.16
C6 A2M C 398 -10.22 16.04 96.16
N6 A2M C 398 -11.07 15.68 97.18
N1 A2M C 398 -9.73 17.29 96.22
C2 A2M C 398 -8.89 17.63 95.21
N3 A2M C 398 -8.46 16.91 94.17
C4 A2M C 398 -9.00 15.67 94.20
OP2 A2M C 398 -10.56 10.40 92.71
P A2M C 400 -0.92 14.92 98.04
OP1 A2M C 400 0.52 14.71 97.70
O5' A2M C 400 -1.20 16.02 99.39
C5' A2M C 400 -0.82 17.28 99.21
C4' A2M C 400 -1.24 18.07 100.40
O4' A2M C 400 -2.60 18.32 100.32
C3' A2M C 400 -0.99 17.29 101.65
O3' A2M C 400 0.38 17.40 101.89
C2' A2M C 400 -1.96 17.93 102.60
O2' A2M C 400 -1.55 19.19 103.02
C1' A2M C 400 -3.11 18.09 101.60
CM' A2M C 400 -2.61 19.86 103.62
N9 A2M C 400 -4.04 17.02 101.52
C8 A2M C 400 -4.24 15.98 100.61
N7 A2M C 400 -5.26 15.18 100.93
C5 A2M C 400 -5.74 15.74 102.10
C6 A2M C 400 -6.77 15.43 102.96
N6 A2M C 400 -7.59 14.35 102.74
N1 A2M C 400 -7.04 16.15 104.06
C2 A2M C 400 -6.22 17.21 104.28
N3 A2M C 400 -5.19 17.66 103.57
C4 A2M C 400 -5.00 16.88 102.48
OP2 A2M C 400 -1.70 13.81 98.67
P OMG C 1316 31.11 -5.64 60.58
OP1 OMG C 1316 31.80 -6.69 61.42
OP2 OMG C 1316 31.76 -5.05 59.33
O5' OMG C 1316 29.72 -6.26 60.15
C5' OMG C 1316 29.14 -7.29 60.93
C4' OMG C 1316 27.84 -7.76 60.33
O4' OMG C 1316 26.97 -6.62 60.10
C3' OMG C 1316 27.94 -8.41 58.96
O3' OMG C 1316 28.32 -9.77 59.03
C2' OMG C 1316 26.53 -8.22 58.42
O2' OMG C 1316 25.64 -9.12 59.02
CM2 OMG C 1316 24.32 -8.92 58.61
C1' OMG C 1316 26.21 -6.82 58.93
N9 OMG C 1316 26.58 -5.79 57.96
C8 OMG C 1316 27.62 -4.91 58.02
N7 OMG C 1316 27.65 -4.12 57.00
C5 OMG C 1316 26.59 -4.51 56.23
C6 OMG C 1316 26.13 -4.03 54.99
O6 OMG C 1316 26.58 -3.12 54.32
N1 OMG C 1316 25.01 -4.74 54.57
C2 OMG C 1316 24.42 -5.76 55.23
N2 OMG C 1316 23.34 -6.33 54.65
N3 OMG C 1316 24.85 -6.21 56.37
C4 OMG C 1316 25.92 -5.55 56.81
P 1MA C 1322 35.70 -4.83 49.69
OP1 1MA C 1322 36.45 -4.84 51.01
OP2 1MA C 1322 34.84 -6.02 49.31
O5' 1MA C 1322 34.77 -3.55 49.64
C5' 1MA C 1322 35.31 -2.27 49.94
C4' 1MA C 1322 34.28 -1.37 50.57
O4' 1MA C 1322 33.16 -1.20 49.68
C3' 1MA C 1322 33.70 -1.86 51.90
O3' 1MA C 1322 33.48 -0.74 52.74
C2' 1MA C 1322 32.37 -2.45 51.47
O2' 1MA C 1322 31.39 -2.49 52.49
C1' 1MA C 1322 31.96 -1.52 50.35
N9 1MA C 1322 31.06 -2.12 49.38
C8 1MA C 1322 30.63 -3.41 49.38
N7 1MA C 1322 29.83 -3.66 48.39
C5 1MA C 1322 29.73 -2.49 47.71
C6 1MA C 1322 29.00 -2.19 46.54
N6 1MA C 1322 28.27 -3.02 45.93
N1 1MA C 1322 29.18 -0.85 46.17
CM1 1MA C 1322 28.48 -0.40 44.99
C2 1MA C 1322 29.97 0.02 46.85
N3 1MA C 1322 30.64 -0.25 47.91
C4 1MA C 1322 30.49 -1.52 48.31
P A2M C 1323 34.63 -0.22 53.72
OP1 A2M C 1323 35.96 -0.20 53.05
O5' A2M C 1323 34.04 1.35 54.33
C5' A2M C 1323 33.07 1.29 55.24
C4' A2M C 1323 32.13 2.45 55.00
O4' A2M C 1323 32.90 3.57 54.71
C3' A2M C 1323 31.26 2.17 53.81
O3' A2M C 1323 30.25 1.36 54.27
C2' A2M C 1323 30.93 3.55 53.33
O2' A2M C 1323 29.99 4.18 54.12
C1' A2M C 1323 32.30 4.18 53.61
CM' A2M C 1323 30.02 5.57 53.94
N9 A2M C 1323 33.26 4.24 52.54
C8 A2M C 1323 34.54 3.70 52.40
N7 A2M C 1323 35.13 4.04 51.24
C5 A2M C 1323 34.19 4.86 50.65
C6 A2M C 1323 34.15 5.55 49.46
N6 A2M C 1323 35.21 5.51 48.57
N1 A2M C 1323 33.09 6.30 49.08
C2 A2M C 1323 32.06 6.32 49.95
N3 A2M C 1323 31.93 5.73 51.14
C4 A2M C 1323 33.02 5.00 51.44
OP2 A2M C 1323 34.50 -0.86 55.07
P A2M C 1326 25.69 2.65 44.42
OP1 A2M C 1326 27.11 2.52 44.87
O5' A2M C 1326 25.06 1.82 45.86
C5' A2M C 1326 23.74 1.70 45.96
C4' A2M C 1326 23.35 0.25 45.92
O4' A2M C 1326 24.51 -0.49 45.89
C3' A2M C 1326 22.54 -0.13 47.14
O3' A2M C 1326 21.23 0.17 46.81
C2' A2M C 1326 22.93 -1.57 47.34
O2' A2M C 1326 22.25 -2.43 46.49
C1' A2M C 1326 24.38 -1.47 46.87
CM' A2M C 1326 22.99 -3.59 46.26
N9 A2M C 1326 25.37 -1.23 47.86
C8 A2M C 1326 26.10 -0.09 48.20
N7 A2M C 1326 26.97 -0.33 49.19
C5 A2M C 1326 26.79 -1.67 49.46
C6 A2M C 1326 27.35 -2.54 50.36
N6 A2M C 1326 28.33 -2.12 51.23
N1 A2M C 1326 26.99 -3.83 50.44
C2 A2M C 1326 26.03 -4.22 49.57
N3 A2M C 1326 25.38 -3.52 48.65
C4 A2M C 1326 25.81 -2.24 48.64
OP2 A2M C 1326 25.25 2.06 43.13
N1 OMC C 1340 17.65 -35.77 66.38
C2 OMC C 1340 17.12 -36.23 65.17
N3 OMC C 1340 17.79 -35.95 64.03
C4 OMC C 1340 18.90 -35.26 64.05
C5 OMC C 1340 19.46 -34.76 65.26
C6 OMC C 1340 18.78 -35.06 66.38
O2 OMC C 1340 16.10 -36.88 65.17
N4 OMC C 1340 19.51 -35.00 62.90
C1' OMC C 1340 16.98 -36.03 67.67
C2' OMC C 1340 17.14 -37.48 68.15
O2' OMC C 1340 15.99 -37.83 68.90
CM2 OMC C 1340 14.80 -37.79 68.13
C3' OMC C 1340 18.34 -37.34 69.07
C4' OMC C 1340 18.08 -36.00 69.73
O4' OMC C 1340 17.54 -35.20 68.66
O3' OMC C 1340 18.50 -38.39 69.99
C5' OMC C 1340 19.30 -35.31 70.29
O5' OMC C 1340 20.30 -35.17 69.31
P OMC C 1340 21.37 -34.00 69.41
OP1 OMC C 1340 22.08 -34.14 70.74
OP2 OMC C 1340 22.16 -33.98 68.11
P OMG C 1522 8.55 -21.20 56.13
OP1 OMG C 1522 7.10 -21.45 56.46
OP2 OMG C 1522 9.52 -22.38 56.11
O5' OMG C 1522 8.66 -20.47 54.73
C5' OMG C 1522 8.19 -19.14 54.57
C4' OMG C 1522 8.70 -18.52 53.30
O4' OMG C 1522 10.13 -18.31 53.37
C3' OMG C 1522 8.53 -19.34 52.04
O3' OMG C 1522 7.21 -19.31 51.54
C2' OMG C 1522 9.55 -18.71 51.11
O2' OMG C 1522 9.08 -17.49 50.58
CM2 OMG C 1522 9.32 -17.38 49.20
C1' OMG C 1522 10.69 -18.40 52.08
N9 OMG C 1522 11.69 -19.47 52.08
C8 OMG C 1522 11.81 -20.54 52.91
N7 OMG C 1522 12.82 -21.30 52.61
C5 OMG C 1522 13.37 -20.70 51.51
C6 OMG C 1522 14.49 -21.07 50.74
O6 OMG C 1522 15.22 -22.03 50.89
N1 OMG C 1522 14.70 -20.16 49.70
C2 OMG C 1522 13.94 -19.07 49.45
N2 OMG C 1522 14.28 -18.30 48.41
N3 OMG C 1522 12.92 -18.72 50.17
C4 OMG C 1522 12.68 -19.57 51.17
P A2M C 1524 2.76 -19.34 46.37
OP1 A2M C 1524 1.75 -18.67 47.24
O5' A2M C 1524 2.64 -19.01 44.63
C5' A2M C 1524 3.44 -18.05 44.17
C4' A2M C 1524 3.78 -18.36 42.73
O4' A2M C 1524 5.04 -18.93 42.66
C3' A2M C 1524 2.81 -19.36 42.20
O3' A2M C 1524 1.65 -18.68 41.99
C2' A2M C 1524 3.57 -19.94 41.02
O2' A2M C 1524 3.31 -19.29 39.83
C1' A2M C 1524 5.02 -19.64 41.45
CM' A2M C 1524 2.94 -20.22 38.85
N9 A2M C 1524 5.88 -20.77 41.52
C8 A2M C 1524 6.93 -21.19 40.72
N7 A2M C 1524 7.49 -22.33 41.14
C5 A2M C 1524 6.75 -22.65 42.26
C6 A2M C 1524 6.79 -23.67 43.16
N6 A2M C 1524 7.70 -24.69 43.06
N1 A2M C 1524 5.94 -23.77 44.19
C2 A2M C 1524 5.05 -22.77 44.29
N3 A2M C 1524 4.86 -21.70 43.52
C4 A2M C 1524 5.75 -21.69 42.51
OP2 A2M C 1524 2.73 -20.82 46.19
P A2M C 1534 -27.79 -13.86 45.48
OP1 A2M C 1534 -28.56 -14.81 46.35
O5' A2M C 1534 -26.56 -13.53 46.78
C5' A2M C 1534 -27.03 -13.27 48.01
C4' A2M C 1534 -27.25 -11.77 48.20
O4' A2M C 1534 -27.54 -11.56 49.55
C3' A2M C 1534 -26.03 -10.97 47.87
O3' A2M C 1534 -26.50 -9.71 47.51
C2' A2M C 1534 -25.22 -11.07 49.13
O2' A2M C 1534 -24.40 -9.99 49.34
C1' A2M C 1534 -26.39 -10.99 50.12
CM' A2M C 1534 -23.33 -10.05 48.46
N9 A2M C 1534 -26.18 -11.61 51.38
C8 A2M C 1534 -25.83 -12.91 51.74
N7 A2M C 1534 -25.72 -13.08 53.06
C5 A2M C 1534 -26.03 -11.82 53.56
C6 A2M C 1534 -26.11 -11.30 54.83
N6 A2M C 1534 -25.87 -12.09 55.95
N1 A2M C 1534 -26.43 -10.01 55.07
C2 A2M C 1534 -26.68 -9.27 53.97
N3 A2M C 1534 -26.65 -9.60 52.69
C4 A2M C 1534 -26.30 -10.90 52.54
OP2 A2M C 1534 -28.48 -12.66 44.94
N1 PSU C 1536 -25.31 -10.91 41.50
C2 PSU C 1536 -24.99 -12.23 41.54
N3 PSU C 1536 -23.78 -12.68 41.05
C4 PSU C 1536 -22.89 -11.77 40.54
C5 PSU C 1536 -23.21 -10.43 40.50
C6 PSU C 1536 -24.43 -10.03 40.99
O2 PSU C 1536 -25.79 -13.03 42.00
O4 PSU C 1536 -21.81 -12.15 40.10
C1' PSU C 1536 -22.24 -9.44 39.94
C2' PSU C 1536 -22.38 -9.40 38.42
O2' PSU C 1536 -21.11 -9.08 37.88
C3' PSU C 1536 -23.34 -8.23 38.24
C4' PSU C 1536 -22.89 -7.28 39.34
O3' PSU C 1536 -23.30 -7.63 36.98
O4' PSU C 1536 -22.54 -8.15 40.43
C5' PSU C 1536 -23.94 -6.29 39.78
O5' PSU C 1536 -23.91 -6.10 41.17
P PSU C 1536 -25.25 -6.23 42.03
OP1 PSU C 1536 -25.97 -4.96 41.84
OP2 PSU C 1536 -25.99 -7.48 41.76
N1 PSU C 1582 -36.37 13.19 30.81
C2 PSU C 1582 -37.16 12.20 31.32
N3 PSU C 1582 -37.74 12.36 32.54
C4 PSU C 1582 -37.54 13.51 33.27
C5 PSU C 1582 -36.73 14.51 32.76
C6 PSU C 1582 -36.16 14.32 31.50
O2 PSU C 1582 -37.35 11.18 30.68
O4 PSU C 1582 -38.08 13.59 34.35
C1' PSU C 1582 -36.43 15.82 33.43
C2' PSU C 1582 -35.95 15.67 34.88
O2' PSU C 1582 -36.26 16.87 35.58
C3' PSU C 1582 -34.45 15.55 34.69
C4' PSU C 1582 -34.17 16.49 33.53
O3' PSU C 1582 -33.71 15.92 35.84
O4' PSU C 1582 -35.37 16.37 32.70
C5' PSU C 1582 -32.95 16.16 32.72
O5' PSU C 1582 -32.91 16.92 31.53
P PSU C 1582 -31.66 16.84 30.55
OP1 PSU C 1582 -30.43 17.33 31.22
OP2 PSU C 1582 -31.68 15.48 29.98
P OMG C 1625 -12.37 -27.84 39.86
OP1 OMG C 1625 -13.15 -29.00 40.46
OP2 OMG C 1625 -11.10 -27.36 40.52
O5' OMG C 1625 -12.03 -28.19 38.35
C5' OMG C 1625 -12.96 -28.89 37.54
C4' OMG C 1625 -13.23 -28.15 36.25
O4' OMG C 1625 -12.59 -26.85 36.32
C3' OMG C 1625 -12.70 -28.81 35.00
O3' OMG C 1625 -13.52 -28.45 33.89
C2' OMG C 1625 -11.33 -28.17 34.83
O2' OMG C 1625 -10.84 -28.19 33.51
CM2 OMG C 1625 -10.52 -29.48 33.04
C1' OMG C 1625 -11.61 -26.75 35.30
N9 OMG C 1625 -10.46 -26.07 35.86
C8 OMG C 1625 -10.33 -25.62 37.16
N7 OMG C 1625 -9.19 -25.05 37.36
C5 OMG C 1625 -8.53 -25.12 36.17
C6 OMG C 1625 -7.25 -24.66 35.82
O6 OMG C 1625 -6.44 -24.09 36.52
N1 OMG C 1625 -6.98 -24.94 34.48
C2 OMG C 1625 -7.82 -25.58 33.62
N2 OMG C 1625 -7.38 -25.76 32.36
N3 OMG C 1625 -9.00 -26.00 33.95
C4 OMG C 1625 -9.30 -25.76 35.23
N1 PSU C 1677 26.19 -29.93 29.96
C2 PSU C 1677 27.32 -30.25 29.22
N3 PSU C 1677 28.56 -30.26 29.80
C4 PSU C 1677 28.68 -29.97 31.13
C5 PSU C 1677 27.55 -29.67 31.87
C6 PSU C 1677 26.31 -29.66 31.28
O2 PSU C 1677 27.20 -30.51 28.02
O4 PSU C 1677 29.78 -29.98 31.65
C1' PSU C 1677 27.74 -29.36 33.33
C2' PSU C 1677 27.11 -28.04 33.77
O2' PSU C 1677 28.02 -27.40 34.64
C3' PSU C 1677 25.89 -28.50 34.54
C4' PSU C 1677 26.32 -29.84 35.11
O3' PSU C 1677 25.48 -27.61 35.57
O4' PSU C 1677 27.15 -30.39 34.08
C5' PSU C 1677 25.20 -30.79 35.43
O5' PSU C 1677 24.16 -30.65 34.49
P PSU C 1677 22.72 -31.23 34.78
OP1 PSU C 1677 22.84 -32.68 34.97
OP2 PSU C 1677 22.18 -30.39 35.86
N1 PSU C 1683 35.69 -33.17 43.42
C2 PSU C 1683 36.32 -32.12 42.80
N3 PSU C 1683 37.21 -32.32 41.78
C4 PSU C 1683 37.47 -33.61 41.37
C5 PSU C 1683 36.85 -34.67 41.99
C6 PSU C 1683 35.96 -34.44 43.02
O2 PSU C 1683 36.07 -30.98 43.18
O4 PSU C 1683 38.27 -33.79 40.46
C1' PSU C 1683 37.14 -36.08 41.55
C2' PSU C 1683 38.47 -36.53 42.13
O2' PSU C 1683 39.06 -37.44 41.22
C3' PSU C 1683 38.00 -37.26 43.38
C4' PSU C 1683 36.74 -37.95 42.90
O3' PSU C 1683 38.96 -38.15 43.90
O4' PSU C 1683 36.15 -36.96 42.02
C5' PSU C 1683 35.77 -38.34 43.95
O5' PSU C 1683 35.30 -37.21 44.66
P PSU C 1683 34.21 -37.37 45.81
OP1 PSU C 1683 34.54 -38.72 46.26
OP2 PSU C 1683 34.26 -36.20 46.71
N1 PSU C 1744 63.26 -21.37 -0.01
C2 PSU C 1744 62.82 -20.48 0.93
N3 PSU C 1744 61.62 -20.66 1.57
C4 PSU C 1744 60.86 -21.75 1.26
C5 PSU C 1744 61.28 -22.65 0.30
C6 PSU C 1744 62.50 -22.44 -0.32
O2 PSU C 1744 63.51 -19.50 1.20
O4 PSU C 1744 59.77 -21.92 1.82
C1' PSU C 1744 60.46 -23.85 -0.02
C2' PSU C 1744 59.33 -23.56 -1.01
O2' PSU C 1744 58.21 -24.34 -0.63
C3' PSU C 1744 59.91 -24.08 -2.32
C4' PSU C 1744 60.75 -25.26 -1.86
O3' PSU C 1744 58.94 -24.46 -3.26
O4' PSU C 1744 61.28 -24.84 -0.59
C5' PSU C 1744 61.87 -25.63 -2.80
O5' PSU C 1744 62.70 -24.50 -3.06
P PSU C 1744 63.75 -24.52 -4.25
OP1 PSU C 1744 63.20 -25.42 -5.28
OP2 PSU C 1744 64.10 -23.13 -4.59
N1 PSU C 1781 71.89 -12.11 -9.80
C2 PSU C 1781 70.97 -11.09 -9.93
N3 PSU C 1781 71.36 -9.78 -9.81
C4 PSU C 1781 72.69 -9.49 -9.57
C5 PSU C 1781 73.61 -10.52 -9.43
C6 PSU C 1781 73.18 -11.83 -9.56
O2 PSU C 1781 69.78 -11.35 -10.14
O4 PSU C 1781 72.99 -8.31 -9.47
C1' PSU C 1781 75.06 -10.27 -9.17
C2' PSU C 1781 75.29 -9.54 -7.85
O2' PSU C 1781 76.44 -8.72 -7.98
C3' PSU C 1781 75.59 -10.70 -6.92
C4' PSU C 1781 76.38 -11.64 -7.81
O3' PSU C 1781 76.31 -10.32 -5.77
O4' PSU C 1781 75.73 -11.51 -9.10
C5' PSU C 1781 76.38 -13.09 -7.38
O5' PSU C 1781 77.54 -13.74 -7.86
P PSU C 1781 77.62 -15.33 -7.92
OP1 PSU C 1781 78.56 -15.83 -6.91
OP2 PSU C 1781 76.23 -15.82 -7.92
N1 PSU C 1782 71.10 -10.28 -6.80
C2 PSU C 1782 69.75 -10.32 -7.04
N3 PSU C 1782 69.02 -9.15 -7.04
C4 PSU C 1782 69.64 -7.95 -6.79
C5 PSU C 1782 71.00 -7.92 -6.53
C6 PSU C 1782 71.71 -9.11 -6.55
O2 PSU C 1782 69.19 -11.38 -7.27
O4 PSU C 1782 68.99 -6.91 -6.79
C1' PSU C 1782 71.71 -6.64 -6.27
C2' PSU C 1782 71.45 -6.11 -4.86
O2' PSU C 1782 71.48 -4.69 -4.91
C3' PSU C 1782 72.66 -6.63 -4.11
C4' PSU C 1782 73.77 -6.52 -5.15
O3' PSU C 1782 72.97 -5.92 -2.93
O4' PSU C 1782 73.10 -6.87 -6.39
C5' PSU C 1782 74.94 -7.42 -4.94
O5' PSU C 1782 74.54 -8.79 -4.90
P PSU C 1782 75.54 -9.92 -4.43
OP1 PSU C 1782 76.52 -9.31 -3.51
OP2 PSU C 1782 74.72 -11.05 -3.98
N1 PSU C 1792 69.46 -22.97 11.20
C2 PSU C 1792 68.96 -21.91 11.91
N3 PSU C 1792 69.81 -20.96 12.43
C4 PSU C 1792 71.16 -21.06 12.21
C5 PSU C 1792 71.67 -22.14 11.49
C6 PSU C 1792 70.78 -23.08 10.99
O2 PSU C 1792 67.76 -21.82 12.11
O4 PSU C 1792 71.88 -20.20 12.68
C1' PSU C 1792 73.13 -22.31 11.21
C2' PSU C 1792 73.91 -22.54 12.51
O2' PSU C 1792 75.22 -22.01 12.33
C3' PSU C 1792 73.97 -24.06 12.56
C4' PSU C 1792 74.15 -24.42 11.10
O3' PSU C 1792 75.00 -24.55 13.39
O4' PSU C 1792 73.34 -23.44 10.40
C5' PSU C 1792 73.75 -25.82 10.71
O5' PSU C 1792 72.35 -25.97 10.65
P PSU C 1792 71.71 -27.36 10.19
OP1 PSU C 1792 72.79 -28.36 10.35
OP2 PSU C 1792 70.42 -27.56 10.86
N1 PSU C 1860 54.88 -8.30 32.30
C2 PSU C 1860 54.26 -9.52 32.27
N3 PSU C 1860 54.99 -10.66 32.02
C4 PSU C 1860 56.34 -10.58 31.81
C5 PSU C 1860 56.96 -9.35 31.85
C6 PSU C 1860 56.20 -8.22 32.11
O2 PSU C 1860 53.06 -9.59 32.46
O4 PSU C 1860 56.98 -11.61 31.59
C1' PSU C 1860 58.43 -9.23 31.61
C2' PSU C 1860 58.71 -9.35 30.12
O2' PSU C 1860 60.01 -9.86 29.95
C3' PSU C 1860 58.67 -7.88 29.71
C4' PSU C 1860 59.35 -7.20 30.89
O3' PSU C 1860 59.30 -7.62 28.47
O4' PSU C 1860 58.87 -7.96 32.03
C5' PSU C 1860 59.00 -5.75 31.06
O5' PSU C 1860 57.60 -5.53 31.02
P PSU C 1860 56.99 -4.13 31.44
OP1 PSU C 1860 57.72 -3.10 30.69
OP2 PSU C 1860 55.52 -4.23 31.32
N1 PSU C 1862 52.56 -9.45 26.05
C2 PSU C 1862 51.35 -9.28 26.68
N3 PSU C 1862 50.39 -10.25 26.61
C4 PSU C 1862 50.65 -11.40 25.92
C5 PSU C 1862 51.86 -11.58 25.28
C6 PSU C 1862 52.82 -10.58 25.36
O2 PSU C 1862 51.13 -8.26 27.31
O4 PSU C 1862 49.79 -12.27 25.85
C1' PSU C 1862 52.12 -12.83 24.52
C2' PSU C 1862 51.49 -12.71 23.13
O2' PSU C 1862 50.96 -13.97 22.75
C3' PSU C 1862 52.70 -12.35 22.28
C4' PSU C 1862 53.79 -13.17 22.93
O3' PSU C 1862 52.52 -12.62 20.91
O4' PSU C 1862 53.50 -13.08 24.34
C5' PSU C 1862 55.20 -12.71 22.65
O5' PSU C 1862 55.37 -11.35 23.00
P PSU C 1862 56.82 -10.70 23.00
OP1 PSU C 1862 57.45 -10.94 21.69
OP2 PSU C 1862 56.65 -9.33 23.53
P A2M C 1871 37.47 -7.44 30.71
OP1 A2M C 1871 36.43 -7.91 31.67
O5' A2M C 1871 37.80 -8.55 29.33
C5' A2M C 1871 36.74 -8.97 28.63
C4' A2M C 1871 37.19 -9.96 27.56
O4' A2M C 1871 37.78 -9.27 26.50
C3' A2M C 1871 38.22 -10.91 28.07
O3' A2M C 1871 37.60 -11.77 28.94
C2' A2M C 1871 38.77 -11.43 26.76
O2' A2M C 1871 37.88 -12.19 26.04
C1' A2M C 1871 38.89 -10.06 26.13
CM' A2M C 1871 38.41 -12.49 24.80
N9 A2M C 1871 40.07 -9.38 26.50
C8 A2M C 1871 40.35 -8.39 27.42
N7 A2M C 1871 41.65 -8.04 27.44
C5 A2M C 1871 42.20 -8.87 26.48
C6 A2M C 1871 43.46 -9.05 26.00
N6 A2M C 1871 44.53 -8.30 26.49
N1 A2M C 1871 43.75 -9.94 25.05
C2 A2M C 1871 42.72 -10.67 24.58
N3 A2M C 1871 41.44 -10.63 24.94
C4 A2M C 1871 41.24 -9.71 25.90
OP2 A2M C 1871 38.91 -7.42 31.11
N1 OMC C 2351 13.77 -11.22 63.16
C2 OMC C 2351 13.49 -11.88 64.39
N3 OMC C 2351 14.06 -11.38 65.50
C4 OMC C 2351 14.85 -10.35 65.47
C5 OMC C 2351 15.16 -9.67 64.27
C6 OMC C 2351 14.60 -10.16 63.16
O2 OMC C 2351 12.76 -12.84 64.45
N4 OMC C 2351 15.38 -9.92 66.61
C1' OMC C 2351 13.25 -11.61 61.83
C2' OMC C 2351 11.73 -11.81 61.81
O2' OMC C 2351 11.44 -12.74 60.79
CM2 OMC C 2351 11.74 -14.06 61.16
C3' OMC C 2351 11.28 -10.43 61.40
C4' OMC C 2351 12.32 -10.05 60.37
O4' OMC C 2351 13.55 -10.59 60.91
O3' OMC C 2351 9.96 -10.41 60.87
C5' OMC C 2351 12.46 -8.57 60.13
O5' OMC C 2351 11.25 -8.02 59.67
P OMC C 2351 11.09 -6.46 59.44
OP1 OMC C 2351 9.74 -6.22 58.77
OP2 OMC C 2351 11.42 -5.75 60.75
P A2M C 2363 0.50 22.62 60.55
OP1 A2M C 2363 0.51 23.90 59.79
O5' A2M C 2363 -0.01 21.18 59.61
C5' A2M C 2363 0.72 20.92 58.53
C4' A2M C 2363 0.35 19.57 57.95
O4' A2M C 2363 0.69 18.60 58.88
C3' A2M C 2363 -1.13 19.47 57.69
O3' A2M C 2363 -1.33 20.06 56.46
C2' A2M C 2363 -1.38 17.99 57.82
O2' A2M C 2363 -1.03 17.28 56.68
C1' A2M C 2363 -0.36 17.69 58.92
CM' A2M C 2363 -2.13 16.54 56.23
N9 A2M C 2363 -0.87 17.65 60.24
C8 A2M C 2363 -0.63 18.42 61.36
N7 A2M C 2363 -1.32 18.02 62.43
C5 A2M C 2363 -2.04 16.95 61.95
C6 A2M C 2363 -2.95 16.08 62.52
N6 A2M C 2363 -3.32 16.19 63.84
N1 A2M C 2363 -3.52 15.09 61.84
C2 A2M C 2363 -3.16 14.99 60.54
N3 A2M C 2363 -2.30 15.73 59.84
C4 A2M C 2363 -1.77 16.70 60.60
OP2 A2M C 2363 -0.54 22.40 61.60
P OMG C 2364 -2.30 21.32 56.30
OP1 OMG C 2364 -2.54 21.54 54.81
OP2 OMG C 2364 -1.75 22.46 57.15
O5' OMG C 2364 -3.67 20.86 56.95
C5' OMG C 2364 -4.49 19.88 56.32
C4' OMG C 2364 -5.08 18.94 57.34
O4' OMG C 2364 -4.14 18.75 58.42
C3' OMG C 2364 -6.34 19.42 58.04
O3' OMG C 2364 -7.49 19.21 57.26
C2' OMG C 2364 -6.34 18.60 59.33
O2' OMG C 2364 -6.87 17.32 59.08
CM2 OMG C 2364 -6.61 16.36 60.08
C1' OMG C 2364 -4.84 18.45 59.61
N9 OMG C 2364 -4.35 19.34 60.67
C8 OMG C 2364 -3.35 20.28 60.54
N7 OMG C 2364 -3.11 20.90 61.67
C5 OMG C 2364 -3.97 20.33 62.56
C6 OMG C 2364 -4.16 20.59 63.93
O6 OMG C 2364 -3.59 21.40 64.64
N1 OMG C 2364 -5.15 19.78 64.47
C2 OMG C 2364 -5.85 18.83 63.79
N2 OMG C 2364 -6.77 18.14 64.46
N3 OMG C 2364 -5.67 18.60 62.52
C4 OMG C 2364 -4.73 19.36 61.97
N1 OMC C 2365 -9.47 20.07 62.53
C2 OMC C 2365 -9.37 20.53 63.85
N3 OMC C 2365 -8.38 21.38 64.16
C4 OMC C 2365 -7.53 21.78 63.26
C5 OMC C 2365 -7.60 21.34 61.90
C6 OMC C 2365 -8.59 20.49 61.60
O2 OMC C 2365 -10.18 20.13 64.66
N4 OMC C 2365 -6.58 22.63 63.63
C1' OMC C 2365 -10.56 19.14 62.17
C2' OMC C 2365 -11.88 19.88 61.92
O2' OMC C 2365 -12.94 19.01 62.28
CM2 OMC C 2365 -13.16 18.99 63.67
C3' OMC C 2365 -11.82 20.05 60.41
C4' OMC C 2365 -11.18 18.76 59.95
O4' OMC C 2365 -10.21 18.46 60.98
O3' OMC C 2365 -13.08 20.29 59.83
C5' OMC C 2365 -10.46 18.84 58.63
O5' OMC C 2365 -9.48 19.86 58.64
P OMC C 2365 -8.71 20.25 57.31
OP1 OMC C 2365 -9.62 19.92 56.15
OP2 OMC C 2365 -8.13 21.64 57.48
P A2M C 2401 -44.30 10.65 60.95
OP1 A2M C 2401 -44.81 10.53 62.36
O5' A2M C 2401 -44.99 9.04 60.49
C5' A2M C 2401 -44.44 8.44 59.43
C4' A2M C 2401 -45.47 7.64 58.67
O4' A2M C 2401 -45.59 8.18 57.37
C3' A2M C 2401 -45.06 6.19 58.54
O3' A2M C 2401 -45.45 5.56 59.70
C2' A2M C 2401 -45.71 5.82 57.21
O2' A2M C 2401 -47.08 5.67 57.30
C1' A2M C 2401 -45.39 7.12 56.51
CM' A2M C 2401 -47.43 4.31 57.38
N9 A2M C 2401 -44.07 7.23 55.99
C8 A2M C 2401 -42.98 8.04 56.31
N7 A2M C 2401 -41.90 7.81 55.54
C5 A2M C 2401 -42.34 6.81 54.70
C6 A2M C 2401 -41.74 6.10 53.68
N6 A2M C 2401 -40.43 6.35 53.32
N1 A2M C 2401 -42.38 5.13 53.00
C2 A2M C 2401 -43.66 4.89 53.36
N3 A2M C 2401 -44.39 5.47 54.32
C4 A2M C 2401 -43.67 6.43 54.96
OP2 A2M C 2401 -42.84 10.82 60.71
N1 OMC C 2422 -14.99 21.10 69.23
C2 OMC C 2422 -16.09 21.95 69.41
N3 OMC C 2422 -17.24 21.64 68.79
C4 OMC C 2422 -17.35 20.58 68.03
C5 OMC C 2422 -16.26 19.70 67.82
C6 OMC C 2422 -15.11 20.01 68.45
O2 OMC C 2422 -15.98 22.93 70.11
N4 OMC C 2422 -18.52 20.34 67.45
C1' OMC C 2422 -13.68 21.37 69.86
C2' OMC C 2422 -13.66 21.07 71.35
O2' OMC C 2422 -12.81 22.02 71.98
CM2 OMC C 2422 -13.32 23.32 71.95
C3' OMC C 2422 -12.99 19.70 71.39
C4' OMC C 2422 -12.01 19.79 70.23
O4' OMC C 2422 -12.72 20.56 69.24
O3' OMC C 2422 -12.36 19.43 72.61
C5' OMC C 2422 -11.56 18.49 69.63
O5' OMC C 2422 -12.58 17.51 69.66
P OMC C 2422 -12.24 15.98 69.93
OP1 OMC C 2422 -10.89 15.97 70.61
OP2 OMC C 2422 -13.44 15.36 70.63
P OMG C 2424 -16.88 19.79 78.19
OP1 OMG C 2424 -16.36 20.11 79.59
OP2 OMG C 2424 -16.56 18.45 77.55
O5' OMG C 2424 -18.46 19.96 78.17
C5' OMG C 2424 -19.07 21.19 78.54
C4' OMG C 2424 -20.49 21.26 78.05
O4' OMG C 2424 -20.49 21.29 76.60
C3' OMG C 2424 -21.37 20.06 78.41
O3' OMG C 2424 -21.94 20.16 79.69
C2' OMG C 2424 -22.38 20.04 77.28
O2' OMG C 2424 -23.37 21.04 77.51
CM2 OMG C 2424 -24.57 20.78 76.81
C1' OMG C 2424 -21.53 20.47 76.10
N9 OMG C 2424 -20.92 19.32 75.41
C8 OMG C 2424 -19.73 18.70 75.70
N7 OMG C 2424 -19.47 17.72 74.90
C5 OMG C 2424 -20.52 17.69 74.04
C6 OMG C 2424 -20.77 16.82 72.95
O6 OMG C 2424 -20.10 15.89 72.54
N1 OMG C 2424 -21.98 17.14 72.34
C2 OMG C 2424 -22.82 18.14 72.71
N2 OMG C 2424 -23.94 18.29 71.98
N3 OMG C 2424 -22.58 18.94 73.71
C4 OMG C 2424 -21.43 18.67 74.34
N1 PSU C 2632 -60.93 43.54 55.18
C2 PSU C 2632 -60.16 43.44 56.32
N3 PSU C 2632 -58.82 43.76 56.29
C4 PSU C 2632 -58.26 44.19 55.10
C5 PSU C 2632 -59.05 44.28 53.96
C6 PSU C 2632 -60.38 43.96 54.02
O2 PSU C 2632 -60.66 43.05 57.36
O4 PSU C 2632 -57.07 44.48 55.06
C1' PSU C 2632 -58.43 44.75 52.69
C2' PSU C 2632 -57.67 43.66 51.94
O2' PSU C 2632 -56.49 44.25 51.40
C3' PSU C 2632 -58.64 43.29 50.84
C4' PSU C 2632 -59.33 44.60 50.54
O3' PSU C 2632 -58.02 42.74 49.70
O4' PSU C 2632 -59.45 45.24 51.83
C5' PSU C 2632 -60.69 44.51 49.89
O5' PSU C 2632 -61.31 43.27 50.16
P PSU C 2632 -62.84 43.20 50.61
OP1 PSU C 2632 -63.68 43.70 49.50
OP2 PSU C 2632 -63.08 41.86 51.17
P A2M C 2787 -36.22 7.49 54.78
OP1 A2M C 2787 -37.12 7.96 55.90
O5' A2M C 2787 -34.86 8.50 55.37
C5' A2M C 2787 -33.68 8.26 54.78
C4' A2M C 2787 -32.55 8.60 55.73
O4' A2M C 2787 -32.33 7.51 56.60
C3' A2M C 2787 -31.28 8.89 54.95
O3' A2M C 2787 -31.20 10.25 54.82
C2' A2M C 2787 -30.16 8.12 55.69
O2' A2M C 2787 -29.35 8.90 56.57
C1' A2M C 2787 -31.00 7.09 56.44
CM' A2M C 2787 -29.99 9.23 57.78
N9 A2M C 2787 -31.01 5.77 55.87
C8 A2M C 2787 -30.72 5.31 54.60
N7 A2M C 2787 -30.87 3.98 54.49
C5 A2M C 2787 -31.27 3.60 55.74
C6 A2M C 2787 -31.58 2.39 56.30
N6 A2M C 2787 -31.53 1.22 55.57
N1 A2M C 2787 -31.95 2.27 57.59
C2 A2M C 2787 -32.00 3.42 58.29
N3 A2M C 2787 -31.72 4.66 57.91
C4 A2M C 2787 -31.36 4.69 56.62
OP2 A2M C 2787 -36.64 7.70 53.37
N1 OMC C 2804 -44.83 6.26 49.17
C2 OMC C 2804 -44.66 6.86 50.41
N3 OMC C 2804 -43.48 7.44 50.69
C4 OMC C 2804 -42.51 7.43 49.81
C5 OMC C 2804 -42.65 6.83 48.53
C6 OMC C 2804 -43.83 6.26 48.27
O2 OMC C 2804 -45.58 6.84 51.20
N4 OMC C 2804 -41.37 8.01 50.14
C1' OMC C 2804 -46.11 5.62 48.81
C2' OMC C 2804 -47.16 6.65 48.40
O2' OMC C 2804 -48.42 6.21 48.90
CM2 OMC C 2804 -48.86 6.97 50.00
C3' OMC C 2804 -47.11 6.56 46.89
C4' OMC C 2804 -46.78 5.09 46.64
O4' OMC C 2804 -45.88 4.77 47.70
O3' OMC C 2804 -48.31 6.95 46.27
C5' OMC C 2804 -46.11 4.81 45.33
O5' OMC C 2804 -44.97 5.64 45.17
P OMC C 2804 -43.88 5.28 44.07
OP1 OMC C 2804 -44.58 5.29 42.73
OP2 OMC C 2804 -42.66 6.16 44.30
P A2M C 2815 -40.63 20.70 38.29
OP1 A2M C 2815 -39.46 20.87 39.22
O5' A2M C 2815 -39.58 20.58 36.85
C5' A2M C 2815 -38.52 19.76 36.96
C4' A2M C 2815 -37.35 20.34 36.16
O4' A2M C 2815 -37.84 20.86 34.96
C3' A2M C 2815 -36.67 21.44 36.94
O3' A2M C 2815 -35.75 20.79 37.76
C2' A2M C 2815 -36.15 22.34 35.83
O2' A2M C 2815 -35.00 21.87 35.24
C1' A2M C 2815 -37.31 22.15 34.83
CM' A2M C 2815 -34.76 22.53 34.04
N9 A2M C 2815 -38.40 23.10 34.88
C8 A2M C 2815 -39.77 22.96 35.12
N7 A2M C 2815 -40.44 24.13 35.06
C5 A2M C 2815 -39.45 25.04 34.76
C6 A2M C 2815 -39.45 26.40 34.55
N6 A2M C 2815 -40.61 27.15 34.64
N1 A2M C 2815 -38.32 27.10 34.28
C2 A2M C 2815 -37.19 26.36 34.20
N3 A2M C 2815 -37.01 25.05 34.36
C4 A2M C 2815 -38.17 24.43 34.64
OP2 A2M C 2815 -41.67 21.77 38.24
N1 OMC C 2824 -34.31 23.63 60.27
C2 OMC C 2824 -34.06 24.81 59.59
N3 OMC C 2824 -34.89 25.85 59.77
C4 OMC C 2824 -35.92 25.75 60.55
C5 OMC C 2824 -36.23 24.55 61.25
C6 OMC C 2824 -35.39 23.52 61.07
O2 OMC C 2824 -33.08 24.88 58.86
N4 OMC C 2824 -36.71 26.81 60.69
C1' OMC C 2824 -33.48 22.42 60.10
C2' OMC C 2824 -32.20 22.40 60.94
O2' OMC C 2824 -31.15 21.88 60.12
CM2 OMC C 2824 -30.93 22.57 58.92
C3' OMC C 2824 -32.54 21.40 62.03
C4' OMC C 2824 -33.48 20.44 61.32
O4' OMC C 2824 -34.24 21.30 60.46
O3' OMC C 2824 -31.41 20.74 62.55
C5' OMC C 2824 -34.41 19.67 62.22
O5' OMC C 2824 -35.40 20.50 62.79
P OMC C 2824 -36.66 19.88 63.53
OP1 OMC C 2824 -36.13 18.82 64.47
OP2 OMC C 2824 -37.52 21.01 64.05
N1 OMU C 2837 -0.52 29.80 47.03
C2 OMU C 2837 -1.46 28.85 47.71
N3 OMU C 2837 -2.63 29.37 48.48
C4 OMU C 2837 -2.85 30.80 48.54
C5 OMU C 2837 -1.92 31.73 47.85
C6 OMU C 2837 -0.76 31.21 47.09
O2 OMU C 2837 -1.26 27.65 47.66
O4 OMU C 2837 -3.74 31.21 49.11
C1' OMU C 2837 0.63 29.27 46.26
C2' OMU C 2837 0.17 28.61 44.97
O2' OMU C 2837 1.07 27.57 44.65
CM2 OMU C 2837 1.00 26.49 45.52
C3' OMU C 2837 0.32 29.77 44.01
C4' OMU C 2837 1.61 30.39 44.48
O3' OMU C 2837 0.34 29.39 42.65
O4' OMU C 2837 1.49 30.32 45.92
C5' OMU C 2837 1.85 31.81 44.05
O5' OMU C 2837 0.67 32.59 44.16
P OMU C 2837 0.75 34.17 44.07
OP1 OMU C 2837 1.38 34.52 42.76
OP2 OMU C 2837 -0.60 34.72 44.43
N1 PSU C 2839 -7.73 27.98 44.17
C2 PSU C 2839 -8.68 28.85 44.66
N3 PSU C 2839 -9.85 28.36 45.14
C4 PSU C 2839 -10.10 27.01 45.13
C5 PSU C 2839 -9.15 26.15 44.62
C6 PSU C 2839 -7.97 26.66 44.15
O2 PSU C 2839 -8.48 30.06 44.68
O4 PSU C 2839 -11.16 26.59 45.56
C1' PSU C 2839 -9.40 24.68 44.62
C2' PSU C 2839 -10.46 24.29 43.57
O2' PSU C 2839 -11.19 23.18 44.08
C3' PSU C 2839 -9.58 23.86 42.41
C4' PSU C 2839 -8.40 23.20 43.10
O3' PSU C 2839 -10.23 23.00 41.50
O4' PSU C 2839 -8.21 24.00 44.29
C5' PSU C 2839 -7.13 23.15 42.31
O5' PSU C 2839 -6.97 24.31 41.51
P PSU C 2839 -5.53 24.92 41.25
OP1 PSU C 2839 -4.85 24.08 40.25
OP2 PSU C 2839 -5.64 26.38 41.03
N1 OMC C 2861 -24.84 29.84 21.42
C2 OMC C 2861 -25.18 28.55 21.86
N3 OMC C 2861 -24.73 28.15 23.06
C4 OMC C 2861 -23.98 28.92 23.80
C5 OMC C 2861 -23.62 30.23 23.39
C6 OMC C 2861 -24.07 30.63 22.19
O2 OMC C 2861 -25.88 27.82 21.18
N4 OMC C 2861 -23.57 28.46 24.98
C1' OMC C 2861 -25.24 30.41 20.11
C2' OMC C 2861 -26.74 30.64 19.95
O2' OMC C 2861 -27.10 30.28 18.62
CM2 OMC C 2861 -26.86 28.92 18.30
C3' OMC C 2861 -26.86 32.14 20.13
C4' OMC C 2861 -25.55 32.66 19.59
O4' OMC C 2861 -24.59 31.65 19.96
O3' OMC C 2861 -27.97 32.68 19.43
C5' OMC C 2861 -25.10 33.99 20.15
O5' OMC C 2861 -24.82 33.86 21.55
P OMC C 2861 -24.02 35.00 22.32
OP1 OMC C 2861 -24.61 36.34 21.93
OP2 OMC C 2861 -23.97 34.60 23.79
P OMG C 2876 -41.29 9.95 0.49
OP1 OMG C 2876 -41.90 8.70 -0.12
OP2 OMG C 2876 -41.98 11.29 0.41
O5' OMG C 2876 -41.04 9.61 2.02
C5' OMG C 2876 -40.65 10.61 2.95
C4' OMG C 2876 -40.19 9.96 4.23
O4' OMG C 2876 -39.34 8.85 3.91
C3' OMG C 2876 -39.33 10.82 5.14
O3' OMG C 2876 -40.11 11.70 5.95
C2' OMG C 2876 -38.56 9.78 5.95
O2' OMG C 2876 -39.35 9.31 7.02
CM2 OMG C 2876 -38.95 9.79 8.28
C1' OMG C 2876 -38.41 8.64 4.93
N9 OMG C 2876 -37.06 8.57 4.34
C8 OMG C 2876 -36.16 7.56 4.53
N7 OMG C 2876 -35.06 7.74 3.88
C5 OMG C 2876 -35.23 8.93 3.23
C6 OMG C 2876 -34.35 9.64 2.38
O6 OMG C 2876 -33.23 9.34 2.02
N1 OMG C 2876 -34.93 10.82 1.93
C2 OMG C 2876 -36.17 11.27 2.26
N2 OMG C 2876 -36.56 12.43 1.73
N3 OMG C 2876 -36.97 10.60 3.04
C4 OMG C 2876 -36.47 9.47 3.50
P OMG C 3627 -23.99 23.29 16.67
OP1 OMG C 3627 -25.33 22.58 16.53
OP2 OMG C 3627 -22.74 22.50 16.97
O5' OMG C 3627 -23.74 24.10 15.32
C5' OMG C 3627 -24.80 24.84 14.73
C4' OMG C 3627 -24.32 25.65 13.55
O4' OMG C 3627 -23.18 26.45 13.93
C3' OMG C 3627 -23.82 24.87 12.35
O3' OMG C 3627 -24.86 24.33 11.56
C2' OMG C 3627 -23.00 25.92 11.63
O2' OMG C 3627 -23.85 26.84 11.00
CM2 OMG C 3627 -23.17 27.94 10.42
C1' OMG C 3627 -22.33 26.61 12.81
N9 OMG C 3627 -21.04 25.99 13.13
C8 OMG C 3627 -20.73 25.20 14.20
N7 OMG C 3627 -19.50 24.81 14.18
C5 OMG C 3627 -18.97 25.36 13.05
C6 OMG C 3627 -17.67 25.28 12.52
O6 OMG C 3627 -16.70 24.69 12.95
N1 OMG C 3627 -17.58 26.01 11.34
C2 OMG C 3627 -18.59 26.72 10.76
N2 OMG C 3627 -18.32 27.36 9.63
N3 OMG C 3627 -19.78 26.78 11.26
C4 OMG C 3627 -19.91 26.10 12.39
N1 PSU C 3637 -28.49 -0.62 17.01
C2 PSU C 3637 -28.97 -1.77 17.60
N3 PSU C 3637 -30.13 -1.75 18.34
C4 PSU C 3637 -30.81 -0.58 18.48
C5 PSU C 3637 -30.34 0.57 17.88
C6 PSU C 3637 -29.16 0.54 17.15
O2 PSU C 3637 -28.37 -2.82 17.49
O4 PSU C 3637 -31.84 -0.59 19.14
C1' PSU C 3637 -31.07 1.86 18.07
C2' PSU C 3637 -30.72 2.27 19.50
O2' PSU C 3637 -31.83 2.93 20.08
C3' PSU C 3637 -29.59 3.25 19.27
C4' PSU C 3637 -30.03 3.95 18.00
O3' PSU C 3637 -29.38 4.13 20.35
O4' PSU C 3637 -30.62 2.89 17.21
C5' PSU C 3637 -28.96 4.65 17.21
O5' PSU C 3637 -27.73 3.93 17.23
P PSU C 3637 -26.47 4.45 16.43
OP1 PSU C 3637 -26.04 5.74 17.00
OP2 PSU C 3637 -25.56 3.31 16.38
N1 PSU C 3639 -23.61 -0.41 22.98
C2 PSU C 3639 -22.44 -0.53 22.29
N3 PSU C 3639 -21.73 -1.69 22.33
C4 PSU C 3639 -22.19 -2.75 23.06
C5 PSU C 3639 -23.36 -2.64 23.76
C6 PSU C 3639 -24.07 -1.45 23.71
O2 PSU C 3639 -22.03 0.43 21.63
O4 PSU C 3639 -21.57 -3.80 23.10
C1' PSU C 3639 -23.89 -3.79 24.54
C2' PSU C 3639 -23.23 -3.97 25.90
O2' PSU C 3639 -23.19 -5.35 26.19
C3' PSU C 3639 -24.23 -3.27 26.82
C4' PSU C 3639 -25.55 -3.57 26.15
O3' PSU C 3639 -24.20 -3.73 28.15
O4' PSU C 3639 -25.26 -3.58 24.74
C5' PSU C 3639 -26.65 -2.56 26.42
O5' PSU C 3639 -26.30 -1.31 25.85
P PSU C 3639 -27.22 -0.04 26.08
OP1 PSU C 3639 -27.81 -0.16 27.42
OP2 PSU C 3639 -26.43 1.15 25.70
N1 PSU C 3695 -25.02 -4.37 -3.89
C2 PSU C 3695 -23.82 -4.66 -3.28
N3 PSU C 3695 -22.64 -4.51 -3.96
C4 PSU C 3695 -22.66 -4.07 -5.25
C5 PSU C 3695 -23.86 -3.78 -5.88
C6 PSU C 3695 -25.04 -3.93 -5.17
O2 PSU C 3695 -23.82 -5.06 -2.13
O4 PSU C 3695 -21.60 -3.93 -5.86
C1' PSU C 3695 -23.88 -3.28 -7.28
C2' PSU C 3695 -23.86 -4.41 -8.31
O2' PSU C 3695 -23.14 -3.97 -9.45
C3' PSU C 3695 -25.33 -4.57 -8.63
C4' PSU C 3695 -25.85 -3.15 -8.55
O3' PSU C 3695 -25.59 -5.16 -9.88
O4' PSU C 3695 -25.07 -2.55 -7.48
C5' PSU C 3695 -27.31 -3.06 -8.22
O5' PSU C 3695 -27.62 -3.99 -7.19
P PSU C 3695 -29.12 -4.24 -6.75
OP1 PSU C 3695 -29.99 -4.43 -7.92
OP2 PSU C 3695 -29.08 -5.26 -5.68
N1 OMC C 3701 -10.88 -28.80 -4.65
C2 OMC C 3701 -10.91 -28.87 -3.25
N3 OMC C 3701 -11.85 -28.14 -2.60
C4 OMC C 3701 -12.69 -27.40 -3.26
C5 OMC C 3701 -12.69 -27.30 -4.67
C6 OMC C 3701 -11.77 -28.02 -5.32
O2 OMC C 3701 -10.12 -29.58 -2.68
N4 OMC C 3701 -13.57 -26.71 -2.54
C1' OMC C 3701 -9.90 -29.56 -5.40
C2' OMC C 3701 -10.41 -30.07 -6.74
O2' OMC C 3701 -11.20 -31.22 -6.61
CM2 OMC C 3701 -12.01 -31.47 -7.73
C3' OMC C 3701 -9.10 -30.29 -7.48
C4' OMC C 3701 -8.24 -29.13 -6.98
O4' OMC C 3701 -8.81 -28.73 -5.70
O3' OMC C 3701 -8.51 -31.52 -7.06
C5' OMC C 3701 -8.22 -27.94 -7.90
O5' OMC C 3701 -8.87 -28.24 -9.12
P OMC C 3701 -9.41 -27.09 -10.06
OP1 OMC C 3701 -9.46 -27.62 -11.48
OP2 OMC C 3701 -10.66 -26.51 -9.43
P A2M C 3718 -3.97 -60.58 16.73
OP1 A2M C 3718 -3.09 -61.25 17.74
O5' A2M C 3718 -5.44 -60.79 17.75
C5' A2M C 3718 -5.34 -60.42 19.03
C4' A2M C 3718 -6.72 -60.35 19.64
O4' A2M C 3718 -7.45 -59.32 19.02
C3' A2M C 3718 -7.49 -61.63 19.43
O3' A2M C 3718 -6.96 -62.58 20.31
C2' A2M C 3718 -8.89 -61.14 19.61
O2' A2M C 3718 -9.19 -60.79 20.92
C1' A2M C 3718 -8.72 -59.86 18.78
CM' A2M C 3718 -10.53 -60.46 21.04
N9 A2M C 3718 -8.91 -60.02 17.36
C8 A2M C 3718 -8.05 -60.01 16.28
N7 A2M C 3718 -8.66 -60.20 15.10
C5 A2M C 3718 -9.99 -60.35 15.47
C6 A2M C 3718 -11.15 -60.57 14.77
N6 A2M C 3718 -11.16 -60.70 13.40
N1 A2M C 3718 -12.34 -60.67 15.36
C2 A2M C 3718 -12.33 -60.54 16.71
N3 A2M C 3718 -11.32 -60.32 17.54
C4 A2M C 3718 -10.16 -60.24 16.86
OP2 A2M C 3718 -4.04 -61.12 15.34
P OMG C 3744 -14.39 -34.94 -9.33
OP1 OMG C 3744 -14.77 -34.23 -10.63
OP2 OMG C 3744 -13.01 -34.71 -8.73
O5' OMG C 3744 -15.46 -34.57 -8.22
C5' OMG C 3744 -16.85 -34.66 -8.50
C4' OMG C 3744 -17.66 -34.10 -7.37
O4' OMG C 3744 -17.57 -35.00 -6.23
C3' OMG C 3744 -17.19 -32.76 -6.81
O3' OMG C 3744 -17.64 -31.66 -7.56
C2' OMG C 3744 -17.73 -32.80 -5.40
O2' OMG C 3744 -19.12 -32.59 -5.41
CM2 OMG C 3744 -19.71 -32.62 -4.13
C1' OMG C 3744 -17.47 -34.25 -5.04
N9 OMG C 3744 -16.12 -34.46 -4.47
C8 OMG C 3744 -15.00 -34.92 -5.11
N7 OMG C 3744 -13.99 -34.99 -4.31
C5 OMG C 3744 -14.46 -34.57 -3.09
C6 OMG C 3744 -13.82 -34.44 -1.85
O6 OMG C 3744 -12.66 -34.69 -1.56
N1 OMG C 3744 -14.70 -33.97 -0.88
C2 OMG C 3744 -16.01 -33.67 -1.08
N2 OMG C 3744 -16.71 -33.23 -0.02
N3 OMG C 3744 -16.60 -33.79 -2.23
C4 OMG C 3744 -15.78 -34.24 -3.19
P 5MC C 3782 -9.51 4.99 -4.82
OP1 5MC C 3782 -10.07 6.26 -4.19
OP2 5MC C 3782 -9.34 4.91 -6.33
O5' 5MC C 3782 -8.11 4.67 -4.14
C5' 5MC C 3782 -7.94 4.78 -2.73
C4' 5MC C 3782 -6.67 4.14 -2.28
O4' 5MC C 3782 -6.46 2.90 -2.99
C3' 5MC C 3782 -5.39 4.93 -2.54
O3' 5MC C 3782 -5.17 5.91 -1.55
C2' 5MC C 3782 -4.32 3.85 -2.55
O2' 5MC C 3782 -3.89 3.57 -1.23
C1' 5MC C 3782 -5.09 2.63 -3.07
N1 5MC C 3782 -4.75 2.33 -4.48
C2 5MC C 3782 -3.50 1.85 -4.87
O2 5MC C 3782 -2.62 1.67 -4.04
N3 5MC C 3782 -3.32 1.59 -6.17
C4 5MC C 3782 -4.27 1.77 -7.05
N4 5MC C 3782 -4.02 1.50 -8.33
C5 5MC C 3782 -5.56 2.26 -6.70
C6 5MC C 3782 -5.73 2.51 -5.39
CM5 5MC C 3782 -6.64 2.47 -7.72
P A2M C 3785 -4.67 6.98 6.01
OP1 A2M C 3785 -5.03 8.44 6.13
O5' A2M C 3785 -5.25 6.61 7.65
C5' A2M C 3785 -6.07 5.55 7.75
C4' A2M C 3785 -5.44 4.48 8.62
O4' A2M C 3785 -6.43 4.09 9.56
C3' A2M C 3785 -5.01 3.27 7.78
O3' A2M C 3785 -3.67 3.00 8.03
C2' A2M C 3785 -6.04 2.20 8.13
O2' A2M C 3785 -5.49 0.93 8.24
C1' A2M C 3785 -6.42 2.70 9.53
CM' A2M C 3785 -6.39 0.00 7.73
N9 A2M C 3785 -7.65 2.17 10.01
C8 A2M C 3785 -8.88 1.95 9.43
N7 A2M C 3785 -9.77 1.40 10.27
C5 A2M C 3785 -9.04 1.25 11.43
C6 A2M C 3785 -9.34 0.75 12.67
N6 A2M C 3785 -10.57 0.24 12.96
N1 A2M C 3785 -8.44 0.71 13.67
C2 A2M C 3785 -7.23 1.20 13.37
N3 A2M C 3785 -6.77 1.72 12.22
C4 A2M C 3785 -7.73 1.72 11.29
OP2 A2M C 3785 -3.25 6.61 5.73
P OMG C 3792 6.05 11.99 0.67
OP1 OMG C 3792 5.53 12.93 -0.42
OP2 OMG C 3792 5.05 11.31 1.60
O5' OMG C 3792 6.92 10.85 0.00
C5' OMG C 3792 8.02 11.17 -0.83
C4' OMG C 3792 7.94 10.47 -2.17
O4' OMG C 3792 7.03 9.35 -2.09
C3' OMG C 3792 7.37 11.30 -3.30
O3' OMG C 3792 8.32 12.20 -3.84
C2' OMG C 3792 6.92 10.24 -4.29
O2' OMG C 3792 8.02 9.74 -5.02
CM2 OMG C 3792 7.64 9.18 -6.25
C1' OMG C 3792 6.44 9.13 -3.35
N9 OMG C 3792 4.98 9.13 -3.16
C8 OMG C 3792 4.35 9.12 -1.93
N7 OMG C 3792 3.07 9.10 -2.04
C5 OMG C 3792 2.82 9.09 -3.38
C6 OMG C 3792 1.59 9.06 -4.07
O6 OMG C 3792 0.47 9.04 -3.61
N1 OMG C 3792 1.80 9.06 -5.45
C2 OMG C 3792 3.01 9.08 -6.07
N2 OMG C 3792 3.00 9.07 -7.41
N3 OMG C 3792 4.14 9.09 -5.43
C4 OMG C 3792 3.99 9.10 -4.10
N1 OMC C 3808 -1.39 8.37 -9.64
C2 OMC C 3808 -0.30 8.03 -8.83
N3 OMC C 3808 -0.43 8.18 -7.50
C4 OMC C 3808 -1.52 8.64 -6.96
C5 OMC C 3808 -2.64 9.00 -7.75
C6 OMC C 3808 -2.50 8.86 -9.07
O2 OMC C 3808 0.72 7.60 -9.32
N4 OMC C 3808 -1.59 8.77 -5.64
C1' OMC C 3808 -1.37 8.29 -11.11
C2' OMC C 3808 -1.47 6.87 -11.66
O2' OMC C 3808 -0.51 6.74 -12.70
CM2 OMC C 3808 0.81 6.53 -12.27
C3' OMC C 3808 -2.86 6.83 -12.26
C4' OMC C 3808 -3.18 8.28 -12.58
O4' OMC C 3808 -2.48 9.02 -11.57
O3' OMC C 3808 -2.94 6.02 -13.42
C5' OMC C 3808 -4.63 8.64 -12.52
O5' OMC C 3808 -5.19 8.22 -11.28
P OMC C 3808 -6.73 8.35 -10.98
OP1 OMC C 3808 -7.49 7.78 -12.17
OP2 OMC C 3808 -6.99 7.82 -9.59
C1' UY1 C 3818 -10.62 -14.39 5.09
C2 UY1 C 3818 -7.46 -13.19 2.08
C2' UY1 C 3818 -11.09 -13.17 5.92
C3' UY1 C 3818 -12.59 -13.05 5.58
C4 UY1 C 3818 -8.23 -14.72 3.98
C4' UY1 C 3818 -12.93 -14.39 4.96
C5 UY1 C 3818 -9.51 -13.97 4.05
C5' UY1 C 3818 -14.01 -14.34 3.92
C6 UY1 C 3818 -9.78 -12.84 3.12
CM2 UY1 C 3818 -10.38 -12.19 7.93
N1 UY1 C 3818 -8.77 -12.45 2.16
N3 UY1 C 3818 -7.20 -14.34 3.01
O2 UY1 C 3818 -6.66 -12.87 1.30
O2' UY1 C 3818 -10.83 -13.33 7.29
O3' UY1 C 3818 -13.31 -12.90 6.79
O4 UY1 C 3818 -8.04 -15.60 4.71
O4' UY1 C 3818 -11.73 -14.86 4.36
O5' UY1 C 3818 -14.72 -15.57 3.83
OP1 UY1 C 3818 -16.39 -17.26 4.63
OP2 UY1 C 3818 -15.62 -15.27 6.09
P UY1 C 3818 -15.98 -15.83 4.76
N1 PSU C 3822 -19.50 0.49 0.44
C2 PSU C 3822 -20.74 0.06 0.85
N3 PSU C 3822 -21.87 0.38 0.13
C4 PSU C 3822 -21.76 1.14 -1.00
C5 PSU C 3822 -20.51 1.59 -1.41
C6 PSU C 3822 -19.39 1.25 -0.68
O2 PSU C 3822 -20.84 -0.62 1.87
O4 PSU C 3822 -22.78 1.41 -1.62
C1' PSU C 3822 -20.33 2.39 -2.67
C2' PSU C 3822 -21.05 3.74 -2.79
O2' PSU C 3822 -21.73 3.75 -4.04
C3' PSU C 3822 -19.89 4.73 -2.81
C4' PSU C 3822 -18.75 3.94 -3.41
O3' PSU C 3822 -20.16 5.90 -3.56
O4' PSU C 3822 -18.96 2.60 -2.93
C5' PSU C 3822 -17.38 4.42 -3.03
O5' PSU C 3822 -16.38 3.54 -3.52
P PSU C 3822 -15.19 3.06 -2.59
OP1 PSU C 3822 -14.19 4.15 -2.61
OP2 PSU C 3822 -15.76 2.61 -1.30
P A2M C 3825 -27.31 12.66 5.33
OP1 A2M C 3825 -27.54 14.14 5.27
O5' A2M C 3825 -28.08 11.84 6.71
C5' A2M C 3825 -29.41 11.90 6.75
C4' A2M C 3825 -29.89 11.00 7.85
O4' A2M C 3825 -29.85 9.69 7.38
C3' A2M C 3825 -28.98 11.09 9.05
O3' A2M C 3825 -29.37 12.20 9.77
C2' A2M C 3825 -29.15 9.72 9.67
O2' A2M C 3825 -30.38 9.58 10.32
C1' A2M C 3825 -29.20 8.95 8.37
CM' A2M C 3825 -30.66 8.23 10.55
N9 A2M C 3825 -27.96 8.47 7.84
C8 A2M C 3825 -27.10 8.93 6.87
N7 A2M C 3825 -26.04 8.13 6.68
C5 A2M C 3825 -26.25 7.12 7.61
C6 A2M C 3825 -25.56 5.99 7.95
N6 A2M C 3825 -24.37 5.66 7.34
N1 A2M C 3825 -25.99 5.13 8.89
C2 A2M C 3825 -27.15 5.47 9.47
N3 A2M C 3825 -27.94 6.51 9.28
C4 A2M C 3825 -27.44 7.31 8.32
OP2 A2M C 3825 -25.95 12.15 5.67
P A2M C 3830 -12.41 10.70 18.95
OP1 A2M C 3830 -11.69 11.18 20.16
O5' A2M C 3830 -11.40 10.44 17.50
C5' A2M C 3830 -10.46 9.52 17.60
C4' A2M C 3830 -9.67 9.42 16.31
O4' A2M C 3830 -10.36 8.60 15.41
C3' A2M C 3830 -9.51 10.76 15.64
O3' A2M C 3830 -8.55 11.45 16.37
C2' A2M C 3830 -9.21 10.32 14.24
O2' A2M C 3830 -7.97 9.68 14.12
C1' A2M C 3830 -10.32 9.28 14.18
CM' A2M C 3830 -7.93 8.84 13.00
N9 A2M C 3830 -11.63 9.79 13.93
C8 A2M C 3830 -12.75 9.88 14.74
N7 A2M C 3830 -13.80 10.43 14.11
C5 A2M C 3830 -13.31 10.70 12.85
C6 A2M C 3830 -13.86 11.26 11.73
N6 A2M C 3830 -15.16 11.69 11.70
N1 A2M C 3830 -13.16 11.43 10.60
C2 A2M C 3830 -11.88 11.00 10.63
N3 A2M C 3830 -11.19 10.44 11.62
C4 A2M C 3830 -11.96 10.31 12.72
OP2 A2M C 3830 -13.34 11.63 18.23
N1 OMC C 3841 -2.78 33.98 24.03
C2 OMC C 3841 -3.21 35.00 23.18
N3 OMC C 3841 -4.33 35.66 23.49
C4 OMC C 3841 -5.03 35.35 24.56
C5 OMC C 3841 -4.64 34.30 25.42
C6 OMC C 3841 -3.51 33.65 25.11
O2 OMC C 3841 -2.55 35.26 22.21
N4 OMC C 3841 -6.13 36.03 24.82
C1' OMC C 3841 -1.56 33.20 23.72
C2' OMC C 3841 -0.27 33.93 24.06
O2' OMC C 3841 0.71 33.55 23.12
CM2 OMC C 3841 0.43 33.96 21.80
C3' OMC C 3841 0.04 33.33 25.42
C4' OMC C 3841 -0.44 31.89 25.28
O4' OMC C 3841 -1.60 32.00 24.44
O3' OMC C 3841 1.42 33.41 25.75
C5' OMC C 3841 -0.82 31.21 26.56
O5' OMC C 3841 -2.01 31.77 27.09
P OMC C 3841 -2.68 31.17 28.39
OP1 OMC C 3841 -1.56 30.76 29.33
OP2 OMC C 3841 -3.76 32.14 28.85
N1 PSU C 3844 -2.33 36.55 31.77
C2 PSU C 3844 -3.60 37.08 31.77
N3 PSU C 3844 -3.79 38.43 31.93
C4 PSU C 3844 -2.71 39.25 32.10
C5 PSU C 3844 -1.43 38.72 32.10
C6 PSU C 3844 -1.27 37.36 31.93
O2 PSU C 3844 -4.57 36.35 31.63
O4 PSU C 3844 -2.90 40.45 32.23
C1' PSU C 3844 -0.24 39.61 32.27
C2' PSU C 3844 -0.21 40.06 33.73
O2' PSU C 3844 0.44 41.32 33.78
C3' PSU C 3844 0.68 38.98 34.33
C4' PSU C 3844 1.71 38.78 33.25
O3' PSU C 3844 1.21 39.35 35.59
O4' PSU C 3844 0.95 38.91 32.02
C5' PSU C 3844 2.43 37.46 33.25
O5' PSU C 3844 3.36 37.38 32.19
P PSU C 3844 3.09 36.47 30.93
OP1 PSU C 3844 4.37 36.31 30.24
OP2 PSU C 3844 2.35 35.29 31.39
N1 PSU C 3851 -8.27 30.66 52.11
C2 PSU C 3851 -7.24 30.88 51.23
N3 PSU C 3851 -6.49 29.83 50.77
C4 PSU C 3851 -6.76 28.56 51.21
C5 PSU C 3851 -7.78 28.35 52.12
C6 PSU C 3851 -8.54 29.43 52.55
O2 PSU C 3851 -7.00 32.02 50.83
O4 PSU C 3851 -6.08 27.62 50.81
C1' PSU C 3851 -8.13 26.97 52.60
C2' PSU C 3851 -7.06 26.29 53.46
O2' PSU C 3851 -7.03 24.91 53.11
C3' PSU C 3851 -7.64 26.47 54.86
C4' PSU C 3851 -9.13 26.38 54.63
O3' PSU C 3851 -7.18 25.49 55.78
O4' PSU C 3851 -9.32 27.03 53.36
C5' PSU C 3851 -9.99 27.03 55.67
O5' PSU C 3851 -11.35 26.98 55.29
P PSU C 3851 -12.37 28.11 55.75
OP1 PSU C 3851 -12.89 27.75 57.08
OP2 PSU C 3851 -11.69 29.41 55.54
N1 PSU C 3853 -4.84 30.15 57.97
C2 PSU C 3853 -5.65 31.11 58.52
N3 PSU C 3853 -5.16 32.36 58.82
C4 PSU C 3853 -3.84 32.64 58.56
C5 PSU C 3853 -3.02 31.67 58.00
C6 PSU C 3853 -3.55 30.42 57.71
O2 PSU C 3853 -6.84 30.85 58.75
O4 PSU C 3853 -3.40 33.76 58.82
C1' PSU C 3853 -1.59 31.93 57.71
C2' PSU C 3853 -0.74 32.02 58.98
O2' PSU C 3853 0.25 33.01 58.80
C3' PSU C 3853 -0.08 30.65 59.01
C4' PSU C 3853 0.10 30.34 57.54
O3' PSU C 3853 1.13 30.63 59.72
O4' PSU C 3853 -1.06 30.90 56.92
C5' PSU C 3853 0.22 28.88 57.20
O5' PSU C 3853 -0.75 28.10 57.87
P PSU C 3853 -0.86 26.53 57.61
OP1 PSU C 3853 0.46 25.93 57.88
OP2 PSU C 3853 -2.05 26.04 58.31
P A2M C 3867 21.75 10.80 65.17
OP1 A2M C 3867 21.44 11.18 66.59
O5' A2M C 3867 22.68 12.04 64.23
C5' A2M C 3867 22.16 12.41 63.06
C4' A2M C 3867 23.26 12.98 62.20
O4' A2M C 3867 23.64 11.99 61.29
C3' A2M C 3867 22.78 14.19 61.42
O3' A2M C 3867 23.06 15.30 62.20
C2' A2M C 3867 23.52 14.04 60.11
O2' A2M C 3867 24.85 14.47 60.22
C1' A2M C 3867 23.49 12.54 60.03
CM' A2M C 3867 25.61 13.95 59.19
N9 A2M C 3867 22.33 11.94 59.44
C8 A2M C 3867 21.19 11.36 59.98
N7 A2M C 3867 20.35 10.89 59.04
C5 A2M C 3867 21.01 11.19 57.87
C6 A2M C 3867 20.72 10.98 56.54
N6 A2M C 3867 19.55 10.36 56.14
N1 A2M C 3867 21.54 11.38 55.54
C2 A2M C 3867 22.68 11.98 55.95
N3 A2M C 3867 23.13 12.26 57.17
C4 A2M C 3867 22.24 11.83 58.09
OP2 A2M C 3867 20.64 10.75 64.17
N1 OMC C 3869 28.62 23.09 54.23
C2 OMC C 3869 29.76 23.71 53.75
N3 OMC C 3869 30.96 23.23 54.12
C4 OMC C 3869 31.06 22.19 54.91
C5 OMC C 3869 29.92 21.53 55.43
C6 OMC C 3869 28.73 22.02 55.05
O2 OMC C 3869 29.65 24.68 53.02
N4 OMC C 3869 32.27 21.77 55.24
C1' OMC C 3869 27.28 23.58 53.84
C2' OMC C 3869 26.86 23.11 52.47
O2' OMC C 3869 26.03 24.10 51.89
CM2 OMC C 3869 26.76 25.17 51.32
C3' OMC C 3869 26.06 21.87 52.81
C4' OMC C 3869 25.34 22.29 54.08
O4' OMC C 3869 26.33 23.10 54.77
O3' OMC C 3869 25.17 21.46 51.78
C5' OMC C 3869 24.93 21.16 54.98
O5' OMC C 3869 26.07 20.42 55.40
P OMC C 3869 26.11 19.74 56.83
OP1 OMC C 3869 27.44 19.03 56.99
OP2 OMC C 3869 25.65 20.77 57.83
N1 PSU C 3884 40.70 17.81 52.04
C2 PSU C 3884 39.76 18.38 51.22
N3 PSU C 3884 40.14 19.13 50.14
C4 PSU C 3884 41.48 19.31 49.88
C5 PSU C 3884 42.42 18.73 50.70
C6 PSU C 3884 42.00 17.99 51.78
O2 PSU C 3884 38.58 18.23 51.45
O4 PSU C 3884 41.84 19.98 48.91
C1' PSU C 3884 43.87 18.95 50.41
C2' PSU C 3884 44.25 20.31 50.97
O2' PSU C 3884 45.28 20.85 50.17
C3' PSU C 3884 44.79 19.92 52.34
C4' PSU C 3884 45.50 18.62 52.05
O3' PSU C 3884 45.62 20.90 52.92
O4' PSU C 3884 44.67 17.98 51.05
C5' PSU C 3884 45.67 17.69 53.22
O5' PSU C 3884 44.50 17.65 54.02
P PSU C 3884 44.31 16.54 55.15
OP1 PSU C 3884 45.40 16.67 56.13
OP2 PSU C 3884 42.89 16.69 55.54
N1 OMC C 3887 35.99 27.61 56.96
C2 OMC C 3887 35.83 26.58 57.89
N3 OMC C 3887 36.64 26.56 58.96
C4 OMC C 3887 37.55 27.48 59.14
C5 OMC C 3887 37.74 28.54 58.22
C6 OMC C 3887 36.94 28.55 57.15
O2 OMC C 3887 34.98 25.72 57.72
N4 OMC C 3887 38.31 27.39 60.22
C1' OMC C 3887 35.14 27.72 55.76
C2' OMC C 3887 33.72 28.17 56.11
O2' OMC C 3887 32.82 27.54 55.23
CM2 OMC C 3887 32.28 26.35 55.75
C3' OMC C 3887 33.80 29.66 55.82
C4' OMC C 3887 34.71 29.70 54.62
O4' OMC C 3887 35.70 28.68 54.90
O3' OMC C 3887 32.54 30.25 55.58
C5' OMC C 3887 35.40 31.01 54.37
O5' OMC C 3887 35.98 31.05 53.08
P OMC C 3887 37.54 31.22 52.90
OP1 OMC C 3887 37.84 32.67 52.58
OP2 OMC C 3887 38.20 30.52 54.07
P OMG C 3899 17.33 17.15 41.81
OP1 OMG C 3899 17.04 16.16 40.71
OP2 OMG C 3899 16.49 17.09 43.09
O5' OMG C 3899 18.85 17.00 42.22
C5' OMG C 3899 19.28 15.87 42.95
C4' OMG C 3899 20.08 16.27 44.16
O4' OMG C 3899 19.61 17.54 44.68
C3' OMG C 3899 19.96 15.34 45.34
O3' OMG C 3899 20.72 14.18 45.18
C2' OMG C 3899 20.39 16.23 46.48
O2' OMG C 3899 21.80 16.38 46.47
CM2 OMG C 3899 22.41 16.02 47.68
C1' OMG C 3899 19.75 17.55 46.08
N9 OMG C 3899 18.42 17.73 46.68
C8 OMG C 3899 17.26 17.98 45.99
N7 OMG C 3899 16.24 18.11 46.77
C5 OMG C 3899 16.74 17.95 48.02
C6 OMG C 3899 16.09 17.99 49.27
O6 OMG C 3899 14.91 18.18 49.50
N1 OMG C 3899 16.99 17.78 50.31
C2 OMG C 3899 18.31 17.55 50.17
N2 OMG C 3899 19.00 17.37 51.30
N3 OMG C 3899 18.92 17.52 49.03
C4 OMG C 3899 18.09 17.72 47.99
N1 PSU C 3920 -1.54 -25.45 24.04
C2 PSU C 3920 -0.35 -26.09 23.85
N3 PSU C 3920 0.33 -25.95 22.67
C4 PSU C 3920 -0.20 -25.17 21.68
C5 PSU C 3920 -1.41 -24.53 21.87
C6 PSU C 3920 -2.08 -24.69 23.06
O2 PSU C 3920 0.13 -26.78 24.74
O4 PSU C 3920 0.39 -25.04 20.63
C1' PSU C 3920 -1.98 -23.68 20.78
C2' PSU C 3920 -2.51 -24.52 19.63
O2' PSU C 3920 -2.20 -23.85 18.42
C3' PSU C 3920 -4.00 -24.53 19.88
C4' PSU C 3920 -4.26 -23.19 20.54
O3' PSU C 3920 -4.78 -24.72 18.72
O4' PSU C 3920 -3.05 -22.92 21.29
C5' PSU C 3920 -5.44 -23.15 21.45
O5' PSU C 3920 -5.37 -24.18 22.43
P PSU C 3920 -6.40 -24.25 23.63
OP1 PSU C 3920 -7.75 -24.54 23.11
OP2 PSU C 3920 -5.71 -25.19 24.53
N1 OMU C 3925 2.13 -39.32 25.52
C2 OMU C 3925 1.12 -38.59 26.33
N3 OMU C 3925 0.31 -37.50 25.72
C4 OMU C 3925 0.53 -37.16 24.33
C5 OMU C 3925 1.55 -37.89 23.54
C6 OMU C 3925 2.35 -38.97 24.16
O2 OMU C 3925 0.95 -38.90 27.49
O4 OMU C 3925 -0.07 -36.33 23.86
C1' OMU C 3925 2.91 -40.40 26.16
C2' OMU C 3925 2.16 -41.73 26.15
O2' OMU C 3925 2.47 -42.43 27.35
CM2 OMU C 3925 2.15 -41.75 28.52
C3' OMU C 3925 2.81 -42.42 24.97
C4' OMU C 3925 4.24 -41.97 25.09
O3' OMU C 3925 2.67 -43.83 24.97
O4' OMU C 3925 4.11 -40.58 25.45
C5' OMU C 3925 5.07 -42.09 23.84
O5' OMU C 3925 4.42 -41.52 22.72
P OMU C 3925 5.17 -41.31 21.35
OP1 OMU C 3925 5.84 -42.59 20.99
OP2 OMU C 3925 4.19 -40.65 20.40
P OMG C 4196 27.36 -9.71 24.50
OP1 OMG C 4196 27.06 -10.02 23.05
OP2 OMG C 4196 27.36 -8.26 24.98
O5' OMG C 4196 26.34 -10.52 25.42
C5' OMG C 4196 26.64 -10.81 26.77
C4' OMG C 4196 25.39 -11.04 27.57
O4' OMG C 4196 24.69 -9.78 27.73
C3' OMG C 4196 24.37 -11.97 26.93
O3' OMG C 4196 24.59 -13.31 27.28
C2' OMG C 4196 23.04 -11.42 27.41
O2' OMG C 4196 22.77 -11.88 28.72
CM2 OMG C 4196 21.65 -11.24 29.30
C1' OMG C 4196 23.33 -9.93 27.46
N9 OMG C 4196 23.02 -9.24 26.19
C8 OMG C 4196 23.93 -8.61 25.38
N7 OMG C 4196 23.36 -8.08 24.34
C5 OMG C 4196 22.03 -8.37 24.48
C6 OMG C 4196 20.93 -8.03 23.65
O6 OMG C 4196 20.93 -7.41 22.61
N1 OMG C 4196 19.74 -8.53 24.18
C2 OMG C 4196 19.64 -9.24 25.34
N2 OMG C 4196 18.40 -9.63 25.69
N3 OMG C 4196 20.65 -9.54 26.11
C4 OMG C 4196 21.80 -9.07 25.63
C2 6MZ C 4220 43.09 -15.03 21.52
C4 6MZ C 4220 41.76 -16.79 22.26
C5 6MZ C 4220 42.61 -17.67 21.73
O1P 6MZ C 4220 40.64 -21.90 23.28
O2P 6MZ C 4220 38.76 -23.28 24.54
N9 6MZ C 4220 40.78 -17.49 22.81
N3 6MZ C 4220 42.00 -15.48 22.16
N1 6MZ C 4220 43.96 -15.92 20.99
C6 6MZ C 4220 43.72 -17.20 21.09
N6 6MZ C 4220 44.69 -18.13 20.49
C9 6MZ C 4220 46.02 -17.64 20.16
N7 6MZ C 4220 42.16 -18.89 21.96
C8 6MZ C 4220 41.01 -18.79 22.64
O5' 6MZ C 4220 38.59 -20.80 24.11
C5' 6MZ C 4220 38.32 -19.86 25.13
C4' 6MZ C 4220 38.16 -18.47 24.57
O4' 6MZ C 4220 39.42 -17.75 24.67
C1' 6MZ C 4220 39.62 -16.97 23.52
C2' 6MZ C 4220 38.33 -17.02 22.71
O2' 6MZ C 4220 37.47 -16.00 23.17
C3' 6MZ C 4220 37.80 -18.39 23.10
O3' 6MZ C 4220 36.41 -18.53 22.88
P 6MZ C 4220 39.60 -21.99 24.35
N1 OMU C 4227 36.34 -34.75 10.55
C2 OMU C 4227 35.93 -34.75 11.99
N3 OMU C 4227 35.24 -33.56 12.58
C4 OMU C 4227 34.98 -32.41 11.73
C5 OMU C 4227 35.39 -32.43 10.30
C6 OMU C 4227 36.08 -33.60 9.72
O2 OMU C 4227 36.15 -35.71 12.68
O4 OMU C 4227 34.46 -31.50 12.17
C1' OMU C 4227 37.02 -35.93 9.98
C2' OMU C 4227 36.03 -37.04 9.64
O2' OMU C 4227 36.66 -38.29 9.88
CM2 OMU C 4227 36.91 -38.54 11.22
C3' OMU C 4227 35.84 -36.81 8.15
C4' OMU C 4227 37.24 -36.41 7.72
O3' OMU C 4227 35.35 -37.93 7.46
O4' OMU C 4227 37.68 -35.55 8.79
C5' OMU C 4227 37.35 -35.70 6.40
O5' OMU C 4227 36.68 -34.45 6.42
P OMU C 4227 36.82 -33.44 5.21
OP1 OMU C 4227 36.47 -34.18 3.95
OP2 OMU C 4227 36.11 -32.17 5.58
P OMG C 4228 33.82 -37.97 6.99
OP1 OMG C 4228 33.76 -37.86 5.48
OP2 OMG C 4228 33.07 -36.95 7.84
O5' OMG C 4228 33.35 -39.44 7.38
C5' OMG C 4228 34.07 -40.20 8.33
C4' OMG C 4228 33.16 -40.80 9.38
O4' OMG C 4228 33.16 -39.94 10.55
C3' OMG C 4228 31.70 -40.96 8.97
O3' OMG C 4228 31.16 -42.09 9.65
C2' OMG C 4228 31.06 -39.70 9.54
O2' OMG C 4228 29.67 -39.79 9.75
CM2 OMG C 4228 28.93 -39.87 8.55
C1' OMG C 4228 31.83 -39.55 10.84
N9 OMG C 4228 31.86 -38.20 11.40
C8 OMG C 4228 31.90 -37.00 10.74
N7 OMG C 4228 31.93 -36.00 11.56
C5 OMG C 4228 31.90 -36.55 12.80
C6 OMG C 4228 31.91 -35.95 14.09
O6 OMG C 4228 31.94 -34.78 14.39
N1 OMG C 4228 31.88 -36.93 15.08
C2 OMG C 4228 31.84 -38.26 14.88
N2 OMG C 4228 31.81 -39.04 15.97
N3 OMG C 4228 31.83 -38.81 13.71
C4 OMG C 4228 31.86 -37.92 12.72
N1 PSU C 4293 45.80 -63.35 14.01
C2 PSU C 4293 46.66 -64.41 14.22
N3 PSU C 4293 46.27 -65.68 13.92
C4 PSU C 4293 45.02 -65.90 13.39
C5 PSU C 4293 44.16 -64.84 13.17
C6 PSU C 4293 44.57 -63.56 13.50
O2 PSU C 4293 47.76 -64.21 14.70
O4 PSU C 4293 44.65 -67.04 13.10
C1' PSU C 4293 42.81 -65.11 12.60
C2' PSU C 4293 41.81 -65.36 13.72
O2' PSU C 4293 40.84 -66.29 13.27
C3' PSU C 4293 41.18 -63.97 13.87
C4' PSU C 4293 41.14 -63.48 12.44
O3' PSU C 4293 39.92 -63.98 14.49
O4' PSU C 4293 42.35 -64.01 11.85
C5' PSU C 4293 41.13 -61.99 12.28
O5' PSU C 4293 42.30 -61.42 12.85
P PSU C 4293 42.42 -59.85 13.06
OP1 PSU C 4293 41.33 -59.42 13.95
OP2 PSU C 4293 43.83 -59.67 13.47
N1 PSU C 4296 47.18 -62.43 25.69
C2 PSU C 4296 48.51 -62.11 25.86
N3 PSU C 4296 49.20 -62.55 26.95
C4 PSU C 4296 48.56 -63.32 27.88
C5 PSU C 4296 47.22 -63.65 27.69
C6 PSU C 4296 46.54 -63.19 26.58
O2 PSU C 4296 49.09 -61.40 25.04
O4 PSU C 4296 49.17 -63.73 28.85
C1' PSU C 4296 46.54 -64.51 28.73
C2' PSU C 4296 46.12 -63.64 29.91
O2' PSU C 4296 46.24 -64.43 31.09
C3' PSU C 4296 44.65 -63.39 29.59
C4' PSU C 4296 44.22 -64.70 28.98
O3' PSU C 4296 43.88 -63.03 30.72
O4' PSU C 4296 45.37 -65.10 28.20
C5' PSU C 4296 43.00 -64.64 28.11
O5' PSU C 4296 43.12 -63.65 27.11
P PSU C 4296 41.92 -63.35 26.13
OP1 PSU C 4296 40.69 -63.25 26.93
OP2 PSU C 4296 42.32 -62.26 25.23
N1 PSU C 4299 49.10 -52.18 29.23
C2 PSU C 4299 48.65 -51.93 27.97
N3 PSU C 4299 49.49 -51.33 27.05
C4 PSU C 4299 50.77 -51.01 27.41
C5 PSU C 4299 51.22 -51.27 28.68
C6 PSU C 4299 50.36 -51.87 29.59
O2 PSU C 4299 47.52 -52.21 27.64
O4 PSU C 4299 51.50 -50.48 26.58
C1' PSU C 4299 52.62 -50.93 29.08
C2' PSU C 4299 52.74 -49.44 29.37
O2' PSU C 4299 54.04 -49.03 29.02
C3' PSU C 4299 52.56 -49.41 30.88
C4' PSU C 4299 53.27 -50.67 31.32
O3' PSU C 4299 53.07 -48.25 31.50
O4' PSU C 4299 52.95 -51.62 30.26
C5' PSU C 4299 52.83 -51.23 32.63
O5' PSU C 4299 51.40 -51.30 32.69
P PSU C 4299 50.70 -52.20 33.79
OP1 PSU C 4299 50.94 -51.60 35.12
OP2 PSU C 4299 49.34 -52.38 33.26
N1 OMU C 4306 39.52 -42.82 34.90
C2 OMU C 4306 38.39 -42.49 33.97
N3 OMU C 4306 38.54 -41.39 32.99
C4 OMU C 4306 39.77 -40.63 32.92
C5 OMU C 4306 40.89 -40.98 33.84
C6 OMU C 4306 40.74 -42.06 34.83
O2 OMU C 4306 37.35 -43.12 34.02
O4 OMU C 4306 39.87 -39.80 32.17
C1' OMU C 4306 39.37 -43.93 35.87
C2' OMU C 4306 39.36 -45.27 35.16
O2' OMU C 4306 38.62 -46.18 35.96
CM2 OMU C 4306 37.30 -45.78 36.16
C3' OMU C 4306 40.83 -45.62 35.19
C4' OMU C 4306 41.23 -45.14 36.56
O3' OMU C 4306 41.10 -46.99 34.98
O4' OMU C 4306 40.48 -43.92 36.74
C5' OMU C 4306 42.70 -44.86 36.77
O5' OMU C 4306 43.02 -44.79 38.14
P OMU C 4306 44.54 -44.84 38.62
OP1 OMU C 4306 44.58 -44.65 40.10
OP2 OMU C 4306 45.16 -46.05 37.99
N1 PSU C 4312 50.60 -52.23 21.42
C2 PSU C 4312 50.60 -52.89 22.63
N3 PSU C 4312 51.58 -52.65 23.55
C4 PSU C 4312 52.57 -51.74 23.27
C5 PSU C 4312 52.58 -51.08 22.05
C6 PSU C 4312 51.58 -51.34 21.15
O2 PSU C 4312 49.72 -53.71 22.88
O4 PSU C 4312 53.45 -51.53 24.09
C1' PSU C 4312 53.66 -50.09 21.75
C2' PSU C 4312 54.96 -50.79 21.36
O2' PSU C 4312 56.04 -49.95 21.72
C3' PSU C 4312 54.82 -50.83 19.85
C4' PSU C 4312 54.18 -49.50 19.54
O3' PSU C 4312 56.04 -51.03 19.17
O4' PSU C 4312 53.26 -49.30 20.65
C5' PSU C 4312 53.44 -49.42 18.24
O5' PSU C 4312 52.62 -50.56 18.04
P PSU C 4312 51.36 -50.49 17.09
OP1 PSU C 4312 51.80 -50.63 15.69
OP2 PSU C 4312 50.37 -51.40 17.68
N1 PSU C 4353 18.03 -77.07 34.12
C2 PSU C 4353 17.77 -76.95 32.79
N3 PSU C 4353 16.83 -76.06 32.33
C4 PSU C 4353 16.14 -75.29 33.24
C5 PSU C 4353 16.40 -75.42 34.58
C6 PSU C 4353 17.35 -76.32 35.01
O2 PSU C 4353 18.39 -77.64 31.99
O4 PSU C 4353 15.30 -74.48 32.87
C1' PSU C 4353 15.66 -74.57 35.55
C2' PSU C 4353 14.31 -75.18 35.92
O2' PSU C 4353 13.38 -74.13 36.12
C3' PSU C 4353 14.64 -75.86 37.26
C4' PSU C 4353 15.66 -74.91 37.86
O3' PSU C 4353 13.51 -76.03 38.09
O4' PSU C 4353 16.42 -74.43 36.72
C5' PSU C 4353 16.60 -75.53 38.86
O5' PSU C 4353 17.36 -76.58 38.27
P PSU C 4353 18.47 -77.34 39.10
OP1 PSU C 4353 17.91 -77.51 40.45
OP2 PSU C 4353 18.93 -78.50 38.31
N1 PSU C 4361 14.94 -76.06 27.14
C2 PSU C 4361 15.37 -75.90 28.42
N3 PSU C 4361 14.69 -75.08 29.29
C4 PSU C 4361 13.57 -74.43 28.85
C5 PSU C 4361 13.14 -74.58 27.55
C6 PSU C 4361 13.85 -75.42 26.69
O2 PSU C 4361 16.36 -76.50 28.81
O4 PSU C 4361 12.96 -73.70 29.62
C1' PSU C 4361 11.92 -73.87 27.05
C2' PSU C 4361 12.24 -72.38 26.86
O2' PSU C 4361 11.05 -71.65 27.06
C3' PSU C 4361 12.63 -72.37 25.40
C4' PSU C 4361 11.66 -73.36 24.79
O3' PSU C 4361 12.56 -71.08 24.82
O4' PSU C 4361 11.53 -74.38 25.80
C5' PSU C 4361 12.10 -73.97 23.49
O5' PSU C 4361 13.29 -74.73 23.67
P PSU C 4361 14.02 -75.41 22.43
OP1 PSU C 4361 13.66 -74.58 21.27
OP2 PSU C 4361 15.42 -75.65 22.80
P OMG C 4370 27.04 -52.25 15.53
OP1 OMG C 4370 27.26 -51.24 14.42
OP2 OMG C 4370 27.66 -52.06 16.91
O5' OMG C 4370 25.47 -52.39 15.73
C5' OMG C 4370 24.62 -52.66 14.64
C4' OMG C 4370 23.18 -52.69 15.08
O4' OMG C 4370 22.95 -53.91 15.86
C3' OMG C 4370 22.77 -51.57 16.02
O3' OMG C 4370 22.42 -50.39 15.35
C2' OMG C 4370 21.63 -52.20 16.80
O2' OMG C 4370 20.46 -52.24 15.99
CM2 OMG C 4370 19.27 -52.17 16.73
C1' OMG C 4370 22.15 -53.61 16.98
N9 OMG C 4370 22.96 -53.74 18.18
C8 OMG C 4370 24.33 -53.68 18.30
N7 OMG C 4370 24.72 -53.83 19.53
C5 OMG C 4370 23.57 -54.01 20.25
C6 OMG C 4370 23.38 -54.23 21.63
O6 OMG C 4370 24.22 -54.31 22.51
N1 OMG C 4370 22.02 -54.36 21.92
C2 OMG C 4370 21.01 -54.29 21.02
N2 OMG C 4370 19.77 -54.44 21.49
N3 OMG C 4370 21.19 -54.09 19.76
C4 OMG C 4370 22.48 -53.96 19.43
P OMG C 4392 19.85 -11.47 44.08
OP1 OMG C 4392 20.98 -11.34 45.09
OP2 OMG C 4392 18.82 -10.36 43.97
O5' OMG C 4392 20.52 -11.65 42.66
C5' OMG C 4392 21.59 -12.56 42.46
C4' OMG C 4392 22.04 -12.52 41.03
O4' OMG C 4392 20.92 -12.87 40.18
C3' OMG C 4392 22.49 -11.16 40.52
O3' OMG C 4392 23.85 -10.89 40.79
C2' OMG C 4392 22.18 -11.23 39.04
O2' OMG C 4392 23.16 -11.97 38.35
CM2 OMG C 4392 23.01 -11.82 36.97
C1' OMG C 4392 20.89 -12.05 39.04
N9 OMG C 4392 19.69 -11.19 39.10
C8 OMG C 4392 18.97 -10.82 40.20
N7 OMG C 4392 17.96 -10.06 39.90
C5 OMG C 4392 18.03 -9.94 38.54
C6 OMG C 4392 17.19 -9.23 37.65
O6 OMG C 4392 16.20 -8.56 37.89
N1 OMG C 4392 17.62 -9.37 36.33
C2 OMG C 4392 18.70 -10.09 35.94
N2 OMG C 4392 18.95 -10.11 34.63
N3 OMG C 4392 19.47 -10.75 36.76
C4 OMG C 4392 19.09 -10.64 38.03
N1 PSU C 4403 35.99 5.37 26.29
C2 PSU C 4403 35.00 5.16 25.36
N3 PSU C 4403 35.30 4.59 24.15
C4 PSU C 4403 36.60 4.25 23.87
C5 PSU C 4403 37.60 4.49 24.81
C6 PSU C 4403 37.27 5.03 26.03
O2 PSU C 4403 33.85 5.46 25.60
O4 PSU C 4403 36.87 3.75 22.79
C1' PSU C 4403 39.01 4.08 24.54
C2' PSU C 4403 39.77 4.84 23.45
O2' PSU C 4403 40.41 3.90 22.62
C3' PSU C 4403 40.79 5.63 24.25
C4' PSU C 4403 41.04 4.74 25.45
O3' PSU C 4403 41.98 5.89 23.54
O4' PSU C 4403 39.76 4.14 25.72
C5' PSU C 4403 41.53 5.44 26.69
O5' PSU C 4403 40.73 6.57 26.97
P PSU C 4403 40.96 7.42 28.29
OP1 PSU C 4403 42.38 7.84 28.28
OP2 PSU C 4403 39.88 8.43 28.38
N1 PSU C 4431 48.14 12.37 7.06
C2 PSU C 4431 47.61 13.60 7.39
N3 PSU C 4431 48.37 14.52 8.09
C4 PSU C 4431 49.67 14.19 8.43
C5 PSU C 4431 50.18 12.96 8.09
C6 PSU C 4431 49.39 12.06 7.39
O2 PSU C 4431 46.46 13.88 7.09
O4 PSU C 4431 50.36 15.00 9.04
C1' PSU C 4431 51.59 12.62 8.45
C2' PSU C 4431 51.69 12.18 9.90
O2' PSU C 4431 52.99 12.51 10.36
C3' PSU C 4431 51.52 10.68 9.76
C4' PSU C 4431 52.29 10.39 8.50
O3' PSU C 4431 51.97 9.95 10.88
O4' PSU C 4431 52.03 11.53 7.66
C5' PSU C 4431 51.89 9.13 7.77
O5' PSU C 4431 50.50 9.13 7.55
P PSU C 4431 49.84 8.17 6.45
OP1 PSU C 4431 50.16 6.75 6.64
OP2 PSU C 4431 48.44 8.60 6.32
N1 PSU C 4442 30.40 -1.09 25.48
C2 PSU C 4442 30.04 -0.30 26.55
N3 PSU C 4442 30.71 -0.39 27.74
C4 PSU C 4442 31.76 -1.28 27.86
C5 PSU C 4442 32.11 -2.07 26.78
C6 PSU C 4442 31.42 -1.95 25.58
O2 PSU C 4442 29.11 0.49 26.44
O4 PSU C 4442 32.36 -1.36 28.93
C1' PSU C 4442 33.26 -3.03 26.87
C2' PSU C 4442 33.06 -4.24 27.76
O2' PSU C 4442 34.26 -4.48 28.49
C3' PSU C 4442 32.84 -5.37 26.77
C4' PSU C 4442 33.69 -4.94 25.58
O3' PSU C 4442 33.22 -6.62 27.27
O4' PSU C 4442 33.58 -3.50 25.57
C5' PSU C 4442 33.26 -5.48 24.25
O5' PSU C 4442 31.89 -5.25 24.02
P PSU C 4442 31.29 -5.25 22.54
OP1 PSU C 4442 31.20 -6.63 22.06
OP2 PSU C 4442 30.09 -4.39 22.57
P 5MC C 4447 20.72 -3.11 42.71
OP1 5MC C 4447 19.93 -3.09 44.00
OP2 5MC C 4447 22.00 -3.90 42.61
O5' 5MC C 4447 19.76 -3.59 41.55
C5' 5MC C 4447 18.44 -3.08 41.47
C4' 5MC C 4447 17.56 -3.98 40.63
O4' 5MC C 4447 18.08 -4.05 39.30
C3' 5MC C 4447 17.47 -5.42 41.07
O3' 5MC C 4447 16.47 -5.59 42.05
C2' 5MC C 4447 17.15 -6.17 39.77
O2' 5MC C 4447 15.76 -6.44 39.70
C1' 5MC C 4447 17.50 -5.17 38.68
N1 5MC C 4447 18.42 -5.69 37.65
C2 5MC C 4447 18.30 -5.21 36.36
O2 5MC C 4447 17.45 -4.38 36.11
N3 5MC C 4447 19.13 -5.68 35.42
C4 5MC C 4447 20.03 -6.58 35.71
N4 5MC C 4447 20.82 -7.00 34.73
C5 5MC C 4447 20.20 -7.11 37.02
C6 5MC C 4447 19.36 -6.62 37.95
CM5 5MC C 4447 21.24 -8.12 37.30
N1 OMC C 4456 8.20 23.30 28.47
C2 OMC C 4456 8.39 23.16 29.85
N3 OMC C 4456 9.39 22.38 30.28
C4 OMC C 4456 10.18 21.75 29.46
C5 OMC C 4456 10.02 21.87 28.05
C6 OMC C 4456 9.02 22.65 27.62
O2 OMC C 4456 7.66 23.73 30.63
N4 OMC C 4456 11.16 21.00 29.95
C1' OMC C 4456 7.13 24.13 27.89
C2' OMC C 4456 7.30 25.61 28.22
O2' OMC C 4456 6.03 26.20 28.36
CM2 OMC C 4456 5.24 25.56 29.34
C3' OMC C 4456 7.99 26.12 26.96
C4' OMC C 4456 7.31 25.30 25.87
O4' OMC C 4456 7.15 24.00 26.49
O3' OMC C 4456 7.85 27.52 26.76
C5' OMC C 4456 8.10 25.16 24.61
O5' OMC C 4456 9.42 24.69 24.90
P OMC C 4456 10.40 24.27 23.74
OP1 OMC C 4456 10.53 25.49 22.84
OP2 OMC C 4456 11.63 23.65 24.37
N1 PSU C 4457 11.33 24.79 29.65
C2 PSU C 4457 12.22 24.08 30.43
N3 PSU C 4457 12.27 24.28 31.78
C4 PSU C 4457 11.43 25.19 32.36
C5 PSU C 4457 10.55 25.91 31.57
C6 PSU C 4457 10.51 25.68 30.21
O2 PSU C 4457 12.98 23.27 29.91
O4 PSU C 4457 11.47 25.37 33.57
C1' PSU C 4457 9.59 26.88 32.18
C2' PSU C 4457 10.12 28.23 32.68
O2' PSU C 4457 9.46 28.53 33.90
C3' PSU C 4457 9.67 29.19 31.58
C4' PSU C 4457 8.40 28.56 31.06
O3' PSU C 4457 9.44 30.50 32.05
O4' PSU C 4457 8.60 27.14 31.21
C5' PSU C 4457 8.09 28.86 29.63
O5' PSU C 4457 9.08 28.31 28.78
P PSU C 4457 9.01 28.51 27.22
OP1 PSU C 4457 8.52 29.89 27.13
OP2 PSU C 4457 10.31 28.13 26.64
N1 PSU C 4471 38.82 44.90 14.83
C2 PSU C 4471 38.87 43.65 14.27
N3 PSU C 4471 40.04 42.93 14.28
C4 PSU C 4471 41.17 43.49 14.85
C5 PSU C 4471 41.12 44.77 15.39
C6 PSU C 4471 39.91 45.45 15.38
O2 PSU C 4471 37.87 43.14 13.77
O4 PSU C 4471 42.20 42.83 14.84
C1' PSU C 4471 42.30 45.44 16.04
C2' PSU C 4471 43.55 45.54 15.18
O2' PSU C 4471 44.68 45.36 16.03
C3' PSU C 4471 43.48 46.97 14.69
C4' PSU C 4471 42.88 47.69 15.88
O3' PSU C 4471 44.73 47.51 14.34
O4' PSU C 4471 41.93 46.74 16.43
C5' PSU C 4471 42.19 48.99 15.57
O5' PSU C 4471 41.84 49.68 16.75
P PSU C 4471 40.63 50.70 16.77
OP1 PSU C 4471 41.03 52.11 16.60
OP2 PSU C 4471 39.60 50.15 15.87
N1 PSU C 4493 15.20 33.55 14.96
C2 PSU C 4493 14.64 33.93 13.77
N3 PSU C 4493 13.79 35.02 13.73
C4 PSU C 4493 13.52 35.72 14.88
C5 PSU C 4493 14.10 35.34 16.06
C6 PSU C 4493 14.94 34.24 16.08
O2 PSU C 4493 14.88 33.29 12.75
O4 PSU C 4493 12.78 36.69 14.83
C1' PSU C 4493 13.79 36.11 17.32
C2' PSU C 4493 12.44 35.62 17.83
O2' PSU C 4493 11.81 36.70 18.49
C3' PSU C 4493 12.86 34.56 18.82
C4' PSU C 4493 14.10 35.19 19.45
O3' PSU C 4493 11.86 34.24 19.77
O4' PSU C 4493 14.74 35.85 18.33
C5' PSU C 4493 15.07 34.24 20.11
O5' PSU C 4493 15.53 33.23 19.23
P PSU C 4493 17.04 32.77 19.23
OP1 PSU C 4493 17.46 32.60 20.64
OP2 PSU C 4493 17.23 31.67 18.28
P OMG C 4494 10.77 33.14 19.38
OP1 OMG C 4494 9.92 32.84 20.60
OP2 OMG C 4494 11.47 32.00 18.64
O5' OMG C 4494 9.84 33.86 18.33
C5' OMG C 4494 9.03 34.96 18.70
C4' OMG C 4494 7.99 35.25 17.65
O4' OMG C 4494 8.65 35.74 16.46
C3' OMG C 4494 7.21 34.05 17.16
O3' OMG C 4494 6.13 33.73 18.02
C2' OMG C 4494 6.77 34.49 15.78
O2' OMG C 4494 5.71 35.42 15.88
CM2 OMG C 4494 4.55 35.04 15.17
C1' OMG C 4494 8.00 35.25 15.31
N9 OMG C 4494 8.94 34.39 14.57
C8 OMG C 4494 10.07 33.78 15.05
N7 OMG C 4494 10.69 33.11 14.14
C5 OMG C 4494 9.96 33.29 13.01
C6 OMG C 4494 10.16 32.79 11.70
O6 OMG C 4494 11.05 32.08 11.28
N1 OMG C 4494 9.16 33.23 10.85
C2 OMG C 4494 8.11 34.02 11.19
N2 OMG C 4494 7.25 34.33 10.23
N3 OMG C 4494 7.94 34.48 12.40
C4 OMG C 4494 8.88 34.08 13.25
N1 OMU C 4498 6.17 18.16 12.60
C2 OMU C 4498 7.56 18.57 12.99
N3 OMU C 4498 7.79 19.88 13.65
C4 OMU C 4498 6.65 20.75 13.90
C5 OMU C 4498 5.28 20.33 13.51
C6 OMU C 4498 5.06 19.03 12.86
O2 OMU C 4498 8.50 17.82 12.76
O4 OMU C 4498 6.82 21.75 14.40
C1' OMU C 4498 5.97 16.86 11.94
C2' OMU C 4498 5.68 15.75 12.96
O2' OMU C 4498 6.30 14.56 12.52
CM2 OMU C 4498 6.76 13.77 13.56
C3' OMU C 4498 4.16 15.63 12.87
C4' OMU C 4498 3.88 15.94 11.41
O3' OMU C 4498 3.66 14.36 13.25
O4' OMU C 4498 4.85 16.96 11.09
C5' OMU C 4498 2.51 16.45 11.12
O5' OMU C 4498 2.15 17.49 12.02
P OMU C 4498 1.07 18.57 11.63
OP1 OMU C 4498 -0.27 17.91 11.61
OP2 OMU C 4498 1.31 19.77 12.51
P OMG C 4499 2.80 14.21 14.58
OP1 OMG C 4499 2.85 12.77 15.03
OP2 OMG C 4499 1.44 14.89 14.34
O5' OMG C 4499 3.58 15.10 15.63
C5' OMG C 4499 2.99 15.46 16.87
C4' OMG C 4499 3.90 15.15 18.02
O4' OMG C 4499 4.02 13.72 18.16
C3' OMG C 4499 5.33 15.61 17.88
O3' OMG C 4499 5.51 16.98 18.16
C2' OMG C 4499 6.06 14.69 18.86
O2' OMG C 4499 5.88 15.15 20.19
CM2 OMG C 4499 7.04 15.73 20.75
C1' OMG C 4499 5.27 13.40 18.71
N9 OMG C 4499 5.96 12.45 17.81
C8 OMG C 4499 5.63 12.12 16.52
N7 OMG C 4499 6.44 11.24 16.03
C5 OMG C 4499 7.33 10.98 17.03
C6 OMG C 4499 8.44 10.11 17.07
O6 OMG C 4499 8.86 9.37 16.20
N1 OMG C 4499 9.07 10.18 18.32
C2 OMG C 4499 8.69 10.96 19.36
N2 OMG C 4499 9.41 10.89 20.49
N3 OMG C 4499 7.66 11.76 19.32
C4 OMG C 4499 7.04 11.73 18.14
N1 PSU C 4500 10.44 13.56 13.68
C2 PSU C 4500 11.16 12.40 13.80
N3 PSU C 4500 11.38 11.84 15.04
C4 PSU C 4500 10.90 12.47 16.16
C5 PSU C 4500 10.18 13.63 16.02
C6 PSU C 4500 9.96 14.17 14.77
O2 PSU C 4500 11.59 11.85 12.80
O4 PSU C 4500 11.09 11.98 17.27
C1' PSU C 4500 9.64 14.33 17.22
C2' PSU C 4500 10.65 15.28 17.85
O2' PSU C 4500 10.46 15.27 19.25
C3' PSU C 4500 10.24 16.61 17.26
C4' PSU C 4500 8.74 16.48 17.17
O3' PSU C 4500 10.64 17.72 18.03
O4' PSU C 4500 8.52 15.10 16.82
C5' PSU C 4500 8.05 17.37 16.18
O5' PSU C 4500 7.20 18.31 16.84
P PSU C 4500 5.64 18.04 16.96
OP1 PSU C 4500 4.96 19.30 17.33
OP2 PSU C 4500 5.37 17.36 15.69
N1 PSU C 4521 15.53 18.89 30.83
C2 PSU C 4521 15.22 20.02 30.11
N3 PSU C 4521 14.88 21.18 30.76
C4 PSU C 4521 14.85 21.20 32.12
C5 PSU C 4521 15.17 20.06 32.85
C6 PSU C 4521 15.51 18.91 32.17
O2 PSU C 4521 15.25 19.99 28.88
O4 PSU C 4521 14.55 22.23 32.71
C1' PSU C 4521 15.14 20.10 34.35
C2' PSU C 4521 13.82 19.59 34.91
O2' PSU C 4521 13.52 20.31 36.09
C3' PSU C 4521 14.19 18.15 35.26
C4' PSU C 4521 15.62 18.28 35.73
O3' PSU C 4521 13.34 17.56 36.22
O4' PSU C 4521 16.17 19.32 34.88
C5' PSU C 4521 16.46 17.04 35.59
O5' PSU C 4521 16.59 16.70 34.23
P PSU C 4521 17.58 15.54 33.77
OP1 PSU C 4521 17.58 14.61 34.91
OP2 PSU C 4521 17.19 15.06 32.43
P A2M C 4523 10.01 15.09 40.05
OP1 A2M C 4523 11.39 15.66 40.15
O5' A2M C 4523 8.93 15.42 41.47
C5' A2M C 4523 7.62 15.43 41.22
C4' A2M C 4523 6.82 15.47 42.50
O4' A2M C 4523 7.20 14.42 43.32
C3' A2M C 4523 7.06 16.73 43.29
O3' A2M C 4523 6.43 17.76 42.66
C2' A2M C 4523 6.51 16.32 44.62
O2' A2M C 4523 5.14 16.23 44.63
C1' A2M C 4523 7.11 14.92 44.63
CM' A2M C 4523 4.71 16.02 45.92
N9 A2M C 4523 8.39 14.88 45.24
C8 A2M C 4523 9.68 15.10 44.76
N7 A2M C 4523 10.61 14.97 45.71
C5 A2M C 4523 9.87 14.67 46.84
C6 A2M C 4523 10.19 14.40 48.14
N6 A2M C 4523 11.49 14.42 48.56
N1 A2M C 4523 9.27 14.13 49.07
C2 A2M C 4523 7.99 14.11 48.64
N3 A2M C 4523 7.50 14.33 47.42
C4 A2M C 4523 8.50 14.61 46.56
OP2 A2M C 4523 9.81 13.62 40.15
P UR3 C 4530 3.74 5.13 19.56
OP1 UR3 C 4530 3.35 4.41 18.33
OP2 UR3 C 4530 2.72 5.34 20.65
O5' UR3 C 4530 4.96 4.36 20.22
C5' UR3 C 4530 6.19 4.21 19.54
C4' UR3 C 4530 7.30 3.88 20.49
O4' UR3 C 4530 7.52 5.00 21.38
C1' UR3 C 4530 7.82 4.54 22.68
N1 UR3 C 4530 6.76 5.02 23.60
C6 UR3 C 4530 5.46 5.39 23.09
C2 UR3 C 4530 7.04 5.10 25.03
O2 UR3 C 4530 8.09 4.80 25.44
N3 UR3 C 4530 5.99 5.58 25.97
C3U UR3 C 4530 6.29 5.65 27.45
C4 UR3 C 4530 4.69 5.94 25.49
O4 UR3 C 4530 3.86 6.31 26.26
C5 UR3 C 4530 4.40 5.86 24.03
C2' UR3 C 4530 7.90 3.03 22.63
O2' UR3 C 4530 9.24 2.64 22.40
C3' UR3 C 4530 7.02 2.71 21.43
O3' UR3 C 4530 7.31 1.46 20.84
N1 PSU C 4532 -0.53 0.19 29.53
C2 PSU C 4532 -1.60 0.06 30.38
N3 PSU C 4532 -1.88 -1.15 30.96
C4 PSU C 4532 -1.08 -2.23 30.69
C5 PSU C 4532 -0.01 -2.10 29.82
C6 PSU C 4532 0.24 -0.86 29.25
O2 PSU C 4532 -2.29 1.03 30.62
O4 PSU C 4532 -1.33 -3.32 31.20
C1' PSU C 4532 0.87 -3.25 29.48
C2' PSU C 4532 0.13 -4.20 28.55
O2' PSU C 4532 0.61 -5.51 28.78
C3' PSU C 4532 0.58 -3.69 27.19
C4' PSU C 4532 2.02 -3.31 27.45
O3' PSU C 4532 0.43 -4.63 26.15
O4' PSU C 4532 2.00 -2.78 28.79
C5' PSU C 4532 2.59 -2.29 26.51
O5' PSU C 4532 1.90 -1.07 26.61
P PSU C 4532 2.06 0.04 25.49
OP1 PSU C 4532 2.07 -0.65 24.19
OP2 PSU C 4532 1.05 1.08 25.75
N1 OMC C 4536 -7.16 -3.14 13.79
C2 OMC C 4536 -5.98 -2.54 13.31
N3 OMC C 4536 -4.83 -2.78 13.97
C4 OMC C 4536 -4.80 -3.54 15.03
C5 OMC C 4536 -5.97 -4.17 15.55
C6 OMC C 4536 -7.11 -3.93 14.89
O2 OMC C 4536 -6.03 -1.83 12.34
N4 OMC C 4536 -3.64 -3.74 15.63
C1' OMC C 4536 -8.44 -2.92 13.10
C2' OMC C 4536 -8.52 -3.73 11.80
O2' OMC C 4536 -9.38 -3.05 10.91
CM2 OMC C 4536 -8.77 -1.97 10.26
C3' OMC C 4536 -9.18 -4.99 12.30
C4' OMC C 4536 -10.21 -4.44 13.27
O4' OMC C 4536 -9.49 -3.37 13.93
O3' OMC C 4536 -9.75 -5.77 11.28
C5' OMC C 4536 -10.76 -5.39 14.28
O5' OMC C 4536 -9.75 -6.10 14.97
P OMC C 4536 -10.14 -7.10 16.13
OP1 OMC C 4536 -11.23 -7.99 15.58
OP2 OMC C 4536 -8.87 -7.72 16.71
N1 PSU C 4552 -3.41 3.48 17.97
C2 PSU C 4552 -3.51 2.45 18.89
N3 PSU C 4552 -4.73 1.99 19.28
C4 PSU C 4552 -5.86 2.55 18.77
C5 PSU C 4552 -5.77 3.58 17.85
C6 PSU C 4552 -4.53 4.03 17.47
O2 PSU C 4552 -2.49 1.95 19.34
O4 PSU C 4552 -6.96 2.13 19.13
C1' PSU C 4552 -7.02 4.21 17.30
C2' PSU C 4552 -7.58 5.14 18.37
O2' PSU C 4552 -8.99 5.23 18.17
C3' PSU C 4552 -6.91 6.45 17.99
C4' PSU C 4552 -6.97 6.41 16.48
O3' PSU C 4552 -7.53 7.59 18.54
O4' PSU C 4552 -6.72 5.01 16.17
C5' PSU C 4552 -5.99 7.28 15.75
O5' PSU C 4552 -4.66 6.83 15.94
P PSU C 4552 -3.49 7.46 15.07
OP1 PSU C 4552 -3.98 8.84 14.89
OP2 PSU C 4552 -2.21 7.17 15.75
P A2M C 4571 18.17 39.32 70.29
OP1 A2M C 4571 17.75 39.93 71.59
O5' A2M C 4571 19.63 38.29 70.35
C5' A2M C 4571 19.51 37.17 71.06
C4' A2M C 4571 20.32 36.06 70.41
O4' A2M C 4571 19.95 35.96 69.07
C3' A2M C 4571 21.79 36.36 70.45
O3' A2M C 4571 22.15 36.13 71.76
C2' A2M C 4571 22.30 35.47 69.34
O2' A2M C 4571 22.30 34.11 69.68
C1' A2M C 4571 21.13 35.74 68.36
CM' A2M C 4571 23.54 33.72 70.17
N9 A2M C 4571 21.27 36.83 67.44
C8 A2M C 4571 20.59 38.02 67.28
N7 A2M C 4571 21.04 38.76 66.26
C5 A2M C 4571 22.07 38.00 65.75
C6 A2M C 4571 22.95 38.16 64.71
N6 A2M C 4571 22.92 39.29 63.93
N1 A2M C 4571 23.88 37.24 64.40
C2 A2M C 4571 23.90 36.15 65.18
N3 A2M C 4571 23.13 35.82 66.21
C4 A2M C 4571 22.23 36.78 66.46
OP2 A2M C 4571 18.72 40.19 69.21
N1 PSU C 4576 24.52 50.80 78.84
C2 PSU C 4576 24.09 52.10 78.67
N3 PSU C 4576 22.78 52.43 78.89
C4 PSU C 4576 21.88 51.46 79.29
C5 PSU C 4576 22.31 50.15 79.45
C6 PSU C 4576 23.64 49.84 79.22
O2 PSU C 4576 24.89 52.96 78.33
O4 PSU C 4576 20.71 51.77 79.48
C1' PSU C 4576 21.37 49.08 79.89
C2' PSU C 4576 20.37 48.68 78.81
O2' PSU C 4576 19.17 48.27 79.44
C3' PSU C 4576 21.07 47.49 78.18
C4' PSU C 4576 21.75 46.83 79.37
O3' PSU C 4576 20.20 46.62 77.51
O4' PSU C 4576 22.14 47.94 80.21
C5' PSU C 4576 22.95 46.00 79.04
O5' PSU C 4576 23.89 46.76 78.31
P PSU C 4576 25.13 46.06 77.62
OP1 PSU C 4576 24.61 44.78 77.11
OP2 PSU C 4576 25.77 47.02 76.69
N1 PSU C 4579 21.51 55.10 68.51
C2 PSU C 4579 22.85 55.32 68.40
N3 PSU C 4579 23.32 56.57 68.06
C4 PSU C 4579 22.44 57.59 67.84
C5 PSU C 4579 21.08 57.36 67.95
C6 PSU C 4579 20.65 56.10 68.29
O2 PSU C 4579 23.63 54.39 68.60
O4 PSU C 4579 22.87 58.71 67.54
C1' PSU C 4579 20.05 58.44 67.73
C2' PSU C 4579 19.92 58.82 66.27
O2' PSU C 4579 19.55 60.18 66.18
C3' PSU C 4579 18.76 57.94 65.82
C4' PSU C 4579 17.87 57.93 67.05
O3' PSU C 4579 18.10 58.41 64.67
O4' PSU C 4579 18.79 57.99 68.16
C5' PSU C 4579 16.98 56.74 67.20
O5' PSU C 4579 17.77 55.55 67.30
P PSU C 4579 17.10 54.15 67.58
OP1 PSU C 4579 15.93 54.07 66.67
OP2 PSU C 4579 18.16 53.12 67.54
P A2M C 4590 26.84 49.61 34.25
OP1 A2M C 4590 28.07 49.01 34.85
O5' A2M C 4590 26.89 49.90 32.46
C5' A2M C 4590 25.73 50.19 31.86
C4' A2M C 4590 25.10 48.90 31.39
O4' A2M C 4590 23.81 48.81 31.92
C3' A2M C 4590 25.00 48.79 29.88
O3' A2M C 4590 26.28 48.48 29.43
C2' A2M C 4590 23.94 47.73 29.76
O2' A2M C 4590 24.46 46.46 30.07
C1' A2M C 4590 23.03 48.25 30.90
CM' A2M C 4590 23.54 45.66 30.75
N9 A2M C 4590 22.03 49.19 30.54
C8 A2M C 4590 21.84 50.54 30.83
N7 A2M C 4590 20.73 51.05 30.28
C5 A2M C 4590 20.18 49.96 29.61
C6 A2M C 4590 19.05 49.78 28.85
N6 A2M C 4590 18.17 50.81 28.60
N1 A2M C 4590 18.74 48.60 28.30
C2 A2M C 4590 19.61 47.59 28.54
N3 A2M C 4590 20.73 47.59 29.25
C4 A2M C 4590 20.97 48.81 29.76
OP2 A2M C 4590 26.49 51.03 34.52
P OMG C 4618 11.25 57.34 21.66
OP1 OMG C 4618 10.03 57.68 22.49
OP2 OMG C 4618 12.51 56.81 22.33
O5' OMG C 4618 10.81 56.26 20.57
C5' OMG C 4618 10.74 54.89 20.89
C4' OMG C 4618 11.42 54.06 19.85
O4' OMG C 4618 12.68 54.68 19.48
C3' OMG C 4618 11.82 52.67 20.30
O3' OMG C 4618 10.74 51.77 20.30
C2' OMG C 4618 12.93 52.33 19.32
O2' OMG C 4618 12.38 51.95 18.07
CM2 OMG C 4618 13.34 51.80 17.05
C1' OMG C 4618 13.62 53.68 19.16
N9 OMG C 4618 14.78 53.84 20.05
C8 OMG C 4618 15.00 54.86 20.93
N7 OMG C 4618 16.12 54.75 21.56
C5 OMG C 4618 16.67 53.60 21.07
C6 OMG C 4618 17.90 52.98 21.40
O6 OMG C 4618 18.75 53.32 22.20
N1 OMG C 4618 18.07 51.81 20.65
C2 OMG C 4618 17.19 51.32 19.73
N2 OMG C 4618 17.52 50.18 19.12
N3 OMG C 4618 16.08 51.91 19.45
C4 OMG C 4618 15.86 53.03 20.13
N1 OMU C 4620 15.83 45.76 24.93
C2 OMU C 4620 16.93 46.25 25.83
N3 OMU C 4620 16.97 47.67 26.24
C4 OMU C 4620 15.94 48.59 25.79
C5 OMU C 4620 14.86 48.09 24.89
C6 OMU C 4620 14.82 46.68 24.48
O2 OMU C 4620 17.79 45.47 26.21
O4 OMU C 4620 15.98 49.68 26.11
C1' OMU C 4620 15.84 44.34 24.53
C2' OMU C 4620 15.28 43.45 25.63
O2' OMU C 4620 15.86 42.18 25.51
CM2 OMU C 4620 17.26 42.17 25.67
C3' OMU C 4620 13.82 43.40 25.23
C4' OMU C 4620 13.93 43.28 23.72
O3' OMU C 4620 13.08 42.37 25.84
O4' OMU C 4620 15.02 44.18 23.40
C5' OMU C 4620 12.71 43.63 22.93
O5' OMU C 4620 12.14 44.85 23.39
P OMU C 4620 10.96 45.53 22.56
OP1 OMU C 4620 9.97 44.47 22.25
OP2 OMU C 4620 10.53 46.77 23.28
P OMG C 4623 14.09 44.52 38.15
OP1 OMG C 4623 14.25 43.34 39.10
OP2 OMG C 4623 12.94 44.58 37.16
O5' OMG C 4623 14.05 45.85 39.01
C5' OMG C 4623 15.25 46.44 39.48
C4' OMG C 4623 15.03 47.88 39.83
O4' OMG C 4623 15.18 48.70 38.64
C3' OMG C 4623 13.63 48.22 40.30
O3' OMG C 4623 13.42 47.90 41.66
C2' OMG C 4623 13.53 49.70 40.01
O2' OMG C 4623 14.22 50.45 41.01
CM2 OMG C 4623 14.38 51.81 40.70
C1' OMG C 4623 14.32 49.81 38.70
N9 OMG C 4623 13.45 49.79 37.53
C8 OMG C 4623 13.09 48.70 36.80
N7 OMG C 4623 12.33 49.01 35.81
C5 OMG C 4623 12.19 50.37 35.87
C6 OMG C 4623 11.47 51.26 35.06
O6 OMG C 4623 10.80 51.04 34.07
N1 OMG C 4623 11.61 52.58 35.51
C2 OMG C 4623 12.33 52.95 36.60
N2 OMG C 4623 12.34 54.26 36.88
N3 OMG C 4623 12.99 52.13 37.35
C4 OMG C 4623 12.88 50.87 36.95
N1 PSU C 4628 -2.00 58.37 35.13
C2 PSU C 4628 -1.24 57.47 34.42
N3 PSU C 4628 -1.04 57.66 33.07
C4 PSU C 4628 -1.59 58.75 32.45
C5 PSU C 4628 -2.35 59.64 33.17
C6 PSU C 4628 -2.54 59.43 34.52
O2 PSU C 4628 -0.75 56.50 34.98
O4 PSU C 4628 -1.41 58.91 31.26
C1' PSU C 4628 -2.95 60.85 32.52
C2' PSU C 4628 -4.14 60.52 31.62
O2' PSU C 4628 -4.10 61.38 30.50
C3' PSU C 4628 -5.32 60.86 32.52
C4' PSU C 4628 -4.79 62.03 33.33
O3' PSU C 4628 -6.49 61.19 31.82
O4' PSU C 4628 -3.39 61.74 33.51
C5' PSU C 4628 -5.44 62.24 34.67
O5' PSU C 4628 -5.07 61.23 35.59
P PSU C 4628 -5.42 61.36 37.12
OP1 PSU C 4628 -6.73 62.02 37.28
OP2 PSU C 4628 -5.18 60.05 37.76
N1 PSU C 4636 -25.14 43.76 49.31
C2 PSU C 4636 -25.88 43.14 48.32
N3 PSU C 4636 -25.55 43.28 47.00
C4 PSU C 4636 -24.47 44.04 46.67
C5 PSU C 4636 -23.72 44.64 47.65
C6 PSU C 4636 -24.07 44.50 48.98
O2 PSU C 4636 -26.87 42.47 48.63
O4 PSU C 4636 -24.15 44.16 45.48
C1' PSU C 4636 -22.53 45.46 47.27
C2' PSU C 4636 -22.75 46.95 47.46
O2' PSU C 4636 -22.24 47.63 46.32
C3' PSU C 4636 -21.89 47.26 48.68
C4' PSU C 4636 -20.78 46.24 48.59
O3' PSU C 4636 -21.37 48.57 48.68
O4' PSU C 4636 -21.43 45.07 48.05
C5' PSU C 4636 -20.11 45.90 49.89
O5' PSU C 4636 -19.46 47.03 50.43
P PSU C 4636 -17.90 46.99 50.81
OP1 PSU C 4636 -17.67 46.99 52.26
OP2 PSU C 4636 -17.31 45.92 50.00
P OMG C 4637 -22.11 49.74 49.46
OP1 OMG C 4637 -21.60 49.74 50.88
OP2 OMG C 4637 -23.61 49.64 49.19
O5' OMG C 4637 -21.56 51.05 48.73
C5' OMG C 4637 -21.97 52.34 49.16
C4' OMG C 4637 -21.99 53.31 48.01
O4' OMG C 4637 -20.99 52.95 47.03
C3' OMG C 4637 -23.26 53.35 47.21
O3' OMG C 4637 -24.29 54.06 47.85
C2' OMG C 4637 -22.79 54.00 45.91
O2' OMG C 4637 -22.64 55.39 46.10
CM2 OMG C 4637 -21.79 56.02 45.16
C1' OMG C 4637 -21.41 53.38 45.76
N9 OMG C 4637 -21.38 52.24 44.83
C8 OMG C 4637 -21.21 50.93 45.14
N7 OMG C 4637 -21.21 50.17 44.10
C5 OMG C 4637 -21.37 51.02 43.05
C6 OMG C 4637 -21.45 50.76 41.65
O6 OMG C 4637 -21.38 49.69 41.09
N1 OMG C 4637 -21.62 51.93 40.93
C2 OMG C 4637 -21.72 53.18 41.46
N2 OMG C 4637 -21.89 54.17 40.59
N3 OMG C 4637 -21.64 53.42 42.74
C4 OMG C 4637 -21.48 52.32 43.48
N1 PSU C 4673 4.61 54.26 31.36
C2 PSU C 4673 5.25 53.76 32.46
N3 PSU C 4673 5.53 54.58 33.52
C4 PSU C 4673 5.17 55.91 33.49
C5 PSU C 4673 4.51 56.40 32.37
C6 PSU C 4673 4.24 55.55 31.32
O2 PSU C 4673 5.58 52.59 32.49
O4 PSU C 4673 5.42 56.62 34.44
C1' PSU C 4673 4.10 57.84 32.32
C2' PSU C 4673 5.32 58.71 32.06
O2' PSU C 4673 5.05 59.99 32.60
C3' PSU C 4673 5.33 58.76 30.55
C4' PSU C 4673 3.85 58.86 30.22
O3' PSU C 4673 6.09 59.82 30.02
O4' PSU C 4673 3.22 58.02 31.22
C5' PSU C 4673 3.45 58.38 28.85
O5' PSU C 4673 4.12 57.17 28.53
P PSU C 4673 3.47 56.15 27.50
OP1 PSU C 4673 3.75 56.63 26.13
OP2 PSU C 4673 3.96 54.83 27.93
N1 PSU C 4689 62.52 53.03 20.30
C2 PSU C 4689 62.67 51.88 21.03
N3 PSU C 4689 63.41 51.88 22.17
C4 PSU C 4689 64.02 53.03 22.61
C5 PSU C 4689 63.88 54.18 21.86
C6 PSU C 4689 63.13 54.16 20.71
O2 PSU C 4689 62.12 50.86 20.66
O4 PSU C 4689 64.69 53.01 23.63
C1' PSU C 4689 64.53 55.46 22.31
C2' PSU C 4689 66.02 55.47 22.00
O2' PSU C 4689 66.68 56.21 23.02
C3' PSU C 4689 66.07 56.23 20.69
C4' PSU C 4689 64.95 57.25 20.86
O3' PSU C 4689 67.31 56.84 20.43
O4' PSU C 4689 63.94 56.53 21.62
C5' PSU C 4689 64.35 57.76 19.58
O5' PSU C 4689 63.71 56.70 18.87
P PSU C 4689 62.64 57.02 17.75
OP1 PSU C 4689 63.20 58.27 17.19
OP2 PSU C 4689 62.42 55.84 16.90
N1 PSU C 4972 -0.38 48.95 72.46
C2 PSU C 4972 0.40 49.96 71.97
N3 PSU C 4972 -0.07 51.25 71.95
C4 PSU C 4972 -1.34 51.52 72.41
C5 PSU C 4972 -2.13 50.50 72.87
C6 PSU C 4972 -1.63 49.21 72.90
O2 PSU C 4972 1.53 49.71 71.57
O4 PSU C 4972 -1.77 52.67 72.39
C1' PSU C 4972 -3.51 50.77 73.39
C2' PSU C 4972 -4.51 51.05 72.27
O2' PSU C 4972 -5.49 51.95 72.75
C3' PSU C 4972 -5.11 49.67 72.05
C4' PSU C 4972 -5.15 49.10 73.46
O3' PSU C 4972 -6.39 49.71 71.44
O4' PSU C 4972 -3.96 49.63 74.10
C5' PSU C 4972 -5.13 47.60 73.54
O5' PSU C 4972 -3.93 47.08 72.98
P PSU C 4972 -3.77 45.52 72.72
OP1 PSU C 4972 -5.10 44.94 72.51
OP2 PSU C 4972 -2.72 45.34 71.70
N1 PSU C 4973 -1.43 49.99 68.75
C2 PSU C 4973 -0.15 50.31 68.33
N3 PSU C 4973 0.15 51.58 67.94
C4 PSU C 4973 -0.83 52.55 67.96
C5 PSU C 4973 -2.10 52.22 68.37
C6 PSU C 4973 -2.40 50.93 68.77
O2 PSU C 4973 0.72 49.44 68.32
O4 PSU C 4973 -0.57 53.69 67.61
C1' PSU C 4973 -3.17 53.27 68.42
C2' PSU C 4973 -3.84 53.52 67.07
O2' PSU C 4973 -4.04 54.92 66.94
C3' PSU C 4973 -5.17 52.82 67.25
C4' PSU C 4973 -5.46 53.00 68.73
O3' PSU C 4973 -6.20 53.35 66.45
O4' PSU C 4973 -4.15 52.92 69.35
C5' PSU C 4973 -6.38 51.97 69.35
O5' PSU C 4973 -5.86 50.66 69.16
P PSU C 4973 -6.54 49.42 69.87
OP1 PSU C 4973 -7.99 49.40 69.54
OP2 PSU C 4973 -5.68 48.27 69.52
N1 PSU C 5001 -17.64 67.15 48.08
C2 PSU C 5001 -17.85 65.87 48.52
N3 PSU C 5001 -16.86 64.92 48.37
C4 PSU C 5001 -15.66 65.28 47.80
C5 PSU C 5001 -15.46 66.58 47.36
C6 PSU C 5001 -16.47 67.50 47.52
O2 PSU C 5001 -18.91 65.55 49.03
O4 PSU C 5001 -14.78 64.45 47.68
C1' PSU C 5001 -14.14 66.98 46.76
C2' PSU C 5001 -13.96 66.51 45.32
O2' PSU C 5001 -12.57 66.28 45.12
C3' PSU C 5001 -14.40 67.73 44.55
C4' PSU C 5001 -13.88 68.86 45.40
O3' PSU C 5001 -13.93 67.78 43.22
O4' PSU C 5001 -14.04 68.38 46.75
C5' PSU C 5001 -14.62 70.17 45.24
O5' PSU C 5001 -15.97 70.03 45.61
P PSU C 5001 -16.84 71.31 45.96
OP1 PSU C 5001 -16.58 72.23 44.84
OP2 PSU C 5001 -18.20 70.88 46.32
N1 PSU C 5010 -45.86 64.33 44.27
C2 PSU C 5010 -45.31 64.98 43.19
N3 PSU C 5010 -45.42 66.34 43.07
C4 PSU C 5010 -46.08 67.06 44.03
C5 PSU C 5010 -46.65 66.41 45.10
C6 PSU C 5010 -46.53 65.04 45.20
O2 PSU C 5010 -44.70 64.34 42.34
O4 PSU C 5010 -46.16 68.28 43.89
C1' PSU C 5010 -47.38 67.16 46.17
C2' PSU C 5010 -48.70 67.71 45.62
O2' PSU C 5010 -49.00 68.93 46.29
C3' PSU C 5010 -49.67 66.62 46.02
C4' PSU C 5010 -49.15 66.19 47.38
O3' PSU C 5010 -51.02 67.04 46.07
O4' PSU C 5010 -47.70 66.29 47.24
C5' PSU C 5010 -49.52 64.80 47.80
O5' PSU C 5010 -49.01 63.84 46.90
P PSU C 5010 -49.18 62.28 47.18
OP1 PSU C 5010 -50.46 62.14 47.89
OP2 PSU C 5010 -48.97 61.55 45.91
N1 PSU E 55 -23.02 -21.68 84.58
C2 PSU E 55 -24.14 -21.56 85.35
N3 PSU E 55 -24.20 -22.16 86.58
C4 PSU E 55 -23.13 -22.87 87.06
C5 PSU E 55 -21.99 -22.99 86.27
C6 PSU E 55 -21.95 -22.38 85.02
O2 PSU E 55 -25.10 -20.93 84.95
O4 PSU E 55 -23.21 -23.40 88.16
C1' PSU E 55 -20.80 -23.75 86.76
C2' PSU E 55 -21.09 -25.24 86.86
O2' PSU E 55 -20.29 -25.77 87.90
C3' PSU E 55 -20.61 -25.74 85.52
C4' PSU E 55 -19.39 -24.88 85.26
O3' PSU E 55 -20.32 -27.12 85.49
O4' PSU E 55 -19.75 -23.59 85.83
C5' PSU E 55 -18.98 -24.72 83.83
O5' PSU E 55 -19.91 -23.94 83.11
P PSU E 55 -19.63 -23.54 81.59
OP1 PSU E 55 -18.84 -24.70 81.11
OP2 PSU E 55 -20.88 -23.15 80.92
N1 PSU E 69 -25.21 -38.28 107.58
C2 PSU E 69 -25.76 -37.05 107.33
N3 PSU E 69 -24.96 -35.95 107.19
C4 PSU E 69 -23.60 -36.08 107.31
C5 PSU E 69 -23.04 -37.31 107.56
C6 PSU E 69 -23.86 -38.41 107.67
O2 PSU E 69 -26.98 -36.94 107.24
O4 PSU E 69 -22.88 -35.09 107.18
C1' PSU E 69 -21.56 -37.50 107.64
C2' PSU E 69 -20.85 -36.90 108.85
O2' PSU E 69 -19.60 -36.38 108.42
C3' PSU E 69 -20.65 -38.12 109.73
C4' PSU E 69 -20.42 -39.23 108.72
O3' PSU E 69 -19.55 -37.98 110.61
O4' PSU E 69 -21.28 -38.88 107.61
C5' PSU E 69 -20.77 -40.60 109.21
O5' PSU E 69 -22.17 -40.72 109.42
P PSU E 69 -22.84 -42.14 109.65
OP1 PSU E 69 -21.93 -42.81 110.60
OP2 PSU E 69 -24.27 -41.93 109.95
P OMG E 75 -18.86 -15.05 100.54
OP1 OMG E 75 -18.58 -14.66 99.11
OP2 OMG E 75 -17.79 -15.86 101.29
O5' OMG E 75 -19.19 -13.75 101.40
C5' OMG E 75 -18.48 -12.55 101.18
C4' OMG E 75 -19.42 -11.42 100.84
O4' OMG E 75 -19.90 -11.57 99.50
C3' OMG E 75 -20.68 -11.31 101.67
O3' OMG E 75 -20.46 -10.71 102.93
C2' OMG E 75 -21.60 -10.51 100.76
O2' OMG E 75 -21.29 -9.12 100.83
CM2 OMG E 75 -21.94 -8.34 99.86
C1' OMG E 75 -21.19 -11.01 99.38
N9 OMG E 75 -22.11 -12.03 98.85
C8 OMG E 75 -21.84 -13.35 98.64
N7 OMG E 75 -22.85 -13.99 98.15
C5 OMG E 75 -23.84 -13.06 98.02
C6 OMG E 75 -25.16 -13.17 97.53
O6 OMG E 75 -25.73 -14.15 97.11
N1 OMG E 75 -25.82 -11.95 97.58
C2 OMG E 75 -25.29 -10.78 98.03
N2 OMG E 75 -26.09 -9.71 97.99
N3 OMG E 75 -24.06 -10.67 98.48
C4 OMG E 75 -23.39 -11.83 98.45
N GLY F 1 -9.64 -24.78 27.51
CA GLY F 1 -9.85 -25.46 28.77
C GLY F 1 -11.25 -25.28 29.28
N ARG F 2 -11.93 -24.26 28.78
CA ARG F 2 -13.28 -23.93 29.22
C ARG F 2 -14.30 -24.56 28.29
N VAL F 3 -15.38 -25.07 28.87
CA VAL F 3 -16.45 -25.67 28.09
C VAL F 3 -17.12 -24.60 27.24
N ILE F 4 -17.33 -24.91 25.97
CA ILE F 4 -17.84 -23.92 25.01
C ILE F 4 -19.35 -23.80 25.10
N ARG F 5 -19.89 -22.75 24.48
CA ARG F 5 -21.33 -22.63 24.34
C ARG F 5 -21.83 -23.63 23.32
N GLY F 6 -22.99 -24.19 23.57
CA GLY F 6 -23.45 -25.28 22.75
C GLY F 6 -23.13 -26.57 23.45
N GLN F 7 -21.94 -26.62 24.02
CA GLN F 7 -21.60 -27.67 24.96
C GLN F 7 -22.22 -27.40 26.33
N ARG F 8 -22.38 -26.13 26.69
CA ARG F 8 -23.12 -25.80 27.91
C ARG F 8 -24.62 -25.95 27.74
N LYS F 9 -25.11 -26.11 26.51
CA LYS F 9 -26.55 -26.14 26.29
C LYS F 9 -27.18 -27.45 26.72
N GLY F 10 -26.42 -28.55 26.70
CA GLY F 10 -27.02 -29.82 27.05
C GLY F 10 -27.38 -29.93 28.51
N ALA F 11 -26.66 -29.23 29.38
CA ALA F 11 -26.97 -29.28 30.80
C ALA F 11 -28.37 -28.74 31.08
N GLY F 12 -28.75 -27.69 30.37
CA GLY F 12 -30.11 -27.22 30.42
C GLY F 12 -30.49 -26.58 31.73
N SER F 13 -29.94 -25.41 32.02
CA SER F 13 -30.38 -24.63 33.16
C SER F 13 -31.00 -23.31 32.74
N VAL F 14 -30.27 -22.49 32.00
CA VAL F 14 -30.83 -21.26 31.46
C VAL F 14 -31.35 -21.43 30.06
N PHE F 15 -31.02 -22.53 29.39
CA PHE F 15 -31.46 -22.80 28.04
C PHE F 15 -32.71 -23.67 28.00
N ARG F 16 -33.29 -23.97 29.15
CA ARG F 16 -34.56 -24.67 29.17
C ARG F 16 -35.65 -23.81 28.54
N ALA F 17 -36.62 -24.47 27.91
CA ALA F 17 -37.63 -23.76 27.14
C ALA F 17 -38.52 -22.93 28.04
N HIS F 18 -39.03 -21.82 27.48
CA HIS F 18 -39.92 -20.93 28.20
C HIS F 18 -41.36 -21.36 27.93
N VAL F 19 -41.78 -22.41 28.63
CA VAL F 19 -43.09 -23.00 28.44
C VAL F 19 -44.07 -22.55 29.51
N LYS F 20 -43.82 -21.41 30.14
CA LYS F 20 -44.70 -20.95 31.20
C LYS F 20 -46.09 -20.63 30.65
N HIS F 21 -46.16 -19.88 29.56
CA HIS F 21 -47.42 -19.41 29.01
C HIS F 21 -47.88 -20.23 27.82
N ARG F 22 -47.22 -21.34 27.51
CA ARG F 22 -47.67 -22.20 26.44
C ARG F 22 -49.00 -22.84 26.80
N LYS F 23 -49.78 -23.18 25.77
CA LYS F 23 -51.16 -23.61 25.94
C LYS F 23 -51.31 -25.12 26.01
N GLY F 24 -50.22 -25.87 26.08
CA GLY F 24 -50.28 -27.32 26.15
C GLY F 24 -49.59 -27.95 24.95
N ALA F 25 -49.48 -29.27 25.02
CA ALA F 25 -48.91 -30.03 23.92
C ALA F 25 -49.94 -30.13 22.80
N ALA F 26 -49.54 -29.78 21.59
CA ALA F 26 -50.42 -29.84 20.43
C ALA F 26 -50.32 -31.23 19.82
N ARG F 27 -51.38 -32.02 19.97
CA ARG F 27 -51.32 -33.41 19.55
C ARG F 27 -52.71 -33.89 19.17
N LEU F 28 -52.74 -34.95 18.37
CA LEU F 28 -54.00 -35.57 17.99
C LEU F 28 -54.65 -36.23 19.21
N ARG F 29 -55.81 -36.81 19.00
CA ARG F 29 -56.47 -37.51 20.09
C ARG F 29 -56.01 -38.95 20.12
N ALA F 30 -56.24 -39.60 21.26
CA ALA F 30 -55.85 -40.99 21.41
C ALA F 30 -56.64 -41.87 20.45
N VAL F 31 -55.96 -42.82 19.84
CA VAL F 31 -56.65 -43.79 19.00
C VAL F 31 -57.53 -44.65 19.88
N ASP F 32 -58.73 -44.95 19.39
CA ASP F 32 -59.69 -45.75 20.16
C ASP F 32 -60.59 -46.46 19.17
N PHE F 33 -61.60 -47.16 19.71
CA PHE F 33 -62.47 -47.98 18.87
C PHE F 33 -63.24 -47.12 17.86
N ALA F 34 -63.75 -45.98 18.31
CA ALA F 34 -64.48 -45.10 17.41
C ALA F 34 -63.59 -44.60 16.28
N GLU F 35 -62.38 -44.18 16.61
CA GLU F 35 -61.48 -43.69 15.57
C GLU F 35 -60.93 -44.81 14.69
N ARG F 36 -61.00 -46.06 15.13
CA ARG F 36 -60.51 -47.14 14.31
C ARG F 36 -61.56 -47.70 13.37
N HIS F 37 -62.83 -47.72 13.77
CA HIS F 37 -63.85 -48.32 12.93
C HIS F 37 -64.84 -47.34 12.34
N GLY F 38 -65.07 -46.19 12.96
CA GLY F 38 -65.95 -45.21 12.40
C GLY F 38 -65.36 -43.83 12.53
N TYR F 39 -66.19 -42.82 12.69
CA TYR F 39 -65.74 -41.45 12.87
C TYR F 39 -66.42 -40.87 14.09
N ILE F 40 -65.75 -39.93 14.73
CA ILE F 40 -66.32 -39.17 15.82
C ILE F 40 -66.30 -37.70 15.42
N LYS F 41 -67.37 -37.00 15.78
CA LYS F 41 -67.54 -35.61 15.40
C LYS F 41 -67.14 -34.71 16.56
N GLY F 42 -66.12 -33.89 16.35
CA GLY F 42 -65.77 -32.83 17.26
C GLY F 42 -66.17 -31.48 16.69
N ILE F 43 -66.16 -30.48 17.57
CA ILE F 43 -66.51 -29.12 17.20
C ILE F 43 -65.35 -28.20 17.54
N VAL F 44 -64.95 -27.36 16.61
CA VAL F 44 -63.83 -26.46 16.84
C VAL F 44 -64.33 -25.33 17.74
N LYS F 45 -64.14 -25.48 19.04
CA LYS F 45 -64.66 -24.48 19.96
C LYS F 45 -63.84 -23.21 19.95
N ASP F 46 -62.54 -23.31 19.70
CA ASP F 46 -61.75 -22.09 19.75
C ASP F 46 -60.49 -22.25 18.90
N ILE F 47 -59.86 -21.12 18.59
CA ILE F 47 -58.57 -21.10 17.92
C ILE F 47 -57.70 -20.09 18.65
N ILE F 48 -56.53 -20.52 19.09
CA ILE F 48 -55.67 -19.73 19.97
C ILE F 48 -54.28 -19.66 19.38
N HIS F 49 -53.51 -18.71 19.89
CA HIS F 49 -52.14 -18.47 19.48
C HIS F 49 -51.22 -19.01 20.56
N ASP F 50 -50.54 -20.10 20.27
CA ASP F 50 -49.63 -20.68 21.23
C ASP F 50 -48.29 -19.97 21.14
N PRO F 51 -47.78 -19.43 22.25
CA PRO F 51 -46.45 -18.80 22.21
C PRO F 51 -45.38 -19.82 21.88
N GLY F 52 -44.33 -19.34 21.22
CA GLY F 52 -43.25 -20.20 20.80
C GLY F 52 -43.55 -21.03 19.57
N ARG F 53 -44.78 -20.97 19.07
CA ARG F 53 -45.16 -21.68 17.86
C ARG F 53 -45.88 -20.71 16.93
N GLY F 54 -45.39 -20.62 15.69
CA GLY F 54 -46.00 -19.74 14.72
C GLY F 54 -47.31 -20.23 14.16
N ALA F 55 -47.69 -21.46 14.45
CA ALA F 55 -48.95 -22.01 13.97
C ALA F 55 -50.01 -21.95 15.06
N PRO F 56 -51.23 -21.54 14.73
CA PRO F 56 -52.30 -21.52 15.71
C PRO F 56 -52.69 -22.93 16.13
N LEU F 57 -53.30 -23.01 17.31
CA LEU F 57 -53.80 -24.27 17.84
C LEU F 57 -55.31 -24.19 17.95
N ALA F 58 -55.99 -25.18 17.41
CA ALA F 58 -57.45 -25.23 17.44
C ALA F 58 -57.89 -26.12 18.59
N LYS F 59 -58.61 -25.55 19.54
CA LYS F 59 -59.22 -26.31 20.62
C LYS F 59 -60.54 -26.88 20.12
N VAL F 60 -60.63 -28.21 20.11
CA VAL F 60 -61.75 -28.96 19.56
C VAL F 60 -62.34 -29.81 20.66
N VAL F 61 -63.67 -29.79 20.79
CA VAL F 61 -64.38 -30.53 21.82
C VAL F 61 -64.98 -31.77 21.18
N PHE F 62 -64.71 -32.93 21.78
CA PHE F 62 -65.30 -34.21 21.44
C PHE F 62 -66.20 -34.68 22.57
N ARG F 63 -66.77 -35.86 22.39
CA ARG F 63 -67.58 -36.52 23.39
C ARG F 63 -66.93 -37.83 23.79
N ASP F 64 -66.94 -38.14 25.07
CA ASP F 64 -66.37 -39.41 25.49
C ASP F 64 -67.35 -40.53 25.14
N PRO F 65 -66.92 -41.53 24.37
CA PRO F 65 -67.86 -42.59 23.97
C PRO F 65 -68.13 -43.61 25.06
N TYR F 66 -67.47 -43.54 26.21
CA TYR F 66 -67.72 -44.47 27.30
C TYR F 66 -68.15 -43.80 28.60
N ARG F 67 -67.91 -42.51 28.76
CA ARG F 67 -68.35 -41.79 29.94
C ARG F 67 -69.10 -40.54 29.49
N PHE F 68 -69.93 -40.02 30.39
CA PHE F 68 -70.65 -38.79 30.10
C PHE F 68 -69.71 -37.63 30.42
N LYS F 69 -68.89 -37.27 29.45
CA LYS F 69 -67.87 -36.25 29.66
C LYS F 69 -67.51 -35.63 28.32
N LYS F 70 -67.06 -34.39 28.38
CA LYS F 70 -66.69 -33.63 27.19
C LYS F 70 -65.18 -33.46 27.16
N ARG F 71 -64.54 -33.96 26.10
CA ARG F 71 -63.10 -34.01 26.00
C ARG F 71 -62.60 -32.82 25.18
N THR F 72 -61.60 -32.12 25.71
CA THR F 72 -61.00 -30.99 25.03
C THR F 72 -59.66 -31.42 24.44
N GLU F 73 -59.49 -31.21 23.14
CA GLU F 73 -58.27 -31.55 22.45
C GLU F 73 -57.60 -30.29 21.93
N LEU F 74 -56.33 -30.42 21.56
CA LEU F 74 -55.48 -29.30 21.18
C LEU F 74 -54.85 -29.55 19.83
N PHE F 75 -55.69 -29.86 18.83
CA PHE F 75 -55.22 -30.09 17.48
C PHE F 75 -54.42 -28.90 16.95
N ILE F 76 -53.50 -29.18 16.06
CA ILE F 76 -52.83 -28.13 15.31
C ILE F 76 -53.80 -27.60 14.27
N ALA F 77 -53.97 -26.29 14.24
CA ALA F 77 -54.98 -25.69 13.38
C ALA F 77 -54.58 -25.84 11.92
N ALA F 78 -55.32 -26.66 11.18
CA ALA F 78 -55.16 -26.69 9.73
C ALA F 78 -55.75 -25.43 9.13
N GLU F 79 -55.13 -24.95 8.06
CA GLU F 79 -55.55 -23.70 7.45
C GLU F 79 -56.91 -23.87 6.78
N GLY F 80 -57.82 -22.96 7.07
CA GLY F 80 -59.14 -22.96 6.47
C GLY F 80 -60.25 -23.39 7.40
N ILE F 81 -59.92 -23.93 8.56
CA ILE F 81 -60.94 -24.28 9.53
C ILE F 81 -61.33 -23.03 10.30
N HIS F 82 -62.43 -23.11 11.04
CA HIS F 82 -62.94 -21.96 11.76
C HIS F 82 -63.79 -22.45 12.92
N THR F 83 -64.12 -21.53 13.81
CA THR F 83 -64.87 -21.89 15.00
C THR F 83 -66.27 -22.38 14.64
N GLY F 84 -66.82 -23.23 15.50
CA GLY F 84 -68.15 -23.75 15.28
C GLY F 84 -68.25 -24.77 14.18
N GLN F 85 -67.14 -25.11 13.54
CA GLN F 85 -67.11 -26.08 12.45
C GLN F 85 -66.92 -27.46 13.02
N PHE F 86 -67.64 -28.43 12.48
CA PHE F 86 -67.47 -29.82 12.87
C PHE F 86 -66.30 -30.43 12.12
N VAL F 87 -65.43 -31.10 12.86
CA VAL F 87 -64.39 -31.93 12.27
C VAL F 87 -64.72 -33.38 12.59
N TYR F 88 -64.26 -34.28 11.73
CA TYR F 88 -64.59 -35.69 11.86
C TYR F 88 -63.31 -36.50 11.84
N CYS F 89 -63.10 -37.30 12.87
CA CYS F 89 -61.86 -38.06 13.03
C CYS F 89 -62.17 -39.54 13.04
N GLY F 90 -61.50 -40.29 12.18
CA GLY F 90 -61.63 -41.73 12.20
C GLY F 90 -61.43 -42.32 10.82
N LYS F 91 -61.64 -43.64 10.76
CA LYS F 91 -61.44 -44.36 9.51
C LYS F 91 -62.46 -43.96 8.45
N LYS F 92 -63.72 -43.79 8.87
CA LYS F 92 -64.79 -43.50 7.93
C LYS F 92 -64.96 -42.01 7.70
N ALA F 93 -64.05 -41.19 8.21
CA ALA F 93 -64.16 -39.75 8.06
C ALA F 93 -64.06 -39.35 6.59
N GLN F 94 -64.79 -38.31 6.23
CA GLN F 94 -64.77 -37.83 4.87
C GLN F 94 -63.50 -37.05 4.60
N LEU F 95 -63.16 -36.95 3.32
CA LEU F 95 -61.97 -36.23 2.87
C LEU F 95 -62.31 -34.75 2.77
N ASN F 96 -62.23 -34.07 3.90
CA ASN F 96 -62.46 -32.64 3.97
C ASN F 96 -61.35 -32.00 4.78
N ILE F 97 -61.16 -30.70 4.58
CA ILE F 97 -60.09 -29.99 5.26
C ILE F 97 -60.38 -29.93 6.75
N GLY F 98 -59.42 -30.35 7.55
CA GLY F 98 -59.54 -30.37 8.98
C GLY F 98 -59.90 -31.72 9.56
N ASN F 99 -60.44 -32.63 8.76
CA ASN F 99 -60.78 -33.95 9.25
C ASN F 99 -59.52 -34.78 9.46
N VAL F 100 -59.67 -35.85 10.24
CA VAL F 100 -58.56 -36.75 10.56
C VAL F 100 -58.83 -38.10 9.91
N LEU F 101 -57.88 -38.57 9.11
CA LEU F 101 -58.02 -39.84 8.41
C LEU F 101 -56.73 -40.64 8.52
N PRO F 102 -56.82 -41.96 8.49
CA PRO F 102 -55.63 -42.75 8.26
C PRO F 102 -55.15 -42.58 6.83
N VAL F 103 -53.84 -42.71 6.64
CA VAL F 103 -53.27 -42.47 5.33
C VAL F 103 -53.69 -43.53 4.33
N GLY F 104 -53.93 -44.76 4.80
CA GLY F 104 -54.35 -45.81 3.89
C GLY F 104 -55.69 -45.58 3.26
N THR F 105 -56.49 -44.68 3.81
CA THR F 105 -57.83 -44.38 3.31
C THR F 105 -57.87 -43.10 2.49
N MET F 106 -56.73 -42.58 2.07
CA MET F 106 -56.74 -41.34 1.33
C MET F 106 -56.08 -41.52 -0.03
N PRO F 107 -56.50 -40.76 -1.03
CA PRO F 107 -55.95 -40.92 -2.37
C PRO F 107 -54.51 -40.43 -2.44
N GLU F 108 -53.83 -40.85 -3.50
CA GLU F 108 -52.48 -40.37 -3.74
C GLU F 108 -52.52 -38.88 -4.04
N GLY F 109 -51.46 -38.18 -3.63
CA GLY F 109 -51.41 -36.73 -3.76
C GLY F 109 -52.14 -35.97 -2.68
N THR F 110 -52.72 -36.67 -1.71
CA THR F 110 -53.46 -35.99 -0.66
C THR F 110 -52.52 -35.24 0.27
N ILE F 111 -52.84 -33.98 0.51
CA ILE F 111 -52.02 -33.14 1.37
C ILE F 111 -52.43 -33.36 2.82
N VAL F 112 -51.47 -33.74 3.65
CA VAL F 112 -51.72 -34.03 5.05
C VAL F 112 -51.01 -32.98 5.90
N CYS F 113 -51.57 -32.77 7.10
CA CYS F 113 -51.16 -31.69 7.98
C CYS F 113 -50.31 -32.18 9.14
N CYS F 114 -50.84 -33.06 9.99
CA CYS F 114 -50.13 -33.47 11.20
C CYS F 114 -50.03 -34.99 11.16
N LEU F 115 -49.03 -35.49 10.44
CA LEU F 115 -48.95 -36.90 10.14
C LEU F 115 -48.15 -37.61 11.23
N GLU F 116 -48.60 -38.80 11.63
CA GLU F 116 -47.85 -39.55 12.61
C GLU F 116 -46.61 -40.16 12.00
N GLU F 117 -45.64 -40.47 12.86
CA GLU F 117 -44.42 -41.15 12.44
C GLU F 117 -44.57 -42.66 12.53
N LYS F 118 -44.84 -43.15 13.73
CA LYS F 118 -45.21 -44.53 13.96
C LYS F 118 -46.71 -44.61 14.23
N PRO F 119 -47.39 -45.64 13.76
CA PRO F 119 -48.83 -45.76 14.02
C PRO F 119 -49.08 -45.86 15.52
N GLY F 120 -50.11 -45.16 15.98
CA GLY F 120 -50.50 -45.28 17.37
C GLY F 120 -50.24 -44.04 18.19
N ASP F 121 -49.15 -43.35 17.94
CA ASP F 121 -48.83 -42.15 18.70
C ASP F 121 -49.72 -41.00 18.20
N ARG F 122 -49.40 -39.79 18.59
CA ARG F 122 -50.11 -38.65 18.05
C ARG F 122 -49.26 -38.01 16.95
N GLY F 123 -49.78 -36.93 16.37
CA GLY F 123 -49.14 -36.31 15.23
C GLY F 123 -47.72 -35.84 15.46
N LYS F 124 -46.81 -36.20 14.55
CA LYS F 124 -45.40 -35.90 14.75
C LYS F 124 -44.70 -35.34 13.52
N LEU F 125 -45.39 -35.07 12.43
CA LEU F 125 -44.74 -34.62 11.20
C LEU F 125 -45.53 -33.47 10.58
N ALA F 126 -44.80 -32.57 9.92
CA ALA F 126 -45.35 -31.41 9.22
C ALA F 126 -46.14 -30.51 10.17
N ARG F 127 -45.57 -30.22 11.34
CA ARG F 127 -46.28 -29.49 12.37
C ARG F 127 -45.90 -28.02 12.46
N ALA F 128 -45.24 -27.47 11.45
CA ALA F 128 -44.85 -26.07 11.45
C ALA F 128 -45.75 -25.26 10.52
N SER F 129 -45.70 -23.94 10.69
CA SER F 129 -46.60 -23.06 9.96
C SER F 129 -46.34 -23.12 8.47
N GLY F 130 -47.42 -23.22 7.69
CA GLY F 130 -47.31 -23.29 6.25
C GLY F 130 -46.85 -24.61 5.71
N ASN F 131 -46.54 -25.58 6.57
CA ASN F 131 -45.97 -26.83 6.14
C ASN F 131 -47.05 -27.88 5.92
N TYR F 132 -46.68 -28.93 5.19
CA TYR F 132 -47.58 -30.03 4.88
C TYR F 132 -46.76 -31.15 4.26
N ALA F 133 -47.30 -32.35 4.35
CA ALA F 133 -46.70 -33.51 3.70
C ALA F 133 -47.66 -34.04 2.65
N THR F 134 -47.17 -34.91 1.77
CA THR F 134 -47.97 -35.38 0.66
C THR F 134 -47.95 -36.90 0.59
N VAL F 135 -49.12 -37.51 0.47
CA VAL F 135 -49.18 -38.94 0.23
C VAL F 135 -48.71 -39.21 -1.20
N ILE F 136 -47.88 -40.24 -1.36
CA ILE F 136 -47.25 -40.50 -2.66
C ILE F 136 -47.86 -41.74 -3.30
N SER F 137 -47.76 -42.87 -2.64
CA SER F 137 -48.28 -44.12 -3.18
C SER F 137 -48.62 -45.06 -2.04
N HIS F 138 -49.25 -46.17 -2.38
CA HIS F 138 -49.74 -47.12 -1.40
C HIS F 138 -49.25 -48.52 -1.72
N ASN F 139 -49.13 -49.31 -0.66
CA ASN F 139 -48.79 -50.73 -0.75
C ASN F 139 -49.81 -51.43 0.13
N PRO F 140 -50.96 -51.81 -0.45
CA PRO F 140 -52.04 -52.38 0.37
C PRO F 140 -51.72 -53.74 0.95
N GLU F 141 -50.76 -54.47 0.37
CA GLU F 141 -50.43 -55.78 0.90
C GLU F 141 -49.70 -55.65 2.24
N THR F 142 -48.70 -54.80 2.30
CA THR F 142 -47.95 -54.58 3.52
C THR F 142 -48.54 -53.47 4.38
N LYS F 143 -49.61 -52.83 3.91
CA LYS F 143 -50.17 -51.64 4.55
C LYS F 143 -49.10 -50.59 4.76
N LYS F 144 -48.34 -50.31 3.71
CA LYS F 144 -47.26 -49.33 3.78
C LYS F 144 -47.53 -48.19 2.80
N THR F 145 -47.55 -46.97 3.32
CA THR F 145 -47.85 -45.79 2.52
C THR F 145 -46.61 -44.92 2.44
N ARG F 146 -46.26 -44.49 1.23
CA ARG F 146 -45.17 -43.56 1.03
C ARG F 146 -45.68 -42.13 1.21
N VAL F 147 -44.85 -41.29 1.81
CA VAL F 147 -45.15 -39.88 2.01
C VAL F 147 -43.94 -39.07 1.59
N LYS F 148 -44.18 -37.80 1.31
CA LYS F 148 -43.14 -36.82 1.06
C LYS F 148 -43.22 -35.76 2.15
N LEU F 149 -42.14 -35.56 2.87
CA LEU F 149 -42.07 -34.66 4.00
C LEU F 149 -41.66 -33.27 3.53
N PRO F 150 -41.78 -32.25 4.38
CA PRO F 150 -41.39 -30.90 3.96
C PRO F 150 -39.97 -30.80 3.46
N SER F 151 -39.04 -31.53 4.04
CA SER F 151 -37.65 -31.46 3.60
C SER F 151 -37.40 -32.20 2.30
N GLY F 152 -38.44 -32.62 1.60
CA GLY F 152 -38.28 -33.30 0.34
C GLY F 152 -37.99 -34.77 0.44
N SER F 153 -37.72 -35.28 1.64
CA SER F 153 -37.42 -36.69 1.80
C SER F 153 -38.71 -37.51 1.77
N LYS F 154 -38.64 -38.67 1.13
CA LYS F 154 -39.76 -39.59 1.05
C LYS F 154 -39.58 -40.69 2.07
N LYS F 155 -40.66 -41.03 2.76
CA LYS F 155 -40.63 -41.97 3.86
C LYS F 155 -41.71 -43.01 3.68
N VAL F 156 -41.47 -44.20 4.21
CA VAL F 156 -42.46 -45.27 4.22
C VAL F 156 -42.98 -45.41 5.63
N ILE F 157 -44.29 -45.29 5.80
CA ILE F 157 -44.92 -45.40 7.10
C ILE F 157 -46.06 -46.41 7.01
N SER F 158 -46.61 -46.75 8.15
CA SER F 158 -47.73 -47.68 8.17
C SER F 158 -49.01 -46.97 7.77
N SER F 159 -49.90 -47.69 7.10
CA SER F 159 -51.14 -47.12 6.60
C SER F 159 -52.09 -46.70 7.71
N ALA F 160 -51.85 -47.13 8.94
CA ALA F 160 -52.72 -46.76 10.05
C ALA F 160 -52.39 -45.41 10.65
N ASN F 161 -51.35 -44.74 10.15
CA ASN F 161 -50.94 -43.45 10.70
C ASN F 161 -52.00 -42.40 10.39
N ARG F 162 -52.61 -41.86 11.44
CA ARG F 162 -53.59 -40.80 11.23
C ARG F 162 -52.89 -39.52 10.82
N ALA F 163 -53.68 -38.63 10.21
CA ALA F 163 -53.14 -37.38 9.70
C ALA F 163 -54.30 -36.44 9.42
N VAL F 164 -54.16 -35.19 9.84
CA VAL F 164 -55.12 -34.17 9.46
C VAL F 164 -55.01 -33.90 7.96
N VAL F 165 -56.10 -33.42 7.37
CA VAL F 165 -56.11 -33.05 5.96
C VAL F 165 -55.97 -31.54 5.86
N GLY F 166 -55.07 -31.10 4.99
CA GLY F 166 -54.83 -29.69 4.75
C GLY F 166 -53.39 -29.32 5.04
N VAL F 167 -53.12 -28.03 4.89
CA VAL F 167 -51.84 -27.49 5.26
C VAL F 167 -51.97 -26.85 6.64
N VAL F 168 -50.86 -26.59 7.28
CA VAL F 168 -50.89 -25.94 8.58
C VAL F 168 -51.12 -24.46 8.39
N ALA F 169 -51.97 -23.88 9.24
CA ALA F 169 -52.13 -22.44 9.26
C ALA F 169 -50.83 -21.78 9.68
N GLY F 170 -50.82 -20.46 9.62
CA GLY F 170 -49.62 -19.72 9.92
C GLY F 170 -48.84 -19.28 8.70
N GLY F 171 -49.29 -19.66 7.51
CA GLY F 171 -48.92 -19.14 6.20
C GLY F 171 -47.43 -18.99 6.01
N GLY F 172 -47.07 -17.95 5.25
CA GLY F 172 -45.68 -17.66 4.98
C GLY F 172 -45.08 -16.74 6.02
N ARG F 173 -44.97 -17.24 7.25
CA ARG F 173 -44.47 -16.42 8.34
C ARG F 173 -43.05 -15.93 8.09
N ILE F 174 -42.27 -16.70 7.35
CA ILE F 174 -40.88 -16.36 7.10
C ILE F 174 -40.75 -15.31 6.01
N ASP F 175 -41.89 -14.92 5.42
CA ASP F 175 -41.84 -13.93 4.35
C ASP F 175 -41.44 -12.57 4.88
N LYS F 176 -41.92 -12.20 6.06
CA LYS F 176 -41.66 -10.87 6.58
C LYS F 176 -40.26 -10.81 7.20
N PRO F 177 -39.39 -9.93 6.72
CA PRO F 177 -38.12 -9.72 7.41
C PRO F 177 -38.34 -9.19 8.82
N ILE F 178 -37.50 -9.64 9.74
CA ILE F 178 -37.67 -9.28 11.15
C ILE F 178 -37.42 -7.80 11.35
N LEU F 179 -36.41 -7.25 10.66
CA LEU F 179 -36.12 -5.81 10.56
C LEU F 179 -35.57 -5.20 11.84
N LYS F 180 -35.57 -5.93 12.94
CA LYS F 180 -35.20 -5.31 14.20
C LYS F 180 -34.61 -6.33 15.14
N ALA F 181 -33.46 -5.98 15.71
CA ALA F 181 -32.89 -6.78 16.79
C ALA F 181 -33.90 -6.98 17.90
N GLY F 182 -34.71 -5.96 18.18
CA GLY F 182 -35.74 -6.10 19.19
C GLY F 182 -36.79 -7.12 18.83
N ARG F 183 -37.19 -7.16 17.56
CA ARG F 183 -38.19 -8.15 17.17
C ARG F 183 -37.61 -9.55 17.21
N ALA F 184 -36.34 -9.72 16.86
CA ALA F 184 -35.71 -11.01 17.08
C ALA F 184 -35.65 -11.37 18.56
N TYR F 185 -35.37 -10.39 19.40
CA TYR F 185 -35.32 -10.62 20.84
C TYR F 185 -36.66 -11.09 21.36
N HIS F 186 -37.73 -10.42 20.96
CA HIS F 186 -39.07 -10.80 21.41
C HIS F 186 -39.47 -12.14 20.83
N LYS F 187 -39.01 -12.45 19.62
CA LYS F 187 -39.29 -13.75 19.04
C LYS F 187 -38.66 -14.86 19.86
N TYR F 188 -37.42 -14.69 20.31
CA TYR F 188 -36.76 -15.76 21.03
C TYR F 188 -37.07 -15.78 22.52
N LYS F 189 -37.54 -14.66 23.07
CA LYS F 189 -37.97 -14.65 24.45
C LYS F 189 -39.18 -15.55 24.68
N ALA F 190 -39.95 -15.85 23.65
CA ALA F 190 -41.06 -16.76 23.76
C ALA F 190 -40.68 -18.21 23.52
N LYS F 191 -39.43 -18.48 23.11
CA LYS F 191 -39.01 -19.84 22.82
C LYS F 191 -37.97 -20.35 23.79
N ARG F 192 -36.80 -19.72 23.84
CA ARG F 192 -35.69 -20.25 24.64
C ARG F 192 -34.51 -19.29 24.51
N ASN F 193 -33.49 -19.53 25.32
CA ASN F 193 -32.29 -18.69 25.33
C ASN F 193 -31.34 -19.19 24.25
N CYS F 194 -31.48 -18.64 23.05
CA CYS F 194 -30.58 -18.97 21.96
C CYS F 194 -30.22 -17.74 21.15
N TRP F 195 -30.16 -16.58 21.79
CA TRP F 195 -30.00 -15.33 21.07
C TRP F 195 -29.53 -14.27 22.05
N PRO F 196 -28.59 -13.41 21.68
CA PRO F 196 -27.87 -13.30 20.40
C PRO F 196 -26.78 -14.34 20.27
N ARG F 197 -26.38 -14.66 19.05
CA ARG F 197 -25.34 -15.63 18.77
C ARG F 197 -24.04 -14.90 18.54
N VAL F 198 -23.05 -15.17 19.37
CA VAL F 198 -21.73 -14.57 19.23
C VAL F 198 -20.87 -15.46 18.36
N ARG F 199 -20.25 -14.87 17.34
CA ARG F 199 -19.37 -15.62 16.47
C ARG F 199 -18.20 -16.18 17.27
N GLY F 200 -17.89 -17.45 17.02
CA GLY F 200 -16.81 -18.09 17.76
C GLY F 200 -15.45 -17.48 17.48
N VAL F 201 -15.28 -16.90 16.30
CA VAL F 201 -14.02 -16.24 15.97
C VAL F 201 -13.77 -15.07 16.89
N ALA F 202 -14.84 -14.46 17.41
CA ALA F 202 -14.67 -13.32 18.30
C ALA F 202 -14.20 -13.75 19.68
N MET F 203 -14.52 -14.98 20.09
CA MET F 203 -14.15 -15.45 21.41
C MET F 203 -12.65 -15.71 21.47
N ASN F 204 -12.18 -15.95 22.67
CA ASN F 204 -10.79 -16.29 22.93
C ASN F 204 -10.58 -17.79 22.73
N PRO F 205 -9.33 -18.23 22.52
CA PRO F 205 -9.11 -19.64 22.21
C PRO F 205 -9.59 -20.58 23.29
N VAL F 206 -9.67 -20.10 24.54
CA VAL F 206 -10.14 -20.95 25.62
C VAL F 206 -11.60 -21.32 25.43
N GLU F 207 -12.42 -20.42 24.89
CA GLU F 207 -13.85 -20.68 24.78
C GLU F 207 -14.27 -21.26 23.45
N HIS F 208 -13.37 -21.36 22.47
CA HIS F 208 -13.82 -21.83 21.16
C HIS F 208 -12.65 -22.37 20.37
N PRO F 209 -12.84 -23.46 19.61
CA PRO F 209 -11.78 -23.88 18.68
C PRO F 209 -11.45 -22.82 17.66
N PHE F 210 -12.42 -22.02 17.26
CA PHE F 210 -12.18 -20.96 16.29
C PHE F 210 -11.67 -19.69 16.93
N GLY F 211 -11.74 -19.57 18.25
CA GLY F 211 -11.43 -18.32 18.89
C GLY F 211 -9.95 -17.99 18.87
N GLY F 212 -9.67 -16.70 19.00
CA GLY F 212 -8.30 -16.23 19.11
C GLY F 212 -7.73 -15.80 17.78
N GLY F 213 -6.48 -15.35 17.86
CA GLY F 213 -5.75 -14.86 16.72
C GLY F 213 -5.73 -13.35 16.66
N ASN F 214 -4.63 -12.81 16.14
CA ASN F 214 -4.52 -11.37 15.99
C ASN F 214 -5.54 -10.85 15.00
N HIS F 215 -5.84 -11.61 13.97
CA HIS F 215 -6.94 -11.31 13.07
C HIS F 215 -8.07 -12.29 13.31
N GLN F 216 -9.28 -11.88 12.96
CA GLN F 216 -10.45 -12.74 13.14
C GLN F 216 -10.52 -13.71 11.99
N HIS F 217 -9.68 -14.73 12.07
CA HIS F 217 -9.64 -15.80 11.07
C HIS F 217 -9.78 -17.13 11.79
N ILE F 218 -10.33 -18.10 11.07
CA ILE F 218 -10.49 -19.44 11.63
C ILE F 218 -9.16 -20.16 11.71
N GLY F 219 -8.40 -20.15 10.62
CA GLY F 219 -7.10 -20.77 10.59
C GLY F 219 -7.10 -22.28 10.37
N LYS F 220 -8.25 -22.93 10.42
CA LYS F 220 -8.38 -24.36 10.26
C LYS F 220 -9.61 -24.62 9.43
N PRO F 221 -9.71 -25.78 8.78
CA PRO F 221 -10.91 -26.08 7.99
C PRO F 221 -12.15 -26.08 8.86
N SER F 222 -13.20 -25.40 8.36
CA SER F 222 -14.42 -25.27 9.17
C SER F 222 -15.21 -26.56 9.17
N THR F 223 -15.08 -27.38 8.14
CA THR F 223 -15.71 -28.68 8.15
C THR F 223 -15.07 -29.55 9.22
N ILE F 224 -15.90 -30.27 9.96
CA ILE F 224 -15.43 -31.12 11.03
C ILE F 224 -16.00 -32.52 10.82
N ARG F 225 -15.27 -33.53 11.28
CA ARG F 225 -15.73 -34.88 11.10
C ARG F 225 -16.90 -35.18 12.02
N ARG F 226 -17.69 -36.17 11.63
CA ARG F 226 -18.81 -36.57 12.46
C ARG F 226 -18.36 -37.18 13.78
N ASP F 227 -17.26 -37.92 13.76
CA ASP F 227 -16.70 -38.57 14.94
C ASP F 227 -15.97 -37.61 15.86
N ALA F 228 -16.06 -36.31 15.63
CA ALA F 228 -15.34 -35.36 16.46
C ALA F 228 -15.96 -35.31 17.85
N PRO F 229 -15.14 -35.16 18.90
CA PRO F 229 -15.69 -35.07 20.25
C PRO F 229 -16.41 -33.76 20.46
N ALA F 230 -17.33 -33.76 21.41
CA ALA F 230 -18.01 -32.54 21.80
C ALA F 230 -17.01 -31.55 22.37
N GLY F 231 -17.17 -30.29 22.03
CA GLY F 231 -16.19 -29.27 22.32
C GLY F 231 -15.28 -28.96 21.17
N ARG F 232 -15.23 -29.84 20.16
CA ARG F 232 -14.55 -29.59 18.92
C ARG F 232 -15.49 -29.60 17.72
N LYS F 233 -16.65 -30.25 17.84
CA LYS F 233 -17.61 -30.39 16.74
C LYS F 233 -18.34 -29.06 16.57
N VAL F 234 -17.71 -28.16 15.82
CA VAL F 234 -18.24 -26.84 15.55
C VAL F 234 -18.10 -26.56 14.05
N GLY F 235 -18.53 -25.39 13.64
CA GLY F 235 -18.52 -25.08 12.22
C GLY F 235 -19.53 -25.94 11.48
N LEU F 236 -19.16 -26.41 10.31
CA LEU F 236 -20.02 -27.25 9.50
C LEU F 236 -19.74 -28.71 9.86
N ILE F 237 -20.74 -29.39 10.39
CA ILE F 237 -20.56 -30.74 10.91
C ILE F 237 -20.79 -31.74 9.80
N ALA F 238 -19.75 -32.52 9.48
CA ALA F 238 -19.82 -33.63 8.53
C ALA F 238 -20.43 -33.20 7.20
N ALA F 239 -19.96 -32.06 6.71
CA ALA F 239 -20.55 -31.47 5.52
C ALA F 239 -20.21 -32.29 4.27
N ARG F 240 -21.22 -32.60 3.49
CA ARG F 240 -20.99 -33.30 2.23
C ARG F 240 -20.42 -32.37 1.17
N ARG F 241 -20.61 -31.07 1.33
CA ARG F 241 -20.07 -30.08 0.39
C ARG F 241 -20.06 -28.74 1.11
N THR F 242 -19.41 -27.77 0.50
CA THR F 242 -19.40 -26.41 1.01
C THR F 242 -19.64 -25.46 -0.14
N GLY F 243 -19.61 -24.17 0.16
CA GLY F 243 -19.78 -23.17 -0.87
C GLY F 243 -21.23 -23.01 -1.28
N ARG F 244 -21.44 -22.05 -2.16
CA ARG F 244 -22.78 -21.70 -2.61
C ARG F 244 -23.41 -22.87 -3.36
N LEU F 245 -24.66 -23.16 -3.05
CA LEU F 245 -25.38 -24.20 -3.77
C LEU F 245 -25.63 -23.78 -5.21
N ARG F 246 -25.52 -24.74 -6.12
CA ARG F 246 -25.76 -24.52 -7.53
C ARG F 246 -26.56 -25.70 -8.05
N GLY F 247 -27.85 -25.49 -8.27
CA GLY F 247 -28.74 -26.58 -8.64
C GLY F 247 -29.33 -27.26 -7.42
N THR F 248 -29.76 -28.51 -7.63
CA THR F 248 -30.37 -29.39 -6.62
C THR F 248 -31.24 -28.71 -5.56
N SER G 1 21.52 19.32 28.26
CA SER G 1 21.88 20.06 27.05
C SER G 1 21.54 21.52 27.21
N HIS G 2 21.93 22.34 26.24
CA HIS G 2 21.68 23.77 26.30
C HIS G 2 20.20 24.06 26.16
N ARG G 3 19.80 25.27 26.59
CA ARG G 3 18.43 25.70 26.37
C ARG G 3 18.20 25.99 24.90
N LYS G 4 17.03 25.59 24.40
CA LYS G 4 16.80 25.59 22.96
C LYS G 4 16.80 27.00 22.39
N PHE G 5 16.19 27.94 23.10
CA PHE G 5 16.17 29.33 22.68
C PHE G 5 16.79 30.19 23.76
N SER G 6 17.68 31.08 23.37
CA SER G 6 18.27 32.01 24.31
C SER G 6 17.24 33.05 24.71
N ALA G 7 17.35 33.52 25.95
CA ALA G 7 16.43 34.53 26.43
C ALA G 7 17.12 35.32 27.52
N PRO G 8 16.86 36.63 27.60
CA PRO G 8 17.43 37.43 28.68
C PRO G 8 16.93 36.97 30.04
N ARG G 9 17.77 37.19 31.05
CA ARG G 9 17.41 36.80 32.40
C ARG G 9 16.31 37.70 32.95
N HIS G 10 15.27 37.09 33.53
CA HIS G 10 14.28 37.85 34.27
C HIS G 10 14.93 38.46 35.50
N GLY G 11 14.60 39.72 35.78
CA GLY G 11 15.09 40.36 36.99
C GLY G 11 16.53 40.74 36.91
N SER G 12 17.02 41.49 37.90
CA SER G 12 18.41 41.93 37.94
C SER G 12 19.05 41.43 39.22
N LEU G 13 20.22 40.81 39.09
CA LEU G 13 20.97 40.40 40.27
C LEU G 13 21.48 41.58 41.07
N GLY G 14 21.62 42.74 40.44
CA GLY G 14 22.22 43.89 41.07
C GLY G 14 21.38 44.59 42.09
N PHE G 15 20.17 44.10 42.36
CA PHE G 15 19.33 44.65 43.40
C PHE G 15 18.97 43.60 44.43
N LEU G 16 19.83 42.66 44.61
CA LEU G 16 19.68 41.62 45.60
C LEU G 16 20.34 42.02 46.92
N PRO G 17 19.85 41.50 48.04
CA PRO G 17 18.66 40.66 48.19
C PRO G 17 17.40 41.50 48.16
N ARG G 18 16.28 40.94 47.70
CA ARG G 18 15.01 41.66 47.62
C ARG G 18 14.31 41.60 48.98
N LYS G 19 14.99 42.13 49.99
CA LYS G 19 14.49 42.20 51.34
C LYS G 19 14.02 43.61 51.63
N ARG G 20 13.23 43.75 52.68
CA ARG G 20 12.80 45.07 53.12
C ARG G 20 14.02 45.90 53.49
N SER G 21 13.96 47.19 53.20
CA SER G 21 15.01 48.09 53.62
C SER G 21 15.08 48.11 55.14
N SER G 22 16.30 48.21 55.68
CA SER G 22 16.46 48.27 57.12
C SER G 22 15.85 49.55 57.67
N ARG G 23 16.03 50.66 56.98
CA ARG G 23 15.57 51.96 57.41
C ARG G 23 14.27 52.31 56.71
N HIS G 24 13.55 53.25 57.30
CA HIS G 24 12.35 53.80 56.68
C HIS G 24 12.64 55.08 55.91
N ARG G 25 13.67 55.82 56.32
CA ARG G 25 13.94 57.13 55.74
C ARG G 25 14.66 57.01 54.40
N GLY G 26 15.80 56.32 54.39
CA GLY G 26 16.59 56.21 53.18
C GLY G 26 17.82 57.09 53.20
N LYS G 27 18.97 56.50 53.47
CA LYS G 27 20.21 57.24 53.66
C LYS G 27 20.93 57.44 52.34
N VAL G 28 21.76 58.48 52.29
CA VAL G 28 22.35 58.91 51.03
C VAL G 28 23.38 57.91 50.53
N LYS G 29 24.29 57.50 51.41
CA LYS G 29 25.36 56.52 51.18
C LYS G 29 26.49 57.04 50.31
N SER G 30 26.29 58.18 49.64
CA SER G 30 27.31 58.67 48.71
C SER G 30 27.04 60.13 48.43
N PHE G 31 27.94 60.97 48.89
CA PHE G 31 27.80 62.39 48.69
C PHE G 31 28.65 62.86 47.52
N PRO G 32 28.27 63.95 46.87
CA PRO G 32 29.06 64.45 45.75
C PRO G 32 30.46 64.81 46.21
N LYS G 33 31.41 64.69 45.29
CA LYS G 33 32.82 64.85 45.63
C LYS G 33 33.08 66.26 46.13
N ASP G 34 33.76 66.35 47.27
CA ASP G 34 34.02 67.64 47.88
C ASP G 34 35.21 68.30 47.19
N ASP G 35 34.97 69.47 46.60
CA ASP G 35 36.03 70.20 45.95
C ASP G 35 36.08 71.60 46.55
N PRO G 36 37.24 72.03 47.06
CA PRO G 36 37.32 73.32 47.75
C PRO G 36 37.14 74.51 46.83
N SER G 37 37.14 74.31 45.51
CA SER G 37 36.97 75.43 44.60
C SER G 37 35.61 76.09 44.77
N LYS G 38 34.55 75.29 44.87
CA LYS G 38 33.21 75.82 44.96
C LYS G 38 32.99 76.50 46.31
N PRO G 39 32.02 77.40 46.38
CA PRO G 39 31.66 77.98 47.68
C PRO G 39 31.02 76.93 48.57
N VAL G 40 30.96 77.26 49.87
CA VAL G 40 30.40 76.33 50.84
C VAL G 40 28.89 76.23 50.63
N HIS G 41 28.39 75.01 50.53
CA HIS G 41 26.98 74.78 50.23
C HIS G 41 26.55 73.42 50.76
N LEU G 42 25.24 73.22 50.82
CA LEU G 42 24.67 71.94 51.20
C LEU G 42 24.54 71.04 49.99
N THR G 43 24.26 69.76 50.24
CA THR G 43 24.20 68.78 49.17
C THR G 43 22.93 67.95 49.14
N ALA G 44 22.07 68.03 50.15
CA ALA G 44 20.90 67.16 50.20
C ALA G 44 19.82 67.84 51.03
N PHE G 45 18.64 67.25 51.01
CA PHE G 45 17.50 67.82 51.71
C PHE G 45 16.50 66.69 51.92
N LEU G 46 15.54 66.93 52.81
CA LEU G 46 14.50 65.95 53.12
C LEU G 46 13.15 66.51 52.72
N GLY G 47 12.39 65.77 51.91
CA GLY G 47 11.07 66.17 51.50
C GLY G 47 10.09 65.03 51.71
N TYR G 48 8.83 65.30 51.38
CA TYR G 48 7.77 64.32 51.58
C TYR G 48 6.93 64.23 50.33
N LYS G 49 6.66 63.01 49.87
CA LYS G 49 5.98 62.82 48.59
C LYS G 49 4.51 63.18 48.76
N ALA G 50 4.15 64.39 48.35
CA ALA G 50 2.77 64.85 48.52
C ALA G 50 1.84 64.20 47.51
N GLY G 51 2.26 64.10 46.26
CA GLY G 51 1.37 63.56 45.25
C GLY G 51 1.92 63.81 43.85
N MET G 52 1.04 63.67 42.87
CA MET G 52 1.41 63.83 41.47
C MET G 52 0.34 64.61 40.75
N THR G 53 0.73 65.21 39.63
CA THR G 53 -0.19 65.93 38.75
C THR G 53 0.49 66.03 37.39
N HIS G 54 -0.06 66.85 36.50
CA HIS G 54 0.55 67.02 35.19
C HIS G 54 0.57 68.49 34.83
N ILE G 55 1.46 68.83 33.89
CA ILE G 55 1.70 70.20 33.47
C ILE G 55 1.71 70.24 31.95
N VAL G 56 1.64 71.46 31.41
CA VAL G 56 1.80 71.70 29.98
C VAL G 56 2.90 72.73 29.80
N ARG G 57 3.87 72.40 28.95
CA ARG G 57 4.98 73.32 28.71
C ARG G 57 5.38 73.24 27.25
N GLU G 58 6.01 74.31 26.77
CA GLU G 58 6.44 74.40 25.38
C GLU G 58 7.92 74.05 25.29
N VAL G 59 8.24 73.02 24.53
CA VAL G 59 9.60 72.52 24.44
C VAL G 59 10.41 73.44 23.53
N ASP G 60 11.71 73.52 23.78
CA ASP G 60 12.63 74.28 22.93
C ASP G 60 13.86 73.46 22.60
N ARG G 61 13.67 72.15 22.40
CA ARG G 61 14.77 71.25 22.07
C ARG G 61 14.87 71.14 20.55
N PRO G 62 15.90 71.68 19.92
CA PRO G 62 15.92 71.73 18.45
C PRO G 62 16.10 70.36 17.84
N GLY G 63 15.66 70.25 16.59
CA GLY G 63 15.80 69.01 15.86
C GLY G 63 14.83 67.92 16.28
N SER G 64 13.78 68.27 17.00
CA SER G 64 12.84 67.29 17.52
C SER G 64 11.44 67.55 16.97
N LYS G 65 10.60 66.51 17.04
CA LYS G 65 9.20 66.69 16.67
C LYS G 65 8.49 67.62 17.64
N VAL G 66 8.79 67.51 18.93
CA VAL G 66 8.06 68.26 19.95
C VAL G 66 8.70 69.63 20.16
N ASN G 67 9.66 69.98 19.31
CA ASN G 67 10.25 71.31 19.39
C ASN G 67 9.20 72.37 19.09
N LYS G 68 9.24 73.46 19.86
CA LYS G 68 8.29 74.57 19.73
C LYS G 68 6.85 74.10 19.85
N LYS G 69 6.62 73.03 20.61
CA LYS G 69 5.31 72.43 20.76
C LYS G 69 5.02 72.25 22.23
N GLU G 70 3.74 72.24 22.58
CA GLU G 70 3.32 72.16 23.98
C GLU G 70 3.00 70.71 24.32
N VAL G 71 3.68 70.18 25.32
CA VAL G 71 3.54 68.79 25.74
C VAL G 71 3.03 68.76 27.17
N VAL G 72 2.45 67.61 27.52
CA VAL G 72 1.94 67.34 28.86
C VAL G 72 2.94 66.44 29.55
N GLU G 73 3.40 66.86 30.72
CA GLU G 73 4.39 66.12 31.49
C GLU G 73 3.84 65.77 32.86
N ALA G 74 3.98 64.51 33.25
CA ALA G 74 3.61 64.12 34.59
C ALA G 74 4.69 64.52 35.57
N VAL G 75 4.28 65.09 36.70
CA VAL G 75 5.18 65.65 37.69
C VAL G 75 4.76 65.22 39.09
N THR G 76 5.71 65.30 40.00
CA THR G 76 5.55 64.90 41.39
C THR G 76 5.75 66.11 42.28
N ILE G 77 4.80 66.37 43.17
CA ILE G 77 4.92 67.43 44.15
C ILE G 77 5.48 66.85 45.43
N VAL G 78 6.57 67.42 45.92
CA VAL G 78 7.20 66.99 47.16
C VAL G 78 7.23 68.19 48.09
N GLU G 79 6.57 68.07 49.24
CA GLU G 79 6.53 69.19 50.18
C GLU G 79 7.83 69.25 50.96
N THR G 80 8.45 70.43 50.97
CA THR G 80 9.78 70.64 51.53
C THR G 80 9.77 71.86 52.44
N PRO G 81 9.36 71.71 53.69
CA PRO G 81 9.53 72.79 54.66
C PRO G 81 10.99 72.96 55.01
N PRO G 82 11.40 74.13 55.49
CA PRO G 82 12.81 74.36 55.82
C PRO G 82 13.29 73.42 56.91
N MET G 83 14.55 73.00 56.80
CA MET G 83 15.12 72.09 57.78
C MET G 83 15.94 72.85 58.82
N VAL G 84 15.90 72.38 60.06
CA VAL G 84 16.55 73.05 61.16
C VAL G 84 17.88 72.37 61.40
N VAL G 85 18.95 73.15 61.43
CA VAL G 85 20.29 72.61 61.65
C VAL G 85 20.58 72.58 63.13
N VAL G 86 20.95 71.41 63.67
CA VAL G 86 21.12 71.24 65.11
C VAL G 86 22.42 70.55 65.49
N GLY G 87 23.30 70.24 64.53
CA GLY G 87 24.52 69.56 64.90
C GLY G 87 25.57 69.62 63.82
N ILE G 88 26.82 69.38 64.22
CA ILE G 88 27.96 69.31 63.32
C ILE G 88 28.77 68.08 63.66
N VAL G 89 29.06 67.27 62.65
CA VAL G 89 29.76 66.00 62.82
C VAL G 89 31.01 66.01 61.95
N GLY G 90 32.13 65.62 62.52
CA GLY G 90 33.37 65.54 61.78
C GLY G 90 33.77 64.10 61.47
N TYR G 91 34.54 63.94 60.42
CA TYR G 91 35.02 62.63 60.01
C TYR G 91 36.50 62.72 59.67
N VAL G 92 37.18 61.59 59.78
CA VAL G 92 38.58 61.49 59.43
C VAL G 92 38.78 60.29 58.53
N GLU G 93 39.63 60.43 57.52
CA GLU G 93 40.01 59.29 56.70
C GLU G 93 41.03 58.47 57.45
N THR G 94 40.73 57.20 57.66
CA THR G 94 41.64 56.20 58.13
C THR G 94 41.82 55.17 57.04
N PRO G 95 42.89 54.37 57.08
CA PRO G 95 42.98 53.23 56.15
C PRO G 95 41.81 52.27 56.27
N ARG G 96 41.00 52.36 57.33
CA ARG G 96 39.83 51.54 57.49
C ARG G 96 38.54 52.25 57.10
N GLY G 97 38.64 53.40 56.47
CA GLY G 97 37.47 54.12 56.00
C GLY G 97 37.30 55.45 56.72
N LEU G 98 36.15 56.06 56.50
CA LEU G 98 35.82 57.27 57.23
C LEU G 98 35.40 56.90 58.65
N ARG G 99 35.92 57.62 59.63
CA ARG G 99 35.56 57.40 61.01
C ARG G 99 35.05 58.69 61.63
N THR G 100 33.98 58.57 62.42
CA THR G 100 33.46 59.72 63.13
C THR G 100 34.49 60.23 64.11
N PHE G 101 34.71 61.54 64.11
CA PHE G 101 35.67 62.15 65.02
C PHE G 101 35.00 62.80 66.20
N LYS G 102 34.09 63.74 65.95
CA LYS G 102 33.48 64.48 67.03
C LYS G 102 32.12 64.99 66.57
N THR G 103 31.14 64.93 67.46
CA THR G 103 29.82 65.48 67.21
C THR G 103 29.56 66.58 68.22
N VAL G 104 29.16 67.76 67.73
CA VAL G 104 28.83 68.87 68.60
C VAL G 104 27.43 69.35 68.23
N PHE G 105 26.55 69.38 69.21
CA PHE G 105 25.16 69.75 69.00
C PHE G 105 24.90 71.18 69.43
N ALA G 106 24.11 71.89 68.64
CA ALA G 106 23.71 73.23 69.00
C ALA G 106 22.75 73.21 70.18
N GLU G 107 22.73 74.31 70.91
CA GLU G 107 21.81 74.46 72.02
C GLU G 107 20.37 74.56 71.52
N HIS G 108 19.42 74.37 72.42
CA HIS G 108 18.00 74.58 72.17
C HIS G 108 17.50 73.72 71.01
N ILE G 109 17.54 72.41 71.22
CA ILE G 109 16.97 71.47 70.26
C ILE G 109 15.46 71.48 70.43
N SER G 110 14.73 71.56 69.32
CA SER G 110 13.28 71.58 69.38
C SER G 110 12.72 70.21 69.73
N ASP G 111 11.52 70.22 70.29
CA ASP G 111 10.92 69.00 70.81
C ASP G 111 10.62 68.00 69.70
N GLU G 112 10.25 68.49 68.52
CA GLU G 112 10.01 67.57 67.40
C GLU G 112 11.27 66.80 67.07
N CYS G 113 12.43 67.47 67.07
CA CYS G 113 13.69 66.77 66.87
C CYS G 113 13.97 65.80 68.01
N LYS G 114 13.73 66.25 69.25
CA LYS G 114 13.99 65.41 70.41
C LYS G 114 13.08 64.20 70.48
N ARG G 115 11.97 64.20 69.75
CA ARG G 115 11.13 63.02 69.66
C ARG G 115 11.84 61.86 68.98
N ARG G 116 12.84 62.13 68.15
CA ARG G 116 13.50 61.06 67.42
C ARG G 116 14.26 60.13 68.34
N PHE G 117 14.81 60.65 69.44
CA PHE G 117 15.62 59.82 70.32
C PHE G 117 14.78 58.98 71.27
N TYR G 118 13.46 59.01 71.16
CA TYR G 118 12.57 58.28 72.05
C TYR G 118 11.70 57.33 71.26
N LYS G 119 11.67 56.07 71.69
CA LYS G 119 10.64 55.16 71.21
C LYS G 119 9.31 55.42 71.89
N ASN G 120 9.33 55.99 73.10
CA ASN G 120 8.13 56.18 73.90
C ASN G 120 8.14 57.59 74.48
N TRP G 121 7.53 58.53 73.75
CA TRP G 121 7.49 59.92 74.19
C TRP G 121 6.46 60.14 75.29
N HIS G 122 5.35 59.39 75.27
CA HIS G 122 4.29 59.59 76.25
C HIS G 122 4.77 59.30 77.66
N LYS G 123 5.56 58.25 77.85
CA LYS G 123 6.04 57.85 79.16
C LYS G 123 7.40 58.45 79.48
N SER G 124 8.01 59.22 78.58
CA SER G 124 9.35 59.72 78.80
C SER G 124 9.35 60.85 79.82
N LYS G 125 10.53 61.17 80.31
CA LYS G 125 10.73 62.32 81.19
C LYS G 125 11.31 63.50 80.44
N LYS G 126 11.46 63.38 79.12
CA LYS G 126 11.97 64.46 78.26
C LYS G 126 13.33 64.95 78.74
N LYS G 127 14.17 64.02 79.19
CA LYS G 127 15.46 64.37 79.74
C LYS G 127 16.57 64.35 78.69
N ALA G 128 16.25 64.05 77.44
CA ALA G 128 17.28 63.94 76.41
C ALA G 128 17.92 65.29 76.17
N PHE G 129 19.25 65.30 76.13
CA PHE G 129 20.03 66.51 75.86
C PHE G 129 19.72 67.63 76.85
N THR G 130 19.63 67.29 78.12
CA THR G 130 19.47 68.31 79.15
C THR G 130 20.79 68.64 79.84
N LYS G 131 21.53 67.62 80.27
CA LYS G 131 22.80 67.87 80.93
C LYS G 131 23.90 68.22 79.93
N TYR G 132 23.60 68.22 78.64
CA TYR G 132 24.55 68.63 77.61
C TYR G 132 24.46 70.12 77.32
N CYS G 133 23.25 70.65 77.19
CA CYS G 133 23.10 72.05 76.85
C CYS G 133 23.61 72.98 77.95
N LYS G 134 23.81 72.47 79.16
CA LYS G 134 24.36 73.28 80.23
C LYS G 134 25.81 73.68 79.95
N LYS G 135 26.50 72.89 79.13
CA LYS G 135 27.86 73.24 78.75
C LYS G 135 27.90 74.38 77.76
N TRP G 136 26.78 74.68 77.13
CA TRP G 136 26.66 75.90 76.33
C TRP G 136 26.41 77.12 77.19
N GLN G 137 26.25 76.94 78.50
CA GLN G 137 26.00 78.05 79.40
C GLN G 137 27.10 78.27 80.42
N ASP G 138 27.84 77.25 80.80
CA ASP G 138 28.96 77.47 81.72
C ASP G 138 30.26 77.66 80.95
N GLU G 139 31.26 78.18 81.65
CA GLU G 139 32.53 78.52 81.00
C GLU G 139 33.40 77.29 80.75
N ASP G 140 33.26 76.23 81.55
CA ASP G 140 33.99 75.00 81.30
C ASP G 140 33.55 74.36 79.99
N GLY G 141 32.24 74.17 79.81
CA GLY G 141 31.74 73.57 78.61
C GLY G 141 31.94 74.44 77.38
N LYS G 142 31.95 75.76 77.56
CA LYS G 142 32.19 76.63 76.41
C LYS G 142 33.61 76.45 75.87
N LYS G 143 34.61 76.41 76.75
CA LYS G 143 35.96 76.14 76.28
C LYS G 143 36.08 74.72 75.75
N GLN G 144 35.33 73.78 76.32
CA GLN G 144 35.33 72.43 75.78
C GLN G 144 34.82 72.39 74.35
N LEU G 145 33.75 73.14 74.06
CA LEU G 145 33.21 73.18 72.71
C LEU G 145 34.10 73.95 71.75
N GLU G 146 34.75 75.01 72.20
CA GLU G 146 35.75 75.65 71.37
C GLU G 146 36.88 74.69 71.05
N LYS G 147 37.27 73.86 72.02
CA LYS G 147 38.31 72.87 71.80
C LYS G 147 37.86 71.82 70.79
N ASP G 148 36.61 71.37 70.89
CA ASP G 148 36.10 70.42 69.92
C ASP G 148 36.04 71.02 68.51
N PHE G 149 35.68 72.30 68.41
CA PHE G 149 35.69 72.94 67.10
C PHE G 149 37.10 73.07 66.56
N SER G 150 38.07 73.38 67.41
CA SER G 150 39.46 73.43 66.96
C SER G 150 39.93 72.07 66.48
N SER G 151 39.56 71.01 67.21
CA SER G 151 39.93 69.66 66.80
C SER G 151 39.29 69.31 65.46
N MET G 152 38.04 69.71 65.25
CA MET G 152 37.41 69.47 63.97
C MET G 152 38.11 70.24 62.85
N LYS G 153 38.51 71.49 63.10
CA LYS G 153 39.22 72.25 62.08
C LYS G 153 40.58 71.65 61.78
N LYS G 154 41.22 71.06 62.79
CA LYS G 154 42.58 70.55 62.59
C LYS G 154 42.58 69.20 61.91
N TYR G 155 41.83 68.23 62.44
CA TYR G 155 41.99 66.85 62.01
C TYR G 155 40.94 66.37 61.01
N CYS G 156 39.72 66.91 61.06
CA CYS G 156 38.67 66.39 60.21
C CYS G 156 38.85 66.84 58.76
N GLN G 157 38.38 66.02 57.84
CA GLN G 157 38.37 66.35 56.42
C GLN G 157 37.00 66.32 55.80
N VAL G 158 36.01 65.72 56.44
CA VAL G 158 34.64 65.70 55.96
C VAL G 158 33.76 66.28 57.06
N ILE G 159 32.91 67.22 56.70
CA ILE G 159 32.01 67.86 57.64
C ILE G 159 30.58 67.62 57.19
N ARG G 160 29.73 67.22 58.12
CA ARG G 160 28.31 67.05 57.84
C ARG G 160 27.53 67.75 58.94
N VAL G 161 26.37 68.28 58.58
CA VAL G 161 25.49 68.95 59.53
C VAL G 161 24.27 68.07 59.73
N ILE G 162 23.84 67.94 60.98
CA ILE G 162 22.62 67.22 61.31
C ILE G 162 21.47 68.19 61.18
N ALA G 163 20.48 67.84 60.37
CA ALA G 163 19.33 68.69 60.15
C ALA G 163 18.07 67.85 60.32
N HIS G 164 17.05 68.44 60.93
CA HIS G 164 15.79 67.76 61.16
C HIS G 164 14.65 68.54 60.52
N THR G 165 13.67 67.81 60.01
CA THR G 165 12.50 68.44 59.42
C THR G 165 11.55 68.94 60.51
N GLN G 166 10.62 69.79 60.12
CA GLN G 166 9.65 70.36 61.05
C GLN G 166 8.30 69.70 60.81
N MET G 167 7.95 68.72 61.65
CA MET G 167 6.70 67.99 61.48
C MET G 167 5.50 68.75 62.01
N ARG G 168 5.71 69.86 62.72
CA ARG G 168 4.60 70.69 63.15
C ARG G 168 3.91 71.35 61.97
N LEU G 169 4.56 71.39 60.80
CA LEU G 169 4.02 72.06 59.63
C LEU G 169 3.44 71.10 58.61
N LEU G 170 3.59 69.85 58.80
CA LEU G 170 3.04 68.98 57.78
C LEU G 170 1.71 68.38 58.23
N PRO G 171 0.80 68.08 57.31
CA PRO G 171 -0.51 67.54 57.70
C PRO G 171 -0.48 66.08 58.13
N LEU G 172 0.69 65.48 58.29
CA LEU G 172 0.75 64.07 58.61
C LEU G 172 0.42 63.85 60.08
N ARG G 173 0.15 62.59 60.41
CA ARG G 173 -0.03 62.25 61.82
C ARG G 173 1.26 62.42 62.61
N GLN G 174 2.39 62.13 62.00
CA GLN G 174 3.66 62.11 62.72
C GLN G 174 4.05 63.49 63.21
N LYS G 175 4.52 63.55 64.45
CA LYS G 175 5.18 64.73 65.01
C LYS G 175 6.65 64.50 65.24
N LYS G 176 7.13 63.28 65.07
CA LYS G 176 8.52 62.93 65.29
C LYS G 176 9.34 63.35 64.08
N ALA G 177 10.28 64.27 64.29
CA ALA G 177 11.05 64.81 63.18
C ALA G 177 12.01 63.77 62.64
N HIS G 178 12.41 63.96 61.39
CA HIS G 178 13.41 63.13 60.75
C HIS G 178 14.73 63.88 60.72
N LEU G 179 15.80 63.21 61.14
CA LEU G 179 17.14 63.78 61.23
C LEU G 179 18.03 63.13 60.18
N MET G 180 18.89 63.92 59.56
CA MET G 180 19.84 63.34 58.63
C MET G 180 21.09 64.20 58.56
N GLU G 181 22.19 63.56 58.17
CA GLU G 181 23.47 64.24 57.99
C GLU G 181 23.62 64.67 56.55
N ILE G 182 23.90 65.94 56.34
CA ILE G 182 24.09 66.50 55.02
C ILE G 182 25.52 67.00 54.92
N GLN G 183 26.27 66.49 53.95
CA GLN G 183 27.66 66.87 53.81
C GLN G 183 27.76 68.32 53.37
N VAL G 184 28.78 69.00 53.86
CA VAL G 184 29.01 70.41 53.56
C VAL G 184 30.10 70.45 52.50
N ASN G 185 29.74 70.78 51.27
CA ASN G 185 30.67 70.73 50.16
C ASN G 185 31.13 72.12 49.75
N GLY G 186 32.41 72.21 49.40
CA GLY G 186 32.99 73.45 48.94
C GLY G 186 33.81 74.17 49.98
N GLY G 187 34.90 74.80 49.56
CA GLY G 187 35.73 75.56 50.47
C GLY G 187 36.56 74.68 51.38
N THR G 188 37.39 75.36 52.19
CA THR G 188 38.28 74.65 53.08
C THR G 188 37.51 74.04 54.25
N VAL G 189 38.18 73.16 54.99
CA VAL G 189 37.55 72.52 56.15
C VAL G 189 37.17 73.56 57.18
N ALA G 190 38.08 74.50 57.46
CA ALA G 190 37.77 75.57 58.39
C ALA G 190 36.62 76.42 57.88
N GLU G 191 36.59 76.68 56.57
CA GLU G 191 35.51 77.49 56.01
C GLU G 191 34.16 76.83 56.21
N LYS G 192 34.07 75.54 55.89
CA LYS G 192 32.79 74.87 56.07
C LYS G 192 32.43 74.73 57.54
N LEU G 193 33.41 74.59 58.43
CA LEU G 193 33.08 74.57 59.84
C LEU G 193 32.54 75.92 60.31
N ASP G 194 33.13 77.01 59.84
CA ASP G 194 32.60 78.33 60.18
C ASP G 194 31.18 78.49 59.67
N TRP G 195 30.93 78.02 58.45
CA TRP G 195 29.59 78.10 57.87
C TRP G 195 28.58 77.32 58.71
N ALA G 196 28.94 76.10 59.12
CA ALA G 196 28.03 75.32 59.95
C ALA G 196 27.80 75.98 61.30
N ARG G 197 28.85 76.56 61.89
CA ARG G 197 28.67 77.29 63.14
C ARG G 197 27.71 78.45 62.96
N GLU G 198 27.79 79.13 61.81
CA GLU G 198 26.83 80.19 61.52
C GLU G 198 25.42 79.66 61.49
N ARG G 199 25.21 78.54 60.81
CA ARG G 199 23.86 78.03 60.58
C ARG G 199 23.37 77.09 61.67
N LEU G 200 24.11 76.95 62.77
CA LEU G 200 23.57 76.23 63.92
C LEU G 200 22.32 76.93 64.42
N GLU G 201 21.34 76.14 64.83
CA GLU G 201 20.03 76.59 65.30
C GLU G 201 19.25 77.38 64.26
N GLN G 202 19.56 77.20 62.97
CA GLN G 202 18.96 78.02 61.93
C GLN G 202 18.07 77.20 61.02
N GLN G 203 17.24 77.91 60.25
CA GLN G 203 16.35 77.31 59.27
C GLN G 203 16.96 77.41 57.88
N VAL G 204 17.00 76.29 57.18
CA VAL G 204 17.54 76.22 55.83
C VAL G 204 16.39 75.99 54.86
N PRO G 205 16.06 76.97 54.02
CA PRO G 205 15.10 76.72 52.95
C PRO G 205 15.73 75.94 51.82
N VAL G 206 14.88 75.26 51.05
CA VAL G 206 15.36 74.46 49.93
C VAL G 206 15.84 75.31 48.77
N ASN G 207 15.52 76.60 48.76
CA ASN G 207 15.95 77.48 47.68
C ASN G 207 17.47 77.56 47.62
N GLN G 208 18.11 77.68 48.77
CA GLN G 208 19.56 77.80 48.82
C GLN G 208 20.27 76.46 48.89
N VAL G 209 19.52 75.36 48.86
CA VAL G 209 20.11 74.04 48.75
C VAL G 209 20.09 73.54 47.32
N PHE G 210 18.98 73.76 46.61
CA PHE G 210 18.83 73.23 45.26
C PHE G 210 18.69 74.38 44.26
N GLY G 211 18.35 74.02 43.03
CA GLY G 211 18.20 75.02 41.99
C GLY G 211 17.07 74.66 41.04
N GLN G 212 16.53 75.69 40.41
CA GLN G 212 15.54 75.51 39.37
C GLN G 212 16.16 74.77 38.20
N ASP G 213 15.33 74.04 37.47
CA ASP G 213 15.64 73.21 36.29
C ASP G 213 17.06 72.64 36.30
N GLU G 214 17.34 71.92 37.38
CA GLU G 214 18.57 71.15 37.53
C GLU G 214 18.22 69.71 37.87
N MET G 215 19.17 68.82 37.60
CA MET G 215 18.97 67.40 37.86
C MET G 215 19.41 67.06 39.27
N ILE G 216 18.58 66.30 39.98
CA ILE G 216 18.88 65.82 41.32
C ILE G 216 18.61 64.32 41.34
N ASP G 217 18.84 63.71 42.49
CA ASP G 217 18.62 62.29 42.69
C ASP G 217 17.71 62.10 43.88
N VAL G 218 16.64 61.32 43.70
CA VAL G 218 15.71 61.01 44.77
C VAL G 218 16.07 59.66 45.35
N ILE G 219 16.22 59.59 46.67
CA ILE G 219 16.56 58.36 47.36
C ILE G 219 15.45 58.08 48.35
N GLY G 220 14.87 56.89 48.28
CA GLY G 220 13.80 56.57 49.20
C GLY G 220 13.38 55.13 49.05
N VAL G 221 12.55 54.71 49.97
CA VAL G 221 12.05 53.33 50.00
C VAL G 221 10.74 53.27 49.23
N THR G 222 10.55 52.18 48.50
CA THR G 222 9.41 52.03 47.62
C THR G 222 8.19 51.56 48.41
N LYS G 223 7.04 51.50 47.73
CA LYS G 223 5.85 50.96 48.34
C LYS G 223 6.01 49.48 48.60
N GLY G 224 5.57 49.06 49.78
CA GLY G 224 5.59 47.64 50.08
C GLY G 224 4.46 46.91 49.37
N LYS G 225 4.71 45.65 49.06
CA LYS G 225 3.70 44.81 48.45
C LYS G 225 3.48 43.51 49.20
N GLY G 226 4.16 43.29 50.31
CA GLY G 226 3.99 42.08 51.06
C GLY G 226 4.66 40.89 50.39
N TYR G 227 4.31 39.71 50.88
CA TYR G 227 4.81 38.48 50.29
C TYR G 227 4.26 38.33 48.88
N LYS G 228 5.12 37.92 47.96
CA LYS G 228 4.72 37.80 46.56
C LYS G 228 5.37 36.59 45.94
N GLY G 229 4.70 36.03 44.94
CA GLY G 229 5.21 34.88 44.24
C GLY G 229 6.25 35.27 43.23
N VAL G 230 6.75 34.27 42.51
CA VAL G 230 7.76 34.53 41.48
C VAL G 230 7.17 35.34 40.34
N THR G 231 5.90 35.13 40.02
CA THR G 231 5.30 35.82 38.89
C THR G 231 5.22 37.32 39.13
N SER G 232 4.87 37.73 40.33
CA SER G 232 4.80 39.15 40.62
C SER G 232 6.14 39.72 41.07
N ARG G 233 6.97 38.91 41.70
CA ARG G 233 8.24 39.39 42.24
C ARG G 233 9.35 39.43 41.20
N TRP G 234 9.21 38.70 40.09
CA TRP G 234 10.25 38.63 39.08
C TRP G 234 9.74 38.68 37.67
N HIS G 235 8.42 38.77 37.46
CA HIS G 235 7.81 38.88 36.13
C HIS G 235 8.21 37.72 35.24
N THR G 236 8.18 36.52 35.78
CA THR G 236 8.43 35.34 34.97
C THR G 236 7.18 34.94 34.20
N LYS G 237 7.37 34.11 33.20
CA LYS G 237 6.26 33.62 32.39
C LYS G 237 5.33 32.78 33.25
N LYS G 238 4.03 32.88 32.97
CA LYS G 238 3.05 32.03 33.65
C LYS G 238 2.97 30.68 32.96
N LEU G 239 2.86 29.63 33.77
CA LEU G 239 2.74 28.29 33.23
C LEU G 239 1.36 28.11 32.58
N PRO G 240 1.20 27.09 31.73
CA PRO G 240 -0.07 26.91 31.02
C PRO G 240 -1.24 26.67 31.97
N ARG G 241 -2.43 26.70 31.37
CA ARG G 241 -3.65 26.43 32.12
C ARG G 241 -3.69 24.99 32.61
N LYS G 242 -3.12 24.07 31.86
CA LYS G 242 -3.17 22.65 32.17
C LYS G 242 -2.25 22.26 33.31
N THR G 243 -1.47 23.18 33.85
CA THR G 243 -0.39 22.82 34.75
C THR G 243 -0.94 22.35 36.08
N HIS G 244 -0.48 21.19 36.54
CA HIS G 244 -0.91 20.64 37.81
C HIS G 244 -0.28 21.42 38.97
N ARG G 245 -1.00 21.45 40.09
CA ARG G 245 -0.53 21.96 41.38
C ARG G 245 0.07 23.35 41.28
N GLY G 246 -0.47 24.17 40.39
CA GLY G 246 -0.10 25.58 40.34
C GLY G 246 0.44 25.95 38.99
N LEU G 247 0.38 27.25 38.68
CA LEU G 247 0.91 27.76 37.44
C LEU G 247 1.70 29.05 37.61
N ARG G 248 1.60 29.72 38.75
CA ARG G 248 2.37 30.93 38.99
C ARG G 248 3.69 30.63 39.68
N LYS G 249 4.46 29.73 39.08
CA LYS G 249 5.68 29.22 39.66
C LYS G 249 6.78 29.25 38.62
N VAL G 250 8.01 29.04 39.07
CA VAL G 250 9.12 28.72 38.18
C VAL G 250 9.20 27.20 38.08
N ALA G 251 9.11 26.70 36.86
CA ALA G 251 9.02 25.25 36.67
C ALA G 251 10.28 24.54 37.14
N CYS G 252 11.44 24.97 36.68
CA CYS G 252 12.71 24.34 37.04
C CYS G 252 13.57 25.35 37.77
N ILE G 253 14.02 24.98 38.97
CA ILE G 253 14.82 25.88 39.78
C ILE G 253 16.29 25.49 39.79
N GLY G 254 16.70 24.61 38.90
CA GLY G 254 18.10 24.24 38.79
C GLY G 254 18.24 22.85 38.21
N ALA G 255 19.45 22.57 37.72
CA ALA G 255 19.76 21.25 37.18
C ALA G 255 20.06 20.28 38.31
N TRP G 256 20.34 19.03 37.93
CA TRP G 256 20.73 18.04 38.92
C TRP G 256 22.05 18.43 39.58
N HIS G 257 22.98 18.96 38.81
CA HIS G 257 24.19 19.50 39.40
C HIS G 257 24.28 20.98 39.07
N PRO G 258 24.71 21.81 40.01
CA PRO G 258 25.43 21.53 41.26
C PRO G 258 24.62 21.07 42.46
N ALA G 259 23.47 20.42 42.31
CA ALA G 259 22.73 19.82 43.43
C ALA G 259 22.34 20.86 44.47
N ARG G 260 22.13 22.09 44.03
CA ARG G 260 21.75 23.18 44.91
C ARG G 260 20.89 24.15 44.13
N VAL G 261 20.19 25.00 44.85
CA VAL G 261 19.46 26.11 44.24
C VAL G 261 20.34 27.33 44.33
N ALA G 262 20.67 27.91 43.18
CA ALA G 262 21.57 29.05 43.16
C ALA G 262 20.85 30.32 43.60
N PHE G 263 21.64 31.30 44.03
CA PHE G 263 21.08 32.60 44.40
C PHE G 263 20.53 33.36 43.21
N SER G 264 20.85 32.93 42.00
CA SER G 264 20.37 33.58 40.78
C SER G 264 19.03 33.05 40.31
N VAL G 265 18.42 32.13 41.05
CA VAL G 265 17.10 31.63 40.69
C VAL G 265 16.05 32.57 41.25
N ALA G 266 15.04 32.88 40.45
CA ALA G 266 13.94 33.70 40.91
C ALA G 266 13.06 32.90 41.86
N ARG G 267 12.84 33.42 43.07
CA ARG G 267 12.07 32.69 44.07
C ARG G 267 11.20 33.64 44.87
N ALA G 268 10.10 33.11 45.39
CA ALA G 268 9.08 33.92 46.01
C ALA G 268 9.54 34.47 47.34
N GLY G 269 9.17 35.72 47.60
CA GLY G 269 9.56 36.36 48.84
C GLY G 269 8.97 37.75 48.92
N GLN G 270 9.63 38.61 49.68
CA GLN G 270 9.11 39.95 49.91
C GLN G 270 9.32 40.81 48.67
N LYS G 271 8.26 41.47 48.24
CA LYS G 271 8.31 42.38 47.09
C LYS G 271 7.96 43.78 47.53
N GLY G 272 8.69 44.75 47.02
CA GLY G 272 8.46 46.13 47.40
C GLY G 272 9.11 46.45 48.71
N TYR G 273 8.97 47.72 49.09
CA TYR G 273 9.61 48.27 50.28
C TYR G 273 11.13 48.12 50.23
N HIS G 274 11.69 48.21 49.03
CA HIS G 274 13.13 48.17 48.85
C HIS G 274 13.68 49.58 48.86
N HIS G 275 14.98 49.68 49.10
CA HIS G 275 15.68 50.96 49.09
C HIS G 275 16.16 51.26 47.68
N ARG G 276 15.86 52.45 47.17
CA ARG G 276 16.13 52.77 45.78
C ARG G 276 16.71 54.16 45.66
N THR G 277 17.42 54.39 44.55
CA THR G 277 18.06 55.66 44.23
C THR G 277 17.77 56.00 42.78
N GLU G 278 16.74 56.82 42.55
CA GLU G 278 16.42 57.33 41.24
C GLU G 278 17.32 58.52 40.93
N ILE G 279 17.98 58.50 39.79
CA ILE G 279 18.90 59.57 39.44
C ILE G 279 18.37 60.32 38.23
N ASN G 280 18.90 61.52 38.04
CA ASN G 280 18.53 62.40 36.92
C ASN G 280 17.03 62.70 36.92
N LYS G 281 16.54 63.22 38.04
CA LYS G 281 15.18 63.73 38.14
C LYS G 281 15.25 65.25 38.12
N LYS G 282 14.55 65.87 37.18
CA LYS G 282 14.66 67.31 36.96
C LYS G 282 13.71 68.08 37.86
N ILE G 283 14.19 69.21 38.37
CA ILE G 283 13.37 70.09 39.20
C ILE G 283 12.66 71.07 38.28
N TYR G 284 11.37 70.84 38.03
CA TYR G 284 10.63 71.72 37.15
C TYR G 284 10.28 73.06 37.77
N LYS G 285 10.06 73.11 39.07
CA LYS G 285 9.61 74.35 39.70
C LYS G 285 9.84 74.26 41.21
N ILE G 286 10.27 75.36 41.80
CA ILE G 286 10.35 75.50 43.25
C ILE G 286 9.21 76.43 43.66
N GLY G 287 8.26 75.87 44.41
CA GLY G 287 7.08 76.61 44.81
C GLY G 287 7.31 77.47 46.05
N GLN G 288 6.61 78.59 46.09
CA GLN G 288 6.88 79.62 47.09
C GLN G 288 6.39 79.24 48.48
N GLY G 289 5.38 78.39 48.57
CA GLY G 289 4.78 78.07 49.85
C GLY G 289 3.83 79.17 50.29
N TYR G 290 3.15 78.90 51.40
CA TYR G 290 2.14 79.83 51.89
C TYR G 290 2.80 80.99 52.59
N LEU G 291 2.25 82.19 52.39
CA LEU G 291 2.76 83.40 53.01
C LEU G 291 1.58 84.24 53.49
N ILE G 292 1.88 85.15 54.42
CA ILE G 292 0.90 86.08 54.94
C ILE G 292 1.46 87.47 54.76
N LYS G 293 0.79 88.29 53.95
CA LYS G 293 1.06 89.72 53.85
C LYS G 293 -0.29 90.38 53.56
N ASP G 294 -0.91 90.91 54.61
CA ASP G 294 -2.22 91.56 54.50
C ASP G 294 -3.28 90.61 53.95
N GLY G 295 -3.09 89.32 54.14
CA GLY G 295 -3.95 88.31 53.55
C GLY G 295 -3.13 87.16 53.00
N LYS G 296 -3.78 86.02 52.84
CA LYS G 296 -3.11 84.79 52.46
C LYS G 296 -2.71 84.82 50.99
N LEU G 297 -1.49 84.37 50.70
CA LEU G 297 -1.00 84.27 49.33
C LEU G 297 -1.03 82.81 48.91
N ILE G 298 -1.82 82.50 47.87
CA ILE G 298 -1.94 81.15 47.37
C ILE G 298 -1.78 81.06 45.86
N LYS G 299 -1.60 82.18 45.15
CA LYS G 299 -1.41 82.08 43.71
C LYS G 299 0.02 81.70 43.33
N ASN G 300 0.98 81.94 44.22
CA ASN G 300 2.37 81.67 43.91
C ASN G 300 2.61 80.21 43.60
N ASN G 301 1.82 79.32 44.20
CA ASN G 301 2.11 77.90 44.10
C ASN G 301 1.67 77.30 42.77
N ALA G 302 0.62 77.81 42.15
CA ALA G 302 0.20 77.23 40.90
C ALA G 302 -0.18 78.29 39.88
N SER G 303 0.46 79.45 39.93
CA SER G 303 0.23 80.51 38.96
C SER G 303 1.47 80.61 38.08
N THR G 304 1.38 80.09 36.86
CA THR G 304 2.49 80.15 35.93
C THR G 304 2.62 81.56 35.38
N ASP G 305 3.61 81.75 34.51
CA ASP G 305 3.80 83.04 33.87
C ASP G 305 2.75 83.34 32.82
N TYR G 306 1.92 82.37 32.47
CA TYR G 306 0.87 82.56 31.48
C TYR G 306 -0.53 82.31 32.02
N ASP G 307 -0.70 81.44 33.01
CA ASP G 307 -2.02 81.16 33.55
C ASP G 307 -2.56 82.36 34.32
N LEU G 308 -1.73 82.96 35.18
CA LEU G 308 -2.06 84.17 35.92
C LEU G 308 -3.34 83.99 36.75
N SER G 309 -3.47 82.84 37.39
CA SER G 309 -4.62 82.52 38.20
C SER G 309 -4.26 82.60 39.68
N ASP G 310 -5.28 82.68 40.52
CA ASP G 310 -5.10 82.66 41.97
C ASP G 310 -5.45 81.26 42.48
N LYS G 311 -4.54 80.32 42.23
CA LYS G 311 -4.75 78.95 42.69
C LYS G 311 -3.42 78.40 43.20
N SER G 312 -3.53 77.48 44.15
CA SER G 312 -2.38 76.86 44.78
C SER G 312 -2.16 75.47 44.21
N ILE G 313 -1.03 74.86 44.60
CA ILE G 313 -0.67 73.55 44.07
C ILE G 313 -1.67 72.49 44.49
N ASN G 314 -2.47 72.77 45.50
CA ASN G 314 -3.42 71.79 45.98
C ASN G 314 -4.48 71.51 44.93
N PRO G 315 -4.80 70.26 44.67
CA PRO G 315 -5.89 69.96 43.75
C PRO G 315 -7.23 70.33 44.35
N LEU G 316 -8.30 70.16 43.59
CA LEU G 316 -9.63 70.40 44.10
C LEU G 316 -9.94 69.35 45.17
N GLY G 317 -10.27 69.81 46.37
CA GLY G 317 -10.57 68.91 47.46
C GLY G 317 -9.38 68.39 48.22
N GLY G 318 -8.17 68.75 47.83
CA GLY G 318 -6.99 68.36 48.55
C GLY G 318 -6.36 67.09 47.98
N PHE G 319 -5.08 66.91 48.30
CA PHE G 319 -4.34 65.75 47.81
C PHE G 319 -4.92 64.46 48.37
N VAL G 320 -5.00 63.45 47.52
CA VAL G 320 -5.50 62.15 47.94
C VAL G 320 -4.47 61.49 48.84
N HIS G 321 -4.90 61.05 50.01
CA HIS G 321 -4.08 60.30 50.97
C HIS G 321 -2.91 61.09 51.50
N TYR G 322 -2.80 62.38 51.20
CA TYR G 322 -1.74 63.20 51.78
C TYR G 322 -2.30 64.31 52.66
N GLY G 323 -3.10 65.21 52.11
CA GLY G 323 -3.51 66.38 52.85
C GLY G 323 -3.33 67.64 52.04
N GLU G 324 -3.02 68.74 52.71
CA GLU G 324 -2.77 70.02 52.06
C GLU G 324 -1.28 70.29 52.01
N VAL G 325 -0.86 71.00 50.97
CA VAL G 325 0.52 71.44 50.84
C VAL G 325 0.56 72.91 51.19
N THR G 326 1.11 73.21 52.36
CA THR G 326 1.24 74.57 52.85
C THR G 326 2.64 75.13 52.68
N ASN G 327 3.65 74.30 52.89
CA ASN G 327 5.03 74.75 52.92
C ASN G 327 5.53 74.94 51.49
N ASP G 328 6.84 75.10 51.34
CA ASP G 328 7.45 75.11 50.04
C ASP G 328 7.33 73.73 49.41
N PHE G 329 7.42 73.67 48.08
CA PHE G 329 7.36 72.38 47.42
C PHE G 329 8.30 72.36 46.24
N VAL G 330 8.60 71.16 45.77
CA VAL G 330 9.46 70.95 44.62
C VAL G 330 8.72 70.03 43.65
N MET G 331 8.62 70.45 42.40
CA MET G 331 7.99 69.67 41.35
C MET G 331 9.06 68.93 40.57
N LEU G 332 8.90 67.63 40.43
CA LEU G 332 9.91 66.80 39.78
C LEU G 332 9.31 66.08 38.59
N LYS G 333 10.08 66.00 37.51
CA LYS G 333 9.63 65.25 36.35
C LYS G 333 9.43 63.79 36.70
N GLY G 334 8.30 63.24 36.30
CA GLY G 334 8.06 61.83 36.44
C GLY G 334 7.81 61.43 37.89
N CYS G 335 7.70 60.12 38.08
CA CYS G 335 7.36 59.54 39.37
C CYS G 335 8.59 59.28 40.20
N VAL G 336 8.42 59.37 41.53
CA VAL G 336 9.47 59.04 42.49
C VAL G 336 8.98 57.87 43.32
N VAL G 337 9.93 57.22 44.01
CA VAL G 337 9.59 56.01 44.75
C VAL G 337 8.82 56.37 46.03
N GLY G 338 8.08 55.40 46.52
CA GLY G 338 7.40 55.50 47.80
C GLY G 338 5.92 55.78 47.66
N THR G 339 5.20 55.56 48.75
CA THR G 339 3.80 55.93 48.82
C THR G 339 3.67 57.44 49.03
N LYS G 340 2.43 57.91 49.16
CA LYS G 340 2.23 59.28 49.58
C LYS G 340 2.73 59.43 51.01
N LYS G 341 2.96 60.69 51.39
CA LYS G 341 3.54 61.09 52.67
C LYS G 341 4.69 60.19 53.10
N ARG G 342 5.55 59.85 52.15
CA ARG G 342 6.78 59.11 52.40
C ARG G 342 7.94 60.07 52.31
N VAL G 343 8.87 59.98 53.26
CA VAL G 343 10.01 60.90 53.28
C VAL G 343 11.05 60.47 52.27
N LEU G 344 11.53 61.42 51.48
CA LEU G 344 12.48 61.17 50.41
C LEU G 344 13.68 62.10 50.59
N THR G 345 14.86 61.60 50.27
CA THR G 345 16.08 62.36 50.39
C THR G 345 16.50 62.83 49.00
N LEU G 346 16.58 64.14 48.83
CA LEU G 346 16.97 64.74 47.56
C LEU G 346 18.44 65.09 47.62
N ARG G 347 19.22 64.56 46.68
CA ARG G 347 20.67 64.70 46.68
C ARG G 347 21.10 65.39 45.40
N LYS G 348 22.12 66.24 45.49
CA LYS G 348 22.72 66.79 44.29
C LYS G 348 23.36 65.68 43.48
N SER G 349 23.26 65.77 42.16
CA SER G 349 23.74 64.69 41.32
C SER G 349 25.25 64.53 41.46
N LEU G 350 25.71 63.29 41.32
CA LEU G 350 27.12 63.00 41.40
C LEU G 350 27.86 63.19 40.08
N LEU G 351 27.14 63.43 38.99
CA LEU G 351 27.73 63.51 37.67
C LEU G 351 27.81 64.96 37.20
N VAL G 352 28.40 65.13 36.03
CA VAL G 352 28.53 66.44 35.40
C VAL G 352 27.44 66.53 34.34
N GLN G 353 26.37 67.23 34.65
CA GLN G 353 25.27 67.38 33.70
C GLN G 353 25.73 68.19 32.51
N THR G 354 25.72 67.58 31.33
CA THR G 354 26.19 68.24 30.12
C THR G 354 25.25 68.10 28.94
N LYS G 355 24.29 67.19 28.98
CA LYS G 355 23.45 66.96 27.81
C LYS G 355 22.34 68.00 27.72
N ARG G 356 21.67 67.99 26.56
CA ARG G 356 20.64 68.98 26.29
C ARG G 356 19.48 68.87 27.26
N ARG G 357 19.03 67.65 27.56
CA ARG G 357 17.92 67.48 28.50
C ARG G 357 18.29 67.99 29.89
N ALA G 358 19.50 67.68 30.35
CA ALA G 358 19.92 68.10 31.67
C ALA G 358 20.10 69.61 31.74
N LEU G 359 20.54 70.24 30.65
CA LEU G 359 20.77 71.66 30.65
C LEU G 359 19.58 72.46 30.15
N GLU G 360 18.47 71.81 29.86
CA GLU G 360 17.35 72.48 29.20
C GLU G 360 16.62 73.41 30.17
N LYS G 361 16.38 74.63 29.73
CA LYS G 361 15.54 75.55 30.50
C LYS G 361 14.10 75.09 30.45
N ILE G 362 13.43 75.11 31.59
CA ILE G 362 12.04 74.69 31.70
C ILE G 362 11.21 75.90 32.09
N ASP G 363 10.13 76.15 31.35
CA ASP G 363 9.22 77.26 31.63
C ASP G 363 7.80 76.74 31.51
N LEU G 364 7.10 76.66 32.64
CA LEU G 364 5.78 76.02 32.66
C LEU G 364 4.71 76.97 32.13
N LYS G 365 3.76 76.40 31.40
CA LYS G 365 2.63 77.18 30.91
C LYS G 365 1.35 76.92 31.67
N PHE G 366 1.24 75.78 32.35
CA PHE G 366 -0.01 75.43 33.01
C PHE G 366 0.25 74.29 33.97
N ILE G 367 -0.32 74.38 35.17
CA ILE G 367 -0.18 73.36 36.20
C ILE G 367 -1.57 72.85 36.54
N ASP G 368 -1.81 71.57 36.27
CA ASP G 368 -3.14 71.02 36.48
C ASP G 368 -3.44 70.89 37.97
N THR G 369 -4.66 71.28 38.35
CA THR G 369 -5.09 71.17 39.75
C THR G 369 -6.51 70.64 39.85
N THR G 370 -6.94 69.82 38.90
CA THR G 370 -8.24 69.19 39.02
C THR G 370 -8.18 68.12 40.11
N SER G 371 -9.36 67.71 40.58
CA SER G 371 -9.43 66.79 41.68
C SER G 371 -8.84 65.43 41.31
N LYS G 372 -7.95 64.93 42.15
CA LYS G 372 -7.38 63.60 41.95
C LYS G 372 -8.21 62.52 42.60
N PHE G 373 -9.22 62.89 43.38
CA PHE G 373 -10.14 61.95 44.00
C PHE G 373 -11.29 61.63 43.07
N GLY G 374 -10.96 61.24 41.85
CA GLY G 374 -11.92 60.98 40.81
C GLY G 374 -11.54 61.72 39.56
N HIS G 375 -12.39 61.62 38.54
CA HIS G 375 -12.16 62.33 37.29
C HIS G 375 -12.68 63.74 37.44
N GLY G 376 -11.86 64.59 38.05
CA GLY G 376 -12.22 65.98 38.19
C GLY G 376 -12.27 66.69 36.85
N ARG G 377 -13.03 67.77 36.80
CA ARG G 377 -13.18 68.51 35.56
C ARG G 377 -13.10 70.02 35.78
N PHE G 378 -12.65 70.49 36.93
CA PHE G 378 -12.56 71.90 37.21
C PHE G 378 -11.22 72.22 37.85
N GLN G 379 -10.57 73.26 37.37
CA GLN G 379 -9.27 73.64 37.92
C GLN G 379 -9.43 74.31 39.27
N THR G 380 -10.46 75.13 39.44
CA THR G 380 -10.60 75.96 40.63
C THR G 380 -12.03 75.92 41.14
N MET G 381 -12.16 76.23 42.43
CA MET G 381 -13.47 76.39 43.05
C MET G 381 -14.27 77.47 42.33
N GLU G 382 -13.62 78.57 41.97
CA GLU G 382 -14.29 79.66 41.29
C GLU G 382 -14.78 79.24 39.91
N GLU G 383 -13.96 78.48 39.18
CA GLU G 383 -14.39 77.97 37.90
C GLU G 383 -15.61 77.06 38.04
N LYS G 384 -15.58 76.17 39.04
CA LYS G 384 -16.73 75.29 39.27
C LYS G 384 -17.98 76.08 39.61
N LYS G 385 -17.84 77.11 40.44
CA LYS G 385 -19.00 77.93 40.80
C LYS G 385 -19.56 78.65 39.58
N ALA G 386 -18.68 79.26 38.78
CA ALA G 386 -19.13 79.96 37.59
C ALA G 386 -19.74 79.02 36.58
N PHE G 387 -19.38 77.74 36.61
CA PHE G 387 -20.00 76.79 35.70
C PHE G 387 -21.35 76.32 36.20
N MET G 388 -21.44 75.88 37.45
CA MET G 388 -22.67 75.28 37.94
C MET G 388 -23.75 76.33 38.18
N GLY G 389 -23.37 77.46 38.76
CA GLY G 389 -24.35 78.42 39.20
C GLY G 389 -24.85 78.05 40.57
N PRO G 390 -25.87 78.75 41.05
CA PRO G 390 -26.43 78.42 42.37
C PRO G 390 -27.08 77.04 42.39
N LEU G 391 -26.97 76.39 43.53
CA LEU G 391 -27.44 75.02 43.73
C LEU G 391 -28.48 75.02 44.86
N LYS G 392 -28.89 73.82 45.28
CA LYS G 392 -29.91 73.72 46.31
C LYS G 392 -29.35 74.04 47.69
N LYS G 393 -28.15 73.55 48.00
CA LYS G 393 -27.53 73.94 49.26
C LYS G 393 -27.23 75.43 49.27
N ASP G 394 -26.80 75.99 48.14
CA ASP G 394 -26.66 77.43 48.02
C ASP G 394 -27.98 78.13 48.30
N ARG G 395 -29.07 77.63 47.71
CA ARG G 395 -30.36 78.28 47.82
C ARG G 395 -30.88 78.27 49.25
N ILE G 396 -30.86 77.10 49.89
CA ILE G 396 -31.37 77.00 51.26
C ILE G 396 -30.46 77.74 52.23
N ALA G 397 -29.14 77.72 52.00
CA ALA G 397 -28.24 78.48 52.85
C ALA G 397 -28.48 79.97 52.71
N LYS G 398 -28.70 80.45 51.48
CA LYS G 398 -29.03 81.86 51.27
C LYS G 398 -30.32 82.23 51.95
N GLU G 399 -31.34 81.36 51.84
CA GLU G 399 -32.63 81.65 52.46
C GLU G 399 -32.54 81.69 53.98
N GLU G 400 -31.80 80.74 54.58
CA GLU G 400 -31.72 80.70 56.04
C GLU G 400 -30.82 81.81 56.58
N GLY G 401 -29.67 82.04 55.97
CA GLY G 401 -28.74 83.05 56.44
C GLY G 401 -28.97 84.44 55.90
N ALA G 402 -30.04 84.63 55.12
CA ALA G 402 -30.41 85.93 54.55
C ALA G 402 -29.29 86.54 53.71
N MET H 1 50.55 -56.81 98.55
CA MET H 1 49.46 -56.22 99.32
C MET H 1 48.12 -56.77 98.88
N ALA H 2 48.03 -57.18 97.60
CA ALA H 2 46.79 -57.73 97.08
C ALA H 2 46.59 -59.18 97.52
N CYS H 3 47.67 -59.97 97.55
CA CYS H 3 47.53 -61.39 97.83
C CYS H 3 47.21 -61.65 99.29
N ALA H 4 47.68 -60.81 100.20
CA ALA H 4 47.40 -60.99 101.62
C ALA H 4 45.94 -60.69 101.92
N ARG H 5 45.39 -61.36 102.94
CA ARG H 5 44.01 -61.19 103.34
C ARG H 5 43.92 -61.13 104.85
N PRO H 6 43.59 -59.97 105.43
CA PRO H 6 43.57 -59.84 106.89
C PRO H 6 42.45 -60.61 107.54
N LEU H 7 42.29 -60.43 108.85
CA LEU H 7 41.28 -61.12 109.64
C LEU H 7 40.34 -60.08 110.23
N ILE H 8 39.22 -59.83 109.53
CA ILE H 8 38.24 -58.88 110.03
C ILE H 8 37.51 -59.52 111.21
N SER H 9 37.12 -58.69 112.16
CA SER H 9 36.34 -59.18 113.29
C SER H 9 34.88 -58.78 113.14
N VAL H 10 34.02 -59.49 113.86
CA VAL H 10 32.58 -59.27 113.84
C VAL H 10 32.17 -58.71 115.18
N TYR H 11 31.48 -57.59 115.17
CA TYR H 11 31.11 -56.88 116.38
C TYR H 11 29.71 -57.28 116.82
N SER H 12 29.49 -57.22 118.13
CA SER H 12 28.17 -57.47 118.65
C SER H 12 27.27 -56.28 118.36
N GLU H 13 25.98 -56.47 118.64
CA GLU H 13 25.05 -55.34 118.55
C GLU H 13 25.37 -54.27 119.59
N LYS H 14 26.14 -54.61 120.63
CA LYS H 14 26.54 -53.66 121.65
C LYS H 14 27.74 -52.83 121.24
N GLY H 15 28.35 -53.13 120.10
CA GLY H 15 29.43 -52.33 119.57
C GLY H 15 30.83 -52.83 119.88
N GLU H 16 30.99 -53.78 120.79
CA GLU H 16 32.31 -54.29 121.07
C GLU H 16 32.59 -55.55 120.28
N SER H 17 33.86 -55.93 120.22
CA SER H 17 34.28 -57.08 119.43
C SER H 17 33.73 -58.36 120.04
N SER H 18 33.12 -59.19 119.20
CA SER H 18 32.49 -60.42 119.68
C SER H 18 33.41 -61.62 119.65
N GLY H 19 34.66 -61.45 119.23
CA GLY H 19 35.60 -62.56 119.20
C GLY H 19 35.46 -63.48 118.02
N LYS H 20 34.50 -63.22 117.13
CA LYS H 20 34.39 -63.97 115.88
C LYS H 20 35.12 -63.22 114.77
N ASN H 21 35.68 -63.98 113.85
CA ASN H 21 36.47 -63.38 112.79
C ASN H 21 36.15 -64.03 111.45
N VAL H 22 36.30 -63.25 110.40
CA VAL H 22 36.15 -63.69 109.02
C VAL H 22 37.37 -63.25 108.24
N THR H 23 37.91 -64.12 107.41
CA THR H 23 38.92 -63.70 106.46
C THR H 23 38.32 -62.71 105.46
N LEU H 24 39.06 -61.65 105.18
CA LEU H 24 38.56 -60.62 104.29
C LEU H 24 38.30 -61.19 102.91
N PRO H 25 37.13 -60.97 102.33
CA PRO H 25 36.86 -61.48 100.98
C PRO H 25 37.80 -60.85 99.96
N ALA H 26 38.14 -61.63 98.94
CA ALA H 26 39.13 -61.19 97.97
C ALA H 26 38.63 -60.04 97.10
N VAL H 27 37.32 -59.78 97.08
CA VAL H 27 36.81 -58.67 96.29
C VAL H 27 37.32 -57.35 96.83
N PHE H 28 37.60 -57.27 98.13
CA PHE H 28 38.13 -56.04 98.69
C PHE H 28 39.59 -55.80 98.29
N LYS H 29 40.22 -56.77 97.64
CA LYS H 29 41.53 -56.59 97.06
C LYS H 29 41.48 -56.42 95.55
N ALA H 30 40.29 -56.30 94.97
CA ALA H 30 40.15 -56.10 93.54
C ALA H 30 40.61 -54.69 93.16
N PRO H 31 41.03 -54.48 91.92
CA PRO H 31 41.47 -53.15 91.50
C PRO H 31 40.36 -52.13 91.62
N ILE H 32 40.73 -50.92 92.02
CA ILE H 32 39.81 -49.81 92.17
C ILE H 32 39.94 -48.93 90.95
N ARG H 33 38.85 -48.77 90.21
CA ARG H 33 38.87 -48.07 88.93
C ARG H 33 37.81 -46.98 88.93
N PRO H 34 38.17 -45.77 89.36
CA PRO H 34 37.19 -44.67 89.31
C PRO H 34 36.67 -44.37 87.92
N ASP H 35 37.50 -44.52 86.88
CA ASP H 35 36.99 -44.27 85.54
C ASP H 35 35.94 -45.29 85.13
N ILE H 36 36.15 -46.57 85.43
CA ILE H 36 35.16 -47.58 85.08
C ILE H 36 33.90 -47.40 85.91
N VAL H 37 34.06 -47.11 87.19
CA VAL H 37 32.89 -46.91 88.04
C VAL H 37 32.09 -45.70 87.57
N ASN H 38 32.78 -44.62 87.22
CA ASN H 38 32.09 -43.43 86.75
C ASN H 38 31.39 -43.69 85.42
N PHE H 39 32.05 -44.41 84.51
CA PHE H 39 31.43 -44.74 83.23
C PHE H 39 30.17 -45.57 83.43
N VAL H 40 30.25 -46.61 84.26
CA VAL H 40 29.10 -47.46 84.51
C VAL H 40 28.00 -46.68 85.21
N HIS H 41 28.36 -45.85 86.19
CA HIS H 41 27.36 -45.08 86.92
C HIS H 41 26.65 -44.11 86.00
N THR H 42 27.39 -43.42 85.15
CA THR H 42 26.82 -42.49 84.19
C THR H 42 25.85 -43.19 83.26
N ASN H 43 26.24 -44.35 82.74
CA ASN H 43 25.39 -44.98 81.74
C ASN H 43 24.24 -45.74 82.37
N LEU H 44 24.35 -46.15 83.63
CA LEU H 44 23.25 -46.86 84.26
C LEU H 44 22.23 -45.91 84.85
N ARG H 45 22.64 -44.72 85.25
CA ARG H 45 21.65 -43.79 85.80
C ARG H 45 20.70 -43.28 84.73
N LYS H 46 21.08 -43.35 83.47
CA LYS H 46 20.16 -42.96 82.41
C LYS H 46 19.03 -43.96 82.21
N ASN H 47 19.11 -45.15 82.81
CA ASN H 47 18.12 -46.18 82.58
C ASN H 47 16.83 -45.95 83.35
N ASN H 48 16.88 -45.28 84.49
CA ASN H 48 15.68 -45.01 85.25
C ASN H 48 14.97 -43.75 84.80
N ARG H 49 15.37 -43.18 83.67
CA ARG H 49 14.76 -41.95 83.21
C ARG H 49 13.38 -42.21 82.63
N GLN H 50 12.51 -41.24 82.79
CA GLN H 50 11.17 -41.23 82.24
C GLN H 50 11.11 -40.31 81.05
N PRO H 51 10.60 -40.76 79.91
CA PRO H 51 10.71 -39.96 78.69
C PRO H 51 9.95 -38.65 78.80
N TYR H 52 10.49 -37.62 78.14
CA TYR H 52 9.80 -36.35 78.01
C TYR H 52 9.93 -35.86 76.58
N ALA H 53 8.88 -35.20 76.12
CA ALA H 53 8.86 -34.63 74.77
C ALA H 53 7.78 -33.57 74.77
N VAL H 54 7.69 -32.84 73.67
CA VAL H 54 6.66 -31.84 73.49
C VAL H 54 5.54 -32.44 72.67
N SER H 55 4.38 -31.81 72.72
CA SER H 55 3.24 -32.28 71.94
C SER H 55 3.53 -32.08 70.47
N GLU H 56 3.32 -33.13 69.67
CA GLU H 56 3.61 -33.05 68.26
C GLU H 56 2.71 -32.07 67.54
N LEU H 57 1.58 -31.70 68.14
CA LEU H 57 0.69 -30.71 67.55
C LEU H 57 1.04 -29.29 67.92
N ALA H 58 1.98 -29.09 68.84
CA ALA H 58 2.29 -27.75 69.32
C ALA H 58 2.81 -26.86 68.20
N GLY H 59 2.27 -25.65 68.12
CA GLY H 59 2.69 -24.67 67.15
C GLY H 59 2.13 -24.86 65.76
N HIS H 60 1.34 -25.90 65.53
CA HIS H 60 0.87 -26.22 64.20
C HIS H 60 -0.65 -26.27 64.08
N GLN H 61 -1.38 -25.94 65.13
CA GLN H 61 -2.84 -25.94 65.07
C GLN H 61 -3.34 -24.59 64.56
N THR H 62 -2.91 -24.28 63.33
CA THR H 62 -3.13 -22.98 62.73
C THR H 62 -3.03 -23.16 61.22
N SER H 63 -3.89 -22.46 60.48
CA SER H 63 -3.91 -22.55 59.02
C SER H 63 -3.12 -21.43 58.39
N ALA H 64 -2.08 -20.95 59.06
CA ALA H 64 -1.34 -19.79 58.59
C ALA H 64 -0.66 -20.09 57.27
N GLU H 65 -0.61 -19.09 56.42
CA GLU H 65 0.14 -19.14 55.17
C GLU H 65 0.83 -17.82 54.97
N SER H 66 1.87 -17.84 54.15
CA SER H 66 2.68 -16.64 53.96
C SER H 66 1.87 -15.55 53.29
N TRP H 67 2.18 -14.30 53.64
CA TRP H 67 1.49 -13.18 53.04
C TRP H 67 1.97 -12.91 51.62
N GLY H 68 3.21 -13.27 51.32
CA GLY H 68 3.75 -13.00 50.01
C GLY H 68 5.04 -12.23 50.10
N THR H 69 5.30 -11.38 49.11
CA THR H 69 6.53 -10.61 49.11
C THR H 69 6.34 -9.16 48.74
N GLY H 70 5.18 -8.75 48.25
CA GLY H 70 5.00 -7.37 47.86
C GLY H 70 4.17 -6.57 48.84
N ARG H 71 4.33 -6.86 50.14
CA ARG H 71 3.54 -6.19 51.16
C ARG H 71 4.40 -5.61 52.28
N ALA H 72 5.69 -5.45 52.05
CA ALA H 72 6.63 -4.77 52.94
C ALA H 72 6.75 -5.42 54.30
N VAL H 73 6.40 -6.70 54.42
CA VAL H 73 6.55 -7.42 55.68
C VAL H 73 7.30 -8.72 55.42
N ALA H 74 7.85 -9.29 56.48
CA ALA H 74 8.63 -10.50 56.37
C ALA H 74 7.77 -11.66 55.85
N ARG H 75 8.45 -12.63 55.27
CA ARG H 75 7.78 -13.70 54.53
C ARG H 75 7.38 -14.87 55.41
N ILE H 76 7.50 -14.73 56.73
CA ILE H 76 7.08 -15.81 57.63
C ILE H 76 5.58 -16.03 57.48
N PRO H 77 5.07 -17.26 57.59
CA PRO H 77 3.62 -17.46 57.50
C PRO H 77 2.88 -16.69 58.58
N ARG H 78 1.75 -16.14 58.20
CA ARG H 78 0.94 -15.32 59.09
C ARG H 78 -0.47 -15.89 59.13
N VAL H 79 -1.07 -15.84 60.33
CA VAL H 79 -2.39 -16.42 60.52
C VAL H 79 -3.41 -15.68 59.67
N ARG H 80 -4.33 -16.45 59.08
CA ARG H 80 -5.38 -15.87 58.25
C ARG H 80 -6.45 -15.21 59.13
N GLY H 81 -7.50 -14.72 58.50
CA GLY H 81 -8.59 -14.12 59.23
C GLY H 81 -8.29 -12.71 59.68
N GLY H 82 -9.23 -12.16 60.45
CA GLY H 82 -9.10 -10.82 60.98
C GLY H 82 -9.86 -10.64 62.27
N GLY H 83 -9.95 -9.40 62.74
CA GLY H 83 -10.77 -9.10 63.90
C GLY H 83 -10.26 -9.63 65.22
N THR H 84 -8.97 -9.87 65.34
CA THR H 84 -8.42 -10.36 66.59
C THR H 84 -6.93 -10.06 66.59
N HIS H 85 -6.32 -10.15 67.78
CA HIS H 85 -4.89 -9.94 67.87
C HIS H 85 -4.12 -11.00 67.11
N ARG H 86 -4.64 -12.23 67.07
CA ARG H 86 -3.87 -13.33 66.52
C ARG H 86 -3.76 -13.26 65.00
N SER H 87 -4.74 -12.68 64.33
CA SER H 87 -4.73 -12.65 62.88
C SER H 87 -3.57 -11.82 62.37
N GLY H 88 -2.82 -12.35 61.42
CA GLY H 88 -1.69 -11.65 60.85
C GLY H 88 -0.38 -11.84 61.58
N GLN H 89 -0.42 -12.35 62.81
CA GLN H 89 0.81 -12.60 63.54
C GLN H 89 1.54 -13.78 62.92
N GLY H 90 2.83 -13.88 63.22
CA GLY H 90 3.61 -14.96 62.69
C GLY H 90 3.22 -16.30 63.27
N ALA H 91 3.67 -17.36 62.61
CA ALA H 91 3.37 -18.71 63.05
C ALA H 91 4.40 -19.66 62.44
N PHE H 92 4.35 -20.91 62.90
CA PHE H 92 5.08 -22.06 62.37
C PHE H 92 6.58 -21.97 62.51
N GLY H 93 7.13 -20.93 63.12
CA GLY H 93 8.55 -20.74 63.21
C GLY H 93 9.06 -20.96 64.62
N ASN H 94 10.33 -21.31 64.74
CA ASN H 94 10.94 -21.35 66.06
C ASN H 94 11.19 -19.96 66.60
N MET H 95 11.22 -18.95 65.74
CA MET H 95 11.42 -17.58 66.14
C MET H 95 10.11 -16.83 66.40
N CYS H 96 8.97 -17.44 66.10
CA CYS H 96 7.69 -16.77 66.21
C CYS H 96 7.04 -17.10 67.54
N ARG H 97 6.42 -16.09 68.15
CA ARG H 97 5.66 -16.30 69.37
C ARG H 97 4.49 -17.23 69.09
N GLY H 98 4.47 -18.38 69.75
CA GLY H 98 3.43 -19.35 69.53
C GLY H 98 3.76 -20.41 68.50
N GLY H 99 4.83 -20.24 67.73
CA GLY H 99 5.26 -21.29 66.83
C GLY H 99 6.00 -22.39 67.55
N ARG H 100 6.13 -23.54 66.89
CA ARG H 100 6.78 -24.65 67.55
C ARG H 100 8.29 -24.46 67.62
N MET H 101 8.90 -25.15 68.57
CA MET H 101 10.32 -25.03 68.81
C MET H 101 11.11 -25.60 67.64
N PHE H 102 12.38 -25.21 67.56
CA PHE H 102 13.28 -25.83 66.60
C PHE H 102 13.50 -27.27 67.00
N ALA H 103 13.28 -28.18 66.05
CA ALA H 103 13.50 -29.61 66.26
C ALA H 103 12.77 -30.09 67.50
N PRO H 104 11.44 -30.21 67.46
CA PRO H 104 10.70 -30.63 68.65
C PRO H 104 11.22 -31.95 69.18
N THR H 105 11.62 -31.96 70.44
CA THR H 105 12.14 -33.16 71.05
C THR H 105 11.08 -34.25 71.04
N LYS H 106 11.51 -35.48 70.84
CA LYS H 106 10.59 -36.59 70.62
C LYS H 106 10.91 -37.72 71.57
N THR H 107 9.91 -38.58 71.79
CA THR H 107 10.05 -39.64 72.78
C THR H 107 11.05 -40.70 72.36
N TRP H 108 11.34 -40.85 71.07
CA TRP H 108 12.32 -41.84 70.64
C TRP H 108 13.72 -41.22 70.69
N ARG H 109 14.26 -41.13 71.89
CA ARG H 109 15.52 -40.47 72.10
C ARG H 109 16.60 -41.41 72.62
N ARG H 110 16.29 -42.68 72.83
CA ARG H 110 17.24 -43.66 73.36
C ARG H 110 17.76 -43.22 74.74
N TRP H 111 16.83 -43.13 75.68
CA TRP H 111 17.16 -42.74 77.03
C TRP H 111 18.00 -43.79 77.72
N HIS H 112 17.81 -45.06 77.39
CA HIS H 112 18.46 -46.14 78.09
C HIS H 112 19.77 -46.51 77.43
N ARG H 113 20.73 -46.89 78.25
CA ARG H 113 22.01 -47.39 77.80
C ARG H 113 22.23 -48.79 78.37
N ARG H 114 22.78 -49.67 77.55
CA ARG H 114 23.10 -51.00 78.01
C ARG H 114 24.61 -51.11 78.24
N VAL H 115 24.98 -51.57 79.42
CA VAL H 115 26.38 -51.69 79.81
C VAL H 115 26.73 -53.16 79.85
N ASN H 116 27.96 -53.47 79.45
CA ASN H 116 28.42 -54.86 79.47
C ASN H 116 28.34 -55.41 80.88
N THR H 117 27.90 -56.66 80.98
CA THR H 117 27.74 -57.28 82.28
C THR H 117 29.08 -57.38 83.00
N THR H 118 30.14 -57.69 82.25
CA THR H 118 31.45 -57.79 82.86
C THR H 118 31.90 -56.43 83.39
N GLN H 119 31.61 -55.35 82.66
CA GLN H 119 31.94 -54.02 83.15
C GLN H 119 31.13 -53.66 84.38
N LYS H 120 29.86 -54.07 84.41
CA LYS H 120 29.04 -53.78 85.58
C LYS H 120 29.57 -54.51 86.82
N ARG H 121 29.92 -55.78 86.68
CA ARG H 121 30.52 -56.50 87.79
C ARG H 121 31.87 -55.91 88.17
N TYR H 122 32.63 -55.45 87.18
CA TYR H 122 33.89 -54.77 87.46
C TYR H 122 33.68 -53.55 88.33
N ALA H 123 32.67 -52.75 88.00
CA ALA H 123 32.38 -51.55 88.78
C ALA H 123 31.97 -51.92 90.19
N ILE H 124 31.16 -52.98 90.33
CA ILE H 124 30.76 -53.40 91.67
C ILE H 124 31.97 -53.84 92.48
N CYS H 125 32.89 -54.59 91.86
CA CYS H 125 34.09 -55.01 92.56
C CYS H 125 34.93 -53.82 92.96
N SER H 126 35.06 -52.83 92.08
CA SER H 126 35.85 -51.65 92.41
C SER H 126 35.22 -50.87 93.56
N ALA H 127 33.90 -50.72 93.55
CA ALA H 127 33.24 -50.00 94.63
C ALA H 127 33.39 -50.74 95.96
N LEU H 128 33.23 -52.06 95.94
CA LEU H 128 33.41 -52.85 97.15
C LEU H 128 34.82 -52.72 97.68
N ALA H 129 35.82 -52.76 96.80
CA ALA H 129 37.19 -52.60 97.25
C ALA H 129 37.40 -51.20 97.82
N ALA H 130 36.82 -50.19 97.18
CA ALA H 130 37.06 -48.82 97.61
C ALA H 130 36.46 -48.53 98.96
N SER H 131 35.33 -49.16 99.28
CA SER H 131 34.73 -48.90 100.59
C SER H 131 35.59 -49.38 101.74
N ALA H 132 36.61 -50.20 101.46
CA ALA H 132 37.46 -50.75 102.51
C ALA H 132 38.70 -49.91 102.76
N LEU H 133 38.80 -48.73 102.16
CA LEU H 133 39.95 -47.87 102.37
C LEU H 133 39.54 -46.64 103.15
N PRO H 134 40.07 -46.43 104.36
CA PRO H 134 39.63 -45.28 105.17
C PRO H 134 39.90 -43.95 104.51
N ALA H 135 40.90 -43.86 103.64
CA ALA H 135 41.14 -42.61 102.94
C ALA H 135 39.98 -42.26 102.02
N LEU H 136 39.44 -43.26 101.31
CA LEU H 136 38.39 -42.99 100.34
C LEU H 136 37.06 -42.69 101.03
N VAL H 137 36.72 -43.45 102.06
CA VAL H 137 35.45 -43.25 102.73
C VAL H 137 35.46 -41.93 103.51
N MET H 138 36.58 -41.60 104.15
CA MET H 138 36.69 -40.29 104.75
C MET H 138 36.67 -39.19 103.70
N SER H 139 37.21 -39.47 102.51
CA SER H 139 37.12 -38.50 101.43
C SER H 139 35.69 -38.23 101.01
N LYS H 140 34.82 -39.23 101.08
CA LYS H 140 33.41 -38.97 100.88
C LYS H 140 32.78 -38.22 102.04
N GLY H 141 33.49 -38.06 103.16
CA GLY H 141 32.98 -37.29 104.27
C GLY H 141 32.05 -38.06 105.18
N HIS H 142 32.27 -39.35 105.35
CA HIS H 142 31.33 -40.23 106.03
C HIS H 142 31.58 -40.30 107.54
N ARG H 143 32.41 -39.42 108.08
CA ARG H 143 32.56 -39.25 109.53
C ARG H 143 32.97 -40.54 110.22
N ILE H 144 33.84 -41.30 109.55
CA ILE H 144 34.33 -42.58 110.11
C ILE H 144 35.59 -42.24 110.91
N GLU H 145 35.39 -41.79 112.12
CA GLU H 145 36.54 -41.46 112.96
C GLU H 145 36.71 -42.43 114.11
N GLU H 146 35.64 -42.77 114.80
CA GLU H 146 35.70 -43.70 115.91
C GLU H 146 35.10 -45.05 115.55
N VAL H 147 34.93 -45.32 114.26
CA VAL H 147 34.55 -46.67 113.84
C VAL H 147 35.68 -47.64 114.19
N PRO H 148 35.39 -48.73 114.90
CA PRO H 148 36.46 -49.63 115.34
C PRO H 148 37.27 -50.25 114.22
N GLU H 149 36.63 -50.57 113.10
CA GLU H 149 37.31 -51.22 111.98
C GLU H 149 36.50 -50.94 110.72
N LEU H 150 37.18 -50.50 109.67
CA LEU H 150 36.47 -49.95 108.52
C LEU H 150 35.55 -50.94 107.83
N PRO H 151 35.98 -52.18 107.52
CA PRO H 151 34.98 -53.14 107.04
C PRO H 151 34.12 -53.61 108.21
N LEU H 152 33.15 -52.79 108.58
CA LEU H 152 32.39 -52.99 109.79
C LEU H 152 31.40 -54.13 109.58
N VAL H 153 31.54 -55.17 110.37
CA VAL H 153 30.68 -56.34 110.28
C VAL H 153 30.02 -56.54 111.63
N VAL H 154 28.72 -56.80 111.62
CA VAL H 154 27.98 -57.05 112.86
C VAL H 154 27.36 -58.43 112.77
N GLU H 155 26.95 -58.94 113.92
CA GLU H 155 26.33 -60.25 113.96
C GLU H 155 24.94 -60.20 113.33
N ASP H 156 24.42 -61.39 113.02
CA ASP H 156 23.13 -61.50 112.35
C ASP H 156 21.96 -61.13 113.25
N LYS H 157 22.20 -60.84 114.53
CA LYS H 157 21.10 -60.46 115.40
C LYS H 157 20.42 -59.17 114.93
N VAL H 158 21.16 -58.32 114.21
CA VAL H 158 20.56 -57.09 113.71
C VAL H 158 19.61 -57.35 112.56
N GLU H 159 19.70 -58.52 111.92
CA GLU H 159 18.72 -58.88 110.89
C GLU H 159 17.34 -59.09 111.48
N GLY H 160 17.27 -59.47 112.75
CA GLY H 160 16.03 -59.65 113.47
C GLY H 160 15.50 -58.41 114.13
N TYR H 161 16.12 -57.25 113.89
CA TYR H 161 15.63 -56.01 114.46
C TYR H 161 14.26 -55.67 113.87
N LYS H 162 13.42 -55.07 114.70
CA LYS H 162 12.10 -54.64 114.26
C LYS H 162 11.85 -53.17 114.54
N LYS H 163 12.51 -52.60 115.53
CA LYS H 163 12.22 -51.25 115.99
C LYS H 163 13.35 -50.29 115.63
N THR H 164 12.94 -49.10 115.18
CA THR H 164 13.91 -48.05 114.89
C THR H 164 14.66 -47.62 116.14
N LYS H 165 14.07 -47.79 117.33
CA LYS H 165 14.78 -47.49 118.57
C LYS H 165 16.04 -48.33 118.69
N GLU H 166 15.90 -49.64 118.58
CA GLU H 166 17.08 -50.51 118.72
C GLU H 166 18.00 -50.38 117.52
N ALA H 167 17.47 -50.06 116.34
CA ALA H 167 18.37 -49.78 115.21
C ALA H 167 19.25 -48.57 115.49
N VAL H 168 18.66 -47.50 116.03
CA VAL H 168 19.44 -46.31 116.37
C VAL H 168 20.44 -46.61 117.47
N LEU H 169 20.03 -47.39 118.46
CA LEU H 169 20.96 -47.75 119.53
C LEU H 169 22.13 -48.56 118.99
N LEU H 170 21.87 -49.45 118.03
CA LEU H 170 22.94 -50.17 117.35
C LEU H 170 23.92 -49.21 116.67
N LEU H 171 23.38 -48.23 115.93
CA LEU H 171 24.26 -47.27 115.28
C LEU H 171 25.09 -46.50 116.30
N LYS H 172 24.47 -46.10 117.41
CA LYS H 172 25.19 -45.34 118.42
C LYS H 172 26.31 -46.17 119.03
N LYS H 173 26.08 -47.45 119.26
CA LYS H 173 27.15 -48.27 119.81
C LYS H 173 28.22 -48.56 118.78
N LEU H 174 27.89 -48.52 117.50
CA LEU H 174 28.88 -48.66 116.45
C LEU H 174 29.51 -47.33 116.05
N LYS H 175 29.16 -46.25 116.74
CA LYS H 175 29.77 -44.93 116.55
C LYS H 175 29.54 -44.40 115.13
N ALA H 176 28.48 -44.85 114.49
CA ALA H 176 28.09 -44.36 113.18
C ALA H 176 27.02 -43.28 113.25
N TRP H 177 26.63 -42.87 114.46
CA TRP H 177 25.51 -41.94 114.56
C TRP H 177 25.87 -40.55 114.06
N ASN H 178 27.16 -40.20 114.06
CA ASN H 178 27.53 -38.90 113.55
C ASN H 178 27.27 -38.79 112.06
N ASP H 179 27.27 -39.92 111.35
CA ASP H 179 26.90 -39.90 109.94
C ASP H 179 25.45 -39.46 109.76
N ILE H 180 24.55 -40.03 110.57
CA ILE H 180 23.15 -39.65 110.52
C ILE H 180 22.99 -38.20 110.98
N LYS H 181 23.78 -37.78 111.95
CA LYS H 181 23.73 -36.39 112.39
C LYS H 181 24.13 -35.44 111.28
N LYS H 182 25.13 -35.83 110.48
CA LYS H 182 25.51 -35.04 109.31
C LYS H 182 24.37 -34.99 108.31
N VAL H 183 23.68 -36.11 108.10
CA VAL H 183 22.53 -36.12 107.20
C VAL H 183 21.46 -35.16 107.69
N TYR H 184 21.16 -35.20 108.99
CA TYR H 184 20.17 -34.31 109.57
C TYR H 184 20.57 -32.86 109.38
N ALA H 185 21.84 -32.54 109.63
CA ALA H 185 22.31 -31.18 109.46
C ALA H 185 22.38 -30.76 108.00
N SER H 186 22.34 -31.71 107.07
CA SER H 186 22.39 -31.38 105.65
C SER H 186 21.03 -31.30 104.99
N GLN H 187 19.96 -31.75 105.66
CA GLN H 187 18.63 -31.58 105.07
C GLN H 187 18.33 -30.10 104.84
N ARG H 188 17.86 -29.79 103.64
CA ARG H 188 17.56 -28.40 103.27
C ARG H 188 16.64 -28.42 102.06
N MET H 189 16.46 -27.25 101.44
CA MET H 189 15.60 -27.11 100.28
C MET H 189 16.45 -27.04 99.01
N ARG H 190 15.99 -27.72 97.97
CA ARG H 190 16.73 -27.78 96.73
C ARG H 190 16.68 -26.44 96.01
N ALA H 191 17.75 -26.12 95.30
CA ALA H 191 17.81 -24.89 94.52
C ALA H 191 17.26 -25.11 93.12
N GLY H 192 16.16 -24.44 92.80
CA GLY H 192 15.66 -24.43 91.44
C GLY H 192 14.31 -25.09 91.28
N LYS H 193 13.99 -25.42 90.03
CA LYS H 193 12.67 -25.90 89.65
C LYS H 193 12.35 -27.28 90.18
N GLY H 194 13.33 -27.99 90.74
CA GLY H 194 13.03 -29.25 91.38
C GLY H 194 12.03 -29.13 92.49
N LYS H 195 11.93 -27.96 93.11
CA LYS H 195 10.88 -27.74 94.11
C LYS H 195 9.51 -27.84 93.48
N MET H 196 9.33 -27.25 92.30
CA MET H 196 8.07 -27.41 91.59
C MET H 196 7.88 -28.83 91.08
N ARG H 197 8.97 -29.56 90.86
CA ARG H 197 8.89 -30.88 90.25
C ARG H 197 9.05 -32.01 91.26
N ASN H 198 8.49 -31.84 92.45
CA ASN H 198 8.34 -32.83 93.51
C ASN H 198 9.65 -33.24 94.15
N ARG H 199 10.79 -32.78 93.66
CA ARG H 199 12.06 -33.01 94.33
C ARG H 199 12.40 -31.79 95.19
N ARG H 200 11.51 -31.52 96.14
CA ARG H 200 11.61 -30.29 96.90
C ARG H 200 12.75 -30.34 97.91
N ARG H 201 12.87 -31.44 98.65
CA ARG H 201 13.84 -31.56 99.72
C ARG H 201 15.02 -32.42 99.28
N ILE H 202 16.22 -32.04 99.71
CA ILE H 202 17.42 -32.80 99.43
C ILE H 202 18.18 -33.02 100.73
N GLN H 203 19.10 -33.97 100.70
CA GLN H 203 19.88 -34.33 101.87
C GLN H 203 21.12 -35.07 101.39
N ARG H 204 21.94 -35.48 102.35
CA ARG H 204 23.16 -36.23 102.08
C ARG H 204 22.87 -37.73 102.18
N ARG H 205 23.84 -38.54 101.77
CA ARG H 205 23.76 -39.99 101.83
C ARG H 205 24.40 -40.48 103.12
N GLY H 206 23.67 -41.30 103.87
CA GLY H 206 24.22 -41.93 105.05
C GLY H 206 24.93 -43.22 104.71
N PRO H 207 25.26 -44.01 105.72
CA PRO H 207 25.89 -45.31 105.46
C PRO H 207 24.91 -46.30 104.84
N CYS H 208 25.48 -47.31 104.20
CA CYS H 208 24.71 -48.34 103.51
C CYS H 208 24.74 -49.63 104.32
N ILE H 209 23.56 -50.10 104.71
CA ILE H 209 23.43 -51.36 105.46
C ILE H 209 23.21 -52.47 104.45
N ILE H 210 23.99 -53.53 104.55
CA ILE H 210 23.89 -54.67 103.63
C ILE H 210 23.48 -55.90 104.43
N TYR H 211 22.45 -56.58 103.96
CA TYR H 211 21.89 -57.71 104.69
C TYR H 211 21.78 -58.92 103.77
N ASN H 212 21.84 -60.11 104.37
CA ASN H 212 21.66 -61.35 103.65
C ASN H 212 20.19 -61.78 103.65
N GLU H 213 19.61 -61.94 104.83
CA GLU H 213 18.21 -62.27 104.99
C GLU H 213 17.49 -61.11 105.64
N ASP H 214 16.36 -60.71 105.08
CA ASP H 214 15.53 -59.67 105.66
C ASP H 214 14.54 -60.30 106.63
N ASN H 215 14.77 -60.09 107.92
CA ASN H 215 13.86 -60.57 108.95
C ASN H 215 13.25 -59.40 109.70
N GLY H 216 12.90 -58.35 108.97
CA GLY H 216 12.38 -57.14 109.56
C GLY H 216 13.38 -56.04 109.74
N ILE H 217 14.65 -56.26 109.35
CA ILE H 217 15.66 -55.21 109.48
C ILE H 217 15.33 -54.03 108.60
N ILE H 218 14.73 -54.27 107.43
CA ILE H 218 14.31 -53.18 106.56
C ILE H 218 13.33 -52.27 107.28
N LYS H 219 12.32 -52.86 107.92
CA LYS H 219 11.36 -52.07 108.66
C LYS H 219 11.99 -51.40 109.87
N ALA H 220 12.94 -52.07 110.53
CA ALA H 220 13.59 -51.46 111.68
C ALA H 220 14.33 -50.21 111.27
N PHE H 221 15.11 -50.29 110.19
CA PHE H 221 15.67 -49.12 109.53
C PHE H 221 14.57 -48.50 108.67
N ARG H 222 14.94 -47.71 107.68
CA ARG H 222 14.08 -47.11 106.66
C ARG H 222 13.35 -45.87 107.20
N ASN H 223 13.41 -45.60 108.51
CA ASN H 223 13.00 -44.30 109.00
C ASN H 223 14.21 -43.49 109.45
N ILE H 224 15.40 -43.95 109.14
CA ILE H 224 16.62 -43.20 109.38
C ILE H 224 17.00 -42.51 108.08
N PRO H 225 17.06 -41.18 108.04
CA PRO H 225 17.46 -40.51 106.80
C PRO H 225 18.88 -40.87 106.41
N GLY H 226 19.07 -41.18 105.13
CA GLY H 226 20.36 -41.51 104.59
C GLY H 226 20.69 -42.99 104.57
N ILE H 227 19.96 -43.80 105.31
CA ILE H 227 20.26 -45.24 105.37
C ILE H 227 19.68 -45.90 104.14
N THR H 228 20.52 -46.66 103.44
CA THR H 228 20.10 -47.45 102.29
C THR H 228 20.31 -48.91 102.62
N LEU H 229 19.25 -49.70 102.57
CA LEU H 229 19.29 -51.12 102.88
C LEU H 229 19.41 -51.90 101.59
N LEU H 230 20.36 -52.82 101.55
CA LEU H 230 20.76 -53.43 100.29
C LEU H 230 20.99 -54.92 100.49
N ASN H 231 20.27 -55.73 99.72
CA ASN H 231 20.45 -57.17 99.77
C ASN H 231 21.79 -57.54 99.15
N VAL H 232 22.49 -58.48 99.78
CA VAL H 232 23.86 -58.75 99.36
C VAL H 232 23.92 -59.39 97.99
N SER H 233 22.89 -60.16 97.62
CA SER H 233 22.89 -60.85 96.33
C SER H 233 22.34 -60.00 95.21
N LYS H 234 21.94 -58.77 95.49
CA LYS H 234 21.36 -57.85 94.52
C LYS H 234 21.98 -56.47 94.68
N LEU H 235 23.31 -56.43 94.73
CA LEU H 235 24.02 -55.18 94.97
C LEU H 235 23.82 -54.21 93.82
N ASN H 236 23.81 -52.93 94.16
CA ASN H 236 23.51 -51.86 93.22
C ASN H 236 24.66 -50.85 93.21
N ILE H 237 25.22 -50.62 92.04
CA ILE H 237 26.26 -49.61 91.92
C ILE H 237 25.70 -48.22 92.14
N LEU H 238 24.44 -47.99 91.78
CA LEU H 238 23.81 -46.69 91.99
C LEU H 238 23.69 -46.35 93.47
N LYS H 239 23.82 -47.32 94.35
CA LYS H 239 23.84 -47.08 95.79
C LYS H 239 25.21 -47.23 96.41
N LEU H 240 26.07 -48.08 95.85
CA LEU H 240 27.42 -48.22 96.39
C LEU H 240 28.29 -47.04 96.03
N ALA H 241 28.21 -46.55 94.79
CA ALA H 241 28.89 -45.32 94.41
C ALA H 241 27.80 -44.30 94.21
N PRO H 242 27.57 -43.41 95.17
CA PRO H 242 26.39 -42.56 95.14
C PRO H 242 26.32 -41.62 93.94
N GLY H 243 27.33 -40.80 93.74
CA GLY H 243 27.27 -39.83 92.66
C GLY H 243 28.26 -40.11 91.57
N GLY H 244 28.69 -41.36 91.46
CA GLY H 244 29.76 -41.72 90.56
C GLY H 244 31.12 -41.75 91.19
N HIS H 245 31.21 -41.54 92.50
CA HIS H 245 32.48 -41.54 93.22
C HIS H 245 32.45 -42.63 94.27
N VAL H 246 33.46 -43.49 94.23
CA VAL H 246 33.50 -44.63 95.12
C VAL H 246 33.79 -44.19 96.55
N GLY H 247 33.57 -45.09 97.48
CA GLY H 247 33.94 -44.84 98.85
C GLY H 247 32.80 -44.57 99.79
N ARG H 248 31.68 -45.27 99.64
CA ARG H 248 30.57 -45.10 100.55
C ARG H 248 30.74 -45.97 101.79
N PHE H 249 30.48 -45.38 102.95
CA PHE H 249 30.49 -46.11 104.20
C PHE H 249 29.46 -47.23 104.17
N CYS H 250 29.89 -48.44 104.53
CA CYS H 250 29.02 -49.60 104.49
C CYS H 250 29.12 -50.39 105.78
N ILE H 251 27.99 -50.96 106.20
CA ILE H 251 27.90 -51.83 107.37
C ILE H 251 27.35 -53.17 106.91
N TRP H 252 28.12 -54.22 107.13
CA TRP H 252 27.80 -55.54 106.64
C TRP H 252 27.28 -56.43 107.75
N THR H 253 26.22 -57.17 107.46
CA THR H 253 25.87 -58.30 108.31
C THR H 253 26.87 -59.41 108.06
N GLU H 254 27.05 -60.27 109.06
CA GLU H 254 28.09 -61.29 108.96
C GLU H 254 27.79 -62.30 107.86
N SER H 255 26.53 -62.72 107.73
CA SER H 255 26.19 -63.66 106.66
C SER H 255 26.44 -63.05 105.30
N ALA H 256 26.09 -61.77 105.13
CA ALA H 256 26.38 -61.07 103.89
C ALA H 256 27.88 -60.97 103.65
N PHE H 257 28.65 -60.77 104.72
CA PHE H 257 30.10 -60.72 104.58
C PHE H 257 30.67 -62.05 104.13
N ARG H 258 30.12 -63.15 104.65
CA ARG H 258 30.61 -64.47 104.24
C ARG H 258 30.21 -64.79 102.81
N LYS H 259 29.05 -64.33 102.36
CA LYS H 259 28.57 -64.65 101.02
C LYS H 259 29.39 -64.03 99.91
N LEU H 260 30.25 -63.07 100.22
CA LEU H 260 30.95 -62.34 99.16
C LEU H 260 31.92 -63.23 98.39
N ASP H 261 32.48 -64.25 99.04
CA ASP H 261 33.36 -65.17 98.33
C ASP H 261 32.61 -66.14 97.43
N GLU H 262 31.30 -66.28 97.63
CA GLU H 262 30.49 -67.03 96.68
C GLU H 262 29.96 -66.15 95.57
N LEU H 263 29.65 -64.89 95.88
CA LEU H 263 29.06 -64.02 94.89
C LEU H 263 30.07 -63.61 93.83
N TYR H 264 31.27 -63.19 94.25
CA TYR H 264 32.27 -62.73 93.30
C TYR H 264 33.54 -63.57 93.30
N GLY H 265 33.67 -64.54 94.19
CA GLY H 265 34.78 -65.46 94.13
C GLY H 265 36.11 -64.86 94.54
N THR H 266 37.09 -65.73 94.73
CA THR H 266 38.46 -65.33 94.99
C THR H 266 39.21 -65.29 93.66
N TRP H 267 40.53 -65.24 93.70
CA TRP H 267 41.28 -65.46 92.47
C TRP H 267 41.70 -66.91 92.30
N ARG H 268 41.84 -67.64 93.40
CA ARG H 268 42.12 -69.07 93.31
C ARG H 268 40.92 -69.83 92.77
N LYS H 269 39.72 -69.48 93.22
CA LYS H 269 38.50 -70.08 92.73
C LYS H 269 37.70 -69.07 91.93
N ALA H 270 36.68 -69.55 91.24
CA ALA H 270 35.75 -68.68 90.55
C ALA H 270 34.47 -68.54 91.36
N ALA H 271 33.67 -67.54 90.98
CA ALA H 271 32.42 -67.30 91.68
C ALA H 271 31.43 -68.41 91.38
N SER H 272 30.82 -68.97 92.42
CA SER H 272 29.92 -70.09 92.25
C SER H 272 28.48 -69.66 92.03
N LEU H 273 28.04 -68.60 92.69
CA LEU H 273 26.68 -68.13 92.54
C LEU H 273 26.45 -67.36 91.24
N LYS H 274 27.51 -67.12 90.48
CA LYS H 274 27.41 -66.64 89.12
C LYS H 274 27.87 -67.75 88.19
N SER H 275 27.26 -67.81 87.00
CA SER H 275 27.56 -68.89 86.06
C SER H 275 29.02 -68.88 85.64
N ASN H 276 29.55 -67.70 85.33
CA ASN H 276 30.93 -67.60 84.88
C ASN H 276 31.43 -66.21 85.24
N TYR H 277 32.17 -66.12 86.34
CA TYR H 277 32.81 -64.86 86.68
C TYR H 277 33.97 -65.14 87.61
N ASN H 278 35.12 -64.54 87.30
CA ASN H 278 36.24 -64.50 88.20
C ASN H 278 36.60 -63.05 88.45
N LEU H 279 37.27 -62.82 89.56
CA LEU H 279 37.63 -61.46 89.92
C LEU H 279 38.62 -60.90 88.90
N PRO H 280 38.52 -59.62 88.55
CA PRO H 280 39.45 -59.05 87.58
C PRO H 280 40.87 -59.04 88.08
N MET H 281 41.81 -59.18 87.15
CA MET H 281 43.22 -59.22 87.48
C MET H 281 43.81 -57.81 87.46
N HIS H 282 44.83 -57.62 88.28
CA HIS H 282 45.54 -56.35 88.31
C HIS H 282 46.50 -56.25 87.13
N LYS H 283 46.75 -55.02 86.70
CA LYS H 283 47.85 -54.76 85.79
C LYS H 283 49.09 -54.24 86.51
N MET H 284 49.01 -54.13 87.83
CA MET H 284 50.14 -53.63 88.62
C MET H 284 49.94 -54.17 90.04
N ILE H 285 50.71 -55.19 90.40
CA ILE H 285 50.55 -55.81 91.70
C ILE H 285 50.96 -54.84 92.80
N ASN H 286 52.24 -54.48 92.82
CA ASN H 286 52.79 -53.63 93.87
C ASN H 286 52.61 -52.18 93.43
N THR H 287 51.67 -51.49 94.05
CA THR H 287 51.34 -50.13 93.67
C THR H 287 52.05 -49.08 94.52
N ASP H 288 52.95 -49.49 95.42
CA ASP H 288 53.65 -48.55 96.28
C ASP H 288 54.81 -47.96 95.50
N LEU H 289 54.52 -46.87 94.79
CA LEU H 289 55.51 -46.29 93.88
C LEU H 289 56.71 -45.76 94.65
N SER H 290 56.49 -45.14 95.79
CA SER H 290 57.62 -44.59 96.55
C SER H 290 58.55 -45.70 97.03
N ARG H 291 57.99 -46.77 97.57
CA ARG H 291 58.80 -47.90 98.00
C ARG H 291 59.54 -48.54 96.83
N ILE H 292 58.86 -48.64 95.67
CA ILE H 292 59.50 -49.20 94.50
C ILE H 292 60.68 -48.34 94.05
N LEU H 293 60.47 -47.03 93.96
CA LEU H 293 61.54 -46.14 93.52
C LEU H 293 62.69 -46.15 94.50
N LYS H 294 62.42 -46.35 95.78
CA LYS H 294 63.47 -46.40 96.78
C LYS H 294 64.04 -47.80 96.98
N SER H 295 63.56 -48.78 96.22
CA SER H 295 64.15 -50.10 96.29
C SER H 295 65.59 -50.06 95.79
N PRO H 296 66.49 -50.84 96.41
CA PRO H 296 67.90 -50.80 96.01
C PRO H 296 68.15 -51.24 94.57
N GLU H 297 67.34 -52.18 94.07
CA GLU H 297 67.54 -52.68 92.71
C GLU H 297 67.39 -51.56 91.69
N ILE H 298 66.40 -50.70 91.88
CA ILE H 298 66.25 -49.53 91.02
C ILE H 298 67.39 -48.56 91.27
N GLN H 299 67.76 -48.36 92.55
CA GLN H 299 68.70 -47.31 92.89
C GLN H 299 70.09 -47.58 92.32
N ARG H 300 70.44 -48.85 92.12
CA ARG H 300 71.77 -49.15 91.60
C ARG H 300 71.89 -48.88 90.11
N ALA H 301 70.78 -48.86 89.38
CA ALA H 301 70.82 -48.73 87.93
C ALA H 301 70.73 -47.29 87.45
N LEU H 302 70.45 -46.34 88.33
CA LEU H 302 70.24 -44.97 87.89
C LEU H 302 71.56 -44.24 87.72
N ARG H 303 71.49 -43.08 87.08
CA ARG H 303 72.58 -42.12 87.08
C ARG H 303 72.28 -41.04 88.12
N ALA H 304 73.31 -40.28 88.46
CA ALA H 304 73.16 -39.29 89.51
C ALA H 304 72.23 -38.16 89.06
N PRO H 305 71.50 -37.56 89.99
CA PRO H 305 70.63 -36.44 89.63
C PRO H 305 71.42 -35.20 89.23
N ARG H 306 70.87 -34.45 88.27
CA ARG H 306 71.47 -33.19 87.83
C ARG H 306 70.68 -32.06 88.47
N LYS H 307 71.06 -31.73 89.71
CA LYS H 307 70.28 -30.83 90.54
C LYS H 307 70.84 -29.41 90.57
N LYS H 308 71.73 -29.06 89.65
CA LYS H 308 72.26 -27.70 89.55
C LYS H 308 71.53 -26.97 88.43
N ILE H 309 70.86 -25.89 88.78
CA ILE H 309 70.09 -25.12 87.82
C ILE H 309 71.03 -24.19 87.09
N HIS H 310 71.08 -24.34 85.76
CA HIS H 310 71.91 -23.50 84.90
C HIS H 310 71.00 -22.49 84.23
N ARG H 311 70.98 -21.27 84.75
CA ARG H 311 70.14 -20.23 84.19
C ARG H 311 70.84 -19.55 83.02
N ARG H 312 70.15 -18.59 82.39
CA ARG H 312 70.74 -17.88 81.28
C ARG H 312 71.84 -16.96 81.77
N VAL H 313 72.95 -16.94 81.04
CA VAL H 313 74.13 -16.19 81.43
C VAL H 313 74.20 -14.92 80.60
N LEU H 314 74.29 -13.78 81.28
CA LEU H 314 74.33 -12.50 80.59
C LEU H 314 75.59 -12.42 79.73
N LYS H 315 75.42 -11.98 78.50
CA LYS H 315 76.55 -11.81 77.59
C LYS H 315 77.13 -10.43 77.85
N LYS H 316 78.15 -10.36 78.69
CA LYS H 316 78.93 -9.15 78.83
C LYS H 316 79.85 -9.04 77.64
N ASN H 317 79.86 -7.89 77.01
CA ASN H 317 80.59 -7.72 75.76
C ASN H 317 82.09 -7.78 76.00
N PRO H 318 82.81 -8.72 75.40
CA PRO H 318 84.25 -8.53 75.25
C PRO H 318 84.49 -7.38 74.30
N LEU H 319 85.73 -6.91 74.26
CA LEU H 319 86.15 -5.65 73.64
C LEU H 319 85.62 -4.46 74.42
N LYS H 320 84.80 -4.68 75.43
CA LYS H 320 84.32 -3.73 76.42
C LYS H 320 84.62 -4.20 77.83
N ASN H 321 84.69 -5.50 78.05
CA ASN H 321 84.90 -6.08 79.37
C ASN H 321 86.22 -6.82 79.37
N LEU H 322 87.17 -6.31 80.16
CA LEU H 322 88.52 -6.84 80.13
C LEU H 322 88.56 -8.29 80.61
N ARG H 323 87.98 -8.55 81.77
CA ARG H 323 88.08 -9.90 82.33
C ARG H 323 87.24 -10.90 81.57
N ILE H 324 86.10 -10.47 81.03
CA ILE H 324 85.32 -11.36 80.16
C ILE H 324 86.12 -11.70 78.91
N MET H 325 86.85 -10.73 78.37
CA MET H 325 87.71 -11.02 77.23
C MET H 325 88.82 -11.97 77.61
N LEU H 326 89.39 -11.81 78.81
CA LEU H 326 90.46 -12.69 79.24
C LEU H 326 89.98 -14.10 79.57
N LYS H 327 88.68 -14.27 79.82
CA LYS H 327 88.15 -15.62 79.95
C LYS H 327 88.34 -16.41 78.66
N LEU H 328 88.09 -15.77 77.53
CA LEU H 328 88.10 -16.44 76.24
C LEU H 328 89.46 -16.45 75.59
N ASN H 329 90.16 -15.32 75.65
CA ASN H 329 91.42 -15.12 74.93
C ASN H 329 92.43 -14.58 75.93
N PRO H 330 93.02 -15.46 76.75
CA PRO H 330 93.93 -14.97 77.80
C PRO H 330 95.16 -14.28 77.26
N TYR H 331 95.51 -14.48 75.98
CA TYR H 331 96.64 -13.78 75.40
C TYR H 331 96.35 -12.30 75.18
N ALA H 332 95.07 -11.92 75.17
CA ALA H 332 94.73 -10.53 74.96
C ALA H 332 95.27 -9.64 76.06
N LYS H 333 95.45 -10.16 77.27
CA LYS H 333 95.98 -9.30 78.34
C LYS H 333 97.38 -8.83 78.02
N THR H 334 98.26 -9.77 77.69
CA THR H 334 99.62 -9.37 77.38
C THR H 334 99.72 -8.66 76.04
N MET H 335 98.79 -8.91 75.10
CA MET H 335 98.78 -8.08 73.91
C MET H 335 98.40 -6.64 74.24
N ARG H 336 97.42 -6.45 75.12
CA ARG H 336 97.03 -5.12 75.56
C ARG H 336 98.18 -4.43 76.29
N ARG H 337 98.86 -5.16 77.18
CA ARG H 337 99.99 -4.58 77.89
C ARG H 337 101.11 -4.18 76.93
N ASN H 338 101.41 -5.05 75.96
CA ASN H 338 102.43 -4.73 74.99
C ASN H 338 102.05 -3.50 74.18
N THR H 339 100.78 -3.40 73.79
CA THR H 339 100.33 -2.23 73.06
C THR H 339 100.47 -0.96 73.89
N ILE H 340 100.10 -1.03 75.16
CA ILE H 340 100.20 0.16 76.01
C ILE H 340 101.64 0.59 76.17
N LEU H 341 102.54 -0.37 76.42
CA LEU H 341 103.95 -0.03 76.56
C LEU H 341 104.50 0.54 75.27
N ARG H 342 104.12 -0.06 74.13
CA ARG H 342 104.60 0.41 72.85
C ARG H 342 104.13 1.84 72.57
N GLN H 343 102.87 2.13 72.85
CA GLN H 343 102.35 3.47 72.59
C GLN H 343 102.96 4.50 73.52
N ALA H 344 103.18 4.13 74.79
CA ALA H 344 103.87 5.05 75.69
C ALA H 344 105.29 5.33 75.23
N ARG H 345 106.01 4.27 74.81
CA ARG H 345 107.37 4.45 74.32
C ARG H 345 107.40 5.38 73.11
N ASN H 346 106.51 5.13 72.15
CA ASN H 346 106.49 5.95 70.94
C ASN H 346 106.08 7.38 71.25
N HIS H 347 105.15 7.58 72.17
CA HIS H 347 104.77 8.93 72.54
C HIS H 347 105.92 9.66 73.20
N LYS H 348 106.67 8.98 74.06
CA LYS H 348 107.84 9.61 74.67
C LYS H 348 108.89 9.97 73.63
N LEU H 349 109.12 9.07 72.67
CA LEU H 349 110.09 9.37 71.63
C LEU H 349 109.67 10.55 70.79
N ARG H 350 108.38 10.63 70.43
CA ARG H 350 107.91 11.78 69.67
C ARG H 350 108.04 13.07 70.49
N VAL H 351 107.74 13.02 71.78
CA VAL H 351 107.87 14.21 72.63
C VAL H 351 109.32 14.69 72.67
N ASP H 352 110.25 13.77 72.89
CA ASP H 352 111.66 14.14 72.94
C ASP H 352 112.15 14.66 71.60
N LYS H 353 111.74 14.00 70.51
CA LYS H 353 112.15 14.45 69.18
C LYS H 353 111.60 15.84 68.89
N ALA H 354 110.35 16.11 69.28
CA ALA H 354 109.76 17.42 69.08
C ALA H 354 110.50 18.49 69.85
N ALA H 355 110.84 18.21 71.11
CA ALA H 355 111.59 19.19 71.90
C ALA H 355 112.96 19.44 71.30
N ALA H 356 113.63 18.38 70.84
CA ALA H 356 114.97 18.55 70.25
C ALA H 356 114.90 19.34 68.96
N ALA H 357 113.90 19.09 68.12
CA ALA H 357 113.77 19.84 66.87
C ALA H 357 113.43 21.30 67.13
N ALA H 358 112.54 21.56 68.08
CA ALA H 358 112.22 22.94 68.43
C ALA H 358 113.44 23.65 68.99
N ALA H 359 114.23 22.96 69.81
CA ALA H 359 115.45 23.56 70.34
C ALA H 359 116.46 23.84 69.25
N ALA H 360 116.58 22.95 68.26
CA ALA H 360 117.49 23.20 67.14
C ALA H 360 117.07 24.42 66.36
N LEU H 361 115.77 24.56 66.07
CA LEU H 361 115.28 25.74 65.37
C LEU H 361 115.45 27.01 66.19
N GLN H 362 115.21 26.93 67.50
CA GLN H 362 115.37 28.10 68.36
C GLN H 362 116.83 28.51 68.49
N ALA H 363 117.75 27.55 68.57
CA ALA H 363 119.17 27.88 68.56
C ALA H 363 119.61 28.49 67.24
N LYS H 364 119.16 27.93 66.11
CA LYS H 364 119.51 28.48 64.81
C LYS H 364 118.82 29.80 64.51
N SER H 365 117.78 30.15 65.28
CA SER H 365 117.13 31.44 65.12
C SER H 365 117.51 32.46 66.18
N ASP H 366 118.18 32.05 67.26
CA ASP H 366 118.58 32.94 68.34
C ASP H 366 120.05 32.75 68.67
N GLU H 367 120.85 32.34 67.69
CA GLU H 367 122.28 32.21 67.88
C GLU H 367 122.99 33.55 68.09
N LYS H 368 122.32 34.66 67.78
CA LYS H 368 122.86 36.01 67.94
C LYS H 368 124.18 36.22 67.21
N GLY I 1 73.25 -19.60 -22.98
CA GLY I 1 72.65 -20.78 -22.37
C GLY I 1 71.14 -20.68 -22.33
N PHE I 2 70.47 -21.82 -22.18
CA PHE I 2 69.02 -21.84 -22.15
C PHE I 2 68.40 -22.70 -21.05
N VAL I 3 69.10 -23.70 -20.53
CA VAL I 3 68.55 -24.62 -19.55
C VAL I 3 69.24 -24.41 -18.22
N LYS I 4 68.47 -24.42 -17.14
CA LYS I 4 69.06 -24.32 -15.82
C LYS I 4 69.92 -25.54 -15.53
N VAL I 5 70.99 -25.32 -14.78
CA VAL I 5 71.85 -26.42 -14.36
C VAL I 5 71.19 -27.11 -13.17
N VAL I 6 70.91 -28.40 -13.32
CA VAL I 6 70.37 -29.16 -12.20
C VAL I 6 71.39 -29.27 -11.08
N LYS I 7 72.64 -29.56 -11.44
CA LYS I 7 73.70 -29.73 -10.45
C LYS I 7 74.41 -28.39 -10.23
N ASN I 8 73.73 -27.50 -9.54
CA ASN I 8 74.32 -26.23 -9.19
C ASN I 8 74.77 -26.23 -7.74
N LYS I 9 75.24 -25.08 -7.28
CA LYS I 9 75.78 -24.96 -5.94
C LYS I 9 74.73 -25.28 -4.89
N ALA I 10 73.51 -24.78 -5.09
CA ALA I 10 72.42 -25.09 -4.16
C ALA I 10 72.09 -26.56 -4.16
N TYR I 11 72.23 -27.22 -5.31
CA TYR I 11 72.02 -28.66 -5.36
C TYR I 11 73.05 -29.39 -4.52
N PHE I 12 74.32 -29.03 -4.66
CA PHE I 12 75.36 -29.72 -3.92
C PHE I 12 75.32 -29.42 -2.43
N LYS I 13 74.80 -28.25 -2.04
CA LYS I 13 74.71 -27.94 -0.62
C LYS I 13 73.73 -28.85 0.10
N ARG I 14 72.70 -29.31 -0.59
CA ARG I 14 71.68 -30.16 0.02
C ARG I 14 71.81 -31.62 -0.37
N TYR I 15 72.69 -31.96 -1.30
CA TYR I 15 72.86 -33.34 -1.69
C TYR I 15 73.46 -34.13 -0.54
N GLN I 16 72.68 -35.02 0.05
CA GLN I 16 73.18 -35.94 1.06
C GLN I 16 73.67 -37.20 0.37
N VAL I 17 74.92 -37.57 0.60
CA VAL I 17 75.45 -38.78 -0.03
C VAL I 17 74.85 -40.01 0.63
N LYS I 18 74.88 -41.13 -0.09
CA LYS I 18 74.49 -42.40 0.48
C LYS I 18 75.70 -43.02 1.19
N PHE I 19 75.51 -44.21 1.74
CA PHE I 19 76.60 -44.89 2.42
C PHE I 19 77.65 -45.31 1.39
N ARG I 20 78.89 -45.46 1.86
CA ARG I 20 80.00 -45.66 0.94
C ARG I 20 79.86 -46.96 0.16
N ARG I 21 79.56 -48.04 0.86
CA ARG I 21 79.43 -49.31 0.17
C ARG I 21 78.15 -49.41 -0.64
N ARG I 22 77.15 -48.58 -0.33
CA ARG I 22 76.00 -48.47 -1.22
C ARG I 22 76.36 -47.73 -2.50
N ARG I 23 77.18 -46.68 -2.39
CA ARG I 23 77.69 -46.01 -3.59
C ARG I 23 78.48 -46.97 -4.44
N GLU I 24 79.37 -47.76 -3.81
CA GLU I 24 80.08 -48.79 -4.54
C GLU I 24 79.16 -49.92 -5.00
N GLY I 25 77.96 -50.00 -4.46
CA GLY I 25 77.02 -51.03 -4.87
C GLY I 25 77.45 -52.42 -4.45
N LYS I 26 78.06 -52.55 -3.28
CA LYS I 26 78.50 -53.84 -2.79
C LYS I 26 77.72 -54.36 -1.60
N THR I 27 76.92 -53.51 -0.95
CA THR I 27 76.15 -53.93 0.22
C THR I 27 74.70 -53.52 0.04
N ASP I 28 73.80 -54.46 0.27
CA ASP I 28 72.37 -54.16 0.34
C ASP I 28 72.02 -54.05 1.82
N TYR I 29 71.93 -52.81 2.32
CA TYR I 29 71.78 -52.60 3.74
C TYR I 29 70.41 -53.01 4.27
N TYR I 30 69.38 -52.96 3.43
CA TYR I 30 68.06 -53.40 3.85
C TYR I 30 68.07 -54.87 4.22
N ALA I 31 68.78 -55.69 3.44
CA ALA I 31 68.95 -57.09 3.78
C ALA I 31 69.99 -57.28 4.88
N ARG I 32 71.01 -56.43 4.91
CA ARG I 32 72.05 -56.58 5.92
C ARG I 32 71.48 -56.41 7.32
N LYS I 33 70.54 -55.48 7.48
CA LYS I 33 69.96 -55.23 8.80
C LYS I 33 69.29 -56.47 9.35
N ARG I 34 68.52 -57.16 8.52
CA ARG I 34 67.92 -58.40 9.00
C ARG I 34 68.91 -59.54 9.07
N LEU I 35 70.03 -59.45 8.36
CA LEU I 35 70.96 -60.57 8.33
C LEU I 35 71.92 -60.59 9.50
N VAL I 36 72.38 -59.43 9.96
CA VAL I 36 73.50 -59.38 10.91
C VAL I 36 73.10 -58.85 12.27
N ILE I 37 71.83 -58.63 12.54
CA ILE I 37 71.39 -58.03 13.79
C ILE I 37 70.87 -59.13 14.70
N GLN I 38 71.46 -59.21 15.90
CA GLN I 38 71.03 -60.17 16.90
C GLN I 38 69.91 -59.57 17.73
N ASP I 39 69.05 -60.44 18.24
CA ASP I 39 68.01 -60.00 19.16
C ASP I 39 68.64 -59.39 20.40
N LYS I 40 68.03 -58.30 20.89
CA LYS I 40 68.63 -57.59 22.01
C LYS I 40 68.62 -58.41 23.28
N ASN I 41 67.73 -59.39 23.41
CA ASN I 41 67.76 -60.27 24.55
C ASN I 41 68.71 -61.45 24.37
N LYS I 42 69.43 -61.52 23.24
CA LYS I 42 70.49 -62.49 23.09
C LYS I 42 71.87 -61.90 23.35
N TYR I 43 71.96 -60.59 23.53
CA TYR I 43 73.14 -59.89 24.04
C TYR I 43 74.32 -60.16 23.09
N ASN I 44 75.46 -60.62 23.58
CA ASN I 44 76.68 -60.72 22.79
C ASN I 44 76.78 -62.02 22.01
N THR I 45 75.69 -62.76 21.89
CA THR I 45 75.74 -64.01 21.16
C THR I 45 75.98 -63.73 19.68
N PRO I 46 77.00 -64.33 19.08
CA PRO I 46 77.28 -64.05 17.66
C PRO I 46 76.17 -64.55 16.75
N LYS I 47 75.97 -63.82 15.66
CA LYS I 47 75.03 -64.19 14.60
C LYS I 47 75.86 -64.52 13.37
N TYR I 48 76.18 -65.80 13.20
CA TYR I 48 77.12 -66.21 12.18
C TYR I 48 76.45 -66.27 10.81
N ARG I 49 77.08 -65.63 9.83
CA ARG I 49 76.55 -65.65 8.48
C ARG I 49 77.65 -66.02 7.51
N MET I 50 77.25 -66.76 6.48
CA MET I 50 78.13 -67.32 5.47
C MET I 50 78.05 -66.45 4.24
N ILE I 51 79.02 -65.55 4.09
CA ILE I 51 79.09 -64.66 2.95
C ILE I 51 79.59 -65.46 1.75
N VAL I 52 78.78 -65.56 0.71
CA VAL I 52 79.21 -66.20 -0.54
C VAL I 52 79.24 -65.15 -1.63
N ARG I 53 80.40 -64.99 -2.27
CA ARG I 53 80.58 -64.00 -3.32
C ARG I 53 81.18 -64.70 -4.53
N VAL I 54 80.42 -64.71 -5.63
CA VAL I 54 80.88 -65.31 -6.86
C VAL I 54 81.51 -64.21 -7.71
N THR I 55 82.81 -64.28 -7.87
CA THR I 55 83.54 -63.31 -8.67
C THR I 55 83.74 -63.90 -10.06
N ASN I 56 84.27 -63.08 -10.97
CA ASN I 56 84.52 -63.56 -12.33
C ASN I 56 85.52 -64.70 -12.34
N ARG I 57 86.60 -64.57 -11.58
CA ARG I 57 87.70 -65.51 -11.62
C ARG I 57 87.92 -66.23 -10.30
N ASP I 58 86.96 -66.19 -9.38
CA ASP I 58 87.17 -66.73 -8.05
C ASP I 58 85.82 -66.86 -7.37
N ILE I 59 85.81 -67.58 -6.25
CA ILE I 59 84.64 -67.71 -5.39
C ILE I 59 85.10 -67.57 -3.96
N ILE I 60 84.42 -66.71 -3.20
CA ILE I 60 84.81 -66.36 -1.84
C ILE I 60 83.73 -66.81 -0.88
N CYS I 61 84.11 -67.57 0.13
CA CYS I 61 83.20 -68.01 1.18
C CYS I 61 83.81 -67.63 2.52
N GLN I 62 83.09 -66.83 3.30
CA GLN I 62 83.57 -66.38 4.59
C GLN I 62 82.48 -66.60 5.63
N ILE I 63 82.88 -66.64 6.89
CA ILE I 63 81.93 -66.73 8.00
C ILE I 63 82.19 -65.56 8.93
N ALA I 64 81.16 -64.76 9.18
CA ALA I 64 81.37 -63.51 9.89
C ALA I 64 80.25 -63.28 10.88
N TYR I 65 80.56 -62.50 11.91
CA TYR I 65 79.56 -61.94 12.82
C TYR I 65 79.81 -60.44 12.93
N ALA I 66 78.73 -59.68 12.99
CA ALA I 66 78.83 -58.23 13.01
C ALA I 66 79.40 -57.73 14.33
N ARG I 67 80.14 -56.64 14.26
CA ARG I 67 80.65 -55.96 15.44
C ARG I 67 80.61 -54.46 15.15
N ILE I 68 80.64 -53.66 16.22
CA ILE I 68 80.52 -52.21 16.07
C ILE I 68 81.71 -51.67 15.30
N GLU I 69 82.88 -52.25 15.51
CA GLU I 69 84.10 -51.80 14.86
C GLU I 69 84.26 -52.36 13.46
N GLY I 70 83.31 -53.15 12.97
CA GLY I 70 83.42 -53.74 11.67
C GLY I 70 83.24 -55.24 11.73
N ASP I 71 82.96 -55.87 10.60
CA ASP I 71 82.70 -57.30 10.60
C ASP I 71 83.96 -58.07 10.96
N MET I 72 83.77 -59.26 11.54
CA MET I 72 84.87 -60.08 11.99
C MET I 72 84.76 -61.45 11.36
N ILE I 73 85.77 -61.81 10.57
CA ILE I 73 85.79 -63.07 9.85
C ILE I 73 86.53 -64.10 10.67
N VAL I 74 85.94 -65.28 10.85
CA VAL I 74 86.60 -66.36 11.55
C VAL I 74 87.13 -67.43 10.62
N CYS I 75 86.66 -67.49 9.38
CA CYS I 75 87.06 -68.51 8.44
C CYS I 75 86.85 -67.98 7.04
N ALA I 76 87.80 -68.28 6.16
CA ALA I 76 87.71 -67.82 4.77
C ALA I 76 88.32 -68.86 3.87
N ALA I 77 87.51 -69.44 3.00
CA ALA I 77 87.96 -70.40 2.00
C ALA I 77 87.78 -69.79 0.62
N TYR I 78 88.80 -69.91 -0.21
CA TYR I 78 88.78 -69.39 -1.56
C TYR I 78 88.74 -70.53 -2.56
N ALA I 79 88.61 -70.17 -3.84
CA ALA I 79 88.64 -71.14 -4.91
C ALA I 79 89.98 -71.23 -5.61
N HIS I 80 90.82 -70.21 -5.49
CA HIS I 80 92.14 -70.28 -6.10
C HIS I 80 93.04 -71.29 -5.40
N GLU I 81 92.67 -71.76 -4.21
CA GLU I 81 93.45 -72.75 -3.49
C GLU I 81 93.03 -74.18 -3.82
N LEU I 82 92.02 -74.34 -4.68
CA LEU I 82 91.65 -75.68 -5.11
C LEU I 82 92.74 -76.45 -5.85
N PRO I 83 93.72 -75.84 -6.52
CA PRO I 83 94.81 -76.65 -7.08
C PRO I 83 95.53 -77.51 -6.07
N LYS I 84 95.68 -77.03 -4.84
CA LYS I 84 96.27 -77.86 -3.80
C LYS I 84 95.49 -79.12 -3.58
N TYR I 85 94.16 -79.05 -3.66
CA TYR I 85 93.29 -80.19 -3.43
C TYR I 85 92.91 -80.91 -4.72
N GLY I 86 93.45 -80.48 -5.86
CA GLY I 86 93.27 -81.25 -7.07
C GLY I 86 92.60 -80.53 -8.22
N VAL I 87 91.65 -79.64 -7.93
CA VAL I 87 90.95 -78.89 -8.97
C VAL I 87 91.88 -77.79 -9.44
N LYS I 88 92.58 -78.03 -10.56
CA LYS I 88 93.60 -77.09 -11.01
C LYS I 88 93.11 -76.12 -12.07
N VAL I 89 91.97 -76.39 -12.72
CA VAL I 89 91.43 -75.51 -13.75
C VAL I 89 89.91 -75.54 -13.62
N GLY I 90 89.26 -74.60 -14.30
CA GLY I 90 87.82 -74.58 -14.35
C GLY I 90 87.16 -74.21 -13.05
N LEU I 91 87.62 -73.12 -12.45
CA LEU I 91 87.03 -72.62 -11.22
C LEU I 91 85.75 -71.87 -11.57
N THR I 92 85.21 -71.12 -10.61
CA THR I 92 84.06 -70.22 -10.77
C THR I 92 82.86 -70.89 -11.44
N ASN I 93 82.75 -72.21 -11.30
CA ASN I 93 81.59 -72.96 -11.75
C ASN I 93 80.93 -73.61 -10.54
N TYR I 94 79.83 -74.32 -10.79
CA TYR I 94 79.02 -74.85 -9.71
C TYR I 94 79.78 -75.89 -8.90
N ALA I 95 80.55 -76.74 -9.57
CA ALA I 95 81.32 -77.75 -8.85
C ALA I 95 82.36 -77.10 -7.95
N ALA I 96 83.04 -76.06 -8.44
CA ALA I 96 83.98 -75.36 -7.60
C ALA I 96 83.29 -74.67 -6.44
N ALA I 97 82.07 -74.16 -6.66
CA ALA I 97 81.33 -73.52 -5.58
C ALA I 97 81.00 -74.53 -4.48
N TYR I 98 80.52 -75.72 -4.86
CA TYR I 98 80.28 -76.76 -3.88
C TYR I 98 81.57 -77.13 -3.15
N CYS I 99 82.66 -77.26 -3.91
CA CYS I 99 83.93 -77.68 -3.29
C CYS I 99 84.43 -76.66 -2.30
N THR I 100 84.33 -75.37 -2.63
CA THR I 100 84.82 -74.35 -1.70
C THR I 100 83.89 -74.16 -0.52
N GLY I 101 82.59 -74.39 -0.68
CA GLY I 101 81.71 -74.41 0.48
C GLY I 101 82.05 -75.56 1.41
N LEU I 102 82.30 -76.74 0.85
CA LEU I 102 82.68 -77.89 1.66
C LEU I 102 84.01 -77.64 2.37
N LEU I 103 84.96 -77.02 1.66
CA LEU I 103 86.22 -76.67 2.28
C LEU I 103 86.02 -75.67 3.41
N LEU I 104 85.15 -74.69 3.22
CA LEU I 104 84.88 -73.72 4.27
C LEU I 104 84.34 -74.42 5.51
N ALA I 105 83.37 -75.31 5.33
CA ALA I 105 82.79 -76.03 6.45
C ALA I 105 83.85 -76.87 7.17
N ARG I 106 84.64 -77.64 6.42
CA ARG I 106 85.62 -78.51 7.04
C ARG I 106 86.71 -77.70 7.73
N ARG I 107 87.15 -76.61 7.13
CA ARG I 107 88.16 -75.76 7.75
C ARG I 107 87.64 -75.16 9.04
N LEU I 108 86.39 -74.70 9.05
CA LEU I 108 85.85 -74.09 10.27
C LEU I 108 85.73 -75.11 11.38
N LEU I 109 85.21 -76.30 11.06
CA LEU I 109 85.08 -77.33 12.08
C LEU I 109 86.44 -77.78 12.58
N ASN I 110 87.44 -77.79 11.71
CA ASN I 110 88.79 -78.12 12.15
C ASN I 110 89.33 -77.06 13.09
N ARG I 111 89.05 -75.78 12.81
CA ARG I 111 89.48 -74.75 13.73
C ARG I 111 88.82 -74.90 15.08
N PHE I 112 87.52 -75.18 15.09
CA PHE I 112 86.83 -75.27 16.37
C PHE I 112 87.02 -76.62 17.04
N GLY I 113 87.69 -77.57 16.39
CA GLY I 113 87.93 -78.86 16.98
C GLY I 113 86.79 -79.85 16.82
N MET I 114 85.73 -79.48 16.12
CA MET I 114 84.57 -80.34 15.94
C MET I 114 84.64 -81.06 14.60
N ASP I 115 85.67 -81.87 14.44
CA ASP I 115 85.83 -82.67 13.22
C ASP I 115 85.14 -84.01 13.35
N LYS I 116 85.51 -84.79 14.37
CA LYS I 116 84.96 -86.12 14.54
C LYS I 116 83.48 -86.07 14.85
N ILE I 117 83.02 -85.01 15.48
CA ILE I 117 81.60 -84.72 15.58
C ILE I 117 81.22 -83.91 14.35
N TYR I 118 80.09 -84.25 13.75
CA TYR I 118 79.55 -83.56 12.57
C TYR I 118 80.54 -83.63 11.40
N GLU I 119 80.88 -84.87 11.03
CA GLU I 119 81.61 -85.06 9.78
C GLU I 119 80.72 -84.83 8.58
N GLY I 120 79.40 -84.88 8.76
CA GLY I 120 78.45 -84.61 7.70
C GLY I 120 78.24 -85.79 6.77
N GLN I 121 77.43 -85.53 5.74
CA GLN I 121 77.20 -86.50 4.69
C GLN I 121 78.46 -86.60 3.84
N VAL I 122 79.11 -87.76 3.86
CA VAL I 122 80.37 -87.91 3.14
C VAL I 122 80.13 -88.22 1.67
N GLU I 123 79.32 -89.25 1.39
CA GLU I 123 78.95 -89.54 0.01
C GLU I 123 78.03 -88.44 -0.50
N VAL I 124 78.21 -88.08 -1.76
CA VAL I 124 77.57 -86.89 -2.32
C VAL I 124 76.27 -87.33 -3.00
N THR I 125 75.15 -87.09 -2.33
CA THR I 125 73.84 -87.17 -2.94
C THR I 125 73.28 -85.75 -3.05
N GLY I 126 72.50 -85.53 -4.11
CA GLY I 126 71.88 -84.22 -4.26
C GLY I 126 70.74 -83.94 -3.32
N ASP I 127 70.29 -84.95 -2.57
CA ASP I 127 69.13 -84.83 -1.71
C ASP I 127 69.38 -83.82 -0.59
N GLU I 128 68.28 -83.33 -0.01
CA GLU I 128 68.39 -82.42 1.12
C GLU I 128 68.97 -83.13 2.31
N TYR I 129 69.82 -82.43 3.05
CA TYR I 129 70.50 -82.99 4.19
C TYR I 129 70.81 -81.86 5.15
N ASN I 130 70.35 -82.00 6.39
CA ASN I 130 70.57 -81.00 7.42
C ASN I 130 71.19 -81.69 8.62
N VAL I 131 72.31 -81.17 9.11
CA VAL I 131 72.99 -81.80 10.23
C VAL I 131 72.16 -81.61 11.50
N GLU I 132 72.32 -82.53 12.44
CA GLU I 132 71.64 -82.48 13.72
C GLU I 132 72.66 -82.40 14.84
N SER I 133 72.36 -81.59 15.84
CA SER I 133 73.18 -81.57 17.04
C SER I 133 73.12 -82.92 17.75
N ILE I 134 74.20 -83.27 18.42
CA ILE I 134 74.31 -84.52 19.16
C ILE I 134 74.31 -84.22 20.65
N ASP I 135 73.45 -84.92 21.39
CA ASP I 135 73.37 -84.71 22.83
C ASP I 135 74.69 -85.03 23.50
N GLY I 136 75.02 -84.27 24.54
CA GLY I 136 76.25 -84.49 25.26
C GLY I 136 77.50 -84.05 24.54
N GLN I 137 77.36 -83.49 23.35
CA GLN I 137 78.49 -83.01 22.55
C GLN I 137 78.18 -81.58 22.12
N PRO I 138 79.22 -80.79 21.85
CA PRO I 138 78.97 -79.40 21.43
C PRO I 138 78.12 -79.35 20.18
N GLY I 139 77.20 -78.39 20.15
CA GLY I 139 76.17 -78.37 19.14
C GLY I 139 76.69 -78.07 17.76
N ALA I 140 75.80 -78.23 16.79
CA ALA I 140 76.13 -77.91 15.42
C ALA I 140 76.24 -76.39 15.24
N PHE I 141 76.98 -76.00 14.20
CA PHE I 141 77.27 -74.60 13.93
C PHE I 141 76.18 -74.03 13.02
N THR I 142 75.33 -73.17 13.58
CA THR I 142 74.21 -72.58 12.86
C THR I 142 74.64 -71.25 12.28
N CYS I 143 74.67 -71.16 10.96
CA CYS I 143 74.98 -69.92 10.28
C CYS I 143 74.00 -69.73 9.13
N TYR I 144 73.76 -68.47 8.77
CA TYR I 144 72.77 -68.13 7.77
C TYR I 144 73.44 -67.66 6.50
N LEU I 145 72.92 -68.09 5.35
CA LEU I 145 73.52 -67.74 4.07
C LEU I 145 73.32 -66.27 3.75
N ASP I 146 74.38 -65.64 3.23
CA ASP I 146 74.36 -64.27 2.75
C ASP I 146 74.79 -64.33 1.29
N ALA I 147 73.81 -64.29 0.40
CA ALA I 147 74.08 -64.31 -1.02
C ALA I 147 74.46 -62.93 -1.54
N GLY I 148 74.21 -61.88 -0.78
CA GLY I 148 74.56 -60.54 -1.19
C GLY I 148 73.56 -59.92 -2.15
N LEU I 149 74.05 -59.37 -3.25
CA LEU I 149 73.20 -58.72 -4.24
C LEU I 149 72.84 -59.64 -5.41
N ALA I 150 73.19 -60.91 -5.35
CA ALA I 150 72.90 -61.83 -6.44
C ALA I 150 71.41 -62.13 -6.52
N ARG I 151 70.92 -62.35 -7.73
CA ARG I 151 69.53 -62.73 -7.95
C ARG I 151 69.39 -64.22 -7.69
N THR I 152 68.63 -64.58 -6.66
CA THR I 152 68.59 -65.95 -6.16
C THR I 152 67.49 -66.75 -6.85
N THR I 153 67.62 -66.86 -8.17
CA THR I 153 66.76 -67.79 -8.88
C THR I 153 67.32 -69.21 -8.76
N THR I 154 66.56 -70.17 -9.27
CA THR I 154 66.96 -71.56 -9.16
C THR I 154 68.23 -71.82 -9.97
N GLY I 155 69.25 -72.33 -9.31
CA GLY I 155 70.50 -72.65 -9.98
C GLY I 155 71.65 -71.72 -9.72
N ASN I 156 71.50 -70.72 -8.85
CA ASN I 156 72.59 -69.83 -8.52
C ASN I 156 73.71 -70.59 -7.79
N LYS I 157 74.95 -70.21 -8.07
CA LYS I 157 76.09 -70.90 -7.48
C LYS I 157 76.22 -70.64 -5.99
N VAL I 158 75.55 -69.61 -5.47
CA VAL I 158 75.52 -69.41 -4.02
C VAL I 158 74.89 -70.63 -3.36
N PHE I 159 73.89 -71.21 -3.99
CA PHE I 159 73.28 -72.40 -3.44
C PHE I 159 74.15 -73.63 -3.61
N GLY I 160 75.04 -73.65 -4.60
CA GLY I 160 76.04 -74.70 -4.65
C GLY I 160 77.02 -74.62 -3.49
N ALA I 161 77.48 -73.42 -3.19
CA ALA I 161 78.33 -73.25 -2.01
C ALA I 161 77.59 -73.65 -0.74
N LEU I 162 76.31 -73.30 -0.66
CA LEU I 162 75.50 -73.70 0.49
C LEU I 162 75.41 -75.22 0.60
N LYS I 163 75.21 -75.89 -0.52
CA LYS I 163 75.16 -77.35 -0.48
C LYS I 163 76.50 -77.94 -0.06
N GLY I 164 77.60 -77.36 -0.53
CA GLY I 164 78.89 -77.83 -0.08
C GLY I 164 79.07 -77.67 1.42
N ALA I 165 78.68 -76.51 1.95
CA ALA I 165 78.82 -76.29 3.38
C ALA I 165 77.94 -77.23 4.19
N VAL I 166 76.70 -77.46 3.76
CA VAL I 166 75.81 -78.32 4.54
C VAL I 166 76.25 -79.77 4.44
N ASP I 167 76.85 -80.16 3.32
CA ASP I 167 77.45 -81.49 3.27
C ASP I 167 78.66 -81.57 4.19
N GLY I 168 79.38 -80.46 4.35
CA GLY I 168 80.45 -80.43 5.32
C GLY I 168 79.97 -80.55 6.74
N GLY I 169 78.82 -79.97 7.06
CA GLY I 169 78.27 -80.10 8.39
C GLY I 169 77.78 -78.81 9.01
N LEU I 170 77.76 -77.73 8.24
CA LEU I 170 77.22 -76.47 8.73
C LEU I 170 75.69 -76.50 8.67
N SER I 171 75.06 -76.07 9.75
CA SER I 171 73.61 -76.14 9.87
C SER I 171 73.01 -74.83 9.38
N ILE I 172 72.83 -74.75 8.07
CA ILE I 172 72.27 -73.56 7.42
C ILE I 172 70.84 -73.88 7.04
N PRO I 173 69.86 -73.10 7.48
CA PRO I 173 68.48 -73.31 7.00
C PRO I 173 68.40 -73.04 5.51
N HIS I 174 67.66 -73.90 4.82
CA HIS I 174 67.50 -73.76 3.37
C HIS I 174 66.35 -74.64 2.92
N SER I 175 66.01 -74.52 1.65
CA SER I 175 65.05 -75.40 1.01
C SER I 175 65.56 -75.77 -0.37
N THR I 176 65.08 -76.88 -0.90
CA THR I 176 65.55 -77.37 -2.18
C THR I 176 64.90 -76.65 -3.37
N LYS I 177 64.19 -75.55 -3.13
CA LYS I 177 63.52 -74.88 -4.23
C LYS I 177 64.51 -74.19 -5.16
N ARG I 178 65.67 -73.82 -4.65
CA ARG I 178 66.65 -73.08 -5.44
C ARG I 178 67.82 -73.94 -5.91
N PHE I 179 67.89 -75.19 -5.51
CA PHE I 179 68.91 -76.08 -6.03
C PHE I 179 68.64 -76.39 -7.51
N PRO I 180 69.69 -76.64 -8.30
CA PRO I 180 69.48 -76.87 -9.73
C PRO I 180 68.57 -78.03 -10.06
N GLY I 181 68.43 -79.00 -9.15
CA GLY I 181 67.56 -80.11 -9.43
C GLY I 181 66.08 -79.80 -9.36
N TYR I 182 65.73 -78.67 -8.75
CA TYR I 182 64.32 -78.32 -8.58
C TYR I 182 63.67 -78.06 -9.93
N ASP I 183 62.46 -78.55 -10.09
CA ASP I 183 61.66 -78.32 -11.28
C ASP I 183 60.52 -77.38 -10.95
N SER I 184 60.40 -76.31 -11.73
CA SER I 184 59.36 -75.33 -11.46
C SER I 184 57.99 -75.86 -11.85
N GLU I 185 57.90 -76.54 -12.99
CA GLU I 185 56.61 -77.00 -13.48
C GLU I 185 56.04 -78.10 -12.60
N SER I 186 56.86 -79.07 -12.22
CA SER I 186 56.41 -80.18 -11.42
C SER I 186 56.48 -79.92 -9.92
N LYS I 187 57.16 -78.84 -9.51
CA LYS I 187 57.31 -78.47 -8.09
C LYS I 187 57.96 -79.60 -7.30
N GLU I 188 58.85 -80.35 -7.93
CA GLU I 188 59.59 -81.44 -7.32
C GLU I 188 61.07 -81.05 -7.26
N PHE I 189 61.84 -81.86 -6.54
CA PHE I 189 63.30 -81.76 -6.55
C PHE I 189 63.85 -83.06 -7.11
N ASN I 190 64.53 -82.98 -8.25
CA ASN I 190 65.05 -84.17 -8.92
C ASN I 190 66.09 -84.87 -8.06
N ALA I 191 66.96 -84.10 -7.42
CA ALA I 191 68.02 -84.58 -6.54
C ALA I 191 69.06 -85.42 -7.27
N GLU I 192 68.97 -85.56 -8.58
CA GLU I 192 70.00 -86.25 -9.33
C GLU I 192 70.74 -85.35 -10.30
N VAL I 193 70.02 -84.49 -11.03
CA VAL I 193 70.72 -83.44 -11.77
C VAL I 193 71.41 -82.48 -10.82
N HIS I 194 70.93 -82.35 -9.59
CA HIS I 194 71.64 -81.54 -8.60
C HIS I 194 73.02 -82.11 -8.34
N ARG I 195 73.11 -83.42 -8.12
CA ARG I 195 74.42 -84.03 -7.94
C ARG I 195 75.21 -84.08 -9.24
N LYS I 196 74.55 -84.07 -10.39
CA LYS I 196 75.27 -83.91 -11.65
C LYS I 196 75.95 -82.55 -11.72
N HIS I 197 75.22 -81.50 -11.38
CA HIS I 197 75.82 -80.17 -11.33
C HIS I 197 76.95 -80.12 -10.32
N ILE I 198 76.77 -80.75 -9.17
CA ILE I 198 77.81 -80.76 -8.14
C ILE I 198 79.06 -81.45 -8.66
N MET I 199 78.90 -82.58 -9.33
CA MET I 199 80.02 -83.33 -9.88
C MET I 199 80.55 -82.72 -11.17
N GLY I 200 79.92 -81.67 -11.67
CA GLY I 200 80.39 -81.07 -12.91
C GLY I 200 80.01 -81.84 -14.14
N GLN I 201 79.07 -82.78 -14.01
CA GLN I 201 78.68 -83.60 -15.15
C GLN I 201 78.09 -82.78 -16.27
N ASN I 202 77.39 -81.69 -15.96
CA ASN I 202 76.83 -80.86 -17.02
C ASN I 202 77.94 -80.19 -17.83
N VAL I 203 79.00 -79.73 -17.17
CA VAL I 203 80.11 -79.13 -17.88
C VAL I 203 80.80 -80.16 -18.77
N ALA I 204 80.99 -81.38 -18.26
CA ALA I 204 81.57 -82.43 -19.08
C ALA I 204 80.69 -82.78 -20.26
N ASP I 205 79.37 -82.76 -20.07
CA ASP I 205 78.44 -82.98 -21.16
C ASP I 205 78.63 -81.93 -22.24
N TYR I 206 78.76 -80.67 -21.83
CA TYR I 206 79.04 -79.60 -22.78
C TYR I 206 80.37 -79.84 -23.49
N MET I 207 81.37 -80.32 -22.74
CA MET I 207 82.68 -80.54 -23.32
C MET I 207 82.62 -81.58 -24.43
N ARG I 208 81.94 -82.69 -24.19
CA ARG I 208 81.82 -83.71 -25.21
C ARG I 208 80.96 -83.25 -26.38
N TYR I 209 79.93 -82.46 -26.11
CA TYR I 209 79.11 -81.91 -27.18
C TYR I 209 79.93 -81.01 -28.11
N LEU I 210 80.76 -80.14 -27.53
CA LEU I 210 81.63 -79.31 -28.34
C LEU I 210 82.67 -80.15 -29.07
N MET I 211 83.25 -81.13 -28.39
CA MET I 211 84.20 -82.04 -29.03
C MET I 211 83.57 -82.80 -30.20
N GLU I 212 82.26 -83.02 -30.18
CA GLU I 212 81.59 -83.72 -31.27
C GLU I 212 81.24 -82.80 -32.44
N GLU I 213 80.53 -81.71 -32.20
CA GLU I 213 80.10 -80.89 -33.33
C GLU I 213 81.21 -79.98 -33.87
N ASP I 214 81.67 -79.03 -33.06
CA ASP I 214 82.57 -77.99 -33.54
C ASP I 214 83.91 -78.07 -32.82
N GLU I 215 84.96 -78.48 -33.55
CA GLU I 215 86.26 -78.68 -32.93
C GLU I 215 86.91 -77.35 -32.53
N ASP I 216 86.90 -76.38 -33.45
CA ASP I 216 87.57 -75.11 -33.17
C ASP I 216 86.85 -74.32 -32.10
N ALA I 217 85.51 -74.35 -32.09
CA ALA I 217 84.77 -73.74 -31.00
C ALA I 217 85.09 -74.43 -29.68
N TYR I 218 85.26 -75.76 -29.70
CA TYR I 218 85.63 -76.46 -28.49
C TYR I 218 86.98 -75.99 -27.97
N LYS I 219 87.96 -75.85 -28.86
CA LYS I 219 89.28 -75.39 -28.43
C LYS I 219 89.21 -73.98 -27.86
N LYS I 220 88.49 -73.08 -28.55
CA LYS I 220 88.37 -71.71 -28.08
C LYS I 220 87.70 -71.65 -26.71
N GLN I 221 86.65 -72.43 -26.50
CA GLN I 221 85.92 -72.37 -25.24
C GLN I 221 86.73 -73.02 -24.12
N PHE I 222 87.01 -74.31 -24.26
CA PHE I 222 87.77 -75.03 -23.23
C PHE I 222 89.26 -75.07 -23.59
N SER I 223 89.80 -73.88 -23.86
CA SER I 223 91.24 -73.75 -24.08
C SER I 223 92.04 -74.24 -22.87
N GLN I 224 91.88 -73.59 -21.72
CA GLN I 224 92.65 -73.99 -20.55
C GLN I 224 92.25 -75.37 -20.04
N TYR I 225 91.07 -75.86 -20.43
CA TYR I 225 90.71 -77.22 -20.09
C TYR I 225 91.53 -78.23 -20.87
N ILE I 226 91.88 -77.90 -22.11
CA ILE I 226 92.79 -78.73 -22.88
C ILE I 226 94.13 -78.82 -22.17
N LYS I 227 94.63 -77.68 -21.70
CA LYS I 227 95.74 -77.68 -20.77
C LYS I 227 95.34 -78.44 -19.51
N ASN I 228 96.33 -79.07 -18.88
CA ASN I 228 96.17 -80.01 -17.77
C ASN I 228 95.49 -81.30 -18.20
N SER I 229 95.26 -81.49 -19.50
CA SER I 229 94.74 -82.73 -20.06
C SER I 229 93.45 -83.17 -19.36
N VAL I 230 92.60 -82.21 -19.04
CA VAL I 230 91.37 -82.51 -18.32
C VAL I 230 90.37 -83.15 -19.28
N THR I 231 89.91 -84.34 -18.94
CA THR I 231 88.97 -85.07 -19.78
C THR I 231 87.59 -85.06 -19.13
N PRO I 232 86.55 -84.88 -19.97
CA PRO I 232 85.18 -85.01 -19.47
C PRO I 232 84.92 -86.37 -18.84
N ASP I 233 85.76 -87.34 -19.13
CA ASP I 233 85.63 -88.69 -18.60
C ASP I 233 86.40 -88.88 -17.30
N MET I 234 87.09 -87.86 -16.82
CA MET I 234 87.74 -87.90 -15.52
C MET I 234 87.34 -86.75 -14.61
N MET I 235 86.48 -85.85 -15.08
CA MET I 235 86.06 -84.72 -14.24
C MET I 235 85.38 -85.16 -12.96
N GLU I 236 84.47 -86.13 -13.03
CA GLU I 236 83.80 -86.58 -11.80
C GLU I 236 84.78 -87.29 -10.87
N GLU I 237 85.70 -88.07 -11.43
CA GLU I 237 86.73 -88.71 -10.62
C GLU I 237 87.55 -87.68 -9.86
N MET I 238 87.98 -86.62 -10.55
CA MET I 238 88.82 -85.64 -9.88
C MET I 238 88.03 -84.84 -8.85
N TYR I 239 86.74 -84.62 -9.09
CA TYR I 239 85.95 -83.93 -8.05
C TYR I 239 85.74 -84.81 -6.83
N LYS I 240 85.58 -86.12 -7.03
CA LYS I 240 85.56 -87.04 -5.90
C LYS I 240 86.87 -86.98 -5.13
N LYS I 241 87.99 -86.97 -5.84
CA LYS I 241 89.29 -86.88 -5.18
C LYS I 241 89.44 -85.57 -4.42
N ALA I 242 88.92 -84.48 -4.99
CA ALA I 242 88.99 -83.19 -4.30
C ALA I 242 88.17 -83.20 -3.02
N HIS I 243 87.00 -83.85 -3.04
CA HIS I 243 86.24 -84.02 -1.82
C HIS I 243 87.04 -84.80 -0.78
N ALA I 244 87.70 -85.87 -1.23
CA ALA I 244 88.51 -86.67 -0.31
C ALA I 244 89.63 -85.85 0.30
N ALA I 245 90.31 -85.04 -0.53
CA ALA I 245 91.41 -84.22 -0.04
C ALA I 245 90.92 -83.16 0.94
N ILE I 246 89.76 -82.56 0.65
CA ILE I 246 89.23 -81.53 1.53
C ILE I 246 88.88 -82.12 2.89
N ARG I 247 88.24 -83.29 2.90
CA ARG I 247 87.99 -83.94 4.18
C ARG I 247 89.28 -84.39 4.83
N GLU I 248 90.31 -84.66 4.04
CA GLU I 248 91.59 -85.09 4.60
C GLU I 248 92.27 -83.96 5.37
N ASN I 249 92.59 -82.88 4.70
CA ASN I 249 93.29 -81.76 5.34
C ASN I 249 92.80 -80.43 4.77
N PRO I 250 91.84 -79.79 5.44
CA PRO I 250 91.42 -78.46 5.04
C PRO I 250 92.14 -77.32 5.76
N VAL I 251 93.20 -77.61 6.51
CA VAL I 251 93.91 -76.57 7.23
C VAL I 251 94.65 -75.68 6.24
N TYR I 252 94.49 -74.37 6.39
CA TYR I 252 95.14 -73.44 5.49
C TYR I 252 96.57 -73.16 5.93
N GLU I 253 97.46 -73.06 4.97
CA GLU I 253 98.86 -72.75 5.22
C GLU I 253 99.09 -71.32 4.73
N LYS I 254 99.19 -70.38 5.67
CA LYS I 254 99.47 -69.00 5.30
C LYS I 254 100.88 -68.90 4.73
N LYS I 255 101.02 -68.15 3.65
CA LYS I 255 102.29 -68.04 2.98
C LYS I 255 103.29 -67.27 3.85
N PRO I 256 104.58 -67.60 3.75
CA PRO I 256 105.59 -66.77 4.41
C PRO I 256 105.69 -65.41 3.74
N LYS I 257 105.67 -64.36 4.55
CA LYS I 257 105.70 -62.99 4.06
C LYS I 257 107.07 -62.69 3.46
N LYS I 258 107.10 -62.43 2.16
CA LYS I 258 108.37 -62.24 1.46
C LYS I 258 109.05 -60.96 1.94
N GLU I 259 110.37 -60.98 1.95
CA GLU I 259 111.14 -59.78 2.26
C GLU I 259 110.97 -58.77 1.14
N VAL I 260 110.60 -57.55 1.50
CA VAL I 260 110.23 -56.55 0.52
C VAL I 260 110.83 -55.21 0.90
N LYS I 261 111.31 -54.47 -0.09
CA LYS I 261 111.70 -53.09 0.11
C LYS I 261 110.46 -52.21 0.12
N LYS I 262 110.68 -50.91 0.33
CA LYS I 262 109.58 -49.95 0.28
C LYS I 262 109.62 -49.25 -1.08
N LYS I 263 108.76 -49.69 -1.99
CA LYS I 263 108.61 -49.08 -3.30
C LYS I 263 107.27 -48.35 -3.34
N ARG I 264 107.29 -47.12 -3.80
CA ARG I 264 106.08 -46.32 -3.90
C ARG I 264 105.61 -46.33 -5.34
N TRP I 265 104.50 -47.00 -5.61
CA TRP I 265 103.98 -47.15 -6.96
C TRP I 265 102.97 -46.07 -7.33
N ASN I 266 102.61 -45.18 -6.41
CA ASN I 266 101.66 -44.13 -6.69
C ASN I 266 102.09 -42.83 -6.02
N ARG I 267 101.99 -41.73 -6.75
CA ARG I 267 102.55 -40.47 -6.29
C ARG I 267 101.74 -39.90 -5.12
N PRO I 268 102.38 -39.28 -4.15
CA PRO I 268 101.68 -38.76 -2.98
C PRO I 268 101.09 -37.38 -3.24
N LYS I 269 100.40 -36.85 -2.24
CA LYS I 269 99.70 -35.58 -2.39
C LYS I 269 100.68 -34.44 -2.56
N MET I 270 100.33 -33.52 -3.45
CA MET I 270 101.09 -32.29 -3.59
C MET I 270 100.90 -31.42 -2.37
N SER I 271 101.99 -30.82 -1.89
CA SER I 271 101.91 -29.96 -0.73
C SER I 271 101.30 -28.62 -1.11
N LEU I 272 100.85 -27.89 -0.09
CA LEU I 272 100.30 -26.57 -0.31
C LEU I 272 101.35 -25.62 -0.89
N ALA I 273 102.59 -25.75 -0.44
CA ALA I 273 103.66 -24.95 -1.01
C ALA I 273 103.86 -25.26 -2.48
N GLN I 274 103.80 -26.54 -2.84
CA GLN I 274 103.91 -26.93 -4.24
C GLN I 274 102.76 -26.36 -5.06
N LYS I 275 101.53 -26.44 -4.54
CA LYS I 275 100.38 -25.92 -5.28
C LYS I 275 100.45 -24.42 -5.45
N LYS I 276 100.84 -23.70 -4.39
CA LYS I 276 100.98 -22.25 -4.49
C LYS I 276 102.10 -21.86 -5.44
N ASP I 277 103.21 -22.61 -5.43
CA ASP I 277 104.27 -22.37 -6.40
C ASP I 277 103.77 -22.57 -7.82
N ARG I 278 102.96 -23.61 -8.03
CA ARG I 278 102.43 -23.86 -9.36
C ARG I 278 101.50 -22.74 -9.81
N VAL I 279 100.66 -22.25 -8.91
CA VAL I 279 99.77 -21.14 -9.25
C VAL I 279 100.59 -19.89 -9.59
N ALA I 280 101.61 -19.60 -8.78
CA ALA I 280 102.44 -18.43 -9.04
C ALA I 280 103.17 -18.55 -10.37
N GLN I 281 103.72 -19.73 -10.65
CA GLN I 281 104.44 -19.92 -11.92
C GLN I 281 103.49 -19.80 -13.09
N LYS I 282 102.27 -20.34 -12.97
CA LYS I 282 101.31 -20.23 -14.05
C LYS I 282 100.93 -18.77 -14.31
N LYS I 283 100.70 -18.00 -13.25
CA LYS I 283 100.34 -16.60 -13.44
C LYS I 283 101.49 -15.82 -14.04
N ALA I 284 102.72 -16.07 -13.58
CA ALA I 284 103.87 -15.39 -14.14
C ALA I 284 104.05 -15.72 -15.61
N SER I 285 103.86 -16.99 -15.98
CA SER I 285 104.02 -17.38 -17.38
C SER I 285 102.94 -16.77 -18.24
N PHE I 286 101.70 -16.73 -17.74
CA PHE I 286 100.63 -16.12 -18.53
C PHE I 286 100.91 -14.64 -18.75
N LEU I 287 101.36 -13.94 -17.72
CA LEU I 287 101.68 -12.52 -17.88
C LEU I 287 102.85 -12.32 -18.83
N ARG I 288 103.88 -13.16 -18.73
CA ARG I 288 105.02 -13.03 -19.64
C ARG I 288 104.61 -13.27 -21.08
N ALA I 289 103.82 -14.31 -21.33
CA ALA I 289 103.36 -14.59 -22.67
C ALA I 289 102.49 -13.47 -23.20
N GLN I 290 101.61 -12.93 -22.36
CA GLN I 290 100.74 -11.84 -22.78
C GLN I 290 101.54 -10.59 -23.12
N GLU I 291 102.52 -10.23 -22.28
CA GLU I 291 103.30 -9.04 -22.56
C GLU I 291 104.24 -9.25 -23.75
N ARG I 292 104.61 -10.51 -24.02
CA ARG I 292 105.31 -10.80 -25.26
C ARG I 292 104.39 -10.58 -26.46
N ALA I 293 103.13 -11.01 -26.33
CA ALA I 293 102.12 -10.90 -27.38
C ALA I 293 102.58 -11.52 -28.70
N LYS J 1 105.89 -14.51 110.43
CA LYS J 1 105.06 -13.63 109.61
C LYS J 1 105.87 -12.43 109.11
N GLY J 2 106.02 -12.32 107.80
CA GLY J 2 106.79 -11.23 107.24
C GLY J 2 106.05 -9.91 107.28
N LYS J 3 106.82 -8.84 107.36
CA LYS J 3 106.25 -7.51 107.29
C LYS J 3 105.70 -7.28 105.88
N PRO J 4 104.51 -6.67 105.75
CA PRO J 4 103.93 -6.48 104.42
C PRO J 4 104.81 -5.62 103.53
N HIS J 5 104.80 -5.95 102.25
CA HIS J 5 105.52 -5.22 101.21
C HIS J 5 104.50 -4.65 100.23
N CYS J 6 104.89 -3.58 99.54
CA CYS J 6 104.00 -2.94 98.59
C CYS J 6 103.79 -3.87 97.39
N SER J 7 102.97 -3.40 96.44
CA SER J 7 102.39 -4.29 95.45
C SER J 7 103.45 -4.94 94.56
N ARG J 8 104.62 -4.33 94.43
CA ARG J 8 105.70 -4.83 93.58
C ARG J 8 105.28 -4.94 92.12
N ASN J 9 104.14 -4.38 91.75
CA ASN J 9 103.64 -4.40 90.38
C ASN J 9 103.00 -3.05 90.11
N PRO J 10 103.71 -2.14 89.45
CA PRO J 10 103.12 -0.83 89.15
C PRO J 10 101.92 -0.97 88.24
N VAL J 11 100.93 -0.11 88.44
CA VAL J 11 99.70 -0.17 87.67
C VAL J 11 99.81 0.78 86.50
N LEU J 12 99.71 0.24 85.28
CA LEU J 12 99.76 1.06 84.08
C LEU J 12 98.40 1.29 83.46
N VAL J 13 97.42 0.43 83.75
CA VAL J 13 96.01 0.73 83.46
C VAL J 13 95.19 -0.12 84.42
N ARG J 14 93.97 0.32 84.68
CA ARG J 14 93.12 -0.40 85.63
C ARG J 14 92.87 -1.82 85.16
N GLY J 15 93.16 -2.78 86.02
CA GLY J 15 92.98 -4.17 85.69
C GLY J 15 94.16 -4.85 85.05
N ILE J 16 95.21 -4.11 84.69
CA ILE J 16 96.41 -4.70 84.10
C ILE J 16 97.62 -4.25 84.91
N GLY J 17 98.40 -5.21 85.37
CA GLY J 17 99.69 -4.90 85.95
C GLY J 17 100.74 -4.71 84.88
N ARG J 18 101.77 -3.93 85.23
CA ARG J 18 102.79 -3.59 84.25
C ARG J 18 103.65 -4.79 83.88
N TYR J 19 103.85 -5.71 84.80
CA TYR J 19 104.77 -6.82 84.60
C TYR J 19 104.02 -8.13 84.42
N SER J 20 104.59 -9.01 83.60
CA SER J 20 103.95 -10.26 83.21
C SER J 20 104.12 -11.29 84.32
N ARG J 21 103.65 -12.51 84.06
CA ARG J 21 103.66 -13.56 85.08
C ARG J 21 105.07 -13.96 85.44
N SER J 22 105.92 -14.22 84.45
CA SER J 22 107.29 -14.63 84.73
C SER J 22 108.10 -13.51 85.35
N ALA J 23 107.91 -12.28 84.86
CA ALA J 23 108.62 -11.14 85.43
C ALA J 23 108.23 -10.95 86.89
N MET J 24 106.95 -11.07 87.21
CA MET J 24 106.54 -10.96 88.61
C MET J 24 107.03 -12.14 89.44
N TYR J 25 107.13 -13.32 88.84
CA TYR J 25 107.72 -14.46 89.52
C TYR J 25 109.15 -14.15 89.95
N SER J 26 109.93 -13.59 89.04
CA SER J 26 111.30 -13.21 89.39
C SER J 26 111.36 -12.04 90.36
N ARG J 27 110.44 -11.08 90.24
CA ARG J 27 110.45 -9.93 91.14
C ARG J 27 110.12 -10.35 92.57
N LYS J 28 109.16 -11.26 92.73
CA LYS J 28 108.85 -11.79 94.05
C LYS J 28 109.80 -12.92 94.46
N ALA J 29 110.67 -13.36 93.55
CA ALA J 29 111.61 -14.44 93.80
C ALA J 29 110.90 -15.68 94.32
N MET J 30 109.79 -16.01 93.67
CA MET J 30 108.99 -17.15 94.10
C MET J 30 109.70 -18.48 93.89
N TYR J 31 110.82 -18.50 93.14
CA TYR J 31 111.55 -19.74 92.97
C TYR J 31 112.12 -20.23 94.29
N LYS J 32 112.58 -19.31 95.14
CA LYS J 32 113.11 -19.64 96.45
C LYS J 32 112.05 -19.61 97.54
N ARG J 33 110.79 -19.44 97.18
CA ARG J 33 109.72 -19.39 98.15
C ARG J 33 108.69 -20.48 97.88
N LYS J 34 109.15 -21.69 97.62
CA LYS J 34 108.26 -22.81 97.35
C LYS J 34 107.94 -23.52 98.66
N TYR J 35 106.67 -23.85 98.86
CA TYR J 35 106.24 -24.51 100.08
C TYR J 35 105.41 -25.73 99.75
N SER J 36 105.62 -26.80 100.48
CA SER J 36 104.79 -27.99 100.41
C SER J 36 104.10 -28.19 101.74
N ALA J 37 103.04 -28.99 101.72
CA ALA J 37 102.33 -29.32 102.96
C ALA J 37 103.25 -30.04 103.93
N ALA J 38 103.26 -29.59 105.18
CA ALA J 38 104.11 -30.12 106.24
C ALA J 38 105.59 -30.13 105.85
N LYS J 49 85.18 -22.96 117.22
CA LYS J 49 86.07 -21.89 117.67
C LYS J 49 85.48 -21.19 118.90
N VAL J 50 84.28 -20.68 118.74
CA VAL J 50 83.57 -20.00 119.82
C VAL J 50 82.75 -21.02 120.59
N LEU J 51 82.84 -20.98 121.92
CA LEU J 51 81.98 -21.81 122.76
C LEU J 51 80.53 -21.41 122.56
N ALA J 52 79.77 -22.26 121.87
CA ALA J 52 78.35 -22.00 121.71
C ALA J 52 77.62 -22.10 123.04
N THR J 53 78.14 -22.90 123.97
CA THR J 53 77.58 -23.04 125.30
C THR J 53 78.65 -22.73 126.34
N VAL J 54 78.22 -22.25 127.50
CA VAL J 54 79.11 -21.98 128.63
C VAL J 54 78.55 -22.70 129.84
N THR J 55 79.45 -23.24 130.67
CA THR J 55 79.05 -23.92 131.90
C THR J 55 78.98 -22.90 133.04
N LYS J 56 77.91 -22.97 133.82
CA LYS J 56 77.67 -21.96 134.83
C LYS J 56 77.28 -22.60 136.15
N PRO J 57 77.62 -21.97 137.28
CA PRO J 57 77.15 -22.42 138.59
C PRO J 57 75.70 -22.00 138.82
N VAL J 58 74.82 -22.98 138.93
CA VAL J 58 73.41 -22.69 139.17
C VAL J 58 73.20 -22.17 140.60
N GLY J 59 73.94 -22.71 141.56
CA GLY J 59 73.77 -22.33 142.95
C GLY J 59 72.62 -23.06 143.61
N GLY J 60 72.88 -23.63 144.78
CA GLY J 60 71.87 -24.32 145.54
C GLY J 60 72.24 -25.77 145.78
N ASP J 61 71.81 -26.28 146.93
CA ASP J 61 72.04 -27.68 147.26
C ASP J 61 71.13 -28.58 146.43
N LYS J 62 71.56 -29.84 146.28
CA LYS J 62 70.85 -30.92 145.60
C LYS J 62 70.24 -30.49 144.26
N ASN J 63 70.91 -29.56 143.58
CA ASN J 63 70.45 -29.01 142.31
C ASN J 63 71.35 -29.40 141.15
N GLY J 64 72.30 -30.29 141.39
CA GLY J 64 73.34 -30.54 140.41
C GLY J 64 74.40 -29.46 140.43
N GLY J 65 75.59 -29.83 139.98
CA GLY J 65 76.71 -28.91 140.02
C GLY J 65 76.57 -27.73 139.08
N THR J 66 76.57 -28.01 137.78
CA THR J 66 76.70 -26.97 136.77
C THR J 66 75.66 -27.15 135.67
N ARG J 67 75.32 -26.03 135.04
CA ARG J 67 74.35 -26.00 133.95
C ARG J 67 75.09 -25.59 132.68
N VAL J 68 74.87 -26.32 131.60
CA VAL J 68 75.46 -26.02 130.30
C VAL J 68 74.48 -25.08 129.59
N VAL J 69 74.67 -23.77 129.79
CA VAL J 69 73.78 -22.77 129.23
C VAL J 69 74.21 -22.49 127.80
N LYS J 70 73.30 -22.73 126.86
CA LYS J 70 73.60 -22.56 125.44
C LYS J 70 73.27 -21.14 125.00
N LEU J 71 74.29 -20.41 124.57
CA LEU J 71 74.09 -19.07 124.03
C LEU J 71 73.42 -19.15 122.66
N ARG J 72 72.59 -18.14 122.35
CA ARG J 72 71.86 -18.03 121.10
C ARG J 72 70.94 -19.24 120.88
N LYS J 73 69.93 -19.33 121.75
CA LYS J 73 68.98 -20.43 121.70
C LYS J 73 68.15 -20.38 120.42
N MET J 74 67.31 -21.41 120.25
CA MET J 74 66.51 -21.56 119.05
C MET J 74 65.43 -20.46 118.99
N PRO J 75 64.95 -20.13 117.79
CA PRO J 75 63.83 -19.19 117.70
C PRO J 75 62.60 -19.73 118.38
N ARG J 76 61.87 -18.84 119.04
CA ARG J 76 60.65 -19.22 119.74
C ARG J 76 59.41 -19.06 118.88
N TYR J 77 59.57 -18.69 117.61
CA TYR J 77 58.44 -18.54 116.72
C TYR J 77 58.96 -18.52 115.29
N TYR J 78 58.16 -19.07 114.38
CA TYR J 78 58.51 -19.02 112.98
C TYR J 78 57.35 -18.42 112.18
N PRO J 79 57.63 -17.56 111.22
CA PRO J 79 56.56 -17.05 110.37
C PRO J 79 56.03 -18.14 109.46
N THR J 80 54.87 -17.85 108.86
CA THR J 80 54.23 -18.84 108.00
C THR J 80 55.08 -19.14 106.77
N GLU J 81 55.67 -18.12 106.18
CA GLU J 81 56.50 -18.28 104.99
C GLU J 81 57.74 -17.42 105.13
N ASP J 82 58.75 -17.75 104.34
CA ASP J 82 60.01 -17.02 104.35
C ASP J 82 60.44 -16.72 102.93
N VAL J 83 61.28 -15.69 102.79
CA VAL J 83 61.79 -15.26 101.49
C VAL J 83 63.14 -15.94 101.25
N PRO J 84 63.34 -16.56 100.08
CA PRO J 84 64.62 -17.20 99.81
C PRO J 84 65.75 -16.18 99.77
N ARG J 85 66.93 -16.63 100.16
CA ARG J 85 68.07 -15.72 100.21
C ARG J 85 68.48 -15.30 98.81
N LYS J 86 69.07 -14.11 98.73
CA LYS J 86 69.43 -13.54 97.45
C LYS J 86 70.61 -14.29 96.83
N LEU J 87 70.70 -14.23 95.52
CA LEU J 87 71.88 -14.70 94.83
C LEU J 87 73.05 -13.75 95.08
N LEU J 88 74.25 -14.26 94.89
CA LEU J 88 75.46 -13.52 95.23
C LEU J 88 75.94 -12.72 94.03
N SER J 89 75.99 -11.40 94.18
CA SER J 89 76.51 -10.50 93.18
C SER J 89 77.90 -10.03 93.61
N HIS J 90 78.49 -9.16 92.80
CA HIS J 90 79.81 -8.63 93.12
C HIS J 90 79.93 -7.22 92.56
N GLY J 91 80.75 -6.42 93.22
CA GLY J 91 80.96 -5.05 92.83
C GLY J 91 80.00 -4.06 93.44
N LYS J 92 78.92 -4.52 94.07
CA LYS J 92 77.94 -3.62 94.67
C LYS J 92 78.42 -3.22 96.06
N LYS J 93 79.44 -2.37 96.07
CA LYS J 93 79.97 -1.86 97.33
C LYS J 93 78.98 -0.88 97.95
N PRO J 94 79.04 -0.68 99.26
CA PRO J 94 78.18 0.32 99.89
C PRO J 94 78.66 1.73 99.60
N PHE J 95 77.83 2.69 100.04
CA PHE J 95 78.11 4.09 99.78
C PHE J 95 79.39 4.53 100.45
N SER J 96 79.62 4.08 101.67
CA SER J 96 80.84 4.45 102.38
C SER J 96 82.09 3.89 101.72
N GLN J 97 81.94 2.91 100.81
CA GLN J 97 83.07 2.31 100.14
C GLN J 97 83.13 2.64 98.65
N HIS J 98 82.19 3.45 98.15
CA HIS J 98 82.37 3.99 96.81
C HIS J 98 83.59 4.91 96.75
N VAL J 99 83.98 5.29 95.54
CA VAL J 99 84.99 6.32 95.36
C VAL J 99 84.28 7.62 95.02
N ARG J 100 84.90 8.73 95.37
CA ARG J 100 84.31 10.05 95.17
C ARG J 100 85.00 10.72 93.99
N LYS J 101 84.26 10.96 92.93
CA LYS J 101 84.78 11.66 91.76
C LYS J 101 84.65 13.16 91.95
N LEU J 102 85.70 13.88 91.60
CA LEU J 102 85.71 15.34 91.68
C LEU J 102 86.05 15.91 90.33
N ARG J 103 85.31 16.95 89.93
CA ARG J 103 85.57 17.62 88.67
C ARG J 103 86.87 18.42 88.76
N ALA J 104 87.68 18.34 87.70
CA ALA J 104 88.99 18.98 87.71
C ALA J 104 88.90 20.50 87.73
N SER J 105 87.79 21.06 87.29
CA SER J 105 87.61 22.51 87.40
C SER J 105 87.29 22.96 88.82
N ILE J 106 86.97 22.03 89.71
CA ILE J 106 86.70 22.34 91.11
C ILE J 106 87.94 21.99 91.91
N THR J 107 88.73 23.01 92.22
CA THR J 107 89.95 22.90 93.01
C THR J 107 89.81 23.81 94.22
N PRO J 108 90.54 23.53 95.30
CA PRO J 108 90.43 24.37 96.50
C PRO J 108 90.78 25.82 96.19
N GLY J 109 89.86 26.72 96.55
CA GLY J 109 89.97 28.12 96.23
C GLY J 109 89.06 28.60 95.11
N THR J 110 88.42 27.68 94.39
CA THR J 110 87.56 28.08 93.29
C THR J 110 86.29 28.72 93.82
N ILE J 111 85.83 29.76 93.13
CA ILE J 111 84.55 30.37 93.44
C ILE J 111 83.44 29.57 92.78
N LEU J 112 82.56 28.98 93.59
CA LEU J 112 81.45 28.21 93.10
C LEU J 112 80.18 29.04 93.09
N ILE J 113 79.19 28.56 92.36
CA ILE J 113 77.87 29.18 92.31
C ILE J 113 76.85 28.14 92.77
N ILE J 114 76.08 28.49 93.79
CA ILE J 114 75.15 27.54 94.40
C ILE J 114 73.82 27.59 93.65
N LEU J 115 73.57 26.59 92.81
CA LEU J 115 72.39 26.59 91.96
C LEU J 115 71.12 26.14 92.67
N THR J 116 71.24 25.51 93.84
CA THR J 116 70.11 24.85 94.47
C THR J 116 70.16 25.08 95.97
N GLY J 117 69.00 25.29 96.56
CA GLY J 117 68.88 25.45 98.00
C GLY J 117 68.34 26.82 98.35
N ARG J 118 68.44 27.16 99.64
CA ARG J 118 68.11 28.50 100.06
C ARG J 118 69.22 29.49 99.75
N HIS J 119 70.33 29.03 99.20
CA HIS J 119 71.46 29.86 98.83
C HIS J 119 71.61 29.96 97.32
N ARG J 120 70.48 30.09 96.62
CA ARG J 120 70.49 30.18 95.17
C ARG J 120 71.32 31.36 94.69
N GLY J 121 72.10 31.13 93.63
CA GLY J 121 72.85 32.17 92.99
C GLY J 121 74.10 32.64 93.72
N LYS J 122 74.18 32.44 95.02
CA LYS J 122 75.30 32.97 95.79
C LYS J 122 76.60 32.30 95.36
N ARG J 123 77.68 33.09 95.38
CA ARG J 123 79.00 32.62 95.01
C ARG J 123 79.82 32.36 96.26
N VAL J 124 80.23 31.11 96.44
CA VAL J 124 80.94 30.70 97.65
C VAL J 124 82.35 30.26 97.30
N VAL J 125 83.12 29.85 98.30
CA VAL J 125 84.50 29.45 98.11
C VAL J 125 84.63 27.98 98.49
N PHE J 126 85.12 27.17 97.55
CA PHE J 126 85.28 25.75 97.79
C PHE J 126 86.53 25.49 98.62
N LEU J 127 86.43 24.55 99.56
CA LEU J 127 87.50 24.25 100.48
C LEU J 127 88.07 22.85 100.28
N LYS J 128 87.24 21.82 100.39
CA LYS J 128 87.72 20.45 100.27
C LYS J 128 86.54 19.53 100.02
N GLN J 129 86.81 18.42 99.35
CA GLN J 129 85.82 17.37 99.19
C GLN J 129 85.89 16.44 100.39
N LEU J 130 84.75 16.19 101.02
CA LEU J 130 84.71 15.44 102.26
C LEU J 130 84.84 13.95 101.96
N ALA J 131 84.63 13.12 102.98
CA ALA J 131 84.64 11.68 102.76
C ALA J 131 83.46 11.24 101.91
N SER J 132 82.30 11.85 102.10
CA SER J 132 81.07 11.46 101.42
C SER J 132 80.94 12.10 100.05
N GLY J 133 82.04 12.60 99.47
CA GLY J 133 81.98 13.25 98.18
C GLY J 133 81.40 14.65 98.19
N LEU J 134 80.63 15.01 99.20
CA LEU J 134 80.06 16.34 99.26
C LEU J 134 81.15 17.38 99.39
N LEU J 135 81.03 18.45 98.64
CA LEU J 135 81.95 19.56 98.78
C LEU J 135 81.66 20.34 100.05
N LEU J 136 82.70 21.00 100.57
CA LEU J 136 82.58 21.86 101.73
C LEU J 136 82.79 23.30 101.26
N VAL J 137 81.83 24.16 101.57
CA VAL J 137 81.91 25.56 101.16
C VAL J 137 81.83 26.43 102.40
N THR J 138 82.32 27.66 102.26
CA THR J 138 82.51 28.53 103.41
C THR J 138 81.74 29.85 103.35
N GLY J 139 81.41 30.35 102.17
CA GLY J 139 80.81 31.65 102.08
C GLY J 139 81.76 32.67 101.52
N PRO J 140 82.38 33.47 102.39
CA PRO J 140 82.29 33.47 103.86
C PRO J 140 81.02 34.10 104.39
N LEU J 141 80.74 33.86 105.67
CA LEU J 141 79.47 34.27 106.25
C LEU J 141 79.32 35.79 106.28
N VAL J 142 80.40 36.51 106.60
CA VAL J 142 80.29 37.95 106.69
C VAL J 142 80.02 38.58 105.33
N LEU J 143 80.34 37.88 104.25
CA LEU J 143 80.19 38.46 102.92
C LEU J 143 78.83 38.18 102.31
N ASN J 144 78.33 36.96 102.42
CA ASN J 144 77.08 36.61 101.76
C ASN J 144 76.20 35.69 102.60
N ARG J 145 76.41 35.66 103.92
CA ARG J 145 75.56 34.93 104.86
C ARG J 145 75.55 33.43 104.60
N VAL J 146 76.59 32.91 103.97
CA VAL J 146 76.73 31.47 103.76
C VAL J 146 77.72 30.94 104.80
N PRO J 147 77.30 30.10 105.72
CA PRO J 147 78.25 29.55 106.69
C PRO J 147 79.01 28.37 106.13
N LEU J 148 79.79 27.70 106.98
CA LEU J 148 80.43 26.46 106.58
C LEU J 148 79.37 25.40 106.36
N ARG J 149 79.14 25.03 105.11
CA ARG J 149 78.06 24.12 104.77
C ARG J 149 78.53 23.08 103.78
N ARG J 150 77.89 21.93 103.82
CA ARG J 150 78.09 20.96 102.77
C ARG J 150 77.27 21.33 101.55
N THR J 151 77.69 20.83 100.40
CA THR J 151 76.98 21.07 99.15
C THR J 151 77.31 19.93 98.21
N HIS J 152 76.53 19.81 97.15
CA HIS J 152 76.70 18.74 96.19
C HIS J 152 77.43 19.24 94.97
N GLN J 153 78.43 18.47 94.52
CA GLN J 153 79.25 18.89 93.40
C GLN J 153 78.47 18.93 92.10
N LYS J 154 77.37 18.20 92.00
CA LYS J 154 76.57 18.22 90.79
C LYS J 154 75.70 19.46 90.68
N PHE J 155 75.45 20.15 91.79
CA PHE J 155 74.48 21.23 91.83
C PHE J 155 75.15 22.59 91.90
N VAL J 156 76.44 22.67 91.58
CA VAL J 156 77.19 23.91 91.64
C VAL J 156 77.92 24.11 90.32
N ILE J 157 78.25 25.36 90.03
CA ILE J 157 79.00 25.72 88.83
C ILE J 157 80.38 26.16 89.26
N ALA J 158 81.39 25.56 88.65
CA ALA J 158 82.77 25.96 88.90
C ALA J 158 83.16 27.07 87.94
N THR J 159 83.57 28.21 88.48
CA THR J 159 84.06 29.30 87.65
C THR J 159 85.57 29.21 87.50
N SER J 160 86.14 30.14 86.75
CA SER J 160 87.57 30.16 86.50
C SER J 160 88.33 31.02 87.48
N THR J 161 87.67 31.65 88.44
CA THR J 161 88.35 32.48 89.43
C THR J 161 88.68 31.64 90.66
N LYS J 162 89.95 31.66 91.05
CA LYS J 162 90.45 30.87 92.17
C LYS J 162 91.26 31.76 93.08
N ILE J 163 91.33 31.37 94.35
CA ILE J 163 92.20 32.02 95.32
C ILE J 163 93.14 30.97 95.89
N ASP J 164 94.26 31.43 96.45
CA ASP J 164 95.32 30.54 96.90
C ASP J 164 95.13 30.26 98.38
N ILE J 165 94.67 29.06 98.72
CA ILE J 165 94.38 28.71 100.11
C ILE J 165 95.08 27.43 100.51
N SER J 166 96.23 27.13 99.90
CA SER J 166 96.98 25.96 100.32
C SER J 166 97.48 26.10 101.75
N ASN J 167 97.92 27.31 102.12
CA ASN J 167 98.55 27.52 103.41
C ASN J 167 97.57 27.54 104.58
N VAL J 168 96.27 27.65 104.33
CA VAL J 168 95.33 27.72 105.43
C VAL J 168 95.01 26.32 105.94
N LYS J 169 94.58 26.25 107.19
CA LYS J 169 94.37 24.99 107.89
C LYS J 169 92.87 24.82 108.17
N ILE J 170 92.25 23.89 107.47
CA ILE J 170 90.90 23.48 107.82
C ILE J 170 90.95 22.66 109.11
N PRO J 171 90.08 22.92 110.08
CA PRO J 171 90.05 22.07 111.28
C PRO J 171 89.68 20.64 110.94
N LYS J 172 90.21 19.71 111.73
CA LYS J 172 90.05 18.29 111.45
C LYS J 172 88.65 17.78 111.78
N HIS J 173 87.91 18.47 112.63
CA HIS J 173 86.61 17.96 113.06
C HIS J 173 85.47 18.40 112.16
N LEU J 174 85.76 19.09 111.05
CA LEU J 174 84.75 19.51 110.09
C LEU J 174 84.53 18.37 109.10
N THR J 175 83.70 17.42 109.50
CA THR J 175 83.47 16.21 108.70
C THR J 175 81.99 16.04 108.42
N ASP J 176 81.69 14.91 107.75
CA ASP J 176 80.31 14.57 107.45
C ASP J 176 79.51 14.36 108.73
N ALA J 177 80.12 13.71 109.72
CA ALA J 177 79.46 13.58 111.01
C ALA J 177 79.25 14.94 111.67
N TYR J 178 80.15 15.87 111.42
CA TYR J 178 80.01 17.22 111.97
C TYR J 178 78.83 17.94 111.36
N PHE J 179 78.60 17.77 110.05
CA PHE J 179 77.56 18.50 109.38
C PHE J 179 76.24 17.75 109.25
N LYS J 180 76.19 16.48 109.63
CA LYS J 180 74.97 15.71 109.46
C LYS J 180 73.88 16.22 110.39
N LYS J 181 72.66 16.28 109.86
CA LYS J 181 71.54 16.81 110.63
C LYS J 181 71.24 15.93 111.84
N LYS J 182 70.96 16.57 112.97
CA LYS J 182 70.63 15.87 114.21
C LYS J 182 69.32 16.41 114.73
N LYS J 183 68.39 15.50 115.02
CA LYS J 183 67.10 15.85 115.60
C LYS J 183 66.58 14.63 116.35
N LEU J 184 65.97 14.88 117.51
CA LEU J 184 65.33 13.83 118.32
C LEU J 184 63.85 14.18 118.43
N ARG J 185 63.05 13.62 117.53
CA ARG J 185 61.61 13.80 117.57
C ARG J 185 60.93 12.46 117.35
N LYS J 186 59.87 12.22 118.12
CA LYS J 186 59.10 10.99 118.06
C LYS J 186 59.95 9.72 118.21
N PRO J 187 60.59 9.52 119.37
CA PRO J 187 61.34 8.27 119.59
C PRO J 187 60.42 7.07 119.73
N ARG J 188 59.44 7.22 120.61
CA ARG J 188 58.46 6.19 120.92
C ARG J 188 57.04 6.63 120.60
N HIS J 189 56.88 7.87 120.11
CA HIS J 189 55.58 8.49 119.90
C HIS J 189 55.02 7.97 118.59
N GLN J 190 54.20 6.92 118.67
CA GLN J 190 53.64 6.27 117.49
C GLN J 190 52.37 6.94 116.99
N GLU J 191 51.77 7.83 117.78
CA GLU J 191 50.54 8.52 117.40
C GLU J 191 50.64 9.94 117.91
N GLY J 192 50.53 10.91 117.00
CA GLY J 192 50.57 12.31 117.41
C GLY J 192 49.44 12.68 118.34
N GLU J 193 49.76 12.86 119.62
CA GLU J 193 48.82 13.29 120.64
C GLU J 193 49.31 14.49 121.45
N ILE J 194 50.63 14.65 121.59
CA ILE J 194 51.23 15.81 122.22
C ILE J 194 51.95 16.60 121.14
N PHE J 195 51.55 17.85 120.96
CA PHE J 195 52.13 18.69 119.92
C PHE J 195 53.60 18.93 120.18
N ASP J 196 54.45 18.49 119.25
CA ASP J 196 55.89 18.66 119.38
C ASP J 196 56.34 20.02 118.87
N THR J 197 55.68 21.08 119.35
CA THR J 197 56.00 22.43 118.90
C THR J 197 57.31 22.91 119.49
N GLU J 198 57.53 22.66 120.78
CA GLU J 198 58.76 23.08 121.43
C GLU J 198 59.96 22.29 120.90
N LYS J 199 61.13 22.94 120.92
CA LYS J 199 62.39 22.41 120.40
C LYS J 199 62.33 22.12 118.90
N GLU J 200 61.34 22.65 118.19
CA GLU J 200 61.28 22.42 116.74
C GLU J 200 62.41 23.15 116.03
N LYS J 201 62.97 24.19 116.64
CA LYS J 201 63.81 25.13 115.93
C LYS J 201 65.28 24.85 116.17
N TYR J 202 66.02 24.59 115.09
CA TYR J 202 67.45 24.37 115.16
C TYR J 202 68.15 25.63 115.62
N GLU J 203 69.21 25.46 116.42
CA GLU J 203 70.01 26.57 116.88
C GLU J 203 71.46 26.34 116.53
N ILE J 204 72.17 27.42 116.21
CA ILE J 204 73.55 27.32 115.74
C ILE J 204 74.44 26.91 116.91
N THR J 205 75.31 25.94 116.68
CA THR J 205 76.28 25.55 117.69
C THR J 205 77.33 26.64 117.87
N GLU J 206 77.65 26.90 119.14
CA GLU J 206 78.75 27.82 119.42
C GLU J 206 80.04 27.30 118.83
N GLN J 207 80.21 25.98 118.78
CA GLN J 207 81.36 25.43 118.09
C GLN J 207 81.32 25.76 116.61
N ARG J 208 80.13 25.77 116.01
CA ARG J 208 80.01 26.20 114.62
C ARG J 208 80.47 27.64 114.45
N LYS J 209 80.05 28.52 115.36
CA LYS J 209 80.47 29.91 115.27
C LYS J 209 81.97 30.06 115.46
N ILE J 210 82.54 29.29 116.38
CA ILE J 210 83.98 29.34 116.62
C ILE J 210 84.75 28.88 115.38
N ASP J 211 84.31 27.77 114.78
CA ASP J 211 84.95 27.30 113.56
C ASP J 211 84.81 28.30 112.43
N GLN J 212 83.63 28.93 112.33
CA GLN J 212 83.41 29.93 111.29
C GLN J 212 84.36 31.10 111.46
N LYS J 213 84.54 31.55 112.70
CA LYS J 213 85.54 32.61 112.95
C LYS J 213 86.93 32.15 112.53
N ALA J 214 87.32 30.94 112.92
CA ALA J 214 88.67 30.46 112.65
C ALA J 214 88.94 30.35 111.17
N VAL J 215 87.97 29.87 110.39
CA VAL J 215 88.18 29.68 108.96
C VAL J 215 88.08 31.02 108.23
N ASP J 216 87.01 31.77 108.48
CA ASP J 216 86.79 33.01 107.74
C ASP J 216 87.87 34.03 108.05
N SER J 217 88.44 34.01 109.25
CA SER J 217 89.49 34.95 109.60
C SER J 217 90.76 34.74 108.78
N GLN J 218 90.98 33.54 108.26
CA GLN J 218 92.14 33.30 107.42
C GLN J 218 91.79 33.25 105.94
N ILE J 219 90.51 33.20 105.60
CA ILE J 219 90.09 33.29 104.20
C ILE J 219 89.86 34.73 103.76
N LEU J 220 89.30 35.56 104.63
CA LEU J 220 89.03 36.95 104.28
C LEU J 220 90.26 37.75 103.84
N PRO J 221 91.44 37.65 104.47
CA PRO J 221 92.60 38.38 103.93
C PRO J 221 92.95 38.01 102.51
N LYS J 222 92.75 36.76 102.11
CA LYS J 222 92.95 36.40 100.71
C LYS J 222 91.96 37.14 99.82
N ILE J 223 90.71 37.24 100.26
CA ILE J 223 89.66 37.84 99.44
C ILE J 223 89.87 39.35 99.31
N LYS J 224 90.18 40.02 100.42
CA LYS J 224 90.45 41.45 100.35
C LYS J 224 91.67 41.75 99.50
N ALA J 225 92.62 40.81 99.43
CA ALA J 225 93.79 41.00 98.59
C ALA J 225 93.43 41.10 97.12
N ILE J 226 92.47 40.30 96.67
CA ILE J 226 92.03 40.36 95.27
C ILE J 226 91.13 41.58 95.09
N PRO J 227 91.38 42.42 94.10
CA PRO J 227 90.56 43.62 93.91
C PRO J 227 89.10 43.27 93.65
N GLN J 228 88.21 43.97 94.34
CA GLN J 228 86.75 43.85 94.29
C GLN J 228 86.28 42.40 94.16
N LEU J 229 86.95 41.49 94.86
CA LEU J 229 86.44 40.13 94.95
C LEU J 229 85.29 40.06 95.94
N GLN J 230 85.32 40.88 96.98
CA GLN J 230 84.29 40.82 98.01
C GLN J 230 82.94 41.25 97.46
N GLY J 231 82.90 42.29 96.64
CA GLY J 231 81.63 42.68 96.03
C GLY J 231 81.10 41.60 95.11
N TYR J 232 82.00 40.95 94.36
CA TYR J 232 81.60 39.86 93.48
C TYR J 232 81.01 38.71 94.28
N LEU J 233 81.61 38.40 95.42
CA LEU J 233 81.05 37.36 96.28
C LEU J 233 79.73 37.78 96.88
N ARG J 234 79.59 39.06 97.22
CA ARG J 234 78.36 39.55 97.82
C ARG J 234 77.19 39.43 96.85
N SER J 235 77.42 39.73 95.58
CA SER J 235 76.33 39.69 94.61
C SER J 235 75.89 38.25 94.34
N VAL J 236 74.71 38.13 93.74
CA VAL J 236 74.16 36.83 93.38
C VAL J 236 74.17 36.68 91.88
N PHE J 237 74.25 35.43 91.44
CA PHE J 237 74.25 35.11 90.02
C PHE J 237 72.82 35.15 89.48
N ALA J 238 72.67 35.71 88.28
CA ALA J 238 71.36 35.86 87.69
C ALA J 238 71.50 35.69 86.19
N LEU J 239 70.37 35.42 85.54
CA LEU J 239 70.34 35.26 84.09
C LEU J 239 69.71 36.51 83.49
N THR J 240 70.54 37.33 82.86
CA THR J 240 70.03 38.46 82.10
C THR J 240 69.21 37.95 80.91
N ASN J 241 68.23 38.75 80.51
CA ASN J 241 67.34 38.32 79.44
C ASN J 241 68.07 38.09 78.11
N GLY J 242 69.24 38.69 77.93
CA GLY J 242 70.03 38.49 76.73
C GLY J 242 71.24 37.60 76.89
N ILE J 243 71.38 36.89 78.00
CA ILE J 243 72.57 36.11 78.31
C ILE J 243 72.18 34.63 78.34
N TYR J 244 72.94 33.81 77.63
CA TYR J 244 72.64 32.40 77.48
C TYR J 244 73.75 31.54 78.06
N PRO J 245 73.45 30.59 78.95
CA PRO J 245 74.51 29.85 79.65
C PRO J 245 75.40 29.02 78.74
N HIS J 246 74.88 28.51 77.63
CA HIS J 246 75.71 27.67 76.77
C HIS J 246 76.80 28.50 76.10
N LYS J 247 76.55 29.77 75.85
CA LYS J 247 77.56 30.67 75.33
C LYS J 247 78.28 31.43 76.44
N LEU J 248 77.95 31.14 77.68
CA LEU J 248 78.65 31.73 78.82
C LEU J 248 79.96 31.00 79.07
N VAL J 249 80.92 31.74 79.61
CA VAL J 249 82.17 31.17 80.11
C VAL J 249 82.30 31.60 81.55
N PHE J 250 82.39 30.63 82.45
CA PHE J 250 82.48 30.92 83.87
C PHE J 250 83.93 30.98 84.33
N ASN K 1 86.37 -44.49 107.31
CA ASN K 1 87.49 -43.86 106.63
C ASN K 1 87.09 -42.52 106.00
N PHE K 2 86.44 -41.68 106.80
CA PHE K 2 85.99 -40.37 106.31
C PHE K 2 87.18 -39.48 105.95
N ALA K 3 88.27 -39.58 106.71
CA ALA K 3 89.49 -38.86 106.34
C ALA K 3 90.03 -39.34 105.01
N GLU K 4 89.98 -40.65 104.75
CA GLU K 4 90.40 -41.17 103.46
C GLU K 4 89.52 -40.64 102.34
N LEU K 5 88.21 -40.54 102.57
CA LEU K 5 87.33 -39.96 101.56
C LEU K 5 87.68 -38.49 101.29
N LYS K 6 87.98 -37.74 102.35
CA LYS K 6 88.42 -36.35 102.16
C LYS K 6 89.69 -36.29 101.34
N ILE K 7 90.64 -37.17 101.63
CA ILE K 7 91.92 -37.16 100.89
C ILE K 7 91.69 -37.45 99.42
N LYS K 8 90.87 -38.45 99.11
CA LYS K 8 90.62 -38.80 97.72
C LYS K 8 89.89 -37.68 96.99
N ARG K 9 88.90 -37.06 97.64
CA ARG K 9 88.19 -35.96 96.99
C ARG K 9 89.12 -34.77 96.74
N LEU K 10 89.98 -34.46 97.71
CA LEU K 10 90.93 -33.37 97.53
C LEU K 10 91.88 -33.67 96.38
N ARG K 11 92.37 -34.90 96.30
CA ARG K 11 93.28 -35.26 95.22
C ARG K 11 92.59 -35.18 93.86
N LYS K 12 91.34 -35.63 93.78
CA LYS K 12 90.61 -35.54 92.51
C LYS K 12 90.39 -34.09 92.09
N LYS K 13 90.00 -33.24 93.04
CA LYS K 13 89.82 -31.84 92.73
C LYS K 13 91.11 -31.21 92.26
N PHE K 14 92.22 -31.57 92.91
CA PHE K 14 93.52 -31.03 92.50
C PHE K 14 93.90 -31.50 91.10
N ALA K 15 93.61 -32.76 90.79
CA ALA K 15 93.94 -33.28 89.46
C ALA K 15 93.17 -32.52 88.39
N GLN K 16 91.88 -32.30 88.61
CA GLN K 16 91.12 -31.56 87.62
C GLN K 16 91.54 -30.11 87.55
N LYS K 17 91.99 -29.52 88.67
CA LYS K 17 92.53 -28.16 88.63
C LYS K 17 93.79 -28.09 87.79
N MET K 18 94.67 -29.09 87.92
CA MET K 18 95.87 -29.13 87.10
C MET K 18 95.51 -29.25 85.63
N LEU K 19 94.53 -30.10 85.32
CA LEU K 19 94.07 -30.25 83.94
C LEU K 19 93.56 -28.92 83.40
N ARG K 20 92.80 -28.18 84.21
CA ARG K 20 92.32 -26.87 83.81
C ARG K 20 93.48 -25.91 83.54
N LYS K 21 94.48 -25.90 84.41
CA LYS K 21 95.61 -24.99 84.23
C LYS K 21 96.37 -25.31 82.95
N ALA K 22 96.58 -26.60 82.67
CA ALA K 22 97.28 -26.98 81.45
C ALA K 22 96.49 -26.56 80.22
N ARG K 23 95.17 -26.73 80.24
CA ARG K 23 94.36 -26.30 79.11
C ARG K 23 94.44 -24.79 78.92
N ARG K 24 94.42 -24.04 80.02
CA ARG K 24 94.52 -22.58 79.92
C ARG K 24 95.85 -22.15 79.31
N LYS K 25 96.95 -22.75 79.76
CA LYS K 25 98.24 -22.44 79.15
C LYS K 25 98.24 -22.80 77.68
N LEU K 26 97.59 -23.91 77.33
CA LEU K 26 97.56 -24.33 75.93
C LEU K 26 96.88 -23.31 75.06
N ILE K 27 95.70 -22.83 75.48
CA ILE K 27 95.01 -21.85 74.63
C ILE K 27 95.78 -20.54 74.61
N TYR K 28 96.44 -20.17 75.70
CA TYR K 28 97.24 -18.96 75.69
C TYR K 28 98.35 -19.04 74.65
N GLU K 29 99.10 -20.14 74.64
CA GLU K 29 100.17 -20.26 73.66
C GLU K 29 99.65 -20.40 72.24
N LYS K 30 98.50 -21.05 72.07
CA LYS K 30 97.92 -21.13 70.74
C LYS K 30 97.54 -19.75 70.22
N ALA K 31 96.99 -18.91 71.07
CA ALA K 31 96.65 -17.56 70.64
C ALA K 31 97.90 -16.76 70.30
N LYS K 32 98.97 -16.93 71.07
CA LYS K 32 100.22 -16.25 70.72
C LYS K 32 100.73 -16.70 69.35
N HIS K 33 100.70 -18.00 69.11
CA HIS K 33 101.13 -18.51 67.81
C HIS K 33 100.24 -18.00 66.69
N TYR K 34 98.94 -17.88 66.94
CA TYR K 34 98.04 -17.33 65.95
C TYR K 34 98.37 -15.88 65.63
N HIS K 35 98.71 -15.10 66.65
CA HIS K 35 99.09 -13.71 66.42
C HIS K 35 100.33 -13.62 65.54
N LYS K 36 101.33 -14.46 65.83
CA LYS K 36 102.51 -14.50 64.99
C LYS K 36 102.16 -14.88 63.56
N GLU K 37 101.27 -15.86 63.41
CA GLU K 37 100.85 -16.32 62.08
C GLU K 37 100.20 -15.19 61.30
N TYR K 38 99.34 -14.41 61.96
CA TYR K 38 98.64 -13.33 61.29
C TYR K 38 99.61 -12.25 60.82
N ARG K 39 100.54 -11.85 61.68
CA ARG K 39 101.46 -10.81 61.25
C ARG K 39 102.37 -11.32 60.13
N GLN K 40 102.70 -12.61 60.15
CA GLN K 40 103.48 -13.17 59.05
C GLN K 40 102.71 -13.08 57.74
N MET K 41 101.43 -13.43 57.75
CA MET K 41 100.65 -13.38 56.51
C MET K 41 100.55 -11.96 55.97
N TYR K 42 100.25 -11.01 56.85
CA TYR K 42 100.12 -9.63 56.41
C TYR K 42 101.43 -9.09 55.82
N ARG K 43 102.54 -9.31 56.53
CA ARG K 43 103.81 -8.83 56.03
C ARG K 43 104.24 -9.56 54.77
N THR K 44 103.87 -10.82 54.61
CA THR K 44 104.20 -11.53 53.38
C THR K 44 103.48 -10.92 52.19
N GLU K 45 102.20 -10.56 52.37
CA GLU K 45 101.50 -9.89 51.28
C GLU K 45 102.19 -8.58 50.90
N ILE K 46 102.56 -7.78 51.90
CA ILE K 46 103.23 -6.51 51.60
C ILE K 46 104.56 -6.75 50.91
N ARG K 47 105.34 -7.70 51.42
CA ARG K 47 106.68 -7.96 50.91
C ARG K 47 106.64 -8.47 49.48
N MET K 48 105.71 -9.37 49.16
CA MET K 48 105.57 -9.83 47.80
C MET K 48 105.19 -8.69 46.86
N ALA K 49 104.28 -7.81 47.28
CA ALA K 49 103.95 -6.67 46.44
C ALA K 49 105.17 -5.79 46.19
N ARG K 50 105.97 -5.54 47.23
CA ARG K 50 107.14 -4.69 47.09
C ARG K 50 108.16 -5.30 46.14
N MET K 51 108.41 -6.61 46.28
CA MET K 51 109.44 -7.22 45.44
C MET K 51 108.97 -7.33 43.99
N ALA K 52 107.67 -7.39 43.76
CA ALA K 52 107.20 -7.27 42.38
C ALA K 52 107.45 -5.88 41.85
N ARG K 53 107.04 -4.85 42.59
CA ARG K 53 107.13 -3.50 42.06
C ARG K 53 108.57 -3.06 41.85
N LYS K 54 109.51 -3.58 42.64
CA LYS K 54 110.90 -3.22 42.42
C LYS K 54 111.39 -3.73 41.07
N ALA K 55 111.12 -4.99 40.75
CA ALA K 55 111.51 -5.53 39.46
C ALA K 55 110.72 -4.93 38.32
N GLY K 56 109.52 -4.40 38.59
CA GLY K 56 108.67 -3.84 37.58
C GLY K 56 107.53 -4.73 37.14
N ASN K 57 107.40 -5.91 37.73
CA ASN K 57 106.30 -6.80 37.45
C ASN K 57 105.14 -6.49 38.41
N PHE K 58 104.05 -7.22 38.27
CA PHE K 58 102.87 -7.04 39.11
C PHE K 58 102.70 -8.24 40.03
N TYR K 59 102.29 -7.98 41.26
CA TYR K 59 101.94 -9.04 42.20
C TYR K 59 100.44 -9.07 42.38
N VAL K 60 99.79 -10.00 41.69
CA VAL K 60 98.35 -10.21 41.84
C VAL K 60 98.12 -11.09 43.06
N PRO K 61 97.45 -10.60 44.09
CA PRO K 61 97.21 -11.42 45.28
C PRO K 61 96.26 -12.55 44.97
N ALA K 62 96.27 -13.55 45.85
CA ALA K 62 95.33 -14.65 45.71
C ALA K 62 93.91 -14.14 45.88
N GLU K 63 92.99 -14.71 45.10
CA GLU K 63 91.60 -14.33 45.22
C GLU K 63 91.10 -14.62 46.63
N PRO K 64 90.27 -13.76 47.20
CA PRO K 64 89.83 -13.94 48.58
C PRO K 64 89.06 -15.22 48.77
N LYS K 65 89.40 -15.96 49.82
CA LYS K 65 88.79 -17.25 50.08
C LYS K 65 87.64 -17.16 51.06
N LEU K 66 87.46 -16.04 51.74
CA LEU K 66 86.42 -15.87 52.73
C LEU K 66 85.58 -14.66 52.39
N ALA K 67 84.27 -14.81 52.40
CA ALA K 67 83.37 -13.70 52.15
C ALA K 67 82.37 -13.58 53.28
N PHE K 68 82.01 -12.35 53.61
CA PHE K 68 80.92 -12.10 54.54
C PHE K 68 79.73 -11.62 53.75
N VAL K 69 78.58 -12.25 53.97
CA VAL K 69 77.37 -12.00 53.20
C VAL K 69 76.27 -11.54 54.16
N ILE K 70 75.64 -10.42 53.84
CA ILE K 70 74.62 -9.80 54.68
C ILE K 70 73.37 -9.63 53.85
N ARG K 71 72.27 -10.23 54.28
CA ARG K 71 70.99 -10.00 53.62
C ARG K 71 70.54 -8.57 53.87
N ILE K 72 70.07 -7.90 52.83
CA ILE K 72 69.63 -6.51 52.98
C ILE K 72 68.17 -6.31 52.64
N ARG K 73 67.52 -7.21 51.93
CA ARG K 73 66.13 -7.03 51.56
C ARG K 73 65.22 -7.93 52.40
N GLY K 74 63.95 -7.57 52.44
CA GLY K 74 62.98 -8.24 53.28
C GLY K 74 62.50 -9.55 52.68
N ILE K 75 61.59 -10.18 53.42
CA ILE K 75 61.11 -11.52 53.12
C ILE K 75 59.83 -11.47 52.29
N ASN K 76 59.52 -10.30 51.72
CA ASN K 76 58.27 -10.09 51.00
C ASN K 76 58.54 -10.05 49.51
N GLY K 77 57.75 -10.80 48.74
CA GLY K 77 57.86 -10.78 47.30
C GLY K 77 59.17 -11.33 46.76
N VAL K 78 59.59 -12.48 47.26
CA VAL K 78 60.85 -13.11 46.86
C VAL K 78 60.55 -14.25 45.90
N SER K 79 61.26 -14.29 44.78
CA SER K 79 61.09 -15.37 43.83
C SER K 79 61.57 -16.69 44.46
N PRO K 80 61.05 -17.83 44.00
CA PRO K 80 61.34 -19.09 44.69
C PRO K 80 62.80 -19.48 44.69
N LYS K 81 63.50 -19.30 43.57
CA LYS K 81 64.91 -19.68 43.51
C LYS K 81 65.74 -18.82 44.46
N VAL K 82 65.48 -17.52 44.49
CA VAL K 82 66.18 -16.63 45.40
C VAL K 82 65.87 -17.02 46.84
N ARG K 83 64.62 -17.37 47.13
CA ARG K 83 64.26 -17.80 48.47
C ARG K 83 64.99 -19.07 48.87
N LYS K 84 65.13 -20.02 47.94
CA LYS K 84 65.86 -21.24 48.24
C LYS K 84 67.33 -20.95 48.50
N VAL K 85 67.93 -20.06 47.71
CA VAL K 85 69.34 -19.75 47.92
C VAL K 85 69.55 -19.05 49.25
N LEU K 86 68.66 -18.13 49.61
CA LEU K 86 68.80 -17.46 50.91
C LEU K 86 68.62 -18.43 52.06
N GLN K 87 67.67 -19.35 51.93
CA GLN K 87 67.51 -20.38 52.95
C GLN K 87 68.76 -21.24 53.05
N LEU K 88 69.37 -21.56 51.92
CA LEU K 88 70.59 -22.37 51.96
C LEU K 88 71.75 -21.62 52.57
N LEU K 89 71.82 -20.31 52.38
CA LEU K 89 72.86 -19.51 52.97
C LEU K 89 72.56 -19.11 54.40
N ARG K 90 71.39 -19.49 54.92
CA ARG K 90 70.95 -19.23 56.29
C ARG K 90 70.69 -17.75 56.54
N LEU K 91 70.42 -16.98 55.48
CA LEU K 91 70.02 -15.59 55.62
C LEU K 91 68.51 -15.53 55.48
N ARG K 92 67.82 -15.95 56.54
CA ARG K 92 66.37 -15.97 56.54
C ARG K 92 65.75 -14.66 56.98
N GLN K 93 66.55 -13.70 57.43
CA GLN K 93 66.06 -12.43 57.93
C GLN K 93 66.90 -11.29 57.38
N ILE K 94 66.30 -10.10 57.32
CA ILE K 94 67.03 -8.92 56.89
C ILE K 94 68.07 -8.56 57.93
N PHE K 95 69.21 -8.07 57.45
CA PHE K 95 70.36 -7.74 58.30
C PHE K 95 70.84 -8.96 59.10
N ASN K 96 70.85 -10.11 58.43
CA ASN K 96 71.48 -11.31 58.93
C ASN K 96 72.72 -11.58 58.10
N GLY K 97 73.81 -11.91 58.78
CA GLY K 97 75.07 -12.11 58.11
C GLY K 97 75.62 -13.49 58.38
N THR K 98 76.46 -13.95 57.47
CA THR K 98 77.14 -15.23 57.65
C THR K 98 78.41 -15.24 56.81
N PHE K 99 79.33 -16.12 57.20
CA PHE K 99 80.59 -16.31 56.51
C PHE K 99 80.45 -17.42 55.48
N VAL K 100 81.05 -17.25 54.31
CA VAL K 100 80.93 -18.20 53.22
C VAL K 100 82.32 -18.43 52.65
N LYS K 101 82.72 -19.69 52.56
CA LYS K 101 83.93 -20.05 51.84
C LYS K 101 83.70 -19.86 50.35
N LEU K 102 84.65 -19.21 49.68
CA LEU K 102 84.45 -18.79 48.30
C LEU K 102 85.03 -19.82 47.34
N ASN K 103 84.16 -20.39 46.51
CA ASN K 103 84.57 -21.18 45.35
C ASN K 103 83.53 -20.94 44.27
N LYS K 104 83.62 -21.70 43.19
CA LYS K 104 82.70 -21.49 42.07
C LYS K 104 81.25 -21.75 42.49
N ALA K 105 81.04 -22.82 43.26
CA ALA K 105 79.69 -23.19 43.68
C ALA K 105 79.06 -22.10 44.53
N SER K 106 79.82 -21.55 45.46
CA SER K 106 79.30 -20.47 46.30
C SER K 106 79.12 -19.19 45.51
N ILE K 107 80.03 -18.90 44.57
CA ILE K 107 79.97 -17.64 43.84
C ILE K 107 78.72 -17.58 42.97
N ASN K 108 78.38 -18.67 42.30
CA ASN K 108 77.17 -18.61 41.47
C ASN K 108 75.91 -18.51 42.32
N MET K 109 75.91 -19.14 43.49
CA MET K 109 74.81 -18.95 44.44
C MET K 109 74.71 -17.50 44.89
N LEU K 110 75.83 -16.84 45.10
CA LEU K 110 75.81 -15.41 45.42
C LEU K 110 75.32 -14.57 44.25
N ARG K 111 75.66 -14.97 43.02
CA ARG K 111 75.20 -14.27 41.84
C ARG K 111 73.68 -14.33 41.71
N ILE K 112 73.08 -15.45 42.09
CA ILE K 112 71.62 -15.54 42.03
C ILE K 112 70.97 -14.47 42.91
N VAL K 113 71.48 -14.27 44.12
CA VAL K 113 70.83 -13.41 45.09
C VAL K 113 71.56 -12.08 45.25
N GLU K 114 72.37 -11.68 44.27
CA GLU K 114 73.00 -10.36 44.32
C GLU K 114 72.04 -9.21 44.58
N PRO K 115 70.82 -9.16 44.03
CA PRO K 115 69.91 -8.07 44.40
C PRO K 115 69.52 -8.05 45.87
N TYR K 116 69.69 -9.14 46.60
CA TYR K 116 69.19 -9.20 47.97
C TYR K 116 70.26 -9.19 49.04
N ILE K 117 71.54 -9.23 48.67
CA ILE K 117 72.62 -9.32 49.64
C ILE K 117 73.66 -8.25 49.35
N ALA K 118 74.45 -7.95 50.37
CA ALA K 118 75.67 -7.17 50.24
C ALA K 118 76.78 -8.01 50.86
N TRP K 119 77.85 -8.23 50.11
CA TRP K 119 78.87 -9.15 50.56
C TRP K 119 80.24 -8.65 50.13
N GLY K 120 81.25 -9.13 50.82
CA GLY K 120 82.58 -8.65 50.56
C GLY K 120 83.62 -9.50 51.27
N TYR K 121 84.83 -8.96 51.34
CA TYR K 121 85.94 -9.73 51.89
C TYR K 121 86.31 -9.18 53.26
N PRO K 122 85.88 -9.82 54.34
CA PRO K 122 86.16 -9.29 55.66
C PRO K 122 87.63 -9.42 56.00
N ASN K 123 88.09 -8.56 56.90
CA ASN K 123 89.45 -8.63 57.38
C ASN K 123 89.48 -9.24 58.78
N LEU K 124 90.66 -9.30 59.36
CA LEU K 124 90.82 -9.91 60.68
C LEU K 124 90.03 -9.15 61.74
N LYS K 125 90.05 -7.83 61.68
CA LYS K 125 89.31 -7.06 62.67
C LYS K 125 87.82 -7.31 62.58
N SER K 126 87.28 -7.36 61.36
CA SER K 126 85.87 -7.65 61.20
C SER K 126 85.54 -9.03 61.75
N VAL K 127 86.40 -10.02 61.48
CA VAL K 127 86.15 -11.36 62.00
C VAL K 127 86.13 -11.35 63.52
N ASN K 128 87.10 -10.68 64.14
CA ASN K 128 87.14 -10.64 65.60
C ASN K 128 85.92 -9.93 66.17
N GLU K 129 85.56 -8.78 65.62
CA GLU K 129 84.42 -8.03 66.13
C GLU K 129 83.15 -8.85 66.04
N LEU K 130 82.92 -9.50 64.89
CA LEU K 130 81.70 -10.26 64.70
C LEU K 130 81.65 -11.46 65.63
N ILE K 131 82.75 -12.20 65.74
CA ILE K 131 82.70 -13.41 66.55
C ILE K 131 82.62 -13.08 68.03
N TYR K 132 83.19 -11.96 68.45
CA TYR K 132 83.14 -11.69 69.88
C TYR K 132 81.82 -11.02 70.28
N LYS K 133 81.42 -9.96 69.59
CA LYS K 133 80.24 -9.23 70.05
C LYS K 133 78.93 -9.96 69.77
N ARG K 134 78.84 -10.66 68.65
CA ARG K 134 77.61 -11.36 68.26
C ARG K 134 77.81 -12.85 68.13
N GLY K 135 78.79 -13.41 68.83
CA GLY K 135 79.06 -14.83 68.71
C GLY K 135 78.08 -15.70 69.47
N TYR K 136 77.21 -16.37 68.74
CA TYR K 136 76.30 -17.35 69.31
C TYR K 136 76.50 -18.67 68.58
N GLY K 137 76.64 -19.74 69.33
CA GLY K 137 76.81 -21.05 68.77
C GLY K 137 75.50 -21.79 68.69
N LYS K 138 75.49 -22.82 67.83
CA LYS K 138 74.33 -23.66 67.62
C LYS K 138 74.57 -24.97 68.35
N ILE K 139 74.20 -25.02 69.62
CA ILE K 139 74.40 -26.20 70.45
C ILE K 139 73.04 -26.82 70.73
N ASN K 140 72.86 -28.06 70.28
CA ASN K 140 71.61 -28.79 70.44
C ASN K 140 70.43 -27.97 69.93
N LYS K 141 70.63 -27.37 68.76
CA LYS K 141 69.64 -26.53 68.10
C LYS K 141 69.20 -25.37 69.00
N LYS K 142 70.14 -24.82 69.77
CA LYS K 142 69.88 -23.66 70.60
C LYS K 142 70.92 -22.59 70.31
N ARG K 143 70.51 -21.33 70.47
CA ARG K 143 71.39 -20.20 70.21
C ARG K 143 72.09 -19.84 71.50
N ILE K 144 73.15 -20.59 71.80
CA ILE K 144 73.87 -20.44 73.06
C ILE K 144 74.94 -19.36 72.90
N ALA K 145 74.86 -18.31 73.71
CA ALA K 145 75.82 -17.23 73.63
C ALA K 145 77.21 -17.73 73.99
N LEU K 146 78.22 -17.28 73.24
CA LEU K 146 79.57 -17.78 73.41
C LEU K 146 80.30 -16.95 74.48
N THR K 147 79.90 -17.18 75.72
CA THR K 147 80.52 -16.53 76.86
C THR K 147 81.59 -17.40 77.52
N ASP K 148 81.84 -18.59 77.00
CA ASP K 148 82.80 -19.47 77.62
C ASP K 148 83.47 -20.32 76.56
N ASN K 149 84.73 -20.69 76.82
CA ASN K 149 85.46 -21.55 75.90
C ASN K 149 84.88 -22.96 75.86
N ALA K 150 84.30 -23.41 76.97
CA ALA K 150 83.77 -24.77 77.02
C ALA K 150 82.62 -24.97 76.05
N LEU K 151 81.83 -23.92 75.79
CA LEU K 151 80.74 -24.03 74.82
C LEU K 151 81.23 -24.29 73.41
N ILE K 152 82.49 -23.97 73.12
CA ILE K 152 83.09 -24.32 71.84
C ILE K 152 83.83 -25.65 71.93
N ALA K 153 84.54 -25.88 73.03
CA ALA K 153 85.35 -27.08 73.15
C ALA K 153 84.49 -28.33 73.23
N ARG K 154 83.28 -28.24 73.76
CA ARG K 154 82.43 -29.41 73.88
C ARG K 154 81.89 -29.84 72.52
N SER K 155 81.55 -28.87 71.67
CA SER K 155 80.90 -29.19 70.40
C SER K 155 81.83 -29.08 69.20
N LEU K 156 83.10 -28.73 69.41
CA LEU K 156 84.05 -28.65 68.31
C LEU K 156 85.41 -29.23 68.68
N GLY K 157 85.54 -29.83 69.86
CA GLY K 157 86.83 -30.36 70.28
C GLY K 157 87.31 -31.51 69.43
N LYS K 158 86.39 -32.28 68.86
CA LYS K 158 86.78 -33.39 68.02
C LYS K 158 87.52 -32.93 66.78
N TYR K 159 87.38 -31.66 66.41
CA TYR K 159 88.05 -31.10 65.25
C TYR K 159 89.30 -30.30 65.63
N GLY K 160 89.74 -30.40 66.88
CA GLY K 160 90.90 -29.66 67.32
C GLY K 160 90.64 -28.23 67.71
N ILE K 161 89.40 -27.74 67.56
CA ILE K 161 89.04 -26.38 67.90
C ILE K 161 88.49 -26.38 69.31
N ILE K 162 89.16 -25.67 70.22
CA ILE K 162 88.79 -25.70 71.63
C ILE K 162 88.52 -24.32 72.19
N CYS K 163 88.95 -23.24 71.55
CA CYS K 163 88.74 -21.90 72.10
C CYS K 163 88.27 -20.98 71.00
N MET K 164 87.82 -19.80 71.42
CA MET K 164 87.31 -18.82 70.47
C MET K 164 88.41 -18.32 69.55
N GLU K 165 89.66 -18.34 70.01
CA GLU K 165 90.75 -18.03 69.10
C GLU K 165 90.89 -19.09 68.02
N ASP K 166 90.73 -20.36 68.38
CA ASP K 166 90.74 -21.41 67.37
C ASP K 166 89.61 -21.21 66.38
N LEU K 167 88.43 -20.86 66.87
CA LEU K 167 87.29 -20.62 65.99
C LEU K 167 87.55 -19.45 65.05
N ILE K 168 88.12 -18.37 65.58
CA ILE K 168 88.44 -17.21 64.76
C ILE K 168 89.45 -17.58 63.69
N HIS K 169 90.45 -18.38 64.04
CA HIS K 169 91.43 -18.81 63.06
C HIS K 169 90.77 -19.67 61.99
N GLU K 170 89.91 -20.59 62.39
CA GLU K 170 89.25 -21.48 61.44
C GLU K 170 88.34 -20.72 60.50
N ILE K 171 87.82 -19.58 60.92
CA ILE K 171 87.02 -18.78 60.00
C ILE K 171 87.91 -17.93 59.11
N TYR K 172 88.93 -17.27 59.68
CA TYR K 172 89.76 -16.35 58.90
C TYR K 172 90.58 -17.11 57.87
N THR K 173 91.47 -17.98 58.33
CA THR K 173 92.05 -18.95 57.42
C THR K 173 91.05 -20.08 57.28
N VAL K 174 90.72 -20.45 56.05
CA VAL K 174 89.59 -21.35 55.82
C VAL K 174 89.81 -22.67 56.54
N GLY K 175 90.97 -23.28 56.32
CA GLY K 175 91.30 -24.49 57.06
C GLY K 175 90.43 -25.68 56.73
N LYS K 176 90.80 -26.85 57.27
CA LYS K 176 90.16 -28.08 56.84
C LYS K 176 88.81 -28.31 57.51
N ARG K 177 88.41 -27.47 58.45
CA ARG K 177 87.18 -27.68 59.20
C ARG K 177 86.32 -26.42 59.18
N PHE K 178 86.43 -25.65 58.10
CA PHE K 178 85.64 -24.44 57.98
C PHE K 178 84.16 -24.75 57.96
N LYS K 179 83.77 -25.84 57.30
CA LYS K 179 82.36 -26.19 57.25
C LYS K 179 81.81 -26.40 58.64
N GLU K 180 82.52 -27.18 59.46
CA GLU K 180 82.04 -27.47 60.81
C GLU K 180 81.97 -26.21 61.65
N ALA K 181 83.04 -25.40 61.64
CA ALA K 181 83.03 -24.20 62.48
C ALA K 181 81.97 -23.20 62.03
N ASN K 182 81.90 -22.95 60.73
CA ASN K 182 80.92 -22.03 60.19
C ASN K 182 79.50 -22.48 60.49
N ASN K 183 79.20 -23.75 60.27
CA ASN K 183 77.85 -24.22 60.55
C ASN K 183 77.56 -24.20 62.04
N PHE K 184 78.59 -24.35 62.87
CA PHE K 184 78.40 -24.17 64.30
C PHE K 184 77.95 -22.76 64.61
N LEU K 185 78.55 -21.77 63.95
CA LEU K 185 78.20 -20.38 64.21
C LEU K 185 76.76 -20.09 63.77
N TRP K 186 75.95 -19.62 64.71
CA TRP K 186 74.62 -19.15 64.39
C TRP K 186 74.72 -17.92 63.50
N PRO K 187 73.83 -17.74 62.53
CA PRO K 187 73.92 -16.56 61.65
C PRO K 187 73.77 -15.28 62.46
N PHE K 188 74.68 -14.34 62.22
CA PHE K 188 74.74 -13.14 63.04
C PHE K 188 73.56 -12.24 62.75
N LYS K 189 72.86 -11.83 63.81
CA LYS K 189 71.73 -10.93 63.68
C LYS K 189 72.24 -9.51 63.91
N LEU K 190 72.64 -8.86 62.82
CA LEU K 190 73.23 -7.53 62.94
C LEU K 190 72.15 -6.48 63.10
N SER K 191 72.56 -5.32 63.60
CA SER K 191 71.64 -4.21 63.75
C SER K 191 71.44 -3.50 62.41
N SER K 192 70.55 -2.52 62.39
CA SER K 192 70.46 -1.64 61.24
C SER K 192 71.79 -0.90 61.07
N PRO K 193 72.17 -0.60 59.86
CA PRO K 193 73.42 0.14 59.66
C PRO K 193 73.32 1.55 60.18
N ARG K 194 74.06 1.85 61.24
CA ARG K 194 74.11 3.21 61.76
C ARG K 194 74.75 4.13 60.71
N GLY K 195 74.12 5.27 60.47
CA GLY K 195 74.52 6.15 59.41
C GLY K 195 73.74 5.95 58.12
N GLY K 196 73.06 4.84 57.98
CA GLY K 196 72.21 4.61 56.83
C GLY K 196 72.96 4.05 55.64
N MET K 197 72.21 3.40 54.76
CA MET K 197 72.75 2.93 53.49
C MET K 197 72.66 4.05 52.46
N LYS K 198 73.04 3.75 51.23
CA LYS K 198 72.86 4.67 50.12
C LYS K 198 71.59 4.36 49.34
N LYS K 199 71.49 3.17 48.77
CA LYS K 199 70.29 2.78 48.04
C LYS K 199 70.29 1.26 47.96
N LYS K 200 69.41 0.61 48.71
CA LYS K 200 69.43 -0.85 48.75
C LYS K 200 68.84 -1.47 47.51
N THR K 201 68.17 -0.70 46.67
CA THR K 201 67.49 -1.25 45.51
C THR K 201 68.39 -1.43 44.31
N THR K 202 69.62 -0.92 44.35
CA THR K 202 70.52 -0.94 43.21
C THR K 202 71.82 -1.62 43.60
N HIS K 203 72.69 -1.79 42.62
CA HIS K 203 73.98 -2.43 42.83
C HIS K 203 74.99 -1.45 43.40
N PHE K 204 76.05 -1.99 44.00
CA PHE K 204 77.04 -1.17 44.68
C PHE K 204 77.79 -0.26 43.72
N VAL K 205 78.14 -0.76 42.53
CA VAL K 205 78.94 0.05 41.63
C VAL K 205 78.14 1.18 41.01
N GLU K 206 76.81 1.11 41.07
CA GLU K 206 75.96 2.19 40.58
C GLU K 206 75.40 2.99 41.74
N GLY K 207 76.20 3.19 42.78
CA GLY K 207 75.78 3.97 43.93
C GLY K 207 74.71 3.34 44.78
N GLY K 208 74.79 2.04 45.02
CA GLY K 208 73.84 1.34 45.85
C GLY K 208 74.53 0.60 46.96
N ASP K 209 73.96 -0.53 47.35
CA ASP K 209 74.56 -1.34 48.41
C ASP K 209 74.66 -2.80 48.04
N ALA K 210 73.79 -3.27 47.16
CA ALA K 210 73.73 -4.70 46.88
C ALA K 210 74.95 -5.15 46.09
N GLY K 211 75.20 -6.45 46.13
CA GLY K 211 76.27 -7.04 45.37
C GLY K 211 77.61 -6.95 46.07
N ASN K 212 78.62 -7.48 45.39
CA ASN K 212 79.96 -7.49 45.93
C ASN K 212 80.52 -6.09 46.04
N ARG K 213 81.04 -5.74 47.20
CA ARG K 213 81.68 -4.45 47.43
C ARG K 213 83.13 -4.60 47.87
N GLU K 214 83.73 -5.75 47.58
CA GLU K 214 85.16 -6.00 47.79
C GLU K 214 85.45 -5.81 49.27
N ASP K 215 86.56 -5.19 49.64
CA ASP K 215 86.92 -5.04 51.03
C ASP K 215 86.23 -3.87 51.69
N GLN K 216 85.33 -3.18 50.98
CA GLN K 216 84.56 -2.13 51.61
C GLN K 216 83.45 -2.69 52.49
N ILE K 217 83.31 -4.01 52.57
CA ILE K 217 82.39 -4.62 53.51
C ILE K 217 82.82 -4.33 54.95
N ASN K 218 84.09 -4.05 55.18
CA ASN K 218 84.55 -3.77 56.54
C ASN K 218 83.91 -2.50 57.06
N ARG K 219 83.79 -1.48 56.21
CA ARG K 219 83.12 -0.24 56.63
C ARG K 219 81.68 -0.52 57.04
N LEU K 220 80.98 -1.32 56.25
CA LEU K 220 79.59 -1.63 56.58
C LEU K 220 79.49 -2.44 57.86
N ILE K 221 80.45 -3.33 58.10
CA ILE K 221 80.41 -4.14 59.31
C ILE K 221 80.64 -3.29 60.54
N ARG K 222 81.55 -2.30 60.43
CA ARG K 222 81.80 -1.40 61.56
C ARG K 222 80.53 -0.73 62.04
N ARG K 223 79.61 -0.42 61.13
CA ARG K 223 78.40 0.31 61.44
C ARG K 223 77.22 -0.60 61.76
N MET K 224 77.05 -1.69 61.03
CA MET K 224 75.96 -2.62 61.32
C MET K 224 76.19 -3.31 62.66
N ASN K 225 77.43 -3.68 62.95
CA ASN K 225 77.74 -4.28 64.24
C ASN K 225 77.93 -3.20 65.28
N LYS L 1 -103.15 -55.99 26.82
CA LYS L 1 -104.04 -56.25 27.94
C LYS L 1 -104.60 -54.96 28.53
N VAL L 2 -104.51 -54.82 29.84
CA VAL L 2 -104.99 -53.65 30.55
C VAL L 2 -103.85 -52.64 30.78
N VAL L 3 -102.79 -52.76 29.98
CA VAL L 3 -101.54 -52.07 30.22
C VAL L 3 -101.72 -50.56 30.06
N ASN L 4 -100.88 -49.81 30.77
CA ASN L 4 -100.86 -48.35 30.63
C ASN L 4 -100.32 -47.98 29.26
N PRO L 5 -101.02 -47.14 28.50
CA PRO L 5 -100.48 -46.69 27.21
C PRO L 5 -99.19 -45.90 27.33
N LEU L 6 -98.87 -45.36 28.51
CA LEU L 6 -97.64 -44.61 28.67
C LEU L 6 -96.40 -45.49 28.55
N PHE L 7 -96.46 -46.71 29.07
CA PHE L 7 -95.29 -47.59 29.07
C PHE L 7 -94.85 -47.86 27.64
N GLU L 8 -93.55 -47.74 27.39
CA GLU L 8 -93.03 -47.89 26.04
C GLU L 8 -91.57 -48.31 26.11
N LYS L 9 -91.11 -48.91 25.02
CA LYS L 9 -89.68 -49.21 24.90
C LYS L 9 -88.91 -47.93 24.68
N ARG L 10 -87.73 -47.85 25.28
CA ARG L 10 -86.80 -46.74 25.08
C ARG L 10 -85.45 -47.31 24.70
N PRO L 11 -85.31 -47.83 23.49
CA PRO L 11 -84.02 -48.39 23.08
C PRO L 11 -82.95 -47.32 22.98
N LYS L 12 -81.71 -47.73 23.23
CA LYS L 12 -80.55 -46.85 23.13
C LYS L 12 -79.61 -47.41 22.10
N ASN L 13 -79.44 -46.71 20.99
CA ASN L 13 -78.62 -47.21 19.89
C ASN L 13 -77.16 -47.08 20.26
N PHE L 14 -76.44 -48.20 20.22
CA PHE L 14 -75.03 -48.23 20.61
C PHE L 14 -74.10 -48.08 19.42
N GLY L 15 -74.52 -47.39 18.37
CA GLY L 15 -73.66 -47.18 17.23
C GLY L 15 -72.47 -46.33 17.60
N ILE L 16 -71.47 -46.32 16.71
CA ILE L 16 -70.26 -45.55 16.97
C ILE L 16 -70.62 -44.07 16.94
N GLY L 17 -70.29 -43.38 18.02
CA GLY L 17 -70.68 -41.98 18.14
C GLY L 17 -72.15 -41.78 18.41
N GLN L 18 -72.89 -42.83 18.72
CA GLN L 18 -74.33 -42.71 18.90
C GLN L 18 -74.68 -42.48 20.36
N ASP L 19 -74.32 -43.41 21.25
CA ASP L 19 -74.66 -43.30 22.65
C ASP L 19 -73.44 -43.67 23.49
N ILE L 20 -73.53 -43.37 24.78
CA ILE L 20 -72.48 -43.79 25.69
C ILE L 20 -72.58 -45.29 25.90
N GLN L 21 -71.46 -45.98 25.73
CA GLN L 21 -71.45 -47.43 25.72
C GLN L 21 -71.81 -47.97 27.10
N PRO L 22 -72.44 -49.15 27.15
CA PRO L 22 -72.83 -49.72 28.44
C PRO L 22 -71.63 -50.18 29.23
N LYS L 23 -71.86 -50.42 30.52
CA LYS L 23 -70.82 -50.89 31.43
C LYS L 23 -70.69 -52.40 31.26
N ARG L 24 -70.05 -52.80 30.16
CA ARG L 24 -69.89 -54.20 29.82
C ARG L 24 -68.68 -54.78 30.53
N ASP L 25 -68.43 -56.06 30.30
CA ASP L 25 -67.30 -56.73 30.92
C ASP L 25 -66.02 -56.38 30.18
N LEU L 26 -64.99 -56.01 30.94
CA LEU L 26 -63.71 -55.60 30.38
C LEU L 26 -62.55 -56.34 31.01
N THR L 27 -62.82 -57.55 31.52
CA THR L 27 -61.75 -58.33 32.12
C THR L 27 -60.65 -58.65 31.11
N ARG L 28 -60.99 -58.64 29.82
CA ARG L 28 -60.01 -58.93 28.78
C ARG L 28 -58.92 -57.85 28.71
N PHE L 29 -59.23 -56.63 29.07
CA PHE L 29 -58.32 -55.50 28.89
C PHE L 29 -57.99 -54.82 30.20
N VAL L 30 -57.97 -55.57 31.30
CA VAL L 30 -57.68 -54.99 32.60
C VAL L 30 -56.17 -54.89 32.76
N LYS L 31 -55.69 -53.74 33.24
CA LYS L 31 -54.28 -53.59 33.58
C LYS L 31 -54.07 -54.20 34.96
N TRP L 32 -53.70 -55.48 34.99
CA TRP L 32 -53.48 -56.19 36.23
C TRP L 32 -52.16 -55.78 36.85
N PRO L 33 -52.01 -55.99 38.15
CA PRO L 33 -50.71 -55.76 38.78
C PRO L 33 -49.63 -56.68 38.24
N ARG L 34 -48.39 -56.31 38.55
CA ARG L 34 -47.25 -56.99 37.95
C ARG L 34 -47.21 -58.46 38.31
N TYR L 35 -47.64 -58.84 39.51
CA TYR L 35 -47.56 -60.24 39.90
C TYR L 35 -48.54 -61.09 39.11
N ILE L 36 -49.75 -60.58 38.86
CA ILE L 36 -50.69 -61.28 38.01
C ILE L 36 -50.15 -61.38 36.59
N ARG L 37 -49.61 -60.27 36.09
CA ARG L 37 -49.02 -60.29 34.75
C ARG L 37 -47.92 -61.32 34.65
N LEU L 38 -47.07 -61.39 35.67
CA LEU L 38 -45.93 -62.29 35.64
C LEU L 38 -46.38 -63.75 35.71
N GLN L 39 -47.34 -64.06 36.59
CA GLN L 39 -47.73 -65.45 36.72
C GLN L 39 -48.58 -65.91 35.55
N ARG L 40 -49.10 -64.99 34.73
CA ARG L 40 -49.71 -65.42 33.47
C ARG L 40 -48.68 -65.58 32.37
N GLN L 41 -47.71 -64.65 32.32
CA GLN L 41 -46.64 -64.76 31.33
C GLN L 41 -45.81 -66.01 31.55
N ARG L 42 -45.73 -66.50 32.79
CA ARG L 42 -45.02 -67.74 33.03
C ARG L 42 -45.68 -68.91 32.31
N ALA L 43 -47.00 -69.02 32.43
CA ALA L 43 -47.71 -70.10 31.75
C ALA L 43 -47.57 -69.97 30.24
N ILE L 44 -47.66 -68.75 29.72
CA ILE L 44 -47.55 -68.59 28.26
C ILE L 44 -46.15 -68.92 27.79
N LEU L 45 -45.12 -68.53 28.55
CA LEU L 45 -43.75 -68.89 28.20
C LEU L 45 -43.54 -70.38 28.21
N TYR L 46 -44.16 -71.08 29.17
CA TYR L 46 -44.05 -72.53 29.19
C TYR L 46 -44.74 -73.16 27.99
N LYS L 47 -45.85 -72.58 27.54
CA LYS L 47 -46.45 -73.06 26.31
C LYS L 47 -45.68 -72.68 25.06
N ARG L 48 -44.81 -71.65 25.15
CA ARG L 48 -44.00 -71.23 24.01
C ARG L 48 -42.77 -72.09 23.83
N LEU L 49 -41.93 -72.16 24.86
CA LEU L 49 -40.59 -72.70 24.69
C LEU L 49 -40.63 -74.21 24.50
N LYS L 50 -39.53 -74.74 23.98
CA LYS L 50 -39.38 -76.17 23.75
C LYS L 50 -39.03 -76.81 25.08
N VAL L 51 -40.05 -77.26 25.80
CA VAL L 51 -39.86 -77.78 27.15
C VAL L 51 -39.18 -79.15 27.07
N PRO L 52 -38.09 -79.37 27.82
CA PRO L 52 -37.44 -80.66 27.78
C PRO L 52 -38.36 -81.75 28.28
N PRO L 53 -38.21 -82.98 27.79
CA PRO L 53 -39.11 -84.06 28.21
C PRO L 53 -39.04 -84.38 29.68
N ALA L 54 -37.88 -84.23 30.32
CA ALA L 54 -37.76 -84.52 31.75
C ALA L 54 -38.58 -83.57 32.59
N ILE L 55 -38.98 -82.42 32.05
CA ILE L 55 -39.88 -81.50 32.75
C ILE L 55 -41.31 -81.63 32.23
N ASN L 56 -41.46 -81.85 30.93
CA ASN L 56 -42.79 -82.00 30.35
C ASN L 56 -43.49 -83.27 30.79
N GLN L 57 -42.75 -84.26 31.30
CA GLN L 57 -43.39 -85.49 31.73
C GLN L 57 -44.37 -85.25 32.86
N PHE L 58 -44.17 -84.20 33.64
CA PHE L 58 -45.06 -83.89 34.74
C PHE L 58 -46.39 -83.30 34.28
N THR L 59 -46.48 -82.86 33.03
CA THR L 59 -47.75 -82.34 32.54
C THR L 59 -48.74 -83.45 32.24
N GLN L 60 -48.27 -84.68 32.06
CA GLN L 60 -49.15 -85.81 31.76
C GLN L 60 -49.42 -86.57 33.06
N ALA L 61 -50.24 -85.97 33.91
CA ALA L 61 -50.57 -86.57 35.18
C ALA L 61 -51.74 -87.54 35.03
N LEU L 62 -52.08 -88.21 36.12
CA LEU L 62 -53.14 -89.20 36.13
C LEU L 62 -54.49 -88.54 35.90
N ASP L 63 -55.41 -89.30 35.32
CA ASP L 63 -56.75 -88.79 35.05
C ASP L 63 -57.62 -88.88 36.30
N ARG L 64 -58.87 -88.45 36.15
CA ARG L 64 -59.72 -88.19 37.32
C ARG L 64 -60.05 -89.46 38.08
N GLN L 65 -60.50 -90.50 37.38
CA GLN L 65 -60.95 -91.72 38.05
C GLN L 65 -59.81 -92.41 38.78
N THR L 66 -58.66 -92.56 38.11
CA THR L 66 -57.53 -93.19 38.75
C THR L 66 -56.98 -92.36 39.89
N ALA L 67 -56.97 -91.03 39.75
CA ALA L 67 -56.55 -90.17 40.85
C ALA L 67 -57.44 -90.36 42.06
N THR L 68 -58.75 -90.40 41.85
CA THR L 68 -59.66 -90.58 42.97
C THR L 68 -59.47 -91.94 43.63
N GLN L 69 -59.27 -92.99 42.82
CA GLN L 69 -59.03 -94.32 43.39
C GLN L 69 -57.78 -94.32 44.27
N LEU L 70 -56.69 -93.76 43.76
CA LEU L 70 -55.43 -93.78 44.51
C LEU L 70 -55.53 -92.95 45.79
N LEU L 71 -56.16 -91.77 45.71
CA LEU L 71 -56.32 -90.98 46.92
C LEU L 71 -57.18 -91.68 47.94
N LYS L 72 -58.22 -92.38 47.49
CA LYS L 72 -59.04 -93.14 48.41
C LYS L 72 -58.23 -94.22 49.10
N LEU L 73 -57.34 -94.88 48.36
CA LEU L 73 -56.48 -95.88 48.99
C LEU L 73 -55.55 -95.25 50.02
N ALA L 74 -54.92 -94.13 49.67
CA ALA L 74 -53.98 -93.48 50.60
C ALA L 74 -54.68 -92.95 51.84
N HIS L 75 -55.97 -92.66 51.72
CA HIS L 75 -56.77 -92.27 52.87
C HIS L 75 -56.86 -93.36 53.93
N LYS L 76 -56.56 -94.61 53.56
CA LYS L 76 -56.51 -95.71 54.52
C LYS L 76 -55.17 -95.81 55.22
N TYR L 77 -54.16 -95.06 54.78
CA TYR L 77 -52.82 -95.17 55.34
C TYR L 77 -52.24 -93.81 55.65
N ARG L 78 -53.08 -92.79 55.78
CA ARG L 78 -52.60 -91.48 56.22
C ARG L 78 -51.84 -91.59 57.54
N PRO L 79 -50.77 -90.81 57.70
CA PRO L 79 -50.06 -90.81 58.98
C PRO L 79 -50.93 -90.27 60.09
N GLU L 80 -50.68 -90.76 61.30
CA GLU L 80 -51.43 -90.30 62.46
C GLU L 80 -51.07 -88.85 62.78
N THR L 81 -52.04 -88.11 63.30
CA THR L 81 -51.80 -86.71 63.66
C THR L 81 -51.15 -86.66 65.05
N LYS L 82 -50.91 -85.44 65.54
CA LYS L 82 -50.23 -85.29 66.82
C LYS L 82 -51.14 -85.66 67.99
N GLN L 83 -52.40 -85.24 67.95
CA GLN L 83 -53.32 -85.64 69.02
C GLN L 83 -53.51 -87.15 69.04
N GLU L 84 -53.64 -87.74 67.86
CA GLU L 84 -53.77 -89.19 67.78
C GLU L 84 -52.53 -89.88 68.31
N LYS L 85 -51.35 -89.35 67.98
CA LYS L 85 -50.11 -89.94 68.49
C LYS L 85 -50.05 -89.85 70.00
N LYS L 86 -50.45 -88.71 70.57
CA LYS L 86 -50.43 -88.57 72.02
C LYS L 86 -51.38 -89.56 72.69
N GLN L 87 -52.57 -89.72 72.13
CA GLN L 87 -53.50 -90.71 72.68
C GLN L 87 -52.92 -92.10 72.61
N ARG L 88 -52.27 -92.44 71.49
CA ARG L 88 -51.64 -93.73 71.35
C ARG L 88 -50.55 -93.93 72.40
N LEU L 89 -49.71 -92.91 72.60
CA LEU L 89 -48.61 -93.01 73.55
C LEU L 89 -49.11 -93.17 74.97
N LEU L 90 -50.15 -92.44 75.33
CA LEU L 90 -50.66 -92.53 76.70
C LEU L 90 -51.36 -93.86 76.94
N ALA L 91 -52.08 -94.39 75.94
CA ALA L 91 -52.65 -95.72 76.07
C ALA L 91 -51.54 -96.77 76.24
N ARG L 92 -50.47 -96.64 75.46
CA ARG L 92 -49.35 -97.56 75.62
C ARG L 92 -48.68 -97.41 76.97
N ALA L 93 -48.65 -96.18 77.51
CA ALA L 93 -48.10 -95.98 78.85
C ALA L 93 -48.94 -96.70 79.89
N GLU L 94 -50.27 -96.63 79.77
CA GLU L 94 -51.12 -97.38 80.69
C GLU L 94 -50.89 -98.88 80.57
N LYS L 95 -50.73 -99.37 79.35
CA LYS L 95 -50.44 -100.79 79.17
C LYS L 95 -49.10 -101.17 79.80
N LYS L 96 -48.09 -100.32 79.63
CA LYS L 96 -46.78 -100.59 80.22
C LYS L 96 -46.87 -100.60 81.75
N ALA L 97 -47.64 -99.67 82.32
CA ALA L 97 -47.84 -99.68 83.77
C ALA L 97 -48.59 -100.92 84.22
N ALA L 98 -49.53 -101.41 83.41
CA ALA L 98 -50.26 -102.63 83.73
C ALA L 98 -49.46 -103.89 83.45
N GLY L 99 -48.31 -103.79 82.77
CA GLY L 99 -47.48 -104.96 82.56
C GLY L 99 -47.36 -105.45 81.13
N LYS L 100 -47.30 -104.53 80.17
CA LYS L 100 -47.18 -104.86 78.75
C LYS L 100 -45.99 -104.12 78.16
N GLY L 101 -45.06 -104.88 77.56
CA GLY L 101 -43.84 -104.26 77.07
C GLY L 101 -43.35 -104.74 75.72
N ASP L 102 -44.25 -105.17 74.86
CA ASP L 102 -43.88 -105.64 73.52
C ASP L 102 -45.09 -105.51 72.61
N VAL L 103 -44.99 -106.11 71.42
CA VAL L 103 -46.06 -106.17 70.42
C VAL L 103 -46.51 -104.74 70.06
N PRO L 104 -45.69 -103.98 69.34
CA PRO L 104 -46.01 -102.58 69.03
C PRO L 104 -46.92 -102.43 67.82
N THR L 105 -48.01 -103.21 67.79
CA THR L 105 -48.94 -103.32 66.66
C THR L 105 -48.21 -103.46 65.32
N LYS L 106 -47.06 -104.13 65.34
CA LYS L 106 -46.21 -104.41 64.18
C LYS L 106 -45.71 -103.13 63.51
N ARG L 107 -45.81 -101.98 64.19
CA ARG L 107 -45.55 -100.66 63.60
C ARG L 107 -46.37 -100.56 62.32
N PRO L 108 -47.67 -100.31 62.45
CA PRO L 108 -48.58 -100.57 61.33
C PRO L 108 -48.19 -99.76 60.11
N PRO L 109 -48.46 -100.28 58.92
CA PRO L 109 -47.98 -99.61 57.70
C PRO L 109 -48.53 -98.20 57.58
N VAL L 110 -47.67 -97.31 57.09
CA VAL L 110 -47.99 -95.89 56.98
C VAL L 110 -47.53 -95.42 55.61
N LEU L 111 -48.09 -94.30 55.18
CA LEU L 111 -47.76 -93.72 53.88
C LEU L 111 -46.59 -92.77 54.07
N ARG L 112 -45.40 -93.21 53.69
CA ARG L 112 -44.22 -92.39 53.84
C ARG L 112 -44.33 -91.15 52.97
N ALA L 113 -43.68 -90.07 53.39
CA ALA L 113 -43.82 -88.80 52.70
C ALA L 113 -42.49 -88.06 52.74
N GLY L 114 -42.36 -87.09 51.85
CA GLY L 114 -41.13 -86.34 51.76
C GLY L 114 -40.22 -86.90 50.69
N VAL L 115 -39.58 -86.02 49.92
CA VAL L 115 -38.83 -86.47 48.76
C VAL L 115 -37.60 -87.26 49.19
N ASN L 116 -36.93 -86.84 50.26
CA ASN L 116 -35.74 -87.54 50.70
C ASN L 116 -36.07 -88.95 51.17
N THR L 117 -37.11 -89.07 52.01
CA THR L 117 -37.52 -90.39 52.46
C THR L 117 -37.95 -91.27 51.29
N VAL L 118 -38.70 -90.69 50.35
CA VAL L 118 -39.21 -91.47 49.23
C VAL L 118 -38.06 -91.97 48.36
N THR L 119 -37.11 -91.10 48.04
CA THR L 119 -36.01 -91.51 47.20
C THR L 119 -35.09 -92.49 47.92
N THR L 120 -35.00 -92.40 49.25
CA THR L 120 -34.26 -93.42 50.00
C THR L 120 -34.94 -94.77 49.88
N LEU L 121 -36.26 -94.80 50.00
CA LEU L 121 -36.98 -96.07 49.85
C LEU L 121 -36.80 -96.64 48.45
N VAL L 122 -36.89 -95.79 47.43
CA VAL L 122 -36.72 -96.27 46.06
C VAL L 122 -35.31 -96.80 45.84
N GLU L 123 -34.31 -96.11 46.38
CA GLU L 123 -32.93 -96.59 46.26
C GLU L 123 -32.77 -97.95 46.91
N ASN L 124 -33.38 -98.16 48.07
CA ASN L 124 -33.28 -99.45 48.73
C ASN L 124 -34.21 -100.50 48.13
N LYS L 125 -35.06 -100.12 47.17
CA LYS L 125 -36.03 -101.03 46.57
C LYS L 125 -36.98 -101.59 47.63
N LYS L 126 -37.31 -100.74 48.60
CA LYS L 126 -38.25 -101.13 49.63
C LYS L 126 -39.67 -100.67 49.35
N ALA L 127 -39.83 -99.60 48.56
CA ALA L 127 -41.16 -99.08 48.26
C ALA L 127 -41.85 -99.96 47.21
N GLN L 128 -43.14 -99.70 47.02
CA GLN L 128 -43.93 -100.40 46.02
C GLN L 128 -44.59 -99.48 45.01
N LEU L 129 -45.11 -98.34 45.44
CA LEU L 129 -45.69 -97.37 44.50
C LEU L 129 -45.34 -95.97 44.99
N VAL L 130 -44.84 -95.15 44.07
CA VAL L 130 -44.47 -93.77 44.38
C VAL L 130 -45.50 -92.86 43.73
N VAL L 131 -45.95 -91.85 44.46
CA VAL L 131 -46.89 -90.85 43.96
C VAL L 131 -46.19 -89.50 44.00
N ILE L 132 -46.07 -88.85 42.86
CA ILE L 132 -45.37 -87.59 42.72
C ILE L 132 -46.34 -86.52 42.26
N ALA L 133 -46.35 -85.38 42.96
CA ALA L 133 -47.15 -84.24 42.55
C ALA L 133 -46.57 -83.63 41.28
N HIS L 134 -47.43 -83.02 40.47
CA HIS L 134 -46.92 -82.54 39.19
C HIS L 134 -46.39 -81.11 39.25
N ASP L 135 -46.61 -80.39 40.35
CA ASP L 135 -46.48 -78.93 40.34
C ASP L 135 -45.53 -78.44 41.43
N VAL L 136 -44.34 -79.03 41.51
CA VAL L 136 -43.35 -78.57 42.48
C VAL L 136 -42.75 -77.26 42.00
N ASP L 137 -42.53 -76.32 42.95
CA ASP L 137 -42.07 -74.99 42.57
C ASP L 137 -40.65 -75.01 42.03
N PRO L 138 -39.61 -75.47 42.79
CA PRO L 138 -38.37 -75.86 42.11
C PRO L 138 -38.48 -77.31 41.66
N ILE L 139 -38.60 -77.51 40.35
CA ILE L 139 -38.85 -78.83 39.81
C ILE L 139 -37.65 -79.76 39.95
N GLU L 140 -36.48 -79.19 40.25
CA GLU L 140 -35.28 -79.98 40.46
C GLU L 140 -35.44 -80.98 41.60
N LEU L 141 -36.32 -80.71 42.56
CA LEU L 141 -36.53 -81.65 43.64
C LEU L 141 -37.07 -82.99 43.17
N VAL L 142 -37.72 -83.03 42.02
CA VAL L 142 -38.40 -84.26 41.61
C VAL L 142 -38.14 -84.62 40.15
N VAL L 143 -37.26 -83.89 39.46
CA VAL L 143 -36.96 -84.29 38.09
C VAL L 143 -36.33 -85.67 38.04
N PHE L 144 -35.46 -85.98 39.00
CA PHE L 144 -34.77 -87.26 38.96
C PHE L 144 -35.66 -88.42 39.38
N LEU L 145 -36.71 -88.15 40.13
CA LEU L 145 -37.53 -89.25 40.66
C LEU L 145 -38.18 -90.14 39.62
N PRO L 146 -38.76 -89.65 38.52
CA PRO L 146 -39.32 -90.59 37.53
C PRO L 146 -38.29 -91.53 36.93
N ALA L 147 -37.14 -91.00 36.53
CA ALA L 147 -36.10 -91.86 35.96
C ALA L 147 -35.58 -92.85 37.00
N LEU L 148 -35.42 -92.40 38.24
CA LEU L 148 -34.94 -93.27 39.29
C LEU L 148 -35.92 -94.38 39.58
N CYS L 149 -37.22 -94.05 39.65
CA CYS L 149 -38.24 -95.06 39.88
C CYS L 149 -38.28 -96.06 38.73
N ARG L 150 -38.18 -95.59 37.50
CA ARG L 150 -38.16 -96.48 36.36
C ARG L 150 -36.94 -97.39 36.41
N LYS L 151 -35.79 -96.85 36.77
CA LYS L 151 -34.57 -97.64 36.80
C LYS L 151 -34.63 -98.71 37.87
N MET L 152 -35.03 -98.34 39.09
CA MET L 152 -35.15 -99.31 40.16
C MET L 152 -36.32 -100.26 39.95
N GLY L 153 -37.20 -99.96 39.01
CA GLY L 153 -38.35 -100.81 38.79
C GLY L 153 -39.55 -100.48 39.65
N VAL L 154 -39.46 -99.44 40.47
CA VAL L 154 -40.57 -99.03 41.31
C VAL L 154 -41.59 -98.30 40.46
N PRO L 155 -42.85 -98.75 40.44
CA PRO L 155 -43.88 -98.00 39.71
C PRO L 155 -44.11 -96.64 40.32
N TYR L 156 -44.30 -95.66 39.46
CA TYR L 156 -44.52 -94.29 39.89
C TYR L 156 -45.64 -93.67 39.08
N CYS L 157 -46.51 -92.95 39.75
CA CYS L 157 -47.60 -92.23 39.10
C CYS L 157 -47.56 -90.77 39.53
N ILE L 158 -48.00 -89.91 38.63
CA ILE L 158 -47.97 -88.47 38.80
C ILE L 158 -49.40 -87.98 39.05
N ILE L 159 -49.58 -87.20 40.11
CA ILE L 159 -50.88 -86.71 40.55
C ILE L 159 -50.87 -85.19 40.48
N LYS L 160 -51.95 -84.63 39.91
CA LYS L 160 -52.05 -83.18 39.84
C LYS L 160 -52.34 -82.62 41.22
N GLY L 161 -51.58 -81.58 41.62
CA GLY L 161 -51.83 -80.94 42.88
C GLY L 161 -51.01 -81.48 44.03
N LYS L 162 -50.01 -80.72 44.47
CA LYS L 162 -49.30 -81.11 45.69
C LYS L 162 -50.11 -80.83 46.94
N ALA L 163 -51.14 -79.98 46.85
CA ALA L 163 -52.00 -79.73 48.00
C ALA L 163 -52.76 -80.98 48.41
N ARG L 164 -53.16 -81.81 47.44
CA ARG L 164 -53.83 -83.05 47.78
C ARG L 164 -52.89 -83.99 48.54
N LEU L 165 -51.63 -84.07 48.09
CA LEU L 165 -50.68 -84.90 48.80
C LEU L 165 -50.35 -84.31 50.17
N GLY L 166 -50.41 -82.99 50.31
CA GLY L 166 -50.27 -82.39 51.62
C GLY L 166 -51.41 -82.76 52.54
N ARG L 167 -52.63 -82.73 52.02
CA ARG L 167 -53.78 -83.16 52.81
C ARG L 167 -53.71 -84.64 53.15
N LEU L 168 -53.03 -85.43 52.33
CA LEU L 168 -52.81 -86.82 52.68
C LEU L 168 -51.99 -86.98 53.95
N VAL L 169 -51.13 -86.02 54.27
CA VAL L 169 -50.21 -86.12 55.39
C VAL L 169 -50.45 -85.04 56.43
N HIS L 170 -51.57 -84.32 56.33
CA HIS L 170 -51.92 -83.24 57.26
C HIS L 170 -50.86 -82.14 57.25
N ARG L 171 -50.35 -81.84 56.07
CA ARG L 171 -49.45 -80.72 55.85
C ARG L 171 -49.99 -79.88 54.72
N LYS L 172 -49.36 -78.73 54.48
CA LYS L 172 -49.80 -77.88 53.39
C LYS L 172 -49.36 -78.42 52.04
N THR L 173 -48.16 -78.96 51.96
CA THR L 173 -47.60 -79.40 50.70
C THR L 173 -46.71 -80.61 50.93
N CYS L 174 -46.84 -81.63 50.09
CA CYS L 174 -45.91 -82.74 50.08
C CYS L 174 -45.63 -83.14 48.64
N THR L 175 -44.35 -83.17 48.26
CA THR L 175 -44.02 -83.41 46.86
C THR L 175 -44.34 -84.84 46.45
N THR L 176 -44.14 -85.80 47.35
CA THR L 176 -44.31 -87.19 46.95
C THR L 176 -44.54 -88.06 48.17
N VAL L 177 -45.26 -89.16 47.95
CA VAL L 177 -45.48 -90.18 48.96
C VAL L 177 -45.14 -91.54 48.36
N ALA L 178 -45.15 -92.57 49.22
CA ALA L 178 -44.79 -93.91 48.78
C ALA L 178 -45.48 -94.95 49.66
N PHE L 179 -45.96 -96.02 49.01
CA PHE L 179 -46.54 -97.16 49.70
C PHE L 179 -45.46 -98.22 49.89
N THR L 180 -45.03 -98.43 51.14
CA THR L 180 -44.05 -99.48 51.39
C THR L 180 -44.72 -100.82 51.72
N GLN L 181 -45.54 -100.83 52.76
CA GLN L 181 -46.28 -102.01 53.17
C GLN L 181 -47.77 -101.69 53.12
N VAL L 182 -48.56 -102.69 52.75
CA VAL L 182 -50.01 -102.55 52.64
C VAL L 182 -50.66 -103.79 53.25
N ASN L 183 -51.76 -103.58 53.97
CA ASN L 183 -52.50 -104.68 54.58
C ASN L 183 -52.97 -105.67 53.52
N SER L 184 -53.21 -106.90 53.95
CA SER L 184 -53.56 -107.98 53.04
C SER L 184 -54.86 -107.68 52.32
N GLU L 185 -55.83 -107.10 53.02
CA GLU L 185 -57.12 -106.79 52.43
C GLU L 185 -57.01 -105.76 51.31
N ASP L 186 -56.00 -104.90 51.33
CA ASP L 186 -55.81 -103.89 50.30
C ASP L 186 -54.68 -104.21 49.35
N LYS L 187 -54.04 -105.38 49.51
CA LYS L 187 -52.97 -105.78 48.58
C LYS L 187 -53.51 -105.92 47.16
N GLY L 188 -54.71 -106.46 46.99
CA GLY L 188 -55.29 -106.57 45.67
C GLY L 188 -55.57 -105.22 45.04
N ALA L 189 -56.09 -104.28 45.82
CA ALA L 189 -56.32 -102.93 45.29
C ALA L 189 -55.02 -102.25 44.93
N LEU L 190 -53.98 -102.44 45.74
CA LEU L 190 -52.68 -101.89 45.41
C LEU L 190 -52.16 -102.47 44.11
N ALA L 191 -52.29 -103.78 43.92
CA ALA L 191 -51.85 -104.40 42.68
C ALA L 191 -52.67 -103.90 41.49
N LYS L 192 -53.97 -103.71 41.69
CA LYS L 192 -54.83 -103.17 40.63
C LYS L 192 -54.37 -101.78 40.22
N LEU L 193 -53.96 -100.96 41.19
CA LEU L 193 -53.37 -99.67 40.86
C LEU L 193 -52.06 -99.82 40.13
N VAL L 194 -51.18 -100.70 40.64
CA VAL L 194 -49.82 -100.81 40.15
C VAL L 194 -49.81 -101.24 38.68
N GLU L 195 -50.72 -102.14 38.30
CA GLU L 195 -50.72 -102.60 36.91
C GLU L 195 -51.00 -101.44 35.95
N ALA L 196 -52.04 -100.66 36.23
CA ALA L 196 -52.34 -99.51 35.38
C ALA L 196 -51.23 -98.48 35.40
N ILE L 197 -50.64 -98.25 36.58
CA ILE L 197 -49.58 -97.27 36.68
C ILE L 197 -48.39 -97.69 35.82
N ARG L 198 -48.02 -98.97 35.88
CA ARG L 198 -46.90 -99.46 35.10
C ARG L 198 -47.18 -99.36 33.61
N THR L 199 -48.40 -99.69 33.20
CA THR L 199 -48.75 -99.55 31.80
C THR L 199 -48.67 -98.09 31.35
N ASN L 200 -49.10 -97.16 32.21
CA ASN L 200 -49.17 -95.76 31.85
C ASN L 200 -47.81 -95.06 31.83
N TYR L 201 -46.92 -95.41 32.75
CA TYR L 201 -45.70 -94.64 32.94
C TYR L 201 -44.43 -95.44 32.68
N ASN L 202 -44.26 -96.58 33.34
CA ASN L 202 -42.97 -97.27 33.28
C ASN L 202 -42.74 -97.92 31.93
N ASP L 203 -43.79 -98.47 31.33
CA ASP L 203 -43.64 -99.19 30.06
C ASP L 203 -43.24 -98.26 28.93
N ARG L 204 -43.87 -97.08 28.86
CA ARG L 204 -43.59 -96.10 27.81
C ARG L 204 -42.62 -95.03 28.29
N TYR L 205 -41.67 -95.46 29.11
CA TYR L 205 -40.65 -94.57 29.63
C TYR L 205 -39.83 -93.95 28.52
N ASP L 206 -39.57 -94.70 27.45
CA ASP L 206 -38.76 -94.17 26.36
C ASP L 206 -39.47 -93.03 25.66
N GLU L 207 -40.74 -93.23 25.31
CA GLU L 207 -41.50 -92.16 24.67
C GLU L 207 -41.62 -90.96 25.60
N ILE L 208 -41.78 -91.21 26.90
CA ILE L 208 -41.81 -90.11 27.86
C ILE L 208 -40.48 -89.37 27.85
N ARG L 209 -39.37 -90.10 27.82
CA ARG L 209 -38.04 -89.53 27.85
C ARG L 209 -37.74 -88.73 26.59
N ARG L 210 -38.42 -89.02 25.49
CA ARG L 210 -38.21 -88.30 24.24
C ARG L 210 -39.36 -87.39 23.88
N HIS L 211 -40.35 -87.21 24.76
CA HIS L 211 -41.52 -86.39 24.44
C HIS L 211 -41.25 -84.94 24.84
N TRP L 212 -40.78 -84.15 23.87
CA TRP L 212 -40.62 -82.72 24.09
C TRP L 212 -41.98 -82.05 24.17
N GLY L 213 -42.12 -81.08 25.06
CA GLY L 213 -43.35 -80.33 25.21
C GLY L 213 -43.22 -78.89 24.72
N GLY L 214 -44.32 -78.15 24.89
CA GLY L 214 -44.33 -76.76 24.48
C GLY L 214 -44.32 -76.62 22.97
N ASN L 215 -43.64 -75.56 22.51
CA ASN L 215 -43.54 -75.22 21.10
C ASN L 215 -44.92 -75.09 20.46
N VAL L 216 -45.74 -74.24 21.07
CA VAL L 216 -47.10 -73.97 20.60
C VAL L 216 -47.31 -72.46 20.57
N LEU L 217 -47.74 -71.95 19.42
CA LEU L 217 -47.90 -70.52 19.24
C LEU L 217 -49.26 -70.06 19.74
N GLY L 218 -49.41 -68.75 19.83
CA GLY L 218 -50.62 -68.14 20.33
C GLY L 218 -51.77 -68.34 19.37
N PRO L 219 -52.99 -68.14 19.85
CA PRO L 219 -54.15 -68.28 18.96
C PRO L 219 -54.13 -67.30 17.80
N LYS L 220 -53.68 -66.06 18.01
CA LYS L 220 -53.64 -65.10 16.92
C LYS L 220 -52.60 -65.50 15.87
N SER L 221 -51.42 -65.93 16.31
CA SER L 221 -50.40 -66.37 15.37
C SER L 221 -50.87 -67.60 14.61
N VAL L 222 -51.51 -68.53 15.30
CA VAL L 222 -52.06 -69.72 14.66
C VAL L 222 -53.10 -69.33 13.63
N ALA L 223 -53.96 -68.36 13.96
CA ALA L 223 -55.01 -67.95 13.04
C ALA L 223 -54.43 -67.29 11.80
N ARG L 224 -53.39 -66.46 11.97
CA ARG L 224 -52.77 -65.83 10.81
C ARG L 224 -52.11 -66.86 9.91
N ILE L 225 -51.35 -67.78 10.50
CA ILE L 225 -50.70 -68.82 9.70
C ILE L 225 -51.74 -69.69 9.00
N ALA L 226 -52.81 -70.03 9.71
CA ALA L 226 -53.87 -70.86 9.14
C ALA L 226 -54.54 -70.15 7.98
N LYS L 227 -54.80 -68.85 8.11
CA LYS L 227 -55.39 -68.09 7.00
C LYS L 227 -54.46 -68.06 5.80
N LEU L 228 -53.16 -67.84 6.04
CA LEU L 228 -52.21 -67.78 4.95
C LEU L 228 -52.16 -69.10 4.19
N GLU L 229 -52.04 -70.20 4.93
CA GLU L 229 -51.97 -71.51 4.28
C GLU L 229 -53.31 -71.95 3.69
N LYS L 230 -54.43 -71.47 4.24
CA LYS L 230 -55.72 -71.78 3.64
C LYS L 230 -55.87 -71.09 2.30
N ALA L 231 -55.46 -69.82 2.21
CA ALA L 231 -55.45 -69.14 0.93
C ALA L 231 -54.49 -69.82 -0.04
N LYS L 232 -53.34 -70.27 0.46
CA LYS L 232 -52.37 -70.96 -0.39
C LYS L 232 -52.94 -72.27 -0.93
N ALA L 233 -53.63 -73.04 -0.08
CA ALA L 233 -54.24 -74.28 -0.54
C ALA L 233 -55.40 -74.03 -1.49
N LYS L 234 -56.15 -72.94 -1.27
CA LYS L 234 -57.19 -72.57 -2.23
C LYS L 234 -56.59 -72.24 -3.59
N GLU L 235 -55.45 -71.54 -3.60
CA GLU L 235 -54.75 -71.29 -4.85
C GLU L 235 -54.24 -72.58 -5.48
N LEU L 236 -53.74 -73.51 -4.67
CA LEU L 236 -53.15 -74.73 -5.20
C LEU L 236 -54.21 -75.70 -5.74
N ALA L 237 -55.40 -75.73 -5.13
CA ALA L 237 -56.48 -76.59 -5.61
C ALA L 237 -56.95 -76.20 -7.01
N THR L 238 -56.76 -74.93 -7.41
CA THR L 238 -56.99 -74.49 -8.77
C THR L 238 -55.72 -74.51 -9.62
N LYS L 239 -54.55 -74.37 -8.99
CA LYS L 239 -53.29 -74.46 -9.71
C LYS L 239 -53.08 -75.84 -10.30
N LEU L 240 -53.47 -76.88 -9.56
CA LEU L 240 -53.44 -78.24 -10.08
C LEU L 240 -54.57 -78.40 -11.10
N GLY L 241 -54.22 -78.87 -12.29
CA GLY L 241 -55.19 -79.06 -13.36
C GLY L 241 -55.80 -77.78 -13.88
N MET M 1 78.27 31.58 30.39
CA MET M 1 79.55 32.24 30.22
C MET M 1 79.49 33.66 30.74
N LYS M 2 80.13 33.90 31.88
CA LYS M 2 80.16 35.22 32.50
C LYS M 2 81.46 35.92 32.13
N THR M 3 81.38 36.85 31.20
CA THR M 3 82.55 37.65 30.82
C THR M 3 83.01 38.46 32.03
N ILE M 4 84.32 38.48 32.26
CA ILE M 4 84.86 39.13 33.45
C ILE M 4 84.48 40.60 33.47
N LEU M 5 84.65 41.28 32.34
CA LEU M 5 84.36 42.71 32.29
C LEU M 5 83.93 43.09 30.89
N SER M 6 82.95 43.99 30.81
CA SER M 6 82.61 44.70 29.60
C SER M 6 82.49 46.17 29.94
N ASN M 7 83.27 47.00 29.26
CA ASN M 7 83.32 48.42 29.59
C ASN M 7 83.23 49.24 28.32
N GLN M 8 82.62 50.41 28.43
CA GLN M 8 82.51 51.32 27.31
C GLN M 8 82.65 52.75 27.80
N THR M 9 83.28 53.58 26.98
CA THR M 9 83.65 54.94 27.37
C THR M 9 83.00 55.95 26.42
N VAL M 10 82.48 57.04 26.99
CA VAL M 10 81.92 58.14 26.23
C VAL M 10 82.65 59.43 26.60
N ASP M 11 83.06 60.17 25.57
CA ASP M 11 83.77 61.44 25.77
C ASP M 11 82.74 62.54 25.97
N ILE M 12 82.98 63.41 26.96
CA ILE M 12 82.11 64.54 27.23
C ILE M 12 82.68 65.77 26.56
N PRO M 13 81.88 66.55 25.84
CA PRO M 13 82.38 67.80 25.28
C PRO M 13 82.76 68.79 26.38
N GLU M 14 83.55 69.79 25.98
CA GLU M 14 84.15 70.69 26.96
C GLU M 14 83.10 71.51 27.69
N ASN M 15 82.10 72.00 26.98
CA ASN M 15 81.10 72.88 27.56
C ASN M 15 79.95 72.13 28.23
N VAL M 16 80.15 70.87 28.61
CA VAL M 16 79.12 70.05 29.23
C VAL M 16 79.66 69.50 30.56
N ASP M 17 78.85 69.60 31.60
CA ASP M 17 79.22 69.16 32.95
C ASP M 17 78.32 67.99 33.33
N ILE M 18 78.91 66.83 33.55
CA ILE M 18 78.15 65.64 33.91
C ILE M 18 78.47 65.27 35.35
N THR M 19 77.42 65.07 36.15
CA THR M 19 77.53 64.73 37.55
C THR M 19 76.84 63.40 37.80
N LEU M 20 77.46 62.57 38.62
CA LEU M 20 76.94 61.25 38.96
C LEU M 20 76.47 61.25 40.40
N LYS M 21 75.16 61.14 40.61
CA LYS M 21 74.57 60.96 41.92
C LYS M 21 74.14 59.50 41.97
N GLY M 22 75.06 58.63 42.35
CA GLY M 22 74.82 57.21 42.21
C GLY M 22 74.76 56.82 40.74
N ARG M 23 73.66 56.20 40.34
CA ARG M 23 73.44 55.87 38.94
C ARG M 23 72.60 56.92 38.24
N THR M 24 72.36 58.06 38.88
CA THR M 24 71.59 59.15 38.30
C THR M 24 72.56 60.10 37.61
N VAL M 25 72.50 60.15 36.28
CA VAL M 25 73.36 61.02 35.51
C VAL M 25 72.66 62.35 35.31
N ILE M 26 73.36 63.43 35.63
CA ILE M 26 72.88 64.78 35.43
C ILE M 26 73.80 65.43 34.40
N VAL M 27 73.26 65.72 33.23
CA VAL M 27 74.03 66.31 32.13
C VAL M 27 73.60 67.76 32.00
N LYS M 28 74.55 68.68 32.16
CA LYS M 28 74.26 70.10 32.13
C LYS M 28 75.02 70.73 30.97
N GLY M 29 74.34 71.56 30.19
CA GLY M 29 74.94 72.18 29.04
C GLY M 29 74.26 73.48 28.67
N PRO M 30 74.64 74.05 27.53
CA PRO M 30 74.11 75.37 27.15
C PRO M 30 72.60 75.39 27.01
N ARG M 31 71.98 74.27 26.67
CA ARG M 31 70.53 74.21 26.51
C ARG M 31 69.81 73.81 27.78
N GLY M 32 70.53 73.52 28.87
CA GLY M 32 69.87 73.24 30.13
C GLY M 32 70.33 71.93 30.72
N THR M 33 69.44 71.32 31.50
CA THR M 33 69.77 70.12 32.27
C THR M 33 68.90 68.96 31.80
N LEU M 34 69.53 67.82 31.59
CA LEU M 34 68.86 66.55 31.37
C LEU M 34 69.25 65.61 32.49
N ARG M 35 68.27 65.03 33.16
CA ARG M 35 68.50 64.13 34.28
C ARG M 35 67.89 62.79 33.97
N ARG M 36 68.62 61.72 34.29
CA ARG M 36 68.07 60.38 34.08
C ARG M 36 68.80 59.40 34.98
N ASP M 37 68.07 58.58 35.72
CA ASP M 37 68.67 57.59 36.58
C ASP M 37 68.57 56.21 35.97
N PHE M 38 69.68 55.48 35.97
CA PHE M 38 69.78 54.14 35.43
C PHE M 38 69.74 53.10 36.53
N ASN M 39 68.95 53.37 37.57
CA ASN M 39 68.89 52.51 38.74
C ASN M 39 68.29 51.14 38.46
N HIS M 40 67.69 50.94 37.28
CA HIS M 40 67.21 49.63 36.90
C HIS M 40 68.31 48.75 36.31
N ILE M 41 69.52 49.29 36.13
CA ILE M 41 70.65 48.55 35.60
C ILE M 41 71.78 48.63 36.61
N ASN M 42 72.38 47.50 36.93
CA ASN M 42 73.47 47.44 37.91
C ASN M 42 74.79 47.55 37.16
N VAL M 43 75.34 48.76 37.12
CA VAL M 43 76.59 49.04 36.42
C VAL M 43 77.51 49.84 37.33
N GLU M 44 78.72 50.05 36.86
CA GLU M 44 79.74 50.82 37.57
C GLU M 44 80.04 52.03 36.72
N LEU M 45 79.46 53.18 37.09
CA LEU M 45 79.66 54.42 36.35
C LEU M 45 80.76 55.23 37.00
N SER M 46 81.67 55.76 36.18
CA SER M 46 82.75 56.55 36.76
C SER M 46 83.20 57.62 35.78
N LEU M 47 83.66 58.75 36.31
CA LEU M 47 84.21 59.83 35.50
C LEU M 47 85.72 59.87 35.69
N LEU M 48 86.45 59.85 34.57
CA LEU M 48 87.88 59.54 34.60
C LEU M 48 88.77 60.76 34.48
N GLY M 49 88.66 61.51 33.38
CA GLY M 49 89.60 62.54 33.05
C GLY M 49 89.32 63.88 33.72
N LYS M 50 90.21 64.83 33.45
CA LYS M 50 90.05 66.21 33.89
C LYS M 50 89.91 67.19 32.75
N LYS M 51 90.52 66.90 31.60
CA LYS M 51 90.30 67.67 30.38
C LYS M 51 89.48 66.92 29.35
N LYS M 52 89.73 65.62 29.18
CA LYS M 52 88.90 64.83 28.28
C LYS M 52 87.51 64.63 28.86
N LYS M 53 87.41 64.38 30.16
CA LYS M 53 86.15 64.07 30.83
C LYS M 53 85.49 62.86 30.17
N ARG M 54 86.13 61.71 30.35
CA ARG M 54 85.57 60.45 29.90
C ARG M 54 84.64 59.88 30.97
N LEU M 55 83.60 59.19 30.50
CA LEU M 55 82.64 58.53 31.39
C LEU M 55 82.62 57.06 31.02
N ARG M 56 82.98 56.20 31.98
CA ARG M 56 83.09 54.77 31.76
C ARG M 56 81.96 54.04 32.44
N VAL M 57 81.35 53.13 31.68
CA VAL M 57 80.34 52.20 32.18
C VAL M 57 80.97 50.82 32.18
N ASP M 58 80.99 50.19 33.35
CA ASP M 58 81.58 48.88 33.53
C ASP M 58 80.52 47.90 33.99
N LYS M 59 80.56 46.69 33.46
CA LYS M 59 79.67 45.62 33.88
C LYS M 59 80.52 44.37 34.05
N TRP M 60 80.56 43.84 35.26
CA TRP M 60 81.36 42.67 35.55
C TRP M 60 80.48 41.43 35.63
N TRP M 61 81.02 40.31 35.15
CA TRP M 61 80.35 39.01 35.21
C TRP M 61 78.97 39.06 34.57
N GLY M 62 78.89 39.72 33.42
CA GLY M 62 77.63 39.88 32.71
C GLY M 62 77.43 38.77 31.70
N ASN M 63 76.25 38.15 31.76
CA ASN M 63 75.87 37.17 30.75
C ASN M 63 75.32 37.91 29.54
N ARG M 64 74.78 37.14 28.59
CA ARG M 64 74.46 37.71 27.29
C ARG M 64 73.41 38.80 27.38
N LYS M 65 72.37 38.59 28.19
CA LYS M 65 71.27 39.54 28.24
C LYS M 65 71.73 40.91 28.73
N GLU M 66 72.42 40.94 29.87
CA GLU M 66 72.82 42.22 30.42
C GLU M 66 74.07 42.78 29.80
N LEU M 67 74.81 42.00 29.01
CA LEU M 67 75.94 42.58 28.30
C LEU M 67 75.50 43.65 27.33
N ALA M 68 74.24 43.63 26.89
CA ALA M 68 73.75 44.62 25.95
C ALA M 68 73.30 45.91 26.63
N THR M 69 73.29 45.97 27.96
CA THR M 69 72.87 47.20 28.59
C THR M 69 73.96 48.26 28.60
N VAL M 70 75.22 47.87 28.40
CA VAL M 70 76.32 48.83 28.44
C VAL M 70 76.20 49.82 27.29
N ARG M 71 76.02 49.31 26.07
CA ARG M 71 75.85 50.22 24.94
C ARG M 71 74.56 51.01 25.05
N THR M 72 73.52 50.41 25.64
CA THR M 72 72.27 51.14 25.82
C THR M 72 72.47 52.35 26.72
N ILE M 73 73.20 52.18 27.82
CA ILE M 73 73.46 53.28 28.73
C ILE M 73 74.34 54.33 28.06
N CYS M 74 75.37 53.89 27.34
CA CYS M 74 76.25 54.85 26.69
C CYS M 74 75.50 55.66 25.63
N SER M 75 74.61 55.01 24.87
CA SER M 75 73.85 55.71 23.85
C SER M 75 72.85 56.68 24.48
N HIS M 76 72.24 56.30 25.60
CA HIS M 76 71.33 57.23 26.28
C HIS M 76 72.07 58.45 26.81
N VAL M 77 73.28 58.23 27.34
CA VAL M 77 74.06 59.37 27.82
C VAL M 77 74.47 60.27 26.65
N GLN M 78 74.88 59.67 25.53
CA GLN M 78 75.21 60.47 24.36
C GLN M 78 73.99 61.23 23.85
N ASN M 79 72.81 60.63 23.96
CA ASN M 79 71.58 61.35 23.61
C ASN M 79 71.37 62.54 24.54
N MET M 80 71.66 62.36 25.83
CA MET M 80 71.56 63.48 26.76
C MET M 80 72.52 64.60 26.38
N ILE M 81 73.76 64.23 26.02
CA ILE M 81 74.75 65.22 25.59
C ILE M 81 74.26 65.96 24.36
N LYS M 82 73.77 65.22 23.37
CA LYS M 82 73.26 65.82 22.15
C LYS M 82 72.10 66.76 22.44
N GLY M 83 71.20 66.35 23.34
CA GLY M 83 70.06 67.19 23.66
C GLY M 83 70.47 68.50 24.31
N VAL M 84 71.39 68.43 25.28
CA VAL M 84 71.78 69.67 25.96
C VAL M 84 72.78 70.50 25.17
N THR M 85 73.38 69.96 24.12
CA THR M 85 74.26 70.77 23.29
C THR M 85 73.56 71.34 22.07
N LEU M 86 72.96 70.47 21.26
CA LEU M 86 72.37 70.88 20.00
C LEU M 86 70.86 70.76 19.96
N GLY M 87 70.24 70.06 20.91
CA GLY M 87 68.80 69.92 20.92
C GLY M 87 68.29 69.04 19.81
N PHE M 88 67.06 68.55 19.94
CA PHE M 88 66.47 67.65 18.97
C PHE M 88 65.31 68.36 18.29
N ARG M 89 65.32 68.34 16.96
CA ARG M 89 64.28 68.93 16.14
C ARG M 89 63.75 67.85 15.19
N TYR M 90 62.49 67.52 15.33
CA TYR M 90 61.83 66.54 14.48
C TYR M 90 60.94 67.31 13.53
N LYS M 91 61.19 67.17 12.24
CA LYS M 91 60.38 67.83 11.22
C LYS M 91 59.39 66.80 10.67
N MET M 92 58.10 67.09 10.82
CA MET M 92 57.03 66.24 10.35
C MET M 92 56.31 66.92 9.20
N ARG M 93 56.15 66.24 8.09
CA ARG M 93 55.44 66.77 6.95
C ARG M 93 54.03 66.19 6.95
N SER M 94 53.03 67.05 7.05
CA SER M 94 51.65 66.58 7.08
C SER M 94 51.18 66.40 5.64
N VAL M 95 50.92 65.15 5.26
CA VAL M 95 50.54 64.78 3.92
C VAL M 95 49.06 64.46 3.90
N TYR M 96 48.37 64.95 2.88
CA TYR M 96 46.97 64.65 2.68
C TYR M 96 46.66 64.55 1.20
N ALA M 97 45.69 63.72 0.87
CA ALA M 97 45.29 63.55 -0.52
C ALA M 97 44.38 64.68 -0.97
N HIS M 98 43.23 64.81 -0.31
CA HIS M 98 42.24 65.80 -0.69
C HIS M 98 42.02 66.86 0.38
N PHE M 99 41.66 66.47 1.59
CA PHE M 99 41.30 67.43 2.61
C PHE M 99 42.55 68.02 3.26
N PRO M 100 42.73 69.34 3.24
CA PRO M 100 43.86 69.93 3.97
C PRO M 100 43.67 69.75 5.46
N ILE M 101 44.80 69.61 6.15
CA ILE M 101 44.80 69.36 7.58
C ILE M 101 45.14 70.66 8.29
N ASN M 102 44.20 71.17 9.09
CA ASN M 102 44.39 72.43 9.80
C ASN M 102 45.04 72.10 11.13
N VAL M 103 46.31 72.46 11.27
CA VAL M 103 47.05 72.26 12.50
C VAL M 103 47.15 73.60 13.21
N VAL M 104 46.56 73.67 14.40
CA VAL M 104 46.54 74.89 15.19
C VAL M 104 47.36 74.66 16.44
N ILE M 105 48.33 75.54 16.66
CA ILE M 105 49.19 75.46 17.84
C ILE M 105 48.57 76.32 18.92
N GLN M 106 48.25 75.71 20.04
CA GLN M 106 47.71 76.43 21.19
C GLN M 106 48.86 76.82 22.11
N GLU M 107 48.52 77.15 23.36
CA GLU M 107 49.36 77.88 24.30
C GLU M 107 50.80 77.40 24.33
N ASN M 108 51.70 78.29 23.89
CA ASN M 108 53.15 78.09 23.95
C ASN M 108 53.57 76.75 23.35
N GLY M 109 52.90 76.33 22.28
CA GLY M 109 53.33 75.15 21.55
C GLY M 109 53.22 73.83 22.29
N SER M 110 52.44 73.77 23.36
CA SER M 110 52.27 72.53 24.10
C SER M 110 51.01 71.78 23.71
N LEU M 111 50.17 72.36 22.84
CA LEU M 111 48.94 71.73 22.42
C LEU M 111 48.81 71.85 20.92
N VAL M 112 48.47 70.74 20.26
CA VAL M 112 48.33 70.70 18.82
C VAL M 112 46.93 70.23 18.49
N GLU M 113 46.24 70.95 17.62
CA GLU M 113 44.88 70.59 17.20
C GLU M 113 44.89 70.26 15.73
N ILE M 114 44.44 69.05 15.41
CA ILE M 114 44.27 68.60 14.04
C ILE M 114 42.80 68.67 13.72
N ARG M 115 42.42 69.53 12.78
CA ARG M 115 41.03 69.87 12.57
C ARG M 115 40.38 69.04 11.47
N ASN M 116 40.89 69.14 10.25
CA ASN M 116 40.19 68.64 9.08
C ASN M 116 40.81 67.37 8.51
N PHE M 117 41.35 66.53 9.38
CA PHE M 117 41.93 65.27 8.92
C PHE M 117 40.86 64.40 8.30
N LEU M 118 41.00 64.12 7.01
CA LEU M 118 40.01 63.39 6.24
C LEU M 118 38.66 64.08 6.26
N GLY M 119 38.66 65.39 6.42
CA GLY M 119 37.45 66.19 6.31
C GLY M 119 36.36 65.84 7.29
N GLU M 120 36.69 65.73 8.57
CA GLU M 120 35.70 65.39 9.56
C GLU M 120 35.57 66.51 10.58
N LYS M 121 34.57 66.35 11.46
CA LYS M 121 34.22 67.39 12.43
C LYS M 121 34.92 67.23 13.77
N TYR M 122 35.36 66.02 14.11
CA TYR M 122 36.08 65.82 15.35
C TYR M 122 37.46 66.45 15.26
N ILE M 123 37.84 67.15 16.31
CA ILE M 123 39.14 67.83 16.36
C ILE M 123 40.05 67.04 17.28
N ARG M 124 41.14 66.52 16.72
CA ARG M 124 42.14 65.86 17.54
C ARG M 124 42.89 66.89 18.37
N ARG M 125 43.08 66.60 19.65
CA ARG M 125 43.82 67.47 20.55
C ARG M 125 44.95 66.65 21.17
N VAL M 126 46.19 67.07 20.93
CA VAL M 126 47.38 66.33 21.37
C VAL M 126 48.21 67.25 22.25
N ARG M 127 48.51 66.79 23.46
CA ARG M 127 49.34 67.56 24.39
C ARG M 127 50.77 67.06 24.33
N MET M 128 51.70 67.95 24.00
CA MET M 128 53.10 67.58 23.93
C MET M 128 53.64 67.28 25.31
N ARG M 129 54.69 66.46 25.34
CA ARG M 129 55.37 66.17 26.60
C ARG M 129 55.97 67.44 27.18
N PRO M 130 56.14 67.51 28.50
CA PRO M 130 56.71 68.71 29.10
C PRO M 130 58.11 68.98 28.59
N GLY M 131 58.41 70.27 28.39
CA GLY M 131 59.69 70.66 27.86
C GLY M 131 59.84 70.50 26.36
N VAL M 132 58.79 70.10 25.67
CA VAL M 132 58.80 69.91 24.23
C VAL M 132 57.95 71.00 23.59
N ALA M 133 58.51 71.69 22.61
CA ALA M 133 57.85 72.82 21.97
C ALA M 133 57.49 72.46 20.53
N CYS M 134 56.29 72.81 20.12
CA CYS M 134 55.82 72.57 18.77
C CYS M 134 55.77 73.89 18.00
N SER M 135 55.88 73.79 16.69
CA SER M 135 55.84 74.97 15.84
C SER M 135 55.35 74.58 14.46
N VAL M 136 54.77 75.55 13.77
CA VAL M 136 54.37 75.41 12.38
C VAL M 136 55.39 76.15 11.52
N SER M 137 55.88 75.48 10.48
CA SER M 137 57.03 75.98 9.75
C SER M 137 56.69 77.24 8.95
N GLN M 138 57.75 77.92 8.54
CA GLN M 138 57.66 79.05 7.62
C GLN M 138 58.33 78.80 6.29
N ALA M 139 59.41 78.01 6.26
CA ALA M 139 60.11 77.70 5.03
C ALA M 139 59.47 76.53 4.29
N GLN M 140 58.46 75.90 4.86
CA GLN M 140 57.84 74.73 4.29
C GLN M 140 56.33 74.90 4.36
N LYS M 141 55.61 74.22 3.47
CA LYS M 141 54.17 74.43 3.38
C LYS M 141 53.45 73.81 4.57
N ASP M 142 53.51 72.49 4.68
CA ASP M 142 52.77 71.75 5.71
C ASP M 142 53.78 70.98 6.56
N GLU M 143 54.37 71.67 7.52
CA GLU M 143 55.48 71.13 8.29
C GLU M 143 55.39 71.56 9.75
N LEU M 144 55.71 70.62 10.62
CA LEU M 144 55.71 70.84 12.05
C LEU M 144 57.11 70.59 12.59
N ILE M 145 57.58 71.50 13.44
CA ILE M 145 58.87 71.38 14.08
C ILE M 145 58.65 71.08 15.56
N LEU M 146 59.24 69.99 16.03
CA LEU M 146 59.18 69.60 17.43
C LEU M 146 60.58 69.72 18.00
N GLU M 147 60.78 70.65 18.92
CA GLU M 147 62.08 70.92 19.49
C GLU M 147 62.09 70.57 20.97
N GLY M 148 63.21 70.03 21.42
CA GLY M 148 63.33 69.68 22.82
C GLY M 148 64.73 69.22 23.15
N ASN M 149 64.90 68.80 24.39
CA ASN M 149 66.17 68.28 24.86
C ASN M 149 66.15 66.79 25.12
N ASP M 150 65.08 66.28 25.72
CA ASP M 150 64.94 64.84 25.89
C ASP M 150 64.47 64.24 24.58
N ILE M 151 65.34 63.45 23.95
CA ILE M 151 64.97 62.79 22.70
C ILE M 151 63.79 61.87 22.92
N GLU M 152 63.75 61.18 24.06
CA GLU M 152 62.60 60.32 24.40
C GLU M 152 61.30 61.10 24.29
N LEU M 153 61.22 62.25 24.97
CA LEU M 153 59.99 63.02 24.99
C LEU M 153 59.67 63.62 23.63
N VAL M 154 60.70 64.10 22.91
CA VAL M 154 60.44 64.70 21.60
C VAL M 154 59.87 63.66 20.64
N SER M 155 60.52 62.51 20.54
CA SER M 155 60.04 61.50 19.61
C SER M 155 58.72 60.91 20.06
N ASN M 156 58.48 60.86 21.37
CA ASN M 156 57.18 60.39 21.83
C ASN M 156 56.08 61.38 21.48
N SER M 157 56.35 62.68 21.54
CA SER M 157 55.39 63.67 21.08
C SER M 157 55.11 63.52 19.59
N ALA M 158 56.17 63.30 18.82
CA ALA M 158 55.99 63.10 17.38
C ALA M 158 55.12 61.88 17.11
N ALA M 159 55.38 60.79 17.83
CA ALA M 159 54.57 59.60 17.68
C ALA M 159 53.13 59.84 18.11
N LEU M 160 52.92 60.69 19.14
CA LEU M 160 51.57 61.03 19.55
C LEU M 160 50.80 61.71 18.42
N ILE M 161 51.45 62.66 17.75
CA ILE M 161 50.80 63.32 16.61
C ILE M 161 50.52 62.32 15.50
N GLN M 162 51.53 61.51 15.16
CA GLN M 162 51.39 60.60 14.04
C GLN M 162 50.28 59.58 14.28
N GLN M 163 50.18 59.06 15.50
CA GLN M 163 49.14 58.07 15.80
C GLN M 163 47.80 58.70 16.14
N ALA M 164 47.76 60.00 16.43
CA ALA M 164 46.48 60.69 16.42
C ALA M 164 45.94 60.75 15.01
N THR M 165 46.81 60.98 14.02
CA THR M 165 46.36 61.01 12.63
C THR M 165 46.35 59.59 12.06
N THR M 166 45.22 58.90 12.26
CA THR M 166 45.09 57.50 11.89
C THR M 166 43.81 57.30 11.10
N VAL M 167 43.89 56.50 10.03
CA VAL M 167 42.75 56.17 9.19
C VAL M 167 42.18 54.82 9.64
N LYS M 168 40.86 54.68 9.60
CA LYS M 168 40.19 53.50 10.12
C LYS M 168 39.21 52.95 9.10
N ASN M 169 39.09 51.62 9.08
CA ASN M 169 38.15 50.89 8.20
C ASN M 169 38.43 51.17 6.73
N LYS M 170 39.66 51.52 6.40
CA LYS M 170 40.00 51.87 5.03
C LYS M 170 41.29 51.17 4.65
N ASP M 171 41.50 51.04 3.34
CA ASP M 171 42.75 50.52 2.80
C ASP M 171 43.83 51.56 3.08
N ILE M 172 44.66 51.31 4.08
CA ILE M 172 45.68 52.28 4.46
C ILE M 172 46.73 52.43 3.38
N ARG M 173 46.88 51.44 2.51
CA ARG M 173 47.77 51.60 1.38
C ARG M 173 47.24 52.64 0.39
N LYS M 174 45.93 52.83 0.35
CA LYS M 174 45.33 53.87 -0.47
C LYS M 174 45.26 55.20 0.27
N PHE M 175 44.56 55.22 1.39
CA PHE M 175 44.36 56.44 2.18
C PHE M 175 45.65 56.72 2.94
N LEU M 176 46.48 57.58 2.37
CA LEU M 176 47.77 57.92 2.95
C LEU M 176 47.75 59.22 3.73
N ASP M 177 46.59 59.63 4.24
CA ASP M 177 46.52 60.87 4.98
C ASP M 177 47.19 60.74 6.34
N GLY M 178 47.62 61.86 6.89
CA GLY M 178 48.23 61.87 8.20
C GLY M 178 49.48 62.72 8.25
N ILE M 179 50.12 62.78 9.42
CA ILE M 179 51.36 63.51 9.62
C ILE M 179 52.45 62.51 9.94
N TYR M 180 53.52 62.54 9.17
CA TYR M 180 54.60 61.58 9.33
C TYR M 180 55.91 62.31 9.55
N VAL M 181 56.79 61.70 10.33
CA VAL M 181 58.06 62.33 10.69
C VAL M 181 58.97 62.28 9.47
N SER M 182 59.09 63.40 8.77
CA SER M 182 59.93 63.42 7.58
C SER M 182 61.41 63.26 7.94
N GLU M 183 61.87 63.96 8.96
CA GLU M 183 63.28 63.81 9.32
C GLU M 183 63.50 64.14 10.78
N LYS M 184 64.62 63.64 11.29
CA LYS M 184 65.03 63.78 12.68
C LYS M 184 66.42 64.38 12.72
N GLY M 185 66.57 65.55 13.31
CA GLY M 185 67.84 66.26 13.32
C GLY M 185 67.98 67.10 14.55
N THR M 186 68.77 68.16 14.45
CA THR M 186 69.12 68.98 15.59
C THR M 186 68.79 70.45 15.34
N VAL M 187 68.98 71.23 16.40
CA VAL M 187 68.97 72.68 16.32
C VAL M 187 70.43 73.15 16.27
N GLN M 188 70.67 74.22 15.49
CA GLN M 188 71.98 74.84 15.28
C GLN M 188 72.90 74.02 14.39
N GLN M 189 72.53 72.77 14.09
CA GLN M 189 73.23 71.90 13.14
C GLN M 189 74.74 71.84 13.39
N ALA M 190 75.15 71.99 14.64
CA ALA M 190 76.59 72.02 14.94
C ALA M 190 77.14 70.61 15.15
N GLY N 1 38.76 7.35 4.09
CA GLY N 1 38.48 5.96 3.79
C GLY N 1 39.42 5.03 4.52
N ARG N 2 40.69 5.42 4.58
CA ARG N 2 41.69 4.65 5.27
C ARG N 2 41.84 5.18 6.70
N ARG N 3 42.01 4.25 7.64
CA ARG N 3 42.18 4.63 9.02
C ARG N 3 43.45 5.46 9.19
N PRO N 4 43.50 6.35 10.17
CA PRO N 4 44.71 7.15 10.40
C PRO N 4 45.91 6.27 10.70
N ALA N 5 47.08 6.75 10.31
CA ALA N 5 48.30 5.98 10.49
C ALA N 5 48.62 5.71 11.94
N ARG N 6 48.18 6.58 12.85
CA ARG N 6 48.45 6.38 14.27
C ARG N 6 47.79 5.12 14.81
N CYS N 7 46.79 4.58 14.11
CA CYS N 7 46.20 3.33 14.55
C CYS N 7 47.14 2.17 14.29
N TYR N 8 47.96 2.24 13.27
CA TYR N 8 48.88 1.16 12.93
C TYR N 8 50.33 1.63 12.95
N ARG N 9 50.63 2.61 13.79
CA ARG N 9 52.00 3.10 13.91
C ARG N 9 52.94 2.08 14.50
N TYR N 10 52.45 1.12 15.27
CA TYR N 10 53.32 0.27 16.07
C TYR N 10 53.31 -1.17 15.59
N CYS N 11 54.43 -1.85 15.80
CA CYS N 11 54.59 -3.26 15.47
C CYS N 11 54.06 -4.10 16.64
N LYS N 12 52.74 -4.10 16.78
CA LYS N 12 52.10 -4.80 17.87
C LYS N 12 51.70 -6.22 17.50
N ASN N 13 52.04 -6.69 16.30
CA ASN N 13 51.65 -8.01 15.85
C ASN N 13 52.83 -8.73 15.22
N LYS N 14 52.75 -10.04 15.22
CA LYS N 14 53.71 -10.85 14.51
C LYS N 14 53.60 -10.57 13.01
N PRO N 15 54.67 -10.76 12.25
CA PRO N 15 54.60 -10.51 10.81
C PRO N 15 53.50 -11.31 10.15
N TYR N 16 52.79 -10.65 9.23
CA TYR N 16 51.63 -11.22 8.56
C TYR N 16 51.77 -11.01 7.07
N PRO N 17 52.70 -11.71 6.42
CA PRO N 17 52.91 -11.50 5.00
C PRO N 17 51.82 -12.14 4.16
N LYS N 18 51.67 -11.62 2.96
CA LYS N 18 50.68 -12.11 2.00
C LYS N 18 51.10 -13.50 1.55
N SER N 19 50.43 -14.52 2.08
CA SER N 19 50.81 -15.90 1.82
C SER N 19 49.53 -16.69 1.55
N ARG N 20 49.66 -18.02 1.55
CA ARG N 20 48.50 -18.86 1.31
C ARG N 20 47.54 -18.89 2.49
N PHE N 21 47.95 -18.41 3.66
CA PHE N 21 47.03 -18.26 4.78
C PHE N 21 46.42 -16.87 4.85
N CYS N 22 46.98 -15.90 4.14
CA CYS N 22 46.44 -14.55 4.08
C CYS N 22 46.18 -14.25 2.60
N ARG N 23 45.01 -14.65 2.13
CA ARG N 23 44.62 -14.46 0.75
C ARG N 23 43.72 -13.25 0.60
N GLY N 24 43.64 -12.74 -0.62
CA GLY N 24 42.81 -11.59 -0.89
C GLY N 24 43.36 -10.28 -0.38
N VAL N 25 44.66 -10.19 -0.19
CA VAL N 25 45.26 -8.92 0.22
C VAL N 25 45.14 -7.92 -0.92
N PRO N 26 44.66 -6.71 -0.68
CA PRO N 26 44.69 -5.69 -1.73
C PRO N 26 46.12 -5.31 -2.07
N ASP N 27 46.32 -4.90 -3.31
CA ASP N 27 47.65 -4.51 -3.75
C ASP N 27 48.10 -3.22 -3.05
N ALA N 28 49.39 -3.14 -2.78
CA ALA N 28 49.96 -2.01 -2.07
C ALA N 28 49.90 -0.75 -2.92
N LYS N 29 50.16 0.39 -2.29
CA LYS N 29 50.15 1.65 -3.01
C LYS N 29 51.42 1.85 -3.84
N ILE N 30 52.57 1.43 -3.31
CA ILE N 30 53.84 1.65 -3.98
C ILE N 30 54.12 0.47 -4.90
N ARG N 31 54.48 0.77 -6.14
CA ARG N 31 54.79 -0.25 -7.14
C ARG N 31 56.16 -0.09 -7.78
N ILE N 32 56.67 1.13 -7.88
CA ILE N 32 57.97 1.39 -8.49
C ILE N 32 58.94 1.77 -7.38
N PHE N 33 60.03 1.02 -7.28
CA PHE N 33 60.97 1.19 -6.19
C PHE N 33 62.28 1.84 -6.61
N ASP N 34 62.59 1.84 -7.90
CA ASP N 34 63.79 2.48 -8.42
C ASP N 34 63.39 3.50 -9.47
N LEU N 35 63.86 4.73 -9.29
CA LEU N 35 63.52 5.82 -10.20
C LEU N 35 64.79 6.59 -10.55
N GLY N 36 64.63 7.59 -11.41
CA GLY N 36 65.79 8.32 -11.89
C GLY N 36 66.44 7.55 -13.01
N ARG N 37 67.72 7.84 -13.24
CA ARG N 37 68.50 7.06 -14.20
C ARG N 37 68.92 5.79 -13.49
N LYS N 38 68.09 4.76 -13.60
CA LYS N 38 68.41 3.47 -13.04
C LYS N 38 69.55 2.79 -13.79
N LYS N 39 69.77 3.14 -15.05
CA LYS N 39 70.70 2.45 -15.89
C LYS N 39 72.15 2.90 -15.73
N ALA N 40 72.39 3.98 -14.99
CA ALA N 40 73.72 4.55 -14.91
C ALA N 40 74.71 3.57 -14.30
N LYS N 41 75.95 3.64 -14.76
CA LYS N 41 76.99 2.79 -14.22
C LYS N 41 77.32 3.18 -12.79
N VAL N 42 78.09 2.32 -12.12
CA VAL N 42 78.41 2.56 -10.72
C VAL N 42 79.29 3.80 -10.58
N ASP N 43 80.23 4.01 -11.51
CA ASP N 43 81.16 5.11 -11.41
C ASP N 43 80.53 6.46 -11.71
N GLU N 44 79.32 6.47 -12.30
CA GLU N 44 78.67 7.74 -12.62
C GLU N 44 78.25 8.49 -11.37
N PHE N 45 77.75 7.79 -10.37
CA PHE N 45 77.19 8.40 -9.17
C PHE N 45 77.99 7.94 -7.96
N PRO N 46 79.02 8.67 -7.55
CA PRO N 46 79.83 8.28 -6.41
C PRO N 46 79.31 8.74 -5.06
N LEU N 47 78.12 9.35 -5.01
CA LEU N 47 77.54 9.79 -3.75
C LEU N 47 76.30 8.97 -3.43
N GLY N 48 76.25 8.44 -2.21
CA GLY N 48 75.04 7.79 -1.72
C GLY N 48 74.55 8.43 -0.44
N GLY N 49 73.25 8.73 -0.39
CA GLY N 49 72.66 9.34 0.79
C GLY N 49 71.44 8.58 1.25
N HIS N 50 71.36 8.29 2.55
CA HIS N 50 70.35 7.40 3.10
C HIS N 50 69.47 8.14 4.11
N MET N 51 68.22 7.71 4.18
CA MET N 51 67.26 8.22 5.15
C MET N 51 67.06 7.11 6.19
N VAL N 52 67.87 7.15 7.24
CA VAL N 52 67.92 6.11 8.26
C VAL N 52 66.85 6.37 9.31
N SER N 53 65.96 5.42 9.51
CA SER N 53 64.88 5.62 10.47
C SER N 53 65.39 5.43 11.90
N ASP N 54 64.72 6.09 12.84
CA ASP N 54 65.06 6.01 14.25
C ASP N 54 64.04 5.26 15.08
N GLU N 55 62.86 4.98 14.54
CA GLU N 55 61.78 4.37 15.29
C GLU N 55 61.54 2.97 14.77
N TYR N 56 61.52 1.99 15.67
CA TYR N 56 61.06 0.65 15.34
C TYR N 56 59.55 0.74 15.23
N GLU N 57 59.05 0.92 14.01
CA GLU N 57 57.64 1.22 13.80
C GLU N 57 57.19 0.59 12.49
N GLN N 58 56.01 0.99 12.03
CA GLN N 58 55.47 0.55 10.75
C GLN N 58 55.24 1.76 9.86
N LEU N 59 55.68 1.66 8.60
CA LEU N 59 55.49 2.73 7.63
C LEU N 59 54.54 2.24 6.55
N SER N 60 53.43 2.93 6.37
CA SER N 60 52.42 2.49 5.44
C SER N 60 52.90 2.60 3.99
N SER N 61 52.35 1.73 3.15
CA SER N 61 52.72 1.74 1.74
C SER N 61 52.33 3.05 1.07
N GLU N 62 51.19 3.61 1.46
CA GLU N 62 50.79 4.90 0.92
C GLU N 62 51.78 5.98 1.30
N ALA N 63 52.27 5.96 2.54
CA ALA N 63 53.26 6.94 2.96
C ALA N 63 54.56 6.76 2.19
N LEU N 64 54.96 5.52 1.95
CA LEU N 64 56.15 5.28 1.15
C LEU N 64 55.99 5.82 -0.27
N GLU N 65 54.83 5.62 -0.87
CA GLU N 65 54.58 6.16 -2.20
C GLU N 65 54.65 7.68 -2.19
N ALA N 66 54.01 8.31 -1.20
CA ALA N 66 54.01 9.77 -1.15
C ALA N 66 55.40 10.34 -0.95
N ALA N 67 56.18 9.73 -0.06
CA ALA N 67 57.54 10.21 0.16
C ALA N 67 58.40 10.00 -1.07
N ARG N 68 58.21 8.87 -1.77
CA ARG N 68 58.96 8.63 -3.00
C ARG N 68 58.66 9.70 -4.04
N ILE N 69 57.38 10.05 -4.20
CA ILE N 69 57.03 11.07 -5.17
C ILE N 69 57.56 12.43 -4.74
N CYS N 70 57.53 12.71 -3.43
CA CYS N 70 58.05 13.97 -2.93
C CYS N 70 59.54 14.12 -3.20
N ALA N 71 60.30 13.04 -3.03
CA ALA N 71 61.70 13.09 -3.38
C ALA N 71 61.91 13.19 -4.88
N ASN N 72 61.07 12.50 -5.65
CA ASN N 72 61.24 12.48 -7.10
C ASN N 72 61.03 13.85 -7.72
N LYS N 73 59.97 14.55 -7.31
CA LYS N 73 59.70 15.86 -7.91
C LYS N 73 60.82 16.84 -7.62
N TYR N 74 61.30 16.89 -6.37
CA TYR N 74 62.38 17.81 -6.04
C TYR N 74 63.67 17.45 -6.75
N MET N 75 64.01 16.15 -6.80
CA MET N 75 65.25 15.76 -7.44
C MET N 75 65.21 16.05 -8.94
N VAL N 76 64.06 15.83 -9.58
CA VAL N 76 63.94 16.16 -10.99
C VAL N 76 64.06 17.66 -11.20
N LYS N 77 63.40 18.45 -10.35
CA LYS N 77 63.42 19.90 -10.52
C LYS N 77 64.80 20.47 -10.27
N SER N 78 65.60 19.83 -9.42
CA SER N 78 66.89 20.39 -9.06
C SER N 78 68.05 19.85 -9.90
N CYS N 79 68.05 18.56 -10.21
CA CYS N 79 69.18 17.92 -10.88
C CYS N 79 68.80 17.27 -12.20
N GLY N 80 67.63 17.57 -12.73
CA GLY N 80 67.22 16.99 -14.00
C GLY N 80 66.87 15.52 -13.89
N ARG N 81 66.17 14.99 -14.89
CA ARG N 81 65.70 13.62 -14.82
C ARG N 81 66.77 12.59 -15.11
N ASP N 82 68.02 13.01 -15.32
CA ASP N 82 69.09 12.08 -15.66
C ASP N 82 70.31 12.22 -14.73
N GLY N 83 70.11 12.75 -13.54
CA GLY N 83 71.25 13.04 -12.69
C GLY N 83 71.19 12.40 -11.32
N PHE N 84 70.29 11.44 -11.12
CA PHE N 84 70.12 10.84 -9.82
C PHE N 84 69.46 9.48 -9.98
N HIS N 85 69.62 8.64 -8.97
CA HIS N 85 68.94 7.35 -8.92
C HIS N 85 68.40 7.14 -7.51
N MET N 86 67.12 6.78 -7.42
CA MET N 86 66.46 6.58 -6.15
C MET N 86 66.06 5.12 -5.99
N ARG N 87 66.35 4.56 -4.81
CA ARG N 87 65.96 3.20 -4.48
C ARG N 87 65.29 3.22 -3.11
N VAL N 88 64.03 2.80 -3.06
CA VAL N 88 63.29 2.72 -1.81
C VAL N 88 63.50 1.33 -1.23
N ARG N 89 64.29 1.22 -0.16
CA ARG N 89 64.75 -0.06 0.34
C ARG N 89 63.83 -0.65 1.39
N LEU N 90 62.56 -0.28 1.40
CA LEU N 90 61.55 -0.91 2.23
C LEU N 90 60.42 -1.40 1.35
N HIS N 91 59.96 -2.62 1.57
CA HIS N 91 58.82 -3.13 0.86
C HIS N 91 57.70 -3.45 1.84
N PRO N 92 56.47 -3.13 1.50
CA PRO N 92 55.35 -3.33 2.43
C PRO N 92 54.87 -4.77 2.48
N PHE N 93 55.62 -5.59 3.21
CA PHE N 93 55.35 -7.02 3.28
C PHE N 93 54.45 -7.41 4.44
N HIS N 94 54.02 -6.46 5.26
CA HIS N 94 53.19 -6.77 6.40
C HIS N 94 51.75 -6.35 6.12
N VAL N 95 50.81 -7.20 6.46
CA VAL N 95 49.39 -6.96 6.20
C VAL N 95 48.72 -6.57 7.50
N ILE N 96 47.95 -5.48 7.47
CA ILE N 96 47.23 -5.02 8.65
C ILE N 96 45.75 -5.30 8.46
N ARG N 97 45.12 -5.83 9.49
CA ARG N 97 43.72 -6.22 9.45
C ARG N 97 42.85 -5.14 10.05
N ILE N 98 41.56 -5.17 9.69
CA ILE N 98 40.58 -4.22 10.20
C ILE N 98 39.29 -4.96 10.53
N ASN N 99 38.70 -4.62 11.67
CA ASN N 99 37.45 -5.22 12.14
C ASN N 99 36.34 -4.19 11.95
N LYS N 100 35.74 -4.20 10.76
CA LYS N 100 34.67 -3.25 10.48
C LYS N 100 33.41 -3.63 11.25
N MET N 101 32.82 -2.64 11.92
CA MET N 101 31.56 -2.83 12.63
C MET N 101 30.44 -2.23 11.79
N LEU N 102 29.44 -3.04 11.48
CA LEU N 102 28.32 -2.60 10.65
C LEU N 102 27.18 -2.04 11.51
N GLN N 111 27.12 -11.24 12.92
CA GLN N 111 27.09 -10.97 14.35
C GLN N 111 27.60 -9.58 14.65
N THR N 112 27.35 -9.09 15.86
CA THR N 112 27.79 -7.78 16.28
C THR N 112 28.62 -7.88 17.55
N GLY N 113 29.48 -6.89 17.76
CA GLY N 113 30.31 -6.84 18.92
C GLY N 113 31.71 -7.33 18.64
N MET N 114 32.39 -7.71 19.72
CA MET N 114 33.73 -8.26 19.63
C MET N 114 33.74 -9.75 19.34
N ARG N 115 32.58 -10.37 19.18
CA ARG N 115 32.53 -11.78 18.81
C ARG N 115 33.02 -11.95 17.39
N GLY N 116 33.95 -12.87 17.19
CA GLY N 116 34.54 -13.09 15.89
C GLY N 116 35.30 -11.86 15.41
N ALA N 117 36.13 -11.32 16.30
CA ALA N 117 36.73 -10.01 16.08
C ALA N 117 37.81 -10.00 15.01
N PHE N 118 38.25 -11.16 14.53
CA PHE N 118 39.36 -11.21 13.59
C PHE N 118 39.02 -10.44 12.32
N GLY N 119 39.98 -9.65 11.84
CA GLY N 119 39.74 -8.68 10.80
C GLY N 119 40.30 -9.09 9.46
N LYS N 120 39.64 -8.64 8.41
CA LYS N 120 40.06 -8.88 7.04
C LYS N 120 41.22 -7.97 6.68
N PRO N 121 42.06 -8.37 5.71
CA PRO N 121 43.17 -7.52 5.31
C PRO N 121 42.68 -6.19 4.78
N GLN N 122 43.38 -5.13 5.17
CA GLN N 122 43.05 -3.78 4.74
C GLN N 122 44.15 -3.13 3.93
N GLY N 123 45.37 -3.14 4.44
CA GLY N 123 46.47 -2.52 3.74
C GLY N 123 47.77 -3.18 4.08
N THR N 124 48.85 -2.67 3.50
CA THR N 124 50.17 -3.22 3.72
C THR N 124 51.09 -2.13 4.24
N VAL N 125 51.83 -2.46 5.30
CA VAL N 125 52.83 -1.59 5.88
C VAL N 125 54.16 -2.33 5.84
N ALA N 126 55.23 -1.58 6.03
CA ALA N 126 56.57 -2.13 6.10
C ALA N 126 57.09 -1.91 7.50
N ARG N 127 57.49 -2.99 8.17
CA ARG N 127 58.07 -2.88 9.50
C ARG N 127 59.52 -2.48 9.38
N VAL N 128 59.90 -1.40 10.04
CA VAL N 128 61.26 -0.88 9.96
C VAL N 128 61.83 -0.78 11.36
N HIS N 129 63.16 -0.92 11.46
CA HIS N 129 63.86 -0.96 12.73
C HIS N 129 64.72 0.29 12.89
N ILE N 130 65.22 0.47 14.11
CA ILE N 130 66.12 1.58 14.39
C ILE N 130 67.43 1.35 13.68
N GLY N 131 67.89 2.35 12.94
CA GLY N 131 69.10 2.24 12.16
C GLY N 131 68.92 1.69 10.77
N GLN N 132 67.70 1.35 10.38
CA GLN N 132 67.46 0.79 9.07
C GLN N 132 67.25 1.88 8.04
N VAL N 133 67.80 1.68 6.86
CA VAL N 133 67.70 2.66 5.78
C VAL N 133 66.32 2.52 5.13
N ILE N 134 65.62 3.64 5.00
CA ILE N 134 64.35 3.65 4.28
C ILE N 134 64.56 3.91 2.80
N MET N 135 65.31 4.95 2.47
CA MET N 135 65.49 5.37 1.10
C MET N 135 66.96 5.69 0.85
N SER N 136 67.41 5.41 -0.36
CA SER N 136 68.77 5.71 -0.76
C SER N 136 68.76 6.44 -2.09
N ILE N 137 69.59 7.47 -2.20
CA ILE N 137 69.72 8.24 -3.43
C ILE N 137 71.20 8.30 -3.78
N ARG N 138 71.54 7.89 -5.00
CA ARG N 138 72.91 7.99 -5.49
C ARG N 138 72.95 9.03 -6.59
N THR N 139 74.06 9.76 -6.65
CA THR N 139 74.12 10.94 -7.51
C THR N 139 75.58 11.40 -7.60
N LYS N 140 75.78 12.45 -8.40
CA LYS N 140 77.06 13.11 -8.52
C LYS N 140 77.42 13.82 -7.22
N LEU N 141 78.72 14.06 -7.05
CA LEU N 141 79.22 14.54 -5.77
C LEU N 141 78.69 15.93 -5.43
N GLN N 142 78.67 16.84 -6.41
CA GLN N 142 78.30 18.21 -6.10
C GLN N 142 76.82 18.38 -5.78
N ASN N 143 75.99 17.36 -6.01
CA ASN N 143 74.57 17.43 -5.71
C ASN N 143 74.24 16.96 -4.29
N GLU N 144 75.23 16.99 -3.40
CA GLU N 144 74.99 16.57 -2.02
C GLU N 144 73.94 17.43 -1.35
N GLU N 145 74.02 18.74 -1.59
CA GLU N 145 73.03 19.65 -1.02
C GLU N 145 71.64 19.32 -1.50
N HIS N 146 71.49 19.05 -2.79
CA HIS N 146 70.18 18.72 -3.34
C HIS N 146 69.66 17.41 -2.79
N VAL N 147 70.53 16.41 -2.63
CA VAL N 147 70.09 15.14 -2.06
C VAL N 147 69.63 15.32 -0.62
N ILE N 148 70.40 16.05 0.18
CA ILE N 148 70.03 16.24 1.57
C ILE N 148 68.71 16.99 1.66
N GLU N 149 68.51 18.01 0.81
CA GLU N 149 67.24 18.72 0.83
C GLU N 149 66.09 17.82 0.39
N ALA N 150 66.30 16.98 -0.61
CA ALA N 150 65.23 16.11 -1.07
C ALA N 150 64.81 15.12 0.00
N LEU N 151 65.79 14.48 0.66
CA LEU N 151 65.45 13.56 1.73
C LEU N 151 64.84 14.30 2.92
N ARG N 152 65.27 15.53 3.16
CA ARG N 152 64.69 16.35 4.21
C ARG N 152 63.21 16.58 3.95
N ARG N 153 62.86 16.90 2.71
CA ARG N 153 61.45 17.05 2.37
C ARG N 153 60.71 15.73 2.50
N ALA N 154 61.33 14.63 2.08
CA ALA N 154 60.67 13.33 2.11
C ALA N 154 60.41 12.86 3.53
N LYS N 155 61.18 13.33 4.50
CA LYS N 155 60.95 12.93 5.89
C LYS N 155 59.57 13.30 6.38
N PHE N 156 58.96 14.35 5.83
CA PHE N 156 57.73 14.88 6.37
C PHE N 156 56.53 13.97 6.14
N LYS N 157 56.66 12.95 5.30
CA LYS N 157 55.57 12.03 5.03
C LYS N 157 55.63 10.79 5.90
N PHE N 158 56.50 10.76 6.91
CA PHE N 158 56.62 9.60 7.76
C PHE N 158 56.39 9.98 9.22
N PRO N 159 55.77 9.10 10.00
CA PRO N 159 55.40 9.47 11.38
C PRO N 159 56.59 9.77 12.27
N GLY N 160 57.54 8.84 12.36
CA GLY N 160 58.61 8.94 13.32
C GLY N 160 59.72 9.86 12.85
N ARG N 161 60.83 9.80 13.58
CA ARG N 161 62.00 10.62 13.32
C ARG N 161 62.98 9.84 12.46
N GLN N 162 63.51 10.51 11.44
CA GLN N 162 64.50 9.91 10.55
C GLN N 162 65.68 10.85 10.44
N LYS N 163 66.83 10.28 10.10
CA LYS N 163 68.07 11.03 10.00
C LYS N 163 68.64 10.90 8.61
N ILE N 164 69.32 11.94 8.16
CA ILE N 164 69.94 11.96 6.84
C ILE N 164 71.41 11.62 7.03
N HIS N 165 71.87 10.59 6.34
CA HIS N 165 73.25 10.16 6.43
C HIS N 165 73.89 10.20 5.05
N ILE N 166 75.10 10.71 4.98
CA ILE N 166 75.87 10.71 3.74
C ILE N 166 76.78 9.49 3.80
N SER N 167 76.36 8.41 3.16
CA SER N 167 77.04 7.13 3.31
C SER N 167 78.45 7.19 2.76
N LYS N 168 79.36 6.47 3.42
CA LYS N 168 80.73 6.41 2.96
C LYS N 168 80.92 5.49 1.75
N LYS N 169 79.97 4.60 1.50
CA LYS N 169 80.12 3.64 0.42
C LYS N 169 79.87 4.29 -0.93
N TRP N 170 80.61 3.82 -1.93
CA TRP N 170 80.54 4.39 -3.28
C TRP N 170 79.20 4.01 -3.90
N GLY N 171 78.33 5.00 -4.08
CA GLY N 171 77.05 4.75 -4.70
C GLY N 171 76.21 3.83 -3.85
N PHE N 172 75.68 2.78 -4.46
CA PHE N 172 74.86 1.80 -3.76
C PHE N 172 75.64 0.56 -3.37
N THR N 173 76.91 0.48 -3.72
CA THR N 173 77.66 -0.74 -3.48
C THR N 173 78.09 -0.82 -2.02
N LYS N 174 78.79 -1.89 -1.67
CA LYS N 174 79.17 -2.16 -0.30
C LYS N 174 80.67 -1.98 -0.08
N PHE N 175 81.27 -1.00 -0.73
CA PHE N 175 82.68 -0.71 -0.54
C PHE N 175 82.88 0.79 -0.42
N ASN N 176 83.86 1.17 0.39
CA ASN N 176 84.08 2.59 0.67
C ASN N 176 84.55 3.32 -0.59
N ALA N 177 84.19 4.60 -0.65
CA ALA N 177 84.50 5.41 -1.83
C ALA N 177 86.00 5.58 -2.01
N ASP N 178 86.75 5.66 -0.91
CA ASP N 178 88.19 5.90 -1.02
C ASP N 178 88.95 4.67 -1.48
N GLU N 179 88.43 3.47 -1.25
CA GLU N 179 89.05 2.24 -1.73
C GLU N 179 88.46 1.76 -3.05
N PHE N 180 87.32 2.31 -3.46
CA PHE N 180 86.70 1.85 -4.69
C PHE N 180 87.62 2.04 -5.90
N GLU N 181 88.27 3.20 -5.98
CA GLU N 181 89.07 3.52 -7.17
C GLU N 181 90.22 2.53 -7.35
N ASP N 182 91.04 2.37 -6.32
CA ASP N 182 92.16 1.45 -6.50
C ASP N 182 91.72 -0.01 -6.50
N MET N 183 90.58 -0.33 -5.91
CA MET N 183 90.09 -1.70 -6.01
C MET N 183 89.72 -2.04 -7.45
N VAL N 184 89.04 -1.12 -8.15
CA VAL N 184 88.74 -1.35 -9.55
C VAL N 184 90.03 -1.36 -10.36
N ALA N 185 90.99 -0.51 -10.00
CA ALA N 185 92.25 -0.46 -10.73
C ALA N 185 93.01 -1.78 -10.63
N LYS N 186 93.06 -2.37 -9.43
CA LYS N 186 93.73 -3.64 -9.23
C LYS N 186 92.80 -4.84 -9.43
N LYS N 187 91.61 -4.59 -9.97
CA LYS N 187 90.74 -5.61 -10.56
C LYS N 187 90.08 -6.51 -9.52
N CYS N 188 89.94 -6.06 -8.29
CA CYS N 188 89.13 -6.82 -7.35
C CYS N 188 87.63 -6.58 -7.55
N LEU N 189 87.26 -5.63 -8.40
CA LEU N 189 85.86 -5.37 -8.72
C LEU N 189 85.75 -5.11 -10.21
N ILE N 190 84.71 -5.65 -10.84
CA ILE N 190 84.40 -5.30 -12.21
C ILE N 190 83.03 -4.64 -12.25
N PRO N 191 82.90 -3.43 -12.79
CA PRO N 191 81.60 -2.77 -12.81
C PRO N 191 80.65 -3.41 -13.81
N ASP N 192 79.38 -3.47 -13.43
CA ASP N 192 78.32 -3.89 -14.35
C ASP N 192 76.99 -3.45 -13.75
N GLY N 193 76.11 -2.92 -14.61
CA GLY N 193 74.86 -2.39 -14.09
C GLY N 193 75.13 -1.21 -13.17
N CYS N 194 74.34 -1.11 -12.12
CA CYS N 194 74.53 -0.06 -11.13
C CYS N 194 75.52 -0.43 -10.05
N GLY N 195 75.94 -1.69 -9.98
CA GLY N 195 76.84 -2.12 -8.94
C GLY N 195 78.14 -2.68 -9.49
N VAL N 196 78.81 -3.51 -8.70
CA VAL N 196 80.06 -4.14 -9.11
C VAL N 196 79.99 -5.63 -8.77
N LYS N 197 80.87 -6.39 -9.39
CA LYS N 197 81.06 -7.78 -9.08
C LYS N 197 82.41 -7.92 -8.40
N TYR N 198 82.37 -8.34 -7.13
CA TYR N 198 83.59 -8.63 -6.39
C TYR N 198 84.23 -9.90 -6.93
N VAL N 199 85.53 -9.85 -7.17
CA VAL N 199 86.23 -10.98 -7.77
C VAL N 199 87.21 -11.53 -6.75
N PRO N 200 86.85 -12.58 -6.02
CA PRO N 200 87.80 -13.15 -5.05
C PRO N 200 88.96 -13.81 -5.75
N SER N 201 90.09 -13.82 -5.07
CA SER N 201 91.32 -14.36 -5.61
C SER N 201 91.41 -15.87 -5.52
N HIS N 202 90.28 -16.56 -5.36
CA HIS N 202 90.24 -18.01 -5.37
C HIS N 202 89.16 -18.48 -6.33
N GLY N 203 89.37 -19.65 -6.91
CA GLY N 203 88.51 -20.18 -7.93
C GLY N 203 89.32 -20.68 -9.10
N PRO N 204 88.70 -20.83 -10.26
CA PRO N 204 89.44 -21.26 -11.44
C PRO N 204 90.44 -20.21 -11.89
N LEU N 205 91.56 -20.67 -12.46
CA LEU N 205 92.53 -19.77 -13.04
C LEU N 205 92.07 -19.22 -14.38
N ASP N 206 91.13 -19.88 -15.04
CA ASP N 206 90.67 -19.37 -16.32
C ASP N 206 89.91 -18.06 -16.16
N LYS N 207 89.24 -17.89 -15.02
CA LYS N 207 88.64 -16.59 -14.74
C LYS N 207 89.73 -15.52 -14.62
N TRP N 208 90.82 -15.84 -13.95
CA TRP N 208 91.94 -14.91 -13.82
C TRP N 208 92.61 -14.67 -15.17
N ARG N 209 92.51 -15.62 -16.09
CA ARG N 209 93.01 -15.42 -17.44
C ARG N 209 92.10 -14.54 -18.25
N VAL N 210 90.79 -14.63 -18.03
CA VAL N 210 89.84 -13.69 -18.63
C VAL N 210 90.14 -12.29 -18.14
N LEU N 211 90.38 -12.15 -16.84
CA LEU N 211 90.95 -10.92 -16.32
C LEU N 211 92.41 -10.82 -16.75
N HIS N 212 92.96 -9.61 -16.62
CA HIS N 212 94.35 -9.34 -17.02
C HIS N 212 94.59 -9.72 -18.47
N SER N 213 93.58 -9.49 -19.30
CA SER N 213 93.66 -9.80 -20.72
C SER N 213 92.55 -9.07 -21.46
N LYS O 6 96.37 -48.71 -34.20
CA LYS O 6 96.79 -47.52 -33.47
C LYS O 6 95.89 -47.28 -32.27
N GLU O 7 94.59 -47.49 -32.44
CA GLU O 7 93.64 -47.31 -31.36
C GLU O 7 93.40 -48.61 -30.61
N ASN O 8 93.23 -48.49 -29.29
CA ASN O 8 92.98 -49.65 -28.45
C ASN O 8 91.67 -50.32 -28.87
N PRO O 9 91.64 -51.65 -28.95
CA PRO O 9 90.46 -52.32 -29.52
C PRO O 9 89.23 -52.29 -28.63
N MET O 10 89.32 -51.77 -27.42
CA MET O 10 88.14 -51.68 -26.57
C MET O 10 87.34 -50.41 -26.81
N ARG O 11 87.74 -49.59 -27.78
CA ARG O 11 87.04 -48.34 -28.08
C ARG O 11 86.27 -48.40 -29.39
N GLU O 12 86.18 -49.56 -30.04
CA GLU O 12 85.53 -49.64 -31.33
C GLU O 12 84.03 -49.47 -31.17
N LEU O 13 83.45 -48.59 -31.98
CA LEU O 13 82.02 -48.31 -31.90
C LEU O 13 81.23 -49.43 -32.55
N ARG O 14 80.07 -49.73 -31.99
CA ARG O 14 79.24 -50.81 -32.52
C ARG O 14 77.78 -50.51 -32.22
N ILE O 15 76.92 -51.40 -32.68
CA ILE O 15 75.47 -51.22 -32.58
C ILE O 15 74.98 -51.99 -31.37
N ARG O 16 74.63 -51.27 -30.30
CA ARG O 16 74.04 -51.94 -29.14
C ARG O 16 72.69 -52.53 -29.48
N LYS O 17 71.81 -51.73 -30.08
CA LYS O 17 70.45 -52.15 -30.35
C LYS O 17 69.85 -51.27 -31.42
N LEU O 18 68.75 -51.73 -32.00
CA LEU O 18 68.07 -50.99 -33.06
C LEU O 18 66.75 -50.36 -32.63
N CYS O 19 65.94 -51.07 -31.84
CA CYS O 19 64.72 -50.52 -31.25
C CYS O 19 63.75 -50.01 -32.31
N LEU O 20 63.21 -50.94 -33.10
CA LEU O 20 62.17 -50.58 -34.06
C LEU O 20 60.89 -50.22 -33.34
N ASN O 21 60.22 -49.17 -33.81
CA ASN O 21 58.95 -48.76 -33.22
C ASN O 21 57.96 -48.35 -34.29
N ILE O 22 56.70 -48.75 -34.10
CA ILE O 22 55.57 -48.25 -34.88
C ILE O 22 54.53 -47.72 -33.92
N CYS O 23 54.02 -46.52 -34.19
CA CYS O 23 52.99 -45.89 -33.36
C CYS O 23 51.71 -45.77 -34.17
N VAL O 24 50.90 -46.81 -34.14
CA VAL O 24 49.59 -46.75 -34.76
C VAL O 24 48.69 -45.85 -33.93
N GLY O 25 47.79 -45.13 -34.61
CA GLY O 25 46.93 -44.19 -33.92
C GLY O 25 46.03 -44.85 -32.88
N GLU O 26 45.44 -45.98 -33.23
CA GLU O 26 44.48 -46.61 -32.32
C GLU O 26 44.77 -48.10 -32.14
N SER O 27 43.86 -48.81 -31.49
CA SER O 27 44.05 -50.19 -31.08
C SER O 27 43.23 -51.15 -31.93
N GLY O 28 43.38 -52.43 -31.65
CA GLY O 28 42.55 -53.44 -32.28
C GLY O 28 43.19 -54.15 -33.45
N ASP O 29 42.40 -54.35 -34.51
CA ASP O 29 42.82 -55.16 -35.64
C ASP O 29 44.03 -54.56 -36.35
N ARG O 30 44.02 -53.24 -36.55
CA ARG O 30 45.14 -52.60 -37.23
C ARG O 30 46.42 -52.75 -36.41
N LEU O 31 46.33 -52.61 -35.09
CA LEU O 31 47.48 -52.79 -34.24
C LEU O 31 48.00 -54.22 -34.31
N THR O 32 47.09 -55.20 -34.36
CA THR O 32 47.52 -56.58 -34.48
C THR O 32 48.24 -56.81 -35.81
N ARG O 33 47.74 -56.19 -36.87
CA ARG O 33 48.41 -56.32 -38.17
C ARG O 33 49.80 -55.69 -38.15
N ALA O 34 49.95 -54.53 -37.52
CA ALA O 34 51.26 -53.90 -37.43
C ALA O 34 52.23 -54.76 -36.61
N ALA O 35 51.73 -55.37 -35.54
CA ALA O 35 52.55 -56.31 -34.79
C ALA O 35 52.98 -57.48 -35.67
N LYS O 36 52.09 -57.94 -36.54
CA LYS O 36 52.48 -58.98 -37.50
C LYS O 36 53.58 -58.50 -38.43
N VAL O 37 53.55 -57.23 -38.83
CA VAL O 37 54.61 -56.70 -39.67
C VAL O 37 55.95 -56.75 -38.95
N LEU O 38 55.97 -56.28 -37.70
CA LEU O 38 57.22 -56.35 -36.93
C LEU O 38 57.68 -57.79 -36.71
N GLU O 39 56.73 -58.70 -36.49
CA GLU O 39 57.02 -60.12 -36.39
C GLU O 39 57.71 -60.61 -37.65
N GLN O 40 57.19 -60.25 -38.82
CA GLN O 40 57.80 -60.68 -40.08
C GLN O 40 59.17 -60.07 -40.26
N LEU O 41 59.34 -58.82 -39.84
CA LEU O 41 60.59 -58.12 -40.06
C LEU O 41 61.73 -58.70 -39.22
N THR O 42 61.46 -58.99 -37.95
CA THR O 42 62.53 -59.39 -37.06
C THR O 42 62.58 -60.89 -36.78
N GLY O 43 61.55 -61.64 -37.15
CA GLY O 43 61.50 -63.03 -36.70
C GLY O 43 61.47 -63.12 -35.20
N GLN O 44 60.72 -62.24 -34.54
CA GLN O 44 60.90 -62.01 -33.12
C GLN O 44 59.68 -61.27 -32.59
N THR O 45 59.03 -61.82 -31.59
CA THR O 45 57.76 -61.26 -31.12
C THR O 45 58.00 -59.89 -30.50
N PRO O 46 57.25 -58.86 -30.91
CA PRO O 46 57.39 -57.57 -30.26
C PRO O 46 56.44 -57.43 -29.08
N VAL O 47 56.43 -56.27 -28.42
CA VAL O 47 55.49 -55.99 -27.35
C VAL O 47 54.78 -54.70 -27.66
N PHE O 48 53.58 -54.56 -27.10
CA PHE O 48 52.80 -53.36 -27.25
C PHE O 48 53.20 -52.32 -26.19
N SER O 49 52.71 -51.11 -26.39
CA SER O 49 52.92 -50.02 -25.45
C SER O 49 51.58 -49.44 -25.04
N LYS O 50 51.48 -49.02 -23.78
CA LYS O 50 50.27 -48.44 -23.27
C LYS O 50 50.38 -46.92 -23.28
N ALA O 51 49.26 -46.25 -23.58
CA ALA O 51 49.23 -44.80 -23.59
C ALA O 51 49.21 -44.27 -22.17
N ARG O 52 50.15 -43.37 -21.85
CA ARG O 52 50.29 -42.92 -20.48
C ARG O 52 49.15 -41.99 -20.07
N TYR O 53 48.79 -41.04 -20.93
CA TYR O 53 47.74 -40.08 -20.62
C TYR O 53 46.69 -40.10 -21.72
N THR O 54 45.42 -40.08 -21.31
CA THR O 54 44.35 -40.03 -22.30
C THR O 54 44.26 -38.65 -22.93
N VAL O 55 44.24 -38.61 -24.25
CA VAL O 55 44.19 -37.35 -24.99
C VAL O 55 43.08 -37.47 -26.03
N ARG O 56 42.12 -36.55 -25.98
CA ARG O 56 40.99 -36.57 -26.90
C ARG O 56 41.32 -35.88 -28.22
N SER O 57 42.46 -35.22 -28.33
CA SER O 57 42.90 -34.72 -29.63
C SER O 57 43.18 -35.87 -30.58
N PHE O 58 43.97 -36.84 -30.13
CA PHE O 58 44.30 -38.01 -30.94
C PHE O 58 43.38 -39.19 -30.63
N GLY O 59 42.47 -39.05 -29.69
CA GLY O 59 41.49 -40.07 -29.40
C GLY O 59 42.01 -41.28 -28.66
N ILE O 60 43.16 -41.19 -28.02
CA ILE O 60 43.71 -42.33 -27.29
C ILE O 60 43.22 -42.24 -25.84
N ARG O 61 43.20 -43.41 -25.18
CA ARG O 61 42.79 -43.50 -23.80
C ARG O 61 43.90 -44.15 -22.99
N ARG O 62 43.81 -44.00 -21.67
CA ARG O 62 44.86 -44.46 -20.79
C ARG O 62 44.96 -45.97 -20.78
N ASN O 63 46.18 -46.48 -20.65
CA ASN O 63 46.46 -47.91 -20.62
C ASN O 63 45.93 -48.62 -21.86
N GLU O 64 45.97 -47.94 -23.00
CA GLU O 64 45.55 -48.50 -24.27
C GLU O 64 46.76 -49.02 -25.02
N LYS O 65 46.67 -50.23 -25.52
CA LYS O 65 47.69 -50.75 -26.44
C LYS O 65 47.60 -49.94 -27.72
N ILE O 66 48.56 -49.03 -27.92
CA ILE O 66 48.52 -48.07 -29.01
C ILE O 66 49.62 -48.33 -30.02
N ALA O 67 50.83 -48.61 -29.54
CA ALA O 67 51.99 -48.77 -30.39
C ALA O 67 52.57 -50.17 -30.21
N VAL O 68 53.60 -50.47 -30.99
CA VAL O 68 54.31 -51.74 -30.87
C VAL O 68 55.77 -51.50 -31.19
N HIS O 69 56.65 -52.08 -30.36
CA HIS O 69 58.07 -51.86 -30.55
C HIS O 69 58.84 -53.10 -30.12
N CYS O 70 60.03 -53.25 -30.68
CA CYS O 70 60.91 -54.36 -30.31
C CYS O 70 62.35 -53.96 -30.53
N THR O 71 63.21 -54.35 -29.60
CA THR O 71 64.63 -54.03 -29.65
C THR O 71 65.41 -55.27 -30.08
N VAL O 72 66.25 -55.10 -31.08
CA VAL O 72 67.03 -56.19 -31.64
C VAL O 72 68.50 -55.85 -31.51
N ARG O 73 69.30 -56.86 -31.19
CA ARG O 73 70.73 -56.72 -30.98
C ARG O 73 71.45 -57.82 -31.75
N GLY O 74 72.70 -57.56 -32.06
CA GLY O 74 73.52 -58.56 -32.73
C GLY O 74 73.42 -58.49 -34.25
N ALA O 75 73.80 -59.61 -34.87
CA ALA O 75 73.86 -59.66 -36.32
C ALA O 75 72.49 -59.44 -36.96
N LYS O 76 71.42 -59.86 -36.29
CA LYS O 76 70.08 -59.59 -36.80
C LYS O 76 69.81 -58.09 -36.87
N ALA O 77 70.16 -57.36 -35.81
CA ALA O 77 70.03 -55.90 -35.85
C ALA O 77 70.92 -55.31 -36.92
N GLU O 78 72.10 -55.88 -37.12
CA GLU O 78 72.96 -55.41 -38.21
C GLU O 78 72.26 -55.52 -39.56
N GLU O 79 71.67 -56.68 -39.84
CA GLU O 79 70.99 -56.87 -41.12
C GLU O 79 69.79 -55.95 -41.26
N ILE O 80 69.01 -55.79 -40.19
CA ILE O 80 67.82 -54.96 -40.25
C ILE O 80 68.20 -53.51 -40.51
N LEU O 81 69.22 -53.02 -39.80
CA LEU O 81 69.68 -51.66 -40.05
C LEU O 81 70.23 -51.52 -41.46
N GLU O 82 70.89 -52.55 -41.97
CA GLU O 82 71.44 -52.46 -43.31
C GLU O 82 70.34 -52.30 -44.34
N LYS O 83 69.27 -53.09 -44.22
CA LYS O 83 68.15 -52.94 -45.14
C LYS O 83 67.50 -51.57 -45.00
N GLY O 84 67.35 -51.08 -43.76
CA GLY O 84 66.77 -49.76 -43.56
C GLY O 84 67.60 -48.66 -44.18
N LEU O 85 68.93 -48.77 -44.06
CA LEU O 85 69.81 -47.80 -44.70
C LEU O 85 69.71 -47.88 -46.21
N LYS O 86 69.54 -49.08 -46.75
CA LYS O 86 69.31 -49.22 -48.18
C LYS O 86 68.07 -48.45 -48.60
N VAL O 87 67.01 -48.54 -47.80
CA VAL O 87 65.80 -47.77 -48.09
C VAL O 87 66.10 -46.28 -48.05
N ARG O 88 66.83 -45.84 -47.02
CA ARG O 88 67.09 -44.42 -46.79
C ARG O 88 68.18 -43.85 -47.71
N GLU O 89 68.80 -44.69 -48.55
CA GLU O 89 69.79 -44.28 -49.54
C GLU O 89 71.09 -43.80 -48.92
N TYR O 90 71.36 -44.24 -47.68
CA TYR O 90 72.64 -43.99 -47.01
C TYR O 90 72.95 -42.50 -46.89
N GLU O 91 71.94 -41.67 -46.83
CA GLU O 91 72.09 -40.25 -46.59
C GLU O 91 71.27 -39.86 -45.37
N LEU O 92 71.90 -39.15 -44.44
CA LEU O 92 71.24 -38.73 -43.22
C LEU O 92 71.52 -37.26 -42.98
N ARG O 93 70.52 -36.55 -42.47
CA ARG O 93 70.73 -35.19 -42.03
C ARG O 93 71.58 -35.18 -40.77
N LYS O 94 72.35 -34.11 -40.60
CA LYS O 94 73.20 -33.98 -39.43
C LYS O 94 72.37 -34.03 -38.15
N ASN O 95 71.26 -33.30 -38.12
CA ASN O 95 70.41 -33.27 -36.95
C ASN O 95 69.68 -34.59 -36.71
N ASN O 96 69.86 -35.58 -37.58
CA ASN O 96 69.37 -36.91 -37.24
C ASN O 96 70.22 -37.59 -36.18
N PHE O 97 71.37 -37.01 -35.84
CA PHE O 97 72.25 -37.61 -34.85
C PHE O 97 72.09 -36.86 -33.54
N SER O 98 71.76 -37.59 -32.48
CA SER O 98 71.55 -36.97 -31.19
C SER O 98 72.89 -36.63 -30.54
N ASP O 99 72.82 -35.79 -29.51
CA ASP O 99 74.00 -35.36 -28.80
C ASP O 99 74.68 -36.50 -28.05
N THR O 100 73.98 -37.60 -27.79
CA THR O 100 74.54 -38.74 -27.08
C THR O 100 75.22 -39.72 -28.01
N GLY O 101 75.14 -39.53 -29.31
CA GLY O 101 75.77 -40.44 -30.25
C GLY O 101 74.84 -41.43 -30.88
N ASN O 102 73.64 -41.61 -30.35
CA ASN O 102 72.65 -42.40 -31.05
C ASN O 102 72.18 -41.65 -32.28
N PHE O 103 71.56 -42.38 -33.20
CA PHE O 103 70.92 -41.69 -34.31
C PHE O 103 69.77 -42.53 -34.83
N GLY O 104 68.72 -41.86 -35.27
CA GLY O 104 67.54 -42.56 -35.73
C GLY O 104 67.07 -42.02 -37.06
N PHE O 105 66.19 -42.80 -37.69
CA PHE O 105 65.57 -42.37 -38.94
C PHE O 105 64.35 -43.23 -39.18
N GLY O 106 63.36 -42.65 -39.83
CA GLY O 106 62.13 -43.35 -40.13
C GLY O 106 62.08 -43.76 -41.58
N ILE O 107 61.18 -44.70 -41.87
CA ILE O 107 60.88 -45.07 -43.25
C ILE O 107 59.37 -45.08 -43.42
N GLN O 108 58.93 -44.61 -44.60
CA GLN O 108 57.51 -44.34 -44.85
C GLN O 108 56.71 -45.59 -45.11
N GLU O 109 57.35 -46.69 -45.50
CA GLU O 109 56.62 -47.93 -45.73
C GLU O 109 57.55 -49.11 -45.55
N HIS O 110 56.99 -50.22 -45.11
CA HIS O 110 57.74 -51.45 -44.90
C HIS O 110 57.77 -52.33 -46.13
N ILE O 111 57.10 -51.90 -47.21
CA ILE O 111 57.01 -52.73 -48.41
C ILE O 111 58.39 -52.98 -49.00
N ASP O 112 59.21 -51.95 -49.09
CA ASP O 112 60.54 -52.06 -49.66
C ASP O 112 61.58 -52.56 -48.66
N LEU O 113 61.15 -53.16 -47.55
CA LEU O 113 62.06 -53.82 -46.62
C LEU O 113 62.20 -55.31 -46.90
N GLY O 114 61.88 -55.75 -48.12
CA GLY O 114 61.86 -57.15 -48.45
C GLY O 114 60.56 -57.84 -48.10
N ILE O 115 59.65 -57.16 -47.40
CA ILE O 115 58.36 -57.74 -47.08
C ILE O 115 57.45 -57.57 -48.29
N LYS O 116 56.92 -58.69 -48.79
CA LYS O 116 55.96 -58.62 -49.87
C LYS O 116 54.66 -57.99 -49.36
N TYR O 117 54.08 -57.12 -50.18
CA TYR O 117 52.81 -56.51 -49.80
C TYR O 117 51.72 -57.57 -49.74
N ASP O 118 50.79 -57.40 -48.80
CA ASP O 118 49.72 -58.34 -48.59
C ASP O 118 48.39 -57.59 -48.52
N PRO O 119 47.29 -58.25 -48.87
CA PRO O 119 45.97 -57.60 -48.67
C PRO O 119 45.72 -57.25 -47.22
N SER O 120 46.08 -58.14 -46.31
CA SER O 120 46.12 -57.81 -44.90
C SER O 120 47.47 -57.17 -44.60
N ILE O 121 47.70 -56.86 -43.33
CA ILE O 121 48.91 -56.21 -42.80
C ILE O 121 49.45 -55.17 -43.79
N GLY O 122 48.68 -54.11 -44.01
CA GLY O 122 48.97 -53.14 -45.06
C GLY O 122 50.20 -52.28 -44.86
N ILE O 123 50.19 -51.11 -45.50
CA ILE O 123 51.37 -50.25 -45.54
C ILE O 123 51.61 -49.66 -44.16
N TYR O 124 52.80 -49.91 -43.61
CA TYR O 124 53.19 -49.37 -42.33
C TYR O 124 54.58 -48.78 -42.45
N GLY O 125 54.73 -47.51 -42.11
CA GLY O 125 56.04 -46.95 -41.85
C GLY O 125 56.46 -47.24 -40.43
N LEU O 126 57.70 -46.87 -40.12
CA LEU O 126 58.19 -47.10 -38.76
C LEU O 126 59.44 -46.25 -38.52
N ASP O 127 59.94 -46.35 -37.30
CA ASP O 127 61.13 -45.62 -36.85
C ASP O 127 62.21 -46.60 -36.42
N PHE O 128 63.44 -46.33 -36.84
CA PHE O 128 64.62 -47.03 -36.36
C PHE O 128 65.37 -46.06 -35.46
N TYR O 129 66.03 -46.59 -34.43
CA TYR O 129 66.85 -45.73 -33.58
C TYR O 129 68.10 -46.51 -33.18
N VAL O 130 69.16 -46.38 -33.97
CA VAL O 130 70.41 -47.06 -33.67
C VAL O 130 70.99 -46.46 -32.40
N VAL O 131 71.28 -47.33 -31.43
CA VAL O 131 71.93 -46.91 -30.19
C VAL O 131 73.37 -47.38 -30.24
N LEU O 132 74.30 -46.45 -30.38
CA LEU O 132 75.70 -46.81 -30.46
C LEU O 132 76.26 -47.09 -29.08
N GLY O 133 77.45 -47.68 -29.06
CA GLY O 133 78.08 -48.01 -27.79
C GLY O 133 79.45 -48.58 -28.03
N ARG O 134 80.18 -48.76 -26.93
CA ARG O 134 81.54 -49.24 -26.90
C ARG O 134 81.63 -50.48 -26.02
N PRO O 135 82.71 -51.25 -26.14
CA PRO O 135 82.97 -52.30 -25.14
C PRO O 135 83.15 -51.68 -23.76
N GLY O 136 82.22 -51.99 -22.86
CA GLY O 136 82.25 -51.44 -21.53
C GLY O 136 81.07 -50.57 -21.17
N PHE O 137 80.08 -50.43 -22.03
CA PHE O 137 78.91 -49.62 -21.68
C PHE O 137 77.97 -50.33 -20.74
N SER O 138 78.11 -51.64 -20.57
CA SER O 138 77.17 -52.43 -19.77
C SER O 138 77.32 -52.20 -18.28
N ILE O 139 78.37 -51.51 -17.83
CA ILE O 139 78.51 -51.24 -16.41
C ILE O 139 77.42 -50.31 -15.92
N ALA O 140 76.78 -49.55 -16.80
CA ALA O 140 75.65 -48.73 -16.39
C ALA O 140 74.40 -49.55 -16.13
N ASP O 141 74.34 -50.77 -16.65
CA ASP O 141 73.17 -51.62 -16.48
C ASP O 141 73.39 -52.77 -15.52
N LYS O 142 74.65 -53.10 -15.21
CA LYS O 142 74.88 -54.22 -14.30
C LYS O 142 74.33 -53.90 -12.91
N LYS O 143 74.00 -54.97 -12.17
CA LYS O 143 73.37 -54.78 -10.87
C LYS O 143 74.39 -54.48 -9.78
N ARG O 144 75.45 -55.29 -9.71
CA ARG O 144 76.47 -55.12 -8.69
C ARG O 144 77.58 -54.22 -9.21
N ARG O 145 77.94 -53.22 -8.42
CA ARG O 145 79.04 -52.30 -8.73
C ARG O 145 78.79 -51.54 -10.04
N THR O 146 77.58 -51.04 -10.20
CA THR O 146 77.28 -50.18 -11.33
C THR O 146 77.99 -48.84 -11.17
N GLY O 147 78.05 -48.08 -12.26
CA GLY O 147 78.67 -46.78 -12.20
C GLY O 147 78.62 -46.06 -13.51
N CYS O 148 79.16 -44.84 -13.51
CA CYS O 148 79.32 -44.04 -14.70
C CYS O 148 80.44 -44.62 -15.56
N ILE O 149 80.48 -44.19 -16.82
CA ILE O 149 81.47 -44.69 -17.76
C ILE O 149 82.62 -43.73 -17.98
N GLY O 150 82.61 -42.59 -17.33
CA GLY O 150 83.69 -41.64 -17.50
C GLY O 150 83.60 -40.91 -18.84
N ALA O 151 84.37 -39.82 -18.92
CA ALA O 151 84.22 -38.91 -20.05
C ALA O 151 84.83 -39.47 -21.32
N LYS O 152 86.02 -40.07 -21.22
CA LYS O 152 86.76 -40.45 -22.43
C LYS O 152 86.09 -41.59 -23.17
N HIS O 153 85.30 -42.42 -22.49
CA HIS O 153 84.63 -43.52 -23.14
C HIS O 153 83.29 -43.13 -23.72
N ARG O 154 82.94 -41.85 -23.69
CA ARG O 154 81.64 -41.43 -24.19
C ARG O 154 81.72 -41.13 -25.68
N ILE O 155 80.59 -41.35 -26.37
CA ILE O 155 80.47 -41.13 -27.80
C ILE O 155 79.72 -39.83 -28.02
N SER O 156 80.24 -39.01 -28.92
CA SER O 156 79.59 -37.76 -29.27
C SER O 156 78.94 -37.85 -30.65
N LYS O 157 78.26 -36.77 -31.04
CA LYS O 157 77.64 -36.72 -32.35
C LYS O 157 78.67 -36.79 -33.46
N GLU O 158 79.79 -36.07 -33.28
CA GLU O 158 80.86 -36.11 -34.28
C GLU O 158 81.41 -37.51 -34.43
N GLU O 159 81.64 -38.19 -33.31
CA GLU O 159 82.14 -39.55 -33.36
C GLU O 159 81.13 -40.47 -34.02
N ALA O 160 79.84 -40.29 -33.76
CA ALA O 160 78.82 -41.11 -34.39
C ALA O 160 78.77 -40.90 -35.90
N MET O 161 78.79 -39.64 -36.33
CA MET O 161 78.74 -39.36 -37.77
C MET O 161 79.99 -39.87 -38.47
N ARG O 162 81.15 -39.71 -37.84
CA ARG O 162 82.38 -40.24 -38.39
C ARG O 162 82.32 -41.75 -38.49
N TRP O 163 81.73 -42.40 -37.49
CA TRP O 163 81.53 -43.85 -37.55
C TRP O 163 80.62 -44.22 -38.71
N PHE O 164 79.56 -43.44 -38.92
CA PHE O 164 78.65 -43.70 -40.03
C PHE O 164 79.39 -43.67 -41.36
N GLN O 165 80.15 -42.60 -41.58
CA GLN O 165 80.87 -42.46 -42.85
C GLN O 165 81.93 -43.54 -43.01
N GLN O 166 82.66 -43.85 -41.95
CA GLN O 166 83.74 -44.82 -42.08
C GLN O 166 83.22 -46.24 -42.20
N LYS O 167 82.03 -46.53 -41.68
CA LYS O 167 81.53 -47.89 -41.72
C LYS O 167 80.72 -48.16 -42.98
N TYR O 168 79.64 -47.43 -43.18
CA TYR O 168 78.73 -47.73 -44.27
C TYR O 168 78.92 -46.80 -45.47
N ASP O 169 79.93 -45.93 -45.43
CA ASP O 169 80.23 -44.98 -46.49
C ASP O 169 78.99 -44.16 -46.84
N GLY O 170 78.27 -43.72 -45.82
CA GLY O 170 77.11 -42.87 -46.01
C GLY O 170 77.50 -41.41 -46.19
N ILE O 171 76.50 -40.62 -46.53
CA ILE O 171 76.67 -39.20 -46.81
C ILE O 171 75.86 -38.42 -45.79
N ILE O 172 76.44 -37.33 -45.28
CA ILE O 172 75.79 -36.53 -44.27
C ILE O 172 75.47 -35.16 -44.87
N LEU O 173 74.18 -34.80 -44.85
CA LEU O 173 73.70 -33.53 -45.39
C LEU O 173 73.41 -32.56 -44.27
N PRO O 174 73.81 -31.30 -44.41
CA PRO O 174 73.61 -30.29 -43.37
C PRO O 174 72.24 -29.61 -43.45
N GLY O 175 71.22 -30.32 -43.00
CA GLY O 175 69.86 -29.79 -43.04
C GLY O 175 69.10 -30.06 -41.76
N ALA P 1 25.11 -36.19 48.25
CA ALA P 1 26.31 -36.54 47.50
C ALA P 1 27.26 -37.36 48.35
N PRO P 2 27.79 -38.44 47.79
CA PRO P 2 28.81 -39.20 48.50
C PRO P 2 30.08 -38.38 48.62
N SER P 3 30.88 -38.71 49.62
CA SER P 3 32.15 -38.03 49.83
C SER P 3 33.19 -39.06 50.19
N ARG P 4 34.14 -39.28 49.30
CA ARG P 4 35.24 -40.21 49.48
C ARG P 4 34.67 -41.62 49.67
N ASN P 5 35.42 -42.50 50.33
CA ASN P 5 35.01 -43.88 50.47
C ASN P 5 33.92 -44.04 51.52
N GLY P 6 33.14 -45.09 51.37
CA GLY P 6 32.07 -45.36 52.30
C GLY P 6 31.00 -46.22 51.64
N MET P 7 30.29 -46.96 52.48
CA MET P 7 29.27 -47.88 51.99
C MET P 7 28.17 -47.12 51.27
N VAL P 8 27.64 -47.74 50.21
CA VAL P 8 26.46 -47.21 49.54
C VAL P 8 25.25 -47.70 50.33
N LEU P 9 24.56 -46.78 50.97
CA LEU P 9 23.50 -47.11 51.92
C LEU P 9 22.14 -46.77 51.34
N LYS P 10 21.15 -47.56 51.73
CA LYS P 10 19.77 -47.38 51.27
C LYS P 10 18.86 -47.34 52.48
N PRO P 11 18.77 -46.18 53.14
CA PRO P 11 17.85 -46.07 54.28
C PRO P 11 16.42 -46.12 53.81
N HIS P 12 15.60 -46.87 54.53
CA HIS P 12 14.18 -46.98 54.20
C HIS P 12 13.36 -45.99 55.02
N PHE P 13 13.70 -44.72 54.86
CA PHE P 13 12.99 -43.64 55.53
C PHE P 13 12.45 -42.65 54.53
N HIS P 14 11.85 -43.14 53.45
CA HIS P 14 11.20 -42.28 52.48
C HIS P 14 9.68 -42.31 52.60
N LYS P 15 9.16 -42.85 53.69
CA LYS P 15 7.77 -43.30 53.69
C LYS P 15 7.02 -42.85 54.93
N ASP P 16 7.38 -41.70 55.49
CA ASP P 16 6.71 -41.14 56.68
C ASP P 16 6.66 -42.16 57.82
N TRP P 17 7.84 -42.56 58.26
CA TRP P 17 7.91 -43.56 59.33
C TRP P 17 7.60 -42.97 60.70
N GLN P 18 7.57 -41.64 60.82
CA GLN P 18 7.35 -41.02 62.12
C GLN P 18 5.97 -41.32 62.68
N ARG P 19 4.97 -41.50 61.81
CA ARG P 19 3.63 -41.78 62.30
C ARG P 19 3.52 -43.19 62.87
N ARG P 20 4.36 -44.11 62.41
CA ARG P 20 4.34 -45.48 62.88
C ARG P 20 5.70 -45.80 63.49
N VAL P 21 5.89 -45.43 64.75
CA VAL P 21 7.08 -45.76 65.51
C VAL P 21 6.61 -46.49 66.77
N ALA P 22 7.16 -47.66 67.01
CA ALA P 22 6.82 -48.46 68.18
C ALA P 22 7.83 -48.14 69.28
N THR P 23 7.37 -47.47 70.33
CA THR P 23 8.21 -47.22 71.50
C THR P 23 7.95 -48.27 72.56
N TRP P 24 9.01 -48.69 73.24
CA TRP P 24 8.95 -49.82 74.14
C TRP P 24 9.01 -49.40 75.60
N PHE P 25 8.48 -48.23 75.94
CA PHE P 25 8.54 -47.78 77.32
C PHE P 25 7.66 -48.61 78.23
N ASN P 26 6.65 -49.26 77.68
CA ASN P 26 5.79 -50.14 78.46
C ASN P 26 6.30 -51.57 78.50
N GLN P 27 7.57 -51.78 78.13
CA GLN P 27 8.13 -53.13 78.20
C GLN P 27 8.21 -53.68 79.62
N PRO P 28 8.73 -52.97 80.63
CA PRO P 28 8.72 -53.54 81.97
C PRO P 28 7.33 -53.74 82.54
N ALA P 29 6.41 -52.83 82.24
CA ALA P 29 5.04 -53.01 82.70
C ALA P 29 4.42 -54.24 82.04
N ARG P 30 4.71 -54.46 80.77
CA ARG P 30 4.25 -55.66 80.09
C ARG P 30 4.83 -56.91 80.72
N LYS P 31 6.11 -56.85 81.10
CA LYS P 31 6.73 -58.00 81.76
C LYS P 31 6.05 -58.29 83.08
N ILE P 32 5.75 -57.25 83.86
CA ILE P 32 5.09 -57.45 85.15
C ILE P 32 3.69 -58.00 84.96
N ARG P 33 2.96 -57.50 83.96
CA ARG P 33 1.62 -58.02 83.72
C ARG P 33 1.65 -59.48 83.33
N ARG P 34 2.61 -59.86 82.47
CA ARG P 34 2.74 -61.26 82.09
C ARG P 34 3.07 -62.12 83.29
N ARG P 35 3.98 -61.65 84.14
CA ARG P 35 4.35 -62.41 85.33
C ARG P 35 3.17 -62.57 86.27
N LYS P 36 2.39 -61.50 86.46
CA LYS P 36 1.24 -61.58 87.34
C LYS P 36 0.19 -62.54 86.81
N ALA P 37 -0.06 -62.51 85.50
CA ALA P 37 -0.99 -63.45 84.91
C ALA P 37 -0.49 -64.88 85.06
N ARG P 38 0.82 -65.09 84.90
CA ARG P 38 1.38 -66.41 85.11
C ARG P 38 1.12 -66.89 86.53
N GLN P 39 1.41 -66.04 87.51
CA GLN P 39 1.20 -66.42 88.90
C GLN P 39 -0.26 -66.68 89.20
N ALA P 40 -1.15 -65.87 88.63
CA ALA P 40 -2.58 -66.07 88.85
C ALA P 40 -3.07 -67.39 88.24
N LYS P 41 -2.62 -67.73 87.04
CA LYS P 41 -3.04 -68.98 86.43
C LYS P 41 -2.50 -70.17 87.19
N ALA P 42 -1.24 -70.11 87.60
CA ALA P 42 -0.66 -71.20 88.37
C ALA P 42 -1.38 -71.35 89.71
N ARG P 43 -1.74 -70.25 90.34
CA ARG P 43 -2.54 -70.31 91.56
C ARG P 43 -3.89 -70.94 91.30
N ARG P 44 -4.50 -70.63 90.15
CA ARG P 44 -5.81 -71.18 89.84
C ARG P 44 -5.77 -72.69 89.69
N ILE P 45 -4.78 -73.22 88.98
CA ILE P 45 -4.62 -74.66 88.82
C ILE P 45 -3.56 -75.10 89.81
N ALA P 46 -4.00 -75.51 91.00
CA ALA P 46 -3.05 -75.67 92.11
C ALA P 46 -2.14 -76.88 91.93
N PRO P 47 -2.63 -78.13 91.83
CA PRO P 47 -1.69 -79.24 91.77
C PRO P 47 -1.14 -79.48 90.38
N ARG P 48 -1.86 -79.04 89.36
CA ARG P 48 -1.45 -79.28 87.99
C ARG P 48 -0.18 -78.49 87.68
N PRO P 49 0.62 -78.95 86.71
CA PRO P 49 1.82 -78.20 86.35
C PRO P 49 1.48 -76.82 85.83
N ALA P 50 2.26 -75.83 86.27
CA ALA P 50 1.96 -74.45 85.90
C ALA P 50 2.28 -74.20 84.43
N SER P 51 3.35 -74.81 83.93
CA SER P 51 3.81 -74.52 82.58
C SER P 51 2.79 -74.93 81.53
N GLY P 52 2.20 -76.11 81.68
CA GLY P 52 1.25 -76.60 80.72
C GLY P 52 1.37 -78.10 80.54
N PRO P 53 0.66 -78.64 79.55
CA PRO P 53 0.69 -80.08 79.34
C PRO P 53 2.04 -80.54 78.82
N ILE P 54 2.29 -81.83 79.01
CA ILE P 54 3.50 -82.42 78.46
C ILE P 54 3.44 -82.38 76.94
N ARG P 55 4.51 -81.95 76.33
CA ARG P 55 4.68 -81.90 74.89
C ARG P 55 5.58 -83.04 74.43
N PRO P 56 5.47 -83.49 73.19
CA PRO P 56 6.25 -84.64 72.76
C PRO P 56 7.69 -84.28 72.41
N ILE P 57 8.50 -85.31 72.30
CA ILE P 57 9.85 -85.17 71.77
C ILE P 57 9.78 -85.15 70.26
N VAL P 58 10.37 -84.13 69.66
CA VAL P 58 10.20 -83.84 68.24
C VAL P 58 11.53 -83.41 67.66
N ARG P 59 11.86 -83.93 66.49
CA ARG P 59 13.06 -83.53 65.78
C ARG P 59 12.77 -82.32 64.90
N CYS P 60 13.75 -81.44 64.77
CA CYS P 60 13.56 -80.22 64.01
C CYS P 60 13.53 -80.53 62.51
N PRO P 61 12.77 -79.77 61.74
CA PRO P 61 12.54 -80.12 60.34
C PRO P 61 13.74 -80.08 59.40
N THR P 62 14.38 -78.92 59.23
CA THR P 62 15.24 -78.76 58.07
C THR P 62 16.58 -79.45 58.27
N VAL P 63 17.46 -79.31 57.28
CA VAL P 63 18.77 -79.93 57.39
C VAL P 63 19.69 -79.13 58.30
N ARG P 64 19.34 -77.87 58.57
CA ARG P 64 20.15 -77.06 59.47
C ARG P 64 20.04 -77.55 60.91
N TYR P 65 18.86 -78.00 61.31
CA TYR P 65 18.60 -78.32 62.72
C TYR P 65 18.21 -79.75 62.96
N HIS P 66 18.29 -80.65 61.97
CA HIS P 66 17.72 -81.97 62.21
C HIS P 66 18.52 -82.78 63.22
N THR P 67 19.73 -82.38 63.57
CA THR P 67 20.45 -83.08 64.63
C THR P 67 19.87 -82.79 66.00
N LYS P 68 19.09 -81.72 66.12
CA LYS P 68 18.59 -81.20 67.38
C LYS P 68 17.17 -81.67 67.60
N VAL P 69 16.76 -81.68 68.87
CA VAL P 69 15.43 -82.12 69.26
C VAL P 69 14.80 -81.03 70.13
N ARG P 70 13.55 -80.70 69.85
CA ARG P 70 12.80 -79.74 70.66
C ARG P 70 11.46 -80.34 71.07
N ALA P 71 10.59 -79.52 71.62
CA ALA P 71 9.26 -79.95 72.01
C ALA P 71 8.28 -79.73 70.87
N GLY P 72 7.33 -80.65 70.74
CA GLY P 72 6.33 -80.59 69.69
C GLY P 72 5.01 -80.05 70.19
N ARG P 73 4.04 -80.00 69.27
CA ARG P 73 2.73 -79.46 69.61
C ARG P 73 1.93 -80.41 70.48
N GLY P 74 1.96 -81.70 70.17
CA GLY P 74 1.21 -82.67 70.96
C GLY P 74 1.56 -84.06 70.50
N PHE P 75 1.16 -85.04 71.31
CA PHE P 75 1.44 -86.42 71.00
C PHE P 75 0.51 -86.91 69.90
N SER P 76 1.07 -87.73 69.00
CA SER P 76 0.33 -88.17 67.84
C SER P 76 -0.72 -89.20 68.22
N LEU P 77 -1.68 -89.40 67.31
CA LEU P 77 -2.74 -90.35 67.53
C LEU P 77 -2.20 -91.77 67.66
N GLU P 78 -1.20 -92.10 66.86
CA GLU P 78 -0.60 -93.44 66.94
C GLU P 78 0.13 -93.62 68.26
N GLU P 79 0.84 -92.59 68.71
CA GLU P 79 1.49 -92.64 70.01
C GLU P 79 0.48 -92.89 71.11
N LEU P 80 -0.64 -92.16 71.09
CA LEU P 80 -1.69 -92.39 72.07
C LEU P 80 -2.27 -93.79 71.96
N ARG P 81 -2.49 -94.28 70.75
CA ARG P 81 -3.08 -95.59 70.54
C ARG P 81 -2.22 -96.68 71.16
N VAL P 82 -0.93 -96.69 70.85
CA VAL P 82 -0.07 -97.73 71.36
C VAL P 82 0.28 -97.50 72.83
N ALA P 83 0.14 -96.27 73.32
CA ALA P 83 0.29 -96.04 74.74
C ALA P 83 -0.95 -96.44 75.53
N GLY P 84 -2.07 -96.67 74.86
CA GLY P 84 -3.27 -97.12 75.56
C GLY P 84 -4.06 -96.02 76.21
N ILE P 85 -4.04 -94.83 75.63
CA ILE P 85 -4.75 -93.68 76.17
C ILE P 85 -5.79 -93.26 75.15
N HIS P 86 -7.02 -93.04 75.61
CA HIS P 86 -8.05 -92.51 74.73
C HIS P 86 -7.72 -91.06 74.37
N LYS P 87 -7.93 -90.72 73.10
CA LYS P 87 -7.56 -89.40 72.61
C LYS P 87 -8.45 -88.31 73.18
N LYS P 88 -9.60 -88.65 73.73
CA LYS P 88 -10.44 -87.67 74.39
C LYS P 88 -10.22 -87.61 75.90
N VAL P 89 -9.39 -88.50 76.43
CA VAL P 89 -9.04 -88.48 77.85
C VAL P 89 -7.64 -87.92 78.07
N ALA P 90 -6.77 -88.01 77.06
CA ALA P 90 -5.41 -87.50 77.21
C ALA P 90 -5.40 -86.02 77.52
N ARG P 91 -6.20 -85.24 76.81
CA ARG P 91 -6.22 -83.80 77.06
C ARG P 91 -6.74 -83.47 78.45
N THR P 92 -7.72 -84.21 78.94
CA THR P 92 -8.23 -83.95 80.28
C THR P 92 -7.21 -84.30 81.34
N ILE P 93 -6.44 -85.37 81.14
CA ILE P 93 -5.41 -85.72 82.11
C ILE P 93 -4.14 -84.92 81.89
N GLY P 94 -4.10 -84.06 80.88
CA GLY P 94 -3.01 -83.11 80.79
C GLY P 94 -1.94 -83.49 79.81
N ILE P 95 -2.36 -83.98 78.66
CA ILE P 95 -1.45 -84.38 77.59
C ILE P 95 -1.87 -83.63 76.34
N SER P 96 -0.95 -82.84 75.80
CA SER P 96 -1.22 -82.17 74.53
C SER P 96 -1.32 -83.22 73.43
N VAL P 97 -2.28 -83.02 72.53
CA VAL P 97 -2.52 -83.92 71.42
C VAL P 97 -2.39 -83.13 70.13
N ASP P 98 -1.69 -83.70 69.15
CA ASP P 98 -1.50 -83.09 67.83
C ASP P 98 -2.05 -84.04 66.80
N PRO P 99 -3.34 -83.95 66.47
CA PRO P 99 -3.93 -84.94 65.56
C PRO P 99 -3.34 -84.91 64.18
N ARG P 100 -2.88 -83.75 63.71
CA ARG P 100 -2.42 -83.59 62.34
C ARG P 100 -0.94 -83.92 62.17
N ARG P 101 -0.35 -84.68 63.08
CA ARG P 101 1.04 -85.10 62.97
C ARG P 101 1.10 -86.61 62.79
N ARG P 102 1.70 -87.07 61.70
CA ARG P 102 1.87 -88.48 61.44
C ARG P 102 3.32 -88.87 61.66
N ASN P 103 3.53 -90.12 62.07
CA ASN P 103 4.87 -90.63 62.35
C ASN P 103 5.45 -91.26 61.11
N LYS P 104 6.75 -91.08 60.92
CA LYS P 104 7.45 -91.67 59.79
C LYS P 104 8.56 -92.62 60.19
N SER P 105 9.01 -92.58 61.44
CA SER P 105 10.11 -93.42 61.88
C SER P 105 9.75 -94.07 63.22
N THR P 106 9.92 -95.38 63.28
CA THR P 106 9.62 -96.10 64.50
C THR P 106 10.52 -95.68 65.66
N GLU P 107 11.71 -95.15 65.37
CA GLU P 107 12.57 -94.68 66.45
C GLU P 107 11.94 -93.50 67.19
N SER P 108 11.49 -92.49 66.44
CA SER P 108 10.79 -91.37 67.06
C SER P 108 9.48 -91.81 67.69
N LEU P 109 8.77 -92.73 67.05
CA LEU P 109 7.54 -93.26 67.63
C LEU P 109 7.81 -93.89 68.99
N GLN P 110 8.85 -94.72 69.10
CA GLN P 110 9.16 -95.35 70.36
C GLN P 110 9.61 -94.35 71.41
N ALA P 111 10.38 -93.35 71.01
CA ALA P 111 10.78 -92.33 71.96
C ALA P 111 9.56 -91.65 72.57
N ASN P 112 8.60 -91.27 71.73
CA ASN P 112 7.41 -90.60 72.24
C ASN P 112 6.57 -91.51 73.11
N VAL P 113 6.41 -92.78 72.74
CA VAL P 113 5.54 -93.64 73.53
C VAL P 113 6.19 -94.00 74.87
N GLN P 114 7.51 -94.14 74.90
CA GLN P 114 8.17 -94.32 76.19
C GLN P 114 8.02 -93.07 77.05
N ARG P 115 8.05 -91.89 76.42
CA ARG P 115 7.77 -90.67 77.16
C ARG P 115 6.37 -90.69 77.75
N LEU P 116 5.39 -91.16 76.98
CA LEU P 116 4.02 -91.21 77.47
C LEU P 116 3.87 -92.18 78.64
N LYS P 117 4.51 -93.34 78.54
CA LYS P 117 4.46 -94.28 79.66
C LYS P 117 5.12 -93.68 80.90
N GLU P 118 6.23 -92.97 80.71
CA GLU P 118 6.90 -92.34 81.85
C GLU P 118 6.02 -91.28 82.49
N TYR P 119 5.33 -90.48 81.68
CA TYR P 119 4.43 -89.48 82.23
C TYR P 119 3.28 -90.14 82.98
N ARG P 120 2.73 -91.21 82.42
CA ARG P 120 1.64 -91.90 83.10
C ARG P 120 2.10 -92.50 84.42
N SER P 121 3.35 -92.96 84.49
CA SER P 121 3.85 -93.45 85.76
C SER P 121 4.13 -92.32 86.74
N LYS P 122 4.41 -91.12 86.24
CA LYS P 122 4.66 -89.98 87.09
C LYS P 122 3.40 -89.22 87.49
N LEU P 123 2.25 -89.59 86.95
CA LEU P 123 1.02 -88.83 87.17
C LEU P 123 0.37 -89.16 88.51
N ILE P 124 -0.12 -88.14 89.19
CA ILE P 124 -0.92 -88.27 90.41
C ILE P 124 -2.34 -87.83 90.07
N LEU P 125 -3.30 -88.71 90.27
CA LEU P 125 -4.68 -88.46 89.85
C LEU P 125 -5.58 -88.31 91.07
N PHE P 126 -6.03 -87.10 91.32
CA PHE P 126 -7.00 -86.87 92.39
C PHE P 126 -8.33 -87.51 92.02
N PRO P 127 -9.02 -88.12 92.97
CA PRO P 127 -10.36 -88.64 92.69
C PRO P 127 -11.34 -87.51 92.42
N ARG P 128 -12.32 -87.82 91.57
CA ARG P 128 -13.31 -86.81 91.21
C ARG P 128 -14.15 -86.42 92.41
N LYS P 129 -14.71 -87.40 93.11
CA LYS P 129 -15.32 -87.15 94.41
C LYS P 129 -14.24 -87.30 95.48
N PRO P 130 -13.91 -86.25 96.22
CA PRO P 130 -12.87 -86.40 97.25
C PRO P 130 -13.20 -87.43 98.31
N SER P 131 -14.48 -87.60 98.62
CA SER P 131 -14.85 -88.59 99.63
C SER P 131 -14.74 -90.01 99.07
N ALA P 132 -15.21 -90.23 97.85
CA ALA P 132 -15.29 -91.58 97.28
C ALA P 132 -14.37 -91.70 96.08
N PRO P 133 -13.17 -92.26 96.25
CA PRO P 133 -12.30 -92.51 95.10
C PRO P 133 -12.58 -93.83 94.44
N LYS P 134 -12.68 -93.85 93.10
CA LYS P 134 -12.99 -95.08 92.40
C LYS P 134 -11.73 -95.85 92.02
N LYS P 135 -10.89 -95.27 91.16
CA LYS P 135 -9.68 -95.94 90.74
C LYS P 135 -8.51 -94.96 90.59
N GLY P 136 -8.60 -93.77 91.17
CA GLY P 136 -7.64 -92.73 90.86
C GLY P 136 -6.26 -92.98 91.41
N ASP P 137 -6.09 -92.86 92.73
CA ASP P 137 -4.77 -92.90 93.32
C ASP P 137 -4.92 -93.08 94.81
N SER P 138 -3.80 -93.25 95.50
CA SER P 138 -3.84 -93.57 96.92
C SER P 138 -3.90 -92.31 97.76
N SER P 139 -4.56 -92.45 98.92
CA SER P 139 -4.66 -91.34 99.86
C SER P 139 -3.29 -90.90 100.34
N ALA P 140 -2.41 -91.86 100.65
CA ALA P 140 -1.04 -91.52 101.01
C ALA P 140 -0.29 -90.93 99.83
N GLU P 141 -0.65 -91.32 98.61
CA GLU P 141 0.00 -90.82 97.42
C GLU P 141 -0.35 -89.37 97.13
N GLU P 142 -1.55 -88.93 97.52
CA GLU P 142 -2.01 -87.61 97.12
C GLU P 142 -2.27 -86.66 98.28
N LEU P 143 -2.17 -87.11 99.53
CA LEU P 143 -2.46 -86.25 100.66
C LEU P 143 -1.47 -85.09 100.74
N LYS P 144 -0.19 -85.37 100.49
CA LYS P 144 0.79 -84.30 100.42
C LYS P 144 1.73 -84.39 99.24
N LEU P 145 1.83 -85.54 98.57
CA LEU P 145 2.85 -85.72 97.55
C LEU P 145 2.51 -85.04 96.23
N ALA P 146 1.29 -84.55 96.07
CA ALA P 146 0.90 -83.85 94.86
C ALA P 146 1.14 -82.36 95.07
N THR P 147 2.12 -81.81 94.35
CA THR P 147 2.44 -80.40 94.45
C THR P 147 2.74 -79.87 93.05
N GLN P 148 2.63 -78.55 92.91
CA GLN P 148 2.77 -77.92 91.60
C GLN P 148 4.19 -78.05 91.09
N LEU P 149 4.30 -78.24 89.77
CA LEU P 149 5.59 -78.37 89.11
C LEU P 149 5.89 -77.12 88.30
N THR P 150 7.12 -76.66 88.39
CA THR P 150 7.59 -75.51 87.61
C THR P 150 8.35 -75.99 86.38
N GLY P 151 8.31 -75.18 85.33
CA GLY P 151 9.04 -75.47 84.12
C GLY P 151 8.38 -76.55 83.31
N PRO P 152 9.01 -76.94 82.21
CA PRO P 152 8.41 -77.95 81.33
C PRO P 152 8.29 -79.30 82.01
N VAL P 153 7.25 -80.04 81.63
CA VAL P 153 7.02 -81.36 82.18
C VAL P 153 7.94 -82.35 81.49
N MET P 154 8.84 -82.97 82.27
CA MET P 154 9.83 -83.91 81.77
C MET P 154 10.59 -83.30 80.61
N PRO P 155 11.46 -82.33 80.87
CA PRO P 155 11.98 -81.48 79.79
C PRO P 155 12.79 -82.25 78.77
N VAL P 156 12.82 -81.72 77.55
CA VAL P 156 13.55 -82.33 76.46
C VAL P 156 15.02 -81.98 76.59
N ARG P 157 15.87 -83.00 76.65
CA ARG P 157 17.31 -82.83 76.75
C ARG P 157 17.99 -83.43 75.53
N ASN P 158 18.84 -82.65 74.88
CA ASN P 158 19.63 -83.16 73.77
C ASN P 158 20.69 -84.09 74.33
N VAL P 159 20.44 -85.39 74.24
CA VAL P 159 21.37 -86.38 74.75
C VAL P 159 22.31 -86.81 73.62
N TYR P 160 23.60 -86.83 73.92
CA TYR P 160 24.61 -87.25 72.96
C TYR P 160 25.16 -88.60 73.38
N LYS P 161 25.26 -89.51 72.41
CA LYS P 161 25.82 -90.83 72.66
C LYS P 161 27.32 -90.73 72.54
N LYS P 162 28.01 -90.75 73.68
CA LYS P 162 29.47 -90.67 73.67
C LYS P 162 30.05 -91.98 73.18
N GLU P 163 30.85 -91.92 72.12
CA GLU P 163 31.45 -93.12 71.55
C GLU P 163 32.81 -93.37 72.19
N LYS P 164 33.00 -94.57 72.72
CA LYS P 164 34.27 -94.94 73.34
C LYS P 164 35.36 -95.06 72.28
N ALA P 165 36.58 -94.67 72.66
CA ALA P 165 37.70 -94.74 71.73
C ALA P 165 37.99 -96.18 71.36
N ARG P 166 38.51 -96.37 70.16
CA ARG P 166 38.81 -97.71 69.69
C ARG P 166 39.98 -97.64 68.73
N VAL P 167 40.64 -98.77 68.56
CA VAL P 167 41.75 -98.87 67.62
C VAL P 167 41.19 -98.94 66.21
N ILE P 168 41.75 -98.12 65.32
CA ILE P 168 41.24 -97.98 63.96
C ILE P 168 41.54 -99.26 63.18
N THR P 169 40.65 -99.61 62.25
CA THR P 169 40.85 -100.82 61.48
C THR P 169 41.43 -100.50 60.10
N GLU P 170 41.92 -101.56 59.45
CA GLU P 170 42.56 -101.40 58.14
C GLU P 170 41.58 -100.86 57.12
N GLU P 171 40.37 -101.42 57.06
CA GLU P 171 39.37 -100.92 56.13
C GLU P 171 38.96 -99.49 56.47
N GLU P 172 38.94 -99.16 57.76
CA GLU P 172 38.62 -97.79 58.16
C GLU P 172 39.65 -96.81 57.62
N LYS P 173 40.93 -97.17 57.68
CA LYS P 173 41.94 -96.28 57.12
C LYS P 173 42.10 -96.46 55.61
N ASN P 174 41.47 -97.47 55.02
CA ASN P 174 41.46 -97.65 53.58
C ASN P 174 40.26 -96.99 52.92
N PHE P 175 39.30 -96.51 53.71
CA PHE P 175 38.16 -95.79 53.15
C PHE P 175 38.60 -94.43 52.61
N LYS P 176 38.16 -94.10 51.41
CA LYS P 176 38.49 -92.84 50.77
C LYS P 176 37.26 -91.94 50.79
N ALA P 177 37.15 -91.14 51.84
CA ALA P 177 35.94 -90.35 52.07
C ALA P 177 35.72 -89.33 50.96
N PHE P 178 36.77 -88.61 50.57
CA PHE P 178 36.60 -87.58 49.55
C PHE P 178 36.24 -88.19 48.20
N ALA P 179 36.94 -89.25 47.80
CA ALA P 179 36.66 -89.88 46.52
C ALA P 179 35.26 -90.44 46.51
N SER P 180 34.83 -91.07 47.60
CA SER P 180 33.49 -91.61 47.65
C SER P 180 32.44 -90.50 47.64
N LEU P 181 32.72 -89.36 48.27
CA LEU P 181 31.78 -88.24 48.22
C LEU P 181 31.63 -87.72 46.80
N ARG P 182 32.75 -87.52 46.11
CA ARG P 182 32.69 -87.05 44.74
C ARG P 182 31.98 -88.06 43.84
N MET P 183 32.26 -89.35 44.03
CA MET P 183 31.64 -90.36 43.20
C MET P 183 30.15 -90.51 43.50
N ALA P 184 29.74 -90.36 44.76
CA ALA P 184 28.32 -90.38 45.07
C ALA P 184 27.60 -89.20 44.44
N ARG P 185 28.22 -88.02 44.49
CA ARG P 185 27.64 -86.86 43.81
C ARG P 185 27.51 -87.12 42.32
N ALA P 186 28.55 -87.72 41.72
CA ALA P 186 28.50 -88.02 40.29
C ALA P 186 27.39 -89.01 39.95
N ASN P 187 27.23 -90.04 40.76
CA ASN P 187 26.19 -91.03 40.53
C ASN P 187 24.81 -90.39 40.64
N ALA P 188 24.61 -89.55 41.65
CA ALA P 188 23.34 -88.85 41.77
C ALA P 188 23.10 -87.94 40.58
N ARG P 189 24.14 -87.26 40.10
CA ARG P 189 23.97 -86.34 38.98
C ARG P 189 23.67 -87.07 37.68
N LEU P 190 24.25 -88.25 37.48
CA LEU P 190 24.14 -88.94 36.20
C LEU P 190 23.22 -90.14 36.23
N PHE P 191 22.44 -90.31 37.30
CA PHE P 191 21.61 -91.51 37.41
C PHE P 191 20.56 -91.60 36.31
N GLY P 192 19.80 -90.52 36.09
CA GLY P 192 18.74 -90.58 35.11
C GLY P 192 19.24 -90.69 33.68
N ILE P 193 20.28 -89.92 33.35
CA ILE P 193 20.79 -89.95 31.99
C ILE P 193 21.45 -91.28 31.68
N ARG P 194 22.07 -91.92 32.68
CA ARG P 194 22.63 -93.25 32.46
C ARG P 194 21.54 -94.27 32.16
N ALA P 195 20.42 -94.19 32.88
CA ALA P 195 19.30 -95.09 32.61
C ALA P 195 18.76 -94.87 31.21
N LYS P 196 18.58 -93.62 30.80
CA LYS P 196 18.07 -93.36 29.45
C LYS P 196 19.03 -93.86 28.39
N ARG P 197 20.34 -93.61 28.57
CA ARG P 197 21.32 -94.07 27.59
C ARG P 197 21.33 -95.58 27.48
N ALA P 198 21.29 -96.28 28.62
CA ALA P 198 21.29 -97.74 28.59
C ALA P 198 20.03 -98.28 27.92
N LYS P 199 18.88 -97.69 28.24
CA LYS P 199 17.64 -98.15 27.64
C LYS P 199 17.65 -97.95 26.13
N GLU P 200 18.14 -96.79 25.68
CA GLU P 200 18.15 -96.51 24.25
C GLU P 200 19.17 -97.38 23.52
N ALA P 201 20.31 -97.67 24.14
CA ALA P 201 21.28 -98.57 23.52
C ALA P 201 20.70 -99.98 23.38
N ALA P 202 20.00 -100.46 24.42
CA ALA P 202 19.36 -101.76 24.32
C ALA P 202 18.31 -101.79 23.22
N GLU P 203 17.51 -100.72 23.14
CA GLU P 203 16.52 -100.62 22.07
C GLU P 203 17.20 -100.60 20.70
N GLN P 204 18.32 -99.88 20.59
CA GLN P 204 19.04 -99.81 19.32
C GLN P 204 19.50 -101.20 18.89
N ASP P 205 20.11 -101.95 19.81
CA ASP P 205 20.59 -103.28 19.46
C ASP P 205 19.45 -104.21 19.05
N VAL P 206 18.36 -104.23 19.82
CA VAL P 206 17.29 -105.18 19.51
C VAL P 206 16.57 -104.79 18.22
N GLU P 207 16.37 -103.49 17.97
CA GLU P 207 15.67 -103.09 16.75
C GLU P 207 16.56 -103.21 15.52
N LYS P 208 17.87 -103.05 15.66
CA LYS P 208 18.75 -103.39 14.55
C LYS P 208 18.74 -104.89 14.30
N LYS P 209 18.64 -105.69 15.37
CA LYS P 209 18.51 -107.13 15.21
C LYS P 209 17.19 -107.51 14.54
N LYS P 210 16.15 -106.70 14.71
CA LYS P 210 14.88 -106.94 14.03
C LYS P 210 14.96 -106.70 12.52
N VAL Q 1 82.93 52.47 41.41
CA VAL Q 1 82.44 52.50 42.78
C VAL Q 1 83.18 51.45 43.60
N PHE Q 2 83.78 50.49 42.91
CA PHE Q 2 84.47 49.40 43.58
C PHE Q 2 85.88 49.81 43.98
N ARG Q 3 86.27 49.46 45.21
CA ARG Q 3 87.59 49.79 45.71
C ARG Q 3 88.45 48.57 45.99
N ARG Q 4 87.86 47.42 46.25
CA ARG Q 4 88.60 46.19 46.49
C ARG Q 4 88.40 45.25 45.32
N PHE Q 5 89.49 44.70 44.81
CA PHE Q 5 89.47 43.89 43.60
C PHE Q 5 90.27 42.63 43.82
N VAL Q 6 89.68 41.49 43.46
CA VAL Q 6 90.42 40.25 43.39
C VAL Q 6 91.48 40.39 42.32
N GLU Q 7 92.73 40.12 42.67
CA GLU Q 7 93.84 40.19 41.74
C GLU Q 7 95.02 39.47 42.37
N VAL Q 8 96.09 39.34 41.59
CA VAL Q 8 97.27 38.64 42.07
C VAL Q 8 97.96 39.53 43.11
N GLY Q 9 97.99 39.07 44.35
CA GLY Q 9 98.63 39.79 45.43
C GLY Q 9 97.68 40.33 46.47
N ARG Q 10 96.40 40.42 46.17
CA ARG Q 10 95.43 40.93 47.13
C ARG Q 10 95.39 40.06 48.37
N VAL Q 11 95.43 40.69 49.53
CA VAL Q 11 95.33 39.98 50.79
C VAL Q 11 93.86 39.80 51.14
N ALA Q 12 93.45 38.56 51.34
CA ALA Q 12 92.08 38.23 51.72
C ALA Q 12 92.06 37.70 53.15
N TYR Q 13 90.94 37.89 53.80
CA TYR Q 13 90.73 37.44 55.17
C TYR Q 13 89.67 36.35 55.15
N VAL Q 14 90.02 35.15 55.61
CA VAL Q 14 89.08 34.03 55.55
C VAL Q 14 88.09 34.15 56.70
N SER Q 15 86.81 34.06 56.39
CA SER Q 15 85.75 34.21 57.39
C SER Q 15 85.26 32.89 57.94
N PHE Q 16 85.11 31.86 57.11
CA PHE Q 16 84.67 30.55 57.57
C PHE Q 16 85.48 29.47 56.89
N GLY Q 17 85.22 28.23 57.28
CA GLY Q 17 85.95 27.11 56.75
C GLY Q 17 87.03 26.64 57.69
N PRO Q 18 87.78 25.61 57.29
CA PRO Q 18 88.87 25.12 58.16
C PRO Q 18 89.97 26.13 58.38
N HIS Q 19 90.12 27.13 57.50
CA HIS Q 19 91.15 28.14 57.64
C HIS Q 19 90.57 29.48 58.10
N ALA Q 20 89.48 29.44 58.85
CA ALA Q 20 88.79 30.67 59.23
C ALA Q 20 89.64 31.50 60.17
N GLY Q 21 89.56 32.81 60.00
CA GLY Q 21 90.25 33.75 60.85
C GLY Q 21 91.66 34.09 60.45
N LYS Q 22 92.15 33.54 59.36
CA LYS Q 22 93.52 33.77 58.93
C LYS Q 22 93.56 34.63 57.67
N LEU Q 23 94.66 35.35 57.52
CA LEU Q 23 94.91 36.10 56.30
C LEU Q 23 95.61 35.21 55.28
N VAL Q 24 95.38 35.51 54.02
CA VAL Q 24 95.96 34.76 52.91
C VAL Q 24 96.21 35.73 51.76
N ALA Q 25 96.96 35.27 50.77
CA ALA Q 25 97.26 36.06 49.59
C ALA Q 25 96.73 35.35 48.36
N ILE Q 26 96.05 36.09 47.50
CA ILE Q 26 95.52 35.51 46.28
C ILE Q 26 96.66 35.33 45.29
N VAL Q 27 96.94 34.09 44.92
CA VAL Q 27 98.02 33.80 43.99
C VAL Q 27 97.51 33.69 42.56
N ASP Q 28 96.39 33.00 42.34
CA ASP Q 28 95.88 32.80 40.99
C ASP Q 28 94.36 32.66 41.04
N VAL Q 29 93.73 32.74 39.88
CA VAL Q 29 92.27 32.79 39.78
C VAL Q 29 91.79 31.70 38.84
N ILE Q 30 90.74 30.98 39.24
CA ILE Q 30 90.14 29.95 38.40
C ILE Q 30 88.62 30.04 38.47
N ASP Q 31 88.00 30.02 37.29
CA ASP Q 31 86.58 29.69 37.05
C ASP Q 31 85.60 30.53 37.85
N GLN Q 32 85.97 31.76 38.20
CA GLN Q 32 85.07 32.77 38.77
C GLN Q 32 84.66 32.40 40.19
N ASN Q 33 85.00 31.21 40.62
CA ASN Q 33 84.54 30.71 41.90
C ASN Q 33 85.67 30.35 42.84
N ARG Q 34 86.86 30.08 42.33
CA ARG Q 34 87.94 29.63 43.20
C ARG Q 34 89.22 30.39 42.88
N ALA Q 35 90.12 30.38 43.85
CA ALA Q 35 91.40 31.05 43.68
C ALA Q 35 92.48 30.19 44.30
N LEU Q 36 93.57 30.05 43.57
CA LEU Q 36 94.78 29.47 44.15
C LEU Q 36 95.31 30.45 45.17
N VAL Q 37 95.31 30.05 46.43
CA VAL Q 37 95.49 30.92 47.57
C VAL Q 37 96.57 30.32 48.46
N ASP Q 38 97.50 31.14 48.91
CA ASP Q 38 98.65 30.63 49.65
C ASP Q 38 99.14 31.70 50.62
N GLY Q 39 98.84 31.52 51.90
CA GLY Q 39 99.37 32.41 52.92
C GLY Q 39 100.44 31.75 53.75
N PRO Q 40 101.71 32.04 53.45
CA PRO Q 40 102.79 31.32 54.11
C PRO Q 40 103.02 31.77 55.54
N CYS Q 41 103.09 33.07 55.79
CA CYS Q 41 103.39 33.56 57.12
C CYS Q 41 102.22 33.42 58.08
N THR Q 42 101.03 33.11 57.57
CA THR Q 42 99.82 33.06 58.38
C THR Q 42 99.33 31.63 58.55
N GLN Q 43 100.18 30.65 58.22
CA GLN Q 43 99.89 29.23 58.41
C GLN Q 43 98.68 28.80 57.58
N VAL Q 44 98.78 29.01 56.28
CA VAL Q 44 97.85 28.46 55.30
C VAL Q 44 98.67 28.00 54.10
N ARG Q 45 98.81 26.69 53.94
CA ARG Q 45 99.57 26.23 52.80
C ARG Q 45 98.75 26.36 51.53
N ARG Q 46 99.44 26.32 50.39
CA ARG Q 46 98.84 26.65 49.11
C ARG Q 46 97.73 25.68 48.76
N GLN Q 47 96.59 26.21 48.36
CA GLN Q 47 95.43 25.38 48.04
C GLN Q 47 94.40 26.25 47.33
N ALA Q 48 93.43 25.59 46.71
CA ALA Q 48 92.31 26.32 46.13
C ALA Q 48 91.34 26.75 47.22
N MET Q 49 90.67 27.85 46.97
CA MET Q 49 89.74 28.37 47.98
C MET Q 49 88.61 29.12 47.31
N PRO Q 50 87.37 28.91 47.72
CA PRO Q 50 86.25 29.64 47.11
C PRO Q 50 86.27 31.11 47.47
N PHE Q 51 85.71 31.92 46.58
CA PHE Q 51 85.62 33.35 46.81
C PHE Q 51 84.62 33.69 47.91
N LYS Q 52 83.69 32.78 48.21
CA LYS Q 52 82.65 33.09 49.17
C LYS Q 52 83.18 33.24 50.58
N CYS Q 53 84.26 32.54 50.92
CA CYS Q 53 84.83 32.62 52.26
C CYS Q 53 85.91 33.69 52.36
N MET Q 54 86.15 34.43 51.30
CA MET Q 54 87.14 35.50 51.30
C MET Q 54 86.48 36.84 51.59
N GLN Q 55 87.20 37.69 52.31
CA GLN Q 55 86.81 39.07 52.53
C GLN Q 55 88.05 39.90 52.26
N LEU Q 56 88.09 40.57 51.11
CA LEU Q 56 89.29 41.27 50.70
C LEU Q 56 89.61 42.41 51.66
N THR Q 57 90.89 42.55 51.98
CA THR Q 57 91.39 43.67 52.74
C THR Q 57 91.95 44.71 51.80
N ASP Q 58 92.56 45.74 52.35
CA ASP Q 58 93.04 46.87 51.57
C ASP Q 58 94.52 46.74 51.23
N PHE Q 59 95.13 45.58 51.48
CA PHE Q 59 96.53 45.36 51.20
C PHE Q 59 96.68 44.61 49.88
N ILE Q 60 97.60 45.06 49.05
CA ILE Q 60 97.97 44.38 47.82
C ILE Q 60 99.46 44.10 47.87
N LEU Q 61 99.83 42.87 47.60
CA LEU Q 61 101.24 42.49 47.51
C LEU Q 61 101.67 42.42 46.05
N LYS Q 62 102.96 42.55 45.83
CA LYS Q 62 103.54 42.61 44.49
C LYS Q 62 104.35 41.35 44.25
N PHE Q 63 103.83 40.44 43.45
CA PHE Q 63 104.59 39.29 42.97
C PHE Q 63 103.95 38.78 41.69
N PRO Q 64 104.70 38.08 40.85
CA PRO Q 64 104.12 37.52 39.63
C PRO Q 64 103.10 36.44 39.95
N HIS Q 65 102.20 36.22 39.00
CA HIS Q 65 101.14 35.23 39.21
C HIS Q 65 101.73 33.82 39.21
N SER Q 66 101.23 33.00 40.14
CA SER Q 66 101.68 31.62 40.32
C SER Q 66 103.16 31.54 40.66
N ALA Q 67 103.70 32.57 41.30
CA ALA Q 67 105.06 32.48 41.81
C ALA Q 67 105.11 31.48 42.97
N HIS Q 68 106.31 31.08 43.34
CA HIS Q 68 106.41 30.07 44.38
C HIS Q 68 106.23 30.70 45.76
N GLN Q 69 105.97 29.82 46.73
CA GLN Q 69 105.78 30.27 48.10
C GLN Q 69 107.00 30.98 48.65
N LYS Q 70 108.19 30.69 48.13
CA LYS Q 70 109.37 31.42 48.55
C LYS Q 70 109.22 32.92 48.27
N TYR Q 71 108.84 33.27 47.05
CA TYR Q 71 108.66 34.68 46.71
C TYR Q 71 107.43 35.26 47.40
N VAL Q 72 106.38 34.47 47.57
CA VAL Q 72 105.21 34.99 48.29
C VAL Q 72 105.59 35.37 49.71
N ARG Q 73 106.34 34.50 50.40
CA ARG Q 73 106.78 34.80 51.75
C ARG Q 73 107.72 35.99 51.77
N GLN Q 74 108.60 36.08 50.78
CA GLN Q 74 109.52 37.21 50.72
C GLN Q 74 108.77 38.53 50.64
N ALA Q 75 107.79 38.61 49.74
CA ALA Q 75 106.99 39.83 49.62
C ALA Q 75 106.21 40.10 50.90
N TRP Q 76 105.61 39.06 51.49
CA TRP Q 76 104.82 39.24 52.69
C TRP Q 76 105.67 39.78 53.83
N GLN Q 77 106.85 39.23 54.02
CA GLN Q 77 107.69 39.65 55.13
C GLN Q 77 108.32 41.00 54.89
N LYS Q 78 108.56 41.37 53.62
CA LYS Q 78 108.99 42.74 53.37
C LYS Q 78 107.87 43.73 53.64
N ALA Q 79 106.63 43.34 53.35
CA ALA Q 79 105.50 44.22 53.60
C ALA Q 79 105.11 44.29 55.06
N ASP Q 80 105.50 43.30 55.86
CA ASP Q 80 105.11 43.21 57.27
C ASP Q 80 103.59 43.27 57.42
N ILE Q 81 102.92 42.38 56.69
CA ILE Q 81 101.47 42.37 56.66
C ILE Q 81 100.89 42.05 58.03
N ASN Q 82 101.63 41.28 58.83
CA ASN Q 82 101.13 40.92 60.15
C ASN Q 82 100.96 42.17 61.01
N THR Q 83 101.96 43.03 61.07
CA THR Q 83 101.87 44.23 61.90
C THR Q 83 100.86 45.22 61.34
N LYS Q 84 100.81 45.39 60.02
CA LYS Q 84 99.86 46.31 59.43
C LYS Q 84 98.43 45.85 59.69
N TRP Q 85 98.17 44.56 59.52
CA TRP Q 85 96.85 44.02 59.78
C TRP Q 85 96.49 44.18 61.24
N ALA Q 86 97.45 43.93 62.14
CA ALA Q 86 97.19 44.18 63.54
C ALA Q 86 96.86 45.63 63.80
N ALA Q 87 97.49 46.55 63.07
CA ALA Q 87 97.22 47.96 63.23
C ALA Q 87 95.84 48.37 62.73
N THR Q 88 95.30 47.68 61.73
CA THR Q 88 94.02 48.11 61.18
C THR Q 88 92.88 47.91 62.17
N ARG Q 89 91.80 48.68 61.97
CA ARG Q 89 90.65 48.61 62.85
C ARG Q 89 89.86 47.32 62.69
N TRP Q 90 89.94 46.67 61.53
CA TRP Q 90 89.25 45.40 61.33
C TRP Q 90 89.75 44.35 62.32
N ALA Q 91 91.06 44.15 62.38
CA ALA Q 91 91.60 43.16 63.29
C ALA Q 91 91.42 43.58 64.74
N LYS Q 92 91.42 44.89 65.01
CA LYS Q 92 91.13 45.34 66.37
C LYS Q 92 89.72 44.93 66.78
N LYS Q 93 88.75 45.10 65.87
CA LYS Q 93 87.38 44.70 66.17
C LYS Q 93 87.29 43.21 66.39
N ILE Q 94 87.99 42.42 65.56
CA ILE Q 94 87.93 40.96 65.73
C ILE Q 94 88.54 40.55 67.06
N GLU Q 95 89.67 41.17 67.44
CA GLU Q 95 90.30 40.88 68.71
C GLU Q 95 89.38 41.24 69.87
N ALA Q 96 88.71 42.38 69.78
CA ALA Q 96 87.80 42.79 70.84
C ALA Q 96 86.61 41.85 70.94
N ARG Q 97 86.09 41.38 69.82
CA ARG Q 97 85.01 40.40 69.87
C ARG Q 97 85.47 39.12 70.55
N GLU Q 98 86.66 38.65 70.21
CA GLU Q 98 87.17 37.42 70.82
C GLU Q 98 87.35 37.58 72.32
N ARG Q 99 87.95 38.70 72.74
CA ARG Q 99 88.18 38.88 74.17
C ARG Q 99 86.91 39.22 74.91
N LYS Q 100 85.89 39.70 74.21
CA LYS Q 100 84.58 39.83 74.85
C LYS Q 100 83.95 38.48 75.07
N ALA Q 101 84.06 37.59 74.09
CA ALA Q 101 83.49 36.25 74.23
C ALA Q 101 84.18 35.47 75.34
N LYS Q 102 85.50 35.56 75.43
CA LYS Q 102 86.22 34.77 76.41
C LYS Q 102 86.10 35.29 77.84
N MET Q 103 85.26 36.30 78.07
CA MET Q 103 85.14 36.89 79.41
C MET Q 103 84.55 35.90 80.40
N THR Q 104 85.07 35.92 81.62
CA THR Q 104 84.57 35.09 82.70
C THR Q 104 83.51 35.84 83.50
N ASP Q 105 82.92 35.15 84.47
CA ASP Q 105 81.86 35.77 85.27
C ASP Q 105 82.39 36.91 86.13
N PHE Q 106 83.58 36.75 86.72
CA PHE Q 106 84.18 37.82 87.50
C PHE Q 106 84.49 39.02 86.63
N ASP Q 107 85.00 38.80 85.42
CA ASP Q 107 85.24 39.90 84.50
C ASP Q 107 83.94 40.57 84.10
N ARG Q 108 82.87 39.79 83.93
CA ARG Q 108 81.57 40.40 83.66
C ARG Q 108 81.12 41.27 84.81
N PHE Q 109 81.36 40.84 86.05
CA PHE Q 109 81.03 41.64 87.21
C PHE Q 109 81.79 42.96 87.21
N LYS Q 110 83.11 42.89 86.95
CA LYS Q 110 83.91 44.11 86.92
C LYS Q 110 83.47 45.02 85.78
N VAL Q 111 83.14 44.45 84.63
CA VAL Q 111 82.65 45.25 83.51
C VAL Q 111 81.35 45.93 83.87
N MET Q 112 80.45 45.21 84.55
CA MET Q 112 79.20 45.81 84.98
C MET Q 112 79.44 47.01 85.88
N LYS Q 113 80.33 46.86 86.88
CA LYS Q 113 80.56 47.97 87.80
C LYS Q 113 81.20 49.16 87.11
N ALA Q 114 82.23 48.90 86.29
CA ALA Q 114 82.88 49.99 85.60
C ALA Q 114 81.93 50.72 84.66
N LYS Q 115 81.12 49.96 83.92
CA LYS Q 115 80.17 50.55 82.99
C LYS Q 115 79.09 51.33 83.72
N LYS Q 116 78.64 50.83 84.87
CA LYS Q 116 77.66 51.55 85.67
C LYS Q 116 78.18 52.93 86.07
N MET Q 117 79.38 52.97 86.65
CA MET Q 117 79.92 54.25 87.08
C MET Q 117 80.21 55.17 85.90
N ARG Q 118 80.76 54.61 84.82
CA ARG Q 118 81.09 55.42 83.65
C ARG Q 118 79.84 56.04 83.04
N ASN Q 119 78.77 55.27 82.92
CA ASN Q 119 77.55 55.82 82.38
C ASN Q 119 76.95 56.86 83.31
N ARG Q 120 77.08 56.68 84.63
CA ARG Q 120 76.63 57.73 85.54
C ARG Q 120 77.35 59.05 85.27
N ILE Q 121 78.68 58.99 85.14
CA ILE Q 121 79.45 60.20 84.91
C ILE Q 121 79.06 60.85 83.59
N ILE Q 122 78.97 60.03 82.53
CA ILE Q 122 78.70 60.57 81.20
C ILE Q 122 77.31 61.18 81.14
N LYS Q 123 76.32 60.51 81.74
CA LYS Q 123 74.96 61.02 81.75
C LYS Q 123 74.87 62.34 82.51
N ASN Q 124 75.58 62.44 83.64
CA ASN Q 124 75.60 63.70 84.36
C ASN Q 124 76.21 64.81 83.53
N GLU Q 125 77.29 64.50 82.81
CA GLU Q 125 77.88 65.51 81.93
C GLU Q 125 76.93 65.91 80.82
N VAL Q 126 76.17 64.95 80.29
CA VAL Q 126 75.21 65.26 79.23
C VAL Q 126 74.14 66.20 79.77
N LYS Q 127 73.69 65.96 80.99
CA LYS Q 127 72.71 66.87 81.59
C LYS Q 127 73.29 68.27 81.74
N LYS Q 128 74.56 68.36 82.14
CA LYS Q 128 75.19 69.69 82.23
C LYS Q 128 75.22 70.38 80.87
N LEU Q 129 75.59 69.64 79.82
CA LEU Q 129 75.66 70.23 78.48
C LEU Q 129 74.29 70.67 78.00
N GLN Q 130 73.26 69.87 78.28
CA GLN Q 130 71.90 70.25 77.92
C GLN Q 130 71.48 71.52 78.65
N LYS Q 131 71.87 71.67 79.92
CA LYS Q 131 71.60 72.90 80.64
C LYS Q 131 72.27 74.08 79.96
N ALA Q 132 73.55 73.92 79.59
CA ALA Q 132 74.30 75.01 78.98
C ALA Q 132 73.68 75.44 77.66
N ALA Q 133 73.23 74.47 76.84
CA ALA Q 133 72.58 74.82 75.59
C ALA Q 133 71.13 75.24 75.78
N LEU Q 134 70.53 74.95 76.93
CA LEU Q 134 69.15 75.32 77.19
C LEU Q 134 69.03 76.74 77.73
N LEU Q 135 70.09 77.26 78.35
CA LEU Q 135 70.02 78.63 78.88
C LEU Q 135 70.22 79.68 77.81
N LYS Q 136 69.52 79.54 76.69
CA LYS Q 136 69.59 80.47 75.56
C LYS Q 136 68.18 80.95 75.27
N ALA Q 137 68.01 82.27 75.14
CA ALA Q 137 66.71 82.84 74.80
C ALA Q 137 66.95 84.16 74.04
N SER Q 138 66.95 84.06 72.71
CA SER Q 138 67.09 85.24 71.86
C SER Q 138 66.49 84.98 70.48
N PRO Q 139 65.30 85.50 70.18
CA PRO Q 139 64.67 85.31 68.86
C PRO Q 139 65.44 86.00 67.74
N GLY R 1 -31.20 -88.59 50.55
CA GLY R 1 -30.93 -89.11 49.23
C GLY R 1 -31.19 -88.11 48.13
N ALA R 2 -32.20 -87.27 48.33
CA ALA R 2 -32.63 -86.37 47.26
C ALA R 2 -31.63 -85.25 47.03
N TYR R 3 -31.01 -84.75 48.09
CA TYR R 3 -30.07 -83.66 47.96
C TYR R 3 -28.84 -84.07 47.17
N LYS R 4 -28.45 -85.34 47.24
CA LYS R 4 -27.39 -85.85 46.38
C LYS R 4 -27.71 -85.62 44.91
N TYR R 5 -28.91 -86.02 44.49
CA TYR R 5 -29.28 -85.91 43.10
C TYR R 5 -29.42 -84.46 42.68
N ILE R 6 -29.99 -83.62 43.54
CA ILE R 6 -30.13 -82.21 43.18
C ILE R 6 -28.77 -81.55 43.06
N GLN R 7 -27.85 -81.87 43.97
CA GLN R 7 -26.52 -81.30 43.92
C GLN R 7 -25.77 -81.73 42.67
N GLU R 8 -25.88 -83.00 42.29
CA GLU R 8 -25.30 -83.43 41.03
C GLU R 8 -25.97 -82.77 39.84
N LEU R 9 -27.26 -82.47 39.97
CA LEU R 9 -28.01 -81.87 38.87
C LEU R 9 -27.59 -80.43 38.61
N TRP R 10 -27.38 -79.66 39.67
CA TRP R 10 -26.97 -78.27 39.52
C TRP R 10 -25.55 -78.11 39.01
N ARG R 11 -24.78 -79.18 38.93
CA ARG R 11 -23.46 -79.11 38.34
C ARG R 11 -23.49 -79.30 36.84
N LYS R 12 -24.68 -79.45 36.26
CA LYS R 12 -24.79 -79.68 34.82
C LYS R 12 -25.58 -78.55 34.19
N LYS R 13 -25.20 -77.30 34.49
CA LYS R 13 -25.98 -76.15 34.09
C LYS R 13 -26.09 -76.00 32.58
N GLN R 14 -25.24 -76.67 31.81
CA GLN R 14 -25.30 -76.59 30.36
C GLN R 14 -26.10 -77.71 29.72
N SER R 15 -26.65 -78.62 30.53
CA SER R 15 -27.60 -79.57 29.98
C SER R 15 -28.89 -78.85 29.63
N ASP R 16 -29.72 -79.51 28.82
CA ASP R 16 -30.90 -78.83 28.29
C ASP R 16 -31.92 -78.54 29.38
N VAL R 17 -32.12 -79.47 30.32
CA VAL R 17 -33.11 -79.25 31.37
C VAL R 17 -32.73 -78.05 32.24
N MET R 18 -31.47 -77.99 32.66
CA MET R 18 -31.02 -76.88 33.49
C MET R 18 -30.94 -75.58 32.71
N ARG R 19 -30.57 -75.64 31.42
CA ARG R 19 -30.56 -74.43 30.62
C ARG R 19 -31.95 -73.85 30.47
N PHE R 20 -32.95 -74.70 30.22
CA PHE R 20 -34.31 -74.21 30.15
C PHE R 20 -34.75 -73.62 31.48
N LEU R 21 -34.49 -74.33 32.58
CA LEU R 21 -34.95 -73.85 33.86
C LEU R 21 -34.30 -72.53 34.23
N LEU R 22 -32.98 -72.40 34.02
CA LEU R 22 -32.30 -71.16 34.31
C LEU R 22 -32.75 -70.04 33.39
N ARG R 23 -33.10 -70.35 32.13
CA ARG R 23 -33.63 -69.31 31.25
C ARG R 23 -34.93 -68.74 31.78
N VAL R 24 -35.89 -69.62 32.09
CA VAL R 24 -37.18 -69.10 32.55
C VAL R 24 -37.05 -68.43 33.91
N ARG R 25 -36.18 -68.93 34.78
CA ARG R 25 -36.02 -68.30 36.08
C ARG R 25 -35.30 -66.96 35.98
N CYS R 26 -34.32 -66.85 35.09
CA CYS R 26 -33.66 -65.57 34.89
C CYS R 26 -34.63 -64.55 34.35
N TRP R 27 -35.52 -64.95 33.44
CA TRP R 27 -36.54 -64.04 32.96
C TRP R 27 -37.47 -63.62 34.09
N GLN R 28 -37.89 -64.57 34.93
CA GLN R 28 -38.79 -64.24 36.02
C GLN R 28 -38.14 -63.30 37.02
N TYR R 29 -36.88 -63.52 37.34
CA TYR R 29 -36.19 -62.61 38.25
C TYR R 29 -35.99 -61.24 37.63
N ARG R 30 -35.73 -61.19 36.32
CA ARG R 30 -35.62 -59.90 35.64
C ARG R 30 -36.91 -59.11 35.71
N GLN R 31 -38.05 -59.80 35.69
CA GLN R 31 -39.31 -59.07 35.77
C GLN R 31 -39.51 -58.37 37.10
N LEU R 32 -38.90 -58.84 38.19
CA LEU R 32 -39.17 -58.29 39.50
C LEU R 32 -38.21 -57.16 39.83
N SER R 33 -38.36 -56.60 41.03
CA SER R 33 -37.54 -55.49 41.48
C SER R 33 -36.16 -55.97 41.90
N ALA R 34 -35.26 -55.01 42.14
CA ALA R 34 -33.85 -55.32 42.34
C ALA R 34 -33.62 -56.07 43.65
N LEU R 35 -34.27 -55.62 44.72
CA LEU R 35 -34.19 -56.24 46.04
C LEU R 35 -35.57 -56.76 46.39
N HIS R 36 -35.68 -58.06 46.61
CA HIS R 36 -36.97 -58.71 46.66
C HIS R 36 -36.87 -59.84 47.68
N ARG R 37 -38.01 -60.31 48.18
CA ARG R 37 -38.00 -61.38 49.17
C ARG R 37 -38.49 -62.67 48.54
N ALA R 38 -37.68 -63.70 48.60
CA ALA R 38 -38.13 -65.01 48.18
C ALA R 38 -38.77 -65.73 49.35
N PRO R 39 -39.99 -66.24 49.20
CA PRO R 39 -40.63 -66.95 50.33
C PRO R 39 -39.86 -68.18 50.76
N ARG R 40 -39.25 -68.90 49.82
CA ARG R 40 -38.46 -70.09 50.13
C ARG R 40 -37.23 -70.08 49.23
N PRO R 41 -36.16 -70.75 49.64
CA PRO R 41 -34.96 -70.79 48.80
C PRO R 41 -35.25 -71.48 47.48
N THR R 42 -34.62 -70.98 46.42
CA THR R 42 -34.73 -71.61 45.11
C THR R 42 -33.87 -72.85 45.01
N ARG R 43 -32.69 -72.82 45.64
CA ARG R 43 -31.84 -74.00 45.73
C ARG R 43 -31.78 -74.43 47.19
N PRO R 44 -32.63 -75.36 47.64
CA PRO R 44 -32.68 -75.68 49.07
C PRO R 44 -31.48 -76.48 49.53
N ASP R 45 -30.98 -77.39 48.70
CA ASP R 45 -29.78 -78.13 49.04
C ASP R 45 -28.60 -77.18 49.24
N LYS R 46 -28.42 -76.24 48.33
CA LYS R 46 -27.34 -75.27 48.45
C LYS R 46 -27.54 -74.38 49.66
N ALA R 47 -28.79 -74.01 49.94
CA ALA R 47 -29.06 -73.18 51.11
C ALA R 47 -28.66 -73.89 52.39
N ARG R 48 -29.13 -75.13 52.58
CA ARG R 48 -28.81 -75.84 53.80
C ARG R 48 -27.35 -76.27 53.85
N ARG R 49 -26.69 -76.34 52.70
CA ARG R 49 -25.24 -76.52 52.70
C ARG R 49 -24.54 -75.27 53.20
N LEU R 50 -25.05 -74.10 52.81
CA LEU R 50 -24.44 -72.84 53.24
C LEU R 50 -24.83 -72.44 54.65
N GLY R 51 -25.83 -73.10 55.25
CA GLY R 51 -26.13 -72.84 56.64
C GLY R 51 -27.59 -72.56 56.93
N TYR R 52 -28.40 -72.54 55.89
CA TYR R 52 -29.82 -72.31 56.05
C TYR R 52 -30.48 -73.50 56.74
N LYS R 53 -31.53 -73.22 57.49
CA LYS R 53 -32.39 -74.26 58.04
C LYS R 53 -33.82 -73.81 57.89
N ALA R 54 -34.72 -74.74 57.60
CA ALA R 54 -36.11 -74.42 57.37
C ALA R 54 -36.85 -74.34 58.71
N LYS R 55 -36.54 -73.27 59.44
CA LYS R 55 -37.27 -72.94 60.65
C LYS R 55 -37.48 -71.44 60.68
N GLN R 56 -38.36 -71.00 61.58
CA GLN R 56 -38.64 -69.58 61.71
C GLN R 56 -37.38 -68.84 62.15
N GLY R 57 -37.20 -67.63 61.64
CA GLY R 57 -36.02 -66.85 61.90
C GLY R 57 -35.01 -66.83 60.78
N TYR R 58 -35.22 -67.64 59.75
CA TYR R 58 -34.40 -67.62 58.54
C TYR R 58 -35.25 -67.07 57.41
N VAL R 59 -34.72 -66.10 56.68
CA VAL R 59 -35.42 -65.54 55.53
C VAL R 59 -34.47 -65.54 54.34
N ILE R 60 -35.04 -65.50 53.15
CA ILE R 60 -34.28 -65.54 51.90
C ILE R 60 -34.63 -64.31 51.07
N TYR R 61 -33.61 -63.57 50.66
CA TYR R 61 -33.82 -62.37 49.86
C TYR R 61 -33.11 -62.51 48.53
N ARG R 62 -33.81 -62.21 47.45
CA ARG R 62 -33.22 -62.23 46.12
C ARG R 62 -32.70 -60.84 45.78
N ILE R 63 -31.44 -60.77 45.35
CA ILE R 63 -30.79 -59.52 45.01
C ILE R 63 -30.29 -59.61 43.58
N ARG R 64 -30.49 -58.53 42.83
CA ARG R 64 -30.01 -58.44 41.46
C ARG R 64 -29.03 -57.29 41.36
N VAL R 65 -27.84 -57.57 40.83
CA VAL R 65 -26.81 -56.55 40.69
C VAL R 65 -26.36 -56.48 39.25
N ARG R 66 -26.04 -55.27 38.80
CA ARG R 66 -25.54 -55.11 37.45
C ARG R 66 -24.14 -55.68 37.32
N ARG R 67 -23.80 -56.09 36.10
CA ARG R 67 -22.54 -56.76 35.85
C ARG R 67 -21.50 -55.78 35.32
N GLY R 68 -20.32 -56.30 35.01
CA GLY R 68 -19.27 -55.50 34.43
C GLY R 68 -18.32 -54.96 35.49
N GLY R 69 -17.24 -54.35 35.01
CA GLY R 69 -16.25 -53.76 35.87
C GLY R 69 -16.73 -52.44 36.45
N ARG R 70 -15.87 -51.85 37.27
CA ARG R 70 -16.18 -50.59 37.93
C ARG R 70 -15.50 -49.46 37.18
N LYS R 71 -16.30 -48.69 36.44
CA LYS R 71 -15.77 -47.50 35.78
C LYS R 71 -15.50 -46.41 36.79
N ARG R 72 -14.33 -45.76 36.70
CA ARG R 72 -13.96 -44.76 37.68
C ARG R 72 -14.84 -43.51 37.52
N PRO R 73 -15.46 -43.04 38.58
CA PRO R 73 -16.43 -41.93 38.49
C PRO R 73 -15.80 -40.53 38.46
N VAL R 74 -15.33 -40.14 37.27
CA VAL R 74 -14.71 -38.83 37.12
C VAL R 74 -15.42 -38.06 36.03
N PRO R 75 -15.58 -36.75 36.16
CA PRO R 75 -16.31 -35.99 35.14
C PRO R 75 -15.53 -35.95 33.83
N LYS R 76 -16.20 -36.30 32.75
CA LYS R 76 -15.64 -36.29 31.39
C LYS R 76 -14.41 -37.17 31.26
N GLY R 77 -14.22 -38.12 32.17
CA GLY R 77 -13.07 -39.00 32.11
C GLY R 77 -11.74 -38.31 32.31
N ALA R 78 -11.66 -37.37 33.24
CA ALA R 78 -10.44 -36.63 33.51
C ALA R 78 -9.96 -37.00 34.91
N THR R 79 -8.81 -37.67 34.98
CA THR R 79 -8.13 -37.95 36.24
C THR R 79 -6.85 -37.12 36.22
N TYR R 80 -6.90 -35.96 36.85
CA TYR R 80 -5.80 -35.00 36.78
C TYR R 80 -4.61 -35.56 37.55
N GLY R 81 -3.61 -36.03 36.82
CA GLY R 81 -2.45 -36.61 37.47
C GLY R 81 -1.58 -37.32 36.46
N LYS R 82 -0.69 -38.17 36.97
CA LYS R 82 0.23 -38.89 36.13
C LYS R 82 -0.53 -39.87 35.25
N PRO R 83 0.00 -40.17 34.05
CA PRO R 83 -0.74 -41.02 33.12
C PRO R 83 -0.96 -42.44 33.60
N VAL R 84 -0.25 -42.89 34.63
CA VAL R 84 -0.49 -44.22 35.16
C VAL R 84 -1.89 -44.33 35.73
N HIS R 85 -2.41 -43.26 36.32
CA HIS R 85 -3.74 -43.25 36.88
C HIS R 85 -4.76 -42.63 35.94
N HIS R 86 -4.49 -42.66 34.64
CA HIS R 86 -5.42 -42.11 33.66
C HIS R 86 -6.51 -43.07 33.26
N GLY R 87 -6.53 -44.27 33.82
CA GLY R 87 -7.50 -45.26 33.41
C GLY R 87 -8.87 -44.93 33.94
N VAL R 88 -9.87 -45.04 33.07
CA VAL R 88 -11.27 -44.89 33.45
C VAL R 88 -12.02 -46.20 33.30
N ASN R 89 -11.98 -46.78 32.10
CA ASN R 89 -12.59 -48.08 31.86
C ASN R 89 -11.62 -49.19 32.21
N GLN R 90 -12.04 -50.43 31.99
CA GLN R 90 -11.24 -51.63 32.23
C GLN R 90 -10.75 -51.74 33.67
N LEU R 91 -11.38 -51.02 34.60
CA LEU R 91 -11.05 -51.08 36.01
C LEU R 91 -12.00 -52.05 36.70
N LYS R 92 -11.48 -52.78 37.69
CA LYS R 92 -12.25 -53.83 38.33
C LYS R 92 -12.42 -53.53 39.81
N PHE R 93 -13.66 -53.59 40.27
CA PHE R 93 -13.95 -53.45 41.69
C PHE R 93 -13.33 -54.61 42.46
N ALA R 94 -12.71 -54.31 43.59
CA ALA R 94 -11.92 -55.32 44.30
C ALA R 94 -12.79 -56.33 45.03
N ARG R 95 -14.09 -56.16 45.08
CA ARG R 95 -14.99 -57.11 45.73
C ARG R 95 -15.96 -57.68 44.70
N SER R 96 -16.29 -58.95 44.86
CA SER R 96 -17.09 -59.62 43.85
C SER R 96 -18.55 -59.18 43.92
N LEU R 97 -19.26 -59.45 42.82
CA LEU R 97 -20.67 -59.07 42.73
C LEU R 97 -21.52 -59.80 43.76
N GLN R 98 -21.14 -61.01 44.13
CA GLN R 98 -21.86 -61.72 45.18
C GLN R 98 -21.75 -60.99 46.51
N SER R 99 -20.55 -60.52 46.85
CA SER R 99 -20.40 -59.76 48.09
C SER R 99 -21.11 -58.42 48.00
N VAL R 100 -21.18 -57.83 46.82
CA VAL R 100 -21.95 -56.60 46.65
C VAL R 100 -23.43 -56.86 46.95
N ALA R 101 -23.97 -57.96 46.41
CA ALA R 101 -25.37 -58.28 46.66
C ALA R 101 -25.62 -58.53 48.15
N GLU R 102 -24.70 -59.23 48.81
CA GLU R 102 -24.84 -59.45 50.25
C GLU R 102 -24.82 -58.13 50.99
N GLU R 103 -23.93 -57.21 50.60
CA GLU R 103 -23.86 -55.91 51.24
C GLU R 103 -25.18 -55.16 51.10
N ARG R 104 -25.75 -55.17 49.90
CA ARG R 104 -26.99 -54.43 49.70
C ARG R 104 -28.15 -55.05 50.48
N ALA R 105 -28.22 -56.38 50.54
CA ALA R 105 -29.27 -57.02 51.33
C ALA R 105 -29.13 -56.68 52.81
N GLY R 106 -27.91 -56.73 53.34
CA GLY R 106 -27.73 -56.41 54.75
C GLY R 106 -27.99 -54.95 55.05
N ARG R 107 -27.56 -54.06 54.17
CA ARG R 107 -27.77 -52.63 54.36
C ARG R 107 -29.25 -52.28 54.36
N HIS R 108 -30.02 -52.90 53.45
CA HIS R 108 -31.45 -52.68 53.50
C HIS R 108 -32.07 -53.29 54.74
N CYS R 109 -31.79 -54.56 55.01
CA CYS R 109 -32.35 -55.26 56.15
C CYS R 109 -31.33 -55.28 57.28
N GLY R 110 -30.98 -54.09 57.74
CA GLY R 110 -30.05 -53.95 58.85
C GLY R 110 -30.47 -54.64 60.13
N ALA R 111 -31.77 -54.87 60.32
CA ALA R 111 -32.22 -55.60 61.49
C ALA R 111 -31.86 -57.08 61.45
N LEU R 112 -31.36 -57.58 60.33
CA LEU R 112 -31.06 -58.99 60.15
C LEU R 112 -29.56 -59.18 59.98
N ARG R 113 -29.12 -60.43 60.07
CA ARG R 113 -27.71 -60.78 59.95
C ARG R 113 -27.51 -61.65 58.72
N VAL R 114 -26.62 -61.23 57.83
CA VAL R 114 -26.35 -62.01 56.63
C VAL R 114 -25.50 -63.21 56.99
N LEU R 115 -25.92 -64.40 56.53
CA LEU R 115 -25.15 -65.61 56.79
C LEU R 115 -24.31 -66.02 55.58
N ASN R 116 -24.93 -66.20 54.43
CA ASN R 116 -24.23 -66.60 53.22
C ASN R 116 -25.12 -66.25 52.03
N SER R 117 -24.67 -66.62 50.84
CA SER R 117 -25.47 -66.38 49.65
C SER R 117 -25.04 -67.34 48.56
N TYR R 118 -25.85 -67.43 47.51
CA TYR R 118 -25.55 -68.35 46.43
C TYR R 118 -26.13 -67.84 45.13
N TRP R 119 -25.41 -68.12 44.05
CA TRP R 119 -25.81 -67.74 42.70
C TRP R 119 -27.05 -68.49 42.28
N VAL R 120 -27.98 -67.80 41.62
CA VAL R 120 -29.20 -68.46 41.15
C VAL R 120 -29.48 -68.24 39.68
N GLY R 121 -28.77 -67.35 39.00
CA GLY R 121 -29.03 -67.12 37.59
C GLY R 121 -28.40 -65.83 37.14
N GLU R 122 -28.13 -65.70 35.85
CA GLU R 122 -27.50 -64.49 35.35
C GLU R 122 -27.83 -64.32 33.88
N ASP R 123 -27.93 -63.05 33.47
CA ASP R 123 -28.05 -62.73 32.05
C ASP R 123 -26.94 -61.74 31.71
N SER R 124 -27.02 -61.11 30.54
CA SER R 124 -25.90 -60.31 30.07
C SER R 124 -25.59 -59.14 30.98
N THR R 125 -26.61 -58.55 31.61
CA THR R 125 -26.39 -57.33 32.37
C THR R 125 -26.68 -57.47 33.86
N TYR R 126 -27.36 -58.52 34.30
CA TYR R 126 -27.68 -58.69 35.71
C TYR R 126 -27.16 -60.03 36.20
N LYS R 127 -26.86 -60.09 37.50
CA LYS R 127 -26.54 -61.31 38.21
C LYS R 127 -27.45 -61.41 39.43
N PHE R 128 -27.93 -62.61 39.69
CA PHE R 128 -28.93 -62.85 40.73
C PHE R 128 -28.34 -63.75 41.81
N PHE R 129 -28.39 -63.27 43.05
CA PHE R 129 -27.95 -64.05 44.20
C PHE R 129 -29.06 -64.11 45.23
N GLU R 130 -29.28 -65.28 45.79
CA GLU R 130 -30.19 -65.43 46.90
C GLU R 130 -29.38 -65.45 48.18
N VAL R 131 -29.78 -64.62 49.14
CA VAL R 131 -29.02 -64.33 50.33
C VAL R 131 -29.79 -64.85 51.54
N ILE R 132 -29.09 -65.55 52.42
CA ILE R 132 -29.67 -66.09 53.64
C ILE R 132 -29.51 -65.06 54.75
N LEU R 133 -30.62 -64.71 55.39
CA LEU R 133 -30.62 -63.75 56.48
C LEU R 133 -31.21 -64.42 57.71
N ILE R 134 -30.70 -64.02 58.87
CA ILE R 134 -31.14 -64.57 60.15
C ILE R 134 -31.65 -63.42 61.00
N ASP R 135 -32.82 -63.61 61.61
CA ASP R 135 -33.30 -62.66 62.59
C ASP R 135 -32.61 -62.94 63.91
N PRO R 136 -31.74 -62.04 64.39
CA PRO R 136 -31.00 -62.33 65.61
C PRO R 136 -31.84 -62.29 66.87
N PHE R 137 -33.08 -61.83 66.79
CA PHE R 137 -33.90 -61.67 67.98
C PHE R 137 -35.12 -62.59 68.00
N HIS R 138 -35.25 -63.48 67.03
CA HIS R 138 -36.28 -64.50 67.11
C HIS R 138 -35.89 -65.53 68.15
N LYS R 139 -36.88 -66.01 68.91
CA LYS R 139 -36.60 -66.96 69.96
C LYS R 139 -36.12 -68.29 69.42
N ALA R 140 -36.57 -68.69 68.24
CA ALA R 140 -36.06 -69.90 67.61
C ALA R 140 -34.57 -69.83 67.35
N ILE R 141 -34.01 -68.63 67.22
CA ILE R 141 -32.58 -68.45 67.06
C ILE R 141 -31.90 -68.30 68.41
N ARG R 142 -32.49 -67.51 69.31
CA ARG R 142 -31.80 -67.18 70.54
C ARG R 142 -31.79 -68.34 71.53
N ARG R 143 -32.82 -69.18 71.53
CA ARG R 143 -32.88 -70.30 72.46
C ARG R 143 -32.21 -71.55 71.92
N ASN R 144 -31.68 -71.50 70.70
CA ASN R 144 -31.04 -72.65 70.09
C ASN R 144 -29.54 -72.42 70.06
N PRO R 145 -28.73 -73.25 70.72
CA PRO R 145 -27.28 -73.16 70.52
C PRO R 145 -26.92 -73.53 69.09
N ASP R 146 -25.63 -73.38 68.79
CA ASP R 146 -25.03 -73.55 67.47
C ASP R 146 -25.49 -72.47 66.49
N THR R 147 -26.42 -71.62 66.88
CA THR R 147 -26.72 -70.41 66.13
C THR R 147 -26.73 -69.19 67.04
N GLN R 148 -26.44 -69.37 68.33
CA GLN R 148 -26.35 -68.24 69.24
C GLN R 148 -25.17 -67.33 68.94
N TRP R 149 -24.21 -67.80 68.15
CA TRP R 149 -23.04 -66.97 67.86
C TRP R 149 -23.40 -65.80 66.95
N ILE R 150 -24.33 -66.00 66.03
CA ILE R 150 -24.70 -64.93 65.11
C ILE R 150 -25.42 -63.80 65.83
N THR R 151 -25.91 -64.03 67.03
CA THR R 151 -26.61 -62.99 67.77
C THR R 151 -25.68 -62.13 68.60
N LYS R 152 -24.40 -62.48 68.70
CA LYS R 152 -23.46 -61.68 69.46
C LYS R 152 -23.29 -60.31 68.79
N PRO R 153 -23.06 -59.26 69.59
CA PRO R 153 -22.98 -57.92 69.00
C PRO R 153 -21.87 -57.77 67.99
N VAL R 154 -20.75 -58.48 68.17
CA VAL R 154 -19.62 -58.36 67.25
C VAL R 154 -19.92 -58.96 65.90
N HIS R 155 -21.06 -59.62 65.75
CA HIS R 155 -21.42 -60.30 64.51
C HIS R 155 -22.46 -59.54 63.72
N LYS R 156 -22.49 -58.21 63.83
CA LYS R 156 -23.50 -57.42 63.16
C LYS R 156 -22.92 -56.77 61.91
N HIS R 157 -23.68 -56.80 60.83
CA HIS R 157 -23.27 -56.25 59.55
C HIS R 157 -21.94 -56.84 59.09
N ARG R 158 -21.85 -58.18 59.15
CA ARG R 158 -20.62 -58.86 58.80
C ARG R 158 -20.24 -58.65 57.35
N GLU R 159 -21.24 -58.53 56.47
CA GLU R 159 -20.98 -58.40 55.04
C GLU R 159 -20.28 -57.09 54.72
N MET R 160 -20.61 -56.02 55.44
CA MET R 160 -19.92 -54.76 55.25
C MET R 160 -18.47 -54.82 55.70
N ARG R 161 -18.11 -55.78 56.53
CA ARG R 161 -16.74 -55.96 56.98
C ARG R 161 -16.07 -57.16 56.34
N GLY R 162 -16.75 -57.81 55.40
CA GLY R 162 -16.17 -58.93 54.68
C GLY R 162 -15.94 -60.19 55.48
N LEU R 163 -16.88 -60.55 56.34
CA LEU R 163 -16.77 -61.78 57.12
C LEU R 163 -17.55 -62.94 56.51
N THR R 164 -18.35 -62.71 55.48
CA THR R 164 -19.06 -63.80 54.84
C THR R 164 -18.11 -64.60 53.97
N SER R 165 -18.61 -65.72 53.43
CA SER R 165 -17.78 -66.51 52.53
C SER R 165 -17.44 -65.74 51.27
N ALA R 166 -18.41 -65.02 50.71
CA ALA R 166 -18.15 -64.25 49.50
C ALA R 166 -17.23 -63.07 49.78
N GLY R 167 -17.48 -62.35 50.87
CA GLY R 167 -16.64 -61.21 51.20
C GLY R 167 -15.24 -61.59 51.64
N ARG R 168 -15.05 -62.82 52.12
CA ARG R 168 -13.75 -63.23 52.59
C ARG R 168 -12.81 -63.52 51.44
N LYS R 169 -13.33 -63.96 50.30
CA LYS R 169 -12.48 -64.34 49.18
C LYS R 169 -11.65 -63.17 48.69
N SER R 170 -12.25 -61.99 48.61
CA SER R 170 -11.55 -60.83 48.09
C SER R 170 -10.40 -60.38 48.99
N ARG R 171 -10.37 -60.82 50.24
CA ARG R 171 -9.34 -60.39 51.15
C ARG R 171 -8.02 -61.13 50.98
N GLY R 172 -8.02 -62.24 50.25
CA GLY R 172 -6.80 -63.00 50.09
C GLY R 172 -6.36 -63.73 51.33
N LEU R 173 -7.30 -64.14 52.18
CA LEU R 173 -6.97 -64.85 53.41
C LEU R 173 -6.78 -66.33 53.14
N GLY R 174 -5.72 -66.89 53.71
CA GLY R 174 -5.47 -68.30 53.55
C GLY R 174 -4.09 -68.66 54.06
N LYS R 175 -3.75 -69.93 53.89
CA LYS R 175 -2.47 -70.47 54.31
C LYS R 175 -1.64 -70.80 53.08
N GLY R 176 -0.35 -70.49 53.15
CA GLY R 176 0.53 -70.88 52.08
C GLY R 176 1.48 -69.80 51.64
N HIS R 177 2.40 -70.17 50.74
CA HIS R 177 3.28 -69.17 50.15
C HIS R 177 2.52 -68.15 49.33
N LYS R 178 1.31 -68.49 48.90
CA LYS R 178 0.50 -67.57 48.10
C LYS R 178 -0.11 -66.46 48.94
N PHE R 179 -0.10 -66.56 50.26
CA PHE R 179 -0.85 -65.65 51.12
C PHE R 179 0.06 -64.99 52.12
N HIS R 180 1.15 -64.43 51.64
CA HIS R 180 2.04 -63.64 52.49
C HIS R 180 1.60 -62.20 52.62
N HIS R 181 0.51 -61.79 51.95
CA HIS R 181 0.05 -60.42 52.11
C HIS R 181 -0.78 -60.25 53.37
N THR R 182 -1.46 -61.29 53.83
CA THR R 182 -2.44 -61.18 54.90
C THR R 182 -1.97 -61.85 56.18
N ILE R 183 -0.67 -61.94 56.39
CA ILE R 183 -0.15 -62.47 57.65
C ILE R 183 -0.40 -61.43 58.73
N GLY R 184 -1.08 -61.83 59.79
CA GLY R 184 -1.47 -60.93 60.85
C GLY R 184 -2.95 -60.65 60.93
N GLY R 185 -3.72 -61.06 59.93
CA GLY R 185 -5.16 -60.84 59.99
C GLY R 185 -5.71 -60.20 58.75
N SER R 186 -4.95 -59.29 58.15
CA SER R 186 -5.42 -58.57 56.98
C SER R 186 -4.23 -57.93 56.28
N ARG R 187 -4.49 -57.42 55.07
CA ARG R 187 -3.47 -56.72 54.32
C ARG R 187 -2.95 -55.52 55.09
N ARG R 188 -3.85 -54.73 55.66
CA ARG R 188 -3.41 -53.57 56.42
C ARG R 188 -2.70 -53.98 57.69
N ALA R 189 -3.09 -55.10 58.30
CA ALA R 189 -2.38 -55.57 59.49
C ALA R 189 -0.95 -55.92 59.15
N ALA R 190 -0.75 -56.68 58.07
CA ALA R 190 0.61 -57.02 57.66
C ALA R 190 1.41 -55.78 57.29
N TRP R 191 0.80 -54.85 56.55
CA TRP R 191 1.51 -53.66 56.14
C TRP R 191 1.92 -52.83 57.35
N ARG R 192 1.04 -52.69 58.32
CA ARG R 192 1.37 -51.98 59.55
C ARG R 192 2.54 -52.65 60.25
N ARG R 193 2.45 -53.95 60.46
CA ARG R 193 3.47 -54.64 61.21
C ARG R 193 4.81 -54.58 60.52
N ARG R 194 4.81 -54.61 59.19
CA ARG R 194 6.07 -54.56 58.46
C ARG R 194 6.64 -53.15 58.39
N ASN R 195 5.79 -52.12 58.33
CA ASN R 195 6.27 -50.77 58.12
C ASN R 195 6.39 -49.98 59.41
N THR R 196 6.11 -50.58 60.56
CA THR R 196 6.32 -49.93 61.85
C THR R 196 7.76 -50.17 62.30
N LEU R 197 8.44 -49.09 62.69
CA LEU R 197 9.82 -49.16 63.13
C LEU R 197 9.87 -49.46 64.63
N GLN R 198 10.29 -50.66 64.99
CA GLN R 198 10.32 -51.10 66.39
C GLN R 198 11.52 -50.49 67.08
N LEU R 199 11.32 -49.39 67.79
CA LEU R 199 12.39 -48.75 68.56
C LEU R 199 12.31 -49.27 69.99
N HIS R 200 13.24 -50.16 70.33
CA HIS R 200 13.29 -50.69 71.67
C HIS R 200 13.76 -49.62 72.64
N ARG R 201 13.81 -49.97 73.92
CA ARG R 201 14.39 -49.06 74.90
C ARG R 201 15.90 -49.07 74.82
N TYR R 202 16.50 -50.23 74.58
CA TYR R 202 17.94 -50.39 74.54
C TYR R 202 18.37 -50.59 73.10
N ARG R 203 19.18 -49.67 72.60
CA ARG R 203 19.71 -49.79 71.26
C ARG R 203 21.23 -49.65 71.28
N GLU S 1 60.17 34.76 72.33
CA GLU S 1 60.36 35.71 73.41
C GLU S 1 59.02 36.27 73.88
N VAL S 2 58.95 36.61 75.17
CA VAL S 2 57.67 37.01 75.77
C VAL S 2 57.21 38.36 75.22
N GLN S 3 58.13 39.19 74.74
CA GLN S 3 57.74 40.49 74.19
C GLN S 3 57.06 40.30 72.84
N VAL S 4 56.41 41.36 72.39
CA VAL S 4 55.72 41.33 71.11
C VAL S 4 56.72 41.66 70.01
N LEU S 5 56.89 40.75 69.06
CA LEU S 5 57.84 40.91 67.97
C LEU S 5 57.19 41.70 66.84
N VAL S 6 57.79 42.84 66.49
CA VAL S 6 57.26 43.73 65.48
C VAL S 6 58.14 43.66 64.25
N LEU S 7 57.55 43.40 63.09
CA LEU S 7 58.25 43.30 61.82
C LEU S 7 57.81 44.41 60.89
N ASP S 8 58.77 44.96 60.15
CA ASP S 8 58.49 45.98 59.15
C ASP S 8 58.40 45.29 57.79
N GLY S 9 57.20 45.25 57.23
CA GLY S 9 56.95 44.46 56.04
C GLY S 9 57.54 45.00 54.76
N ARG S 10 58.20 46.14 54.78
CA ARG S 10 58.77 46.68 53.56
C ARG S 10 59.93 45.82 53.09
N GLY S 11 59.94 45.49 51.81
CA GLY S 11 61.06 44.79 51.22
C GLY S 11 61.14 43.32 51.53
N HIS S 12 60.11 42.75 52.13
CA HIS S 12 60.10 41.32 52.41
C HIS S 12 59.27 40.60 51.36
N LEU S 13 59.73 39.43 50.96
CA LEU S 13 58.93 38.60 50.07
C LEU S 13 57.76 38.00 50.84
N LEU S 14 56.62 37.86 50.17
CA LEU S 14 55.39 37.49 50.85
C LEU S 14 55.49 36.11 51.47
N GLY S 15 55.76 35.09 50.66
CA GLY S 15 55.88 33.75 51.18
C GLY S 15 57.06 33.58 52.12
N ARG S 16 58.17 34.24 51.81
CA ARG S 16 59.35 34.15 52.64
C ARG S 16 59.08 34.66 54.05
N LEU S 17 58.35 35.77 54.15
CA LEU S 17 58.02 36.32 55.46
C LEU S 17 56.94 35.50 56.15
N ALA S 18 55.92 35.07 55.40
CA ALA S 18 54.83 34.33 56.02
C ALA S 18 55.29 32.99 56.57
N ALA S 19 56.27 32.36 55.92
CA ALA S 19 56.77 31.08 56.42
C ALA S 19 57.44 31.25 57.78
N ILE S 20 58.22 32.30 57.96
CA ILE S 20 58.84 32.56 59.26
C ILE S 20 57.78 32.89 60.30
N VAL S 21 56.83 33.74 59.94
CA VAL S 21 55.85 34.21 60.92
C VAL S 21 54.97 33.06 61.38
N ALA S 22 54.64 32.12 60.49
CA ALA S 22 53.80 31.00 60.89
C ALA S 22 54.46 30.15 61.96
N LYS S 23 55.75 29.84 61.80
CA LYS S 23 56.47 29.11 62.82
C LYS S 23 56.52 29.90 64.12
N GLN S 24 56.76 31.21 64.02
CA GLN S 24 56.85 32.05 65.21
C GLN S 24 55.54 32.01 66.00
N VAL S 25 54.41 32.15 65.32
CA VAL S 25 53.13 32.19 66.03
C VAL S 25 52.74 30.80 66.51
N LEU S 26 53.21 29.76 65.83
CA LEU S 26 52.96 28.41 66.36
C LEU S 26 53.77 28.15 67.61
N LEU S 27 54.91 28.83 67.76
CA LEU S 27 55.73 28.68 68.95
C LEU S 27 55.36 29.68 70.04
N GLY S 28 54.10 30.07 70.10
CA GLY S 28 53.59 30.84 71.21
C GLY S 28 54.01 32.30 71.26
N ARG S 29 54.56 32.82 70.18
CA ARG S 29 55.01 34.20 70.14
C ARG S 29 53.90 35.10 69.62
N LYS S 30 53.96 36.36 70.01
CA LYS S 30 53.07 37.39 69.48
C LYS S 30 53.80 38.17 68.41
N VAL S 31 53.21 38.24 67.22
CA VAL S 31 53.85 38.84 66.05
C VAL S 31 52.95 39.93 65.52
N VAL S 32 53.54 41.10 65.25
CA VAL S 32 52.85 42.24 64.67
C VAL S 32 53.60 42.66 63.43
N VAL S 33 52.98 42.51 62.26
CA VAL S 33 53.59 42.91 60.99
C VAL S 33 52.96 44.22 60.57
N VAL S 34 53.79 45.23 60.35
CA VAL S 34 53.31 46.55 59.98
C VAL S 34 53.76 46.85 58.56
N ARG S 35 53.10 47.85 57.96
CA ARG S 35 53.42 48.31 56.61
C ARG S 35 53.34 47.17 55.61
N CYS S 36 52.24 46.42 55.67
CA CYS S 36 52.04 45.27 54.80
C CYS S 36 51.93 45.64 53.33
N GLU S 37 51.69 46.90 53.00
CA GLU S 37 51.63 47.27 51.59
C GLU S 37 53.00 47.23 50.94
N GLY S 38 54.07 47.26 51.72
CA GLY S 38 55.41 47.26 51.20
C GLY S 38 56.00 45.90 50.95
N ILE S 39 55.22 44.84 51.14
CA ILE S 39 55.72 43.50 50.86
C ILE S 39 55.86 43.32 49.35
N ASN S 40 57.01 42.82 48.93
CA ASN S 40 57.23 42.52 47.53
C ASN S 40 56.76 41.12 47.19
N ILE S 41 56.59 40.87 45.90
CA ILE S 41 56.33 39.54 45.37
C ILE S 41 57.25 39.32 44.18
N SER S 42 57.94 38.18 44.15
CA SER S 42 58.82 37.89 43.03
C SER S 42 58.01 37.62 41.78
N GLY S 43 58.62 37.84 40.63
CA GLY S 43 57.93 37.76 39.36
C GLY S 43 57.28 39.07 39.00
N ASN S 44 56.98 39.21 37.70
CA ASN S 44 56.54 40.50 37.22
C ASN S 44 55.11 40.80 37.67
N PHE S 45 54.80 42.09 37.70
CA PHE S 45 53.57 42.56 38.32
C PHE S 45 52.35 42.06 37.59
N TYR S 46 52.38 42.04 36.26
CA TYR S 46 51.21 41.58 35.52
C TYR S 46 50.92 40.12 35.80
N ARG S 47 51.97 39.30 35.91
CA ARG S 47 51.77 37.91 36.28
C ARG S 47 51.13 37.79 37.66
N ASN S 48 51.64 38.55 38.62
CA ASN S 48 51.07 38.46 39.97
C ASN S 48 49.61 38.92 39.99
N LYS S 49 49.31 39.97 39.23
CA LYS S 49 47.94 40.45 39.15
C LYS S 49 47.05 39.41 38.52
N LEU S 50 47.56 38.69 37.51
CA LEU S 50 46.79 37.62 36.90
C LEU S 50 46.48 36.53 37.93
N LYS S 51 47.46 36.19 38.75
CA LYS S 51 47.23 35.18 39.78
C LYS S 51 46.14 35.62 40.75
N TYR S 52 46.18 36.89 41.16
CA TYR S 52 45.14 37.32 42.08
C TYR S 52 43.79 37.44 41.40
N LEU S 53 43.76 37.75 40.11
CA LEU S 53 42.48 37.78 39.41
C LEU S 53 41.89 36.38 39.31
N ALA S 54 42.73 35.37 39.12
CA ALA S 54 42.25 34.00 39.15
C ALA S 54 41.68 33.65 40.52
N PHE S 55 42.37 34.04 41.59
CA PHE S 55 41.81 33.84 42.92
C PHE S 55 40.49 34.56 43.07
N LEU S 56 40.34 35.73 42.44
CA LEU S 56 39.05 36.42 42.45
C LEU S 56 37.98 35.60 41.76
N ARG S 57 38.32 34.98 40.64
CA ARG S 57 37.35 34.20 39.91
C ARG S 57 36.90 32.97 40.68
N LYS S 58 37.78 32.41 41.52
CA LYS S 58 37.40 31.24 42.32
C LYS S 58 36.36 31.66 43.35
N ARG S 59 35.10 31.32 43.11
CA ARG S 59 34.01 31.67 44.02
C ARG S 59 32.94 30.59 43.98
N MET S 60 32.11 30.56 45.02
CA MET S 60 31.03 29.57 45.09
C MET S 60 29.92 29.98 44.14
N ASN S 61 29.70 29.16 43.10
CA ASN S 61 28.71 29.49 42.09
C ASN S 61 27.30 29.57 42.67
N THR S 62 26.96 28.62 43.54
CA THR S 62 25.61 28.56 44.11
C THR S 62 25.31 29.81 44.93
N ASN S 63 26.24 30.23 45.77
CA ASN S 63 26.03 31.44 46.53
C ASN S 63 27.37 32.07 46.87
N PRO S 64 27.75 33.17 46.21
CA PRO S 64 29.04 33.79 46.49
C PRO S 64 29.16 34.33 47.89
N SER S 65 28.04 34.55 48.59
CA SER S 65 28.13 35.02 49.96
C SER S 65 28.74 33.98 50.88
N ARG S 66 28.75 32.72 50.47
CA ARG S 66 29.39 31.67 51.25
C ARG S 66 30.77 31.32 50.71
N GLY S 67 31.15 31.82 49.54
CA GLY S 67 32.33 31.36 48.86
C GLY S 67 33.61 31.91 49.44
N PRO S 68 34.73 31.69 48.75
CA PRO S 68 36.02 32.18 49.23
C PRO S 68 36.04 33.68 49.30
N TYR S 69 36.14 34.21 50.52
CA TYR S 69 36.16 35.65 50.73
C TYR S 69 37.52 36.17 50.26
N HIS S 70 37.52 36.95 49.19
CA HIS S 70 38.74 37.51 48.66
C HIS S 70 39.01 38.82 49.38
N PHE S 71 39.94 38.80 50.32
CA PHE S 71 40.25 39.99 51.08
C PHE S 71 41.20 40.87 50.27
N ARG S 72 40.83 42.14 50.13
CA ARG S 72 41.51 43.05 49.21
C ARG S 72 42.66 43.81 49.83
N ALA S 73 42.56 44.16 51.10
CA ALA S 73 43.62 44.95 51.72
C ALA S 73 44.91 44.16 51.77
N PRO S 74 46.07 44.81 51.60
CA PRO S 74 47.33 44.06 51.64
C PRO S 74 47.57 43.34 52.95
N SER S 75 47.20 43.97 54.06
CA SER S 75 47.35 43.32 55.35
C SER S 75 46.49 42.07 55.43
N ARG S 76 45.26 42.15 54.91
CA ARG S 76 44.40 40.98 54.91
C ARG S 76 44.92 39.90 53.97
N ILE S 77 45.54 40.29 52.86
CA ILE S 77 46.13 39.30 51.95
C ILE S 77 47.27 38.56 52.63
N PHE S 78 48.16 39.30 53.29
CA PHE S 78 49.24 38.66 54.02
C PHE S 78 48.69 37.78 55.13
N TRP S 79 47.64 38.23 55.80
CA TRP S 79 47.03 37.43 56.85
C TRP S 79 46.48 36.13 56.29
N ARG S 80 45.85 36.20 55.11
CA ARG S 80 45.32 34.99 54.49
C ARG S 80 46.43 34.03 54.12
N THR S 81 47.57 34.56 53.64
CA THR S 81 48.71 33.70 53.34
C THR S 81 49.23 33.01 54.60
N VAL S 82 49.35 33.75 55.69
CA VAL S 82 49.75 33.15 56.96
C VAL S 82 48.76 32.07 57.36
N ARG S 83 47.47 32.34 57.15
CA ARG S 83 46.46 31.34 57.48
C ARG S 83 46.64 30.08 56.67
N GLY S 84 46.94 30.24 55.38
CA GLY S 84 47.22 29.09 54.54
C GLY S 84 48.41 28.29 55.00
N MET S 85 49.38 28.95 55.61
CA MET S 85 50.52 28.23 56.20
C MET S 85 50.23 27.68 57.58
N LEU S 86 49.15 28.10 58.22
CA LEU S 86 48.83 27.61 59.55
C LEU S 86 47.76 26.52 59.51
N PRO S 87 47.70 25.65 60.53
CA PRO S 87 46.59 24.67 60.61
C PRO S 87 45.36 25.28 61.28
N HIS S 88 44.74 26.22 60.58
CA HIS S 88 43.79 27.13 61.22
C HIS S 88 42.48 26.46 61.61
N LYS S 89 42.22 25.22 61.20
CA LYS S 89 40.95 24.60 61.50
C LYS S 89 40.94 23.91 62.86
N THR S 90 42.03 23.97 63.62
CA THR S 90 42.07 23.42 64.96
C THR S 90 42.09 24.56 65.98
N LYS S 91 41.90 24.19 67.24
CA LYS S 91 41.96 25.19 68.31
C LYS S 91 43.36 25.77 68.43
N ARG S 92 44.38 24.93 68.37
CA ARG S 92 45.75 25.41 68.42
C ARG S 92 46.05 26.32 67.24
N GLY S 93 45.62 25.94 66.04
CA GLY S 93 45.82 26.78 64.89
C GLY S 93 45.10 28.10 65.01
N GLN S 94 43.89 28.10 65.56
CA GLN S 94 43.16 29.34 65.76
C GLN S 94 43.88 30.24 66.76
N ALA S 95 44.41 29.66 67.84
CA ALA S 95 45.15 30.46 68.80
C ALA S 95 46.40 31.06 68.16
N ALA S 96 47.09 30.25 67.35
CA ALA S 96 48.28 30.74 66.65
C ALA S 96 47.92 31.87 65.69
N LEU S 97 46.79 31.73 64.99
CA LEU S 97 46.35 32.78 64.08
C LEU S 97 45.97 34.05 64.83
N ASP S 98 45.37 33.91 66.02
CA ASP S 98 45.02 35.06 66.83
C ASP S 98 46.22 35.75 67.43
N ARG S 99 47.34 35.04 67.58
CA ARG S 99 48.53 35.71 68.07
C ARG S 99 49.13 36.70 67.07
N LEU S 100 48.64 36.73 65.84
CA LEU S 100 49.20 37.56 64.78
C LEU S 100 48.38 38.83 64.60
N LYS S 101 49.05 39.96 64.45
CA LYS S 101 48.43 41.22 64.10
C LYS S 101 49.07 41.76 62.82
N VAL S 102 48.25 42.20 61.89
CA VAL S 102 48.71 42.69 60.59
C VAL S 102 48.14 44.07 60.37
N PHE S 103 48.91 44.93 59.70
CA PHE S 103 48.52 46.32 59.56
C PHE S 103 48.96 46.87 58.21
N ASP S 104 48.08 47.64 57.58
CA ASP S 104 48.44 48.47 56.44
C ASP S 104 48.90 49.83 56.97
N GLY S 105 50.12 50.22 56.65
CA GLY S 105 50.69 51.37 57.30
C GLY S 105 51.08 51.01 58.72
N ILE S 106 51.39 52.04 59.50
CA ILE S 106 51.88 51.81 60.86
C ILE S 106 51.04 52.60 61.87
N PRO S 107 50.24 51.93 62.68
CA PRO S 107 49.38 52.61 63.64
C PRO S 107 50.17 53.21 64.78
N PRO S 108 49.56 54.10 65.56
CA PRO S 108 50.27 54.78 66.65
C PRO S 108 50.82 53.84 67.71
N PRO S 109 50.20 52.71 68.03
CA PRO S 109 50.84 51.82 69.02
C PRO S 109 52.20 51.32 68.60
N TYR S 110 52.50 51.25 67.31
CA TYR S 110 53.75 50.69 66.83
C TYR S 110 54.67 51.69 66.14
N ASP S 111 54.17 52.86 65.75
CA ASP S 111 55.03 53.81 65.06
C ASP S 111 56.07 54.43 65.97
N LYS S 112 55.99 54.20 67.27
CA LYS S 112 57.00 54.62 68.23
C LYS S 112 57.75 53.43 68.79
N LYS S 113 58.09 52.47 67.93
CA LYS S 113 58.82 51.28 68.36
C LYS S 113 59.91 50.96 67.36
N LYS S 114 60.74 49.99 67.71
CA LYS S 114 61.79 49.50 66.82
C LYS S 114 61.27 48.30 66.03
N ARG S 115 61.43 48.34 64.72
CA ARG S 115 60.86 47.35 63.84
C ARG S 115 61.96 46.40 63.36
N MET S 116 61.71 45.10 63.51
CA MET S 116 62.67 44.09 63.13
C MET S 116 62.59 43.81 61.63
N VAL S 117 63.63 43.15 61.13
CA VAL S 117 63.78 42.80 59.72
C VAL S 117 64.32 41.38 59.65
N VAL S 118 63.73 40.55 58.80
CA VAL S 118 64.14 39.16 58.65
C VAL S 118 65.05 39.07 57.42
N PRO S 119 66.36 38.87 57.60
CA PRO S 119 67.24 38.76 56.43
C PRO S 119 66.94 37.58 55.55
N ALA S 120 66.48 36.47 56.11
CA ALA S 120 66.22 35.28 55.31
C ALA S 120 65.03 35.44 54.38
N ALA S 121 64.27 36.54 54.51
CA ALA S 121 63.09 36.78 53.71
C ALA S 121 63.21 38.01 52.83
N LEU S 122 64.27 38.79 52.96
CA LEU S 122 64.36 40.06 52.27
C LEU S 122 64.54 39.86 50.77
N LYS S 123 63.93 40.77 50.00
CA LYS S 123 64.06 40.71 48.55
C LYS S 123 65.51 40.92 48.13
N VAL S 124 66.25 41.74 48.86
CA VAL S 124 67.61 42.10 48.45
C VAL S 124 68.49 40.86 48.35
N VAL S 125 68.31 39.90 49.25
CA VAL S 125 69.13 38.71 49.26
C VAL S 125 68.40 37.47 48.73
N ARG S 126 67.09 37.51 48.59
CA ARG S 126 66.35 36.38 48.05
C ARG S 126 65.92 36.60 46.61
N LEU S 127 66.38 37.67 45.98
CA LEU S 127 66.10 37.89 44.56
C LEU S 127 67.36 38.40 43.89
N LYS S 128 67.68 37.83 42.73
CA LYS S 128 68.73 38.40 41.93
C LYS S 128 68.32 39.77 41.43
N PRO S 129 69.26 40.70 41.28
CA PRO S 129 68.89 42.08 40.93
C PRO S 129 68.21 42.20 39.57
N THR S 130 68.37 41.23 38.69
CA THR S 130 67.78 41.32 37.36
C THR S 130 66.33 40.86 37.30
N ARG S 131 65.80 40.28 38.37
CA ARG S 131 64.44 39.77 38.35
C ARG S 131 63.45 40.88 38.63
N LYS S 132 62.29 40.77 38.02
CA LYS S 132 61.20 41.72 38.25
C LYS S 132 60.41 41.30 39.47
N PHE S 133 59.80 42.29 40.12
CA PHE S 133 59.01 42.02 41.31
C PHE S 133 57.91 43.07 41.41
N ALA S 134 56.88 42.74 42.18
CA ALA S 134 55.68 43.55 42.28
C ALA S 134 55.49 44.04 43.70
N TYR S 135 54.85 45.19 43.84
CA TYR S 135 54.51 45.71 45.15
C TYR S 135 53.10 45.32 45.54
N LEU S 136 52.95 44.84 46.77
CA LEU S 136 51.63 44.48 47.28
C LEU S 136 50.71 45.69 47.29
N GLY S 137 51.23 46.88 47.54
CA GLY S 137 50.37 48.06 47.53
C GLY S 137 49.74 48.32 46.17
N ARG S 138 50.56 48.32 45.12
CA ARG S 138 50.03 48.53 43.77
C ARG S 138 49.07 47.41 43.39
N LEU S 139 49.43 46.17 43.71
CA LEU S 139 48.57 45.05 43.34
C LEU S 139 47.22 45.14 44.03
N ALA S 140 47.22 45.38 45.34
CA ALA S 140 45.96 45.47 46.09
C ALA S 140 45.13 46.65 45.62
N HIS S 141 45.78 47.80 45.36
CA HIS S 141 45.04 48.95 44.88
C HIS S 141 44.36 48.63 43.54
N GLU S 142 45.07 47.95 42.66
CA GLU S 142 44.48 47.65 41.36
C GLU S 142 43.48 46.51 41.40
N VAL S 143 43.41 45.76 42.50
CA VAL S 143 42.39 44.72 42.59
C VAL S 143 41.31 45.04 43.61
N GLY S 144 41.31 46.24 44.19
CA GLY S 144 40.14 46.64 44.94
C GLY S 144 40.35 47.42 46.22
N TRP S 145 41.58 47.43 46.74
CA TRP S 145 41.89 48.16 47.95
C TRP S 145 41.73 49.65 47.72
N LYS S 146 40.86 50.28 48.49
CA LYS S 146 40.44 51.64 48.23
C LYS S 146 41.22 52.69 48.99
N TYR S 147 42.22 52.30 49.78
CA TYR S 147 42.85 53.23 50.70
C TYR S 147 44.35 53.40 50.42
N GLN S 148 44.79 53.25 49.17
CA GLN S 148 46.18 53.50 48.86
C GLN S 148 46.54 54.96 49.05
N ALA S 149 45.57 55.87 48.89
CA ALA S 149 45.88 57.29 48.98
C ALA S 149 46.06 57.73 50.43
N VAL S 150 45.06 57.46 51.26
CA VAL S 150 45.09 57.91 52.64
C VAL S 150 46.26 57.27 53.38
N THR S 151 46.55 56.00 53.10
CA THR S 151 47.69 55.35 53.72
C THR S 151 48.99 55.99 53.28
N ALA S 152 49.10 56.36 52.00
CA ALA S 152 50.30 57.01 51.53
C ALA S 152 50.53 58.35 52.23
N THR S 153 49.48 59.16 52.34
CA THR S 153 49.65 60.45 53.00
C THR S 153 49.98 60.29 54.48
N LEU S 154 49.29 59.37 55.16
CA LEU S 154 49.56 59.16 56.57
C LEU S 154 50.98 58.63 56.78
N GLU S 155 51.44 57.75 55.90
CA GLU S 155 52.79 57.23 56.00
C GLU S 155 53.82 58.32 55.79
N GLU S 156 53.56 59.24 54.86
CA GLU S 156 54.49 60.34 54.67
C GLU S 156 54.53 61.23 55.91
N LYS S 157 53.38 61.46 56.54
CA LYS S 157 53.37 62.26 57.76
C LYS S 157 54.14 61.57 58.89
N ARG S 158 53.95 60.25 59.03
CA ARG S 158 54.71 59.52 60.03
C ARG S 158 56.20 59.58 59.73
N LYS S 159 56.56 59.58 58.46
CA LYS S 159 57.96 59.74 58.08
C LYS S 159 58.51 61.09 58.51
N GLU S 160 57.73 62.16 58.35
CA GLU S 160 58.20 63.46 58.81
C GLU S 160 58.39 63.49 60.32
N LYS S 161 57.43 62.94 61.07
CA LYS S 161 57.55 62.92 62.53
C LYS S 161 58.78 62.14 62.97
N ALA S 162 58.96 60.94 62.43
CA ALA S 162 60.12 60.14 62.78
C ALA S 162 61.42 60.81 62.34
N LYS S 163 61.39 61.59 61.26
CA LYS S 163 62.56 62.35 60.87
C LYS S 163 62.94 63.37 61.94
N ILE S 164 61.94 64.06 62.49
CA ILE S 164 62.23 65.02 63.55
C ILE S 164 62.80 64.31 64.78
N HIS S 165 62.20 63.17 65.14
CA HIS S 165 62.71 62.40 66.27
C HIS S 165 64.16 61.95 66.02
N TYR S 166 64.45 61.54 64.79
CA TYR S 166 65.81 61.13 64.46
C TYR S 166 66.79 62.28 64.53
N ARG S 167 66.35 63.47 64.12
CA ARG S 167 67.19 64.66 64.24
C ARG S 167 67.55 64.91 65.70
N LYS S 168 66.56 64.82 66.58
CA LYS S 168 66.85 65.01 67.99
C LYS S 168 67.77 63.92 68.54
N LYS S 169 67.59 62.68 68.07
CA LYS S 169 68.47 61.60 68.49
C LYS S 169 69.91 61.86 68.06
N LYS S 170 70.11 62.35 66.85
CA LYS S 170 71.44 62.71 66.39
C LYS S 170 72.05 63.79 67.26
N GLN S 171 71.24 64.78 67.63
CA GLN S 171 71.74 65.82 68.52
C GLN S 171 72.17 65.25 69.86
N LEU S 172 71.39 64.29 70.37
CA LEU S 172 71.75 63.67 71.64
C LEU S 172 73.06 62.90 71.54
N MET S 173 73.28 62.20 70.44
CA MET S 173 74.56 61.49 70.29
C MET S 173 75.72 62.47 70.15
N ARG S 174 75.53 63.58 69.46
CA ARG S 174 76.57 64.59 69.39
C ARG S 174 76.92 65.10 70.77
N LEU S 175 75.90 65.38 71.59
CA LEU S 175 76.16 65.82 72.95
C LEU S 175 76.85 64.74 73.76
N ARG S 176 76.48 63.48 73.54
CA ARG S 176 77.11 62.39 74.29
C ARG S 176 78.59 62.27 73.97
N LYS S 177 78.95 62.39 72.69
CA LYS S 177 80.36 62.35 72.34
C LYS S 177 81.11 63.55 72.90
N GLN S 178 80.48 64.73 72.89
CA GLN S 178 81.11 65.90 73.50
C GLN S 178 81.33 65.70 74.99
N ALA S 179 80.35 65.10 75.66
CA ALA S 179 80.48 64.86 77.10
C ALA S 179 81.58 63.85 77.39
N GLU S 180 81.72 62.83 76.53
CA GLU S 180 82.84 61.92 76.70
C GLU S 180 84.17 62.65 76.54
N LYS S 181 84.27 63.53 75.55
CA LYS S 181 85.47 64.36 75.42
C LYS S 181 85.70 65.23 76.64
N ASN S 182 84.61 65.63 77.30
CA ASN S 182 84.73 66.45 78.50
C ASN S 182 85.26 65.67 79.70
N VAL S 183 84.74 64.46 79.92
CA VAL S 183 85.07 63.73 81.13
C VAL S 183 85.98 62.55 80.82
N GLU S 184 86.75 62.66 79.73
CA GLU S 184 87.80 61.70 79.45
C GLU S 184 88.71 61.46 80.64
N LYS S 185 89.11 62.54 81.32
CA LYS S 185 89.97 62.40 82.49
C LYS S 185 89.29 61.61 83.59
N LYS S 186 88.00 61.87 83.83
CA LYS S 186 87.33 61.23 84.94
C LYS S 186 87.06 59.76 84.68
N ILE S 187 86.75 59.41 83.43
CA ILE S 187 86.33 58.05 83.13
C ILE S 187 87.46 57.24 82.48
N ASP S 188 88.68 57.75 82.49
CA ASP S 188 89.78 57.04 81.81
C ASP S 188 89.99 55.63 82.33
N LYS S 189 89.80 55.37 83.63
CA LYS S 189 90.02 54.03 84.15
C LYS S 189 88.93 53.07 83.70
N TYR S 190 87.67 53.50 83.80
CA TYR S 190 86.57 52.65 83.35
C TYR S 190 86.68 52.36 81.86
N THR S 191 87.21 53.31 81.09
CA THR S 191 87.47 53.05 79.69
C THR S 191 88.51 51.95 79.51
N GLU S 192 89.54 51.95 80.34
CA GLU S 192 90.54 50.89 80.28
C GLU S 192 89.93 49.54 80.62
N VAL S 193 89.08 49.50 81.64
CA VAL S 193 88.44 48.24 82.03
C VAL S 193 87.58 47.72 80.90
N LEU S 194 86.82 48.60 80.23
CA LEU S 194 86.01 48.18 79.11
C LEU S 194 86.88 47.68 77.96
N LYS S 195 87.98 48.38 77.68
CA LYS S 195 88.82 48.02 76.55
C LYS S 195 89.47 46.66 76.75
N THR S 196 89.94 46.38 77.96
CA THR S 196 90.63 45.11 78.20
C THR S 196 89.72 43.91 77.98
N HIS S 197 88.42 44.06 78.22
CA HIS S 197 87.47 42.98 78.04
C HIS S 197 86.67 43.11 76.76
N GLY S 198 87.01 44.08 75.91
CA GLY S 198 86.62 44.05 74.52
C GLY S 198 85.47 44.95 74.16
N LEU S 199 84.64 45.33 75.12
CA LEU S 199 83.68 46.38 74.87
C LEU S 199 84.44 47.67 74.57
N LEU S 200 83.89 48.47 73.66
CA LEU S 200 84.47 49.78 73.34
C LEU S 200 85.90 49.65 72.82
N VAL S 201 86.00 49.11 71.61
CA VAL S 201 87.24 49.16 70.85
C VAL S 201 87.87 50.54 70.94
N VAL T 1 3.44 11.08 100.27
CA VAL T 1 3.99 10.44 99.10
C VAL T 1 5.31 11.12 98.75
N ARG T 2 6.14 10.44 97.98
CA ARG T 2 7.46 10.93 97.61
C ARG T 2 7.38 11.79 96.36
N TYR T 3 7.91 13.00 96.42
CA TYR T 3 8.12 13.78 95.22
C TYR T 3 9.60 13.72 94.85
N SER T 4 9.90 14.16 93.64
CA SER T 4 11.25 14.61 93.38
C SER T 4 11.42 15.94 94.07
N LEU T 5 12.65 16.21 94.52
CA LEU T 5 12.99 17.45 95.22
C LEU T 5 12.14 17.62 96.49
N ASP T 6 12.38 16.74 97.44
CA ASP T 6 11.82 16.94 98.78
C ASP T 6 12.36 18.25 99.35
N PRO T 7 11.49 19.13 99.84
CA PRO T 7 11.95 20.47 100.22
C PRO T 7 12.86 20.43 101.42
N GLU T 8 13.73 21.43 101.51
CA GLU T 8 14.64 21.52 102.64
C GLU T 8 13.87 21.72 103.94
N ASN T 9 12.84 22.56 103.91
CA ASN T 9 12.07 22.89 105.11
C ASN T 9 10.62 22.50 104.92
N PRO T 10 10.26 21.24 105.20
CA PRO T 10 8.85 20.85 105.10
C PRO T 10 7.96 21.65 106.03
N THR T 11 8.50 22.15 107.15
CA THR T 11 7.71 23.00 108.02
C THR T 11 7.31 24.29 107.33
N LYS T 12 8.19 24.85 106.51
CA LYS T 12 7.93 26.08 105.78
C LYS T 12 7.42 25.84 104.36
N SER T 13 7.15 24.59 104.00
CA SER T 13 6.75 24.28 102.64
C SER T 13 5.35 23.69 102.61
N CYS T 14 4.69 23.81 101.45
CA CYS T 14 3.43 23.13 101.19
C CYS T 14 3.49 22.48 99.82
N LYS T 15 2.74 21.41 99.66
CA LYS T 15 2.81 20.57 98.47
C LYS T 15 1.47 20.48 97.78
N SER T 16 1.49 20.13 96.51
CA SER T 16 0.26 19.78 95.82
C SER T 16 0.58 18.91 94.62
N ARG T 17 -0.39 18.09 94.23
CA ARG T 17 -0.23 17.16 93.14
C ARG T 17 -1.49 17.10 92.30
N GLY T 18 -1.35 16.45 91.17
CA GLY T 18 -2.47 16.04 90.36
C GLY T 18 -1.97 14.99 89.40
N SER T 19 -2.77 13.96 89.19
CA SER T 19 -2.36 12.86 88.36
C SER T 19 -3.41 12.60 87.30
N ASN T 20 -2.95 12.19 86.13
CA ASN T 20 -3.81 11.85 84.99
C ASN T 20 -4.74 13.02 84.64
N LEU T 21 -4.16 14.22 84.60
CA LEU T 21 -4.89 15.42 84.21
C LEU T 21 -4.85 15.57 82.70
N ARG T 22 -6.02 15.68 82.08
CA ARG T 22 -6.13 15.65 80.62
C ARG T 22 -5.85 17.04 80.05
N VAL T 23 -4.56 17.38 80.02
CA VAL T 23 -4.08 18.58 79.34
C VAL T 23 -2.88 18.17 78.52
N HIS T 24 -2.58 18.99 77.51
CA HIS T 24 -1.46 18.68 76.63
C HIS T 24 -0.14 18.84 77.36
N PHE T 25 0.66 17.78 77.33
CA PHE T 25 1.86 17.73 78.14
C PHE T 25 2.86 18.80 77.75
N LYS T 26 3.01 19.05 76.45
CA LYS T 26 4.00 20.03 76.01
C LYS T 26 3.62 21.43 76.46
N ASN T 27 2.35 21.81 76.26
CA ASN T 27 1.90 23.12 76.71
C ASN T 27 2.06 23.27 78.22
N THR T 28 1.68 22.23 78.96
CA THR T 28 1.80 22.32 80.42
C THR T 28 3.25 22.42 80.85
N ARG T 29 4.15 21.70 80.20
CA ARG T 29 5.56 21.80 80.55
C ARG T 29 6.08 23.21 80.32
N GLU T 30 5.71 23.81 79.19
CA GLU T 30 6.18 25.18 78.92
C GLU T 30 5.63 26.16 79.95
N THR T 31 4.35 26.04 80.29
CA THR T 31 3.78 26.92 81.30
C THR T 31 4.45 26.73 82.66
N ALA T 32 4.72 25.49 83.02
CA ALA T 32 5.35 25.21 84.31
C ALA T 32 6.75 25.80 84.36
N GLN T 33 7.53 25.62 83.29
CA GLN T 33 8.86 26.21 83.26
C GLN T 33 8.79 27.72 83.34
N ALA T 34 7.79 28.32 82.70
CA ALA T 34 7.66 29.77 82.74
C ALA T 34 7.36 30.26 84.14
N ILE T 35 6.43 29.60 84.84
CA ILE T 35 6.03 30.08 86.16
C ILE T 35 6.95 29.60 87.27
N LYS T 36 7.90 28.73 86.97
CA LYS T 36 8.78 28.21 88.01
C LYS T 36 9.60 29.33 88.64
N GLY T 37 9.65 29.33 89.97
CA GLY T 37 10.35 30.35 90.72
C GLY T 37 9.56 31.61 90.98
N MET T 38 8.36 31.72 90.43
CA MET T 38 7.59 32.93 90.60
C MET T 38 7.01 33.01 92.00
N HIS T 39 6.66 34.23 92.40
CA HIS T 39 5.85 34.41 93.59
C HIS T 39 4.45 33.87 93.33
N ILE T 40 3.72 33.61 94.41
CA ILE T 40 2.40 33.02 94.26
C ILE T 40 1.42 34.02 93.65
N ARG T 41 1.42 35.26 94.14
CA ARG T 41 0.52 36.26 93.59
C ARG T 41 0.89 36.60 92.15
N LYS T 42 2.19 36.75 91.88
CA LYS T 42 2.67 37.01 90.53
C LYS T 42 2.28 35.88 89.60
N ALA T 43 2.38 34.64 90.06
CA ALA T 43 1.99 33.50 89.24
C ALA T 43 0.49 33.50 88.96
N THR T 44 -0.32 33.83 89.95
CA THR T 44 -1.76 33.89 89.72
C THR T 44 -2.11 34.95 88.68
N LYS T 45 -1.51 36.14 88.80
CA LYS T 45 -1.76 37.20 87.83
C LYS T 45 -1.30 36.79 86.45
N TYR T 46 -0.13 36.15 86.36
CA TYR T 46 0.40 35.70 85.08
C TYR T 46 -0.51 34.67 84.44
N LEU T 47 -1.02 33.73 85.23
CA LEU T 47 -1.86 32.68 84.68
C LEU T 47 -3.21 33.22 84.24
N LYS T 48 -3.73 34.23 84.94
CA LYS T 48 -4.95 34.88 84.46
C LYS T 48 -4.69 35.63 83.16
N ASP T 49 -3.57 36.33 83.07
CA ASP T 49 -3.26 37.09 81.88
C ASP T 49 -2.98 36.20 80.67
N VAL T 50 -2.50 34.98 80.89
CA VAL T 50 -2.34 34.05 79.78
C VAL T 50 -3.69 33.75 79.13
N THR T 51 -4.71 33.47 79.94
CA THR T 51 -6.03 33.22 79.38
C THR T 51 -6.59 34.48 78.75
N LEU T 52 -6.30 35.65 79.34
CA LEU T 52 -6.72 36.89 78.70
C LEU T 52 -5.94 37.18 77.43
N GLN T 53 -4.86 36.43 77.16
CA GLN T 53 -3.97 36.68 76.03
C GLN T 53 -3.35 38.07 76.11
N LYS T 54 -2.93 38.44 77.31
CA LYS T 54 -2.16 39.66 77.53
C LYS T 54 -0.70 39.39 77.82
N GLN T 55 -0.37 38.20 78.32
CA GLN T 55 1.00 37.74 78.48
C GLN T 55 1.09 36.32 77.96
N CYS T 56 2.18 35.99 77.27
CA CYS T 56 2.33 34.67 76.68
C CYS T 56 3.30 33.83 77.49
N VAL T 57 3.22 32.52 77.29
CA VAL T 57 4.23 31.62 77.81
C VAL T 57 5.20 31.35 76.67
N PRO T 58 6.49 31.29 76.93
CA PRO T 58 7.43 31.02 75.84
C PRO T 58 7.61 29.54 75.62
N PHE T 59 7.36 29.06 74.41
CA PHE T 59 7.59 27.66 74.08
C PHE T 59 9.06 27.52 73.72
N ARG T 60 9.84 26.98 74.65
CA ARG T 60 11.29 26.94 74.52
C ARG T 60 11.81 25.62 73.97
N ARG T 61 11.37 24.50 74.53
CA ARG T 61 11.82 23.20 74.04
C ARG T 61 10.87 22.62 72.99
N TYR T 62 9.62 22.40 73.38
CA TYR T 62 8.60 21.92 72.45
C TYR T 62 8.05 23.12 71.70
N ASN T 63 8.85 23.59 70.73
CA ASN T 63 8.55 24.82 70.04
C ASN T 63 8.30 24.67 68.55
N GLY T 64 8.53 23.50 67.98
CA GLY T 64 8.46 23.34 66.53
C GLY T 64 7.10 23.62 65.97
N GLY T 65 7.02 24.62 65.10
CA GLY T 65 5.76 25.04 64.53
C GLY T 65 5.00 26.06 65.35
N VAL T 66 5.51 26.43 66.52
CA VAL T 66 4.84 27.43 67.35
C VAL T 66 5.08 28.81 66.76
N GLY T 67 4.00 29.53 66.48
CA GLY T 67 4.12 30.81 65.84
C GLY T 67 4.72 31.86 66.75
N ARG T 68 5.25 32.92 66.12
CA ARG T 68 5.82 34.03 66.85
C ARG T 68 4.72 34.88 67.47
N CYS T 69 5.13 35.71 68.43
CA CYS T 69 4.22 36.66 69.04
C CYS T 69 5.00 37.85 69.54
N ALA T 70 4.30 38.97 69.73
CA ALA T 70 4.94 40.17 70.21
C ALA T 70 5.33 40.05 71.67
N GLN T 71 4.51 39.38 72.47
CA GLN T 71 4.69 39.35 73.91
C GLN T 71 5.80 38.43 74.36
N ALA T 72 6.38 37.64 73.46
CA ALA T 72 7.49 36.77 73.87
C ALA T 72 8.73 37.57 74.23
N LYS T 73 8.84 38.82 73.77
CA LYS T 73 10.00 39.63 74.08
C LYS T 73 10.08 40.02 75.54
N GLN T 74 9.02 39.81 76.33
CA GLN T 74 9.16 39.93 77.77
C GLN T 74 10.16 38.92 78.30
N TRP T 75 10.07 37.68 77.80
CA TRP T 75 11.14 36.72 78.00
C TRP T 75 12.22 36.95 76.95
N GLY T 76 13.30 36.21 77.04
CA GLY T 76 14.33 36.34 76.03
C GLY T 76 14.03 35.43 74.86
N TRP T 77 12.89 35.62 74.23
CA TRP T 77 12.35 34.61 73.33
C TRP T 77 11.45 35.27 72.30
N THR T 78 11.12 34.50 71.26
CA THR T 78 10.30 34.99 70.18
C THR T 78 9.03 34.19 69.95
N GLN T 79 9.00 32.92 70.34
CA GLN T 79 7.85 32.06 70.11
C GLN T 79 7.04 31.95 71.39
N GLY T 80 5.73 32.15 71.27
CA GLY T 80 4.87 32.09 72.44
C GLY T 80 3.45 31.71 72.09
N ARG T 81 2.74 31.24 73.10
CA ARG T 81 1.33 30.90 72.96
C ARG T 81 0.63 31.17 74.27
N TRP T 82 -0.68 30.99 74.27
CA TRP T 82 -1.52 31.32 75.42
C TRP T 82 -2.40 30.13 75.77
N PRO T 83 -1.81 29.10 76.37
CA PRO T 83 -2.56 27.87 76.61
C PRO T 83 -3.61 28.03 77.69
N LYS T 84 -4.86 28.15 77.25
CA LYS T 84 -5.96 28.40 78.18
C LYS T 84 -6.14 27.24 79.14
N LYS T 85 -6.13 26.02 78.63
CA LYS T 85 -6.35 24.86 79.48
C LYS T 85 -5.21 24.65 80.46
N SER T 86 -3.97 24.85 80.01
CA SER T 86 -2.83 24.71 80.90
C SER T 86 -2.90 25.75 82.02
N ALA T 87 -3.23 26.99 81.66
CA ALA T 87 -3.33 28.03 82.68
C ALA T 87 -4.43 27.72 83.68
N GLU T 88 -5.58 27.25 83.21
CA GLU T 88 -6.68 26.98 84.14
C GLU T 88 -6.38 25.81 85.06
N PHE T 89 -5.77 24.74 84.53
CA PHE T 89 -5.39 23.62 85.39
C PHE T 89 -4.36 24.03 86.43
N LEU T 90 -3.35 24.78 86.01
CA LEU T 90 -2.34 25.21 86.97
C LEU T 90 -2.92 26.18 88.00
N LEU T 91 -3.91 26.98 87.61
CA LEU T 91 -4.58 27.84 88.58
C LEU T 91 -5.32 27.02 89.62
N HIS T 92 -6.01 25.96 89.18
CA HIS T 92 -6.69 25.10 90.14
C HIS T 92 -5.69 24.47 91.10
N MET T 93 -4.55 24.03 90.58
CA MET T 93 -3.54 23.45 91.46
C MET T 93 -2.95 24.49 92.41
N LEU T 94 -2.82 25.74 91.97
CA LEU T 94 -2.32 26.78 92.86
C LEU T 94 -3.32 27.11 93.96
N LYS T 95 -4.61 27.10 93.64
CA LYS T 95 -5.61 27.28 94.67
C LYS T 95 -5.56 26.15 95.69
N ASN T 96 -5.41 24.91 95.22
CA ASN T 96 -5.26 23.81 96.16
C ASN T 96 -4.00 23.96 97.01
N ALA T 97 -2.93 24.46 96.40
CA ALA T 97 -1.69 24.69 97.15
C ALA T 97 -1.89 25.71 98.24
N GLU T 98 -2.60 26.81 97.95
CA GLU T 98 -2.78 27.80 99.00
C GLU T 98 -3.74 27.31 100.07
N SER T 99 -4.72 26.48 99.72
CA SER T 99 -5.58 25.94 100.77
C SER T 99 -4.80 25.01 101.69
N ASN T 100 -3.88 24.23 101.12
CA ASN T 100 -2.95 23.49 101.97
C ASN T 100 -2.06 24.41 102.79
N ALA T 101 -1.70 25.57 102.25
CA ALA T 101 -0.92 26.53 103.03
C ALA T 101 -1.69 27.03 104.23
N GLU T 102 -2.98 27.36 104.04
CA GLU T 102 -3.80 27.74 105.19
C GLU T 102 -3.98 26.59 106.16
N LEU T 103 -4.07 25.36 105.65
CA LEU T 103 -4.20 24.21 106.55
C LEU T 103 -2.96 24.03 107.40
N LYS T 104 -1.78 24.20 106.83
CA LYS T 104 -0.56 24.11 107.62
C LYS T 104 -0.33 25.35 108.46
N GLY T 105 -1.01 26.45 108.17
CA GLY T 105 -0.95 27.63 108.99
C GLY T 105 0.13 28.62 108.64
N LEU T 106 1.01 28.28 107.70
CA LEU T 106 2.00 29.23 107.23
C LEU T 106 1.35 30.29 106.36
N ASP T 107 1.97 31.47 106.30
CA ASP T 107 1.39 32.57 105.55
C ASP T 107 1.50 32.33 104.05
N VAL T 108 0.51 32.84 103.31
CA VAL T 108 0.47 32.62 101.87
C VAL T 108 1.02 33.79 101.08
N ASP T 109 1.14 34.97 101.70
CA ASP T 109 1.61 36.14 100.96
C ASP T 109 3.08 36.08 100.64
N SER T 110 3.82 35.11 101.17
CA SER T 110 5.25 34.96 100.92
C SER T 110 5.55 33.56 100.41
N LEU T 111 4.68 33.03 99.55
CA LEU T 111 4.90 31.71 98.98
C LEU T 111 5.53 31.85 97.61
N VAL T 112 6.57 31.06 97.38
CA VAL T 112 7.28 31.04 96.11
C VAL T 112 7.32 29.62 95.61
N ILE T 113 7.02 29.43 94.32
CA ILE T 113 7.04 28.10 93.72
C ILE T 113 8.47 27.63 93.62
N GLU T 114 8.93 26.82 94.57
CA GLU T 114 10.31 26.37 94.47
C GLU T 114 10.43 25.09 93.65
N HIS T 115 9.40 24.27 93.61
CA HIS T 115 9.50 23.04 92.83
C HIS T 115 8.25 22.87 91.99
N ILE T 116 8.43 22.51 90.74
CA ILE T 116 7.28 22.19 89.90
C ILE T 116 7.74 21.30 88.77
N GLN T 117 7.04 20.18 88.56
CA GLN T 117 7.43 19.33 87.45
C GLN T 117 6.20 18.64 86.88
N VAL T 118 6.34 18.27 85.61
CA VAL T 118 5.29 17.67 84.80
C VAL T 118 5.84 16.38 84.21
N ASN T 119 5.09 15.29 84.36
CA ASN T 119 5.47 13.99 83.87
C ASN T 119 4.40 13.48 82.91
N LYS T 120 4.79 12.60 82.00
CA LYS T 120 3.86 12.09 81.01
C LYS T 120 2.97 11.02 81.63
N ALA T 121 1.67 11.28 81.68
CA ALA T 121 0.71 10.32 82.20
C ALA T 121 0.49 9.22 81.18
N PRO T 122 -0.11 8.09 81.58
CA PRO T 122 -0.48 7.07 80.60
C PRO T 122 -1.43 7.64 79.56
N LYS T 123 -1.18 7.30 78.30
CA LYS T 123 -1.97 7.83 77.21
C LYS T 123 -3.35 7.20 77.19
N MET T 124 -4.25 7.84 76.46
CA MET T 124 -5.59 7.32 76.23
C MET T 124 -5.77 7.05 74.75
N ARG T 125 -6.43 5.94 74.42
CA ARG T 125 -6.47 5.41 73.07
C ARG T 125 -7.79 5.76 72.39
N ARG T 126 -7.71 6.19 71.14
CA ARG T 126 -8.87 6.45 70.31
C ARG T 126 -8.50 6.14 68.87
N ARG T 127 -9.52 6.03 68.02
CA ARG T 127 -9.31 5.66 66.63
C ARG T 127 -9.58 6.84 65.71
N THR T 128 -8.76 6.98 64.68
CA THR T 128 -9.06 7.88 63.57
C THR T 128 -9.06 7.07 62.29
N TYR T 129 -9.78 7.57 61.29
CA TYR T 129 -10.03 6.83 60.07
C TYR T 129 -9.38 7.54 58.89
N ARG T 130 -8.56 6.81 58.14
CA ARG T 130 -7.74 7.38 57.09
C ARG T 130 -8.26 7.00 55.72
N ALA T 131 -7.48 7.33 54.68
CA ALA T 131 -7.99 7.34 53.32
C ALA T 131 -8.41 5.96 52.86
N HIS T 132 -7.58 4.95 53.05
CA HIS T 132 -7.79 3.67 52.39
C HIS T 132 -8.19 2.58 53.36
N GLY T 133 -9.09 2.90 54.28
CA GLY T 133 -9.58 1.91 55.21
C GLY T 133 -8.64 1.57 56.34
N ARG T 134 -7.84 2.52 56.77
CA ARG T 134 -6.86 2.29 57.83
C ARG T 134 -7.28 3.00 59.11
N ILE T 135 -7.07 2.33 60.23
CA ILE T 135 -7.25 2.92 61.56
C ILE T 135 -5.91 3.43 62.03
N ASN T 136 -5.89 4.66 62.52
CA ASN T 136 -4.65 5.12 63.11
C ASN T 136 -4.90 5.62 64.52
N PRO T 137 -3.88 5.61 65.36
CA PRO T 137 -4.05 6.08 66.74
C PRO T 137 -4.48 7.53 66.80
N TYR T 138 -5.25 7.85 67.84
CA TYR T 138 -5.66 9.19 68.19
C TYR T 138 -5.38 9.43 69.65
N MET T 139 -4.18 9.07 70.07
CA MET T 139 -3.84 9.05 71.49
C MET T 139 -3.87 10.44 72.09
N SER T 140 -4.32 10.51 73.33
CA SER T 140 -4.22 11.72 74.13
C SER T 140 -2.96 11.66 74.97
N SER T 141 -2.49 12.83 75.39
CA SER T 141 -1.20 12.96 76.07
C SER T 141 -1.39 13.71 77.38
N PRO T 142 -1.93 13.05 78.40
CA PRO T 142 -2.15 13.73 79.68
C PRO T 142 -0.88 13.81 80.50
N CYS T 143 -0.95 14.46 81.66
CA CYS T 143 0.26 14.68 82.42
C CYS T 143 -0.03 14.66 83.92
N HIS T 144 0.94 14.20 84.69
CA HIS T 144 0.96 14.37 86.14
C HIS T 144 1.73 15.63 86.48
N ILE T 145 1.18 16.45 87.36
CA ILE T 145 1.80 17.69 87.77
C ILE T 145 2.03 17.64 89.28
N GLU T 146 3.18 18.14 89.72
CA GLU T 146 3.40 18.28 91.15
C GLU T 146 4.16 19.57 91.42
N MET T 147 3.88 20.17 92.58
CA MET T 147 4.44 21.45 92.93
C MET T 147 4.67 21.55 94.43
N ILE T 148 5.61 22.42 94.79
CA ILE T 148 5.98 22.71 96.17
C ILE T 148 6.27 24.20 96.27
N LEU T 149 5.54 24.87 97.16
CA LEU T 149 5.72 26.28 97.48
C LEU T 149 6.46 26.40 98.80
N THR T 150 6.99 27.60 99.07
CA THR T 150 7.88 27.80 100.20
C THR T 150 7.74 29.19 100.77
N GLU T 151 7.73 29.29 102.10
CA GLU T 151 7.84 30.57 102.77
C GLU T 151 9.21 31.19 102.49
N LYS T 152 9.23 32.32 101.79
CA LYS T 152 10.46 33.06 101.59
C LYS T 152 10.12 34.47 101.14
N GLU T 153 11.11 35.35 101.23
CA GLU T 153 10.94 36.73 100.79
C GLU T 153 12.30 37.37 100.50
N GLY U 1 60.39 -9.56 59.92
CA GLY U 1 59.84 -10.89 59.82
C GLY U 1 60.87 -11.89 59.36
N VAL U 2 60.82 -13.09 59.92
CA VAL U 2 61.75 -14.17 59.60
C VAL U 2 61.05 -15.14 58.68
N ASP U 3 61.77 -15.62 57.68
CA ASP U 3 61.20 -16.49 56.65
C ASP U 3 61.33 -17.94 57.11
N ILE U 4 60.25 -18.48 57.67
CA ILE U 4 60.15 -19.89 57.99
C ILE U 4 58.72 -20.35 57.70
N ARG U 5 58.47 -21.63 57.97
CA ARG U 5 57.14 -22.21 57.85
C ARG U 5 56.74 -22.79 59.19
N HIS U 6 55.59 -22.35 59.70
CA HIS U 6 55.09 -22.82 60.98
C HIS U 6 54.11 -23.97 60.84
N ASN U 7 53.93 -24.50 59.64
CA ASN U 7 52.97 -25.56 59.44
C ASN U 7 53.35 -26.84 60.16
N LYS U 8 54.64 -27.04 60.43
CA LYS U 8 55.13 -28.27 61.02
C LYS U 8 55.98 -28.02 62.26
N ASP U 9 55.64 -27.01 63.04
CA ASP U 9 56.35 -26.75 64.29
C ASP U 9 56.00 -27.81 65.33
N ARG U 10 54.71 -28.07 65.52
CA ARG U 10 54.21 -28.87 66.61
C ARG U 10 54.24 -30.33 66.22
N LYS U 11 55.12 -31.11 66.84
CA LYS U 11 55.15 -32.55 66.58
C LYS U 11 53.90 -33.20 67.14
N VAL U 12 53.34 -34.15 66.39
CA VAL U 12 52.09 -34.82 66.77
C VAL U 12 52.47 -36.18 67.34
N ARG U 13 52.56 -36.27 68.65
CA ARG U 13 52.87 -37.55 69.29
C ARG U 13 52.33 -37.52 70.71
N ARG U 14 52.08 -38.71 71.25
CA ARG U 14 51.55 -38.86 72.59
C ARG U 14 52.63 -38.45 73.60
N LYS U 15 52.42 -37.33 74.28
CA LYS U 15 53.22 -37.03 75.46
C LYS U 15 52.68 -37.68 76.71
N GLU U 16 51.43 -38.14 76.66
CA GLU U 16 50.78 -38.80 77.78
C GLU U 16 49.65 -39.65 77.23
N PRO U 17 49.25 -40.69 77.93
CA PRO U 17 48.13 -41.51 77.42
C PRO U 17 46.83 -40.72 77.42
N LYS U 18 45.97 -41.05 76.48
CA LYS U 18 44.62 -40.50 76.51
C LYS U 18 43.75 -41.16 77.58
N SER U 19 44.21 -42.25 78.17
CA SER U 19 43.45 -42.97 79.16
C SER U 19 43.45 -42.23 80.49
N GLN U 20 42.42 -42.49 81.30
CA GLN U 20 42.37 -41.99 82.67
C GLN U 20 42.58 -43.12 83.68
N ASP U 21 43.04 -44.28 83.21
CA ASP U 21 43.28 -45.43 84.07
C ASP U 21 44.34 -45.11 85.12
N ILE U 22 43.95 -45.17 86.39
CA ILE U 22 44.86 -44.75 87.45
C ILE U 22 46.03 -45.71 87.58
N TYR U 23 45.81 -47.01 87.40
CA TYR U 23 46.93 -47.94 87.41
C TYR U 23 47.89 -47.67 86.26
N LEU U 24 47.34 -47.41 85.08
CA LEU U 24 48.18 -47.13 83.93
C LEU U 24 49.00 -45.87 84.16
N ARG U 25 48.39 -44.85 84.74
CA ARG U 25 49.14 -43.64 85.07
C ARG U 25 50.20 -43.92 86.11
N LEU U 26 49.94 -44.84 87.04
CA LEU U 26 50.94 -45.18 88.04
C LEU U 26 52.19 -45.77 87.41
N LEU U 27 52.02 -46.79 86.57
CA LEU U 27 53.22 -47.34 85.98
C LEU U 27 53.80 -46.44 84.89
N VAL U 28 53.00 -45.53 84.35
CA VAL U 28 53.55 -44.47 83.53
C VAL U 28 54.49 -43.59 84.34
N LYS U 29 54.09 -43.27 85.57
CA LYS U 29 55.00 -42.53 86.46
C LYS U 29 56.29 -43.30 86.67
N LEU U 30 56.16 -44.60 86.96
CA LEU U 30 57.34 -45.42 87.22
C LEU U 30 58.29 -45.43 86.04
N TYR U 31 57.78 -45.73 84.85
CA TYR U 31 58.65 -45.83 83.70
C TYR U 31 59.10 -44.48 83.18
N ARG U 32 58.35 -43.41 83.45
CA ARG U 32 58.85 -42.08 83.16
C ARG U 32 60.08 -41.79 83.98
N PHE U 33 60.04 -42.12 85.27
CA PHE U 33 61.22 -41.94 86.10
C PHE U 33 62.37 -42.81 85.60
N LEU U 34 62.10 -44.05 85.25
CA LEU U 34 63.16 -44.95 84.82
C LEU U 34 63.81 -44.45 83.53
N ALA U 35 63.00 -44.01 82.57
CA ALA U 35 63.55 -43.52 81.31
C ALA U 35 64.32 -42.23 81.50
N ARG U 36 63.88 -41.38 82.43
CA ARG U 36 64.61 -40.14 82.64
C ARG U 36 65.93 -40.38 83.34
N ARG U 37 65.96 -41.25 84.34
CA ARG U 37 67.14 -41.43 85.18
C ARG U 37 67.98 -42.63 84.78
N THR U 38 67.69 -43.27 83.65
CA THR U 38 68.44 -44.42 83.21
C THR U 38 68.71 -44.34 81.72
N ASN U 39 69.95 -44.62 81.32
CA ASN U 39 70.33 -44.50 79.92
C ASN U 39 69.91 -45.70 79.08
N SER U 40 68.92 -46.47 79.54
CA SER U 40 68.40 -47.59 78.75
C SER U 40 67.38 -47.09 77.75
N THR U 41 67.60 -47.41 76.47
CA THR U 41 66.64 -47.07 75.43
C THR U 41 65.44 -48.00 75.45
N PHE U 42 65.57 -49.18 76.05
CA PHE U 42 64.44 -50.05 76.25
C PHE U 42 63.39 -49.38 77.11
N ASN U 43 63.81 -48.68 78.16
CA ASN U 43 62.87 -47.94 78.98
C ASN U 43 62.14 -46.89 78.16
N GLN U 44 62.86 -46.21 77.28
CA GLN U 44 62.24 -45.18 76.44
C GLN U 44 61.17 -45.80 75.54
N VAL U 45 61.50 -46.93 74.92
CA VAL U 45 60.53 -47.59 74.05
C VAL U 45 59.30 -48.01 74.82
N VAL U 46 59.50 -48.61 76.00
CA VAL U 46 58.36 -49.06 76.79
C VAL U 46 57.51 -47.88 77.23
N LEU U 47 58.16 -46.79 77.63
CA LEU U 47 57.45 -45.60 78.07
C LEU U 47 56.60 -45.03 76.95
N LYS U 48 57.17 -44.93 75.75
CA LYS U 48 56.39 -44.38 74.65
C LYS U 48 55.34 -45.36 74.14
N ARG U 49 55.50 -46.65 74.41
CA ARG U 49 54.46 -47.60 74.05
C ARG U 49 53.28 -47.55 74.99
N LEU U 50 53.54 -47.26 76.27
CA LEU U 50 52.44 -47.13 77.22
C LEU U 50 51.52 -45.98 76.86
N PHE U 51 52.05 -44.93 76.23
CA PHE U 51 51.22 -43.83 75.79
C PHE U 51 50.29 -44.21 74.65
N MET U 52 50.54 -45.32 73.97
CA MET U 52 49.86 -45.59 72.72
C MET U 52 48.43 -46.05 72.95
N SER U 53 47.66 -45.99 71.87
CA SER U 53 46.26 -46.36 71.89
C SER U 53 46.10 -47.87 71.86
N ARG U 54 44.86 -48.34 71.94
CA ARG U 54 44.62 -49.77 71.86
C ARG U 54 44.91 -50.31 70.47
N THR U 55 44.55 -49.57 69.43
CA THR U 55 44.85 -50.00 68.08
C THR U 55 46.35 -50.03 67.83
N ASN U 56 47.10 -49.14 68.48
CA ASN U 56 48.55 -49.15 68.41
C ASN U 56 49.17 -50.15 69.37
N ARG U 57 48.35 -50.86 70.14
CA ARG U 57 48.82 -51.93 71.02
C ARG U 57 48.05 -53.21 70.68
N PRO U 58 48.37 -53.83 69.54
CA PRO U 58 47.65 -55.02 69.15
C PRO U 58 47.96 -56.18 70.08
N PRO U 59 46.99 -57.05 70.36
CA PRO U 59 47.27 -58.21 71.20
C PRO U 59 48.23 -59.17 70.53
N LEU U 60 49.06 -59.82 71.33
CA LEU U 60 50.10 -60.71 70.85
C LEU U 60 49.70 -62.14 71.15
N SER U 61 49.53 -62.94 70.10
CA SER U 61 49.04 -64.30 70.28
C SER U 61 50.11 -65.18 70.90
N LEU U 62 49.65 -66.23 71.58
CA LEU U 62 50.57 -67.13 72.24
C LEU U 62 51.46 -67.85 71.24
N SER U 63 50.90 -68.25 70.10
CA SER U 63 51.71 -68.93 69.09
C SER U 63 52.80 -68.01 68.55
N ARG U 64 52.46 -66.74 68.30
CA ARG U 64 53.46 -65.80 67.83
C ARG U 64 54.53 -65.57 68.89
N MET U 65 54.13 -65.49 70.16
CA MET U 65 55.13 -65.29 71.21
C MET U 65 56.05 -66.50 71.33
N ILE U 66 55.49 -67.71 71.24
CA ILE U 66 56.32 -68.91 71.29
C ILE U 66 57.30 -68.92 70.14
N ARG U 67 56.81 -68.64 68.93
CA ARG U 67 57.66 -68.69 67.75
C ARG U 67 58.75 -67.64 67.79
N LYS U 68 58.42 -66.44 68.27
CA LYS U 68 59.43 -65.40 68.36
C LYS U 68 60.47 -65.71 69.43
N MET U 69 60.03 -66.21 70.59
CA MET U 69 61.00 -66.50 71.65
C MET U 69 61.84 -67.73 71.34
N LYS U 70 61.36 -68.60 70.47
CA LYS U 70 62.02 -69.87 70.22
C LYS U 70 63.22 -69.75 69.28
N LEU U 71 63.45 -68.56 68.73
CA LEU U 71 64.60 -68.35 67.86
C LEU U 71 65.91 -68.51 68.67
N PRO U 72 66.97 -68.99 68.02
CA PRO U 72 68.19 -69.33 68.78
C PRO U 72 68.83 -68.10 69.40
N GLY U 73 69.37 -68.29 70.59
CA GLY U 73 69.96 -67.18 71.32
C GLY U 73 68.97 -66.33 72.08
N ARG U 74 67.75 -66.81 72.28
CA ARG U 74 66.72 -66.07 72.99
C ARG U 74 66.27 -66.73 74.27
N GLU U 75 66.80 -67.91 74.61
CA GLU U 75 66.38 -68.59 75.82
C GLU U 75 66.85 -67.84 77.06
N ASN U 76 66.18 -68.11 78.18
CA ASN U 76 66.45 -67.45 79.46
C ASN U 76 66.27 -65.94 79.38
N LYS U 77 65.37 -65.47 78.54
CA LYS U 77 65.10 -64.05 78.41
C LYS U 77 63.66 -63.76 78.76
N THR U 78 63.42 -62.55 79.25
CA THR U 78 62.09 -62.10 79.62
C THR U 78 61.40 -61.61 78.36
N ALA U 79 60.30 -62.24 77.98
CA ALA U 79 59.55 -61.79 76.83
C ALA U 79 58.59 -60.70 77.26
N VAL U 80 58.80 -59.48 76.77
CA VAL U 80 58.06 -58.31 77.23
C VAL U 80 57.16 -57.82 76.10
N VAL U 81 55.86 -57.71 76.38
CA VAL U 81 54.93 -57.14 75.42
C VAL U 81 54.10 -56.07 76.14
N VAL U 82 54.01 -54.89 75.52
CA VAL U 82 53.23 -53.79 76.08
C VAL U 82 51.82 -53.94 75.53
N GLY U 83 51.03 -54.79 76.19
CA GLY U 83 49.67 -55.02 75.74
C GLY U 83 49.07 -56.28 76.32
N THR U 84 48.35 -57.04 75.50
CA THR U 84 47.59 -58.19 75.95
C THR U 84 48.18 -59.46 75.35
N ILE U 85 48.42 -60.45 76.20
CA ILE U 85 48.81 -61.77 75.75
C ILE U 85 47.56 -62.63 75.62
N THR U 86 47.40 -63.21 74.45
CA THR U 86 46.17 -63.89 74.07
C THR U 86 46.43 -65.36 73.83
N ASP U 87 45.56 -66.21 74.36
CA ASP U 87 45.66 -67.64 74.11
C ASP U 87 45.37 -67.97 72.66
N ASP U 88 46.20 -68.81 72.07
CA ASP U 88 46.00 -69.33 70.73
C ASP U 88 45.66 -70.80 70.85
N VAL U 89 44.47 -71.19 70.37
CA VAL U 89 44.03 -72.57 70.50
C VAL U 89 44.69 -73.49 69.51
N ARG U 90 45.57 -72.99 68.66
CA ARG U 90 46.22 -73.78 67.63
C ARG U 90 47.55 -74.35 68.06
N VAL U 91 48.01 -74.08 69.27
CA VAL U 91 49.27 -74.64 69.75
C VAL U 91 48.97 -75.86 70.59
N GLN U 92 49.89 -76.82 70.53
CA GLN U 92 49.74 -78.06 71.26
C GLN U 92 50.54 -78.10 72.54
N GLU U 93 51.70 -77.45 72.58
CA GLU U 93 52.51 -77.43 73.78
C GLU U 93 53.12 -76.05 73.96
N VAL U 94 53.11 -75.57 75.19
CA VAL U 94 53.71 -74.30 75.57
C VAL U 94 54.96 -74.59 76.39
N PRO U 95 56.14 -74.18 75.96
CA PRO U 95 57.33 -74.39 76.78
C PRO U 95 57.39 -73.43 77.96
N LYS U 96 58.42 -73.55 78.79
CA LYS U 96 58.55 -72.65 79.93
C LYS U 96 58.80 -71.24 79.45
N LEU U 97 57.89 -70.33 79.77
CA LEU U 97 57.97 -68.95 79.32
C LEU U 97 57.95 -68.02 80.51
N LYS U 98 58.84 -67.04 80.51
CA LYS U 98 58.82 -65.95 81.48
C LYS U 98 58.47 -64.67 80.74
N VAL U 99 57.25 -64.19 80.94
CA VAL U 99 56.73 -63.09 80.14
C VAL U 99 56.27 -61.96 81.06
N CYS U 100 56.24 -60.76 80.50
CA CYS U 100 55.77 -59.58 81.20
C CYS U 100 54.79 -58.83 80.31
N ALA U 101 53.58 -58.63 80.80
CA ALA U 101 52.53 -58.06 79.97
C ALA U 101 51.63 -57.19 80.82
N LEU U 102 51.02 -56.20 80.15
CA LEU U 102 50.04 -55.36 80.82
C LEU U 102 48.84 -56.16 81.26
N ARG U 103 48.41 -57.12 80.45
CA ARG U 103 47.19 -57.85 80.70
C ARG U 103 47.27 -59.17 79.98
N VAL U 104 46.85 -60.23 80.65
CA VAL U 104 46.90 -61.57 80.08
C VAL U 104 45.50 -62.15 80.12
N THR U 105 45.07 -62.73 79.01
CA THR U 105 43.84 -63.49 78.96
C THR U 105 43.84 -64.57 80.04
N SER U 106 42.66 -64.88 80.56
CA SER U 106 42.59 -65.91 81.60
C SER U 106 43.04 -67.26 81.08
N ARG U 107 42.65 -67.63 79.87
CA ARG U 107 43.05 -68.92 79.35
C ARG U 107 44.53 -68.96 79.02
N ALA U 108 45.07 -67.88 78.45
CA ALA U 108 46.51 -67.81 78.22
C ALA U 108 47.28 -67.86 79.53
N ARG U 109 46.79 -67.15 80.55
CA ARG U 109 47.41 -67.18 81.86
C ARG U 109 47.42 -68.58 82.44
N SER U 110 46.29 -69.28 82.35
CA SER U 110 46.21 -70.63 82.88
C SER U 110 47.14 -71.57 82.14
N ARG U 111 47.19 -71.47 80.81
CA ARG U 111 48.08 -72.35 80.05
C ARG U 111 49.53 -72.06 80.37
N ILE U 112 49.90 -70.78 80.46
CA ILE U 112 51.29 -70.42 80.75
C ILE U 112 51.68 -70.91 82.13
N LEU U 113 50.82 -70.68 83.12
CA LEU U 113 51.16 -71.07 84.48
C LEU U 113 51.25 -72.58 84.61
N ARG U 114 50.31 -73.31 84.01
CA ARG U 114 50.30 -74.76 84.14
C ARG U 114 51.45 -75.40 83.37
N ALA U 115 51.96 -74.72 82.35
CA ALA U 115 53.12 -75.24 81.64
C ALA U 115 54.44 -74.94 82.34
N GLY U 116 54.39 -74.52 83.61
CA GLY U 116 55.60 -74.18 84.35
C GLY U 116 56.11 -72.77 84.12
N GLY U 117 55.31 -71.89 83.55
CA GLY U 117 55.78 -70.57 83.22
C GLY U 117 55.67 -69.59 84.37
N LYS U 118 56.15 -68.37 84.10
CA LYS U 118 56.15 -67.26 85.04
C LYS U 118 55.64 -66.02 84.34
N ILE U 119 54.74 -65.31 85.01
CA ILE U 119 54.09 -64.14 84.45
C ILE U 119 54.41 -62.94 85.34
N LEU U 120 54.65 -61.80 84.70
CA LEU U 120 55.04 -60.57 85.38
C LEU U 120 54.20 -59.40 84.91
N THR U 121 53.86 -58.52 85.84
CA THR U 121 53.40 -57.19 85.52
C THR U 121 54.61 -56.28 85.42
N PHE U 122 54.39 -55.09 84.85
CA PHE U 122 55.53 -54.23 84.54
C PHE U 122 56.17 -53.65 85.80
N ASP U 123 55.40 -53.46 86.86
CA ASP U 123 56.02 -52.98 88.10
C ASP U 123 56.90 -54.05 88.73
N GLN U 124 56.64 -55.33 88.45
CA GLN U 124 57.59 -56.37 88.83
C GLN U 124 58.76 -56.42 87.87
N LEU U 125 58.51 -56.17 86.59
CA LEU U 125 59.60 -56.15 85.61
C LEU U 125 60.62 -55.08 85.94
N ALA U 126 60.14 -53.95 86.46
CA ALA U 126 61.06 -52.87 86.80
C ALA U 126 62.06 -53.31 87.85
N LEU U 127 61.58 -53.98 88.91
CA LEU U 127 62.49 -54.47 89.94
C LEU U 127 63.39 -55.56 89.39
N ASP U 128 62.84 -56.43 88.53
CA ASP U 128 63.62 -57.54 88.00
C ASP U 128 64.75 -57.06 87.10
N SER U 129 64.49 -56.02 86.31
CA SER U 129 65.46 -55.52 85.33
C SER U 129 65.11 -54.08 85.01
N PRO U 130 65.59 -53.13 85.80
CA PRO U 130 65.29 -51.72 85.54
C PRO U 130 65.79 -51.23 84.19
N LYS U 131 66.92 -51.72 83.74
CA LYS U 131 67.43 -51.36 82.41
C LYS U 131 66.85 -52.25 81.32
N GLY U 132 65.95 -53.16 81.66
CA GLY U 132 65.45 -54.09 80.67
C GLY U 132 66.53 -55.04 80.19
N CYS U 133 67.37 -55.53 81.09
CA CYS U 133 68.42 -56.46 80.69
C CYS U 133 67.81 -57.83 80.39
N GLY U 134 68.23 -58.41 79.28
CA GLY U 134 67.77 -59.72 78.89
C GLY U 134 66.28 -59.77 78.59
N THR U 135 65.80 -58.80 77.82
CA THR U 135 64.40 -58.73 77.46
C THR U 135 64.24 -58.81 75.95
N VAL U 136 63.32 -59.63 75.50
CA VAL U 136 62.92 -59.71 74.10
C VAL U 136 61.62 -58.93 73.97
N LEU U 137 61.69 -57.79 73.30
CA LEU U 137 60.56 -56.87 73.22
C LEU U 137 59.73 -57.22 71.99
N LEU U 138 58.49 -57.62 72.20
CA LEU U 138 57.62 -58.09 71.14
C LEU U 138 56.45 -57.15 70.96
N SER U 139 55.94 -57.10 69.74
CA SER U 139 54.72 -56.37 69.43
C SER U 139 53.84 -57.23 68.54
N GLY U 140 52.53 -57.03 68.65
CA GLY U 140 51.59 -57.77 67.85
C GLY U 140 51.52 -57.23 66.44
N PRO U 141 50.70 -57.87 65.63
CA PRO U 141 50.56 -57.41 64.25
C PRO U 141 49.83 -56.09 64.16
N ARG U 142 50.57 -55.02 63.86
CA ARG U 142 49.96 -53.69 63.84
C ARG U 142 49.00 -53.55 62.68
N LYS U 143 49.40 -53.95 61.48
CA LYS U 143 48.49 -53.89 60.34
C LYS U 143 47.65 -55.14 60.21
N GLY U 144 47.47 -55.89 61.30
CA GLY U 144 46.64 -57.06 61.29
C GLY U 144 45.22 -56.77 61.71
N ARG U 145 44.66 -55.66 61.22
CA ARG U 145 43.29 -55.28 61.49
C ARG U 145 42.51 -55.26 60.18
N GLU U 146 41.19 -55.32 60.29
CA GLU U 146 40.37 -55.35 59.09
C GLU U 146 40.30 -53.99 58.41
N VAL U 147 40.67 -52.91 59.10
CA VAL U 147 40.69 -51.61 58.46
C VAL U 147 41.77 -51.54 57.40
N TYR U 148 42.90 -52.19 57.62
CA TYR U 148 43.97 -52.16 56.64
C TYR U 148 43.63 -52.92 55.37
N ARG U 149 42.58 -53.73 55.41
CA ARG U 149 42.06 -54.28 54.16
C ARG U 149 41.47 -53.19 53.29
N HIS U 150 40.68 -52.30 53.87
CA HIS U 150 40.09 -51.23 53.09
C HIS U 150 41.09 -50.13 52.77
N PHE U 151 42.08 -49.93 53.64
CA PHE U 151 43.03 -48.85 53.42
C PHE U 151 43.92 -49.14 52.21
N GLY U 152 44.38 -48.07 51.58
CA GLY U 152 45.23 -48.22 50.42
C GLY U 152 44.73 -47.45 49.22
N LYS U 153 45.00 -47.96 48.02
CA LYS U 153 44.50 -47.31 46.81
C LYS U 153 42.99 -47.51 46.69
N ALA U 154 42.40 -46.84 45.73
CA ALA U 154 40.96 -46.93 45.54
C ALA U 154 40.59 -48.33 45.05
N PRO U 155 39.43 -48.85 45.45
CA PRO U 155 39.00 -50.15 44.95
C PRO U 155 38.75 -50.19 43.46
N GLY U 156 38.49 -49.04 42.84
CA GLY U 156 38.19 -49.00 41.43
C GLY U 156 39.35 -48.58 40.56
N THR U 157 40.57 -48.86 41.01
CA THR U 157 41.73 -48.50 40.23
C THR U 157 42.53 -49.74 39.87
N PRO U 158 43.26 -49.72 38.76
CA PRO U 158 44.06 -50.89 38.39
C PRO U 158 45.14 -51.18 39.41
N HIS U 159 45.45 -52.47 39.55
CA HIS U 159 46.47 -52.95 40.50
C HIS U 159 46.15 -52.51 41.92
N SER U 160 44.88 -52.57 42.29
CA SER U 160 44.46 -52.31 43.66
C SER U 160 43.70 -53.52 44.17
N HIS U 161 44.07 -53.97 45.36
CA HIS U 161 43.42 -55.10 46.00
C HIS U 161 42.87 -54.69 47.35
N THR U 162 42.23 -53.54 47.40
CA THR U 162 41.63 -53.04 48.63
C THR U 162 40.17 -53.46 48.69
N LYS U 163 39.78 -54.05 49.81
CA LYS U 163 38.42 -54.51 49.95
C LYS U 163 37.48 -53.30 49.97
N PRO U 164 36.46 -53.27 49.12
CA PRO U 164 35.53 -52.16 49.14
C PRO U 164 34.56 -52.27 50.31
N TYR U 165 33.87 -51.17 50.58
CA TYR U 165 32.85 -51.14 51.61
C TYR U 165 31.53 -51.56 50.98
N VAL U 166 31.03 -52.72 51.38
CA VAL U 166 29.79 -53.27 50.85
C VAL U 166 28.88 -53.64 52.00
N ARG U 167 27.59 -53.36 51.85
CA ARG U 167 26.65 -53.72 52.91
C ARG U 167 26.33 -55.20 52.91
N SER U 168 26.71 -55.93 51.85
CA SER U 168 26.52 -57.36 51.78
C SER U 168 27.57 -57.96 50.86
N LYS U 169 27.74 -59.27 50.95
CA LYS U 169 28.66 -59.99 50.09
C LYS U 169 27.89 -61.03 49.30
N GLY U 170 27.93 -60.91 47.98
CA GLY U 170 27.21 -61.84 47.13
C GLY U 170 27.42 -61.45 45.69
N ARG U 171 26.75 -62.19 44.80
CA ARG U 171 26.87 -61.92 43.38
C ARG U 171 26.12 -60.65 42.98
N LYS U 172 25.28 -60.11 43.85
CA LYS U 172 24.49 -58.93 43.53
C LYS U 172 25.05 -57.67 44.18
N PHE U 173 26.28 -57.72 44.68
CA PHE U 173 26.83 -56.60 45.44
C PHE U 173 28.21 -56.23 44.89
N GLU U 174 28.22 -55.25 43.98
CA GLU U 174 29.43 -54.69 43.41
C GLU U 174 30.26 -55.76 42.70
N ARG U 175 29.64 -56.37 41.69
CA ARG U 175 30.32 -57.36 40.87
C ARG U 175 30.04 -57.21 39.38
N ALA U 176 29.33 -56.17 38.95
CA ALA U 176 28.89 -56.14 37.56
C ALA U 176 29.79 -55.32 36.63
N ARG U 177 29.86 -54.00 36.80
CA ARG U 177 30.48 -53.13 35.80
C ARG U 177 31.70 -52.46 36.41
N GLY U 178 32.87 -52.83 35.90
CA GLY U 178 34.12 -52.51 36.55
C GLY U 178 34.74 -53.67 37.27
N ARG U 179 34.16 -54.86 37.15
CA ARG U 179 34.71 -56.07 37.74
C ARG U 179 34.86 -57.20 36.74
N ARG U 180 34.25 -57.10 35.56
CA ARG U 180 34.41 -58.12 34.54
C ARG U 180 34.37 -57.43 33.19
N ALA U 181 35.10 -58.00 32.23
CA ALA U 181 35.15 -57.42 30.90
C ALA U 181 33.82 -57.52 30.17
N SER U 182 32.94 -58.43 30.59
CA SER U 182 31.67 -58.61 29.91
C SER U 182 30.71 -57.47 30.20
N ARG U 183 30.93 -56.71 31.26
CA ARG U 183 30.08 -55.58 31.60
C ARG U 183 30.96 -54.33 31.65
N GLY U 184 31.09 -53.66 30.50
CA GLY U 184 31.74 -52.37 30.46
C GLY U 184 33.24 -52.45 30.45
N TYR U 185 33.85 -52.69 31.61
CA TYR U 185 35.29 -52.69 31.71
C TYR U 185 35.68 -53.49 32.95
N LYS U 186 36.98 -53.73 33.09
CA LYS U 186 37.45 -54.52 34.21
C LYS U 186 38.58 -53.85 35.00
N ASN U 187 39.30 -52.93 34.38
CA ASN U 187 40.57 -52.35 34.86
C ASN U 187 41.44 -53.31 35.71
N SER V 1 -35.93 24.20 82.77
CA SER V 1 -34.61 24.29 82.16
C SER V 1 -34.63 23.83 80.71
N MET V 2 -35.11 22.61 80.50
CA MET V 2 -35.18 22.03 79.16
C MET V 2 -36.63 21.68 78.87
N LEU V 3 -37.13 22.16 77.74
CA LEU V 3 -38.55 22.04 77.40
C LEU V 3 -38.76 21.27 76.10
N ARG V 4 -37.84 20.38 75.75
CA ARG V 4 -37.99 19.60 74.53
C ARG V 4 -39.21 18.70 74.61
N LEU V 5 -39.39 18.03 75.74
CA LEU V 5 -40.56 17.19 75.95
C LEU V 5 -41.85 17.99 75.89
N GLN V 6 -41.87 19.15 76.55
CA GLN V 6 -43.08 19.95 76.58
C GLN V 6 -43.43 20.44 75.19
N LYS V 7 -42.41 20.82 74.40
CA LYS V 7 -42.69 21.29 73.05
C LYS V 7 -43.22 20.18 72.17
N ARG V 8 -42.66 18.97 72.25
CA ARG V 8 -43.18 17.87 71.45
C ARG V 8 -44.62 17.52 71.86
N LEU V 9 -44.87 17.43 73.16
CA LEU V 9 -46.21 17.12 73.64
C LEU V 9 -47.20 18.19 73.20
N ALA V 10 -46.84 19.45 73.31
CA ALA V 10 -47.73 20.53 72.94
C ALA V 10 -47.99 20.53 71.44
N SER V 11 -46.98 20.25 70.62
CA SER V 11 -47.22 20.17 69.19
C SER V 11 -48.20 19.05 68.87
N SER V 12 -48.05 17.90 69.53
CA SER V 12 -48.98 16.80 69.27
C SER V 12 -50.39 17.15 69.73
N VAL V 13 -50.51 17.83 70.88
CA VAL V 13 -51.82 18.16 71.40
C VAL V 13 -52.51 19.21 70.54
N LEU V 14 -51.76 20.21 70.09
CA LEU V 14 -52.33 21.25 69.26
C LEU V 14 -52.48 20.86 67.81
N ARG V 15 -51.96 19.68 67.43
CA ARG V 15 -52.07 19.18 66.07
C ARG V 15 -51.44 20.13 65.07
N CYS V 16 -50.30 20.71 65.46
CA CYS V 16 -49.47 21.53 64.60
C CYS V 16 -48.02 21.11 64.79
N GLY V 17 -47.15 21.62 63.93
CA GLY V 17 -45.74 21.34 64.06
C GLY V 17 -45.13 22.11 65.20
N LYS V 18 -43.88 21.76 65.52
CA LYS V 18 -43.17 22.48 66.56
C LYS V 18 -42.83 23.90 66.15
N LYS V 19 -42.97 24.24 64.86
CA LYS V 19 -42.75 25.61 64.42
C LYS V 19 -43.71 26.57 65.11
N LYS V 20 -44.97 26.19 65.20
CA LYS V 20 -46.02 27.06 65.69
C LYS V 20 -46.19 27.02 67.21
N VAL V 21 -45.47 26.15 67.89
CA VAL V 21 -45.58 26.06 69.34
C VAL V 21 -44.90 27.28 69.95
N TRP V 22 -45.62 28.00 70.81
CA TRP V 22 -45.08 29.17 71.50
C TRP V 22 -45.19 28.93 72.99
N LEU V 23 -44.06 28.67 73.64
CA LEU V 23 -44.00 28.54 75.08
C LEU V 23 -43.55 29.87 75.66
N ASP V 24 -44.25 30.32 76.70
CA ASP V 24 -43.98 31.64 77.26
C ASP V 24 -42.59 31.68 77.88
N PRO V 25 -41.70 32.57 77.42
CA PRO V 25 -40.32 32.56 77.92
C PRO V 25 -40.17 33.09 79.33
N ASN V 26 -41.26 33.44 80.02
CA ASN V 26 -41.19 33.85 81.41
C ASN V 26 -41.69 32.78 82.36
N GLU V 27 -42.71 32.02 81.97
CA GLU V 27 -43.24 30.93 82.79
C GLU V 27 -42.55 29.61 82.45
N THR V 28 -41.23 29.64 82.41
CA THR V 28 -40.49 28.46 81.99
C THR V 28 -40.64 27.33 83.01
N ASN V 29 -40.62 27.66 84.30
CA ASN V 29 -40.77 26.62 85.31
C ASN V 29 -42.20 26.09 85.36
N GLU V 30 -43.19 26.95 85.13
CA GLU V 30 -44.56 26.50 85.07
C GLU V 30 -44.76 25.52 83.92
N ILE V 31 -44.15 25.80 82.76
CA ILE V 31 -44.24 24.86 81.66
C ILE V 31 -43.48 23.58 82.00
N ALA V 32 -42.32 23.71 82.62
CA ALA V 32 -41.47 22.56 82.87
C ALA V 32 -42.07 21.60 83.89
N ASN V 33 -42.92 22.09 84.78
CA ASN V 33 -43.55 21.20 85.73
C ASN V 33 -44.56 20.25 85.10
N ALA V 34 -44.97 20.51 83.87
CA ALA V 34 -45.97 19.69 83.19
C ALA V 34 -45.27 18.54 82.49
N ASN V 35 -45.78 17.33 82.68
CA ASN V 35 -45.20 16.14 82.07
C ASN V 35 -46.20 15.32 81.28
N SER V 36 -47.46 15.72 81.23
CA SER V 36 -48.49 14.93 80.55
C SER V 36 -49.35 15.83 79.67
N ARG V 37 -50.03 15.18 78.73
CA ARG V 37 -50.78 15.90 77.71
C ARG V 37 -51.94 16.67 78.31
N GLN V 38 -52.58 16.13 79.34
CA GLN V 38 -53.67 16.88 79.95
C GLN V 38 -53.15 18.08 80.74
N GLN V 39 -51.95 17.97 81.31
CA GLN V 39 -51.31 19.15 81.88
C GLN V 39 -51.05 20.20 80.81
N ILE V 40 -50.59 19.76 79.64
CA ILE V 40 -50.38 20.70 78.54
C ILE V 40 -51.71 21.33 78.13
N ARG V 41 -52.79 20.55 78.11
CA ARG V 41 -54.10 21.09 77.76
C ARG V 41 -54.55 22.12 78.77
N LYS V 42 -54.31 21.87 80.05
CA LYS V 42 -54.62 22.85 81.07
C LYS V 42 -53.84 24.14 80.85
N LEU V 43 -52.57 24.02 80.46
CA LEU V 43 -51.78 25.21 80.17
C LEU V 43 -52.28 25.96 78.93
N ILE V 44 -52.71 25.23 77.91
CA ILE V 44 -53.27 25.89 76.72
C ILE V 44 -54.55 26.62 77.08
N LYS V 45 -55.39 26.00 77.89
CA LYS V 45 -56.59 26.67 78.38
C LYS V 45 -56.24 27.91 79.17
N ASP V 46 -55.19 27.85 79.99
CA ASP V 46 -54.77 28.98 80.80
C ASP V 46 -53.96 29.99 80.02
N GLY V 47 -53.66 29.72 78.75
CA GLY V 47 -53.05 30.72 77.90
C GLY V 47 -51.57 30.87 78.05
N LEU V 48 -50.88 29.91 78.65
CA LEU V 48 -49.43 29.92 78.69
C LEU V 48 -48.80 29.26 77.47
N ILE V 49 -49.60 28.61 76.63
CA ILE V 49 -49.15 28.08 75.34
C ILE V 49 -50.12 28.56 74.27
N ILE V 50 -49.60 29.23 73.26
CA ILE V 50 -50.41 29.79 72.19
C ILE V 50 -49.94 29.18 70.87
N ARG V 51 -50.88 28.71 70.08
CA ARG V 51 -50.57 28.28 68.73
C ARG V 51 -50.31 29.51 67.86
N LYS V 52 -49.11 29.63 67.35
CA LYS V 52 -48.75 30.78 66.53
C LYS V 52 -49.51 30.74 65.21
N PRO V 53 -49.80 31.91 64.65
CA PRO V 53 -50.49 31.94 63.35
C PRO V 53 -49.61 31.46 62.22
N VAL V 54 -50.26 30.97 61.16
CA VAL V 54 -49.56 30.59 59.95
C VAL V 54 -48.90 31.81 59.33
N THR V 55 -47.67 31.63 58.85
CA THR V 55 -46.96 32.71 58.18
C THR V 55 -47.76 33.23 57.00
N VAL V 56 -47.84 34.55 56.86
CA VAL V 56 -48.72 35.16 55.89
C VAL V 56 -48.10 35.02 54.50
N HIS V 57 -48.77 34.26 53.63
CA HIS V 57 -48.41 34.16 52.22
C HIS V 57 -49.59 34.71 51.44
N SER V 58 -49.62 36.03 51.27
CA SER V 58 -50.68 36.66 50.51
C SER V 58 -50.62 36.29 49.05
N ARG V 59 -51.78 36.22 48.42
CA ARG V 59 -51.91 35.92 47.00
C ARG V 59 -52.24 37.19 46.20
N ALA V 60 -52.21 38.35 46.83
CA ALA V 60 -52.68 39.58 46.20
C ALA V 60 -51.85 39.96 45.00
N ARG V 61 -50.54 39.78 45.07
CA ARG V 61 -49.68 40.06 43.93
C ARG V 61 -50.10 39.21 42.73
N CYS V 62 -50.31 37.92 42.95
CA CYS V 62 -50.72 37.04 41.87
C CYS V 62 -52.09 37.41 41.34
N ARG V 63 -53.03 37.79 42.22
CA ARG V 63 -54.35 38.17 41.76
C ARG V 63 -54.30 39.42 40.88
N LYS V 64 -53.50 40.41 41.28
CA LYS V 64 -53.39 41.61 40.45
C LYS V 64 -52.75 41.28 39.11
N ASN V 65 -51.72 40.44 39.11
CA ASN V 65 -51.12 40.02 37.86
C ASN V 65 -52.10 39.24 37.00
N THR V 66 -52.96 38.44 37.63
CA THR V 66 -53.96 37.66 36.89
C THR V 66 -54.98 38.58 36.25
N LEU V 67 -55.41 39.62 36.95
CA LEU V 67 -56.34 40.57 36.35
C LEU V 67 -55.69 41.32 35.19
N ALA V 68 -54.42 41.73 35.35
CA ALA V 68 -53.75 42.38 34.24
C ALA V 68 -53.61 41.45 33.04
N ARG V 69 -53.30 40.17 33.30
CA ARG V 69 -53.21 39.20 32.22
C ARG V 69 -54.56 39.00 31.54
N ARG V 70 -55.64 38.96 32.31
CA ARG V 70 -56.96 38.83 31.72
C ARG V 70 -57.30 40.03 30.85
N LYS V 71 -56.94 41.22 31.31
CA LYS V 71 -57.08 42.40 30.46
C LYS V 71 -56.25 42.27 29.19
N GLY V 72 -55.11 41.59 29.26
CA GLY V 72 -54.33 41.28 28.07
C GLY V 72 -52.86 41.58 28.19
N ARG V 73 -52.41 42.19 29.27
CA ARG V 73 -51.02 42.55 29.41
C ARG V 73 -50.19 41.33 29.75
N HIS V 74 -48.87 41.48 29.64
CA HIS V 74 -47.89 40.44 29.98
C HIS V 74 -48.05 39.18 29.14
N MET V 75 -48.74 39.25 28.01
CA MET V 75 -48.74 38.13 27.07
C MET V 75 -47.64 38.32 26.03
N GLY V 76 -47.75 39.37 25.22
CA GLY V 76 -46.73 39.77 24.28
C GLY V 76 -46.12 38.65 23.47
N ILE V 77 -44.86 38.82 23.09
CA ILE V 77 -44.07 37.75 22.50
C ILE V 77 -42.95 37.33 23.45
N GLY V 78 -42.32 38.29 24.11
CA GLY V 78 -41.22 37.98 25.00
C GLY V 78 -41.63 37.25 26.25
N LYS V 79 -42.91 37.15 26.54
CA LYS V 79 -43.39 36.42 27.69
C LYS V 79 -43.84 35.00 27.34
N ARG V 80 -43.61 34.56 26.11
CA ARG V 80 -44.01 33.24 25.67
C ARG V 80 -42.79 32.35 25.60
N LYS V 81 -42.80 31.27 26.38
CA LYS V 81 -41.74 30.28 26.31
C LYS V 81 -42.19 28.96 25.73
N GLY V 82 -43.49 28.70 25.68
CA GLY V 82 -43.98 27.50 25.09
C GLY V 82 -44.27 27.66 23.62
N THR V 83 -44.31 26.54 22.92
CA THR V 83 -44.69 26.53 21.53
C THR V 83 -46.12 27.02 21.41
N ALA V 84 -46.45 27.57 20.24
CA ALA V 84 -47.83 27.98 19.98
C ALA V 84 -48.79 26.81 20.17
N ASN V 85 -48.34 25.60 19.88
CA ASN V 85 -49.13 24.41 20.19
C ASN V 85 -49.06 24.05 21.67
N ALA V 86 -47.90 24.25 22.30
CA ALA V 86 -47.75 23.87 23.71
C ALA V 86 -48.65 24.68 24.60
N ARG V 87 -48.82 25.97 24.29
CA ARG V 87 -49.66 26.82 25.11
C ARG V 87 -51.14 26.56 24.88
N MET V 88 -51.52 26.07 23.70
CA MET V 88 -52.91 25.79 23.38
C MET V 88 -52.99 24.78 22.24
N PRO V 89 -53.13 23.50 22.55
CA PRO V 89 -53.01 22.46 21.52
C PRO V 89 -54.07 22.58 20.44
N GLU V 90 -53.63 22.40 19.20
CA GLU V 90 -54.55 22.43 18.07
C GLU V 90 -55.55 21.31 18.13
N LYS V 91 -55.20 20.17 18.73
CA LYS V 91 -56.19 19.12 18.92
C LYS V 91 -57.31 19.59 19.82
N VAL V 92 -56.98 20.29 20.89
CA VAL V 92 -58.01 20.83 21.77
C VAL V 92 -58.84 21.86 21.04
N THR V 93 -58.19 22.74 20.28
CA THR V 93 -58.93 23.77 19.56
C THR V 93 -59.90 23.16 18.55
N TRP V 94 -59.41 22.20 17.76
CA TRP V 94 -60.24 21.53 16.77
C TRP V 94 -61.35 20.74 17.43
N MET V 95 -61.06 20.11 18.56
CA MET V 95 -62.09 19.36 19.27
C MET V 95 -63.21 20.28 19.74
N ARG V 96 -62.86 21.44 20.30
CA ARG V 96 -63.89 22.37 20.75
C ARG V 96 -64.69 22.91 19.56
N ARG V 97 -64.01 23.24 18.46
CA ARG V 97 -64.73 23.74 17.29
C ARG V 97 -65.66 22.68 16.73
N MET V 98 -65.21 21.44 16.64
CA MET V 98 -66.07 20.36 16.17
C MET V 98 -67.27 20.19 17.08
N ARG V 99 -67.06 20.22 18.38
CA ARG V 99 -68.17 20.06 19.31
C ARG V 99 -69.18 21.18 19.16
N ILE V 100 -68.70 22.42 19.03
CA ILE V 100 -69.61 23.55 18.91
C ILE V 100 -70.41 23.46 17.60
N LEU V 101 -69.72 23.19 16.50
CA LEU V 101 -70.39 23.16 15.21
C LEU V 101 -71.38 22.02 15.13
N ARG V 102 -71.01 20.84 15.64
CA ARG V 102 -71.93 19.72 15.63
C ARG V 102 -73.13 19.99 16.51
N ARG V 103 -72.93 20.64 17.66
CA ARG V 103 -74.06 21.02 18.49
C ARG V 103 -74.99 21.96 17.75
N LEU V 104 -74.42 22.94 17.05
CA LEU V 104 -75.25 23.89 16.30
C LEU V 104 -76.05 23.20 15.22
N LEU V 105 -75.41 22.29 14.47
CA LEU V 105 -76.12 21.56 13.42
C LEU V 105 -77.22 20.68 13.99
N ARG V 106 -76.94 19.99 15.10
CA ARG V 106 -77.95 19.14 15.71
C ARG V 106 -79.12 19.97 16.22
N ARG V 107 -78.84 21.12 16.84
CA ARG V 107 -79.93 21.97 17.31
C ARG V 107 -80.77 22.50 16.16
N TYR V 108 -80.14 22.87 15.05
CA TYR V 108 -80.90 23.35 13.90
C TYR V 108 -81.81 22.27 13.34
N ARG V 109 -81.28 21.04 13.17
CA ARG V 109 -82.12 19.96 12.68
C ARG V 109 -83.24 19.63 13.66
N GLU V 110 -82.93 19.66 14.96
CA GLU V 110 -83.93 19.36 15.97
C GLU V 110 -85.04 20.40 15.98
N SER V 111 -84.69 21.66 15.73
CA SER V 111 -85.67 22.74 15.61
C SER V 111 -86.26 22.83 14.22
N LYS V 112 -85.87 21.93 13.31
CA LYS V 112 -86.44 21.79 11.98
C LYS V 112 -86.14 22.99 11.10
N LYS V 113 -85.10 23.75 11.45
CA LYS V 113 -84.64 24.81 10.56
C LYS V 113 -83.91 24.23 9.36
N ILE V 114 -83.32 23.04 9.50
CA ILE V 114 -82.72 22.32 8.40
C ILE V 114 -83.21 20.88 8.45
N ASP V 115 -83.03 20.17 7.34
CA ASP V 115 -83.53 18.81 7.19
C ASP V 115 -82.40 17.81 7.41
N ARG V 116 -82.73 16.52 7.26
CA ARG V 116 -81.74 15.47 7.41
C ARG V 116 -80.66 15.57 6.34
N HIS V 117 -81.04 15.80 5.09
CA HIS V 117 -80.06 15.79 4.02
C HIS V 117 -79.13 16.99 4.12
N MET V 118 -79.68 18.17 4.35
CA MET V 118 -78.85 19.35 4.54
C MET V 118 -77.96 19.19 5.76
N TYR V 119 -78.51 18.65 6.85
CA TYR V 119 -77.71 18.45 8.05
C TYR V 119 -76.54 17.50 7.80
N HIS V 120 -76.79 16.41 7.07
CA HIS V 120 -75.72 15.43 6.85
C HIS V 120 -74.63 16.00 5.95
N SER V 121 -75.03 16.67 4.87
CA SER V 121 -74.02 17.26 4.00
C SER V 121 -73.20 18.30 4.74
N LEU V 122 -73.86 19.13 5.55
CA LEU V 122 -73.12 20.14 6.29
C LEU V 122 -72.28 19.52 7.40
N TYR V 123 -72.72 18.39 7.95
CA TYR V 123 -71.89 17.68 8.93
C TYR V 123 -70.60 17.22 8.29
N LEU V 124 -70.68 16.66 7.09
CA LEU V 124 -69.47 16.24 6.40
C LEU V 124 -68.59 17.44 6.06
N LYS V 125 -69.17 18.56 5.66
CA LYS V 125 -68.35 19.74 5.36
C LYS V 125 -67.69 20.31 6.61
N VAL V 126 -68.43 20.33 7.73
CA VAL V 126 -67.86 20.79 8.99
C VAL V 126 -66.67 19.93 9.39
N LYS V 127 -66.81 18.60 9.21
CA LYS V 127 -65.66 17.73 9.44
C LYS V 127 -64.53 18.03 8.48
N GLY V 128 -64.84 18.30 7.22
CA GLY V 128 -63.84 18.61 6.22
C GLY V 128 -63.26 19.99 6.29
N ASN V 129 -63.63 20.77 7.31
CA ASN V 129 -62.96 22.04 7.64
C ASN V 129 -63.16 23.09 6.55
N VAL V 130 -64.42 23.38 6.28
CA VAL V 130 -64.78 24.52 5.44
C VAL V 130 -65.43 25.64 6.23
N PHE V 131 -65.77 25.40 7.49
CA PHE V 131 -66.27 26.44 8.38
C PHE V 131 -65.39 26.49 9.62
N LYS V 132 -65.35 27.65 10.26
CA LYS V 132 -64.54 27.83 11.44
C LYS V 132 -65.27 28.45 12.63
N ASN V 133 -66.41 29.10 12.42
CA ASN V 133 -67.13 29.73 13.52
C ASN V 133 -68.61 29.40 13.42
N LYS V 134 -69.28 29.55 14.57
CA LYS V 134 -70.74 29.58 14.59
C LYS V 134 -71.26 30.60 13.60
N ARG V 135 -70.64 31.78 13.56
CA ARG V 135 -71.11 32.85 12.69
C ARG V 135 -71.00 32.45 11.23
N ILE V 136 -69.87 31.90 10.83
CA ILE V 136 -69.68 31.54 9.43
C ILE V 136 -70.63 30.43 9.02
N LEU V 137 -70.76 29.40 9.86
CA LEU V 137 -71.67 28.32 9.53
C LEU V 137 -73.09 28.82 9.43
N MET V 138 -73.48 29.73 10.33
CA MET V 138 -74.83 30.24 10.36
C MET V 138 -75.14 31.04 9.11
N GLU V 139 -74.21 31.90 8.69
CA GLU V 139 -74.42 32.69 7.49
C GLU V 139 -74.52 31.79 6.26
N HIS V 140 -73.66 30.77 6.19
CA HIS V 140 -73.75 29.83 5.08
C HIS V 140 -75.10 29.13 5.05
N ILE V 141 -75.61 28.77 6.22
CA ILE V 141 -76.92 28.13 6.30
C ILE V 141 -78.01 29.07 5.81
N HIS V 142 -77.94 30.34 6.21
CA HIS V 142 -78.96 31.29 5.77
C HIS V 142 -78.96 31.42 4.26
N LYS V 143 -77.77 31.57 3.67
CA LYS V 143 -77.67 31.71 2.22
C LYS V 143 -78.19 30.46 1.53
N LEU V 144 -77.83 29.29 2.04
CA LEU V 144 -78.27 28.05 1.40
C LEU V 144 -79.78 27.88 1.52
N LYS V 145 -80.35 28.25 2.66
CA LYS V 145 -81.79 28.15 2.82
C LYS V 145 -82.53 29.11 1.91
N ALA V 146 -81.98 30.31 1.69
CA ALA V 146 -82.57 31.22 0.73
C ALA V 146 -82.56 30.64 -0.67
N ASP V 147 -81.44 30.00 -1.04
CA ASP V 147 -81.37 29.33 -2.33
C ASP V 147 -82.42 28.23 -2.44
N LYS V 148 -82.56 27.42 -1.40
CA LYS V 148 -83.53 26.33 -1.42
C LYS V 148 -84.95 26.86 -1.53
N ALA V 149 -85.25 27.94 -0.81
CA ALA V 149 -86.58 28.55 -0.87
C ALA V 149 -86.90 29.07 -2.27
N ARG V 150 -85.96 29.79 -2.88
CA ARG V 150 -86.24 30.31 -4.23
C ARG V 150 -86.36 29.19 -5.25
N LYS V 151 -85.51 28.17 -5.15
CA LYS V 151 -85.60 27.06 -6.09
C LYS V 151 -86.91 26.31 -5.92
N LYS V 152 -87.36 26.12 -4.68
CA LYS V 152 -88.65 25.48 -4.45
C LYS V 152 -89.79 26.33 -5.00
N LEU V 153 -89.69 27.65 -4.87
CA LEU V 153 -90.74 28.52 -5.40
C LEU V 153 -90.81 28.42 -6.91
N LEU V 154 -89.67 28.47 -7.59
CA LEU V 154 -89.68 28.26 -9.03
C LEU V 154 -90.18 26.87 -9.40
N ALA V 155 -89.85 25.86 -8.60
CA ALA V 155 -90.26 24.49 -8.88
C ALA V 155 -91.77 24.34 -8.83
N ASP V 156 -92.39 24.81 -7.75
CA ASP V 156 -93.84 24.65 -7.67
C ASP V 156 -94.56 25.63 -8.58
N GLN V 157 -93.92 26.74 -8.97
CA GLN V 157 -94.49 27.57 -10.02
C GLN V 157 -94.56 26.80 -11.34
N ALA V 158 -93.47 26.12 -11.70
CA ALA V 158 -93.47 25.33 -12.93
C ALA V 158 -94.47 24.19 -12.84
N GLU V 159 -94.54 23.53 -11.68
CA GLU V 159 -95.52 22.46 -11.51
C GLU V 159 -96.93 22.98 -11.63
N ALA V 160 -97.21 24.15 -11.05
CA ALA V 160 -98.55 24.72 -11.13
C ALA V 160 -98.92 25.07 -12.57
N ARG V 161 -98.01 25.68 -13.33
CA ARG V 161 -98.32 26.04 -14.70
C ARG V 161 -98.52 24.79 -15.57
N ARG V 162 -97.64 23.79 -15.43
CA ARG V 162 -97.78 22.58 -16.23
C ARG V 162 -99.00 21.78 -15.82
N SER V 163 -99.37 21.78 -14.54
CA SER V 163 -100.56 21.07 -14.14
C SER V 163 -101.82 21.81 -14.55
N LYS V 164 -101.78 23.14 -14.58
CA LYS V 164 -102.89 23.91 -15.11
C LYS V 164 -103.11 23.58 -16.59
N THR V 165 -102.04 23.56 -17.37
CA THR V 165 -102.20 23.20 -18.78
C THR V 165 -102.63 21.75 -18.94
N LYS V 166 -102.13 20.84 -18.10
CA LYS V 166 -102.53 19.45 -18.17
C LYS V 166 -104.01 19.26 -17.88
N GLU V 167 -104.49 19.88 -16.81
CA GLU V 167 -105.90 19.73 -16.45
C GLU V 167 -106.81 20.46 -17.45
N ALA V 168 -106.36 21.59 -17.98
CA ALA V 168 -107.14 22.29 -19.00
C ALA V 168 -107.23 21.48 -20.27
N ARG V 169 -106.13 20.88 -20.72
CA ARG V 169 -106.17 20.02 -21.90
C ARG V 169 -107.02 18.79 -21.65
N LYS V 170 -106.93 18.21 -20.45
CA LYS V 170 -107.74 17.04 -20.12
C LYS V 170 -109.22 17.37 -20.19
N ARG V 171 -109.65 18.47 -19.57
CA ARG V 171 -111.07 18.80 -19.61
C ARG V 171 -111.50 19.30 -20.98
N ARG V 172 -110.59 19.92 -21.74
CA ARG V 172 -110.93 20.37 -23.09
C ARG V 172 -111.15 19.19 -24.02
N GLU V 173 -110.28 18.18 -23.96
CA GLU V 173 -110.52 16.97 -24.74
C GLU V 173 -111.73 16.21 -24.21
N GLU V 174 -112.00 16.30 -22.91
CA GLU V 174 -113.24 15.74 -22.37
C GLU V 174 -114.45 16.36 -23.04
N ARG V 175 -114.48 17.69 -23.13
CA ARG V 175 -115.58 18.38 -23.78
C ARG V 175 -115.63 18.07 -25.27
N LEU V 176 -114.48 17.90 -25.92
CA LEU V 176 -114.47 17.61 -27.36
C LEU V 176 -115.01 16.21 -27.64
N GLN V 177 -114.56 15.20 -26.89
CA GLN V 177 -115.07 13.86 -27.10
C GLN V 177 -116.53 13.76 -26.68
N ALA V 178 -116.96 14.54 -25.69
CA ALA V 178 -118.38 14.63 -25.37
C ALA V 178 -119.17 15.28 -26.50
N LYS V 179 -118.58 16.27 -27.17
CA LYS V 179 -119.23 16.87 -28.34
C LYS V 179 -119.42 15.84 -29.43
N LYS V 180 -118.40 15.03 -29.70
CA LYS V 180 -118.58 13.95 -30.67
C LYS V 180 -119.61 12.93 -30.21
N GLU V 181 -119.64 12.61 -28.91
CA GLU V 181 -120.62 11.66 -28.40
C GLU V 181 -122.05 12.19 -28.56
N GLU V 182 -122.28 13.47 -28.29
CA GLU V 182 -123.61 14.01 -28.50
C GLU V 182 -123.94 14.15 -29.98
N ILE V 183 -122.92 14.32 -30.83
CA ILE V 183 -123.15 14.35 -32.27
C ILE V 183 -123.67 13.00 -32.76
N ILE V 184 -123.02 11.92 -32.33
CA ILE V 184 -123.33 10.62 -32.94
C ILE V 184 -124.68 10.07 -32.48
N LYS V 185 -125.14 10.43 -31.28
CA LYS V 185 -126.40 9.87 -30.79
C LYS V 185 -127.60 10.49 -31.48
N THR V 186 -127.48 11.74 -31.95
CA THR V 186 -128.62 12.43 -32.55
C THR V 186 -129.01 11.81 -33.88
N LEU V 187 -128.03 11.34 -34.64
CA LEU V 187 -128.29 10.69 -35.94
C LEU V 187 -129.18 9.47 -35.80
N LYS W 1 76.56 4.19 37.05
CA LYS W 1 77.58 4.71 37.94
C LYS W 1 77.18 6.08 38.50
N ALA W 2 77.33 6.24 39.80
CA ALA W 2 77.10 7.53 40.45
C ALA W 2 78.42 8.28 40.53
N SER W 3 78.49 9.28 41.40
CA SER W 3 79.70 10.09 41.49
C SER W 3 79.90 10.51 42.94
N GLY W 4 80.72 11.53 43.14
CA GLY W 4 81.19 11.97 44.43
C GLY W 4 82.30 12.94 44.14
N THR W 5 83.48 12.74 44.70
CA THR W 5 84.68 13.41 44.20
C THR W 5 85.53 12.34 43.52
N LEU W 6 85.52 12.34 42.19
CA LEU W 6 86.13 11.27 41.43
C LEU W 6 87.64 11.23 41.66
N ARG W 7 88.19 10.02 41.63
CA ARG W 7 89.63 9.82 41.69
C ARG W 7 90.06 8.99 40.50
N GLU W 8 91.16 9.38 39.88
CA GLU W 8 91.65 8.68 38.71
C GLU W 8 92.41 7.43 39.15
N TYR W 9 92.17 6.33 38.45
CA TYR W 9 92.81 5.05 38.73
C TYR W 9 93.44 4.53 37.45
N LYS W 10 94.69 4.12 37.54
CA LYS W 10 95.33 3.34 36.49
C LYS W 10 94.97 1.88 36.77
N VAL W 11 94.27 1.26 35.84
CA VAL W 11 93.84 -0.13 35.97
C VAL W 11 94.55 -0.92 34.88
N VAL W 12 95.35 -1.89 35.30
CA VAL W 12 96.06 -2.77 34.38
C VAL W 12 95.43 -4.13 34.46
N GLY W 13 95.02 -4.65 33.31
CA GLY W 13 94.35 -5.94 33.27
C GLY W 13 94.90 -6.78 32.14
N ARG W 14 94.43 -8.02 32.08
CA ARG W 14 94.84 -8.93 31.02
C ARG W 14 93.83 -10.06 30.92
N CYS W 15 93.93 -10.81 29.82
CA CYS W 15 93.19 -12.05 29.71
C CYS W 15 93.83 -13.11 30.61
N LEU W 16 93.05 -14.12 30.94
CA LEU W 16 93.60 -15.24 31.68
C LEU W 16 94.49 -16.08 30.75
N PRO W 17 95.54 -16.68 31.29
CA PRO W 17 96.42 -17.50 30.44
C PRO W 17 95.69 -18.69 29.85
N THR W 18 95.99 -18.99 28.61
CA THR W 18 95.43 -20.13 27.90
C THR W 18 96.57 -20.92 27.27
N PRO W 19 96.36 -22.19 26.98
CA PRO W 19 97.38 -22.94 26.22
C PRO W 19 97.65 -22.34 24.86
N LYS W 20 96.67 -21.67 24.25
CA LYS W 20 96.90 -21.00 22.97
C LYS W 20 97.91 -19.88 23.13
N CYS W 21 97.81 -19.11 24.22
CA CYS W 21 98.70 -17.97 24.45
C CYS W 21 98.95 -17.89 25.96
N HIS W 22 100.12 -18.36 26.39
CA HIS W 22 100.45 -18.33 27.81
C HIS W 22 100.86 -16.96 28.31
N THR W 23 101.08 -16.00 27.41
CA THR W 23 101.42 -14.63 27.78
C THR W 23 100.48 -13.68 27.07
N PRO W 24 99.23 -13.59 27.52
CA PRO W 24 98.33 -12.60 26.95
C PRO W 24 98.82 -11.21 27.30
N PRO W 25 98.57 -10.22 26.44
CA PRO W 25 99.10 -8.89 26.67
C PRO W 25 98.44 -8.21 27.86
N LEU W 26 99.13 -7.21 28.39
CA LEU W 26 98.60 -6.38 29.46
C LEU W 26 98.09 -5.08 28.86
N TYR W 27 97.00 -4.56 29.43
CA TYR W 27 96.40 -3.33 28.94
C TYR W 27 96.15 -2.38 30.09
N ARG W 28 96.40 -1.11 29.86
CA ARG W 28 96.23 -0.07 30.86
C ARG W 28 95.06 0.81 30.46
N MET W 29 94.28 1.21 31.46
CA MET W 29 93.23 2.19 31.26
C MET W 29 93.24 3.18 32.40
N ARG W 30 92.80 4.40 32.11
CA ARG W 30 92.59 5.41 33.13
C ARG W 30 91.09 5.50 33.37
N ILE W 31 90.66 5.16 34.57
CA ILE W 31 89.25 5.18 34.93
C ILE W 31 89.07 6.22 36.02
N PHE W 32 88.24 7.21 35.76
CA PHE W 32 87.89 8.19 36.78
C PHE W 32 86.65 7.66 37.50
N ALA W 33 86.84 7.20 38.73
CA ALA W 33 85.81 6.47 39.46
C ALA W 33 85.75 6.94 40.89
N PRO W 34 84.60 6.78 41.55
CA PRO W 34 84.53 7.10 42.98
C PRO W 34 85.46 6.26 43.85
N ASN W 35 85.63 4.98 43.53
CA ASN W 35 86.48 4.11 44.32
C ASN W 35 87.02 3.00 43.44
N HIS W 36 87.91 2.18 44.01
CA HIS W 36 88.58 1.15 43.22
C HIS W 36 87.62 0.07 42.74
N VAL W 37 86.55 -0.18 43.48
CA VAL W 37 85.57 -1.18 43.05
C VAL W 37 84.90 -0.75 41.76
N VAL W 38 84.38 0.48 41.75
CA VAL W 38 83.76 0.99 40.54
C VAL W 38 84.81 1.15 39.45
N ALA W 39 86.06 1.41 39.82
CA ALA W 39 87.12 1.51 38.83
C ALA W 39 87.30 0.18 38.11
N LYS W 40 87.33 -0.92 38.86
CA LYS W 40 87.44 -2.23 38.23
C LYS W 40 86.22 -2.53 37.38
N SER W 41 85.03 -2.18 37.86
CA SER W 41 83.82 -2.45 37.09
C SER W 41 83.83 -1.71 35.76
N ARG W 42 84.17 -0.42 35.80
CA ARG W 42 84.23 0.35 34.57
C ARG W 42 85.36 -0.13 33.67
N PHE W 43 86.46 -0.61 34.25
CA PHE W 43 87.53 -1.15 33.44
C PHE W 43 87.06 -2.36 32.65
N TRP W 44 86.37 -3.28 33.32
CA TRP W 44 85.87 -4.46 32.62
C TRP W 44 84.84 -4.07 31.58
N TYR W 45 83.98 -3.10 31.89
CA TYR W 45 83.01 -2.65 30.91
C TYR W 45 83.70 -2.11 29.67
N PHE W 46 84.78 -1.34 29.85
CA PHE W 46 85.43 -0.72 28.71
C PHE W 46 86.22 -1.74 27.89
N VAL W 47 86.97 -2.63 28.55
CA VAL W 47 87.74 -3.60 27.79
C VAL W 47 86.87 -4.67 27.17
N SER W 48 85.64 -4.88 27.66
CA SER W 48 84.71 -5.75 26.96
C SER W 48 84.41 -5.22 25.57
N GLN W 49 84.30 -3.90 25.42
CA GLN W 49 84.01 -3.32 24.12
C GLN W 49 85.28 -3.16 23.29
N LEU W 50 86.39 -2.84 23.94
CA LEU W 50 87.61 -2.58 23.17
C LEU W 50 88.23 -3.87 22.66
N LYS W 51 88.29 -4.90 23.49
CA LYS W 51 88.85 -6.19 23.09
C LYS W 51 87.84 -7.27 23.42
N LYS W 52 88.13 -8.50 22.99
CA LYS W 52 87.28 -9.64 23.32
C LYS W 52 87.72 -10.20 24.66
N MET W 53 87.41 -9.44 25.70
CA MET W 53 87.79 -9.79 27.07
C MET W 53 86.58 -9.71 27.98
N LYS W 54 86.61 -10.53 29.02
CA LYS W 54 85.52 -10.59 29.97
C LYS W 54 86.10 -10.59 31.38
N LYS W 55 85.29 -10.15 32.34
CA LYS W 55 85.73 -10.17 33.73
C LYS W 55 86.02 -11.59 34.18
N SER W 56 85.14 -12.52 33.84
CA SER W 56 85.34 -13.91 34.24
C SER W 56 86.52 -14.54 33.52
N SER W 57 86.66 -14.27 32.23
CA SER W 57 87.69 -14.89 31.41
C SER W 57 89.02 -14.14 31.46
N GLY W 58 89.11 -13.09 32.26
CA GLY W 58 90.37 -12.37 32.41
C GLY W 58 90.62 -12.07 33.87
N GLU W 59 91.63 -11.24 34.14
CA GLU W 59 91.86 -10.81 35.51
C GLU W 59 92.57 -9.46 35.50
N ILE W 60 92.39 -8.74 36.61
CA ILE W 60 92.95 -7.42 36.80
C ILE W 60 94.24 -7.57 37.59
N VAL W 61 95.37 -7.20 36.97
CA VAL W 61 96.63 -7.35 37.68
C VAL W 61 96.97 -6.14 38.52
N TYR W 62 96.33 -4.99 38.28
CA TYR W 62 96.69 -3.80 39.03
C TYR W 62 95.54 -2.81 39.02
N CYS W 63 95.36 -2.12 40.14
CA CYS W 63 94.35 -1.07 40.24
C CYS W 63 94.86 -0.06 41.25
N GLY W 64 95.43 1.04 40.77
CA GLY W 64 96.10 2.00 41.64
C GLY W 64 95.69 3.43 41.36
N GLN W 65 95.45 4.19 42.42
CA GLN W 65 95.06 5.58 42.28
C GLN W 65 96.24 6.39 41.76
N VAL W 66 95.98 7.21 40.76
CA VAL W 66 97.00 8.06 40.15
C VAL W 66 96.92 9.42 40.84
N PHE W 67 97.89 9.71 41.70
CA PHE W 67 97.93 11.01 42.34
C PHE W 67 98.22 12.10 41.33
N GLU W 68 97.72 13.30 41.62
CA GLU W 68 97.98 14.44 40.75
C GLU W 68 99.43 14.87 40.88
N LYS W 69 100.10 15.00 39.74
CA LYS W 69 101.53 15.30 39.76
C LYS W 69 101.81 16.72 40.22
N SER W 70 100.98 17.67 39.80
CA SER W 70 101.15 19.08 40.13
C SER W 70 99.83 19.64 40.66
N PRO W 71 99.45 19.30 41.89
CA PRO W 71 98.18 19.77 42.44
C PRO W 71 98.18 21.22 42.87
N LEU W 72 99.25 21.98 42.62
CA LEU W 72 99.29 23.39 42.95
C LEU W 72 99.51 24.26 41.72
N ARG W 73 99.37 23.72 40.52
CA ARG W 73 99.58 24.46 39.29
C ARG W 73 98.25 24.57 38.56
N VAL W 74 97.73 25.79 38.44
CA VAL W 74 96.52 26.01 37.67
C VAL W 74 96.81 25.67 36.23
N LYS W 75 95.93 24.86 35.64
CA LYS W 75 96.18 24.35 34.30
C LYS W 75 94.84 24.07 33.63
N ASN W 76 94.89 23.91 32.31
CA ASN W 76 93.70 23.79 31.48
C ASN W 76 93.58 22.36 30.97
N PHE W 77 92.40 21.79 31.14
CA PHE W 77 92.12 20.42 30.73
C PHE W 77 91.14 20.42 29.57
N GLY W 78 91.49 19.72 28.51
CA GLY W 78 90.56 19.46 27.43
C GLY W 78 90.11 18.02 27.51
N ILE W 79 88.81 17.81 27.52
CA ILE W 79 88.24 16.48 27.68
C ILE W 79 87.48 16.13 26.41
N TRP W 80 87.95 15.09 25.73
CA TRP W 80 87.20 14.46 24.66
C TRP W 80 86.29 13.40 25.26
N LEU W 81 84.99 13.49 24.96
CA LEU W 81 84.03 12.56 25.52
C LEU W 81 82.96 12.28 24.48
N ARG W 82 82.24 11.18 24.68
CA ARG W 82 81.07 10.88 23.87
C ARG W 82 79.96 10.43 24.81
N TYR W 83 78.72 10.75 24.44
CA TYR W 83 77.63 10.44 25.34
C TYR W 83 76.34 10.19 24.56
N ASP W 84 75.42 9.52 25.24
CA ASP W 84 74.13 9.11 24.67
C ASP W 84 73.09 10.14 25.10
N SER W 85 72.73 11.04 24.19
CA SER W 85 71.64 11.96 24.47
C SER W 85 70.32 11.22 24.38
N ARG W 86 69.22 11.95 24.54
CA ARG W 86 67.91 11.32 24.45
C ARG W 86 67.57 10.91 23.03
N SER W 87 68.31 11.40 22.03
CA SER W 87 67.94 11.15 20.65
C SER W 87 69.15 10.79 19.79
N GLY W 88 70.14 10.15 20.37
CA GLY W 88 71.30 9.74 19.62
C GLY W 88 72.54 9.76 20.48
N THR W 89 73.69 9.75 19.82
CA THR W 89 74.98 9.76 20.47
C THR W 89 75.83 10.85 19.84
N HIS W 90 76.55 11.60 20.67
CA HIS W 90 77.32 12.73 20.17
C HIS W 90 78.66 12.81 20.87
N ASN W 91 79.65 13.31 20.14
CA ASN W 91 80.99 13.55 20.67
C ASN W 91 81.16 15.02 20.99
N MET W 92 81.74 15.28 22.16
CA MET W 92 81.93 16.63 22.65
C MET W 92 83.37 16.81 23.11
N TYR W 93 83.82 18.06 23.07
CA TYR W 93 85.13 18.45 23.58
C TYR W 93 84.94 19.64 24.49
N ARG W 94 85.38 19.53 25.74
CA ARG W 94 85.10 20.54 26.74
C ARG W 94 86.37 21.03 27.39
N GLU W 95 86.31 22.24 27.93
CA GLU W 95 87.43 22.92 28.54
C GLU W 95 87.16 23.12 30.03
N TYR W 96 88.17 22.88 30.86
CA TYR W 96 88.02 23.16 32.28
C TYR W 96 89.35 23.66 32.82
N ARG W 97 89.30 24.26 34.01
CA ARG W 97 90.50 24.68 34.72
C ARG W 97 90.44 24.11 36.13
N ASP W 98 91.43 23.32 36.49
CA ASP W 98 91.43 22.72 37.81
C ASP W 98 92.85 22.35 38.18
N LEU W 99 93.09 22.18 39.48
CA LEU W 99 94.38 21.76 39.98
C LEU W 99 94.60 20.27 39.87
N THR W 100 93.56 19.49 39.59
CA THR W 100 93.67 18.04 39.50
C THR W 100 92.93 17.54 38.27
N THR W 101 93.51 16.51 37.64
CA THR W 101 92.86 15.86 36.52
C THR W 101 91.52 15.26 36.94
N ALA W 102 91.49 14.61 38.10
CA ALA W 102 90.26 14.02 38.60
C ALA W 102 89.22 15.10 38.89
N GLY W 103 89.66 16.23 39.44
CA GLY W 103 88.74 17.33 39.66
C GLY W 103 88.17 17.87 38.36
N ALA W 104 88.99 17.95 37.32
CA ALA W 104 88.49 18.38 36.02
C ALA W 104 87.45 17.42 35.48
N VAL W 105 87.68 16.11 35.66
CA VAL W 105 86.70 15.14 35.19
C VAL W 105 85.40 15.23 35.98
N THR W 106 85.49 15.42 37.30
CA THR W 106 84.28 15.60 38.10
C THR W 106 83.52 16.84 37.64
N GLN W 107 84.23 17.92 37.39
CA GLN W 107 83.60 19.11 36.84
C GLN W 107 82.93 18.82 35.51
N CYS W 108 83.55 17.99 34.69
CA CYS W 108 82.95 17.62 33.40
C CYS W 108 81.65 16.87 33.60
N TYR W 109 81.63 15.91 34.51
CA TYR W 109 80.40 15.17 34.77
C TYR W 109 79.30 16.11 35.27
N ARG W 110 79.64 17.00 36.19
CA ARG W 110 78.66 17.94 36.71
C ARG W 110 78.15 18.89 35.63
N ASP W 111 79.05 19.36 34.78
CA ASP W 111 78.68 20.30 33.73
C ASP W 111 77.82 19.61 32.66
N MET W 112 78.15 18.38 32.30
CA MET W 112 77.31 17.65 31.36
C MET W 112 75.93 17.42 31.95
N GLY W 113 75.86 17.08 33.23
CA GLY W 113 74.56 16.90 33.87
C GLY W 113 73.75 18.18 33.89
N ALA W 114 74.39 19.30 34.17
CA ALA W 114 73.66 20.57 34.24
C ALA W 114 73.23 21.05 32.87
N ARG W 115 74.12 20.98 31.88
CA ARG W 115 73.86 21.60 30.59
C ARG W 115 73.12 20.70 29.62
N HIS W 116 73.27 19.39 29.73
CA HIS W 116 72.70 18.49 28.74
C HIS W 116 71.83 17.40 29.36
N ARG W 117 71.60 17.46 30.68
CA ARG W 117 70.74 16.51 31.39
C ARG W 117 71.25 15.08 31.25
N ALA W 118 72.56 14.93 31.07
CA ALA W 118 73.18 13.63 30.83
C ALA W 118 73.66 13.04 32.15
N ARG W 119 73.43 11.75 32.32
CA ARG W 119 73.84 11.10 33.55
C ARG W 119 75.25 10.51 33.39
N ALA W 120 75.84 10.17 34.53
CA ALA W 120 77.19 9.63 34.53
C ALA W 120 77.28 8.31 33.81
N HIS W 121 76.19 7.56 33.72
CA HIS W 121 76.21 6.32 32.95
C HIS W 121 76.14 6.60 31.46
N SER W 122 75.54 7.72 31.05
CA SER W 122 75.56 8.07 29.64
C SER W 122 76.93 8.58 29.23
N ILE W 123 77.57 9.37 30.10
CA ILE W 123 78.84 9.99 29.76
C ILE W 123 79.93 8.92 29.68
N GLN W 124 80.84 9.07 28.72
CA GLN W 124 81.87 8.08 28.42
C GLN W 124 83.15 8.86 28.09
N ILE W 125 84.00 9.04 29.10
CA ILE W 125 85.24 9.80 28.90
C ILE W 125 86.20 8.98 28.07
N MET W 126 86.77 9.61 27.04
CA MET W 126 87.72 8.93 26.18
C MET W 126 89.05 9.63 26.04
N LYS W 127 89.20 10.87 26.50
CA LYS W 127 90.51 11.48 26.58
C LYS W 127 90.48 12.67 27.52
N VAL W 128 91.48 12.78 28.38
CA VAL W 128 91.67 13.94 29.24
C VAL W 128 93.10 14.42 29.07
N GLU W 129 93.28 15.65 28.59
CA GLU W 129 94.61 16.13 28.28
C GLU W 129 94.84 17.50 28.85
N GLU W 130 95.96 17.67 29.53
CA GLU W 130 96.44 18.98 29.91
C GLU W 130 96.93 19.70 28.66
N ILE W 131 96.36 20.88 28.39
CA ILE W 131 96.66 21.62 27.19
C ILE W 131 97.10 23.03 27.56
N ALA W 132 97.70 23.71 26.59
CA ALA W 132 98.24 25.03 26.83
C ALA W 132 97.15 26.10 26.72
N ALA W 133 97.44 27.25 27.32
CA ALA W 133 96.51 28.37 27.26
C ALA W 133 96.32 28.84 25.82
N SER W 134 97.39 28.81 25.03
CA SER W 134 97.27 29.14 23.62
C SER W 134 96.45 28.10 22.87
N LYS W 135 96.48 26.85 23.31
CA LYS W 135 95.67 25.80 22.68
C LYS W 135 94.24 25.78 23.19
N CYS W 136 93.91 26.58 24.21
CA CYS W 136 92.54 26.66 24.67
C CYS W 136 91.63 27.19 23.58
N ARG W 137 90.36 26.77 23.61
CA ARG W 137 89.43 27.12 22.55
C ARG W 137 88.14 27.73 23.09
N ARG W 138 87.75 27.36 24.29
CA ARG W 138 86.49 27.91 24.75
C ARG W 138 86.72 29.24 25.46
N PRO W 139 85.95 30.27 25.13
CA PRO W 139 86.18 31.60 25.71
C PRO W 139 86.02 31.65 27.22
N ALA W 140 85.15 30.82 27.79
CA ALA W 140 84.95 30.83 29.24
C ALA W 140 86.23 30.49 29.98
N VAL W 141 87.12 29.74 29.34
CA VAL W 141 88.44 29.48 29.89
C VAL W 141 89.47 30.46 29.36
N LYS W 142 89.35 30.84 28.09
CA LYS W 142 90.30 31.75 27.47
C LYS W 142 90.32 33.12 28.13
N GLN W 143 89.24 33.50 28.81
CA GLN W 143 89.22 34.81 29.44
C GLN W 143 89.97 34.85 30.76
N PHE W 144 90.44 33.71 31.25
CA PHE W 144 91.20 33.68 32.49
C PHE W 144 92.70 33.63 32.26
N HIS W 145 93.16 33.67 31.02
CA HIS W 145 94.59 33.72 30.71
C HIS W 145 95.00 35.19 30.58
N ASP W 146 95.29 35.78 31.73
CA ASP W 146 95.70 37.18 31.78
C ASP W 146 96.52 37.39 33.03
N SER W 147 97.75 37.86 32.87
CA SER W 147 98.59 38.09 34.04
C SER W 147 98.06 39.21 34.92
N LYS W 148 97.30 40.14 34.36
CA LYS W 148 96.76 41.28 35.10
C LYS W 148 95.26 41.13 35.28
N ILE W 149 94.81 39.90 35.54
CA ILE W 149 93.39 39.67 35.77
C ILE W 149 92.96 40.36 37.05
N LYS W 150 91.81 41.03 36.99
CA LYS W 150 91.35 41.82 38.12
C LYS W 150 89.84 41.96 38.00
N PHE W 151 89.12 41.62 39.07
CA PHE W 151 87.68 41.79 39.06
C PHE W 151 87.16 41.88 40.48
N PRO W 152 86.13 42.66 40.76
CA PRO W 152 85.53 42.68 42.08
C PRO W 152 84.34 41.71 42.14
N LEU W 153 83.94 41.41 43.37
CA LEU W 153 82.75 40.59 43.61
C LEU W 153 81.60 41.53 43.93
N PRO W 154 80.73 41.82 42.99
CA PRO W 154 79.84 42.98 43.14
C PRO W 154 78.77 42.83 44.20
N HIS W 155 78.12 41.68 44.25
CA HIS W 155 76.87 41.52 44.98
C HIS W 155 77.03 40.34 45.95
N ARG W 156 77.64 40.59 47.10
CA ARG W 156 77.86 39.56 48.11
C ARG W 156 76.54 39.36 48.86
N VAL W 157 75.80 38.33 48.45
CA VAL W 157 74.60 37.94 49.17
C VAL W 157 74.98 37.34 50.51
N LEU W 158 74.34 37.83 51.57
CA LEU W 158 74.58 37.30 52.91
C LEU W 158 74.15 35.85 53.00
N ARG W 159 75.06 34.98 53.43
CA ARG W 159 74.76 33.57 53.58
C ARG W 159 74.39 33.18 55.00
N ARG W 160 74.66 34.04 55.98
CA ARG W 160 74.20 33.82 57.34
C ARG W 160 72.83 34.47 57.56
N GLN W 161 71.88 34.10 56.70
CA GLN W 161 70.56 34.72 56.75
C GLN W 161 69.85 34.43 58.05
N HIS W 162 70.04 33.23 58.61
CA HIS W 162 69.33 32.79 59.79
C HIS W 162 70.12 32.97 61.08
N LYS W 163 71.17 33.78 61.05
CA LYS W 163 72.02 33.98 62.23
C LYS W 163 72.55 35.40 62.20
N PRO W 164 71.83 36.35 62.80
CA PRO W 164 70.54 36.22 63.50
C PRO W 164 69.36 36.14 62.56
N ARG W 165 68.28 35.48 62.99
CA ARG W 165 67.10 35.38 62.14
C ARG W 165 66.31 36.69 62.14
N PHE W 166 66.26 37.38 63.27
CA PHE W 166 65.59 38.66 63.39
C PHE W 166 66.59 39.70 63.83
N THR W 167 66.59 40.86 63.18
CA THR W 167 67.56 41.90 63.50
C THR W 167 67.01 43.24 63.03
N THR W 168 67.46 44.31 63.68
CA THR W 168 66.97 45.63 63.35
C THR W 168 67.72 46.29 62.19
N LYS W 169 68.82 45.71 61.74
CA LYS W 169 69.61 46.35 60.70
C LYS W 169 69.45 45.62 59.36
N ARG W 170 69.14 46.38 58.32
CA ARG W 170 69.08 45.82 56.98
C ARG W 170 70.48 45.53 56.49
N PRO W 171 70.71 44.38 55.87
CA PRO W 171 72.06 44.00 55.47
C PRO W 171 72.60 44.89 54.36
N ASN W 172 73.92 45.05 54.37
CA ASN W 172 74.63 45.82 53.37
C ASN W 172 75.34 44.87 52.43
N THR W 173 75.12 45.04 51.12
CA THR W 173 75.69 44.14 50.13
C THR W 173 77.03 44.59 49.61
N PHE W 174 77.26 45.89 49.52
CA PHE W 174 78.53 46.39 49.00
C PHE W 174 79.64 46.15 50.01
N PHE W 175 80.73 45.55 49.55
CA PHE W 175 81.83 45.21 50.42
C PHE W 175 83.17 45.42 49.75
N THR X 1 40.53 -26.97 23.15
CA THR X 1 41.48 -26.20 22.37
C THR X 1 42.49 -27.09 21.69
N ASN X 2 43.58 -27.38 22.40
CA ASN X 2 44.61 -28.23 21.85
C ASN X 2 44.10 -29.66 21.71
N THR X 3 44.39 -30.26 20.56
CA THR X 3 44.05 -31.65 20.34
C THR X 3 44.95 -32.56 21.17
N LYS X 4 44.44 -33.75 21.49
CA LYS X 4 45.18 -34.73 22.27
C LYS X 4 45.96 -35.70 21.41
N GLY X 5 46.39 -35.29 20.23
CA GLY X 5 47.06 -36.21 19.32
C GLY X 5 48.36 -36.71 19.90
N LYS X 6 48.70 -37.95 19.55
CA LYS X 6 49.89 -38.57 20.10
C LYS X 6 51.16 -37.98 19.52
N ARG X 7 51.09 -37.33 18.37
CA ARG X 7 52.29 -36.77 17.74
C ARG X 7 52.12 -35.28 17.46
N ARG X 8 51.24 -34.61 18.17
CA ARG X 8 51.02 -33.20 17.95
C ARG X 8 52.23 -32.40 18.39
N GLY X 9 52.65 -31.46 17.54
CA GLY X 9 53.74 -30.59 17.91
C GLY X 9 55.10 -31.25 17.90
N THR X 10 55.27 -32.35 17.19
CA THR X 10 56.55 -33.03 17.07
C THR X 10 57.17 -32.86 15.70
N ARG X 11 56.73 -31.84 14.96
CA ARG X 11 57.18 -31.64 13.59
C ARG X 11 58.70 -31.48 13.52
N TYR X 12 59.27 -30.73 14.46
CA TYR X 12 60.72 -30.64 14.55
C TYR X 12 61.33 -31.66 15.49
N MET X 13 60.56 -32.14 16.47
CA MET X 13 61.11 -33.09 17.43
C MET X 13 61.50 -34.40 16.76
N PHE X 14 60.67 -34.90 15.85
CA PHE X 14 60.93 -36.18 15.22
C PHE X 14 61.49 -36.05 13.81
N SER X 15 61.82 -34.84 13.38
CA SER X 15 62.43 -34.64 12.08
C SER X 15 63.91 -34.97 12.15
N ARG X 16 64.41 -35.64 11.11
CA ARG X 16 65.82 -36.00 11.06
C ARG X 16 66.67 -34.74 10.92
N PRO X 17 67.90 -34.78 11.41
CA PRO X 17 68.80 -33.63 11.21
C PRO X 17 69.14 -33.45 9.75
N PHE X 18 69.55 -32.23 9.41
CA PHE X 18 69.80 -31.88 8.01
C PHE X 18 70.89 -32.76 7.44
N ARG X 19 70.62 -33.33 6.26
CA ARG X 19 71.52 -34.26 5.58
C ARG X 19 71.89 -35.43 6.48
N LYS X 20 70.93 -35.88 7.29
CA LYS X 20 71.07 -37.06 8.12
C LYS X 20 69.88 -37.98 7.92
N HIS X 21 69.26 -37.92 6.75
CA HIS X 21 68.13 -38.76 6.41
C HIS X 21 68.62 -40.12 5.93
N GLY X 22 67.71 -40.93 5.40
CA GLY X 22 68.11 -42.15 4.73
C GLY X 22 68.22 -43.35 5.67
N VAL X 23 69.17 -44.23 5.34
CA VAL X 23 69.34 -45.48 6.07
C VAL X 23 69.83 -45.20 7.48
N VAL X 24 69.27 -45.93 8.43
CA VAL X 24 69.75 -45.85 9.82
C VAL X 24 71.11 -46.53 9.92
N PRO X 25 72.10 -45.91 10.57
CA PRO X 25 73.36 -46.60 10.81
C PRO X 25 73.14 -47.85 11.66
N LEU X 26 73.91 -48.90 11.38
CA LEU X 26 73.67 -50.17 12.04
C LEU X 26 74.39 -50.29 13.38
N ALA X 27 75.27 -49.37 13.73
CA ALA X 27 75.85 -49.41 15.06
C ALA X 27 74.80 -49.21 16.15
N THR X 28 73.77 -48.41 15.85
CA THR X 28 72.67 -48.24 16.79
C THR X 28 71.99 -49.57 17.07
N TYR X 29 71.85 -50.41 16.05
CA TYR X 29 71.34 -51.75 16.24
C TYR X 29 72.36 -52.70 16.86
N MET X 30 73.64 -52.39 16.75
CA MET X 30 74.67 -53.26 17.29
C MET X 30 75.03 -52.98 18.73
N ARG X 31 74.52 -51.90 19.32
CA ARG X 31 74.76 -51.66 20.74
C ARG X 31 74.11 -52.74 21.60
N ILE X 32 74.67 -52.98 22.78
CA ILE X 32 74.18 -53.97 23.72
C ILE X 32 73.69 -53.23 24.97
N TYR X 33 72.41 -53.41 25.29
CA TYR X 33 71.81 -52.74 26.44
C TYR X 33 71.50 -53.79 27.51
N LYS X 34 72.37 -53.87 28.51
CA LYS X 34 72.13 -54.76 29.63
C LYS X 34 71.00 -54.22 30.50
N LYS X 35 70.51 -55.07 31.38
CA LYS X 35 69.52 -54.64 32.35
C LYS X 35 70.20 -53.83 33.44
N GLY X 36 69.64 -52.68 33.75
CA GLY X 36 70.15 -51.85 34.82
C GLY X 36 71.07 -50.73 34.39
N ASP X 37 71.20 -50.45 33.10
CA ASP X 37 72.02 -49.35 32.65
C ASP X 37 71.18 -48.12 32.35
N ILE X 38 71.86 -47.00 32.15
CA ILE X 38 71.24 -45.70 31.96
C ILE X 38 71.17 -45.41 30.47
N VAL X 39 70.00 -44.98 29.99
CA VAL X 39 69.77 -44.78 28.56
C VAL X 39 69.06 -43.45 28.35
N ASP X 40 69.49 -42.72 27.32
CA ASP X 40 68.88 -41.44 26.94
C ASP X 40 67.95 -41.67 25.77
N ILE X 41 66.70 -41.25 25.91
CA ILE X 41 65.69 -41.45 24.89
C ILE X 41 65.79 -40.33 23.87
N LYS X 42 66.02 -40.68 22.60
CA LYS X 42 66.08 -39.70 21.53
C LYS X 42 64.78 -39.64 20.75
N GLY X 43 64.32 -40.76 20.22
CA GLY X 43 63.05 -40.78 19.50
C GLY X 43 63.13 -40.31 18.07
N MET X 44 63.88 -41.03 17.23
CA MET X 44 63.94 -40.70 15.83
C MET X 44 62.65 -41.11 15.11
N GLY X 45 62.27 -40.33 14.11
CA GLY X 45 61.02 -40.55 13.42
C GLY X 45 61.10 -41.41 12.19
N THR X 46 62.30 -41.82 11.79
CA THR X 46 62.45 -42.71 10.64
C THR X 46 61.77 -44.04 10.89
N VAL X 47 62.02 -44.63 12.05
CA VAL X 47 61.36 -45.87 12.46
C VAL X 47 60.11 -45.49 13.21
N GLN X 48 58.95 -45.77 12.62
CA GLN X 48 57.68 -45.37 13.22
C GLN X 48 57.22 -46.32 14.31
N LYS X 49 57.85 -47.48 14.44
CA LYS X 49 57.44 -48.47 15.42
C LYS X 49 58.16 -48.25 16.74
N GLY X 50 57.44 -48.44 17.84
CA GLY X 50 58.03 -48.27 19.15
C GLY X 50 58.45 -46.86 19.47
N MET X 51 57.85 -45.87 18.85
CA MET X 51 58.24 -44.49 19.10
C MET X 51 57.85 -44.09 20.52
N PRO X 52 58.75 -43.50 21.28
CA PRO X 52 58.37 -42.96 22.59
C PRO X 52 57.47 -41.75 22.42
N HIS X 53 56.65 -41.50 23.43
CA HIS X 53 55.78 -40.32 23.38
C HIS X 53 56.62 -39.06 23.50
N LYS X 54 56.04 -37.94 23.07
CA LYS X 54 56.78 -36.69 22.99
C LYS X 54 57.19 -36.16 24.35
N CYS X 55 56.65 -36.69 25.44
CA CYS X 55 57.07 -36.25 26.76
C CYS X 55 58.30 -36.99 27.26
N TYR X 56 58.81 -37.96 26.50
CA TYR X 56 59.99 -38.70 26.90
C TYR X 56 61.21 -38.42 26.03
N HIS X 57 61.04 -37.73 24.91
CA HIS X 57 62.18 -37.29 24.13
C HIS X 57 63.08 -36.42 25.00
N GLY X 58 64.36 -36.74 25.02
CA GLY X 58 65.31 -36.03 25.83
C GLY X 58 65.39 -36.49 27.26
N LYS X 59 64.47 -37.33 27.70
CA LYS X 59 64.52 -37.81 29.07
C LYS X 59 65.52 -38.96 29.20
N THR X 60 65.83 -39.29 30.44
CA THR X 60 66.83 -40.28 30.77
C THR X 60 66.21 -41.32 31.70
N GLY X 61 66.47 -42.59 31.43
CA GLY X 61 65.90 -43.66 32.22
C GLY X 61 66.84 -44.81 32.47
N ARG X 62 66.32 -45.88 33.07
CA ARG X 62 67.14 -47.04 33.39
C ARG X 62 66.45 -48.29 32.86
N VAL X 63 67.21 -49.12 32.16
CA VAL X 63 66.64 -50.31 31.53
C VAL X 63 66.28 -51.33 32.60
N TYR X 64 65.08 -51.89 32.50
CA TYR X 64 64.67 -52.98 33.35
C TYR X 64 64.21 -54.21 32.58
N ASN X 65 64.04 -54.11 31.28
CA ASN X 65 63.54 -55.20 30.48
C ASN X 65 64.24 -55.16 29.14
N VAL X 66 64.57 -56.33 28.61
CA VAL X 66 65.17 -56.44 27.29
C VAL X 66 64.35 -57.43 26.47
N THR X 67 63.91 -57.00 25.31
CA THR X 67 63.16 -57.86 24.40
C THR X 67 63.92 -57.94 23.07
N GLN X 68 63.27 -58.53 22.06
CA GLN X 68 63.94 -58.79 20.79
C GLN X 68 64.38 -57.51 20.11
N HIS X 69 63.51 -56.49 20.09
CA HIS X 69 63.79 -55.25 19.38
C HIS X 69 63.58 -54.00 20.21
N ALA X 70 63.42 -54.14 21.53
CA ALA X 70 63.14 -52.97 22.35
C ALA X 70 63.59 -53.25 23.78
N VAL X 71 63.53 -52.21 24.60
CA VAL X 71 63.83 -52.34 26.01
C VAL X 71 62.74 -51.62 26.79
N GLY X 72 62.59 -52.03 28.06
CA GLY X 72 61.73 -51.34 28.99
C GLY X 72 62.54 -50.35 29.81
N ILE X 73 62.01 -49.15 29.95
CA ILE X 73 62.72 -48.04 30.55
C ILE X 73 61.91 -47.51 31.71
N VAL X 74 62.56 -47.34 32.86
CA VAL X 74 61.95 -46.75 34.05
C VAL X 74 62.40 -45.29 34.08
N VAL X 75 61.60 -44.42 33.49
CA VAL X 75 61.96 -43.01 33.34
C VAL X 75 60.99 -42.18 34.16
N ASN X 76 61.52 -41.19 34.87
CA ASN X 76 60.69 -40.35 35.73
C ASN X 76 59.90 -39.35 34.88
N LYS X 77 58.61 -39.26 35.14
CA LYS X 77 57.76 -38.27 34.50
C LYS X 77 57.12 -37.41 35.58
N GLN X 78 57.16 -36.10 35.40
CA GLN X 78 56.59 -35.18 36.37
C GLN X 78 55.19 -34.78 35.92
N VAL X 79 54.20 -35.25 36.66
CA VAL X 79 52.80 -34.96 36.39
C VAL X 79 52.36 -33.93 37.42
N LYS X 80 52.37 -32.67 37.02
CA LYS X 80 51.85 -31.58 37.85
C LYS X 80 52.56 -31.51 39.19
N GLY X 81 51.93 -32.01 40.24
CA GLY X 81 52.48 -31.86 41.57
C GLY X 81 53.22 -33.07 42.10
N LYS X 82 53.55 -34.02 41.23
CA LYS X 82 54.19 -35.24 41.69
C LYS X 82 55.01 -35.84 40.56
N ILE X 83 56.13 -36.45 40.93
CA ILE X 83 56.96 -37.20 40.00
C ILE X 83 56.65 -38.67 40.20
N LEU X 84 56.50 -39.39 39.10
CA LEU X 84 56.20 -40.81 39.17
C LEU X 84 56.96 -41.54 38.08
N ALA X 85 57.35 -42.78 38.39
CA ALA X 85 58.21 -43.56 37.50
C ALA X 85 57.36 -44.31 36.49
N LYS X 86 57.61 -44.06 35.20
CA LYS X 86 56.89 -44.71 34.13
C LYS X 86 57.75 -45.80 33.50
N ARG X 87 57.13 -46.95 33.27
CA ARG X 87 57.79 -48.08 32.61
C ARG X 87 57.28 -48.14 31.17
N ILE X 88 58.12 -47.74 30.24
CA ILE X 88 57.70 -47.61 28.84
C ILE X 88 58.53 -48.54 27.98
N ASN X 89 57.93 -49.01 26.88
CA ASN X 89 58.60 -49.86 25.92
C ASN X 89 59.05 -49.02 24.74
N VAL X 90 60.36 -48.91 24.55
CA VAL X 90 60.93 -48.08 23.50
C VAL X 90 61.91 -48.93 22.72
N ARG X 91 61.81 -48.89 21.40
CA ARG X 91 62.74 -49.63 20.58
C ARG X 91 64.14 -49.04 20.70
N ILE X 92 65.13 -49.85 20.33
CA ILE X 92 66.52 -49.45 20.54
C ILE X 92 66.92 -48.27 19.66
N GLU X 93 66.24 -48.06 18.55
CA GLU X 93 66.59 -46.97 17.65
C GLU X 93 66.28 -45.61 18.24
N HIS X 94 65.40 -45.56 19.24
CA HIS X 94 65.06 -44.32 19.91
C HIS X 94 65.78 -44.16 21.25
N ILE X 95 66.79 -44.98 21.53
CA ILE X 95 67.56 -44.87 22.75
C ILE X 95 69.03 -44.93 22.38
N LYS X 96 69.86 -44.51 23.33
CA LYS X 96 71.29 -44.71 23.21
C LYS X 96 71.88 -44.68 24.61
N HIS X 97 73.12 -45.14 24.71
CA HIS X 97 73.77 -45.23 26.01
C HIS X 97 74.08 -43.84 26.55
N SER X 98 73.70 -43.60 27.79
CA SER X 98 74.03 -42.34 28.45
C SER X 98 75.51 -42.33 28.82
N LYS X 99 76.12 -41.16 28.73
CA LYS X 99 77.54 -41.01 29.04
C LYS X 99 77.80 -40.46 30.43
N SER X 100 76.79 -39.90 31.10
CA SER X 100 76.98 -39.45 32.46
C SER X 100 77.33 -40.61 33.38
N ARG X 101 76.61 -41.73 33.23
CA ARG X 101 76.91 -42.91 34.03
C ARG X 101 78.33 -43.40 33.79
N ASP X 102 78.75 -43.44 32.52
CA ASP X 102 80.08 -43.94 32.20
C ASP X 102 81.17 -43.02 32.72
N SER X 103 80.97 -41.71 32.61
CA SER X 103 81.95 -40.77 33.15
C SER X 103 82.02 -40.86 34.67
N PHE X 104 80.94 -41.33 35.31
CA PHE X 104 81.04 -41.65 36.73
C PHE X 104 81.81 -42.94 36.97
N LEU X 105 81.58 -43.95 36.13
CA LEU X 105 82.21 -45.26 36.33
C LEU X 105 83.71 -45.16 36.19
N LYS X 106 84.19 -44.38 35.23
CA LYS X 106 85.64 -44.23 35.08
C LYS X 106 86.25 -43.57 36.29
N ARG X 107 85.57 -42.58 36.87
CA ARG X 107 86.01 -41.99 38.11
C ARG X 107 86.05 -43.02 39.23
N VAL X 108 85.08 -43.93 39.26
CA VAL X 108 85.08 -44.98 40.28
C VAL X 108 86.30 -45.88 40.13
N LYS X 109 86.58 -46.31 38.90
CA LYS X 109 87.73 -47.19 38.70
C LYS X 109 89.03 -46.49 39.05
N GLU X 110 89.16 -45.22 38.67
CA GLU X 110 90.34 -44.45 39.03
C GLU X 110 90.45 -44.32 40.54
N ASN X 111 89.34 -44.09 41.23
CA ASN X 111 89.37 -43.95 42.68
C ASN X 111 89.83 -45.25 43.34
N ASP X 112 89.32 -46.39 42.86
CA ASP X 112 89.71 -47.66 43.45
C ASP X 112 91.20 -47.95 43.21
N GLN X 113 91.66 -47.71 41.98
CA GLN X 113 93.07 -47.92 41.69
C GLN X 113 93.95 -47.04 42.55
N LYS X 114 93.58 -45.76 42.68
CA LYS X 114 94.37 -44.83 43.47
C LYS X 114 94.38 -45.22 44.94
N LYS X 115 93.24 -45.68 45.46
CA LYS X 115 93.21 -46.10 46.86
C LYS X 115 94.11 -47.29 47.10
N LYS X 116 94.05 -48.29 46.22
CA LYS X 116 94.92 -49.45 46.39
C LYS X 116 96.40 -49.05 46.33
N GLU X 117 96.74 -48.21 45.35
CA GLU X 117 98.14 -47.80 45.22
C GLU X 117 98.60 -46.94 46.39
N ALA X 118 97.72 -46.07 46.90
CA ALA X 118 98.09 -45.24 48.03
C ALA X 118 98.30 -46.08 49.28
N LYS X 119 97.49 -47.10 49.48
CA LYS X 119 97.71 -48.01 50.60
C LYS X 119 99.04 -48.75 50.46
N GLU X 120 99.35 -49.20 49.24
CA GLU X 120 100.56 -50.01 49.08
C GLU X 120 101.83 -49.16 49.15
N LYS X 121 101.79 -47.93 48.63
CA LYS X 121 102.95 -47.06 48.69
C LYS X 121 103.13 -46.44 50.07
N GLY X 122 102.01 -46.10 50.74
CA GLY X 122 102.08 -45.43 52.01
C GLY X 122 101.93 -43.93 51.86
N THR X 123 100.95 -43.50 51.08
CA THR X 123 100.71 -42.09 50.83
C THR X 123 99.23 -41.79 50.94
N TRP X 124 98.91 -40.53 51.22
CA TRP X 124 97.53 -40.07 51.30
C TRP X 124 97.26 -39.05 50.21
N VAL X 125 96.20 -39.28 49.43
CA VAL X 125 95.89 -38.46 48.27
C VAL X 125 94.45 -37.97 48.39
N GLN X 126 94.06 -37.15 47.43
CA GLN X 126 92.72 -36.57 47.38
C GLN X 126 91.90 -37.27 46.31
N LEU X 127 90.66 -37.60 46.66
CA LEU X 127 89.77 -38.30 45.75
C LEU X 127 88.50 -37.52 45.45
N LYS X 128 87.97 -36.78 46.42
CA LYS X 128 86.79 -35.97 46.19
C LYS X 128 87.07 -34.89 45.16
N ARG X 129 86.13 -34.69 44.25
CA ARG X 129 86.14 -33.49 43.44
C ARG X 129 85.89 -32.28 44.33
N GLN X 130 86.45 -31.15 43.92
CA GLN X 130 86.27 -29.93 44.70
C GLN X 130 85.77 -28.83 43.81
N PRO X 131 84.97 -27.92 44.34
CA PRO X 131 84.59 -26.73 43.56
C PRO X 131 85.82 -25.91 43.25
N ALA X 132 85.77 -25.22 42.11
CA ALA X 132 86.91 -24.48 41.58
C ALA X 132 87.46 -23.52 42.62
N PRO X 133 88.67 -23.74 43.10
CA PRO X 133 89.22 -22.92 44.16
C PRO X 133 89.56 -21.53 43.65
N PRO X 134 89.70 -20.56 44.55
CA PRO X 134 90.15 -19.23 44.13
C PRO X 134 91.56 -19.28 43.57
N ARG X 135 91.82 -18.37 42.62
CA ARG X 135 93.12 -18.30 41.99
C ARG X 135 94.19 -17.89 42.99
N GLU X 136 95.33 -18.58 42.94
CA GLU X 136 96.37 -18.31 43.90
C GLU X 136 97.16 -17.06 43.51
N ALA X 137 97.99 -16.58 44.44
CA ALA X 137 98.79 -15.41 44.18
C ALA X 137 99.93 -15.74 43.22
N HIS X 138 100.14 -14.88 42.23
CA HIS X 138 101.17 -15.10 41.24
C HIS X 138 101.63 -13.76 40.69
N PHE X 139 102.79 -13.76 40.05
CA PHE X 139 103.39 -12.57 39.48
C PHE X 139 103.18 -12.55 37.98
N VAL X 140 103.14 -11.34 37.42
CA VAL X 140 102.96 -11.14 36.00
C VAL X 140 104.09 -10.23 35.52
N ARG X 141 104.97 -10.77 34.70
CA ARG X 141 106.10 -10.01 34.19
C ARG X 141 105.70 -9.21 32.96
N THR X 142 106.08 -7.95 32.93
CA THR X 142 105.76 -7.10 31.80
C THR X 142 106.77 -7.19 30.66
N ASN X 143 107.95 -7.76 30.93
CA ASN X 143 109.00 -7.94 29.92
C ASN X 143 109.39 -6.61 29.27
N GLY X 144 109.52 -5.57 30.08
CA GLY X 144 110.00 -4.31 29.58
C GLY X 144 109.05 -3.57 28.67
N LYS X 145 107.80 -4.00 28.58
CA LYS X 145 106.80 -3.35 27.74
C LYS X 145 105.71 -2.77 28.63
N GLU X 146 105.40 -1.50 28.41
CA GLU X 146 104.27 -0.91 29.11
C GLU X 146 102.98 -1.55 28.61
N PRO X 147 102.01 -1.76 29.49
CA PRO X 147 100.69 -2.19 29.02
C PRO X 147 100.10 -1.17 28.05
N GLU X 148 99.50 -1.68 26.98
CA GLU X 148 98.98 -0.83 25.93
C GLU X 148 97.82 0.01 26.45
N LEU X 149 97.92 1.33 26.29
CA LEU X 149 96.87 2.22 26.74
C LEU X 149 95.64 2.04 25.88
N LEU X 150 94.47 2.02 26.52
CA LEU X 150 93.20 1.84 25.85
C LEU X 150 92.31 3.04 26.11
N GLU X 151 91.67 3.55 25.06
CA GLU X 151 90.70 4.62 25.18
C GLU X 151 89.51 4.28 24.30
N PRO X 152 88.29 4.54 24.77
CA PRO X 152 87.12 4.33 23.92
C PRO X 152 87.18 5.18 22.67
N ILE X 153 86.77 4.59 21.55
CA ILE X 153 86.82 5.25 20.26
C ILE X 153 85.69 6.27 20.20
N PRO X 154 85.85 7.36 19.44
CA PRO X 154 84.72 8.26 19.22
C PRO X 154 83.62 7.58 18.44
N TYR X 155 82.39 7.96 18.75
CA TYR X 155 81.23 7.41 18.08
C TYR X 155 81.08 8.02 16.70
N GLU X 156 80.90 7.18 15.70
CA GLU X 156 80.53 7.65 14.37
C GLU X 156 79.38 6.79 13.88
N PHE X 157 78.55 7.38 13.03
CA PHE X 157 77.37 6.68 12.52
C PHE X 157 77.79 5.79 11.36
N MET X 158 77.67 4.47 11.56
CA MET X 158 78.19 3.53 10.58
C MET X 158 77.36 3.56 9.30
N ALA X 159 76.12 3.08 9.37
CA ALA X 159 75.30 3.00 8.17
C ALA X 159 73.92 3.63 8.40
N GLN Y 1 -84.31 42.64 54.99
CA GLN Y 1 -83.74 43.84 54.39
C GLN Y 1 -83.39 44.86 55.46
N VAL Y 2 -83.42 44.43 56.73
CA VAL Y 2 -83.01 45.24 57.86
C VAL Y 2 -81.87 44.52 58.57
N LEU Y 3 -80.73 45.18 58.71
CA LEU Y 3 -79.52 44.52 59.20
C LEU Y 3 -79.34 44.73 60.70
N LYS Y 4 -79.18 45.98 61.13
CA LYS Y 4 -79.08 46.35 62.54
C LYS Y 4 -77.89 45.66 63.22
N PHE Y 5 -76.69 46.01 62.79
CA PHE Y 5 -75.50 45.64 63.54
C PHE Y 5 -75.29 46.66 64.65
N THR Y 6 -74.60 46.24 65.70
CA THR Y 6 -74.38 47.12 66.84
C THR Y 6 -72.94 47.01 67.31
N LEU Y 7 -72.47 48.10 67.93
CA LEU Y 7 -71.14 48.17 68.50
C LEU Y 7 -71.28 48.65 69.94
N ASP Y 8 -70.72 47.89 70.88
CA ASP Y 8 -70.80 48.19 72.31
C ASP Y 8 -69.39 48.52 72.79
N CYS Y 9 -69.06 49.81 72.75
CA CYS Y 9 -67.81 50.30 73.32
C CYS Y 9 -68.02 50.75 74.76
N THR Y 10 -68.53 49.83 75.57
CA THR Y 10 -68.83 50.15 76.96
C THR Y 10 -67.56 50.36 77.78
N HIS Y 11 -66.58 49.46 77.65
CA HIS Y 11 -65.37 49.54 78.46
C HIS Y 11 -64.55 50.81 78.22
N PRO Y 12 -64.24 51.22 76.98
CA PRO Y 12 -63.44 52.45 76.84
C PRO Y 12 -64.15 53.68 77.33
N VAL Y 13 -65.46 53.82 77.07
CA VAL Y 13 -66.15 55.02 77.52
C VAL Y 13 -66.39 55.01 79.01
N GLU Y 14 -66.41 53.83 79.64
CA GLU Y 14 -66.56 53.80 81.09
C GLU Y 14 -65.23 54.03 81.79
N ASP Y 15 -64.12 53.68 81.14
CA ASP Y 15 -62.81 53.94 81.69
C ASP Y 15 -62.21 55.26 81.23
N GLY Y 16 -62.93 55.99 80.38
CA GLY Y 16 -62.46 57.30 79.98
C GLY Y 16 -61.20 57.33 79.15
N ILE Y 17 -61.10 56.46 78.15
CA ILE Y 17 -59.97 56.48 77.23
C ILE Y 17 -60.39 56.63 75.78
N MET Y 18 -61.68 56.88 75.51
CA MET Y 18 -62.18 56.95 74.14
C MET Y 18 -63.56 57.58 74.16
N ASP Y 19 -63.86 58.37 73.13
CA ASP Y 19 -65.14 59.08 73.04
C ASP Y 19 -65.99 58.53 71.91
N ALA Y 20 -67.17 58.03 72.29
CA ALA Y 20 -68.10 57.47 71.33
C ALA Y 20 -68.61 58.50 70.34
N ALA Y 21 -68.58 59.78 70.69
CA ALA Y 21 -68.96 60.82 69.72
C ALA Y 21 -67.99 60.83 68.56
N ASN Y 22 -66.69 60.81 68.84
CA ASN Y 22 -65.72 60.77 67.76
C ASN Y 22 -65.76 59.45 67.03
N PHE Y 23 -66.04 58.34 67.73
CA PHE Y 23 -66.22 57.07 67.04
C PHE Y 23 -67.39 57.14 66.06
N GLU Y 24 -68.50 57.73 66.49
CA GLU Y 24 -69.67 57.91 65.64
C GLU Y 24 -69.34 58.72 64.40
N GLN Y 25 -68.68 59.86 64.58
CA GLN Y 25 -68.37 60.68 63.43
C GLN Y 25 -67.36 60.01 62.50
N PHE Y 26 -66.42 59.25 63.07
CA PHE Y 26 -65.48 58.49 62.27
C PHE Y 26 -66.20 57.50 61.37
N LEU Y 27 -67.11 56.72 61.95
CA LEU Y 27 -67.86 55.77 61.13
C LEU Y 27 -68.71 56.49 60.09
N GLN Y 28 -69.36 57.58 60.48
CA GLN Y 28 -70.19 58.34 59.55
C GLN Y 28 -69.39 58.79 58.34
N GLU Y 29 -68.20 59.33 58.58
CA GLU Y 29 -67.43 59.83 57.45
C GLU Y 29 -66.82 58.69 56.63
N ARG Y 30 -66.49 57.55 57.24
CA ARG Y 30 -65.67 56.56 56.55
C ARG Y 30 -66.45 55.42 55.92
N ILE Y 31 -67.71 55.19 56.28
CA ILE Y 31 -68.44 54.04 55.73
C ILE Y 31 -68.64 54.21 54.22
N LYS Y 32 -68.28 53.17 53.47
CA LYS Y 32 -68.47 53.11 52.04
C LYS Y 32 -69.77 52.39 51.71
N VAL Y 33 -70.45 52.86 50.68
CA VAL Y 33 -71.57 52.14 50.09
C VAL Y 33 -71.38 52.16 48.58
N ASN Y 34 -71.29 50.98 47.98
CA ASN Y 34 -71.09 50.82 46.54
C ASN Y 34 -69.84 51.56 46.06
N GLY Y 35 -68.77 51.46 46.85
CA GLY Y 35 -67.47 51.96 46.45
C GLY Y 35 -67.21 53.42 46.76
N LYS Y 36 -68.21 54.15 47.24
CA LYS Y 36 -68.05 55.57 47.56
C LYS Y 36 -68.24 55.77 49.05
N ALA Y 37 -67.29 56.44 49.68
CA ALA Y 37 -67.41 56.78 51.08
C ALA Y 37 -68.15 58.10 51.24
N GLY Y 38 -68.34 58.52 52.49
CA GLY Y 38 -68.97 59.80 52.77
C GLY Y 38 -70.46 59.81 52.48
N ASN Y 39 -71.18 60.71 53.16
CA ASN Y 39 -72.63 60.93 53.02
C ASN Y 39 -73.44 59.63 53.15
N LEU Y 40 -72.85 58.61 53.77
CA LEU Y 40 -73.52 57.36 54.13
C LEU Y 40 -74.11 56.65 52.91
N GLY Y 41 -73.51 56.87 51.75
CA GLY Y 41 -73.97 56.23 50.53
C GLY Y 41 -75.35 56.65 50.10
N GLY Y 42 -75.70 57.92 50.31
CA GLY Y 42 -77.01 58.41 49.98
C GLY Y 42 -78.06 58.22 51.05
N GLY Y 43 -77.65 57.92 52.28
CA GLY Y 43 -78.59 57.75 53.37
C GLY Y 43 -79.24 56.39 53.46
N VAL Y 44 -78.82 55.43 52.64
CA VAL Y 44 -79.39 54.09 52.73
C VAL Y 44 -79.01 53.45 54.07
N VAL Y 45 -77.81 53.72 54.56
CA VAL Y 45 -77.31 53.16 55.81
C VAL Y 45 -77.34 54.26 56.86
N THR Y 46 -77.93 53.97 58.01
CA THR Y 46 -78.16 54.94 59.06
C THR Y 46 -77.40 54.53 60.32
N ILE Y 47 -76.64 55.47 60.88
CA ILE Y 47 -75.80 55.22 62.04
C ILE Y 47 -76.29 56.08 63.19
N GLU Y 48 -76.58 55.46 64.33
CA GLU Y 48 -77.11 56.18 65.47
C GLU Y 48 -76.54 55.61 66.76
N ARG Y 49 -76.01 56.48 67.63
CA ARG Y 49 -75.52 56.03 68.93
C ARG Y 49 -76.53 56.45 69.99
N SER Y 50 -77.14 55.46 70.64
CA SER Y 50 -78.06 55.77 71.72
C SER Y 50 -77.33 56.40 72.90
N LYS Y 51 -76.52 55.62 73.61
CA LYS Y 51 -75.65 56.16 74.64
C LYS Y 51 -74.19 55.80 74.40
N SER Y 52 -73.87 54.52 74.30
CA SER Y 52 -72.55 54.05 73.96
C SER Y 52 -72.61 52.89 72.98
N LYS Y 53 -73.80 52.44 72.61
CA LYS Y 53 -74.00 51.48 71.56
C LYS Y 53 -74.28 52.22 70.27
N ILE Y 54 -73.50 51.93 69.24
CA ILE Y 54 -73.69 52.50 67.92
C ILE Y 54 -74.40 51.46 67.06
N THR Y 55 -75.59 51.76 66.60
CA THR Y 55 -76.36 50.87 65.74
C THR Y 55 -76.22 51.33 64.30
N VAL Y 56 -75.81 50.42 63.44
CA VAL Y 56 -75.73 50.64 62.00
C VAL Y 56 -76.85 49.84 61.36
N THR Y 57 -77.71 50.52 60.61
CA THR Y 57 -78.83 49.91 59.93
C THR Y 57 -78.63 50.06 58.43
N SER Y 58 -78.88 49.01 57.67
CA SER Y 58 -78.67 49.05 56.24
C SER Y 58 -79.93 48.62 55.51
N GLU Y 59 -80.17 49.26 54.37
CA GLU Y 59 -81.19 48.82 53.43
C GLU Y 59 -80.59 48.14 52.21
N VAL Y 60 -79.27 47.92 52.21
CA VAL Y 60 -78.56 47.23 51.14
C VAL Y 60 -77.81 46.07 51.78
N PRO Y 61 -77.25 45.14 51.00
CA PRO Y 61 -76.32 44.16 51.60
C PRO Y 61 -75.17 44.86 52.29
N PHE Y 62 -74.84 44.38 53.49
CA PHE Y 62 -73.81 45.00 54.30
C PHE Y 62 -73.07 43.93 55.08
N SER Y 63 -71.80 44.19 55.38
CA SER Y 63 -70.95 43.23 56.06
C SER Y 63 -70.77 43.65 57.51
N LYS Y 64 -71.15 42.77 58.43
CA LYS Y 64 -70.90 43.04 59.84
C LYS Y 64 -69.41 43.11 60.10
N ARG Y 65 -68.63 42.30 59.39
CA ARG Y 65 -67.19 42.32 59.55
C ARG Y 65 -66.58 43.60 59.04
N TYR Y 66 -67.28 44.32 58.17
CA TYR Y 66 -66.79 45.61 57.70
C TYR Y 66 -66.79 46.63 58.84
N LEU Y 67 -67.75 46.53 59.75
CA LEU Y 67 -67.71 47.34 60.96
C LEU Y 67 -66.49 47.02 61.80
N LYS Y 68 -66.14 45.73 61.90
CA LYS Y 68 -64.95 45.35 62.64
C LYS Y 68 -63.69 45.91 62.00
N TYR Y 69 -63.63 45.90 60.67
CA TYR Y 69 -62.50 46.52 59.98
C TYR Y 69 -62.42 48.01 60.29
N LEU Y 70 -63.58 48.69 60.27
CA LEU Y 70 -63.60 50.11 60.61
C LEU Y 70 -63.13 50.35 62.04
N THR Y 71 -63.58 49.53 62.98
CA THR Y 71 -63.19 49.69 64.37
C THR Y 71 -61.70 49.47 64.55
N LYS Y 72 -61.14 48.47 63.87
CA LYS Y 72 -59.71 48.23 63.98
C LYS Y 72 -58.92 49.40 63.45
N LYS Y 73 -59.37 49.99 62.32
CA LYS Y 73 -58.72 51.20 61.83
C LYS Y 73 -58.81 52.33 62.84
N TYR Y 74 -59.98 52.50 63.46
CA TYR Y 74 -60.17 53.55 64.45
C TYR Y 74 -59.25 53.38 65.65
N LEU Y 75 -59.15 52.15 66.16
CA LEU Y 75 -58.29 51.87 67.30
C LEU Y 75 -56.83 52.14 66.96
N LYS Y 76 -56.39 51.69 65.78
CA LYS Y 76 -55.01 51.95 65.40
C LYS Y 76 -54.75 53.45 65.28
N LYS Y 77 -55.70 54.18 64.71
CA LYS Y 77 -55.53 55.62 64.56
C LYS Y 77 -55.45 56.33 65.89
N ASN Y 78 -56.25 55.91 66.87
CA ASN Y 78 -56.28 56.57 68.17
C ASN Y 78 -55.41 55.88 69.22
N ASN Y 79 -54.52 54.98 68.79
CA ASN Y 79 -53.49 54.41 69.65
C ASN Y 79 -54.07 53.50 70.73
N LEU Y 80 -55.27 52.96 70.50
CA LEU Y 80 -55.88 52.04 71.43
C LEU Y 80 -55.76 50.58 70.99
N ARG Y 81 -55.03 50.32 69.91
CA ARG Y 81 -55.05 49.00 69.30
C ARG Y 81 -54.49 47.94 70.24
N ASP Y 82 -53.43 48.28 70.97
CA ASP Y 82 -52.77 47.33 71.85
C ASP Y 82 -53.48 47.18 73.18
N TRP Y 83 -54.53 47.96 73.44
CA TRP Y 83 -55.29 47.87 74.67
C TRP Y 83 -56.66 47.25 74.50
N LEU Y 84 -57.35 47.58 73.41
CA LEU Y 84 -58.72 47.13 73.22
C LEU Y 84 -58.77 45.97 72.22
N ARG Y 85 -59.98 45.45 72.04
CA ARG Y 85 -60.18 44.25 71.23
C ARG Y 85 -61.64 44.21 70.80
N VAL Y 86 -61.86 43.85 69.54
CA VAL Y 86 -63.21 43.75 68.97
C VAL Y 86 -63.63 42.29 69.07
N VAL Y 87 -64.68 42.01 69.82
CA VAL Y 87 -65.16 40.64 70.02
C VAL Y 87 -66.66 40.63 69.77
N ALA Y 88 -67.10 39.80 68.84
CA ALA Y 88 -68.53 39.65 68.61
C ALA Y 88 -69.16 38.96 69.81
N ASN Y 89 -69.92 39.70 70.61
CA ASN Y 89 -70.58 39.10 71.76
C ASN Y 89 -71.85 38.33 71.37
N SER Y 90 -72.43 38.63 70.22
CA SER Y 90 -73.53 37.85 69.68
C SER Y 90 -73.64 38.18 68.20
N LYS Y 91 -74.62 37.57 67.54
CA LYS Y 91 -74.89 37.90 66.16
C LYS Y 91 -75.31 39.35 66.05
N GLU Y 92 -74.90 40.01 64.97
CA GLU Y 92 -75.20 41.41 64.71
C GLU Y 92 -74.69 42.34 65.80
N SER Y 93 -73.64 41.94 66.51
CA SER Y 93 -73.15 42.81 67.57
C SER Y 93 -71.67 42.58 67.81
N TYR Y 94 -70.98 43.66 68.15
CA TYR Y 94 -69.58 43.64 68.51
C TYR Y 94 -69.42 44.34 69.85
N GLU Y 95 -68.32 44.03 70.52
CA GLU Y 95 -68.04 44.57 71.83
C GLU Y 95 -66.57 44.94 71.89
N LEU Y 96 -66.26 45.93 72.70
CA LEU Y 96 -64.88 46.32 72.95
C LEU Y 96 -64.48 45.79 74.31
N ARG Y 97 -63.31 45.16 74.37
CA ARG Y 97 -62.82 44.59 75.62
C ARG Y 97 -61.33 44.83 75.73
N TYR Y 98 -60.79 44.56 76.92
CA TYR Y 98 -59.35 44.62 77.12
C TYR Y 98 -58.75 43.22 77.01
N PHE Y 99 -57.42 43.17 76.98
CA PHE Y 99 -56.70 41.91 77.01
C PHE Y 99 -56.54 41.48 78.47
N GLN Y 100 -57.35 40.51 78.89
CA GLN Y 100 -57.39 40.10 80.29
C GLN Y 100 -56.21 39.18 80.59
N ILE Y 101 -55.16 39.76 81.17
CA ILE Y 101 -54.00 38.99 81.58
C ILE Y 101 -53.71 39.23 83.05
N SER Z 1 15.43 65.70 11.21
CA SER Z 1 14.17 65.08 10.82
C SER Z 1 13.22 65.02 12.01
N GLY Z 2 13.46 64.05 12.91
CA GLY Z 2 12.59 63.84 14.04
C GLY Z 2 11.81 62.54 13.91
N ALA Z 3 12.25 61.50 14.61
CA ALA Z 3 11.64 60.19 14.50
C ALA Z 3 10.34 60.14 15.29
N LYS Z 4 9.51 59.17 14.91
CA LYS Z 4 8.24 58.96 15.62
C LYS Z 4 8.51 58.47 17.05
N PHE Z 5 7.74 59.00 17.99
CA PHE Z 5 7.84 58.50 19.34
C PHE Z 5 7.17 57.14 19.43
N ARG Z 6 7.36 56.47 20.56
CA ARG Z 6 6.72 55.18 20.75
C ARG Z 6 5.23 55.35 20.95
N ILE Z 7 4.46 54.40 20.43
CA ILE Z 7 3.02 54.38 20.57
C ILE Z 7 2.60 52.98 21.01
N SER Z 8 1.44 52.89 21.63
CA SER Z 8 0.90 51.60 22.00
C SER Z 8 0.67 50.75 20.76
N LEU Z 9 1.11 49.50 20.81
CA LEU Z 9 1.22 48.70 19.59
C LEU Z 9 -0.14 48.23 19.10
N GLY Z 10 -0.81 47.40 19.87
CA GLY Z 10 -2.18 47.05 19.54
C GLY Z 10 -2.38 45.96 18.50
N LEU Z 11 -1.58 45.95 17.43
CA LEU Z 11 -1.81 45.04 16.31
C LEU Z 11 -0.64 44.06 16.17
N PRO Z 12 -0.77 42.88 16.73
CA PRO Z 12 0.31 41.89 16.58
C PRO Z 12 0.21 41.13 15.27
N VAL Z 13 1.07 40.13 15.11
CA VAL Z 13 1.00 39.27 13.94
C VAL Z 13 -0.27 38.44 13.99
N GLY Z 14 -0.93 38.31 12.85
CA GLY Z 14 -2.19 37.59 12.74
C GLY Z 14 -3.39 38.49 12.62
N ALA Z 15 -3.24 39.77 12.89
CA ALA Z 15 -4.35 40.70 12.81
C ALA Z 15 -4.78 40.92 11.37
N VAL Z 16 -6.08 41.13 11.19
CA VAL Z 16 -6.65 41.43 9.87
C VAL Z 16 -7.18 42.85 9.92
N ILE Z 17 -6.66 43.70 9.04
CA ILE Z 17 -7.01 45.11 9.00
C ILE Z 17 -7.63 45.42 7.65
N ASN Z 18 -8.42 46.48 7.61
CA ASN Z 18 -8.98 46.92 6.34
C ASN Z 18 -7.88 47.46 5.43
N CYS Z 19 -8.14 47.42 4.13
CA CYS Z 19 -7.25 48.00 3.15
C CYS Z 19 -7.93 49.25 2.60
N ALA Z 20 -7.36 50.42 2.91
CA ALA Z 20 -8.03 51.67 2.65
C ALA Z 20 -7.75 52.24 1.26
N ASP Z 21 -6.86 51.61 0.48
CA ASP Z 21 -6.52 52.14 -0.83
C ASP Z 21 -7.56 51.69 -1.85
N ASN Z 22 -7.23 51.82 -3.13
CA ASN Z 22 -8.12 51.43 -4.21
C ASN Z 22 -7.50 50.36 -5.11
N THR Z 23 -6.66 49.51 -4.54
CA THR Z 23 -6.01 48.46 -5.31
C THR Z 23 -6.94 47.29 -5.61
N GLY Z 24 -8.13 47.26 -5.02
CA GLY Z 24 -9.03 46.15 -5.16
C GLY Z 24 -8.93 45.11 -4.05
N ALA Z 25 -7.91 45.20 -3.21
CA ALA Z 25 -7.84 44.35 -2.04
C ALA Z 25 -8.91 44.77 -1.04
N LYS Z 26 -9.23 43.86 -0.13
CA LYS Z 26 -10.17 44.14 0.95
C LYS Z 26 -9.49 44.26 2.30
N ASN Z 27 -8.66 43.29 2.66
CA ASN Z 27 -8.05 43.31 3.98
C ASN Z 27 -6.62 42.80 3.89
N LEU Z 28 -5.84 43.16 4.89
CA LEU Z 28 -4.45 42.75 5.02
C LEU Z 28 -4.32 41.88 6.26
N TYR Z 29 -3.67 40.74 6.10
CA TYR Z 29 -3.38 39.83 7.21
C TYR Z 29 -1.91 40.05 7.57
N ILE Z 30 -1.66 40.76 8.66
CA ILE Z 30 -0.29 41.13 9.01
C ILE Z 30 0.48 39.88 9.38
N ILE Z 31 1.53 39.58 8.62
CA ILE Z 31 2.36 38.41 8.91
C ILE Z 31 3.65 38.77 9.61
N SER Z 32 4.04 40.04 9.64
CA SER Z 32 5.25 40.45 10.33
C SER Z 32 5.27 41.95 10.47
N VAL Z 33 6.26 42.43 11.22
CA VAL Z 33 6.48 43.86 11.42
C VAL Z 33 7.92 44.17 11.05
N LYS Z 34 8.11 45.14 10.16
CA LYS Z 34 9.45 45.51 9.76
C LYS Z 34 10.19 46.18 10.91
N GLY Z 35 11.45 45.83 11.08
CA GLY Z 35 12.28 46.48 12.08
C GLY Z 35 12.00 46.09 13.51
N ILE Z 36 11.61 44.84 13.75
CA ILE Z 36 11.34 44.35 15.10
C ILE Z 36 12.30 43.20 15.40
N LYS Z 37 13.22 43.41 16.33
CA LYS Z 37 14.16 42.36 16.71
C LYS Z 37 13.46 41.23 17.46
N GLY Z 38 12.67 41.57 18.46
CA GLY Z 38 11.83 40.59 19.13
C GLY Z 38 12.41 40.05 20.42
N ARG Z 39 11.70 39.07 20.95
CA ARG Z 39 11.98 38.49 22.24
C ARG Z 39 11.26 37.14 22.29
N LEU Z 40 11.70 36.27 23.19
CA LEU Z 40 11.12 34.94 23.25
C LEU Z 40 9.63 35.00 23.53
N ASN Z 41 8.84 34.40 22.65
CA ASN Z 41 7.38 34.27 22.71
C ASN Z 41 6.66 35.59 22.51
N ARG Z 42 7.34 36.71 22.39
CA ARG Z 42 6.67 37.99 22.19
C ARG Z 42 6.28 38.13 20.73
N LEU Z 43 4.98 38.18 20.47
CA LEU Z 43 4.50 38.31 19.10
C LEU Z 43 4.85 39.68 18.56
N PRO Z 44 5.40 39.77 17.35
CA PRO Z 44 5.73 41.08 16.79
C PRO Z 44 4.48 41.92 16.57
N ALA Z 45 4.54 43.17 16.99
CA ALA Z 45 3.37 44.04 16.98
C ALA Z 45 3.71 45.32 16.25
N ALA Z 46 2.69 45.97 15.73
CA ALA Z 46 2.86 47.19 14.94
C ALA Z 46 1.76 48.18 15.26
N GLY Z 47 2.14 49.45 15.39
CA GLY Z 47 1.18 50.53 15.51
C GLY Z 47 1.04 51.29 14.20
N VAL Z 48 0.39 52.45 14.29
CA VAL Z 48 0.26 53.29 13.11
C VAL Z 48 1.63 53.83 12.72
N GLY Z 49 1.80 54.05 11.42
CA GLY Z 49 3.07 54.53 10.90
C GLY Z 49 4.12 53.46 10.72
N ASP Z 50 3.85 52.22 11.13
CA ASP Z 50 4.80 51.14 10.95
C ASP Z 50 4.58 50.45 9.61
N MET Z 51 5.66 49.92 9.05
CA MET Z 51 5.60 49.12 7.84
C MET Z 51 5.52 47.64 8.22
N VAL Z 52 4.57 46.93 7.63
CA VAL Z 52 4.34 45.53 7.90
C VAL Z 52 4.45 44.77 6.58
N MET Z 53 4.55 43.46 6.70
CA MET Z 53 4.41 42.56 5.56
C MET Z 53 3.08 41.85 5.71
N ALA Z 54 2.31 41.77 4.62
CA ALA Z 54 0.95 41.28 4.73
C ALA Z 54 0.55 40.53 3.47
N THR Z 55 -0.42 39.65 3.63
CA THR Z 55 -1.07 38.99 2.50
C THR Z 55 -2.55 39.26 2.59
N VAL Z 56 -3.15 39.62 1.46
CA VAL Z 56 -4.58 39.89 1.47
C VAL Z 56 -5.33 38.57 1.46
N LYS Z 57 -6.34 38.48 2.32
CA LYS Z 57 -7.18 37.29 2.35
C LYS Z 57 -8.38 37.42 1.43
N LYS Z 58 -8.88 38.63 1.24
CA LYS Z 58 -9.95 38.91 0.30
C LYS Z 58 -9.51 40.01 -0.66
N GLY Z 59 -9.95 39.90 -1.90
CA GLY Z 59 -9.63 40.90 -2.89
C GLY Z 59 -9.47 40.25 -4.25
N LYS Z 60 -8.98 41.05 -5.19
CA LYS Z 60 -8.76 40.57 -6.55
C LYS Z 60 -7.80 39.41 -6.52
N PRO Z 61 -8.04 38.36 -7.32
CA PRO Z 61 -7.24 37.13 -7.18
C PRO Z 61 -5.76 37.32 -7.50
N GLU Z 62 -5.40 38.36 -8.26
CA GLU Z 62 -4.00 38.59 -8.57
C GLU Z 62 -3.21 39.15 -7.41
N LEU Z 63 -3.87 39.49 -6.30
CA LEU Z 63 -3.20 40.03 -5.13
C LEU Z 63 -3.14 39.04 -3.98
N ARG Z 64 -3.82 37.90 -4.06
CA ARG Z 64 -4.15 37.17 -2.84
C ARG Z 64 -3.00 36.29 -2.37
N LYS Z 65 -2.44 35.47 -3.25
CA LYS Z 65 -1.42 34.53 -2.82
C LYS Z 65 -0.02 35.10 -3.02
N LYS Z 66 0.19 36.30 -2.47
CA LYS Z 66 1.45 37.01 -2.56
C LYS Z 66 1.70 37.74 -1.25
N VAL Z 67 2.96 38.10 -1.02
CA VAL Z 67 3.36 38.89 0.14
C VAL Z 67 3.63 40.31 -0.33
N HIS Z 68 3.08 41.29 0.38
CA HIS Z 68 3.19 42.68 0.00
C HIS Z 68 3.66 43.52 1.17
N PRO Z 69 4.43 44.56 0.91
CA PRO Z 69 4.64 45.59 1.92
C PRO Z 69 3.35 46.37 2.17
N ALA Z 70 3.22 46.87 3.39
CA ALA Z 70 2.05 47.65 3.76
C ALA Z 70 2.45 48.61 4.86
N VAL Z 71 1.62 49.62 5.08
CA VAL Z 71 1.83 50.57 6.18
C VAL Z 71 0.51 50.76 6.90
N VAL Z 72 0.53 50.59 8.22
CA VAL Z 72 -0.67 50.82 9.01
C VAL Z 72 -0.94 52.32 9.06
N ILE Z 73 -2.19 52.70 8.80
CA ILE Z 73 -2.57 54.11 8.80
C ILE Z 73 -3.63 54.44 9.84
N ARG Z 74 -4.42 53.48 10.30
CA ARG Z 74 -5.37 53.73 11.38
C ARG Z 74 -5.36 52.54 12.31
N GLN Z 75 -5.40 52.80 13.61
CA GLN Z 75 -5.46 51.72 14.58
C GLN Z 75 -6.54 52.02 15.61
N ARG Z 76 -7.06 50.97 16.22
CA ARG Z 76 -8.15 51.08 17.16
C ARG Z 76 -7.66 51.19 18.61
N LYS Z 77 -6.44 50.78 18.90
CA LYS Z 77 -5.89 50.95 20.23
C LYS Z 77 -5.47 52.41 20.44
N SER Z 78 -5.90 53.00 21.55
CA SER Z 78 -5.59 54.40 21.79
C SER Z 78 -4.11 54.59 22.07
N TYR Z 79 -3.55 55.66 21.52
CA TYR Z 79 -2.16 55.99 21.71
C TYR Z 79 -2.02 57.44 22.13
N ARG Z 80 -1.00 57.70 22.94
CA ARG Z 80 -0.69 59.04 23.41
C ARG Z 80 0.11 59.78 22.37
N ARG Z 81 -0.21 61.06 22.15
CA ARG Z 81 0.49 61.86 21.16
C ARG Z 81 1.48 62.83 21.80
N LYS Z 82 2.04 62.45 22.96
CA LYS Z 82 3.09 63.21 23.64
C LYS Z 82 2.62 64.60 24.08
N ASP Z 83 1.35 64.91 23.89
CA ASP Z 83 0.79 66.18 24.34
C ASP Z 83 -0.51 65.96 25.07
N GLY Z 84 -0.76 64.74 25.53
CA GLY Z 84 -1.92 64.42 26.32
C GLY Z 84 -3.04 63.76 25.56
N VAL Z 85 -3.08 63.90 24.23
CA VAL Z 85 -4.19 63.36 23.45
C VAL Z 85 -4.03 61.85 23.39
N PHE Z 86 -5.03 61.14 23.89
CA PHE Z 86 -5.15 59.69 23.73
C PHE Z 86 -6.11 59.46 22.58
N LEU Z 87 -5.57 59.30 21.38
CA LEU Z 87 -6.39 59.18 20.18
C LEU Z 87 -6.46 57.73 19.74
N TYR Z 88 -7.64 57.30 19.33
CA TYR Z 88 -7.83 56.02 18.68
C TYR Z 88 -8.87 56.18 17.57
N PHE Z 89 -8.79 55.31 16.59
CA PHE Z 89 -9.67 55.38 15.43
C PHE Z 89 -10.76 54.33 15.54
N GLU Z 90 -11.72 54.41 14.63
CA GLU Z 90 -12.83 53.47 14.63
C GLU Z 90 -12.39 52.07 14.21
N ASP Z 91 -11.40 51.97 13.34
CA ASP Z 91 -11.04 50.70 12.74
C ASP Z 91 -9.54 50.62 12.52
N ASN Z 92 -9.04 49.40 12.36
CA ASN Z 92 -7.67 49.16 11.95
C ASN Z 92 -7.60 49.07 10.44
N ALA Z 93 -6.71 49.86 9.84
CA ALA Z 93 -6.61 49.86 8.39
C ALA Z 93 -5.23 50.31 7.96
N GLY Z 94 -4.85 49.87 6.77
CA GLY Z 94 -3.57 50.20 6.19
C GLY Z 94 -3.68 50.24 4.68
N VAL Z 95 -2.54 50.59 4.05
CA VAL Z 95 -2.46 50.65 2.60
C VAL Z 95 -1.29 49.80 2.15
N ILE Z 96 -1.30 49.46 0.86
CA ILE Z 96 -0.27 48.59 0.29
C ILE Z 96 0.75 49.46 -0.43
N VAL Z 97 2.01 49.31 -0.05
CA VAL Z 97 3.10 50.10 -0.61
C VAL Z 97 4.17 49.15 -1.14
N ASN Z 98 5.24 49.73 -1.66
CA ASN Z 98 6.41 48.97 -2.05
C ASN Z 98 7.53 49.26 -1.06
N ASN Z 99 8.72 48.74 -1.35
CA ASN Z 99 9.84 48.86 -0.41
C ASN Z 99 10.26 50.31 -0.24
N LYS Z 100 10.22 51.10 -1.31
CA LYS Z 100 10.64 52.48 -1.22
C LYS Z 100 9.59 53.36 -0.55
N GLY Z 101 8.38 52.85 -0.33
CA GLY Z 101 7.35 53.60 0.35
C GLY Z 101 6.31 54.20 -0.55
N GLU Z 102 6.50 54.16 -1.86
CA GLU Z 102 5.46 54.63 -2.79
C GLU Z 102 4.22 53.78 -2.67
N MET Z 103 3.07 54.43 -2.59
CA MET Z 103 1.81 53.74 -2.39
C MET Z 103 1.36 53.10 -3.70
N LYS Z 104 1.07 51.81 -3.65
CA LYS Z 104 0.64 51.08 -4.85
C LYS Z 104 -0.67 51.63 -5.37
N GLY Z 105 -1.60 51.96 -4.48
CA GLY Z 105 -2.85 52.59 -4.87
C GLY Z 105 -2.67 54.06 -5.13
N SER Z 106 -3.80 54.74 -5.25
CA SER Z 106 -3.78 56.16 -5.60
C SER Z 106 -4.68 57.02 -4.73
N ALA Z 107 -5.65 56.45 -4.02
CA ALA Z 107 -6.49 57.22 -3.12
C ALA Z 107 -6.60 56.48 -1.80
N ILE Z 108 -6.84 57.22 -0.72
CA ILE Z 108 -6.95 56.65 0.61
C ILE Z 108 -8.33 56.97 1.15
N THR Z 109 -9.03 55.94 1.62
CA THR Z 109 -10.36 56.09 2.19
C THR Z 109 -10.23 56.31 3.69
N GLY Z 110 -10.91 57.34 4.20
CA GLY Z 110 -10.89 57.63 5.61
C GLY Z 110 -9.69 58.46 5.99
N PRO Z 111 -9.54 58.73 7.28
CA PRO Z 111 -8.43 59.57 7.74
C PRO Z 111 -7.15 58.78 7.85
N VAL Z 112 -6.05 59.52 8.04
CA VAL Z 112 -4.72 58.94 8.20
C VAL Z 112 -4.08 59.58 9.42
N ALA Z 113 -3.50 58.74 10.29
CA ALA Z 113 -2.85 59.23 11.50
C ALA Z 113 -1.70 60.18 11.16
N LYS Z 114 -1.52 61.19 12.01
CA LYS Z 114 -0.47 62.16 11.77
C LYS Z 114 0.92 61.53 11.79
N GLU Z 115 1.13 60.53 12.65
CA GLU Z 115 2.42 59.85 12.67
C GLU Z 115 2.71 59.21 11.32
N CYS Z 116 1.73 58.51 10.76
CA CYS Z 116 1.90 57.90 9.45
C CYS Z 116 2.13 58.95 8.38
N ALA Z 117 1.37 60.05 8.43
CA ALA Z 117 1.48 61.08 7.41
C ALA Z 117 2.85 61.74 7.43
N ASP Z 118 3.40 61.97 8.62
CA ASP Z 118 4.71 62.60 8.72
C ASP Z 118 5.83 61.63 8.38
N LEU Z 119 5.67 60.35 8.74
CA LEU Z 119 6.69 59.37 8.41
C LEU Z 119 6.77 59.12 6.91
N TRP Z 120 5.63 59.10 6.24
CA TRP Z 120 5.58 58.78 4.81
C TRP Z 120 4.99 59.93 4.02
N PRO Z 121 5.75 60.56 3.13
CA PRO Z 121 5.20 61.73 2.43
C PRO Z 121 4.15 61.38 1.40
N ARG Z 122 4.37 60.34 0.59
CA ARG Z 122 3.46 60.05 -0.50
C ARG Z 122 2.13 59.53 0.02
N ILE Z 123 2.14 58.82 1.14
CA ILE Z 123 0.89 58.47 1.81
C ILE Z 123 0.13 59.73 2.17
N ALA Z 124 0.83 60.73 2.70
CA ALA Z 124 0.19 61.99 3.04
C ALA Z 124 -0.38 62.67 1.80
N SER Z 125 0.36 62.65 0.69
CA SER Z 125 -0.11 63.31 -0.51
C SER Z 125 -1.34 62.60 -1.07
N ASN Z 126 -1.47 61.30 -0.85
CA ASN Z 126 -2.68 60.60 -1.23
C ASN Z 126 -3.79 60.67 -0.18
N ALA Z 127 -3.47 61.14 1.02
CA ALA Z 127 -4.44 61.09 2.11
C ALA Z 127 -5.58 62.06 1.88
N GLY Z 128 -6.80 61.60 2.13
CA GLY Z 128 -7.94 62.50 2.05
C GLY Z 128 -7.87 63.58 3.11
N SER Z 129 -7.61 63.19 4.35
CA SER Z 129 -7.47 64.13 5.45
C SER Z 129 -6.74 63.43 6.58
N ILE Z 130 -6.22 64.23 7.51
CA ILE Z 130 -5.38 63.73 8.59
C ILE Z 130 -6.16 63.86 9.89
N ALA Z 131 -6.12 62.81 10.69
CA ALA Z 131 -6.74 62.83 12.01
C ALA Z 131 -5.70 62.58 13.09
N MET AA 1 -1.73 75.15 28.44
CA MET AA 1 -2.66 76.15 27.93
C MET AA 1 -2.82 76.03 26.42
N LYS AA 2 -3.19 74.84 25.96
CA LYS AA 2 -3.46 74.60 24.55
C LYS AA 2 -4.87 75.11 24.24
N VAL AA 3 -5.41 74.72 23.09
CA VAL AA 3 -6.81 75.04 22.80
C VAL AA 3 -7.70 74.31 23.80
N GLU AA 4 -8.70 75.03 24.30
CA GLU AA 4 -9.63 74.45 25.25
C GLU AA 4 -10.68 73.65 24.49
N LEU AA 5 -10.65 72.34 24.63
CA LEU AA 5 -11.57 71.47 23.92
C LEU AA 5 -12.95 71.51 24.56
N CYS AA 6 -13.92 70.93 23.87
CA CYS AA 6 -15.25 70.74 24.43
C CYS AA 6 -15.73 69.35 24.07
N SER AA 7 -16.19 68.60 25.07
CA SER AA 7 -16.74 67.28 24.84
C SER AA 7 -18.11 67.41 24.16
N PHE AA 8 -18.76 66.27 23.91
CA PHE AA 8 -20.14 66.33 23.46
C PHE AA 8 -21.04 66.86 24.57
N SER AA 9 -20.76 66.52 25.82
CA SER AA 9 -21.52 66.98 26.96
C SER AA 9 -21.23 68.43 27.32
N GLY AA 10 -20.35 69.09 26.58
CA GLY AA 10 -20.16 70.52 26.72
C GLY AA 10 -19.11 70.94 27.71
N TYR AA 11 -18.60 70.03 28.54
CA TYR AA 11 -17.61 70.41 29.53
C TYR AA 11 -16.28 70.73 28.85
N LYS AA 12 -15.52 71.63 29.47
CA LYS AA 12 -14.21 71.99 28.95
C LYS AA 12 -13.23 70.86 29.24
N ILE AA 13 -12.75 70.20 28.19
CA ILE AA 13 -11.77 69.15 28.34
C ILE AA 13 -10.40 69.79 28.41
N TYR AA 14 -9.71 69.59 29.51
CA TYR AA 14 -8.42 70.21 29.69
C TYR AA 14 -7.31 69.37 29.11
N PRO AA 15 -6.19 69.98 28.74
CA PRO AA 15 -5.06 69.20 28.22
C PRO AA 15 -4.60 68.17 29.24
N GLY AA 16 -4.22 66.99 28.74
CA GLY AA 16 -3.88 65.89 29.59
C GLY AA 16 -5.05 65.10 30.10
N HIS AA 17 -6.27 65.49 29.77
CA HIS AA 17 -7.46 64.81 30.23
C HIS AA 17 -8.21 64.22 29.04
N GLY AA 18 -9.22 63.43 29.35
CA GLY AA 18 -10.16 62.98 28.34
C GLY AA 18 -9.52 62.07 27.31
N ARG AA 19 -10.25 61.92 26.21
CA ARG AA 19 -9.79 61.06 25.13
C ARG AA 19 -10.43 61.49 23.82
N ARG AA 20 -9.65 61.46 22.74
CA ARG AA 20 -10.12 61.88 21.42
C ARG AA 20 -10.33 60.66 20.55
N TYR AA 21 -11.36 60.72 19.70
CA TYR AA 21 -11.78 59.59 18.89
C TYR AA 21 -12.01 60.06 17.46
N ALA AA 22 -11.41 59.37 16.51
CA ALA AA 22 -11.48 59.75 15.10
C ALA AA 22 -12.26 58.69 14.34
N ARG AA 23 -13.47 59.02 13.96
CA ARG AA 23 -14.29 58.10 13.18
C ARG AA 23 -13.74 57.99 11.76
N THR AA 24 -14.14 56.92 11.08
CA THR AA 24 -13.63 56.67 9.73
C THR AA 24 -14.17 57.67 8.71
N ASP AA 25 -15.27 58.35 9.02
CA ASP AA 25 -15.80 59.33 8.09
C ASP AA 25 -15.05 60.66 8.12
N GLY AA 26 -14.05 60.78 8.99
CA GLY AA 26 -13.30 62.00 9.11
C GLY AA 26 -13.79 62.95 10.17
N LYS AA 27 -14.73 62.55 11.00
CA LYS AA 27 -15.25 63.39 12.07
C LYS AA 27 -14.55 63.02 13.36
N VAL AA 28 -14.03 64.03 14.06
CA VAL AA 28 -13.23 63.85 15.26
C VAL AA 28 -14.04 64.36 16.45
N PHE AA 29 -14.07 63.57 17.52
CA PHE AA 29 -14.81 63.91 18.72
C PHE AA 29 -13.93 63.79 19.94
N GLN AA 30 -14.38 64.40 21.03
CA GLN AA 30 -13.64 64.45 22.27
C GLN AA 30 -14.58 64.06 23.39
N PHE AA 31 -14.11 63.23 24.31
CA PHE AA 31 -14.94 62.77 25.40
C PHE AA 31 -14.21 63.04 26.71
N LEU AA 32 -14.93 63.64 27.65
CA LEU AA 32 -14.32 64.03 28.91
C LEU AA 32 -13.86 62.83 29.71
N ASN AA 33 -14.60 61.73 29.64
CA ASN AA 33 -14.25 60.54 30.40
C ASN AA 33 -14.89 59.32 29.74
N ALA AA 34 -14.64 58.16 30.34
CA ALA AA 34 -15.18 56.92 29.81
C ALA AA 34 -16.70 56.91 29.84
N LYS AA 35 -17.31 57.62 30.79
CA LYS AA 35 -18.76 57.71 30.80
C LYS AA 35 -19.27 58.39 29.55
N CYS AA 36 -18.68 59.53 29.19
CA CYS AA 36 -19.06 60.22 27.97
C CYS AA 36 -18.79 59.37 26.75
N GLU AA 37 -17.62 58.73 26.71
CA GLU AA 37 -17.26 57.93 25.54
C GLU AA 37 -18.21 56.75 25.36
N SER AA 38 -18.53 56.05 26.45
CA SER AA 38 -19.41 54.90 26.37
C SER AA 38 -20.81 55.31 25.99
N ALA AA 39 -21.29 56.46 26.49
CA ALA AA 39 -22.61 56.92 26.11
C ALA AA 39 -22.65 57.26 24.62
N PHE AA 40 -21.62 57.93 24.10
CA PHE AA 40 -21.61 58.25 22.69
C PHE AA 40 -21.57 57.00 21.84
N LEU AA 41 -20.81 55.99 22.25
CA LEU AA 41 -20.80 54.73 21.51
C LEU AA 41 -22.15 54.02 21.60
N SER AA 42 -22.84 54.15 22.73
CA SER AA 42 -24.18 53.61 22.87
C SER AA 42 -25.20 54.38 22.07
N LYS AA 43 -24.82 55.54 21.52
CA LYS AA 43 -25.68 56.33 20.63
C LYS AA 43 -26.89 56.85 21.37
N ARG AA 44 -26.70 57.23 22.63
CA ARG AA 44 -27.73 57.88 23.42
C ARG AA 44 -27.62 59.38 23.22
N ASN AA 45 -28.72 60.01 22.84
CA ASN AA 45 -28.72 61.44 22.59
C ASN AA 45 -28.39 62.17 23.89
N PRO AA 46 -27.47 63.13 23.87
CA PRO AA 46 -27.21 63.91 25.09
C PRO AA 46 -28.39 64.73 25.54
N ARG AA 47 -29.34 65.02 24.65
CA ARG AA 47 -30.48 65.84 25.03
C ARG AA 47 -31.49 65.10 25.90
N GLN AA 48 -31.34 63.80 26.10
CA GLN AA 48 -32.15 63.05 27.05
C GLN AA 48 -31.32 62.54 28.23
N ILE AA 49 -30.23 63.23 28.53
CA ILE AA 49 -29.38 62.89 29.67
C ILE AA 49 -29.36 64.08 30.60
N ASN AA 50 -29.86 63.88 31.82
CA ASN AA 50 -30.26 64.99 32.67
C ASN AA 50 -29.12 65.90 33.09
N TRP AA 51 -27.87 65.47 32.96
CA TRP AA 51 -26.75 66.21 33.50
C TRP AA 51 -25.82 66.78 32.44
N THR AA 52 -26.25 66.88 31.19
CA THR AA 52 -25.40 67.40 30.14
C THR AA 52 -25.80 68.83 29.79
N VAL AA 53 -24.82 69.59 29.30
CA VAL AA 53 -25.03 71.00 29.02
C VAL AA 53 -26.08 71.20 27.94
N LEU AA 54 -26.10 70.32 26.94
CA LEU AA 54 -27.16 70.38 25.94
C LEU AA 54 -28.53 70.18 26.57
N TYR AA 55 -28.64 69.26 27.52
CA TYR AA 55 -29.90 69.05 28.21
C TYR AA 55 -30.33 70.28 28.99
N ARG AA 56 -29.40 70.89 29.73
CA ARG AA 56 -29.75 72.09 30.48
C ARG AA 56 -30.17 73.22 29.54
N ARG AA 57 -29.46 73.38 28.43
CA ARG AA 57 -29.83 74.43 27.48
C ARG AA 57 -31.22 74.19 26.90
N LYS AA 58 -31.50 72.95 26.51
CA LYS AA 58 -32.79 72.64 25.92
C LYS AA 58 -33.92 72.80 26.93
N HIS AA 59 -33.69 72.38 28.18
CA HIS AA 59 -34.70 72.45 29.21
C HIS AA 59 -34.65 73.76 29.98
N LYS AA 60 -33.89 74.74 29.50
CA LYS AA 60 -33.85 76.09 30.06
C LYS AA 60 -33.50 76.07 31.54
N LYS AA 61 -32.59 75.17 31.90
CA LYS AA 61 -32.14 75.05 33.28
C LYS AA 61 -31.18 76.18 33.60
N GLY AA 62 -31.47 76.92 34.68
CA GLY AA 62 -30.66 78.03 35.08
C GLY AA 62 -30.98 79.34 34.40
N GLN AA 63 -31.89 79.34 33.43
CA GLN AA 63 -32.27 80.56 32.74
C GLN AA 63 -33.61 81.08 33.25
N THR AA 72 -33.46 95.00 21.54
CA THR AA 72 -34.44 95.91 20.94
C THR AA 72 -33.89 96.53 19.66
N ARG AA 73 -34.77 97.12 18.86
CA ARG AA 73 -34.41 97.66 17.56
C ARG AA 73 -34.42 99.18 17.57
N ARG AA 74 -33.97 99.76 16.45
CA ARG AA 74 -33.86 101.20 16.29
C ARG AA 74 -34.42 101.58 14.92
N ALA AA 75 -35.53 102.32 14.93
CA ALA AA 75 -36.11 102.90 13.71
C ALA AA 75 -35.64 104.35 13.64
N VAL AA 76 -34.61 104.60 12.84
CA VAL AA 76 -33.96 105.89 12.79
C VAL AA 76 -34.52 106.70 11.63
N LYS AA 77 -34.40 108.02 11.72
CA LYS AA 77 -34.95 108.94 10.74
C LYS AA 77 -33.93 109.99 10.34
N PHE AA 78 -32.73 109.53 9.97
CA PHE AA 78 -31.66 110.43 9.56
C PHE AA 78 -32.07 111.27 8.36
N GLN AA 79 -31.70 112.55 8.40
CA GLN AA 79 -31.99 113.49 7.33
C GLN AA 79 -30.66 114.07 6.84
N ARG AA 80 -30.24 113.67 5.64
CA ARG AA 80 -28.95 114.07 5.10
C ARG AA 80 -29.16 114.95 3.87
N ALA AA 81 -28.05 115.31 3.24
CA ALA AA 81 -28.07 116.12 2.03
C ALA AA 81 -28.45 115.27 0.82
N ILE AA 82 -28.53 115.91 -0.33
CA ILE AA 82 -28.78 115.25 -1.60
C ILE AA 82 -27.82 115.84 -2.63
N THR AA 83 -27.25 114.97 -3.47
CA THR AA 83 -26.32 115.42 -4.50
C THR AA 83 -27.00 116.42 -5.43
N GLY AA 84 -26.29 117.50 -5.74
CA GLY AA 84 -26.82 118.53 -6.60
C GLY AA 84 -27.62 119.60 -5.90
N ALA AA 85 -27.82 119.48 -4.59
CA ALA AA 85 -28.49 120.51 -3.81
C ALA AA 85 -27.61 120.93 -2.65
N SER AA 86 -28.11 121.78 -1.77
CA SER AA 86 -27.34 122.24 -0.62
C SER AA 86 -28.00 121.72 0.65
N LEU AA 87 -27.19 121.17 1.56
CA LEU AA 87 -27.74 120.68 2.82
C LEU AA 87 -28.41 121.81 3.59
N ALA AA 88 -27.78 122.97 3.67
CA ALA AA 88 -28.39 124.10 4.38
C ALA AA 88 -29.64 124.58 3.66
N ASP AA 89 -29.69 124.47 2.34
CA ASP AA 89 -30.85 124.96 1.61
C ASP AA 89 -32.03 124.01 1.69
N ILE AA 90 -31.81 122.69 1.76
CA ILE AA 90 -32.91 121.76 1.64
C ILE AA 90 -33.79 121.78 2.89
N MET AA 91 -33.18 121.91 4.07
CA MET AA 91 -34.00 122.03 5.28
C MET AA 91 -34.84 123.31 5.25
N ALA AA 92 -34.24 124.43 4.82
CA ALA AA 92 -35.03 125.65 4.69
C ALA AA 92 -36.14 125.49 3.66
N LYS AA 93 -35.83 124.79 2.56
CA LYS AA 93 -36.83 124.56 1.51
C LYS AA 93 -38.01 123.76 2.03
N ARG AA 94 -37.73 122.68 2.77
CA ARG AA 94 -38.81 121.86 3.30
C ARG AA 94 -39.48 122.49 4.52
N ASN AA 95 -38.89 123.51 5.12
CA ASN AA 95 -39.51 124.22 6.24
C ASN AA 95 -39.83 125.66 5.89
N GLN AA 96 -40.05 125.92 4.60
CA GLN AA 96 -40.32 127.26 4.09
C GLN AA 96 -41.60 127.83 4.70
N LYS AA 97 -41.81 129.12 4.43
CA LYS AA 97 -42.94 129.84 5.00
C LYS AA 97 -44.25 129.38 4.36
N PRO AA 98 -45.29 129.13 5.16
CA PRO AA 98 -46.61 128.81 4.58
C PRO AA 98 -47.15 129.92 3.69
N GLU AA 99 -46.82 131.16 4.00
CA GLU AA 99 -47.14 132.27 3.10
C GLU AA 99 -46.49 132.09 1.75
N VAL AA 100 -45.21 131.68 1.74
CA VAL AA 100 -44.52 131.42 0.48
C VAL AA 100 -45.16 130.24 -0.25
N ARG AA 101 -45.59 129.21 0.50
CA ARG AA 101 -46.20 128.04 -0.13
C ARG AA 101 -47.53 128.40 -0.80
N LYS AA 102 -48.39 129.16 -0.11
CA LYS AA 102 -49.65 129.55 -0.73
C LYS AA 102 -49.43 130.54 -1.88
N ALA AA 103 -48.42 131.41 -1.76
CA ALA AA 103 -48.07 132.27 -2.89
C ALA AA 103 -47.61 131.44 -4.08
N GLN AA 104 -46.86 130.37 -3.82
CA GLN AA 104 -46.42 129.49 -4.90
C GLN AA 104 -47.59 128.78 -5.56
N ARG AA 105 -48.56 128.30 -4.78
CA ARG AA 105 -49.68 127.62 -5.43
C ARG AA 105 -50.55 128.60 -6.21
N GLU AA 106 -50.74 129.83 -5.73
CA GLU AA 106 -51.52 130.78 -6.52
C GLU AA 106 -50.77 131.25 -7.76
N GLN AA 107 -49.44 131.40 -7.68
CA GLN AA 107 -48.71 131.71 -8.90
C GLN AA 107 -48.74 130.55 -9.88
N ALA AA 108 -48.79 129.32 -9.39
CA ALA AA 108 -49.03 128.19 -10.29
C ALA AA 108 -50.40 128.26 -10.94
N ILE AA 109 -51.41 128.71 -10.19
CA ILE AA 109 -52.75 128.88 -10.76
C ILE AA 109 -52.74 129.90 -11.89
N ARG AA 110 -52.08 131.05 -11.67
CA ARG AA 110 -52.05 132.04 -12.74
C ARG AA 110 -51.15 131.61 -13.89
N ALA AA 111 -50.12 130.79 -13.62
CA ALA AA 111 -49.34 130.20 -14.71
C ALA AA 111 -50.21 129.29 -15.57
N ALA AA 112 -51.05 128.48 -14.94
CA ALA AA 112 -51.99 127.65 -15.70
C ALA AA 112 -52.98 128.50 -16.49
N LYS AA 113 -53.46 129.59 -15.88
CA LYS AA 113 -54.42 130.46 -16.57
C LYS AA 113 -53.79 131.09 -17.82
N GLU AA 114 -52.57 131.60 -17.70
CA GLU AA 114 -51.92 132.17 -18.87
C GLU AA 114 -51.49 131.11 -19.86
N ALA AA 115 -51.23 129.88 -19.42
CA ALA AA 115 -51.02 128.78 -20.36
C ALA AA 115 -52.27 128.50 -21.16
N LYS AA 116 -53.43 128.56 -20.51
CA LYS AA 116 -54.71 128.44 -21.23
C LYS AA 116 -54.87 129.57 -22.23
N LYS AA 117 -54.52 130.79 -21.83
CA LYS AA 117 -54.60 131.93 -22.73
C LYS AA 117 -53.69 131.74 -23.95
N ALA AA 118 -52.46 131.30 -23.71
CA ALA AA 118 -51.52 131.07 -24.81
C ALA AA 118 -52.00 129.95 -25.72
N LYS AA 119 -52.52 128.87 -25.14
CA LYS AA 119 -53.01 127.75 -25.94
C LYS AA 119 -54.21 128.16 -26.78
N GLN AA 120 -55.11 128.95 -26.22
CA GLN AA 120 -56.24 129.46 -26.99
C GLN AA 120 -55.77 130.35 -28.13
N ALA AA 121 -54.80 131.22 -27.86
CA ALA AA 121 -54.27 132.10 -28.90
C ALA AA 121 -53.61 131.29 -30.02
N SER AA 122 -52.87 130.25 -29.67
CA SER AA 122 -52.23 129.42 -30.69
C SER AA 122 -53.26 128.62 -31.49
N LYS AA 123 -54.31 128.12 -30.82
CA LYS AA 123 -55.31 127.32 -31.52
C LYS AA 123 -56.23 128.16 -32.40
N LYS AA 124 -56.42 129.43 -32.06
CA LYS AA 124 -57.33 130.31 -32.81
C LYS AA 124 -56.94 130.46 -34.27
N LYS BA 1 -70.31 -65.85 37.28
CA LYS BA 1 -71.08 -65.17 36.23
C LYS BA 1 -71.24 -63.69 36.55
N LYS BA 2 -71.30 -63.37 37.84
CA LYS BA 2 -71.41 -61.99 38.29
C LYS BA 2 -70.05 -61.34 38.53
N LYS BA 3 -68.96 -62.11 38.51
CA LYS BA 3 -67.63 -61.57 38.72
C LYS BA 3 -67.18 -60.88 37.45
N ILE BA 4 -67.57 -59.61 37.29
CA ILE BA 4 -67.29 -58.84 36.10
C ILE BA 4 -66.54 -57.57 36.50
N ARG BA 5 -65.74 -57.05 35.56
CA ARG BA 5 -64.94 -55.85 35.78
C ARG BA 5 -65.39 -54.81 34.76
N THR BA 6 -66.04 -53.76 35.25
CA THR BA 6 -66.51 -52.69 34.38
C THR BA 6 -65.54 -51.53 34.30
N SER BA 7 -64.39 -51.63 34.95
CA SER BA 7 -63.36 -50.61 34.89
C SER BA 7 -62.04 -51.27 34.49
N PRO BA 8 -61.32 -50.71 33.53
CA PRO BA 8 -60.07 -51.35 33.06
C PRO BA 8 -58.88 -51.14 33.97
N THR BA 9 -59.10 -50.62 35.17
CA THR BA 9 -58.04 -50.37 36.13
C THR BA 9 -58.23 -51.25 37.36
N PHE BA 10 -57.15 -51.89 37.80
CA PHE BA 10 -57.17 -52.75 38.97
C PHE BA 10 -56.77 -51.92 40.19
N ARG BA 11 -57.75 -51.55 40.99
CA ARG BA 11 -57.50 -50.85 42.25
C ARG BA 11 -57.36 -51.86 43.38
N ARG BA 12 -56.50 -51.54 44.33
CA ARG BA 12 -56.23 -52.46 45.43
C ARG BA 12 -57.51 -52.69 46.23
N PRO BA 13 -57.89 -53.95 46.48
CA PRO BA 13 -59.14 -54.22 47.19
C PRO BA 13 -59.11 -53.70 48.62
N LYS BA 14 -60.26 -53.27 49.09
CA LYS BA 14 -60.39 -52.74 50.43
C LYS BA 14 -60.33 -53.88 51.44
N THR BA 15 -59.47 -53.74 52.44
CA THR BA 15 -59.26 -54.77 53.43
C THR BA 15 -59.81 -54.31 54.78
N LEU BA 16 -59.54 -55.10 55.81
CA LEU BA 16 -59.98 -54.80 57.17
C LEU BA 16 -58.81 -54.21 57.95
N ARG BA 17 -59.04 -53.08 58.60
CA ARG BA 17 -58.00 -52.37 59.36
C ARG BA 17 -58.40 -52.36 60.83
N LEU BA 18 -57.83 -53.27 61.61
CA LEU BA 18 -58.15 -53.38 63.01
C LEU BA 18 -57.52 -52.24 63.81
N ARG BA 19 -58.24 -51.80 64.83
CA ARG BA 19 -57.70 -50.80 65.73
C ARG BA 19 -56.76 -51.45 66.74
N ARG BA 20 -55.84 -50.65 67.26
CA ARG BA 20 -54.78 -51.16 68.12
C ARG BA 20 -55.34 -51.71 69.42
N GLN BA 21 -54.84 -52.89 69.81
CA GLN BA 21 -55.27 -53.55 71.03
C GLN BA 21 -54.03 -53.93 71.83
N PRO BA 22 -53.32 -52.96 72.38
CA PRO BA 22 -52.03 -53.24 73.00
C PRO BA 22 -52.18 -54.09 74.25
N LYS BA 23 -51.13 -54.87 74.53
CA LYS BA 23 -51.11 -55.75 75.68
C LYS BA 23 -50.51 -55.10 76.92
N TYR BA 24 -50.02 -53.87 76.80
CA TYR BA 24 -49.48 -53.13 77.92
C TYR BA 24 -49.37 -51.68 77.50
N PRO BA 25 -49.70 -50.73 78.37
CA PRO BA 25 -49.51 -49.32 78.00
C PRO BA 25 -48.03 -48.96 78.04
N ARG BA 26 -47.54 -48.37 76.96
CA ARG BA 26 -46.13 -48.00 76.90
C ARG BA 26 -45.77 -46.99 77.97
N LYS BA 27 -46.68 -46.07 78.29
CA LYS BA 27 -46.53 -45.17 79.41
C LYS BA 27 -47.31 -45.76 80.58
N SER BA 28 -46.62 -45.98 81.70
CA SER BA 28 -47.25 -46.61 82.86
C SER BA 28 -48.37 -45.73 83.41
N ALA BA 29 -48.11 -44.44 83.55
CA ALA BA 29 -49.13 -43.48 83.93
C ALA BA 29 -49.01 -42.25 83.05
N PRO BA 30 -50.11 -41.60 82.72
CA PRO BA 30 -50.05 -40.40 81.88
C PRO BA 30 -49.28 -39.30 82.58
N ARG BA 31 -48.44 -38.61 81.81
CA ARG BA 31 -47.67 -37.49 82.36
C ARG BA 31 -48.63 -36.39 82.77
N ARG BA 32 -48.44 -35.85 83.97
CA ARG BA 32 -49.39 -34.90 84.50
C ARG BA 32 -49.25 -33.56 83.79
N ASN BA 33 -50.35 -32.82 83.74
CA ASN BA 33 -50.37 -31.53 83.05
C ASN BA 33 -49.53 -30.53 83.82
N LYS BA 34 -48.39 -30.16 83.26
CA LYS BA 34 -47.54 -29.17 83.91
C LYS BA 34 -48.16 -27.79 83.84
N LEU BA 35 -48.90 -27.50 82.77
CA LEU BA 35 -49.54 -26.20 82.58
C LEU BA 35 -50.89 -26.18 83.31
N ASP BA 36 -50.81 -26.14 84.64
CA ASP BA 36 -52.03 -26.11 85.44
C ASP BA 36 -52.42 -24.66 85.70
N HIS BA 37 -53.43 -24.46 86.54
CA HIS BA 37 -53.94 -23.11 86.80
C HIS BA 37 -52.89 -22.23 87.45
N TYR BA 38 -52.13 -22.76 88.41
CA TYR BA 38 -51.13 -21.94 89.08
C TYR BA 38 -49.92 -21.70 88.19
N ALA BA 39 -49.59 -22.66 87.33
CA ALA BA 39 -48.45 -22.47 86.44
C ALA BA 39 -48.78 -21.52 85.30
N ILE BA 40 -50.06 -21.38 84.96
CA ILE BA 40 -50.43 -20.48 83.87
C ILE BA 40 -50.20 -19.03 84.26
N ILE BA 41 -50.64 -18.65 85.45
CA ILE BA 41 -50.51 -17.28 85.92
C ILE BA 41 -49.25 -17.20 86.75
N LYS BA 42 -48.25 -16.47 86.28
CA LYS BA 42 -47.00 -16.37 87.03
C LYS BA 42 -47.09 -15.31 88.11
N PHE BA 43 -47.29 -14.05 87.72
CA PHE BA 43 -47.46 -12.99 88.71
C PHE BA 43 -48.11 -11.78 88.07
N PRO BA 44 -48.93 -11.03 88.79
CA PRO BA 44 -49.52 -9.82 88.24
C PRO BA 44 -48.48 -8.74 87.98
N LEU BA 45 -48.73 -7.95 86.95
CA LEU BA 45 -47.88 -6.83 86.61
C LEU BA 45 -48.42 -5.59 87.30
N THR BA 46 -47.54 -4.83 87.93
CA THR BA 46 -47.92 -3.70 88.78
C THR BA 46 -47.16 -2.45 88.38
N THR BA 47 -47.08 -2.18 87.09
CA THR BA 47 -46.43 -0.96 86.63
C THR BA 47 -47.44 0.17 86.56
N GLU BA 48 -46.98 1.34 86.10
CA GLU BA 48 -47.84 2.51 85.99
C GLU BA 48 -48.98 2.26 85.01
N SER BA 49 -48.67 1.69 83.85
CA SER BA 49 -49.70 1.44 82.85
C SER BA 49 -50.67 0.36 83.32
N ALA BA 50 -50.18 -0.64 84.03
CA ALA BA 50 -51.07 -1.65 84.58
C ALA BA 50 -52.01 -1.05 85.62
N MET BA 51 -51.50 -0.17 86.48
CA MET BA 51 -52.36 0.50 87.43
C MET BA 51 -53.42 1.33 86.71
N LYS BA 52 -53.03 2.01 85.63
CA LYS BA 52 -53.97 2.77 84.83
C LYS BA 52 -55.04 1.86 84.21
N LYS BA 53 -54.63 0.70 83.71
CA LYS BA 53 -55.59 -0.25 83.14
C LYS BA 53 -56.60 -0.70 84.18
N ILE BA 54 -56.14 -0.95 85.40
CA ILE BA 54 -57.06 -1.36 86.46
C ILE BA 54 -58.03 -0.24 86.78
N GLU BA 55 -57.52 0.98 86.95
CA GLU BA 55 -58.38 2.06 87.45
C GLU BA 55 -59.36 2.56 86.39
N ASP BA 56 -59.04 2.42 85.10
CA ASP BA 56 -59.88 2.99 84.07
C ASP BA 56 -60.63 1.95 83.25
N ASN BA 57 -59.92 1.00 82.66
CA ASN BA 57 -60.53 0.09 81.69
C ASN BA 57 -60.93 -1.24 82.28
N ASN BA 58 -60.94 -1.36 83.62
CA ASN BA 58 -61.42 -2.56 84.30
C ASN BA 58 -60.64 -3.80 83.88
N THR BA 59 -59.33 -3.60 83.67
CA THR BA 59 -58.46 -4.63 83.11
C THR BA 59 -57.38 -4.99 84.12
N LEU BA 60 -57.19 -6.29 84.33
CA LEU BA 60 -56.11 -6.80 85.16
C LEU BA 60 -54.97 -7.25 84.25
N VAL BA 61 -53.76 -6.86 84.60
CA VAL BA 61 -52.58 -7.18 83.80
C VAL BA 61 -51.80 -8.28 84.49
N PHE BA 62 -51.58 -9.39 83.79
CA PHE BA 62 -50.84 -10.51 84.36
C PHE BA 62 -49.70 -10.89 83.44
N ILE BA 63 -48.65 -11.43 84.03
CA ILE BA 63 -47.58 -12.06 83.28
C ILE BA 63 -47.87 -13.55 83.33
N VAL BA 64 -48.29 -14.11 82.20
CA VAL BA 64 -48.68 -15.49 82.12
C VAL BA 64 -47.58 -16.27 81.42
N ASP BA 65 -47.67 -17.59 81.47
CA ASP BA 65 -46.68 -18.43 80.82
C ASP BA 65 -46.75 -18.26 79.30
N VAL BA 66 -45.60 -18.41 78.66
CA VAL BA 66 -45.49 -18.13 77.23
C VAL BA 66 -46.27 -19.13 76.39
N LYS BA 67 -46.59 -20.30 76.93
CA LYS BA 67 -47.29 -21.32 76.16
C LYS BA 67 -48.79 -21.31 76.36
N ALA BA 68 -49.31 -20.51 77.28
CA ALA BA 68 -50.73 -20.53 77.58
C ALA BA 68 -51.47 -19.65 76.59
N ASN BA 69 -52.50 -20.19 75.95
CA ASN BA 69 -53.28 -19.39 75.03
C ASN BA 69 -54.38 -18.65 75.79
N LYS BA 70 -55.21 -17.92 75.04
CA LYS BA 70 -56.18 -17.03 75.67
C LYS BA 70 -57.28 -17.83 76.37
N HIS BA 71 -57.68 -18.96 75.80
CA HIS BA 71 -58.70 -19.76 76.45
C HIS BA 71 -58.21 -20.28 77.79
N GLN BA 72 -56.97 -20.76 77.84
CA GLN BA 72 -56.41 -21.22 79.09
C GLN BA 72 -56.26 -20.07 80.08
N ILE BA 73 -55.91 -18.89 79.59
CA ILE BA 73 -55.80 -17.72 80.45
C ILE BA 73 -57.15 -17.39 81.07
N LYS BA 74 -58.20 -17.40 80.25
CA LYS BA 74 -59.53 -17.08 80.74
C LYS BA 74 -60.01 -18.08 81.77
N GLN BA 75 -59.83 -19.38 81.49
CA GLN BA 75 -60.20 -20.42 82.45
C GLN BA 75 -59.41 -20.28 83.74
N ALA BA 76 -58.10 -20.08 83.63
CA ALA BA 76 -57.25 -20.03 84.81
C ALA BA 76 -57.57 -18.83 85.67
N VAL BA 77 -57.78 -17.66 85.06
CA VAL BA 77 -58.14 -16.47 85.83
C VAL BA 77 -59.48 -16.66 86.50
N LYS BA 78 -60.47 -17.15 85.75
CA LYS BA 78 -61.81 -17.36 86.31
C LYS BA 78 -61.79 -18.34 87.49
N LYS BA 79 -61.04 -19.43 87.39
CA LYS BA 79 -61.01 -20.38 88.49
C LYS BA 79 -60.11 -19.93 89.64
N LEU BA 80 -58.99 -19.27 89.35
CA LEU BA 80 -58.09 -18.86 90.41
C LEU BA 80 -58.72 -17.79 91.28
N TYR BA 81 -59.37 -16.81 90.68
CA TYR BA 81 -59.94 -15.70 91.44
C TYR BA 81 -61.44 -15.74 91.52
N ASP BA 82 -62.08 -16.81 91.02
CA ASP BA 82 -63.53 -16.99 91.06
C ASP BA 82 -64.27 -15.80 90.46
N ILE BA 83 -63.75 -15.27 89.35
CA ILE BA 83 -64.33 -14.07 88.75
C ILE BA 83 -64.84 -14.38 87.36
N ASP BA 84 -65.40 -13.36 86.70
CA ASP BA 84 -65.92 -13.46 85.36
C ASP BA 84 -65.18 -12.46 84.47
N VAL BA 85 -64.70 -12.93 83.32
CA VAL BA 85 -63.90 -12.10 82.44
C VAL BA 85 -64.59 -11.95 81.09
N ALA BA 86 -64.33 -10.82 80.45
CA ALA BA 86 -64.92 -10.50 79.16
C ALA BA 86 -64.04 -10.97 78.02
N LYS BA 87 -62.80 -10.51 77.98
CA LYS BA 87 -61.89 -10.90 76.91
C LYS BA 87 -60.46 -10.82 77.41
N VAL BA 88 -59.56 -11.41 76.63
CA VAL BA 88 -58.14 -11.43 76.94
C VAL BA 88 -57.39 -10.96 75.71
N ASN BA 89 -56.52 -9.97 75.89
CA ASN BA 89 -55.57 -9.57 74.87
C ASN BA 89 -54.19 -10.03 75.29
N THR BA 90 -53.40 -10.47 74.32
CA THR BA 90 -52.16 -11.16 74.62
C THR BA 90 -51.03 -10.54 73.80
N LEU BA 91 -49.93 -10.20 74.46
CA LEU BA 91 -48.76 -9.75 73.73
C LEU BA 91 -47.52 -10.30 74.42
N ILE BA 92 -46.51 -10.64 73.63
CA ILE BA 92 -45.25 -11.09 74.17
C ILE BA 92 -44.32 -9.89 74.28
N ARG BA 93 -43.83 -9.63 75.47
CA ARG BA 93 -42.95 -8.52 75.69
C ARG BA 93 -41.62 -8.76 75.00
N PRO BA 94 -40.83 -7.72 74.77
CA PRO BA 94 -39.52 -7.93 74.14
C PRO BA 94 -38.61 -8.86 74.93
N ASP BA 95 -38.73 -8.90 76.25
CA ASP BA 95 -37.87 -9.74 77.05
C ASP BA 95 -38.26 -11.21 77.05
N GLY BA 96 -39.41 -11.55 76.47
CA GLY BA 96 -39.82 -12.93 76.31
C GLY BA 96 -41.04 -13.35 77.10
N GLU BA 97 -41.40 -12.62 78.15
CA GLU BA 97 -42.55 -13.00 78.93
C GLU BA 97 -43.84 -12.64 78.19
N LYS BA 98 -44.83 -13.50 78.30
CA LYS BA 98 -46.14 -13.21 77.74
C LYS BA 98 -46.98 -12.44 78.74
N LYS BA 99 -47.52 -11.31 78.32
CA LYS BA 99 -48.32 -10.44 79.15
C LYS BA 99 -49.74 -10.43 78.62
N ALA BA 100 -50.69 -10.67 79.52
CA ALA BA 100 -52.10 -10.76 79.17
C ALA BA 100 -52.87 -9.68 79.90
N TYR BA 101 -53.60 -8.88 79.12
CA TYR BA 101 -54.59 -7.96 79.67
C TYR BA 101 -55.93 -8.66 79.69
N VAL BA 102 -56.59 -8.69 80.85
CA VAL BA 102 -57.83 -9.40 81.04
C VAL BA 102 -58.90 -8.37 81.39
N ARG BA 103 -59.85 -8.15 80.48
CA ARG BA 103 -60.98 -7.30 80.77
C ARG BA 103 -61.94 -8.05 81.69
N LEU BA 104 -62.37 -7.42 82.77
CA LEU BA 104 -63.31 -8.11 83.61
C LEU BA 104 -64.74 -7.89 83.13
N ALA BA 105 -65.66 -8.64 83.74
CA ALA BA 105 -67.06 -8.40 83.50
C ALA BA 105 -67.47 -7.06 84.11
N PRO BA 106 -68.43 -6.37 83.49
CA PRO BA 106 -68.89 -5.08 84.06
C PRO BA 106 -69.46 -5.22 85.47
N ASP BA 107 -70.14 -6.32 85.77
CA ASP BA 107 -70.64 -6.52 87.13
C ASP BA 107 -69.51 -6.77 88.12
N TYR BA 108 -68.34 -7.18 87.64
CA TYR BA 108 -67.14 -7.32 88.46
C TYR BA 108 -66.30 -6.07 88.37
N ASP BA 109 -65.27 -6.00 89.22
CA ASP BA 109 -64.50 -4.78 89.37
C ASP BA 109 -63.02 -5.09 89.57
N ALA BA 110 -62.20 -4.61 88.64
CA ALA BA 110 -60.77 -4.91 88.70
C ALA BA 110 -60.13 -4.32 89.94
N LEU BA 111 -60.61 -3.16 90.40
CA LEU BA 111 -60.00 -2.51 91.54
C LEU BA 111 -60.09 -3.37 92.80
N ASP BA 112 -61.29 -3.81 93.16
CA ASP BA 112 -61.38 -4.60 94.39
C ASP BA 112 -60.95 -6.03 94.19
N VAL BA 113 -60.97 -6.55 92.97
CA VAL BA 113 -60.35 -7.85 92.74
C VAL BA 113 -58.84 -7.75 92.97
N ALA BA 114 -58.22 -6.67 92.51
CA ALA BA 114 -56.82 -6.44 92.80
C ALA BA 114 -56.57 -6.24 94.29
N ASN BA 115 -57.53 -5.65 94.98
CA ASN BA 115 -57.43 -5.54 96.43
C ASN BA 115 -57.35 -6.93 97.07
N LYS BA 116 -58.28 -7.81 96.73
CA LYS BA 116 -58.31 -9.11 97.37
C LYS BA 116 -57.15 -9.98 96.93
N ILE BA 117 -56.58 -9.72 95.75
CA ILE BA 117 -55.36 -10.41 95.36
C ILE BA 117 -54.18 -9.90 96.17
N GLY BA 118 -54.06 -8.58 96.28
CA GLY BA 118 -53.00 -7.97 97.07
C GLY BA 118 -51.95 -7.26 96.25
N ILE BA 119 -52.34 -6.66 95.13
CA ILE BA 119 -51.42 -5.97 94.24
C ILE BA 119 -51.62 -4.47 94.28
N ILE BA 120 -52.51 -4.00 95.12
CA ILE BA 120 -52.92 -2.61 95.10
C ILE BA 120 -51.81 -1.73 95.68
N MET CA 1 8.65 -43.97 104.45
CA MET CA 1 7.84 -42.90 103.88
C MET CA 1 6.50 -43.44 103.40
N LYS CA 2 6.00 -42.93 102.28
CA LYS CA 2 4.72 -43.34 101.75
C LYS CA 2 4.91 -44.47 100.75
N PHE CA 3 4.10 -45.51 100.86
CA PHE CA 3 4.21 -46.68 100.01
C PHE CA 3 2.95 -47.01 99.21
N ASN CA 4 1.84 -46.35 99.46
CA ASN CA 4 0.61 -46.64 98.74
C ASN CA 4 0.72 -46.14 97.31
N PRO CA 5 0.64 -46.99 96.29
CA PRO CA 5 0.72 -46.49 94.92
C PRO CA 5 -0.50 -45.70 94.48
N PHE CA 6 -1.58 -45.70 95.24
CA PHE CA 6 -2.78 -44.96 94.89
C PHE CA 6 -2.92 -43.66 95.65
N VAL CA 7 -1.91 -43.27 96.43
CA VAL CA 7 -1.94 -42.04 97.21
C VAL CA 7 -0.86 -41.13 96.67
N THR CA 8 -1.26 -39.96 96.20
CA THR CA 8 -0.32 -39.07 95.54
C THR CA 8 0.51 -38.30 96.57
N SER CA 9 1.72 -37.92 96.15
CA SER CA 9 2.57 -37.03 96.92
C SER CA 9 2.88 -35.75 96.16
N ASP CA 10 2.23 -35.53 95.02
CA ASP CA 10 2.47 -34.34 94.22
C ASP CA 10 2.03 -33.10 94.96
N ARG CA 11 2.91 -32.10 95.02
CA ARG CA 11 2.58 -30.86 95.70
C ARG CA 11 1.40 -30.17 95.05
N SER CA 12 1.39 -30.09 93.73
CA SER CA 12 0.31 -29.41 93.03
C SER CA 12 -1.01 -30.15 93.19
N LYS CA 13 -0.99 -31.47 93.08
CA LYS CA 13 -2.22 -32.25 93.26
C LYS CA 13 -2.74 -32.10 94.68
N ASN CA 14 -1.86 -32.17 95.67
CA ASN CA 14 -2.29 -32.03 97.06
C ASN CA 14 -2.88 -30.65 97.32
N ARG CA 15 -2.26 -29.60 96.77
CA ARG CA 15 -2.78 -28.25 96.95
C ARG CA 15 -4.14 -28.10 96.26
N LYS CA 16 -4.29 -28.69 95.08
CA LYS CA 16 -5.58 -28.65 94.40
C LYS CA 16 -6.66 -29.32 95.23
N ARG CA 17 -6.37 -30.51 95.77
CA ARG CA 17 -7.34 -31.20 96.61
C ARG CA 17 -7.65 -30.40 97.87
N HIS CA 18 -6.64 -29.79 98.47
CA HIS CA 18 -6.85 -29.03 99.69
C HIS CA 18 -7.75 -27.83 99.43
N PHE CA 19 -7.46 -27.05 98.39
CA PHE CA 19 -8.24 -25.84 98.17
C PHE CA 19 -9.59 -26.12 97.53
N ASN CA 20 -9.77 -27.28 96.91
CA ASN CA 20 -11.06 -27.63 96.33
C ASN CA 20 -11.81 -28.63 97.20
N ALA CA 21 -11.35 -28.87 98.41
CA ALA CA 21 -11.98 -29.87 99.27
C ALA CA 21 -13.42 -29.50 99.55
N PRO CA 22 -14.34 -30.46 99.49
CA PRO CA 22 -15.72 -30.21 99.90
C PRO CA 22 -15.84 -29.91 101.38
N SER CA 23 -16.98 -29.34 101.76
CA SER CA 23 -17.14 -28.81 103.12
C SER CA 23 -17.02 -29.89 104.18
N HIS CA 24 -17.57 -31.07 103.91
CA HIS CA 24 -17.62 -32.11 104.93
C HIS CA 24 -16.24 -32.64 105.28
N ILE CA 25 -15.25 -32.48 104.40
CA ILE CA 25 -13.87 -32.80 104.77
C ILE CA 25 -13.05 -31.55 105.05
N ARG CA 26 -13.51 -30.37 104.64
CA ARG CA 26 -12.96 -29.14 105.17
C ARG CA 26 -13.10 -29.12 106.68
N ARG CA 27 -14.19 -29.69 107.19
CA ARG CA 27 -14.36 -29.81 108.63
C ARG CA 27 -13.24 -30.65 109.24
N LYS CA 28 -12.91 -31.77 108.62
CA LYS CA 28 -11.84 -32.62 109.14
C LYS CA 28 -10.49 -31.92 109.03
N ILE CA 29 -10.28 -31.16 107.95
CA ILE CA 29 -9.05 -30.41 107.80
C ILE CA 29 -8.93 -29.37 108.91
N MET CA 30 -10.03 -28.72 109.25
CA MET CA 30 -10.03 -27.70 110.30
C MET CA 30 -10.21 -28.37 111.66
N SER CA 31 -9.18 -29.09 112.08
CA SER CA 31 -9.14 -29.81 113.34
C SER CA 31 -8.09 -29.19 114.24
N SER CA 32 -8.36 -29.20 115.54
CA SER CA 32 -7.50 -28.52 116.48
C SER CA 32 -7.07 -29.47 117.60
N PRO CA 33 -5.88 -29.27 118.17
CA PRO CA 33 -5.45 -30.13 119.27
C PRO CA 33 -6.23 -29.81 120.53
N LEU CA 34 -6.50 -30.85 121.30
CA LEU CA 34 -7.13 -30.62 122.59
C LEU CA 34 -6.10 -30.12 123.59
N SER CA 35 -6.59 -29.52 124.67
CA SER CA 35 -5.71 -29.10 125.74
C SER CA 35 -5.13 -30.33 126.43
N LYS CA 36 -4.17 -30.10 127.32
CA LYS CA 36 -3.56 -31.23 128.04
C LYS CA 36 -4.59 -31.93 128.92
N GLU CA 37 -5.43 -31.15 129.60
CA GLU CA 37 -6.45 -31.75 130.47
C GLU CA 37 -7.47 -32.54 129.67
N LEU CA 38 -7.85 -32.05 128.49
CA LEU CA 38 -8.78 -32.80 127.67
C LEU CA 38 -8.12 -34.03 127.06
N ARG CA 39 -6.86 -33.92 126.65
CA ARG CA 39 -6.10 -35.05 126.14
C ARG CA 39 -5.86 -36.11 127.21
N GLN CA 40 -5.96 -35.75 128.48
CA GLN CA 40 -5.90 -36.71 129.57
C GLN CA 40 -7.27 -37.28 129.92
N LYS CA 41 -8.29 -36.42 129.99
CA LYS CA 41 -9.64 -36.89 130.31
C LYS CA 41 -10.14 -37.85 129.25
N TYR CA 42 -9.95 -37.52 127.98
CA TYR CA 42 -10.27 -38.41 126.87
C TYR CA 42 -8.97 -38.87 126.25
N ASN CA 43 -8.93 -40.14 125.85
CA ASN CA 43 -7.71 -40.66 125.24
C ASN CA 43 -7.64 -40.29 123.77
N VAL CA 44 -7.84 -39.02 123.45
CA VAL CA 44 -7.80 -38.53 122.08
C VAL CA 44 -6.92 -37.28 122.05
N ARG CA 45 -6.30 -37.03 120.90
CA ARG CA 45 -5.35 -35.92 120.80
C ARG CA 45 -5.94 -34.68 120.16
N SER CA 46 -6.51 -34.80 118.96
CA SER CA 46 -7.07 -33.68 118.25
C SER CA 46 -8.56 -33.87 118.07
N MET CA 47 -9.24 -32.81 117.65
CA MET CA 47 -10.67 -32.83 117.48
C MET CA 47 -11.10 -31.76 116.49
N PRO CA 48 -11.95 -32.08 115.51
CA PRO CA 48 -12.40 -31.07 114.56
C PRO CA 48 -13.21 -29.98 115.25
N ILE CA 49 -13.13 -28.77 114.71
CA ILE CA 49 -13.63 -27.60 115.39
C ILE CA 49 -15.13 -27.46 115.20
N ARG CA 50 -15.76 -26.68 116.08
CA ARG CA 50 -17.20 -26.62 116.21
C ARG CA 50 -17.59 -25.17 116.49
N LYS CA 51 -18.89 -24.90 116.42
CA LYS CA 51 -19.38 -23.53 116.54
C LYS CA 51 -19.13 -22.96 117.94
N ASP CA 52 -19.46 -23.72 118.98
CA ASP CA 52 -19.56 -23.11 120.29
C ASP CA 52 -18.64 -23.70 121.35
N ASP CA 53 -17.39 -23.98 120.99
CA ASP CA 53 -16.41 -24.43 121.96
C ASP CA 53 -15.38 -23.35 122.21
N GLU CA 54 -14.70 -23.44 123.35
CA GLU CA 54 -13.85 -22.38 123.83
C GLU CA 54 -12.38 -22.78 123.70
N VAL CA 55 -11.59 -21.93 123.07
CA VAL CA 55 -10.21 -22.20 122.73
C VAL CA 55 -9.33 -21.09 123.30
N GLN CA 56 -8.03 -21.19 123.01
CA GLN CA 56 -7.08 -20.11 123.25
C GLN CA 56 -6.02 -20.15 122.17
N VAL CA 57 -5.68 -18.99 121.66
CA VAL CA 57 -4.74 -18.88 120.54
C VAL CA 57 -3.32 -19.04 121.06
N VAL CA 58 -2.52 -19.83 120.34
CA VAL CA 58 -1.18 -20.17 120.79
C VAL CA 58 -0.10 -19.55 119.92
N ARG CA 59 -0.44 -19.03 118.75
CA ARG CA 59 0.55 -18.46 117.85
C ARG CA 59 0.02 -17.17 117.26
N GLY CA 60 0.94 -16.32 116.85
CA GLY CA 60 0.57 -15.08 116.22
C GLY CA 60 0.43 -13.92 117.19
N HIS CA 61 -0.35 -12.92 116.80
CA HIS CA 61 -0.46 -11.68 117.55
C HIS CA 61 -1.31 -11.81 118.78
N TYR CA 62 -2.21 -12.79 118.82
CA TYR CA 62 -3.22 -12.88 119.87
C TYR CA 62 -2.98 -14.08 120.79
N LYS CA 63 -1.73 -14.39 121.10
CA LYS CA 63 -1.46 -15.44 122.05
C LYS CA 63 -1.94 -15.02 123.44
N GLY CA 64 -2.22 -16.01 124.27
CA GLY CA 64 -2.64 -15.74 125.63
C GLY CA 64 -3.45 -16.88 126.18
N GLN CA 65 -3.55 -16.90 127.51
CA GLN CA 65 -4.29 -17.93 128.21
C GLN CA 65 -5.78 -17.66 128.26
N GLN CA 66 -6.23 -16.54 127.69
CA GLN CA 66 -7.64 -16.18 127.71
C GLN CA 66 -8.46 -17.24 126.98
N ILE CA 67 -9.58 -17.62 127.57
CA ILE CA 67 -10.45 -18.65 127.00
C ILE CA 67 -11.57 -17.94 126.26
N GLY CA 68 -11.58 -18.06 124.95
CA GLY CA 68 -12.58 -17.40 124.12
C GLY CA 68 -13.41 -18.42 123.37
N LYS CA 69 -14.72 -18.18 123.32
CA LYS CA 69 -15.63 -19.09 122.62
C LYS CA 69 -15.69 -18.75 121.15
N VAL CA 70 -15.63 -19.79 120.31
CA VAL CA 70 -15.78 -19.61 118.87
C VAL CA 70 -17.17 -19.08 118.58
N VAL CA 71 -17.27 -18.19 117.60
CA VAL CA 71 -18.54 -17.64 117.18
C VAL CA 71 -18.81 -17.85 115.71
N GLN CA 72 -17.87 -18.46 114.99
CA GLN CA 72 -17.98 -18.58 113.54
C GLN CA 72 -16.91 -19.54 113.07
N VAL CA 73 -17.27 -20.47 112.20
CA VAL CA 73 -16.32 -21.37 111.56
C VAL CA 73 -16.42 -21.11 110.06
N TYR CA 74 -15.61 -20.18 109.57
CA TYR CA 74 -15.67 -19.75 108.18
C TYR CA 74 -14.85 -20.75 107.38
N ARG CA 75 -15.52 -21.79 106.89
CA ARG CA 75 -14.80 -22.88 106.26
C ARG CA 75 -14.28 -22.53 104.89
N LYS CA 76 -14.92 -21.60 104.17
CA LYS CA 76 -14.41 -21.23 102.86
C LYS CA 76 -13.05 -20.54 102.97
N LYS CA 77 -12.88 -19.70 103.98
CA LYS CA 77 -11.59 -19.07 104.21
C LYS CA 77 -10.67 -19.92 105.07
N TYR CA 78 -11.14 -21.08 105.55
CA TYR CA 78 -10.37 -21.96 106.42
C TYR CA 78 -9.97 -21.26 107.70
N VAL CA 79 -10.88 -20.48 108.30
CA VAL CA 79 -10.60 -19.76 109.53
C VAL CA 79 -11.75 -19.95 110.50
N ILE CA 80 -11.54 -19.46 111.72
CA ILE CA 80 -12.59 -19.35 112.71
C ILE CA 80 -12.50 -17.97 113.34
N TYR CA 81 -13.61 -17.53 113.91
CA TYR CA 81 -13.69 -16.25 114.60
C TYR CA 81 -13.95 -16.51 116.08
N ILE CA 82 -13.27 -15.75 116.94
CA ILE CA 82 -13.33 -15.99 118.37
C ILE CA 82 -13.86 -14.73 119.02
N GLU CA 83 -14.45 -14.89 120.21
CA GLU CA 83 -15.21 -13.85 120.88
C GLU CA 83 -14.45 -12.54 121.04
N ARG CA 84 -13.40 -12.56 121.84
CA ARG CA 84 -12.62 -11.36 122.11
C ARG CA 84 -11.36 -11.26 121.27
N VAL CA 85 -11.13 -12.22 120.37
CA VAL CA 85 -10.06 -12.09 119.40
C VAL CA 85 -10.62 -11.30 118.23
N GLN CA 86 -10.55 -9.98 118.33
CA GLN CA 86 -11.15 -9.08 117.37
C GLN CA 86 -10.17 -7.95 117.12
N ARG CA 87 -10.55 -7.08 116.20
CA ARG CA 87 -9.70 -5.96 115.84
C ARG CA 87 -10.58 -4.82 115.34
N GLU CA 88 -10.24 -3.62 115.75
CA GLU CA 88 -11.06 -2.46 115.48
C GLU CA 88 -10.60 -1.81 114.17
N LYS CA 89 -11.55 -1.55 113.28
CA LYS CA 89 -11.23 -0.96 111.99
C LYS CA 89 -11.33 0.57 112.07
N ALA CA 90 -11.07 1.22 110.94
CA ALA CA 90 -10.83 2.66 110.93
C ALA CA 90 -12.08 3.45 111.30
N ASN CA 91 -13.25 3.03 110.81
CA ASN CA 91 -14.46 3.82 111.01
C ASN CA 91 -14.93 3.85 112.45
N GLY CA 92 -14.36 2.99 113.31
CA GLY CA 92 -14.77 2.89 114.71
C GLY CA 92 -15.23 1.51 115.09
N THR CA 93 -15.95 0.82 114.20
CA THR CA 93 -16.47 -0.50 114.51
C THR CA 93 -15.33 -1.51 114.57
N THR CA 94 -15.69 -2.77 114.77
CA THR CA 94 -14.71 -3.82 114.93
C THR CA 94 -15.17 -5.07 114.21
N VAL CA 95 -14.20 -5.88 113.81
CA VAL CA 95 -14.46 -7.18 113.18
C VAL CA 95 -13.65 -8.23 113.91
N HIS CA 96 -13.79 -9.47 113.46
CA HIS CA 96 -12.99 -10.55 113.99
C HIS CA 96 -11.80 -10.81 113.07
N VAL CA 97 -10.76 -11.41 113.63
CA VAL CA 97 -9.56 -11.76 112.89
C VAL CA 97 -9.63 -13.24 112.55
N GLY CA 98 -9.50 -13.55 111.27
CA GLY CA 98 -9.44 -14.95 110.86
C GLY CA 98 -8.24 -15.65 111.45
N ILE CA 99 -8.47 -16.80 112.05
CA ILE CA 99 -7.41 -17.58 112.68
C ILE CA 99 -7.56 -19.03 112.25
N HIS CA 100 -6.48 -19.62 111.75
CA HIS CA 100 -6.54 -21.02 111.39
C HIS CA 100 -6.73 -21.85 112.66
N PRO CA 101 -7.64 -22.83 112.65
CA PRO CA 101 -7.92 -23.57 113.88
C PRO CA 101 -6.73 -24.33 114.41
N SER CA 102 -5.74 -24.64 113.57
CA SER CA 102 -4.57 -25.34 114.07
C SER CA 102 -3.76 -24.50 115.03
N LYS CA 103 -4.01 -23.19 115.10
CA LYS CA 103 -3.27 -22.30 115.98
C LYS CA 103 -3.98 -22.07 117.30
N VAL CA 104 -4.94 -22.91 117.66
CA VAL CA 104 -5.63 -22.83 118.94
C VAL CA 104 -5.67 -24.22 119.55
N VAL CA 105 -5.90 -24.27 120.86
CA VAL CA 105 -6.15 -25.52 121.56
C VAL CA 105 -7.54 -25.45 122.18
N ILE CA 106 -8.34 -26.48 121.96
CA ILE CA 106 -9.68 -26.55 122.52
C ILE CA 106 -9.57 -26.87 124.00
N THR CA 107 -10.24 -26.06 124.83
CA THR CA 107 -10.22 -26.27 126.27
C THR CA 107 -11.54 -26.81 126.81
N ARG CA 108 -12.66 -26.55 126.15
CA ARG CA 108 -13.94 -27.10 126.54
C ARG CA 108 -14.70 -27.47 125.28
N LEU CA 109 -15.31 -28.65 125.27
CA LEU CA 109 -15.96 -29.17 124.07
C LEU CA 109 -17.46 -29.00 124.16
N LYS CA 110 -18.08 -28.52 123.09
CA LYS CA 110 -19.52 -28.38 123.01
C LYS CA 110 -20.15 -29.75 122.88
N LEU CA 111 -20.39 -30.43 123.99
CA LEU CA 111 -20.83 -31.81 123.95
C LEU CA 111 -22.28 -31.92 123.52
N ASP CA 112 -22.56 -32.91 122.68
CA ASP CA 112 -23.92 -33.30 122.35
C ASP CA 112 -23.87 -34.80 122.03
N LYS CA 113 -24.89 -35.29 121.33
CA LYS CA 113 -24.92 -36.71 121.00
C LYS CA 113 -23.74 -37.09 120.10
N ASP CA 114 -23.41 -36.26 119.12
CA ASP CA 114 -22.46 -36.65 118.09
C ASP CA 114 -21.02 -36.59 118.58
N ARG CA 115 -20.66 -35.55 119.33
CA ARG CA 115 -19.27 -35.36 119.73
C ARG CA 115 -18.80 -36.50 120.63
N LYS CA 116 -19.67 -36.95 121.53
CA LYS CA 116 -19.31 -38.06 122.40
C LYS CA 116 -19.06 -39.32 121.59
N LYS CA 117 -19.87 -39.56 120.56
CA LYS CA 117 -19.67 -40.73 119.71
C LYS CA 117 -18.36 -40.65 118.96
N ILE CA 118 -18.01 -39.46 118.46
CA ILE CA 118 -16.72 -39.30 117.78
C ILE CA 118 -15.57 -39.54 118.74
N LEU CA 119 -15.68 -38.99 119.96
CA LEU CA 119 -14.65 -39.23 120.96
C LEU CA 119 -14.52 -40.71 121.29
N GLU CA 120 -15.66 -41.40 121.39
CA GLU CA 120 -15.64 -42.83 121.68
C GLU CA 120 -14.92 -43.59 120.59
N ARG CA 121 -15.22 -43.31 119.33
CA ARG CA 121 -14.56 -44.02 118.25
C ARG CA 121 -13.06 -43.74 118.24
N LYS CA 122 -12.67 -42.49 118.43
CA LYS CA 122 -11.24 -42.16 118.42
C LYS CA 122 -10.51 -42.82 119.58
N ALA CA 123 -11.07 -42.79 120.77
CA ALA CA 123 -10.43 -43.40 121.93
C ALA CA 123 -10.35 -44.91 121.77
N LYS CA 124 -11.39 -45.53 121.24
CA LYS CA 124 -11.36 -46.97 121.01
C LYS CA 124 -10.26 -47.33 120.02
N SER CA 125 -10.14 -46.57 118.94
CA SER CA 125 -9.10 -46.87 117.95
C SER CA 125 -7.72 -46.68 118.55
N ARG CA 126 -7.54 -45.66 119.38
CA ARG CA 126 -6.24 -45.46 120.01
C ARG CA 126 -5.91 -46.62 120.94
N GLN CA 127 -6.89 -47.09 121.71
CA GLN CA 127 -6.66 -48.24 122.58
C GLN CA 127 -6.30 -49.48 121.77
N VAL CA 128 -6.99 -49.68 120.65
CA VAL CA 128 -6.69 -50.83 119.80
C VAL CA 128 -5.25 -50.74 119.29
N GLY CA 129 -4.84 -49.56 118.82
CA GLY CA 129 -3.49 -49.41 118.32
C GLY CA 129 -2.43 -49.66 119.38
N LYS CA 130 -2.61 -49.08 120.56
CA LYS CA 130 -1.59 -49.26 121.59
C LYS CA 130 -1.56 -50.70 122.13
N GLU CA 131 -2.72 -51.36 122.23
CA GLU CA 131 -2.71 -52.75 122.66
C GLU CA 131 -2.13 -53.67 121.60
N LYS CA 132 -2.22 -53.33 120.32
CA LYS CA 132 -1.47 -54.07 119.31
C LYS CA 132 0.03 -53.80 119.42
N GLY CA 133 0.40 -52.56 119.71
CA GLY CA 133 1.80 -52.22 119.91
C GLY CA 133 2.44 -52.86 121.12
N LYS CA 134 1.66 -53.23 122.12
CA LYS CA 134 2.19 -53.92 123.30
C LYS CA 134 2.20 -55.43 123.10
N GLY DA 1 -100.72 -19.95 3.17
CA GLY DA 1 -101.67 -19.21 3.99
C GLY DA 1 -101.24 -19.11 5.44
N LYS DA 2 -102.06 -18.45 6.25
CA LYS DA 2 -101.75 -18.33 7.67
C LYS DA 2 -101.77 -19.70 8.34
N PHE DA 3 -100.84 -19.90 9.27
CA PHE DA 3 -100.76 -21.14 10.00
C PHE DA 3 -100.95 -20.99 11.50
N MET DA 4 -100.76 -19.80 12.06
CA MET DA 4 -100.96 -19.59 13.48
C MET DA 4 -102.45 -19.68 13.78
N LYS DA 5 -102.88 -20.82 14.29
CA LYS DA 5 -104.28 -21.16 14.45
C LYS DA 5 -104.53 -21.71 15.84
N PRO DA 6 -105.77 -21.71 16.31
CA PRO DA 6 -106.09 -22.42 17.55
C PRO DA 6 -105.78 -23.90 17.41
N GLY DA 7 -105.33 -24.49 18.51
CA GLY DA 7 -104.96 -25.89 18.50
C GLY DA 7 -103.58 -26.16 17.97
N LYS DA 8 -102.93 -25.17 17.38
CA LYS DA 8 -101.57 -25.34 16.87
C LYS DA 8 -100.59 -25.37 18.02
N VAL DA 9 -99.66 -26.29 17.98
CA VAL DA 9 -98.63 -26.40 19.02
C VAL DA 9 -97.49 -25.45 18.67
N VAL DA 10 -96.94 -24.80 19.69
CA VAL DA 10 -95.84 -23.87 19.53
C VAL DA 10 -94.82 -24.12 20.63
N LEU DA 11 -93.67 -23.48 20.48
CA LEU DA 11 -92.60 -23.50 21.46
C LEU DA 11 -92.36 -22.09 21.94
N VAL DA 12 -92.30 -21.89 23.26
CA VAL DA 12 -92.10 -20.56 23.81
C VAL DA 12 -90.62 -20.22 23.73
N LEU DA 13 -90.29 -19.13 23.06
CA LEU DA 13 -88.91 -18.80 22.73
C LEU DA 13 -88.26 -17.81 23.70
N ALA DA 14 -89.03 -17.22 24.61
CA ALA DA 14 -88.45 -16.26 25.55
C ALA DA 14 -89.35 -16.14 26.75
N GLY DA 15 -88.82 -15.53 27.80
CA GLY DA 15 -89.56 -15.38 29.04
C GLY DA 15 -89.28 -16.52 30.00
N ARG DA 16 -90.10 -16.56 31.05
CA ARG DA 16 -89.89 -17.54 32.11
C ARG DA 16 -90.05 -18.97 31.60
N TYR DA 17 -90.89 -19.17 30.60
CA TYR DA 17 -91.19 -20.51 30.10
C TYR DA 17 -90.49 -20.80 28.79
N SER DA 18 -89.23 -20.40 28.66
CA SER DA 18 -88.47 -20.73 27.47
C SER DA 18 -88.31 -22.23 27.33
N GLY DA 19 -88.39 -22.72 26.10
CA GLY DA 19 -88.24 -24.13 25.84
C GLY DA 19 -89.43 -24.97 26.18
N ARG DA 20 -90.56 -24.36 26.53
CA ARG DA 20 -91.75 -25.11 26.91
C ARG DA 20 -92.71 -25.19 25.73
N LYS DA 21 -93.31 -26.35 25.56
CA LYS DA 21 -94.31 -26.55 24.54
C LYS DA 21 -95.65 -26.03 25.02
N ALA DA 22 -96.38 -25.38 24.13
CA ALA DA 22 -97.67 -24.81 24.46
C ALA DA 22 -98.59 -25.01 23.27
N VAL DA 23 -99.88 -24.75 23.47
CA VAL DA 23 -100.86 -24.88 22.40
C VAL DA 23 -101.69 -23.60 22.35
N ILE DA 24 -101.87 -23.05 21.15
CA ILE DA 24 -102.56 -21.78 21.00
C ILE DA 24 -104.01 -21.93 21.43
N VAL DA 25 -104.46 -21.03 22.30
CA VAL DA 25 -105.86 -20.98 22.66
C VAL DA 25 -106.64 -20.05 21.73
N LYS DA 26 -106.15 -18.84 21.55
CA LYS DA 26 -106.79 -17.89 20.66
C LYS DA 26 -105.75 -16.99 20.02
N ASN DA 27 -105.78 -16.91 18.70
CA ASN DA 27 -104.81 -16.11 17.94
C ASN DA 27 -105.42 -14.75 17.63
N ILE DA 28 -104.57 -13.72 17.53
CA ILE DA 28 -105.00 -12.38 17.18
C ILE DA 28 -104.49 -11.99 15.81
N ASP DA 29 -103.17 -11.91 15.64
CA ASP DA 29 -102.46 -11.54 14.41
C ASP DA 29 -103.03 -10.31 13.72
N ASP DA 30 -103.69 -9.42 14.47
CA ASP DA 30 -104.06 -8.11 13.95
C ASP DA 30 -103.94 -7.01 14.99
N GLY DA 31 -103.44 -7.30 16.19
CA GLY DA 31 -103.33 -6.29 17.22
C GLY DA 31 -104.66 -6.02 17.90
N THR DA 32 -104.59 -5.37 19.06
CA THR DA 32 -105.76 -5.08 19.86
C THR DA 32 -105.75 -3.64 20.38
N SER DA 33 -104.96 -2.78 19.73
CA SER DA 33 -104.85 -1.35 20.01
C SER DA 33 -104.32 -1.04 21.41
N ASP DA 34 -103.96 -2.08 22.17
CA ASP DA 34 -103.08 -1.97 23.31
C ASP DA 34 -101.88 -2.87 23.18
N ARG DA 35 -101.92 -3.84 22.27
CA ARG DA 35 -100.76 -4.59 21.81
C ARG DA 35 -100.75 -4.41 20.30
N PRO DA 36 -100.05 -3.40 19.79
CA PRO DA 36 -100.01 -3.20 18.34
C PRO DA 36 -99.47 -4.40 17.59
N TYR DA 37 -98.54 -5.12 18.19
CA TYR DA 37 -97.96 -6.30 17.55
C TYR DA 37 -98.99 -7.42 17.50
N SER DA 38 -98.65 -8.46 16.78
CA SER DA 38 -99.43 -9.68 16.78
C SER DA 38 -99.20 -10.45 18.06
N HIS DA 39 -100.22 -11.17 18.51
CA HIS DA 39 -100.10 -11.95 19.73
C HIS DA 39 -101.14 -13.06 19.75
N ALA DA 40 -101.10 -13.86 20.80
CA ALA DA 40 -101.99 -15.01 20.92
C ALA DA 40 -102.06 -15.44 22.36
N LEU DA 41 -103.28 -15.60 22.87
CA LEU DA 41 -103.47 -16.29 24.14
C LEU DA 41 -103.11 -17.76 23.96
N VAL DA 42 -102.19 -18.23 24.79
CA VAL DA 42 -101.65 -19.58 24.69
C VAL DA 42 -101.68 -20.21 26.07
N ALA DA 43 -101.74 -21.54 26.08
CA ALA DA 43 -101.72 -22.31 27.32
C ALA DA 43 -100.74 -23.45 27.16
N GLY DA 44 -99.77 -23.53 28.06
CA GLY DA 44 -98.78 -24.57 28.00
C GLY DA 44 -98.57 -25.25 29.33
N ILE DA 45 -97.50 -26.03 29.44
CA ILE DA 45 -97.19 -26.79 30.64
C ILE DA 45 -95.84 -26.33 31.17
N ASP DA 46 -95.81 -26.01 32.46
CA ASP DA 46 -94.59 -25.54 33.09
C ASP DA 46 -93.70 -26.70 33.50
N ARG DA 47 -94.27 -27.63 34.25
CA ARG DA 47 -93.52 -28.79 34.72
C ARG DA 47 -94.04 -30.02 34.01
N TYR DA 48 -93.14 -30.76 33.42
CA TYR DA 48 -93.58 -31.91 32.65
C TYR DA 48 -93.73 -33.13 33.55
N PRO DA 49 -94.66 -34.03 33.22
CA PRO DA 49 -94.72 -35.31 33.92
C PRO DA 49 -93.44 -36.10 33.71
N ARG DA 50 -93.02 -36.81 34.75
CA ARG DA 50 -91.78 -37.56 34.66
C ARG DA 50 -92.03 -38.92 34.01
N LYS DA 51 -90.93 -39.59 33.66
CA LYS DA 51 -91.01 -40.90 33.06
C LYS DA 51 -91.55 -41.92 34.06
N VAL DA 52 -92.45 -42.78 33.59
CA VAL DA 52 -93.04 -43.82 34.42
C VAL DA 52 -92.69 -45.18 33.81
N THR DA 53 -92.24 -46.09 34.65
CA THR DA 53 -91.90 -47.44 34.23
C THR DA 53 -92.90 -48.44 34.79
N ALA DA 54 -92.85 -49.66 34.27
CA ALA DA 54 -93.80 -50.68 34.69
C ALA DA 54 -93.61 -51.04 36.15
N ALA DA 55 -92.36 -51.14 36.59
CA ALA DA 55 -92.08 -51.49 37.99
C ALA DA 55 -92.04 -50.22 38.83
N MET DA 56 -93.21 -49.62 38.97
CA MET DA 56 -93.27 -48.39 39.76
C MET DA 56 -94.37 -48.40 40.81
N GLY DA 57 -95.51 -49.00 40.52
CA GLY DA 57 -96.62 -48.95 41.46
C GLY DA 57 -97.61 -47.84 41.12
N LYS DA 58 -98.88 -48.12 41.36
CA LYS DA 58 -99.94 -47.22 40.92
C LYS DA 58 -99.83 -45.85 41.60
N LYS DA 59 -99.56 -45.82 42.90
CA LYS DA 59 -99.43 -44.54 43.59
C LYS DA 59 -98.27 -43.73 43.04
N LYS DA 60 -97.11 -44.37 42.83
CA LYS DA 60 -95.98 -43.65 42.28
C LYS DA 60 -96.26 -43.16 40.87
N ILE DA 61 -96.96 -43.96 40.07
CA ILE DA 61 -97.29 -43.55 38.70
C ILE DA 61 -98.24 -42.36 38.74
N ALA DA 62 -99.26 -42.41 39.59
CA ALA DA 62 -100.23 -41.32 39.66
C ALA DA 62 -99.58 -40.04 40.14
N LYS DA 63 -98.69 -40.14 41.13
CA LYS DA 63 -98.00 -38.94 41.58
C LYS DA 63 -97.03 -38.42 40.52
N ARG DA 64 -96.48 -39.30 39.69
CA ARG DA 64 -95.59 -38.84 38.64
C ARG DA 64 -96.33 -38.32 37.41
N SER DA 65 -97.62 -38.59 37.31
CA SER DA 65 -98.39 -38.14 36.15
C SER DA 65 -98.89 -36.70 36.30
N LYS DA 66 -98.55 -36.03 37.39
CA LYS DA 66 -99.04 -34.67 37.60
C LYS DA 66 -98.43 -33.70 36.60
N ILE DA 67 -99.12 -32.59 36.38
CA ILE DA 67 -98.73 -31.58 35.41
C ILE DA 67 -98.93 -30.20 36.02
N LYS DA 68 -97.93 -29.35 35.89
CA LYS DA 68 -98.09 -27.92 36.15
C LYS DA 68 -98.34 -27.20 34.83
N SER DA 69 -99.24 -26.22 34.86
CA SER DA 69 -99.68 -25.56 33.64
C SER DA 69 -99.39 -24.06 33.70
N PHE DA 70 -99.67 -23.38 32.60
CA PHE DA 70 -99.64 -21.92 32.59
C PHE DA 70 -100.45 -21.42 31.41
N VAL DA 71 -100.92 -20.18 31.55
CA VAL DA 71 -101.57 -19.44 30.47
C VAL DA 71 -100.86 -18.10 30.33
N LYS DA 72 -100.59 -17.71 29.08
CA LYS DA 72 -99.94 -16.43 28.81
C LYS DA 72 -100.54 -15.84 27.55
N VAL DA 73 -100.11 -14.63 27.24
CA VAL DA 73 -100.33 -14.01 25.94
C VAL DA 73 -98.98 -13.64 25.37
N TYR DA 74 -98.67 -14.13 24.18
CA TYR DA 74 -97.32 -14.08 23.65
C TYR DA 74 -97.31 -13.38 22.30
N ASN DA 75 -96.37 -12.45 22.15
CA ASN DA 75 -96.05 -11.90 20.85
C ASN DA 75 -95.59 -13.02 19.93
N TYR DA 76 -96.00 -12.95 18.67
CA TYR DA 76 -95.64 -13.99 17.71
C TYR DA 76 -94.14 -14.11 17.55
N ASN DA 77 -93.40 -13.03 17.79
CA ASN DA 77 -91.95 -13.08 17.64
C ASN DA 77 -91.28 -13.94 18.69
N HIS DA 78 -91.99 -14.26 19.77
CA HIS DA 78 -91.47 -15.11 20.82
C HIS DA 78 -92.11 -16.49 20.80
N LEU DA 79 -92.59 -16.92 19.65
CA LEU DA 79 -93.18 -18.24 19.49
C LEU DA 79 -92.58 -18.95 18.30
N MET DA 80 -92.44 -20.26 18.43
CA MET DA 80 -91.86 -21.12 17.39
C MET DA 80 -92.88 -22.17 17.01
N PRO DA 81 -93.63 -21.98 15.92
CA PRO DA 81 -94.71 -22.92 15.61
C PRO DA 81 -94.18 -24.28 15.23
N THR DA 82 -94.99 -25.30 15.49
CA THR DA 82 -94.70 -26.66 15.07
C THR DA 82 -95.81 -27.17 14.19
N ARG DA 83 -95.49 -28.14 13.34
CA ARG DA 83 -96.48 -28.73 12.46
C ARG DA 83 -97.52 -29.53 13.23
N TYR DA 84 -97.25 -29.85 14.49
CA TYR DA 84 -98.18 -30.63 15.29
C TYR DA 84 -99.37 -29.78 15.72
N SER DA 85 -100.48 -30.46 15.97
CA SER DA 85 -101.66 -29.83 16.53
C SER DA 85 -102.35 -30.82 17.43
N VAL DA 86 -102.81 -30.35 18.58
CA VAL DA 86 -103.53 -31.17 19.53
C VAL DA 86 -104.93 -30.58 19.70
N ASP DA 87 -105.94 -31.42 19.59
CA ASP DA 87 -107.33 -30.98 19.68
C ASP DA 87 -107.84 -31.05 21.12
N ILE DA 88 -107.07 -30.51 22.06
CA ILE DA 88 -107.53 -30.51 23.44
C ILE DA 88 -108.65 -29.50 23.59
N PRO DA 89 -109.80 -29.89 24.12
CA PRO DA 89 -110.95 -28.98 24.24
C PRO DA 89 -110.82 -28.03 25.43
N LEU DA 90 -110.02 -26.98 25.25
CA LEU DA 90 -109.83 -25.98 26.27
C LEU DA 90 -111.08 -25.09 26.36
N ASP DA 91 -111.44 -24.74 27.59
CA ASP DA 91 -112.65 -23.99 27.86
C ASP DA 91 -112.40 -22.52 27.53
N LYS DA 92 -112.95 -22.05 26.41
CA LYS DA 92 -112.68 -20.69 25.97
C LYS DA 92 -113.39 -19.64 26.80
N THR DA 93 -114.42 -20.02 27.56
CA THR DA 93 -115.12 -19.04 28.37
C THR DA 93 -114.36 -18.70 29.65
N VAL DA 94 -113.50 -19.60 30.12
CA VAL DA 94 -112.74 -19.34 31.34
C VAL DA 94 -111.29 -19.04 31.00
N VAL DA 95 -110.81 -19.55 29.87
CA VAL DA 95 -109.44 -19.31 29.43
C VAL DA 95 -109.52 -18.26 28.33
N ASN DA 96 -109.46 -17.00 28.73
CA ASN DA 96 -109.60 -15.90 27.80
C ASN DA 96 -108.89 -14.68 28.37
N LYS DA 97 -108.76 -13.65 27.54
CA LYS DA 97 -107.82 -12.56 27.82
C LYS DA 97 -108.17 -11.77 29.07
N ASP DA 98 -109.39 -11.85 29.57
CA ASP DA 98 -109.73 -11.05 30.73
C ASP DA 98 -109.13 -11.56 32.03
N VAL DA 99 -108.61 -12.79 32.05
CA VAL DA 99 -108.11 -13.35 33.29
C VAL DA 99 -106.83 -12.71 33.76
N PHE DA 100 -106.14 -11.96 32.89
CA PHE DA 100 -104.94 -11.25 33.32
C PHE DA 100 -105.27 -10.11 34.27
N ARG DA 101 -106.55 -9.76 34.43
CA ARG DA 101 -106.95 -8.68 35.32
C ARG DA 101 -107.52 -9.18 36.65
N ASP DA 102 -108.01 -10.42 36.70
CA ASP DA 102 -108.52 -11.02 37.93
C ASP DA 102 -107.66 -12.23 38.29
N PRO DA 103 -106.73 -12.11 39.24
CA PRO DA 103 -105.79 -13.22 39.48
C PRO DA 103 -106.44 -14.53 39.87
N ALA DA 104 -107.54 -14.49 40.63
CA ALA DA 104 -108.23 -15.74 40.96
C ALA DA 104 -108.79 -16.41 39.72
N LEU DA 105 -109.32 -15.61 38.79
CA LEU DA 105 -109.73 -16.15 37.50
C LEU DA 105 -108.55 -16.75 36.74
N LYS DA 106 -107.36 -16.17 36.89
CA LYS DA 106 -106.18 -16.75 36.26
C LYS DA 106 -105.87 -18.11 36.84
N ARG DA 107 -106.00 -18.25 38.16
CA ARG DA 107 -105.79 -19.55 38.79
C ARG DA 107 -106.84 -20.55 38.32
N LYS DA 108 -108.08 -20.10 38.15
CA LYS DA 108 -109.13 -20.98 37.65
C LYS DA 108 -108.83 -21.46 36.24
N ALA DA 109 -108.36 -20.55 35.38
CA ALA DA 109 -108.01 -20.92 34.02
C ALA DA 109 -106.84 -21.89 33.99
N ARG DA 110 -105.84 -21.66 34.84
CA ARG DA 110 -104.73 -22.60 34.96
C ARG DA 110 -105.21 -23.97 35.44
N ARG DA 111 -106.17 -24.00 36.35
CA ARG DA 111 -106.75 -25.26 36.82
C ARG DA 111 -107.41 -26.02 35.67
N GLU DA 112 -108.19 -25.31 34.86
CA GLU DA 112 -108.82 -25.97 33.71
C GLU DA 112 -107.78 -26.50 32.74
N ALA DA 113 -106.74 -25.71 32.47
CA ALA DA 113 -105.66 -26.19 31.61
C ALA DA 113 -105.01 -27.43 32.19
N LYS DA 114 -104.78 -27.44 33.50
CA LYS DA 114 -104.14 -28.58 34.15
C LYS DA 114 -104.98 -29.84 34.00
N VAL DA 115 -106.29 -29.75 34.28
CA VAL DA 115 -107.09 -30.96 34.24
C VAL DA 115 -107.25 -31.47 32.81
N LYS DA 116 -107.47 -30.55 31.85
CA LYS DA 116 -107.60 -30.99 30.46
C LYS DA 116 -106.29 -31.62 29.97
N PHE DA 117 -105.15 -31.01 30.29
CA PHE DA 117 -103.88 -31.53 29.84
C PHE DA 117 -103.57 -32.88 30.47
N GLU DA 118 -103.88 -33.05 31.75
CA GLU DA 118 -103.60 -34.34 32.39
C GLU DA 118 -104.46 -35.45 31.81
N GLU DA 119 -105.75 -35.18 31.62
CA GLU DA 119 -106.62 -36.18 31.01
C GLU DA 119 -106.16 -36.53 29.61
N ARG DA 120 -105.66 -35.54 28.85
CA ARG DA 120 -105.15 -35.83 27.52
C ARG DA 120 -103.82 -36.57 27.58
N TYR DA 121 -102.98 -36.26 28.56
CA TYR DA 121 -101.69 -36.93 28.69
C TYR DA 121 -101.87 -38.40 29.02
N LYS DA 122 -102.94 -38.74 29.72
CA LYS DA 122 -103.31 -40.14 29.83
C LYS DA 122 -103.66 -40.67 28.44
N THR DA 123 -103.97 -41.97 28.38
CA THR DA 123 -104.26 -42.72 27.16
C THR DA 123 -103.10 -42.71 26.16
N GLY DA 124 -101.94 -42.18 26.55
CA GLY DA 124 -100.74 -42.32 25.76
C GLY DA 124 -100.71 -41.57 24.45
N LYS DA 125 -101.59 -40.59 24.26
CA LYS DA 125 -101.66 -39.87 23.01
C LYS DA 125 -100.93 -38.54 23.09
N ASN DA 126 -100.44 -38.08 21.94
CA ASN DA 126 -99.73 -36.81 21.81
C ASN DA 126 -98.50 -36.77 22.72
N LYS DA 127 -97.69 -37.83 22.67
CA LYS DA 127 -96.55 -37.94 23.55
C LYS DA 127 -95.51 -36.87 23.27
N TRP DA 128 -95.42 -36.40 22.03
CA TRP DA 128 -94.45 -35.35 21.74
C TRP DA 128 -94.81 -34.05 22.45
N PHE DA 129 -96.10 -33.79 22.67
CA PHE DA 129 -96.49 -32.60 23.39
C PHE DA 129 -95.97 -32.63 24.82
N PHE DA 130 -96.08 -33.77 25.49
CA PHE DA 130 -95.72 -33.88 26.90
C PHE DA 130 -94.29 -34.34 27.12
N GLN DA 131 -93.53 -34.58 26.06
CA GLN DA 131 -92.11 -34.88 26.19
C GLN DA 131 -91.33 -33.58 26.31
N LYS DA 132 -90.68 -33.38 27.45
CA LYS DA 132 -89.90 -32.17 27.67
C LYS DA 132 -88.80 -32.05 26.62
N LEU DA 133 -88.69 -30.87 26.03
CA LEU DA 133 -87.68 -30.65 25.01
C LEU DA 133 -86.29 -30.65 25.64
N ARG DA 134 -85.35 -31.30 24.96
CA ARG DA 134 -83.97 -31.40 25.43
C ARG DA 134 -83.11 -30.47 24.59
N PHE DA 135 -82.63 -29.39 25.18
CA PHE DA 135 -81.80 -28.45 24.44
C PHE DA 135 -80.66 -27.93 25.31
N PRO EA 1 26.18 -36.04 74.83
CA PRO EA 1 26.61 -34.78 75.42
C PRO EA 1 26.77 -33.69 74.37
N SER EA 2 25.80 -32.77 74.32
CA SER EA 2 25.85 -31.71 73.33
C SER EA 2 26.86 -30.63 73.67
N ARG EA 3 27.41 -30.64 74.88
CA ARG EA 3 28.35 -29.60 75.28
C ARG EA 3 29.75 -29.83 74.74
N LEU EA 4 30.06 -31.01 74.24
CA LEU EA 4 31.39 -31.35 73.77
C LEU EA 4 31.52 -31.25 72.26
N ARG EA 5 30.50 -30.74 71.58
CA ARG EA 5 30.47 -30.75 70.12
C ARG EA 5 30.85 -29.39 69.56
N LYS EA 6 31.09 -29.37 68.24
CA LYS EA 6 31.49 -28.15 67.55
C LYS EA 6 30.39 -27.11 67.56
N THR EA 7 29.18 -27.48 67.92
CA THR EA 7 28.09 -26.52 67.97
C THR EA 7 28.37 -25.45 69.01
N ARG EA 8 28.94 -25.83 70.15
CA ARG EA 8 29.22 -24.85 71.18
C ARG EA 8 30.41 -23.97 70.81
N LYS EA 9 31.31 -24.45 69.98
CA LYS EA 9 32.47 -23.66 69.56
C LYS EA 9 32.20 -22.84 68.32
N LEU EA 10 31.12 -23.11 67.60
CA LEU EA 10 30.76 -22.33 66.42
C LEU EA 10 29.79 -21.20 66.74
N ARG EA 11 29.42 -21.01 67.99
CA ARG EA 11 28.62 -19.86 68.37
C ARG EA 11 29.44 -18.60 68.23
N GLY EA 12 28.87 -17.59 67.60
CA GLY EA 12 29.57 -16.34 67.35
C GLY EA 12 30.19 -16.24 65.97
N HIS EA 13 30.27 -17.34 65.24
CA HIS EA 13 30.79 -17.34 63.88
C HIS EA 13 29.63 -17.44 62.91
N VAL EA 14 29.63 -16.59 61.89
CA VAL EA 14 28.44 -16.36 61.09
C VAL EA 14 28.00 -17.64 60.39
N SER EA 15 28.93 -18.31 59.70
CA SER EA 15 28.53 -19.36 58.79
C SER EA 15 28.31 -20.71 59.46
N HIS EA 16 28.65 -20.83 60.74
CA HIS EA 16 28.57 -22.10 61.46
C HIS EA 16 29.36 -23.20 60.75
N GLY EA 17 30.57 -22.86 60.33
CA GLY EA 17 31.49 -23.88 59.83
C GLY EA 17 31.14 -24.46 58.49
N HIS EA 18 30.40 -23.73 57.66
CA HIS EA 18 29.98 -24.25 56.36
C HIS EA 18 30.32 -23.28 55.22
N GLY EA 19 31.21 -22.35 55.47
CA GLY EA 19 31.66 -21.49 54.38
C GLY EA 19 30.73 -20.33 54.13
N ARG EA 20 31.30 -19.25 53.60
CA ARG EA 20 30.53 -18.07 53.25
C ARG EA 20 30.12 -18.07 51.80
N ILE EA 21 30.90 -18.70 50.93
CA ILE EA 21 30.69 -18.60 49.50
C ILE EA 21 29.66 -19.63 49.06
N GLY EA 22 29.98 -20.90 49.28
CA GLY EA 22 29.10 -21.97 48.88
C GLY EA 22 27.97 -22.27 49.85
N LYS EA 23 28.03 -21.71 51.06
CA LYS EA 23 26.96 -21.82 52.04
C LYS EA 23 26.63 -23.26 52.40
N HIS EA 24 25.51 -23.47 53.08
CA HIS EA 24 25.02 -24.80 53.42
C HIS EA 24 23.57 -24.85 52.98
N ARG EA 25 23.36 -25.17 51.72
CA ARG EA 25 22.02 -25.19 51.15
C ARG EA 25 21.35 -26.53 51.43
N LYS EA 26 20.14 -26.70 50.89
CA LYS EA 26 19.35 -27.88 51.22
C LYS EA 26 20.02 -29.15 50.73
N HIS EA 27 20.13 -29.32 49.42
CA HIS EA 27 20.66 -30.55 48.83
C HIS EA 27 21.38 -30.22 47.54
N PRO EA 28 22.58 -29.69 47.64
CA PRO EA 28 23.37 -29.43 46.43
C PRO EA 28 24.00 -30.71 45.92
N GLY EA 29 23.46 -31.23 44.82
CA GLY EA 29 23.97 -32.44 44.21
C GLY EA 29 23.02 -33.62 44.19
N GLY EA 30 21.80 -33.48 44.68
CA GLY EA 30 20.83 -34.56 44.63
C GLY EA 30 20.60 -35.19 45.99
N ARG EA 31 19.58 -36.04 46.02
CA ARG EA 31 19.15 -36.69 47.25
C ARG EA 31 19.53 -38.15 47.22
N GLY EA 32 20.20 -38.62 48.27
CA GLY EA 32 20.56 -40.02 48.34
C GLY EA 32 21.62 -40.37 47.32
N ASN EA 33 21.47 -41.53 46.70
CA ASN EA 33 22.42 -41.97 45.69
C ASN EA 33 22.07 -41.41 44.32
N ALA EA 34 21.85 -40.11 44.26
CA ALA EA 34 21.42 -39.47 43.04
C ALA EA 34 22.59 -39.33 42.08
N GLY EA 35 22.31 -39.52 40.80
CA GLY EA 35 23.31 -39.30 39.78
C GLY EA 35 24.51 -40.22 39.87
N GLY EA 36 24.27 -41.51 40.12
CA GLY EA 36 25.37 -42.44 40.16
C GLY EA 36 26.04 -42.64 38.82
N LEU EA 37 25.33 -42.37 37.73
CA LEU EA 37 25.88 -42.54 36.40
C LEU EA 37 26.13 -41.22 35.68
N HIS EA 38 25.75 -40.09 36.26
CA HIS EA 38 25.86 -38.81 35.57
C HIS EA 38 26.88 -37.88 36.20
N HIS EA 39 26.69 -37.48 37.46
CA HIS EA 39 27.58 -36.51 38.05
C HIS EA 39 28.26 -37.01 39.31
N HIS EA 40 27.96 -38.22 39.74
CA HIS EA 40 28.76 -38.91 40.75
C HIS EA 40 29.41 -40.14 40.16
N ARG EA 41 29.52 -40.20 38.83
CA ARG EA 41 30.08 -41.37 38.18
C ARG EA 41 31.50 -41.61 38.62
N ILE EA 42 32.28 -40.54 38.80
CA ILE EA 42 33.68 -40.70 39.17
C ILE EA 42 33.79 -41.33 40.55
N ASN EA 43 32.98 -40.86 41.50
CA ASN EA 43 33.00 -41.45 42.83
C ASN EA 43 32.56 -42.91 42.79
N PHE EA 44 31.49 -43.21 42.07
CA PHE EA 44 31.00 -44.59 42.03
C PHE EA 44 32.01 -45.52 41.38
N ASP EA 45 32.64 -45.08 40.30
CA ASP EA 45 33.62 -45.91 39.64
C ASP EA 45 34.88 -46.06 40.47
N LYS EA 46 35.26 -45.01 41.20
CA LYS EA 46 36.51 -45.03 41.95
C LYS EA 46 36.39 -45.87 43.21
N TYR EA 47 35.23 -45.85 43.86
CA TYR EA 47 35.11 -46.50 45.16
C TYR EA 47 34.21 -47.72 45.16
N HIS EA 48 33.29 -47.84 44.22
CA HIS EA 48 32.40 -49.00 44.14
C HIS EA 48 32.36 -49.52 42.71
N PRO EA 49 33.45 -50.13 42.25
CA PRO EA 49 33.39 -50.80 40.96
C PRO EA 49 32.45 -51.99 41.04
N GLY EA 50 31.75 -52.22 39.94
CA GLY EA 50 30.79 -53.30 39.88
C GLY EA 50 29.40 -52.95 40.34
N TYR EA 51 29.09 -51.66 40.52
CA TYR EA 51 27.82 -51.30 41.10
C TYR EA 51 26.66 -51.57 40.13
N PHE EA 52 26.78 -51.13 38.88
CA PHE EA 52 25.65 -51.15 37.96
C PHE EA 52 25.66 -52.41 37.11
N GLY EA 53 24.55 -53.12 37.09
CA GLY EA 53 24.35 -54.21 36.15
C GLY EA 53 24.02 -55.52 36.84
N LYS EA 54 23.66 -56.49 36.01
CA LYS EA 54 23.32 -57.84 36.44
C LYS EA 54 24.47 -58.79 36.17
N VAL EA 55 24.71 -59.72 37.09
CA VAL EA 55 25.67 -60.79 36.88
C VAL EA 55 25.06 -62.09 37.40
N GLY EA 56 25.04 -63.11 36.55
CA GLY EA 56 24.67 -64.43 37.00
C GLY EA 56 23.19 -64.70 36.94
N MET EA 57 22.82 -65.88 37.46
CA MET EA 57 21.45 -66.34 37.47
C MET EA 57 20.74 -65.87 38.73
N LYS EA 58 19.43 -65.67 38.61
CA LYS EA 58 18.60 -65.39 39.78
C LYS EA 58 17.82 -66.64 40.14
N HIS EA 59 17.92 -67.04 41.39
CA HIS EA 59 17.29 -68.26 41.90
C HIS EA 59 16.25 -67.85 42.93
N TYR EA 60 14.99 -67.89 42.52
CA TYR EA 60 13.90 -67.45 43.39
C TYR EA 60 13.77 -68.38 44.59
N HIS EA 61 13.25 -67.82 45.69
CA HIS EA 61 12.98 -68.57 46.90
C HIS EA 61 14.22 -69.28 47.41
N LEU EA 62 15.30 -68.51 47.57
CA LEU EA 62 16.50 -69.07 48.16
C LEU EA 62 16.23 -69.37 49.63
N LYS EA 63 16.59 -70.58 50.06
CA LYS EA 63 16.46 -70.98 51.46
C LYS EA 63 17.85 -71.19 52.04
N ARG EA 64 18.17 -70.43 53.09
CA ARG EA 64 19.50 -70.50 53.67
C ARG EA 64 19.74 -71.83 54.38
N ASN EA 65 18.68 -72.45 54.89
CA ASN EA 65 18.84 -73.69 55.65
C ASN EA 65 19.43 -74.78 54.77
N GLN EA 66 19.01 -74.84 53.50
CA GLN EA 66 19.59 -75.80 52.58
C GLN EA 66 21.07 -75.57 52.40
N SER EA 67 21.48 -74.32 52.25
CA SER EA 67 22.89 -73.99 52.02
C SER EA 67 23.72 -74.03 53.28
N PHE EA 68 23.10 -74.24 54.45
CA PHE EA 68 23.84 -74.28 55.70
C PHE EA 68 24.85 -75.42 55.71
N CYS EA 69 26.13 -75.09 55.81
CA CYS EA 69 27.19 -76.08 55.91
C CYS EA 69 28.40 -75.42 56.55
N PRO EA 70 28.43 -75.35 57.88
CA PRO EA 70 29.57 -74.72 58.55
C PRO EA 70 30.83 -75.56 58.41
N THR EA 71 31.97 -74.87 58.46
CA THR EA 71 33.26 -75.50 58.24
C THR EA 71 34.14 -75.33 59.47
N VAL EA 72 35.03 -76.29 59.69
CA VAL EA 72 36.02 -76.22 60.74
C VAL EA 72 37.35 -76.66 60.16
N ASN EA 73 38.41 -75.94 60.49
CA ASN EA 73 39.73 -76.25 59.99
C ASN EA 73 40.39 -77.30 60.86
N LEU EA 74 41.47 -77.89 60.34
CA LEU EA 74 42.15 -78.93 61.08
C LEU EA 74 42.91 -78.38 62.27
N ASP EA 75 43.38 -77.13 62.20
CA ASP EA 75 44.15 -76.60 63.31
C ASP EA 75 43.32 -76.43 64.56
N LYS EA 76 42.00 -76.29 64.42
CA LYS EA 76 41.12 -76.17 65.56
C LYS EA 76 40.31 -77.44 65.79
N LEU EA 77 40.80 -78.57 65.27
CA LEU EA 77 40.08 -79.82 65.41
C LEU EA 77 40.10 -80.31 66.85
N TRP EA 78 41.27 -80.32 67.47
CA TRP EA 78 41.38 -80.92 68.80
C TRP EA 78 40.74 -80.07 69.88
N THR EA 79 40.37 -78.83 69.59
CA THR EA 79 39.68 -78.03 70.59
C THR EA 79 38.25 -78.46 70.80
N LEU EA 80 37.67 -79.20 69.85
CA LEU EA 80 36.29 -79.65 70.00
C LEU EA 80 36.15 -80.61 71.17
N VAL EA 81 37.12 -81.50 71.35
CA VAL EA 81 37.09 -82.45 72.44
C VAL EA 81 37.89 -81.88 73.60
N SER EA 82 37.65 -82.42 74.78
CA SER EA 82 38.26 -81.91 76.00
C SER EA 82 39.75 -82.21 75.99
N GLU EA 83 40.49 -81.40 76.77
CA GLU EA 83 41.92 -81.64 76.92
C GLU EA 83 42.18 -83.00 77.55
N GLN EA 84 41.24 -83.47 78.38
CA GLN EA 84 41.37 -84.80 78.95
C GLN EA 84 41.44 -85.86 77.86
N THR EA 85 40.65 -85.68 76.79
CA THR EA 85 40.67 -86.64 75.70
C THR EA 85 42.03 -86.68 75.02
N ARG EA 86 42.60 -85.52 74.72
CA ARG EA 86 43.91 -85.48 74.09
C ARG EA 86 44.98 -86.05 75.01
N VAL EA 87 44.92 -85.73 76.29
CA VAL EA 87 45.88 -86.25 77.26
C VAL EA 87 45.81 -87.78 77.29
N ASN EA 88 44.60 -88.32 77.44
CA ASN EA 88 44.44 -89.77 77.57
C ASN EA 88 44.83 -90.48 76.29
N ALA EA 89 44.54 -89.88 75.13
CA ALA EA 89 44.92 -90.51 73.88
C ALA EA 89 46.43 -90.52 73.70
N ALA EA 90 47.11 -89.45 74.11
CA ALA EA 90 48.56 -89.45 74.03
C ALA EA 90 49.15 -90.48 74.98
N LYS EA 91 48.65 -90.55 76.21
CA LYS EA 91 49.23 -91.43 77.21
C LYS EA 91 48.71 -92.85 77.14
N ASN EA 92 47.80 -93.15 76.21
CA ASN EA 92 47.25 -94.49 76.09
C ASN EA 92 48.33 -95.44 75.59
N LYS EA 93 48.52 -96.55 76.31
CA LYS EA 93 49.42 -97.60 75.83
C LYS EA 93 48.88 -98.25 74.57
N THR EA 94 47.57 -98.45 74.51
CA THR EA 94 46.96 -98.95 73.30
C THR EA 94 46.97 -97.87 72.22
N GLY EA 95 46.71 -98.29 70.99
CA GLY EA 95 46.67 -97.35 69.89
C GLY EA 95 45.29 -96.78 69.68
N ALA EA 96 44.40 -97.02 70.65
CA ALA EA 96 43.00 -96.62 70.56
C ALA EA 96 42.86 -95.13 70.31
N ALA EA 97 42.32 -94.77 69.16
CA ALA EA 97 42.16 -93.37 68.81
C ALA EA 97 40.81 -92.87 69.29
N PRO EA 98 40.74 -91.67 69.84
CA PRO EA 98 39.45 -91.09 70.23
C PRO EA 98 38.65 -90.70 68.99
N ILE EA 99 37.34 -90.60 69.19
CA ILE EA 99 36.41 -90.25 68.11
C ILE EA 99 35.97 -88.81 68.32
N ILE EA 100 36.12 -88.00 67.27
CA ILE EA 100 35.71 -86.60 67.27
C ILE EA 100 34.58 -86.45 66.27
N ASP EA 101 33.40 -86.05 66.73
CA ASP EA 101 32.25 -85.84 65.86
C ASP EA 101 32.00 -84.35 65.74
N VAL EA 102 32.43 -83.75 64.62
CA VAL EA 102 32.27 -82.32 64.46
C VAL EA 102 30.80 -81.93 64.32
N VAL EA 103 29.95 -82.84 63.87
CA VAL EA 103 28.52 -82.53 63.74
C VAL EA 103 27.92 -82.27 65.11
N ARG EA 104 28.37 -82.98 66.13
CA ARG EA 104 27.90 -82.71 67.48
C ARG EA 104 28.26 -81.30 67.91
N SER EA 105 29.49 -80.87 67.64
CA SER EA 105 29.90 -79.52 67.99
C SER EA 105 29.20 -78.48 67.13
N GLY EA 106 28.74 -78.86 65.94
CA GLY EA 106 27.99 -77.96 65.09
C GLY EA 106 28.63 -77.62 63.77
N TYR EA 107 29.62 -78.38 63.32
CA TYR EA 107 30.26 -78.16 62.03
C TYR EA 107 29.95 -79.32 61.11
N TYR EA 108 29.85 -79.02 59.82
CA TYR EA 108 29.44 -80.01 58.83
C TYR EA 108 30.55 -80.46 57.91
N LYS EA 109 31.41 -79.54 57.48
CA LYS EA 109 32.51 -79.86 56.58
C LYS EA 109 33.82 -79.65 57.31
N VAL EA 110 34.75 -80.58 57.12
CA VAL EA 110 36.08 -80.48 57.71
C VAL EA 110 37.06 -80.07 56.63
N LEU EA 111 37.66 -78.91 56.79
CA LEU EA 111 38.68 -78.40 55.89
C LEU EA 111 40.06 -78.65 56.47
N GLY EA 112 41.07 -78.54 55.61
CA GLY EA 112 42.41 -78.93 56.01
C GLY EA 112 43.43 -77.82 56.15
N LYS EA 113 43.03 -76.68 56.71
CA LYS EA 113 44.00 -75.64 57.00
C LYS EA 113 44.83 -76.04 58.20
N GLY EA 114 46.15 -75.88 58.09
CA GLY EA 114 47.04 -76.18 59.19
C GLY EA 114 47.31 -77.65 59.35
N LYS EA 115 48.33 -77.95 60.15
CA LYS EA 115 48.80 -79.31 60.34
C LYS EA 115 48.07 -79.96 61.51
N LEU EA 116 48.55 -81.14 61.92
CA LEU EA 116 47.95 -81.88 63.01
C LEU EA 116 49.04 -82.42 63.93
N PRO EA 117 48.74 -82.59 65.22
CA PRO EA 117 49.66 -83.33 66.08
C PRO EA 117 49.70 -84.79 65.67
N LYS EA 118 50.83 -85.43 65.94
CA LYS EA 118 51.11 -86.75 65.37
C LYS EA 118 50.58 -87.85 66.30
N GLN EA 119 49.24 -87.94 66.36
CA GLN EA 119 48.59 -89.04 67.06
C GLN EA 119 47.28 -89.35 66.38
N PRO EA 120 46.90 -90.62 66.30
CA PRO EA 120 45.73 -91.00 65.49
C PRO EA 120 44.43 -90.53 66.11
N VAL EA 121 43.42 -90.38 65.25
CA VAL EA 121 42.09 -89.95 65.67
C VAL EA 121 41.11 -90.34 64.58
N ILE EA 122 39.93 -90.78 64.99
CA ILE EA 122 38.83 -91.02 64.09
C ILE EA 122 37.97 -89.78 64.05
N VAL EA 123 37.66 -89.30 62.85
CA VAL EA 123 36.94 -88.05 62.66
C VAL EA 123 35.62 -88.33 61.98
N LYS EA 124 34.52 -87.97 62.62
CA LYS EA 124 33.18 -88.10 62.06
C LYS EA 124 32.75 -86.75 61.52
N ALA EA 125 32.33 -86.72 60.24
CA ALA EA 125 31.90 -85.47 59.65
C ALA EA 125 31.01 -85.75 58.46
N LYS EA 126 30.24 -84.75 58.08
CA LYS EA 126 29.41 -84.89 56.90
C LYS EA 126 30.25 -84.88 55.63
N PHE EA 127 31.17 -83.92 55.52
CA PHE EA 127 32.00 -83.77 54.33
C PHE EA 127 33.45 -83.59 54.72
N PHE EA 128 34.33 -84.11 53.88
CA PHE EA 128 35.77 -83.96 54.06
C PHE EA 128 36.37 -83.41 52.78
N SER EA 129 37.32 -82.49 52.92
CA SER EA 129 38.04 -82.04 51.75
C SER EA 129 39.24 -82.95 51.50
N ARG EA 130 39.82 -82.81 50.31
CA ARG EA 130 40.86 -83.72 49.88
C ARG EA 130 42.10 -83.59 50.76
N ARG EA 131 42.58 -82.36 50.95
CA ARG EA 131 43.78 -82.18 51.75
C ARG EA 131 43.55 -82.50 53.22
N ALA EA 132 42.36 -82.20 53.73
CA ALA EA 132 42.04 -82.57 55.10
C ALA EA 132 42.08 -84.07 55.30
N GLU EA 133 41.49 -84.81 54.37
CA GLU EA 133 41.54 -86.26 54.45
C GLU EA 133 42.98 -86.76 54.33
N GLU EA 134 43.76 -86.13 53.46
CA GLU EA 134 45.15 -86.54 53.30
C GLU EA 134 45.94 -86.33 54.58
N LYS EA 135 45.72 -85.21 55.26
CA LYS EA 135 46.44 -84.95 56.50
C LYS EA 135 46.00 -85.90 57.60
N ILE EA 136 44.70 -86.17 57.70
CA ILE EA 136 44.21 -87.10 58.71
C ILE EA 136 44.78 -88.49 58.46
N LYS EA 137 44.82 -88.93 57.20
CA LYS EA 137 45.45 -90.20 56.89
C LYS EA 137 46.95 -90.16 57.19
N SER EA 138 47.57 -89.01 56.99
CA SER EA 138 49.01 -88.89 57.23
C SER EA 138 49.35 -89.11 58.69
N VAL EA 139 48.53 -88.59 59.60
CA VAL EA 139 48.81 -88.77 61.02
C VAL EA 139 48.28 -90.11 61.49
N GLY EA 140 47.83 -90.94 60.55
CA GLY EA 140 47.37 -92.27 60.88
C GLY EA 140 45.94 -92.36 61.34
N GLY EA 141 45.20 -91.26 61.30
CA GLY EA 141 43.81 -91.26 61.69
C GLY EA 141 42.93 -91.80 60.58
N ALA EA 142 41.63 -91.61 60.77
CA ALA EA 142 40.64 -92.09 59.81
C ALA EA 142 39.51 -91.08 59.71
N CYS EA 143 38.81 -91.11 58.59
CA CYS EA 143 37.64 -90.27 58.35
C CYS EA 143 36.45 -91.17 58.07
N VAL EA 144 35.36 -90.96 58.79
CA VAL EA 144 34.11 -91.67 58.54
C VAL EA 144 33.04 -90.64 58.21
N LEU EA 145 32.18 -90.98 57.27
CA LEU EA 145 31.11 -90.09 56.84
C LEU EA 145 29.82 -90.49 57.56
N VAL EA 146 29.14 -89.49 58.09
CA VAL EA 146 27.87 -89.71 58.79
C VAL EA 146 26.82 -88.82 58.16
N ALA EA 147 25.57 -89.24 58.30
CA ALA EA 147 24.45 -88.47 57.76
C ALA EA 147 23.48 -88.11 58.88
N ALA FA 1 28.02 -14.56 32.75
CA ALA FA 1 28.03 -15.07 31.39
C ALA FA 1 29.29 -15.86 31.13
N LYS FA 2 30.22 -15.25 30.38
CA LYS FA 2 31.48 -15.92 30.09
C LYS FA 2 32.35 -15.99 31.34
N SER FA 3 33.27 -16.96 31.34
CA SER FA 3 34.09 -17.24 32.50
C SER FA 3 35.55 -17.34 32.09
N LYS FA 4 36.42 -17.24 33.08
CA LYS FA 4 37.82 -17.59 32.89
C LYS FA 4 37.92 -19.02 32.42
N ASN FA 5 38.60 -19.23 31.30
CA ASN FA 5 38.56 -20.53 30.62
C ASN FA 5 39.47 -21.55 31.28
N HIS FA 6 40.76 -21.24 31.38
CA HIS FA 6 41.73 -22.19 31.89
C HIS FA 6 42.98 -21.42 32.30
N THR FA 7 43.59 -21.83 33.40
CA THR FA 7 44.82 -21.19 33.83
C THR FA 7 45.63 -22.17 34.67
N THR FA 8 46.92 -21.86 34.77
CA THR FA 8 47.87 -22.66 35.54
C THR FA 8 48.51 -21.81 36.62
N HIS FA 9 48.01 -20.59 36.82
CA HIS FA 9 48.49 -19.72 37.88
C HIS FA 9 48.27 -20.39 39.23
N ASN FA 10 49.21 -20.17 40.15
CA ASN FA 10 49.22 -20.66 41.52
C ASN FA 10 49.41 -22.16 41.61
N GLN FA 11 49.47 -22.87 40.48
CA GLN FA 11 49.61 -24.32 40.54
C GLN FA 11 51.00 -24.72 41.02
N SER FA 12 52.03 -24.00 40.59
CA SER FA 12 53.37 -24.30 41.08
C SER FA 12 53.45 -24.11 42.59
N ARG FA 13 52.89 -23.02 43.08
CA ARG FA 13 52.89 -22.76 44.52
C ARG FA 13 52.09 -23.82 45.26
N LYS FA 14 50.99 -24.28 44.70
CA LYS FA 14 50.24 -25.36 45.33
C LYS FA 14 51.06 -26.65 45.37
N TRP FA 15 51.76 -26.96 44.29
CA TRP FA 15 52.51 -28.20 44.23
C TRP FA 15 53.66 -28.22 45.22
N HIS FA 16 54.37 -27.11 45.34
CA HIS FA 16 55.61 -27.12 46.10
C HIS FA 16 55.41 -26.94 47.60
N ARG FA 17 54.17 -26.80 48.08
CA ARG FA 17 53.96 -26.70 49.51
C ARG FA 17 54.30 -28.00 50.22
N ASN FA 18 53.77 -29.11 49.73
CA ASN FA 18 54.12 -30.41 50.25
C ASN FA 18 55.35 -30.99 49.57
N GLY FA 19 55.97 -30.23 48.67
CA GLY FA 19 57.15 -30.70 47.98
C GLY FA 19 56.79 -31.61 46.84
N ILE FA 20 57.59 -31.59 45.78
CA ILE FA 20 57.40 -32.51 44.65
C ILE FA 20 58.30 -33.71 44.93
N LYS FA 21 57.74 -34.69 45.64
CA LYS FA 21 58.55 -35.78 46.18
C LYS FA 21 58.94 -36.76 45.08
N LYS FA 22 60.23 -37.07 45.01
CA LYS FA 22 60.71 -38.08 44.09
C LYS FA 22 60.09 -39.42 44.45
N PRO FA 23 59.71 -40.24 43.47
CA PRO FA 23 59.14 -41.55 43.79
C PRO FA 23 60.12 -42.40 44.59
N ARG FA 24 59.59 -43.13 45.55
CA ARG FA 24 60.40 -43.84 46.52
C ARG FA 24 61.18 -44.96 45.84
N SER FA 25 62.49 -44.93 45.98
CA SER FA 25 63.35 -45.97 45.45
C SER FA 25 63.68 -46.98 46.55
N GLN FA 26 63.87 -48.23 46.15
CA GLN FA 26 64.10 -49.31 47.10
C GLN FA 26 64.86 -50.43 46.41
N ARG FA 27 65.61 -51.17 47.21
CA ARG FA 27 66.25 -52.37 46.72
C ARG FA 27 65.20 -53.41 46.36
N TYR FA 28 65.54 -54.26 45.39
CA TYR FA 28 64.66 -55.33 44.93
C TYR FA 28 63.32 -54.76 44.46
N GLU FA 29 63.38 -54.03 43.35
CA GLU FA 29 62.15 -53.58 42.74
C GLU FA 29 61.42 -54.75 42.10
N SER FA 30 60.13 -54.54 41.84
CA SER FA 30 59.30 -55.61 41.30
C SER FA 30 59.71 -55.97 39.88
N LEU FA 31 59.49 -57.23 39.52
CA LEU FA 31 59.76 -57.75 38.19
C LEU FA 31 58.52 -57.69 37.30
N LYS FA 32 57.65 -56.72 37.51
CA LYS FA 32 56.41 -56.68 36.77
C LYS FA 32 56.67 -56.26 35.32
N GLY FA 33 56.06 -56.99 34.39
CA GLY FA 33 56.17 -56.68 32.98
C GLY FA 33 57.37 -57.27 32.28
N VAL FA 34 58.25 -57.94 33.00
CA VAL FA 34 59.43 -58.53 32.39
C VAL FA 34 59.00 -59.68 31.49
N ASP FA 35 59.79 -59.93 30.44
CA ASP FA 35 59.56 -60.97 29.45
C ASP FA 35 59.20 -62.29 30.12
N PRO FA 36 57.97 -62.80 29.94
CA PRO FA 36 57.54 -63.97 30.70
C PRO FA 36 58.41 -65.19 30.51
N LYS FA 37 59.00 -65.36 29.33
CA LYS FA 37 59.92 -66.47 29.14
C LYS FA 37 61.15 -66.33 30.04
N PHE FA 38 61.73 -65.13 30.08
CA PHE FA 38 62.85 -64.88 30.96
C PHE FA 38 62.46 -65.06 32.42
N LEU FA 39 61.28 -64.57 32.79
CA LEU FA 39 60.85 -64.65 34.18
C LEU FA 39 60.64 -66.10 34.62
N ARG FA 40 59.98 -66.91 33.78
CA ARG FA 40 59.76 -68.30 34.17
C ARG FA 40 61.07 -69.07 34.16
N ASN FA 41 62.00 -68.73 33.27
CA ASN FA 41 63.32 -69.33 33.34
C ASN FA 41 64.00 -68.99 34.66
N MET FA 42 63.90 -67.72 35.08
CA MET FA 42 64.49 -67.32 36.35
C MET FA 42 63.85 -68.05 37.51
N ARG FA 43 62.54 -68.27 37.43
CA ARG FA 43 61.86 -69.04 38.46
C ARG FA 43 62.38 -70.45 38.53
N PHE FA 44 62.64 -71.07 37.38
CA PHE FA 44 63.22 -72.42 37.39
C PHE FA 44 64.61 -72.42 37.99
N ALA FA 45 65.42 -71.40 37.67
CA ALA FA 45 66.76 -71.32 38.24
C ALA FA 45 66.71 -71.19 39.75
N LYS FA 46 65.82 -70.34 40.25
CA LYS FA 46 65.67 -70.18 41.70
C LYS FA 46 65.17 -71.46 42.35
N LYS FA 47 64.22 -72.14 41.70
CA LYS FA 47 63.69 -73.38 42.26
C LYS FA 47 64.77 -74.44 42.40
N HIS FA 48 65.61 -74.58 41.38
CA HIS FA 48 66.65 -75.60 41.40
C HIS FA 48 67.94 -75.11 42.05
N ASN FA 49 67.96 -73.88 42.56
CA ASN FA 49 69.11 -73.42 43.33
C ASN FA 49 69.41 -74.30 44.53
N LYS FA 50 68.41 -75.01 45.07
CA LYS FA 50 68.64 -75.80 46.28
C LYS FA 50 69.67 -76.89 46.05
N LYS FA 51 69.61 -77.56 44.90
CA LYS FA 51 70.63 -78.53 44.58
C LYS FA 51 71.94 -77.83 44.26
N GLY FA 52 73.04 -78.56 44.40
CA GLY FA 52 74.35 -77.96 44.28
C GLY FA 52 74.81 -77.21 45.50
N LEU FA 53 73.98 -77.16 46.54
CA LEU FA 53 74.34 -76.39 47.73
C LEU FA 53 75.47 -77.05 48.51
N LYS FA 54 75.62 -78.37 48.38
CA LYS FA 54 76.72 -79.05 49.05
C LYS FA 54 78.06 -78.58 48.50
N LYS FA 55 78.21 -78.58 47.18
CA LYS FA 55 79.46 -78.15 46.57
C LYS FA 55 79.71 -76.68 46.82
N MET FA 56 78.64 -75.88 46.92
CA MET FA 56 78.79 -74.49 47.31
C MET FA 56 79.41 -74.37 48.68
N GLN FA 57 78.96 -75.20 49.63
CA GLN FA 57 79.55 -75.23 50.96
C GLN FA 57 81.00 -75.69 50.94
N ALA FA 58 81.32 -76.70 50.13
CA ALA FA 58 82.71 -77.16 50.06
C ALA FA 58 83.63 -76.08 49.51
N ASN FA 59 83.19 -75.40 48.44
CA ASN FA 59 84.01 -74.35 47.87
C ASN FA 59 84.13 -73.17 48.81
N ASN FA 60 83.06 -72.83 49.53
CA ASN FA 60 83.14 -71.80 50.55
C ASN FA 60 84.11 -72.19 51.66
N ALA FA 61 84.14 -73.48 52.04
CA ALA FA 61 85.04 -73.92 53.09
C ALA FA 61 86.49 -73.83 52.65
N LYS FA 62 86.81 -74.29 51.44
CA LYS FA 62 88.18 -74.19 50.98
C LYS FA 62 88.58 -72.74 50.73
N ALA FA 63 87.64 -71.88 50.33
CA ALA FA 63 87.93 -70.45 50.24
C ALA FA 63 88.20 -69.84 51.60
N MET FA 64 87.44 -70.25 52.62
CA MET FA 64 87.70 -69.79 53.98
C MET FA 64 89.09 -70.18 54.44
N SER FA 65 89.49 -71.44 54.16
CA SER FA 65 90.82 -71.88 54.56
C SER FA 65 91.91 -71.14 53.80
N ALA FA 66 91.71 -70.92 52.49
CA ALA FA 66 92.71 -70.22 51.68
C ALA FA 66 92.85 -68.77 52.11
N ARG FA 67 91.74 -68.09 52.38
CA ARG FA 67 91.83 -66.71 52.85
C ARG FA 67 92.43 -66.64 54.25
N ALA FA 68 92.10 -67.61 55.11
CA ALA FA 68 92.69 -67.63 56.45
C ALA FA 68 94.20 -67.82 56.39
N GLU FA 69 94.67 -68.72 55.51
CA GLU FA 69 96.12 -68.91 55.37
C GLU FA 69 96.78 -67.72 54.70
N ALA FA 70 96.09 -67.06 53.76
CA ALA FA 70 96.65 -65.87 53.12
C ALA FA 70 96.79 -64.73 54.11
N ILE FA 71 95.81 -64.57 55.00
CA ILE FA 71 95.87 -63.53 56.01
C ILE FA 71 96.94 -63.85 57.06
N LYS FA 72 96.97 -65.11 57.52
CA LYS FA 72 97.95 -65.53 58.51
C LYS FA 72 99.35 -65.63 57.93
N ALA FA 73 99.50 -65.47 56.61
CA ALA FA 73 100.82 -65.29 56.00
C ALA FA 73 101.28 -63.86 56.30
N LEU FA 74 101.74 -63.68 57.53
CA LEU FA 74 102.19 -62.38 58.03
C LEU FA 74 103.70 -62.42 58.18
N VAL FA 75 104.40 -61.86 57.18
CA VAL FA 75 105.86 -61.70 57.10
C VAL FA 75 106.66 -62.83 57.76
N VAL FA 88 114.13 -32.19 69.60
CA VAL FA 88 112.92 -31.71 68.96
C VAL FA 88 111.87 -31.44 70.03
N SER FA 89 112.01 -30.30 70.70
CA SER FA 89 111.16 -30.01 71.85
C SER FA 89 109.70 -29.81 71.44
N ARG FA 90 109.44 -28.95 70.45
CA ARG FA 90 108.10 -28.70 69.91
C ARG FA 90 107.12 -28.31 71.02
N LYS FA 91 107.36 -27.12 71.57
CA LYS FA 91 106.63 -26.65 72.74
C LYS FA 91 105.13 -26.64 72.50
N LEU FA 92 104.70 -26.19 71.32
CA LEU FA 92 103.28 -26.10 71.04
C LEU FA 92 102.65 -27.48 70.92
N ASP FA 93 103.43 -28.52 70.61
CA ASP FA 93 102.89 -29.87 70.60
C ASP FA 93 102.88 -30.47 72.01
N ARG FA 94 103.94 -30.26 72.78
CA ARG FA 94 103.98 -30.82 74.11
C ARG FA 94 102.96 -30.17 75.03
N LEU FA 95 102.55 -28.93 74.73
CA LEU FA 95 101.45 -28.36 75.50
C LEU FA 95 100.16 -29.12 75.27
N ALA FA 96 99.87 -29.50 74.02
CA ALA FA 96 98.70 -30.31 73.74
C ALA FA 96 98.82 -31.68 74.39
N TYR FA 97 100.01 -32.26 74.36
CA TYR FA 97 100.21 -33.57 74.99
C TYR FA 97 99.98 -33.50 76.49
N ILE FA 98 100.45 -32.43 77.14
CA ILE FA 98 100.17 -32.26 78.56
C ILE FA 98 98.68 -32.07 78.78
N ALA FA 99 98.05 -31.25 77.96
CA ALA FA 99 96.63 -30.96 78.12
C ALA FA 99 95.74 -32.14 77.79
N HIS FA 100 96.29 -33.19 77.21
CA HIS FA 100 95.49 -34.40 77.02
C HIS FA 100 95.10 -34.97 78.37
N PRO FA 101 93.80 -35.22 78.61
CA PRO FA 101 93.38 -35.67 79.94
C PRO FA 101 93.96 -37.01 80.35
N LYS FA 102 94.23 -37.90 79.40
CA LYS FA 102 94.73 -39.23 79.76
C LYS FA 102 96.22 -39.42 79.47
N LEU FA 103 96.79 -38.65 78.56
CA LEU FA 103 98.20 -38.79 78.23
C LEU FA 103 99.09 -37.82 78.97
N GLY FA 104 98.56 -36.68 79.40
CA GLY FA 104 99.36 -35.72 80.13
C GLY FA 104 99.29 -35.85 81.63
N LYS FA 105 98.71 -36.93 82.16
CA LYS FA 105 98.55 -37.04 83.61
C LYS FA 105 99.89 -37.04 84.32
N ARG FA 106 100.81 -37.90 83.88
CA ARG FA 106 102.13 -37.93 84.46
C ARG FA 106 102.87 -36.63 84.26
N ALA FA 107 102.67 -35.98 83.11
CA ALA FA 107 103.36 -34.72 82.82
C ALA FA 107 102.94 -33.63 83.81
N ARG FA 108 101.64 -33.41 83.96
CA ARG FA 108 101.23 -32.36 84.87
C ARG FA 108 101.40 -32.76 86.33
N ALA FA 109 101.43 -34.06 86.64
CA ALA FA 109 101.85 -34.46 87.97
C ALA FA 109 103.30 -34.05 88.22
N ARG FA 110 104.16 -34.23 87.21
CA ARG FA 110 105.55 -33.81 87.34
C ARG FA 110 105.65 -32.31 87.56
N ILE FA 111 104.87 -31.53 86.81
CA ILE FA 111 105.01 -30.08 86.98
C ILE FA 111 104.44 -29.66 88.33
N ALA FA 112 103.43 -30.35 88.85
CA ALA FA 112 102.93 -30.02 90.17
C ALA FA 112 103.96 -30.33 91.25
N LYS FA 113 104.62 -31.48 91.15
CA LYS FA 113 105.69 -31.79 92.10
C LYS FA 113 106.80 -30.76 92.03
N GLY FA 114 107.15 -30.34 90.82
CA GLY FA 114 108.16 -29.29 90.67
C GLY FA 114 107.74 -27.98 91.28
N LEU FA 115 106.47 -27.60 91.11
CA LEU FA 115 105.99 -26.35 91.69
C LEU FA 115 105.92 -26.41 93.21
N ARG FA 116 105.75 -27.59 93.79
CA ARG FA 116 105.65 -27.70 95.24
C ARG FA 116 107.01 -27.84 95.93
N LEU FA 117 107.76 -28.88 95.60
CA LEU FA 117 108.98 -29.16 96.35
C LEU FA 117 110.06 -28.13 96.06
N CYS FA 118 110.95 -27.92 97.03
CA CYS FA 118 112.04 -26.95 96.89
C CYS FA 118 113.35 -27.50 97.43
N ARG FA 119 113.66 -28.75 97.08
CA ARG FA 119 114.91 -29.34 97.55
C ARG FA 119 116.09 -28.70 96.84
N PRO FA 120 117.24 -28.58 97.50
CA PRO FA 120 118.40 -27.95 96.87
C PRO FA 120 119.21 -28.91 96.00
N LYS FA 121 120.34 -28.42 95.49
CA LYS FA 121 121.25 -29.18 94.61
C LYS FA 121 120.56 -29.65 93.33
N LYS GA 1 -77.52 -20.78 -17.00
CA LYS GA 1 -78.54 -19.89 -17.53
C LYS GA 1 -79.67 -19.69 -16.52
N SER GA 2 -79.45 -20.12 -15.29
CA SER GA 2 -80.45 -19.97 -14.24
C SER GA 2 -80.17 -18.77 -13.33
N LEU GA 3 -78.89 -18.55 -13.00
CA LEU GA 3 -78.54 -17.43 -12.14
C LEU GA 3 -78.82 -16.10 -12.84
N GLU GA 4 -78.49 -16.00 -14.13
CA GLU GA 4 -78.82 -14.78 -14.87
C GLU GA 4 -80.32 -14.55 -14.94
N SER GA 5 -81.10 -15.63 -15.10
CA SER GA 5 -82.54 -15.50 -15.13
C SER GA 5 -83.07 -14.99 -13.80
N ILE GA 6 -82.58 -15.55 -12.69
CA ILE GA 6 -83.07 -15.08 -11.40
C ILE GA 6 -82.65 -13.64 -11.15
N ASN GA 7 -81.49 -13.23 -11.66
CA ASN GA 7 -81.09 -11.83 -11.53
C ASN GA 7 -82.06 -10.91 -12.27
N SER GA 8 -82.39 -11.24 -13.52
CA SER GA 8 -83.29 -10.39 -14.29
C SER GA 8 -84.68 -10.38 -13.68
N ARG GA 9 -85.17 -11.54 -13.22
CA ARG GA 9 -86.50 -11.60 -12.62
C ARG GA 9 -86.57 -10.81 -11.33
N LEU GA 10 -85.53 -10.86 -10.50
CA LEU GA 10 -85.52 -10.06 -9.29
C LEU GA 10 -85.48 -8.58 -9.60
N GLN GA 11 -84.67 -8.19 -10.60
CA GLN GA 11 -84.62 -6.78 -10.98
C GLN GA 11 -85.98 -6.30 -11.45
N LEU GA 12 -86.69 -7.12 -12.21
CA LEU GA 12 -88.03 -6.73 -12.63
C LEU GA 12 -89.01 -6.70 -11.46
N VAL GA 13 -88.85 -7.60 -10.49
CA VAL GA 13 -89.69 -7.56 -9.29
C VAL GA 13 -89.56 -6.22 -8.60
N MET GA 14 -88.34 -5.73 -8.46
CA MET GA 14 -88.14 -4.38 -7.95
C MET GA 14 -88.81 -3.37 -8.87
N LYS GA 15 -89.32 -2.30 -8.27
CA LYS GA 15 -89.96 -1.15 -8.91
C LYS GA 15 -91.30 -1.49 -9.55
N SER GA 16 -91.70 -2.76 -9.53
CA SER GA 16 -93.00 -3.13 -10.07
C SER GA 16 -93.74 -4.16 -9.23
N GLY GA 17 -93.24 -4.50 -8.04
CA GLY GA 17 -93.95 -5.45 -7.20
C GLY GA 17 -93.76 -5.14 -5.74
N LYS GA 18 -94.50 -5.87 -4.91
CA LYS GA 18 -94.41 -5.76 -3.46
C LYS GA 18 -93.39 -6.75 -2.95
N TYR GA 19 -92.29 -6.24 -2.41
CA TYR GA 19 -91.22 -7.06 -1.86
C TYR GA 19 -90.85 -6.53 -0.50
N VAL GA 20 -90.26 -7.39 0.31
CA VAL GA 20 -89.76 -6.98 1.61
C VAL GA 20 -88.39 -7.61 1.82
N LEU GA 21 -87.53 -6.89 2.54
CA LEU GA 21 -86.15 -7.28 2.73
C LEU GA 21 -85.85 -7.40 4.21
N GLY GA 22 -85.11 -8.43 4.57
CA GLY GA 22 -84.68 -8.62 5.94
C GLY GA 22 -85.43 -9.74 6.63
N TYR GA 23 -84.77 -10.32 7.62
CA TYR GA 23 -85.22 -11.57 8.21
C TYR GA 23 -86.46 -11.37 9.08
N LYS GA 24 -86.47 -10.31 9.90
CA LYS GA 24 -87.63 -10.07 10.75
C LYS GA 24 -88.87 -9.79 9.93
N GLN GA 25 -88.76 -8.93 8.93
CA GLN GA 25 -89.90 -8.63 8.08
C GLN GA 25 -90.31 -9.83 7.25
N THR GA 26 -89.35 -10.68 6.87
CA THR GA 26 -89.69 -11.90 6.15
C THR GA 26 -90.52 -12.84 7.02
N LEU GA 27 -90.12 -13.03 8.28
CA LEU GA 27 -90.91 -13.84 9.19
C LEU GA 27 -92.30 -13.26 9.39
N LYS GA 28 -92.38 -11.93 9.54
CA LYS GA 28 -93.67 -11.29 9.72
C LYS GA 28 -94.58 -11.54 8.52
N MET GA 29 -94.04 -11.39 7.31
CA MET GA 29 -94.83 -11.64 6.11
C MET GA 29 -95.26 -13.09 6.02
N ILE GA 30 -94.36 -14.02 6.35
CA ILE GA 30 -94.69 -15.44 6.24
C ILE GA 30 -95.82 -15.80 7.19
N ARG GA 31 -95.73 -15.36 8.44
CA ARG GA 31 -96.79 -15.67 9.38
C ARG GA 31 -98.07 -14.91 9.08
N GLN GA 32 -97.99 -13.78 8.38
CA GLN GA 32 -99.20 -13.16 7.87
C GLN GA 32 -99.73 -13.88 6.64
N GLY GA 33 -98.94 -14.77 6.04
CA GLY GA 33 -99.35 -15.48 4.85
C GLY GA 33 -99.18 -14.73 3.57
N LYS GA 34 -98.71 -13.48 3.63
CA LYS GA 34 -98.55 -12.68 2.43
C LYS GA 34 -97.38 -13.14 1.57
N ALA GA 35 -96.45 -13.88 2.14
CA ALA GA 35 -95.27 -14.29 1.41
C ALA GA 35 -95.63 -15.33 0.36
N LYS GA 36 -95.08 -15.15 -0.84
CA LYS GA 36 -95.24 -16.10 -1.94
C LYS GA 36 -93.96 -16.84 -2.27
N LEU GA 37 -92.82 -16.18 -2.11
CA LEU GA 37 -91.53 -16.79 -2.41
C LEU GA 37 -90.47 -16.13 -1.54
N VAL GA 38 -89.66 -16.94 -0.86
CA VAL GA 38 -88.61 -16.47 0.02
C VAL GA 38 -87.27 -16.85 -0.59
N ILE GA 39 -86.39 -15.87 -0.72
CA ILE GA 39 -85.09 -16.06 -1.33
C ILE GA 39 -84.03 -15.91 -0.24
N LEU GA 40 -83.11 -16.86 -0.19
CA LEU GA 40 -82.08 -16.94 0.83
C LEU GA 40 -80.71 -16.91 0.17
N ALA GA 41 -79.83 -16.05 0.66
CA ALA GA 41 -78.44 -16.11 0.22
C ALA GA 41 -77.78 -17.38 0.75
N ASN GA 42 -76.76 -17.85 0.03
CA ASN GA 42 -76.00 -19.00 0.54
C ASN GA 42 -75.05 -18.60 1.66
N ASN GA 43 -74.89 -17.31 1.91
CA ASN GA 43 -74.18 -16.81 3.07
C ASN GA 43 -75.00 -16.91 4.35
N CYS GA 44 -76.27 -17.29 4.25
CA CYS GA 44 -77.16 -17.24 5.40
C CYS GA 44 -76.72 -18.26 6.45
N PRO GA 45 -76.86 -17.93 7.74
CA PRO GA 45 -76.57 -18.92 8.79
C PRO GA 45 -77.50 -20.11 8.66
N ALA GA 46 -76.98 -21.27 9.02
CA ALA GA 46 -77.73 -22.51 8.80
C ALA GA 46 -78.96 -22.59 9.68
N LEU GA 47 -78.90 -22.03 10.89
CA LEU GA 47 -80.10 -21.98 11.73
C LEU GA 47 -81.17 -21.15 11.07
N ARG GA 48 -80.81 -19.99 10.52
CA ARG GA 48 -81.79 -19.17 9.83
C ARG GA 48 -82.32 -19.88 8.59
N LYS GA 49 -81.45 -20.58 7.86
CA LYS GA 49 -81.91 -21.37 6.72
C LYS GA 49 -82.99 -22.36 7.14
N SER GA 50 -82.70 -23.16 8.17
CA SER GA 50 -83.65 -24.19 8.56
C SER GA 50 -84.92 -23.58 9.13
N GLU GA 51 -84.80 -22.50 9.90
CA GLU GA 51 -85.97 -21.87 10.48
C GLU GA 51 -86.88 -21.29 9.40
N ILE GA 52 -86.30 -20.63 8.41
CA ILE GA 52 -87.09 -20.09 7.31
C ILE GA 52 -87.74 -21.21 6.51
N GLU GA 53 -87.00 -22.31 6.28
CA GLU GA 53 -87.59 -23.42 5.54
C GLU GA 53 -88.74 -24.06 6.29
N TYR GA 54 -88.63 -24.15 7.62
CA TYR GA 54 -89.74 -24.68 8.41
C TYR GA 54 -90.96 -23.76 8.32
N TYR GA 55 -90.73 -22.45 8.44
CA TYR GA 55 -91.85 -21.52 8.35
C TYR GA 55 -92.51 -21.61 6.98
N ALA GA 56 -91.70 -21.73 5.92
CA ALA GA 56 -92.25 -21.80 4.58
C ALA GA 56 -92.98 -23.12 4.34
N MET GA 57 -92.50 -24.22 4.91
CA MET GA 57 -93.23 -25.46 4.80
C MET GA 57 -94.58 -25.36 5.49
N LEU GA 58 -94.61 -24.72 6.65
CA LEU GA 58 -95.88 -24.52 7.35
C LEU GA 58 -96.81 -23.64 6.55
N ALA GA 59 -96.30 -22.57 5.96
CA ALA GA 59 -97.13 -21.62 5.24
C ALA GA 59 -97.36 -22.00 3.78
N LYS GA 60 -96.82 -23.13 3.34
CA LYS GA 60 -97.00 -23.65 1.98
C LYS GA 60 -96.52 -22.64 0.93
N THR GA 61 -95.31 -22.12 1.13
CA THR GA 61 -94.67 -21.24 0.18
C THR GA 61 -93.30 -21.79 -0.20
N GLY GA 62 -92.74 -21.27 -1.27
CA GLY GA 62 -91.48 -21.78 -1.79
C GLY GA 62 -90.27 -20.97 -1.32
N VAL GA 63 -89.15 -21.68 -1.20
CA VAL GA 63 -87.87 -21.10 -0.80
C VAL GA 63 -86.87 -21.39 -1.89
N HIS GA 64 -86.30 -20.34 -2.47
CA HIS GA 64 -85.24 -20.46 -3.45
C HIS GA 64 -83.94 -19.97 -2.85
N HIS GA 65 -82.88 -20.75 -3.02
CA HIS GA 65 -81.57 -20.39 -2.51
C HIS GA 65 -80.79 -19.69 -3.62
N TYR GA 66 -80.66 -18.38 -3.50
CA TYR GA 66 -79.93 -17.59 -4.48
C TYR GA 66 -78.48 -18.04 -4.53
N SER GA 67 -77.91 -18.04 -5.73
CA SER GA 67 -76.57 -18.57 -5.96
C SER GA 67 -75.50 -17.51 -5.71
N GLY GA 68 -75.59 -16.86 -4.56
CA GLY GA 68 -74.63 -15.84 -4.17
C GLY GA 68 -74.82 -15.47 -2.72
N ASN GA 69 -73.83 -14.77 -2.19
CA ASN GA 69 -73.90 -14.40 -0.79
C ASN GA 69 -74.86 -13.22 -0.61
N ASN GA 70 -74.94 -12.72 0.63
CA ASN GA 70 -75.83 -11.61 0.92
C ASN GA 70 -75.40 -10.32 0.25
N ILE GA 71 -74.10 -10.13 0.01
CA ILE GA 71 -73.62 -8.90 -0.62
C ILE GA 71 -74.21 -8.74 -2.01
N GLU GA 72 -74.04 -9.75 -2.85
CA GLU GA 72 -74.57 -9.72 -4.19
C GLU GA 72 -76.04 -10.08 -4.27
N LEU GA 73 -76.60 -10.67 -3.23
CA LEU GA 73 -78.06 -10.72 -3.16
C LEU GA 73 -78.65 -9.33 -3.01
N GLY GA 74 -78.07 -8.50 -2.13
CA GLY GA 74 -78.48 -7.11 -2.08
C GLY GA 74 -78.19 -6.37 -3.36
N THR GA 75 -77.06 -6.67 -4.00
CA THR GA 75 -76.75 -6.03 -5.27
C THR GA 75 -77.79 -6.37 -6.32
N ALA GA 76 -78.20 -7.64 -6.39
CA ALA GA 76 -79.26 -8.03 -7.31
C ALA GA 76 -80.60 -7.43 -6.94
N CYS GA 77 -80.84 -7.19 -5.65
CA CYS GA 77 -82.02 -6.44 -5.24
C CYS GA 77 -81.94 -4.97 -5.64
N GLY GA 78 -80.74 -4.47 -5.96
CA GLY GA 78 -80.61 -3.09 -6.36
C GLY GA 78 -80.39 -2.13 -5.22
N LYS GA 79 -79.98 -2.63 -4.08
CA LYS GA 79 -79.75 -1.83 -2.90
C LYS GA 79 -78.28 -1.90 -2.52
N TYR GA 80 -77.75 -0.79 -2.03
CA TYR GA 80 -76.35 -0.72 -1.66
C TYR GA 80 -76.08 -1.29 -0.28
N TYR GA 81 -77.01 -2.06 0.27
CA TYR GA 81 -76.81 -2.76 1.53
C TYR GA 81 -77.03 -4.25 1.32
N ARG GA 82 -76.46 -5.04 2.22
CA ARG GA 82 -76.55 -6.49 2.10
C ARG GA 82 -77.95 -6.96 2.46
N VAL GA 83 -78.44 -7.95 1.71
CA VAL GA 83 -79.72 -8.58 1.98
C VAL GA 83 -79.47 -10.08 2.08
N CYS GA 84 -79.86 -10.67 3.20
CA CYS GA 84 -79.67 -12.09 3.42
C CYS GA 84 -80.93 -12.90 3.17
N THR GA 85 -82.09 -12.36 3.53
CA THR GA 85 -83.36 -13.04 3.33
C THR GA 85 -84.38 -12.05 2.80
N LEU GA 86 -85.10 -12.42 1.76
CA LEU GA 86 -86.09 -11.51 1.20
C LEU GA 86 -87.35 -12.28 0.85
N ALA GA 87 -88.47 -11.58 0.81
CA ALA GA 87 -89.74 -12.20 0.50
C ALA GA 87 -90.47 -11.38 -0.56
N ILE GA 88 -91.18 -12.07 -1.43
CA ILE GA 88 -91.91 -11.44 -2.53
C ILE GA 88 -93.38 -11.66 -2.29
N ILE GA 89 -94.10 -10.62 -1.88
CA ILE GA 89 -95.51 -10.76 -1.60
C ILE GA 89 -96.31 -10.83 -2.90
N ASP GA 90 -95.99 -9.96 -3.84
CA ASP GA 90 -96.81 -9.81 -5.04
C ASP GA 90 -95.95 -9.28 -6.19
N PRO GA 91 -95.61 -10.13 -7.16
CA PRO GA 91 -94.73 -9.69 -8.24
C PRO GA 91 -95.48 -8.97 -9.36
N GLY GA 92 -94.77 -8.57 -10.41
CA GLY GA 92 -95.39 -8.04 -11.60
C GLY GA 92 -94.68 -8.56 -12.83
N ASP GA 93 -94.04 -9.72 -12.68
CA ASP GA 93 -93.11 -10.22 -13.68
C ASP GA 93 -93.19 -11.73 -13.88
N SER GA 94 -94.22 -12.40 -13.38
CA SER GA 94 -94.44 -13.83 -13.56
C SER GA 94 -93.28 -14.68 -13.07
N ASP GA 95 -92.48 -14.17 -12.12
CA ASP GA 95 -91.49 -15.02 -11.46
C ASP GA 95 -92.16 -16.11 -10.65
N ILE GA 96 -93.37 -15.86 -10.17
CA ILE GA 96 -94.20 -16.85 -9.51
C ILE GA 96 -95.31 -17.19 -10.48
N ILE GA 97 -95.17 -18.32 -11.18
CA ILE GA 97 -96.14 -18.72 -12.19
C ILE GA 97 -97.49 -18.96 -11.54
N ARG GA 98 -98.55 -18.59 -12.25
CA ARG GA 98 -99.91 -18.88 -11.80
C ARG GA 98 -100.35 -20.27 -12.26
N ASN HA 1 -20.43 61.19 87.90
CA ASN HA 1 -21.57 60.30 88.04
C ASN HA 1 -21.34 59.10 87.12
N GLU HA 2 -21.99 57.97 87.40
CA GLU HA 2 -21.74 56.75 86.64
C GLU HA 2 -23.01 55.99 86.28
N VAL HA 3 -24.17 56.64 86.29
CA VAL HA 3 -25.40 55.97 85.87
C VAL HA 3 -26.01 56.80 84.74
N VAL HA 4 -25.16 57.34 83.87
CA VAL HA 4 -25.62 58.34 82.92
C VAL HA 4 -26.09 57.66 81.62
N THR HA 5 -26.86 58.42 80.84
CA THR HA 5 -27.44 57.97 79.59
C THR HA 5 -27.16 58.98 78.48
N ARG HA 6 -26.62 58.49 77.36
CA ARG HA 6 -26.22 59.35 76.26
C ARG HA 6 -26.74 58.80 74.95
N GLU HA 7 -26.78 59.67 73.94
CA GLU HA 7 -27.21 59.31 72.60
C GLU HA 7 -26.00 59.28 71.69
N TYR HA 8 -25.98 58.33 70.77
CA TYR HA 8 -24.93 58.28 69.78
C TYR HA 8 -25.50 57.84 68.45
N THR HA 9 -24.79 58.18 67.39
CA THR HA 9 -25.04 57.61 66.07
C THR HA 9 -23.75 56.96 65.57
N ILE HA 10 -23.89 55.79 65.00
CA ILE HA 10 -22.76 54.93 64.64
C ILE HA 10 -22.70 54.80 63.14
N ASN HA 11 -21.50 55.01 62.59
CA ASN HA 11 -21.17 54.74 61.19
C ASN HA 11 -20.87 53.26 61.05
N ILE HA 12 -21.94 52.47 61.01
CA ILE HA 12 -21.84 51.05 60.74
C ILE HA 12 -21.19 50.84 59.38
N HIS HA 13 -21.46 51.72 58.43
CA HIS HA 13 -20.82 51.63 57.12
C HIS HA 13 -19.31 51.71 57.24
N LYS HA 14 -18.82 52.65 58.04
CA LYS HA 14 -17.38 52.76 58.26
C LYS HA 14 -16.82 51.51 58.93
N ARG HA 15 -17.49 51.05 59.99
CA ARG HA 15 -16.93 49.91 60.72
C ARG HA 15 -17.16 48.58 60.03
N ILE HA 16 -17.95 48.57 58.96
CA ILE HA 16 -18.25 47.34 58.25
C ILE HA 16 -17.54 47.25 56.90
N HIS HA 17 -17.18 48.39 56.30
CA HIS HA 17 -16.53 48.42 55.00
C HIS HA 17 -15.32 47.52 54.94
N GLY HA 18 -15.41 46.47 54.12
CA GLY HA 18 -14.36 45.48 54.01
C GLY HA 18 -14.68 44.12 54.59
N VAL HA 19 -15.93 43.86 54.95
CA VAL HA 19 -16.33 42.59 55.53
C VAL HA 19 -17.20 41.83 54.54
N GLY HA 20 -16.97 40.53 54.42
CA GLY HA 20 -17.74 39.72 53.49
C GLY HA 20 -19.20 39.66 53.85
N PHE HA 21 -19.99 39.20 52.88
CA PHE HA 21 -21.46 39.30 53.00
C PHE HA 21 -21.99 38.45 54.13
N LYS HA 22 -21.46 37.24 54.30
CA LYS HA 22 -22.00 36.36 55.32
C LYS HA 22 -21.60 36.76 56.73
N LYS HA 23 -20.75 37.78 56.88
CA LYS HA 23 -20.32 38.21 58.20
C LYS HA 23 -20.64 39.67 58.48
N ARG HA 24 -21.28 40.37 57.55
CA ARG HA 24 -21.48 41.80 57.71
C ARG HA 24 -22.38 42.12 58.90
N ALA HA 25 -23.54 41.47 58.97
CA ALA HA 25 -24.45 41.73 60.08
C ALA HA 25 -23.87 41.35 61.44
N PRO HA 26 -23.30 40.17 61.65
CA PRO HA 26 -22.71 39.88 62.98
C PRO HA 26 -21.52 40.76 63.31
N ARG HA 27 -20.71 41.11 62.32
CA ARG HA 27 -19.60 42.01 62.57
C ARG HA 27 -20.09 43.38 63.00
N ALA HA 28 -21.25 43.81 62.48
CA ALA HA 28 -21.80 45.08 62.93
C ALA HA 28 -22.10 45.06 64.43
N LEU HA 29 -22.62 43.96 64.94
CA LEU HA 29 -22.91 43.89 66.37
C LEU HA 29 -21.65 43.79 67.21
N LYS HA 30 -20.66 43.05 66.72
CA LYS HA 30 -19.38 43.05 67.42
C LYS HA 30 -18.77 44.45 67.45
N GLU HA 31 -18.94 45.21 66.37
CA GLU HA 31 -18.48 46.59 66.34
C GLU HA 31 -19.27 47.46 67.30
N ILE HA 32 -20.57 47.22 67.45
CA ILE HA 32 -21.35 47.97 68.42
C ILE HA 32 -20.85 47.69 69.83
N ARG HA 33 -20.55 46.42 70.13
CA ARG HA 33 -19.99 46.09 71.44
C ARG HA 33 -18.66 46.79 71.66
N LYS HA 34 -17.80 46.81 70.64
CA LYS HA 34 -16.51 47.49 70.75
C LYS HA 34 -16.72 48.99 70.98
N PHE HA 35 -17.65 49.58 70.25
CA PHE HA 35 -17.96 51.00 70.38
C PHE HA 35 -18.42 51.34 71.79
N ALA HA 36 -19.35 50.54 72.32
CA ALA HA 36 -19.88 50.82 73.64
C ALA HA 36 -18.84 50.58 74.73
N MET HA 37 -17.99 49.57 74.57
CA MET HA 37 -16.90 49.37 75.52
C MET HA 37 -16.01 50.60 75.55
N LYS HA 38 -15.66 51.13 74.38
CA LYS HA 38 -14.84 52.34 74.36
C LYS HA 38 -15.57 53.52 74.98
N GLU HA 39 -16.85 53.70 74.66
CA GLU HA 39 -17.56 54.90 75.08
C GLU HA 39 -17.79 54.92 76.58
N MET HA 40 -18.30 53.83 77.14
CA MET HA 40 -18.68 53.82 78.55
C MET HA 40 -17.67 53.13 79.46
N GLY HA 41 -16.58 52.59 78.91
CA GLY HA 41 -15.53 52.01 79.72
C GLY HA 41 -15.92 50.78 80.49
N THR HA 42 -17.03 50.13 80.12
CA THR HA 42 -17.50 48.98 80.86
C THR HA 42 -17.34 47.73 80.02
N PRO HA 43 -16.69 46.68 80.54
CA PRO HA 43 -16.59 45.44 79.78
C PRO HA 43 -17.94 44.79 79.53
N ASP HA 44 -18.92 45.02 80.40
CA ASP HA 44 -20.22 44.37 80.29
C ASP HA 44 -21.12 45.22 79.42
N VAL HA 45 -21.44 44.72 78.23
CA VAL HA 45 -22.32 45.39 77.28
C VAL HA 45 -23.46 44.45 76.96
N ARG HA 46 -24.69 44.98 77.00
CA ARG HA 46 -25.90 44.19 76.77
C ARG HA 46 -26.72 44.86 75.67
N ILE HA 47 -27.00 44.10 74.62
CA ILE HA 47 -27.64 44.60 73.41
C ILE HA 47 -29.13 44.31 73.49
N ASP HA 48 -29.94 45.32 73.20
CA ASP HA 48 -31.38 45.12 73.20
C ASP HA 48 -31.82 44.30 72.00
N THR HA 49 -32.87 43.49 72.20
CA THR HA 49 -33.39 42.66 71.14
C THR HA 49 -33.87 43.49 69.97
N ARG HA 50 -34.52 44.62 70.25
CA ARG HA 50 -34.98 45.49 69.17
C ARG HA 50 -33.81 46.06 68.39
N LEU HA 51 -32.70 46.36 69.07
CA LEU HA 51 -31.51 46.78 68.35
C LEU HA 51 -30.98 45.68 67.46
N ASN HA 52 -30.97 44.45 67.97
CA ASN HA 52 -30.56 43.31 67.15
C ASN HA 52 -31.44 43.21 65.90
N LYS HA 53 -32.75 43.35 66.08
CA LYS HA 53 -33.68 43.26 64.96
C LYS HA 53 -33.47 44.39 63.96
N ALA HA 54 -33.24 45.60 64.45
CA ALA HA 54 -33.04 46.73 63.54
C ALA HA 54 -31.76 46.56 62.74
N VAL HA 55 -30.71 46.03 63.36
CA VAL HA 55 -29.47 45.78 62.61
C VAL HA 55 -29.69 44.70 61.56
N TRP HA 56 -30.35 43.61 61.93
CA TRP HA 56 -30.58 42.56 60.96
C TRP HA 56 -31.73 42.86 60.01
N ALA HA 57 -32.34 44.04 60.10
CA ALA HA 57 -33.60 44.31 59.42
C ALA HA 57 -33.51 44.13 57.91
N LYS HA 58 -32.36 44.41 57.32
CA LYS HA 58 -32.22 44.34 55.87
C LYS HA 58 -31.36 43.16 55.43
N GLY HA 59 -31.41 42.07 56.18
CA GLY HA 59 -30.69 40.87 55.82
C GLY HA 59 -29.34 40.76 56.50
N ILE HA 60 -28.49 39.94 55.90
CA ILE HA 60 -27.17 39.68 56.46
C ILE HA 60 -26.10 40.56 55.84
N ARG HA 61 -26.31 41.07 54.62
CA ARG HA 61 -25.27 41.80 53.94
C ARG HA 61 -25.61 43.25 53.63
N ASN HA 62 -26.87 43.63 53.67
CA ASN HA 62 -27.24 45.03 53.44
C ASN HA 62 -27.50 45.75 54.76
N VAL HA 63 -26.47 45.83 55.58
CA VAL HA 63 -26.61 46.42 56.92
C VAL HA 63 -26.78 47.93 56.78
N PRO HA 64 -27.65 48.56 57.56
CA PRO HA 64 -27.84 50.01 57.46
C PRO HA 64 -26.56 50.78 57.73
N TYR HA 65 -26.41 51.90 57.02
CA TYR HA 65 -25.18 52.66 57.08
C TYR HA 65 -24.96 53.29 58.45
N ARG HA 66 -26.01 53.83 59.06
CA ARG HA 66 -25.90 54.46 60.36
C ARG HA 66 -26.99 53.93 61.27
N ILE HA 67 -26.68 53.84 62.55
CA ILE HA 67 -27.67 53.42 63.54
C ILE HA 67 -27.64 54.41 64.70
N ARG HA 68 -28.82 54.81 65.16
CA ARG HA 68 -28.93 55.69 66.31
C ARG HA 68 -29.21 54.84 67.55
N VAL HA 69 -28.33 54.93 68.55
CA VAL HA 69 -28.46 54.12 69.75
C VAL HA 69 -28.41 55.04 70.96
N ARG HA 70 -28.81 54.49 72.10
CA ARG HA 70 -28.84 55.20 73.38
C ARG HA 70 -28.12 54.33 74.39
N LEU HA 71 -26.92 54.74 74.77
CA LEU HA 71 -26.15 54.02 75.76
C LEU HA 71 -26.63 54.41 77.16
N SER HA 72 -26.88 53.41 77.99
CA SER HA 72 -27.39 53.64 79.34
C SER HA 72 -26.50 52.87 80.30
N ARG HA 73 -25.60 53.56 80.98
CA ARG HA 73 -24.77 52.89 81.98
C ARG HA 73 -25.57 52.75 83.27
N LYS HA 74 -25.56 51.55 83.84
CA LYS HA 74 -26.32 51.27 85.05
C LYS HA 74 -25.48 50.40 85.98
N ARG HA 75 -25.90 50.32 87.24
CA ARG HA 75 -25.26 49.44 88.19
C ARG HA 75 -25.67 47.99 87.96
N ASN HA 76 -24.75 47.08 88.29
CA ASN HA 76 -24.89 45.69 87.86
C ASN HA 76 -26.07 45.00 88.53
N GLU HA 77 -26.29 45.25 89.83
CA GLU HA 77 -27.31 44.63 90.67
C GLU HA 77 -27.09 43.14 90.90
N ASP HA 78 -26.01 42.56 90.37
CA ASP HA 78 -25.60 41.18 90.65
C ASP HA 78 -24.17 41.28 91.16
N GLU HA 79 -24.03 41.48 92.47
CA GLU HA 79 -22.71 41.73 93.05
C GLU HA 79 -21.82 40.49 93.06
N ASP HA 80 -22.36 39.32 92.67
CA ASP HA 80 -21.50 38.18 92.40
C ASP HA 80 -20.55 38.46 91.25
N SER HA 81 -21.00 39.20 90.24
CA SER HA 81 -20.14 39.57 89.13
C SER HA 81 -19.21 40.69 89.55
N PRO HA 82 -17.90 40.56 89.31
CA PRO HA 82 -16.96 41.61 89.74
C PRO HA 82 -17.16 42.95 89.06
N ASN HA 83 -17.84 43.00 87.92
CA ASN HA 83 -18.03 44.25 87.21
C ASN HA 83 -19.06 45.11 87.94
N LYS HA 84 -18.71 46.35 88.20
CA LYS HA 84 -19.63 47.22 88.92
C LYS HA 84 -20.79 47.67 88.05
N LEU HA 85 -20.52 48.06 86.82
CA LEU HA 85 -21.53 48.65 85.95
C LEU HA 85 -21.72 47.78 84.71
N TYR HA 86 -22.68 48.21 83.88
CA TYR HA 86 -22.91 47.59 82.59
C TYR HA 86 -23.63 48.58 81.70
N THR HA 87 -23.48 48.40 80.39
CA THR HA 87 -24.01 49.33 79.41
C THR HA 87 -25.16 48.67 78.67
N LEU HA 88 -26.34 49.26 78.74
CA LEU HA 88 -27.49 48.78 78.00
C LEU HA 88 -27.62 49.60 76.73
N VAL HA 89 -27.58 48.93 75.59
CA VAL HA 89 -27.66 49.59 74.29
C VAL HA 89 -29.07 49.41 73.74
N THR HA 90 -29.77 50.51 73.54
CA THR HA 90 -31.14 50.47 73.07
C THR HA 90 -31.25 51.11 71.69
N TYR HA 91 -32.14 50.55 70.87
CA TYR HA 91 -32.37 51.08 69.52
C TYR HA 91 -33.18 52.37 69.58
N VAL HA 92 -32.79 53.32 68.75
CA VAL HA 92 -33.50 54.60 68.66
C VAL HA 92 -33.99 54.79 67.23
N PRO HA 93 -35.29 54.66 66.97
CA PRO HA 93 -35.78 54.89 65.61
C PRO HA 93 -35.69 56.35 65.24
N VAL HA 94 -35.24 56.61 64.01
CA VAL HA 94 -35.07 57.97 63.51
C VAL HA 94 -35.65 58.05 62.11
N THR HA 95 -35.92 59.29 61.69
CA THR HA 95 -36.37 59.55 60.33
C THR HA 95 -35.27 60.14 59.46
N THR HA 96 -34.27 60.78 60.07
CA THR HA 96 -33.19 61.38 59.31
C THR HA 96 -31.92 61.32 60.14
N PHE HA 97 -30.78 61.40 59.48
CA PHE HA 97 -29.50 61.42 60.15
C PHE HA 97 -28.78 62.75 60.02
N LYS HA 98 -29.43 63.76 59.45
CA LYS HA 98 -28.80 65.06 59.26
C LYS HA 98 -28.71 65.77 60.60
N ASN HA 99 -27.53 66.37 60.86
CA ASN HA 99 -27.29 67.27 61.97
C ASN HA 99 -27.41 66.60 63.34
N LEU HA 100 -27.45 65.27 63.38
CA LEU HA 100 -27.64 64.57 64.65
C LEU HA 100 -26.36 64.69 65.47
N GLN HA 101 -26.50 65.15 66.70
CA GLN HA 101 -25.37 65.36 67.59
C GLN HA 101 -25.40 64.36 68.73
N THR HA 102 -24.22 63.94 69.14
CA THR HA 102 -24.09 63.12 70.35
C THR HA 102 -24.45 63.97 71.55
N VAL HA 103 -25.60 63.69 72.16
CA VAL HA 103 -26.09 64.52 73.26
C VAL HA 103 -26.39 63.66 74.48
N ASN HA 104 -26.80 64.30 75.56
CA ASN HA 104 -27.12 63.61 76.79
C ASN HA 104 -28.63 63.49 76.94
N VAL HA 105 -29.06 62.50 77.73
CA VAL HA 105 -30.46 62.35 78.08
C VAL HA 105 -30.55 62.30 79.61
N ASP HA 106 -31.40 63.14 80.17
CA ASP HA 106 -31.58 63.19 81.61
C ASP HA 106 -32.78 62.34 82.02
N GLU HA 107 -32.92 62.13 83.33
CA GLU HA 107 -33.96 61.27 83.87
C GLU HA 107 -35.35 61.87 83.70
N ALA IA 1 49.70 -1.09 111.36
CA ALA IA 1 48.29 -1.36 111.59
C ALA IA 1 47.84 -2.62 110.86
N ALA IA 2 47.38 -2.46 109.63
CA ALA IA 2 46.98 -3.59 108.82
C ALA IA 2 48.19 -4.46 108.48
N LEU IA 3 47.92 -5.70 108.10
CA LEU IA 3 48.97 -6.70 107.94
C LEU IA 3 49.71 -6.52 106.62
N ARG IA 4 51.04 -6.47 106.70
CA ARG IA 4 51.90 -6.50 105.53
C ARG IA 4 51.98 -7.91 104.95
N PRO IA 5 52.11 -8.04 103.65
CA PRO IA 5 52.30 -9.36 103.04
C PRO IA 5 53.73 -9.83 103.24
N LEU IA 6 54.06 -10.95 102.61
CA LEU IA 6 55.44 -11.44 102.66
C LEU IA 6 56.35 -10.57 101.83
N VAL IA 7 55.91 -10.17 100.64
CA VAL IA 7 56.72 -9.39 99.72
C VAL IA 7 55.78 -8.52 98.90
N LYS IA 8 56.23 -7.31 98.57
CA LYS IA 8 55.42 -6.35 97.83
C LYS IA 8 56.17 -5.87 96.61
N PRO IA 9 56.25 -6.69 95.57
CA PRO IA 9 56.87 -6.24 94.33
C PRO IA 9 55.95 -5.31 93.57
N LYS IA 10 56.53 -4.57 92.64
CA LYS IA 10 55.77 -3.58 91.88
C LYS IA 10 54.82 -4.28 90.92
N ILE IA 11 53.53 -4.04 91.11
CA ILE IA 11 52.51 -4.61 90.24
C ILE IA 11 52.39 -3.73 89.00
N VAL IA 12 52.71 -4.29 87.84
CA VAL IA 12 52.73 -3.55 86.59
C VAL IA 12 51.65 -4.12 85.69
N LYS IA 13 50.71 -3.29 85.29
CA LYS IA 13 49.62 -3.69 84.41
C LYS IA 13 49.91 -3.21 83.00
N LYS IA 14 49.89 -4.13 82.04
CA LYS IA 14 50.14 -3.76 80.65
C LYS IA 14 48.99 -2.99 80.04
N ARG IA 15 47.84 -2.97 80.70
CA ARG IA 15 46.72 -2.16 80.26
C ARG IA 15 45.80 -1.94 81.45
N THR IA 16 45.21 -0.76 81.55
CA THR IA 16 44.33 -0.44 82.67
C THR IA 16 42.87 -0.28 82.24
N LYS IA 17 42.63 0.45 81.15
CA LYS IA 17 41.27 0.60 80.66
C LYS IA 17 40.73 -0.75 80.20
N LYS IA 18 39.44 -0.98 80.42
CA LYS IA 18 38.83 -2.23 80.02
C LYS IA 18 38.75 -2.31 78.51
N PHE IA 19 38.68 -3.54 78.00
CA PHE IA 19 38.48 -3.77 76.58
C PHE IA 19 36.99 -3.73 76.29
N ILE IA 20 36.53 -2.70 75.63
CA ILE IA 20 35.11 -2.57 75.33
C ILE IA 20 34.84 -3.08 73.93
N ARG IA 21 33.62 -3.54 73.72
CA ARG IA 21 33.23 -4.08 72.42
C ARG IA 21 33.13 -2.97 71.39
N HIS IA 22 33.46 -3.31 70.15
CA HIS IA 22 33.31 -2.39 69.04
C HIS IA 22 31.84 -1.95 68.92
N GLN IA 23 31.66 -0.65 68.74
CA GLN IA 23 30.36 -0.01 68.55
C GLN IA 23 29.45 -0.11 69.77
N SER IA 24 29.98 -0.46 70.94
CA SER IA 24 29.16 -0.46 72.13
C SER IA 24 28.78 0.94 72.55
N ASP IA 25 29.55 1.95 72.14
CA ASP IA 25 29.19 3.34 72.39
C ASP IA 25 27.91 3.73 71.66
N ARG IA 26 27.76 3.27 70.42
CA ARG IA 26 26.68 3.79 69.58
C ARG IA 26 25.31 3.25 69.96
N TYR IA 27 25.25 2.14 70.69
CA TYR IA 27 23.98 1.49 70.95
C TYR IA 27 23.87 1.11 72.42
N VAL IA 28 22.62 0.95 72.85
CA VAL IA 28 22.35 0.43 74.18
C VAL IA 28 22.20 -1.09 74.16
N LYS IA 29 21.76 -1.66 73.04
CA LYS IA 29 21.63 -3.10 72.92
C LYS IA 29 22.99 -3.78 72.91
N ILE IA 30 24.06 -3.05 72.62
CA ILE IA 30 25.40 -3.60 72.58
C ILE IA 30 26.08 -3.27 73.89
N LYS IA 31 26.25 -4.27 74.76
CA LYS IA 31 26.98 -4.06 75.99
C LYS IA 31 28.47 -3.93 75.70
N ARG IA 32 29.21 -3.47 76.70
CA ARG IA 32 30.65 -3.33 76.55
C ARG IA 32 31.39 -4.63 76.82
N ASN IA 33 30.68 -5.72 77.05
CA ASN IA 33 31.32 -7.03 77.13
C ASN IA 33 32.00 -7.35 75.81
N TRP IA 34 33.25 -7.80 75.89
CA TRP IA 34 34.06 -7.91 74.68
C TRP IA 34 33.55 -9.03 73.78
N ARG IA 35 33.55 -8.76 72.48
CA ARG IA 35 33.24 -9.75 71.46
C ARG IA 35 34.19 -9.56 70.30
N LYS IA 36 34.70 -10.66 69.77
CA LYS IA 36 35.60 -10.60 68.64
C LYS IA 36 34.83 -10.18 67.39
N PRO IA 37 35.26 -9.14 66.69
CA PRO IA 37 34.56 -8.75 65.47
C PRO IA 37 34.87 -9.72 64.35
N ARG IA 38 33.83 -10.30 63.76
CA ARG IA 38 34.01 -11.34 62.76
C ARG IA 38 33.37 -10.97 61.43
N GLY IA 39 33.11 -9.70 61.20
CA GLY IA 39 32.61 -9.29 59.92
C GLY IA 39 33.70 -9.27 58.86
N ILE IA 40 33.28 -9.33 57.60
CA ILE IA 40 34.24 -9.36 56.51
C ILE IA 40 34.95 -8.01 56.38
N ASP IA 41 34.21 -6.92 56.52
CA ASP IA 41 34.78 -5.59 56.33
C ASP IA 41 35.07 -4.87 57.63
N ASN IA 42 35.14 -5.60 58.74
CA ASN IA 42 35.28 -4.94 60.03
C ASN IA 42 36.69 -4.40 60.19
N ARG IA 43 36.80 -3.09 60.40
CA ARG IA 43 38.09 -2.46 60.53
C ARG IA 43 38.74 -2.70 61.88
N VAL IA 44 37.96 -2.92 62.93
CA VAL IA 44 38.54 -3.30 64.21
C VAL IA 44 39.21 -4.66 64.10
N ARG IA 45 38.52 -5.63 63.50
CA ARG IA 45 39.11 -6.94 63.29
C ARG IA 45 40.32 -6.84 62.38
N ARG IA 46 40.22 -6.04 61.33
CA ARG IA 46 41.37 -5.84 60.46
C ARG IA 46 42.48 -5.06 61.14
N ARG IA 47 42.22 -4.47 62.31
CA ARG IA 47 43.24 -3.82 63.14
C ARG IA 47 43.83 -2.60 62.47
N PHE IA 48 42.95 -1.69 62.04
CA PHE IA 48 43.40 -0.42 61.52
C PHE IA 48 43.93 0.45 62.65
N LYS IA 49 44.64 1.50 62.27
CA LYS IA 49 45.20 2.40 63.26
C LYS IA 49 44.15 3.39 63.75
N GLY IA 50 44.18 3.68 65.04
CA GLY IA 50 43.22 4.58 65.62
C GLY IA 50 41.84 3.98 65.83
N GLN IA 51 41.73 2.67 65.87
CA GLN IA 51 40.47 2.00 66.12
C GLN IA 51 40.49 1.39 67.51
N ILE IA 52 39.35 0.80 67.89
CA ILE IA 52 39.22 0.17 69.19
C ILE IA 52 40.09 -1.08 69.22
N LEU IA 53 40.99 -1.15 70.20
CA LEU IA 53 41.99 -2.20 70.21
C LEU IA 53 41.34 -3.55 70.46
N MET IA 54 41.94 -4.59 69.89
CA MET IA 54 41.52 -5.95 70.14
C MET IA 54 42.40 -6.56 71.19
N PRO IA 55 41.85 -7.11 72.27
CA PRO IA 55 42.68 -7.81 73.24
C PRO IA 55 43.29 -9.05 72.65
N ASN IA 56 44.47 -9.41 73.15
CA ASN IA 56 45.13 -10.64 72.76
C ASN IA 56 46.01 -11.09 73.92
N ILE IA 57 46.85 -12.09 73.67
CA ILE IA 57 47.64 -12.68 74.74
C ILE IA 57 48.78 -11.78 75.16
N GLY IA 58 49.18 -10.84 74.32
CA GLY IA 58 50.33 -10.01 74.64
C GLY IA 58 50.12 -9.12 75.84
N TYR IA 59 48.87 -8.93 76.27
CA TYR IA 59 48.57 -8.09 77.41
C TYR IA 59 48.62 -8.84 78.73
N GLY IA 60 49.01 -10.11 78.71
CA GLY IA 60 48.97 -10.89 79.92
C GLY IA 60 49.87 -10.32 81.00
N SER IA 61 49.40 -10.36 82.23
CA SER IA 61 50.19 -9.83 83.34
C SER IA 61 51.30 -10.81 83.70
N ASN IA 62 52.27 -10.28 84.44
CA ASN IA 62 53.35 -11.10 84.97
C ASN IA 62 52.79 -12.22 85.83
N LYS IA 63 53.32 -13.43 85.66
CA LYS IA 63 52.88 -14.56 86.46
C LYS IA 63 53.13 -14.37 87.94
N LYS IA 64 54.11 -13.52 88.31
CA LYS IA 64 54.40 -13.29 89.70
C LYS IA 64 53.37 -12.39 90.37
N THR IA 65 52.72 -11.51 89.60
CA THR IA 65 51.79 -10.55 90.15
C THR IA 65 50.35 -10.76 89.68
N LYS IA 66 50.04 -11.91 89.09
CA LYS IA 66 48.68 -12.15 88.64
C LYS IA 66 47.75 -12.31 89.84
N HIS IA 67 46.53 -11.81 89.69
CA HIS IA 67 45.47 -11.84 90.70
C HIS IA 67 45.84 -11.10 91.97
N MET IA 68 46.92 -10.34 91.97
CA MET IA 68 47.36 -9.69 93.18
C MET IA 68 46.62 -8.37 93.37
N LEU IA 69 46.11 -8.16 94.56
CA LEU IA 69 45.45 -6.91 94.90
C LEU IA 69 46.50 -5.80 95.01
N PRO IA 70 46.08 -4.54 95.01
CA PRO IA 70 47.04 -3.47 95.26
C PRO IA 70 47.79 -3.62 96.57
N SER IA 71 47.18 -4.25 97.57
CA SER IA 71 47.84 -4.46 98.84
C SER IA 71 48.90 -5.55 98.79
N GLY IA 72 48.98 -6.30 97.71
CA GLY IA 72 49.97 -7.35 97.58
C GLY IA 72 49.48 -8.74 97.90
N PHE IA 73 48.30 -8.87 98.49
CA PHE IA 73 47.75 -10.16 98.84
C PHE IA 73 46.99 -10.75 97.66
N ARG IA 74 46.45 -11.94 97.86
CA ARG IA 74 45.52 -12.56 96.90
C ARG IA 74 44.29 -13.00 97.66
N LYS IA 75 43.12 -12.69 97.12
CA LYS IA 75 41.89 -12.92 97.87
C LYS IA 75 41.46 -14.38 97.79
N PHE IA 76 40.71 -14.80 98.79
CA PHE IA 76 40.07 -16.11 98.81
C PHE IA 76 38.69 -15.93 99.43
N LEU IA 77 37.66 -16.42 98.75
CA LEU IA 77 36.29 -16.19 99.18
C LEU IA 77 35.91 -17.20 100.25
N VAL IA 78 35.46 -16.72 101.40
CA VAL IA 78 35.14 -17.58 102.52
C VAL IA 78 33.69 -17.39 102.93
N HIS IA 79 33.07 -18.50 103.33
CA HIS IA 79 31.69 -18.50 103.75
C HIS IA 79 31.49 -18.85 105.21
N ASN IA 80 32.47 -19.48 105.86
CA ASN IA 80 32.35 -19.76 107.28
C ASN IA 80 33.75 -19.85 107.90
N VAL IA 81 33.77 -20.02 109.22
CA VAL IA 81 35.04 -20.04 109.93
C VAL IA 81 35.87 -21.24 109.53
N LYS IA 82 35.20 -22.38 109.25
CA LYS IA 82 35.94 -23.57 108.85
C LYS IA 82 36.70 -23.35 107.55
N GLU IA 83 36.06 -22.72 106.56
CA GLU IA 83 36.75 -22.38 105.33
C GLU IA 83 37.69 -21.20 105.52
N LEU IA 84 37.57 -20.46 106.62
CA LEU IA 84 38.58 -19.46 106.91
C LEU IA 84 39.86 -20.10 107.42
N GLU IA 85 39.75 -21.17 108.18
CA GLU IA 85 40.92 -21.74 108.87
C GLU IA 85 42.01 -22.21 107.93
N VAL IA 86 41.69 -22.50 106.66
CA VAL IA 86 42.70 -22.99 105.75
C VAL IA 86 43.74 -21.93 105.42
N LEU IA 87 43.43 -20.66 105.65
CA LEU IA 87 44.39 -19.59 105.49
C LEU IA 87 45.25 -19.38 106.71
N LEU IA 88 45.27 -20.34 107.64
CA LEU IA 88 46.11 -20.21 108.83
C LEU IA 88 47.58 -20.17 108.44
N MET IA 89 47.98 -20.99 107.48
CA MET IA 89 49.37 -21.06 107.04
C MET IA 89 49.61 -20.27 105.77
N CYS IA 90 48.72 -19.34 105.43
CA CYS IA 90 48.89 -18.46 104.29
C CYS IA 90 48.54 -17.04 104.67
N ASN IA 91 48.98 -16.61 105.84
CA ASN IA 91 48.69 -15.26 106.30
C ASN IA 91 49.33 -14.23 105.39
N LYS IA 92 50.55 -14.49 104.94
CA LYS IA 92 51.34 -13.48 104.25
C LYS IA 92 51.04 -13.41 102.76
N SER IA 93 50.35 -14.39 102.20
CA SER IA 93 50.08 -14.41 100.76
C SER IA 93 48.63 -14.19 100.42
N TYR IA 94 47.71 -14.77 101.17
CA TYR IA 94 46.31 -14.74 100.83
C TYR IA 94 45.51 -14.07 101.94
N CYS IA 95 44.60 -13.20 101.53
CA CYS IA 95 43.62 -12.60 102.41
C CYS IA 95 42.27 -13.25 102.16
N ALA IA 96 41.29 -12.93 103.01
CA ALA IA 96 39.98 -13.55 102.94
C ALA IA 96 38.93 -12.48 102.68
N GLU IA 97 38.07 -12.73 101.70
CA GLU IA 97 36.89 -11.91 101.48
C GLU IA 97 35.66 -12.68 101.95
N ILE IA 98 34.89 -12.08 102.84
CA ILE IA 98 33.67 -12.70 103.31
C ILE IA 98 32.64 -12.63 102.20
N ALA IA 99 31.91 -13.73 101.98
CA ALA IA 99 30.94 -13.75 100.90
C ALA IA 99 29.82 -12.75 101.14
N HIS IA 100 29.19 -12.33 100.04
CA HIS IA 100 28.24 -11.25 100.09
C HIS IA 100 26.98 -11.63 100.85
N ASN IA 101 26.57 -12.88 100.79
CA ASN IA 101 25.32 -13.30 101.42
C ASN IA 101 25.48 -13.68 102.88
N VAL IA 102 26.71 -13.67 103.40
CA VAL IA 102 26.94 -14.02 104.79
C VAL IA 102 26.29 -12.99 105.70
N SER IA 103 25.54 -13.45 106.68
CA SER IA 103 24.81 -12.57 107.56
C SER IA 103 25.76 -11.81 108.49
N SER IA 104 25.24 -10.75 109.09
CA SER IA 104 26.06 -9.93 109.99
C SER IA 104 26.49 -10.71 111.22
N LYS IA 105 25.57 -11.48 111.81
CA LYS IA 105 25.87 -12.20 113.05
C LYS IA 105 26.88 -13.31 112.84
N ASN IA 106 27.14 -13.70 111.60
CA ASN IA 106 28.19 -14.66 111.32
C ASN IA 106 29.47 -14.00 110.84
N ARG IA 107 29.36 -12.92 110.07
CA ARG IA 107 30.56 -12.24 109.62
C ARG IA 107 31.27 -11.54 110.76
N LYS IA 108 30.57 -11.22 111.85
CA LYS IA 108 31.28 -10.76 113.04
C LYS IA 108 32.21 -11.82 113.61
N ALA IA 109 31.75 -13.07 113.68
CA ALA IA 109 32.59 -14.16 114.15
C ALA IA 109 33.75 -14.40 113.20
N ILE IA 110 33.50 -14.32 111.89
CA ILE IA 110 34.59 -14.47 110.92
C ILE IA 110 35.62 -13.37 111.11
N VAL IA 111 35.17 -12.14 111.34
CA VAL IA 111 36.08 -11.01 111.53
C VAL IA 111 36.94 -11.23 112.77
N GLU IA 112 36.31 -11.66 113.87
CA GLU IA 112 37.07 -11.93 115.08
C GLU IA 112 38.10 -13.04 114.86
N ARG IA 113 37.71 -14.11 114.18
CA ARG IA 113 38.62 -15.22 113.96
C ARG IA 113 39.80 -14.81 113.09
N ALA IA 114 39.54 -14.00 112.07
CA ALA IA 114 40.62 -13.53 111.22
C ALA IA 114 41.57 -12.65 112.00
N ALA IA 115 41.04 -11.77 112.87
CA ALA IA 115 41.92 -10.97 113.71
C ALA IA 115 42.78 -11.86 114.59
N GLN IA 116 42.21 -12.96 115.10
CA GLN IA 116 42.99 -13.90 115.90
C GLN IA 116 44.12 -14.52 115.09
N LEU IA 117 43.79 -15.03 113.91
CA LEU IA 117 44.74 -15.79 113.11
C LEU IA 117 45.67 -14.92 112.28
N ALA IA 118 45.52 -13.60 112.36
CA ALA IA 118 46.34 -12.66 111.57
C ALA IA 118 46.15 -12.89 110.08
N ILE IA 119 44.92 -13.10 109.67
CA ILE IA 119 44.55 -13.19 108.26
C ILE IA 119 43.80 -11.92 107.90
N ARG IA 120 44.30 -11.21 106.89
CA ARG IA 120 43.70 -9.94 106.52
C ARG IA 120 42.33 -10.16 105.87
N VAL IA 121 41.41 -9.27 106.17
CA VAL IA 121 40.10 -9.25 105.52
C VAL IA 121 39.96 -7.93 104.79
N THR IA 122 39.59 -7.99 103.51
CA THR IA 122 39.41 -6.78 102.73
C THR IA 122 38.15 -6.04 103.11
N ASN IA 123 37.15 -6.74 103.65
CA ASN IA 123 35.89 -6.13 104.07
C ASN IA 123 35.57 -6.54 105.50
N PRO IA 124 36.37 -6.11 106.47
CA PRO IA 124 36.04 -6.47 107.85
C PRO IA 124 34.84 -5.70 108.37
N ASN IA 125 34.77 -4.41 108.11
CA ASN IA 125 33.66 -3.57 108.58
C ASN IA 125 32.59 -3.45 107.51
N ALA IA 126 32.04 -4.60 107.09
CA ALA IA 126 31.07 -4.59 106.00
C ALA IA 126 29.68 -4.26 106.51
N ARG IA 127 29.10 -5.15 107.30
CA ARG IA 127 27.69 -5.03 107.69
C ARG IA 127 27.62 -4.67 109.17
N LEU IA 128 27.67 -3.38 109.45
CA LEU IA 128 27.56 -2.87 110.80
C LEU IA 128 27.29 -1.37 110.79
N SER JA 1 67.26 35.96 93.14
CA SER JA 1 67.10 37.29 92.56
C SER JA 1 67.02 37.25 91.05
N GLY JA 2 67.35 36.10 90.47
CA GLY JA 2 67.49 36.04 89.03
C GLY JA 2 66.67 34.91 88.45
N ARG JA 3 66.75 34.78 87.12
CA ARG JA 3 65.97 33.76 86.44
C ARG JA 3 66.48 32.38 86.77
N LEU JA 4 67.79 32.17 86.72
CA LEU JA 4 68.43 30.90 87.09
C LEU JA 4 67.91 29.70 86.30
N TRP JA 5 67.21 29.91 85.19
CA TRP JA 5 66.90 28.83 84.28
C TRP JA 5 66.75 29.40 82.88
N SER JA 6 66.86 28.53 81.90
CA SER JA 6 66.74 28.94 80.50
C SER JA 6 65.33 28.69 80.01
N LYS JA 7 64.76 29.69 79.35
CA LYS JA 7 63.45 29.56 78.77
C LYS JA 7 63.50 28.64 77.56
N ALA JA 8 62.45 27.84 77.40
CA ALA JA 8 62.32 26.98 76.23
C ALA JA 8 60.84 26.89 75.89
N ILE JA 9 60.56 26.41 74.68
CA ILE JA 9 59.20 26.34 74.17
C ILE JA 9 58.86 24.88 73.93
N PHE JA 10 57.74 24.43 74.49
CA PHE JA 10 57.28 23.08 74.22
C PHE JA 10 56.73 23.02 72.80
N ALA JA 11 57.57 22.63 71.85
CA ALA JA 11 57.18 22.74 70.44
C ALA JA 11 56.21 21.65 70.02
N GLY JA 12 56.34 20.46 70.59
CA GLY JA 12 55.48 19.36 70.21
C GLY JA 12 56.11 18.05 70.64
N TYR JA 13 55.50 16.97 70.19
CA TYR JA 13 56.02 15.64 70.52
C TYR JA 13 56.86 15.11 69.38
N LYS JA 14 57.72 14.16 69.69
CA LYS JA 14 58.41 13.41 68.66
C LYS JA 14 57.37 12.62 67.88
N ARG JA 15 57.41 12.75 66.56
CA ARG JA 15 56.31 12.25 65.77
C ARG JA 15 56.78 12.00 64.35
N GLY JA 16 56.07 11.13 63.67
CA GLY JA 16 56.06 11.09 62.23
C GLY JA 16 55.02 12.06 61.72
N LEU JA 17 54.60 11.86 60.48
CA LEU JA 17 53.53 12.70 59.98
C LEU JA 17 52.18 12.28 60.53
N ARG JA 18 51.95 10.98 60.68
CA ARG JA 18 50.66 10.46 61.11
C ARG JA 18 50.74 9.67 62.39
N ASN JA 19 51.89 9.63 63.05
CA ASN JA 19 52.03 8.95 64.32
C ASN JA 19 52.67 9.90 65.32
N GLN JA 20 52.13 9.94 66.53
CA GLN JA 20 52.63 10.81 67.59
C GLN JA 20 53.12 9.95 68.74
N ARG JA 21 54.37 10.14 69.13
CA ARG JA 21 54.97 9.42 70.25
C ARG JA 21 54.94 10.34 71.46
N GLU JA 22 53.87 10.23 72.25
CA GLU JA 22 53.62 11.19 73.32
C GLU JA 22 54.52 11.02 74.52
N HIS JA 23 55.31 9.95 74.59
CA HIS JA 23 56.14 9.75 75.77
C HIS JA 23 57.39 10.61 75.79
N THR JA 24 57.71 11.29 74.70
CA THR JA 24 58.84 12.20 74.63
C THR JA 24 58.42 13.49 73.96
N ALA JA 25 59.12 14.57 74.28
CA ALA JA 25 58.75 15.89 73.80
C ALA JA 25 59.95 16.56 73.16
N LEU JA 26 59.68 17.63 72.42
CA LEU JA 26 60.73 18.38 71.72
C LEU JA 26 60.72 19.81 72.21
N LEU JA 27 61.77 20.21 72.91
CA LEU JA 27 61.87 21.57 73.40
C LEU JA 27 62.42 22.47 72.31
N LYS JA 28 62.57 23.74 72.65
CA LYS JA 28 63.19 24.73 71.77
C LYS JA 28 63.74 25.83 72.66
N ILE JA 29 65.01 25.74 72.99
CA ILE JA 29 65.63 26.71 73.89
C ILE JA 29 65.99 27.96 73.11
N GLU JA 30 65.77 29.12 73.72
CA GLU JA 30 66.11 30.37 73.07
C GLU JA 30 67.62 30.53 72.95
N GLY JA 31 68.07 31.07 71.83
CA GLY JA 31 69.48 31.30 71.63
C GLY JA 31 70.28 30.07 71.30
N VAL JA 32 69.65 28.93 71.08
CA VAL JA 32 70.31 27.70 70.72
C VAL JA 32 69.71 27.24 69.40
N TYR JA 33 70.35 27.60 68.29
CA TYR JA 33 69.84 27.27 66.97
C TYR JA 33 70.87 26.46 66.18
N ALA JA 34 71.53 25.53 66.86
CA ALA JA 34 72.53 24.69 66.23
C ALA JA 34 72.69 23.44 67.06
N ARG JA 35 72.89 22.30 66.39
CA ARG JA 35 72.97 21.03 67.09
C ARG JA 35 74.22 20.93 67.95
N ASP JA 36 75.31 21.56 67.53
CA ASP JA 36 76.55 21.46 68.30
C ASP JA 36 76.48 22.24 69.61
N GLU JA 37 75.59 23.21 69.72
CA GLU JA 37 75.47 23.99 70.95
C GLU JA 37 74.50 23.36 71.94
N THR JA 38 73.90 22.22 71.60
CA THR JA 38 73.03 21.53 72.52
C THR JA 38 73.80 20.63 73.48
N GLU JA 39 75.11 20.50 73.31
CA GLU JA 39 75.87 19.64 74.20
C GLU JA 39 75.88 20.18 75.61
N PHE JA 40 75.68 21.49 75.78
CA PHE JA 40 75.61 22.07 77.11
C PHE JA 40 74.40 21.58 77.88
N TYR JA 41 73.25 21.47 77.22
CA TYR JA 41 71.98 21.24 77.89
C TYR JA 41 71.63 19.77 78.07
N LEU JA 42 72.43 18.86 77.56
CA LEU JA 42 72.08 17.44 77.65
C LEU JA 42 72.10 16.98 79.10
N GLY JA 43 71.04 16.31 79.51
CA GLY JA 43 70.92 15.81 80.86
C GLY JA 43 70.35 16.80 81.85
N LYS JA 44 70.28 18.08 81.51
CA LYS JA 44 69.79 19.08 82.44
C LYS JA 44 68.32 18.86 82.74
N ARG JA 45 67.95 19.09 84.00
CA ARG JA 45 66.56 18.94 84.40
C ARG JA 45 65.71 20.03 83.78
N CYS JA 46 64.49 19.68 83.43
CA CYS JA 46 63.55 20.64 82.87
C CYS JA 46 62.22 20.50 83.61
N ALA JA 47 61.51 21.60 83.71
CA ALA JA 47 60.27 21.64 84.47
C ALA JA 47 59.20 22.35 83.66
N TYR JA 48 58.01 21.75 83.67
CA TYR JA 48 56.81 22.40 83.13
C TYR JA 48 56.00 22.87 84.32
N VAL JA 49 56.06 24.15 84.60
CA VAL JA 49 55.42 24.73 85.77
C VAL JA 49 54.10 25.35 85.34
N TYR JA 50 53.02 24.93 85.97
CA TYR JA 50 51.70 25.44 85.62
C TYR JA 50 50.93 25.73 86.90
N LYS JA 51 49.70 26.18 86.75
CA LYS JA 51 48.85 26.53 87.87
C LYS JA 51 47.53 25.81 87.75
N ALA JA 52 46.92 25.50 88.89
CA ALA JA 52 45.63 24.83 88.86
C ALA JA 52 44.73 25.46 89.93
N LYS JA 53 43.59 24.84 90.18
CA LYS JA 53 42.61 25.40 91.10
C LYS JA 53 42.92 25.04 92.55
N ASN JA 54 43.01 23.75 92.85
CA ASN JA 54 43.25 23.31 94.22
C ASN JA 54 44.68 23.57 94.63
N ASN JA 55 44.86 23.89 95.91
CA ASN JA 55 46.20 24.05 96.45
C ASN JA 55 46.89 22.70 96.61
N THR JA 56 48.19 22.68 96.38
CA THR JA 56 49.01 21.49 96.53
C THR JA 56 50.21 21.82 97.40
N VAL JA 57 50.70 20.81 98.13
CA VAL JA 57 51.83 21.03 99.02
C VAL JA 57 53.07 21.36 98.21
N THR JA 58 53.87 22.28 98.73
CA THR JA 58 55.11 22.69 98.11
C THR JA 58 56.27 22.37 99.03
N PRO JA 59 57.30 21.69 98.55
CA PRO JA 59 58.44 21.37 99.42
C PRO JA 59 59.15 22.62 99.90
N GLY JA 60 59.10 22.84 101.21
CA GLY JA 60 59.74 23.98 101.83
C GLY JA 60 58.86 25.21 101.99
N GLY JA 61 57.62 25.17 101.55
CA GLY JA 61 56.79 26.35 101.60
C GLY JA 61 55.33 26.01 101.77
N LYS JA 62 54.55 27.06 102.04
CA LYS JA 62 53.12 26.91 102.22
C LYS JA 62 52.45 26.51 100.91
N PRO JA 63 51.41 25.68 100.96
CA PRO JA 63 50.76 25.23 99.73
C PRO JA 63 50.16 26.37 98.93
N ASN JA 64 50.27 26.26 97.61
CA ASN JA 64 49.72 27.24 96.68
C ASN JA 64 49.20 26.49 95.47
N LYS JA 65 48.78 27.23 94.46
CA LYS JA 65 48.18 26.63 93.27
C LYS JA 65 49.19 26.27 92.21
N THR JA 66 50.47 26.44 92.48
CA THR JA 66 51.52 26.13 91.52
C THR JA 66 51.85 24.64 91.56
N ARG JA 67 51.82 24.01 90.40
CA ARG JA 67 52.19 22.62 90.24
C ARG JA 67 53.33 22.51 89.23
N VAL JA 68 54.07 21.42 89.28
CA VAL JA 68 55.23 21.23 88.43
C VAL JA 68 55.22 19.81 87.88
N ILE JA 69 55.69 19.66 86.64
CA ILE JA 69 55.96 18.36 86.06
C ILE JA 69 57.44 18.30 85.72
N TRP JA 70 58.13 17.34 86.29
CA TRP JA 70 59.57 17.26 86.13
C TRP JA 70 59.95 16.45 84.90
N GLY JA 71 61.18 16.63 84.45
CA GLY JA 71 61.70 15.86 83.35
C GLY JA 71 63.15 16.23 83.10
N LYS JA 72 63.69 15.77 81.99
CA LYS JA 72 65.08 16.10 81.70
C LYS JA 72 65.33 16.01 80.20
N VAL JA 73 66.38 16.70 79.78
CA VAL JA 73 66.80 16.67 78.38
C VAL JA 73 67.63 15.41 78.13
N THR JA 74 67.34 14.70 77.04
CA THR JA 74 67.95 13.42 76.79
C THR JA 74 68.91 13.41 75.61
N ARG JA 75 68.60 14.10 74.52
CA ARG JA 75 69.48 14.12 73.36
C ARG JA 75 69.10 15.29 72.47
N ALA JA 76 69.95 15.55 71.48
CA ALA JA 76 69.64 16.56 70.49
C ALA JA 76 68.58 16.04 69.51
N HIS JA 77 68.12 16.93 68.64
CA HIS JA 77 67.07 16.58 67.70
C HIS JA 77 67.15 17.56 66.53
N GLY JA 78 67.51 17.06 65.36
CA GLY JA 78 67.62 17.92 64.20
C GLY JA 78 68.89 18.73 64.21
N ASN JA 79 69.17 19.43 63.11
CA ASN JA 79 70.35 20.28 63.04
C ASN JA 79 70.10 21.68 63.59
N SER JA 80 68.87 21.96 64.03
CA SER JA 80 68.47 23.32 64.38
C SER JA 80 68.54 23.61 65.86
N GLY JA 81 69.06 22.69 66.67
CA GLY JA 81 69.17 22.95 68.08
C GLY JA 81 67.94 22.62 68.89
N MET JA 82 66.99 21.87 68.33
CA MET JA 82 65.96 21.28 69.17
C MET JA 82 66.59 20.20 70.05
N VAL JA 83 65.92 19.91 71.15
CA VAL JA 83 66.32 18.81 72.01
C VAL JA 83 65.10 17.97 72.32
N ARG JA 84 65.33 16.72 72.66
CA ARG JA 84 64.28 15.84 73.13
C ARG JA 84 64.34 15.77 74.65
N ALA JA 85 63.17 15.67 75.26
CA ALA JA 85 63.06 15.64 76.70
C ALA JA 85 62.09 14.54 77.11
N LYS JA 86 62.43 13.88 78.21
CA LYS JA 86 61.58 12.86 78.80
C LYS JA 86 61.09 13.38 80.14
N PHE JA 87 59.78 13.40 80.32
CA PHE JA 87 59.19 13.85 81.57
C PHE JA 87 58.63 12.66 82.34
N ARG JA 88 58.38 12.90 83.63
CA ARG JA 88 57.88 11.83 84.49
C ARG JA 88 56.53 11.32 84.02
N SER JA 89 55.65 12.24 83.64
CA SER JA 89 54.43 11.90 82.92
C SER JA 89 54.37 12.75 81.67
N ASN JA 90 53.81 12.18 80.61
CA ASN JA 90 53.75 12.87 79.32
C ASN JA 90 53.07 14.21 79.49
N LEU JA 91 53.64 15.23 78.86
CA LEU JA 91 53.13 16.58 79.04
C LEU JA 91 51.74 16.69 78.44
N PRO JA 92 50.83 17.42 79.08
CA PRO JA 92 49.53 17.68 78.46
C PRO JA 92 49.69 18.53 77.20
N ALA JA 93 48.82 18.26 76.23
CA ALA JA 93 48.91 18.94 74.95
C ALA JA 93 48.59 20.41 75.02
N LYS JA 94 47.93 20.86 76.11
CA LYS JA 94 47.67 22.28 76.28
C LYS JA 94 48.94 23.07 76.53
N ALA JA 95 50.05 22.39 76.80
CA ALA JA 95 51.31 23.06 77.07
C ALA JA 95 52.04 23.50 75.80
N ILE JA 96 51.51 23.16 74.62
CA ILE JA 96 52.24 23.41 73.38
C ILE JA 96 52.37 24.90 73.15
N GLY JA 97 53.58 25.35 72.83
CA GLY JA 97 53.85 26.75 72.65
C GLY JA 97 54.12 27.50 73.93
N HIS JA 98 54.22 26.82 75.06
CA HIS JA 98 54.37 27.47 76.34
C HIS JA 98 55.74 27.17 76.94
N ARG JA 99 55.96 27.75 78.12
CA ARG JA 99 57.29 27.89 78.68
C ARG JA 99 57.71 26.64 79.43
N ILE JA 100 58.91 26.16 79.13
CA ILE JA 100 59.57 25.06 79.84
C ILE JA 100 60.86 25.63 80.41
N ARG JA 101 61.09 25.41 81.69
CA ARG JA 101 62.35 25.85 82.27
C ARG JA 101 63.40 24.76 82.16
N VAL JA 102 64.63 25.17 81.87
CA VAL JA 102 65.78 24.28 81.91
C VAL JA 102 66.65 24.75 83.06
N MET JA 103 66.80 23.91 84.09
CA MET JA 103 67.19 24.37 85.41
C MET JA 103 68.69 24.42 85.65
N LEU JA 104 69.50 23.87 84.77
CA LEU JA 104 70.95 23.78 84.92
C LEU JA 104 71.37 22.97 86.15
N TYR JA 105 70.43 22.27 86.79
CA TYR JA 105 70.73 21.64 88.08
C TYR JA 105 71.77 20.55 88.00
N PRO JA 106 71.69 19.56 87.10
CA PRO JA 106 72.81 18.60 87.05
C PRO JA 106 73.92 19.09 86.13
N SER JA 107 74.73 20.00 86.66
CA SER JA 107 75.75 20.68 85.88
C SER JA 107 76.93 19.76 85.60
N ARG JA 108 77.65 20.07 84.52
CA ARG JA 108 78.85 19.33 84.15
C ARG JA 108 79.99 20.27 83.81
N ILE JA 109 79.91 21.53 84.22
CA ILE JA 109 80.93 22.51 83.87
C ILE JA 109 81.65 23.00 85.11
N VAL KA 1 -50.98 21.64 51.17
CA VAL KA 1 -52.17 20.98 51.67
C VAL KA 1 -51.77 19.82 52.56
N GLN KA 2 -52.73 18.97 52.90
CA GLN KA 2 -52.45 17.79 53.71
C GLN KA 2 -52.05 16.65 52.80
N ARG KA 3 -50.89 16.06 53.07
CA ARG KA 3 -50.45 14.87 52.36
C ARG KA 3 -50.76 13.64 53.21
N LEU KA 4 -50.80 12.49 52.54
CA LEU KA 4 -51.39 11.30 53.11
C LEU KA 4 -50.36 10.18 53.23
N THR KA 5 -50.71 9.18 54.03
CA THR KA 5 -49.90 7.99 54.22
C THR KA 5 -50.77 6.76 54.11
N TYR KA 6 -50.12 5.64 53.80
CA TYR KA 6 -50.79 4.35 53.83
C TYR KA 6 -51.18 4.01 55.26
N ARG KA 7 -52.27 3.26 55.42
CA ARG KA 7 -52.70 2.80 56.73
C ARG KA 7 -52.25 1.38 57.02
N ARG KA 8 -51.52 0.74 56.11
CA ARG KA 8 -51.11 -0.64 56.27
C ARG KA 8 -49.62 -0.76 55.99
N ARG KA 9 -49.08 -1.95 56.20
CA ARG KA 9 -47.65 -2.16 56.04
C ARG KA 9 -47.25 -2.53 54.62
N LEU KA 10 -48.20 -2.67 53.72
CA LEU KA 10 -47.88 -2.87 52.31
C LEU KA 10 -47.74 -1.50 51.66
N SER KA 11 -46.51 -1.11 51.35
CA SER KA 11 -46.20 0.24 50.92
C SER KA 11 -45.96 0.36 49.43
N TYR KA 12 -46.36 -0.63 48.65
CA TYR KA 12 -46.20 -0.59 47.20
C TYR KA 12 -47.54 -0.46 46.52
N ASN KA 13 -47.52 0.05 45.29
CA ASN KA 13 -48.74 0.30 44.54
C ASN KA 13 -49.17 -0.95 43.76
N THR KA 14 -49.37 -2.03 44.50
CA THR KA 14 -49.82 -3.26 43.89
C THR KA 14 -51.34 -3.25 43.73
N ALA KA 15 -51.85 -4.29 43.06
CA ALA KA 15 -53.28 -4.35 42.79
C ALA KA 15 -54.08 -4.53 44.07
N SER KA 16 -53.50 -5.14 45.08
CA SER KA 16 -54.19 -5.31 46.35
C SER KA 16 -54.10 -4.08 47.23
N ASN KA 17 -53.40 -3.04 46.78
CA ASN KA 17 -53.16 -1.84 47.56
C ASN KA 17 -53.75 -0.62 46.90
N LYS KA 18 -54.98 -0.75 46.42
CA LYS KA 18 -55.66 0.37 45.78
C LYS KA 18 -56.49 1.11 46.81
N THR KA 19 -56.53 2.43 46.70
CA THR KA 19 -57.11 3.29 47.72
C THR KA 19 -57.98 4.36 47.07
N ARG KA 20 -58.98 4.81 47.83
CA ARG KA 20 -59.80 5.95 47.46
C ARG KA 20 -59.78 6.94 48.61
N LEU KA 21 -60.25 8.16 48.33
CA LEU KA 21 -60.10 9.27 49.25
C LEU KA 21 -61.40 9.54 49.99
N SER KA 22 -61.34 9.62 51.31
CA SER KA 22 -62.55 9.83 52.09
C SER KA 22 -62.33 10.91 53.14
N ARG KA 23 -63.36 11.70 53.38
CA ARG KA 23 -63.33 12.72 54.42
C ARG KA 23 -64.11 12.21 55.62
N THR KA 24 -63.43 12.09 56.75
CA THR KA 24 -64.02 11.57 57.97
C THR KA 24 -64.89 12.63 58.64
N PRO KA 25 -65.72 12.24 59.60
CA PRO KA 25 -66.43 13.23 60.40
C PRO KA 25 -65.54 14.21 61.12
N GLY KA 26 -64.30 13.83 61.41
CA GLY KA 26 -63.35 14.72 62.04
C GLY KA 26 -62.71 15.72 61.12
N ASN KA 27 -63.16 15.78 59.86
CA ASN KA 27 -62.70 16.75 58.87
C ASN KA 27 -61.23 16.56 58.55
N ARG KA 28 -60.87 15.32 58.21
CA ARG KA 28 -59.56 15.02 57.65
C ARG KA 28 -59.77 14.09 56.46
N ILE KA 29 -58.79 14.06 55.57
CA ILE KA 29 -58.82 13.19 54.40
C ILE KA 29 -57.94 11.99 54.66
N VAL KA 30 -58.44 10.80 54.33
CA VAL KA 30 -57.74 9.56 54.60
C VAL KA 30 -57.92 8.61 53.42
N TYR KA 31 -57.13 7.54 53.44
CA TYR KA 31 -57.24 6.47 52.47
C TYR KA 31 -58.29 5.46 52.91
N LEU KA 32 -58.93 4.84 51.93
CA LEU KA 32 -59.86 3.75 52.17
C LEU KA 32 -59.54 2.66 51.16
N TYR KA 33 -59.22 1.47 51.66
CA TYR KA 33 -58.77 0.39 50.79
C TYR KA 33 -59.98 -0.23 50.14
N THR KA 34 -60.23 0.14 48.89
CA THR KA 34 -61.40 -0.33 48.19
C THR KA 34 -61.24 -1.80 47.82
N LYS KA 35 -62.38 -2.48 47.66
CA LYS KA 35 -62.39 -3.84 47.18
C LYS KA 35 -62.23 -3.86 45.67
N LYS KA 36 -61.81 -5.01 45.15
CA LYS KA 36 -61.59 -5.14 43.72
C LYS KA 36 -62.91 -5.07 42.96
N VAL KA 37 -62.80 -4.94 41.64
CA VAL KA 37 -63.96 -4.76 40.78
C VAL KA 37 -64.41 -6.12 40.27
N GLY KA 38 -65.59 -6.54 40.71
CA GLY KA 38 -66.16 -7.78 40.21
C GLY KA 38 -66.72 -7.63 38.81
N LYS KA 39 -67.01 -8.76 38.19
CA LYS KA 39 -67.45 -8.79 36.81
C LYS KA 39 -68.70 -9.66 36.69
N ALA KA 40 -69.65 -9.20 35.90
CA ALA KA 40 -70.83 -9.99 35.61
C ALA KA 40 -70.43 -11.22 34.82
N PRO KA 41 -71.12 -12.34 35.00
CA PRO KA 41 -70.66 -13.60 34.39
C PRO KA 41 -70.70 -13.55 32.87
N LYS KA 42 -69.73 -14.23 32.27
CA LYS KA 42 -69.68 -14.43 30.83
C LYS KA 42 -70.64 -15.55 30.45
N SER KA 43 -71.12 -15.50 29.21
CA SER KA 43 -72.07 -16.51 28.76
C SER KA 43 -71.40 -17.84 28.45
N ALA KA 44 -72.12 -18.92 28.71
CA ALA KA 44 -71.63 -20.24 28.36
C ALA KA 44 -71.66 -20.51 26.86
N CYS KA 45 -72.29 -19.63 26.08
CA CYS KA 45 -72.34 -19.82 24.64
C CYS KA 45 -70.95 -19.76 24.02
N GLY KA 46 -70.07 -18.93 24.57
CA GLY KA 46 -68.75 -18.76 24.01
C GLY KA 46 -68.70 -17.89 22.78
N VAL KA 47 -69.81 -17.27 22.40
CA VAL KA 47 -69.90 -16.47 21.19
C VAL KA 47 -70.15 -15.01 21.50
N CYS KA 48 -71.10 -14.73 22.38
CA CYS KA 48 -71.45 -13.36 22.71
C CYS KA 48 -70.37 -12.75 23.57
N PRO KA 49 -69.79 -11.60 23.18
CA PRO KA 49 -68.71 -11.02 23.96
C PRO KA 49 -69.20 -10.25 25.18
N GLY KA 50 -70.42 -9.75 25.11
CA GLY KA 50 -70.97 -9.02 26.23
C GLY KA 50 -71.24 -9.91 27.42
N ARG KA 51 -71.25 -9.29 28.59
CA ARG KA 51 -71.50 -9.99 29.84
C ARG KA 51 -72.97 -9.94 30.20
N LEU KA 52 -73.38 -10.85 31.06
CA LEU KA 52 -74.79 -11.09 31.31
C LEU KA 52 -75.43 -9.92 32.07
N ARG KA 53 -76.76 -9.84 31.96
CA ARG KA 53 -77.55 -8.83 32.64
C ARG KA 53 -78.33 -9.47 33.78
N GLY KA 54 -78.71 -8.63 34.75
CA GLY KA 54 -79.49 -9.06 35.88
C GLY KA 54 -78.71 -9.75 36.98
N VAL KA 55 -77.40 -9.91 36.83
CA VAL KA 55 -76.56 -10.57 37.81
C VAL KA 55 -75.68 -9.52 38.45
N ARG KA 56 -75.67 -9.48 39.79
CA ARG KA 56 -74.86 -8.50 40.50
C ARG KA 56 -73.39 -8.82 40.33
N ALA KA 57 -72.64 -7.85 39.79
CA ALA KA 57 -71.22 -8.03 39.48
C ALA KA 57 -70.41 -7.80 40.74
N VAL KA 58 -69.93 -8.89 41.35
CA VAL KA 58 -69.20 -8.84 42.61
C VAL KA 58 -67.97 -9.73 42.49
N ARG KA 59 -67.14 -9.69 43.51
CA ARG KA 59 -66.06 -10.65 43.64
C ARG KA 59 -66.65 -12.03 43.93
N PRO KA 60 -66.01 -13.11 43.47
CA PRO KA 60 -66.68 -14.42 43.50
C PRO KA 60 -67.00 -14.94 44.88
N LYS KA 61 -66.14 -14.69 45.87
CA LYS KA 61 -66.41 -15.18 47.21
C LYS KA 61 -67.50 -14.39 47.91
N VAL KA 62 -67.95 -13.29 47.31
CA VAL KA 62 -69.13 -12.58 47.81
C VAL KA 62 -70.42 -13.26 47.38
N LEU KA 63 -70.39 -14.05 46.30
CA LEU KA 63 -71.58 -14.73 45.83
C LEU KA 63 -72.10 -15.75 46.83
N MET KA 64 -71.28 -16.13 47.81
CA MET KA 64 -71.75 -17.03 48.85
C MET KA 64 -72.88 -16.41 49.66
N ARG KA 65 -72.75 -15.12 49.98
CA ARG KA 65 -73.68 -14.45 50.88
C ARG KA 65 -74.73 -13.63 50.14
N LEU KA 66 -74.88 -13.83 48.84
CA LEU KA 66 -75.96 -13.20 48.11
C LEU KA 66 -77.12 -14.16 47.95
N SER KA 67 -78.33 -13.61 47.99
CA SER KA 67 -79.52 -14.43 47.80
C SER KA 67 -79.57 -14.97 46.38
N LYS KA 68 -80.44 -15.96 46.19
CA LYS KA 68 -80.48 -16.69 44.93
C LYS KA 68 -80.87 -15.78 43.77
N THR KA 69 -81.85 -14.90 43.97
CA THR KA 69 -82.33 -14.09 42.87
C THR KA 69 -81.34 -13.02 42.45
N LYS KA 70 -80.33 -12.73 43.27
CA LYS KA 70 -79.32 -11.78 42.88
C LYS KA 70 -78.23 -12.40 42.02
N LYS KA 71 -78.23 -13.72 41.84
CA LYS KA 71 -77.16 -14.41 41.15
C LYS KA 71 -77.57 -15.07 39.86
N HIS KA 72 -78.86 -15.15 39.55
CA HIS KA 72 -79.31 -15.75 38.30
C HIS KA 72 -80.51 -14.98 37.79
N VAL KA 73 -81.01 -15.41 36.64
CA VAL KA 73 -82.18 -14.80 36.01
C VAL KA 73 -83.25 -15.87 35.91
N SER KA 74 -84.51 -15.45 35.94
CA SER KA 74 -85.65 -16.37 35.98
C SER KA 74 -85.95 -16.84 34.56
N ARG KA 75 -85.20 -17.86 34.13
CA ARG KA 75 -85.35 -18.45 32.80
C ARG KA 75 -84.56 -19.75 32.78
N ALA KA 76 -84.85 -20.59 31.78
CA ALA KA 76 -84.00 -21.74 31.51
C ALA KA 76 -82.61 -21.27 31.12
N TYR KA 77 -81.58 -21.92 31.68
CA TYR KA 77 -80.19 -21.46 31.57
C TYR KA 77 -80.02 -20.03 32.03
N GLY KA 78 -80.91 -19.57 32.91
CA GLY KA 78 -80.88 -18.17 33.32
C GLY KA 78 -79.66 -17.90 34.18
N GLY KA 79 -78.93 -16.85 33.85
CA GLY KA 79 -77.74 -16.50 34.60
C GLY KA 79 -76.54 -17.36 34.29
N SER KA 80 -76.62 -18.23 33.29
CA SER KA 80 -75.46 -18.99 32.85
C SER KA 80 -75.27 -18.80 31.36
N MET KA 81 -76.37 -18.63 30.64
CA MET KA 81 -76.35 -18.41 29.21
C MET KA 81 -77.23 -17.23 28.86
N CYS KA 82 -76.84 -16.48 27.84
CA CYS KA 82 -77.64 -15.35 27.39
C CYS KA 82 -78.93 -15.81 26.77
N ALA KA 83 -79.94 -14.94 26.83
CA ALA KA 83 -81.26 -15.29 26.32
C ALA KA 83 -81.23 -15.52 24.82
N LYS KA 84 -80.45 -14.73 24.09
CA LYS KA 84 -80.40 -14.88 22.64
C LYS KA 84 -79.89 -16.26 22.26
N CYS KA 85 -78.80 -16.69 22.89
CA CYS KA 85 -78.29 -18.02 22.60
C CYS KA 85 -79.20 -19.12 23.15
N VAL KA 86 -79.93 -18.86 24.23
CA VAL KA 86 -80.90 -19.85 24.69
C VAL KA 86 -81.97 -20.07 23.64
N ARG KA 87 -82.50 -18.97 23.11
CA ARG KA 87 -83.52 -19.07 22.06
C ARG KA 87 -82.96 -19.74 20.82
N ASP KA 88 -81.73 -19.40 20.46
CA ASP KA 88 -81.11 -20.02 19.29
C ASP KA 88 -80.94 -21.52 19.48
N ARG KA 89 -80.54 -21.94 20.68
CA ARG KA 89 -80.40 -23.37 20.92
C ARG KA 89 -81.75 -24.07 20.95
N ILE KA 90 -82.80 -23.39 21.43
CA ILE KA 90 -84.13 -23.97 21.36
C ILE KA 90 -84.52 -24.25 19.91
N LYS KA 91 -84.36 -23.24 19.06
CA LYS KA 91 -84.68 -23.41 17.65
C LYS KA 91 -83.82 -24.50 17.02
N ARG KA 92 -82.52 -24.49 17.33
CA ARG KA 92 -81.60 -25.44 16.72
C ARG KA 92 -81.95 -26.87 17.11
N ALA KA 93 -82.22 -27.10 18.40
CA ALA KA 93 -82.59 -28.44 18.83
C ALA KA 93 -83.88 -28.90 18.17
N PHE KA 94 -84.89 -28.03 18.13
CA PHE KA 94 -86.16 -28.43 17.54
C PHE KA 94 -86.00 -28.76 16.06
N LEU KA 95 -85.24 -27.94 15.33
CA LEU KA 95 -85.13 -28.16 13.90
C LEU KA 95 -84.28 -29.40 13.60
N ILE KA 96 -83.26 -29.67 14.42
CA ILE KA 96 -82.50 -30.90 14.20
C ILE KA 96 -83.36 -32.12 14.45
N GLU KA 97 -84.23 -32.06 15.46
CA GLU KA 97 -85.14 -33.19 15.67
C GLU KA 97 -86.12 -33.37 14.53
N GLU KA 98 -86.62 -32.25 13.98
CA GLU KA 98 -87.48 -32.35 12.80
C GLU KA 98 -86.74 -32.98 11.63
N GLN KA 99 -85.46 -32.62 11.46
CA GLN KA 99 -84.65 -33.23 10.41
C GLN KA 99 -84.46 -34.73 10.65
N LYS KA 100 -84.32 -35.13 11.92
CA LYS KA 100 -84.25 -36.55 12.24
C LYS KA 100 -85.50 -37.27 11.79
N ILE KA 101 -86.66 -36.69 12.06
CA ILE KA 101 -87.91 -37.28 11.59
C ILE KA 101 -87.95 -37.34 10.07
N VAL KA 102 -87.45 -36.30 9.41
CA VAL KA 102 -87.44 -36.26 7.95
C VAL KA 102 -86.64 -37.43 7.39
N VAL KA 103 -85.41 -37.61 7.88
CA VAL KA 103 -84.55 -38.66 7.32
C VAL KA 103 -85.09 -40.04 7.64
N LYS KA 104 -85.66 -40.22 8.84
CA LYS KA 104 -86.22 -41.51 9.18
C LYS KA 104 -87.38 -41.87 8.26
N VAL KA 105 -88.28 -40.91 8.01
CA VAL KA 105 -89.39 -41.18 7.10
C VAL KA 105 -88.88 -41.40 5.68
N LEU KA 106 -87.82 -40.70 5.29
CA LEU KA 106 -87.24 -40.92 3.96
C LEU KA 106 -86.75 -42.35 3.82
N LYS KA 107 -86.08 -42.88 4.84
CA LYS KA 107 -85.67 -44.28 4.80
C LYS KA 107 -86.88 -45.21 4.74
N ALA KA 108 -87.87 -44.95 5.59
CA ALA KA 108 -89.04 -45.81 5.68
C ALA KA 108 -89.88 -45.78 4.42
N GLN KA 109 -89.75 -44.75 3.59
CA GLN KA 109 -90.44 -44.69 2.31
C GLN KA 109 -89.59 -45.16 1.15
N ALA KA 110 -88.27 -45.06 1.24
CA ALA KA 110 -87.41 -45.59 0.18
C ALA KA 110 -87.32 -47.11 0.22
N GLN KA 111 -87.49 -47.72 1.39
CA GLN KA 111 -87.48 -49.19 1.46
C GLN KA 111 -88.80 -49.82 1.02
N SER KA 112 -89.64 -49.07 0.29
CA SER KA 112 -91.00 -49.53 -0.04
C SER KA 112 -91.01 -50.81 -0.85
N GLN KA 113 -89.92 -51.16 -1.53
CA GLN KA 113 -89.83 -52.38 -2.30
C GLN KA 113 -88.75 -53.27 -1.69
N LYS KA 114 -89.07 -54.56 -1.56
CA LYS KA 114 -88.14 -55.54 -0.97
C LYS KA 114 -87.10 -55.99 -2.00
N ALA LA 1 -41.92 -26.09 111.61
CA ALA LA 1 -42.82 -25.37 110.71
C ALA LA 1 -42.73 -25.94 109.30
N LYS LA 2 -41.64 -26.66 109.04
CA LYS LA 2 -41.36 -27.13 107.69
C LYS LA 2 -42.13 -28.42 107.41
N ILE LA 3 -41.97 -28.91 106.18
CA ILE LA 3 -42.67 -30.10 105.70
C ILE LA 3 -41.61 -31.13 105.32
N LYS LA 4 -41.82 -32.36 105.76
CA LYS LA 4 -40.82 -33.40 105.61
C LYS LA 4 -41.39 -34.60 104.86
N ALA LA 5 -40.64 -35.08 103.87
CA ALA LA 5 -41.04 -36.28 103.16
C ALA LA 5 -41.05 -37.50 104.06
N ARG LA 6 -40.35 -37.44 105.19
CA ARG LA 6 -40.33 -38.57 106.12
C ARG LA 6 -41.72 -38.87 106.66
N ASP LA 7 -42.45 -37.83 107.07
CA ASP LA 7 -43.80 -38.02 107.58
C ASP LA 7 -44.87 -37.63 106.58
N LEU LA 8 -44.49 -37.26 105.35
CA LEU LA 8 -45.49 -37.06 104.31
C LEU LA 8 -45.99 -38.35 103.69
N ARG LA 9 -45.39 -39.50 104.00
CA ARG LA 9 -45.66 -40.71 103.24
C ARG LA 9 -46.84 -41.52 103.77
N GLY LA 10 -47.32 -41.25 104.98
CA GLY LA 10 -48.43 -42.01 105.52
C GLY LA 10 -49.79 -41.55 105.09
N LYS LA 11 -49.87 -40.58 104.18
CA LYS LA 11 -51.12 -39.95 103.83
C LYS LA 11 -51.66 -40.50 102.52
N LYS LA 12 -52.96 -40.29 102.31
CA LYS LA 12 -53.62 -40.66 101.07
C LYS LA 12 -53.45 -39.56 100.02
N LYS LA 13 -53.65 -39.95 98.77
CA LYS LA 13 -53.41 -39.08 97.64
C LYS LA 13 -54.26 -37.82 97.72
N GLU LA 14 -55.45 -37.91 98.31
CA GLU LA 14 -56.38 -36.79 98.28
C GLU LA 14 -55.90 -35.65 99.17
N GLU LA 15 -55.55 -35.94 100.42
CA GLU LA 15 -54.99 -34.89 101.25
C GLU LA 15 -53.60 -34.50 100.82
N LEU LA 16 -52.85 -35.41 100.19
CA LEU LA 16 -51.57 -35.01 99.61
C LEU LA 16 -51.76 -33.92 98.56
N LEU LA 17 -52.72 -34.12 97.66
CA LEU LA 17 -53.00 -33.13 96.62
C LEU LA 17 -53.53 -31.84 97.22
N LYS LA 18 -54.34 -31.94 98.27
CA LYS LA 18 -54.80 -30.72 98.93
C LYS LA 18 -53.64 -29.93 99.51
N GLN LA 19 -52.70 -30.60 100.15
CA GLN LA 19 -51.53 -29.93 100.70
C GLN LA 19 -50.72 -29.27 99.59
N LEU LA 20 -50.56 -29.97 98.46
CA LEU LA 20 -49.85 -29.39 97.33
C LEU LA 20 -50.55 -28.14 96.83
N ASP LA 21 -51.87 -28.17 96.76
CA ASP LA 21 -52.63 -27.01 96.29
C ASP LA 21 -52.46 -25.82 97.24
N ASP LA 22 -52.47 -26.10 98.54
CA ASP LA 22 -52.25 -25.01 99.49
C ASP LA 22 -50.86 -24.42 99.33
N LEU LA 23 -49.86 -25.27 99.11
CA LEU LA 23 -48.50 -24.77 98.88
C LEU LA 23 -48.42 -23.95 97.61
N LYS LA 24 -49.13 -24.37 96.56
CA LYS LA 24 -49.15 -23.60 95.32
C LYS LA 24 -49.78 -22.23 95.54
N VAL LA 25 -50.87 -22.17 96.31
CA VAL LA 25 -51.50 -20.89 96.61
C VAL LA 25 -50.53 -20.00 97.37
N GLU LA 26 -49.85 -20.57 98.37
CA GLU LA 26 -48.89 -19.80 99.16
C GLU LA 26 -47.77 -19.27 98.29
N LEU LA 27 -47.28 -20.10 97.36
CA LEU LA 27 -46.22 -19.65 96.46
C LEU LA 27 -46.71 -18.53 95.54
N SER LA 28 -47.93 -18.64 95.03
CA SER LA 28 -48.44 -17.59 94.14
C SER LA 28 -48.54 -16.27 94.89
N GLN LA 29 -49.04 -16.29 96.13
CA GLN LA 29 -49.11 -15.06 96.90
C GLN LA 29 -47.72 -14.54 97.24
N LEU LA 30 -46.76 -15.44 97.45
CA LEU LA 30 -45.39 -14.99 97.68
C LEU LA 30 -44.81 -14.30 96.44
N ARG LA 31 -45.11 -14.81 95.25
CA ARG LA 31 -44.67 -14.14 94.03
C ARG LA 31 -45.29 -12.77 93.90
N VAL LA 32 -46.57 -12.65 94.24
CA VAL LA 32 -47.22 -11.34 94.27
C VAL LA 32 -46.49 -10.41 95.22
N ALA LA 33 -46.15 -10.91 96.41
CA ALA LA 33 -45.42 -10.10 97.37
C ALA LA 33 -44.06 -9.68 96.83
N LYS LA 34 -43.39 -10.57 96.10
CA LYS LA 34 -42.10 -10.23 95.52
C LYS LA 34 -42.24 -9.09 94.52
N VAL LA 35 -43.27 -9.14 93.68
CA VAL LA 35 -43.39 -8.11 92.66
C VAL LA 35 -44.01 -6.83 93.19
N THR LA 36 -44.59 -6.85 94.38
CA THR LA 36 -45.17 -5.65 94.99
C THR LA 36 -44.35 -5.17 96.17
N GLY LA 37 -43.03 -5.18 96.04
CA GLY LA 37 -42.17 -4.72 97.11
C GLY LA 37 -41.95 -5.79 98.15
N GLY LA 38 -42.99 -6.12 98.90
CA GLY LA 38 -42.91 -7.19 99.87
C GLY LA 38 -41.91 -6.89 100.98
N ALA LA 39 -41.32 -7.94 101.50
CA ALA LA 39 -40.32 -7.83 102.55
C ALA LA 39 -39.35 -8.98 102.43
N ALA LA 40 -38.24 -8.87 103.17
CA ALA LA 40 -37.18 -9.86 103.07
C ALA LA 40 -37.65 -11.25 103.50
N SER LA 41 -38.46 -11.31 104.55
CA SER LA 41 -38.96 -12.60 105.03
C SER LA 41 -39.81 -13.29 103.96
N LYS LA 42 -40.73 -12.53 103.36
CA LYS LA 42 -41.57 -13.09 102.31
C LYS LA 42 -40.75 -13.48 101.09
N LEU LA 43 -39.72 -12.70 100.77
CA LEU LA 43 -38.86 -13.07 99.66
C LEU LA 43 -38.13 -14.38 99.93
N SER LA 44 -37.63 -14.56 101.16
CA SER LA 44 -36.88 -15.76 101.45
C SER LA 44 -37.76 -16.98 101.60
N LYS LA 45 -39.05 -16.81 101.90
CA LYS LA 45 -39.93 -17.98 102.02
C LYS LA 45 -40.25 -18.63 100.67
N ILE LA 46 -39.94 -17.96 99.55
CA ILE LA 46 -40.24 -18.51 98.24
C ILE LA 46 -39.49 -19.82 98.00
N ARG LA 47 -38.19 -19.83 98.30
CA ARG LA 47 -37.38 -21.02 98.12
C ARG LA 47 -37.93 -22.17 98.95
N VAL LA 48 -38.30 -21.88 100.20
CA VAL LA 48 -38.79 -22.92 101.10
C VAL LA 48 -40.09 -23.51 100.59
N VAL LA 49 -41.01 -22.65 100.14
CA VAL LA 49 -42.28 -23.16 99.62
C VAL LA 49 -42.05 -23.96 98.35
N ARG LA 50 -41.11 -23.54 97.51
CA ARG LA 50 -40.83 -24.30 96.29
C ARG LA 50 -40.30 -25.68 96.61
N LYS LA 51 -39.38 -25.77 97.57
CA LYS LA 51 -38.89 -27.10 97.97
C LYS LA 51 -40.00 -27.93 98.59
N SER LA 52 -40.92 -27.30 99.30
CA SER LA 52 -42.05 -28.04 99.85
C SER LA 52 -42.92 -28.62 98.74
N ILE LA 53 -43.17 -27.84 97.70
CA ILE LA 53 -43.93 -28.33 96.57
C ILE LA 53 -43.20 -29.50 95.92
N ALA LA 54 -41.88 -29.38 95.77
CA ALA LA 54 -41.10 -30.46 95.19
C ALA LA 54 -41.16 -31.73 96.03
N ARG LA 55 -41.11 -31.60 97.35
CA ARG LA 55 -41.19 -32.77 98.21
C ARG LA 55 -42.54 -33.46 98.09
N VAL LA 56 -43.63 -32.68 98.11
CA VAL LA 56 -44.95 -33.28 98.00
C VAL LA 56 -45.11 -33.98 96.65
N LEU LA 57 -44.66 -33.34 95.57
CA LEU LA 57 -44.75 -33.95 94.26
C LEU LA 57 -43.92 -35.22 94.18
N THR LA 58 -42.72 -35.20 94.76
CA THR LA 58 -41.87 -36.38 94.73
C THR LA 58 -42.52 -37.54 95.46
N VAL LA 59 -43.12 -37.27 96.62
CA VAL LA 59 -43.80 -38.33 97.37
C VAL LA 59 -44.97 -38.88 96.56
N ILE LA 60 -45.73 -38.00 95.92
CA ILE LA 60 -46.86 -38.46 95.10
C ILE LA 60 -46.37 -39.38 94.00
N ASN LA 61 -45.35 -38.94 93.27
CA ASN LA 61 -44.87 -39.72 92.13
C ASN LA 61 -44.28 -41.04 92.56
N GLN LA 62 -43.51 -41.05 93.65
CA GLN LA 62 -42.92 -42.29 94.14
C GLN LA 62 -43.99 -43.28 94.57
N THR LA 63 -45.01 -42.79 95.29
CA THR LA 63 -46.10 -43.65 95.70
C THR LA 63 -46.78 -44.27 94.49
N GLN LA 64 -47.08 -43.45 93.48
CA GLN LA 64 -47.72 -43.97 92.27
C GLN LA 64 -46.84 -44.98 91.57
N LYS LA 65 -45.54 -44.72 91.48
CA LYS LA 65 -44.65 -45.60 90.75
C LYS LA 65 -44.53 -46.96 91.43
N GLU LA 66 -44.41 -46.96 92.75
CA GLU LA 66 -44.33 -48.25 93.42
C GLU LA 66 -45.66 -49.00 93.38
N ASN LA 67 -46.78 -48.29 93.37
CA ASN LA 67 -48.06 -48.99 93.18
C ASN LA 67 -48.14 -49.61 91.80
N LEU LA 68 -47.67 -48.90 90.77
CA LEU LA 68 -47.68 -49.46 89.43
C LEU LA 68 -46.75 -50.65 89.32
N ARG LA 69 -45.58 -50.58 89.97
CA ARG LA 69 -44.67 -51.74 89.98
C ARG LA 69 -45.32 -52.92 90.66
N LYS LA 70 -46.03 -52.68 91.76
CA LYS LA 70 -46.75 -53.76 92.43
C LYS LA 70 -47.81 -54.36 91.52
N PHE LA 71 -48.52 -53.52 90.79
CA PHE LA 71 -49.56 -54.02 89.90
C PHE LA 71 -48.97 -54.89 88.80
N TYR LA 72 -47.86 -54.47 88.22
CA TYR LA 72 -47.26 -55.19 87.11
C TYR LA 72 -46.29 -56.27 87.55
N LYS LA 73 -46.14 -56.48 88.86
CA LYS LA 73 -45.33 -57.59 89.36
C LYS LA 73 -45.95 -58.90 88.91
N GLY LA 74 -45.15 -59.74 88.26
CA GLY LA 74 -45.60 -61.04 87.80
C GLY LA 74 -46.28 -61.05 86.45
N LYS LA 75 -46.52 -59.90 85.86
CA LYS LA 75 -47.17 -59.85 84.56
C LYS LA 75 -46.16 -60.04 83.45
N LYS LA 76 -46.62 -60.59 82.32
CA LYS LA 76 -45.69 -60.87 81.23
C LYS LA 76 -45.25 -59.59 80.54
N TYR LA 77 -46.14 -58.62 80.43
CA TYR LA 77 -45.83 -57.37 79.74
C TYR LA 77 -45.90 -56.22 80.73
N LYS LA 78 -44.90 -55.35 80.70
CA LYS LA 78 -44.81 -54.18 81.55
C LYS LA 78 -44.59 -52.96 80.69
N PRO LA 79 -44.93 -51.78 81.19
CA PRO LA 79 -44.56 -50.56 80.48
C PRO LA 79 -43.04 -50.42 80.39
N LEU LA 80 -42.61 -49.76 79.31
CA LEU LA 80 -41.19 -49.64 79.04
C LEU LA 80 -40.47 -48.91 80.17
N ASP LA 81 -41.11 -47.87 80.72
CA ASP LA 81 -40.49 -47.15 81.83
C ASP LA 81 -40.46 -47.95 83.11
N LEU LA 82 -41.26 -49.00 83.22
CA LEU LA 82 -41.12 -49.95 84.31
C LEU LA 82 -40.11 -51.04 84.01
N ARG LA 83 -39.73 -51.21 82.75
CA ARG LA 83 -38.68 -52.15 82.45
C ARG LA 83 -37.32 -51.61 82.86
N PRO LA 84 -36.35 -52.48 83.13
CA PRO LA 84 -35.01 -52.02 83.50
C PRO LA 84 -34.37 -51.16 82.43
N LYS LA 85 -33.60 -50.17 82.89
CA LYS LA 85 -32.99 -49.14 82.07
C LYS LA 85 -31.47 -49.26 82.15
N LYS LA 86 -30.95 -50.49 82.00
CA LYS LA 86 -29.53 -50.68 82.18
C LYS LA 86 -28.72 -49.91 81.16
N THR LA 87 -28.82 -50.31 79.90
CA THR LA 87 -28.06 -49.81 78.77
C THR LA 87 -28.67 -50.45 77.53
N ARG LA 88 -28.74 -49.71 76.43
CA ARG LA 88 -29.29 -50.28 75.22
C ARG LA 88 -28.50 -51.51 74.79
N ALA LA 89 -27.17 -51.45 74.90
CA ALA LA 89 -26.35 -52.60 74.55
C ALA LA 89 -26.56 -53.77 75.51
N MET LA 90 -26.74 -53.47 76.79
CA MET LA 90 -26.87 -54.53 77.79
C MET LA 90 -28.24 -55.18 77.79
N ARG LA 91 -29.27 -54.47 77.32
CA ARG LA 91 -30.60 -55.04 77.28
C ARG LA 91 -30.78 -56.00 76.12
N ARG LA 92 -29.96 -55.93 75.08
CA ARG LA 92 -30.04 -56.85 73.96
C ARG LA 92 -29.26 -58.13 74.19
N ARG LA 93 -28.65 -58.29 75.35
CA ARG LA 93 -27.84 -59.47 75.59
C ARG LA 93 -28.72 -60.70 75.76
N LEU LA 94 -28.08 -61.87 75.67
CA LEU LA 94 -28.74 -63.12 75.96
C LEU LA 94 -28.77 -63.33 77.47
N ASN LA 95 -29.93 -63.68 77.99
CA ASN LA 95 -30.09 -63.80 79.44
C ASN LA 95 -29.27 -64.97 79.97
N LYS LA 96 -29.30 -65.12 81.29
CA LYS LA 96 -28.46 -66.12 81.95
C LYS LA 96 -28.84 -67.52 81.51
N HIS LA 97 -30.15 -67.78 81.36
CA HIS LA 97 -30.62 -69.10 80.97
C HIS LA 97 -30.09 -69.49 79.60
N GLU LA 98 -30.25 -68.63 78.61
CA GLU LA 98 -29.82 -68.95 77.25
C GLU LA 98 -28.32 -68.76 77.04
N GLU LA 99 -27.62 -68.09 77.94
CA GLU LA 99 -26.17 -68.10 77.88
C GLU LA 99 -25.57 -69.28 78.61
N ASN LA 100 -26.35 -69.96 79.44
CA ASN LA 100 -25.85 -71.13 80.15
C ASN LA 100 -26.21 -72.44 79.48
N LEU LA 101 -27.36 -72.54 78.83
CA LEU LA 101 -27.76 -73.81 78.22
C LEU LA 101 -26.83 -74.17 77.07
N LYS LA 102 -26.57 -75.47 76.92
CA LYS LA 102 -25.62 -76.00 75.95
C LYS LA 102 -26.28 -77.09 75.12
N THR LA 103 -25.62 -77.49 74.04
CA THR LA 103 -26.16 -78.53 73.19
C THR LA 103 -26.12 -79.88 73.90
N LYS LA 104 -26.94 -80.81 73.40
CA LYS LA 104 -26.90 -82.16 73.90
C LYS LA 104 -25.54 -82.80 73.64
N LYS LA 105 -24.92 -82.48 72.49
CA LYS LA 105 -23.59 -82.99 72.21
C LYS LA 105 -22.56 -82.45 73.20
N GLN LA 106 -22.64 -81.16 73.52
CA GLN LA 106 -21.76 -80.57 74.53
C GLN LA 106 -21.97 -81.22 75.89
N GLN LA 107 -23.23 -81.44 76.27
CA GLN LA 107 -23.52 -82.08 77.56
C GLN LA 107 -22.97 -83.50 77.61
N ARG LA 108 -23.11 -84.24 76.52
CA ARG LA 108 -22.56 -85.59 76.47
C ARG LA 108 -21.04 -85.57 76.57
N LYS LA 109 -20.40 -84.61 75.89
CA LYS LA 109 -18.95 -84.47 75.99
C LYS LA 109 -18.52 -84.24 77.43
N GLU LA 110 -19.20 -83.32 78.13
CA GLU LA 110 -18.81 -83.03 79.51
C GLU LA 110 -19.10 -84.19 80.44
N ARG LA 111 -20.21 -84.90 80.21
CA ARG LA 111 -20.52 -86.05 81.05
C ARG LA 111 -19.48 -87.15 80.87
N LEU LA 112 -19.00 -87.35 79.65
CA LEU LA 112 -18.07 -88.45 79.43
C LEU LA 112 -16.64 -88.10 79.81
N TYR LA 113 -16.16 -86.93 79.41
CA TYR LA 113 -14.74 -86.58 79.54
C TYR LA 113 -14.65 -85.27 80.32
N PRO LA 114 -14.75 -85.33 81.63
CA PRO LA 114 -14.62 -84.12 82.45
C PRO LA 114 -13.15 -83.74 82.63
N LEU LA 115 -12.94 -82.52 83.11
CA LEU LA 115 -11.60 -82.07 83.41
C LEU LA 115 -11.15 -82.68 84.74
N ARG LA 116 -10.06 -83.42 84.71
CA ARG LA 116 -9.55 -84.06 85.91
C ARG LA 116 -8.59 -83.14 86.64
N LYS LA 117 -8.56 -83.27 87.96
CA LYS LA 117 -7.59 -82.57 88.79
C LYS LA 117 -6.43 -83.52 89.04
N TYR LA 118 -5.24 -83.10 88.66
CA TYR LA 118 -4.09 -84.00 88.65
C TYR LA 118 -2.85 -83.22 89.06
N ALA LA 119 -1.74 -83.94 89.13
CA ALA LA 119 -0.45 -83.36 89.46
C ALA LA 119 0.62 -84.30 88.91
N VAL LA 120 1.85 -83.82 88.91
CA VAL LA 120 2.98 -84.58 88.40
C VAL LA 120 4.00 -84.71 89.51
N LYS LA 121 4.50 -85.93 89.72
CA LYS LA 121 5.57 -86.15 90.67
C LYS LA 121 6.86 -85.55 90.13
N ALA LA 122 7.69 -85.09 91.05
CA ALA LA 122 8.97 -84.48 90.69
C ALA LA 122 9.85 -85.47 89.94
N ALA MA 1 35.09 -99.03 57.43
CA ALA MA 1 34.25 -99.92 56.63
C ALA MA 1 33.92 -99.29 55.29
N LEU MA 2 32.98 -99.88 54.57
CA LEU MA 2 32.65 -99.42 53.23
C LEU MA 2 31.40 -98.55 53.20
N ARG MA 3 30.27 -99.08 53.65
CA ARG MA 3 29.01 -98.35 53.60
C ARG MA 3 28.96 -97.35 54.74
N TYR MA 4 29.10 -96.08 54.42
CA TYR MA 4 28.88 -95.05 55.40
C TYR MA 4 27.70 -94.20 54.98
N PRO MA 5 26.77 -93.93 55.89
CA PRO MA 5 25.59 -93.12 55.54
C PRO MA 5 26.03 -91.73 55.13
N MET MA 6 25.89 -91.44 53.85
CA MET MA 6 26.39 -90.20 53.27
C MET MA 6 25.25 -89.21 53.11
N ALA MA 7 25.59 -87.94 53.27
CA ALA MA 7 24.60 -86.89 53.08
C ALA MA 7 24.35 -86.57 51.62
N VAL MA 8 25.13 -87.15 50.71
CA VAL MA 8 24.94 -86.94 49.29
C VAL MA 8 24.95 -88.30 48.59
N GLY MA 9 24.32 -88.34 47.42
CA GLY MA 9 24.28 -89.56 46.65
C GLY MA 9 22.87 -90.10 46.51
N LEU MA 10 22.78 -91.22 45.79
CA LEU MA 10 21.48 -91.82 45.48
C LEU MA 10 20.82 -92.40 46.72
N ASN MA 11 21.61 -92.79 47.70
CA ASN MA 11 21.10 -93.38 48.93
C ASN MA 11 21.45 -92.50 50.12
N LYS MA 12 21.26 -91.20 49.95
CA LYS MA 12 21.63 -90.23 50.96
C LYS MA 12 20.66 -90.27 52.14
N GLY MA 13 20.99 -89.51 53.17
CA GLY MA 13 20.13 -89.37 54.31
C GLY MA 13 20.50 -90.31 55.44
N HIS MA 14 20.22 -89.87 56.65
CA HIS MA 14 20.38 -90.72 57.82
C HIS MA 14 19.41 -91.89 57.75
N LYS MA 15 19.81 -93.01 58.31
CA LYS MA 15 19.05 -94.25 58.18
C LYS MA 15 18.15 -94.45 59.39
N VAL MA 16 16.87 -94.70 59.12
CA VAL MA 16 15.89 -95.03 60.16
C VAL MA 16 15.01 -96.14 59.61
N THR MA 17 14.23 -96.74 60.50
CA THR MA 17 13.26 -97.75 60.11
C THR MA 17 11.89 -97.09 59.96
N LYS MA 18 11.31 -97.18 58.78
CA LYS MA 18 10.10 -96.44 58.50
C LYS MA 18 8.92 -97.08 59.20
N ASN MA 19 8.00 -96.23 59.64
CA ASN MA 19 6.81 -96.64 60.38
C ASN MA 19 5.68 -96.83 59.38
N VAL MA 20 5.53 -98.04 58.87
CA VAL MA 20 4.47 -98.33 57.91
C VAL MA 20 3.16 -98.51 58.66
N SER MA 21 2.15 -97.75 58.24
CA SER MA 21 0.82 -97.83 58.84
C SER MA 21 -0.19 -97.34 57.81
N LYS MA 22 -1.46 -97.58 58.10
CA LYS MA 22 -2.51 -97.23 57.16
C LYS MA 22 -2.57 -95.73 56.97
N PRO MA 23 -2.88 -95.25 55.77
CA PRO MA 23 -2.89 -93.80 55.52
C PRO MA 23 -4.05 -93.11 56.22
N ARG MA 24 -3.94 -91.79 56.29
CA ARG MA 24 -4.99 -90.97 56.85
C ARG MA 24 -6.25 -91.05 55.99
N HIS MA 25 -7.40 -90.88 56.64
CA HIS MA 25 -8.67 -91.00 55.95
C HIS MA 25 -8.90 -89.90 54.93
N SER MA 26 -8.21 -88.76 55.06
CA SER MA 26 -8.40 -87.67 54.10
C SER MA 26 -7.88 -88.02 52.72
N ARG MA 27 -6.91 -88.93 52.64
CA ARG MA 27 -6.40 -89.37 51.34
C ARG MA 27 -7.44 -90.18 50.58
N ARG MA 28 -8.46 -90.68 51.27
CA ARG MA 28 -9.54 -91.41 50.62
C ARG MA 28 -10.45 -90.48 49.84
N ARG MA 29 -10.45 -89.19 50.14
CA ARG MA 29 -11.32 -88.26 49.44
C ARG MA 29 -11.05 -88.29 47.95
N GLY MA 30 -12.10 -88.40 47.16
CA GLY MA 30 -11.97 -88.52 45.74
C GLY MA 30 -12.14 -89.92 45.18
N ARG MA 31 -12.13 -90.95 46.03
CA ARG MA 31 -12.49 -92.27 45.55
C ARG MA 31 -13.94 -92.27 45.12
N LEU MA 32 -14.23 -92.93 44.01
CA LEU MA 32 -15.58 -92.99 43.48
C LEU MA 32 -16.32 -94.13 44.14
N THR MA 33 -17.21 -93.81 45.07
CA THR MA 33 -17.99 -94.84 45.71
C THR MA 33 -19.04 -95.36 44.74
N LYS MA 34 -19.54 -96.55 45.02
CA LYS MA 34 -20.52 -97.18 44.14
C LYS MA 34 -21.79 -96.35 44.03
N HIS MA 35 -22.30 -95.88 45.17
CA HIS MA 35 -23.53 -95.11 45.17
C HIS MA 35 -23.36 -93.74 44.55
N THR MA 36 -22.22 -93.08 44.77
CA THR MA 36 -21.97 -91.80 44.11
C THR MA 36 -21.86 -91.98 42.61
N LYS MA 37 -21.20 -93.04 42.17
CA LYS MA 37 -21.12 -93.32 40.75
C LYS MA 37 -22.51 -93.57 40.16
N PHE MA 38 -23.34 -94.33 40.87
CA PHE MA 38 -24.70 -94.59 40.41
C PHE MA 38 -25.51 -93.32 40.30
N VAL MA 39 -25.39 -92.44 41.30
CA VAL MA 39 -26.11 -91.17 41.28
C VAL MA 39 -25.68 -90.33 40.09
N ARG MA 40 -24.37 -90.25 39.86
CA ARG MA 40 -23.88 -89.44 38.74
C ARG MA 40 -24.31 -90.02 37.40
N ASP MA 41 -24.32 -91.36 37.29
CA ASP MA 41 -24.78 -92.01 36.07
C ASP MA 41 -26.25 -91.70 35.82
N MET MA 42 -27.07 -91.75 36.86
CA MET MA 42 -28.48 -91.41 36.72
C MET MA 42 -28.66 -89.95 36.33
N ILE MA 43 -27.85 -89.06 36.91
CA ILE MA 43 -27.96 -87.65 36.60
C ILE MA 43 -27.59 -87.39 35.15
N ARG MA 44 -26.55 -88.09 34.66
CA ARG MA 44 -26.23 -88.04 33.23
C ARG MA 44 -27.38 -88.56 32.39
N GLU MA 45 -28.07 -89.60 32.86
CA GLU MA 45 -29.22 -90.12 32.14
C GLU MA 45 -30.32 -89.07 32.02
N VAL MA 46 -30.62 -88.39 33.12
CA VAL MA 46 -31.66 -87.36 33.09
C VAL MA 46 -31.24 -86.20 32.22
N CYS MA 47 -30.01 -85.74 32.36
CA CYS MA 47 -29.58 -84.49 31.73
C CYS MA 47 -29.23 -84.69 30.26
N GLY MA 48 -28.21 -85.49 29.99
CA GLY MA 48 -27.64 -85.53 28.66
C GLY MA 48 -26.26 -84.92 28.70
N PHE MA 49 -25.79 -84.40 27.56
CA PHE MA 49 -24.43 -83.91 27.45
C PHE MA 49 -24.44 -82.43 27.10
N ALA MA 50 -23.34 -81.76 27.47
CA ALA MA 50 -23.16 -80.36 27.15
C ALA MA 50 -22.92 -80.18 25.66
N PRO MA 51 -23.20 -78.99 25.12
CA PRO MA 51 -22.94 -78.77 23.68
C PRO MA 51 -21.49 -78.95 23.27
N TYR MA 52 -20.53 -78.50 24.09
CA TYR MA 52 -19.14 -78.71 23.71
C TYR MA 52 -18.77 -80.17 23.78
N GLU MA 53 -19.36 -80.91 24.71
CA GLU MA 53 -19.16 -82.36 24.72
C GLU MA 53 -19.78 -83.01 23.49
N ARG MA 54 -20.90 -82.49 23.01
CA ARG MA 54 -21.47 -83.00 21.77
C ARG MA 54 -20.57 -82.75 20.58
N ARG MA 55 -19.99 -81.55 20.51
CA ARG MA 55 -19.07 -81.23 19.42
C ARG MA 55 -17.85 -82.13 19.47
N ALA MA 56 -17.29 -82.33 20.66
CA ALA MA 56 -16.17 -83.25 20.80
C ALA MA 56 -16.58 -84.68 20.47
N MET MA 57 -17.83 -85.05 20.75
CA MET MA 57 -18.31 -86.38 20.40
C MET MA 57 -18.35 -86.57 18.89
N GLU MA 58 -18.77 -85.56 18.15
CA GLU MA 58 -18.75 -85.68 16.70
C GLU MA 58 -17.31 -85.71 16.16
N LEU MA 59 -16.43 -84.89 16.75
CA LEU MA 59 -15.04 -84.93 16.35
C LEU MA 59 -14.42 -86.29 16.61
N LEU MA 60 -14.84 -86.96 17.68
CA LEU MA 60 -14.39 -88.31 17.94
C LEU MA 60 -15.02 -89.32 17.00
N LYS MA 61 -16.28 -89.07 16.61
CA LYS MA 61 -16.96 -89.99 15.68
C LYS MA 61 -16.24 -90.04 14.35
N VAL MA 62 -15.76 -88.89 13.87
CA VAL MA 62 -15.09 -88.89 12.58
C VAL MA 62 -13.60 -89.13 12.75
N SER MA 63 -13.19 -89.63 13.91
CA SER MA 63 -11.81 -90.02 14.20
C SER MA 63 -10.83 -88.85 14.07
N LYS MA 64 -11.32 -87.63 14.29
CA LYS MA 64 -10.45 -86.46 14.37
C LYS MA 64 -10.02 -86.27 15.82
N ASP MA 65 -9.21 -87.23 16.28
CA ASP MA 65 -8.90 -87.32 17.71
C ASP MA 65 -8.06 -86.13 18.18
N LYS MA 66 -7.06 -85.73 17.40
CA LYS MA 66 -6.21 -84.64 17.84
C LYS MA 66 -6.94 -83.31 17.82
N ARG MA 67 -7.76 -83.08 16.79
CA ARG MA 67 -8.58 -81.88 16.78
C ARG MA 67 -9.56 -81.87 17.93
N ALA MA 68 -10.13 -83.03 18.26
CA ALA MA 68 -11.01 -83.11 19.42
C ALA MA 68 -10.28 -82.78 20.70
N LEU MA 69 -9.05 -83.28 20.83
CA LEU MA 69 -8.28 -82.99 22.03
C LEU MA 69 -7.94 -81.51 22.14
N LYS MA 70 -7.57 -80.89 21.03
CA LYS MA 70 -7.30 -79.46 21.07
C LYS MA 70 -8.54 -78.66 21.41
N PHE MA 71 -9.70 -79.07 20.89
CA PHE MA 71 -10.94 -78.36 21.18
C PHE MA 71 -11.32 -78.49 22.66
N ILE MA 72 -11.20 -79.70 23.21
CA ILE MA 72 -11.50 -79.90 24.62
C ILE MA 72 -10.51 -79.15 25.47
N LYS MA 73 -9.25 -79.08 25.05
CA LYS MA 73 -8.26 -78.29 25.79
C LYS MA 73 -8.61 -76.82 25.75
N LYS MA 74 -9.03 -76.31 24.60
CA LYS MA 74 -9.46 -74.92 24.51
C LYS MA 74 -10.68 -74.65 25.37
N ARG MA 75 -11.52 -75.65 25.59
CA ARG MA 75 -12.70 -75.45 26.42
C ARG MA 75 -12.39 -75.55 27.92
N VAL MA 76 -11.93 -76.72 28.37
CA VAL MA 76 -11.76 -76.92 29.82
C VAL MA 76 -10.47 -76.34 30.34
N GLY MA 77 -9.52 -76.00 29.47
CA GLY MA 77 -8.39 -75.18 29.85
C GLY MA 77 -7.07 -75.91 30.01
N THR MA 78 -7.09 -77.18 30.41
CA THR MA 78 -5.85 -77.88 30.75
C THR MA 78 -5.73 -79.14 29.91
N HIS MA 79 -4.50 -79.45 29.52
CA HIS MA 79 -4.24 -80.65 28.74
C HIS MA 79 -4.59 -81.91 29.51
N ILE MA 80 -4.33 -81.91 30.82
CA ILE MA 80 -4.59 -83.10 31.64
C ILE MA 80 -6.08 -83.38 31.70
N ARG MA 81 -6.87 -82.37 32.06
CA ARG MA 81 -8.30 -82.54 32.12
C ARG MA 81 -8.89 -82.82 30.76
N ALA MA 82 -8.31 -82.24 29.71
CA ALA MA 82 -8.78 -82.53 28.36
C ALA MA 82 -8.54 -83.98 27.99
N LYS MA 83 -7.38 -84.55 28.34
CA LYS MA 83 -7.13 -85.96 28.06
C LYS MA 83 -8.12 -86.85 28.81
N ARG MA 84 -8.34 -86.55 30.10
CA ARG MA 84 -9.29 -87.35 30.86
C ARG MA 84 -10.70 -87.24 30.28
N LYS MA 85 -11.12 -86.03 29.92
CA LYS MA 85 -12.46 -85.82 29.40
C LYS MA 85 -12.65 -86.49 28.05
N ARG MA 86 -11.65 -86.42 27.18
CA ARG MA 86 -11.76 -87.06 25.88
C ARG MA 86 -11.77 -88.57 26.03
N GLU MA 87 -11.01 -89.10 26.98
CA GLU MA 87 -11.07 -90.53 27.23
C GLU MA 87 -12.46 -90.94 27.70
N GLU MA 88 -13.07 -90.14 28.59
CA GLU MA 88 -14.43 -90.42 29.03
C GLU MA 88 -15.41 -90.37 27.86
N LEU MA 89 -15.27 -89.38 26.99
CA LEU MA 89 -16.17 -89.25 25.85
C LEU MA 89 -16.01 -90.43 24.90
N SER MA 90 -14.78 -90.86 24.65
CA SER MA 90 -14.59 -92.02 23.78
C SER MA 90 -15.17 -93.27 24.41
N ASN MA 91 -15.07 -93.41 25.73
CA ASN MA 91 -15.68 -94.56 26.39
C ASN MA 91 -17.19 -94.57 26.20
N VAL MA 92 -17.84 -93.42 26.41
CA VAL MA 92 -19.30 -93.42 26.30
C VAL MA 92 -19.72 -93.56 24.84
N LEU MA 93 -18.92 -93.07 23.90
CA LEU MA 93 -19.21 -93.30 22.49
C LEU MA 93 -19.12 -94.77 22.15
N ALA MA 94 -18.12 -95.47 22.70
CA ALA MA 94 -18.03 -96.91 22.47
C ALA MA 94 -19.20 -97.64 23.10
N ALA MA 95 -19.67 -97.16 24.25
CA ALA MA 95 -20.85 -97.75 24.87
C ALA MA 95 -22.08 -97.58 23.98
N MET MA 96 -22.24 -96.40 23.39
CA MET MA 96 -23.34 -96.20 22.45
C MET MA 96 -23.18 -97.08 21.21
N ARG MA 97 -21.95 -97.26 20.74
CA ARG MA 97 -21.71 -98.11 19.58
C ARG MA 97 -22.10 -99.56 19.86
N LYS MA 98 -21.69 -100.09 21.01
CA LYS MA 98 -22.07 -101.47 21.31
C LYS MA 98 -23.57 -101.59 21.54
N ALA MA 99 -24.20 -100.57 22.13
CA ALA MA 99 -25.65 -100.62 22.33
C ALA MA 99 -26.39 -100.62 21.00
N ALA MA 100 -25.87 -99.88 20.01
CA ALA MA 100 -26.42 -99.97 18.67
C ALA MA 100 -26.15 -101.33 18.03
N ALA MA 101 -25.03 -101.95 18.38
CA ALA MA 101 -24.76 -103.30 17.91
C ALA MA 101 -25.79 -104.29 18.45
N LYS MA 102 -26.16 -104.17 19.71
CA LYS MA 102 -27.15 -105.06 20.31
C LYS MA 102 -28.35 -104.30 20.86
N THR NA 1 -19.85 -0.62 40.98
CA THR NA 1 -18.47 -0.58 41.45
C THR NA 1 -18.23 -1.63 42.52
N LYS NA 2 -17.17 -2.41 42.33
CA LYS NA 2 -16.91 -3.59 43.14
C LYS NA 2 -16.60 -3.28 44.59
N GLY NA 3 -16.33 -2.03 44.94
CA GLY NA 3 -15.90 -1.73 46.29
C GLY NA 3 -17.02 -1.37 47.26
N THR NA 4 -16.89 -0.20 47.88
CA THR NA 4 -17.83 0.21 48.92
C THR NA 4 -19.25 0.29 48.38
N SER NA 5 -19.42 0.77 47.14
CA SER NA 5 -20.75 1.00 46.61
C SER NA 5 -21.55 -0.30 46.53
N SER NA 6 -20.91 -1.39 46.11
CA SER NA 6 -21.60 -2.67 46.03
C SER NA 6 -22.01 -3.18 47.39
N PHE NA 7 -21.27 -2.81 48.44
CA PHE NA 7 -21.59 -3.27 49.78
C PHE NA 7 -22.88 -2.68 50.33
N GLY NA 8 -23.45 -1.67 49.67
CA GLY NA 8 -24.71 -1.16 50.14
C GLY NA 8 -25.92 -1.97 49.74
N LYS NA 9 -25.73 -2.97 48.88
CA LYS NA 9 -26.85 -3.75 48.37
C LYS NA 9 -27.15 -4.98 49.19
N ARG NA 10 -26.23 -5.40 50.06
CA ARG NA 10 -26.39 -6.69 50.74
C ARG NA 10 -27.38 -6.52 51.88
N ARG NA 11 -28.59 -7.04 51.69
CA ARG NA 11 -29.62 -6.98 52.71
C ARG NA 11 -30.46 -8.23 52.78
N ASN NA 12 -30.15 -9.27 52.02
CA ASN NA 12 -30.89 -10.51 52.01
C ASN NA 12 -30.05 -11.61 52.63
N LYS NA 13 -30.50 -12.15 53.75
CA LYS NA 13 -29.72 -13.18 54.42
C LYS NA 13 -29.72 -14.46 53.61
N THR NA 14 -28.53 -15.00 53.36
CA THR NA 14 -28.43 -16.28 52.68
C THR NA 14 -28.61 -17.43 53.66
N HIS NA 15 -27.81 -17.44 54.72
CA HIS NA 15 -27.87 -18.47 55.73
C HIS NA 15 -28.74 -18.00 56.89
N THR NA 16 -29.17 -18.96 57.71
CA THR NA 16 -30.00 -18.68 58.87
C THR NA 16 -29.69 -19.71 59.95
N LEU NA 17 -30.36 -19.58 61.09
CA LEU NA 17 -30.12 -20.48 62.19
C LEU NA 17 -30.67 -21.87 61.92
N CYS NA 18 -29.84 -22.88 62.12
CA CYS NA 18 -30.21 -24.26 61.90
C CYS NA 18 -30.82 -24.84 63.17
N ARG NA 19 -31.94 -25.56 63.02
CA ARG NA 19 -32.63 -26.07 64.20
C ARG NA 19 -31.78 -27.09 64.94
N ARG NA 20 -31.09 -27.96 64.20
CA ARG NA 20 -29.99 -28.72 64.75
C ARG NA 20 -28.75 -27.84 64.76
N CYS NA 21 -27.88 -28.07 65.75
CA CYS NA 21 -26.52 -27.52 65.85
C CYS NA 21 -26.45 -26.01 66.07
N GLY NA 22 -27.58 -25.31 66.00
CA GLY NA 22 -27.67 -23.92 66.43
C GLY NA 22 -26.75 -22.94 65.74
N SER NA 23 -26.21 -23.27 64.59
CA SER NA 23 -25.31 -22.38 63.88
C SER NA 23 -26.03 -21.68 62.75
N LYS NA 24 -25.57 -20.48 62.41
CA LYS NA 24 -26.15 -19.68 61.34
C LYS NA 24 -25.58 -20.12 59.99
N ALA NA 25 -25.79 -21.39 59.68
CA ALA NA 25 -25.27 -22.00 58.46
C ALA NA 25 -26.37 -22.60 57.61
N TYR NA 26 -27.61 -22.57 58.05
CA TYR NA 26 -28.69 -23.19 57.31
C TYR NA 26 -28.98 -22.38 56.06
N HIS NA 27 -28.43 -22.82 54.94
CA HIS NA 27 -28.68 -22.16 53.66
C HIS NA 27 -30.17 -22.18 53.37
N LEU NA 28 -30.77 -21.00 53.27
CA LEU NA 28 -32.21 -20.93 53.07
C LEU NA 28 -32.61 -21.42 51.69
N GLN NA 29 -31.93 -20.92 50.65
CA GLN NA 29 -32.28 -21.25 49.28
C GLN NA 29 -31.95 -22.68 48.92
N LYS NA 30 -31.10 -23.35 49.69
CA LYS NA 30 -30.74 -24.75 49.45
C LYS NA 30 -31.33 -25.70 50.46
N SER NA 31 -31.89 -25.20 51.56
CA SER NA 31 -32.52 -26.03 52.59
C SER NA 31 -31.58 -27.06 53.16
N THR NA 32 -30.34 -26.66 53.44
CA THR NA 32 -29.32 -27.57 53.96
C THR NA 32 -28.36 -26.79 54.84
N CYS NA 33 -28.09 -27.30 56.04
CA CYS NA 33 -27.12 -26.65 56.91
C CYS NA 33 -25.71 -26.82 56.36
N GLY NA 34 -24.92 -25.75 56.44
CA GLY NA 34 -23.55 -25.82 55.98
C GLY NA 34 -22.58 -26.42 56.97
N LYS NA 35 -22.98 -26.57 58.23
CA LYS NA 35 -22.13 -27.11 59.27
C LYS NA 35 -22.49 -28.54 59.64
N CYS NA 36 -23.77 -28.83 59.85
CA CYS NA 36 -24.19 -30.18 60.17
C CYS NA 36 -24.90 -30.89 59.02
N GLY NA 37 -25.38 -30.15 58.02
CA GLY NA 37 -26.13 -30.75 56.94
C GLY NA 37 -27.43 -31.32 57.46
N TYR NA 38 -28.33 -30.42 57.89
CA TYR NA 38 -29.42 -30.85 58.76
C TYR NA 38 -30.39 -31.85 58.15
N PRO NA 39 -30.94 -31.66 56.95
CA PRO NA 39 -31.89 -32.65 56.44
C PRO NA 39 -31.29 -34.03 56.31
N ALA NA 40 -29.98 -34.11 56.04
CA ALA NA 40 -29.30 -35.39 56.06
C ALA NA 40 -29.29 -35.97 57.46
N LYS NA 41 -29.42 -37.28 57.54
CA LYS NA 41 -29.50 -37.96 58.84
C LYS NA 41 -28.19 -37.83 59.61
N ARG NA 42 -27.07 -38.01 58.93
CA ARG NA 42 -25.77 -38.07 59.58
C ARG NA 42 -25.16 -36.68 59.71
N LYS NA 43 -24.34 -36.52 60.73
CA LYS NA 43 -23.67 -35.26 60.96
C LYS NA 43 -22.56 -35.03 59.95
N ARG NA 44 -22.51 -33.82 59.40
CA ARG NA 44 -21.46 -33.45 58.46
C ARG NA 44 -20.16 -33.28 59.22
N LYS NA 45 -19.21 -34.20 59.00
CA LYS NA 45 -17.98 -34.27 59.77
C LYS NA 45 -16.86 -34.70 58.86
N TYR NA 46 -15.68 -34.09 59.02
CA TYR NA 46 -14.59 -34.31 58.10
C TYR NA 46 -13.27 -34.38 58.85
N ASN NA 47 -12.43 -35.33 58.45
CA ASN NA 47 -11.14 -35.55 59.09
C ASN NA 47 -10.11 -34.51 58.69
N TRP NA 48 -10.33 -33.78 57.61
CA TRP NA 48 -9.35 -32.75 57.29
C TRP NA 48 -9.45 -31.55 58.22
N SER NA 49 -10.51 -31.43 59.00
CA SER NA 49 -10.66 -30.31 59.93
C SER NA 49 -10.78 -30.86 61.34
N ALA NA 50 -9.63 -31.14 61.95
CA ALA NA 50 -9.63 -31.68 63.31
C ALA NA 50 -10.05 -30.62 64.32
N LYS NA 51 -9.69 -29.36 64.07
CA LYS NA 51 -10.13 -28.29 64.95
C LYS NA 51 -11.65 -28.18 64.96
N ALA NA 52 -12.27 -28.22 63.78
CA ALA NA 52 -13.72 -28.16 63.74
C ALA NA 52 -14.36 -29.41 64.32
N LYS NA 53 -13.70 -30.57 64.17
CA LYS NA 53 -14.22 -31.76 64.82
C LYS NA 53 -14.21 -31.62 66.33
N ARG NA 54 -13.15 -31.05 66.88
CA ARG NA 54 -13.09 -30.88 68.32
C ARG NA 54 -13.94 -29.73 68.83
N ARG NA 55 -14.36 -28.82 67.96
CA ARG NA 55 -15.28 -27.78 68.40
C ARG NA 55 -16.64 -28.33 68.78
N ASN NA 56 -17.01 -29.51 68.29
CA ASN NA 56 -18.36 -30.03 68.50
C ASN NA 56 -18.36 -31.49 68.90
N THR NA 57 -17.21 -32.09 69.18
CA THR NA 57 -17.19 -33.48 69.58
C THR NA 57 -17.92 -33.69 70.90
N THR NA 58 -18.09 -34.96 71.27
CA THR NA 58 -18.76 -35.30 72.52
C THR NA 58 -17.97 -34.76 73.70
N GLY NA 59 -18.68 -34.08 74.60
CA GLY NA 59 -18.04 -33.47 75.75
C GLY NA 59 -17.80 -31.99 75.60
N THR NA 60 -17.99 -31.43 74.41
CA THR NA 60 -17.92 -29.98 74.25
C THR NA 60 -19.23 -29.31 74.62
N GLY NA 61 -20.22 -30.09 75.02
CA GLY NA 61 -21.50 -29.54 75.41
C GLY NA 61 -21.82 -29.83 76.86
N ARG NA 62 -22.90 -30.59 77.07
CA ARG NA 62 -23.43 -30.79 78.40
C ARG NA 62 -23.39 -32.23 78.86
N MET NA 63 -23.59 -33.19 77.96
CA MET NA 63 -23.47 -34.62 78.24
C MET NA 63 -24.39 -35.05 79.37
N ARG NA 64 -25.65 -34.62 79.27
CA ARG NA 64 -26.60 -34.81 80.38
C ARG NA 64 -26.82 -36.29 80.69
N HIS NA 65 -26.83 -37.13 79.67
CA HIS NA 65 -27.04 -38.55 79.86
C HIS NA 65 -25.74 -39.32 80.08
N LEU NA 66 -24.68 -38.92 79.37
CA LEU NA 66 -23.41 -39.62 79.51
C LEU NA 66 -22.79 -39.40 80.88
N LYS NA 67 -22.98 -38.22 81.47
CA LYS NA 67 -22.40 -37.99 82.78
C LYS NA 67 -23.15 -38.72 83.90
N ILE NA 68 -24.31 -39.29 83.61
CA ILE NA 68 -24.96 -40.20 84.55
C ILE NA 68 -24.63 -41.65 84.23
N VAL NA 69 -24.43 -41.96 82.95
CA VAL NA 69 -24.01 -43.31 82.58
C VAL NA 69 -22.62 -43.60 83.15
N TYR NA 70 -21.70 -42.63 83.07
CA TYR NA 70 -20.36 -42.83 83.62
C TYR NA 70 -20.43 -43.10 85.11
N ARG NA 71 -21.28 -42.35 85.82
CA ARG NA 71 -21.45 -42.56 87.25
C ARG NA 71 -22.03 -43.94 87.54
N ARG NA 72 -22.98 -44.38 86.73
CA ARG NA 72 -23.60 -45.68 86.96
C ARG NA 72 -22.67 -46.83 86.63
N PHE NA 73 -21.69 -46.61 85.77
CA PHE NA 73 -20.76 -47.69 85.43
C PHE NA 73 -19.97 -48.15 86.64
N ARG NA 74 -19.58 -47.23 87.52
CA ARG NA 74 -18.76 -47.61 88.67
C ARG NA 74 -19.49 -48.53 89.62
N HIS NA 75 -20.83 -48.50 89.64
CA HIS NA 75 -21.59 -49.40 90.48
C HIS NA 75 -22.31 -50.46 89.66
N GLY NA 76 -22.06 -50.52 88.35
CA GLY NA 76 -22.53 -51.65 87.59
C GLY NA 76 -23.96 -51.57 87.11
N PHE NA 77 -24.47 -50.35 86.89
CA PHE NA 77 -25.80 -50.12 86.33
C PHE NA 77 -26.88 -50.82 87.15
N ARG NA 78 -26.77 -50.69 88.47
CA ARG NA 78 -27.77 -51.27 89.35
C ARG NA 78 -29.09 -50.51 89.23
N GLU NA 79 -30.20 -51.24 89.31
CA GLU NA 79 -31.52 -50.63 89.34
C GLU NA 79 -32.40 -51.41 90.31
N GLY NA 80 -33.55 -50.83 90.60
CA GLY NA 80 -34.53 -51.47 91.44
C GLY NA 80 -34.10 -51.74 92.87
N THR NA 81 -33.01 -51.11 93.32
CA THR NA 81 -32.48 -51.36 94.64
C THR NA 81 -32.22 -50.01 95.31
N THR NA 82 -32.30 -50.02 96.64
CA THR NA 82 -32.14 -48.81 97.42
C THR NA 82 -31.19 -49.06 98.58
N PRO NA 83 -30.52 -48.01 99.07
CA PRO NA 83 -29.65 -48.20 100.23
C PRO NA 83 -30.45 -48.59 101.46
N LYS NA 84 -29.77 -49.24 102.39
CA LYS NA 84 -30.43 -49.80 103.57
C LYS NA 84 -31.00 -48.67 104.44
N PRO NA 85 -32.30 -48.66 104.72
CA PRO NA 85 -32.89 -47.53 105.44
C PRO NA 85 -32.47 -47.48 106.89
N LYS NA 86 -32.43 -46.28 107.42
CA LYS NA 86 -32.06 -46.08 108.81
C LYS NA 86 -33.19 -46.53 109.75
N PRO OA 1 -77.21 0.96 60.62
CA PRO OA 1 -78.44 1.54 61.17
C PRO OA 1 -79.62 1.37 60.24
N ARG OA 2 -80.80 1.23 60.83
CA ARG OA 2 -82.03 1.10 60.07
C ARG OA 2 -83.01 2.17 60.50
N LYS OA 3 -83.71 2.74 59.52
CA LYS OA 3 -84.64 3.83 59.76
C LYS OA 3 -86.07 3.30 59.68
N ILE OA 4 -86.85 3.56 60.73
CA ILE OA 4 -88.23 3.13 60.80
C ILE OA 4 -89.10 4.36 60.54
N GLU OA 5 -89.95 4.28 59.52
CA GLU OA 5 -90.86 5.37 59.19
C GLU OA 5 -92.29 5.08 59.63
N GLU OA 6 -92.52 4.00 60.37
CA GLU OA 6 -93.84 3.64 60.85
C GLU OA 6 -93.83 3.58 62.37
N ILE OA 7 -94.74 4.33 62.99
CA ILE OA 7 -94.75 4.47 64.45
C ILE OA 7 -95.03 3.14 65.12
N LYS OA 8 -96.04 2.41 64.61
CA LYS OA 8 -96.37 1.12 65.19
C LYS OA 8 -95.25 0.11 65.01
N ASP OA 9 -94.57 0.13 63.86
CA ASP OA 9 -93.44 -0.75 63.65
C ASP OA 9 -92.32 -0.42 64.63
N PHE OA 10 -92.06 0.86 64.87
CA PHE OA 10 -91.07 1.22 65.87
C PHE OA 10 -91.44 0.69 67.24
N LEU OA 11 -92.73 0.81 67.59
CA LEU OA 11 -93.16 0.31 68.90
C LEU OA 11 -92.94 -1.19 69.01
N LEU OA 12 -93.22 -1.94 67.94
CA LEU OA 12 -92.96 -3.38 67.97
C LEU OA 12 -91.47 -3.67 68.11
N THR OA 13 -90.63 -2.97 67.36
CA THR OA 13 -89.19 -3.24 67.43
C THR OA 13 -88.61 -2.85 68.77
N ALA OA 14 -89.17 -1.83 69.42
CA ALA OA 14 -88.75 -1.49 70.78
C ALA OA 14 -89.27 -2.50 71.78
N ARG OA 15 -90.44 -3.08 71.52
CA ARG OA 15 -90.97 -4.12 72.39
C ARG OA 15 -90.29 -5.46 72.19
N ARG OA 16 -89.43 -5.59 71.18
CA ARG OA 16 -88.60 -6.78 71.04
C ARG OA 16 -87.82 -7.04 72.32
N LYS OA 17 -87.59 -8.34 72.60
CA LYS OA 17 -86.92 -8.73 73.84
C LYS OA 17 -85.43 -8.40 73.81
N ASP OA 18 -84.81 -8.45 72.64
CA ASP OA 18 -83.38 -8.21 72.56
C ASP OA 18 -83.01 -6.74 72.61
N ALA OA 19 -83.98 -5.83 72.58
CA ALA OA 19 -83.68 -4.41 72.64
C ALA OA 19 -83.07 -4.06 73.98
N LYS OA 20 -82.02 -3.22 73.94
CA LYS OA 20 -81.34 -2.82 75.16
C LYS OA 20 -81.94 -1.54 75.75
N SER OA 21 -81.92 -0.45 74.98
CA SER OA 21 -82.39 0.82 75.50
C SER OA 21 -82.72 1.75 74.35
N VAL OA 22 -83.50 2.78 74.66
CA VAL OA 22 -83.96 3.75 73.68
C VAL OA 22 -83.53 5.15 74.12
N LYS OA 23 -82.96 5.90 73.20
CA LYS OA 23 -82.53 7.28 73.44
C LYS OA 23 -83.43 8.23 72.67
N ILE OA 24 -83.69 9.38 73.26
CA ILE OA 24 -84.55 10.40 72.65
C ILE OA 24 -83.74 11.66 72.44
N LYS OA 25 -83.68 12.13 71.19
CA LYS OA 25 -82.88 13.28 70.80
C LYS OA 25 -83.81 14.33 70.21
N LYS OA 26 -83.92 15.47 70.87
CA LYS OA 26 -84.81 16.55 70.42
C LYS OA 26 -83.98 17.57 69.67
N ASN OA 27 -83.88 17.41 68.36
CA ASN OA 27 -83.28 18.45 67.55
C ASN OA 27 -84.25 19.61 67.38
N LYS OA 28 -83.75 20.69 66.78
CA LYS OA 28 -84.62 21.81 66.47
C LYS OA 28 -85.67 21.42 65.43
N ASP OA 29 -85.31 20.53 64.50
CA ASP OA 29 -86.16 20.22 63.37
C ASP OA 29 -87.07 19.02 63.59
N ASN OA 30 -86.71 18.12 64.51
CA ASN OA 30 -87.46 16.88 64.70
C ASN OA 30 -87.00 16.22 65.99
N VAL OA 31 -87.69 15.14 66.34
CA VAL OA 31 -87.35 14.31 67.50
C VAL OA 31 -87.05 12.92 67.00
N LYS OA 32 -85.91 12.38 67.40
CA LYS OA 32 -85.47 11.06 66.97
C LYS OA 32 -85.47 10.10 68.14
N PHE OA 33 -86.08 8.94 67.94
CA PHE OA 33 -86.07 7.85 68.89
C PHE OA 33 -85.13 6.79 68.35
N LYS OA 34 -84.13 6.42 69.12
CA LYS OA 34 -83.11 5.48 68.69
C LYS OA 34 -83.14 4.27 69.62
N VAL OA 35 -83.62 3.13 69.11
CA VAL OA 35 -83.60 1.89 69.87
C VAL OA 35 -82.35 1.11 69.50
N ARG OA 36 -81.58 0.72 70.51
CA ARG OA 36 -80.39 -0.09 70.31
C ARG OA 36 -80.81 -1.54 70.44
N CYS OA 37 -80.92 -2.22 69.30
CA CYS OA 37 -81.24 -3.64 69.31
C CYS OA 37 -79.93 -4.43 69.34
N SER OA 38 -80.03 -5.74 69.11
CA SER OA 38 -78.83 -6.57 69.17
C SER OA 38 -77.95 -6.36 67.95
N ARG OA 39 -78.54 -6.10 66.79
CA ARG OA 39 -77.77 -5.95 65.56
C ARG OA 39 -77.77 -4.54 65.00
N TYR OA 40 -78.88 -3.81 65.09
CA TYR OA 40 -78.98 -2.51 64.46
C TYR OA 40 -79.33 -1.45 65.49
N LEU OA 41 -79.46 -0.22 65.00
CA LEU OA 41 -79.91 0.91 65.80
C LEU OA 41 -81.06 1.54 65.04
N TYR OA 42 -82.29 1.20 65.43
CA TYR OA 42 -83.47 1.61 64.69
C TYR OA 42 -83.85 3.04 65.09
N THR OA 43 -83.91 3.93 64.11
CA THR OA 43 -84.19 5.33 64.37
C THR OA 43 -85.53 5.70 63.74
N LEU OA 44 -86.41 6.26 64.54
CA LEU OA 44 -87.69 6.81 64.09
C LEU OA 44 -87.66 8.31 64.30
N VAL OA 45 -87.86 9.07 63.22
CA VAL OA 45 -87.75 10.52 63.26
C VAL OA 45 -89.13 11.13 63.04
N ILE OA 46 -89.51 12.06 63.91
CA ILE OA 46 -90.85 12.64 63.93
C ILE OA 46 -90.72 14.15 63.83
N THR OA 47 -91.50 14.74 62.93
CA THR OA 47 -91.52 16.20 62.81
C THR OA 47 -92.26 16.83 63.97
N ASP OA 48 -93.56 16.56 64.08
CA ASP OA 48 -94.39 17.25 65.06
C ASP OA 48 -94.09 16.75 66.47
N LYS OA 49 -94.14 17.69 67.42
CA LYS OA 49 -93.69 17.39 68.78
C LYS OA 49 -94.72 16.59 69.56
N GLU OA 50 -96.01 16.85 69.33
CA GLU OA 50 -97.05 16.22 70.13
C GLU OA 50 -97.10 14.71 69.90
N LYS OA 51 -96.93 14.28 68.65
CA LYS OA 51 -96.94 12.85 68.37
C LYS OA 51 -95.76 12.16 69.02
N ALA OA 52 -94.59 12.81 69.03
CA ALA OA 52 -93.45 12.26 69.73
C ALA OA 52 -93.71 12.19 71.23
N GLU OA 53 -94.40 13.19 71.78
CA GLU OA 53 -94.72 13.17 73.21
C GLU OA 53 -95.64 12.00 73.54
N LYS OA 54 -96.66 11.79 72.71
CA LYS OA 54 -97.55 10.66 72.92
C LYS OA 54 -96.79 9.34 72.78
N LEU OA 55 -95.85 9.27 71.84
CA LEU OA 55 -95.06 8.06 71.69
C LEU OA 55 -94.17 7.81 72.92
N LYS OA 56 -93.59 8.87 73.46
CA LYS OA 56 -92.76 8.73 74.66
C LYS OA 56 -93.59 8.24 75.82
N GLN OA 57 -94.83 8.72 75.94
CA GLN OA 57 -95.74 8.16 76.93
C GLN OA 57 -96.01 6.68 76.63
N SER OA 58 -96.22 6.36 75.35
CA SER OA 58 -96.61 5.03 74.90
C SER OA 58 -95.44 4.07 74.80
N LEU OA 59 -94.25 4.48 75.24
CA LEU OA 59 -93.09 3.60 75.21
C LEU OA 59 -93.33 2.38 76.10
N PRO OA 60 -92.76 1.23 75.74
CA PRO OA 60 -92.93 0.03 76.55
C PRO OA 60 -92.30 0.20 77.91
N PRO OA 61 -93.03 -0.11 78.98
CA PRO OA 61 -92.41 -0.16 80.31
C PRO OA 61 -91.40 -1.28 80.39
N GLY OA 62 -90.43 -1.11 81.30
CA GLY OA 62 -89.40 -2.11 81.45
C GLY OA 62 -88.28 -2.02 80.44
N LEU OA 63 -88.28 -0.97 79.60
CA LEU OA 63 -87.19 -0.69 78.68
C LEU OA 63 -86.52 0.61 79.09
N ALA OA 64 -85.19 0.59 79.13
CA ALA OA 64 -84.44 1.75 79.58
C ALA OA 64 -84.61 2.91 78.59
N VAL OA 65 -84.90 4.09 79.12
CA VAL OA 65 -85.10 5.30 78.33
C VAL OA 65 -84.08 6.33 78.78
N LYS OA 66 -83.37 6.91 77.82
CA LYS OA 66 -82.37 7.93 78.09
C LYS OA 66 -82.68 9.14 77.22
N GLU OA 67 -82.77 10.30 77.85
CA GLU OA 67 -82.97 11.56 77.12
C GLU OA 67 -81.62 12.19 76.85
N LEU OA 68 -81.29 12.40 75.58
CA LEU OA 68 -79.99 12.90 75.19
C LEU OA 68 -79.86 14.40 75.37
N LYS OA 69 -80.79 15.05 76.06
CA LYS OA 69 -80.73 16.49 76.27
C LYS OA 69 -81.16 16.87 77.67
N SER PA 1 -36.53 -6.04 61.50
CA SER PA 1 -37.77 -5.63 60.88
C SER PA 1 -38.91 -5.77 61.86
N SER PA 2 -40.02 -5.11 61.59
CA SER PA 2 -41.23 -5.32 62.39
C SER PA 2 -41.71 -6.76 62.23
N HIS PA 3 -41.76 -7.26 61.00
CA HIS PA 3 -42.14 -8.63 60.74
C HIS PA 3 -41.02 -9.56 61.17
N LYS PA 4 -41.20 -10.24 62.30
CA LYS PA 4 -40.19 -11.17 62.79
C LYS PA 4 -40.87 -12.45 63.26
N THR PA 5 -40.11 -13.54 63.25
CA THR PA 5 -40.62 -14.81 63.69
C THR PA 5 -40.55 -14.94 65.20
N PHE PA 6 -41.30 -15.91 65.73
CA PHE PA 6 -41.29 -16.15 67.16
C PHE PA 6 -39.92 -16.63 67.63
N ARG PA 7 -39.25 -17.48 66.84
CA ARG PA 7 -37.92 -17.95 67.22
C ARG PA 7 -36.90 -16.83 67.21
N ILE PA 8 -36.94 -15.97 66.20
CA ILE PA 8 -36.06 -14.82 66.14
C ILE PA 8 -36.31 -13.90 67.33
N LYS PA 9 -37.58 -13.68 67.65
CA LYS PA 9 -37.90 -12.83 68.80
C LYS PA 9 -37.41 -13.44 70.09
N ARG PA 10 -37.52 -14.76 70.23
CA ARG PA 10 -37.01 -15.40 71.44
C ARG PA 10 -35.51 -15.24 71.57
N PHE PA 11 -34.79 -15.38 70.45
CA PHE PA 11 -33.35 -15.19 70.44
C PHE PA 11 -32.98 -13.77 70.85
N LEU PA 12 -33.66 -12.78 70.28
CA LEU PA 12 -33.40 -11.40 70.65
C LEU PA 12 -33.75 -11.11 72.10
N ALA PA 13 -34.78 -11.77 72.63
CA ALA PA 13 -35.10 -11.63 74.04
C ALA PA 13 -33.96 -12.12 74.91
N LYS PA 14 -33.39 -13.28 74.59
CA LYS PA 14 -32.26 -13.77 75.38
C LYS PA 14 -31.08 -12.82 75.28
N LYS PA 15 -30.81 -12.29 74.09
CA LYS PA 15 -29.69 -11.36 73.97
C LYS PA 15 -29.91 -10.10 74.79
N GLN PA 16 -31.14 -9.57 74.76
CA GLN PA 16 -31.46 -8.38 75.52
C GLN PA 16 -31.30 -8.62 77.01
N LYS PA 17 -31.74 -9.77 77.50
CA LYS PA 17 -31.56 -10.07 78.92
C LYS PA 17 -30.09 -10.27 79.26
N GLN PA 18 -29.33 -10.90 78.37
CA GLN PA 18 -27.94 -11.21 78.63
C GLN PA 18 -27.07 -9.97 78.65
N ASN PA 19 -27.49 -8.90 77.98
CA ASN PA 19 -26.70 -7.68 77.90
C ASN PA 19 -27.08 -6.74 79.03
N ARG PA 20 -26.46 -6.95 80.19
CA ARG PA 20 -26.67 -6.09 81.35
C ARG PA 20 -25.47 -6.22 82.27
N PRO PA 21 -25.20 -5.22 83.11
CA PRO PA 21 -23.98 -5.26 83.92
C PRO PA 21 -24.10 -6.21 85.10
N ILE PA 22 -22.94 -6.53 85.67
CA ILE PA 22 -22.84 -7.48 86.78
C ILE PA 22 -23.42 -6.84 88.04
N PRO PA 23 -23.89 -7.64 89.00
CA PRO PA 23 -24.40 -7.06 90.25
C PRO PA 23 -23.27 -6.48 91.08
N GLN PA 24 -23.62 -5.49 91.89
CA GLN PA 24 -22.62 -4.78 92.68
C GLN PA 24 -21.98 -5.70 93.70
N TRP PA 25 -22.77 -6.51 94.38
CA TRP PA 25 -22.28 -7.32 95.49
C TRP PA 25 -21.38 -8.46 95.05
N ILE PA 26 -21.30 -8.72 93.75
CA ILE PA 26 -20.46 -9.80 93.25
C ILE PA 26 -19.00 -9.56 93.59
N ARG PA 27 -18.57 -8.30 93.54
CA ARG PA 27 -17.18 -7.96 93.85
C ARG PA 27 -16.81 -8.35 95.27
N MET PA 28 -17.77 -8.38 96.18
CA MET PA 28 -17.50 -8.70 97.57
C MET PA 28 -17.35 -10.20 97.82
N LYS PA 29 -17.65 -11.03 96.84
CA LYS PA 29 -17.56 -12.47 97.04
C LYS PA 29 -16.10 -12.90 97.20
N THR PA 30 -15.91 -14.01 97.90
CA THR PA 30 -14.57 -14.50 98.16
C THR PA 30 -13.98 -15.12 96.90
N GLY PA 31 -12.82 -14.62 96.48
CA GLY PA 31 -12.20 -15.10 95.27
C GLY PA 31 -13.02 -14.77 94.04
N ASN PA 32 -13.39 -13.50 93.91
CA ASN PA 32 -14.24 -13.09 92.79
C ASN PA 32 -13.49 -13.16 91.46
N LYS PA 33 -12.42 -12.38 91.33
CA LYS PA 33 -11.56 -12.33 90.15
C LYS PA 33 -12.29 -11.84 88.89
N ILE PA 34 -13.43 -11.15 89.05
CA ILE PA 34 -14.19 -10.63 87.91
C ILE PA 34 -14.28 -9.12 88.07
N ARG PA 35 -13.78 -8.39 87.08
CA ARG PA 35 -13.74 -6.94 87.17
C ARG PA 35 -15.09 -6.32 86.78
N TYR PA 36 -15.57 -6.63 85.59
CA TYR PA 36 -16.79 -6.05 85.06
C TYR PA 36 -17.41 -7.09 84.13
N ASN PA 37 -18.35 -6.68 83.30
CA ASN PA 37 -18.93 -7.58 82.31
C ASN PA 37 -18.11 -7.49 81.03
N SER PA 38 -17.40 -8.55 80.71
CA SER PA 38 -16.62 -8.59 79.49
C SER PA 38 -17.47 -8.85 78.25
N LYS PA 39 -18.64 -9.45 78.41
CA LYS PA 39 -19.48 -9.83 77.29
C LYS PA 39 -20.53 -8.78 76.97
N ARG PA 40 -20.35 -7.55 77.42
CA ARG PA 40 -21.27 -6.49 77.08
C ARG PA 40 -21.26 -6.27 75.58
N ARG PA 41 -22.45 -6.08 75.02
CA ARG PA 41 -22.62 -5.89 73.58
C ARG PA 41 -23.37 -4.59 73.36
N HIS PA 42 -22.87 -3.76 72.46
CA HIS PA 42 -23.57 -2.56 72.06
C HIS PA 42 -24.12 -2.74 70.66
N TRP PA 43 -25.36 -2.31 70.46
CA TRP PA 43 -26.05 -2.58 69.21
C TRP PA 43 -25.36 -1.93 68.03
N ARG PA 44 -24.87 -0.70 68.22
CA ARG PA 44 -24.19 0.00 67.13
C ARG PA 44 -22.72 -0.36 67.02
N ARG PA 45 -22.15 -1.03 68.02
CA ARG PA 45 -20.74 -1.36 68.00
C ARG PA 45 -20.50 -2.75 67.41
N THR PA 46 -21.16 -3.76 67.96
CA THR PA 46 -21.03 -5.13 67.48
C THR PA 46 -22.39 -5.63 67.04
N LYS PA 47 -22.47 -6.13 65.81
CA LYS PA 47 -23.73 -6.63 65.28
C LYS PA 47 -23.94 -8.08 65.68
N LEU PA 48 -25.20 -8.44 65.90
CA LEU PA 48 -25.53 -9.76 66.39
C LEU PA 48 -25.31 -10.80 65.29
N GLY PA 49 -25.23 -12.06 65.72
CA GLY PA 49 -25.04 -13.13 64.77
C GLY PA 49 -26.18 -13.25 63.78
N LEU PA 50 -27.42 -13.29 64.29
CA LEU PA 50 -28.58 -13.47 63.44
C LEU PA 50 -28.82 -12.23 62.61
N ILE QA 1 45.94 64.15 -4.59
CA ILE QA 1 47.00 64.58 -5.48
C ILE QA 1 48.32 64.63 -4.73
N ILE QA 2 48.68 63.49 -4.14
CA ILE QA 2 49.87 63.41 -3.31
C ILE QA 2 51.10 63.52 -4.20
N GLU QA 3 51.99 64.44 -3.87
CA GLU QA 3 53.24 64.54 -4.59
C GLU QA 3 54.12 63.33 -4.26
N PRO QA 4 54.95 62.88 -5.21
CA PRO QA 4 55.71 61.63 -4.98
C PRO QA 4 56.65 61.68 -3.77
N SER QA 5 57.21 62.84 -3.46
CA SER QA 5 58.09 62.94 -2.30
C SER QA 5 57.33 62.60 -1.02
N LEU QA 6 56.10 63.07 -0.91
CA LEU QA 6 55.29 62.72 0.24
C LEU QA 6 54.72 61.32 0.11
N ARG QA 7 54.51 60.83 -1.11
CA ARG QA 7 54.04 59.46 -1.30
C ARG QA 7 55.03 58.47 -0.71
N GLN QA 8 56.33 58.69 -0.96
CA GLN QA 8 57.34 57.80 -0.39
C GLN QA 8 57.30 57.85 1.13
N LEU QA 9 57.17 59.05 1.70
CA LEU QA 9 57.15 59.18 3.16
C LEU QA 9 55.95 58.46 3.75
N ALA QA 10 54.79 58.57 3.12
CA ALA QA 10 53.61 57.89 3.64
C ALA QA 10 53.73 56.38 3.46
N GLN QA 11 54.26 55.94 2.33
CA GLN QA 11 54.41 54.51 2.08
C GLN QA 11 55.40 53.89 3.06
N LYS QA 12 56.41 54.65 3.48
CA LYS QA 12 57.41 54.12 4.40
C LYS QA 12 56.76 53.66 5.71
N TYR QA 13 55.75 54.39 6.17
CA TYR QA 13 55.06 54.00 7.40
C TYR QA 13 53.84 53.12 7.17
N ASN QA 14 53.20 53.22 6.02
CA ASN QA 14 51.94 52.52 5.81
C ASN QA 14 52.08 51.23 5.02
N CYS QA 15 52.81 51.24 3.92
CA CYS QA 15 52.82 50.14 2.97
C CYS QA 15 54.07 49.27 3.07
N ASP QA 16 55.25 49.88 3.14
CA ASP QA 16 56.51 49.16 2.97
C ASP QA 16 56.87 48.49 4.29
N LYS QA 17 56.25 47.33 4.51
CA LYS QA 17 56.45 46.56 5.72
C LYS QA 17 56.33 45.08 5.39
N MET QA 18 56.71 44.26 6.34
CA MET QA 18 56.65 42.81 6.19
C MET QA 18 55.54 42.26 7.08
N ILE QA 19 54.96 41.13 6.69
CA ILE QA 19 53.83 40.54 7.38
C ILE QA 19 54.16 39.10 7.72
N CYS QA 20 53.94 38.72 8.97
CA CYS QA 20 54.10 37.34 9.37
C CYS QA 20 53.01 36.48 8.74
N ARG QA 21 53.40 35.32 8.22
CA ARG QA 21 52.42 34.46 7.58
C ARG QA 21 51.49 33.80 8.59
N LYS QA 22 51.93 33.66 9.84
CA LYS QA 22 51.16 32.92 10.83
C LYS QA 22 50.24 33.78 11.65
N CYS QA 23 50.60 35.05 11.90
CA CYS QA 23 49.79 35.90 12.77
C CYS QA 23 49.55 37.28 12.18
N TYR QA 24 49.96 37.53 10.94
CA TYR QA 24 49.67 38.73 10.18
C TYR QA 24 50.31 39.99 10.75
N ALA QA 25 51.21 39.87 11.73
CA ALA QA 25 51.75 41.05 12.39
C ALA QA 25 52.55 41.92 11.42
N ARG QA 26 52.50 43.23 11.66
CA ARG QA 26 53.16 44.22 10.82
C ARG QA 26 54.56 44.48 11.34
N LEU QA 27 55.57 44.08 10.57
CA LEU QA 27 56.96 44.11 11.00
C LEU QA 27 57.76 45.01 10.06
N HIS QA 28 58.94 45.40 10.51
CA HIS QA 28 59.78 46.27 9.69
C HIS QA 28 60.28 45.50 8.47
N PRO QA 29 60.58 46.21 7.38
CA PRO QA 29 60.84 45.51 6.11
C PRO QA 29 62.03 44.58 6.14
N ARG QA 30 62.98 44.79 7.05
CA ARG QA 30 64.18 43.95 7.11
C ARG QA 30 64.07 42.86 8.16
N ALA QA 31 62.89 42.67 8.75
CA ALA QA 31 62.69 41.65 9.76
C ALA QA 31 62.87 40.26 9.17
N VAL QA 32 63.50 39.39 9.93
CA VAL QA 32 63.62 38.00 9.56
C VAL QA 32 62.64 37.12 10.31
N ASN QA 33 62.53 37.30 11.61
CA ASN QA 33 61.61 36.55 12.45
C ASN QA 33 60.58 37.48 13.05
N CYS QA 34 59.37 36.96 13.27
CA CYS QA 34 58.31 37.76 13.85
C CYS QA 34 58.63 38.08 15.31
N ARG QA 35 58.12 39.22 15.76
CA ARG QA 35 58.46 39.71 17.08
C ARG QA 35 57.46 39.31 18.15
N LYS QA 36 56.43 38.53 17.80
CA LYS QA 36 55.30 38.33 18.69
C LYS QA 36 55.25 36.90 19.20
N LYS QA 37 54.88 36.76 20.46
CA LYS QA 37 54.97 35.47 21.15
C LYS QA 37 54.01 34.44 20.56
N LYS QA 38 52.84 34.87 20.12
CA LYS QA 38 51.80 33.93 19.70
C LYS QA 38 52.11 33.21 18.40
N CYS QA 39 53.14 33.62 17.67
CA CYS QA 39 53.50 32.95 16.43
C CYS QA 39 54.83 32.21 16.52
N GLY QA 40 55.36 32.03 17.73
CA GLY QA 40 56.62 31.33 17.87
C GLY QA 40 57.80 32.02 17.26
N HIS QA 41 57.69 33.34 17.02
CA HIS QA 41 58.72 34.12 16.34
C HIS QA 41 59.12 33.47 15.02
N THR QA 42 58.12 32.96 14.29
CA THR QA 42 58.40 32.21 13.08
C THR QA 42 58.99 33.13 12.02
N ASN QA 43 59.90 32.57 11.24
CA ASN QA 43 60.59 33.32 10.20
C ASN QA 43 59.90 33.23 8.85
N ASN QA 44 58.62 32.89 8.84
CA ASN QA 44 57.84 32.87 7.60
C ASN QA 44 57.19 34.23 7.43
N LEU QA 45 57.77 35.06 6.57
CA LEU QA 45 57.29 36.41 6.35
C LEU QA 45 57.14 36.68 4.85
N ARG QA 46 56.17 37.51 4.51
CA ARG QA 46 55.91 37.93 3.15
C ARG QA 46 55.74 39.45 3.11
N PRO QA 47 56.16 40.10 2.03
CA PRO QA 47 56.00 41.55 1.96
C PRO QA 47 54.54 41.94 1.92
N LYS QA 48 54.24 43.08 2.54
CA LYS QA 48 52.89 43.62 2.45
C LYS QA 48 52.62 44.04 1.01
N LYS QA 49 51.51 43.56 0.45
CA LYS QA 49 51.26 43.72 -0.96
C LYS QA 49 51.06 45.19 -1.32
N LYS QA 50 51.39 45.53 -2.56
CA LYS QA 50 51.21 46.87 -3.08
C LYS QA 50 49.78 47.09 -3.58
N VAL QA 51 49.49 48.33 -3.97
CA VAL QA 51 48.19 48.67 -4.53
C VAL QA 51 48.11 48.56 -6.04
N LYS QA 52 49.25 48.45 -6.71
CA LYS QA 52 49.29 48.51 -8.16
C LYS QA 52 48.64 47.27 -8.77
N MET RA 1 -16.96 -1.79 -38.47
CA MET RA 1 -17.47 -2.24 -37.18
C MET RA 1 -18.97 -2.45 -37.24
N ARG RA 2 -19.42 -3.57 -36.68
CA ARG RA 2 -20.84 -3.87 -36.65
C ARG RA 2 -21.57 -2.88 -35.76
N ALA RA 3 -22.74 -2.44 -36.20
CA ALA RA 3 -23.46 -1.39 -35.49
C ALA RA 3 -23.89 -1.83 -34.09
N LYS RA 4 -24.28 -3.09 -33.94
CA LYS RA 4 -24.69 -3.57 -32.62
C LYS RA 4 -23.53 -3.56 -31.65
N TRP RA 5 -22.34 -3.97 -32.10
CA TRP RA 5 -21.19 -3.94 -31.20
C TRP RA 5 -20.71 -2.52 -30.96
N ARG RA 6 -20.90 -1.63 -31.93
CA ARG RA 6 -20.62 -0.22 -31.68
C ARG RA 6 -21.53 0.32 -30.59
N LYS RA 7 -22.80 -0.04 -30.65
CA LYS RA 7 -23.74 0.35 -29.60
C LYS RA 7 -23.34 -0.24 -28.26
N LYS RA 8 -22.89 -1.49 -28.25
CA LYS RA 8 -22.46 -2.13 -27.00
C LYS RA 8 -21.26 -1.41 -26.40
N ARG RA 9 -20.30 -1.04 -27.24
CA ARG RA 9 -19.15 -0.28 -26.75
C ARG RA 9 -19.57 1.08 -26.22
N MET RA 10 -20.53 1.71 -26.89
CA MET RA 10 -21.05 2.99 -26.41
C MET RA 10 -21.69 2.85 -25.04
N ARG RA 11 -22.44 1.77 -24.83
CA ARG RA 11 -23.06 1.55 -23.53
C ARG RA 11 -22.01 1.33 -22.45
N ARG RA 12 -20.95 0.57 -22.76
CA ARG RA 12 -19.88 0.39 -21.79
C ARG RA 12 -19.23 1.72 -21.44
N LEU RA 13 -19.02 2.56 -22.45
CA LEU RA 13 -18.47 3.89 -22.21
C LEU RA 13 -19.39 4.72 -21.32
N LYS RA 14 -20.71 4.63 -21.56
CA LYS RA 14 -21.65 5.36 -20.72
C LYS RA 14 -21.61 4.88 -19.29
N ARG RA 15 -21.48 3.56 -19.09
CA ARG RA 15 -21.34 3.03 -17.74
C ARG RA 15 -20.14 3.63 -17.04
N LYS RA 16 -18.98 3.63 -17.70
CA LYS RA 16 -17.79 4.17 -17.07
C LYS RA 16 -17.89 5.67 -16.85
N ARG RA 17 -18.54 6.39 -17.76
CA ARG RA 17 -18.72 7.83 -17.59
C ARG RA 17 -19.60 8.14 -16.39
N ARG RA 18 -20.73 7.45 -16.27
CA ARG RA 18 -21.59 7.63 -15.10
C ARG RA 18 -20.84 7.31 -13.83
N LYS RA 19 -20.10 6.21 -13.82
CA LYS RA 19 -19.39 5.79 -12.62
C LYS RA 19 -18.35 6.82 -12.19
N MET RA 20 -17.57 7.33 -13.15
CA MET RA 20 -16.55 8.31 -12.80
C MET RA 20 -17.18 9.63 -12.33
N ARG RA 21 -18.18 10.11 -13.06
CA ARG RA 21 -18.79 11.39 -12.71
C ARG RA 21 -19.50 11.31 -11.38
N GLN RA 22 -19.97 10.12 -11.00
CA GLN RA 22 -20.53 9.95 -9.67
C GLN RA 22 -19.41 9.90 -8.63
N ARG RA 23 -18.33 9.19 -8.94
CA ARG RA 23 -17.24 9.01 -7.97
C ARG RA 23 -16.60 10.34 -7.60
N SER RA 24 -16.39 11.21 -8.58
CA SER RA 24 -15.83 12.52 -8.31
C SER RA 24 -16.81 13.40 -7.55
N VAL SA 1 33.58 -52.13 0.35
CA VAL SA 1 34.65 -53.10 0.47
C VAL SA 1 34.21 -54.43 -0.14
N ASN SA 2 35.10 -55.42 -0.10
CA ASN SA 2 34.84 -56.70 -0.73
C ASN SA 2 35.69 -57.77 -0.05
N VAL SA 3 35.06 -58.87 0.33
CA VAL SA 3 35.78 -59.98 0.94
C VAL SA 3 35.43 -61.24 0.16
N PRO SA 4 36.35 -62.20 0.05
CA PRO SA 4 36.03 -63.43 -0.69
C PRO SA 4 35.00 -64.27 0.03
N LYS SA 5 34.22 -65.00 -0.77
CA LYS SA 5 33.21 -65.90 -0.21
C LYS SA 5 33.82 -67.05 0.59
N THR SA 6 35.10 -67.34 0.38
CA THR SA 6 35.79 -68.34 1.19
C THR SA 6 37.11 -67.75 1.67
N ARG SA 7 37.54 -68.21 2.84
CA ARG SA 7 38.81 -67.72 3.36
C ARG SA 7 39.38 -68.73 4.32
N ARG SA 8 40.69 -68.78 4.42
CA ARG SA 8 41.38 -69.74 5.28
C ARG SA 8 41.85 -69.02 6.53
N THR SA 9 41.35 -69.44 7.67
CA THR SA 9 41.64 -68.76 8.93
C THR SA 9 41.56 -69.77 10.07
N PHE SA 10 41.90 -69.32 11.28
CA PHE SA 10 41.98 -70.22 12.42
C PHE SA 10 40.60 -70.73 12.80
N CYS SA 11 40.50 -72.05 13.00
CA CYS SA 11 39.27 -72.69 13.43
C CYS SA 11 39.44 -73.16 14.86
N LYS SA 12 38.56 -72.70 15.75
CA LYS SA 12 38.74 -72.96 17.17
C LYS SA 12 38.59 -74.44 17.48
N LYS SA 13 37.50 -75.06 17.03
CA LYS SA 13 37.23 -76.43 17.44
C LYS SA 13 38.20 -77.40 16.75
N CYS SA 14 38.50 -77.15 15.47
CA CYS SA 14 39.45 -78.00 14.77
C CYS SA 14 40.85 -77.88 15.38
N GLY SA 15 41.25 -76.67 15.73
CA GLY SA 15 42.55 -76.44 16.33
C GLY SA 15 43.64 -76.05 15.37
N LYS SA 16 43.30 -75.68 14.14
CA LYS SA 16 44.29 -75.30 13.15
C LYS SA 16 43.60 -74.46 12.07
N HIS SA 17 44.39 -73.91 11.16
CA HIS SA 17 43.84 -73.13 10.08
C HIS SA 17 43.02 -74.00 9.15
N GLN SA 18 41.81 -73.55 8.84
CA GLN SA 18 40.86 -74.29 8.04
C GLN SA 18 40.20 -73.34 7.06
N PRO SA 19 39.67 -73.86 5.95
CA PRO SA 19 38.83 -73.03 5.10
C PRO SA 19 37.51 -72.71 5.77
N HIS SA 20 36.88 -71.64 5.33
CA HIS SA 20 35.63 -71.17 5.89
C HIS SA 20 34.80 -70.53 4.80
N LYS SA 21 33.48 -70.75 4.88
CA LYS SA 21 32.51 -70.05 4.07
C LYS SA 21 32.12 -68.76 4.81
N VAL SA 22 32.27 -67.63 4.15
CA VAL SA 22 32.02 -66.33 4.74
C VAL SA 22 30.65 -65.84 4.29
N THR SA 23 29.78 -65.54 5.24
CA THR SA 23 28.45 -65.05 4.91
C THR SA 23 28.14 -63.86 5.80
N GLN SA 24 27.45 -62.86 5.26
CA GLN SA 24 27.11 -61.71 6.08
C GLN SA 24 26.05 -62.09 7.10
N TYR SA 25 26.28 -61.69 8.35
CA TYR SA 25 25.42 -62.08 9.46
C TYR SA 25 24.18 -61.20 9.50
N LYS SA 26 23.00 -61.84 9.55
CA LYS SA 26 21.72 -61.15 9.58
C LYS SA 26 21.10 -61.31 10.96
N LYS SA 27 20.65 -60.19 11.53
CA LYS SA 27 20.05 -60.23 12.86
C LYS SA 27 18.75 -61.02 12.85
N GLY SA 28 18.65 -61.98 13.75
CA GLY SA 28 17.47 -62.81 13.81
C GLY SA 28 16.29 -62.07 14.41
N LYS SA 29 15.14 -62.73 14.36
CA LYS SA 29 13.91 -62.16 14.91
C LYS SA 29 13.94 -62.21 16.44
N ASP SA 30 13.26 -61.24 17.06
CA ASP SA 30 13.11 -61.25 18.51
C ASP SA 30 12.34 -62.50 18.93
N SER SA 31 12.79 -63.15 20.01
CA SER SA 31 12.16 -64.40 20.39
C SER SA 31 10.80 -64.21 21.04
N LEU SA 32 10.54 -63.05 21.63
CA LEU SA 32 9.32 -62.68 22.35
C LEU SA 32 9.18 -63.43 23.66
N TYR SA 33 10.06 -64.40 23.94
CA TYR SA 33 10.10 -65.07 25.23
C TYR SA 33 11.42 -64.84 25.95
N ALA SA 34 12.27 -63.96 25.44
CA ALA SA 34 13.44 -63.54 26.17
C ALA SA 34 13.00 -62.76 27.41
N GLN SA 35 13.75 -62.92 28.49
CA GLN SA 35 13.34 -62.38 29.77
C GLN SA 35 13.13 -60.87 29.71
N GLY SA 36 13.96 -60.17 28.96
CA GLY SA 36 13.76 -58.74 28.80
C GLY SA 36 12.50 -58.40 28.04
N LYS SA 37 12.19 -59.18 27.01
CA LYS SA 37 10.94 -58.96 26.28
C LYS SA 37 9.73 -59.25 27.16
N ARG SA 38 9.79 -60.32 27.96
CA ARG SA 38 8.68 -60.63 28.85
C ARG SA 38 8.50 -59.53 29.89
N ARG SA 39 9.61 -59.04 30.45
CA ARG SA 39 9.55 -57.93 31.40
C ARG SA 39 8.99 -56.67 30.73
N TYR SA 40 9.39 -56.40 29.49
CA TYR SA 40 8.87 -55.25 28.78
C TYR SA 40 7.37 -55.36 28.57
N ASP SA 41 6.90 -56.54 28.15
CA ASP SA 41 5.47 -56.70 27.91
C ASP SA 41 4.67 -56.52 29.19
N ARG SA 42 5.12 -57.12 30.29
CA ARG SA 42 4.42 -56.96 31.55
C ARG SA 42 4.44 -55.51 32.00
N LYS SA 43 5.57 -54.82 31.83
CA LYS SA 43 5.66 -53.42 32.22
C LYS SA 43 4.74 -52.55 31.38
N GLN SA 44 4.65 -52.83 30.09
CA GLN SA 44 3.88 -52.00 29.18
C GLN SA 44 2.38 -52.22 29.32
N SER SA 45 1.97 -53.41 29.75
CA SER SA 45 0.54 -53.67 29.91
C SER SA 45 -0.06 -52.74 30.96
N GLY SA 46 -1.32 -52.36 30.74
CA GLY SA 46 -2.03 -51.51 31.67
C GLY SA 46 -2.04 -50.05 31.28
N TYR SA 47 -2.10 -49.16 32.26
CA TYR SA 47 -2.10 -47.74 32.03
C TYR SA 47 -0.75 -47.15 32.40
N GLY SA 48 -0.40 -46.05 31.73
CA GLY SA 48 0.89 -45.43 31.95
C GLY SA 48 1.59 -45.13 30.65
N GLY SA 49 1.17 -45.82 29.59
CA GLY SA 49 1.77 -45.57 28.30
C GLY SA 49 3.14 -46.18 28.17
N GLN SA 50 3.96 -45.55 27.33
CA GLN SA 50 5.31 -46.02 27.11
C GLN SA 50 6.16 -45.79 28.35
N THR SA 51 6.81 -46.85 28.82
CA THR SA 51 7.59 -46.78 30.05
C THR SA 51 9.08 -46.75 29.81
N LYS SA 52 9.54 -47.30 28.72
CA LYS SA 52 10.95 -47.32 28.43
C LYS SA 52 11.29 -46.28 27.36
N PRO SA 53 12.52 -45.78 27.34
CA PRO SA 53 12.87 -44.75 26.35
C PRO SA 53 12.74 -45.25 24.92
N ILE SA 54 12.37 -44.32 24.03
CA ILE SA 54 12.33 -44.56 22.60
C ILE SA 54 13.36 -43.66 21.95
N PHE SA 55 14.38 -44.25 21.32
CA PHE SA 55 15.64 -43.57 21.01
C PHE SA 55 15.48 -42.31 20.15
N ARG SA 56 15.03 -42.47 18.91
CA ARG SA 56 14.71 -41.38 17.97
C ARG SA 56 15.78 -40.29 17.90
N LYS SA 57 17.05 -40.66 18.09
CA LYS SA 57 18.15 -39.70 17.93
C LYS SA 57 19.30 -40.37 17.17
N LYS SA 58 18.97 -41.07 16.09
CA LYS SA 58 19.97 -41.81 15.33
C LYS SA 58 20.93 -40.86 14.64
N ALA SA 59 22.23 -41.11 14.79
CA ALA SA 59 23.25 -40.29 14.17
C ALA SA 59 24.27 -41.07 13.36
N LYS SA 60 24.29 -42.39 13.46
CA LYS SA 60 25.17 -43.19 12.63
C LYS SA 60 24.61 -43.27 11.22
N THR SA 61 25.43 -43.75 10.30
CA THR SA 61 24.99 -44.04 8.95
C THR SA 61 25.28 -45.45 8.51
N THR SA 62 26.19 -46.17 9.18
CA THR SA 62 26.57 -47.51 8.80
C THR SA 62 26.42 -48.44 10.00
N LYS SA 63 26.68 -49.71 9.76
CA LYS SA 63 26.83 -50.70 10.81
C LYS SA 63 28.16 -51.39 10.61
N LYS SA 64 28.74 -51.86 11.71
CA LYS SA 64 29.89 -52.74 11.60
C LYS SA 64 29.44 -54.06 11.00
N ILE SA 65 30.20 -54.56 10.04
CA ILE SA 65 29.81 -55.75 9.28
C ILE SA 65 30.31 -56.97 10.00
N VAL SA 66 29.43 -57.95 10.18
CA VAL SA 66 29.76 -59.21 10.85
C VAL SA 66 29.81 -60.30 9.80
N LEU SA 67 30.94 -61.00 9.72
CA LEU SA 67 31.12 -62.09 8.79
C LEU SA 67 31.08 -63.40 9.55
N ARG SA 68 30.03 -64.19 9.33
CA ARG SA 68 29.90 -65.51 9.90
C ARG SA 68 30.78 -66.46 9.10
N LEU SA 69 31.76 -67.06 9.77
CA LEU SA 69 32.70 -67.98 9.16
C LEU SA 69 32.31 -69.40 9.54
N GLU SA 70 31.81 -70.17 8.58
CA GLU SA 70 31.35 -71.52 8.82
C GLU SA 70 32.43 -72.49 8.34
N CYS SA 71 32.92 -73.31 9.26
CA CYS SA 71 33.98 -74.26 8.94
C CYS SA 71 33.45 -75.35 8.02
N VAL SA 72 34.24 -75.73 7.03
CA VAL SA 72 33.81 -76.63 5.96
C VAL SA 72 34.24 -78.06 6.26
N GLU SA 73 34.77 -78.30 7.45
CA GLU SA 73 35.04 -79.65 7.89
C GLU SA 73 33.71 -80.39 8.09
N PRO SA 74 33.55 -81.59 7.52
CA PRO SA 74 32.28 -82.30 7.70
C PRO SA 74 31.94 -82.58 9.15
N ASN SA 75 32.95 -82.90 9.96
CA ASN SA 75 32.69 -83.24 11.35
C ASN SA 75 32.65 -81.98 12.22
N CYS SA 76 33.24 -80.90 11.76
CA CYS SA 76 33.28 -79.64 12.50
C CYS SA 76 32.71 -78.54 11.62
N ARG SA 77 31.46 -78.19 11.86
CA ARG SA 77 30.81 -77.09 11.14
C ARG SA 77 30.69 -75.85 12.01
N SER SA 78 31.72 -75.58 12.81
CA SER SA 78 31.67 -74.50 13.78
C SER SA 78 31.63 -73.15 13.09
N LYS SA 79 31.02 -72.18 13.75
CA LYS SA 79 30.91 -70.82 13.24
C LYS SA 79 31.68 -69.86 14.14
N ARG SA 80 31.76 -68.61 13.70
CA ARG SA 80 32.41 -67.57 14.48
C ARG SA 80 31.95 -66.21 13.97
N MET SA 81 31.88 -65.24 14.87
CA MET SA 81 31.47 -63.89 14.54
C MET SA 81 32.70 -63.00 14.53
N LEU SA 82 33.22 -62.70 13.34
CA LEU SA 82 34.30 -61.76 13.16
C LEU SA 82 33.73 -60.49 12.57
N ALA SA 83 34.12 -59.34 13.11
CA ALA SA 83 33.60 -58.05 12.70
C ALA SA 83 34.68 -57.25 11.98
N ILE SA 84 34.29 -56.55 10.93
CA ILE SA 84 35.21 -55.67 10.21
C ILE SA 84 34.76 -54.24 10.41
N LYS SA 85 35.55 -53.29 9.91
CA LYS SA 85 35.30 -51.88 10.15
C LYS SA 85 34.00 -51.44 9.48
N ARG SA 86 33.58 -50.22 9.81
CA ARG SA 86 32.39 -49.66 9.23
C ARG SA 86 32.61 -49.35 7.75
N CYS SA 87 31.58 -49.55 6.94
CA CYS SA 87 31.67 -49.31 5.51
C CYS SA 87 30.27 -49.10 4.95
N LYS SA 88 30.12 -48.11 4.08
CA LYS SA 88 28.79 -47.78 3.57
C LYS SA 88 28.27 -48.86 2.64
N HIS SA 89 29.09 -49.30 1.69
CA HIS SA 89 28.68 -50.32 0.73
C HIS SA 89 29.60 -51.51 0.86
N PHE SA 90 29.04 -52.66 1.25
CA PHE SA 90 29.77 -53.89 1.46
C PHE SA 90 29.29 -54.93 0.47
N GLU SA 91 30.22 -55.61 -0.16
CA GLU SA 91 29.92 -56.62 -1.17
C GLU SA 91 30.57 -57.93 -0.77
N LEU SA 92 29.86 -59.03 -1.02
CA LEU SA 92 30.30 -60.37 -0.63
C LEU SA 92 30.68 -61.12 -1.90
N GLY SA 93 31.97 -61.43 -2.04
CA GLY SA 93 32.41 -62.16 -3.21
C GLY SA 93 32.21 -61.43 -4.53
N GLY SA 94 32.41 -60.12 -4.53
CA GLY SA 94 32.38 -59.37 -5.77
C GLY SA 94 33.58 -59.67 -6.63
N ASP SA 95 33.53 -59.21 -7.87
CA ASP SA 95 34.60 -59.51 -8.82
C ASP SA 95 35.86 -58.75 -8.48
N LYS SA 96 37.00 -59.40 -8.67
CA LYS SA 96 38.29 -58.83 -8.31
C LYS SA 96 38.67 -57.71 -9.26
N LYS SA 97 39.54 -56.82 -8.79
CA LYS SA 97 39.98 -55.68 -9.56
C LYS SA 97 41.32 -55.98 -10.22
N ARG SA 98 41.50 -55.44 -11.43
CA ARG SA 98 42.70 -55.64 -12.21
C ARG SA 98 43.38 -54.30 -12.44
N LYS SA 99 44.71 -54.32 -12.52
CA LYS SA 99 45.46 -53.06 -12.61
C LYS SA 99 45.48 -52.52 -14.02
N GLY SA 100 45.99 -53.31 -14.97
CA GLY SA 100 46.16 -52.82 -16.33
C GLY SA 100 44.91 -52.87 -17.17
N GLN SA 101 43.91 -52.06 -16.82
CA GLN SA 101 42.65 -52.02 -17.53
C GLN SA 101 42.34 -50.61 -18.00
N VAL SA 102 41.69 -50.51 -19.14
CA VAL SA 102 41.24 -49.22 -19.66
C VAL SA 102 39.92 -48.86 -19.00
N ILE SA 103 39.77 -47.59 -18.64
CA ILE SA 103 38.53 -47.12 -18.03
C ILE SA 103 37.48 -46.96 -19.12
N GLN SA 104 36.35 -47.63 -18.95
CA GLN SA 104 35.27 -47.58 -19.92
C GLN SA 104 34.70 -46.16 -20.01
N PHE SA 105 34.46 -45.70 -21.24
CA PHE SA 105 33.88 -44.38 -21.46
C PHE SA 105 32.44 -44.50 -21.96
N ALA TA 1 -54.08 15.78 2.22
CA ALA TA 1 -53.28 15.66 1.00
C ALA TA 1 -52.47 14.37 1.03
N LYS TA 2 -51.95 13.98 -0.13
CA LYS TA 2 -50.96 12.91 -0.17
C LYS TA 2 -49.72 13.36 0.55
N ARG TA 3 -49.29 12.57 1.55
CA ARG TA 3 -48.26 13.03 2.46
C ARG TA 3 -46.90 12.44 2.14
N THR TA 4 -46.81 11.16 1.82
CA THR TA 4 -45.55 10.54 1.45
C THR TA 4 -45.60 10.11 -0.01
N LYS TA 5 -44.47 10.25 -0.69
CA LYS TA 5 -44.41 9.98 -2.11
C LYS TA 5 -44.65 8.51 -2.41
N LYS TA 6 -43.81 7.64 -1.87
CA LYS TA 6 -43.86 6.22 -2.19
C LYS TA 6 -43.75 5.28 -1.00
N VAL TA 7 -43.19 5.70 0.13
CA VAL TA 7 -43.03 4.78 1.25
C VAL TA 7 -44.38 4.37 1.82
N GLY TA 8 -45.33 5.30 1.88
CA GLY TA 8 -46.66 4.95 2.34
C GLY TA 8 -46.71 4.50 3.77
N ILE TA 9 -47.00 3.22 4.01
CA ILE TA 9 -47.21 2.75 5.38
C ILE TA 9 -45.91 2.63 6.16
N VAL TA 10 -44.77 2.48 5.50
CA VAL TA 10 -43.55 2.17 6.23
C VAL TA 10 -42.83 3.45 6.62
N GLY TA 11 -43.53 4.58 6.52
CA GLY TA 11 -42.95 5.83 6.95
C GLY TA 11 -42.59 5.86 8.42
N LYS TA 12 -43.19 4.98 9.22
CA LYS TA 12 -42.85 4.87 10.62
C LYS TA 12 -41.46 4.32 10.85
N TYR TA 13 -40.82 3.76 9.83
CA TYR TA 13 -39.49 3.21 9.98
C TYR TA 13 -38.41 4.21 9.61
N GLY TA 14 -38.78 5.44 9.26
CA GLY TA 14 -37.79 6.48 9.08
C GLY TA 14 -36.85 6.17 7.94
N THR TA 15 -35.56 6.14 8.26
CA THR TA 15 -34.52 5.87 7.28
C THR TA 15 -33.80 4.56 7.51
N ARG TA 16 -34.08 3.87 8.61
CA ARG TA 16 -33.34 2.68 8.96
C ARG TA 16 -33.77 1.49 8.11
N TYR TA 17 -33.00 0.41 8.22
CA TYR TA 17 -33.29 -0.93 7.72
C TYR TA 17 -33.15 -1.10 6.23
N GLY TA 18 -32.94 -0.05 5.46
CA GLY TA 18 -32.72 -0.33 4.05
C GLY TA 18 -33.99 -0.23 3.23
N ALA TA 19 -33.84 0.41 2.07
CA ALA TA 19 -34.98 0.66 1.19
C ALA TA 19 -35.60 -0.63 0.70
N SER TA 20 -34.77 -1.62 0.34
CA SER TA 20 -35.31 -2.87 -0.16
C SER TA 20 -36.12 -3.59 0.90
N LEU TA 21 -35.63 -3.60 2.14
CA LEU TA 21 -36.35 -4.27 3.20
C LEU TA 21 -37.67 -3.55 3.49
N ARG TA 22 -37.66 -2.22 3.51
CA ARG TA 22 -38.89 -1.50 3.76
C ARG TA 22 -39.89 -1.71 2.63
N LYS TA 23 -39.42 -1.73 1.38
CA LYS TA 23 -40.30 -1.99 0.24
C LYS TA 23 -40.88 -3.40 0.31
N MET TA 24 -40.05 -4.37 0.69
CA MET TA 24 -40.52 -5.75 0.81
C MET TA 24 -41.58 -5.88 1.88
N VAL TA 25 -41.38 -5.22 3.02
CA VAL TA 25 -42.29 -5.38 4.15
C VAL TA 25 -43.52 -4.50 4.03
N LYS TA 26 -43.51 -3.50 3.14
CA LYS TA 26 -44.66 -2.63 3.00
C LYS TA 26 -45.90 -3.41 2.55
N LYS TA 27 -45.75 -4.24 1.52
CA LYS TA 27 -46.88 -5.01 1.02
C LYS TA 27 -47.40 -5.99 2.07
N ILE TA 28 -46.48 -6.63 2.79
CA ILE TA 28 -46.88 -7.57 3.84
C ILE TA 28 -47.63 -6.86 4.95
N GLU TA 29 -47.14 -5.70 5.39
CA GLU TA 29 -47.81 -4.99 6.47
C GLU TA 29 -49.17 -4.48 6.04
N ILE TA 30 -49.29 -4.00 4.80
CA ILE TA 30 -50.58 -3.54 4.32
C ILE TA 30 -51.59 -4.69 4.28
N SER TA 31 -51.17 -5.82 3.72
CA SER TA 31 -52.05 -6.98 3.71
C SER TA 31 -52.38 -7.45 5.11
N GLN TA 32 -51.44 -7.29 6.05
CA GLN TA 32 -51.66 -7.73 7.42
C GLN TA 32 -52.70 -6.86 8.11
N HIS TA 33 -52.60 -5.55 7.95
CA HIS TA 33 -53.48 -4.64 8.67
C HIS TA 33 -54.75 -4.30 7.90
N ALA TA 34 -54.93 -4.83 6.70
CA ALA TA 34 -56.18 -4.61 5.99
C ALA TA 34 -57.34 -5.33 6.69
N LYS TA 35 -58.53 -4.78 6.56
CA LYS TA 35 -59.76 -5.43 7.03
C LYS TA 35 -60.35 -6.23 5.89
N TYR TA 36 -60.70 -7.48 6.16
CA TYR TA 36 -61.16 -8.38 5.13
C TYR TA 36 -62.67 -8.57 5.19
N THR TA 37 -63.27 -8.76 4.03
CA THR TA 37 -64.68 -9.06 3.96
C THR TA 37 -64.92 -10.45 4.53
N CYS TA 38 -65.73 -10.53 5.58
CA CYS TA 38 -65.98 -11.82 6.22
C CYS TA 38 -66.75 -12.73 5.28
N SER TA 39 -66.38 -14.01 5.28
CA SER TA 39 -67.03 -14.96 4.40
C SER TA 39 -68.32 -15.52 4.98
N PHE TA 40 -68.61 -15.29 6.25
CA PHE TA 40 -69.79 -15.84 6.87
C PHE TA 40 -70.88 -14.81 7.14
N CYS TA 41 -70.51 -13.62 7.60
CA CYS TA 41 -71.47 -12.56 7.84
C CYS TA 41 -71.49 -11.51 6.75
N GLY TA 42 -70.46 -11.45 5.91
CA GLY TA 42 -70.41 -10.51 4.83
C GLY TA 42 -69.89 -9.14 5.20
N LYS TA 43 -69.78 -8.84 6.50
CA LYS TA 43 -69.30 -7.53 6.92
C LYS TA 43 -67.79 -7.45 6.78
N THR TA 44 -67.30 -6.24 6.54
CA THR TA 44 -65.86 -5.99 6.43
C THR TA 44 -65.30 -5.82 7.84
N LYS TA 45 -65.19 -6.94 8.54
CA LYS TA 45 -64.72 -6.96 9.91
C LYS TA 45 -63.66 -8.00 10.18
N MET TA 46 -63.36 -8.87 9.24
CA MET TA 46 -62.44 -9.97 9.47
C MET TA 46 -61.02 -9.43 9.55
N LYS TA 47 -60.52 -9.24 10.77
CA LYS TA 47 -59.22 -8.64 10.98
C LYS TA 47 -58.34 -9.59 11.78
N ARG TA 48 -57.03 -9.44 11.57
CA ARG TA 48 -56.08 -10.32 12.24
C ARG TA 48 -56.07 -10.05 13.72
N ARG TA 49 -56.01 -11.12 14.50
CA ARG TA 49 -55.79 -11.03 15.94
C ARG TA 49 -54.40 -11.46 16.33
N ALA TA 50 -53.98 -12.64 15.88
CA ALA TA 50 -52.63 -13.12 16.06
C ALA TA 50 -52.13 -13.60 14.71
N VAL TA 51 -50.87 -14.03 14.68
CA VAL TA 51 -50.29 -14.53 13.44
C VAL TA 51 -51.00 -15.82 13.02
N GLY TA 52 -51.55 -15.82 11.83
CA GLY TA 52 -52.30 -16.97 11.37
C GLY TA 52 -53.73 -17.05 11.88
N ILE TA 53 -54.19 -16.08 12.64
CA ILE TA 53 -55.53 -16.11 13.22
C ILE TA 53 -56.27 -14.86 12.75
N TRP TA 54 -57.48 -15.05 12.24
CA TRP TA 54 -58.28 -13.96 11.72
C TRP TA 54 -59.66 -14.02 12.34
N HIS TA 55 -59.98 -13.05 13.18
CA HIS TA 55 -61.23 -13.02 13.91
C HIS TA 55 -62.11 -11.92 13.35
N CYS TA 56 -63.37 -12.26 13.10
CA CYS TA 56 -64.35 -11.26 12.66
C CYS TA 56 -65.00 -10.62 13.88
N GLY TA 57 -65.02 -9.30 13.91
CA GLY TA 57 -65.60 -8.60 15.03
C GLY TA 57 -67.11 -8.53 15.05
N SER TA 58 -67.78 -8.93 13.97
CA SER TA 58 -69.23 -8.87 13.91
C SER TA 58 -69.87 -10.19 14.32
N CYS TA 59 -69.60 -11.25 13.56
CA CYS TA 59 -70.19 -12.56 13.84
C CYS TA 59 -69.32 -13.41 14.75
N MET TA 60 -68.18 -12.88 15.20
CA MET TA 60 -67.35 -13.50 16.23
C MET TA 60 -66.83 -14.87 15.81
N LYS TA 61 -66.59 -15.05 14.52
CA LYS TA 61 -65.89 -16.24 14.06
C LYS TA 61 -64.40 -16.02 14.18
N THR TA 62 -63.67 -17.13 14.31
CA THR TA 62 -62.21 -17.14 14.29
C THR TA 62 -61.80 -18.12 13.21
N VAL TA 63 -60.86 -17.72 12.35
CA VAL TA 63 -60.44 -18.52 11.22
C VAL TA 63 -58.93 -18.72 11.31
N ALA TA 64 -58.48 -19.94 11.08
CA ALA TA 64 -57.05 -20.21 11.03
C ALA TA 64 -56.55 -19.87 9.63
N GLY TA 65 -56.23 -18.59 9.42
CA GLY TA 65 -55.80 -18.10 8.14
C GLY TA 65 -54.29 -18.02 8.03
N GLY TA 66 -53.84 -17.28 7.01
CA GLY TA 66 -52.43 -17.12 6.78
C GLY TA 66 -51.79 -16.13 7.73
N ALA TA 67 -50.46 -16.04 7.66
CA ALA TA 67 -49.74 -15.17 8.57
C ALA TA 67 -49.95 -13.71 8.23
N TRP TA 68 -49.98 -13.38 6.95
CA TRP TA 68 -50.05 -11.99 6.53
C TRP TA 68 -51.27 -11.70 5.68
N THR TA 69 -51.72 -12.65 4.90
CA THR TA 69 -52.97 -12.55 4.17
C THR TA 69 -54.01 -13.40 4.87
N TYR TA 70 -55.28 -13.18 4.52
CA TYR TA 70 -56.34 -13.93 5.15
C TYR TA 70 -56.25 -15.42 4.80
N ASN TA 71 -55.76 -15.71 3.60
CA ASN TA 71 -55.65 -17.08 3.13
C ASN TA 71 -54.51 -17.17 2.14
N THR TA 72 -53.73 -18.23 2.26
CA THR TA 72 -52.54 -18.40 1.43
C THR TA 72 -52.93 -19.06 0.12
N THR TA 73 -52.25 -18.67 -0.96
CA THR TA 73 -52.50 -19.27 -2.27
C THR TA 73 -52.24 -20.77 -2.24
N SER TA 74 -51.23 -21.20 -1.49
CA SER TA 74 -50.98 -22.63 -1.34
C SER TA 74 -52.17 -23.33 -0.69
N ALA TA 75 -52.73 -22.72 0.35
CA ALA TA 75 -53.90 -23.31 0.99
C ALA TA 75 -55.09 -23.34 0.04
N VAL TA 76 -55.25 -22.31 -0.78
CA VAL TA 76 -56.37 -22.28 -1.73
C VAL TA 76 -56.26 -23.43 -2.72
N THR TA 77 -55.07 -23.59 -3.31
CA THR TA 77 -54.88 -24.67 -4.27
C THR TA 77 -55.01 -26.03 -3.59
N VAL TA 78 -54.56 -26.16 -2.35
CA VAL TA 78 -54.71 -27.41 -1.63
C VAL TA 78 -56.18 -27.73 -1.41
N LYS TA 79 -56.98 -26.72 -1.05
CA LYS TA 79 -58.40 -26.97 -0.85
C LYS TA 79 -59.07 -27.41 -2.14
N SER TA 80 -58.73 -26.76 -3.26
CA SER TA 80 -59.30 -27.16 -4.53
C SER TA 80 -58.93 -28.60 -4.86
N ALA TA 81 -57.66 -28.97 -4.67
CA ALA TA 81 -57.23 -30.33 -4.96
C ALA TA 81 -57.91 -31.33 -4.05
N ILE TA 82 -58.08 -30.98 -2.77
CA ILE TA 82 -58.71 -31.91 -1.83
C ILE TA 82 -60.16 -32.14 -2.22
N ARG TA 83 -60.86 -31.08 -2.62
CA ARG TA 83 -62.24 -31.25 -3.08
C ARG TA 83 -62.28 -32.12 -4.34
N ARG TA 84 -61.32 -31.93 -5.25
CA ARG TA 84 -61.26 -32.79 -6.42
C ARG TA 84 -61.03 -34.24 -6.04
N LEU TA 85 -60.14 -34.49 -5.10
CA LEU TA 85 -59.88 -35.86 -4.68
C LEU TA 85 -61.10 -36.46 -4.00
N LYS TA 86 -61.83 -35.67 -3.23
CA LYS TA 86 -63.04 -36.17 -2.59
C LYS TA 86 -64.09 -36.55 -3.63
N GLU TA 87 -64.26 -35.74 -4.66
CA GLU TA 87 -65.23 -36.08 -5.69
C GLU TA 87 -64.72 -37.18 -6.61
N LEU TA 88 -63.42 -37.43 -6.64
CA LEU TA 88 -62.87 -38.52 -7.43
C LEU TA 88 -62.86 -39.84 -6.68
N LYS TA 89 -62.88 -39.79 -5.35
CA LYS TA 89 -62.83 -41.02 -4.57
C LYS TA 89 -64.04 -41.90 -4.86
N ASP TA 90 -65.22 -41.30 -4.95
CA ASP TA 90 -66.44 -42.04 -5.28
C ASP TA 90 -66.71 -41.90 -6.77
N GLN TA 91 -66.80 -43.02 -7.47
CA GLN TA 91 -67.05 -43.02 -8.91
C GLN TA 91 -68.49 -42.63 -9.20
N SER UA 1 47.07 -48.26 99.03
CA SER UA 1 48.38 -47.72 98.67
C SER UA 1 48.35 -46.20 98.60
N ALA UA 2 49.46 -45.58 99.00
CA ALA UA 2 49.52 -44.12 99.07
C ALA UA 2 49.28 -43.50 97.70
N HIS UA 3 50.04 -43.94 96.69
CA HIS UA 3 49.92 -43.33 95.38
C HIS UA 3 48.58 -43.65 94.72
N LEU UA 4 48.04 -44.84 94.94
CA LEU UA 4 46.75 -45.20 94.37
C LEU UA 4 45.64 -44.35 94.98
N GLN UA 5 45.61 -44.26 96.31
CA GLN UA 5 44.63 -43.41 96.96
C GLN UA 5 44.78 -41.96 96.53
N TRP UA 6 46.01 -41.52 96.30
CA TRP UA 6 46.22 -40.18 95.76
C TRP UA 6 45.65 -40.04 94.36
N MET UA 7 45.85 -41.04 93.50
CA MET UA 7 45.28 -41.01 92.17
C MET UA 7 43.76 -40.96 92.21
N VAL UA 8 43.15 -41.53 93.24
CA VAL UA 8 41.71 -41.44 93.37
C VAL UA 8 41.27 -40.06 93.85
N VAL UA 9 41.89 -39.51 94.88
CA VAL UA 9 41.33 -38.34 95.56
C VAL UA 9 42.06 -37.05 95.22
N ARG UA 10 42.94 -37.06 94.21
CA ARG UA 10 43.60 -35.82 93.84
C ARG UA 10 42.65 -34.81 93.21
N ASN UA 11 41.47 -35.24 92.78
CA ASN UA 11 40.54 -34.37 92.10
C ASN UA 11 39.12 -34.41 92.66
N CYS UA 12 38.72 -35.49 93.32
CA CYS UA 12 37.35 -35.64 93.79
C CYS UA 12 37.38 -36.04 95.26
N SER UA 13 37.34 -35.04 96.13
CA SER UA 13 37.35 -35.26 97.57
C SER UA 13 36.52 -34.18 98.23
N SER UA 14 35.77 -34.56 99.26
CA SER UA 14 34.95 -33.57 99.95
C SER UA 14 35.80 -32.55 100.69
N PHE UA 15 37.06 -32.84 100.95
CA PHE UA 15 37.94 -31.87 101.58
C PHE UA 15 38.49 -30.86 100.58
N LEU UA 16 38.46 -31.18 99.29
CA LEU UA 16 38.99 -30.30 98.27
C LEU UA 16 38.20 -29.00 98.21
N ILE UA 17 38.91 -27.89 98.04
CA ILE UA 17 38.30 -26.58 97.84
C ILE UA 17 39.05 -25.90 96.70
N LYS UA 18 38.43 -25.82 95.53
CA LYS UA 18 39.01 -25.16 94.37
C LYS UA 18 38.24 -23.86 94.16
N ARG UA 19 38.93 -22.73 94.32
CA ARG UA 19 38.24 -21.44 94.25
C ARG UA 19 39.29 -20.34 94.19
N ASN UA 20 38.99 -19.30 93.41
CA ASN UA 20 39.83 -18.11 93.29
C ASN UA 20 41.24 -18.46 92.78
N LYS UA 21 41.30 -19.31 91.76
CA LYS UA 21 42.53 -19.80 91.16
C LYS UA 21 43.43 -20.51 92.15
N GLN UA 22 42.93 -20.87 93.32
CA GLN UA 22 43.69 -21.55 94.34
C GLN UA 22 43.08 -22.91 94.62
N THR UA 23 43.76 -23.67 95.47
CA THR UA 23 43.31 -25.00 95.84
C THR UA 23 43.74 -25.28 97.27
N TYR UA 24 42.84 -25.91 98.03
CA TYR UA 24 43.16 -26.33 99.38
C TYR UA 24 42.45 -27.65 99.64
N SER UA 25 42.79 -28.26 100.77
CA SER UA 25 42.12 -29.47 101.23
C SER UA 25 42.06 -29.44 102.75
N THR UA 26 40.90 -29.80 103.30
CA THR UA 26 40.62 -29.55 104.71
C THR UA 26 40.60 -30.82 105.55
N GLU UA 27 41.25 -31.89 105.11
CA GLU UA 27 41.27 -33.07 105.94
C GLU UA 27 42.07 -32.81 107.20
N PRO UA 28 41.75 -33.48 108.30
CA PRO UA 28 42.19 -33.00 109.62
C PRO UA 28 43.70 -32.86 109.81
N ASN UA 29 44.50 -33.72 109.21
CA ASN UA 29 45.92 -33.76 109.50
C ASN UA 29 46.76 -33.27 108.33
N ASN UA 30 46.30 -32.22 107.68
CA ASN UA 30 47.01 -31.62 106.56
C ASN UA 30 47.62 -30.31 107.04
N LEU UA 31 48.89 -30.36 107.40
CA LEU UA 31 49.63 -29.13 107.63
C LEU UA 31 49.73 -28.35 106.34
N LYS UA 32 49.58 -27.03 106.43
CA LYS UA 32 49.53 -26.08 105.31
C LYS UA 32 48.22 -26.17 104.54
N ALA UA 33 47.41 -27.19 104.84
CA ALA UA 33 46.06 -27.35 104.29
C ALA UA 33 46.04 -27.20 102.78
N ARG UA 34 47.01 -27.82 102.11
CA ARG UA 34 47.10 -27.77 100.66
C ARG UA 34 46.85 -29.15 100.09
N ASN UA 35 46.29 -29.18 98.89
CA ASN UA 35 46.01 -30.44 98.20
C ASN UA 35 47.30 -30.91 97.54
N SER UA 36 48.00 -31.82 98.19
CA SER UA 36 49.23 -32.35 97.65
C SER UA 36 49.43 -33.76 98.18
N PHE UA 37 50.21 -34.55 97.44
CA PHE UA 37 50.49 -35.90 97.88
C PHE UA 37 51.33 -35.91 99.14
N ARG UA 38 52.28 -34.99 99.25
CA ARG UA 38 53.14 -34.94 100.41
C ARG UA 38 52.37 -34.57 101.67
N TYR UA 39 51.48 -33.59 101.57
CA TYR UA 39 50.82 -33.04 102.74
C TYR UA 39 49.46 -33.66 103.02
N ASN UA 40 49.00 -34.58 102.18
CA ASN UA 40 47.69 -35.18 102.42
C ASN UA 40 47.71 -35.97 103.72
N GLY UA 41 46.64 -35.84 104.49
CA GLY UA 41 46.63 -36.40 105.83
C GLY UA 41 45.87 -37.69 105.94
N LEU UA 42 45.59 -38.34 104.81
CA LEU UA 42 44.73 -39.51 104.85
C LEU UA 42 45.35 -40.71 104.14
N ILE UA 43 46.25 -40.44 103.20
CA ILE UA 43 46.71 -41.46 102.28
C ILE UA 43 48.10 -41.99 102.66
N HIS UA 44 48.48 -41.89 103.93
CA HIS UA 44 49.80 -42.32 104.34
C HIS UA 44 49.71 -43.20 105.58
N ARG UA 45 50.72 -44.06 105.73
CA ARG UA 45 50.79 -44.91 106.91
C ARG UA 45 51.35 -44.18 108.12
N LYS UA 46 51.92 -43.00 107.94
CA LYS UA 46 52.39 -42.22 109.07
C LYS UA 46 52.24 -40.74 108.74
N THR UA 47 51.37 -40.06 109.49
CA THR UA 47 51.11 -38.65 109.32
C THR UA 47 51.24 -37.94 110.65
N VAL UA 48 51.50 -36.63 110.59
CA VAL UA 48 51.57 -35.75 111.74
C VAL UA 48 50.57 -34.64 111.54
N GLY UA 49 49.76 -34.38 112.57
CA GLY UA 49 48.90 -33.22 112.57
C GLY UA 49 49.08 -32.46 113.87
N VAL UA 50 48.92 -31.14 113.77
CA VAL UA 50 48.97 -30.26 114.93
C VAL UA 50 47.70 -29.42 114.92
N GLU UA 51 46.96 -29.46 116.02
CA GLU UA 51 45.68 -28.78 116.11
C GLU UA 51 45.62 -27.98 117.40
N PRO UA 52 44.77 -26.96 117.46
CA PRO UA 52 44.61 -26.23 118.72
C PRO UA 52 43.97 -27.09 119.79
N ALA UA 53 44.31 -26.79 121.04
CA ALA UA 53 43.72 -27.50 122.17
C ALA UA 53 42.25 -27.11 122.33
N ALA UA 54 41.48 -28.01 122.93
CA ALA UA 54 40.05 -27.76 123.09
C ALA UA 54 39.77 -26.59 124.02
N ASP UA 55 40.64 -26.34 124.98
CA ASP UA 55 40.45 -25.23 125.90
C ASP UA 55 41.10 -23.94 125.41
N GLY UA 56 41.82 -23.97 124.29
CA GLY UA 56 42.38 -22.76 123.73
C GLY UA 56 43.76 -22.38 124.25
N LYS UA 57 44.48 -23.31 124.86
CA LYS UA 57 45.84 -23.03 125.33
C LYS UA 57 46.69 -24.27 125.12
N GLY UA 58 47.80 -24.09 124.40
CA GLY UA 58 48.63 -25.20 124.01
C GLY UA 58 48.12 -25.87 122.75
N VAL UA 59 48.91 -26.82 122.26
CA VAL UA 59 48.61 -27.50 121.01
C VAL UA 59 48.42 -28.98 121.28
N VAL UA 60 47.84 -29.66 120.30
CA VAL UA 60 47.63 -31.10 120.34
C VAL UA 60 48.31 -31.68 119.12
N VAL UA 61 49.23 -32.61 119.36
CA VAL UA 61 49.97 -33.28 118.30
C VAL UA 61 49.41 -34.68 118.16
N VAL UA 62 48.94 -34.99 116.96
CA VAL UA 62 48.42 -36.30 116.63
C VAL UA 62 49.38 -36.96 115.65
N ILE UA 63 49.67 -38.22 115.87
CA ILE UA 63 50.49 -38.98 114.94
C ILE UA 63 49.76 -40.27 114.61
N LYS UA 64 49.96 -40.74 113.38
CA LYS UA 64 49.36 -42.00 112.95
C LYS UA 64 50.15 -43.16 113.55
N ARG UA 65 49.43 -44.18 114.02
CA ARG UA 65 50.07 -45.39 114.49
C ARG UA 65 50.16 -46.41 113.37
N ARG UA 66 51.23 -47.21 113.41
CA ARG UA 66 51.57 -48.08 112.30
C ARG UA 66 50.71 -49.34 112.24
N SER UA 67 50.13 -49.77 113.36
CA SER UA 67 49.42 -51.04 113.38
C SER UA 67 48.01 -50.92 112.79
N GLY UA 68 47.15 -50.15 113.43
CA GLY UA 68 45.75 -50.15 113.02
C GLY UA 68 45.41 -49.19 111.90
N GLN UA 69 45.89 -49.49 110.68
CA GLN UA 69 45.60 -48.60 109.56
C GLN UA 69 44.13 -48.65 109.17
N ARG UA 70 43.53 -49.83 109.18
CA ARG UA 70 42.12 -49.97 108.87
C ARG UA 70 41.23 -49.76 110.09
N LYS UA 71 41.83 -49.50 111.25
CA LYS UA 71 41.06 -49.25 112.46
C LYS UA 71 41.21 -47.80 112.85
N PRO UA 72 40.40 -46.90 112.29
CA PRO UA 72 40.56 -45.47 112.60
C PRO UA 72 40.21 -45.12 114.03
N ALA UA 73 39.57 -46.02 114.77
CA ALA UA 73 39.23 -45.72 116.16
C ALA UA 73 40.48 -45.50 116.99
N THR UA 74 41.46 -46.38 116.85
CA THR UA 74 42.71 -46.28 117.59
C THR UA 74 43.86 -45.80 116.73
N SER UA 75 43.61 -45.47 115.47
CA SER UA 75 44.69 -45.22 114.53
C SER UA 75 45.51 -43.99 114.84
N TYR UA 76 45.04 -43.11 115.72
CA TYR UA 76 45.71 -41.85 115.98
C TYR UA 76 46.07 -41.73 117.46
N VAL UA 77 47.31 -41.29 117.72
CA VAL UA 77 47.82 -41.06 119.06
C VAL UA 77 47.90 -39.56 119.26
N ARG UA 78 47.20 -39.06 120.27
CA ARG UA 78 47.11 -37.63 120.52
C ARG UA 78 47.82 -37.28 121.82
N THR UA 79 48.55 -36.18 121.80
CA THR UA 79 49.19 -35.64 122.98
C THR UA 79 48.97 -34.14 123.02
N THR UA 80 49.04 -33.56 124.21
CA THR UA 80 48.83 -32.13 124.38
C THR UA 80 50.07 -31.52 125.00
N ILE UA 81 50.59 -30.47 124.36
CA ILE UA 81 51.74 -29.74 124.87
C ILE UA 81 51.27 -28.35 125.25
N ASN UA 82 51.44 -28.01 126.52
CA ASN UA 82 50.96 -26.76 127.11
C ASN UA 82 52.07 -26.08 127.90
N LYS UA 83 53.23 -25.94 127.28
CA LYS UA 83 54.34 -25.23 127.88
C LYS UA 83 54.73 -24.05 126.99
N ASN UA 84 55.84 -23.41 127.36
CA ASN UA 84 56.33 -22.23 126.67
C ASN UA 84 56.70 -22.56 125.23
N ALA UA 85 56.72 -21.51 124.40
CA ALA UA 85 56.75 -21.70 122.94
C ALA UA 85 58.03 -22.37 122.48
N ARG UA 86 59.17 -21.96 123.03
CA ARG UA 86 60.44 -22.51 122.58
C ARG UA 86 60.52 -24.01 122.84
N ALA UA 87 60.15 -24.44 124.04
CA ALA UA 87 60.22 -25.87 124.34
C ALA UA 87 59.10 -26.64 123.65
N THR UA 88 57.98 -25.98 123.36
CA THR UA 88 56.95 -26.66 122.58
C THR UA 88 57.45 -26.98 121.18
N LEU UA 89 58.06 -26.01 120.52
CA LEU UA 89 58.66 -26.28 119.21
C LEU UA 89 59.74 -27.34 119.32
N SER UA 90 60.54 -27.30 120.39
CA SER UA 90 61.55 -28.33 120.57
C SER UA 90 60.93 -29.71 120.73
N SER UA 91 59.80 -29.80 121.44
CA SER UA 91 59.14 -31.08 121.63
C SER UA 91 58.64 -31.64 120.30
N ILE UA 92 58.06 -30.79 119.46
CA ILE UA 92 57.60 -31.27 118.16
C ILE UA 92 58.78 -31.66 117.29
N ARG UA 93 59.85 -30.86 117.32
CA ARG UA 93 61.02 -31.17 116.52
C ARG UA 93 61.66 -32.49 116.94
N HIS UA 94 61.67 -32.78 118.23
CA HIS UA 94 62.16 -34.08 118.68
C HIS UA 94 61.20 -35.19 118.29
N MET UA 95 59.90 -34.96 118.39
CA MET UA 95 58.93 -35.96 118.04
C MET UA 95 58.99 -36.35 116.57
N ILE UA 96 59.53 -35.49 115.71
CA ILE UA 96 59.66 -35.80 114.30
C ILE UA 96 61.09 -36.24 113.95
N ARG UA 97 62.09 -35.47 114.37
CA ARG UA 97 63.46 -35.76 113.96
C ARG UA 97 64.01 -37.00 114.67
N LYS UA 98 63.80 -37.09 115.99
CA LYS UA 98 64.43 -38.18 116.73
C LYS UA 98 63.80 -39.52 116.40
N ASN UA 99 62.48 -39.57 116.29
CA ASN UA 99 61.82 -40.81 115.92
C ASN UA 99 62.00 -41.16 114.46
N LYS UA 100 62.55 -40.24 113.66
CA LYS UA 100 62.62 -40.39 112.20
C LYS UA 100 61.24 -40.69 111.62
N TYR UA 101 60.24 -40.03 112.19
CA TYR UA 101 58.84 -40.25 111.83
C TYR UA 101 58.44 -39.13 110.89
N ARG UA 102 58.36 -39.44 109.60
CA ARG UA 102 57.98 -38.48 108.57
C ARG UA 102 58.89 -37.25 108.65
N PRO UA 103 60.14 -37.36 108.23
CA PRO UA 103 61.09 -36.27 108.49
C PRO UA 103 60.87 -35.04 107.64
N ASP UA 104 60.15 -35.15 106.54
CA ASP UA 104 60.00 -33.99 105.66
C ASP UA 104 58.98 -32.99 106.17
N LEU UA 105 58.20 -33.35 107.18
CA LEU UA 105 57.15 -32.49 107.69
C LEU UA 105 57.57 -31.72 108.93
N ARG UA 106 58.85 -31.77 109.29
CA ARG UA 106 59.27 -31.18 110.56
C ARG UA 106 59.05 -29.68 110.59
N MET UA 107 59.55 -28.98 109.57
CA MET UA 107 59.45 -27.53 109.59
C MET UA 107 58.02 -27.05 109.35
N ALA UA 108 57.26 -27.79 108.52
CA ALA UA 108 55.86 -27.45 108.35
C ALA UA 108 55.08 -27.59 109.65
N ALA UA 109 55.32 -28.68 110.38
CA ALA UA 109 54.64 -28.87 111.66
C ALA UA 109 55.05 -27.81 112.66
N ILE UA 110 56.34 -27.46 112.70
CA ILE UA 110 56.79 -26.46 113.65
C ILE UA 110 56.22 -25.10 113.31
N ARG UA 111 56.16 -24.77 112.02
CA ARG UA 111 55.56 -23.50 111.61
C ARG UA 111 54.09 -23.44 111.97
N ARG UA 112 53.36 -24.53 111.75
CA ARG UA 112 51.96 -24.56 112.14
C ARG UA 112 51.80 -24.41 113.65
N ALA UA 113 52.67 -25.06 114.41
CA ALA UA 113 52.61 -24.92 115.86
C ALA UA 113 52.88 -23.49 116.29
N SER UA 114 53.86 -22.84 115.65
CA SER UA 114 54.15 -21.45 115.99
C SER UA 114 52.96 -20.55 115.68
N ALA UA 115 52.31 -20.78 114.53
CA ALA UA 115 51.14 -19.98 114.19
C ALA UA 115 49.99 -20.22 115.17
N ILE UA 116 49.77 -21.46 115.59
CA ILE UA 116 48.70 -21.75 116.53
C ILE UA 116 48.99 -21.13 117.90
N LEU UA 117 50.24 -21.23 118.36
CA LEU UA 117 50.60 -20.61 119.63
C LEU UA 117 50.43 -19.10 119.57
N ARG UA 118 50.82 -18.49 118.44
CA ARG UA 118 50.64 -17.06 118.28
C ARG UA 118 49.17 -16.69 118.33
N SER UA 119 48.31 -17.47 117.67
CA SER UA 119 46.90 -17.16 117.68
C SER UA 119 46.29 -17.35 119.07
N GLN UA 120 46.85 -18.26 119.87
CA GLN UA 120 46.38 -18.39 121.25
C GLN UA 120 46.93 -17.33 122.16
N LYS UA 121 47.97 -16.61 121.73
CA LYS UA 121 48.40 -15.42 122.47
C LYS UA 121 47.26 -14.40 122.53
N PRO UA 122 47.22 -13.58 123.58
CA PRO UA 122 46.16 -12.55 123.66
C PRO UA 122 46.30 -11.53 122.55
N VAL UA 123 45.16 -11.00 122.10
CA VAL UA 123 45.18 -10.00 121.04
C VAL UA 123 45.68 -8.67 121.59
N MET UA 124 46.04 -7.78 120.67
CA MET UA 124 46.55 -6.46 121.00
C MET UA 124 45.58 -5.39 120.47
N VAL UA 125 45.45 -4.31 121.23
CA VAL UA 125 44.59 -3.19 120.84
C VAL UA 125 45.30 -2.29 119.85
N ASP VA 1 90.31 29.54 -6.53
CA ASP VA 1 90.63 30.46 -7.60
C ASP VA 1 90.94 31.85 -7.07
N ARG VA 2 90.44 32.16 -5.88
CA ARG VA 2 90.71 33.47 -5.29
C ARG VA 2 92.19 33.66 -5.03
N ALA VA 3 92.84 32.63 -4.46
CA ALA VA 3 94.27 32.72 -4.20
C ALA VA 3 95.07 32.84 -5.49
N THR VA 4 94.69 32.08 -6.52
CA THR VA 4 95.39 32.16 -7.79
C THR VA 4 95.20 33.54 -8.43
N TRP VA 5 94.00 34.10 -8.33
CA TRP VA 5 93.72 35.40 -8.90
C TRP VA 5 94.50 36.49 -8.18
N LYS VA 6 94.60 36.40 -6.86
CA LYS VA 6 95.43 37.34 -6.11
C LYS VA 6 96.91 37.20 -6.51
N SER VA 7 97.37 35.97 -6.68
CA SER VA 7 98.74 35.75 -7.12
C SER VA 7 98.98 36.36 -8.49
N ASN VA 8 98.00 36.21 -9.39
CA ASN VA 8 98.09 36.78 -10.73
C ASN VA 8 98.16 38.29 -10.66
N TYR VA 9 97.38 38.89 -9.77
CA TYR VA 9 97.48 40.32 -9.56
C TYR VA 9 98.86 40.74 -9.08
N PHE VA 10 99.47 39.95 -8.19
CA PHE VA 10 100.81 40.25 -7.71
C PHE VA 10 101.82 40.24 -8.85
N LEU VA 11 101.81 39.18 -9.64
CA LEU VA 11 102.77 39.11 -10.75
C LEU VA 11 102.50 40.21 -11.78
N LYS VA 12 101.24 40.53 -12.03
CA LYS VA 12 100.91 41.60 -12.96
C LYS VA 12 101.45 42.95 -12.48
N ILE VA 13 101.23 43.27 -11.22
CA ILE VA 13 101.65 44.59 -10.75
C ILE VA 13 103.17 44.68 -10.69
N ILE VA 14 103.85 43.61 -10.27
CA ILE VA 14 105.30 43.71 -10.21
C ILE VA 14 105.88 43.83 -11.62
N GLN VA 15 105.33 43.09 -12.59
CA GLN VA 15 105.83 43.17 -13.95
C GLN VA 15 105.64 44.55 -14.53
N LEU VA 16 104.48 45.15 -14.33
CA LEU VA 16 104.27 46.47 -14.93
C LEU VA 16 105.02 47.57 -14.19
N LEU VA 17 105.18 47.46 -12.86
CA LEU VA 17 106.01 48.42 -12.14
C LEU VA 17 107.46 48.35 -12.60
N ASP VA 18 107.95 47.14 -12.89
CA ASP VA 18 109.30 47.04 -13.44
C ASP VA 18 109.36 47.59 -14.85
N ASP VA 19 108.33 47.35 -15.65
CA ASP VA 19 108.37 47.71 -17.06
C ASP VA 19 108.32 49.22 -17.26
N TYR VA 20 107.39 49.89 -16.59
CA TYR VA 20 107.19 51.31 -16.86
C TYR VA 20 107.83 52.15 -15.78
N PRO VA 21 108.88 52.92 -16.08
CA PRO VA 21 109.47 53.79 -15.06
C PRO VA 21 108.63 55.02 -14.75
N LYS VA 22 107.61 55.32 -15.55
CA LYS VA 22 106.79 56.51 -15.37
C LYS VA 22 105.35 56.07 -15.09
N CYS VA 23 104.85 56.38 -13.90
CA CYS VA 23 103.52 55.97 -13.51
C CYS VA 23 102.83 57.11 -12.78
N PHE VA 24 101.56 57.36 -13.10
CA PHE VA 24 100.81 58.42 -12.47
C PHE VA 24 99.68 57.78 -11.66
N ILE VA 25 99.51 58.25 -10.42
CA ILE VA 25 98.41 57.78 -9.59
C ILE VA 25 97.21 58.68 -9.84
N VAL VA 26 96.09 58.06 -10.19
CA VAL VA 26 94.90 58.75 -10.68
C VAL VA 26 93.74 58.36 -9.80
N GLY VA 27 92.98 59.36 -9.36
CA GLY VA 27 91.78 59.15 -8.60
C GLY VA 27 90.57 58.90 -9.48
N ALA VA 28 89.90 57.78 -9.22
CA ALA VA 28 88.69 57.39 -9.93
C ALA VA 28 87.50 57.97 -9.20
N ASP VA 29 86.80 58.88 -9.87
CA ASP VA 29 85.55 59.44 -9.39
C ASP VA 29 84.43 58.46 -9.64
N ASN VA 30 83.19 58.95 -9.65
CA ASN VA 30 82.04 58.14 -10.06
C ASN VA 30 82.13 57.93 -11.57
N VAL VA 31 83.01 57.01 -11.98
CA VAL VA 31 83.26 56.70 -13.38
C VAL VA 31 82.73 55.31 -13.67
N GLY VA 32 82.08 55.15 -14.82
CA GLY VA 32 81.44 53.90 -15.16
C GLY VA 32 82.34 52.95 -15.92
N SER VA 33 81.82 51.73 -16.10
CA SER VA 33 82.54 50.72 -16.86
C SER VA 33 82.70 51.13 -18.31
N LYS VA 34 81.67 51.72 -18.92
CA LYS VA 34 81.79 52.20 -20.30
C LYS VA 34 82.82 53.31 -20.42
N GLN VA 35 82.85 54.22 -19.45
CA GLN VA 35 83.91 55.23 -19.40
C GLN VA 35 85.29 54.57 -19.36
N MET VA 36 85.44 53.53 -18.54
CA MET VA 36 86.73 52.84 -18.46
C MET VA 36 87.08 52.14 -19.76
N GLN VA 37 86.10 51.55 -20.44
CA GLN VA 37 86.36 50.94 -21.74
C GLN VA 37 86.87 51.98 -22.73
N GLN VA 38 86.21 53.13 -22.77
CA GLN VA 38 86.65 54.22 -23.64
C GLN VA 38 88.06 54.67 -23.30
N ILE VA 39 88.36 54.81 -22.01
CA ILE VA 39 89.67 55.28 -21.58
C ILE VA 39 90.76 54.29 -21.97
N ARG VA 40 90.51 53.00 -21.74
CA ARG VA 40 91.50 51.99 -22.10
C ARG VA 40 91.73 51.96 -23.60
N MET VA 41 90.66 52.08 -24.40
CA MET VA 41 90.85 52.06 -25.84
C MET VA 41 91.55 53.31 -26.34
N SER VA 42 91.27 54.47 -25.72
CA SER VA 42 91.97 55.69 -26.07
C SER VA 42 93.47 55.57 -25.77
N LEU VA 43 93.80 55.00 -24.61
CA LEU VA 43 95.19 54.89 -24.20
C LEU VA 43 95.85 53.60 -24.67
N ARG VA 44 95.15 52.80 -25.48
CA ARG VA 44 95.70 51.52 -25.92
C ARG VA 44 96.99 51.69 -26.71
N GLY VA 45 97.20 52.85 -27.32
CA GLY VA 45 98.42 53.08 -28.07
C GLY VA 45 99.65 53.17 -27.17
N LYS VA 46 99.52 53.85 -26.03
CA LYS VA 46 100.73 54.21 -25.29
C LYS VA 46 100.73 53.83 -23.81
N ALA VA 47 99.58 53.91 -23.15
CA ALA VA 47 99.52 53.72 -21.70
C ALA VA 47 98.71 52.49 -21.34
N VAL VA 48 98.90 52.02 -20.11
CA VAL VA 48 98.13 50.89 -19.58
C VAL VA 48 97.69 51.22 -18.16
N VAL VA 49 96.42 50.96 -17.85
CA VAL VA 49 95.81 51.43 -16.61
C VAL VA 49 95.38 50.23 -15.77
N LEU VA 50 95.78 50.23 -14.50
CA LEU VA 50 95.44 49.16 -13.56
C LEU VA 50 94.84 49.75 -12.30
N MET VA 51 93.83 49.08 -11.76
CA MET VA 51 93.22 49.47 -10.51
C MET VA 51 92.84 48.23 -9.71
N GLY VA 52 92.89 48.37 -8.40
CA GLY VA 52 92.57 47.26 -7.52
C GLY VA 52 92.55 47.75 -6.09
N LYS VA 53 92.52 46.78 -5.18
CA LYS VA 53 92.51 47.10 -3.76
C LYS VA 53 93.79 47.86 -3.39
N ASN VA 54 93.60 48.96 -2.67
CA ASN VA 54 94.76 49.73 -2.21
C ASN VA 54 95.65 48.89 -1.32
N THR VA 55 95.04 48.05 -0.48
CA THR VA 55 95.82 47.18 0.40
C THR VA 55 96.66 46.20 -0.41
N MET VA 56 96.10 45.64 -1.48
CA MET VA 56 96.88 44.76 -2.35
C MET VA 56 98.01 45.53 -3.03
N MET VA 57 97.71 46.73 -3.54
CA MET VA 57 98.74 47.56 -4.14
C MET VA 57 99.89 47.79 -3.17
N ARG VA 58 99.56 48.25 -1.96
CA ARG VA 58 100.58 48.58 -0.97
C ARG VA 58 101.36 47.36 -0.55
N LYS VA 59 100.70 46.21 -0.40
CA LYS VA 59 101.39 45.00 0.00
C LYS VA 59 102.37 44.56 -1.07
N ALA VA 60 101.95 44.56 -2.34
CA ALA VA 60 102.88 44.18 -3.40
C ALA VA 60 104.03 45.17 -3.50
N ILE VA 61 103.74 46.46 -3.30
CA ILE VA 61 104.79 47.48 -3.34
C ILE VA 61 105.82 47.24 -2.25
N ARG VA 62 105.34 46.98 -1.03
CA ARG VA 62 106.25 46.73 0.07
C ARG VA 62 107.05 45.44 -0.13
N GLY VA 63 106.42 44.44 -0.75
CA GLY VA 63 107.14 43.20 -1.04
C GLY VA 63 108.25 43.40 -2.05
N HIS VA 64 108.00 44.21 -3.08
CA HIS VA 64 109.00 44.50 -4.10
C HIS VA 64 109.92 45.66 -3.72
N LEU VA 65 109.71 46.24 -2.54
CA LEU VA 65 110.45 47.42 -2.13
C LEU VA 65 111.95 47.16 -1.97
N GLU VA 66 112.34 45.95 -1.54
CA GLU VA 66 113.77 45.65 -1.46
C GLU VA 66 114.39 45.62 -2.86
N ASN VA 67 113.70 45.02 -3.82
CA ASN VA 67 114.21 44.96 -5.18
C ASN VA 67 114.31 46.36 -5.79
N ASN VA 68 113.27 47.18 -5.59
CA ASN VA 68 113.28 48.56 -6.05
C ASN VA 68 112.86 49.49 -4.92
N PRO VA 69 113.81 50.00 -4.15
CA PRO VA 69 113.49 51.08 -3.21
C PRO VA 69 113.10 52.35 -3.96
N ALA VA 70 112.76 53.40 -3.21
CA ALA VA 70 112.16 54.66 -3.68
C ALA VA 70 110.71 54.47 -4.14
N LEU VA 71 110.20 53.24 -4.18
CA LEU VA 71 108.79 53.00 -4.41
C LEU VA 71 107.98 53.15 -3.13
N GLU VA 72 108.65 53.30 -1.98
CA GLU VA 72 107.97 53.58 -0.73
C GLU VA 72 107.37 54.98 -0.72
N LYS VA 73 107.76 55.85 -1.65
CA LYS VA 73 107.14 57.16 -1.75
C LYS VA 73 105.69 57.04 -2.16
N LEU VA 74 105.36 56.08 -3.01
CA LEU VA 74 103.97 55.87 -3.40
C LEU VA 74 103.14 55.24 -2.29
N LEU VA 75 103.81 54.64 -1.30
CA LEU VA 75 103.08 53.92 -0.26
C LEU VA 75 102.12 54.80 0.53
N PRO VA 76 102.52 55.99 1.07
CA PRO VA 76 101.51 56.81 1.76
C PRO VA 76 100.73 57.70 0.80
N HIS VA 77 100.35 57.14 -0.34
CA HIS VA 77 99.50 57.82 -1.31
C HIS VA 77 98.47 56.88 -1.92
N ILE VA 78 98.50 55.60 -1.57
CA ILE VA 78 97.52 54.64 -2.09
C ILE VA 78 96.34 54.69 -1.12
N ARG VA 79 95.47 55.68 -1.33
CA ARG VA 79 94.32 55.88 -0.47
C ARG VA 79 93.12 56.20 -1.34
N GLY VA 80 91.96 55.69 -0.92
CA GLY VA 80 90.74 55.92 -1.65
C GLY VA 80 90.74 55.21 -2.98
N ASN VA 81 89.70 55.49 -3.77
CA ASN VA 81 89.55 54.85 -5.07
C ASN VA 81 90.52 55.52 -6.04
N VAL VA 82 91.71 54.95 -6.16
CA VAL VA 82 92.76 55.44 -7.03
C VAL VA 82 93.36 54.27 -7.78
N GLY VA 83 94.40 54.55 -8.57
CA GLY VA 83 95.06 53.48 -9.29
C GLY VA 83 96.26 53.99 -10.06
N PHE VA 84 96.90 53.06 -10.77
CA PHE VA 84 98.11 53.35 -11.51
C PHE VA 84 97.78 53.48 -13.00
N VAL VA 85 98.40 54.45 -13.66
CA VAL VA 85 98.48 54.47 -15.11
C VAL VA 85 99.96 54.51 -15.49
N PHE VA 86 100.37 53.52 -16.25
CA PHE VA 86 101.75 53.36 -16.70
C PHE VA 86 101.88 54.01 -18.07
N THR VA 87 102.86 54.90 -18.22
CA THR VA 87 103.09 55.55 -19.50
C THR VA 87 104.59 55.73 -19.71
N LYS VA 88 104.93 56.01 -20.97
CA LYS VA 88 106.29 56.37 -21.35
C LYS VA 88 106.34 57.69 -22.12
N GLU VA 89 105.22 58.40 -22.20
CA GLU VA 89 105.13 59.64 -22.95
C GLU VA 89 105.18 60.82 -21.99
N ASP VA 90 105.32 62.02 -22.56
CA ASP VA 90 105.65 63.17 -21.74
C ASP VA 90 104.47 63.60 -20.88
N LEU VA 91 104.81 64.34 -19.82
CA LEU VA 91 103.86 64.63 -18.75
C LEU VA 91 102.68 65.45 -19.23
N THR VA 92 102.95 66.58 -19.89
CA THR VA 92 101.87 67.45 -20.32
C THR VA 92 101.05 66.84 -21.44
N GLU VA 93 101.64 66.02 -22.30
CA GLU VA 93 100.87 65.39 -23.37
C GLU VA 93 99.97 64.28 -22.83
N ILE VA 94 100.46 63.48 -21.89
CA ILE VA 94 99.59 62.49 -21.26
C ILE VA 94 98.48 63.18 -20.46
N ARG VA 95 98.83 64.25 -19.73
CA ARG VA 95 97.82 65.01 -19.01
C ARG VA 95 96.79 65.62 -19.95
N ASP VA 96 97.25 66.13 -21.08
CA ASP VA 96 96.36 66.68 -22.09
C ASP VA 96 95.41 65.63 -22.63
N MET VA 97 95.93 64.46 -22.98
CA MET VA 97 95.09 63.42 -23.54
C MET VA 97 94.21 62.75 -22.48
N LEU VA 98 94.51 62.93 -21.21
CA LEU VA 98 93.61 62.44 -20.18
C LEU VA 98 92.50 63.43 -19.89
N LEU VA 99 92.79 64.73 -19.94
CA LEU VA 99 91.72 65.71 -19.80
C LEU VA 99 90.88 65.82 -21.06
N ALA VA 100 91.41 65.39 -22.20
CA ALA VA 100 90.68 65.49 -23.45
C ALA VA 100 89.53 64.49 -23.50
N ASN VA 101 89.73 63.29 -22.97
CA ASN VA 101 88.71 62.25 -23.04
C ASN VA 101 87.94 62.16 -21.72
N LYS VA 102 87.04 63.13 -21.56
CA LYS VA 102 86.11 63.19 -20.43
C LYS VA 102 84.69 63.10 -20.99
N VAL VA 103 84.05 61.96 -20.76
CA VAL VA 103 82.73 61.70 -21.36
C VAL VA 103 81.71 62.66 -20.75
N PRO VA 104 80.75 63.17 -21.53
CA PRO VA 104 79.65 63.95 -20.95
C PRO VA 104 78.68 63.07 -20.16
N ALA VA 105 79.05 62.82 -18.90
CA ALA VA 105 78.33 61.88 -18.06
C ALA VA 105 76.89 62.32 -17.84
N ALA VA 106 75.97 61.37 -17.96
CA ALA VA 106 74.56 61.64 -17.69
C ALA VA 106 74.34 61.82 -16.19
N ALA VA 107 73.26 62.53 -15.87
CA ALA VA 107 72.90 62.77 -14.48
C ALA VA 107 72.27 61.51 -13.92
N ARG VA 108 73.04 60.73 -13.17
CA ARG VA 108 72.55 59.52 -12.56
C ARG VA 108 71.65 59.88 -11.38
N ALA VA 109 70.46 59.29 -11.33
CA ALA VA 109 69.51 59.62 -10.29
C ALA VA 109 70.03 59.20 -8.92
N GLY VA 110 69.75 60.02 -7.92
CA GLY VA 110 70.17 59.77 -6.56
C GLY VA 110 71.55 60.24 -6.21
N ALA VA 111 72.30 60.78 -7.16
CA ALA VA 111 73.65 61.23 -6.89
C ALA VA 111 73.68 62.72 -6.61
N ILE VA 112 74.82 63.20 -6.15
CA ILE VA 112 75.05 64.61 -5.90
C ILE VA 112 75.51 65.27 -7.20
N ALA VA 113 74.95 66.43 -7.51
CA ALA VA 113 75.30 67.16 -8.71
C ALA VA 113 76.39 68.16 -8.39
N PRO VA 114 77.57 68.05 -9.01
CA PRO VA 114 78.63 69.03 -8.73
C PRO VA 114 78.44 70.34 -9.46
N CYS VA 115 77.62 70.38 -10.49
CA CYS VA 115 77.45 71.54 -11.34
C CYS VA 115 76.07 72.13 -11.17
N GLU VA 116 75.96 73.45 -11.26
CA GLU VA 116 74.69 74.13 -11.27
C GLU VA 116 74.20 74.26 -12.71
N VAL VA 117 73.10 73.60 -13.04
CA VAL VA 117 72.59 73.55 -14.41
C VAL VA 117 71.21 74.20 -14.47
N THR VA 118 71.04 75.14 -15.38
CA THR VA 118 69.76 75.78 -15.67
C THR VA 118 69.40 75.46 -17.12
N VAL VA 119 68.20 74.93 -17.32
CA VAL VA 119 67.76 74.56 -18.66
C VAL VA 119 67.20 75.81 -19.35
N PRO VA 120 67.40 75.95 -20.65
CA PRO VA 120 66.98 77.15 -21.36
C PRO VA 120 65.52 77.09 -21.75
N ALA VA 121 65.09 78.06 -22.55
CA ALA VA 121 63.74 78.18 -23.06
C ALA VA 121 63.82 78.03 -24.58
N GLN VA 122 63.61 76.81 -25.06
CA GLN VA 122 63.81 76.51 -26.47
C GLN VA 122 62.79 75.49 -26.94
N ASN VA 123 62.73 75.32 -28.26
CA ASN VA 123 61.96 74.26 -28.88
C ASN VA 123 62.60 72.92 -28.54
N THR VA 124 61.98 72.18 -27.62
CA THR VA 124 62.57 70.95 -27.12
C THR VA 124 62.58 69.87 -28.19
N GLY VA 125 61.58 69.83 -29.05
CA GLY VA 125 61.43 68.77 -30.01
C GLY VA 125 60.73 67.53 -29.49
N LEU VA 126 60.42 67.47 -28.20
CA LEU VA 126 59.75 66.32 -27.64
C LEU VA 126 58.30 66.26 -28.10
N GLY VA 127 57.75 65.05 -28.10
CA GLY VA 127 56.34 64.87 -28.37
C GLY VA 127 55.51 65.46 -27.26
N PRO VA 128 54.24 65.78 -27.55
CA PRO VA 128 53.35 66.38 -26.56
C PRO VA 128 52.70 65.33 -25.65
N GLU VA 129 53.49 64.35 -25.23
CA GLU VA 129 53.10 63.40 -24.20
C GLU VA 129 54.11 63.36 -23.07
N LYS VA 130 55.27 63.98 -23.24
CA LYS VA 130 56.25 64.11 -22.19
C LYS VA 130 55.97 65.30 -21.28
N THR VA 131 54.86 66.01 -21.54
CA THR VA 131 54.52 67.19 -20.78
C THR VA 131 54.18 66.89 -19.33
N SER VA 132 53.79 65.65 -19.03
CA SER VA 132 53.49 65.30 -17.65
C SER VA 132 54.72 65.44 -16.77
N PHE VA 133 55.90 65.13 -17.32
CA PHE VA 133 57.13 65.29 -16.55
C PHE VA 133 57.42 66.76 -16.30
N PHE VA 134 57.19 67.62 -17.29
CA PHE VA 134 57.34 69.05 -17.09
C PHE VA 134 56.36 69.58 -16.07
N GLN VA 135 55.18 68.98 -16.00
CA GLN VA 135 54.20 69.33 -14.97
C GLN VA 135 54.62 68.84 -13.60
N ALA VA 136 55.27 67.68 -13.53
CA ALA VA 136 55.70 67.14 -12.24
C ALA VA 136 56.84 67.95 -11.66
N LEU VA 137 57.83 68.31 -12.49
CA LEU VA 137 58.94 69.09 -12.00
C LEU VA 137 58.56 70.51 -11.60
N GLY VA 138 57.42 71.02 -12.08
CA GLY VA 138 57.04 72.38 -11.79
C GLY VA 138 57.43 73.39 -12.83
N ILE VA 139 57.43 73.03 -14.10
CA ILE VA 139 57.67 73.96 -15.20
C ILE VA 139 56.37 74.15 -15.97
N THR VA 140 55.97 75.41 -16.13
CA THR VA 140 54.83 75.74 -16.99
C THR VA 140 55.33 75.84 -18.42
N THR VA 141 54.77 75.01 -19.30
CA THR VA 141 55.23 74.90 -20.67
C THR VA 141 54.04 74.91 -21.62
N LYS VA 142 54.27 75.37 -22.85
CA LYS VA 142 53.20 75.51 -23.83
C LYS VA 142 53.58 74.80 -25.11
N ILE VA 143 52.56 74.43 -25.88
CA ILE VA 143 52.78 73.75 -27.15
C ILE VA 143 52.96 74.80 -28.23
N SER VA 144 54.13 74.82 -28.84
CA SER VA 144 54.43 75.67 -29.98
C SER VA 144 54.86 74.79 -31.15
N ARG VA 145 54.30 75.05 -32.33
CA ARG VA 145 54.63 74.31 -33.55
C ARG VA 145 54.43 72.81 -33.37
N GLY VA 146 53.43 72.46 -32.56
CA GLY VA 146 53.16 71.06 -32.26
C GLY VA 146 54.26 70.36 -31.48
N THR VA 147 54.95 71.07 -30.61
CA THR VA 147 55.96 70.44 -29.77
C THR VA 147 56.11 71.28 -28.51
N ILE VA 148 56.68 70.64 -27.47
CA ILE VA 148 56.84 71.30 -26.18
C ILE VA 148 57.76 72.50 -26.32
N GLU VA 149 57.43 73.58 -25.59
CA GLU VA 149 58.20 74.81 -25.62
C GLU VA 149 58.15 75.46 -24.26
N ILE VA 150 59.31 75.80 -23.74
CA ILE VA 150 59.46 76.37 -22.40
C ILE VA 150 59.52 77.89 -22.53
N LEU VA 151 58.75 78.57 -21.69
CA LEU VA 151 58.65 80.02 -21.81
C LEU VA 151 59.87 80.73 -21.22
N SER VA 152 60.45 80.20 -20.14
CA SER VA 152 61.57 80.87 -19.50
C SER VA 152 62.63 79.87 -19.10
N ASP VA 153 63.87 80.35 -19.02
CA ASP VA 153 64.97 79.57 -18.49
C ASP VA 153 64.69 79.27 -17.02
N VAL VA 154 65.02 78.06 -16.58
CA VAL VA 154 64.78 77.70 -15.20
C VAL VA 154 65.91 76.83 -14.69
N GLN VA 155 66.40 77.16 -13.49
CA GLN VA 155 67.38 76.28 -12.86
C GLN VA 155 66.69 75.00 -12.41
N LEU VA 156 67.48 73.95 -12.30
CA LEU VA 156 66.94 72.65 -11.94
C LEU VA 156 67.56 72.10 -10.68
N ILE VA 157 68.88 72.19 -10.53
CA ILE VA 157 69.56 71.69 -9.35
C ILE VA 157 70.78 72.57 -9.07
N LYS VA 158 71.02 72.85 -7.80
CA LYS VA 158 72.16 73.65 -7.39
C LYS VA 158 73.41 72.78 -7.37
N THR VA 159 74.48 73.31 -6.81
CA THR VA 159 75.72 72.55 -6.68
C THR VA 159 75.78 71.85 -5.33
N GLY VA 160 76.40 70.67 -5.32
CA GLY VA 160 76.61 69.92 -4.10
C GLY VA 160 75.36 69.46 -3.38
N ASP VA 161 74.39 68.92 -4.13
CA ASP VA 161 73.16 68.44 -3.52
C ASP VA 161 72.62 67.26 -4.31
N LYS VA 162 71.71 66.52 -3.69
CA LYS VA 162 71.16 65.31 -4.28
C LYS VA 162 70.22 65.65 -5.43
N VAL VA 163 70.10 64.70 -6.36
CA VAL VA 163 69.25 64.84 -7.52
C VAL VA 163 68.07 63.89 -7.40
N GLY VA 164 66.95 64.26 -8.04
CA GLY VA 164 65.75 63.47 -8.02
C GLY VA 164 65.56 62.67 -9.30
N ALA VA 165 64.74 61.61 -9.19
CA ALA VA 165 64.53 60.71 -10.32
C ALA VA 165 63.80 61.42 -11.46
N SER VA 166 62.74 62.17 -11.15
CA SER VA 166 62.02 62.89 -12.19
C SER VA 166 62.88 63.98 -12.81
N GLU VA 167 63.62 64.72 -11.97
CA GLU VA 167 64.52 65.76 -12.48
C GLU VA 167 65.58 65.17 -13.40
N ALA VA 168 66.07 63.97 -13.06
CA ALA VA 168 67.09 63.33 -13.88
C ALA VA 168 66.51 62.80 -15.18
N THR VA 169 65.34 62.15 -15.11
CA THR VA 169 64.78 61.57 -16.32
C THR VA 169 64.33 62.64 -17.30
N LEU VA 170 63.91 63.82 -16.80
CA LEU VA 170 63.60 64.91 -17.72
C LEU VA 170 64.84 65.33 -18.50
N LEU VA 171 65.99 65.44 -17.82
CA LEU VA 171 67.22 65.81 -18.51
C LEU VA 171 67.67 64.73 -19.47
N ASN VA 172 67.48 63.46 -19.10
CA ASN VA 172 67.82 62.38 -20.03
C ASN VA 172 66.94 62.45 -21.28
N MET VA 173 65.66 62.74 -21.11
CA MET VA 173 64.76 62.81 -22.26
C MET VA 173 65.09 64.01 -23.13
N LEU VA 174 65.38 65.16 -22.54
CA LEU VA 174 65.84 66.30 -23.32
C LEU VA 174 67.21 66.05 -23.94
N ASN VA 175 67.94 65.05 -23.44
CA ASN VA 175 69.24 64.64 -23.96
C ASN VA 175 70.25 65.79 -23.91
N ILE VA 176 70.06 66.71 -22.97
CA ILE VA 176 71.01 67.80 -22.78
C ILE VA 176 72.18 67.26 -21.98
N SER VA 177 73.27 68.03 -21.91
CA SER VA 177 74.46 67.62 -21.19
C SER VA 177 74.36 68.05 -19.74
N PRO VA 178 74.31 67.13 -18.79
CA PRO VA 178 74.40 67.49 -17.39
C PRO VA 178 75.88 67.64 -16.96
N PHE VA 179 76.10 67.74 -15.67
CA PHE VA 179 77.46 67.72 -15.12
C PHE VA 179 78.25 66.55 -15.70
N SER VA 180 79.49 66.82 -16.08
CA SER VA 180 80.36 65.81 -16.69
C SER VA 180 81.72 65.82 -15.99
N PHE VA 181 82.29 64.63 -15.84
CA PHE VA 181 83.51 64.46 -15.06
C PHE VA 181 84.11 63.10 -15.41
N GLY VA 182 85.34 62.90 -14.94
CA GLY VA 182 86.05 61.66 -15.19
C GLY VA 182 87.21 61.51 -14.24
N LEU VA 183 87.97 60.43 -14.45
CA LEU VA 183 89.14 60.13 -13.62
C LEU VA 183 90.16 61.26 -13.74
N VAL VA 184 90.74 61.65 -12.61
CA VAL VA 184 91.60 62.82 -12.56
C VAL VA 184 92.91 62.46 -11.88
N ILE VA 185 94.02 62.96 -12.42
CA ILE VA 185 95.33 62.61 -11.89
C ILE VA 185 95.47 63.20 -10.48
N GLN VA 186 95.79 62.34 -9.51
CA GLN VA 186 96.17 62.82 -8.19
C GLN VA 186 97.62 63.27 -8.19
N GLN VA 187 98.54 62.38 -8.56
CA GLN VA 187 99.96 62.70 -8.54
C GLN VA 187 100.67 61.93 -9.64
N VAL VA 188 101.96 62.23 -9.81
CA VAL VA 188 102.81 61.59 -10.80
C VAL VA 188 104.02 61.00 -10.09
N PHE VA 189 104.70 60.08 -10.79
CA PHE VA 189 105.90 59.42 -10.27
C PHE VA 189 106.82 59.14 -11.44
N ASP VA 190 107.91 59.91 -11.51
CA ASP VA 190 108.89 59.85 -12.58
C ASP VA 190 110.20 59.35 -12.00
N ASN VA 191 110.36 58.02 -11.99
CA ASN VA 191 111.64 57.38 -11.68
C ASN VA 191 112.16 57.74 -10.29
N GLY VA 192 111.24 57.99 -9.35
CA GLY VA 192 111.64 58.31 -8.00
C GLY VA 192 111.43 59.76 -7.63
N SER VA 193 110.38 60.37 -8.17
CA SER VA 193 110.08 61.77 -7.92
C SER VA 193 108.59 61.94 -7.68
N ILE VA 194 108.24 62.98 -6.93
CA ILE VA 194 106.85 63.27 -6.60
C ILE VA 194 106.54 64.69 -7.02
N TYR VA 195 105.48 64.86 -7.81
CA TYR VA 195 105.05 66.19 -8.22
C TYR VA 195 103.56 66.36 -8.05
N ASN VA 196 103.07 67.60 -8.18
CA ASN VA 196 101.66 67.90 -7.94
C ASN VA 196 100.84 67.77 -9.23
N PRO WA 1 70.69 69.90 -39.98
CA PRO WA 1 70.83 68.55 -39.42
C PRO WA 1 70.23 67.49 -40.34
N ASN WA 2 70.58 67.56 -41.63
CA ASN WA 2 70.01 66.73 -42.69
C ASN WA 2 68.49 66.91 -42.80
N GLU WA 3 67.98 68.03 -42.27
CA GLU WA 3 66.57 68.43 -42.32
C GLU WA 3 65.65 67.49 -41.54
N ILE WA 4 66.21 66.48 -40.88
CA ILE WA 4 65.40 65.48 -40.20
C ILE WA 4 66.29 64.70 -39.24
N LYS WA 5 65.69 64.17 -38.18
CA LYS WA 5 66.34 63.31 -37.20
C LYS WA 5 65.79 61.89 -37.40
N VAL WA 6 66.49 61.09 -38.20
CA VAL WA 6 66.03 59.78 -38.65
C VAL WA 6 67.02 58.69 -38.25
N VAL WA 7 67.84 58.95 -37.23
CA VAL WA 7 68.88 58.02 -36.81
C VAL WA 7 68.29 56.87 -36.02
N TYR WA 8 66.96 56.81 -35.95
CA TYR WA 8 66.29 55.70 -35.29
C TYR WA 8 66.62 54.39 -36.00
N LEU WA 9 66.51 53.31 -35.23
CA LEU WA 9 66.76 51.96 -35.72
C LEU WA 9 65.45 51.23 -35.97
N ARG WA 10 65.50 50.28 -36.90
CA ARG WA 10 64.34 49.46 -37.21
C ARG WA 10 64.73 47.99 -37.20
N CYS WA 11 63.82 47.16 -36.68
CA CYS WA 11 64.10 45.74 -36.50
C CYS WA 11 63.17 44.89 -37.33
N THR WA 12 63.00 45.25 -38.61
CA THR WA 12 62.18 44.48 -39.53
C THR WA 12 63.08 43.80 -40.56
N GLY WA 13 62.69 42.59 -40.96
CA GLY WA 13 63.50 41.86 -41.91
C GLY WA 13 62.79 40.61 -42.36
N GLY WA 14 63.34 40.01 -43.43
CA GLY WA 14 62.76 38.82 -44.01
C GLY WA 14 61.57 39.13 -44.90
N GLU WA 15 60.37 38.81 -44.41
CA GLU WA 15 59.16 39.17 -45.10
C GLU WA 15 59.02 40.69 -45.17
N VAL WA 16 58.09 41.16 -46.00
CA VAL WA 16 57.95 42.60 -46.26
C VAL WA 16 57.65 43.34 -44.96
N GLY WA 17 56.66 42.88 -44.21
CA GLY WA 17 56.27 43.55 -42.99
C GLY WA 17 55.38 44.75 -43.27
N ALA WA 18 56.00 45.84 -43.73
CA ALA WA 18 55.32 47.09 -44.05
C ALA WA 18 54.47 47.60 -42.88
N THR WA 19 53.16 47.68 -43.06
CA THR WA 19 52.29 48.17 -41.99
C THR WA 19 52.04 47.12 -40.91
N SER WA 20 52.31 45.85 -41.20
CA SER WA 20 52.16 44.82 -40.17
C SER WA 20 53.16 45.04 -39.04
N ALA WA 21 54.36 45.50 -39.37
CA ALA WA 21 55.35 45.87 -38.36
C ALA WA 21 55.09 47.29 -37.89
N LEU WA 22 56.02 47.86 -37.13
CA LEU WA 22 55.88 49.19 -36.57
C LEU WA 22 56.37 50.28 -37.50
N ALA WA 23 56.48 49.99 -38.80
CA ALA WA 23 56.82 51.04 -39.76
C ALA WA 23 55.82 52.18 -39.75
N PRO WA 24 54.49 51.96 -39.85
CA PRO WA 24 53.58 53.10 -39.69
C PRO WA 24 53.50 53.60 -38.26
N LYS WA 25 53.86 52.77 -37.27
CA LYS WA 25 53.82 53.21 -35.88
C LYS WA 25 54.87 54.29 -35.62
N ILE WA 26 56.05 54.16 -36.23
CA ILE WA 26 57.08 55.19 -36.10
C ILE WA 26 57.08 56.17 -37.26
N GLY WA 27 56.26 55.93 -38.29
CA GLY WA 27 56.16 56.82 -39.43
C GLY WA 27 55.88 58.28 -39.16
N PRO WA 28 54.89 58.61 -38.31
CA PRO WA 28 54.56 60.03 -38.11
C PRO WA 28 55.68 60.90 -37.53
N LEU WA 29 56.81 60.31 -37.11
CA LEU WA 29 57.93 61.14 -36.68
C LEU WA 29 58.45 61.99 -37.84
N GLY WA 30 58.52 61.43 -39.03
CA GLY WA 30 58.91 62.20 -40.20
C GLY WA 30 57.79 62.47 -41.18
N LEU WA 31 56.91 61.47 -41.36
CA LEU WA 31 55.72 61.51 -42.20
C LEU WA 31 56.03 61.53 -43.68
N SER WA 32 57.31 61.67 -44.04
CA SER WA 32 57.70 61.76 -45.45
C SER WA 32 57.72 60.41 -46.16
N PRO WA 33 58.45 59.37 -45.66
CA PRO WA 33 58.52 58.13 -46.45
C PRO WA 33 57.21 57.35 -46.48
N LYS WA 34 56.65 57.05 -45.31
CA LYS WA 34 55.38 56.35 -45.18
C LYS WA 34 55.33 55.02 -45.92
N LYS WA 35 54.20 54.75 -46.59
CA LYS WA 35 53.96 53.44 -47.19
C LYS WA 35 54.83 53.19 -48.43
N VAL WA 36 55.27 54.24 -49.11
CA VAL WA 36 56.29 54.05 -50.14
C VAL WA 36 57.64 53.81 -49.49
N GLY WA 37 57.93 54.55 -48.42
CA GLY WA 37 59.25 54.48 -47.81
C GLY WA 37 59.55 53.13 -47.21
N ASP WA 38 58.60 52.56 -46.46
CA ASP WA 38 58.86 51.23 -45.90
C ASP WA 38 58.89 50.15 -46.97
N ASP WA 39 58.15 50.33 -48.07
CA ASP WA 39 58.23 49.39 -49.18
C ASP WA 39 59.63 49.37 -49.79
N ILE WA 40 60.18 50.54 -50.11
CA ILE WA 40 61.52 50.57 -50.70
C ILE WA 40 62.60 50.22 -49.67
N ALA WA 41 62.41 50.59 -48.40
CA ALA WA 41 63.34 50.21 -47.36
C ALA WA 41 63.42 48.71 -47.21
N LYS WA 42 62.27 48.03 -47.24
CA LYS WA 42 62.29 46.58 -47.20
C LYS WA 42 62.83 45.99 -48.49
N ALA WA 43 62.57 46.64 -49.63
CA ALA WA 43 63.10 46.15 -50.90
C ALA WA 43 64.62 46.14 -50.90
N THR WA 44 65.23 47.16 -50.29
CA THR WA 44 66.68 47.15 -50.15
C THR WA 44 67.15 46.22 -49.03
N GLY WA 45 66.41 46.12 -47.94
CA GLY WA 45 66.81 45.32 -46.80
C GLY WA 45 66.36 43.89 -46.81
N ASP WA 46 65.86 43.38 -47.94
CA ASP WA 46 65.43 41.98 -48.02
C ASP WA 46 66.60 41.04 -47.71
N TRP WA 47 67.75 41.29 -48.30
CA TRP WA 47 68.94 40.51 -47.99
C TRP WA 47 69.69 41.20 -46.86
N LYS WA 48 70.95 40.79 -46.64
CA LYS WA 48 71.72 41.17 -45.45
C LYS WA 48 71.01 40.71 -44.18
N GLY WA 49 70.38 39.54 -44.26
CA GLY WA 49 69.70 38.95 -43.12
C GLY WA 49 68.20 38.80 -43.29
N LEU WA 50 67.70 37.58 -43.20
CA LEU WA 50 66.27 37.32 -43.22
C LEU WA 50 65.68 37.25 -41.81
N ARG WA 51 66.49 37.49 -40.78
CA ARG WA 51 66.04 37.57 -39.39
C ARG WA 51 65.43 38.92 -39.10
N ILE WA 52 65.34 39.27 -37.81
CA ILE WA 52 64.76 40.56 -37.41
C ILE WA 52 65.48 41.73 -38.08
N THR WA 53 66.80 41.62 -38.30
CA THR WA 53 67.57 42.55 -39.12
C THR WA 53 67.45 44.00 -38.61
N VAL WA 54 68.04 44.23 -37.45
CA VAL WA 54 68.18 45.60 -36.96
C VAL WA 54 69.04 46.39 -37.93
N LYS WA 55 68.63 47.63 -38.20
CA LYS WA 55 69.31 48.48 -39.16
C LYS WA 55 69.04 49.94 -38.80
N LEU WA 56 69.74 50.83 -39.50
CA LEU WA 56 69.57 52.27 -39.36
C LEU WA 56 69.25 52.84 -40.74
N THR WA 57 68.58 53.99 -40.76
CA THR WA 57 68.15 54.58 -42.02
C THR WA 57 68.47 56.07 -42.05
N ILE WA 58 68.61 56.59 -43.27
CA ILE WA 58 68.95 57.98 -43.52
C ILE WA 58 67.97 58.54 -44.56
N GLN WA 59 67.35 59.67 -44.23
CA GLN WA 59 66.24 60.20 -44.99
C GLN WA 59 66.68 61.35 -45.88
N ASN WA 60 66.26 61.33 -47.14
CA ASN WA 60 66.52 62.39 -48.10
C ASN WA 60 65.24 63.16 -48.45
N ARG WA 61 64.41 63.38 -47.44
CA ARG WA 61 63.19 64.18 -47.46
C ARG WA 61 62.05 63.48 -48.22
N GLN WA 62 62.36 62.41 -48.92
CA GLN WA 62 61.33 61.52 -49.46
C GLN WA 62 61.60 60.05 -49.19
N ALA WA 63 62.86 59.63 -49.25
CA ALA WA 63 63.16 58.20 -49.22
C ALA WA 63 64.11 57.84 -48.10
N GLN WA 64 64.61 56.61 -48.13
CA GLN WA 64 65.43 56.08 -47.04
C GLN WA 64 66.57 55.26 -47.62
N ILE WA 65 67.77 55.46 -47.07
CA ILE WA 65 68.95 54.68 -47.41
C ILE WA 65 69.42 53.97 -46.14
N GLU WA 66 69.67 52.67 -46.24
CA GLU WA 66 69.78 51.80 -45.09
C GLU WA 66 71.21 51.36 -44.87
N VAL WA 67 71.64 51.34 -43.61
CA VAL WA 67 72.90 50.74 -43.20
C VAL WA 67 72.58 49.62 -42.22
N VAL WA 68 73.22 48.47 -42.39
CA VAL WA 68 72.86 47.27 -41.66
C VAL WA 68 74.04 46.88 -40.77
N PRO WA 69 73.92 47.05 -39.45
CA PRO WA 69 75.04 46.69 -38.56
C PRO WA 69 75.30 45.21 -38.57
N SER WA 70 76.54 44.85 -38.25
CA SER WA 70 76.99 43.46 -38.24
C SER WA 70 76.65 42.82 -36.91
N ALA WA 71 75.37 42.48 -36.74
CA ALA WA 71 74.95 41.75 -35.56
C ALA WA 71 75.38 40.30 -35.66
N SER WA 72 75.56 39.67 -34.49
CA SER WA 72 76.11 38.32 -34.44
C SER WA 72 75.22 37.33 -35.18
N ALA WA 73 74.01 37.12 -34.68
CA ALA WA 73 73.06 36.22 -35.34
C ALA WA 73 72.76 36.67 -36.76
N LEU WA 74 72.74 37.98 -37.01
CA LEU WA 74 72.44 38.48 -38.34
C LEU WA 74 73.46 37.99 -39.35
N ILE WA 75 74.74 38.23 -39.11
CA ILE WA 75 75.75 37.78 -40.05
C ILE WA 75 75.88 36.26 -40.07
N ILE WA 76 75.69 35.58 -38.94
CA ILE WA 76 75.80 34.14 -38.93
C ILE WA 76 74.71 33.50 -39.79
N LYS WA 77 73.46 33.89 -39.59
CA LYS WA 77 72.37 33.32 -40.37
C LYS WA 77 72.43 33.78 -41.83
N ALA WA 78 72.88 35.02 -42.07
CA ALA WA 78 73.00 35.48 -43.44
C ALA WA 78 74.03 34.69 -44.22
N LEU WA 79 75.19 34.43 -43.60
CA LEU WA 79 76.21 33.63 -44.26
C LEU WA 79 75.77 32.17 -44.37
N LYS WA 80 74.96 31.69 -43.43
CA LYS WA 80 74.42 30.35 -43.54
C LYS WA 80 73.34 30.29 -44.61
N GLU WA 81 73.27 29.16 -45.30
CA GLU WA 81 72.35 29.00 -46.43
C GLU WA 81 71.36 27.88 -46.19
N ILE WA 98 79.84 22.11 -37.83
CA ILE WA 98 80.90 22.57 -38.72
C ILE WA 98 81.52 23.85 -38.15
N THR WA 99 82.81 24.06 -38.41
CA THR WA 99 83.57 25.14 -37.80
C THR WA 99 83.67 26.37 -38.69
N PHE WA 100 83.88 26.17 -40.00
CA PHE WA 100 83.99 27.22 -41.03
C PHE WA 100 84.79 28.42 -40.53
N ASP WA 101 85.98 28.14 -40.00
CA ASP WA 101 86.83 29.21 -39.48
C ASP WA 101 87.25 30.20 -40.58
N GLU WA 102 87.35 29.73 -41.82
CA GLU WA 102 87.78 30.59 -42.90
C GLU WA 102 86.81 31.75 -43.14
N ILE WA 103 85.50 31.46 -43.10
CA ILE WA 103 84.52 32.49 -43.41
C ILE WA 103 84.39 33.52 -42.29
N VAL WA 104 84.51 33.12 -41.03
CA VAL WA 104 84.54 34.14 -39.98
C VAL WA 104 85.85 34.90 -40.02
N ASN WA 105 86.97 34.23 -40.40
CA ASN WA 105 88.24 34.92 -40.50
C ASN WA 105 88.18 36.06 -41.51
N ILE WA 106 87.60 35.79 -42.68
CA ILE WA 106 87.43 36.88 -43.63
C ILE WA 106 86.32 37.83 -43.21
N ALA WA 107 85.35 37.37 -42.43
CA ALA WA 107 84.22 38.22 -42.03
C ALA WA 107 84.56 39.17 -40.90
N ARG WA 108 85.70 39.01 -40.25
CA ARG WA 108 86.09 40.00 -39.24
C ARG WA 108 86.79 41.21 -39.83
N GLN WA 109 87.03 41.24 -41.15
CA GLN WA 109 87.68 42.40 -41.74
C GLN WA 109 86.76 43.61 -41.77
N MET WA 110 85.52 43.43 -42.24
CA MET WA 110 84.56 44.51 -42.35
C MET WA 110 83.74 44.69 -41.07
N ARG WA 111 84.19 44.08 -39.98
CA ARG WA 111 83.43 44.06 -38.74
C ARG WA 111 83.31 45.48 -38.17
N HIS WA 112 82.48 45.62 -37.14
CA HIS WA 112 82.40 46.87 -36.40
C HIS WA 112 83.74 47.25 -35.80
N ARG WA 113 84.58 46.26 -35.51
CA ARG WA 113 86.02 46.35 -35.29
C ARG WA 113 86.42 46.88 -33.91
N SER WA 114 85.49 47.25 -33.02
CA SER WA 114 85.90 47.71 -31.69
C SER WA 114 85.92 46.56 -30.69
N LEU WA 115 84.74 46.00 -30.38
CA LEU WA 115 84.59 44.80 -29.53
C LEU WA 115 85.29 44.93 -28.17
N ALA WA 116 85.65 46.15 -27.75
CA ALA WA 116 86.46 46.39 -26.55
C ALA WA 116 87.72 45.53 -26.57
N ARG WA 117 88.42 45.54 -27.70
CA ARG WA 117 89.52 44.62 -27.96
C ARG WA 117 90.86 45.20 -27.54
N GLU WA 118 91.86 44.33 -27.46
CA GLU WA 118 93.26 44.69 -27.48
C GLU WA 118 93.98 44.21 -28.73
N LEU WA 119 93.56 43.08 -29.30
CA LEU WA 119 94.10 42.55 -30.54
C LEU WA 119 92.96 42.08 -31.43
N SER WA 120 93.25 41.98 -32.72
CA SER WA 120 92.24 41.54 -33.67
C SER WA 120 91.97 40.05 -33.58
N GLY WA 121 92.95 39.26 -33.12
CA GLY WA 121 92.76 37.83 -32.99
C GLY WA 121 91.72 37.46 -31.97
N THR WA 122 91.58 38.25 -30.91
CA THR WA 122 90.54 38.02 -29.92
C THR WA 122 89.14 38.16 -30.51
N ILE WA 123 89.00 38.94 -31.58
CA ILE WA 123 87.69 39.21 -32.16
C ILE WA 123 87.08 37.93 -32.73
N LYS WA 124 87.87 37.18 -33.49
CA LYS WA 124 87.39 35.91 -34.00
C LYS WA 124 87.14 34.91 -32.88
N GLU WA 125 87.88 35.01 -31.77
CA GLU WA 125 87.56 34.17 -30.61
C GLU WA 125 86.17 34.49 -30.08
N ILE WA 126 85.89 35.78 -29.91
CA ILE WA 126 84.61 36.21 -29.35
C ILE WA 126 83.46 35.78 -30.26
N LEU WA 127 83.62 35.93 -31.57
CA LEU WA 127 82.50 35.55 -32.42
C LEU WA 127 82.42 34.05 -32.70
N GLY WA 128 83.54 33.32 -32.64
CA GLY WA 128 83.44 31.87 -32.62
C GLY WA 128 82.82 31.33 -31.34
N THR WA 129 82.82 32.13 -30.29
CA THR WA 129 82.06 31.84 -29.07
C THR WA 129 80.59 32.20 -29.20
N ALA WA 130 80.29 33.36 -29.78
CA ALA WA 130 78.90 33.79 -29.95
C ALA WA 130 78.17 33.00 -31.04
N GLN WA 131 78.90 32.35 -31.93
CA GLN WA 131 78.30 31.46 -32.92
C GLN WA 131 77.90 30.12 -32.33
N SER WA 132 78.00 29.96 -31.00
CA SER WA 132 77.59 28.73 -30.35
C SER WA 132 76.09 28.48 -30.45
N VAL WA 133 75.31 29.48 -30.85
CA VAL WA 133 73.89 29.29 -31.14
C VAL WA 133 73.73 28.48 -32.42
N HIS WA 141 80.73 21.13 -30.84
CA HIS WA 141 80.56 22.56 -30.64
C HIS WA 141 81.83 23.31 -31.03
N PRO WA 142 81.69 24.54 -31.52
CA PRO WA 142 82.85 25.34 -31.91
C PRO WA 142 83.51 26.10 -30.77
N HIS WA 143 83.21 25.76 -29.52
CA HIS WA 143 83.91 26.39 -28.40
C HIS WA 143 85.32 25.83 -28.25
N ASP WA 144 85.53 24.59 -28.70
CA ASP WA 144 86.78 23.89 -28.42
C ASP WA 144 87.95 24.42 -29.27
N ILE WA 145 87.66 25.03 -30.42
CA ILE WA 145 88.74 25.69 -31.16
C ILE WA 145 89.15 26.98 -30.46
N ILE WA 146 88.17 27.73 -29.96
CA ILE WA 146 88.44 28.99 -29.24
C ILE WA 146 89.17 28.71 -27.94
N ASP WA 147 88.91 27.57 -27.31
CA ASP WA 147 89.48 27.29 -26.00
C ASP WA 147 91.00 27.23 -26.06
N ASP WA 148 91.55 26.45 -26.98
CA ASP WA 148 93.00 26.32 -27.12
C ASP WA 148 93.41 26.65 -28.55
N ILE WA 149 92.91 27.78 -29.06
CA ILE WA 149 93.38 28.28 -30.33
C ILE WA 149 94.86 28.63 -30.23
N ASN WA 150 95.61 28.28 -31.28
CA ASN WA 150 97.02 28.58 -31.37
C ASN WA 150 97.43 29.08 -32.74
N SER WA 151 96.58 28.95 -33.75
CA SER WA 151 96.89 29.33 -35.12
C SER WA 151 95.84 30.30 -35.62
N GLY WA 152 96.29 31.43 -36.18
CA GLY WA 152 95.40 32.40 -36.78
C GLY WA 152 95.12 33.62 -35.94
N ALA WA 153 95.52 33.61 -34.65
CA ALA WA 153 95.30 34.78 -33.79
C ALA WA 153 96.09 35.98 -34.28
N VAL WA 154 97.15 35.74 -35.06
CA VAL WA 154 97.86 36.81 -35.74
C VAL WA 154 97.42 36.94 -37.20
N GLU WA 155 96.77 35.91 -37.75
CA GLU WA 155 96.46 35.90 -39.17
C GLU WA 155 95.44 36.96 -39.55
N CYS WA 156 94.48 37.23 -38.67
CA CYS WA 156 93.43 38.20 -39.02
C CYS WA 156 93.97 39.60 -39.27
N PRO WA 157 94.80 40.20 -38.40
CA PRO WA 157 95.30 41.52 -38.81
C PRO WA 157 96.59 41.43 -39.61
N GLY XA 1 -76.34 -6.57 -91.08
CA GLY XA 1 -77.24 -7.71 -91.25
C GLY XA 1 -78.64 -7.43 -90.76
N ALA XA 2 -79.05 -6.16 -90.85
CA ALA XA 2 -80.37 -5.74 -90.37
C ALA XA 2 -81.50 -6.14 -91.30
N LEU XA 3 -81.21 -6.43 -92.55
CA LEU XA 3 -82.23 -6.60 -93.57
C LEU XA 3 -82.61 -8.07 -93.74
N ASP XA 4 -83.74 -8.29 -94.41
CA ASP XA 4 -84.20 -9.64 -94.67
C ASP XA 4 -83.34 -10.34 -95.71
N VAL XA 5 -82.81 -9.58 -96.67
CA VAL XA 5 -81.88 -10.17 -97.62
C VAL XA 5 -80.60 -10.58 -96.91
N LEU XA 6 -80.24 -9.86 -95.85
CA LEU XA 6 -79.13 -10.23 -94.98
C LEU XA 6 -79.65 -10.93 -93.73
N GLN XA 7 -80.29 -12.08 -93.94
CA GLN XA 7 -80.88 -12.85 -92.87
C GLN XA 7 -80.34 -14.27 -92.90
N MET XA 8 -80.12 -14.83 -91.71
CA MET XA 8 -79.57 -16.18 -91.61
C MET XA 8 -80.56 -17.21 -92.13
N LYS XA 9 -80.05 -18.18 -92.87
CA LYS XA 9 -80.89 -19.20 -93.49
C LYS XA 9 -80.80 -20.52 -92.71
N GLU XA 10 -81.79 -21.37 -92.97
CA GLU XA 10 -81.89 -22.63 -92.23
C GLU XA 10 -80.74 -23.56 -92.56
N GLU XA 11 -80.26 -23.56 -93.81
CA GLU XA 11 -79.11 -24.38 -94.13
C GLU XA 11 -77.87 -23.88 -93.41
N ASP XA 12 -77.74 -22.57 -93.25
CA ASP XA 12 -76.65 -22.02 -92.45
C ASP XA 12 -76.77 -22.48 -91.02
N VAL XA 13 -77.99 -22.50 -90.47
CA VAL XA 13 -78.17 -23.01 -89.12
C VAL XA 13 -77.75 -24.47 -89.04
N LEU XA 14 -78.14 -25.27 -90.03
CA LEU XA 14 -77.81 -26.68 -90.04
C LEU XA 14 -76.31 -26.90 -90.00
N LYS XA 15 -75.58 -26.22 -90.88
CA LYS XA 15 -74.14 -26.42 -90.92
C LYS XA 15 -73.45 -25.88 -89.68
N PHE XA 16 -73.92 -24.75 -89.13
CA PHE XA 16 -73.33 -24.25 -87.89
C PHE XA 16 -73.50 -25.24 -86.76
N LEU XA 17 -74.71 -25.78 -86.60
CA LEU XA 17 -74.96 -26.70 -85.50
C LEU XA 17 -74.25 -28.02 -85.70
N ALA XA 18 -74.16 -28.48 -86.96
CA ALA XA 18 -73.43 -29.71 -87.24
C ALA XA 18 -71.95 -29.56 -86.92
N ALA XA 19 -71.37 -28.42 -87.29
CA ALA XA 19 -69.97 -28.19 -86.94
C ALA XA 19 -69.76 -28.06 -85.45
N GLY XA 20 -70.65 -27.35 -84.77
CA GLY XA 20 -70.45 -27.05 -83.36
C GLY XA 20 -69.93 -25.67 -83.08
N THR XA 21 -70.26 -24.69 -83.92
CA THR XA 21 -69.79 -23.33 -83.71
C THR XA 21 -70.40 -22.71 -82.45
N HIS XA 22 -71.69 -22.97 -82.22
CA HIS XA 22 -72.36 -22.38 -81.06
C HIS XA 22 -71.75 -22.86 -79.75
N LEU XA 23 -71.19 -24.06 -79.73
CA LEU XA 23 -70.52 -24.55 -78.53
C LEU XA 23 -69.23 -23.77 -78.29
N GLY XA 24 -68.88 -23.61 -77.02
CA GLY XA 24 -67.65 -22.91 -76.70
C GLY XA 24 -66.79 -23.65 -75.69
N GLY XA 25 -65.89 -22.93 -75.01
CA GLY XA 25 -65.03 -23.51 -74.01
C GLY XA 25 -65.59 -23.35 -72.61
N THR XA 26 -64.76 -23.73 -71.64
CA THR XA 26 -65.18 -23.73 -70.24
C THR XA 26 -64.93 -22.40 -69.53
N ASN XA 27 -64.27 -21.46 -70.18
CA ASN XA 27 -64.02 -20.16 -69.57
C ASN XA 27 -64.99 -19.14 -70.12
N LEU XA 28 -64.76 -17.87 -69.78
CA LEU XA 28 -65.60 -16.78 -70.27
C LEU XA 28 -64.82 -15.48 -70.16
N ASP XA 29 -64.75 -14.76 -71.27
CA ASP XA 29 -64.12 -13.44 -71.28
C ASP XA 29 -65.16 -12.38 -70.96
N PHE XA 30 -64.75 -11.38 -70.18
CA PHE XA 30 -65.67 -10.34 -69.75
C PHE XA 30 -66.15 -9.50 -70.92
N GLN XA 31 -65.38 -9.45 -72.01
CA GLN XA 31 -65.81 -8.76 -73.22
C GLN XA 31 -66.46 -9.69 -74.23
N MET XA 32 -66.47 -11.01 -73.99
CA MET XA 32 -67.22 -11.96 -74.78
C MET XA 32 -68.55 -12.31 -74.13
N GLU XA 33 -68.77 -11.85 -72.90
CA GLU XA 33 -70.04 -12.07 -72.22
C GLU XA 33 -71.21 -11.46 -72.98
N GLN XA 34 -70.97 -10.41 -73.75
CA GLN XA 34 -72.05 -9.83 -74.56
C GLN XA 34 -72.58 -10.84 -75.55
N TYR XA 35 -71.70 -11.55 -76.24
CA TYR XA 35 -72.09 -12.53 -77.24
C TYR XA 35 -72.43 -13.89 -76.66
N ILE XA 36 -72.04 -14.16 -75.43
CA ILE XA 36 -72.39 -15.42 -74.78
C ILE XA 36 -73.88 -15.42 -74.45
N TYR XA 37 -74.55 -16.51 -74.80
CA TYR XA 37 -75.97 -16.66 -74.50
C TYR XA 37 -76.20 -17.18 -73.09
N LYS XA 38 -75.72 -18.40 -72.81
CA LYS XA 38 -75.96 -19.02 -71.51
C LYS XA 38 -74.95 -20.14 -71.33
N ARG XA 39 -74.72 -20.50 -70.06
CA ARG XA 39 -73.87 -21.62 -69.71
C ARG XA 39 -74.71 -22.86 -69.46
N LYS XA 40 -74.31 -23.98 -70.05
CA LYS XA 40 -75.03 -25.22 -69.87
C LYS XA 40 -74.58 -25.93 -68.60
N SER XA 41 -75.20 -27.06 -68.30
CA SER XA 41 -74.82 -27.85 -67.13
C SER XA 41 -73.43 -28.46 -67.30
N ASP XA 42 -73.06 -28.81 -68.52
CA ASP XA 42 -71.73 -29.35 -68.80
C ASP XA 42 -70.64 -28.30 -68.64
N GLY XA 43 -71.00 -27.03 -68.48
CA GLY XA 43 -70.04 -25.96 -68.39
C GLY XA 43 -69.66 -25.35 -69.72
N ILE XA 44 -69.91 -26.06 -70.81
CA ILE XA 44 -69.63 -25.54 -72.15
C ILE XA 44 -70.55 -24.35 -72.39
N TYR XA 45 -69.96 -23.20 -72.67
CA TYR XA 45 -70.78 -22.03 -72.91
C TYR XA 45 -71.45 -22.11 -74.28
N ILE XA 46 -72.60 -21.44 -74.38
CA ILE XA 46 -73.40 -21.42 -75.61
C ILE XA 46 -73.36 -20.00 -76.16
N ILE XA 47 -73.08 -19.88 -77.44
CA ILE XA 47 -72.86 -18.59 -78.09
C ILE XA 47 -74.11 -18.22 -78.87
N ASN XA 48 -74.48 -16.94 -78.81
CA ASN XA 48 -75.68 -16.48 -79.51
C ASN XA 48 -75.48 -16.59 -81.02
N LEU XA 49 -76.26 -17.49 -81.62
CA LEU XA 49 -76.10 -17.79 -83.03
C LEU XA 49 -76.61 -16.66 -83.91
N LYS XA 50 -77.49 -15.79 -83.40
CA LYS XA 50 -77.81 -14.58 -84.14
C LYS XA 50 -76.67 -13.59 -84.06
N ARG XA 51 -76.06 -13.47 -82.87
CA ARG XA 51 -74.99 -12.50 -82.68
C ARG XA 51 -73.79 -12.83 -83.54
N THR XA 52 -73.45 -14.11 -83.67
CA THR XA 52 -72.35 -14.45 -84.57
C THR XA 52 -72.66 -14.11 -86.01
N TRP XA 53 -73.91 -14.33 -86.45
CA TRP XA 53 -74.28 -13.97 -87.81
C TRP XA 53 -74.17 -12.47 -88.02
N GLU XA 54 -74.65 -11.69 -87.05
CA GLU XA 54 -74.61 -10.23 -87.19
C GLU XA 54 -73.19 -9.72 -87.21
N LYS XA 55 -72.33 -10.23 -86.33
CA LYS XA 55 -70.95 -9.77 -86.31
C LYS XA 55 -70.23 -10.20 -87.59
N LEU XA 56 -70.54 -11.38 -88.11
CA LEU XA 56 -69.95 -11.82 -89.37
C LEU XA 56 -70.37 -10.90 -90.51
N LEU XA 57 -71.64 -10.50 -90.55
CA LEU XA 57 -72.09 -9.58 -91.59
C LEU XA 57 -71.39 -8.24 -91.47
N LEU XA 58 -71.22 -7.75 -90.24
CA LEU XA 58 -70.48 -6.51 -90.04
C LEU XA 58 -69.05 -6.62 -90.55
N ALA XA 59 -68.41 -7.76 -90.27
CA ALA XA 59 -67.05 -8.00 -90.75
C ALA XA 59 -67.00 -8.03 -92.27
N ALA XA 60 -68.00 -8.66 -92.89
CA ALA XA 60 -68.03 -8.70 -94.35
C ALA XA 60 -68.19 -7.32 -94.94
N ARG XA 61 -69.00 -6.47 -94.33
CA ARG XA 61 -69.09 -5.09 -94.77
C ARG XA 61 -67.75 -4.39 -94.66
N ALA XA 62 -67.04 -4.60 -93.55
CA ALA XA 62 -65.73 -4.00 -93.38
C ALA XA 62 -64.76 -4.48 -94.46
N ILE XA 63 -64.83 -5.77 -94.80
CA ILE XA 63 -63.92 -6.33 -95.80
C ILE XA 63 -64.21 -5.74 -97.17
N VAL XA 64 -65.48 -5.74 -97.57
CA VAL XA 64 -65.83 -5.23 -98.89
C VAL XA 64 -65.71 -3.72 -98.98
N ALA XA 65 -65.56 -3.03 -97.85
CA ALA XA 65 -65.28 -1.61 -97.89
C ALA XA 65 -63.94 -1.27 -98.52
N ILE XA 66 -63.06 -2.25 -98.70
CA ILE XA 66 -61.77 -2.03 -99.33
C ILE XA 66 -61.91 -2.18 -100.84
N GLU XA 67 -61.34 -1.25 -101.58
CA GLU XA 67 -61.37 -1.35 -103.04
C GLU XA 67 -60.44 -2.45 -103.54
N ASN XA 68 -59.19 -2.45 -103.07
CA ASN XA 68 -58.21 -3.40 -103.58
C ASN XA 68 -58.12 -4.58 -102.62
N PRO XA 69 -58.57 -5.77 -103.03
CA PRO XA 69 -58.57 -6.91 -102.10
C PRO XA 69 -57.18 -7.36 -101.69
N ALA XA 70 -56.14 -7.02 -102.46
CA ALA XA 70 -54.79 -7.41 -102.07
C ALA XA 70 -54.32 -6.67 -100.83
N ASP XA 71 -54.99 -5.58 -100.46
CA ASP XA 71 -54.59 -4.83 -99.28
C ASP XA 71 -54.83 -5.63 -98.01
N VAL XA 72 -56.01 -6.20 -97.86
CA VAL XA 72 -56.37 -6.93 -96.65
C VAL XA 72 -55.62 -8.27 -96.64
N SER XA 73 -55.01 -8.58 -95.50
CA SER XA 73 -54.25 -9.80 -95.33
C SER XA 73 -54.91 -10.67 -94.28
N VAL XA 74 -54.90 -11.98 -94.52
CA VAL XA 74 -55.47 -12.96 -93.61
C VAL XA 74 -54.33 -13.75 -92.99
N ILE XA 75 -54.49 -14.11 -91.72
CA ILE XA 75 -53.42 -14.73 -90.95
C ILE XA 75 -53.99 -15.89 -90.14
N SER XA 76 -53.35 -17.05 -90.24
CA SER XA 76 -53.68 -18.21 -89.41
C SER XA 76 -52.36 -18.88 -89.02
N SER XA 77 -51.91 -18.65 -87.80
CA SER XA 77 -50.71 -19.31 -87.33
C SER XA 77 -50.92 -20.80 -87.17
N ARG XA 78 -52.07 -21.21 -86.64
CA ARG XA 78 -52.34 -22.61 -86.41
C ARG XA 78 -52.68 -23.32 -87.71
N ASN XA 79 -52.36 -24.61 -87.77
CA ASN XA 79 -52.67 -25.40 -88.96
C ASN XA 79 -54.16 -25.59 -89.16
N THR XA 80 -54.96 -25.50 -88.09
CA THR XA 80 -56.42 -25.59 -88.19
C THR XA 80 -56.92 -24.24 -88.69
N GLY XA 81 -56.76 -24.03 -89.99
CA GLY XA 81 -57.14 -22.77 -90.59
C GLY XA 81 -56.18 -22.33 -91.68
N GLN XA 82 -55.06 -23.04 -91.85
CA GLN XA 82 -54.14 -22.70 -92.92
C GLN XA 82 -54.77 -22.93 -94.28
N ARG XA 83 -55.41 -24.09 -94.46
CA ARG XA 83 -56.15 -24.34 -95.69
C ARG XA 83 -57.26 -23.33 -95.88
N ALA XA 84 -57.94 -22.97 -94.78
CA ALA XA 84 -59.04 -22.01 -94.85
C ALA XA 84 -58.56 -20.65 -95.31
N VAL XA 85 -57.44 -20.16 -94.77
CA VAL XA 85 -56.96 -18.85 -95.17
C VAL XA 85 -56.38 -18.87 -96.58
N LEU XA 86 -55.75 -19.98 -96.97
CA LEU XA 86 -55.25 -20.07 -98.34
C LEU XA 86 -56.40 -20.02 -99.35
N LYS XA 87 -57.42 -20.86 -99.14
CA LYS XA 87 -58.55 -20.85 -100.05
C LYS XA 87 -59.36 -19.57 -99.95
N PHE XA 88 -59.40 -18.95 -98.77
CA PHE XA 88 -60.08 -17.68 -98.60
C PHE XA 88 -59.39 -16.59 -99.40
N ALA XA 89 -58.05 -16.55 -99.33
CA ALA XA 89 -57.32 -15.59 -100.14
C ALA XA 89 -57.53 -15.84 -101.62
N ALA XA 90 -57.59 -17.12 -102.02
CA ALA XA 90 -57.87 -17.43 -103.41
C ALA XA 90 -59.24 -16.89 -103.81
N ALA XA 91 -60.24 -17.06 -102.94
CA ALA XA 91 -61.60 -16.67 -103.27
C ALA XA 91 -61.81 -15.16 -103.26
N THR XA 92 -61.10 -14.45 -102.39
CA THR XA 92 -61.35 -13.02 -102.19
C THR XA 92 -60.31 -12.12 -102.83
N GLY XA 93 -59.17 -12.65 -103.26
CA GLY XA 93 -58.09 -11.79 -103.70
C GLY XA 93 -57.25 -11.22 -102.58
N ALA XA 94 -57.36 -11.78 -101.38
CA ALA XA 94 -56.56 -11.30 -100.25
C ALA XA 94 -55.16 -11.93 -100.28
N THR XA 95 -54.28 -11.41 -99.43
CA THR XA 95 -52.92 -11.90 -99.35
C THR XA 95 -52.80 -12.79 -98.12
N PRO XA 96 -52.54 -14.09 -98.28
CA PRO XA 96 -52.52 -14.99 -97.12
C PRO XA 96 -51.16 -15.06 -96.45
N ILE XA 97 -51.21 -15.25 -95.14
CA ILE XA 97 -50.04 -15.57 -94.33
C ILE XA 97 -50.47 -16.71 -93.43
N ALA XA 98 -50.15 -17.93 -93.81
CA ALA XA 98 -50.42 -19.08 -92.97
C ALA XA 98 -49.15 -19.49 -92.24
N GLY XA 99 -49.33 -20.23 -91.15
CA GLY XA 99 -48.19 -20.66 -90.39
C GLY XA 99 -47.53 -19.52 -89.63
N ARG XA 100 -46.22 -19.65 -89.42
CA ARG XA 100 -45.49 -18.71 -88.58
C ARG XA 100 -45.43 -17.35 -89.24
N PHE XA 101 -46.00 -16.35 -88.55
CA PHE XA 101 -45.90 -14.96 -88.95
C PHE XA 101 -44.59 -14.43 -88.38
N THR XA 102 -43.62 -14.19 -89.25
CA THR XA 102 -42.33 -13.73 -88.76
C THR XA 102 -42.45 -12.34 -88.14
N PRO XA 103 -41.78 -12.08 -87.04
CA PRO XA 103 -41.84 -10.76 -86.44
C PRO XA 103 -41.19 -9.73 -87.35
N GLY XA 104 -41.73 -8.51 -87.31
CA GLY XA 104 -41.24 -7.44 -88.12
C GLY XA 104 -41.81 -7.34 -89.51
N THR XA 105 -42.89 -8.07 -89.81
CA THR XA 105 -43.48 -7.99 -91.14
C THR XA 105 -44.07 -6.61 -91.39
N PHE XA 106 -44.52 -5.91 -90.35
CA PHE XA 106 -45.04 -4.55 -90.48
C PHE XA 106 -44.05 -3.49 -90.03
N THR XA 107 -43.27 -3.78 -89.01
CA THR XA 107 -42.38 -2.78 -88.41
C THR XA 107 -41.04 -2.68 -89.11
N ASN XA 108 -40.58 -3.76 -89.73
CA ASN XA 108 -39.27 -3.80 -90.36
C ASN XA 108 -39.44 -3.78 -91.87
N GLN XA 109 -39.10 -2.64 -92.49
CA GLN XA 109 -39.29 -2.49 -93.93
C GLN XA 109 -38.19 -3.16 -94.74
N ILE XA 110 -37.04 -3.43 -94.14
CA ILE XA 110 -35.92 -4.00 -94.89
C ILE XA 110 -36.19 -5.44 -95.29
N GLN XA 111 -36.72 -6.23 -94.37
CA GLN XA 111 -36.86 -7.66 -94.59
C GLN XA 111 -37.83 -7.95 -95.73
N ALA XA 112 -37.59 -9.09 -96.39
CA ALA XA 112 -38.39 -9.44 -97.56
C ALA XA 112 -39.85 -9.69 -97.20
N ALA XA 113 -40.12 -10.12 -95.98
CA ALA XA 113 -41.49 -10.41 -95.58
C ALA XA 113 -42.33 -9.16 -95.42
N PHE XA 114 -41.72 -7.97 -95.50
CA PHE XA 114 -42.44 -6.74 -95.20
C PHE XA 114 -43.58 -6.51 -96.18
N ARG XA 115 -44.72 -6.08 -95.64
CA ARG XA 115 -45.87 -5.72 -96.45
C ARG XA 115 -46.66 -4.67 -95.71
N GLU XA 116 -47.52 -3.97 -96.45
CA GLU XA 116 -48.24 -2.79 -95.96
C GLU XA 116 -49.73 -3.00 -96.16
N PRO XA 117 -50.39 -3.72 -95.27
CA PRO XA 117 -51.82 -4.00 -95.44
C PRO XA 117 -52.69 -2.86 -94.94
N ARG XA 118 -53.95 -2.91 -95.37
CA ARG XA 118 -54.95 -1.96 -94.91
C ARG XA 118 -55.99 -2.58 -93.99
N LEU XA 119 -55.93 -3.89 -93.78
CA LEU XA 119 -56.83 -4.58 -92.87
C LEU XA 119 -56.26 -5.96 -92.59
N LEU XA 120 -56.39 -6.40 -91.36
CA LEU XA 120 -55.84 -7.69 -90.94
C LEU XA 120 -56.99 -8.57 -90.52
N VAL XA 121 -56.86 -9.89 -90.71
CA VAL XA 121 -57.86 -10.84 -90.25
C VAL XA 121 -57.17 -11.92 -89.43
N VAL XA 122 -57.81 -12.30 -88.33
CA VAL XA 122 -57.23 -13.16 -87.30
C VAL XA 122 -58.06 -14.43 -87.17
N THR XA 123 -57.38 -15.55 -86.91
CA THR XA 123 -58.04 -16.81 -86.60
C THR XA 123 -58.15 -17.07 -85.10
N ASP XA 124 -57.24 -16.54 -84.31
CA ASP XA 124 -57.28 -16.71 -82.86
C ASP XA 124 -56.41 -15.64 -82.21
N PRO XA 125 -56.97 -14.82 -81.31
CA PRO XA 125 -56.15 -13.80 -80.65
C PRO XA 125 -54.99 -14.39 -79.86
N ARG XA 126 -55.18 -15.51 -79.18
CA ARG XA 126 -54.10 -16.07 -78.37
C ARG XA 126 -52.98 -16.60 -79.24
N ALA XA 127 -53.33 -17.30 -80.32
CA ALA XA 127 -52.30 -17.83 -81.22
C ALA XA 127 -51.64 -16.72 -82.01
N ASP XA 128 -52.39 -15.67 -82.34
CA ASP XA 128 -51.93 -14.59 -83.20
C ASP XA 128 -51.72 -13.30 -82.43
N HIS XA 129 -51.30 -13.43 -81.17
CA HIS XA 129 -51.04 -12.25 -80.34
C HIS XA 129 -49.95 -11.38 -80.94
N GLN XA 130 -48.90 -11.99 -81.49
CA GLN XA 130 -47.80 -11.18 -82.03
C GLN XA 130 -48.22 -10.39 -83.27
N PRO XA 131 -48.84 -10.97 -84.30
CA PRO XA 131 -49.30 -10.12 -85.42
C PRO XA 131 -50.32 -9.09 -85.00
N LEU XA 132 -51.21 -9.43 -84.06
CA LEU XA 132 -52.16 -8.44 -83.56
C LEU XA 132 -51.44 -7.31 -82.85
N THR XA 133 -50.43 -7.64 -82.05
CA THR XA 133 -49.64 -6.61 -81.39
C THR XA 133 -48.96 -5.70 -82.41
N GLU XA 134 -48.36 -6.30 -83.44
CA GLU XA 134 -47.68 -5.49 -84.44
C GLU XA 134 -48.65 -4.68 -85.28
N ALA XA 135 -49.91 -5.10 -85.37
CA ALA XA 135 -50.89 -4.31 -86.09
C ALA XA 135 -51.12 -2.96 -85.44
N SER XA 136 -50.89 -2.86 -84.14
CA SER XA 136 -51.12 -1.61 -83.42
C SER XA 136 -49.98 -0.63 -83.53
N TYR XA 137 -48.98 -0.92 -84.36
CA TYR XA 137 -47.90 0.03 -84.62
C TYR XA 137 -48.02 0.72 -85.97
N VAL XA 138 -49.00 0.34 -86.79
CA VAL XA 138 -49.05 0.79 -88.18
C VAL XA 138 -50.45 1.28 -88.51
N ASN XA 139 -51.28 1.51 -87.50
CA ASN XA 139 -52.69 1.90 -87.67
C ASN XA 139 -53.43 0.87 -88.53
N LEU XA 140 -53.55 -0.33 -88.00
CA LEU XA 140 -54.17 -1.42 -88.76
C LEU XA 140 -55.41 -1.93 -88.06
N PRO XA 141 -56.60 -1.70 -88.61
CA PRO XA 141 -57.78 -2.40 -88.10
C PRO XA 141 -57.70 -3.90 -88.33
N THR XA 142 -58.25 -4.66 -87.39
CA THR XA 142 -58.23 -6.11 -87.43
C THR XA 142 -59.63 -6.66 -87.23
N ILE XA 143 -59.97 -7.67 -88.01
CA ILE XA 143 -61.19 -8.44 -87.87
C ILE XA 143 -60.81 -9.84 -87.41
N ALA XA 144 -61.34 -10.26 -86.27
CA ALA XA 144 -60.81 -11.43 -85.60
C ALA XA 144 -61.87 -12.50 -85.42
N LEU XA 145 -61.41 -13.74 -85.42
CA LEU XA 145 -62.14 -14.83 -84.79
C LEU XA 145 -61.85 -14.75 -83.29
N CYS XA 146 -62.11 -15.82 -82.58
CA CYS XA 146 -62.40 -15.69 -81.16
C CYS XA 146 -62.39 -17.06 -80.51
N ASN XA 147 -62.66 -17.04 -79.20
CA ASN XA 147 -63.29 -18.14 -78.50
C ASN XA 147 -63.85 -17.54 -77.21
N THR XA 148 -64.44 -18.37 -76.37
CA THR XA 148 -64.91 -17.85 -75.09
C THR XA 148 -63.77 -17.47 -74.16
N ASP XA 149 -62.53 -17.82 -74.51
CA ASP XA 149 -61.37 -17.49 -73.69
C ASP XA 149 -60.45 -16.48 -74.34
N SER XA 150 -60.57 -16.24 -75.65
CA SER XA 150 -59.63 -15.35 -76.33
C SER XA 150 -59.85 -13.91 -75.89
N PRO XA 151 -58.81 -13.20 -75.50
CA PRO XA 151 -58.95 -11.78 -75.15
C PRO XA 151 -59.11 -10.93 -76.38
N LEU XA 152 -59.51 -9.69 -76.15
CA LEU XA 152 -59.77 -8.71 -77.20
C LEU XA 152 -58.80 -7.54 -77.12
N ARG XA 153 -57.52 -7.82 -76.88
CA ARG XA 153 -56.56 -6.77 -76.57
C ARG XA 153 -56.42 -5.76 -77.70
N TYR XA 154 -56.49 -6.21 -78.95
CA TYR XA 154 -56.38 -5.28 -80.06
C TYR XA 154 -57.35 -5.60 -81.19
N VAL XA 155 -58.37 -6.41 -80.97
CA VAL XA 155 -59.30 -6.75 -82.03
C VAL XA 155 -60.42 -5.71 -82.10
N ASP XA 156 -61.09 -5.67 -83.24
CA ASP XA 156 -62.11 -4.65 -83.46
C ASP XA 156 -63.48 -5.21 -83.77
N ILE XA 157 -63.58 -6.19 -84.67
CA ILE XA 157 -64.87 -6.71 -85.09
C ILE XA 157 -64.90 -8.20 -84.80
N ALA XA 158 -64.33 -8.59 -83.67
CA ALA XA 158 -64.24 -10.00 -83.25
C ALA XA 158 -65.58 -10.71 -83.35
N ILE XA 159 -65.63 -11.72 -84.21
CA ILE XA 159 -66.85 -12.49 -84.41
C ILE XA 159 -66.94 -13.56 -83.34
N PRO XA 160 -68.02 -13.61 -82.56
CA PRO XA 160 -68.26 -14.77 -81.68
C PRO XA 160 -68.33 -16.04 -82.50
N CYS XA 161 -67.80 -17.13 -81.93
CA CYS XA 161 -67.32 -18.22 -82.77
C CYS XA 161 -66.75 -19.33 -81.89
N ASN XA 162 -66.40 -20.43 -82.54
CA ASN XA 162 -65.74 -21.56 -81.90
C ASN XA 162 -64.53 -21.93 -82.75
N ASN XA 163 -63.36 -21.43 -82.38
CA ASN XA 163 -62.16 -21.68 -83.17
C ASN XA 163 -61.48 -22.99 -82.81
N LYS XA 164 -61.98 -23.71 -81.80
CA LYS XA 164 -61.32 -24.93 -81.38
C LYS XA 164 -61.40 -26.00 -82.46
N GLY XA 165 -62.55 -26.12 -83.11
CA GLY XA 165 -62.78 -27.20 -84.05
C GLY XA 165 -62.32 -26.84 -85.45
N ALA XA 166 -61.69 -27.82 -86.11
CA ALA XA 166 -61.26 -27.62 -87.48
C ALA XA 166 -62.46 -27.38 -88.40
N HIS XA 167 -63.52 -28.17 -88.22
CA HIS XA 167 -64.74 -27.96 -88.98
C HIS XA 167 -65.26 -26.55 -88.80
N SER XA 168 -65.31 -26.08 -87.55
CA SER XA 168 -65.86 -24.78 -87.27
C SER XA 168 -65.01 -23.66 -87.87
N VAL XA 169 -63.68 -23.78 -87.80
CA VAL XA 169 -62.82 -22.74 -88.36
C VAL XA 169 -62.96 -22.69 -89.88
N GLY XA 170 -62.88 -23.85 -90.53
CA GLY XA 170 -63.01 -23.88 -91.98
C GLY XA 170 -64.35 -23.34 -92.43
N LEU XA 171 -65.42 -23.72 -91.74
CA LEU XA 171 -66.75 -23.20 -92.03
C LEU XA 171 -66.83 -21.70 -91.83
N MET XA 172 -66.24 -21.19 -90.75
CA MET XA 172 -66.32 -19.76 -90.48
C MET XA 172 -65.66 -18.95 -91.59
N TRP XA 173 -64.46 -19.36 -92.00
CA TRP XA 173 -63.84 -18.66 -93.12
C TRP XA 173 -64.62 -18.86 -94.41
N TRP XA 174 -65.29 -20.01 -94.54
CA TRP XA 174 -66.11 -20.27 -95.71
C TRP XA 174 -67.24 -19.26 -95.83
N MET XA 175 -67.94 -19.00 -94.72
CA MET XA 175 -68.98 -17.97 -94.78
C MET XA 175 -68.40 -16.59 -94.99
N LEU XA 176 -67.22 -16.31 -94.44
CA LEU XA 176 -66.62 -15.00 -94.67
C LEU XA 176 -66.43 -14.74 -96.15
N ALA XA 177 -65.77 -15.67 -96.86
CA ALA XA 177 -65.57 -15.53 -98.29
C ALA XA 177 -66.90 -15.50 -99.04
N ARG XA 178 -67.82 -16.40 -98.65
CA ARG XA 178 -69.12 -16.47 -99.32
C ARG XA 178 -69.86 -15.15 -99.20
N GLU XA 179 -69.85 -14.56 -98.01
CA GLU XA 179 -70.60 -13.33 -97.77
C GLU XA 179 -69.99 -12.15 -98.50
N VAL XA 180 -68.66 -12.02 -98.47
CA VAL XA 180 -68.06 -10.88 -99.17
C VAL XA 180 -68.29 -10.99 -100.66
N LEU XA 181 -68.17 -12.20 -101.22
CA LEU XA 181 -68.40 -12.35 -102.65
C LEU XA 181 -69.87 -12.18 -102.99
N ARG XA 182 -70.77 -12.64 -102.11
CA ARG XA 182 -72.19 -12.51 -102.37
C ARG XA 182 -72.63 -11.06 -102.35
N MET XA 183 -72.17 -10.30 -101.37
CA MET XA 183 -72.49 -8.88 -101.33
C MET XA 183 -71.67 -8.07 -102.31
N ARG XA 184 -70.66 -8.66 -102.92
CA ARG XA 184 -70.04 -8.06 -104.11
C ARG XA 184 -70.72 -8.62 -105.35
N GLY XA 185 -70.37 -8.05 -106.49
CA GLY XA 185 -71.07 -8.38 -107.72
C GLY XA 185 -70.60 -9.66 -108.40
N THR XA 186 -70.37 -10.72 -107.63
CA THR XA 186 -69.94 -11.99 -108.18
C THR XA 186 -70.92 -13.12 -107.98
N ILE XA 187 -71.73 -13.08 -106.92
CA ILE XA 187 -72.71 -14.12 -106.64
C ILE XA 187 -74.10 -13.51 -106.78
N SER XA 188 -75.01 -14.26 -107.40
CA SER XA 188 -76.35 -13.77 -107.68
C SER XA 188 -77.29 -13.89 -106.50
N ARG XA 189 -76.83 -14.43 -105.37
CA ARG XA 189 -77.56 -14.57 -104.10
C ARG XA 189 -78.73 -15.53 -104.18
N GLU XA 190 -79.02 -16.09 -105.36
CA GLU XA 190 -80.17 -16.98 -105.52
C GLU XA 190 -79.78 -18.43 -105.33
N HIS XA 191 -78.87 -18.92 -106.16
CA HIS XA 191 -78.41 -20.30 -106.02
C HIS XA 191 -77.44 -20.41 -104.85
N PRO XA 192 -77.40 -21.56 -104.18
CA PRO XA 192 -76.39 -21.78 -103.15
C PRO XA 192 -75.00 -21.83 -103.76
N TRP XA 193 -74.02 -21.45 -102.96
CA TRP XA 193 -72.64 -21.43 -103.44
C TRP XA 193 -72.18 -22.82 -103.81
N GLU XA 194 -71.56 -22.94 -104.98
CA GLU XA 194 -71.07 -24.24 -105.43
C GLU XA 194 -69.75 -24.62 -104.78
N VAL XA 195 -69.09 -23.71 -104.08
CA VAL XA 195 -67.89 -24.05 -103.32
C VAL XA 195 -68.32 -24.73 -102.04
N MET XA 196 -67.84 -25.94 -101.83
CA MET XA 196 -68.28 -26.77 -100.73
C MET XA 196 -67.39 -26.55 -99.51
N PRO XA 197 -68.00 -26.40 -98.33
CA PRO XA 197 -67.24 -25.99 -97.15
C PRO XA 197 -66.07 -26.89 -96.79
N ASP XA 198 -66.18 -28.20 -97.02
CA ASP XA 198 -65.10 -29.11 -96.64
C ASP XA 198 -63.84 -28.90 -97.45
N LEU XA 199 -63.93 -28.15 -98.56
CA LEU XA 199 -62.74 -27.75 -99.28
C LEU XA 199 -61.81 -26.95 -98.38
N TYR XA 200 -62.37 -26.01 -97.62
CA TYR XA 200 -61.61 -25.18 -96.72
C TYR XA 200 -61.17 -25.90 -95.45
N PHE XA 201 -61.66 -27.11 -95.23
CA PHE XA 201 -61.40 -27.78 -93.97
C PHE XA 201 -59.96 -28.28 -93.93
N TYR XA 202 -59.29 -28.02 -92.81
CA TYR XA 202 -57.95 -28.54 -92.63
C TYR XA 202 -58.00 -30.03 -92.33
N ARG XA 203 -57.19 -30.78 -93.04
CA ARG XA 203 -57.16 -32.23 -92.90
C ARG XA 203 -56.02 -32.63 -91.97
N ASP XA 204 -56.30 -33.60 -91.12
CA ASP XA 204 -55.26 -34.14 -90.27
C ASP XA 204 -54.21 -34.85 -91.13
N PRO XA 205 -52.93 -34.72 -90.79
CA PRO XA 205 -51.91 -35.53 -91.48
C PRO XA 205 -52.08 -37.02 -91.26
N GLU XA 206 -52.80 -37.43 -90.22
CA GLU XA 206 -53.00 -38.85 -89.96
C GLU XA 206 -53.80 -39.53 -91.06
N GLU XA 207 -54.60 -38.78 -91.81
CA GLU XA 207 -55.36 -39.33 -92.93
C GLU XA 207 -55.00 -38.69 -94.26
N ILE XA 208 -54.06 -37.74 -94.26
CA ILE XA 208 -53.65 -37.08 -95.49
C ILE XA 208 -52.91 -38.03 -96.41
N GLU XA 209 -52.48 -39.19 -95.90
CA GLU XA 209 -51.82 -40.20 -96.72
C GLU XA 209 -52.69 -41.41 -96.99
N LYS XA 210 -53.77 -41.61 -96.23
CA LYS XA 210 -54.65 -42.75 -96.42
C LYS XA 210 -55.88 -42.43 -97.27
N GLU XA 211 -56.42 -41.20 -97.17
CA GLU XA 211 -57.66 -40.92 -97.87
C GLU XA 211 -57.47 -40.81 -99.38
N GLU XA 212 -56.32 -40.29 -99.83
CA GLU XA 212 -56.13 -40.20 -101.28
C GLU XA 212 -55.84 -41.56 -101.91
N GLN XA 213 -55.14 -42.46 -101.24
CA GLN XA 213 -54.94 -43.79 -101.81
C GLN XA 213 -56.22 -44.63 -101.74
N ALA XA 214 -57.01 -44.49 -100.67
CA ALA XA 214 -58.34 -45.06 -100.66
C ALA XA 214 -59.19 -44.49 -101.78
N ALA XA 215 -59.04 -43.19 -102.06
CA ALA XA 215 -59.77 -42.57 -103.17
C ALA XA 215 -59.33 -43.14 -104.51
N ALA XA 216 -58.04 -43.40 -104.67
CA ALA XA 216 -57.56 -44.04 -105.90
C ALA XA 216 -58.20 -45.40 -106.09
N GLU XA 217 -58.27 -46.20 -105.03
CA GLU XA 217 -58.91 -47.51 -105.12
C GLU XA 217 -60.39 -47.38 -105.41
N LYS XA 218 -61.07 -46.42 -104.76
CA LYS XA 218 -62.50 -46.25 -104.98
C LYS XA 218 -62.79 -45.77 -106.40
N ALA XA 219 -61.93 -44.92 -106.94
CA ALA XA 219 -62.11 -44.44 -108.30
C ALA XA 219 -61.85 -45.53 -109.32
N VAL XA 220 -60.84 -46.37 -109.09
CA VAL XA 220 -60.56 -47.45 -110.03
C VAL XA 220 -61.59 -48.58 -109.90
N THR XA 221 -62.31 -48.68 -108.78
CA THR XA 221 -63.41 -49.63 -108.68
C THR XA 221 -64.73 -48.97 -109.08
N VAL YA 1 -16.34 -68.47 -17.61
CA VAL YA 1 -15.61 -68.79 -18.83
C VAL YA 1 -16.53 -69.48 -19.83
N VAL YA 2 -17.19 -70.55 -19.38
CA VAL YA 2 -18.08 -71.29 -20.27
C VAL YA 2 -19.33 -70.46 -20.56
N ASP YA 3 -20.02 -70.82 -21.64
CA ASP YA 3 -21.19 -70.07 -22.07
C ASP YA 3 -22.33 -70.26 -21.07
N PRO YA 4 -23.19 -69.26 -20.91
CA PRO YA 4 -24.38 -69.44 -20.07
C PRO YA 4 -25.48 -70.25 -20.76
N PHE YA 5 -25.45 -70.35 -22.08
CA PHE YA 5 -26.45 -71.15 -22.77
C PHE YA 5 -26.35 -72.62 -22.43
N SER YA 6 -25.25 -73.05 -21.81
CA SER YA 6 -25.16 -74.42 -21.32
C SER YA 6 -26.26 -74.71 -20.31
N LYS YA 7 -26.47 -73.80 -19.37
CA LYS YA 7 -27.50 -73.95 -18.36
C LYS YA 7 -28.81 -73.26 -18.72
N LYS YA 8 -28.82 -72.45 -19.77
CA LYS YA 8 -30.09 -71.92 -20.26
C LYS YA 8 -30.95 -73.03 -20.84
N ASP YA 9 -32.27 -72.86 -20.76
CA ASP YA 9 -33.21 -73.82 -21.33
C ASP YA 9 -34.37 -73.07 -21.97
N TRP YA 10 -35.10 -73.79 -22.83
CA TRP YA 10 -36.16 -73.21 -23.62
C TRP YA 10 -37.53 -73.53 -23.04
N TYR YA 11 -38.52 -72.74 -23.44
CA TYR YA 11 -39.87 -72.84 -22.92
C TYR YA 11 -40.86 -72.37 -23.97
N ASP YA 12 -41.91 -73.14 -24.20
CA ASP YA 12 -42.98 -72.73 -25.09
C ASP YA 12 -43.84 -71.66 -24.44
N VAL YA 13 -44.47 -70.84 -25.27
CA VAL YA 13 -45.43 -69.84 -24.81
C VAL YA 13 -46.79 -70.17 -25.40
N LYS YA 14 -47.85 -69.82 -24.67
CA LYS YA 14 -49.21 -70.13 -25.07
C LYS YA 14 -50.03 -68.86 -25.21
N ALA YA 15 -51.08 -68.95 -26.03
CA ALA YA 15 -51.94 -67.84 -26.36
C ALA YA 15 -53.30 -67.99 -25.71
N PRO YA 16 -54.04 -66.89 -25.56
CA PRO YA 16 -55.43 -67.00 -25.12
C PRO YA 16 -56.28 -67.76 -26.12
N ALA YA 17 -57.37 -68.34 -25.63
CA ALA YA 17 -58.23 -69.17 -26.47
C ALA YA 17 -58.94 -68.39 -27.56
N MET YA 18 -58.95 -67.06 -27.49
CA MET YA 18 -59.60 -66.26 -28.53
C MET YA 18 -58.88 -66.33 -29.86
N PHE YA 19 -57.67 -66.89 -29.89
CA PHE YA 19 -56.84 -66.93 -31.09
C PHE YA 19 -56.71 -68.36 -31.59
N ASN YA 20 -56.82 -68.52 -32.92
CA ASN YA 20 -56.76 -69.83 -33.56
C ASN YA 20 -55.36 -70.44 -33.55
N ILE YA 21 -54.33 -69.67 -33.19
CA ILE YA 21 -52.97 -70.17 -33.12
C ILE YA 21 -52.48 -69.94 -31.70
N ARG YA 22 -51.98 -71.01 -31.07
CA ARG YA 22 -51.60 -70.96 -29.66
C ARG YA 22 -50.10 -70.89 -29.42
N ASN YA 23 -49.29 -71.31 -30.39
CA ASN YA 23 -47.83 -71.26 -30.25
C ASN YA 23 -47.33 -69.96 -30.84
N ILE YA 24 -47.07 -68.98 -29.98
CA ILE YA 24 -46.45 -67.74 -30.44
C ILE YA 24 -45.00 -67.98 -30.84
N GLY YA 25 -44.26 -68.71 -30.00
CA GLY YA 25 -42.85 -68.95 -30.24
C GLY YA 25 -42.21 -69.64 -29.06
N LYS YA 26 -40.95 -69.32 -28.79
CA LYS YA 26 -40.22 -69.93 -27.69
C LYS YA 26 -39.36 -68.88 -27.02
N THR YA 27 -39.06 -69.11 -25.75
CA THR YA 27 -38.27 -68.18 -24.96
C THR YA 27 -37.24 -68.98 -24.16
N LEU YA 28 -36.12 -68.34 -23.84
CA LEU YA 28 -35.07 -68.98 -23.08
C LEU YA 28 -34.83 -68.25 -21.77
N VAL YA 29 -34.42 -69.02 -20.76
CA VAL YA 29 -34.06 -68.48 -19.45
C VAL YA 29 -33.16 -69.49 -18.77
N THR YA 30 -32.40 -69.03 -17.78
CA THR YA 30 -31.55 -69.94 -17.03
C THR YA 30 -32.38 -70.78 -16.07
N ARG YA 31 -31.75 -71.78 -15.47
CA ARG YA 31 -32.44 -72.69 -14.57
C ARG YA 31 -32.57 -72.08 -13.18
N THR YA 32 -33.40 -72.72 -12.36
CA THR YA 32 -33.60 -72.32 -10.97
C THR YA 32 -32.32 -72.56 -10.19
N GLN YA 33 -31.71 -71.48 -9.69
CA GLN YA 33 -30.43 -71.56 -9.00
C GLN YA 33 -30.50 -70.71 -7.72
N GLY YA 34 -30.93 -71.32 -6.63
CA GLY YA 34 -30.92 -70.63 -5.35
C GLY YA 34 -32.13 -69.72 -5.20
N THR YA 35 -31.87 -68.48 -4.76
CA THR YA 35 -32.97 -67.56 -4.47
C THR YA 35 -33.69 -67.11 -5.74
N LYS YA 36 -32.99 -67.00 -6.87
CA LYS YA 36 -33.64 -66.64 -8.11
C LYS YA 36 -34.44 -67.84 -8.63
N ILE YA 37 -35.75 -67.64 -8.80
CA ILE YA 37 -36.65 -68.68 -9.27
C ILE YA 37 -36.95 -68.41 -10.74
N ALA YA 38 -36.75 -69.44 -11.57
CA ALA YA 38 -36.96 -69.28 -13.01
C ALA YA 38 -38.40 -68.92 -13.32
N SER YA 39 -39.35 -69.53 -12.58
CA SER YA 39 -40.75 -69.13 -12.72
C SER YA 39 -40.94 -67.66 -12.38
N ASP YA 40 -40.32 -67.20 -11.29
CA ASP YA 40 -40.48 -65.83 -10.85
C ASP YA 40 -39.92 -64.85 -11.88
N GLY YA 41 -38.76 -65.18 -12.46
CA GLY YA 41 -38.19 -64.34 -13.49
C GLY YA 41 -39.03 -64.35 -14.76
N LEU YA 42 -39.57 -65.52 -15.13
CA LEU YA 42 -40.37 -65.60 -16.33
C LEU YA 42 -41.72 -64.92 -16.17
N LYS YA 43 -42.17 -64.67 -14.95
CA LYS YA 43 -43.34 -63.82 -14.76
C LYS YA 43 -43.11 -62.46 -15.40
N GLY YA 44 -43.98 -62.10 -16.35
CA GLY YA 44 -44.01 -60.75 -16.86
C GLY YA 44 -43.34 -60.48 -18.19
N ARG YA 45 -42.96 -61.52 -18.94
CA ARG YA 45 -42.41 -61.29 -20.27
C ARG YA 45 -43.51 -60.81 -21.21
N VAL YA 46 -43.22 -59.80 -22.01
CA VAL YA 46 -44.18 -59.25 -22.96
C VAL YA 46 -43.72 -59.58 -24.36
N PHE YA 47 -44.55 -60.29 -25.11
CA PHE YA 47 -44.24 -60.77 -26.46
C PHE YA 47 -45.04 -59.96 -27.46
N GLU YA 48 -44.40 -58.96 -28.04
CA GLU YA 48 -45.06 -58.14 -29.06
C GLU YA 48 -45.23 -59.00 -30.31
N VAL YA 49 -46.46 -59.45 -30.55
CA VAL YA 49 -46.74 -60.43 -31.57
C VAL YA 49 -47.81 -59.91 -32.52
N SER YA 50 -47.62 -60.14 -33.81
CA SER YA 50 -48.54 -59.65 -34.82
C SER YA 50 -49.85 -60.44 -34.79
N LEU YA 51 -50.92 -59.80 -35.24
CA LEU YA 51 -52.23 -60.44 -35.32
C LEU YA 51 -52.35 -61.33 -36.56
N ALA YA 52 -51.50 -61.13 -37.57
CA ALA YA 52 -51.51 -62.03 -38.72
C ALA YA 52 -51.08 -63.43 -38.32
N ASP YA 53 -50.28 -63.54 -37.26
CA ASP YA 53 -49.89 -64.84 -36.72
C ASP YA 53 -50.80 -65.29 -35.59
N LEU YA 54 -51.80 -64.48 -35.23
CA LEU YA 54 -52.77 -64.84 -34.20
C LEU YA 54 -54.13 -65.15 -34.77
N GLN YA 55 -54.39 -64.80 -36.01
CA GLN YA 55 -55.60 -65.23 -36.70
C GLN YA 55 -55.23 -65.67 -38.11
N ASN YA 56 -56.08 -66.50 -38.70
CA ASN YA 56 -55.79 -67.05 -40.03
C ASN YA 56 -55.69 -65.95 -41.08
N ASP YA 57 -56.80 -65.27 -41.37
CA ASP YA 57 -56.90 -64.40 -42.53
C ASP YA 57 -57.42 -63.03 -42.14
N GLU YA 58 -56.86 -62.46 -41.08
CA GLU YA 58 -57.20 -61.11 -40.66
C GLU YA 58 -56.03 -60.18 -40.94
N VAL YA 59 -56.15 -58.94 -40.49
CA VAL YA 59 -55.21 -57.87 -40.83
C VAL YA 59 -53.84 -58.14 -40.21
N ALA YA 60 -52.83 -57.39 -40.65
CA ALA YA 60 -51.47 -57.58 -40.20
C ALA YA 60 -50.92 -56.39 -39.41
N PHE YA 61 -51.60 -55.24 -39.43
CA PHE YA 61 -51.10 -54.04 -38.76
C PHE YA 61 -51.57 -53.93 -37.32
N ARG YA 62 -51.86 -55.06 -36.68
CA ARG YA 62 -52.22 -55.10 -35.27
C ARG YA 62 -51.14 -55.87 -34.51
N LYS YA 63 -50.67 -55.31 -33.40
CA LYS YA 63 -49.66 -55.95 -32.58
C LYS YA 63 -50.19 -56.05 -31.16
N PHE YA 64 -49.79 -57.11 -30.46
CA PHE YA 64 -50.31 -57.36 -29.12
C PHE YA 64 -49.16 -57.63 -28.16
N LYS YA 65 -49.30 -57.13 -26.95
CA LYS YA 65 -48.25 -57.26 -25.93
C LYS YA 65 -48.24 -58.67 -25.34
N LEU YA 66 -49.37 -59.12 -24.80
CA LEU YA 66 -49.55 -60.49 -24.33
C LEU YA 66 -48.53 -60.85 -23.25
N ILE YA 67 -48.68 -60.22 -22.10
CA ILE YA 67 -47.78 -60.46 -20.98
C ILE YA 67 -47.99 -61.87 -20.43
N THR YA 68 -46.92 -62.47 -19.94
CA THR YA 68 -47.00 -63.77 -19.28
C THR YA 68 -47.34 -63.59 -17.81
N GLU YA 69 -48.29 -64.39 -17.34
CA GLU YA 69 -48.69 -64.35 -15.95
C GLU YA 69 -48.54 -65.68 -15.24
N ASP YA 70 -48.36 -66.77 -15.97
CA ASP YA 70 -48.26 -68.08 -15.37
C ASP YA 70 -47.40 -68.98 -16.23
N VAL YA 71 -46.98 -70.10 -15.67
CA VAL YA 71 -46.13 -71.06 -16.34
C VAL YA 71 -46.34 -72.41 -15.69
N GLN YA 72 -46.29 -73.48 -16.49
CA GLN YA 72 -46.40 -74.83 -15.97
C GLN YA 72 -45.65 -75.77 -16.90
N GLY YA 73 -44.73 -76.54 -16.33
CA GLY YA 73 -43.86 -77.37 -17.14
C GLY YA 73 -42.99 -76.52 -18.05
N LYS YA 74 -43.11 -76.75 -19.35
CA LYS YA 74 -42.44 -75.90 -20.32
C LYS YA 74 -43.33 -74.80 -20.86
N ASN YA 75 -44.63 -75.02 -20.87
CA ASN YA 75 -45.57 -74.04 -21.41
C ASN YA 75 -45.71 -72.85 -20.48
N CYS YA 76 -45.86 -71.66 -21.07
CA CYS YA 76 -46.00 -70.42 -20.32
C CYS YA 76 -47.33 -69.78 -20.71
N LEU YA 77 -48.24 -69.69 -19.74
CA LEU YA 77 -49.57 -69.15 -20.01
C LEU YA 77 -49.55 -67.62 -20.00
N THR YA 78 -50.55 -67.04 -20.66
CA THR YA 78 -50.52 -65.62 -21.02
C THR YA 78 -51.93 -65.15 -21.33
N ASN YA 79 -52.24 -63.92 -20.94
CA ASN YA 79 -53.48 -63.26 -21.28
C ASN YA 79 -53.21 -62.01 -22.12
N PHE YA 80 -54.30 -61.39 -22.59
CA PHE YA 80 -54.21 -60.16 -23.35
C PHE YA 80 -53.61 -59.05 -22.49
N HIS YA 81 -52.76 -58.22 -23.09
CA HIS YA 81 -52.10 -57.18 -22.32
C HIS YA 81 -52.31 -55.80 -22.93
N GLY YA 82 -52.35 -55.71 -24.25
CA GLY YA 82 -52.53 -54.43 -24.91
C GLY YA 82 -52.32 -54.54 -26.41
N MET YA 83 -52.95 -53.63 -27.16
CA MET YA 83 -52.93 -53.67 -28.61
C MET YA 83 -52.40 -52.35 -29.16
N ASP YA 84 -51.53 -52.45 -30.17
CA ASP YA 84 -50.87 -51.30 -30.76
C ASP YA 84 -50.98 -51.38 -32.28
N LEU YA 85 -51.39 -50.29 -32.91
CA LEU YA 85 -51.25 -50.17 -34.35
C LEU YA 85 -49.80 -49.84 -34.68
N THR YA 86 -49.25 -50.53 -35.67
CA THR YA 86 -47.84 -50.38 -35.97
C THR YA 86 -47.54 -49.00 -36.56
N ARG YA 87 -46.32 -48.53 -36.28
CA ARG YA 87 -45.95 -47.15 -36.56
C ARG YA 87 -46.01 -46.86 -38.06
N ASP YA 88 -45.56 -47.81 -38.87
CA ASP YA 88 -45.66 -47.63 -40.32
C ASP YA 88 -47.11 -47.49 -40.76
N LYS YA 89 -47.99 -48.29 -40.18
CA LYS YA 89 -49.41 -48.18 -40.50
C LYS YA 89 -49.94 -46.80 -40.17
N MET YA 90 -49.72 -46.34 -38.95
CA MET YA 90 -50.31 -45.05 -38.57
C MET YA 90 -49.65 -43.90 -39.33
N CYS YA 91 -48.36 -44.02 -39.65
CA CYS YA 91 -47.69 -43.00 -40.44
C CYS YA 91 -48.28 -42.90 -41.84
N SER YA 92 -48.55 -44.04 -42.48
CA SER YA 92 -49.20 -44.02 -43.77
C SER YA 92 -50.66 -43.60 -43.67
N MET YA 93 -51.28 -43.76 -42.50
CA MET YA 93 -52.63 -43.29 -42.31
C MET YA 93 -52.69 -41.77 -42.23
N VAL YA 94 -51.70 -41.14 -41.61
CA VAL YA 94 -51.69 -39.69 -41.44
C VAL YA 94 -51.43 -39.05 -42.81
N LYS YA 95 -52.39 -38.26 -43.29
CA LYS YA 95 -52.25 -37.56 -44.55
C LYS YA 95 -52.62 -36.10 -44.38
N LYS YA 96 -52.16 -35.28 -45.32
CA LYS YA 96 -52.43 -33.86 -45.31
C LYS YA 96 -53.79 -33.58 -45.93
N TRP YA 97 -54.20 -32.31 -45.86
CA TRP YA 97 -55.44 -31.81 -46.48
C TRP YA 97 -56.67 -32.53 -45.96
N GLN YA 98 -56.58 -33.07 -44.75
CA GLN YA 98 -57.71 -33.69 -44.09
C GLN YA 98 -57.52 -33.49 -42.59
N THR YA 99 -58.46 -34.00 -41.81
CA THR YA 99 -58.47 -33.79 -40.37
C THR YA 99 -58.42 -35.11 -39.64
N MET YA 100 -57.53 -35.21 -38.65
CA MET YA 100 -57.41 -36.37 -37.80
C MET YA 100 -58.08 -36.09 -36.47
N ILE YA 101 -59.00 -36.96 -36.09
CA ILE YA 101 -59.78 -36.82 -34.86
C ILE YA 101 -59.40 -37.97 -33.96
N GLU YA 102 -58.85 -37.64 -32.80
CA GLU YA 102 -58.29 -38.61 -31.87
C GLU YA 102 -59.04 -38.54 -30.55
N ALA YA 103 -59.31 -39.69 -29.95
CA ALA YA 103 -60.01 -39.74 -28.68
C ALA YA 103 -59.41 -40.85 -27.83
N HIS YA 104 -59.65 -40.76 -26.53
CA HIS YA 104 -59.23 -41.81 -25.61
C HIS YA 104 -60.20 -41.85 -24.43
N VAL YA 105 -60.50 -43.07 -23.99
CA VAL YA 105 -61.37 -43.28 -22.84
C VAL YA 105 -60.64 -44.12 -21.81
N ASP YA 106 -61.09 -44.00 -20.57
CA ASP YA 106 -60.59 -44.79 -19.45
C ASP YA 106 -61.78 -45.54 -18.88
N VAL YA 107 -61.88 -46.83 -19.18
CA VAL YA 107 -63.09 -47.58 -18.87
C VAL YA 107 -62.73 -48.82 -18.06
N LYS YA 108 -63.57 -49.11 -17.06
CA LYS YA 108 -63.46 -50.33 -16.26
C LYS YA 108 -64.23 -51.47 -16.91
N THR YA 109 -63.62 -52.64 -16.92
CA THR YA 109 -64.23 -53.85 -17.44
C THR YA 109 -64.93 -54.59 -16.31
N THR YA 110 -65.98 -55.34 -16.67
CA THR YA 110 -66.61 -56.25 -15.71
C THR YA 110 -65.61 -57.27 -15.20
N ASP YA 111 -64.61 -57.59 -16.02
CA ASP YA 111 -63.56 -58.52 -15.62
C ASP YA 111 -62.72 -57.97 -14.47
N GLY YA 112 -62.74 -56.66 -14.26
CA GLY YA 112 -61.89 -56.02 -13.28
C GLY YA 112 -60.68 -55.33 -13.86
N TYR YA 113 -60.69 -55.06 -15.16
CA TYR YA 113 -59.53 -54.49 -15.85
C TYR YA 113 -59.82 -53.06 -16.25
N LEU YA 114 -58.91 -52.15 -15.91
CA LEU YA 114 -58.99 -50.77 -16.34
C LEU YA 114 -58.24 -50.62 -17.66
N LEU YA 115 -58.88 -50.04 -18.66
CA LEU YA 115 -58.29 -49.97 -19.99
C LEU YA 115 -58.36 -48.55 -20.54
N ARG YA 116 -57.24 -48.10 -21.10
CA ARG YA 116 -57.15 -46.84 -21.82
C ARG YA 116 -57.24 -47.15 -23.31
N LEU YA 117 -58.18 -46.51 -23.99
CA LEU YA 117 -58.50 -46.81 -25.38
C LEU YA 117 -58.37 -45.55 -26.21
N PHE YA 118 -57.37 -45.52 -27.08
CA PHE YA 118 -57.17 -44.47 -28.05
C PHE YA 118 -57.72 -44.92 -29.40
N CYS YA 119 -58.68 -44.16 -29.94
CA CYS YA 119 -59.29 -44.41 -31.22
C CYS YA 119 -59.09 -43.20 -32.12
N VAL YA 120 -58.70 -43.47 -33.37
CA VAL YA 120 -58.32 -42.45 -34.33
C VAL YA 120 -59.32 -42.48 -35.48
N GLY YA 121 -59.44 -41.35 -36.19
CA GLY YA 121 -60.26 -41.31 -37.38
C GLY YA 121 -59.97 -40.13 -38.29
N PHE YA 122 -59.83 -40.37 -39.59
CA PHE YA 122 -59.47 -39.33 -40.54
C PHE YA 122 -60.67 -38.97 -41.39
N THR YA 123 -60.76 -37.69 -41.77
CA THR YA 123 -61.82 -37.28 -42.66
C THR YA 123 -61.58 -37.82 -44.06
N LYS YA 124 -62.67 -38.14 -44.73
CA LYS YA 124 -62.66 -38.76 -46.05
C LYS YA 124 -63.27 -37.78 -47.05
N LYS YA 125 -62.65 -37.67 -48.22
CA LYS YA 125 -63.17 -36.80 -49.26
C LYS YA 125 -64.14 -37.59 -50.13
N ARG YA 126 -65.04 -36.87 -50.79
CA ARG YA 126 -66.02 -37.52 -51.65
C ARG YA 126 -65.39 -37.86 -53.00
N ASN YA 127 -66.10 -38.70 -53.76
CA ASN YA 127 -65.60 -39.04 -55.10
C ASN YA 127 -65.67 -37.83 -56.02
N ASN YA 128 -66.79 -37.13 -56.03
CA ASN YA 128 -66.94 -35.92 -56.83
C ASN YA 128 -66.35 -34.69 -56.14
N GLN YA 129 -65.63 -34.89 -55.03
CA GLN YA 129 -65.05 -33.78 -54.30
C GLN YA 129 -63.96 -33.12 -55.13
N ILE YA 130 -64.24 -31.91 -55.60
CA ILE YA 130 -63.26 -31.18 -56.39
C ILE YA 130 -62.31 -30.40 -55.50
N ARG YA 131 -62.84 -29.86 -54.40
CA ARG YA 131 -62.04 -29.07 -53.47
C ARG YA 131 -60.91 -29.91 -52.89
N LYS YA 132 -59.74 -29.29 -52.76
CA LYS YA 132 -58.55 -30.01 -52.34
C LYS YA 132 -58.68 -30.51 -50.91
N THR YA 133 -59.04 -29.62 -50.00
CA THR YA 133 -59.02 -29.91 -48.58
C THR YA 133 -60.38 -30.38 -48.12
N SER YA 134 -60.40 -31.52 -47.44
CA SER YA 134 -61.61 -32.05 -46.83
C SER YA 134 -61.45 -31.85 -45.33
N TYR YA 135 -61.82 -30.66 -44.86
CA TYR YA 135 -61.67 -30.30 -43.46
C TYR YA 135 -63.01 -30.36 -42.76
N ALA YA 136 -62.95 -30.27 -41.43
CA ALA YA 136 -64.15 -30.26 -40.59
C ALA YA 136 -64.07 -29.11 -39.60
N GLN YA 137 -65.22 -28.52 -39.31
CA GLN YA 137 -65.28 -27.42 -38.36
C GLN YA 137 -65.01 -27.93 -36.94
N HIS YA 138 -64.72 -26.99 -36.05
CA HIS YA 138 -64.32 -27.35 -34.69
C HIS YA 138 -65.46 -28.03 -33.94
N GLN YA 139 -66.68 -27.52 -34.11
CA GLN YA 139 -67.83 -28.17 -33.48
C GLN YA 139 -68.11 -29.52 -34.11
N GLN YA 140 -67.88 -29.65 -35.42
CA GLN YA 140 -68.05 -30.96 -36.04
C GLN YA 140 -67.05 -31.96 -35.48
N VAL YA 141 -65.79 -31.56 -35.31
CA VAL YA 141 -64.79 -32.46 -34.76
C VAL YA 141 -65.10 -32.79 -33.31
N ARG YA 142 -65.59 -31.80 -32.54
CA ARG YA 142 -65.97 -32.08 -31.16
C ARG YA 142 -67.12 -33.07 -31.10
N GLN YA 143 -68.10 -32.93 -31.99
CA GLN YA 143 -69.21 -33.87 -32.03
C GLN YA 143 -68.73 -35.26 -32.37
N ILE YA 144 -67.83 -35.37 -33.36
CA ILE YA 144 -67.32 -36.68 -33.76
C ILE YA 144 -66.53 -37.31 -32.63
N ARG YA 145 -65.69 -36.53 -31.95
CA ARG YA 145 -64.91 -37.06 -30.84
C ARG YA 145 -65.81 -37.48 -29.68
N LYS YA 146 -66.85 -36.70 -29.40
CA LYS YA 146 -67.78 -37.05 -28.34
C LYS YA 146 -68.52 -38.34 -28.65
N LYS YA 147 -68.99 -38.49 -29.90
CA LYS YA 147 -69.63 -39.74 -30.28
C LYS YA 147 -68.65 -40.91 -30.22
N MET YA 148 -67.40 -40.70 -30.63
CA MET YA 148 -66.38 -41.72 -30.50
C MET YA 148 -66.16 -42.10 -29.04
N MET YA 149 -66.20 -41.12 -28.14
CA MET YA 149 -66.07 -41.40 -26.72
C MET YA 149 -67.21 -42.26 -26.22
N GLU YA 150 -68.44 -41.91 -26.60
CA GLU YA 150 -69.60 -42.53 -25.98
C GLU YA 150 -70.10 -43.78 -26.70
N ILE YA 151 -69.53 -44.16 -27.84
CA ILE YA 151 -69.92 -45.43 -28.45
C ILE YA 151 -68.82 -46.47 -28.43
N MET YA 152 -67.69 -46.19 -27.80
CA MET YA 152 -66.75 -47.28 -27.55
C MET YA 152 -66.73 -47.73 -26.09
N THR YA 153 -67.13 -46.88 -25.16
CA THR YA 153 -67.23 -47.34 -23.78
C THR YA 153 -68.48 -48.19 -23.56
N ARG YA 154 -69.57 -47.90 -24.28
CA ARG YA 154 -70.78 -48.68 -24.12
C ARG YA 154 -70.63 -50.10 -24.65
N GLU YA 155 -69.55 -50.38 -25.38
CA GLU YA 155 -69.23 -51.74 -25.77
C GLU YA 155 -68.36 -52.42 -24.71
N VAL YA 156 -67.36 -51.72 -24.22
CA VAL YA 156 -66.35 -52.36 -23.37
C VAL YA 156 -66.86 -52.55 -21.94
N GLN YA 157 -67.56 -51.56 -21.37
CA GLN YA 157 -67.95 -51.66 -19.97
C GLN YA 157 -69.04 -52.71 -19.74
N THR YA 158 -69.70 -53.17 -20.80
CA THR YA 158 -70.79 -54.12 -20.67
C THR YA 158 -70.35 -55.56 -20.89
N ASN YA 159 -69.09 -55.79 -21.27
CA ASN YA 159 -68.59 -57.13 -21.54
C ASN YA 159 -67.25 -57.31 -20.84
N ASP YA 160 -66.89 -58.56 -20.57
CA ASP YA 160 -65.63 -58.86 -19.92
C ASP YA 160 -64.48 -58.79 -20.94
N LEU YA 161 -63.26 -58.99 -20.43
CA LEU YA 161 -62.06 -58.85 -21.25
C LEU YA 161 -62.02 -59.87 -22.38
N LYS YA 162 -62.54 -61.08 -22.15
CA LYS YA 162 -62.68 -62.07 -23.20
C LYS YA 162 -63.42 -61.50 -24.40
N GLU YA 163 -64.65 -61.03 -24.17
CA GLU YA 163 -65.45 -60.44 -25.23
C GLU YA 163 -64.80 -59.18 -25.78
N VAL YA 164 -64.12 -58.40 -24.94
CA VAL YA 164 -63.45 -57.20 -25.42
C VAL YA 164 -62.43 -57.55 -26.50
N VAL YA 165 -61.59 -58.55 -26.22
CA VAL YA 165 -60.56 -58.91 -27.19
C VAL YA 165 -61.17 -59.55 -28.43
N ASN YA 166 -62.14 -60.45 -28.24
CA ASN YA 166 -62.70 -61.09 -29.42
C ASN YA 166 -63.62 -60.17 -30.22
N LYS YA 167 -63.94 -59.00 -29.68
CA LYS YA 167 -64.64 -58.00 -30.48
C LYS YA 167 -63.73 -56.94 -31.06
N LEU YA 168 -62.54 -56.72 -30.49
CA LEU YA 168 -61.58 -55.84 -31.13
C LEU YA 168 -60.70 -56.56 -32.13
N ILE YA 169 -60.83 -57.89 -32.23
CA ILE YA 169 -60.14 -58.61 -33.29
C ILE YA 169 -60.47 -58.07 -34.68
N PRO YA 170 -61.73 -57.90 -35.08
CA PRO YA 170 -62.02 -57.39 -36.42
C PRO YA 170 -62.26 -55.89 -36.50
N ASP YA 171 -61.99 -55.14 -35.43
CA ASP YA 171 -62.29 -53.71 -35.35
C ASP YA 171 -63.78 -53.44 -35.62
N SER YA 172 -64.63 -54.23 -34.95
CA SER YA 172 -66.07 -53.97 -34.99
C SER YA 172 -66.39 -52.60 -34.41
N ILE YA 173 -65.65 -52.19 -33.39
CA ILE YA 173 -65.78 -50.84 -32.85
C ILE YA 173 -65.51 -49.81 -33.94
N GLY YA 174 -64.44 -50.01 -34.71
CA GLY YA 174 -64.08 -49.02 -35.72
C GLY YA 174 -65.13 -48.87 -36.80
N LYS YA 175 -65.68 -49.99 -37.27
CA LYS YA 175 -66.73 -49.90 -38.29
C LYS YA 175 -68.00 -49.30 -37.72
N ASP YA 176 -68.32 -49.58 -36.45
CA ASP YA 176 -69.44 -48.89 -35.82
C ASP YA 176 -69.19 -47.38 -35.75
N ILE YA 177 -67.96 -46.98 -35.43
CA ILE YA 177 -67.61 -45.56 -35.39
C ILE YA 177 -67.87 -44.93 -36.75
N GLU YA 178 -67.38 -45.56 -37.82
CA GLU YA 178 -67.53 -45.00 -39.16
C GLU YA 178 -69.00 -44.89 -39.53
N LYS YA 179 -69.78 -45.94 -39.27
CA LYS YA 179 -71.20 -45.93 -39.64
C LYS YA 179 -71.97 -44.87 -38.86
N ALA YA 180 -71.65 -44.67 -37.58
CA ALA YA 180 -72.35 -43.65 -36.82
C ALA YA 180 -71.87 -42.25 -37.19
N CYS YA 181 -70.60 -42.09 -37.52
CA CYS YA 181 -70.04 -40.76 -37.73
C CYS YA 181 -70.36 -40.21 -39.11
N GLN YA 182 -70.59 -41.08 -40.10
CA GLN YA 182 -70.89 -40.55 -41.42
C GLN YA 182 -72.25 -39.86 -41.48
N SER YA 183 -73.07 -39.96 -40.44
CA SER YA 183 -74.28 -39.15 -40.38
C SER YA 183 -73.99 -37.68 -40.12
N ILE YA 184 -72.75 -37.33 -39.80
CA ILE YA 184 -72.33 -35.95 -39.69
C ILE YA 184 -71.22 -35.66 -40.68
N TYR YA 185 -70.12 -36.39 -40.59
CA TYR YA 185 -69.01 -36.22 -41.52
C TYR YA 185 -68.46 -37.57 -41.95
N PRO YA 186 -68.24 -37.77 -43.25
CA PRO YA 186 -67.74 -39.07 -43.72
C PRO YA 186 -66.32 -39.33 -43.23
N LEU YA 187 -66.15 -40.45 -42.54
CA LEU YA 187 -64.85 -40.89 -42.07
C LEU YA 187 -64.55 -42.25 -42.67
N HIS YA 188 -63.29 -42.50 -42.90
CA HIS YA 188 -62.91 -43.78 -43.48
C HIS YA 188 -61.82 -44.49 -42.70
N ASP YA 189 -60.85 -43.76 -42.18
CA ASP YA 189 -59.63 -44.36 -41.65
C ASP YA 189 -59.72 -44.47 -40.12
N VAL YA 190 -60.71 -45.20 -39.65
CA VAL YA 190 -61.04 -45.25 -38.23
C VAL YA 190 -60.65 -46.59 -37.65
N PHE YA 191 -59.73 -46.58 -36.70
CA PHE YA 191 -59.31 -47.77 -35.97
C PHE YA 191 -59.09 -47.39 -34.52
N VAL YA 192 -59.17 -48.38 -33.65
CA VAL YA 192 -58.72 -48.19 -32.28
C VAL YA 192 -57.22 -48.34 -32.28
N ARG YA 193 -56.51 -47.22 -32.42
CA ARG YA 193 -55.07 -47.30 -32.65
C ARG YA 193 -54.34 -47.89 -31.46
N LYS YA 194 -54.88 -47.78 -30.25
CA LYS YA 194 -54.11 -48.28 -29.11
C LYS YA 194 -55.06 -48.62 -27.97
N VAL YA 195 -54.81 -49.73 -27.30
CA VAL YA 195 -55.41 -50.03 -26.01
C VAL YA 195 -54.32 -50.51 -25.07
N LYS YA 196 -54.35 -50.01 -23.84
CA LYS YA 196 -53.37 -50.41 -22.84
C LYS YA 196 -54.08 -50.66 -21.52
N MET YA 197 -53.50 -51.56 -20.73
CA MET YA 197 -54.06 -51.93 -19.45
C MET YA 197 -53.46 -51.08 -18.33
N LEU YA 198 -54.25 -50.85 -17.29
CA LEU YA 198 -53.85 -50.03 -16.16
C LEU YA 198 -53.96 -50.74 -14.83
N LYS YA 199 -55.04 -51.48 -14.59
CA LYS YA 199 -55.27 -52.17 -13.32
C LYS YA 199 -55.74 -53.59 -13.60
N LYS YA 200 -55.51 -54.46 -12.62
CA LYS YA 200 -55.81 -55.88 -12.74
C LYS YA 200 -56.66 -56.33 -11.56
N PRO YA 201 -57.53 -57.33 -11.76
CA PRO YA 201 -58.41 -57.81 -10.69
C PRO YA 201 -57.79 -58.89 -9.80
N LYS YA 202 -56.59 -58.64 -9.30
CA LYS YA 202 -55.94 -59.42 -8.25
C LYS YA 202 -55.66 -60.88 -8.66
N PHE YA 203 -55.54 -61.15 -9.95
CA PHE YA 203 -54.97 -62.40 -10.47
C PHE YA 203 -55.75 -63.63 -9.99
N GLU YA 204 -56.98 -63.74 -10.48
CA GLU YA 204 -57.77 -64.94 -10.25
C GLU YA 204 -57.30 -66.02 -11.22
N LEU YA 205 -56.62 -67.04 -10.67
CA LEU YA 205 -55.99 -68.06 -11.51
C LEU YA 205 -57.01 -68.85 -12.32
N GLY YA 206 -58.19 -69.12 -11.75
CA GLY YA 206 -59.22 -69.83 -12.47
C GLY YA 206 -59.70 -69.12 -13.72
N LYS YA 207 -59.62 -67.79 -13.72
CA LYS YA 207 -59.99 -67.04 -14.91
C LYS YA 207 -58.99 -67.26 -16.05
N LEU YA 208 -57.70 -67.31 -15.76
CA LEU YA 208 -56.74 -67.72 -16.79
C LEU YA 208 -56.94 -69.17 -17.19
N MET YA 209 -57.31 -70.01 -16.22
CA MET YA 209 -57.55 -71.42 -16.53
C MET YA 209 -58.65 -71.58 -17.55
N GLU YA 210 -59.76 -70.87 -17.37
CA GLU YA 210 -60.82 -70.91 -18.38
C GLU YA 210 -60.45 -70.11 -19.62
N LEU YA 211 -59.54 -69.15 -19.50
CA LEU YA 211 -59.12 -68.39 -20.68
C LEU YA 211 -58.25 -69.23 -21.60
N HIS YA 212 -57.58 -70.24 -21.06
CA HIS YA 212 -56.84 -71.18 -21.90
C HIS YA 212 -57.62 -72.46 -22.20
N GLY YA 213 -58.58 -72.83 -21.36
CA GLY YA 213 -59.43 -73.97 -21.59
C GLY YA 213 -60.88 -73.58 -21.70
N GLU YA 214 -61.68 -73.99 -20.71
CA GLU YA 214 -63.11 -73.68 -20.68
C GLU YA 214 -63.38 -72.19 -20.54
N GLU ZA 1 -32.24 11.18 -106.29
CA GLU ZA 1 -31.76 9.82 -106.16
C GLU ZA 1 -32.48 9.08 -105.03
N TRP ZA 2 -33.81 9.12 -105.05
CA TRP ZA 2 -34.63 8.56 -103.99
C TRP ZA 2 -35.39 7.36 -104.52
N MET ZA 3 -35.24 6.22 -103.84
CA MET ZA 3 -35.98 5.02 -104.19
C MET ZA 3 -36.93 4.68 -103.05
N PRO ZA 4 -38.21 5.01 -103.17
CA PRO ZA 4 -39.15 4.72 -102.08
C PRO ZA 4 -39.41 3.23 -101.96
N VAL ZA 5 -39.43 2.75 -100.72
CA VAL ZA 5 -39.78 1.36 -100.42
C VAL ZA 5 -41.06 1.24 -99.63
N THR ZA 6 -41.61 2.34 -99.11
CA THR ZA 6 -42.89 2.34 -98.43
C THR ZA 6 -43.91 3.06 -99.29
N LYS ZA 7 -45.18 2.68 -99.12
CA LYS ZA 7 -46.23 3.26 -99.92
C LYS ZA 7 -46.37 4.75 -99.69
N LEU ZA 8 -46.11 5.21 -98.45
CA LEU ZA 8 -46.10 6.64 -98.19
C LEU ZA 8 -45.02 7.34 -99.01
N GLY ZA 9 -43.82 6.77 -99.05
CA GLY ZA 9 -42.76 7.37 -99.85
C GLY ZA 9 -43.12 7.41 -101.32
N ARG ZA 10 -43.75 6.34 -101.81
CA ARG ZA 10 -44.17 6.31 -103.20
C ARG ZA 10 -45.18 7.41 -103.50
N LEU ZA 11 -46.16 7.57 -102.61
CA LEU ZA 11 -47.19 8.58 -102.81
C LEU ZA 11 -46.63 10.00 -102.68
N VAL ZA 12 -45.60 10.17 -101.85
CA VAL ZA 12 -44.94 11.47 -101.78
C VAL ZA 12 -44.19 11.76 -103.07
N LYS ZA 13 -43.41 10.79 -103.55
CA LYS ZA 13 -42.57 11.04 -104.71
C LYS ZA 13 -43.39 11.28 -105.97
N ASP ZA 14 -44.48 10.54 -106.17
CA ASP ZA 14 -45.31 10.86 -107.33
C ASP ZA 14 -46.30 11.99 -107.07
N MET ZA 15 -45.96 12.84 -106.11
CA MET ZA 15 -46.63 14.13 -105.83
C MET ZA 15 -48.15 13.99 -105.70
N LYS ZA 16 -48.59 12.89 -105.10
CA LYS ZA 16 -50.00 12.77 -104.76
C LYS ZA 16 -50.32 13.26 -103.36
N ILE ZA 17 -49.30 13.62 -102.58
CA ILE ZA 17 -49.48 14.12 -101.22
C ILE ZA 17 -49.08 15.59 -101.21
N LYS ZA 18 -49.96 16.44 -100.67
CA LYS ZA 18 -49.73 17.87 -100.76
C LYS ZA 18 -48.99 18.45 -99.56
N SER ZA 19 -49.19 17.90 -98.37
CA SER ZA 19 -48.53 18.46 -97.20
C SER ZA 19 -48.32 17.37 -96.16
N LEU ZA 20 -47.40 17.64 -95.23
CA LEU ZA 20 -47.23 16.81 -94.06
C LEU ZA 20 -48.45 16.84 -93.15
N GLU ZA 21 -49.27 17.88 -93.26
CA GLU ZA 21 -50.46 17.97 -92.43
C GLU ZA 21 -51.44 16.87 -92.77
N GLU ZA 22 -51.44 16.40 -94.01
CA GLU ZA 22 -52.28 15.26 -94.36
C GLU ZA 22 -51.87 14.00 -93.60
N ILE ZA 23 -50.55 13.76 -93.50
CA ILE ZA 23 -50.08 12.63 -92.71
C ILE ZA 23 -50.42 12.82 -91.24
N TYR ZA 24 -50.21 14.03 -90.74
CA TYR ZA 24 -50.54 14.32 -89.34
C TYR ZA 24 -52.02 14.12 -89.06
N LEU ZA 25 -52.86 14.32 -90.08
CA LEU ZA 25 -54.29 14.12 -89.90
C LEU ZA 25 -54.60 12.69 -89.51
N PHE ZA 26 -53.96 11.73 -90.16
CA PHE ZA 26 -54.27 10.33 -89.96
C PHE ZA 26 -53.26 9.60 -89.09
N SER ZA 27 -52.28 10.33 -88.55
CA SER ZA 27 -51.28 9.75 -87.65
C SER ZA 27 -50.51 8.61 -88.32
N LEU ZA 28 -50.29 8.72 -89.62
CA LEU ZA 28 -49.56 7.70 -90.33
C LEU ZA 28 -48.10 7.69 -89.89
N PRO ZA 29 -47.50 6.51 -89.72
CA PRO ZA 29 -46.11 6.46 -89.27
C PRO ZA 29 -45.15 6.94 -90.36
N ILE ZA 30 -44.16 7.72 -89.94
CA ILE ZA 30 -43.10 8.18 -90.83
C ILE ZA 30 -41.96 7.19 -90.70
N LYS ZA 31 -41.69 6.43 -91.77
CA LYS ZA 31 -40.66 5.41 -91.73
C LYS ZA 31 -39.51 5.67 -92.70
N GLU ZA 32 -39.62 6.68 -93.57
CA GLU ZA 32 -38.50 7.13 -94.38
C GLU ZA 32 -38.28 8.62 -94.15
N SER ZA 33 -37.02 9.01 -94.00
CA SER ZA 33 -36.71 10.39 -93.67
C SER ZA 33 -36.94 11.33 -94.84
N GLU ZA 34 -36.80 10.85 -96.07
CA GLU ZA 34 -36.79 11.75 -97.22
C GLU ZA 34 -38.13 12.38 -97.52
N ILE ZA 35 -39.20 11.97 -96.84
CA ILE ZA 35 -40.49 12.62 -97.04
C ILE ZA 35 -40.46 14.04 -96.50
N ILE ZA 36 -39.91 14.21 -95.28
CA ILE ZA 36 -40.08 15.51 -94.65
C ILE ZA 36 -39.16 16.55 -95.26
N ASP ZA 37 -38.01 16.16 -95.82
CA ASP ZA 37 -37.23 17.19 -96.51
C ASP ZA 37 -37.89 17.60 -97.82
N PHE ZA 38 -38.57 16.66 -98.50
CA PHE ZA 38 -39.34 17.03 -99.67
C PHE ZA 38 -40.43 18.03 -99.31
N PHE ZA 39 -41.09 17.82 -98.17
CA PHE ZA 39 -42.19 18.71 -97.82
C PHE ZA 39 -41.68 20.03 -97.23
N LEU ZA 40 -40.86 19.96 -96.20
CA LEU ZA 40 -40.23 21.12 -95.58
C LEU ZA 40 -38.86 21.39 -96.18
N GLY ZA 41 -38.78 21.42 -97.51
CA GLY ZA 41 -37.52 21.62 -98.20
C GLY ZA 41 -36.76 22.87 -97.82
N ALA ZA 42 -35.48 22.70 -97.50
CA ALA ZA 42 -34.56 23.79 -97.15
C ALA ZA 42 -35.04 24.60 -95.96
N SER ZA 43 -35.92 24.04 -95.14
CA SER ZA 43 -36.40 24.73 -93.95
C SER ZA 43 -35.91 24.11 -92.66
N LEU ZA 44 -35.38 22.89 -92.70
CA LEU ZA 44 -34.89 22.24 -91.50
C LEU ZA 44 -33.70 23.00 -90.93
N LYS ZA 45 -33.68 23.12 -89.62
CA LYS ZA 45 -32.56 23.76 -88.92
C LYS ZA 45 -31.93 22.74 -87.99
N ASP ZA 46 -30.76 22.26 -88.37
CA ASP ZA 46 -30.07 21.20 -87.65
C ASP ZA 46 -29.36 21.76 -86.44
N GLU ZA 47 -29.25 20.95 -85.39
CA GLU ZA 47 -28.51 21.37 -84.20
C GLU ZA 47 -28.13 20.16 -83.38
N VAL ZA 48 -26.98 20.26 -82.71
CA VAL ZA 48 -26.45 19.22 -81.85
C VAL ZA 48 -26.68 19.62 -80.40
N LEU ZA 49 -27.28 18.74 -79.63
CA LEU ZA 49 -27.48 19.00 -78.20
C LEU ZA 49 -26.28 18.52 -77.38
N LYS ZA 50 -25.96 17.22 -77.45
CA LYS ZA 50 -24.78 16.74 -76.77
C LYS ZA 50 -24.32 15.45 -77.41
N ILE ZA 51 -23.04 15.15 -77.17
CA ILE ZA 51 -22.40 13.91 -77.62
C ILE ZA 51 -21.83 13.26 -76.36
N MET ZA 52 -22.59 12.34 -75.78
CA MET ZA 52 -22.16 11.72 -74.54
C MET ZA 52 -21.48 10.39 -74.82
N PRO ZA 53 -20.29 10.17 -74.30
CA PRO ZA 53 -19.61 8.88 -74.49
C PRO ZA 53 -20.03 7.79 -73.52
N VAL ZA 54 -21.05 7.00 -73.86
CA VAL ZA 54 -21.39 5.85 -73.03
C VAL ZA 54 -20.32 4.79 -73.18
N GLN ZA 55 -20.03 4.07 -72.10
CA GLN ZA 55 -19.02 3.03 -72.11
C GLN ZA 55 -19.62 1.73 -71.57
N LYS ZA 56 -19.36 0.65 -72.27
CA LYS ZA 56 -19.72 -0.69 -71.81
C LYS ZA 56 -18.46 -1.38 -71.32
N GLN ZA 57 -18.47 -1.80 -70.06
CA GLN ZA 57 -17.29 -2.38 -69.45
C GLN ZA 57 -17.17 -3.85 -69.84
N THR ZA 58 -16.09 -4.20 -70.52
CA THR ZA 58 -15.83 -5.57 -70.94
C THR ZA 58 -14.54 -6.06 -70.28
N ARG ZA 59 -14.09 -7.23 -70.70
CA ARG ZA 59 -12.83 -7.77 -70.20
C ARG ZA 59 -11.67 -6.83 -70.53
N ALA ZA 60 -11.65 -6.31 -71.76
CA ALA ZA 60 -10.59 -5.41 -72.20
C ALA ZA 60 -10.96 -3.96 -71.89
N GLY ZA 61 -11.05 -3.65 -70.60
CA GLY ZA 61 -11.42 -2.31 -70.20
C GLY ZA 61 -12.86 -2.00 -70.54
N GLN ZA 62 -13.08 -1.05 -71.44
CA GLN ZA 62 -14.44 -0.70 -71.82
C GLN ZA 62 -14.47 -0.15 -73.23
N ARG ZA 63 -15.60 -0.34 -73.89
CA ARG ZA 63 -15.82 0.17 -75.23
C ARG ZA 63 -16.64 1.45 -75.16
N THR ZA 64 -16.24 2.45 -75.92
CA THR ZA 64 -16.84 3.78 -75.84
C THR ZA 64 -17.70 4.03 -77.08
N ARG ZA 65 -19.01 3.85 -76.95
CA ARG ZA 65 -19.93 4.30 -77.97
C ARG ZA 65 -20.35 5.73 -77.66
N PHE ZA 66 -20.87 6.41 -78.68
CA PHE ZA 66 -21.28 7.80 -78.56
C PHE ZA 66 -22.77 7.89 -78.80
N LYS ZA 67 -23.47 8.58 -77.90
CA LYS ZA 67 -24.88 8.90 -78.05
C LYS ZA 67 -25.00 10.36 -78.41
N ALA ZA 68 -25.57 10.63 -79.58
CA ALA ZA 68 -25.71 11.97 -80.12
C ALA ZA 68 -27.17 12.38 -80.07
N PHE ZA 69 -27.41 13.59 -79.57
CA PHE ZA 69 -28.75 14.18 -79.56
C PHE ZA 69 -28.80 15.28 -80.60
N VAL ZA 70 -29.80 15.23 -81.47
CA VAL ZA 70 -29.97 16.25 -82.51
C VAL ZA 70 -31.42 16.70 -82.50
N ALA ZA 71 -31.63 18.00 -82.32
CA ALA ZA 71 -32.95 18.60 -82.43
C ALA ZA 71 -33.03 19.36 -83.75
N ILE ZA 72 -34.10 19.12 -84.49
CA ILE ZA 72 -34.31 19.74 -85.78
C ILE ZA 72 -35.73 20.26 -85.86
N GLY ZA 73 -35.97 21.14 -86.81
CA GLY ZA 73 -37.29 21.67 -87.03
C GLY ZA 73 -37.23 23.06 -87.62
N ASP ZA 74 -38.05 23.30 -88.65
CA ASP ZA 74 -38.14 24.64 -89.19
C ASP ZA 74 -38.78 25.56 -88.17
N TYR ZA 75 -38.44 26.84 -88.25
CA TYR ZA 75 -38.93 27.79 -87.26
C TYR ZA 75 -40.33 28.26 -87.64
N ASN ZA 76 -41.24 27.32 -87.83
CA ASN ZA 76 -42.58 27.66 -88.31
C ASN ZA 76 -43.68 26.79 -87.72
N GLY ZA 77 -43.38 25.89 -86.79
CA GLY ZA 77 -44.43 25.08 -86.19
C GLY ZA 77 -44.18 23.59 -86.24
N HIS ZA 78 -42.93 23.18 -86.44
CA HIS ZA 78 -42.57 21.77 -86.42
C HIS ZA 78 -41.27 21.60 -85.66
N VAL ZA 79 -41.12 20.43 -85.03
CA VAL ZA 79 -39.90 20.12 -84.27
C VAL ZA 79 -39.76 18.61 -84.23
N GLY ZA 80 -38.55 18.15 -83.94
CA GLY ZA 80 -38.26 16.73 -83.81
C GLY ZA 80 -36.95 16.50 -83.10
N LEU ZA 81 -36.91 15.49 -82.25
CA LEU ZA 81 -35.75 15.20 -81.43
C LEU ZA 81 -35.26 13.79 -81.70
N GLY ZA 82 -33.96 13.62 -81.85
CA GLY ZA 82 -33.39 12.33 -82.19
C GLY ZA 82 -32.23 11.97 -81.28
N VAL ZA 83 -32.22 10.71 -80.86
CA VAL ZA 83 -31.19 10.16 -80.00
C VAL ZA 83 -30.63 8.92 -80.70
N LYS ZA 84 -29.36 8.96 -81.08
CA LYS ZA 84 -28.79 7.79 -81.74
C LYS ZA 84 -27.40 7.48 -81.19
N CYS ZA 85 -27.13 6.19 -81.01
CA CYS ZA 85 -25.86 5.73 -80.47
C CYS ZA 85 -25.13 4.93 -81.53
N SER ZA 86 -23.83 5.20 -81.68
CA SER ZA 86 -22.99 4.46 -82.61
C SER ZA 86 -21.54 4.64 -82.19
N LYS ZA 87 -20.66 3.89 -82.83
CA LYS ZA 87 -19.26 3.91 -82.40
C LYS ZA 87 -18.55 5.19 -82.82
N GLU ZA 88 -18.94 5.80 -83.93
CA GLU ZA 88 -18.26 6.97 -84.46
C GLU ZA 88 -19.15 8.20 -84.30
N VAL ZA 89 -18.53 9.32 -83.95
CA VAL ZA 89 -19.28 10.53 -83.64
C VAL ZA 89 -20.02 11.04 -84.88
N ALA ZA 90 -19.35 11.07 -86.02
CA ALA ZA 90 -19.98 11.58 -87.23
C ALA ZA 90 -21.13 10.69 -87.68
N THR ZA 91 -20.94 9.38 -87.60
CA THR ZA 91 -22.01 8.46 -87.98
C THR ZA 91 -23.18 8.54 -87.00
N ALA ZA 92 -22.89 8.71 -85.71
CA ALA ZA 92 -23.97 8.93 -84.75
C ALA ZA 92 -24.69 10.25 -85.03
N ILE ZA 93 -23.97 11.27 -85.49
CA ILE ZA 93 -24.59 12.54 -85.85
C ILE ZA 93 -25.55 12.35 -87.01
N ARG ZA 94 -25.11 11.62 -88.04
CA ARG ZA 94 -26.00 11.35 -89.17
C ARG ZA 94 -27.21 10.53 -88.75
N GLY ZA 95 -27.00 9.53 -87.88
CA GLY ZA 95 -28.12 8.76 -87.39
C GLY ZA 95 -29.11 9.58 -86.57
N ALA ZA 96 -28.60 10.46 -85.72
CA ALA ZA 96 -29.47 11.31 -84.93
C ALA ZA 96 -30.24 12.29 -85.81
N ILE ZA 97 -29.61 12.79 -86.87
CA ILE ZA 97 -30.32 13.64 -87.82
C ILE ZA 97 -31.47 12.87 -88.44
N ILE ZA 98 -31.22 11.63 -88.86
CA ILE ZA 98 -32.28 10.83 -89.46
C ILE ZA 98 -33.40 10.59 -88.47
N LEU ZA 99 -33.05 10.28 -87.22
CA LEU ZA 99 -34.07 10.00 -86.22
C LEU ZA 99 -34.89 11.24 -85.90
N ALA ZA 100 -34.24 12.40 -85.79
CA ALA ZA 100 -34.98 13.63 -85.53
C ALA ZA 100 -35.89 13.97 -86.69
N LYS ZA 101 -35.47 13.65 -87.91
CA LYS ZA 101 -36.35 13.86 -89.05
C LYS ZA 101 -37.50 12.86 -89.05
N LEU ZA 102 -37.29 11.66 -88.53
CA LEU ZA 102 -38.38 10.69 -88.47
C LEU ZA 102 -39.41 11.05 -87.42
N SER ZA 103 -38.98 11.54 -86.27
CA SER ZA 103 -39.90 11.84 -85.18
C SER ZA 103 -40.31 13.31 -85.15
N ILE ZA 104 -40.80 13.81 -86.27
CA ILE ZA 104 -41.27 15.19 -86.33
C ILE ZA 104 -42.75 15.23 -86.02
N VAL ZA 105 -43.16 16.15 -85.15
CA VAL ZA 105 -44.55 16.29 -84.78
C VAL ZA 105 -44.98 17.73 -85.08
N PRO ZA 106 -46.26 17.98 -85.34
CA PRO ZA 106 -46.72 19.36 -85.47
C PRO ZA 106 -46.74 20.04 -84.11
N VAL ZA 107 -46.80 21.37 -84.15
CA VAL ZA 107 -46.87 22.19 -82.95
C VAL ZA 107 -48.13 23.04 -83.03
N ARG ZA 108 -48.95 22.98 -81.99
CA ARG ZA 108 -50.14 23.82 -81.92
C ARG ZA 108 -49.82 25.06 -81.11
N ARG ZA 109 -50.14 26.23 -81.65
CA ARG ZA 109 -49.89 27.50 -81.00
C ARG ZA 109 -51.20 28.23 -80.77
N GLY ZA 110 -51.38 28.71 -79.54
CA GLY ZA 110 -52.53 29.53 -79.21
C GLY ZA 110 -52.12 30.94 -78.81
N TYR ZA 111 -52.90 31.55 -77.93
CA TYR ZA 111 -52.67 32.92 -77.51
C TYR ZA 111 -52.74 33.01 -75.99
N TRP ZA 112 -52.10 34.03 -75.44
CA TRP ZA 112 -52.25 34.28 -74.00
C TRP ZA 112 -53.57 34.96 -73.71
N GLY ZA 113 -54.05 35.81 -74.62
CA GLY ZA 113 -55.32 36.49 -74.45
C GLY ZA 113 -55.54 37.52 -75.53
N ASN ZA 114 -56.79 37.75 -75.89
CA ASN ZA 114 -57.17 38.68 -76.96
C ASN ZA 114 -56.47 38.32 -78.27
N LYS ZA 115 -56.85 37.15 -78.79
CA LYS ZA 115 -56.24 36.56 -79.98
C LYS ZA 115 -56.23 37.53 -81.16
N ILE ZA 116 -55.04 37.98 -81.55
CA ILE ZA 116 -54.88 38.99 -82.59
C ILE ZA 116 -53.57 38.71 -83.32
N GLY ZA 117 -53.62 38.66 -84.65
CA GLY ZA 117 -52.42 38.36 -85.40
C GLY ZA 117 -52.13 36.88 -85.43
N LYS ZA 118 -50.86 36.55 -85.42
CA LYS ZA 118 -50.51 35.14 -85.45
C LYS ZA 118 -50.31 34.60 -84.03
N PRO ZA 119 -50.60 33.32 -83.81
CA PRO ZA 119 -50.40 32.74 -82.47
C PRO ZA 119 -48.94 32.75 -82.09
N HIS ZA 120 -48.70 32.84 -80.78
CA HIS ZA 120 -47.36 33.08 -80.25
C HIS ZA 120 -46.96 32.15 -79.13
N THR ZA 121 -47.89 31.46 -78.49
CA THR ZA 121 -47.61 30.71 -77.28
C THR ZA 121 -48.27 29.35 -77.37
N VAL ZA 122 -48.14 28.57 -76.29
CA VAL ZA 122 -48.82 27.29 -76.16
C VAL ZA 122 -50.29 27.54 -75.84
N PRO ZA 123 -51.22 26.81 -76.45
CA PRO ZA 123 -52.65 27.09 -76.23
C PRO ZA 123 -53.08 26.88 -74.79
N CYS ZA 124 -52.46 25.96 -74.07
CA CYS ZA 124 -52.77 25.78 -72.66
C CYS ZA 124 -51.53 25.19 -71.99
N LYS ZA 125 -51.48 25.34 -70.67
CA LYS ZA 125 -50.34 24.82 -69.93
C LYS ZA 125 -50.31 23.30 -70.02
N VAL ZA 126 -49.15 22.75 -70.35
CA VAL ZA 126 -48.99 21.32 -70.53
C VAL ZA 126 -47.68 20.88 -69.90
N THR ZA 127 -47.48 19.56 -69.79
CA THR ZA 127 -46.33 19.04 -69.08
C THR ZA 127 -45.88 17.71 -69.68
N GLY ZA 128 -44.57 17.51 -69.73
CA GLY ZA 128 -44.00 16.23 -70.12
C GLY ZA 128 -43.16 15.67 -68.99
N ARG ZA 129 -43.11 14.34 -68.92
CA ARG ZA 129 -42.30 13.65 -67.93
C ARG ZA 129 -41.45 12.60 -68.64
N CYS ZA 130 -40.14 12.64 -68.41
CA CYS ZA 130 -39.24 11.62 -68.92
C CYS ZA 130 -38.21 11.35 -67.85
N GLY ZA 131 -38.21 10.15 -67.30
CA GLY ZA 131 -37.40 9.89 -66.13
C GLY ZA 131 -37.95 10.70 -64.97
N SER ZA 132 -37.04 11.35 -64.24
CA SER ZA 132 -37.44 12.24 -63.16
C SER ZA 132 -37.68 13.66 -63.63
N VAL ZA 133 -37.46 13.94 -64.90
CA VAL ZA 133 -37.57 15.31 -65.41
C VAL ZA 133 -39.03 15.62 -65.67
N LEU ZA 134 -39.50 16.70 -65.07
CA LEU ZA 134 -40.86 17.21 -65.27
C LEU ZA 134 -40.72 18.60 -65.87
N VAL ZA 135 -41.14 18.77 -67.11
CA VAL ZA 135 -41.03 20.04 -67.78
C VAL ZA 135 -42.43 20.51 -68.16
N ARG ZA 136 -42.83 21.66 -67.64
CA ARG ZA 136 -44.13 22.20 -67.96
C ARG ZA 136 -43.98 23.54 -68.67
N LEU ZA 137 -44.88 23.76 -69.62
CA LEU ZA 137 -44.94 24.98 -70.41
C LEU ZA 137 -46.23 25.70 -70.10
N ILE ZA 138 -46.14 27.01 -69.91
CA ILE ZA 138 -47.25 27.85 -69.51
C ILE ZA 138 -47.36 28.97 -70.56
N PRO ZA 139 -48.56 29.31 -71.03
CA PRO ZA 139 -48.68 30.38 -72.02
C PRO ZA 139 -48.15 31.69 -71.49
N ALA ZA 140 -47.57 32.47 -72.39
CA ALA ZA 140 -46.98 33.74 -72.03
C ALA ZA 140 -47.55 34.84 -72.90
N PRO ZA 141 -47.66 36.05 -72.37
CA PRO ZA 141 -48.07 37.18 -73.21
C PRO ZA 141 -47.07 37.44 -74.33
N ARG ZA 142 -47.52 38.21 -75.30
CA ARG ZA 142 -46.72 38.46 -76.50
C ARG ZA 142 -45.48 39.26 -76.17
N GLY ZA 143 -44.35 38.88 -76.78
CA GLY ZA 143 -43.12 39.62 -76.66
C GLY ZA 143 -42.25 39.26 -75.48
N THR ZA 144 -42.70 38.36 -74.61
CA THR ZA 144 -41.86 37.94 -73.48
C THR ZA 144 -40.69 37.08 -73.92
N GLY ZA 145 -40.78 36.45 -75.07
CA GLY ZA 145 -39.79 35.46 -75.44
C GLY ZA 145 -40.02 34.17 -74.67
N ILE ZA 146 -39.00 33.32 -74.70
CA ILE ZA 146 -39.05 32.03 -74.03
C ILE ZA 146 -38.19 32.14 -72.79
N VAL ZA 147 -38.82 32.04 -71.62
CA VAL ZA 147 -38.11 32.09 -70.35
C VAL ZA 147 -37.92 30.65 -69.91
N SER ZA 148 -36.68 30.16 -70.01
CA SER ZA 148 -36.39 28.76 -69.76
C SER ZA 148 -34.90 28.59 -69.54
N ALA ZA 149 -34.46 27.33 -69.57
CA ALA ZA 149 -33.05 27.01 -69.58
C ALA ZA 149 -32.52 27.08 -71.01
N PRO ZA 150 -31.19 27.14 -71.17
CA PRO ZA 150 -30.62 27.08 -72.52
C PRO ZA 150 -31.00 25.83 -73.29
N VAL ZA 151 -31.21 24.71 -72.62
CA VAL ZA 151 -31.50 23.45 -73.31
C VAL ZA 151 -32.86 23.53 -74.00
N PRO ZA 152 -33.98 23.79 -73.32
CA PRO ZA 152 -35.25 23.81 -74.04
C PRO ZA 152 -35.56 25.14 -74.68
N LYS ZA 153 -34.78 26.20 -74.40
CA LYS ZA 153 -34.99 27.45 -75.12
C LYS ZA 153 -34.80 27.26 -76.62
N LYS ZA 154 -33.71 26.59 -77.01
CA LYS ZA 154 -33.48 26.32 -78.42
C LYS ZA 154 -34.48 25.33 -78.98
N LEU ZA 155 -34.92 24.36 -78.16
CA LEU ZA 155 -35.95 23.43 -78.59
C LEU ZA 155 -37.22 24.16 -78.98
N LEU ZA 156 -37.72 25.02 -78.08
CA LEU ZA 156 -38.95 25.76 -78.34
C LEU ZA 156 -38.75 26.77 -79.45
N MET ZA 157 -37.54 27.32 -79.58
CA MET ZA 157 -37.23 28.17 -80.73
C MET ZA 157 -37.46 27.43 -82.03
N MET ZA 158 -36.85 26.25 -82.16
CA MET ZA 158 -37.06 25.46 -83.37
C MET ZA 158 -38.52 25.06 -83.52
N ALA ZA 159 -39.20 24.83 -82.42
CA ALA ZA 159 -40.62 24.48 -82.48
C ALA ZA 159 -41.47 25.62 -83.01
N GLY ZA 160 -41.02 26.86 -82.83
CA GLY ZA 160 -41.80 27.99 -83.26
C GLY ZA 160 -42.58 28.67 -82.16
N ILE ZA 161 -42.52 28.16 -80.93
CA ILE ZA 161 -43.10 28.85 -79.81
C ILE ZA 161 -42.35 30.16 -79.63
N ASP ZA 162 -43.07 31.27 -79.73
CA ASP ZA 162 -42.45 32.58 -79.55
C ASP ZA 162 -42.27 32.88 -78.07
N ASP ZA 163 -43.34 32.73 -77.30
CA ASP ZA 163 -43.43 33.25 -75.95
C ASP ZA 163 -43.89 32.13 -75.02
N CYS ZA 164 -43.21 31.97 -73.89
CA CYS ZA 164 -43.47 30.81 -73.06
C CYS ZA 164 -42.83 30.96 -71.69
N TYR ZA 165 -43.52 30.43 -70.67
CA TYR ZA 165 -42.95 30.21 -69.35
C TYR ZA 165 -42.70 28.73 -69.15
N THR ZA 166 -41.66 28.39 -68.42
CA THR ZA 166 -41.31 26.99 -68.21
C THR ZA 166 -41.04 26.71 -66.74
N SER ZA 167 -41.32 25.47 -66.34
CA SER ZA 167 -40.97 24.97 -65.03
C SER ZA 167 -40.30 23.61 -65.16
N ALA ZA 168 -39.15 23.45 -64.50
CA ALA ZA 168 -38.35 22.24 -64.58
C ALA ZA 168 -38.19 21.65 -63.20
N ARG ZA 169 -38.50 20.36 -63.07
CA ARG ZA 169 -38.54 19.68 -61.79
C ARG ZA 169 -37.77 18.37 -61.89
N GLY ZA 170 -36.99 18.06 -60.86
CA GLY ZA 170 -36.21 16.84 -60.86
C GLY ZA 170 -34.77 17.05 -61.25
N CYS ZA 171 -34.14 16.03 -61.82
CA CYS ZA 171 -32.74 16.10 -62.22
C CYS ZA 171 -32.67 16.70 -63.62
N THR ZA 172 -32.76 18.03 -63.67
CA THR ZA 172 -32.74 18.75 -64.94
C THR ZA 172 -31.34 18.83 -65.54
N ALA ZA 173 -30.30 18.47 -64.79
CA ALA ZA 173 -28.96 18.42 -65.36
C ALA ZA 173 -28.80 17.30 -66.37
N THR ZA 174 -29.69 16.31 -66.37
CA THR ZA 174 -29.62 15.20 -67.30
C THR ZA 174 -30.29 15.61 -68.61
N LEU ZA 175 -29.46 15.91 -69.61
CA LEU ZA 175 -29.95 16.56 -70.82
C LEU ZA 175 -30.83 15.65 -71.65
N GLY ZA 176 -30.55 14.34 -71.68
CA GLY ZA 176 -31.37 13.45 -72.48
C GLY ZA 176 -32.81 13.45 -72.03
N ASN ZA 177 -33.03 13.22 -70.73
CA ASN ZA 177 -34.38 13.26 -70.20
C ASN ZA 177 -34.98 14.65 -70.24
N PHE ZA 178 -34.17 15.68 -70.03
CA PHE ZA 178 -34.69 17.05 -70.13
C PHE ZA 178 -35.24 17.33 -71.53
N ALA ZA 179 -34.46 17.01 -72.56
CA ALA ZA 179 -34.90 17.27 -73.92
C ALA ZA 179 -36.08 16.39 -74.31
N LYS ZA 180 -36.08 15.14 -73.89
CA LYS ZA 180 -37.19 14.27 -74.23
C LYS ZA 180 -38.47 14.72 -73.57
N ALA ZA 181 -38.40 15.18 -72.31
CA ALA ZA 181 -39.58 15.70 -71.64
C ALA ZA 181 -40.07 16.98 -72.31
N THR ZA 182 -39.15 17.87 -72.69
CA THR ZA 182 -39.54 19.07 -73.43
C THR ZA 182 -40.26 18.70 -74.72
N PHE ZA 183 -39.73 17.73 -75.46
CA PHE ZA 183 -40.34 17.32 -76.71
C PHE ZA 183 -41.71 16.69 -76.47
N ASP ZA 184 -41.85 15.93 -75.38
CA ASP ZA 184 -43.14 15.35 -75.06
C ASP ZA 184 -44.18 16.43 -74.77
N ALA ZA 185 -43.79 17.44 -73.99
CA ALA ZA 185 -44.70 18.52 -73.67
C ALA ZA 185 -45.07 19.31 -74.92
N ILE ZA 186 -44.14 19.45 -75.86
CA ILE ZA 186 -44.48 20.09 -77.12
C ILE ZA 186 -45.43 19.21 -77.93
N SER ZA 187 -45.22 17.90 -77.91
CA SER ZA 187 -46.02 17.00 -78.71
C SER ZA 187 -47.48 17.00 -78.25
N LYS ZA 188 -47.71 16.94 -76.95
CA LYS ZA 188 -49.08 16.73 -76.49
C LYS ZA 188 -49.95 17.99 -76.57
N THR ZA 189 -49.44 19.07 -77.16
CA THR ZA 189 -50.25 20.27 -77.34
C THR ZA 189 -51.48 19.99 -78.20
N TYR ZA 190 -51.31 19.27 -79.30
CA TYR ZA 190 -52.46 18.88 -80.10
C TYR ZA 190 -53.30 17.82 -79.41
N SER ZA 191 -52.67 16.92 -78.66
CA SER ZA 191 -53.43 15.89 -77.94
C SER ZA 191 -54.37 16.49 -76.91
N TYR ZA 192 -54.05 17.67 -76.36
CA TYR ZA 192 -54.94 18.30 -75.41
C TYR ZA 192 -56.24 18.74 -76.09
N LEU ZA 193 -57.35 18.55 -75.39
CA LEU ZA 193 -58.67 18.90 -75.92
C LEU ZA 193 -59.08 20.29 -75.46
N THR ZA 194 -59.74 21.01 -76.36
CA THR ZA 194 -60.11 22.40 -76.13
C THR ZA 194 -61.58 22.58 -76.47
N PRO ZA 195 -62.27 23.53 -75.82
CA PRO ZA 195 -63.67 23.79 -76.20
C PRO ZA 195 -63.88 24.12 -77.66
N ASP ZA 196 -62.94 24.83 -78.29
CA ASP ZA 196 -63.09 25.09 -79.72
C ASP ZA 196 -62.83 23.85 -80.57
N LEU ZA 197 -62.32 22.78 -79.97
CA LEU ZA 197 -62.13 21.50 -80.63
C LEU ZA 197 -63.29 20.55 -80.38
N TRP ZA 198 -64.43 21.07 -79.91
CA TRP ZA 198 -65.58 20.23 -79.64
C TRP ZA 198 -66.46 20.03 -80.87
N LYS ZA 199 -66.18 20.73 -81.96
CA LYS ZA 199 -66.98 20.59 -83.17
C LYS ZA 199 -66.91 19.16 -83.68
N GLU ZA 200 -68.01 18.70 -84.26
CA GLU ZA 200 -68.06 17.35 -84.78
C GLU ZA 200 -67.08 17.20 -85.94
N THR ZA 201 -66.24 16.17 -85.86
CA THR ZA 201 -65.22 15.95 -86.87
C THR ZA 201 -65.83 15.44 -88.17
N VAL ZA 202 -65.27 15.87 -89.28
CA VAL ZA 202 -65.65 15.38 -90.59
C VAL ZA 202 -64.60 14.37 -91.03
N PHE ZA 203 -65.00 13.10 -91.11
CA PHE ZA 203 -64.07 12.05 -91.51
C PHE ZA 203 -63.81 12.14 -93.01
N THR ZA 204 -62.53 12.15 -93.38
CA THR ZA 204 -62.12 12.23 -94.77
C THR ZA 204 -61.48 10.93 -95.20
N LYS ZA 205 -61.13 10.86 -96.49
CA LYS ZA 205 -60.48 9.66 -97.00
C LYS ZA 205 -59.03 9.61 -96.57
N SER ZA 206 -58.63 8.46 -96.03
CA SER ZA 206 -57.22 8.19 -95.83
C SER ZA 206 -56.52 8.16 -97.17
N PRO ZA 207 -55.26 8.60 -97.24
CA PRO ZA 207 -54.56 8.58 -98.52
C PRO ZA 207 -54.44 7.18 -99.11
N TYR ZA 208 -54.39 6.16 -98.26
CA TYR ZA 208 -54.33 4.79 -98.77
C TYR ZA 208 -55.56 4.45 -99.59
N GLN ZA 209 -56.75 4.70 -99.02
CA GLN ZA 209 -57.98 4.46 -99.77
C GLN ZA 209 -58.09 5.41 -100.96
N GLU ZA 210 -57.60 6.65 -100.79
CA GLU ZA 210 -57.71 7.63 -101.85
C GLU ZA 210 -56.91 7.22 -103.09
N PHE ZA 211 -55.69 6.73 -102.87
CA PHE ZA 211 -54.77 6.43 -103.96
C PHE ZA 211 -54.51 4.92 -104.08
N THR ZA 212 -55.47 4.09 -103.69
CA THR ZA 212 -55.35 2.67 -103.96
C THR ZA 212 -55.19 2.39 -105.45
N ASP ZA 213 -55.85 3.17 -106.30
CA ASP ZA 213 -55.74 2.97 -107.74
C ASP ZA 213 -54.39 3.34 -108.29
N HIS ZA 214 -53.61 4.14 -107.57
CA HIS ZA 214 -52.32 4.60 -108.07
C HIS ZA 214 -51.16 3.84 -107.46
N LEU ZA 215 -51.28 3.46 -106.20
CA LEU ZA 215 -50.32 2.55 -105.57
C LEU ZA 215 -50.34 1.16 -106.17
N VAL ZA 216 -51.50 0.71 -106.66
CA VAL ZA 216 -51.61 -0.62 -107.24
C VAL ZA 216 -50.77 -0.73 -108.50
N LYS ZA 217 -50.39 0.38 -109.13
CA LYS ZA 217 -49.52 0.37 -110.28
C LYS ZA 217 -48.12 0.91 -109.99
N THR ZA 218 -47.96 1.82 -109.03
CA THR ZA 218 -46.62 2.36 -108.81
C THR ZA 218 -45.82 1.56 -107.80
N HIS ZA 219 -46.45 1.06 -106.74
CA HIS ZA 219 -45.74 0.35 -105.68
C HIS ZA 219 -46.15 -1.12 -105.75
N THR ZA 220 -45.26 -1.94 -106.32
CA THR ZA 220 -45.54 -3.36 -106.50
C THR ZA 220 -44.53 -4.21 -105.74
N ALA AB 1 -44.00 64.09 -25.24
CA ALA AB 1 -42.87 64.96 -24.96
C ALA AB 1 -43.12 65.77 -23.69
N ARG AB 2 -42.21 66.70 -23.40
CA ARG AB 2 -42.22 67.42 -22.13
C ARG AB 2 -43.03 68.71 -22.17
N GLY AB 3 -43.72 69.00 -23.27
CA GLY AB 3 -44.51 70.20 -23.33
C GLY AB 3 -45.18 70.42 -24.67
N PRO AB 4 -45.79 71.59 -24.84
CA PRO AB 4 -46.47 71.88 -26.11
C PRO AB 4 -45.47 71.96 -27.24
N LYS AB 5 -45.90 71.51 -28.41
CA LYS AB 5 -45.04 71.50 -29.59
C LYS AB 5 -45.17 72.82 -30.33
N LYS AB 6 -44.03 73.40 -30.70
CA LYS AB 6 -43.99 74.64 -31.46
C LYS AB 6 -43.14 74.47 -32.73
N HIS AB 7 -43.14 73.28 -33.30
CA HIS AB 7 -42.52 73.04 -34.59
C HIS AB 7 -43.38 72.07 -35.39
N LEU AB 8 -43.48 72.34 -36.69
CA LEU AB 8 -44.16 71.46 -37.63
C LEU AB 8 -43.22 71.20 -38.79
N LYS AB 9 -42.91 69.93 -39.03
CA LYS AB 9 -42.02 69.58 -40.11
C LYS AB 9 -42.67 69.85 -41.46
N ARG AB 10 -41.85 70.15 -42.45
CA ARG AB 10 -42.36 70.41 -43.80
C ARG AB 10 -43.04 69.18 -44.36
N VAL AB 11 -42.44 68.00 -44.14
CA VAL AB 11 -43.03 66.77 -44.64
C VAL AB 11 -44.38 66.52 -43.98
N ALA AB 12 -44.48 66.73 -42.67
CA ALA AB 12 -45.71 66.52 -41.94
C ALA AB 12 -46.72 67.65 -42.11
N ALA AB 13 -46.41 68.65 -42.93
CA ALA AB 13 -47.35 69.73 -43.17
C ALA AB 13 -48.58 69.19 -43.90
N PRO AB 14 -49.73 69.86 -43.77
CA PRO AB 14 -50.94 69.39 -44.46
C PRO AB 14 -50.74 69.35 -45.97
N LYS AB 15 -51.32 68.32 -46.59
CA LYS AB 15 -51.15 68.11 -48.02
C LYS AB 15 -51.80 69.23 -48.82
N HIS AB 16 -52.98 69.69 -48.41
CA HIS AB 16 -53.73 70.67 -49.17
C HIS AB 16 -53.08 72.04 -49.16
N TRP AB 17 -52.06 72.24 -48.34
CA TRP AB 17 -51.34 73.49 -48.36
C TRP AB 17 -50.51 73.68 -49.62
N MET AB 18 -50.30 72.62 -50.40
CA MET AB 18 -49.51 72.65 -51.63
C MET AB 18 -48.07 73.10 -51.37
N LEU AB 19 -47.52 72.61 -50.27
CA LEU AB 19 -46.13 72.85 -49.95
C LEU AB 19 -45.22 71.77 -50.51
N ASP AB 20 -44.10 72.20 -51.07
CA ASP AB 20 -43.14 71.28 -51.67
C ASP AB 20 -42.19 70.74 -50.60
N LYS AB 21 -41.12 70.08 -51.04
CA LYS AB 21 -40.20 69.39 -50.15
C LYS AB 21 -38.76 69.89 -50.24
N LEU AB 22 -38.46 70.89 -51.08
CA LEU AB 22 -37.08 71.33 -51.25
C LEU AB 22 -36.79 72.67 -50.61
N THR AB 23 -37.70 73.64 -50.71
CA THR AB 23 -37.41 74.98 -50.24
C THR AB 23 -37.57 75.14 -48.73
N GLY AB 24 -38.13 74.17 -48.04
CA GLY AB 24 -38.37 74.34 -46.63
C GLY AB 24 -38.06 73.14 -45.76
N VAL AB 25 -37.21 73.32 -44.75
CA VAL AB 25 -36.97 72.25 -43.79
C VAL AB 25 -38.22 72.02 -42.94
N PHE AB 26 -38.79 73.10 -42.44
CA PHE AB 26 -39.99 73.06 -41.62
C PHE AB 26 -41.16 73.62 -42.42
N ALA AB 27 -42.29 73.75 -41.74
CA ALA AB 27 -43.53 74.24 -42.31
C ALA AB 27 -43.95 75.50 -41.58
N PRO AB 28 -44.80 76.32 -42.17
CA PRO AB 28 -45.35 77.48 -41.46
C PRO AB 28 -46.36 77.07 -40.40
N ARG AB 29 -45.86 76.72 -39.23
CA ARG AB 29 -46.72 76.21 -38.18
C ARG AB 29 -47.68 77.29 -37.72
N PRO AB 30 -48.99 77.08 -37.82
CA PRO AB 30 -49.93 78.11 -37.41
C PRO AB 30 -49.90 78.31 -35.91
N SER AB 31 -50.16 79.53 -35.48
CA SER AB 31 -50.45 79.75 -34.08
C SER AB 31 -51.86 79.25 -33.77
N THR AB 32 -52.16 79.16 -32.49
CA THR AB 32 -53.48 78.74 -32.07
C THR AB 32 -54.52 79.74 -32.54
N GLY AB 33 -55.72 79.25 -32.79
CA GLY AB 33 -56.75 80.10 -33.33
C GLY AB 33 -58.10 79.43 -33.39
N PRO AB 34 -59.02 79.99 -34.17
CA PRO AB 34 -60.37 79.44 -34.24
C PRO AB 34 -60.46 78.08 -34.91
N HIS AB 35 -59.49 77.70 -35.73
CA HIS AB 35 -59.62 76.51 -36.56
C HIS AB 35 -58.42 75.59 -36.38
N LYS AB 36 -58.67 74.29 -36.54
CA LYS AB 36 -57.63 73.29 -36.38
C LYS AB 36 -56.57 73.43 -37.47
N LEU AB 37 -55.32 73.17 -37.10
CA LEU AB 37 -54.22 73.31 -38.05
C LEU AB 37 -54.28 72.28 -39.16
N ARG AB 38 -54.96 71.16 -38.94
CA ARG AB 38 -55.08 70.13 -39.95
C ARG AB 38 -56.18 70.42 -40.95
N GLU AB 39 -56.89 71.53 -40.81
CA GLU AB 39 -57.83 71.99 -41.83
C GLU AB 39 -57.82 73.49 -42.01
N CYS AB 40 -56.79 74.19 -41.54
CA CYS AB 40 -56.69 75.62 -41.71
C CYS AB 40 -55.69 75.95 -42.81
N LEU AB 41 -55.43 77.24 -43.00
CA LEU AB 41 -54.48 77.71 -44.00
C LEU AB 41 -53.83 79.00 -43.52
N PRO AB 42 -52.53 78.96 -43.21
CA PRO AB 42 -51.89 80.13 -42.61
C PRO AB 42 -51.76 81.30 -43.57
N LEU AB 43 -51.72 82.49 -42.98
CA LEU AB 43 -51.71 83.73 -43.74
C LEU AB 43 -50.44 83.88 -44.56
N ILE AB 44 -49.31 83.42 -44.03
CA ILE AB 44 -48.04 83.54 -44.73
C ILE AB 44 -48.09 82.79 -46.06
N ILE AB 45 -48.62 81.57 -46.06
CA ILE AB 45 -48.72 80.84 -47.31
C ILE AB 45 -49.86 81.35 -48.17
N PHE AB 46 -50.94 81.85 -47.57
CA PHE AB 46 -52.01 82.45 -48.37
C PHE AB 46 -51.53 83.70 -49.10
N LEU AB 47 -50.44 84.32 -48.64
CA LEU AB 47 -49.89 85.47 -49.32
C LEU AB 47 -48.59 85.20 -50.07
N ARG AB 48 -47.93 84.06 -49.83
CA ARG AB 48 -46.67 83.75 -50.49
C ARG AB 48 -46.76 82.62 -51.50
N ASN AB 49 -47.55 81.59 -51.22
CA ASN AB 49 -47.73 80.47 -52.12
C ASN AB 49 -49.09 80.48 -52.81
N ARG AB 50 -49.94 81.46 -52.52
CA ARG AB 50 -51.23 81.58 -53.18
C ARG AB 50 -51.30 82.82 -54.06
N LEU AB 51 -51.03 84.00 -53.52
CA LEU AB 51 -51.11 85.22 -54.29
C LEU AB 51 -49.77 85.66 -54.85
N LYS AB 52 -48.68 85.03 -54.43
CA LYS AB 52 -47.31 85.36 -54.85
C LYS AB 52 -46.95 86.81 -54.56
N TYR AB 53 -47.72 87.49 -53.70
CA TYR AB 53 -47.42 88.87 -53.38
C TYR AB 53 -46.15 88.98 -52.53
N ALA AB 54 -45.88 87.98 -51.72
CA ALA AB 54 -44.68 87.94 -50.89
C ALA AB 54 -43.68 86.94 -51.48
N LEU AB 55 -42.41 87.30 -51.41
CA LEU AB 55 -41.36 86.39 -51.84
C LEU AB 55 -40.97 85.40 -50.75
N THR AB 56 -40.62 85.91 -49.56
CA THR AB 56 -40.27 85.05 -48.43
C THR AB 56 -41.12 85.43 -47.23
N GLY AB 57 -40.76 84.91 -46.06
CA GLY AB 57 -41.45 85.28 -44.83
C GLY AB 57 -41.26 86.73 -44.44
N ASP AB 58 -40.13 87.33 -44.78
CA ASP AB 58 -39.91 88.73 -44.45
C ASP AB 58 -40.92 89.63 -45.14
N GLU AB 59 -41.22 89.33 -46.41
CA GLU AB 59 -42.15 90.17 -47.16
C GLU AB 59 -43.56 90.10 -46.59
N VAL AB 60 -44.03 88.89 -46.28
CA VAL AB 60 -45.38 88.77 -45.72
C VAL AB 60 -45.42 89.38 -44.32
N LYS AB 61 -44.33 89.28 -43.55
CA LYS AB 61 -44.28 89.96 -42.27
C LYS AB 61 -44.42 91.47 -42.44
N LYS AB 62 -43.71 92.03 -43.41
CA LYS AB 62 -43.82 93.47 -43.66
C LYS AB 62 -45.24 93.85 -44.05
N ILE AB 63 -45.85 93.05 -44.94
CA ILE AB 63 -47.21 93.34 -45.39
C ILE AB 63 -48.19 93.32 -44.22
N CYS AB 64 -48.10 92.28 -43.38
CA CYS AB 64 -49.01 92.17 -42.25
C CYS AB 64 -48.80 93.30 -41.25
N MET AB 65 -47.54 93.62 -40.95
CA MET AB 65 -47.27 94.69 -39.99
C MET AB 65 -47.62 96.06 -40.54
N GLN AB 66 -47.75 96.20 -41.86
CA GLN AB 66 -48.23 97.44 -42.44
C GLN AB 66 -49.73 97.66 -42.26
N ARG AB 67 -50.43 96.66 -41.71
CA ARG AB 67 -51.87 96.76 -41.39
C ARG AB 67 -52.68 97.08 -42.64
N PHE AB 68 -52.34 96.43 -43.75
CA PHE AB 68 -53.09 96.56 -44.99
C PHE AB 68 -54.22 95.55 -45.09
N ILE AB 69 -54.19 94.48 -44.31
CA ILE AB 69 -55.13 93.39 -44.44
C ILE AB 69 -55.87 93.22 -43.12
N LYS AB 70 -57.01 92.53 -43.19
CA LYS AB 70 -57.84 92.33 -42.02
C LYS AB 70 -58.73 91.12 -42.25
N ILE AB 71 -58.77 90.23 -41.27
CA ILE AB 71 -59.59 89.02 -41.35
C ILE AB 71 -60.92 89.33 -40.69
N ASP AB 72 -62.00 89.19 -41.47
CA ASP AB 72 -63.34 89.55 -41.05
C ASP AB 72 -63.43 91.02 -40.65
N GLY AB 73 -62.56 91.85 -41.24
CA GLY AB 73 -62.49 93.25 -40.94
C GLY AB 73 -61.55 93.63 -39.82
N LYS AB 74 -61.01 92.65 -39.09
CA LYS AB 74 -60.11 92.92 -37.97
C LYS AB 74 -58.68 92.72 -38.43
N VAL AB 75 -57.89 93.78 -38.36
CA VAL AB 75 -56.50 93.73 -38.81
C VAL AB 75 -55.73 92.78 -37.92
N ARG AB 76 -55.02 91.84 -38.52
CA ARG AB 76 -54.19 90.88 -37.80
C ARG AB 76 -52.74 91.05 -38.24
N THR AB 77 -51.84 91.11 -37.27
CA THR AB 77 -50.42 91.16 -37.53
C THR AB 77 -49.76 89.79 -37.50
N ASP AB 78 -50.54 88.75 -37.24
CA ASP AB 78 -50.00 87.39 -37.09
C ASP AB 78 -49.65 86.83 -38.47
N ILE AB 79 -48.38 86.50 -38.65
CA ILE AB 79 -47.95 85.88 -39.91
C ILE AB 79 -48.60 84.53 -40.09
N THR AB 80 -48.63 83.72 -39.03
CA THR AB 80 -49.14 82.36 -39.08
C THR AB 80 -50.54 82.23 -38.48
N TYR AB 81 -51.35 83.27 -38.59
CA TYR AB 81 -52.72 83.18 -38.10
C TYR AB 81 -53.51 82.21 -38.97
N PRO AB 82 -54.14 81.18 -38.38
CA PRO AB 82 -54.96 80.26 -39.18
C PRO AB 82 -56.19 80.97 -39.72
N ALA AB 83 -56.34 80.97 -41.04
CA ALA AB 83 -57.47 81.62 -41.67
C ALA AB 83 -58.76 80.86 -41.42
N GLY AB 84 -58.73 79.55 -41.53
CA GLY AB 84 -59.92 78.75 -41.33
C GLY AB 84 -60.82 78.71 -42.56
N PHE AB 85 -61.93 78.00 -42.41
CA PHE AB 85 -62.83 77.73 -43.52
C PHE AB 85 -63.90 78.79 -43.62
N MET AB 86 -64.08 79.32 -44.84
CA MET AB 86 -65.11 80.29 -45.20
C MET AB 86 -65.07 81.51 -44.28
N ASP AB 87 -63.95 82.22 -44.33
CA ASP AB 87 -63.76 83.46 -43.60
C ASP AB 87 -63.37 84.56 -44.58
N VAL AB 88 -63.76 85.78 -44.26
CA VAL AB 88 -63.51 86.91 -45.13
C VAL AB 88 -62.10 87.44 -44.89
N ILE AB 89 -61.35 87.66 -45.96
CA ILE AB 89 -60.04 88.28 -45.91
C ILE AB 89 -60.09 89.55 -46.74
N SER AB 90 -59.85 90.69 -46.10
CA SER AB 90 -60.04 92.00 -46.71
C SER AB 90 -58.69 92.67 -46.87
N ILE AB 91 -58.39 93.09 -48.10
CA ILE AB 91 -57.23 93.94 -48.38
C ILE AB 91 -57.79 95.20 -49.03
N ASP AB 92 -58.07 96.21 -48.21
CA ASP AB 92 -58.68 97.44 -48.71
C ASP AB 92 -57.71 98.27 -49.53
N LYS AB 93 -56.42 97.99 -49.47
CA LYS AB 93 -55.46 98.68 -50.31
C LYS AB 93 -55.74 98.42 -51.78
N THR AB 94 -56.02 97.17 -52.14
CA THR AB 94 -56.28 96.77 -53.52
C THR AB 94 -57.76 96.54 -53.82
N GLY AB 95 -58.62 96.63 -52.82
CA GLY AB 95 -60.02 96.29 -53.05
C GLY AB 95 -60.23 94.85 -53.39
N GLU AB 96 -59.53 93.94 -52.71
CA GLU AB 96 -59.62 92.51 -52.96
C GLU AB 96 -60.25 91.82 -51.76
N ASN AB 97 -61.22 90.95 -52.02
CA ASN AB 97 -61.91 90.22 -50.98
C ASN AB 97 -61.87 88.74 -51.32
N PHE AB 98 -61.23 87.95 -50.46
CA PHE AB 98 -61.08 86.52 -50.64
C PHE AB 98 -61.81 85.78 -49.54
N ARG AB 99 -62.49 84.71 -49.90
CA ARG AB 99 -63.16 83.83 -48.95
C ARG AB 99 -62.67 82.42 -49.19
N LEU AB 100 -62.29 81.73 -48.12
CA LEU AB 100 -61.66 80.42 -48.25
C LEU AB 100 -62.73 79.36 -48.48
N ILE AB 101 -62.86 78.92 -49.72
CA ILE AB 101 -63.83 77.89 -50.09
C ILE AB 101 -63.07 76.73 -50.71
N TYR AB 102 -63.39 75.51 -50.29
CA TYR AB 102 -62.80 74.35 -50.92
C TYR AB 102 -63.33 74.20 -52.33
N ASP AB 103 -62.44 73.88 -53.26
CA ASP AB 103 -62.84 73.63 -54.63
C ASP AB 103 -63.24 72.16 -54.76
N THR AB 104 -63.45 71.72 -56.00
CA THR AB 104 -63.67 70.30 -56.25
C THR AB 104 -62.45 69.49 -55.83
N LYS AB 105 -61.27 70.01 -56.10
CA LYS AB 105 -59.99 69.36 -55.88
C LYS AB 105 -59.62 69.24 -54.41
N GLY AB 106 -60.54 69.52 -53.47
CA GLY AB 106 -60.24 69.32 -52.06
C GLY AB 106 -59.14 70.22 -51.54
N ARG AB 107 -59.11 71.47 -51.99
CA ARG AB 107 -58.14 72.44 -51.50
C ARG AB 107 -58.79 73.82 -51.53
N PHE AB 108 -58.24 74.74 -50.75
CA PHE AB 108 -58.81 76.07 -50.67
C PHE AB 108 -58.46 76.87 -51.92
N ALA AB 109 -59.48 77.45 -52.54
CA ALA AB 109 -59.34 78.14 -53.81
C ALA AB 109 -59.37 79.63 -53.62
N VAL AB 110 -58.72 80.35 -54.53
CA VAL AB 110 -58.66 81.81 -54.51
C VAL AB 110 -59.82 82.31 -55.36
N HIS AB 111 -60.94 82.58 -54.70
CA HIS AB 111 -62.15 83.09 -55.34
C HIS AB 111 -62.51 84.44 -54.75
N ARG AB 112 -62.30 85.50 -55.53
CA ARG AB 112 -62.66 86.84 -55.08
C ARG AB 112 -64.18 87.00 -55.06
N ILE AB 113 -64.67 87.65 -54.01
CA ILE AB 113 -66.09 87.95 -53.88
C ILE AB 113 -66.28 89.45 -53.99
N THR AB 114 -67.54 89.85 -54.07
CA THR AB 114 -67.88 91.26 -54.06
C THR AB 114 -67.66 91.85 -52.67
N PRO AB 115 -67.27 93.12 -52.58
CA PRO AB 115 -67.13 93.75 -51.27
C PRO AB 115 -68.42 93.76 -50.48
N GLU AB 116 -69.57 93.87 -51.14
CA GLU AB 116 -70.84 93.86 -50.40
C GLU AB 116 -71.13 92.48 -49.84
N GLU AB 117 -70.72 91.42 -50.54
CA GLU AB 117 -70.87 90.06 -50.01
C GLU AB 117 -69.82 89.76 -48.95
N ALA AB 118 -68.70 90.46 -48.97
CA ALA AB 118 -67.68 90.30 -47.94
C ALA AB 118 -68.09 90.88 -46.60
N LYS AB 119 -69.17 91.65 -46.55
CA LYS AB 119 -69.60 92.27 -45.31
C LYS AB 119 -70.27 91.30 -44.36
N TYR AB 120 -70.49 90.05 -44.76
CA TYR AB 120 -71.15 89.08 -43.91
C TYR AB 120 -70.48 87.73 -44.12
N LYS AB 121 -71.08 86.69 -43.55
CA LYS AB 121 -70.52 85.35 -43.53
C LYS AB 121 -71.60 84.39 -43.08
N LEU AB 122 -71.28 83.10 -43.12
CA LEU AB 122 -72.14 82.05 -42.58
C LEU AB 122 -71.27 81.13 -41.74
N CYS AB 123 -71.91 80.46 -40.78
CA CYS AB 123 -71.18 79.55 -39.91
C CYS AB 123 -72.09 78.42 -39.45
N LYS AB 124 -71.56 77.21 -39.42
CA LYS AB 124 -72.28 76.08 -38.87
C LYS AB 124 -72.08 76.05 -37.36
N VAL AB 125 -73.17 75.94 -36.60
CA VAL AB 125 -73.06 75.92 -35.15
C VAL AB 125 -72.62 74.54 -34.68
N ARG AB 126 -71.97 74.51 -33.52
CA ARG AB 126 -71.48 73.27 -32.94
C ARG AB 126 -72.23 72.85 -31.69
N LYS AB 127 -72.52 73.77 -30.79
CA LYS AB 127 -73.26 73.44 -29.57
C LYS AB 127 -74.03 74.65 -29.09
N ILE AB 128 -75.08 74.36 -28.33
CA ILE AB 128 -75.86 75.38 -27.64
C ILE AB 128 -75.88 75.01 -26.16
N PHE AB 129 -75.95 76.01 -25.30
CA PHE AB 129 -75.93 75.76 -23.87
C PHE AB 129 -76.55 76.96 -23.16
N VAL AB 130 -76.66 76.85 -21.84
CA VAL AB 130 -77.25 77.90 -21.02
C VAL AB 130 -76.25 78.27 -19.93
N GLY AB 131 -75.98 79.56 -19.81
CA GLY AB 131 -75.21 80.09 -18.69
C GLY AB 131 -76.11 80.62 -17.60
N THR AB 132 -75.47 81.18 -16.57
CA THR AB 132 -76.15 81.56 -15.34
C THR AB 132 -77.26 82.57 -15.61
N LYS AB 133 -78.23 82.60 -14.70
CA LYS AB 133 -79.46 83.37 -14.85
C LYS AB 133 -80.22 82.96 -16.12
N GLY AB 134 -80.07 81.70 -16.51
CA GLY AB 134 -80.82 81.15 -17.64
C GLY AB 134 -80.56 81.84 -18.96
N ILE AB 135 -79.31 82.18 -19.24
CA ILE AB 135 -78.98 83.00 -20.40
C ILE AB 135 -78.48 82.06 -21.50
N PRO AB 136 -79.16 81.97 -22.64
CA PRO AB 136 -78.70 81.05 -23.68
C PRO AB 136 -77.48 81.58 -24.41
N HIS AB 137 -76.61 80.64 -24.79
CA HIS AB 137 -75.48 80.93 -25.66
C HIS AB 137 -75.35 79.82 -26.68
N LEU AB 138 -74.68 80.11 -27.78
CA LEU AB 138 -74.36 79.07 -28.75
C LEU AB 138 -72.99 79.36 -29.33
N VAL AB 139 -72.38 78.34 -29.91
CA VAL AB 139 -71.03 78.47 -30.46
C VAL AB 139 -71.07 78.17 -31.95
N THR AB 140 -70.03 78.62 -32.65
CA THR AB 140 -69.86 78.29 -34.06
C THR AB 140 -68.59 77.48 -34.27
N HIS AB 141 -68.43 76.99 -35.51
CA HIS AB 141 -67.19 76.36 -35.90
C HIS AB 141 -66.02 77.33 -35.94
N ASP AB 142 -66.29 78.62 -36.08
CA ASP AB 142 -65.27 79.66 -36.09
C ASP AB 142 -64.83 80.06 -34.69
N ALA AB 143 -65.12 79.23 -33.69
CA ALA AB 143 -64.75 79.47 -32.30
C ALA AB 143 -65.24 80.82 -31.80
N ARG AB 144 -66.37 81.29 -32.30
CA ARG AB 144 -67.02 82.48 -31.79
C ARG AB 144 -68.36 82.07 -31.19
N THR AB 145 -68.60 82.51 -29.97
CA THR AB 145 -69.85 82.23 -29.28
C THR AB 145 -70.71 83.49 -29.27
N ILE AB 146 -72.01 83.30 -29.33
CA ILE AB 146 -72.97 84.38 -29.33
C ILE AB 146 -73.96 84.15 -28.20
N ARG AB 147 -74.09 85.15 -27.34
CA ARG AB 147 -75.12 85.16 -26.32
C ARG AB 147 -76.46 85.56 -26.95
N TYR AB 148 -77.54 85.05 -26.36
CA TYR AB 148 -78.91 85.34 -26.76
C TYR AB 148 -79.13 84.99 -28.23
N PRO AB 149 -79.15 83.71 -28.58
CA PRO AB 149 -79.46 83.33 -29.96
C PRO AB 149 -80.96 83.26 -30.20
N ASP AB 150 -81.31 83.12 -31.47
CA ASP AB 150 -82.66 82.78 -31.82
C ASP AB 150 -82.97 81.39 -31.27
N PRO AB 151 -84.02 81.24 -30.47
CA PRO AB 151 -84.29 79.94 -29.83
C PRO AB 151 -84.53 78.82 -30.82
N LEU AB 152 -84.98 79.12 -32.03
CA LEU AB 152 -85.24 78.07 -33.00
C LEU AB 152 -83.95 77.45 -33.53
N ILE AB 153 -82.83 78.18 -33.46
CA ILE AB 153 -81.58 77.65 -33.97
C ILE AB 153 -81.15 76.48 -33.10
N LYS AB 154 -81.01 75.31 -33.70
CA LYS AB 154 -80.63 74.09 -33.01
C LYS AB 154 -79.22 73.70 -33.40
N VAL AB 155 -78.77 72.55 -32.92
CA VAL AB 155 -77.40 72.12 -33.14
C VAL AB 155 -77.19 71.82 -34.62
N ASN AB 156 -75.94 71.99 -35.08
CA ASN AB 156 -75.48 71.88 -36.46
C ASN AB 156 -76.42 72.55 -37.47
N ASP AB 157 -76.97 73.70 -37.08
CA ASP AB 157 -77.72 74.55 -37.99
C ASP AB 157 -76.82 75.68 -38.46
N THR AB 158 -77.12 76.24 -39.62
CA THR AB 158 -76.21 77.22 -40.22
C THR AB 158 -76.74 78.63 -39.99
N ILE AB 159 -75.99 79.43 -39.26
CA ILE AB 159 -76.38 80.79 -38.96
C ILE AB 159 -75.74 81.74 -39.96
N GLN AB 160 -76.44 82.84 -40.20
CA GLN AB 160 -75.90 83.99 -40.90
C GLN AB 160 -75.30 84.92 -39.87
N ILE AB 161 -74.08 85.37 -40.14
CA ILE AB 161 -73.40 86.32 -39.28
C ILE AB 161 -73.09 87.55 -40.12
N ASP AB 162 -73.52 88.71 -39.65
CA ASP AB 162 -73.10 89.96 -40.25
C ASP AB 162 -71.80 90.39 -39.61
N LEU AB 163 -70.78 90.63 -40.43
CA LEU AB 163 -69.50 91.05 -39.90
C LEU AB 163 -69.60 92.49 -39.40
N GLU AB 164 -68.61 92.86 -38.57
CA GLU AB 164 -68.49 94.15 -37.91
C GLU AB 164 -69.56 94.35 -36.83
N THR AB 165 -70.45 93.36 -36.66
CA THR AB 165 -71.38 93.37 -35.54
C THR AB 165 -71.57 92.01 -34.89
N GLY AB 166 -71.26 90.90 -35.57
CA GLY AB 166 -71.36 89.57 -34.99
C GLY AB 166 -72.75 89.18 -34.54
N LYS AB 167 -73.76 89.49 -35.33
CA LYS AB 167 -75.14 89.21 -34.96
C LYS AB 167 -75.71 88.12 -35.86
N ILE AB 168 -76.96 87.76 -35.60
CA ILE AB 168 -77.67 86.75 -36.35
C ILE AB 168 -78.74 87.45 -37.18
N THR AB 169 -78.78 87.15 -38.48
CA THR AB 169 -79.83 87.63 -39.35
C THR AB 169 -80.76 86.51 -39.81
N ASP AB 170 -80.19 85.40 -40.26
CA ASP AB 170 -80.97 84.27 -40.74
C ASP AB 170 -80.40 82.99 -40.16
N PHE AB 171 -81.20 81.94 -40.16
CA PHE AB 171 -80.74 80.64 -39.72
C PHE AB 171 -81.33 79.57 -40.63
N ILE AB 172 -80.58 78.49 -40.81
CA ILE AB 172 -80.96 77.39 -41.68
C ILE AB 172 -81.02 76.13 -40.84
N LYS AB 173 -82.19 75.52 -40.81
CA LYS AB 173 -82.43 74.28 -40.09
C LYS AB 173 -81.97 73.10 -40.94
N PHE AB 174 -81.29 72.15 -40.30
CA PHE AB 174 -80.75 71.00 -40.99
C PHE AB 174 -81.87 70.06 -41.42
N ASP AB 175 -82.09 69.95 -42.73
CA ASP AB 175 -83.23 69.20 -43.22
C ASP AB 175 -82.89 68.61 -44.58
N THR AB 176 -83.73 67.68 -45.03
CA THR AB 176 -83.52 67.01 -46.30
C THR AB 176 -83.74 67.97 -47.47
N GLY AB 177 -82.81 67.98 -48.41
CA GLY AB 177 -82.99 68.68 -49.67
C GLY AB 177 -82.30 70.02 -49.80
N ASN AB 178 -81.49 70.41 -48.82
CA ASN AB 178 -80.91 71.73 -48.80
C ASN AB 178 -79.45 71.72 -49.21
N LEU AB 179 -78.92 72.89 -49.52
CA LEU AB 179 -77.58 73.04 -50.11
C LEU AB 179 -76.53 72.89 -49.03
N CYS AB 180 -75.78 71.80 -49.07
CA CYS AB 180 -74.73 71.52 -48.11
C CYS AB 180 -73.39 71.38 -48.82
N MET AB 181 -72.34 71.22 -48.03
CA MET AB 181 -70.99 71.11 -48.56
C MET AB 181 -70.15 70.25 -47.62
N VAL AB 182 -69.38 69.34 -48.19
CA VAL AB 182 -68.49 68.49 -47.40
C VAL AB 182 -67.30 69.31 -46.96
N THR AB 183 -66.99 69.27 -45.67
CA THR AB 183 -65.88 70.04 -45.12
C THR AB 183 -64.74 69.18 -44.62
N GLY AB 184 -64.85 67.86 -44.71
CA GLY AB 184 -63.77 66.99 -44.30
C GLY AB 184 -63.82 65.65 -44.99
N GLY AB 185 -62.64 65.04 -45.14
CA GLY AB 185 -62.54 63.73 -45.74
C GLY AB 185 -62.17 63.76 -47.21
N ALA AB 186 -62.29 62.58 -47.83
CA ALA AB 186 -61.92 62.43 -49.24
C ALA AB 186 -62.93 63.08 -50.17
N ASN AB 187 -64.20 63.16 -49.76
CA ASN AB 187 -65.24 63.79 -50.56
C ASN AB 187 -65.29 65.29 -50.34
N LEU AB 188 -64.15 65.89 -49.98
CA LEU AB 188 -64.08 67.31 -49.63
C LEU AB 188 -64.44 68.20 -50.80
N GLY AB 189 -65.10 69.32 -50.49
CA GLY AB 189 -65.35 70.34 -51.48
C GLY AB 189 -66.33 69.97 -52.57
N ARG AB 190 -67.47 69.41 -52.20
CA ARG AB 190 -68.53 69.10 -53.14
C ARG AB 190 -69.81 69.78 -52.69
N ILE AB 191 -70.66 70.16 -53.65
CA ILE AB 191 -71.88 70.90 -53.39
C ILE AB 191 -73.06 70.06 -53.83
N GLY AB 192 -74.02 69.85 -52.95
CA GLY AB 192 -75.18 69.05 -53.30
C GLY AB 192 -76.29 69.21 -52.28
N VAL AB 193 -77.42 68.61 -52.61
CA VAL AB 193 -78.60 68.63 -51.76
C VAL AB 193 -78.63 67.37 -50.92
N ILE AB 194 -78.99 67.54 -49.64
CA ILE AB 194 -79.12 66.40 -48.73
C ILE AB 194 -80.25 65.50 -49.22
N THR AB 195 -80.01 64.19 -49.19
CA THR AB 195 -81.05 63.23 -49.57
C THR AB 195 -81.68 62.54 -48.36
N ASN AB 196 -80.87 62.10 -47.40
CA ASN AB 196 -81.38 61.61 -46.13
C ASN AB 196 -80.25 61.62 -45.12
N ARG AB 197 -80.64 61.56 -43.84
CA ARG AB 197 -79.69 61.52 -42.73
C ARG AB 197 -80.03 60.27 -41.92
N GLU AB 198 -79.09 59.33 -41.88
CA GLU AB 198 -79.25 58.14 -41.05
C GLU AB 198 -78.49 58.35 -39.76
N ARG AB 199 -79.22 58.31 -38.64
CA ARG AB 199 -78.66 58.57 -37.34
C ARG AB 199 -78.00 57.30 -36.78
N HIS AB 200 -77.31 57.48 -35.66
CA HIS AB 200 -76.59 56.44 -34.98
C HIS AB 200 -76.50 56.76 -33.49
N PRO AB 201 -77.26 56.08 -32.64
CA PRO AB 201 -77.15 56.34 -31.19
C PRO AB 201 -75.79 55.90 -30.68
N GLY AB 202 -75.00 56.88 -30.23
CA GLY AB 202 -73.67 56.59 -29.74
C GLY AB 202 -72.58 56.59 -30.80
N SER AB 203 -72.94 56.73 -32.07
CA SER AB 203 -71.97 56.76 -33.15
C SER AB 203 -72.26 57.96 -34.04
N PHE AB 204 -71.28 58.31 -34.86
CA PHE AB 204 -71.43 59.47 -35.74
C PHE AB 204 -72.46 59.18 -36.83
N ASP AB 205 -73.40 60.12 -36.99
CA ASP AB 205 -74.45 59.97 -38.00
C ASP AB 205 -73.85 60.13 -39.39
N VAL AB 206 -74.56 59.63 -40.38
CA VAL AB 206 -74.11 59.69 -41.77
C VAL AB 206 -75.18 60.39 -42.58
N VAL AB 207 -74.74 61.20 -43.54
CA VAL AB 207 -75.63 62.00 -44.37
C VAL AB 207 -75.33 61.70 -45.83
N HIS AB 208 -76.36 61.38 -46.60
CA HIS AB 208 -76.21 61.17 -48.03
C HIS AB 208 -76.62 62.43 -48.77
N VAL AB 209 -75.85 62.77 -49.80
CA VAL AB 209 -76.00 64.03 -50.52
C VAL AB 209 -75.83 63.77 -52.01
N LYS AB 210 -76.66 64.42 -52.81
CA LYS AB 210 -76.66 64.28 -54.26
C LYS AB 210 -76.29 65.61 -54.88
N ASP AB 211 -75.26 65.62 -55.71
CA ASP AB 211 -74.77 66.87 -56.26
C ASP AB 211 -75.52 67.21 -57.54
N ALA AB 212 -75.03 68.21 -58.26
CA ALA AB 212 -75.71 68.69 -59.47
C ALA AB 212 -75.62 67.71 -60.63
N ASN AB 213 -74.74 66.71 -60.57
CA ASN AB 213 -74.65 65.68 -61.59
C ASN AB 213 -75.54 64.49 -61.30
N GLY AB 214 -76.22 64.49 -60.15
CA GLY AB 214 -76.92 63.29 -59.71
C GLY AB 214 -76.04 62.30 -58.98
N ASN AB 215 -74.77 62.63 -58.76
CA ASN AB 215 -73.89 61.78 -57.96
C ASN AB 215 -74.34 61.82 -56.52
N SER AB 216 -74.79 60.68 -56.01
CA SER AB 216 -75.14 60.55 -54.61
C SER AB 216 -73.99 59.89 -53.87
N PHE AB 217 -73.73 60.39 -52.65
CA PHE AB 217 -72.60 59.91 -51.88
C PHE AB 217 -72.83 60.28 -50.43
N ALA AB 218 -72.35 59.42 -49.53
CA ALA AB 218 -72.51 59.64 -48.11
C ALA AB 218 -71.25 60.23 -47.50
N THR AB 219 -71.40 60.86 -46.35
CA THR AB 219 -70.29 61.45 -45.63
C THR AB 219 -70.69 61.64 -44.18
N ARG AB 220 -69.73 62.09 -43.37
CA ARG AB 220 -69.96 62.27 -41.95
C ARG AB 220 -70.81 63.52 -41.69
N LEU AB 221 -71.69 63.40 -40.70
CA LEU AB 221 -72.52 64.54 -40.32
C LEU AB 221 -71.67 65.68 -39.79
N SER AB 222 -70.60 65.36 -39.06
CA SER AB 222 -69.66 66.39 -38.62
C SER AB 222 -69.02 67.10 -39.79
N ASN AB 223 -68.83 66.41 -40.91
CA ASN AB 223 -68.28 67.03 -42.11
C ASN AB 223 -69.34 67.72 -42.95
N ILE AB 224 -70.61 67.51 -42.67
CA ILE AB 224 -71.67 68.23 -43.36
C ILE AB 224 -71.62 69.69 -42.96
N PHE AB 225 -71.71 70.59 -43.94
CA PHE AB 225 -71.66 72.03 -43.70
C PHE AB 225 -72.68 72.70 -44.61
N VAL AB 226 -73.86 73.00 -44.07
CA VAL AB 226 -74.92 73.61 -44.87
C VAL AB 226 -74.52 75.04 -45.24
N ILE AB 227 -74.77 75.42 -46.50
CA ILE AB 227 -74.36 76.71 -47.03
C ILE AB 227 -75.53 77.45 -47.66
N GLY AB 228 -76.74 77.03 -47.34
CA GLY AB 228 -77.91 77.74 -47.84
C GLY AB 228 -79.15 76.88 -47.79
N LYS AB 229 -80.22 77.45 -48.35
CA LYS AB 229 -81.51 76.79 -48.40
C LYS AB 229 -81.77 76.28 -49.81
N GLY AB 230 -82.27 75.05 -49.91
CA GLY AB 230 -82.61 74.46 -51.19
C GLY AB 230 -81.42 74.34 -52.13
N ASN AB 231 -81.53 74.95 -53.31
CA ASN AB 231 -80.43 75.01 -54.25
C ASN AB 231 -79.99 76.45 -54.50
N LYS AB 232 -80.32 77.36 -53.57
CA LYS AB 232 -79.99 78.76 -53.73
C LYS AB 232 -78.70 79.04 -52.96
N PRO AB 233 -77.59 79.37 -53.63
CA PRO AB 233 -76.32 79.60 -52.92
C PRO AB 233 -76.37 80.91 -52.16
N TRP AB 234 -76.28 80.82 -50.83
CA TRP AB 234 -76.21 82.03 -50.03
C TRP AB 234 -74.88 82.75 -50.21
N ILE AB 235 -73.84 82.03 -50.65
CA ILE AB 235 -72.55 82.62 -50.94
C ILE AB 235 -72.15 82.18 -52.35
N SER AB 236 -71.60 83.11 -53.12
CA SER AB 236 -71.15 82.80 -54.47
C SER AB 236 -70.05 81.75 -54.45
N LEU AB 237 -70.24 80.70 -55.23
CA LEU AB 237 -69.29 79.60 -55.28
C LEU AB 237 -68.08 79.96 -56.11
N PRO AB 238 -66.98 79.23 -55.92
CA PRO AB 238 -65.80 79.47 -56.77
C PRO AB 238 -65.96 78.91 -58.17
N ARG AB 239 -64.87 78.95 -58.93
CA ARG AB 239 -64.87 78.38 -60.27
C ARG AB 239 -65.11 76.88 -60.22
N GLY AB 240 -65.91 76.38 -61.18
CA GLY AB 240 -66.17 74.97 -61.29
C GLY AB 240 -67.35 74.48 -60.49
N LYS AB 241 -67.95 75.33 -59.66
CA LYS AB 241 -69.20 75.06 -58.95
C LYS AB 241 -69.12 73.87 -58.00
N GLY AB 242 -67.91 73.40 -57.69
CA GLY AB 242 -67.74 72.35 -56.70
C GLY AB 242 -68.42 71.03 -57.04
N ILE AB 243 -68.34 70.60 -58.30
CA ILE AB 243 -68.87 69.32 -58.73
C ILE AB 243 -67.70 68.38 -58.99
N ARG AB 244 -67.80 67.16 -58.47
CA ARG AB 244 -66.71 66.19 -58.60
C ARG AB 244 -66.54 65.78 -60.06
N LEU AB 245 -65.34 65.97 -60.59
CA LEU AB 245 -65.02 65.64 -61.96
C LEU AB 245 -64.00 64.50 -61.94
N THR AB 246 -64.45 63.29 -62.27
CA THR AB 246 -63.55 62.16 -62.31
C THR AB 246 -62.52 62.34 -63.42
N ILE AB 247 -61.49 61.49 -63.37
CA ILE AB 247 -60.30 61.69 -64.18
C ILE AB 247 -60.60 61.68 -65.67
N ALA AB 248 -61.62 60.95 -66.12
CA ALA AB 248 -61.90 60.87 -67.54
C ALA AB 248 -62.40 62.21 -68.08
N GLU AB 249 -63.49 62.72 -67.51
CA GLU AB 249 -63.98 64.03 -67.94
C GLU AB 249 -62.99 65.13 -67.60
N GLU AB 250 -62.23 64.98 -66.52
CA GLU AB 250 -61.19 65.95 -66.24
C GLU AB 250 -60.12 65.95 -67.33
N ARG AB 251 -59.75 64.77 -67.81
CA ARG AB 251 -58.71 64.65 -68.83
C ARG AB 251 -59.16 65.23 -70.14
N ASP AB 252 -60.38 64.90 -70.59
CA ASP AB 252 -60.79 65.46 -71.87
C ASP AB 252 -61.18 66.93 -71.73
N LYS AB 253 -61.47 67.41 -70.52
CA LYS AB 253 -61.57 68.85 -70.31
C LYS AB 253 -60.21 69.51 -70.48
N ARG AB 254 -59.15 68.89 -69.97
CA ARG AB 254 -57.79 69.39 -70.20
C ARG AB 254 -57.47 69.38 -71.69
N LEU AB 255 -57.87 68.32 -72.38
CA LEU AB 255 -57.64 68.21 -73.82
C LEU AB 255 -58.37 69.31 -74.57
N ALA AB 256 -59.63 69.58 -74.20
CA ALA AB 256 -60.38 70.67 -74.81
C ALA AB 256 -59.72 72.01 -74.54
N ALA AB 257 -59.21 72.20 -73.32
CA ALA AB 257 -58.50 73.43 -73.01
C ALA AB 257 -57.28 73.61 -73.90
N LYS AB 258 -56.48 72.56 -74.06
CA LYS AB 258 -55.27 72.66 -74.86
C LYS AB 258 -55.60 72.88 -76.34
N GLN AB 259 -56.60 72.18 -76.86
CA GLN AB 259 -56.95 72.32 -78.27
C GLN AB 259 -57.55 73.69 -78.56
N SER AB 260 -58.35 74.22 -77.63
CA SER AB 260 -58.92 75.55 -77.81
C SER AB 260 -57.84 76.63 -77.69
N SER AB 261 -56.88 76.43 -76.78
CA SER AB 261 -55.76 77.36 -76.68
C SER AB 261 -54.79 77.23 -77.85
N GLY AB 262 -54.86 76.15 -78.61
CA GLY AB 262 -54.07 76.03 -79.82
C GLY AB 262 -54.57 76.91 -80.94
N MET BB 1 -6.48 91.61 11.61
CA MET BB 1 -7.89 91.51 11.28
C MET BB 1 -8.41 92.84 10.73
N LYS BB 2 -9.14 92.77 9.63
CA LYS BB 2 -9.72 93.95 9.02
C LYS BB 2 -11.13 94.19 9.57
N LEU BB 3 -11.49 95.46 9.68
CA LEU BB 3 -12.78 95.79 10.27
C LEU BB 3 -13.33 97.01 9.55
N ASN BB 4 -14.49 96.85 8.92
CA ASN BB 4 -15.20 97.96 8.32
C ASN BB 4 -16.10 98.61 9.36
N ILE BB 5 -15.98 99.94 9.49
CA ILE BB 5 -16.84 100.75 10.34
C ILE BB 5 -17.72 101.57 9.42
N SER BB 6 -19.04 101.45 9.61
CA SER BB 6 -20.03 102.08 8.73
C SER BB 6 -20.98 102.93 9.55
N PHE BB 7 -20.95 104.24 9.32
CA PHE BB 7 -21.86 105.14 10.01
C PHE BB 7 -23.05 105.40 9.10
N PRO BB 8 -24.28 105.09 9.54
CA PRO BB 8 -25.45 105.40 8.71
C PRO BB 8 -25.62 106.88 8.40
N ALA BB 9 -25.53 107.75 9.40
CA ALA BB 9 -25.89 109.15 9.22
C ALA BB 9 -24.91 109.93 8.36
N THR BB 10 -23.75 109.36 8.06
CA THR BB 10 -22.72 110.11 7.34
C THR BB 10 -22.20 109.32 6.17
N GLY BB 11 -22.30 108.00 6.23
CA GLY BB 11 -21.66 107.19 5.22
C GLY BB 11 -20.15 107.16 5.45
N CYS BB 12 -19.41 107.09 4.35
CA CYS BB 12 -17.95 107.09 4.36
C CYS BB 12 -17.40 106.00 5.27
N GLN BB 13 -17.91 104.79 5.08
CA GLN BB 13 -17.43 103.66 5.86
C GLN BB 13 -15.99 103.35 5.50
N LYS BB 14 -15.19 103.07 6.53
CA LYS BB 14 -13.74 102.95 6.36
C LYS BB 14 -13.25 101.60 6.90
N LEU BB 15 -11.98 101.31 6.62
CA LEU BB 15 -11.33 100.08 7.07
C LEU BB 15 -10.26 100.38 8.12
N ILE BB 16 -10.27 99.61 9.19
CA ILE BB 16 -9.28 99.70 10.24
C ILE BB 16 -8.70 98.31 10.47
N GLU BB 17 -7.38 98.23 10.50
CA GLU BB 17 -6.70 96.99 10.84
C GLU BB 17 -6.40 96.97 12.33
N VAL BB 18 -6.61 95.80 12.94
CA VAL BB 18 -6.33 95.61 14.36
C VAL BB 18 -5.50 94.35 14.53
N ASP BB 19 -4.56 94.38 15.44
CA ASP BB 19 -3.71 93.23 15.73
C ASP BB 19 -3.57 93.05 17.23
N ASP BB 20 -4.66 93.26 17.97
CA ASP BB 20 -4.66 93.08 19.42
C ASP BB 20 -5.94 92.38 19.83
N GLU BB 21 -5.85 91.06 20.01
CA GLU BB 21 -6.97 90.32 20.56
C GLU BB 21 -7.31 90.74 21.98
N ARG BB 22 -6.37 91.40 22.66
CA ARG BB 22 -6.64 91.97 23.97
C ARG BB 22 -7.81 92.94 23.92
N LYS BB 23 -7.95 93.67 22.81
CA LYS BB 23 -9.09 94.54 22.60
C LYS BB 23 -10.11 93.95 21.63
N LEU BB 24 -9.81 92.82 20.99
CA LEU BB 24 -10.83 92.12 20.21
C LEU BB 24 -11.66 91.16 21.05
N ARG BB 25 -11.32 90.97 22.32
CA ARG BB 25 -12.15 90.16 23.19
C ARG BB 25 -13.54 90.74 23.39
N THR BB 26 -13.69 92.07 23.25
CA THR BB 26 -15.00 92.70 23.37
C THR BB 26 -15.91 92.38 22.19
N PHE BB 27 -15.37 91.83 21.11
CA PHE BB 27 -16.16 91.27 20.03
C PHE BB 27 -16.17 89.76 20.02
N TYR BB 28 -15.22 89.12 20.70
CA TYR BB 28 -15.23 87.66 20.77
C TYR BB 28 -16.45 87.15 21.52
N GLU BB 29 -16.95 86.00 21.06
CA GLU BB 29 -18.09 85.29 21.64
C GLU BB 29 -19.37 86.12 21.62
N LYS BB 30 -19.45 87.10 20.73
CA LYS BB 30 -20.67 87.85 20.54
C LYS BB 30 -21.49 87.16 19.46
N ARG BB 31 -22.57 87.80 19.04
CA ARG BB 31 -23.35 87.36 17.90
C ARG BB 31 -23.62 88.56 17.01
N MET BB 32 -23.99 88.30 15.76
CA MET BB 32 -24.37 89.42 14.93
C MET BB 32 -25.79 89.86 15.26
N ALA BB 33 -26.16 91.04 14.73
CA ALA BB 33 -27.39 91.76 15.07
C ALA BB 33 -27.47 92.12 16.54
N THR BB 34 -26.32 92.16 17.23
CA THR BB 34 -26.24 92.60 18.60
C THR BB 34 -25.34 93.83 18.68
N GLU BB 35 -25.60 94.66 19.68
CA GLU BB 35 -24.90 95.93 19.86
C GLU BB 35 -23.92 95.81 21.02
N VAL BB 36 -22.72 96.33 20.82
CA VAL BB 36 -21.63 96.25 21.80
C VAL BB 36 -20.99 97.63 21.91
N ALA BB 37 -20.33 97.86 23.04
CA ALA BB 37 -19.60 99.10 23.28
C ALA BB 37 -18.23 99.01 22.63
N ALA BB 38 -17.95 99.96 21.73
CA ALA BB 38 -16.68 100.01 20.99
C ALA BB 38 -15.63 100.86 21.70
N ASP BB 39 -15.75 101.04 23.01
CA ASP BB 39 -14.83 101.90 23.74
C ASP BB 39 -13.49 101.24 24.02
N ALA BB 40 -13.42 99.92 23.91
CA ALA BB 40 -12.16 99.20 24.16
C ALA BB 40 -11.12 99.44 23.07
N LEU BB 41 -11.53 100.03 21.94
CA LEU BB 41 -10.61 100.29 20.84
C LEU BB 41 -9.99 101.69 20.96
N GLY BB 42 -9.95 102.24 22.17
CA GLY BB 42 -9.33 103.53 22.39
C GLY BB 42 -10.22 104.50 23.15
N GLU BB 43 -9.58 105.46 23.83
CA GLU BB 43 -10.32 106.59 24.37
C GLU BB 43 -10.96 107.40 23.26
N GLU BB 44 -10.30 107.47 22.10
CA GLU BB 44 -10.89 108.09 20.92
C GLU BB 44 -12.18 107.38 20.52
N TRP BB 45 -12.26 106.08 20.79
CA TRP BB 45 -13.44 105.29 20.50
C TRP BB 45 -14.41 105.22 21.67
N LYS BB 46 -14.10 105.89 22.77
CA LYS BB 46 -14.97 105.89 23.94
C LYS BB 46 -16.29 106.58 23.62
N GLY BB 47 -17.37 106.11 24.24
CA GLY BB 47 -18.69 106.64 23.98
C GLY BB 47 -19.30 106.18 22.69
N TYR BB 48 -18.67 105.25 21.97
CA TYR BB 48 -19.16 104.76 20.69
C TYR BB 48 -19.76 103.38 20.88
N VAL BB 49 -20.96 103.17 20.33
CA VAL BB 49 -21.66 101.90 20.39
C VAL BB 49 -21.95 101.45 18.97
N VAL BB 50 -21.71 100.16 18.69
CA VAL BB 50 -21.89 99.63 17.35
C VAL BB 50 -22.77 98.38 17.43
N ARG BB 51 -23.12 97.88 16.25
CA ARG BB 51 -23.89 96.64 16.11
C ARG BB 51 -23.21 95.79 15.05
N ILE BB 52 -23.10 94.49 15.32
CA ILE BB 52 -22.38 93.60 14.42
C ILE BB 52 -23.24 93.30 13.21
N SER BB 53 -22.96 93.97 12.10
CA SER BB 53 -23.76 93.78 10.90
C SER BB 53 -23.33 92.56 10.08
N GLY BB 54 -22.04 92.28 9.98
CA GLY BB 54 -21.65 91.15 9.18
C GLY BB 54 -20.17 90.85 9.30
N GLY BB 55 -19.68 90.05 8.37
CA GLY BB 55 -18.26 89.72 8.37
C GLY BB 55 -17.92 88.77 7.25
N ASN BB 56 -16.62 88.65 7.02
CA ASN BB 56 -16.05 87.74 6.03
C ASN BB 56 -15.03 86.84 6.70
N ASP BB 57 -15.07 85.56 6.36
CA ASP BB 57 -14.34 84.51 7.06
C ASP BB 57 -12.87 84.52 6.66
N LYS BB 58 -12.10 83.61 7.28
CA LYS BB 58 -10.73 83.36 6.84
C LYS BB 58 -10.69 82.81 5.42
N GLN BB 59 -11.69 82.02 5.05
CA GLN BB 59 -11.78 81.46 3.71
C GLN BB 59 -12.34 82.45 2.70
N GLY BB 60 -12.98 83.53 3.17
CA GLY BB 60 -13.71 84.42 2.31
C GLY BB 60 -15.20 84.17 2.29
N PHE BB 61 -15.67 83.12 2.95
CA PHE BB 61 -17.09 82.85 3.02
C PHE BB 61 -17.76 83.90 3.90
N PRO BB 62 -18.72 84.66 3.39
CA PRO BB 62 -19.42 85.62 4.24
C PRO BB 62 -20.24 84.90 5.28
N MET BB 63 -20.51 85.59 6.38
CA MET BB 63 -21.30 85.02 7.45
C MET BB 63 -22.74 85.52 7.36
N LYS BB 64 -23.69 84.60 7.50
CA LYS BB 64 -25.11 84.90 7.38
C LYS BB 64 -25.77 84.80 8.76
N GLN BB 65 -26.66 85.74 9.04
CA GLN BB 65 -27.39 85.72 10.30
C GLN BB 65 -28.36 84.56 10.34
N GLY BB 66 -28.36 83.83 11.45
CA GLY BB 66 -29.23 82.68 11.58
C GLY BB 66 -28.53 81.36 11.31
N VAL BB 67 -27.33 81.20 11.89
CA VAL BB 67 -26.58 79.96 11.80
C VAL BB 67 -26.31 79.36 13.17
N LEU BB 68 -25.92 80.20 14.14
CA LEU BB 68 -25.66 79.78 15.52
C LEU BB 68 -24.56 78.72 15.58
N THR BB 69 -23.44 79.02 14.94
CA THR BB 69 -22.29 78.13 14.91
C THR BB 69 -21.05 78.98 14.67
N HIS BB 70 -19.96 78.66 15.35
CA HIS BB 70 -18.71 79.39 15.13
C HIS BB 70 -17.92 78.80 13.97
N GLY BB 71 -18.56 78.61 12.83
CA GLY BB 71 -17.87 78.03 11.70
C GLY BB 71 -18.81 77.87 10.52
N ARG BB 72 -18.26 77.27 9.46
CA ARG BB 72 -18.96 77.15 8.19
C ARG BB 72 -19.72 75.83 8.11
N VAL BB 73 -20.97 75.91 7.66
CA VAL BB 73 -21.77 74.74 7.33
C VAL BB 73 -22.41 74.96 5.97
N ARG BB 74 -22.71 73.85 5.29
CA ARG BB 74 -23.35 73.91 3.98
C ARG BB 74 -24.86 74.02 4.15
N LEU BB 75 -25.46 74.96 3.44
CA LEU BB 75 -26.89 75.17 3.47
C LEU BB 75 -27.47 75.06 2.07
N LEU BB 76 -28.77 74.81 2.02
CA LEU BB 76 -29.52 74.83 0.77
C LEU BB 76 -30.02 76.26 0.57
N LEU BB 77 -29.50 76.93 -0.46
CA LEU BB 77 -29.74 78.36 -0.66
C LEU BB 77 -30.78 78.54 -1.77
N SER BB 78 -31.94 79.06 -1.41
CA SER BB 78 -32.95 79.41 -2.39
C SER BB 78 -32.94 80.93 -2.58
N LYS BB 79 -33.94 81.44 -3.30
CA LYS BB 79 -33.98 82.84 -3.69
C LYS BB 79 -34.12 83.77 -2.47
N GLY BB 80 -33.22 84.74 -2.40
CA GLY BB 80 -33.31 85.82 -1.42
C GLY BB 80 -33.21 85.44 0.04
N HIS BB 81 -32.29 84.55 0.40
CA HIS BB 81 -32.02 84.31 1.82
C HIS BB 81 -30.84 85.18 2.27
N SER BB 82 -29.66 84.92 1.71
CA SER BB 82 -28.43 85.69 1.83
C SER BB 82 -27.36 84.94 1.05
N CYS BB 83 -26.29 85.66 0.71
CA CYS BB 83 -25.09 85.08 0.10
C CYS BB 83 -25.40 84.30 -1.17
N TYR BB 84 -26.51 84.60 -1.85
CA TYR BB 84 -26.89 83.82 -3.01
C TYR BB 84 -27.64 84.71 -3.99
N ARG BB 85 -27.46 84.42 -5.28
CA ARG BB 85 -28.19 85.07 -6.36
C ARG BB 85 -28.69 83.99 -7.30
N PRO BB 86 -29.98 83.93 -7.60
CA PRO BB 86 -30.50 82.85 -8.45
C PRO BB 86 -30.24 83.14 -9.91
N ARG BB 87 -29.59 82.20 -10.59
CA ARG BB 87 -29.44 82.32 -12.04
C ARG BB 87 -30.72 81.96 -12.78
N ARG BB 88 -31.61 81.21 -12.15
CA ARG BB 88 -32.89 80.85 -12.74
C ARG BB 88 -33.98 81.00 -11.71
N THR BB 89 -35.21 81.20 -12.19
CA THR BB 89 -36.34 81.45 -11.30
C THR BB 89 -36.64 80.21 -10.47
N GLY BB 90 -36.50 80.33 -9.16
CA GLY BB 90 -36.72 79.21 -8.27
C GLY BB 90 -35.56 78.24 -8.15
N GLU BB 91 -34.42 78.54 -8.76
CA GLU BB 91 -33.27 77.68 -8.62
C GLU BB 91 -32.70 77.77 -7.21
N ARG BB 92 -32.23 76.64 -6.70
CA ARG BB 92 -31.56 76.58 -5.41
C ARG BB 92 -30.14 76.08 -5.62
N LYS BB 93 -29.33 76.18 -4.57
CA LYS BB 93 -27.91 75.85 -4.69
C LYS BB 93 -27.32 75.66 -3.31
N ARG BB 94 -26.63 74.55 -3.10
CA ARG BB 94 -26.01 74.29 -1.81
C ARG BB 94 -24.63 74.92 -1.76
N LYS BB 95 -24.41 75.81 -0.79
CA LYS BB 95 -23.11 76.44 -0.61
C LYS BB 95 -22.89 76.69 0.87
N SER BB 96 -21.63 76.58 1.27
CA SER BB 96 -21.25 76.81 2.66
C SER BB 96 -21.37 78.29 3.01
N VAL BB 97 -21.68 78.57 4.27
CA VAL BB 97 -21.71 79.92 4.80
C VAL BB 97 -21.07 79.91 6.19
N ARG BB 98 -20.31 80.96 6.50
CA ARG BB 98 -19.78 81.12 7.84
C ARG BB 98 -20.92 81.41 8.81
N GLY BB 99 -20.78 80.90 10.02
CA GLY BB 99 -21.81 81.09 11.01
C GLY BB 99 -21.85 82.49 11.56
N CYS BB 100 -22.93 82.78 12.28
CA CYS BB 100 -23.14 84.10 12.85
C CYS BB 100 -22.31 84.33 14.11
N ILE BB 101 -21.79 83.27 14.72
CA ILE BB 101 -20.95 83.43 15.91
C ILE BB 101 -19.62 84.03 15.49
N VAL BB 102 -19.18 85.07 16.19
CA VAL BB 102 -17.96 85.78 15.86
C VAL BB 102 -16.85 85.38 16.81
N ASP BB 103 -15.65 85.22 16.26
CA ASP BB 103 -14.47 84.81 17.01
C ASP BB 103 -13.23 85.22 16.22
N ALA BB 104 -12.09 84.66 16.59
CA ALA BB 104 -10.81 85.06 16.00
C ALA BB 104 -10.58 84.48 14.61
N ASN BB 105 -11.32 83.44 14.22
CA ASN BB 105 -11.06 82.76 12.96
C ASN BB 105 -11.78 83.43 11.79
N LEU BB 106 -11.60 84.73 11.65
CA LEU BB 106 -12.27 85.50 10.60
C LEU BB 106 -11.26 86.30 9.81
N SER BB 107 -11.72 87.19 8.93
CA SER BB 107 -10.83 88.12 8.27
C SER BB 107 -11.36 89.55 8.36
N VAL BB 108 -12.69 89.71 8.27
CA VAL BB 108 -13.30 91.04 8.20
C VAL BB 108 -14.52 91.09 9.11
N LEU BB 109 -14.61 92.15 9.92
CA LEU BB 109 -15.79 92.38 10.75
C LEU BB 109 -16.48 93.66 10.29
N ASN BB 110 -17.77 93.57 9.94
CA ASN BB 110 -18.56 94.70 9.50
C ASN BB 110 -19.39 95.17 10.69
N LEU BB 111 -19.12 96.40 11.15
CA LEU BB 111 -19.78 97.00 12.29
C LEU BB 111 -20.50 98.27 11.84
N VAL BB 112 -21.72 98.45 12.32
CA VAL BB 112 -22.51 99.64 12.01
C VAL BB 112 -22.58 100.51 13.26
N ILE BB 113 -22.42 101.81 13.09
CA ILE BB 113 -22.45 102.74 14.20
C ILE BB 113 -23.90 102.97 14.61
N VAL BB 114 -24.21 102.77 15.89
CA VAL BB 114 -25.54 103.06 16.41
C VAL BB 114 -25.52 104.23 17.38
N LYS BB 115 -24.38 104.54 18.00
CA LYS BB 115 -24.26 105.68 18.88
C LYS BB 115 -22.97 106.41 18.55
N LYS BB 116 -23.01 107.74 18.59
CA LYS BB 116 -21.87 108.57 18.25
C LYS BB 116 -21.21 109.07 19.53
N GLY BB 117 -19.91 108.80 19.65
CA GLY BB 117 -19.18 109.22 20.83
C GLY BB 117 -18.72 110.66 20.75
N GLU BB 118 -18.10 111.12 21.83
CA GLU BB 118 -17.67 112.50 21.92
C GLU BB 118 -16.58 112.81 20.90
N LYS BB 119 -15.65 111.89 20.70
CA LYS BB 119 -14.47 112.14 19.87
C LYS BB 119 -14.76 111.66 18.45
N ASP BB 120 -15.03 112.62 17.56
CA ASP BB 120 -15.33 112.30 16.18
C ASP BB 120 -14.06 111.86 15.46
N ILE BB 121 -14.02 110.60 15.04
CA ILE BB 121 -12.87 110.14 14.25
C ILE BB 121 -12.97 110.74 12.84
N PRO BB 122 -11.93 111.39 12.35
CA PRO BB 122 -12.02 112.05 11.04
C PRO BB 122 -12.22 111.05 9.92
N GLY BB 123 -12.87 111.50 8.86
CA GLY BB 123 -13.17 110.67 7.70
C GLY BB 123 -14.50 109.94 7.81
N LEU BB 124 -14.83 109.48 9.01
CA LEU BB 124 -16.07 108.74 9.22
C LEU BB 124 -17.19 109.63 9.74
N THR BB 125 -16.97 110.31 10.87
CA THR BB 125 -17.98 111.15 11.49
C THR BB 125 -17.85 112.63 11.11
N ASP BB 126 -17.77 112.90 9.81
CA ASP BB 126 -17.74 114.25 9.27
C ASP BB 126 -17.87 114.15 7.76
N THR BB 127 -18.04 115.31 7.13
CA THR BB 127 -18.17 115.45 5.66
C THR BB 127 -19.18 114.44 5.11
N THR BB 128 -20.42 114.63 5.53
CA THR BB 128 -21.51 113.73 5.15
C THR BB 128 -21.69 113.72 3.65
N VAL BB 129 -21.53 112.54 3.05
CA VAL BB 129 -21.81 112.40 1.62
C VAL BB 129 -23.33 112.42 1.42
N PRO BB 130 -23.82 113.05 0.37
CA PRO BB 130 -25.27 113.22 0.21
C PRO BB 130 -25.92 111.95 -0.32
N ARG BB 131 -27.25 111.97 -0.33
CA ARG BB 131 -28.01 110.85 -0.85
C ARG BB 131 -27.77 110.70 -2.35
N ARG BB 132 -27.64 109.45 -2.79
CA ARG BB 132 -27.19 109.18 -4.16
C ARG BB 132 -28.19 109.70 -5.19
N LEU BB 133 -29.48 109.46 -4.96
CA LEU BB 133 -30.51 109.88 -5.90
C LEU BB 133 -31.65 110.55 -5.15
N GLY BB 134 -32.19 111.60 -5.74
CA GLY BB 134 -33.39 112.21 -5.21
C GLY BB 134 -34.55 111.26 -5.33
N PRO BB 135 -35.54 111.39 -4.43
CA PRO BB 135 -36.69 110.49 -4.50
C PRO BB 135 -37.43 110.61 -5.82
N LYS BB 136 -37.87 109.45 -6.33
CA LYS BB 136 -38.57 109.38 -7.61
C LYS BB 136 -40.08 109.30 -7.45
N ARG BB 137 -40.58 108.93 -6.27
CA ARG BB 137 -42.01 108.79 -6.09
C ARG BB 137 -42.63 110.13 -5.68
N ALA BB 138 -43.83 110.37 -6.20
CA ALA BB 138 -44.53 111.62 -5.91
C ALA BB 138 -44.79 111.78 -4.42
N SER BB 139 -45.33 110.74 -3.78
CA SER BB 139 -45.57 110.79 -2.34
C SER BB 139 -44.27 110.95 -1.57
N ARG BB 140 -43.19 110.35 -2.06
CA ARG BB 140 -41.90 110.47 -1.39
C ARG BB 140 -41.42 111.92 -1.37
N ILE BB 141 -41.38 112.57 -2.53
CA ILE BB 141 -40.94 113.96 -2.56
C ILE BB 141 -41.91 114.88 -1.83
N ARG BB 142 -43.22 114.59 -1.90
CA ARG BB 142 -44.21 115.38 -1.18
C ARG BB 142 -43.98 115.32 0.32
N LYS BB 143 -43.85 114.10 0.86
CA LYS BB 143 -43.63 113.95 2.29
C LYS BB 143 -42.31 114.58 2.71
N LEU BB 144 -41.26 114.45 1.89
CA LEU BB 144 -39.97 114.98 2.30
C LEU BB 144 -39.97 116.50 2.32
N PHE BB 145 -40.57 117.14 1.31
CA PHE BB 145 -40.55 118.59 1.28
C PHE BB 145 -41.74 119.22 2.01
N ASN BB 146 -42.60 118.39 2.60
CA ASN BB 146 -43.77 118.85 3.36
C ASN BB 146 -44.72 119.67 2.50
N LEU BB 147 -44.65 119.48 1.18
CA LEU BB 147 -45.60 120.11 0.29
C LEU BB 147 -47.00 119.57 0.59
N SER BB 148 -47.96 120.46 0.79
CA SER BB 148 -49.28 120.03 1.22
C SER BB 148 -50.13 119.52 0.05
N LYS BB 149 -50.47 120.43 -0.87
CA LYS BB 149 -51.34 120.14 -2.02
C LYS BB 149 -50.77 120.89 -3.22
N GLU BB 150 -49.84 120.23 -3.92
CA GLU BB 150 -49.29 120.69 -5.21
C GLU BB 150 -48.68 122.09 -5.10
N ASP BB 151 -47.54 122.16 -4.42
CA ASP BB 151 -46.76 123.40 -4.35
C ASP BB 151 -45.57 123.31 -5.31
N ASP BB 152 -45.87 123.57 -6.59
CA ASP BB 152 -44.89 123.59 -7.69
C ASP BB 152 -44.02 122.32 -7.70
N VAL BB 153 -44.72 121.19 -7.60
CA VAL BB 153 -44.07 119.89 -7.63
C VAL BB 153 -43.33 119.69 -8.94
N ARG BB 154 -43.79 120.32 -10.02
CA ARG BB 154 -43.17 120.15 -11.33
C ARG BB 154 -41.72 120.62 -11.34
N GLN BB 155 -41.44 121.74 -10.69
CA GLN BB 155 -40.08 122.28 -10.63
C GLN BB 155 -39.34 121.89 -9.36
N TYR BB 156 -40.03 121.34 -8.35
CA TYR BB 156 -39.35 121.16 -7.07
C TYR BB 156 -38.60 119.83 -6.96
N VAL BB 157 -38.13 119.28 -8.07
CA VAL BB 157 -37.19 118.17 -8.03
C VAL BB 157 -35.77 118.73 -8.12
N VAL BB 158 -34.84 118.05 -7.46
CA VAL BB 158 -33.44 118.45 -7.51
C VAL BB 158 -32.88 118.14 -8.89
N ARG BB 159 -32.26 119.14 -9.50
CA ARG BB 159 -31.69 119.00 -10.84
C ARG BB 159 -30.20 118.72 -10.69
N LYS BB 160 -29.80 117.49 -10.99
CA LYS BB 160 -28.42 117.07 -10.82
C LYS BB 160 -27.53 117.76 -11.85
N PRO BB 161 -26.51 118.51 -11.45
CA PRO BB 161 -25.59 119.08 -12.43
C PRO BB 161 -24.42 118.16 -12.73
N LEU BB 162 -24.19 117.91 -14.01
CA LEU BB 162 -23.05 117.13 -14.47
C LEU BB 162 -21.98 118.08 -14.95
N ASN BB 163 -20.78 117.95 -14.39
CA ASN BB 163 -19.64 118.81 -14.69
C ASN BB 163 -18.41 117.97 -14.96
N LYS BB 164 -17.73 118.27 -16.06
CA LYS BB 164 -16.42 117.70 -16.36
C LYS BB 164 -15.70 118.66 -17.29
N GLU BB 165 -14.36 118.63 -17.24
CA GLU BB 165 -13.56 119.65 -17.91
C GLU BB 165 -13.66 119.55 -19.43
N GLY BB 166 -13.70 118.33 -19.97
CA GLY BB 166 -13.72 118.18 -21.41
C GLY BB 166 -15.11 118.16 -22.02
N LYS BB 167 -16.00 119.02 -21.52
CA LYS BB 167 -17.38 119.06 -22.00
C LYS BB 167 -18.02 120.36 -21.53
N LYS BB 168 -19.31 120.49 -21.84
CA LYS BB 168 -20.10 121.64 -21.40
C LYS BB 168 -20.96 121.25 -20.21
N PRO BB 169 -20.67 121.75 -19.01
CA PRO BB 169 -21.45 121.36 -17.83
C PRO BB 169 -22.90 121.78 -17.95
N ARG BB 170 -23.78 120.94 -17.43
CA ARG BB 170 -25.22 121.19 -17.50
C ARG BB 170 -25.86 120.64 -16.25
N THR BB 171 -27.19 120.66 -16.21
CA THR BB 171 -27.94 120.00 -15.16
C THR BB 171 -29.20 119.39 -15.76
N LYS BB 172 -29.64 118.28 -15.18
CA LYS BB 172 -30.82 117.56 -15.66
C LYS BB 172 -31.56 116.98 -14.47
N ALA BB 173 -32.88 116.93 -14.59
CA ALA BB 173 -33.78 116.45 -13.55
C ALA BB 173 -34.35 115.09 -13.90
N PRO BB 174 -34.69 114.27 -12.91
CA PRO BB 174 -35.26 112.96 -13.19
C PRO BB 174 -36.72 113.06 -13.66
N LYS BB 175 -37.30 111.90 -13.94
CA LYS BB 175 -38.71 111.81 -14.30
C LYS BB 175 -39.51 111.37 -13.08
N ILE BB 176 -40.46 112.19 -12.67
CA ILE BB 176 -41.28 111.90 -11.50
C ILE BB 176 -42.42 110.98 -11.90
N GLN BB 177 -42.66 109.96 -11.07
CA GLN BB 177 -43.64 108.92 -11.32
C GLN BB 177 -44.76 109.01 -10.29
N ARG BB 178 -45.88 108.35 -10.60
CA ARG BB 178 -47.02 108.21 -9.69
C ARG BB 178 -47.68 109.58 -9.44
N LEU BB 179 -47.84 110.36 -10.51
CA LEU BB 179 -48.47 111.66 -10.44
C LEU BB 179 -49.96 111.54 -10.75
N VAL BB 180 -50.62 112.68 -10.96
CA VAL BB 180 -51.92 112.76 -11.61
C VAL BB 180 -51.79 113.85 -12.66
N THR BB 181 -51.53 113.47 -13.89
CA THR BB 181 -51.31 114.38 -15.01
C THR BB 181 -52.52 114.36 -15.94
N PRO BB 182 -52.56 115.27 -16.92
CA PRO BB 182 -53.61 115.16 -17.95
C PRO BB 182 -53.63 113.83 -18.68
N ARG BB 183 -52.46 113.22 -18.93
CA ARG BB 183 -52.46 111.95 -19.63
C ARG BB 183 -52.99 110.82 -18.74
N VAL BB 184 -52.58 110.80 -17.47
CA VAL BB 184 -53.04 109.75 -16.56
C VAL BB 184 -54.52 109.94 -16.23
N LEU BB 185 -54.93 111.18 -16.02
CA LEU BB 185 -56.34 111.48 -15.79
C LEU BB 185 -57.17 111.09 -17.00
N GLN BB 186 -56.66 111.36 -18.21
CA GLN BB 186 -57.34 110.91 -19.41
C GLN BB 186 -57.40 109.39 -19.49
N HIS BB 187 -56.36 108.70 -19.01
CA HIS BB 187 -56.38 107.24 -19.01
C HIS BB 187 -57.46 106.70 -18.08
N LYS BB 188 -57.56 107.28 -16.89
CA LYS BB 188 -58.63 106.86 -15.96
C LYS BB 188 -60.01 107.20 -16.53
N ARG BB 189 -60.13 108.38 -17.14
CA ARG BB 189 -61.41 108.78 -17.70
C ARG BB 189 -61.81 107.89 -18.85
N ARG BB 190 -60.84 107.46 -19.67
CA ARG BB 190 -61.14 106.52 -20.74
C ARG BB 190 -61.42 105.13 -20.21
N ARG BB 191 -60.78 104.74 -19.09
CA ARG BB 191 -61.11 103.47 -18.47
C ARG BB 191 -62.54 103.45 -17.99
N ILE BB 192 -62.96 104.49 -17.28
CA ILE BB 192 -64.36 104.57 -16.87
C ILE BB 192 -65.29 104.89 -18.03
N ALA BB 193 -64.78 105.45 -19.12
CA ALA BB 193 -65.60 105.67 -20.30
C ALA BB 193 -65.86 104.37 -21.04
N LEU BB 194 -64.84 103.51 -21.15
CA LEU BB 194 -65.05 102.17 -21.67
C LEU BB 194 -65.88 101.33 -20.70
N LYS BB 195 -65.75 101.58 -19.40
CA LYS BB 195 -66.63 100.91 -18.43
C LYS BB 195 -68.07 101.32 -18.62
N LYS BB 196 -68.31 102.63 -18.82
CA LYS BB 196 -69.64 103.13 -19.12
C LYS BB 196 -70.14 102.56 -20.44
N GLN BB 197 -69.27 102.53 -21.44
CA GLN BB 197 -69.63 101.95 -22.73
C GLN BB 197 -69.99 100.49 -22.58
N ARG BB 198 -69.22 99.73 -21.79
CA ARG BB 198 -69.45 98.31 -21.62
C ARG BB 198 -70.76 98.05 -20.88
N THR BB 199 -70.96 98.73 -19.75
CA THR BB 199 -72.20 98.54 -19.02
C THR BB 199 -73.40 99.05 -19.81
N LYS BB 200 -73.20 100.08 -20.63
CA LYS BB 200 -74.31 100.61 -21.40
C LYS BB 200 -74.65 99.68 -22.54
N LYS BB 201 -73.65 99.12 -23.21
CA LYS BB 201 -73.94 98.17 -24.28
C LYS BB 201 -74.47 96.86 -23.71
N ASN BB 202 -74.08 96.49 -22.49
CA ASN BB 202 -74.62 95.26 -21.90
C ASN BB 202 -76.07 95.45 -21.46
N LYS BB 203 -76.37 96.54 -20.77
CA LYS BB 203 -77.75 96.81 -20.39
C LYS BB 203 -78.61 97.13 -21.60
N GLU BB 204 -78.01 97.76 -22.61
CA GLU BB 204 -78.69 98.01 -23.87
C GLU BB 204 -78.95 96.70 -24.60
N GLU BB 205 -77.99 95.77 -24.55
CA GLU BB 205 -78.20 94.45 -25.11
C GLU BB 205 -79.36 93.76 -24.41
N ALA BB 206 -79.41 93.89 -23.09
CA ALA BB 206 -80.54 93.38 -22.33
C ALA BB 206 -81.85 94.01 -22.76
N ALA BB 207 -81.87 95.33 -22.97
CA ALA BB 207 -83.09 96.05 -23.36
C ALA BB 207 -83.53 95.73 -24.79
N GLU BB 208 -82.63 95.81 -25.75
CA GLU BB 208 -83.02 95.52 -27.14
C GLU BB 208 -83.19 94.04 -27.39
N TYR BB 209 -82.60 93.16 -26.58
CA TYR BB 209 -82.99 91.76 -26.65
C TYR BB 209 -84.28 91.51 -25.88
N ALA BB 210 -84.63 92.35 -24.91
CA ALA BB 210 -85.97 92.28 -24.35
C ALA BB 210 -86.99 92.66 -25.41
N LYS BB 211 -86.65 93.64 -26.25
CA LYS BB 211 -87.51 93.96 -27.40
C LYS BB 211 -87.47 92.86 -28.45
N LEU BB 212 -86.30 92.27 -28.68
CA LEU BB 212 -86.21 91.12 -29.57
C LEU BB 212 -87.00 89.95 -29.00
N LEU BB 213 -87.15 89.88 -27.68
CA LEU BB 213 -88.05 88.91 -27.07
C LEU BB 213 -89.50 89.31 -27.23
N ALA BB 214 -89.81 90.59 -27.08
CA ALA BB 214 -91.16 91.10 -27.33
C ALA BB 214 -91.58 90.89 -28.78
N LYS BB 215 -90.62 90.63 -29.67
CA LYS BB 215 -90.92 90.13 -31.00
C LYS BB 215 -90.84 88.61 -31.11
N ARG BB 216 -89.84 87.98 -30.49
CA ARG BB 216 -89.50 86.59 -30.79
C ARG BB 216 -90.05 85.59 -29.79
N MET BB 217 -90.12 85.90 -28.51
CA MET BB 217 -91.01 85.13 -27.64
C MET BB 217 -92.46 85.35 -28.03
N LYS BB 218 -92.77 86.55 -28.53
CA LYS BB 218 -94.06 86.79 -29.16
C LYS BB 218 -94.26 85.84 -30.33
N GLU BB 219 -93.24 85.66 -31.16
CA GLU BB 219 -93.30 84.70 -32.25
C GLU BB 219 -93.27 83.26 -31.76
N ALA BB 220 -92.69 83.01 -30.59
CA ALA BB 220 -92.75 81.66 -30.01
C ALA BB 220 -94.19 81.32 -29.61
N LYS BB 221 -94.85 82.22 -28.90
CA LYS BB 221 -96.26 82.03 -28.62
C LYS BB 221 -97.14 82.25 -29.85
N GLU BB 222 -96.62 82.82 -30.93
CA GLU BB 222 -97.36 82.85 -32.18
C GLU BB 222 -97.25 81.54 -32.94
N LYS BB 223 -96.09 80.88 -32.85
CA LYS BB 223 -95.98 79.51 -33.32
C LYS BB 223 -96.75 78.57 -32.43
N ARG BB 224 -97.02 78.96 -31.19
CA ARG BB 224 -98.04 78.31 -30.39
C ARG BB 224 -99.45 78.72 -30.78
N GLN BB 225 -99.63 79.95 -31.28
CA GLN BB 225 -100.94 80.40 -31.73
C GLN BB 225 -101.38 79.68 -32.98
N GLU BB 226 -100.47 79.41 -33.90
CA GLU BB 226 -100.83 78.55 -35.03
C GLU BB 226 -101.11 77.13 -34.58
N GLN BB 227 -100.45 76.65 -33.52
CA GLN BB 227 -100.81 75.36 -32.94
C GLN BB 227 -102.22 75.37 -32.39
N ILE BB 228 -102.56 76.42 -31.62
CA ILE BB 228 -103.89 76.53 -31.05
C ILE BB 228 -104.92 76.80 -32.13
N ALA BB 229 -104.50 77.36 -33.27
CA ALA BB 229 -105.40 77.58 -34.39
C ALA BB 229 -105.68 76.29 -35.15
N LYS BB 230 -104.68 75.40 -35.25
CA LYS BB 230 -104.88 74.12 -35.91
C LYS BB 230 -105.42 73.05 -34.98
N ARG BB 231 -105.49 73.30 -33.67
CA ARG BB 231 -106.10 72.36 -32.75
C ARG BB 231 -107.42 72.83 -32.14
N ARG BB 232 -107.71 74.12 -32.14
CA ARG BB 232 -108.95 74.65 -31.57
C ARG BB 232 -109.81 75.37 -32.60
N ARG BB 233 -109.24 76.35 -33.30
CA ARG BB 233 -110.03 77.16 -34.24
C ARG BB 233 -110.43 76.35 -35.46
N LEU BB 234 -109.61 75.37 -35.85
CA LEU BB 234 -109.85 74.55 -37.04
C LEU BB 234 -109.68 73.08 -36.64
N SER BB 235 -110.78 72.35 -36.58
CA SER BB 235 -110.73 70.92 -36.27
C SER BB 235 -111.63 70.10 -37.19
N SER BB 236 -112.12 70.70 -38.29
CA SER BB 236 -112.92 69.99 -39.27
C SER BB 236 -112.52 70.29 -40.70
N LEU BB 237 -111.48 71.09 -40.93
CA LEU BB 237 -110.95 71.32 -42.27
C LEU BB 237 -109.43 71.28 -42.23
N SER CB 1 -127.02 29.56 -55.49
CA SER CB 1 -126.49 28.25 -55.20
C SER CB 1 -126.40 28.00 -53.69
N ALA CB 2 -126.57 26.76 -53.28
CA ALA CB 2 -126.48 26.42 -51.87
C ALA CB 2 -125.03 26.26 -51.44
N LYS CB 3 -124.78 26.47 -50.15
CA LYS CB 3 -123.45 26.39 -49.58
C LYS CB 3 -123.49 25.67 -48.23
N ILE CB 4 -124.27 24.60 -48.15
CA ILE CB 4 -124.36 23.85 -46.89
C ILE CB 4 -123.06 23.10 -46.62
N VAL CB 5 -122.43 22.56 -47.66
CA VAL CB 5 -121.15 21.88 -47.47
C VAL CB 5 -120.06 22.67 -48.17
N LYS CB 6 -119.48 23.65 -47.47
CA LYS CB 6 -118.38 24.47 -47.97
C LYS CB 6 -117.70 25.22 -46.83
N PRO CB 7 -116.93 24.55 -45.98
CA PRO CB 7 -116.15 25.30 -44.99
C PRO CB 7 -114.76 25.64 -45.48
N ASN CB 8 -114.40 26.91 -45.43
CA ASN CB 8 -113.07 27.39 -45.79
C ASN CB 8 -112.92 28.80 -45.23
N GLY CB 9 -111.90 29.53 -45.71
CA GLY CB 9 -111.67 30.88 -45.26
C GLY CB 9 -112.15 31.97 -46.19
N GLU CB 10 -112.39 31.63 -47.45
CA GLU CB 10 -112.80 32.59 -48.47
C GLU CB 10 -114.28 32.41 -48.75
N LYS CB 11 -115.07 33.38 -48.29
CA LYS CB 11 -116.52 33.26 -48.40
C LYS CB 11 -117.05 33.20 -49.84
N PRO CB 12 -116.60 34.02 -50.79
CA PRO CB 12 -117.09 33.86 -52.17
C PRO CB 12 -116.70 32.51 -52.76
N ASP CB 13 -117.54 32.03 -53.67
CA ASP CB 13 -117.36 30.73 -54.32
C ASP CB 13 -117.55 30.86 -55.83
N GLU CB 14 -116.85 31.82 -56.42
CA GLU CB 14 -116.86 32.07 -57.86
C GLU CB 14 -116.51 30.81 -58.66
N PHE CB 15 -117.48 30.31 -59.43
CA PHE CB 15 -117.41 29.11 -60.28
C PHE CB 15 -117.35 27.85 -59.43
N GLU CB 16 -117.17 28.00 -58.13
CA GLU CB 16 -117.36 26.90 -57.19
C GLU CB 16 -118.84 26.62 -56.97
N SER CB 17 -119.70 27.52 -57.44
CA SER CB 17 -121.14 27.35 -57.26
C SER CB 17 -121.65 26.10 -57.95
N GLY CB 18 -121.16 25.79 -59.15
CA GLY CB 18 -121.57 24.56 -59.81
C GLY CB 18 -121.16 23.32 -59.04
N ILE CB 19 -119.93 23.30 -58.51
CA ILE CB 19 -119.45 22.15 -57.75
C ILE CB 19 -120.23 22.02 -56.45
N SER CB 20 -120.55 23.15 -55.81
CA SER CB 20 -121.34 23.10 -54.59
C SER CB 20 -122.76 22.65 -54.87
N GLN CB 21 -123.32 23.00 -56.03
CA GLN CB 21 -124.63 22.51 -56.39
C GLN CB 21 -124.62 21.01 -56.63
N ALA CB 22 -123.57 20.50 -57.29
CA ALA CB 22 -123.44 19.05 -57.45
C ALA CB 22 -123.30 18.35 -56.11
N LEU CB 23 -122.51 18.92 -55.20
CA LEU CB 23 -122.39 18.35 -53.87
C LEU CB 23 -123.70 18.46 -53.08
N LEU CB 24 -124.49 19.50 -53.36
CA LEU CB 24 -125.82 19.61 -52.76
C LEU CB 24 -126.73 18.49 -53.21
N GLU CB 25 -126.83 18.28 -54.52
CA GLU CB 25 -127.68 17.22 -55.06
C GLU CB 25 -127.10 15.84 -54.82
N LEU CB 26 -125.87 15.75 -54.31
CA LEU CB 26 -125.29 14.47 -53.94
C LEU CB 26 -126.08 13.76 -52.84
N GLU CB 27 -126.98 14.45 -52.15
CA GLU CB 27 -127.80 13.88 -51.10
C GLU CB 27 -128.62 12.67 -51.61
N MET CB 28 -129.13 11.89 -50.65
CA MET CB 28 -129.98 10.71 -50.83
C MET CB 28 -129.55 9.84 -52.01
N ASN CB 29 -128.25 9.60 -52.14
CA ASN CB 29 -127.74 8.61 -53.07
C ASN CB 29 -127.84 7.23 -52.43
N SER CB 30 -127.29 6.21 -53.10
CA SER CB 30 -127.46 4.82 -52.68
C SER CB 30 -126.41 4.46 -51.63
N ASP CB 31 -126.67 4.92 -50.40
CA ASP CB 31 -125.87 4.59 -49.22
C ASP CB 31 -124.44 5.14 -49.31
N LEU CB 32 -124.31 6.35 -49.86
CA LEU CB 32 -123.03 7.06 -49.88
C LEU CB 32 -123.02 8.28 -48.96
N LYS CB 33 -124.15 8.98 -48.84
CA LYS CB 33 -124.22 10.10 -47.91
C LYS CB 33 -124.16 9.66 -46.45
N ALA CB 34 -124.49 8.40 -46.17
CA ALA CB 34 -124.40 7.87 -44.81
C ALA CB 34 -122.99 8.00 -44.23
N GLN CB 35 -121.97 7.95 -45.10
CA GLN CB 35 -120.60 8.20 -44.68
C GLN CB 35 -120.06 9.53 -45.19
N LEU CB 36 -120.72 10.16 -46.16
CA LEU CB 36 -120.29 11.49 -46.60
C LEU CB 36 -120.80 12.62 -45.71
N ARG CB 37 -121.72 12.35 -44.79
CA ARG CB 37 -122.33 13.43 -44.01
C ARG CB 37 -121.31 14.16 -43.14
N GLU CB 38 -120.41 13.42 -42.50
CA GLU CB 38 -119.43 14.05 -41.62
C GLU CB 38 -118.33 14.77 -42.39
N LEU CB 39 -118.17 14.48 -43.67
CA LEU CB 39 -117.02 14.94 -44.44
C LEU CB 39 -117.44 16.12 -45.30
N ASN CB 40 -116.70 17.22 -45.20
CA ASN CB 40 -117.02 18.45 -45.89
C ASN CB 40 -115.85 18.86 -46.79
N ILE CB 41 -116.12 19.82 -47.67
CA ILE CB 41 -115.22 20.17 -48.77
C ILE CB 41 -114.71 21.58 -48.59
N THR CB 42 -113.39 21.73 -48.60
CA THR CB 42 -112.79 23.05 -48.48
C THR CB 42 -113.04 23.89 -49.72
N ALA CB 43 -112.79 23.33 -50.90
CA ALA CB 43 -112.96 24.07 -52.17
C ALA CB 43 -112.89 23.06 -53.31
N ALA CB 44 -112.96 23.58 -54.53
CA ALA CB 44 -112.76 22.76 -55.73
C ALA CB 44 -112.48 23.68 -56.91
N LYS CB 45 -112.08 23.06 -58.02
CA LYS CB 45 -111.69 23.81 -59.21
C LYS CB 45 -111.80 22.89 -60.42
N GLU CB 46 -111.95 23.51 -61.59
CA GLU CB 46 -112.03 22.77 -62.85
C GLU CB 46 -111.07 23.41 -63.85
N ILE CB 47 -110.34 22.57 -64.58
CA ILE CB 47 -109.33 23.01 -65.53
C ILE CB 47 -109.38 22.12 -66.77
N GLU CB 48 -108.56 22.45 -67.75
CA GLU CB 48 -108.48 21.74 -69.01
C GLU CB 48 -107.12 21.07 -69.15
N VAL CB 49 -107.12 19.76 -69.40
CA VAL CB 49 -105.91 18.98 -69.53
C VAL CB 49 -105.89 18.30 -70.89
N GLY CB 50 -104.71 18.22 -71.48
CA GLY CB 50 -104.61 17.70 -72.83
C GLY CB 50 -105.31 18.64 -73.80
N GLY CB 51 -106.19 18.09 -74.61
CA GLY CB 51 -106.96 18.89 -75.55
C GLY CB 51 -108.31 19.27 -75.01
N GLY CB 52 -109.35 18.61 -75.51
CA GLY CB 52 -110.70 18.88 -75.07
C GLY CB 52 -111.08 18.26 -73.75
N ARG CB 53 -110.21 17.46 -73.14
CA ARG CB 53 -110.54 16.85 -71.87
C ARG CB 53 -110.39 17.87 -70.74
N LYS CB 54 -111.25 17.72 -69.73
CA LYS CB 54 -111.27 18.60 -68.57
C LYS CB 54 -111.22 17.76 -67.30
N ALA CB 55 -110.79 18.39 -66.22
CA ALA CB 55 -110.63 17.69 -64.96
C ALA CB 55 -111.04 18.59 -63.80
N ILE CB 56 -111.40 17.96 -62.69
CA ILE CB 56 -111.85 18.63 -61.48
C ILE CB 56 -111.01 18.17 -60.31
N ILE CB 57 -110.52 19.14 -59.53
CA ILE CB 57 -109.77 18.88 -58.31
C ILE CB 57 -110.59 19.37 -57.13
N ILE CB 58 -110.60 18.60 -56.05
CA ILE CB 58 -111.40 18.89 -54.88
C ILE CB 58 -110.46 19.08 -53.70
N PHE CB 59 -110.41 20.29 -53.17
CA PHE CB 59 -109.58 20.63 -52.03
C PHE CB 59 -110.32 20.28 -50.75
N VAL CB 60 -109.66 19.51 -49.89
CA VAL CB 60 -110.26 18.80 -48.76
C VAL CB 60 -109.49 19.13 -47.49
N PRO CB 61 -110.14 19.16 -46.32
CA PRO CB 61 -109.38 19.33 -45.07
C PRO CB 61 -108.35 18.24 -44.87
N VAL CB 62 -107.20 18.62 -44.32
CA VAL CB 62 -106.09 17.69 -44.18
C VAL CB 62 -106.41 16.48 -43.30
N PRO CB 63 -106.98 16.64 -42.09
CA PRO CB 63 -107.29 15.45 -41.29
C PRO CB 63 -108.34 14.56 -41.92
N GLN CB 64 -109.18 15.09 -42.80
CA GLN CB 64 -110.21 14.30 -43.44
C GLN CB 64 -109.71 13.58 -44.68
N LEU CB 65 -108.42 13.71 -45.02
CA LEU CB 65 -107.89 13.04 -46.19
C LEU CB 65 -108.00 11.53 -46.05
N LYS CB 66 -107.66 10.99 -44.89
CA LYS CB 66 -107.74 9.55 -44.68
C LYS CB 66 -109.18 9.07 -44.78
N SER CB 67 -110.11 9.81 -44.18
CA SER CB 67 -111.52 9.44 -44.25
C SER CB 67 -112.02 9.47 -45.69
N PHE CB 68 -111.63 10.49 -46.45
CA PHE CB 68 -112.02 10.56 -47.84
C PHE CB 68 -111.41 9.43 -48.65
N GLN CB 69 -110.16 9.09 -48.37
CA GLN CB 69 -109.48 8.05 -49.13
C GLN CB 69 -110.03 6.67 -48.81
N LYS CB 70 -110.59 6.49 -47.62
CA LYS CB 70 -111.14 5.18 -47.26
C LYS CB 70 -112.22 4.75 -48.24
N ILE CB 71 -113.10 5.67 -48.62
CA ILE CB 71 -114.24 5.40 -49.48
C ILE CB 71 -114.12 6.17 -50.80
N GLN CB 72 -112.92 6.66 -51.11
CA GLN CB 72 -112.74 7.49 -52.29
C GLN CB 72 -113.06 6.73 -53.57
N VAL CB 73 -112.47 5.55 -53.74
CA VAL CB 73 -112.64 4.80 -54.97
C VAL CB 73 -114.09 4.37 -55.16
N ARG CB 74 -114.84 4.24 -54.07
CA ARG CB 74 -116.27 3.92 -54.19
C ARG CB 74 -117.02 5.07 -54.85
N LEU CB 75 -116.77 6.30 -54.41
CA LEU CB 75 -117.59 7.43 -54.82
C LEU CB 75 -117.05 8.20 -56.02
N VAL CB 76 -115.85 7.85 -56.52
CA VAL CB 76 -115.37 8.52 -57.71
C VAL CB 76 -116.24 8.16 -58.91
N ARG CB 77 -116.80 6.95 -58.95
CA ARG CB 77 -117.70 6.62 -60.05
C ARG CB 77 -119.01 7.39 -59.96
N GLU CB 78 -119.51 7.63 -58.75
CA GLU CB 78 -120.69 8.48 -58.61
C GLU CB 78 -120.38 9.92 -58.98
N LEU CB 79 -119.17 10.39 -58.65
CA LEU CB 79 -118.75 11.71 -59.08
C LEU CB 79 -118.68 11.80 -60.59
N GLU CB 80 -118.21 10.74 -61.24
CA GLU CB 80 -118.22 10.69 -62.70
C GLU CB 80 -119.63 10.68 -63.26
N LYS CB 81 -120.52 9.89 -62.65
CA LYS CB 81 -121.88 9.80 -63.16
C LYS CB 81 -122.64 11.11 -62.94
N LYS CB 82 -122.23 11.91 -61.95
CA LYS CB 82 -122.70 13.28 -61.87
C LYS CB 82 -122.04 14.14 -62.96
N PHE CB 83 -120.75 13.97 -63.17
CA PHE CB 83 -119.98 14.76 -64.12
C PHE CB 83 -119.39 13.82 -65.15
N SER CB 84 -120.19 13.49 -66.17
CA SER CB 84 -119.71 12.71 -67.29
C SER CB 84 -118.69 13.51 -68.09
N GLY CB 85 -117.66 12.81 -68.56
CA GLY CB 85 -116.60 13.44 -69.32
C GLY CB 85 -115.57 14.17 -68.50
N LYS CB 86 -115.58 14.02 -67.18
CA LYS CB 86 -114.63 14.69 -66.30
C LYS CB 86 -113.74 13.65 -65.64
N HIS CB 87 -112.82 14.14 -64.81
CA HIS CB 87 -111.91 13.31 -64.05
C HIS CB 87 -111.75 13.92 -62.66
N VAL CB 88 -112.10 13.15 -61.64
CA VAL CB 88 -112.16 13.65 -60.27
C VAL CB 88 -110.84 13.35 -59.57
N VAL CB 89 -110.31 14.33 -58.86
CA VAL CB 89 -109.11 14.13 -58.04
C VAL CB 89 -109.35 14.77 -56.68
N PHE CB 90 -108.97 14.09 -55.61
CA PHE CB 90 -109.11 14.58 -54.24
C PHE CB 90 -107.74 14.97 -53.72
N ILE CB 91 -107.60 16.23 -53.30
CA ILE CB 91 -106.34 16.77 -52.79
C ILE CB 91 -106.62 17.53 -51.52
N ALA CB 92 -105.77 17.35 -50.51
CA ALA CB 92 -105.82 18.15 -49.30
C ALA CB 92 -104.87 19.33 -49.46
N GLN CB 93 -105.37 20.54 -49.16
CA GLN CB 93 -104.55 21.74 -49.27
C GLN CB 93 -103.65 21.88 -48.04
N ARG CB 94 -102.37 22.18 -48.29
CA ARG CB 94 -101.36 22.05 -47.25
C ARG CB 94 -100.78 23.38 -46.78
N ARG CB 95 -101.25 24.51 -47.30
CA ARG CB 95 -100.95 25.86 -46.82
C ARG CB 95 -99.47 26.07 -46.54
N ILE CB 96 -98.65 26.08 -47.58
CA ILE CB 96 -97.20 26.28 -47.50
C ILE CB 96 -96.87 27.50 -46.65
N LEU CB 97 -96.05 27.31 -45.62
CA LEU CB 97 -95.50 28.42 -44.87
C LEU CB 97 -94.23 28.92 -45.57
N PRO CB 98 -94.09 30.22 -45.79
CA PRO CB 98 -92.92 30.72 -46.52
C PRO CB 98 -91.64 30.53 -45.73
N LYS CB 99 -90.54 30.43 -46.45
CA LYS CB 99 -89.24 30.30 -45.82
C LYS CB 99 -88.88 31.60 -45.11
N PRO CB 100 -88.64 31.59 -43.81
CA PRO CB 100 -88.30 32.83 -43.11
C PRO CB 100 -86.95 33.38 -43.54
N THR CB 101 -86.83 34.69 -43.49
CA THR CB 101 -85.66 35.41 -43.99
C THR CB 101 -85.17 36.39 -42.92
N ARG CB 102 -84.02 37.02 -43.19
CA ARG CB 102 -83.49 38.02 -42.27
C ARG CB 102 -84.42 39.23 -42.16
N LYS CB 103 -85.04 39.64 -43.27
CA LYS CB 103 -85.97 40.75 -43.24
C LYS CB 103 -87.37 40.28 -42.89
N LYS CB 107 -94.34 41.48 -32.73
CA LYS CB 107 -93.71 40.64 -33.73
C LYS CB 107 -93.07 39.41 -33.10
N ASN CB 108 -93.67 38.24 -33.32
CA ASN CB 108 -93.09 36.97 -32.91
C ASN CB 108 -93.80 35.83 -33.64
N LYS CB 109 -93.00 34.89 -34.16
CA LYS CB 109 -93.53 33.80 -34.96
C LYS CB 109 -93.10 32.44 -34.39
N GLN CB 110 -93.33 31.37 -35.15
CA GLN CB 110 -92.97 30.03 -34.70
C GLN CB 110 -92.16 29.33 -35.77
N LYS CB 111 -91.25 28.45 -35.32
CA LYS CB 111 -90.42 27.69 -36.24
C LYS CB 111 -91.28 26.77 -37.10
N ARG CB 112 -91.00 26.78 -38.40
CA ARG CB 112 -91.87 26.07 -39.33
C ARG CB 112 -91.74 24.57 -39.17
N PRO CB 113 -92.85 23.85 -38.94
CA PRO CB 113 -92.78 22.40 -38.94
C PRO CB 113 -92.42 21.88 -40.31
N ARG CB 114 -91.73 20.74 -40.34
CA ARG CB 114 -91.26 20.22 -41.62
C ARG CB 114 -92.40 19.69 -42.48
N SER CB 115 -93.56 19.41 -41.90
CA SER CB 115 -94.72 18.99 -42.69
C SER CB 115 -95.24 20.10 -43.59
N ARG CB 116 -94.83 21.35 -43.38
CA ARG CB 116 -95.35 22.47 -44.14
C ARG CB 116 -94.32 23.04 -45.11
N THR CB 117 -93.17 22.39 -45.26
CA THR CB 117 -92.17 22.86 -46.19
C THR CB 117 -92.58 22.53 -47.63
N LEU CB 118 -92.05 23.33 -48.56
CA LEU CB 118 -92.43 23.21 -49.97
C LEU CB 118 -92.05 21.86 -50.53
N THR CB 119 -90.87 21.35 -50.17
CA THR CB 119 -90.44 20.06 -50.68
C THR CB 119 -91.33 18.95 -50.14
N ALA CB 120 -91.58 18.95 -48.84
CA ALA CB 120 -92.32 17.85 -48.23
C ALA CB 120 -93.81 17.90 -48.55
N VAL CB 121 -94.29 18.97 -49.16
CA VAL CB 121 -95.70 19.10 -49.50
C VAL CB 121 -95.95 18.73 -50.96
N HIS CB 122 -95.01 19.05 -51.83
CA HIS CB 122 -95.18 18.73 -53.24
C HIS CB 122 -95.30 17.23 -53.46
N ASP CB 123 -94.45 16.45 -52.81
CA ASP CB 123 -94.54 15.01 -52.96
C ASP CB 123 -95.73 14.40 -52.22
N ALA CB 124 -96.19 15.04 -51.14
CA ALA CB 124 -97.38 14.55 -50.45
C ALA CB 124 -98.64 14.76 -51.31
N ILE CB 125 -98.79 15.96 -51.88
CA ILE CB 125 -99.90 16.22 -52.77
C ILE CB 125 -99.77 15.38 -54.05
N LEU CB 126 -98.54 15.10 -54.48
CA LEU CB 126 -98.33 14.14 -55.55
C LEU CB 126 -98.85 12.76 -55.18
N GLU CB 127 -98.60 12.33 -53.94
CA GLU CB 127 -99.04 11.00 -53.51
C GLU CB 127 -100.56 10.90 -53.50
N ASP CB 128 -101.23 11.83 -52.83
CA ASP CB 128 -102.67 11.69 -52.78
C ASP CB 128 -103.33 12.08 -54.09
N LEU CB 129 -102.58 12.69 -55.01
CA LEU CB 129 -103.06 12.84 -56.38
C LEU CB 129 -103.25 11.50 -57.05
N VAL CB 130 -102.30 10.58 -56.86
CA VAL CB 130 -102.33 9.28 -57.49
C VAL CB 130 -102.78 8.21 -56.51
N PHE CB 131 -103.46 8.60 -55.43
CA PHE CB 131 -103.88 7.74 -54.32
C PHE CB 131 -104.28 6.30 -54.66
N PRO CB 132 -105.07 6.01 -55.72
CA PRO CB 132 -105.40 4.59 -55.96
C PRO CB 132 -104.18 3.70 -56.11
N SER CB 133 -103.14 4.19 -56.78
CA SER CB 133 -101.83 3.58 -56.79
C SER CB 133 -100.93 4.33 -55.81
N GLU CB 134 -99.65 3.98 -55.80
CA GLU CB 134 -98.70 4.70 -54.97
C GLU CB 134 -97.32 4.61 -55.59
N ILE CB 135 -96.48 5.56 -55.23
CA ILE CB 135 -95.21 5.76 -55.92
C ILE CB 135 -94.19 4.75 -55.42
N VAL CB 136 -93.49 4.11 -56.37
CA VAL CB 136 -92.45 3.16 -56.05
C VAL CB 136 -91.07 3.65 -56.49
N GLY CB 137 -90.98 4.84 -57.07
CA GLY CB 137 -89.69 5.38 -57.46
C GLY CB 137 -89.86 6.73 -58.14
N LYS CB 138 -88.77 7.50 -58.11
CA LYS CB 138 -88.79 8.83 -58.69
C LYS CB 138 -87.47 9.10 -59.40
N ARG CB 139 -87.55 9.81 -60.52
CA ARG CB 139 -86.39 10.32 -61.24
C ARG CB 139 -86.64 11.78 -61.55
N ILE CB 140 -85.55 12.55 -61.67
CA ILE CB 140 -85.62 13.96 -62.03
C ILE CB 140 -84.69 14.16 -63.22
N ARG CB 141 -85.25 14.38 -64.40
CA ARG CB 141 -84.49 14.48 -65.62
C ARG CB 141 -84.24 15.94 -65.96
N VAL CB 142 -82.97 16.30 -66.14
CA VAL CB 142 -82.56 17.65 -66.47
C VAL CB 142 -82.36 17.73 -67.98
N LYS CB 143 -83.16 18.55 -68.65
CA LYS CB 143 -83.19 18.57 -70.11
C LYS CB 143 -82.24 19.61 -70.70
N LEU CB 144 -80.98 19.58 -70.25
CA LEU CB 144 -79.86 20.32 -70.82
C LEU CB 144 -80.03 21.83 -70.79
N ASP CB 145 -81.05 22.34 -70.11
CA ASP CB 145 -81.16 23.79 -69.93
C ASP CB 145 -81.62 24.13 -68.52
N GLY CB 146 -81.45 23.22 -67.56
CA GLY CB 146 -81.86 23.44 -66.20
C GLY CB 146 -83.29 23.02 -65.90
N SER CB 147 -84.14 22.94 -66.92
CA SER CB 147 -85.51 22.48 -66.70
C SER CB 147 -85.49 21.01 -66.31
N ARG CB 148 -86.33 20.65 -65.35
CA ARG CB 148 -86.36 19.32 -64.80
C ARG CB 148 -87.78 18.78 -64.91
N LEU CB 149 -87.92 17.56 -65.42
CA LEU CB 149 -89.19 16.87 -65.41
C LEU CB 149 -89.12 15.69 -64.45
N ILE CB 150 -90.23 15.39 -63.81
CA ILE CB 150 -90.28 14.34 -62.80
C ILE CB 150 -90.83 13.08 -63.44
N LYS CB 151 -90.01 12.05 -63.52
CA LYS CB 151 -90.47 10.73 -63.92
C LYS CB 151 -90.90 9.99 -62.66
N VAL CB 152 -92.13 9.50 -62.65
CA VAL CB 152 -92.71 8.87 -61.46
C VAL CB 152 -93.08 7.43 -61.79
N HIS CB 153 -92.46 6.49 -61.08
CA HIS CB 153 -92.80 5.08 -61.18
C HIS CB 153 -93.98 4.80 -60.27
N LEU CB 154 -95.01 4.15 -60.80
CA LEU CB 154 -96.22 3.91 -60.03
C LEU CB 154 -96.29 2.46 -59.60
N ASP CB 155 -97.44 2.08 -59.01
CA ASP CB 155 -97.58 0.75 -58.42
C ASP CB 155 -97.48 -0.34 -59.47
N LYS CB 156 -98.27 -0.24 -60.55
CA LYS CB 156 -98.43 -1.23 -61.60
C LYS CB 156 -99.11 -2.49 -61.09
N ALA CB 157 -99.37 -2.61 -59.79
CA ALA CB 157 -100.13 -3.74 -59.29
C ALA CB 157 -101.56 -3.72 -59.80
N GLN CB 158 -102.06 -2.56 -60.19
CA GLN CB 158 -103.38 -2.42 -60.76
C GLN CB 158 -103.31 -1.57 -62.02
N GLN CB 159 -103.95 -2.04 -63.09
CA GLN CB 159 -104.00 -1.35 -64.36
C GLN CB 159 -105.44 -1.10 -64.77
N ASN CB 160 -106.25 -0.65 -63.81
CA ASN CB 160 -107.69 -0.58 -64.00
C ASN CB 160 -108.14 0.77 -64.57
N ASN CB 161 -107.93 1.85 -63.83
CA ASN CB 161 -108.46 3.16 -64.15
C ASN CB 161 -107.41 4.22 -63.93
N VAL CB 162 -106.15 3.91 -64.24
CA VAL CB 162 -105.06 4.82 -63.98
C VAL CB 162 -104.42 5.35 -65.26
N GLU CB 163 -104.43 4.56 -66.33
CA GLU CB 163 -103.75 4.96 -67.57
C GLU CB 163 -104.39 6.19 -68.19
N HIS CB 164 -105.73 6.24 -68.20
CA HIS CB 164 -106.42 7.44 -68.66
C HIS CB 164 -106.27 8.60 -67.70
N LYS CB 165 -105.87 8.34 -66.46
CA LYS CB 165 -105.67 9.37 -65.46
C LYS CB 165 -104.26 9.93 -65.47
N VAL CB 166 -103.34 9.35 -66.23
CA VAL CB 166 -101.98 9.86 -66.27
C VAL CB 166 -101.95 11.27 -66.84
N GLU CB 167 -102.69 11.50 -67.92
CA GLU CB 167 -102.69 12.80 -68.56
C GLU CB 167 -103.26 13.89 -67.65
N THR CB 168 -104.39 13.59 -67.00
CA THR CB 168 -104.93 14.59 -66.09
C THR CB 168 -104.01 14.81 -64.89
N PHE CB 169 -103.32 13.77 -64.43
CA PHE CB 169 -102.38 13.97 -63.33
C PHE CB 169 -101.26 14.91 -63.73
N SER CB 170 -100.69 14.70 -64.92
CA SER CB 170 -99.62 15.59 -65.38
C SER CB 170 -100.12 17.01 -65.54
N GLY CB 171 -101.31 17.18 -66.11
CA GLY CB 171 -101.85 18.52 -66.30
C GLY CB 171 -102.10 19.24 -64.99
N VAL CB 172 -102.72 18.55 -64.02
CA VAL CB 172 -103.04 19.21 -62.76
C VAL CB 172 -101.78 19.50 -61.97
N TYR CB 173 -100.78 18.61 -62.01
CA TYR CB 173 -99.55 18.88 -61.29
C TYR CB 173 -98.80 20.06 -61.91
N LYS CB 174 -98.73 20.12 -63.23
CA LYS CB 174 -98.07 21.26 -63.86
C LYS CB 174 -98.81 22.55 -63.59
N LYS CB 175 -100.14 22.49 -63.51
CA LYS CB 175 -100.89 23.71 -63.17
C LYS CB 175 -100.62 24.14 -61.74
N LEU CB 176 -100.73 23.22 -60.78
CA LEU CB 176 -100.71 23.61 -59.37
C LEU CB 176 -99.30 23.96 -58.91
N THR CB 177 -98.29 23.23 -59.36
CA THR CB 177 -96.93 23.41 -58.87
C THR CB 177 -95.98 24.00 -59.90
N GLY CB 178 -96.37 24.07 -61.17
CA GLY CB 178 -95.45 24.59 -62.17
C GLY CB 178 -94.35 23.63 -62.56
N LYS CB 179 -94.54 22.33 -62.35
CA LYS CB 179 -93.55 21.33 -62.66
C LYS CB 179 -94.12 20.31 -63.64
N ASP CB 180 -93.36 19.97 -64.67
CA ASP CB 180 -93.79 18.95 -65.62
C ASP CB 180 -93.41 17.55 -65.12
N VAL CB 181 -94.36 16.63 -65.24
CA VAL CB 181 -94.25 15.31 -64.66
C VAL CB 181 -94.81 14.29 -65.65
N ASN CB 182 -94.13 13.16 -65.76
CA ASN CB 182 -94.63 12.03 -66.52
C ASN CB 182 -94.65 10.81 -65.62
N PHE CB 183 -95.74 10.05 -65.73
CA PHE CB 183 -95.94 8.85 -64.92
C PHE CB 183 -95.75 7.61 -65.78
N GLU CB 184 -95.26 6.55 -65.17
CA GLU CB 184 -95.02 5.32 -65.89
C GLU CB 184 -95.26 4.14 -64.96
N PHE CB 185 -95.43 2.97 -65.58
CA PHE CB 185 -95.64 1.71 -64.89
C PHE CB 185 -94.44 0.81 -65.18
N PRO CB 186 -93.47 0.76 -64.28
CA PRO CB 186 -92.27 -0.04 -64.53
C PRO CB 186 -92.54 -1.53 -64.35
N GLU CB 187 -91.49 -2.32 -64.53
CA GLU CB 187 -91.57 -3.73 -64.21
C GLU CB 187 -91.46 -3.93 -62.69
N PHE CB 188 -91.46 -5.18 -62.27
CA PHE CB 188 -91.44 -5.50 -60.85
C PHE CB 188 -90.05 -5.23 -60.26
N GLN CB 189 -89.89 -5.62 -59.00
CA GLN CB 189 -88.63 -5.40 -58.28
C GLN CB 189 -88.18 -6.67 -57.57
N GLY DB 1 -41.50 61.02 -5.96
CA GLY DB 1 -41.78 60.54 -4.61
C GLY DB 1 -42.95 59.59 -4.58
N ILE DB 2 -44.01 59.99 -3.88
CA ILE DB 2 -45.24 59.22 -3.88
C ILE DB 2 -45.77 59.19 -5.30
N SER DB 3 -46.21 58.02 -5.75
CA SER DB 3 -46.66 57.87 -7.12
C SER DB 3 -47.92 57.02 -7.16
N ARG DB 4 -48.86 57.44 -8.00
CA ARG DB 4 -50.08 56.69 -8.28
C ARG DB 4 -50.00 55.95 -9.60
N ASP DB 5 -48.80 55.58 -10.02
CA ASP DB 5 -48.59 54.91 -11.28
C ASP DB 5 -49.25 53.53 -11.29
N ASN DB 6 -49.58 53.06 -12.48
CA ASN DB 6 -50.14 51.73 -12.63
C ASN DB 6 -49.11 50.70 -13.06
N TRP DB 7 -48.04 51.12 -13.73
CA TRP DB 7 -47.07 50.18 -14.26
C TRP DB 7 -46.26 49.48 -13.17
N HIS DB 8 -46.30 49.96 -11.94
CA HIS DB 8 -45.60 49.25 -10.87
C HIS DB 8 -46.37 48.03 -10.38
N LYS DB 9 -47.63 47.89 -10.75
CA LYS DB 9 -48.42 46.73 -10.35
C LYS DB 9 -48.11 45.52 -11.22
N ARG DB 10 -48.58 44.36 -10.78
CA ARG DB 10 -48.57 43.19 -11.64
C ARG DB 10 -49.63 43.33 -12.71
N ARG DB 11 -49.51 42.50 -13.75
CA ARG DB 11 -50.55 42.44 -14.77
C ARG DB 11 -51.72 41.60 -14.25
N LYS DB 12 -52.79 41.55 -15.03
CA LYS DB 12 -53.94 40.73 -14.63
C LYS DB 12 -53.58 39.26 -14.57
N THR DB 13 -52.78 38.80 -15.53
CA THR DB 13 -52.34 37.40 -15.55
C THR DB 13 -51.46 37.06 -14.35
N GLY DB 14 -50.87 38.06 -13.70
CA GLY DB 14 -49.97 37.84 -12.59
C GLY DB 14 -48.52 38.12 -12.89
N GLY DB 15 -48.18 38.49 -14.12
CA GLY DB 15 -46.81 38.75 -14.47
C GLY DB 15 -46.31 40.06 -13.91
N LYS DB 16 -45.00 40.23 -14.00
CA LYS DB 16 -44.34 41.47 -13.59
C LYS DB 16 -44.10 42.32 -14.82
N ARG DB 17 -44.34 43.62 -14.68
CA ARG DB 17 -44.21 44.56 -15.79
C ARG DB 17 -42.99 45.44 -15.56
N LYS DB 18 -41.94 45.21 -16.33
CA LYS DB 18 -40.79 46.09 -16.31
C LYS DB 18 -41.18 47.44 -16.90
N PRO DB 19 -40.94 48.54 -16.20
CA PRO DB 19 -41.38 49.85 -16.70
C PRO DB 19 -40.45 50.39 -17.77
N TYR DB 20 -41.06 51.00 -18.79
CA TYR DB 20 -40.31 51.61 -19.89
C TYR DB 20 -39.95 53.06 -19.62
N HIS DB 21 -40.47 53.64 -18.55
CA HIS DB 21 -40.20 55.03 -18.22
C HIS DB 21 -40.12 55.17 -16.71
N LYS DB 22 -39.24 56.05 -16.25
CA LYS DB 22 -39.13 56.30 -14.83
C LYS DB 22 -40.35 57.09 -14.36
N LYS DB 23 -40.36 57.43 -13.07
CA LYS DB 23 -41.51 58.14 -12.51
C LYS DB 23 -41.68 59.50 -13.17
N ARG DB 24 -42.93 59.86 -13.44
CA ARG DB 24 -43.26 61.12 -14.05
C ARG DB 24 -43.92 62.04 -13.03
N LYS DB 25 -43.85 63.34 -13.29
CA LYS DB 25 -44.37 64.32 -12.34
C LYS DB 25 -45.88 64.21 -12.23
N TYR DB 26 -46.59 64.19 -13.35
CA TYR DB 26 -48.05 64.20 -13.30
C TYR DB 26 -48.61 62.95 -12.65
N GLU DB 27 -47.81 61.90 -12.53
CA GLU DB 27 -48.22 60.65 -11.88
C GLU DB 27 -47.78 60.62 -10.43
N LEU DB 28 -48.06 61.66 -9.65
CA LEU DB 28 -47.56 61.72 -8.28
C LEU DB 28 -48.68 61.57 -7.28
N GLY DB 29 -48.30 61.52 -6.00
CA GLY DB 29 -49.24 61.63 -4.91
C GLY DB 29 -48.65 62.53 -3.84
N ARG DB 30 -49.50 62.94 -2.93
CA ARG DB 30 -49.12 63.88 -1.88
C ARG DB 30 -49.49 63.29 -0.53
N PRO DB 31 -48.83 63.74 0.54
CA PRO DB 31 -49.17 63.22 1.88
C PRO DB 31 -50.60 63.54 2.25
N ALA DB 32 -51.21 62.62 2.99
CA ALA DB 32 -52.62 62.73 3.34
C ALA DB 32 -52.88 63.94 4.24
N ALA DB 33 -54.16 64.33 4.30
CA ALA DB 33 -54.54 65.49 5.10
C ALA DB 33 -54.42 65.20 6.59
N ASN DB 34 -54.96 64.07 7.02
CA ASN DB 34 -55.13 63.74 8.44
C ASN DB 34 -55.88 64.86 9.16
N THR DB 35 -57.09 65.13 8.70
CA THR DB 35 -57.92 66.16 9.33
C THR DB 35 -58.23 65.76 10.76
N LYS DB 36 -58.12 66.70 11.68
CA LYS DB 36 -58.35 66.45 13.10
C LYS DB 36 -59.27 67.51 13.66
N ILE DB 37 -59.75 67.26 14.87
CA ILE DB 37 -60.62 68.21 15.56
C ILE DB 37 -59.75 69.16 16.37
N GLY DB 38 -59.85 70.45 16.07
CA GLY DB 38 -59.06 71.45 16.76
C GLY DB 38 -59.18 72.83 16.14
N PRO DB 39 -58.30 73.74 16.54
CA PRO DB 39 -58.31 75.09 15.97
C PRO DB 39 -58.11 75.05 14.46
N ARG DB 40 -58.71 76.02 13.78
CA ARG DB 40 -58.73 76.02 12.32
C ARG DB 40 -57.34 76.22 11.75
N ARG DB 41 -56.91 75.29 10.89
CA ARG DB 41 -55.67 75.44 10.15
C ARG DB 41 -55.78 74.70 8.82
N ILE DB 42 -55.46 75.41 7.73
CA ILE DB 42 -55.53 74.87 6.39
C ILE DB 42 -54.24 75.24 5.66
N HIS DB 43 -53.63 74.28 4.99
CA HIS DB 43 -52.43 74.51 4.21
C HIS DB 43 -52.79 74.51 2.73
N THR DB 44 -52.17 75.42 1.99
CA THR DB 44 -52.45 75.62 0.57
C THR DB 44 -51.44 74.86 -0.26
N VAL DB 45 -51.92 74.07 -1.23
CA VAL DB 45 -51.03 73.30 -2.09
C VAL DB 45 -51.34 73.62 -3.55
N ARG DB 46 -50.32 74.08 -4.27
CA ARG DB 46 -50.44 74.22 -5.72
C ARG DB 46 -50.49 72.85 -6.37
N VAL DB 47 -51.33 72.71 -7.40
CA VAL DB 47 -51.55 71.41 -8.04
C VAL DB 47 -51.37 71.55 -9.54
N ARG DB 48 -51.64 70.44 -10.23
CA ARG DB 48 -51.53 70.38 -11.69
C ARG DB 48 -52.47 71.40 -12.33
N GLY DB 49 -51.94 72.16 -13.27
CA GLY DB 49 -52.68 73.24 -13.87
C GLY DB 49 -52.60 74.54 -13.14
N GLY DB 50 -51.83 74.61 -12.05
CA GLY DB 50 -51.66 75.85 -11.33
C GLY DB 50 -52.79 76.24 -10.42
N ASN DB 51 -53.69 75.32 -10.09
CA ASN DB 51 -54.77 75.61 -9.17
C ASN DB 51 -54.33 75.34 -7.74
N LYS DB 52 -55.23 75.54 -6.79
CA LYS DB 52 -54.92 75.37 -5.38
C LYS DB 52 -55.86 74.37 -4.75
N LYS DB 53 -55.30 73.50 -3.92
CA LYS DB 53 -56.04 72.60 -3.07
C LYS DB 53 -55.91 73.04 -1.61
N TYR DB 54 -57.01 72.89 -0.89
CA TYR DB 54 -57.10 73.31 0.51
C TYR DB 54 -57.00 72.06 1.38
N ARG DB 55 -55.78 71.77 1.84
CA ARG DB 55 -55.55 70.64 2.72
C ARG DB 55 -55.90 71.08 4.14
N ALA DB 56 -57.06 70.67 4.63
CA ALA DB 56 -57.56 71.11 5.92
C ALA DB 56 -56.97 70.23 7.01
N LEU DB 57 -55.99 70.76 7.74
CA LEU DB 57 -55.32 69.93 8.75
C LEU DB 57 -56.19 69.75 9.97
N ARG DB 58 -56.81 70.82 10.45
CA ARG DB 58 -57.65 70.75 11.63
C ARG DB 58 -58.87 71.64 11.42
N LEU DB 59 -60.03 71.12 11.77
CA LEU DB 59 -61.29 71.82 11.57
C LEU DB 59 -62.11 71.75 12.84
N ASP DB 60 -62.89 72.80 13.08
CA ASP DB 60 -63.75 72.87 14.25
C ASP DB 60 -65.16 73.30 13.95
N VAL DB 61 -65.41 73.93 12.81
CA VAL DB 61 -66.73 74.44 12.44
C VAL DB 61 -67.16 73.76 11.16
N GLY DB 62 -68.40 73.32 11.12
CA GLY DB 62 -68.92 72.60 9.96
C GLY DB 62 -70.25 73.17 9.51
N ASN DB 63 -70.39 73.29 8.20
CA ASN DB 63 -71.66 73.69 7.60
C ASN DB 63 -72.48 72.43 7.37
N PHE DB 64 -73.46 72.22 8.23
CA PHE DB 64 -74.28 71.03 8.12
C PHE DB 64 -75.73 71.41 7.84
N SER DB 65 -76.38 70.55 7.07
CA SER DB 65 -77.75 70.75 6.64
C SER DB 65 -78.63 69.67 7.25
N TRP DB 66 -79.75 70.12 7.84
CA TRP DB 66 -80.79 69.19 8.27
C TRP DB 66 -81.38 68.45 7.09
N GLY DB 67 -81.62 69.15 5.99
CA GLY DB 67 -82.17 68.54 4.80
C GLY DB 67 -83.68 68.43 4.84
N SER DB 68 -84.19 67.62 5.78
CA SER DB 68 -85.64 67.43 5.89
C SER DB 68 -86.35 68.73 6.21
N GLU DB 69 -85.68 69.64 6.91
CA GLU DB 69 -86.23 70.96 7.20
C GLU DB 69 -85.58 72.05 6.36
N CYS DB 70 -84.61 71.71 5.51
CA CYS DB 70 -83.84 72.67 4.72
C CYS DB 70 -83.17 73.71 5.63
N CYS DB 71 -82.74 73.26 6.79
CA CYS DB 71 -82.16 74.12 7.82
C CYS DB 71 -80.66 73.85 7.88
N THR DB 72 -79.87 74.75 7.32
CA THR DB 72 -78.43 74.60 7.23
C THR DB 72 -77.78 75.65 8.12
N ARG DB 73 -77.06 75.19 9.14
CA ARG DB 73 -76.46 76.11 10.10
C ARG DB 73 -75.02 75.70 10.38
N LYS DB 74 -74.14 76.69 10.50
CA LYS DB 74 -72.72 76.45 10.67
C LYS DB 74 -72.44 76.20 12.14
N THR DB 75 -72.45 74.93 12.52
CA THR DB 75 -72.25 74.57 13.91
C THR DB 75 -70.77 74.23 14.13
N ARG DB 76 -70.47 73.63 15.28
CA ARG DB 76 -69.12 73.21 15.61
C ARG DB 76 -69.08 71.70 15.78
N ILE DB 77 -67.97 71.11 15.37
CA ILE DB 77 -67.81 69.65 15.47
C ILE DB 77 -67.31 69.32 16.86
N ILE DB 78 -67.96 68.35 17.51
CA ILE DB 78 -67.57 67.95 18.85
C ILE DB 78 -66.53 66.84 18.76
N ASP DB 79 -66.92 65.69 18.24
CA ASP DB 79 -66.04 64.53 18.23
C ASP DB 79 -66.61 63.49 17.28
N VAL DB 80 -65.72 62.68 16.71
CA VAL DB 80 -66.11 61.62 15.79
C VAL DB 80 -66.55 60.40 16.58
N VAL DB 81 -67.66 59.79 16.18
CA VAL DB 81 -68.18 58.62 16.88
C VAL DB 81 -68.32 57.41 15.99
N TYR DB 82 -68.04 57.50 14.69
CA TYR DB 82 -68.09 56.34 13.82
C TYR DB 82 -67.30 56.60 12.56
N ASN DB 83 -66.53 55.59 12.15
CA ASN DB 83 -65.86 55.56 10.85
C ASN DB 83 -65.99 54.15 10.31
N ALA DB 84 -66.64 54.02 9.15
CA ALA DB 84 -66.85 52.68 8.59
C ALA DB 84 -65.55 52.06 8.12
N SER DB 85 -64.61 52.89 7.66
CA SER DB 85 -63.38 52.34 7.08
C SER DB 85 -62.49 51.73 8.16
N ASN DB 86 -62.28 52.42 9.27
CA ASN DB 86 -61.35 51.95 10.28
C ASN DB 86 -61.68 52.60 11.62
N ASN DB 87 -61.78 51.77 12.67
CA ASN DB 87 -62.06 52.28 14.01
C ASN DB 87 -60.87 53.02 14.61
N GLU DB 88 -59.65 52.72 14.17
CA GLU DB 88 -58.52 53.55 14.61
C GLU DB 88 -58.67 54.98 14.14
N LEU DB 89 -59.32 55.20 12.99
CA LEU DB 89 -59.58 56.55 12.54
C LEU DB 89 -60.53 57.29 13.47
N VAL DB 90 -61.58 56.63 13.94
CA VAL DB 90 -62.50 57.31 14.85
C VAL DB 90 -61.86 57.48 16.23
N ARG DB 91 -61.00 56.55 16.64
CA ARG DB 91 -60.32 56.75 17.92
C ARG DB 91 -59.31 57.88 17.84
N THR DB 92 -58.73 58.12 16.66
CA THR DB 92 -57.87 59.27 16.47
C THR DB 92 -58.64 60.53 16.11
N LYS DB 93 -59.96 60.43 15.92
CA LYS DB 93 -60.85 61.56 15.71
C LYS DB 93 -60.45 62.35 14.46
N THR DB 94 -60.59 61.68 13.32
CA THR DB 94 -60.24 62.25 12.03
C THR DB 94 -61.51 62.67 11.28
N LEU DB 95 -61.32 63.44 10.21
CA LEU DB 95 -62.42 63.91 9.38
C LEU DB 95 -62.20 63.47 7.93
N VAL DB 96 -63.00 62.52 7.47
CA VAL DB 96 -62.93 62.03 6.10
C VAL DB 96 -64.30 62.23 5.46
N LYS DB 97 -64.43 61.85 4.19
CA LYS DB 97 -65.65 62.16 3.44
C LYS DB 97 -66.86 61.48 4.03
N ASN DB 98 -66.73 60.21 4.42
CA ASN DB 98 -67.85 59.43 4.94
C ASN DB 98 -67.54 59.02 6.37
N CYS DB 99 -67.80 59.90 7.32
CA CYS DB 99 -67.67 59.58 8.72
C CYS DB 99 -68.69 60.36 9.51
N ILE DB 100 -69.01 59.83 10.69
CA ILE DB 100 -70.09 60.35 11.53
C ILE DB 100 -69.48 61.01 12.75
N VAL DB 101 -69.87 62.27 12.96
CA VAL DB 101 -69.39 63.06 14.07
C VAL DB 101 -70.59 63.60 14.83
N LEU DB 102 -70.30 64.29 15.92
CA LEU DB 102 -71.30 65.03 16.67
C LEU DB 102 -71.13 66.52 16.40
N ILE DB 103 -72.24 67.25 16.48
CA ILE DB 103 -72.24 68.69 16.27
C ILE DB 103 -73.15 69.35 17.29
N ASP DB 104 -73.00 70.67 17.37
CA ASP DB 104 -73.80 71.48 18.29
C ASP DB 104 -75.22 71.58 17.78
N SER DB 105 -76.17 71.13 18.59
CA SER DB 105 -77.59 71.22 18.24
C SER DB 105 -78.15 72.61 18.45
N THR DB 106 -77.38 73.49 19.07
CA THR DB 106 -77.90 74.80 19.47
C THR DB 106 -78.34 75.68 18.30
N PRO DB 107 -77.52 75.91 17.25
CA PRO DB 107 -77.99 76.77 16.15
C PRO DB 107 -79.21 76.24 15.45
N TYR DB 108 -79.36 74.91 15.39
CA TYR DB 108 -80.59 74.33 14.86
C TYR DB 108 -81.77 74.53 15.79
N ARG DB 109 -81.55 74.44 17.10
CA ARG DB 109 -82.65 74.57 18.04
C ARG DB 109 -83.23 75.98 18.01
N GLN DB 110 -82.37 77.00 17.95
CA GLN DB 110 -82.88 78.37 17.84
C GLN DB 110 -83.70 78.55 16.56
N TRP DB 111 -83.22 78.01 15.44
CA TRP DB 111 -83.97 78.11 14.20
C TRP DB 111 -85.32 77.42 14.32
N TYR DB 112 -85.35 76.21 14.89
CA TYR DB 112 -86.60 75.47 15.01
C TYR DB 112 -87.60 76.23 15.88
N GLU DB 113 -87.15 76.75 17.01
CA GLU DB 113 -88.05 77.49 17.89
C GLU DB 113 -88.54 78.77 17.23
N SER DB 114 -87.68 79.48 16.50
CA SER DB 114 -88.09 80.73 15.89
C SER DB 114 -88.96 80.52 14.65
N HIS DB 115 -88.87 79.37 14.00
CA HIS DB 115 -89.61 79.11 12.78
C HIS DB 115 -90.92 78.39 13.01
N TYR DB 116 -91.00 77.57 14.05
CA TYR DB 116 -92.23 76.82 14.31
C TYR DB 116 -92.91 77.20 15.62
N ALA DB 117 -92.24 77.95 16.50
CA ALA DB 117 -92.81 78.43 17.76
C ALA DB 117 -93.30 77.26 18.61
N LEU DB 118 -92.40 76.32 18.88
CA LEU DB 118 -92.71 75.18 19.71
C LEU DB 118 -91.48 74.78 20.52
N PRO DB 119 -91.63 74.53 21.81
CA PRO DB 119 -90.47 74.15 22.63
C PRO DB 119 -89.87 72.81 22.18
N LEU DB 120 -88.55 72.70 22.33
CA LEU DB 120 -87.83 71.48 21.99
C LEU DB 120 -86.55 71.44 22.82
N GLY DB 121 -86.39 70.36 23.56
CA GLY DB 121 -85.20 70.17 24.35
C GLY DB 121 -85.18 70.91 25.67
N ARG DB 122 -86.13 71.79 25.91
CA ARG DB 122 -86.15 72.52 27.17
C ARG DB 122 -86.58 71.60 28.30
N LYS DB 123 -85.99 71.81 29.48
CA LYS DB 123 -86.24 70.95 30.61
C LYS DB 123 -87.43 71.43 31.43
N LYS DB 124 -87.34 72.64 31.96
CA LYS DB 124 -88.43 73.20 32.77
C LYS DB 124 -88.91 74.55 32.25
N GLY DB 125 -88.00 75.38 31.78
CA GLY DB 125 -88.33 76.73 31.36
C GLY DB 125 -87.68 77.76 32.27
N ALA DB 126 -88.02 79.03 32.00
CA ALA DB 126 -87.45 80.18 32.70
C ALA DB 126 -85.92 80.16 32.62
N LYS DB 127 -85.41 79.86 31.43
CA LYS DB 127 -83.98 79.73 31.23
C LYS DB 127 -83.34 81.06 30.82
N LEU DB 128 -83.76 81.61 29.68
CA LEU DB 128 -83.19 82.84 29.13
C LEU DB 128 -84.32 83.80 28.82
N THR DB 129 -84.70 84.59 29.82
CA THR DB 129 -85.91 85.42 29.77
C THR DB 129 -86.02 86.34 28.55
N PRO DB 130 -84.99 87.07 28.11
CA PRO DB 130 -85.21 88.03 27.02
C PRO DB 130 -85.49 87.40 25.67
N GLU DB 131 -85.42 86.09 25.53
CA GLU DB 131 -85.65 85.48 24.22
C GLU DB 131 -86.74 84.41 24.21
N GLU DB 132 -86.89 83.64 25.29
CA GLU DB 132 -87.80 82.50 25.24
C GLU DB 132 -89.26 82.95 25.17
N GLU DB 133 -89.68 83.86 26.07
CA GLU DB 133 -91.01 84.43 25.96
C GLU DB 133 -91.13 85.35 24.75
N GLU DB 134 -90.00 85.89 24.28
CA GLU DB 134 -89.99 86.70 23.08
C GLU DB 134 -90.27 85.90 21.83
N ILE DB 135 -89.99 84.59 21.84
CA ILE DB 135 -90.20 83.74 20.68
C ILE DB 135 -91.40 82.81 20.85
N LEU DB 136 -91.92 82.63 22.06
CA LEU DB 136 -93.09 81.77 22.20
C LEU DB 136 -94.41 82.54 22.15
N ASN DB 137 -94.47 83.75 22.70
CA ASN DB 137 -95.66 84.59 22.59
C ASN DB 137 -95.51 85.63 21.48
N LYS DB 138 -94.50 86.49 21.60
CA LYS DB 138 -94.11 87.51 20.62
C LYS DB 138 -95.11 88.67 20.56
N LYS DB 139 -96.28 88.51 21.19
CA LYS DB 139 -97.40 89.45 21.21
C LYS DB 139 -97.63 90.15 19.87
N ARG DB 140 -97.43 89.42 18.77
CA ARG DB 140 -97.42 90.06 17.46
C ARG DB 140 -98.82 90.19 16.88
N SER DB 141 -98.93 91.00 15.83
CA SER DB 141 -100.20 91.26 15.17
C SER DB 141 -100.69 90.00 14.46
N LYS DB 142 -101.99 90.00 14.15
CA LYS DB 142 -102.60 88.82 13.57
C LYS DB 142 -102.02 88.50 12.19
N LYS DB 143 -101.52 89.50 11.48
CA LYS DB 143 -101.00 89.29 10.13
C LYS DB 143 -99.71 88.48 10.12
N ILE DB 144 -99.12 88.22 11.28
CA ILE DB 144 -98.02 87.26 11.39
C ILE DB 144 -98.30 86.16 12.42
N GLN DB 145 -99.27 86.37 13.31
CA GLN DB 145 -99.82 85.25 14.07
C GLN DB 145 -100.40 84.20 13.11
N LYS DB 146 -101.02 84.66 12.02
CA LYS DB 146 -101.54 83.76 11.00
C LYS DB 146 -100.43 82.99 10.30
N LYS DB 147 -99.23 83.57 10.19
CA LYS DB 147 -98.11 82.84 9.62
C LYS DB 147 -97.60 81.78 10.58
N TYR DB 148 -97.53 82.12 11.87
CA TYR DB 148 -96.96 81.19 12.85
C TYR DB 148 -97.89 80.03 13.17
N ASP DB 149 -99.19 80.30 13.34
CA ASP DB 149 -100.09 79.22 13.71
C ASP DB 149 -100.40 78.30 12.53
N GLU DB 150 -100.03 78.69 11.31
CA GLU DB 150 -100.16 77.82 10.15
C GLU DB 150 -99.09 76.74 10.12
N ARG DB 151 -97.89 77.04 10.62
CA ARG DB 151 -96.81 76.07 10.70
C ARG DB 151 -96.77 75.34 12.04
N LYS DB 152 -97.42 75.87 13.07
CA LYS DB 152 -97.36 75.20 14.37
C LYS DB 152 -98.01 73.82 14.35
N LYS DB 153 -98.90 73.57 13.39
CA LYS DB 153 -99.62 72.29 13.40
C LYS DB 153 -98.72 71.15 12.97
N ASN DB 154 -97.96 71.32 11.91
CA ASN DB 154 -97.21 70.23 11.30
C ASN DB 154 -95.78 70.11 11.83
N ALA DB 155 -95.41 70.93 12.81
CA ALA DB 155 -94.08 70.86 13.39
C ALA DB 155 -93.98 69.58 14.21
N LYS DB 156 -93.36 68.55 13.63
CA LYS DB 156 -93.24 67.28 14.32
C LYS DB 156 -91.97 66.57 13.84
N ILE DB 157 -91.19 66.08 14.78
CA ILE DB 157 -89.89 65.48 14.51
C ILE DB 157 -89.83 64.13 15.21
N SER DB 158 -88.98 63.24 14.71
CA SER DB 158 -88.87 61.89 15.22
C SER DB 158 -88.33 61.88 16.65
N SER DB 159 -88.68 60.82 17.38
CA SER DB 159 -88.23 60.65 18.75
C SER DB 159 -86.72 60.55 18.84
N LEU DB 160 -86.09 59.85 17.89
CA LEU DB 160 -84.64 59.72 17.89
C LEU DB 160 -83.97 61.08 17.73
N LEU DB 161 -84.52 61.94 16.87
CA LEU DB 161 -83.93 63.25 16.67
C LEU DB 161 -84.14 64.15 17.89
N GLU DB 162 -85.34 64.12 18.47
CA GLU DB 162 -85.59 65.01 19.61
C GLU DB 162 -84.83 64.57 20.86
N GLU DB 163 -84.53 63.27 20.99
CA GLU DB 163 -83.69 62.82 22.10
C GLU DB 163 -82.30 63.44 22.03
N GLN DB 164 -81.70 63.48 20.85
CA GLN DB 164 -80.40 64.10 20.70
C GLN DB 164 -80.48 65.61 20.82
N PHE DB 165 -81.61 66.21 20.40
CA PHE DB 165 -81.80 67.63 20.66
C PHE DB 165 -81.80 67.92 22.15
N GLN DB 166 -82.45 67.07 22.94
CA GLN DB 166 -82.39 67.21 24.39
C GLN DB 166 -80.95 67.04 24.89
N GLN DB 167 -80.25 66.02 24.40
CA GLN DB 167 -78.89 65.76 24.84
C GLN DB 167 -77.92 66.86 24.44
N GLY DB 168 -78.29 67.71 23.49
CA GLY DB 168 -77.43 68.79 23.06
C GLY DB 168 -76.41 68.41 22.02
N LYS DB 169 -76.30 67.13 21.68
CA LYS DB 169 -75.39 66.64 20.66
C LYS DB 169 -76.22 66.14 19.49
N LEU DB 170 -75.76 66.38 18.26
CA LEU DB 170 -76.48 65.93 17.09
C LEU DB 170 -75.57 65.11 16.18
N LEU DB 171 -76.09 64.00 15.67
CA LEU DB 171 -75.31 63.12 14.82
C LEU DB 171 -75.33 63.63 13.39
N ALA DB 172 -74.15 63.88 12.82
CA ALA DB 172 -74.05 64.38 11.46
C ALA DB 172 -73.02 63.56 10.68
N CYS DB 173 -73.28 63.40 9.40
CA CYS DB 173 -72.39 62.71 8.49
C CYS DB 173 -71.70 63.72 7.58
N ILE DB 174 -70.39 63.58 7.43
CA ILE DB 174 -69.65 64.47 6.54
C ILE DB 174 -70.03 64.16 5.10
N ALA DB 175 -69.96 65.17 4.25
CA ALA DB 175 -70.20 64.98 2.82
C ALA DB 175 -69.08 65.61 2.01
N SER DB 176 -68.45 66.64 2.58
CA SER DB 176 -67.31 67.27 1.93
C SER DB 176 -66.08 66.38 2.07
N ARG DB 177 -65.02 66.78 1.37
CA ARG DB 177 -63.75 66.04 1.37
C ARG DB 177 -62.71 66.91 2.05
N PRO DB 178 -62.55 66.79 3.37
CA PRO DB 178 -61.51 67.56 4.07
C PRO DB 178 -60.13 67.16 3.57
N GLY DB 179 -59.33 68.16 3.24
CA GLY DB 179 -58.08 67.93 2.57
C GLY DB 179 -58.14 68.18 1.07
N GLN DB 180 -59.34 68.25 0.50
CA GLN DB 180 -59.52 68.71 -0.87
C GLN DB 180 -60.11 70.11 -0.91
N CYS DB 181 -61.27 70.31 -0.28
CA CYS DB 181 -61.96 71.59 -0.29
C CYS DB 181 -61.66 72.42 0.96
N GLY DB 182 -61.14 71.80 2.01
CA GLY DB 182 -60.85 72.55 3.21
C GLY DB 182 -62.06 72.86 4.07
N ARG DB 183 -63.13 72.08 3.93
CA ARG DB 183 -64.34 72.31 4.72
C ARG DB 183 -64.74 71.01 5.41
N ALA DB 184 -65.64 71.14 6.38
CA ALA DB 184 -66.21 70.01 7.10
C ALA DB 184 -67.72 69.97 6.91
N ASP DB 185 -68.17 70.18 5.68
CA ASP DB 185 -69.58 70.30 5.43
C ASP DB 185 -70.23 68.92 5.40
N GLY DB 186 -71.55 68.91 5.52
CA GLY DB 186 -72.26 67.63 5.46
C GLY DB 186 -73.72 67.77 5.84
N TYR DB 187 -74.33 66.63 6.10
CA TYR DB 187 -75.76 66.56 6.38
C TYR DB 187 -75.95 65.93 7.76
N VAL DB 188 -77.18 65.95 8.24
CA VAL DB 188 -77.49 65.39 9.54
C VAL DB 188 -78.10 64.00 9.36
N LEU DB 189 -78.02 63.20 10.41
CA LEU DB 189 -78.51 61.83 10.39
C LEU DB 189 -79.97 61.80 10.80
N GLU DB 190 -80.78 61.09 10.02
CA GLU DB 190 -82.19 60.92 10.38
C GLU DB 190 -82.73 59.68 9.66
N GLY DB 191 -83.82 59.15 10.21
CA GLY DB 191 -84.51 58.07 9.55
C GLY DB 191 -83.80 56.73 9.71
N LYS DB 192 -84.01 55.87 8.72
CA LYS DB 192 -83.44 54.52 8.75
C LYS DB 192 -81.93 54.56 8.72
N GLU DB 193 -81.34 55.57 8.07
CA GLU DB 193 -79.89 55.76 8.12
C GLU DB 193 -79.42 55.95 9.55
N LEU DB 194 -80.10 56.84 10.29
CA LEU DB 194 -79.74 57.07 11.68
C LEU DB 194 -79.97 55.82 12.52
N GLU DB 195 -81.05 55.09 12.26
CA GLU DB 195 -81.32 53.88 13.04
C GLU DB 195 -80.25 52.82 12.81
N PHE DB 196 -79.84 52.62 11.56
CA PHE DB 196 -78.77 51.69 11.26
C PHE DB 196 -77.46 52.11 11.93
N TYR DB 197 -77.13 53.40 11.82
CA TYR DB 197 -75.90 53.89 12.43
C TYR DB 197 -75.94 53.78 13.95
N LEU DB 198 -77.11 54.01 14.54
CA LEU DB 198 -77.26 53.90 16.00
C LEU DB 198 -77.13 52.47 16.47
N ARG DB 199 -77.72 51.53 15.72
CA ARG DB 199 -77.49 50.12 16.02
C ARG DB 199 -76.01 49.79 15.96
N LYS DB 200 -75.31 50.31 14.95
CA LYS DB 200 -73.89 50.03 14.82
C LYS DB 200 -73.08 50.61 15.97
N ILE DB 201 -73.38 51.85 16.35
CA ILE DB 201 -72.65 52.51 17.43
C ILE DB 201 -72.90 51.81 18.76
N LYS DB 202 -74.16 51.49 19.04
CA LYS DB 202 -74.48 50.78 20.28
C LYS DB 202 -73.85 49.39 20.31
N ALA DB 203 -73.83 48.70 19.16
CA ALA DB 203 -73.18 47.39 19.10
C ALA DB 203 -71.68 47.50 19.34
N ARG DB 204 -71.04 48.54 18.76
CA ARG DB 204 -69.60 48.69 18.94
C ARG DB 204 -69.25 49.06 20.37
N LYS DB 205 -70.00 50.00 20.96
CA LYS DB 205 -69.75 50.42 22.34
C LYS DB 205 -71.10 50.52 23.06
N GLY DB 206 -71.58 49.38 23.57
CA GLY DB 206 -72.78 49.35 24.37
C GLY DB 206 -73.49 48.01 24.35
N PRO EB 1 -33.84 67.45 -39.96
CA PRO EB 1 -32.46 67.53 -40.46
C PRO EB 1 -32.37 68.20 -41.81
N VAL EB 2 -31.57 67.65 -42.73
CA VAL EB 2 -31.38 68.33 -44.02
C VAL EB 2 -32.65 68.23 -44.85
N ALA EB 3 -32.78 69.17 -45.79
CA ALA EB 3 -33.89 69.19 -46.74
C ALA EB 3 -33.52 68.54 -48.06
N ARG EB 4 -32.64 67.54 -48.01
CA ARG EB 4 -32.23 66.79 -49.19
C ARG EB 4 -33.40 65.97 -49.73
N SER EB 5 -33.14 65.22 -50.79
CA SER EB 5 -34.14 64.35 -51.38
C SER EB 5 -33.84 62.87 -51.21
N TRP EB 6 -32.61 62.45 -51.51
CA TRP EB 6 -32.23 61.03 -51.56
C TRP EB 6 -33.14 60.23 -52.46
N VAL EB 7 -33.59 60.82 -53.55
CA VAL EB 7 -34.51 60.17 -54.47
C VAL EB 7 -33.70 59.71 -55.68
N CYS EB 8 -33.56 58.40 -55.83
CA CYS EB 8 -32.83 57.84 -56.96
C CYS EB 8 -33.30 56.42 -57.18
N ARG EB 9 -33.05 55.93 -58.39
CA ARG EB 9 -33.37 54.56 -58.75
C ARG EB 9 -32.42 54.11 -59.86
N LYS EB 10 -32.25 52.80 -59.98
CA LYS EB 10 -31.41 52.26 -61.04
C LYS EB 10 -32.12 52.39 -62.37
N THR EB 11 -31.39 52.82 -63.39
CA THR EB 11 -31.95 53.05 -64.70
C THR EB 11 -31.84 51.84 -65.63
N TYR EB 12 -31.21 50.76 -65.19
CA TYR EB 12 -30.96 49.61 -66.03
C TYR EB 12 -31.11 48.34 -65.20
N VAL EB 13 -30.87 47.20 -65.84
CA VAL EB 13 -30.95 45.89 -65.20
C VAL EB 13 -29.75 45.05 -65.62
N THR EB 14 -29.17 44.37 -64.64
CA THR EB 14 -28.11 43.42 -64.95
C THR EB 14 -28.71 42.17 -65.60
N PRO EB 15 -28.10 41.64 -66.66
CA PRO EB 15 -28.57 40.39 -67.23
C PRO EB 15 -28.51 39.26 -66.20
N ARG EB 16 -29.49 38.36 -66.29
CA ARG EB 16 -29.64 37.31 -65.28
C ARG EB 16 -28.44 36.36 -65.30
N ARG EB 17 -28.09 35.86 -66.47
CA ARG EB 17 -26.96 34.97 -66.59
C ARG EB 17 -25.87 35.64 -67.40
N PRO EB 18 -24.60 35.53 -67.00
CA PRO EB 18 -23.51 36.08 -67.80
C PRO EB 18 -22.94 35.05 -68.76
N PHE EB 19 -22.22 35.56 -69.76
CA PHE EB 19 -21.47 34.74 -70.70
C PHE EB 19 -22.37 33.79 -71.48
N GLU EB 20 -23.27 34.38 -72.25
CA GLU EB 20 -24.10 33.66 -73.21
C GLU EB 20 -23.71 34.06 -74.62
N LYS EB 21 -23.37 33.07 -75.44
CA LYS EB 21 -22.92 33.34 -76.80
C LYS EB 21 -23.98 34.10 -77.59
N SER EB 22 -25.25 33.68 -77.49
CA SER EB 22 -26.31 34.31 -78.27
C SER EB 22 -26.59 35.72 -77.77
N ARG EB 23 -26.78 35.88 -76.46
CA ARG EB 23 -27.14 37.16 -75.88
C ARG EB 23 -26.05 38.20 -76.12
N LEU EB 24 -24.80 37.80 -75.92
CA LEU EB 24 -23.69 38.75 -76.05
C LEU EB 24 -23.62 39.35 -77.44
N ASP EB 25 -23.60 38.50 -78.47
CA ASP EB 25 -23.47 39.05 -79.80
C ASP EB 25 -24.76 39.69 -80.30
N GLN EB 26 -25.93 39.31 -79.78
CA GLN EB 26 -27.11 40.07 -80.14
C GLN EB 26 -27.04 41.49 -79.61
N GLU EB 27 -26.62 41.64 -78.34
CA GLU EB 27 -26.48 42.98 -77.80
C GLU EB 27 -25.38 43.75 -78.51
N LEU EB 28 -24.30 43.06 -78.90
CA LEU EB 28 -23.27 43.73 -79.70
C LEU EB 28 -23.80 44.15 -81.06
N LYS EB 29 -24.69 43.35 -81.64
CA LYS EB 29 -25.35 43.74 -82.88
C LYS EB 29 -26.09 45.04 -82.70
N LEU EB 30 -26.90 45.14 -81.64
CA LEU EB 30 -27.61 46.38 -81.38
C LEU EB 30 -26.66 47.55 -81.15
N ILE EB 31 -25.58 47.31 -80.39
CA ILE EB 31 -24.68 48.40 -80.02
C ILE EB 31 -23.92 48.91 -81.24
N GLY EB 32 -23.43 48.00 -82.08
CA GLY EB 32 -22.76 48.43 -83.30
C GLY EB 32 -23.72 49.00 -84.32
N GLU EB 33 -25.00 48.66 -84.23
CA GLU EB 33 -25.99 49.25 -85.13
C GLU EB 33 -26.29 50.70 -84.74
N TYR EB 34 -26.47 50.96 -83.44
CA TYR EB 34 -26.90 52.28 -83.00
C TYR EB 34 -25.79 53.11 -82.37
N GLY EB 35 -24.54 52.66 -82.47
CA GLY EB 35 -23.41 53.44 -81.99
C GLY EB 35 -23.40 53.69 -80.49
N LEU EB 36 -23.62 52.65 -79.70
CA LEU EB 36 -23.67 52.82 -78.25
C LEU EB 36 -22.29 52.68 -77.63
N ARG EB 37 -22.11 53.33 -76.49
CA ARG EB 37 -20.83 53.32 -75.79
C ARG EB 37 -20.58 51.98 -75.10
N ASN EB 38 -21.62 51.42 -74.47
CA ASN EB 38 -21.45 50.19 -73.71
C ASN EB 38 -22.82 49.53 -73.55
N LYS EB 39 -22.80 48.36 -72.90
CA LYS EB 39 -24.03 47.60 -72.72
C LYS EB 39 -25.01 48.27 -71.76
N ARG EB 40 -24.55 49.25 -70.97
CA ARG EB 40 -25.43 49.82 -69.96
C ARG EB 40 -26.60 50.56 -70.60
N GLU EB 41 -26.37 51.26 -71.71
CA GLU EB 41 -27.46 52.03 -72.31
C GLU EB 41 -28.29 51.22 -73.29
N VAL EB 42 -27.92 49.98 -73.60
CA VAL EB 42 -28.90 49.09 -74.20
C VAL EB 42 -29.69 48.38 -73.11
N TRP EB 43 -29.06 48.13 -71.97
CA TRP EB 43 -29.81 47.56 -70.85
C TRP EB 43 -30.84 48.53 -70.31
N ARG EB 44 -30.55 49.84 -70.34
CA ARG EB 44 -31.53 50.80 -69.85
C ARG EB 44 -32.77 50.85 -70.75
N VAL EB 45 -32.58 50.76 -72.07
CA VAL EB 45 -33.74 50.81 -72.95
C VAL EB 45 -34.50 49.49 -72.87
N LYS EB 46 -33.79 48.37 -72.67
CA LYS EB 46 -34.49 47.13 -72.37
C LYS EB 46 -35.30 47.26 -71.09
N PHE EB 47 -34.73 47.95 -70.09
CA PHE EB 47 -35.39 48.11 -68.80
C PHE EB 47 -36.67 48.91 -68.93
N THR EB 48 -36.62 50.03 -69.65
CA THR EB 48 -37.83 50.82 -69.81
C THR EB 48 -38.87 50.08 -70.64
N LEU EB 49 -38.43 49.29 -71.64
CA LEU EB 49 -39.38 48.48 -72.38
C LEU EB 49 -40.06 47.47 -71.48
N ALA EB 50 -39.29 46.82 -70.61
CA ALA EB 50 -39.88 45.85 -69.70
C ALA EB 50 -40.82 46.51 -68.72
N LYS EB 51 -40.49 47.71 -68.25
CA LYS EB 51 -41.37 48.43 -67.33
C LYS EB 51 -42.71 48.73 -67.97
N ILE EB 52 -42.70 49.31 -69.17
CA ILE EB 52 -43.95 49.63 -69.82
C ILE EB 52 -44.68 48.36 -70.25
N ARG EB 53 -43.96 47.28 -70.55
CA ARG EB 53 -44.63 46.02 -70.88
C ARG EB 53 -45.32 45.43 -69.67
N LYS EB 54 -44.72 45.55 -68.49
CA LYS EB 54 -45.39 45.10 -67.27
C LYS EB 54 -46.63 45.94 -66.97
N ALA EB 55 -46.54 47.25 -67.21
CA ALA EB 55 -47.72 48.10 -67.06
C ALA EB 55 -48.83 47.66 -67.99
N ALA EB 56 -48.49 47.40 -69.25
CA ALA EB 56 -49.49 46.90 -70.19
C ALA EB 56 -50.01 45.52 -69.78
N ARG EB 57 -49.14 44.71 -69.17
CA ARG EB 57 -49.55 43.38 -68.72
C ARG EB 57 -50.63 43.46 -67.65
N GLU EB 58 -50.41 44.30 -66.65
CA GLU EB 58 -51.43 44.44 -65.62
C GLU EB 58 -52.69 45.10 -66.15
N LEU EB 59 -52.55 46.04 -67.10
CA LEU EB 59 -53.73 46.63 -67.71
C LEU EB 59 -54.56 45.60 -68.46
N LEU EB 60 -53.89 44.71 -69.20
CA LEU EB 60 -54.60 43.68 -69.96
C LEU EB 60 -55.22 42.64 -69.03
N THR EB 61 -54.54 42.30 -67.93
CA THR EB 61 -55.13 41.37 -66.98
C THR EB 61 -56.27 41.99 -66.21
N LEU EB 62 -56.33 43.32 -66.12
CA LEU EB 62 -57.47 43.97 -65.50
C LEU EB 62 -58.72 43.77 -66.36
N ASP EB 63 -59.88 43.87 -65.72
CA ASP EB 63 -61.14 43.68 -66.39
C ASP EB 63 -61.41 44.80 -67.39
N GLU EB 64 -62.25 44.52 -68.37
CA GLU EB 64 -62.57 45.50 -69.38
C GLU EB 64 -63.38 46.65 -68.77
N LYS EB 65 -63.35 47.78 -69.47
CA LYS EB 65 -64.07 49.03 -69.15
C LYS EB 65 -63.87 49.46 -67.69
N ASP EB 66 -62.75 49.09 -67.09
CA ASP EB 66 -62.38 49.65 -65.80
C ASP EB 66 -61.93 51.09 -66.01
N PRO EB 67 -62.41 52.05 -65.21
CA PRO EB 67 -61.92 53.43 -65.36
C PRO EB 67 -60.43 53.54 -65.20
N ARG EB 68 -59.85 52.81 -64.25
CA ARG EB 68 -58.40 52.82 -64.08
C ARG EB 68 -57.69 52.28 -65.31
N ARG EB 69 -58.19 51.16 -65.85
CA ARG EB 69 -57.60 50.58 -67.05
C ARG EB 69 -57.70 51.56 -68.22
N LEU EB 70 -58.86 52.20 -68.38
CA LEU EB 70 -59.04 53.13 -69.49
C LEU EB 70 -58.10 54.33 -69.38
N PHE EB 71 -58.01 54.93 -68.19
CA PHE EB 71 -57.18 56.11 -68.04
C PHE EB 71 -55.71 55.78 -68.23
N GLU EB 72 -55.24 54.69 -67.62
CA GLU EB 72 -53.84 54.31 -67.78
C GLU EB 72 -53.53 53.92 -69.23
N GLY EB 73 -54.48 53.25 -69.89
CA GLY EB 73 -54.26 52.90 -71.28
C GLY EB 73 -54.18 54.11 -72.19
N ASN EB 74 -55.07 55.08 -71.99
CA ASN EB 74 -54.98 56.31 -72.77
C ASN EB 74 -53.65 57.00 -72.55
N ALA EB 75 -53.22 57.09 -71.28
CA ALA EB 75 -51.96 57.75 -70.99
C ALA EB 75 -50.81 57.05 -71.70
N LEU EB 76 -50.74 55.72 -71.59
CA LEU EB 76 -49.61 54.99 -72.15
C LEU EB 76 -49.61 55.04 -73.68
N LEU EB 77 -50.78 54.86 -74.30
CA LEU EB 77 -50.87 54.89 -75.75
C LEU EB 77 -50.50 56.26 -76.30
N ARG EB 78 -51.00 57.32 -75.65
CA ARG EB 78 -50.66 58.66 -76.10
C ARG EB 78 -49.18 58.93 -75.93
N ARG EB 79 -48.58 58.47 -74.83
CA ARG EB 79 -47.14 58.65 -74.65
C ARG EB 79 -46.37 57.95 -75.76
N LEU EB 80 -46.79 56.73 -76.12
CA LEU EB 80 -46.07 55.98 -77.13
C LEU EB 80 -46.18 56.63 -78.50
N VAL EB 81 -47.37 57.11 -78.87
CA VAL EB 81 -47.49 57.76 -80.18
C VAL EB 81 -46.76 59.10 -80.18
N ARG EB 82 -46.73 59.80 -79.04
CA ARG EB 82 -46.02 61.06 -78.96
C ARG EB 82 -44.52 60.86 -79.13
N ILE EB 83 -43.97 59.83 -78.48
CA ILE EB 83 -42.55 59.50 -78.70
C ILE EB 83 -42.34 58.79 -80.02
N GLY EB 84 -43.41 58.49 -80.76
CA GLY EB 84 -43.30 58.05 -82.13
C GLY EB 84 -43.00 56.57 -82.29
N VAL EB 85 -42.78 55.85 -81.20
CA VAL EB 85 -42.48 54.43 -81.29
C VAL EB 85 -43.69 53.59 -81.65
N LEU EB 86 -44.89 54.17 -81.67
CA LEU EB 86 -46.11 53.42 -81.92
C LEU EB 86 -46.97 54.19 -82.92
N ASP EB 87 -47.52 53.45 -83.87
CA ASP EB 87 -48.24 54.05 -84.99
C ASP EB 87 -49.46 54.81 -84.53
N GLU EB 88 -49.91 55.75 -85.37
CA GLU EB 88 -51.19 56.40 -85.11
C GLU EB 88 -52.33 55.40 -85.14
N GLY EB 89 -52.28 54.44 -86.07
CA GLY EB 89 -53.38 53.50 -86.21
C GLY EB 89 -53.40 52.38 -85.20
N LYS EB 90 -52.26 52.04 -84.60
CA LYS EB 90 -52.20 50.90 -83.68
C LYS EB 90 -52.53 51.34 -82.26
N MET EB 91 -53.64 52.03 -82.08
CA MET EB 91 -54.01 52.59 -80.79
C MET EB 91 -54.93 51.62 -80.04
N LYS EB 92 -54.39 50.44 -79.73
CA LYS EB 92 -55.09 49.46 -78.94
C LYS EB 92 -54.13 48.84 -77.94
N LEU EB 93 -54.69 48.37 -76.83
CA LEU EB 93 -53.88 47.96 -75.67
C LEU EB 93 -52.98 46.78 -75.98
N ASP EB 94 -53.34 45.93 -76.93
CA ASP EB 94 -52.56 44.74 -77.21
C ASP EB 94 -51.33 45.02 -78.06
N TYR EB 95 -51.23 46.19 -78.66
CA TYR EB 95 -50.14 46.49 -79.58
C TYR EB 95 -48.92 47.05 -78.87
N ILE EB 96 -49.02 47.32 -77.57
CA ILE EB 96 -47.83 47.71 -76.81
C ILE EB 96 -46.87 46.53 -76.71
N LEU EB 97 -47.40 45.32 -76.51
CA LEU EB 97 -46.54 44.16 -76.34
C LEU EB 97 -45.75 43.82 -77.59
N GLY EB 98 -46.22 44.26 -78.76
CA GLY EB 98 -45.52 43.95 -79.98
C GLY EB 98 -44.31 44.80 -80.26
N LEU EB 99 -44.02 45.76 -79.39
CA LEU EB 99 -42.90 46.68 -79.63
C LEU EB 99 -41.57 45.98 -79.49
N LYS EB 100 -40.66 46.28 -80.42
CA LYS EB 100 -39.28 45.83 -80.34
C LYS EB 100 -38.45 46.90 -79.63
N ILE EB 101 -37.13 46.69 -79.60
CA ILE EB 101 -36.22 47.71 -79.08
C ILE EB 101 -35.59 48.53 -80.20
N GLU EB 102 -35.69 48.06 -81.44
CA GLU EB 102 -35.07 48.76 -82.55
C GLU EB 102 -35.77 50.09 -82.81
N ASP EB 103 -37.11 50.09 -82.84
CA ASP EB 103 -37.84 51.34 -83.02
C ASP EB 103 -37.65 52.27 -81.83
N PHE EB 104 -37.40 51.71 -80.65
CA PHE EB 104 -37.03 52.53 -79.50
C PHE EB 104 -35.72 53.27 -79.76
N LEU EB 105 -34.68 52.53 -80.16
CA LEU EB 105 -33.39 53.16 -80.38
C LEU EB 105 -33.39 54.07 -81.61
N GLU EB 106 -34.35 53.88 -82.52
CA GLU EB 106 -34.43 54.75 -83.68
C GLU EB 106 -34.92 56.15 -83.34
N ARG EB 107 -35.60 56.33 -82.20
CA ARG EB 107 -36.05 57.65 -81.78
C ARG EB 107 -34.97 58.40 -81.01
N ARG EB 108 -33.79 57.80 -80.83
CA ARG EB 108 -32.67 58.51 -80.26
C ARG EB 108 -32.20 59.61 -81.18
N LEU EB 109 -31.59 60.65 -80.59
CA LEU EB 109 -31.07 61.75 -81.39
C LEU EB 109 -29.90 61.30 -82.26
N GLN EB 110 -29.15 60.30 -81.80
CA GLN EB 110 -28.06 59.77 -82.61
C GLN EB 110 -28.56 59.15 -83.90
N THR EB 111 -29.80 58.70 -83.93
CA THR EB 111 -30.36 58.05 -85.11
C THR EB 111 -31.37 58.92 -85.85
N GLN EB 112 -32.05 59.82 -85.15
CA GLN EB 112 -32.94 60.75 -85.81
C GLN EB 112 -32.19 61.68 -86.74
N VAL EB 113 -30.93 61.99 -86.40
CA VAL EB 113 -30.08 62.75 -87.30
C VAL EB 113 -29.82 61.99 -88.60
N PHE EB 114 -29.82 60.66 -88.55
CA PHE EB 114 -29.73 59.87 -89.78
C PHE EB 114 -31.05 59.82 -90.52
N LYS EB 115 -32.16 59.71 -89.78
CA LYS EB 115 -33.46 59.75 -90.41
C LYS EB 115 -33.70 61.08 -91.11
N LEU EB 116 -33.02 62.13 -90.67
CA LEU EB 116 -33.00 63.39 -91.39
C LEU EB 116 -31.86 63.48 -92.41
N GLY EB 117 -30.83 62.66 -92.26
CA GLY EB 117 -29.75 62.59 -93.23
C GLY EB 117 -28.74 63.71 -93.08
N LEU EB 118 -28.20 63.87 -91.87
CA LEU EB 118 -27.34 65.00 -91.59
C LEU EB 118 -25.93 64.59 -91.17
N ALA EB 119 -25.64 63.30 -91.03
CA ALA EB 119 -24.32 62.85 -90.65
C ALA EB 119 -23.96 61.61 -91.47
N LYS EB 120 -22.68 61.30 -91.51
CA LYS EB 120 -22.20 60.22 -92.37
C LYS EB 120 -22.24 58.86 -91.67
N SER EB 121 -21.47 58.70 -90.59
CA SER EB 121 -21.39 57.44 -89.88
C SER EB 121 -21.99 57.61 -88.48
N ILE EB 122 -22.28 56.47 -87.85
CA ILE EB 122 -23.05 56.50 -86.62
C ILE EB 122 -22.25 57.09 -85.47
N HIS EB 123 -20.98 56.72 -85.36
CA HIS EB 123 -20.12 57.35 -84.37
C HIS EB 123 -19.85 58.81 -84.71
N HIS EB 124 -19.86 59.14 -86.00
CA HIS EB 124 -19.82 60.54 -86.39
C HIS EB 124 -21.03 61.31 -85.88
N ALA EB 125 -22.22 60.70 -85.97
CA ALA EB 125 -23.42 61.34 -85.42
C ALA EB 125 -23.34 61.49 -83.91
N ARG EB 126 -22.86 60.45 -83.23
CA ARG EB 126 -22.74 60.52 -81.78
C ARG EB 126 -21.77 61.63 -81.36
N VAL EB 127 -20.61 61.70 -82.01
CA VAL EB 127 -19.64 62.73 -81.64
C VAL EB 127 -20.15 64.12 -82.06
N LEU EB 128 -20.92 64.19 -83.14
CA LEU EB 128 -21.54 65.45 -83.54
C LEU EB 128 -22.50 65.95 -82.46
N ILE EB 129 -23.31 65.06 -81.90
CA ILE EB 129 -24.13 65.43 -80.74
C ILE EB 129 -23.24 65.81 -79.56
N ARG EB 130 -22.11 65.13 -79.38
CA ARG EB 130 -21.24 65.37 -78.24
C ARG EB 130 -20.69 66.79 -78.24
N GLN EB 131 -20.33 67.30 -79.41
CA GLN EB 131 -19.83 68.67 -79.52
C GLN EB 131 -20.95 69.65 -79.85
N ARG EB 132 -22.16 69.40 -79.33
CA ARG EB 132 -23.30 70.33 -79.35
C ARG EB 132 -23.57 70.92 -80.74
N HIS EB 133 -23.27 70.16 -81.77
CA HIS EB 133 -23.48 70.59 -83.14
C HIS EB 133 -24.90 70.34 -83.61
N ILE EB 134 -25.75 69.86 -82.73
CA ILE EB 134 -27.16 69.62 -83.02
C ILE EB 134 -27.98 70.40 -82.01
N ARG EB 135 -29.05 71.04 -82.49
CA ARG EB 135 -30.00 71.70 -81.62
C ARG EB 135 -31.39 71.15 -81.89
N VAL EB 136 -32.24 71.21 -80.87
CA VAL EB 136 -33.67 70.89 -81.01
C VAL EB 136 -34.41 72.20 -80.85
N ARG EB 137 -35.04 72.65 -81.93
CA ARG EB 137 -35.72 73.94 -81.99
C ARG EB 137 -34.76 75.06 -81.60
N LYS EB 138 -34.95 75.62 -80.40
CA LYS EB 138 -34.13 76.72 -79.92
C LYS EB 138 -33.31 76.34 -78.69
N GLN EB 139 -33.23 75.06 -78.36
CA GLN EB 139 -32.46 74.58 -77.22
C GLN EB 139 -31.42 73.58 -77.75
N VAL EB 140 -30.16 73.99 -77.79
CA VAL EB 140 -29.10 73.11 -78.26
C VAL EB 140 -28.91 71.98 -77.25
N VAL EB 141 -28.84 70.76 -77.75
CA VAL EB 141 -28.77 69.55 -76.93
C VAL EB 141 -27.49 68.82 -77.30
N ASN EB 142 -26.77 68.33 -76.31
CA ASN EB 142 -25.58 67.54 -76.53
C ASN EB 142 -25.71 66.15 -75.91
N ILE EB 143 -26.94 65.67 -75.77
CA ILE EB 143 -27.21 64.37 -75.17
C ILE EB 143 -27.41 63.37 -76.30
N PRO EB 144 -26.53 62.38 -76.47
CA PRO EB 144 -26.73 61.38 -77.52
C PRO EB 144 -27.99 60.55 -77.33
N SER EB 145 -28.35 60.25 -76.09
CA SER EB 145 -29.48 59.37 -75.80
C SER EB 145 -30.80 60.12 -75.71
N PHE EB 146 -30.86 61.35 -76.20
CA PHE EB 146 -32.07 62.15 -76.09
C PHE EB 146 -33.15 61.55 -76.97
N ILE EB 147 -34.30 61.26 -76.38
CA ILE EB 147 -35.44 60.72 -77.13
C ILE EB 147 -36.20 61.89 -77.75
N VAL EB 148 -36.39 61.83 -79.06
CA VAL EB 148 -37.12 62.88 -79.77
C VAL EB 148 -38.59 62.50 -79.83
N ARG EB 149 -39.42 63.49 -80.13
CA ARG EB 149 -40.86 63.32 -80.24
C ARG EB 149 -41.31 63.57 -81.68
N LEU EB 150 -42.60 63.33 -81.92
CA LEU EB 150 -43.18 63.60 -83.24
C LEU EB 150 -43.16 65.08 -83.54
N ASP EB 151 -43.52 65.92 -82.56
CA ASP EB 151 -43.53 67.36 -82.80
C ASP EB 151 -42.12 67.92 -82.96
N SER EB 152 -41.14 67.33 -82.27
CA SER EB 152 -39.76 67.76 -82.40
C SER EB 152 -39.03 67.09 -83.56
N GLN EB 153 -39.69 66.16 -84.25
CA GLN EB 153 -39.06 65.48 -85.37
C GLN EB 153 -38.70 66.46 -86.49
N LYS EB 154 -39.58 67.42 -86.75
CA LYS EB 154 -39.44 68.34 -87.87
C LYS EB 154 -38.60 69.57 -87.54
N HIS EB 155 -38.04 69.65 -86.34
CA HIS EB 155 -37.41 70.88 -85.86
C HIS EB 155 -36.02 70.58 -85.35
N ILE EB 156 -35.25 69.84 -86.15
CA ILE EB 156 -33.89 69.45 -85.82
C ILE EB 156 -32.96 70.07 -86.84
N ASP EB 157 -31.90 70.71 -86.38
CA ASP EB 157 -30.94 71.34 -87.27
C ASP EB 157 -29.63 71.55 -86.52
N PHE EB 158 -28.58 71.86 -87.28
CA PHE EB 158 -27.32 72.26 -86.68
C PHE EB 158 -27.47 73.62 -86.01
N SER EB 159 -26.79 73.81 -84.89
CA SER EB 159 -26.95 75.04 -84.13
C SER EB 159 -26.35 76.22 -84.89
N LEU EB 160 -26.66 77.42 -84.40
CA LEU EB 160 -26.14 78.63 -85.03
C LEU EB 160 -24.64 78.77 -84.81
N ARG EB 161 -24.20 78.59 -83.57
CA ARG EB 161 -22.80 78.80 -83.23
C ARG EB 161 -21.88 77.71 -83.77
N SER EB 162 -22.42 76.57 -84.18
CA SER EB 162 -21.60 75.51 -84.71
C SER EB 162 -21.00 75.92 -86.06
N PRO EB 163 -19.81 75.44 -86.39
CA PRO EB 163 -19.20 75.70 -87.70
C PRO EB 163 -19.74 74.79 -88.80
N TYR EB 164 -21.05 74.57 -88.78
CA TYR EB 164 -21.72 73.70 -89.74
C TYR EB 164 -22.92 74.37 -90.40
N GLY EB 165 -23.67 75.18 -89.65
CA GLY EB 165 -24.83 75.82 -90.20
C GLY EB 165 -24.79 77.33 -90.05
N GLY EB 166 -23.79 77.82 -89.33
CA GLY EB 166 -23.67 79.24 -89.09
C GLY EB 166 -22.24 79.73 -89.14
N GLY EB 167 -21.98 80.88 -88.51
CA GLY EB 167 -20.65 81.45 -88.48
C GLY EB 167 -19.83 80.89 -87.35
N ARG EB 168 -18.82 81.68 -86.95
CA ARG EB 168 -17.88 81.35 -85.89
C ARG EB 168 -17.23 79.99 -86.13
N PRO EB 169 -16.31 79.89 -87.08
CA PRO EB 169 -15.64 78.61 -87.34
C PRO EB 169 -14.76 78.19 -86.16
N GLY EB 170 -14.31 76.95 -86.24
CA GLY EB 170 -13.63 76.33 -85.11
C GLY EB 170 -12.23 76.85 -84.89
N ARG EB 171 -11.72 76.53 -83.70
CA ARG EB 171 -10.39 76.99 -83.31
C ARG EB 171 -9.30 76.38 -84.19
N VAL EB 172 -9.50 75.16 -84.68
CA VAL EB 172 -8.53 74.56 -85.59
C VAL EB 172 -8.47 75.37 -86.88
N LYS EB 173 -9.63 75.77 -87.40
CA LYS EB 173 -9.68 76.65 -88.56
C LYS EB 173 -8.98 77.97 -88.29
N ARG EB 174 -9.26 78.58 -87.14
CA ARG EB 174 -8.66 79.88 -86.82
C ARG EB 174 -7.15 79.80 -86.72
N LYS EB 175 -6.64 78.74 -86.11
CA LYS EB 175 -5.20 78.57 -85.98
C LYS EB 175 -4.56 78.25 -87.33
N ASN EB 176 -5.22 77.42 -88.14
CA ASN EB 176 -4.67 77.08 -89.44
C ASN EB 176 -4.68 78.27 -90.39
N ALA EB 177 -5.57 79.24 -90.16
CA ALA EB 177 -5.57 80.44 -90.98
C ALA EB 177 -4.26 81.21 -90.85
N LYS EB 178 -3.74 81.33 -89.63
CA LYS EB 178 -2.42 81.93 -89.45
C LYS EB 178 -1.30 80.96 -89.79
N LYS EB 179 -1.56 79.65 -89.66
CA LYS EB 179 -0.58 78.64 -90.04
C LYS EB 179 -0.25 78.74 -91.53
N GLY EB 180 -1.27 78.95 -92.36
CA GLY EB 180 -1.05 79.00 -93.80
C GLY EB 180 -0.19 80.17 -94.23
N GLN EB 181 -0.41 81.35 -93.63
CA GLN EB 181 0.43 82.49 -93.95
C GLN EB 181 1.81 82.37 -93.32
N GLY EB 182 1.92 81.70 -92.17
CA GLY EB 182 3.22 81.52 -91.55
C GLY EB 182 4.11 80.55 -92.28
N GLY EB 183 3.53 79.50 -92.87
CA GLY EB 183 4.31 78.53 -93.62
C GLY EB 183 4.96 79.09 -94.86
N ALA EB 184 4.48 80.24 -95.34
CA ALA EB 184 5.12 80.95 -96.44
C ALA EB 184 5.98 82.07 -95.88
N GLY EB 185 7.27 82.05 -96.21
CA GLY EB 185 8.19 83.07 -95.76
C GLY EB 185 9.16 83.53 -96.83
N ALA FB 1 -83.92 39.22 1.60
CA ALA FB 1 -82.91 39.53 2.61
C ALA FB 1 -82.75 41.03 2.80
N ASP FB 2 -82.03 41.42 3.83
CA ASP FB 2 -81.76 42.83 4.07
C ASP FB 2 -80.71 43.35 3.07
N ILE FB 3 -80.49 44.67 3.11
CA ILE FB 3 -79.51 45.31 2.25
C ILE FB 3 -78.36 45.92 3.04
N GLN FB 4 -78.54 46.19 4.34
CA GLN FB 4 -77.50 46.80 5.15
C GLN FB 4 -76.56 45.75 5.73
N THR FB 5 -76.03 44.92 4.82
CA THR FB 5 -75.05 43.90 5.17
C THR FB 5 -73.63 44.44 5.11
N GLU FB 6 -73.48 45.76 5.22
CA GLU FB 6 -72.19 46.41 5.14
C GLU FB 6 -72.06 47.37 6.32
N ARG FB 7 -70.81 47.62 6.74
CA ARG FB 7 -70.58 48.60 7.80
C ARG FB 7 -71.12 49.97 7.40
N ALA FB 8 -70.87 50.41 6.18
CA ALA FB 8 -71.40 51.67 5.72
C ALA FB 8 -72.87 51.52 5.34
N TYR FB 9 -73.57 52.65 5.26
CA TYR FB 9 -74.99 52.67 4.96
C TYR FB 9 -75.20 52.70 3.45
N GLN FB 10 -75.96 51.75 2.94
CA GLN FB 10 -76.24 51.67 1.51
C GLN FB 10 -77.45 52.52 1.17
N LYS FB 11 -77.30 53.40 0.18
CA LYS FB 11 -78.37 54.29 -0.23
C LYS FB 11 -78.05 54.86 -1.60
N GLN FB 12 -79.10 55.24 -2.32
CA GLN FB 12 -78.92 55.97 -3.56
C GLN FB 12 -78.57 57.42 -3.23
N PRO FB 13 -77.46 57.95 -3.74
CA PRO FB 13 -77.06 59.31 -3.37
C PRO FB 13 -78.07 60.39 -3.75
N THR FB 14 -78.77 60.22 -4.88
CA THR FB 14 -79.66 61.26 -5.38
C THR FB 14 -81.12 60.99 -4.98
N ILE FB 15 -81.33 60.36 -3.84
CA ILE FB 15 -82.67 60.10 -3.31
C ILE FB 15 -82.66 60.43 -1.83
N PHE FB 16 -83.56 61.32 -1.41
CA PHE FB 16 -83.74 61.62 0.00
C PHE FB 16 -84.74 60.62 0.56
N GLN FB 17 -84.25 59.69 1.38
CA GLN FB 17 -85.11 58.63 1.91
C GLN FB 17 -86.20 59.19 2.80
N ASN FB 18 -85.84 60.09 3.71
CA ASN FB 18 -86.81 60.67 4.63
C ASN FB 18 -87.41 61.91 4.00
N LYS FB 19 -88.63 62.25 4.43
CA LYS FB 19 -89.34 63.37 3.84
C LYS FB 19 -90.09 64.21 4.86
N LYS FB 20 -89.74 64.10 6.15
CA LYS FB 20 -90.39 64.85 7.22
C LYS FB 20 -91.89 64.57 7.25
N ARG FB 21 -92.21 63.33 7.65
CA ARG FB 21 -93.61 62.97 7.85
C ARG FB 21 -94.25 63.89 8.88
N VAL FB 22 -95.31 64.57 8.46
CA VAL FB 22 -95.91 65.66 9.23
C VAL FB 22 -97.40 65.43 9.34
N LEU FB 23 -98.12 66.41 9.90
CA LEU FB 23 -99.56 66.25 10.08
C LEU FB 23 -100.28 66.05 8.75
N LEU FB 24 -99.84 66.76 7.70
CA LEU FB 24 -100.52 66.66 6.41
C LEU FB 24 -100.28 65.32 5.73
N GLY FB 25 -99.28 64.55 6.16
CA GLY FB 25 -99.10 63.21 5.64
C GLY FB 25 -98.90 62.17 6.72
N GLU FB 26 -99.85 61.25 6.85
CA GLU FB 26 -99.78 60.25 7.91
C GLU FB 26 -98.62 59.29 7.68
N THR FB 27 -98.21 58.64 8.77
CA THR FB 27 -97.05 57.74 8.75
C THR FB 27 -97.49 56.34 8.31
N GLY FB 28 -97.89 56.27 7.04
CA GLY FB 28 -98.43 55.05 6.50
C GLY FB 28 -97.41 54.16 5.83
N LYS FB 29 -96.12 54.40 6.14
CA LYS FB 29 -95.00 53.63 5.58
C LYS FB 29 -94.98 53.69 4.06
N GLU FB 30 -94.82 54.90 3.54
CA GLU FB 30 -94.76 55.08 2.10
C GLU FB 30 -93.53 54.38 1.52
N LYS FB 31 -93.66 53.95 0.27
CA LYS FB 31 -92.57 53.28 -0.40
C LYS FB 31 -91.41 54.23 -0.66
N LEU FB 32 -90.20 53.68 -0.62
CA LEU FB 32 -89.01 54.47 -0.85
C LEU FB 32 -88.87 54.76 -2.35
N PRO FB 33 -88.56 55.99 -2.74
CA PRO FB 33 -88.45 56.29 -4.17
C PRO FB 33 -87.25 55.64 -4.82
N ARG FB 34 -87.50 54.64 -5.65
CA ARG FB 34 -86.43 53.93 -6.34
C ARG FB 34 -86.01 54.70 -7.58
N TYR FB 35 -84.71 54.97 -7.69
CA TYR FB 35 -84.17 55.70 -8.81
C TYR FB 35 -83.67 54.72 -9.86
N TYR FB 36 -84.01 54.96 -11.11
CA TYR FB 36 -83.42 54.21 -12.21
C TYR FB 36 -83.39 55.10 -13.45
N LYS FB 37 -82.77 54.56 -14.50
CA LYS FB 37 -82.62 55.28 -15.75
C LYS FB 37 -82.70 54.26 -16.89
N ASN FB 38 -82.67 54.77 -18.11
CA ASN FB 38 -82.47 53.94 -19.28
C ASN FB 38 -81.12 54.28 -19.90
N ILE FB 39 -80.43 53.25 -20.39
CA ILE FB 39 -79.08 53.40 -20.92
C ILE FB 39 -79.07 53.58 -22.43
N GLY FB 40 -80.24 53.80 -23.04
CA GLY FB 40 -80.27 54.09 -24.46
C GLY FB 40 -79.96 52.87 -25.31
N LEU FB 41 -79.68 53.16 -26.58
CA LEU FB 41 -79.33 52.17 -27.60
C LEU FB 41 -80.39 51.10 -27.77
N GLY FB 42 -81.63 51.39 -27.36
CA GLY FB 42 -82.69 50.41 -27.44
C GLY FB 42 -82.72 49.40 -26.31
N PHE FB 43 -81.82 49.52 -25.33
CA PHE FB 43 -81.87 48.63 -24.18
C PHE FB 43 -83.05 48.98 -23.29
N LYS FB 44 -83.70 47.96 -22.74
CA LYS FB 44 -84.87 48.15 -21.90
C LYS FB 44 -84.52 47.83 -20.45
N THR FB 45 -84.90 48.73 -19.56
CA THR FB 45 -84.58 48.59 -18.15
C THR FB 45 -85.28 47.37 -17.57
N PRO FB 46 -84.56 46.47 -16.91
CA PRO FB 46 -85.17 45.25 -16.40
C PRO FB 46 -86.18 45.50 -15.29
N LYS FB 47 -87.14 44.58 -15.22
CA LYS FB 47 -88.22 44.67 -14.24
C LYS FB 47 -87.70 44.65 -12.82
N GLU FB 48 -86.67 43.84 -12.56
CA GLU FB 48 -86.08 43.81 -11.23
C GLU FB 48 -85.35 45.11 -10.93
N ALA FB 49 -84.74 45.75 -11.92
CA ALA FB 49 -84.12 47.05 -11.66
C ALA FB 49 -85.17 48.12 -11.39
N ILE FB 50 -86.36 47.99 -11.97
CA ILE FB 50 -87.41 48.98 -11.75
C ILE FB 50 -87.76 49.07 -10.27
N GLU FB 51 -87.97 47.92 -9.64
CA GLU FB 51 -88.35 47.85 -8.22
C GLU FB 51 -87.19 47.37 -7.35
N GLY FB 52 -85.96 47.56 -7.81
CA GLY FB 52 -84.83 46.94 -7.14
C GLY FB 52 -84.65 47.42 -5.71
N THR FB 53 -84.32 46.48 -4.83
CA THR FB 53 -83.92 46.80 -3.47
C THR FB 53 -82.43 46.71 -3.27
N TYR FB 54 -81.70 46.14 -4.23
CA TYR FB 54 -80.24 46.15 -4.16
C TYR FB 54 -79.72 47.56 -4.35
N ILE FB 55 -78.46 47.76 -3.96
CA ILE FB 55 -77.75 49.01 -4.19
C ILE FB 55 -76.48 48.68 -4.97
N ASP FB 56 -76.27 49.38 -6.08
CA ASP FB 56 -75.04 49.19 -6.85
C ASP FB 56 -74.65 50.52 -7.49
N LYS FB 57 -73.53 51.08 -7.07
CA LYS FB 57 -73.05 52.30 -7.69
C LYS FB 57 -72.57 52.09 -9.10
N LYS FB 58 -72.37 50.85 -9.52
CA LYS FB 58 -71.87 50.53 -10.85
C LYS FB 58 -72.92 49.89 -11.74
N CYS FB 59 -74.14 49.74 -11.27
CA CYS FB 59 -75.21 49.22 -12.12
C CYS FB 59 -75.55 50.25 -13.19
N PRO FB 60 -75.65 49.85 -14.45
CA PRO FB 60 -75.91 50.84 -15.51
C PRO FB 60 -77.20 51.61 -15.34
N PHE FB 61 -78.25 50.96 -14.85
CA PHE FB 61 -79.54 51.60 -14.70
C PHE FB 61 -79.68 52.35 -13.37
N THR FB 62 -79.11 51.80 -12.30
CA THR FB 62 -79.26 52.35 -10.96
C THR FB 62 -77.93 52.74 -10.37
N GLY FB 63 -77.09 53.40 -11.17
CA GLY FB 63 -75.80 53.85 -10.68
C GLY FB 63 -75.27 54.97 -11.55
N ASN FB 64 -74.19 55.57 -11.07
CA ASN FB 64 -73.56 56.68 -11.78
C ASN FB 64 -72.54 56.18 -12.80
N VAL FB 65 -72.97 55.27 -13.67
CA VAL FB 65 -72.13 54.75 -14.74
C VAL FB 65 -72.88 54.91 -16.05
N SER FB 66 -72.18 55.42 -17.07
CA SER FB 66 -72.77 55.69 -18.36
C SER FB 66 -72.08 54.84 -19.41
N ILE FB 67 -72.87 54.11 -20.19
CA ILE FB 67 -72.32 53.22 -21.21
C ILE FB 67 -72.03 54.04 -22.45
N ARG FB 68 -70.75 54.31 -22.70
CA ARG FB 68 -70.32 55.02 -23.89
C ARG FB 68 -69.18 54.25 -24.53
N GLY FB 69 -69.14 54.27 -25.87
CA GLY FB 69 -68.09 53.59 -26.59
C GLY FB 69 -68.53 52.32 -27.27
N ARG FB 70 -67.92 51.20 -26.91
CA ARG FB 70 -68.10 49.94 -27.63
C ARG FB 70 -69.10 49.04 -26.92
N ILE FB 71 -69.70 48.15 -27.70
CA ILE FB 71 -70.56 47.08 -27.19
C ILE FB 71 -70.02 45.76 -27.70
N LEU FB 72 -69.84 44.81 -26.81
CA LEU FB 72 -69.29 43.51 -27.15
C LEU FB 72 -70.23 42.42 -26.66
N SER FB 73 -69.92 41.19 -27.04
CA SER FB 73 -70.69 40.02 -26.64
C SER FB 73 -69.75 38.97 -26.07
N GLY FB 74 -70.31 38.09 -25.25
CA GLY FB 74 -69.48 37.06 -24.65
C GLY FB 74 -70.32 35.98 -24.02
N VAL FB 75 -69.63 34.96 -23.51
CA VAL FB 75 -70.25 33.82 -22.85
C VAL FB 75 -69.66 33.69 -21.45
N VAL FB 76 -70.53 33.55 -20.45
CA VAL FB 76 -70.08 33.50 -19.07
C VAL FB 76 -69.28 32.22 -18.84
N THR FB 77 -68.11 32.36 -18.24
CA THR FB 77 -67.26 31.23 -17.90
C THR FB 77 -67.29 30.90 -16.42
N LYS FB 78 -67.11 31.90 -15.56
CA LYS FB 78 -67.18 31.70 -14.12
C LYS FB 78 -68.02 32.79 -13.49
N MET FB 79 -68.58 32.48 -12.32
CA MET FB 79 -69.41 33.39 -11.55
C MET FB 79 -68.99 33.38 -10.09
N LYS FB 80 -67.69 33.50 -9.85
CA LYS FB 80 -67.12 33.39 -8.51
C LYS FB 80 -66.48 34.69 -8.05
N MET FB 81 -67.09 35.82 -8.42
CA MET FB 81 -66.65 37.13 -7.94
C MET FB 81 -67.86 37.93 -7.48
N GLN FB 82 -67.62 38.78 -6.49
CA GLN FB 82 -68.69 39.57 -5.88
C GLN FB 82 -69.20 40.61 -6.88
N ARG FB 83 -70.39 40.35 -7.44
CA ARG FB 83 -71.03 41.23 -8.42
C ARG FB 83 -70.17 41.44 -9.66
N THR FB 84 -69.39 40.43 -10.03
CA THR FB 84 -68.50 40.53 -11.19
C THR FB 84 -68.36 39.14 -11.81
N ILE FB 85 -68.37 39.08 -13.13
CA ILE FB 85 -68.29 37.82 -13.86
C ILE FB 85 -67.25 37.94 -14.96
N VAL FB 86 -66.67 36.81 -15.32
CA VAL FB 86 -65.68 36.72 -16.39
C VAL FB 86 -66.35 36.09 -17.59
N ILE FB 87 -66.16 36.70 -18.76
CA ILE FB 87 -66.74 36.21 -19.99
C ILE FB 87 -65.63 35.99 -21.01
N ARG FB 88 -65.81 35.00 -21.87
CA ARG FB 88 -64.83 34.63 -22.87
C ARG FB 88 -65.25 35.14 -24.23
N ARG FB 89 -64.37 35.89 -24.87
CA ARG FB 89 -64.58 36.33 -26.24
C ARG FB 89 -63.77 35.42 -27.15
N ASP FB 90 -64.46 34.69 -28.03
CA ASP FB 90 -63.84 33.80 -28.99
C ASP FB 90 -63.94 34.41 -30.38
N TYR FB 91 -62.84 34.42 -31.10
CA TYR FB 91 -62.79 35.09 -32.39
C TYR FB 91 -61.77 34.40 -33.28
N LEU FB 92 -61.95 34.56 -34.58
CA LEU FB 92 -61.08 33.95 -35.57
C LEU FB 92 -60.07 34.98 -36.04
N HIS FB 93 -58.79 34.71 -35.81
CA HIS FB 93 -57.74 35.59 -36.27
C HIS FB 93 -57.21 35.08 -37.61
N TYR FB 94 -57.09 35.99 -38.56
CA TYR FB 94 -56.74 35.63 -39.93
C TYR FB 94 -55.22 35.68 -40.12
N ILE FB 95 -54.65 34.56 -40.54
CA ILE FB 95 -53.24 34.46 -40.84
C ILE FB 95 -53.10 34.51 -42.36
N ARG FB 96 -52.53 35.61 -42.86
CA ARG FB 96 -52.52 35.81 -44.31
C ARG FB 96 -51.69 34.75 -45.02
N LYS FB 97 -50.55 34.37 -44.44
CA LYS FB 97 -49.62 33.48 -45.14
C LYS FB 97 -50.29 32.16 -45.48
N TYR FB 98 -51.07 31.61 -44.56
CA TYR FB 98 -51.77 30.36 -44.81
C TYR FB 98 -53.18 30.56 -45.33
N ASN FB 99 -53.64 31.81 -45.43
CA ASN FB 99 -55.01 32.12 -45.86
C ASN FB 99 -56.04 31.42 -44.98
N ARG FB 100 -55.67 31.13 -43.73
CA ARG FB 100 -56.57 30.41 -42.83
C ARG FB 100 -56.73 31.18 -41.53
N PHE FB 101 -57.41 30.58 -40.56
CA PHE FB 101 -57.73 31.25 -39.31
C PHE FB 101 -57.18 30.46 -38.14
N GLU FB 102 -57.25 31.07 -36.97
CA GLU FB 102 -56.95 30.38 -35.72
C GLU FB 102 -57.93 30.87 -34.66
N LYS FB 103 -58.44 29.94 -33.88
CA LYS FB 103 -59.36 30.29 -32.81
C LYS FB 103 -58.57 30.91 -31.67
N ARG FB 104 -58.65 32.23 -31.54
CA ARG FB 104 -58.01 32.95 -30.46
C ARG FB 104 -59.07 33.43 -29.48
N HIS FB 105 -58.75 33.36 -28.20
CA HIS FB 105 -59.68 33.71 -27.14
C HIS FB 105 -59.07 34.77 -26.26
N LYS FB 106 -59.92 35.56 -25.63
CA LYS FB 106 -59.49 36.54 -24.65
C LYS FB 106 -60.52 36.62 -23.55
N ASN FB 107 -60.08 36.43 -22.31
CA ASN FB 107 -60.96 36.60 -21.17
C ASN FB 107 -61.12 38.08 -20.84
N MET FB 108 -62.19 38.40 -20.12
CA MET FB 108 -62.51 39.80 -19.82
C MET FB 108 -63.49 39.83 -18.67
N SER FB 109 -63.08 40.40 -17.55
CA SER FB 109 -63.95 40.50 -16.39
C SER FB 109 -64.84 41.72 -16.51
N VAL FB 110 -66.15 41.51 -16.45
CA VAL FB 110 -67.14 42.56 -16.62
C VAL FB 110 -68.05 42.57 -15.41
N HIS FB 111 -68.68 43.71 -15.16
CA HIS FB 111 -69.49 43.89 -13.97
C HIS FB 111 -70.93 43.49 -14.24
N LEU FB 112 -71.44 42.58 -13.42
CA LEU FB 112 -72.81 42.10 -13.51
C LEU FB 112 -73.62 42.76 -12.40
N SER FB 113 -74.67 43.47 -12.76
CA SER FB 113 -75.58 43.99 -11.76
C SER FB 113 -76.44 42.85 -11.22
N PRO FB 114 -76.85 42.92 -9.94
CA PRO FB 114 -77.74 41.89 -9.39
C PRO FB 114 -79.17 41.96 -9.88
N CYS FB 115 -79.47 42.79 -10.87
CA CYS FB 115 -80.78 42.76 -11.51
C CYS FB 115 -80.91 41.61 -12.51
N PHE FB 116 -79.84 40.89 -12.78
CA PHE FB 116 -79.86 39.72 -13.65
C PHE FB 116 -79.66 38.50 -12.77
N ARG FB 117 -80.75 37.99 -12.21
CA ARG FB 117 -80.66 37.00 -11.14
C ARG FB 117 -80.47 35.59 -11.71
N ASP FB 118 -81.26 35.23 -12.70
CA ASP FB 118 -81.32 33.84 -13.17
C ASP FB 118 -80.11 33.45 -14.00
N VAL FB 119 -79.08 34.28 -14.06
CA VAL FB 119 -77.92 34.01 -14.90
C VAL FB 119 -77.20 32.74 -14.45
N GLN FB 120 -76.86 31.90 -15.42
CA GLN FB 120 -76.17 30.65 -15.17
C GLN FB 120 -74.84 30.66 -15.91
N ILE FB 121 -73.94 29.76 -15.50
CA ILE FB 121 -72.66 29.65 -16.18
C ILE FB 121 -72.89 29.14 -17.60
N GLY FB 122 -72.34 29.86 -18.57
CA GLY FB 122 -72.44 29.47 -19.96
C GLY FB 122 -73.49 30.21 -20.76
N ASP FB 123 -74.18 31.17 -20.17
CA ASP FB 123 -75.18 31.93 -20.91
C ASP FB 123 -74.50 32.98 -21.77
N ILE FB 124 -75.29 33.60 -22.66
CA ILE FB 124 -74.79 34.63 -23.56
C ILE FB 124 -75.12 35.99 -22.97
N VAL FB 125 -74.17 36.91 -23.04
CA VAL FB 125 -74.37 38.26 -22.51
C VAL FB 125 -73.79 39.28 -23.48
N THR FB 126 -74.28 40.50 -23.35
CA THR FB 126 -73.70 41.65 -24.03
C THR FB 126 -73.23 42.66 -23.01
N VAL FB 127 -72.17 43.40 -23.35
CA VAL FB 127 -71.55 44.33 -22.43
C VAL FB 127 -71.33 45.66 -23.13
N GLY FB 128 -71.30 46.71 -22.34
CA GLY FB 128 -71.04 48.04 -22.84
C GLY FB 128 -69.89 48.70 -22.10
N GLU FB 129 -69.07 49.44 -22.84
CA GLU FB 129 -67.91 50.10 -22.26
C GLU FB 129 -68.34 51.26 -21.38
N CYS FB 130 -67.59 51.47 -20.29
CA CYS FB 130 -67.83 52.59 -19.39
C CYS FB 130 -66.52 52.90 -18.67
N ARG FB 131 -66.61 53.75 -17.65
CA ARG FB 131 -65.42 54.12 -16.89
C ARG FB 131 -64.91 52.91 -16.11
N PRO FB 132 -63.60 52.84 -15.85
CA PRO FB 132 -63.04 51.65 -15.18
C PRO FB 132 -63.59 51.43 -13.80
N LEU FB 133 -64.35 50.36 -13.62
CA LEU FB 133 -64.96 50.09 -12.33
C LEU FB 133 -63.95 49.52 -11.33
N SER FB 134 -62.94 48.80 -11.80
CA SER FB 134 -61.99 48.16 -10.93
C SER FB 134 -60.64 48.16 -11.64
N LYS FB 135 -59.72 47.31 -11.19
CA LYS FB 135 -58.39 47.26 -11.79
C LYS FB 135 -58.46 46.84 -13.25
N THR FB 136 -59.27 45.82 -13.56
CA THR FB 136 -59.31 45.28 -14.91
C THR FB 136 -60.74 44.97 -15.35
N VAL FB 137 -61.71 45.75 -14.88
CA VAL FB 137 -63.09 45.64 -15.34
C VAL FB 137 -63.49 46.97 -15.96
N ARG FB 138 -63.93 46.92 -17.22
CA ARG FB 138 -64.28 48.14 -17.93
C ARG FB 138 -65.65 48.07 -18.60
N PHE FB 139 -66.37 46.97 -18.48
CA PHE FB 139 -67.62 46.79 -19.19
C PHE FB 139 -68.72 46.40 -18.22
N ASN FB 140 -69.93 46.82 -18.55
CA ASN FB 140 -71.12 46.48 -17.77
C ASN FB 140 -72.02 45.56 -18.57
N VAL FB 141 -72.51 44.51 -17.92
CA VAL FB 141 -73.47 43.61 -18.54
C VAL FB 141 -74.79 44.35 -18.75
N LEU FB 142 -75.35 44.22 -19.95
CA LEU FB 142 -76.60 44.90 -20.28
C LEU FB 142 -77.75 43.95 -20.58
N LYS FB 143 -77.57 43.01 -21.50
CA LYS FB 143 -78.62 42.05 -21.83
C LYS FB 143 -78.09 40.63 -21.69
N VAL FB 144 -78.89 39.78 -21.05
CA VAL FB 144 -78.53 38.40 -20.74
C VAL FB 144 -79.53 37.49 -21.43
N THR FB 145 -79.03 36.47 -22.13
CA THR FB 145 -79.86 35.49 -22.78
C THR FB 145 -79.40 34.10 -22.36
N LYS FB 146 -80.36 33.20 -22.17
CA LYS FB 146 -80.04 31.83 -21.80
C LYS FB 146 -79.38 31.11 -22.95
N ALA FB 147 -78.79 29.96 -22.64
CA ALA FB 147 -78.03 29.18 -23.61
C ALA FB 147 -78.76 27.88 -23.87
N ALA FB 148 -79.71 27.91 -24.82
CA ALA FB 148 -80.43 26.72 -25.29
C ALA FB 148 -81.08 25.96 -24.12
N GLY FB 149 -81.63 26.71 -23.17
CA GLY FB 149 -82.25 26.10 -22.01
C GLY FB 149 -83.72 26.40 -21.89
N THR FB 150 -84.06 27.28 -20.94
CA THR FB 150 -85.41 27.82 -20.69
C THR FB 150 -86.32 26.78 -20.06
N LYS FB 151 -85.87 25.53 -20.00
CA LYS FB 151 -86.61 24.44 -19.36
C LYS FB 151 -85.60 23.58 -18.62
N LYS FB 152 -85.49 23.77 -17.32
CA LYS FB 152 -84.48 23.11 -16.51
C LYS FB 152 -85.06 21.83 -15.91
N GLN FB 153 -84.48 20.70 -16.29
CA GLN FB 153 -84.91 19.39 -15.78
C GLN FB 153 -84.56 19.21 -14.31
N GLY GB 1 -66.21 2.26 -40.50
CA GLY GB 1 -65.72 1.10 -39.80
C GLY GB 1 -66.11 1.13 -38.34
N ARG GB 2 -65.78 0.08 -37.61
CA ARG GB 2 -66.13 -0.01 -36.21
C ARG GB 2 -65.36 1.02 -35.39
N MET GB 3 -66.01 1.48 -34.32
CA MET GB 3 -65.37 2.45 -33.43
C MET GB 3 -64.15 1.86 -32.75
N HIS GB 4 -64.26 0.61 -32.30
CA HIS GB 4 -63.20 -0.01 -31.52
C HIS GB 4 -62.79 -1.37 -32.08
N ALA GB 5 -63.00 -1.60 -33.36
CA ALA GB 5 -62.60 -2.86 -33.97
C ALA GB 5 -62.20 -2.62 -35.42
N PRO GB 6 -61.33 -3.46 -35.98
CA PRO GB 6 -60.93 -3.33 -37.39
C PRO GB 6 -61.91 -3.98 -38.36
N GLY GB 7 -63.20 -3.73 -38.14
CA GLY GB 7 -64.25 -4.31 -38.96
C GLY GB 7 -64.84 -3.27 -39.90
N LYS GB 8 -65.29 -3.72 -41.05
CA LYS GB 8 -65.98 -2.89 -42.03
C LYS GB 8 -67.31 -3.51 -42.38
N GLY GB 9 -68.03 -4.00 -41.38
CA GLY GB 9 -69.25 -4.75 -41.63
C GLY GB 9 -70.33 -3.89 -42.25
N LEU GB 10 -70.88 -4.36 -43.36
CA LEU GB 10 -71.96 -3.69 -44.05
C LEU GB 10 -73.32 -4.32 -43.74
N SER GB 11 -73.36 -5.32 -42.86
CA SER GB 11 -74.62 -5.94 -42.51
C SER GB 11 -75.48 -4.98 -41.71
N GLN GB 12 -76.71 -4.79 -42.14
CA GLN GB 12 -77.65 -3.87 -41.50
C GLN GB 12 -79.03 -4.15 -42.06
N SER GB 13 -79.96 -3.26 -41.77
CA SER GB 13 -81.28 -3.31 -42.38
C SER GB 13 -81.37 -2.29 -43.51
N ALA GB 14 -82.40 -2.43 -44.33
CA ALA GB 14 -82.67 -1.49 -45.43
C ALA GB 14 -84.18 -1.32 -45.53
N LEU GB 15 -84.68 -0.19 -45.09
CA LEU GB 15 -86.12 0.04 -45.10
C LEU GB 15 -86.61 0.24 -46.53
N PRO GB 16 -87.77 -0.32 -46.87
CA PRO GB 16 -88.25 -0.21 -48.25
C PRO GB 16 -88.70 1.20 -48.57
N TYR GB 17 -88.97 1.42 -49.86
CA TYR GB 17 -89.37 2.73 -50.33
C TYR GB 17 -90.81 3.05 -49.91
N ARG GB 18 -91.72 2.09 -50.06
CA ARG GB 18 -93.14 2.32 -49.79
C ARG GB 18 -93.36 2.44 -48.30
N ARG GB 19 -93.46 3.69 -47.81
CA ARG GB 19 -93.65 3.91 -46.39
C ARG GB 19 -95.09 3.65 -45.95
N SER GB 20 -96.02 3.57 -46.89
CA SER GB 20 -97.40 3.27 -46.54
C SER GB 20 -97.53 1.83 -46.06
N VAL GB 21 -98.47 1.61 -45.15
CA VAL GB 21 -98.62 0.33 -44.46
C VAL GB 21 -99.07 -0.73 -45.46
N PRO GB 22 -98.80 -2.01 -45.19
CA PRO GB 22 -99.36 -3.06 -46.04
C PRO GB 22 -100.87 -3.05 -46.00
N THR GB 23 -101.47 -3.28 -47.16
CA THR GB 23 -102.93 -3.30 -47.24
C THR GB 23 -103.52 -4.53 -46.60
N TRP GB 24 -102.74 -5.58 -46.41
CA TRP GB 24 -103.21 -6.81 -45.79
C TRP GB 24 -103.10 -6.77 -44.28
N LEU GB 25 -102.67 -5.65 -43.70
CA LEU GB 25 -102.59 -5.49 -42.26
C LEU GB 25 -103.71 -4.58 -41.80
N LYS GB 26 -104.43 -5.00 -40.76
CA LYS GB 26 -105.59 -4.27 -40.26
C LYS GB 26 -105.36 -3.61 -38.90
N LEU GB 27 -104.25 -3.93 -38.23
CA LEU GB 27 -103.98 -3.34 -36.91
C LEU GB 27 -103.65 -1.86 -37.09
N THR GB 28 -104.50 -1.00 -36.54
CA THR GB 28 -104.39 0.42 -36.81
C THR GB 28 -103.63 1.12 -35.68
N SER GB 29 -103.59 2.45 -35.76
CA SER GB 29 -102.69 3.24 -34.92
C SER GB 29 -102.97 3.01 -33.44
N ASP GB 30 -104.21 3.18 -33.02
CA ASP GB 30 -104.53 2.96 -31.62
C ASP GB 30 -104.54 1.47 -31.28
N ASP GB 31 -104.68 0.60 -32.27
CA ASP GB 31 -104.61 -0.84 -32.00
C ASP GB 31 -103.22 -1.26 -31.55
N VAL GB 32 -102.18 -0.70 -32.17
CA VAL GB 32 -100.82 -1.13 -31.82
C VAL GB 32 -100.41 -0.63 -30.44
N LYS GB 33 -100.99 0.48 -29.98
CA LYS GB 33 -100.45 1.21 -28.84
C LYS GB 33 -100.54 0.39 -27.56
N GLU GB 34 -101.71 -0.21 -27.29
CA GLU GB 34 -101.85 -0.96 -26.05
C GLU GB 34 -101.05 -2.26 -26.09
N GLN GB 35 -100.87 -2.85 -27.28
CA GLN GB 35 -100.00 -4.00 -27.39
C GLN GB 35 -98.56 -3.62 -27.06
N ILE GB 36 -98.13 -2.44 -27.52
CA ILE GB 36 -96.83 -1.92 -27.16
C ILE GB 36 -96.72 -1.74 -25.65
N TYR GB 37 -97.76 -1.18 -25.04
CA TYR GB 37 -97.75 -0.96 -23.59
C TYR GB 37 -97.66 -2.28 -22.85
N LYS GB 38 -98.41 -3.29 -23.31
CA LYS GB 38 -98.39 -4.59 -22.64
C LYS GB 38 -97.04 -5.28 -22.78
N LEU GB 39 -96.47 -5.26 -23.99
CA LEU GB 39 -95.17 -5.88 -24.18
C LEU GB 39 -94.09 -5.18 -23.37
N ALA GB 40 -94.13 -3.85 -23.31
CA ALA GB 40 -93.18 -3.12 -22.47
C ALA GB 40 -93.39 -3.40 -21.00
N LYS GB 41 -94.66 -3.52 -20.57
CA LYS GB 41 -94.96 -3.88 -19.19
C LYS GB 41 -94.48 -5.27 -18.84
N LYS GB 42 -94.26 -6.11 -19.85
CA LYS GB 42 -93.64 -7.42 -19.62
C LYS GB 42 -92.14 -7.32 -19.42
N GLY GB 43 -91.61 -6.14 -19.10
CA GLY GB 43 -90.20 -5.95 -18.85
C GLY GB 43 -89.35 -6.03 -20.10
N LEU GB 44 -89.82 -5.39 -21.17
CA LEU GB 44 -89.15 -5.44 -22.46
C LEU GB 44 -88.51 -4.09 -22.78
N THR GB 45 -87.63 -4.11 -23.75
CA THR GB 45 -86.88 -2.99 -24.26
C THR GB 45 -87.43 -2.54 -25.59
N PRO GB 46 -87.21 -1.30 -25.99
CA PRO GB 46 -87.76 -0.82 -27.28
C PRO GB 46 -87.31 -1.62 -28.49
N SER GB 47 -86.09 -2.16 -28.47
CA SER GB 47 -85.68 -3.05 -29.55
C SER GB 47 -86.51 -4.33 -29.54
N GLN GB 48 -86.73 -4.88 -28.35
CA GLN GB 48 -87.53 -6.10 -28.23
C GLN GB 48 -88.97 -5.89 -28.66
N ILE GB 49 -89.54 -4.73 -28.37
CA ILE GB 49 -90.89 -4.43 -28.86
C ILE GB 49 -90.90 -4.48 -30.38
N GLY GB 50 -89.89 -3.88 -31.02
CA GLY GB 50 -89.86 -3.87 -32.47
C GLY GB 50 -89.72 -5.26 -33.07
N VAL GB 51 -88.82 -6.08 -32.53
CA VAL GB 51 -88.63 -7.40 -33.12
C VAL GB 51 -89.85 -8.28 -32.88
N ILE GB 52 -90.41 -8.26 -31.67
CA ILE GB 52 -91.58 -9.08 -31.39
C ILE GB 52 -92.77 -8.63 -32.24
N LEU GB 53 -92.98 -7.31 -32.34
CA LEU GB 53 -94.08 -6.80 -33.14
C LEU GB 53 -93.92 -7.17 -34.61
N ARG GB 54 -92.71 -7.04 -35.14
CA ARG GB 54 -92.47 -7.42 -36.53
C ARG GB 54 -92.66 -8.91 -36.74
N ASP GB 55 -92.30 -9.72 -35.75
CA ASP GB 55 -92.31 -11.17 -35.93
C ASP GB 55 -93.70 -11.76 -35.75
N SER GB 56 -94.25 -11.67 -34.53
CA SER GB 56 -95.52 -12.33 -34.26
C SER GB 56 -96.69 -11.56 -34.84
N HIS GB 57 -96.62 -10.24 -34.82
CA HIS GB 57 -97.75 -9.41 -35.23
C HIS GB 57 -97.61 -8.90 -36.66
N GLY GB 58 -96.46 -9.09 -37.29
CA GLY GB 58 -96.34 -8.83 -38.70
C GLY GB 58 -96.34 -7.37 -39.10
N VAL GB 59 -96.19 -6.45 -38.16
CA VAL GB 59 -96.11 -5.04 -38.53
C VAL GB 59 -94.73 -4.77 -39.11
N ALA GB 60 -94.69 -3.99 -40.18
CA ALA GB 60 -93.43 -3.65 -40.82
C ALA GB 60 -92.63 -2.68 -39.96
N GLN GB 61 -93.17 -1.48 -39.77
CA GLN GB 61 -92.51 -0.45 -38.98
C GLN GB 61 -93.55 0.30 -38.17
N VAL GB 62 -93.29 0.43 -36.86
CA VAL GB 62 -94.23 1.13 -36.00
C VAL GB 62 -94.31 2.60 -36.37
N ARG GB 63 -93.17 3.20 -36.75
CA ARG GB 63 -93.19 4.59 -37.17
C ARG GB 63 -94.00 4.78 -38.43
N PHE GB 64 -94.09 3.75 -39.25
CA PHE GB 64 -94.95 3.82 -40.43
C PHE GB 64 -96.41 3.61 -40.07
N VAL GB 65 -96.70 2.73 -39.12
CA VAL GB 65 -98.09 2.41 -38.83
C VAL GB 65 -98.74 3.52 -38.02
N THR GB 66 -98.10 3.95 -36.93
CA THR GB 66 -98.72 4.89 -36.00
C THR GB 66 -98.14 6.29 -36.05
N GLY GB 67 -97.07 6.51 -36.80
CA GLY GB 67 -96.50 7.84 -36.92
C GLY GB 67 -95.58 8.26 -35.79
N ASN GB 68 -95.34 7.39 -34.81
CA ASN GB 68 -94.43 7.68 -33.71
C ASN GB 68 -93.63 6.43 -33.37
N LYS GB 69 -92.41 6.63 -32.89
CA LYS GB 69 -91.53 5.51 -32.63
C LYS GB 69 -91.99 4.75 -31.37
N ILE GB 70 -91.21 3.73 -31.01
CA ILE GB 70 -91.50 2.97 -29.79
C ILE GB 70 -91.24 3.80 -28.55
N LEU GB 71 -90.02 4.32 -28.42
CA LEU GB 71 -89.62 4.99 -27.20
C LEU GB 71 -90.32 6.34 -27.03
N ARG GB 72 -90.72 6.99 -28.12
CA ARG GB 72 -91.49 8.23 -28.00
C ARG GB 72 -92.79 7.99 -27.27
N ILE GB 73 -93.57 7.01 -27.73
CA ILE GB 73 -94.84 6.73 -27.08
C ILE GB 73 -94.67 6.07 -25.74
N LEU GB 74 -93.57 5.33 -25.52
CA LEU GB 74 -93.31 4.82 -24.18
C LEU GB 74 -93.08 5.95 -23.19
N LYS GB 75 -92.31 6.97 -23.58
CA LYS GB 75 -92.16 8.15 -22.73
C LYS GB 75 -93.48 8.88 -22.56
N SER GB 76 -94.26 9.01 -23.62
CA SER GB 76 -95.52 9.74 -23.53
C SER GB 76 -96.47 9.05 -22.56
N LYS GB 77 -96.55 7.72 -22.61
CA LYS GB 77 -97.34 6.97 -21.65
C LYS GB 77 -96.70 6.98 -20.27
N GLY GB 78 -95.38 7.17 -20.19
CA GLY GB 78 -94.69 7.38 -18.94
C GLY GB 78 -93.93 6.19 -18.41
N LEU GB 79 -94.12 5.00 -18.97
CA LEU GB 79 -93.47 3.81 -18.46
C LEU GB 79 -92.12 3.54 -19.13
N ALA GB 80 -91.64 4.46 -19.96
CA ALA GB 80 -90.30 4.33 -20.50
C ALA GB 80 -89.28 4.46 -19.37
N PRO GB 81 -88.17 3.74 -19.45
CA PRO GB 81 -87.18 3.79 -18.37
C PRO GB 81 -86.48 5.14 -18.33
N ASP GB 82 -85.81 5.37 -17.20
CA ASP GB 82 -84.97 6.55 -17.07
C ASP GB 82 -83.75 6.47 -17.97
N LEU GB 83 -83.29 5.27 -18.28
CA LEU GB 83 -82.00 5.10 -18.91
C LEU GB 83 -82.17 4.48 -20.29
N PRO GB 84 -81.49 5.00 -21.29
CA PRO GB 84 -81.57 4.40 -22.63
C PRO GB 84 -81.04 2.98 -22.63
N GLU GB 85 -81.64 2.13 -23.46
CA GLU GB 85 -81.28 0.72 -23.48
C GLU GB 85 -79.86 0.53 -23.98
N ASP GB 86 -79.43 1.33 -24.95
CA ASP GB 86 -78.09 1.18 -25.50
C ASP GB 86 -77.03 1.58 -24.49
N LEU GB 87 -77.33 2.52 -23.60
CA LEU GB 87 -76.42 2.80 -22.50
C LEU GB 87 -76.49 1.72 -21.43
N TYR GB 88 -77.69 1.24 -21.14
CA TYR GB 88 -77.90 0.26 -20.09
C TYR GB 88 -77.16 -1.04 -20.39
N HIS GB 89 -77.23 -1.49 -21.64
CA HIS GB 89 -76.58 -2.75 -22.00
C HIS GB 89 -75.07 -2.63 -21.95
N LEU GB 90 -74.53 -1.47 -22.32
CA LEU GB 90 -73.10 -1.26 -22.17
C LEU GB 90 -72.69 -1.29 -20.70
N ILE GB 91 -73.51 -0.71 -19.83
CA ILE GB 91 -73.23 -0.78 -18.40
C ILE GB 91 -73.27 -2.22 -17.91
N LYS GB 92 -74.24 -2.99 -18.37
CA LYS GB 92 -74.36 -4.39 -17.95
C LYS GB 92 -73.15 -5.21 -18.42
N LYS GB 93 -72.72 -5.01 -19.65
CA LYS GB 93 -71.53 -5.73 -20.11
C LYS GB 93 -70.29 -5.29 -19.33
N ALA GB 94 -70.20 -4.01 -18.98
CA ALA GB 94 -69.06 -3.55 -18.19
C ALA GB 94 -69.03 -4.22 -16.83
N VAL GB 95 -70.18 -4.31 -16.15
CA VAL GB 95 -70.16 -4.95 -14.83
C VAL GB 95 -69.87 -6.44 -14.96
N ALA GB 96 -70.35 -7.08 -16.02
CA ALA GB 96 -70.01 -8.48 -16.23
C ALA GB 96 -68.50 -8.66 -16.42
N VAL GB 97 -67.89 -7.76 -17.19
CA VAL GB 97 -66.45 -7.88 -17.45
C VAL GB 97 -65.65 -7.66 -16.17
N ARG GB 98 -66.05 -6.69 -15.35
CA ARG GB 98 -65.32 -6.46 -14.10
C ARG GB 98 -65.52 -7.60 -13.11
N LYS GB 99 -66.72 -8.17 -13.07
CA LYS GB 99 -66.92 -9.36 -12.28
C LYS GB 99 -66.02 -10.49 -12.76
N HIS GB 100 -65.85 -10.60 -14.08
CA HIS GB 100 -64.92 -11.60 -14.60
C HIS GB 100 -63.49 -11.31 -14.17
N LEU GB 101 -63.09 -10.04 -14.19
CA LEU GB 101 -61.73 -9.67 -13.85
C LEU GB 101 -61.39 -10.01 -12.42
N GLU GB 102 -62.28 -9.68 -11.49
CA GLU GB 102 -61.98 -9.93 -10.09
C GLU GB 102 -61.83 -11.41 -9.78
N ARG GB 103 -62.47 -12.28 -10.56
CA ARG GB 103 -62.21 -13.71 -10.44
C ARG GB 103 -60.91 -14.09 -11.14
N ASN GB 104 -60.63 -13.49 -12.29
CA ASN GB 104 -59.48 -13.84 -13.12
C ASN GB 104 -58.73 -12.56 -13.43
N ARG GB 105 -57.84 -12.18 -12.51
CA ARG GB 105 -56.99 -11.02 -12.66
C ARG GB 105 -56.15 -11.08 -13.94
N LYS GB 106 -55.65 -12.26 -14.32
CA LYS GB 106 -54.65 -12.36 -15.37
C LYS GB 106 -55.19 -12.13 -16.76
N ASP GB 107 -56.49 -11.88 -16.92
CA ASP GB 107 -57.09 -11.77 -18.25
C ASP GB 107 -56.94 -10.34 -18.75
N LYS GB 108 -55.72 -10.05 -19.22
CA LYS GB 108 -55.39 -8.72 -19.71
C LYS GB 108 -56.25 -8.32 -20.91
N ASP GB 109 -56.62 -9.30 -21.74
CA ASP GB 109 -57.52 -8.99 -22.85
C ASP GB 109 -58.89 -8.58 -22.34
N ALA GB 110 -59.37 -9.19 -21.26
CA ALA GB 110 -60.59 -8.71 -20.63
C ALA GB 110 -60.43 -7.30 -20.15
N LYS GB 111 -59.27 -6.97 -19.58
CA LYS GB 111 -59.03 -5.60 -19.16
C LYS GB 111 -59.07 -4.63 -20.34
N PHE GB 112 -58.47 -5.03 -21.47
CA PHE GB 112 -58.47 -4.20 -22.67
C PHE GB 112 -59.89 -3.97 -23.19
N ARG GB 113 -60.68 -5.04 -23.25
CA ARG GB 113 -62.08 -4.91 -23.64
C ARG GB 113 -62.83 -4.02 -22.68
N LEU GB 114 -62.49 -4.10 -21.38
CA LEU GB 114 -63.11 -3.23 -20.39
C LEU GB 114 -62.80 -1.77 -20.67
N ILE GB 115 -61.57 -1.48 -21.06
CA ILE GB 115 -61.21 -0.12 -21.43
C ILE GB 115 -62.04 0.36 -22.60
N LEU GB 116 -62.20 -0.50 -23.62
CA LEU GB 116 -63.01 -0.12 -24.77
C LEU GB 116 -64.45 0.17 -24.37
N ILE GB 117 -65.03 -0.69 -23.54
CA ILE GB 117 -66.42 -0.54 -23.14
C ILE GB 117 -66.60 0.70 -22.30
N GLU GB 118 -65.64 0.99 -21.41
CA GLU GB 118 -65.70 2.20 -20.62
C GLU GB 118 -65.68 3.43 -21.51
N SER GB 119 -64.83 3.42 -22.54
CA SER GB 119 -64.77 4.55 -23.46
C SER GB 119 -66.10 4.75 -24.17
N ARG GB 120 -66.71 3.64 -24.63
CA ARG GB 120 -68.02 3.73 -25.27
C ARG GB 120 -69.05 4.30 -24.31
N ILE GB 121 -69.04 3.84 -23.05
CA ILE GB 121 -70.00 4.32 -22.07
C ILE GB 121 -69.85 5.81 -21.85
N HIS GB 122 -68.61 6.27 -21.69
CA HIS GB 122 -68.39 7.69 -21.43
C HIS GB 122 -68.82 8.53 -22.62
N ARG GB 123 -68.54 8.08 -23.84
CA ARG GB 123 -68.94 8.83 -25.02
C ARG GB 123 -70.45 8.90 -25.14
N LEU GB 124 -71.14 7.78 -24.90
CA LEU GB 124 -72.59 7.77 -24.97
C LEU GB 124 -73.21 8.65 -23.88
N ALA GB 125 -72.63 8.62 -22.68
CA ALA GB 125 -73.12 9.47 -21.61
C ALA GB 125 -72.88 10.94 -21.90
N ARG GB 126 -71.74 11.27 -22.54
CA ARG GB 126 -71.49 12.64 -22.95
C ARG GB 126 -72.54 13.11 -23.93
N TYR GB 127 -72.85 12.27 -24.92
CA TYR GB 127 -73.88 12.64 -25.88
C TYR GB 127 -75.23 12.83 -25.20
N TYR GB 128 -75.60 11.90 -24.29
CA TYR GB 128 -76.90 11.97 -23.65
C TYR GB 128 -77.01 13.19 -22.74
N LYS GB 129 -75.93 13.50 -22.02
CA LYS GB 129 -75.93 14.69 -21.17
C LYS GB 129 -76.04 15.96 -22.01
N THR GB 130 -75.37 15.99 -23.17
CA THR GB 130 -75.56 17.10 -24.09
C THR GB 130 -77.00 17.17 -24.58
N LYS GB 131 -77.64 16.02 -24.76
CA LYS GB 131 -79.03 15.95 -25.20
C LYS GB 131 -80.02 16.14 -24.06
N ARG GB 132 -79.54 16.30 -22.83
CA ARG GB 132 -80.37 16.45 -21.63
C ARG GB 132 -81.21 15.21 -21.36
N VAL GB 133 -80.85 14.08 -21.95
CA VAL GB 133 -81.44 12.81 -21.55
C VAL GB 133 -81.01 12.44 -20.15
N LEU GB 134 -79.73 12.60 -19.84
CA LEU GB 134 -79.15 12.37 -18.54
C LEU GB 134 -78.78 13.71 -17.90
N PRO GB 135 -78.87 13.82 -16.58
CA PRO GB 135 -78.59 15.09 -15.93
C PRO GB 135 -77.15 15.51 -16.13
N PRO GB 136 -76.88 16.82 -16.13
CA PRO GB 136 -75.51 17.27 -16.38
C PRO GB 136 -74.50 16.78 -15.35
N ASN GB 137 -74.94 16.50 -14.13
CA ASN GB 137 -74.07 16.00 -13.08
C ASN GB 137 -73.88 14.51 -13.12
N TRP GB 138 -74.54 13.81 -14.06
CA TRP GB 138 -74.44 12.36 -14.11
C TRP GB 138 -73.02 11.92 -14.40
N LYS GB 139 -72.60 10.86 -13.72
CA LYS GB 139 -71.26 10.32 -13.89
C LYS GB 139 -71.30 8.83 -13.65
N TYR GB 140 -70.53 8.08 -14.44
CA TYR GB 140 -70.46 6.64 -14.32
C TYR GB 140 -69.41 6.26 -13.28
N GLU GB 141 -69.84 5.62 -12.20
CA GLU GB 141 -68.94 5.18 -11.15
C GLU GB 141 -68.70 3.68 -11.27
N SER GB 142 -67.44 3.28 -11.15
CA SER GB 142 -67.10 1.86 -11.28
C SER GB 142 -67.71 1.05 -10.15
N SER GB 143 -67.73 1.59 -8.94
CA SER GB 143 -68.18 0.82 -7.79
C SER GB 143 -69.70 0.67 -7.79
N THR GB 144 -70.43 1.74 -8.06
CA THR GB 144 -71.86 1.77 -7.85
C THR GB 144 -72.66 1.36 -9.08
N ALA GB 145 -71.99 1.05 -10.19
CA ALA GB 145 -72.71 0.69 -11.40
C ALA GB 145 -73.43 -0.64 -11.26
N SER GB 146 -72.91 -1.54 -10.43
CA SER GB 146 -73.53 -2.85 -10.23
C SER GB 146 -74.91 -2.76 -9.60
N ALA GB 147 -75.27 -1.60 -9.03
CA ALA GB 147 -76.63 -1.32 -8.63
C ALA GB 147 -77.28 -0.21 -9.43
N LEU GB 148 -76.49 0.64 -10.10
CA LEU GB 148 -77.05 1.59 -11.05
C LEU GB 148 -77.69 0.87 -12.23
N VAL GB 149 -77.28 -0.36 -12.51
CA VAL GB 149 -77.97 -1.17 -13.50
C VAL GB 149 -79.38 -1.47 -12.99
N ALA GB 150 -80.37 -1.11 -13.79
CA ALA GB 150 -81.79 -1.31 -13.48
C ALA GB 150 -82.17 -0.81 -12.08
N ILE HB 4 -32.06 -79.21 -25.39
CA ILE HB 4 -30.76 -79.62 -24.88
C ILE HB 4 -29.71 -79.33 -25.93
N SER HB 5 -28.43 -79.37 -25.51
CA SER HB 5 -27.28 -79.16 -26.41
C SER HB 5 -27.38 -77.81 -27.12
N LEU HB 6 -27.81 -76.79 -26.37
CA LEU HB 6 -27.92 -75.41 -26.86
C LEU HB 6 -28.88 -75.30 -28.04
N GLY HB 7 -30.13 -75.65 -27.77
CA GLY HB 7 -31.16 -75.57 -28.78
C GLY HB 7 -32.45 -76.25 -28.38
N PRO HB 8 -33.57 -75.74 -28.88
CA PRO HB 8 -34.88 -76.33 -28.55
C PRO HB 8 -35.11 -77.67 -29.23
N GLN HB 9 -36.32 -78.20 -29.09
CA GLN HB 9 -36.69 -79.49 -29.64
C GLN HB 9 -37.63 -79.35 -30.84
N VAL HB 10 -37.40 -78.31 -31.65
CA VAL HB 10 -38.29 -78.04 -32.77
C VAL HB 10 -38.12 -79.10 -33.85
N ALA HB 11 -39.20 -79.32 -34.61
CA ALA HB 11 -39.10 -80.09 -35.83
C ALA HB 11 -38.49 -79.24 -36.94
N GLU HB 12 -38.03 -79.90 -38.00
CA GLU HB 12 -37.37 -79.17 -39.09
C GLU HB 12 -38.34 -78.22 -39.79
N GLY HB 13 -39.59 -78.64 -39.99
CA GLY HB 13 -40.53 -77.85 -40.74
C GLY HB 13 -40.92 -76.54 -40.08
N GLU HB 14 -40.72 -76.42 -38.78
CA GLU HB 14 -41.07 -75.18 -38.08
C GLU HB 14 -39.83 -74.30 -37.92
N ASN HB 15 -40.06 -73.04 -37.56
CA ASN HB 15 -39.00 -72.07 -37.40
C ASN HB 15 -39.12 -71.35 -36.07
N VAL HB 16 -37.98 -71.11 -35.44
CA VAL HB 16 -37.92 -70.35 -34.20
C VAL HB 16 -37.49 -68.93 -34.50
N PHE HB 17 -38.15 -67.98 -33.86
CA PHE HB 17 -37.99 -66.57 -34.17
C PHE HB 17 -37.18 -65.88 -33.07
N GLY HB 18 -36.13 -65.19 -33.49
CA GLY HB 18 -35.48 -64.21 -32.63
C GLY HB 18 -36.00 -62.81 -32.94
N VAL HB 19 -35.47 -61.84 -32.21
CA VAL HB 19 -35.84 -60.44 -32.39
C VAL HB 19 -34.55 -59.65 -32.50
N CYS HB 20 -34.24 -59.17 -33.68
CA CYS HB 20 -33.00 -58.46 -33.95
C CYS HB 20 -33.26 -56.96 -33.95
N HIS HB 21 -32.74 -56.27 -32.96
CA HIS HB 21 -32.76 -54.82 -32.91
C HIS HB 21 -31.56 -54.33 -33.71
N ILE HB 22 -31.82 -53.54 -34.75
CA ILE HB 22 -30.78 -52.92 -35.56
C ILE HB 22 -30.77 -51.45 -35.16
N PHE HB 23 -29.90 -51.10 -34.21
CA PHE HB 23 -29.71 -49.70 -33.86
C PHE HB 23 -28.66 -49.12 -34.79
N ALA HB 24 -29.13 -48.61 -35.92
CA ALA HB 24 -28.25 -48.10 -36.96
C ALA HB 24 -28.30 -46.57 -36.91
N SER HB 25 -27.50 -46.01 -36.00
CA SER HB 25 -27.32 -44.58 -35.93
C SER HB 25 -26.04 -44.20 -36.66
N PHE HB 26 -25.60 -42.96 -36.51
CA PHE HB 26 -24.33 -42.55 -37.04
C PHE HB 26 -23.23 -42.79 -36.00
N ASN HB 27 -22.01 -42.99 -36.49
CA ASN HB 27 -20.79 -43.28 -35.74
C ASN HB 27 -20.77 -44.67 -35.11
N ASP HB 28 -21.85 -45.44 -35.23
CA ASP HB 28 -21.88 -46.81 -34.71
C ASP HB 28 -23.11 -47.53 -35.26
N THR HB 29 -23.06 -48.85 -35.20
CA THR HB 29 -24.17 -49.69 -35.64
C THR HB 29 -24.26 -50.91 -34.72
N PHE HB 30 -25.48 -51.24 -34.30
CA PHE HB 30 -25.74 -52.33 -33.37
C PHE HB 30 -26.64 -53.36 -34.03
N VAL HB 31 -26.23 -54.62 -34.00
CA VAL HB 31 -27.14 -55.74 -34.26
C VAL HB 31 -27.27 -56.54 -32.98
N HIS HB 32 -28.51 -56.77 -32.55
CA HIS HB 32 -28.74 -57.23 -31.18
C HIS HB 32 -29.91 -58.21 -31.22
N VAL HB 33 -29.59 -59.51 -31.22
CA VAL HB 33 -30.63 -60.53 -31.33
C VAL HB 33 -31.02 -61.03 -29.93
N THR HB 34 -32.32 -61.00 -29.67
CA THR HB 34 -32.89 -61.40 -28.39
C THR HB 34 -33.96 -62.45 -28.61
N ASP HB 35 -34.57 -62.91 -27.53
CA ASP HB 35 -35.72 -63.80 -27.64
C ASP HB 35 -36.93 -62.98 -28.09
N LEU HB 36 -38.09 -63.64 -28.17
CA LEU HB 36 -39.28 -62.97 -28.67
C LEU HB 36 -39.76 -61.90 -27.71
N SER HB 37 -39.60 -62.11 -26.41
CA SER HB 37 -39.99 -61.10 -25.43
C SER HB 37 -38.96 -59.99 -25.31
N GLY HB 38 -37.77 -60.19 -25.84
CA GLY HB 38 -36.70 -59.23 -25.69
C GLY HB 38 -36.00 -59.25 -24.35
N LYS HB 39 -36.39 -60.16 -23.46
CA LYS HB 39 -35.79 -60.17 -22.12
C LYS HB 39 -34.37 -60.69 -22.15
N GLU HB 40 -34.13 -61.78 -22.89
CA GLU HB 40 -32.83 -62.44 -22.91
C GLU HB 40 -32.19 -62.27 -24.27
N THR HB 41 -30.95 -61.83 -24.29
CA THR HB 41 -30.25 -61.56 -25.54
C THR HB 41 -29.25 -62.66 -25.82
N ILE HB 42 -29.15 -63.05 -27.08
CA ILE HB 42 -28.30 -64.16 -27.51
C ILE HB 42 -26.94 -63.64 -27.92
N CYS HB 43 -26.90 -62.70 -28.86
CA CYS HB 43 -25.66 -62.15 -29.34
C CYS HB 43 -25.84 -60.68 -29.69
N ARG HB 44 -24.87 -59.86 -29.30
CA ARG HB 44 -24.89 -58.42 -29.57
C ARG HB 44 -23.53 -58.02 -30.12
N VAL HB 45 -23.47 -57.77 -31.42
CA VAL HB 45 -22.22 -57.40 -32.09
C VAL HB 45 -22.41 -56.01 -32.67
N THR HB 46 -21.35 -55.20 -32.60
CA THR HB 46 -21.40 -53.83 -33.04
C THR HB 46 -20.20 -53.55 -33.93
N GLY HB 47 -20.27 -52.45 -34.67
CA GLY HB 47 -19.18 -52.10 -35.57
C GLY HB 47 -17.85 -51.89 -34.86
N GLY HB 48 -17.90 -51.44 -33.60
CA GLY HB 48 -16.68 -51.25 -32.85
C GLY HB 48 -15.92 -52.54 -32.60
N MET HB 49 -16.65 -53.63 -32.33
CA MET HB 49 -16.01 -54.89 -32.05
C MET HB 49 -15.70 -55.68 -33.31
N LYS HB 50 -15.77 -55.04 -34.46
CA LYS HB 50 -15.35 -55.73 -35.69
C LYS HB 50 -14.34 -54.89 -36.45
N VAL HB 51 -14.34 -53.58 -36.22
CA VAL HB 51 -13.35 -52.69 -36.83
C VAL HB 51 -12.81 -51.75 -35.75
N LYS HB 52 -11.52 -51.45 -35.83
CA LYS HB 52 -10.85 -50.62 -34.85
C LYS HB 52 -10.47 -49.27 -35.43
N ALA HB 53 -11.37 -48.68 -36.21
CA ALA HB 53 -11.08 -47.43 -36.90
C ALA HB 53 -11.65 -46.19 -36.22
N ASP HB 54 -12.64 -46.36 -35.33
CA ASP HB 54 -13.33 -45.31 -34.59
C ASP HB 54 -14.16 -44.41 -35.49
N ARG HB 55 -14.10 -44.58 -36.80
CA ARG HB 55 -14.94 -43.85 -37.74
C ARG HB 55 -15.73 -44.78 -38.65
N ASP HB 56 -15.26 -46.00 -38.87
CA ASP HB 56 -15.99 -46.99 -39.65
C ASP HB 56 -16.94 -47.79 -38.79
N GLU HB 57 -17.14 -47.39 -37.54
CA GLU HB 57 -18.04 -48.13 -36.66
C GLU HB 57 -19.46 -48.13 -37.19
N SER HB 58 -19.82 -47.14 -38.01
CA SER HB 58 -21.10 -47.11 -38.68
C SER HB 58 -21.00 -47.47 -40.17
N SER HB 59 -19.80 -47.70 -40.67
CA SER HB 59 -19.62 -47.96 -42.09
C SER HB 59 -20.27 -49.29 -42.47
N PRO HB 60 -20.86 -49.38 -43.66
CA PRO HB 60 -21.59 -50.59 -44.04
C PRO HB 60 -20.76 -51.86 -44.05
N TYR HB 61 -19.47 -51.77 -44.37
CA TYR HB 61 -18.62 -52.96 -44.34
C TYR HB 61 -18.52 -53.53 -42.93
N ALA HB 62 -18.30 -52.66 -41.95
CA ALA HB 62 -18.30 -53.13 -40.57
C ALA HB 62 -19.68 -53.59 -40.13
N ALA HB 63 -20.73 -53.00 -40.70
CA ALA HB 63 -22.08 -53.42 -40.35
C ALA HB 63 -22.36 -54.84 -40.83
N MET HB 64 -22.03 -55.15 -42.09
CA MET HB 64 -22.25 -56.49 -42.59
C MET HB 64 -21.30 -57.49 -41.93
N LEU HB 65 -20.09 -57.05 -41.59
CA LEU HB 65 -19.18 -57.90 -40.82
C LEU HB 65 -19.79 -58.25 -39.47
N ALA HB 66 -20.40 -57.27 -38.80
CA ALA HB 66 -21.05 -57.53 -37.53
C ALA HB 66 -22.24 -58.47 -37.72
N ALA HB 67 -22.99 -58.30 -38.80
CA ALA HB 67 -24.16 -59.13 -39.02
C ALA HB 67 -23.80 -60.59 -39.24
N GLN HB 68 -22.67 -60.85 -39.91
CA GLN HB 68 -22.28 -62.23 -40.17
C GLN HB 68 -22.07 -63.02 -38.87
N ASP HB 69 -21.43 -62.39 -37.88
CA ASP HB 69 -21.13 -63.09 -36.64
C ASP HB 69 -22.38 -63.43 -35.87
N VAL HB 70 -23.31 -62.48 -35.75
CA VAL HB 70 -24.56 -62.81 -35.08
C VAL HB 70 -25.35 -63.83 -35.87
N ALA HB 71 -25.20 -63.85 -37.20
CA ALA HB 71 -25.85 -64.87 -38.00
C ALA HB 71 -25.34 -66.26 -37.64
N GLN HB 72 -24.01 -66.44 -37.64
CA GLN HB 72 -23.46 -67.75 -37.30
C GLN HB 72 -23.76 -68.11 -35.85
N ARG HB 73 -23.78 -67.13 -34.95
CA ARG HB 73 -24.09 -67.40 -33.56
C ARG HB 73 -25.54 -67.83 -33.38
N CYS HB 74 -26.45 -67.20 -34.13
CA CYS HB 74 -27.85 -67.60 -34.08
C CYS HB 74 -28.04 -69.00 -34.63
N LYS HB 75 -27.36 -69.33 -35.73
CA LYS HB 75 -27.43 -70.69 -36.23
C LYS HB 75 -26.83 -71.69 -35.24
N GLU HB 76 -25.79 -71.28 -34.51
CA GLU HB 76 -25.22 -72.12 -33.48
C GLU HB 76 -26.23 -72.38 -32.37
N LEU HB 77 -26.95 -71.35 -31.95
CA LEU HB 77 -28.02 -71.50 -30.96
C LEU HB 77 -29.26 -72.15 -31.53
N GLY HB 78 -29.32 -72.37 -32.84
CA GLY HB 78 -30.48 -72.97 -33.44
C GLY HB 78 -31.61 -71.97 -33.61
N ILE HB 79 -31.34 -70.88 -34.32
CA ILE HB 79 -32.32 -69.85 -34.63
C ILE HB 79 -32.45 -69.76 -36.13
N THR HB 80 -33.69 -69.81 -36.63
CA THR HB 80 -33.94 -69.84 -38.06
C THR HB 80 -34.54 -68.54 -38.57
N ALA HB 81 -35.69 -68.13 -38.04
CA ALA HB 81 -36.36 -66.92 -38.46
C ALA HB 81 -36.14 -65.81 -37.44
N LEU HB 82 -36.32 -64.58 -37.90
CA LEU HB 82 -35.89 -63.44 -37.12
C LEU HB 82 -36.81 -62.28 -37.45
N HIS HB 83 -37.46 -61.72 -36.43
CA HIS HB 83 -38.18 -60.46 -36.60
C HIS HB 83 -37.22 -59.31 -36.37
N ILE HB 84 -37.14 -58.41 -37.33
CA ILE HB 84 -36.14 -57.35 -37.34
C ILE HB 84 -36.81 -56.02 -37.07
N LYS HB 85 -36.27 -55.25 -36.13
CA LYS HB 85 -36.77 -53.94 -35.79
C LYS HB 85 -35.63 -52.94 -36.02
N LEU HB 86 -35.83 -52.02 -36.95
CA LEU HB 86 -34.81 -51.03 -37.29
C LEU HB 86 -35.06 -49.76 -36.49
N ARG HB 87 -34.01 -49.21 -35.89
CA ARG HB 87 -34.11 -48.04 -35.04
C ARG HB 87 -32.95 -47.11 -35.30
N ALA HB 88 -33.26 -45.85 -35.53
CA ALA HB 88 -32.28 -44.78 -35.60
C ALA HB 88 -32.10 -44.21 -34.20
N THR HB 89 -31.44 -43.06 -34.10
CA THR HB 89 -31.21 -42.45 -32.80
C THR HB 89 -32.52 -42.03 -32.14
N GLY HB 90 -33.45 -41.48 -32.93
CA GLY HB 90 -34.72 -41.11 -32.37
C GLY HB 90 -34.62 -39.85 -31.51
N GLY HB 91 -35.62 -39.69 -30.65
CA GLY HB 91 -35.69 -38.50 -29.82
C GLY HB 91 -35.86 -37.26 -30.69
N ASN HB 92 -35.25 -36.16 -30.26
CA ASN HB 92 -35.18 -35.00 -31.14
C ASN HB 92 -34.11 -35.16 -32.20
N ARG HB 93 -33.25 -36.16 -32.09
CA ARG HB 93 -32.14 -36.35 -33.00
C ARG HB 93 -32.63 -37.00 -34.29
N THR HB 94 -31.70 -37.52 -35.09
CA THR HB 94 -32.01 -38.05 -36.40
C THR HB 94 -33.04 -39.17 -36.33
N LYS HB 95 -33.99 -39.15 -37.26
CA LYS HB 95 -35.02 -40.17 -37.34
C LYS HB 95 -34.77 -41.20 -38.42
N THR HB 96 -34.13 -40.81 -39.51
CA THR HB 96 -33.88 -41.78 -40.56
C THR HB 96 -32.72 -42.69 -40.17
N PRO HB 97 -32.72 -43.94 -40.62
CA PRO HB 97 -31.63 -44.86 -40.28
C PRO HB 97 -30.31 -44.44 -40.91
N GLY HB 98 -29.23 -44.89 -40.29
CA GLY HB 98 -27.90 -44.54 -40.70
C GLY HB 98 -27.39 -45.37 -41.84
N PRO HB 99 -26.09 -45.27 -42.13
CA PRO HB 99 -25.52 -45.99 -43.29
C PRO HB 99 -25.49 -47.50 -43.13
N GLY HB 100 -25.40 -48.03 -41.92
CA GLY HB 100 -25.19 -49.45 -41.74
C GLY HB 100 -26.42 -50.33 -41.81
N ALA HB 101 -27.61 -49.74 -41.88
CA ALA HB 101 -28.84 -50.51 -41.76
C ALA HB 101 -29.03 -51.48 -42.91
N GLN HB 102 -28.91 -50.98 -44.14
CA GLN HB 102 -29.13 -51.83 -45.31
C GLN HB 102 -28.10 -52.94 -45.41
N SER HB 103 -26.83 -52.63 -45.16
CA SER HB 103 -25.79 -53.64 -45.27
C SER HB 103 -25.95 -54.72 -44.21
N ALA HB 104 -26.24 -54.32 -42.97
CA ALA HB 104 -26.47 -55.33 -41.94
C ALA HB 104 -27.67 -56.20 -42.26
N LEU HB 105 -28.75 -55.59 -42.74
CA LEU HB 105 -29.95 -56.34 -43.09
C LEU HB 105 -29.67 -57.36 -44.19
N ARG HB 106 -29.04 -56.92 -45.28
CA ARG HB 106 -28.78 -57.81 -46.39
C ARG HB 106 -27.80 -58.91 -46.00
N ALA HB 107 -26.79 -58.58 -45.18
CA ALA HB 107 -25.85 -59.59 -44.74
C ALA HB 107 -26.55 -60.66 -43.92
N LEU HB 108 -27.43 -60.24 -43.01
CA LEU HB 108 -28.18 -61.21 -42.22
C LEU HB 108 -29.06 -62.08 -43.10
N ALA HB 109 -29.68 -61.49 -44.13
CA ALA HB 109 -30.55 -62.27 -45.00
C ALA HB 109 -29.75 -63.31 -45.80
N ARG HB 110 -28.68 -62.88 -46.45
CA ARG HB 110 -27.92 -63.77 -47.32
C ARG HB 110 -26.93 -64.64 -46.57
N SER HB 111 -26.85 -64.51 -45.25
CA SER HB 111 -26.05 -65.40 -44.42
C SER HB 111 -26.84 -66.60 -43.91
N GLY HB 112 -27.84 -67.05 -44.67
CA GLY HB 112 -28.60 -68.21 -44.27
C GLY HB 112 -29.47 -67.96 -43.06
N MET HB 113 -30.48 -67.10 -43.24
CA MET HB 113 -31.42 -66.77 -42.19
C MET HB 113 -32.78 -66.52 -42.83
N LYS HB 114 -33.83 -66.62 -42.02
CA LYS HB 114 -35.18 -66.37 -42.47
C LYS HB 114 -35.71 -65.13 -41.75
N ILE HB 115 -36.52 -64.35 -42.46
CA ILE HB 115 -36.98 -63.06 -41.97
C ILE HB 115 -38.48 -63.11 -41.79
N GLY HB 116 -38.96 -62.53 -40.68
CA GLY HB 116 -40.37 -62.49 -40.40
C GLY HB 116 -40.97 -61.13 -40.76
N ARG HB 117 -41.15 -60.28 -39.76
CA ARG HB 117 -41.70 -58.95 -39.97
C ARG HB 117 -40.64 -57.90 -39.67
N ILE HB 118 -40.79 -56.74 -40.28
CA ILE HB 118 -39.89 -55.61 -40.08
C ILE HB 118 -40.70 -54.40 -39.64
N GLU HB 119 -40.27 -53.77 -38.56
CA GLU HB 119 -40.93 -52.58 -38.04
C GLU HB 119 -39.87 -51.57 -37.65
N ASP HB 120 -40.28 -50.31 -37.60
CA ASP HB 120 -39.38 -49.21 -37.24
C ASP HB 120 -39.70 -48.74 -35.83
N VAL HB 121 -38.73 -48.87 -34.93
CA VAL HB 121 -38.91 -48.56 -33.53
C VAL HB 121 -38.09 -47.31 -33.18
N THR HB 122 -37.94 -46.43 -34.14
CA THR HB 122 -37.29 -45.15 -33.87
C THR HB 122 -38.13 -44.37 -32.86
N PRO HB 123 -37.56 -43.90 -31.76
CA PRO HB 123 -38.33 -43.15 -30.78
C PRO HB 123 -38.85 -41.84 -31.35
N ILE HB 124 -40.16 -41.72 -31.44
CA ILE HB 124 -40.81 -40.55 -32.04
C ILE HB 124 -41.63 -39.82 -30.99
N PRO HB 125 -41.20 -38.67 -30.52
CA PRO HB 125 -41.90 -38.01 -29.42
C PRO HB 125 -43.20 -37.39 -29.89
N SER HB 126 -44.10 -37.18 -28.92
CA SER HB 126 -45.21 -36.26 -29.15
C SER HB 126 -44.70 -34.83 -29.23
N ASP HB 127 -43.72 -34.49 -28.41
CA ASP HB 127 -42.84 -33.37 -28.69
C ASP HB 127 -41.61 -33.50 -27.82
N SER HB 128 -40.44 -33.45 -28.43
CA SER HB 128 -39.20 -33.71 -27.72
C SER HB 128 -38.85 -32.52 -26.83
N THR HB 129 -37.75 -32.67 -26.10
CA THR HB 129 -37.21 -31.60 -25.29
C THR HB 129 -36.48 -30.61 -26.21
N ARG HB 130 -35.80 -29.63 -25.62
CA ARG HB 130 -35.02 -28.69 -26.41
C ARG HB 130 -33.86 -29.43 -27.06
N ARG HB 131 -33.88 -29.52 -28.38
CA ARG HB 131 -32.86 -30.28 -29.09
C ARG HB 131 -31.50 -29.60 -28.95
N LYS HB 132 -30.48 -30.43 -28.76
CA LYS HB 132 -29.12 -29.93 -28.58
C LYS HB 132 -28.59 -29.30 -29.86
N GLY HB 133 -27.86 -28.20 -29.71
CA GLY HB 133 -27.20 -27.58 -30.85
C GLY HB 133 -27.19 -26.08 -30.80
N GLY HB 134 -28.13 -25.50 -30.07
CA GLY HB 134 -28.27 -24.06 -30.03
C GLY HB 134 -29.17 -23.56 -31.15
N ARG HB 135 -29.66 -22.34 -30.97
CA ARG HB 135 -30.61 -21.80 -31.93
C ARG HB 135 -30.01 -21.58 -33.31
N ARG HB 136 -28.77 -21.09 -33.38
CA ARG HB 136 -28.15 -20.82 -34.66
C ARG HB 136 -27.61 -22.09 -35.31
N GLY HB 137 -27.79 -23.23 -34.68
CA GLY HB 137 -27.44 -24.50 -35.28
C GLY HB 137 -25.97 -24.82 -35.19
N ARG HB 138 -25.61 -25.95 -35.79
CA ARG HB 138 -24.21 -26.37 -35.87
C ARG HB 138 -23.53 -25.55 -36.94
N ARG HB 139 -22.87 -24.47 -36.53
CA ARG HB 139 -22.04 -23.72 -37.46
C ARG HB 139 -20.84 -24.57 -37.82
N LEU HB 140 -20.66 -24.85 -39.11
CA LEU HB 140 -19.58 -25.72 -39.55
C LEU HB 140 -18.62 -25.03 -40.52
N MET IB 1 -57.11 28.14 -82.74
CA MET IB 1 -57.76 28.33 -84.04
C MET IB 1 -59.00 29.19 -83.89
N GLN IB 2 -59.47 29.73 -85.03
CA GLN IB 2 -60.61 30.65 -85.08
C GLN IB 2 -60.33 31.89 -84.24
N ASN IB 3 -59.35 32.67 -84.69
CA ASN IB 3 -59.11 33.95 -84.07
C ASN IB 3 -60.24 34.91 -84.40
N ASP IB 4 -60.34 36.00 -83.63
CA ASP IB 4 -61.48 36.88 -83.71
C ASP IB 4 -61.60 37.60 -85.06
N ALA IB 5 -60.50 37.76 -85.79
CA ALA IB 5 -60.59 38.33 -87.12
C ALA IB 5 -61.36 37.41 -88.06
N GLY IB 6 -61.15 36.10 -87.94
CA GLY IB 6 -61.87 35.14 -88.73
C GLY IB 6 -60.98 34.10 -89.37
N GLU IB 7 -59.67 34.32 -89.34
CA GLU IB 7 -58.72 33.40 -89.93
C GLU IB 7 -58.67 32.08 -89.15
N PHE IB 8 -58.22 31.04 -89.82
CA PHE IB 8 -57.98 29.75 -89.20
C PHE IB 8 -56.48 29.59 -89.04
N VAL IB 9 -55.96 30.06 -87.92
CA VAL IB 9 -54.53 29.95 -87.63
C VAL IB 9 -54.33 28.62 -86.93
N ASP IB 10 -54.20 27.58 -87.74
CA ASP IB 10 -53.97 26.23 -87.25
C ASP IB 10 -53.46 25.39 -88.40
N LEU IB 11 -52.48 24.53 -88.10
CA LEU IB 11 -51.90 23.68 -89.15
C LEU IB 11 -52.91 22.64 -89.62
N TYR IB 12 -53.58 21.97 -88.68
CA TYR IB 12 -54.61 21.01 -89.03
C TYR IB 12 -55.46 20.73 -87.81
N VAL IB 13 -56.68 20.24 -88.06
CA VAL IB 13 -57.60 19.84 -87.00
C VAL IB 13 -57.39 18.34 -86.75
N PRO IB 14 -57.11 17.94 -85.51
CA PRO IB 14 -56.95 16.51 -85.24
C PRO IB 14 -58.29 15.79 -85.29
N ARG IB 15 -58.23 14.50 -85.60
CA ARG IB 15 -59.43 13.69 -85.58
C ARG IB 15 -59.85 13.39 -84.15
N LYS IB 16 -61.12 13.07 -83.99
CA LYS IB 16 -61.68 12.71 -82.69
C LYS IB 16 -62.29 11.32 -82.76
N CYS IB 17 -62.10 10.56 -81.69
CA CYS IB 17 -62.67 9.22 -81.62
C CYS IB 17 -64.19 9.31 -81.66
N SER IB 18 -64.81 8.42 -82.42
CA SER IB 18 -66.26 8.39 -82.51
C SER IB 18 -66.91 7.71 -81.31
N ALA IB 19 -66.12 7.12 -80.42
CA ALA IB 19 -66.65 6.49 -79.22
C ALA IB 19 -66.24 7.22 -77.94
N SER IB 20 -64.95 7.44 -77.74
CA SER IB 20 -64.45 8.12 -76.55
C SER IB 20 -64.40 9.64 -76.71
N ASN IB 21 -64.62 10.16 -77.92
CA ASN IB 21 -64.60 11.59 -78.19
C ASN IB 21 -63.30 12.23 -77.74
N ARG IB 22 -62.19 11.53 -77.97
CA ARG IB 22 -60.87 11.98 -77.54
C ARG IB 22 -60.03 12.37 -78.75
N ILE IB 23 -58.95 13.09 -78.48
CA ILE IB 23 -58.07 13.58 -79.52
C ILE IB 23 -57.15 12.46 -79.96
N ILE IB 24 -56.97 12.31 -81.28
CA ILE IB 24 -56.03 11.37 -81.85
C ILE IB 24 -54.80 12.16 -82.27
N GLY IB 25 -53.68 11.91 -81.61
CA GLY IB 25 -52.46 12.65 -81.88
C GLY IB 25 -51.79 12.23 -83.16
N ALA IB 26 -50.81 13.03 -83.58
CA ALA IB 26 -50.06 12.72 -84.79
C ALA IB 26 -49.18 11.50 -84.64
N LYS IB 27 -48.83 11.13 -83.40
CA LYS IB 27 -48.07 9.92 -83.14
C LYS IB 27 -48.94 8.83 -82.52
N ASP IB 28 -50.26 8.98 -82.60
CA ASP IB 28 -51.20 7.97 -82.11
C ASP IB 28 -51.25 6.84 -83.12
N HIS IB 29 -50.24 5.97 -83.04
CA HIS IB 29 -50.06 4.92 -84.04
C HIS IB 29 -50.86 3.66 -83.75
N ALA IB 30 -51.63 3.63 -82.66
CA ALA IB 30 -52.52 2.52 -82.39
C ALA IB 30 -53.96 2.83 -82.74
N SER IB 31 -54.25 4.06 -83.15
CA SER IB 31 -55.60 4.41 -83.58
C SER IB 31 -55.91 3.76 -84.91
N ILE IB 32 -57.21 3.71 -85.24
CA ILE IB 32 -57.64 3.17 -86.52
C ILE IB 32 -58.76 4.04 -87.07
N GLN IB 33 -58.86 4.07 -88.39
CA GLN IB 33 -60.02 4.65 -89.07
C GLN IB 33 -60.48 3.61 -90.08
N MET IB 34 -61.55 2.91 -89.75
CA MET IB 34 -62.07 1.86 -90.60
C MET IB 34 -63.34 2.33 -91.30
N ASN IB 35 -63.68 1.62 -92.38
CA ASN IB 35 -64.91 1.87 -93.11
C ASN IB 35 -65.74 0.59 -93.11
N VAL IB 36 -67.05 0.74 -92.94
CA VAL IB 36 -68.00 -0.35 -93.05
C VAL IB 36 -68.91 -0.02 -94.22
N ALA IB 37 -68.99 -0.94 -95.18
CA ALA IB 37 -69.71 -0.69 -96.41
C ALA IB 37 -71.16 -1.13 -96.25
N GLU IB 38 -72.07 -0.16 -96.20
CA GLU IB 38 -73.49 -0.45 -96.22
C GLU IB 38 -73.94 -0.77 -97.64
N VAL IB 39 -74.91 -1.67 -97.74
CA VAL IB 39 -75.40 -2.15 -99.03
C VAL IB 39 -76.76 -1.54 -99.32
N ASP IB 40 -77.23 -1.75 -100.55
CA ASP IB 40 -78.54 -1.25 -100.94
C ASP IB 40 -79.64 -2.18 -100.43
N LYS IB 41 -80.84 -1.62 -100.31
CA LYS IB 41 -81.92 -2.32 -99.64
C LYS IB 41 -82.42 -3.51 -100.45
N VAL IB 42 -82.49 -3.36 -101.78
CA VAL IB 42 -83.22 -4.32 -102.60
C VAL IB 42 -82.49 -5.65 -102.65
N THR IB 43 -81.17 -5.62 -102.87
CA THR IB 43 -80.44 -6.84 -103.17
C THR IB 43 -79.19 -7.06 -102.32
N GLY IB 44 -78.68 -6.04 -101.65
CA GLY IB 44 -77.54 -6.25 -100.78
C GLY IB 44 -76.19 -6.22 -101.45
N ARG IB 45 -76.07 -5.55 -102.59
CA ARG IB 45 -74.76 -5.32 -103.18
C ARG IB 45 -74.16 -4.04 -102.61
N PHE IB 46 -72.83 -4.01 -102.56
CA PHE IB 46 -72.09 -2.82 -102.14
C PHE IB 46 -72.34 -1.69 -103.13
N ASN IB 47 -72.86 -0.57 -102.63
CA ASN IB 47 -73.34 0.51 -103.47
C ASN IB 47 -72.48 1.78 -103.34
N GLY IB 48 -71.18 1.61 -103.11
CA GLY IB 48 -70.30 2.76 -103.06
C GLY IB 48 -70.08 3.35 -101.68
N GLN IB 49 -71.09 4.00 -101.12
CA GLN IB 49 -70.90 4.76 -99.90
C GLN IB 49 -70.67 3.83 -98.70
N PHE IB 50 -70.07 4.40 -97.66
CA PHE IB 50 -69.67 3.65 -96.48
C PHE IB 50 -69.68 4.57 -95.28
N LYS IB 51 -69.73 3.97 -94.10
CA LYS IB 51 -69.70 4.70 -92.83
C LYS IB 51 -68.37 4.44 -92.15
N THR IB 52 -67.69 5.51 -91.75
CA THR IB 52 -66.34 5.41 -91.21
C THR IB 52 -66.35 5.61 -89.71
N TYR IB 53 -65.48 4.89 -89.01
CA TYR IB 53 -65.32 5.02 -87.57
C TYR IB 53 -63.84 5.17 -87.23
N ALA IB 54 -63.54 6.10 -86.33
CA ALA IB 54 -62.20 6.33 -85.83
C ALA IB 54 -62.13 5.92 -84.36
N ILE IB 55 -61.19 5.04 -84.04
CA ILE IB 55 -61.05 4.49 -82.70
C ILE IB 55 -59.67 4.85 -82.18
N CYS IB 56 -59.62 5.40 -80.97
CA CYS IB 56 -58.36 5.82 -80.38
C CYS IB 56 -57.53 4.63 -79.91
N GLY IB 57 -56.21 4.81 -79.93
CA GLY IB 57 -55.33 3.73 -79.54
C GLY IB 57 -55.45 3.37 -78.08
N ALA IB 58 -55.66 4.37 -77.22
CA ALA IB 58 -55.75 4.10 -75.80
C ALA IB 58 -56.95 3.21 -75.47
N ILE IB 59 -58.09 3.45 -76.10
CA ILE IB 59 -59.23 2.58 -75.85
C ILE IB 59 -59.15 1.30 -76.66
N ARG IB 60 -58.41 1.29 -77.76
CA ARG IB 60 -58.26 0.05 -78.51
C ARG IB 60 -57.41 -0.94 -77.72
N ARG IB 61 -56.41 -0.43 -77.01
CA ARG IB 61 -55.51 -1.31 -76.28
C ARG IB 61 -56.13 -1.86 -75.01
N MET IB 62 -57.25 -1.30 -74.55
CA MET IB 62 -57.94 -1.82 -73.38
C MET IB 62 -59.09 -2.75 -73.74
N GLY IB 63 -59.28 -3.04 -75.02
CA GLY IB 63 -60.25 -4.02 -75.44
C GLY IB 63 -61.65 -3.49 -75.68
N GLU IB 64 -61.89 -2.21 -75.49
CA GLU IB 64 -63.23 -1.66 -75.66
C GLU IB 64 -63.52 -1.25 -77.09
N SER IB 65 -62.54 -1.34 -77.99
CA SER IB 65 -62.77 -1.02 -79.38
C SER IB 65 -63.84 -1.90 -80.01
N ASP IB 66 -63.94 -3.17 -79.57
CA ASP IB 66 -64.90 -4.09 -80.17
C ASP IB 66 -66.33 -3.65 -79.96
N ASP IB 67 -66.75 -3.54 -78.70
CA ASP IB 67 -68.12 -3.13 -78.46
C ASP IB 67 -68.34 -1.66 -78.77
N SER IB 68 -67.29 -0.84 -78.77
CA SER IB 68 -67.46 0.53 -79.24
C SER IB 68 -67.83 0.56 -80.72
N ILE IB 69 -67.12 -0.22 -81.54
CA ILE IB 69 -67.45 -0.35 -82.95
C ILE IB 69 -68.85 -0.92 -83.12
N LEU IB 70 -69.17 -1.93 -82.31
CA LEU IB 70 -70.48 -2.56 -82.39
C LEU IB 70 -71.59 -1.57 -82.08
N ARG IB 71 -71.42 -0.75 -81.04
CA ARG IB 71 -72.43 0.24 -80.68
C ARG IB 71 -72.55 1.32 -81.73
N LEU IB 72 -71.43 1.74 -82.32
CA LEU IB 72 -71.51 2.70 -83.41
C LEU IB 72 -72.29 2.13 -84.59
N ALA IB 73 -72.05 0.86 -84.91
CA ALA IB 73 -72.79 0.22 -85.99
C ALA IB 73 -74.28 0.12 -85.68
N LYS IB 74 -74.62 -0.24 -84.44
CA LYS IB 74 -76.02 -0.32 -84.06
C LYS IB 74 -76.70 1.05 -84.11
N ALA IB 75 -75.98 2.09 -83.69
CA ALA IB 75 -76.52 3.44 -83.76
C ALA IB 75 -76.60 3.95 -85.19
N ASP IB 76 -75.78 3.43 -86.10
CA ASP IB 76 -75.90 3.76 -87.52
C ASP IB 76 -76.81 2.82 -88.27
N GLY IB 77 -77.40 1.83 -87.60
CA GLY IB 77 -78.35 0.95 -88.25
C GLY IB 77 -77.73 -0.07 -89.18
N ILE IB 78 -76.43 -0.33 -89.04
CA ILE IB 78 -75.79 -1.35 -89.87
C ILE IB 78 -76.36 -2.73 -89.55
N VAL IB 79 -76.60 -3.02 -88.28
CA VAL IB 79 -77.23 -4.26 -87.88
C VAL IB 79 -78.58 -3.95 -87.24
N SER IB 80 -79.40 -4.99 -87.08
CA SER IB 80 -80.76 -4.81 -86.59
C SER IB 80 -80.75 -4.44 -85.12
N LYS IB 81 -81.89 -3.93 -84.66
CA LYS IB 81 -82.01 -3.48 -83.28
C LYS IB 81 -82.25 -4.61 -82.30
N ASN IB 82 -82.64 -5.79 -82.78
CA ASN IB 82 -82.86 -6.95 -81.91
C ASN IB 82 -81.61 -7.81 -81.78
N PHE IB 83 -80.43 -7.23 -81.92
CA PHE IB 83 -79.17 -7.95 -81.79
C PHE IB 83 -79.02 -8.61 -80.42
N VAL JB 1 -64.59 9.57 -41.76
CA VAL JB 1 -65.49 9.19 -42.85
C VAL JB 1 -65.51 10.25 -43.94
N ARG JB 2 -66.50 10.15 -44.82
CA ARG JB 2 -66.64 11.10 -45.91
C ARG JB 2 -67.03 12.46 -45.36
N MET JB 3 -66.25 13.48 -45.69
CA MET JB 3 -66.52 14.83 -45.20
C MET JB 3 -66.69 15.83 -46.33
N ASN JB 4 -66.78 15.38 -47.57
CA ASN JB 4 -67.06 16.29 -48.69
C ASN JB 4 -67.78 15.48 -49.77
N VAL JB 5 -69.11 15.56 -49.75
CA VAL JB 5 -69.92 14.86 -50.74
C VAL JB 5 -69.64 15.42 -52.13
N LEU JB 6 -69.37 16.72 -52.22
CA LEU JB 6 -68.97 17.29 -53.51
C LEU JB 6 -67.68 16.69 -54.02
N ALA JB 7 -66.70 16.50 -53.12
CA ALA JB 7 -65.45 15.89 -53.53
C ALA JB 7 -65.66 14.46 -53.99
N ASP JB 8 -66.50 13.70 -53.28
CA ASP JB 8 -66.76 12.33 -53.70
C ASP JB 8 -67.62 12.27 -54.96
N ALA JB 9 -68.28 13.37 -55.32
CA ALA JB 9 -68.88 13.45 -56.64
C ALA JB 9 -67.82 13.70 -57.70
N LEU JB 10 -66.99 14.70 -57.49
CA LEU JB 10 -66.04 15.14 -58.51
C LEU JB 10 -64.97 14.10 -58.78
N LYS JB 11 -64.47 13.44 -57.74
CA LYS JB 11 -63.44 12.42 -57.96
C LYS JB 11 -63.97 11.27 -58.78
N SER JB 12 -65.18 10.82 -58.48
CA SER JB 12 -65.79 9.75 -59.26
C SER JB 12 -66.02 10.18 -60.70
N ILE JB 13 -66.46 11.43 -60.90
CA ILE JB 13 -66.65 11.94 -62.26
C ILE JB 13 -65.33 11.90 -63.03
N ASN JB 14 -64.26 12.38 -62.40
CA ASN JB 14 -62.98 12.44 -63.09
C ASN JB 14 -62.45 11.04 -63.39
N ASN JB 15 -62.58 10.12 -62.44
CA ASN JB 15 -62.13 8.75 -62.67
C ASN JB 15 -62.88 8.12 -63.84
N ALA JB 16 -64.21 8.27 -63.85
CA ALA JB 16 -64.99 7.70 -64.93
C ALA JB 16 -64.65 8.34 -66.26
N GLU JB 17 -64.45 9.65 -66.28
CA GLU JB 17 -64.14 10.33 -67.53
C GLU JB 17 -62.78 9.89 -68.07
N LYS JB 18 -61.79 9.74 -67.20
CA LYS JB 18 -60.49 9.26 -67.65
C LYS JB 18 -60.58 7.82 -68.14
N ARG JB 19 -61.35 6.97 -67.45
CA ARG JB 19 -61.53 5.61 -67.92
C ARG JB 19 -62.24 5.58 -69.26
N GLY JB 20 -63.15 6.51 -69.51
CA GLY JB 20 -63.91 6.53 -70.74
C GLY JB 20 -65.29 5.92 -70.65
N LYS JB 21 -65.87 5.82 -69.46
CA LYS JB 21 -67.21 5.27 -69.35
C LYS JB 21 -68.24 6.24 -69.92
N ARG JB 22 -69.44 5.71 -70.17
CA ARG JB 22 -70.52 6.51 -70.74
C ARG JB 22 -71.43 7.13 -69.68
N GLN JB 23 -71.65 6.43 -68.57
CA GLN JB 23 -72.49 6.92 -67.49
C GLN JB 23 -71.73 6.82 -66.17
N VAL JB 24 -72.05 7.71 -65.24
CA VAL JB 24 -71.45 7.72 -63.92
C VAL JB 24 -72.55 7.71 -62.87
N LEU JB 25 -72.34 6.94 -61.81
CA LEU JB 25 -73.28 6.86 -60.70
C LEU JB 25 -72.67 7.57 -59.50
N ILE JB 26 -73.13 8.81 -59.25
CA ILE JB 26 -72.74 9.56 -58.08
C ILE JB 26 -73.58 9.09 -56.91
N ARG JB 27 -72.94 8.64 -55.85
CA ARG JB 27 -73.74 8.14 -54.74
C ARG JB 27 -74.28 9.26 -53.86
N PRO JB 28 -73.48 10.23 -53.41
CA PRO JB 28 -74.08 11.29 -52.58
C PRO JB 28 -74.64 12.40 -53.46
N CYS JB 29 -75.92 12.69 -53.27
CA CYS JB 29 -76.62 13.72 -54.02
C CYS JB 29 -77.04 14.85 -53.09
N SER JB 30 -76.69 16.08 -53.46
CA SER JB 30 -77.02 17.25 -52.66
C SER JB 30 -77.39 18.38 -53.60
N LYS JB 31 -78.03 19.41 -53.04
CA LYS JB 31 -78.36 20.59 -53.83
C LYS JB 31 -77.10 21.25 -54.38
N VAL JB 32 -76.05 21.30 -53.57
CA VAL JB 32 -74.78 21.88 -54.02
C VAL JB 32 -74.23 21.07 -55.19
N ILE JB 33 -74.28 19.75 -55.08
CA ILE JB 33 -73.74 18.90 -56.15
C ILE JB 33 -74.57 19.05 -57.41
N VAL JB 34 -75.89 19.12 -57.26
CA VAL JB 34 -76.76 19.27 -58.43
C VAL JB 34 -76.49 20.59 -59.13
N ARG JB 35 -76.34 21.67 -58.37
CA ARG JB 35 -76.05 22.96 -58.98
C ARG JB 35 -74.67 22.97 -59.61
N PHE JB 36 -73.70 22.31 -58.97
CA PHE JB 36 -72.37 22.17 -59.55
C PHE JB 36 -72.45 21.45 -60.89
N LEU JB 37 -73.32 20.45 -61.00
CA LEU JB 37 -73.45 19.75 -62.27
C LEU JB 37 -74.20 20.59 -63.29
N THR JB 38 -75.19 21.36 -62.86
CA THR JB 38 -75.98 22.11 -63.82
C THR JB 38 -75.22 23.29 -64.40
N VAL JB 39 -74.26 23.85 -63.67
CA VAL JB 39 -73.45 24.90 -64.29
C VAL JB 39 -72.54 24.29 -65.37
N MET JB 40 -71.99 23.10 -65.12
CA MET JB 40 -71.22 22.40 -66.15
C MET JB 40 -72.10 22.08 -67.34
N MET JB 41 -73.32 21.62 -67.08
CA MET JB 41 -74.23 21.25 -68.15
C MET JB 41 -74.59 22.45 -69.00
N LYS JB 42 -74.82 23.60 -68.35
CA LYS JB 42 -75.05 24.84 -69.06
C LYS JB 42 -73.84 25.24 -69.89
N HIS JB 43 -72.64 24.98 -69.39
CA HIS JB 43 -71.44 25.24 -70.17
C HIS JB 43 -71.15 24.16 -71.19
N GLY JB 44 -71.92 23.08 -71.20
CA GLY JB 44 -71.79 22.05 -72.20
C GLY JB 44 -70.74 21.00 -71.91
N TYR JB 45 -70.14 21.00 -70.72
CA TYR JB 45 -69.06 20.06 -70.45
C TYR JB 45 -69.56 18.65 -70.14
N ILE JB 46 -70.81 18.50 -69.69
CA ILE JB 46 -71.42 17.19 -69.53
C ILE JB 46 -72.77 17.21 -70.26
N GLY JB 47 -73.46 16.08 -70.22
CA GLY JB 47 -74.72 15.99 -70.91
C GLY JB 47 -75.91 15.81 -69.99
N GLU JB 48 -76.81 14.91 -70.38
CA GLU JB 48 -78.00 14.64 -69.60
C GLU JB 48 -77.63 14.00 -68.26
N PHE JB 49 -78.16 14.54 -67.17
CA PHE JB 49 -77.96 13.92 -65.88
C PHE JB 49 -79.25 13.95 -65.10
N GLU JB 50 -79.44 12.95 -64.26
CA GLU JB 50 -80.69 12.78 -63.55
C GLU JB 50 -80.41 12.29 -62.14
N ILE JB 51 -81.46 12.28 -61.33
CA ILE JB 51 -81.38 12.01 -59.91
C ILE JB 51 -82.30 10.85 -59.56
N ILE JB 52 -81.72 9.81 -58.95
CA ILE JB 52 -82.48 8.71 -58.38
C ILE JB 52 -82.98 9.17 -57.01
N ASP JB 53 -84.26 9.49 -56.92
CA ASP JB 53 -84.82 10.15 -55.75
C ASP JB 53 -85.42 9.12 -54.81
N ASP JB 54 -84.54 8.39 -54.13
CA ASP JB 54 -84.99 7.52 -53.06
C ASP JB 54 -85.30 8.37 -51.82
N HIS JB 55 -85.77 7.72 -50.77
CA HIS JB 55 -86.17 8.46 -49.59
C HIS JB 55 -84.99 8.85 -48.71
N ARG JB 56 -83.83 8.26 -48.92
CA ARG JB 56 -82.61 8.73 -48.28
C ARG JB 56 -81.99 9.80 -49.18
N ALA JB 57 -80.74 10.15 -48.93
CA ALA JB 57 -80.02 10.99 -49.88
C ALA JB 57 -79.96 10.30 -51.23
N GLY JB 58 -80.34 11.02 -52.27
CA GLY JB 58 -80.52 10.41 -53.57
C GLY JB 58 -79.22 10.01 -54.22
N LYS JB 59 -79.36 9.39 -55.39
CA LYS JB 59 -78.22 9.09 -56.24
C LYS JB 59 -78.29 9.95 -57.49
N ILE JB 60 -77.24 9.92 -58.29
CA ILE JB 60 -77.18 10.69 -59.52
C ILE JB 60 -76.62 9.81 -60.63
N VAL JB 61 -77.14 9.95 -61.84
CA VAL JB 61 -76.56 9.33 -63.03
C VAL JB 61 -76.24 10.43 -64.01
N VAL JB 62 -74.99 10.48 -64.46
CA VAL JB 62 -74.50 11.54 -65.34
C VAL JB 62 -74.00 10.91 -66.62
N ASN JB 63 -74.52 11.38 -67.76
CA ASN JB 63 -74.10 10.90 -69.06
C ASN JB 63 -72.93 11.76 -69.55
N LEU JB 64 -71.77 11.15 -69.72
CA LEU JB 64 -70.59 11.88 -70.13
C LEU JB 64 -70.55 12.03 -71.64
N THR JB 65 -70.22 13.24 -72.09
CA THR JB 65 -69.91 13.47 -73.49
C THR JB 65 -68.42 13.32 -73.78
N GLY JB 66 -67.60 13.20 -72.75
CA GLY JB 66 -66.19 12.93 -72.93
C GLY JB 66 -65.32 14.13 -73.22
N ARG JB 67 -65.84 15.34 -73.07
CA ARG JB 67 -65.10 16.55 -73.39
C ARG JB 67 -64.50 17.23 -72.18
N LEU JB 68 -64.61 16.62 -71.01
CA LEU JB 68 -64.11 17.22 -69.77
C LEU JB 68 -62.70 16.72 -69.49
N ASN JB 69 -61.78 17.64 -69.25
CA ASN JB 69 -60.42 17.25 -68.92
C ASN JB 69 -60.25 16.99 -67.43
N LYS JB 70 -60.75 17.89 -66.59
CA LYS JB 70 -60.60 17.78 -65.15
C LYS JB 70 -61.78 18.46 -64.48
N CYS JB 71 -62.21 17.89 -63.35
CA CYS JB 71 -63.29 18.43 -62.54
C CYS JB 71 -62.89 18.44 -61.07
N GLY JB 72 -61.71 18.99 -60.79
CA GLY JB 72 -61.19 18.99 -59.44
C GLY JB 72 -61.99 19.87 -58.50
N VAL JB 73 -61.72 19.69 -57.22
CA VAL JB 73 -62.39 20.44 -56.16
C VAL JB 73 -61.33 21.16 -55.35
N ILE JB 74 -61.72 22.29 -54.76
CA ILE JB 74 -60.89 23.01 -53.81
C ILE JB 74 -61.52 22.88 -52.44
N SER JB 75 -61.08 21.89 -51.66
CA SER JB 75 -61.80 21.52 -50.45
C SER JB 75 -61.89 22.65 -49.42
N PRO JB 76 -60.81 23.34 -49.03
CA PRO JB 76 -61.01 24.50 -48.16
C PRO JB 76 -61.61 25.65 -48.95
N ARG JB 77 -62.89 25.91 -48.70
CA ARG JB 77 -63.66 26.88 -49.46
C ARG JB 77 -63.27 28.28 -49.01
N PHE JB 78 -62.22 28.82 -49.62
CA PHE JB 78 -61.71 30.11 -49.20
C PHE JB 78 -62.63 31.23 -49.65
N ASP JB 79 -62.69 32.27 -48.84
CA ASP JB 79 -63.36 33.49 -49.25
C ASP JB 79 -62.53 34.15 -50.34
N VAL JB 80 -63.13 34.37 -51.49
CA VAL JB 80 -62.46 35.00 -52.62
C VAL JB 80 -63.15 36.33 -52.88
N GLN JB 81 -62.35 37.39 -52.89
CA GLN JB 81 -62.80 38.72 -53.24
C GLN JB 81 -62.33 39.07 -54.64
N LEU JB 82 -63.03 40.00 -55.27
CA LEU JB 82 -62.71 40.34 -56.65
C LEU JB 82 -61.37 41.03 -56.78
N LYS JB 83 -60.81 41.53 -55.68
CA LYS JB 83 -59.52 42.19 -55.76
C LYS JB 83 -58.39 41.22 -56.06
N ASP JB 84 -58.58 39.93 -55.78
CA ASP JB 84 -57.52 38.94 -56.00
C ASP JB 84 -58.06 37.67 -56.65
N LEU JB 85 -59.17 37.78 -57.38
CA LEU JB 85 -59.67 36.64 -58.13
C LEU JB 85 -58.67 36.17 -59.19
N GLU JB 86 -57.78 37.06 -59.63
CA GLU JB 86 -56.78 36.67 -60.60
C GLU JB 86 -55.75 35.70 -60.02
N LYS JB 87 -55.52 35.72 -58.71
CA LYS JB 87 -54.64 34.74 -58.10
C LYS JB 87 -55.14 33.32 -58.35
N TRP JB 88 -56.40 33.07 -58.02
CA TRP JB 88 -57.01 31.79 -58.34
C TRP JB 88 -57.10 31.56 -59.82
N GLN JB 89 -57.37 32.62 -60.59
CA GLN JB 89 -57.49 32.49 -62.04
C GLN JB 89 -56.21 31.92 -62.66
N ASN JB 90 -55.07 32.44 -62.24
CA ASN JB 90 -53.80 31.95 -62.77
C ASN JB 90 -53.40 30.62 -62.14
N ASN JB 91 -53.70 30.41 -60.86
CA ASN JB 91 -53.23 29.20 -60.21
C ASN JB 91 -54.00 27.98 -60.68
N LEU JB 92 -55.30 28.14 -60.99
CA LEU JB 92 -56.17 26.99 -61.22
C LEU JB 92 -56.42 26.71 -62.69
N LEU JB 93 -56.98 27.68 -63.41
CA LEU JB 93 -57.43 27.44 -64.77
C LEU JB 93 -56.24 27.26 -65.71
N PRO JB 94 -56.42 26.49 -66.79
CA PRO JB 94 -55.29 26.26 -67.72
C PRO JB 94 -54.85 27.53 -68.42
N SER JB 95 -55.77 28.27 -69.01
CA SER JB 95 -55.43 29.54 -69.65
C SER JB 95 -56.66 30.42 -69.64
N ARG JB 96 -56.45 31.70 -69.93
CA ARG JB 96 -57.53 32.67 -69.92
C ARG JB 96 -58.49 32.50 -71.07
N GLN JB 97 -58.20 31.62 -72.02
CA GLN JB 97 -59.12 31.38 -73.12
C GLN JB 97 -60.36 30.63 -72.67
N PHE JB 98 -60.19 29.58 -71.86
CA PHE JB 98 -61.28 28.68 -71.55
C PHE JB 98 -61.14 28.25 -70.09
N GLY JB 99 -61.91 27.24 -69.71
CA GLY JB 99 -61.91 26.77 -68.34
C GLY JB 99 -62.68 27.71 -67.44
N PHE JB 100 -63.23 27.18 -66.34
CA PHE JB 100 -64.04 27.99 -65.46
C PHE JB 100 -63.80 27.57 -64.01
N ILE JB 101 -64.05 28.51 -63.10
CA ILE JB 101 -63.88 28.28 -61.66
C ILE JB 101 -65.25 28.38 -61.02
N VAL JB 102 -65.67 27.31 -60.35
CA VAL JB 102 -66.95 27.28 -59.66
C VAL JB 102 -66.76 27.86 -58.27
N LEU JB 103 -67.56 28.88 -57.94
CA LEU JB 103 -67.55 29.48 -56.62
C LEU JB 103 -68.95 29.96 -56.30
N THR JB 104 -69.39 29.71 -55.08
CA THR JB 104 -70.74 30.09 -54.68
C THR JB 104 -70.75 31.52 -54.16
N THR JB 105 -71.82 32.23 -54.47
CA THR JB 105 -72.06 33.56 -53.95
C THR JB 105 -73.44 33.57 -53.29
N SER JB 106 -73.84 34.73 -52.79
CA SER JB 106 -75.19 34.89 -52.28
C SER JB 106 -76.23 34.80 -53.38
N ALA JB 107 -75.84 35.03 -54.63
CA ALA JB 107 -76.73 34.96 -55.78
C ALA JB 107 -76.80 33.56 -56.37
N GLY JB 108 -76.30 32.55 -55.67
CA GLY JB 108 -76.29 31.19 -56.15
C GLY JB 108 -74.89 30.72 -56.51
N ILE JB 109 -74.82 29.45 -56.90
CA ILE JB 109 -73.59 28.85 -57.37
C ILE JB 109 -73.38 29.21 -58.83
N MET JB 110 -72.18 29.69 -59.16
CA MET JB 110 -71.92 30.24 -60.49
C MET JB 110 -70.43 30.15 -60.78
N ASP JB 111 -70.08 30.29 -62.06
CA ASP JB 111 -68.69 30.27 -62.46
C ASP JB 111 -68.07 31.64 -62.25
N HIS JB 112 -66.77 31.73 -62.52
CA HIS JB 112 -66.04 32.96 -62.23
C HIS JB 112 -66.36 34.07 -63.23
N GLU JB 113 -66.65 33.73 -64.49
CA GLU JB 113 -67.02 34.76 -65.45
C GLU JB 113 -68.33 35.43 -65.06
N GLU JB 114 -69.34 34.65 -64.73
CA GLU JB 114 -70.63 35.23 -64.36
C GLU JB 114 -70.60 35.84 -62.97
N ALA JB 115 -69.80 35.31 -62.05
CA ALA JB 115 -69.63 35.96 -60.76
C ALA JB 115 -68.96 37.32 -60.92
N ARG JB 116 -67.97 37.42 -61.81
CA ARG JB 116 -67.35 38.70 -62.11
C ARG JB 116 -68.33 39.64 -62.78
N ARG JB 117 -69.21 39.11 -63.62
CA ARG JB 117 -70.27 39.92 -64.21
C ARG JB 117 -71.20 40.45 -63.13
N LYS JB 118 -71.54 39.61 -62.15
CA LYS JB 118 -72.41 40.02 -61.06
C LYS JB 118 -71.69 40.87 -60.03
N HIS JB 119 -70.37 40.99 -60.11
CA HIS JB 119 -69.56 41.73 -59.14
C HIS JB 119 -69.76 41.18 -57.73
N THR JB 120 -69.68 39.86 -57.62
CA THR JB 120 -69.78 39.20 -56.33
C THR JB 120 -68.70 38.14 -56.20
N GLY JB 121 -68.09 38.07 -55.02
CA GLY JB 121 -67.21 36.99 -54.66
C GLY JB 121 -67.91 36.02 -53.72
N GLY JB 122 -67.10 35.22 -53.05
CA GLY JB 122 -67.66 34.30 -52.08
C GLY JB 122 -66.78 33.09 -51.89
N LYS JB 123 -67.37 32.06 -51.31
CA LYS JB 123 -66.63 30.85 -50.99
C LYS JB 123 -66.35 30.06 -52.26
N ILE JB 124 -65.07 29.72 -52.47
CA ILE JB 124 -64.70 28.92 -53.63
C ILE JB 124 -65.33 27.54 -53.51
N LEU JB 125 -65.54 26.89 -54.66
CA LEU JB 125 -66.16 25.58 -54.68
C LEU JB 125 -65.32 24.54 -55.40
N GLY JB 126 -64.65 24.92 -56.46
CA GLY JB 126 -63.87 23.97 -57.22
C GLY JB 126 -63.50 24.55 -58.56
N PHE JB 127 -63.21 23.67 -59.50
CA PHE JB 127 -62.78 24.11 -60.81
C PHE JB 127 -62.95 22.95 -61.78
N PHE JB 128 -63.49 23.26 -62.95
CA PHE JB 128 -63.55 22.27 -64.02
C PHE JB 128 -63.09 22.94 -65.30
N PHE JB 129 -62.38 22.17 -66.12
CA PHE JB 129 -61.99 22.64 -67.44
C PHE JB 129 -61.88 21.46 -68.38
N GLY KB 1 -51.55 12.83 -44.84
CA GLY KB 1 -50.91 13.98 -45.44
C GLY KB 1 -50.85 15.19 -44.53
N LYS KB 2 -51.15 16.36 -45.07
CA LYS KB 2 -51.14 17.60 -44.31
C LYS KB 2 -52.57 18.11 -44.15
N CYS KB 3 -52.87 18.64 -42.98
CA CYS KB 3 -54.20 19.19 -42.73
C CYS KB 3 -54.39 20.46 -43.55
N ARG KB 4 -55.60 20.61 -44.10
CA ARG KB 4 -55.92 21.76 -44.93
C ARG KB 4 -57.15 22.50 -44.42
N GLY KB 5 -57.43 22.43 -43.12
CA GLY KB 5 -58.64 23.02 -42.59
C GLY KB 5 -58.58 24.53 -42.59
N LEU KB 6 -59.76 25.14 -42.45
CA LEU KB 6 -59.90 26.58 -42.48
C LEU KB 6 -59.47 27.24 -41.17
N ARG KB 7 -59.21 26.46 -40.13
CA ARG KB 7 -58.83 27.00 -38.83
C ARG KB 7 -57.58 26.33 -38.30
N THR KB 8 -56.73 25.83 -39.20
CA THR KB 8 -55.50 25.13 -38.84
C THR KB 8 -54.27 26.00 -39.05
N ALA KB 9 -54.45 27.31 -39.19
CA ALA KB 9 -53.31 28.19 -39.45
C ALA KB 9 -52.33 28.17 -38.29
N ARG KB 10 -52.82 28.10 -37.06
CA ARG KB 10 -51.94 28.07 -35.90
C ARG KB 10 -51.02 26.86 -35.94
N LYS KB 11 -51.60 25.67 -36.17
CA LYS KB 11 -50.77 24.48 -36.24
C LYS KB 11 -49.82 24.53 -37.41
N LEU KB 12 -50.27 25.04 -38.55
CA LEU KB 12 -49.39 25.09 -39.71
C LEU KB 12 -48.20 26.00 -39.47
N ARG KB 13 -48.43 27.17 -38.86
CA ARG KB 13 -47.31 28.07 -38.56
C ARG KB 13 -46.40 27.48 -37.50
N SER KB 14 -46.96 26.85 -36.47
CA SER KB 14 -46.13 26.24 -35.44
C SER KB 14 -45.28 25.12 -36.01
N HIS KB 15 -45.84 24.30 -36.90
CA HIS KB 15 -45.07 23.23 -37.50
C HIS KB 15 -44.00 23.75 -38.44
N ARG KB 16 -44.28 24.80 -39.21
CA ARG KB 16 -43.23 25.38 -40.04
C ARG KB 16 -42.08 25.91 -39.19
N ARG KB 17 -42.40 26.64 -38.12
CA ARG KB 17 -41.33 27.21 -37.33
C ARG KB 17 -40.62 26.16 -36.50
N ASP KB 18 -41.26 25.03 -36.23
CA ASP KB 18 -40.58 23.93 -35.56
C ASP KB 18 -39.64 23.20 -36.52
N GLN KB 19 -40.10 22.95 -37.74
CA GLN KB 19 -39.27 22.25 -38.71
C GLN KB 19 -38.17 23.13 -39.28
N LYS KB 20 -38.28 24.45 -39.12
CA LYS KB 20 -37.20 25.32 -39.58
C LYS KB 20 -35.91 25.06 -38.82
N TRP KB 21 -36.01 24.60 -37.58
CA TRP KB 21 -34.83 24.34 -36.77
C TRP KB 21 -34.15 23.04 -37.15
N HIS KB 22 -34.44 22.47 -38.31
CA HIS KB 22 -33.87 21.21 -38.72
C HIS KB 22 -32.97 21.31 -39.95
N ASP KB 23 -32.71 22.50 -40.46
CA ASP KB 23 -31.73 22.67 -41.51
C ASP KB 23 -30.53 23.45 -40.98
N LYS KB 24 -29.38 23.20 -41.58
CA LYS KB 24 -28.12 23.69 -41.03
C LYS KB 24 -28.03 25.21 -41.09
N GLN KB 25 -28.49 25.82 -42.18
CA GLN KB 25 -28.24 27.24 -42.39
C GLN KB 25 -29.06 28.09 -41.43
N TYR KB 26 -30.36 27.82 -41.33
CA TYR KB 26 -31.22 28.60 -40.44
C TYR KB 26 -30.82 28.41 -38.99
N LYS KB 27 -30.52 27.17 -38.60
CA LYS KB 27 -30.07 26.91 -37.24
C LYS KB 27 -28.75 27.61 -36.96
N LYS KB 28 -27.84 27.60 -37.93
CA LYS KB 28 -26.56 28.29 -37.77
C LYS KB 28 -26.76 29.78 -37.61
N ALA KB 29 -27.67 30.37 -38.37
CA ALA KB 29 -27.89 31.81 -38.30
C ALA KB 29 -28.75 32.22 -37.12
N HIS KB 30 -29.48 31.30 -36.51
CA HIS KB 30 -30.41 31.66 -35.44
C HIS KB 30 -30.10 30.97 -34.12
N LEU KB 31 -28.93 30.35 -33.98
CA LEU KB 31 -28.59 29.70 -32.72
C LEU KB 31 -27.61 30.50 -31.88
N GLY KB 32 -26.68 31.19 -32.50
CA GLY KB 32 -25.68 31.96 -31.80
C GLY KB 32 -24.43 31.20 -31.44
N THR KB 33 -24.51 29.87 -31.35
CA THR KB 33 -23.32 29.07 -31.09
C THR KB 33 -22.30 29.20 -32.21
N ALA KB 34 -22.78 29.19 -33.46
CA ALA KB 34 -21.88 29.38 -34.59
C ALA KB 34 -21.36 30.80 -34.67
N LEU KB 35 -22.19 31.78 -34.31
CA LEU KB 35 -21.72 33.16 -34.26
C LEU KB 35 -20.59 33.31 -33.27
N LYS KB 36 -20.69 32.65 -32.12
CA LYS KB 36 -19.60 32.74 -31.15
C LYS KB 36 -18.40 31.91 -31.58
N ALA KB 37 -18.64 30.75 -32.21
CA ALA KB 37 -17.55 29.91 -32.64
C ALA KB 37 -16.77 30.53 -33.79
N ASN KB 38 -17.37 31.43 -34.53
CA ASN KB 38 -16.65 32.18 -35.53
C ASN KB 38 -15.62 33.06 -34.84
N PRO KB 39 -14.33 32.90 -35.10
CA PRO KB 39 -13.34 33.80 -34.50
C PRO KB 39 -13.52 35.25 -34.91
N PHE KB 40 -14.00 35.48 -36.13
CA PHE KB 40 -14.25 36.85 -36.58
C PHE KB 40 -15.45 37.47 -35.90
N GLY KB 41 -16.34 36.66 -35.34
CA GLY KB 41 -17.53 37.20 -34.69
C GLY KB 41 -18.45 37.93 -35.63
N GLY KB 42 -18.69 37.38 -36.82
CA GLY KB 42 -19.55 38.05 -37.76
C GLY KB 42 -18.95 39.29 -38.39
N ALA KB 43 -17.63 39.39 -38.43
CA ALA KB 43 -16.94 40.47 -39.09
C ALA KB 43 -16.19 39.93 -40.29
N SER KB 44 -16.41 40.53 -41.46
CA SER KB 44 -15.81 40.01 -42.68
C SER KB 44 -14.28 40.07 -42.63
N HIS KB 45 -13.74 41.15 -42.09
CA HIS KB 45 -12.29 41.33 -42.00
C HIS KB 45 -11.90 41.56 -40.55
N ALA KB 46 -10.67 41.19 -40.22
CA ALA KB 46 -10.17 41.40 -38.86
C ALA KB 46 -8.66 41.51 -38.89
N LYS KB 47 -8.12 42.44 -38.12
CA LYS KB 47 -6.68 42.57 -37.96
C LYS KB 47 -6.17 41.54 -36.97
N GLY KB 48 -4.94 41.09 -37.18
CA GLY KB 48 -4.31 40.14 -36.30
C GLY KB 48 -2.81 40.29 -36.34
N ILE KB 49 -2.14 39.70 -35.37
CA ILE KB 49 -0.69 39.76 -35.25
C ILE KB 49 -0.15 38.37 -35.53
N VAL KB 50 0.85 38.30 -36.41
CA VAL KB 50 1.40 37.01 -36.80
C VAL KB 50 2.19 36.42 -35.64
N LEU KB 51 1.89 35.17 -35.30
CA LEU KB 51 2.62 34.46 -34.27
C LEU KB 51 3.79 33.66 -34.84
N GLU KB 52 3.65 33.11 -36.03
CA GLU KB 52 4.67 32.28 -36.67
C GLU KB 52 4.24 31.99 -38.10
N LYS KB 53 5.17 31.45 -38.88
CA LYS KB 53 4.88 30.93 -40.22
C LYS KB 53 4.87 29.41 -40.15
N VAL KB 54 3.87 28.80 -40.77
CA VAL KB 54 3.68 27.36 -40.75
C VAL KB 54 3.44 26.86 -42.16
N GLY KB 55 4.16 25.81 -42.55
CA GLY KB 55 3.87 25.13 -43.79
C GLY KB 55 2.95 23.96 -43.56
N VAL KB 56 1.78 23.97 -44.20
CA VAL KB 56 0.73 22.99 -43.96
C VAL KB 56 0.67 22.04 -45.15
N GLU KB 57 0.70 20.74 -44.87
CA GLU KB 57 0.70 19.75 -45.93
C GLU KB 57 -0.65 19.72 -46.64
N ALA KB 58 -0.61 19.44 -47.94
CA ALA KB 58 -1.81 19.35 -48.75
C ALA KB 58 -2.51 18.03 -48.46
N LYS KB 59 -3.56 17.73 -49.23
CA LYS KB 59 -4.32 16.50 -49.04
C LYS KB 59 -3.56 15.33 -49.65
N GLN KB 60 -4.19 14.14 -49.65
CA GLN KB 60 -3.55 12.98 -50.25
C GLN KB 60 -3.36 13.11 -51.76
N PRO KB 61 -4.38 13.44 -52.57
CA PRO KB 61 -4.14 13.49 -54.03
C PRO KB 61 -3.09 14.50 -54.44
N ASN KB 62 -3.03 15.63 -53.76
CA ASN KB 62 -1.97 16.59 -53.98
C ASN KB 62 -0.76 16.22 -53.12
N SER KB 63 0.35 16.90 -53.35
CA SER KB 63 1.52 16.75 -52.50
C SER KB 63 2.24 18.10 -52.52
N ALA KB 64 1.93 18.94 -51.55
CA ALA KB 64 2.46 20.29 -51.54
C ALA KB 64 2.46 20.82 -50.12
N ILE KB 65 3.19 21.92 -49.93
CA ILE KB 65 3.28 22.60 -48.65
C ILE KB 65 2.71 23.99 -48.85
N ARG KB 66 1.44 24.18 -48.48
CA ARG KB 66 0.83 25.49 -48.54
C ARG KB 66 1.39 26.37 -47.45
N LYS KB 67 1.60 27.64 -47.77
CA LYS KB 67 2.23 28.59 -46.86
C LYS KB 67 1.14 29.31 -46.06
N CYS KB 68 1.12 29.11 -44.75
CA CYS KB 68 0.15 29.76 -43.89
C CYS KB 68 0.89 30.38 -42.73
N VAL KB 69 0.16 31.13 -41.92
CA VAL KB 69 0.72 31.81 -40.76
C VAL KB 69 -0.24 31.65 -39.60
N ARG KB 70 0.30 31.39 -38.42
CA ARG KB 70 -0.50 31.52 -37.21
C ARG KB 70 -0.67 32.99 -36.91
N VAL KB 71 -1.86 33.38 -36.48
CA VAL KB 71 -2.17 34.78 -36.27
C VAL KB 71 -3.24 34.89 -35.19
N GLN KB 72 -3.05 35.82 -34.27
CA GLN KB 72 -3.97 36.01 -33.15
C GLN KB 72 -4.67 37.35 -33.27
N LEU KB 73 -6.00 37.31 -33.25
CA LEU KB 73 -6.79 38.53 -33.36
C LEU KB 73 -6.58 39.41 -32.14
N ILE KB 74 -6.45 40.71 -32.39
CA ILE KB 74 -6.21 41.63 -31.28
C ILE KB 74 -7.43 41.70 -30.38
N LYS KB 75 -8.62 41.77 -30.97
CA LYS KB 75 -9.84 41.56 -30.20
C LYS KB 75 -9.98 40.08 -29.93
N ASN KB 76 -10.42 39.75 -28.71
CA ASN KB 76 -10.78 38.41 -28.24
C ASN KB 76 -9.66 37.38 -28.32
N GLY KB 77 -8.47 37.79 -28.74
CA GLY KB 77 -7.26 36.99 -28.57
C GLY KB 77 -7.29 35.60 -29.18
N LYS KB 78 -8.12 35.37 -30.18
CA LYS KB 78 -8.22 34.04 -30.76
C LYS KB 78 -7.05 33.81 -31.70
N LYS KB 79 -6.39 32.67 -31.56
CA LYS KB 79 -5.30 32.29 -32.45
C LYS KB 79 -5.83 31.30 -33.50
N ILE KB 80 -5.55 31.59 -34.77
CA ILE KB 80 -5.97 30.75 -35.88
C ILE KB 80 -4.83 30.65 -36.88
N THR KB 81 -5.08 29.94 -37.98
CA THR KB 81 -4.13 29.79 -39.07
C THR KB 81 -4.73 30.33 -40.34
N ALA KB 82 -4.05 31.28 -40.97
CA ALA KB 82 -4.54 31.94 -42.17
C ALA KB 82 -3.57 31.73 -43.32
N PHE KB 83 -4.12 31.54 -44.51
CA PHE KB 83 -3.33 31.21 -45.69
C PHE KB 83 -2.70 32.45 -46.29
N VAL KB 84 -1.58 32.25 -46.98
CA VAL KB 84 -0.97 33.30 -47.80
C VAL KB 84 -1.24 32.95 -49.25
N PRO KB 85 -2.15 33.65 -49.92
CA PRO KB 85 -2.64 33.23 -51.23
C PRO KB 85 -1.81 33.74 -52.40
N ASN KB 86 -0.48 33.62 -52.30
CA ASN KB 86 0.38 34.16 -53.33
C ASN KB 86 1.69 33.38 -53.37
N ASP KB 87 2.39 33.50 -54.50
CA ASP KB 87 3.65 32.79 -54.69
C ASP KB 87 4.72 33.31 -53.75
N GLY KB 88 4.94 34.61 -53.73
CA GLY KB 88 6.09 35.13 -53.04
C GLY KB 88 5.77 36.12 -51.94
N CYS KB 89 4.53 36.11 -51.46
CA CYS KB 89 4.15 37.04 -50.42
C CYS KB 89 4.48 36.54 -49.02
N LEU KB 90 4.87 35.26 -48.88
CA LEU KB 90 5.32 34.79 -47.58
C LEU KB 90 6.57 35.54 -47.13
N ASN KB 91 7.48 35.82 -48.06
CA ASN KB 91 8.67 36.60 -47.73
C ASN KB 91 8.31 38.03 -47.34
N PHE KB 92 7.21 38.57 -47.85
CA PHE KB 92 6.71 39.84 -47.37
C PHE KB 92 6.05 39.72 -46.01
N ILE KB 93 5.61 38.54 -45.65
CA ILE KB 93 5.08 38.25 -44.32
C ILE KB 93 6.25 38.02 -43.36
N GLU KB 94 6.12 38.54 -42.14
CA GLU KB 94 7.13 38.33 -41.12
C GLU KB 94 6.47 38.38 -39.75
N GLU KB 95 7.25 38.02 -38.73
CA GLU KB 95 6.75 37.94 -37.37
C GLU KB 95 6.26 39.29 -36.87
N ASN KB 96 5.20 39.26 -36.06
CA ASN KB 96 4.72 40.43 -35.31
C ASN KB 96 4.38 41.60 -36.24
N ASP KB 97 3.82 41.30 -37.39
CA ASP KB 97 3.34 42.31 -38.32
C ASP KB 97 1.82 42.26 -38.35
N GLU KB 98 1.17 43.40 -38.12
CA GLU KB 98 -0.28 43.44 -38.09
C GLU KB 98 -0.83 43.21 -39.49
N VAL KB 99 -1.39 42.03 -39.72
CA VAL KB 99 -1.99 41.66 -40.99
C VAL KB 99 -3.49 41.86 -40.87
N LEU KB 100 -4.14 41.93 -42.02
CA LEU KB 100 -5.58 41.87 -42.12
C LEU KB 100 -5.97 40.52 -42.69
N VAL KB 101 -7.03 39.93 -42.14
CA VAL KB 101 -7.44 38.58 -42.50
C VAL KB 101 -8.91 38.61 -42.88
N ALA KB 102 -9.24 37.88 -43.94
CA ALA KB 102 -10.63 37.70 -44.36
C ALA KB 102 -10.89 36.24 -44.67
N GLY KB 103 -12.17 35.86 -44.61
CA GLY KB 103 -12.55 34.49 -44.88
C GLY KB 103 -12.18 34.06 -46.29
N PHE KB 104 -12.17 32.76 -46.52
CA PHE KB 104 -11.68 32.30 -47.81
C PHE KB 104 -12.73 32.52 -48.90
N GLY KB 105 -14.00 32.28 -48.59
CA GLY KB 105 -15.03 32.48 -49.58
C GLY KB 105 -16.19 31.52 -49.52
N ARG KB 106 -16.09 30.48 -48.70
CA ARG KB 106 -17.21 29.56 -48.56
C ARG KB 106 -17.72 29.53 -47.13
N LYS KB 107 -17.93 30.72 -46.56
CA LYS KB 107 -18.74 30.89 -45.35
C LYS KB 107 -18.16 30.12 -44.18
N GLY KB 108 -16.85 30.16 -44.04
CA GLY KB 108 -16.21 29.43 -42.96
C GLY KB 108 -16.19 27.94 -43.20
N HIS KB 109 -15.44 27.50 -44.20
CA HIS KB 109 -15.30 26.09 -44.52
C HIS KB 109 -13.88 25.86 -45.00
N ALA KB 110 -13.37 24.65 -44.78
CA ALA KB 110 -12.04 24.32 -45.25
C ALA KB 110 -12.04 24.26 -46.76
N VAL KB 111 -11.06 24.89 -47.39
CA VAL KB 111 -11.04 25.09 -48.85
C VAL KB 111 -9.91 24.29 -49.45
N GLY KB 112 -10.21 23.57 -50.53
CA GLY KB 112 -9.21 22.92 -51.35
C GLY KB 112 -8.44 21.87 -50.57
N ASP KB 113 -7.15 21.79 -50.86
CA ASP KB 113 -6.29 20.79 -50.24
C ASP KB 113 -5.78 21.21 -48.87
N ILE KB 114 -6.00 22.45 -48.48
CA ILE KB 114 -5.49 22.95 -47.20
C ILE KB 114 -6.39 22.41 -46.10
N PRO KB 115 -5.88 21.67 -45.14
CA PRO KB 115 -6.73 21.07 -44.10
C PRO KB 115 -7.05 22.05 -42.99
N GLY KB 116 -8.29 22.52 -42.95
CA GLY KB 116 -8.81 23.27 -41.83
C GLY KB 116 -8.65 24.77 -41.87
N VAL KB 117 -8.01 25.33 -42.89
CA VAL KB 117 -7.82 26.77 -42.97
C VAL KB 117 -9.01 27.39 -43.68
N ARG KB 118 -9.68 28.34 -43.01
CA ARG KB 118 -10.82 29.05 -43.56
C ARG KB 118 -10.55 30.54 -43.67
N PHE KB 119 -9.29 30.93 -43.80
CA PHE KB 119 -8.90 32.33 -43.73
C PHE KB 119 -7.75 32.60 -44.68
N LYS KB 120 -7.54 33.88 -44.98
CA LYS KB 120 -6.46 34.29 -45.86
C LYS KB 120 -6.10 35.73 -45.53
N VAL KB 121 -4.91 36.13 -45.95
CA VAL KB 121 -4.38 37.45 -45.66
C VAL KB 121 -4.74 38.42 -46.78
N VAL KB 122 -5.30 39.57 -46.42
CA VAL KB 122 -5.62 40.63 -47.36
C VAL KB 122 -4.53 41.68 -47.41
N LYS KB 123 -4.10 42.17 -46.25
CA LYS KB 123 -3.09 43.21 -46.15
C LYS KB 123 -2.06 42.81 -45.10
N VAL KB 124 -0.89 43.42 -45.20
CA VAL KB 124 0.15 43.29 -44.20
C VAL KB 124 0.76 44.67 -43.98
N ALA KB 125 0.99 45.04 -42.72
CA ALA KB 125 1.66 46.29 -42.35
C ALA KB 125 1.00 47.51 -42.99
N ASN KB 126 -0.33 47.49 -43.04
CA ASN KB 126 -1.13 48.57 -43.62
C ASN KB 126 -0.79 48.83 -45.08
N VAL KB 127 -0.51 47.75 -45.81
CA VAL KB 127 -0.32 47.85 -47.25
C VAL KB 127 -0.75 46.53 -47.89
N SER KB 128 -1.33 46.64 -49.08
CA SER KB 128 -2.02 45.51 -49.71
C SER KB 128 -1.05 44.46 -50.25
N LEU KB 129 -1.36 43.21 -49.94
CA LEU KB 129 -0.63 42.08 -50.49
C LEU KB 129 -0.68 42.05 -52.01
N LEU KB 130 -1.78 42.52 -52.60
CA LEU KB 130 -1.86 42.57 -54.05
C LEU KB 130 -0.81 43.53 -54.62
N ALA KB 131 -0.65 44.69 -54.00
CA ALA KB 131 0.36 45.64 -54.46
C ALA KB 131 1.77 45.09 -54.23
N LEU KB 132 2.01 44.48 -53.07
CA LEU KB 132 3.32 43.90 -52.81
C LEU KB 132 3.68 42.82 -53.82
N TYR KB 133 2.71 41.98 -54.17
CA TYR KB 133 2.95 40.94 -55.16
C TYR KB 133 3.20 41.53 -56.53
N LYS KB 134 2.40 42.51 -56.94
CA LYS KB 134 2.50 43.06 -58.28
C LYS KB 134 3.59 44.12 -58.41
N GLY KB 135 4.31 44.44 -57.34
CA GLY KB 135 5.36 45.43 -57.40
C GLY KB 135 4.88 46.86 -57.36
N LYS KB 136 3.60 47.09 -57.08
CA LYS KB 136 3.08 48.45 -57.04
C LYS KB 136 3.61 49.23 -55.84
N LYS KB 137 3.96 48.53 -54.76
CA LYS KB 137 4.39 49.20 -53.54
C LYS KB 137 5.53 48.41 -52.91
N GLU KB 138 6.01 48.90 -51.77
CA GLU KB 138 7.16 48.34 -51.08
C GLU KB 138 6.91 48.35 -49.58
N ARG KB 139 7.64 47.50 -48.87
CA ARG KB 139 7.57 47.48 -47.41
C ARG KB 139 8.10 48.78 -46.82
N PRO KB 140 7.61 49.16 -45.63
CA PRO KB 140 8.19 50.34 -44.94
C PRO KB 140 9.52 50.03 -44.26
N ARG KB 141 10.57 49.99 -45.07
CA ARG KB 141 11.92 49.72 -44.60
C ARG KB 141 12.83 50.92 -44.83
N ASN LB 1 -23.73 91.69 -78.32
CA ASN LB 1 -23.71 93.14 -78.20
C ASN LB 1 -24.55 93.80 -79.28
N ASP LB 2 -24.42 93.32 -80.52
CA ASP LB 2 -25.16 93.91 -81.63
C ASP LB 2 -26.67 93.73 -81.49
N THR LB 3 -27.12 92.77 -80.69
CA THR LB 3 -28.55 92.62 -80.43
C THR LB 3 -28.74 91.96 -79.07
N VAL LB 4 -29.37 92.69 -78.15
CA VAL LB 4 -29.69 92.20 -76.82
C VAL LB 4 -31.09 92.70 -76.49
N THR LB 5 -32.02 91.78 -76.25
CA THR LB 5 -33.41 92.15 -76.02
C THR LB 5 -33.91 91.56 -74.70
N ILE LB 6 -34.85 92.30 -74.10
CA ILE LB 6 -35.39 91.99 -72.78
C ILE LB 6 -36.88 91.70 -72.92
N ARG LB 7 -37.33 90.63 -72.28
CA ARG LB 7 -38.75 90.30 -72.22
C ARG LB 7 -39.14 90.11 -70.76
N THR LB 8 -40.24 90.74 -70.35
CA THR LB 8 -40.75 90.60 -69.00
C THR LB 8 -42.03 89.75 -69.04
N ARG LB 9 -42.14 88.84 -68.09
CA ARG LB 9 -43.19 87.84 -68.08
C ARG LB 9 -43.84 87.83 -66.70
N LYS LB 10 -45.09 87.37 -66.64
CA LYS LB 10 -45.84 87.28 -65.39
C LYS LB 10 -45.86 88.62 -64.67
N PHE LB 11 -46.05 89.69 -65.44
CA PHE LB 11 -46.00 91.03 -64.88
C PHE LB 11 -47.19 91.26 -63.97
N MET LB 12 -46.92 91.70 -62.75
CA MET LB 12 -47.98 92.02 -61.80
C MET LB 12 -47.61 93.27 -61.04
N THR LB 13 -48.63 94.00 -60.61
CA THR LB 13 -48.47 95.19 -59.78
C THR LB 13 -49.03 94.91 -58.38
N ASN LB 14 -48.24 95.21 -57.35
CA ASN LB 14 -48.71 95.12 -55.97
C ASN LB 14 -48.41 96.45 -55.28
N ARG LB 15 -49.47 97.15 -54.90
CA ARG LB 15 -49.31 98.39 -54.14
C ARG LB 15 -48.99 98.14 -52.68
N LEU LB 16 -49.03 96.88 -52.24
CA LEU LB 16 -48.68 96.55 -50.87
C LEU LB 16 -47.24 96.92 -50.58
N LEU LB 17 -46.33 96.55 -51.47
CA LEU LB 17 -44.96 97.03 -51.43
C LEU LB 17 -44.74 98.21 -52.35
N GLN LB 18 -45.80 98.68 -53.00
CA GLN LB 18 -45.73 99.79 -53.94
C GLN LB 18 -44.69 99.51 -55.03
N ARG LB 19 -44.86 98.37 -55.67
CA ARG LB 19 -43.91 97.92 -56.67
C ARG LB 19 -44.60 97.04 -57.70
N LYS LB 20 -43.83 96.60 -58.68
CA LYS LB 20 -44.26 95.74 -59.76
C LYS LB 20 -43.20 94.67 -59.96
N GLN LB 21 -43.63 93.44 -60.21
CA GLN LB 21 -42.72 92.31 -60.32
C GLN LB 21 -42.87 91.61 -61.67
N MET LB 22 -41.74 91.14 -62.19
CA MET LB 22 -41.68 90.46 -63.48
C MET LB 22 -40.61 89.40 -63.45
N VAL LB 23 -40.87 88.29 -64.14
CA VAL LB 23 -39.84 87.32 -64.47
C VAL LB 23 -39.25 87.80 -65.79
N ILE LB 24 -38.09 88.43 -65.71
CA ILE LB 24 -37.46 88.96 -66.92
C ILE LB 24 -36.50 87.92 -67.49
N ASP LB 25 -36.24 88.05 -68.78
CA ASP LB 25 -35.25 87.22 -69.45
C ASP LB 25 -34.68 88.01 -70.61
N VAL LB 26 -33.48 87.61 -71.01
CA VAL LB 26 -32.69 88.40 -71.96
C VAL LB 26 -32.05 87.46 -72.97
N LEU LB 27 -32.02 87.91 -74.23
CA LEU LB 27 -31.41 87.15 -75.31
C LEU LB 27 -30.09 87.80 -75.69
N HIS LB 28 -29.01 87.04 -75.57
CA HIS LB 28 -27.69 87.47 -76.06
C HIS LB 28 -27.12 86.40 -76.98
N PRO LB 29 -27.30 86.54 -78.29
CA PRO LB 29 -26.88 85.47 -79.22
C PRO LB 29 -25.38 85.20 -79.23
N GLY LB 30 -24.57 86.22 -79.51
CA GLY LB 30 -23.14 86.03 -79.62
C GLY LB 30 -22.37 86.61 -78.44
N LYS LB 31 -23.09 87.24 -77.53
CA LYS LB 31 -22.47 87.89 -76.38
C LYS LB 31 -22.54 87.00 -75.15
N ALA LB 32 -21.92 87.45 -74.07
CA ALA LB 32 -21.94 86.74 -72.80
C ALA LB 32 -23.23 87.03 -72.05
N THR LB 33 -23.37 86.44 -70.88
CA THR LB 33 -24.51 86.74 -70.02
C THR LB 33 -24.42 88.18 -69.52
N VAL LB 34 -25.57 88.73 -69.16
CA VAL LB 34 -25.72 90.19 -69.07
C VAL LB 34 -25.32 90.65 -67.66
N PRO LB 35 -24.51 91.70 -67.54
CA PRO LB 35 -24.22 92.26 -66.22
C PRO LB 35 -25.42 93.01 -65.62
N LYS LB 36 -25.42 93.11 -64.30
CA LYS LB 36 -26.55 93.72 -63.60
C LYS LB 36 -26.66 95.20 -63.90
N THR LB 37 -25.53 95.89 -64.11
CA THR LB 37 -25.61 97.28 -64.54
C THR LB 37 -26.32 97.39 -65.89
N GLU LB 38 -26.01 96.50 -66.82
CA GLU LB 38 -26.63 96.54 -68.13
C GLU LB 38 -28.14 96.29 -68.02
N ILE LB 39 -28.54 95.26 -67.28
CA ILE LB 39 -29.98 95.00 -67.20
C ILE LB 39 -30.68 96.11 -66.43
N ARG LB 40 -30.03 96.68 -65.41
CA ARG LB 40 -30.62 97.77 -64.65
C ARG LB 40 -30.88 98.98 -65.54
N GLU LB 41 -29.86 99.43 -66.26
CA GLU LB 41 -30.02 100.59 -67.12
C GLU LB 41 -31.00 100.32 -68.26
N LYS LB 42 -30.99 99.11 -68.83
CA LYS LB 42 -31.88 98.84 -69.95
C LYS LB 42 -33.33 98.75 -69.50
N LEU LB 43 -33.60 98.06 -68.39
CA LEU LB 43 -34.97 97.99 -67.89
C LEU LB 43 -35.47 99.36 -67.47
N ALA LB 44 -34.61 100.16 -66.84
CA ALA LB 44 -35.00 101.53 -66.48
C ALA LB 44 -35.30 102.36 -67.72
N LYS LB 45 -34.50 102.20 -68.78
CA LYS LB 45 -34.75 102.92 -70.02
C LYS LB 45 -36.07 102.49 -70.65
N MET LB 46 -36.35 101.19 -70.63
CA MET LB 46 -37.58 100.68 -71.23
C MET LB 46 -38.82 101.14 -70.47
N TYR LB 47 -38.76 101.14 -69.14
CA TYR LB 47 -39.91 101.48 -68.33
C TYR LB 47 -39.97 102.95 -67.93
N LYS LB 48 -39.03 103.77 -68.42
CA LYS LB 48 -39.02 105.22 -68.21
C LYS LB 48 -38.93 105.55 -66.71
N THR LB 49 -37.83 105.08 -66.11
CA THR LB 49 -37.53 105.35 -64.72
C THR LB 49 -36.01 105.47 -64.58
N THR LB 50 -35.57 106.15 -63.53
CA THR LB 50 -34.15 106.19 -63.23
C THR LB 50 -33.66 104.83 -62.77
N PRO LB 51 -32.38 104.49 -63.00
CA PRO LB 51 -31.86 103.20 -62.54
C PRO LB 51 -31.48 103.19 -61.07
N ASP LB 52 -32.46 103.39 -60.21
CA ASP LB 52 -32.26 103.33 -58.77
C ASP LB 52 -33.18 102.36 -58.05
N VAL LB 53 -34.42 102.20 -58.49
CA VAL LB 53 -35.35 101.27 -57.88
C VAL LB 53 -35.48 99.99 -58.72
N ILE LB 54 -34.49 99.71 -59.55
CA ILE LB 54 -34.43 98.46 -60.31
C ILE LB 54 -33.77 97.41 -59.41
N PHE LB 55 -34.55 96.43 -58.96
CA PHE LB 55 -34.03 95.39 -58.09
C PHE LB 55 -34.17 94.07 -58.84
N VAL LB 56 -33.06 93.62 -59.43
CA VAL LB 56 -33.05 92.41 -60.25
C VAL LB 56 -32.08 91.41 -59.63
N PHE LB 57 -32.39 90.13 -59.77
CA PHE LB 57 -31.60 89.07 -59.17
C PHE LB 57 -32.00 87.74 -59.79
N GLY LB 58 -31.39 86.66 -59.30
CA GLY LB 58 -31.75 85.31 -59.68
C GLY LB 58 -31.57 84.98 -61.15
N PHE LB 59 -30.46 85.38 -61.74
CA PHE LB 59 -30.25 85.25 -63.17
C PHE LB 59 -29.42 84.01 -63.47
N ARG LB 60 -30.05 83.04 -64.13
CA ARG LB 60 -29.38 81.83 -64.59
C ARG LB 60 -29.43 81.80 -66.11
N THR LB 61 -28.29 81.47 -66.72
CA THR LB 61 -28.18 81.39 -68.18
C THR LB 61 -28.44 79.95 -68.62
N HIS LB 62 -29.33 79.80 -69.61
CA HIS LB 62 -29.72 78.47 -70.04
C HIS LB 62 -28.59 77.81 -70.83
N PHE LB 63 -28.82 76.55 -71.21
CA PHE LB 63 -27.79 75.76 -71.87
C PHE LB 63 -27.45 76.34 -73.24
N GLY LB 64 -26.15 76.47 -73.51
CA GLY LB 64 -25.68 76.96 -74.79
C GLY LB 64 -25.66 78.46 -74.95
N GLY LB 65 -26.16 79.22 -74.00
CA GLY LB 65 -26.28 80.65 -74.15
C GLY LB 65 -27.63 81.06 -74.67
N GLY LB 66 -27.71 82.32 -75.08
CA GLY LB 66 -28.97 82.84 -75.58
C GLY LB 66 -29.83 83.42 -74.48
N LYS LB 67 -30.73 82.58 -73.95
CA LYS LB 67 -31.67 83.01 -72.93
C LYS LB 67 -31.00 83.03 -71.56
N THR LB 68 -31.26 84.09 -70.81
CA THR LB 68 -30.86 84.17 -69.40
C THR LB 68 -32.05 84.73 -68.63
N THR LB 69 -32.51 83.97 -67.64
CA THR LB 69 -33.70 84.38 -66.92
C THR LB 69 -33.35 84.91 -65.55
N GLY LB 70 -34.27 85.70 -64.99
CA GLY LB 70 -34.11 86.28 -63.66
C GLY LB 70 -35.39 86.94 -63.24
N PHE LB 71 -35.36 87.53 -62.05
CA PHE LB 71 -36.54 88.16 -61.47
C PHE LB 71 -36.23 89.61 -61.16
N GLY LB 72 -37.14 90.50 -61.56
CA GLY LB 72 -36.93 91.91 -61.38
C GLY LB 72 -38.13 92.58 -60.76
N MET LB 73 -37.87 93.64 -60.00
CA MET LB 73 -38.88 94.44 -59.33
C MET LB 73 -38.60 95.92 -59.55
N ILE LB 74 -39.67 96.66 -59.79
CA ILE LB 74 -39.61 98.10 -60.01
C ILE LB 74 -40.52 98.78 -59.01
N TYR LB 75 -39.97 99.69 -58.23
CA TYR LB 75 -40.71 100.32 -57.15
C TYR LB 75 -41.17 101.72 -57.55
N ASP LB 76 -42.19 102.21 -56.86
CA ASP LB 76 -42.71 103.55 -57.14
C ASP LB 76 -41.86 104.65 -56.51
N SER LB 77 -41.00 104.33 -55.54
CA SER LB 77 -40.14 105.33 -54.92
C SER LB 77 -38.98 104.62 -54.23
N LEU LB 78 -37.85 105.33 -54.13
CA LEU LB 78 -36.70 104.79 -53.43
C LEU LB 78 -36.97 104.69 -51.93
N ASP LB 79 -37.71 105.64 -51.38
CA ASP LB 79 -38.06 105.59 -49.97
C ASP LB 79 -38.86 104.33 -49.65
N TYR LB 80 -39.90 104.06 -50.44
CA TYR LB 80 -40.69 102.84 -50.23
C TYR LB 80 -39.85 101.59 -50.50
N ALA LB 81 -39.01 101.64 -51.52
CA ALA LB 81 -38.16 100.49 -51.83
C ALA LB 81 -37.26 100.15 -50.64
N LYS LB 82 -36.55 101.14 -50.10
CA LYS LB 82 -35.69 100.89 -48.95
C LYS LB 82 -36.50 100.56 -47.70
N LYS LB 83 -37.77 100.98 -47.63
CA LYS LB 83 -38.62 100.54 -46.53
C LYS LB 83 -38.89 99.04 -46.62
N ASN LB 84 -39.15 98.53 -47.82
CA ASN LB 84 -39.42 97.10 -47.99
C ASN LB 84 -38.56 96.53 -49.13
N GLU LB 85 -37.32 96.14 -48.80
CA GLU LB 85 -36.43 95.43 -49.70
C GLU LB 85 -35.36 94.76 -48.85
N PRO LB 86 -35.00 93.51 -49.13
CA PRO LB 86 -33.94 92.86 -48.34
C PRO LB 86 -32.64 93.63 -48.42
N LYS LB 87 -31.97 93.75 -47.27
CA LYS LB 87 -30.83 94.64 -47.13
C LYS LB 87 -29.64 94.20 -47.97
N HIS LB 88 -29.58 92.94 -48.38
CA HIS LB 88 -28.47 92.51 -49.23
C HIS LB 88 -28.59 93.06 -50.65
N ARG LB 89 -29.83 93.25 -51.14
CA ARG LB 89 -30.02 93.94 -52.41
C ARG LB 89 -29.48 95.36 -52.34
N LEU LB 90 -29.81 96.07 -51.26
CA LEU LB 90 -29.29 97.42 -51.08
C LEU LB 90 -27.78 97.41 -50.86
N ALA LB 91 -27.24 96.33 -50.29
CA ALA LB 91 -25.80 96.18 -50.19
C ALA LB 91 -25.16 96.06 -51.57
N ARG LB 92 -25.79 95.28 -52.45
CA ARG LB 92 -25.32 95.18 -53.82
C ARG LB 92 -25.38 96.53 -54.51
N HIS LB 93 -26.47 97.26 -54.32
CA HIS LB 93 -26.59 98.62 -54.85
C HIS LB 93 -25.60 99.59 -54.20
N GLY LB 94 -25.04 99.25 -53.05
CA GLY LB 94 -24.17 100.14 -52.32
C GLY LB 94 -24.88 101.04 -51.32
N LEU LB 95 -26.22 101.04 -51.33
CA LEU LB 95 -26.98 101.86 -50.40
C LEU LB 95 -26.87 101.39 -48.96
N TYR LB 96 -26.57 100.11 -48.74
CA TYR LB 96 -26.70 99.51 -47.43
C TYR LB 96 -25.36 99.48 -46.71
N GLU LB 97 -25.37 99.91 -45.45
CA GLU LB 97 -24.22 99.79 -44.57
C GLU LB 97 -24.41 98.54 -43.72
N LYS LB 98 -23.44 97.64 -43.77
CA LYS LB 98 -23.57 96.35 -43.10
C LYS LB 98 -22.62 96.24 -41.92
N LYS LB 99 -22.92 95.29 -41.05
CA LYS LB 99 -22.07 94.99 -39.91
C LYS LB 99 -20.74 94.42 -40.37
N LYS LB 100 -19.68 94.71 -39.63
CA LYS LB 100 -18.31 94.43 -40.05
C LYS LB 100 -17.60 93.41 -39.17
N THR LB 101 -18.34 92.61 -38.40
CA THR LB 101 -17.74 91.65 -37.46
C THR LB 101 -18.24 90.26 -37.77
N SER LB 102 -17.33 89.28 -37.77
CA SER LB 102 -17.75 87.93 -38.04
C SER LB 102 -18.33 87.29 -36.78
N ARG LB 103 -18.84 86.07 -36.93
CA ARG LB 103 -19.69 85.49 -35.91
C ARG LB 103 -18.90 85.00 -34.69
N LYS LB 104 -17.69 84.48 -34.93
CA LYS LB 104 -16.94 83.84 -33.85
C LYS LB 104 -16.56 84.82 -32.76
N GLN LB 105 -15.94 85.93 -33.12
CA GLN LB 105 -15.52 86.88 -32.10
C GLN LB 105 -16.70 87.58 -31.45
N ARG LB 106 -17.81 87.74 -32.17
CA ARG LB 106 -19.03 88.24 -31.54
C ARG LB 106 -19.51 87.29 -30.46
N LYS LB 107 -19.47 85.97 -30.73
CA LYS LB 107 -19.86 85.01 -29.71
C LYS LB 107 -18.90 84.98 -28.55
N GLU LB 108 -17.59 85.11 -28.80
CA GLU LB 108 -16.63 85.22 -27.71
C GLU LB 108 -16.93 86.43 -26.84
N ARG LB 109 -17.17 87.58 -27.46
CA ARG LB 109 -17.46 88.79 -26.72
C ARG LB 109 -18.74 88.65 -25.91
N LYS LB 110 -19.77 88.03 -26.48
CA LYS LB 110 -21.01 87.93 -25.73
C LYS LB 110 -20.93 86.89 -24.61
N ASN LB 111 -20.11 85.86 -24.77
CA ASN LB 111 -19.88 84.97 -23.64
C ASN LB 111 -19.13 85.68 -22.52
N ARG LB 112 -18.19 86.56 -22.87
CA ARG LB 112 -17.59 87.43 -21.86
C ARG LB 112 -18.62 88.36 -21.22
N MET LB 113 -19.59 88.82 -22.00
CA MET LB 113 -20.67 89.64 -21.46
C MET LB 113 -21.49 88.87 -20.45
N LYS LB 114 -21.75 87.59 -20.72
CA LYS LB 114 -22.40 86.75 -19.72
C LYS LB 114 -21.53 86.58 -18.49
N LYS LB 115 -20.22 86.40 -18.67
CA LYS LB 115 -19.34 86.11 -17.55
C LYS LB 115 -19.22 87.29 -16.60
N VAL LB 116 -19.14 88.52 -17.13
CA VAL LB 116 -19.04 89.72 -16.31
C VAL LB 116 -20.42 90.35 -16.19
N ARG LB 117 -20.93 90.45 -14.97
CA ARG LB 117 -22.29 90.91 -14.73
C ARG LB 117 -22.30 92.23 -13.97
N GLY LB 118 -23.24 93.10 -14.35
CA GLY LB 118 -23.48 94.34 -13.62
C GLY LB 118 -22.61 95.50 -14.05
N THR LB 119 -21.30 95.30 -14.06
CA THR LB 119 -20.35 96.37 -14.30
C THR LB 119 -20.37 96.78 -15.77
N ALA LB 120 -20.83 98.00 -16.04
CA ALA LB 120 -20.92 98.48 -17.42
C ALA LB 120 -19.53 98.72 -18.02
N LYS LB 121 -18.63 99.33 -17.24
CA LYS LB 121 -17.28 99.57 -17.74
C LYS LB 121 -16.55 98.26 -18.03
N ALA LB 122 -16.65 97.27 -17.13
CA ALA LB 122 -16.03 95.99 -17.41
C ALA LB 122 -16.71 95.29 -18.58
N ASN LB 123 -18.02 95.48 -18.74
CA ASN LB 123 -18.68 94.90 -19.91
C ASN LB 123 -18.15 95.50 -21.21
N VAL LB 124 -17.92 96.82 -21.24
CA VAL LB 124 -17.41 97.44 -22.45
C VAL LB 124 -15.90 97.28 -22.58
N GLY LB 125 -15.22 96.76 -21.56
CA GLY LB 125 -13.81 96.50 -21.68
C GLY LB 125 -13.39 95.04 -21.66
N ALA LB 126 -14.36 94.12 -21.59
CA ALA LB 126 -14.04 92.71 -21.49
C ALA LB 126 -13.47 92.13 -22.79
N GLY LB 127 -13.82 92.69 -23.93
CA GLY LB 127 -13.39 92.11 -25.20
C GLY LB 127 -11.93 92.32 -25.53
N LYS LB 128 -11.23 93.19 -24.79
CA LYS LB 128 -9.85 93.52 -25.14
C LYS LB 128 -8.86 92.57 -24.48
N LYS LB 129 -9.21 92.02 -23.31
CA LYS LB 129 -8.21 91.28 -22.53
C LYS LB 129 -7.86 89.93 -23.16
N PRO LB 130 -8.79 88.96 -23.31
CA PRO LB 130 -8.32 87.63 -23.73
C PRO LB 130 -8.34 87.46 -25.25
N LYS LB 131 -7.39 88.12 -25.92
CA LYS LB 131 -7.28 87.99 -27.37
C LYS LB 131 -6.77 86.60 -27.74
N THR MB 1 -33.85 -3.48 -51.74
CA THR MB 1 -34.36 -4.27 -52.84
C THR MB 1 -35.10 -5.49 -52.33
N LYS MB 2 -36.42 -5.48 -52.45
CA LYS MB 2 -37.22 -6.59 -51.93
C LYS MB 2 -37.10 -7.77 -52.87
N LYS MB 3 -36.40 -8.81 -52.43
CA LYS MB 3 -36.11 -9.95 -53.28
C LYS MB 3 -37.37 -10.77 -53.55
N ARG MB 4 -38.18 -11.00 -52.53
CA ARG MB 4 -39.38 -11.82 -52.67
C ARG MB 4 -40.57 -11.09 -52.09
N ARG MB 5 -41.73 -11.28 -52.71
CA ARG MB 5 -42.94 -10.64 -52.20
C ARG MB 5 -43.38 -11.26 -50.89
N ASN MB 6 -43.32 -12.58 -50.78
CA ASN MB 6 -43.66 -13.28 -49.55
C ASN MB 6 -42.49 -13.36 -48.59
N ASN MB 7 -41.34 -12.79 -48.96
CA ASN MB 7 -40.14 -12.79 -48.13
C ASN MB 7 -39.69 -14.21 -47.78
N GLY MB 8 -39.83 -15.11 -48.75
CA GLY MB 8 -39.32 -16.46 -48.58
C GLY MB 8 -40.04 -17.29 -47.54
N ARG MB 9 -41.25 -16.92 -47.17
CA ARG MB 9 -42.01 -17.66 -46.19
C ARG MB 9 -43.49 -17.52 -46.48
N ALA MB 10 -44.27 -18.45 -45.96
CA ALA MB 10 -45.72 -18.42 -46.12
C ALA MB 10 -46.37 -17.82 -44.88
N LYS MB 11 -46.17 -16.51 -44.71
CA LYS MB 11 -46.69 -15.78 -43.57
C LYS MB 11 -47.42 -14.55 -44.10
N LYS MB 12 -48.74 -14.61 -44.16
CA LYS MB 12 -49.52 -13.48 -44.67
C LYS MB 12 -50.43 -12.87 -43.61
N GLY MB 13 -51.30 -13.66 -42.98
CA GLY MB 13 -52.22 -13.12 -41.99
C GLY MB 13 -51.78 -13.36 -40.57
N ARG MB 14 -50.76 -14.20 -40.41
CA ARG MB 14 -50.23 -14.51 -39.10
C ARG MB 14 -49.48 -13.31 -38.52
N GLY MB 15 -49.23 -13.37 -37.22
CA GLY MB 15 -48.38 -12.39 -36.58
C GLY MB 15 -47.09 -13.03 -36.11
N HIS MB 16 -47.16 -14.31 -35.74
CA HIS MB 16 -45.97 -15.04 -35.31
C HIS MB 16 -46.17 -16.52 -35.57
N VAL MB 17 -45.08 -17.21 -35.93
CA VAL MB 17 -45.10 -18.62 -36.27
C VAL MB 17 -44.17 -19.37 -35.33
N GLN MB 18 -44.61 -20.54 -34.88
CA GLN MB 18 -43.81 -21.34 -33.97
C GLN MB 18 -42.51 -21.78 -34.65
N PRO MB 19 -41.40 -21.83 -33.93
CA PRO MB 19 -40.15 -22.26 -34.55
C PRO MB 19 -39.97 -23.77 -34.46
N ILE MB 20 -39.34 -24.31 -35.51
CA ILE MB 20 -38.92 -25.70 -35.55
C ILE MB 20 -37.42 -25.71 -35.74
N ARG MB 21 -36.84 -26.90 -35.82
CA ARG MB 21 -35.39 -27.01 -35.89
C ARG MB 21 -34.99 -27.82 -37.11
N CYS MB 22 -33.91 -27.39 -37.75
CA CYS MB 22 -33.41 -28.07 -38.95
C CYS MB 22 -33.02 -29.50 -38.62
N THR MB 23 -33.40 -30.44 -39.48
CA THR MB 23 -33.07 -31.83 -39.25
C THR MB 23 -31.61 -32.13 -39.47
N ASN MB 24 -30.85 -31.18 -40.01
CA ASN MB 24 -29.44 -31.38 -40.28
C ASN MB 24 -28.52 -30.62 -39.34
N CYS MB 25 -28.92 -29.42 -38.91
CA CYS MB 25 -28.07 -28.62 -38.05
C CYS MB 25 -28.77 -28.09 -36.81
N ALA MB 26 -30.07 -28.33 -36.65
CA ALA MB 26 -30.85 -27.86 -35.52
C ALA MB 26 -30.78 -26.34 -35.40
N ARG MB 27 -31.27 -25.67 -36.44
CA ARG MB 27 -31.39 -24.22 -36.45
C ARG MB 27 -32.85 -23.85 -36.34
N CYS MB 28 -33.15 -22.95 -35.40
CA CYS MB 28 -34.53 -22.54 -35.18
C CYS MB 28 -35.01 -21.73 -36.37
N VAL MB 29 -36.08 -22.21 -37.02
CA VAL MB 29 -36.58 -21.63 -38.25
C VAL MB 29 -38.09 -21.56 -38.14
N PRO MB 30 -38.74 -20.50 -38.62
CA PRO MB 30 -40.20 -20.48 -38.64
C PRO MB 30 -40.74 -21.65 -39.46
N LYS MB 31 -41.88 -22.18 -39.02
CA LYS MB 31 -42.42 -23.38 -39.64
C LYS MB 31 -42.75 -23.14 -41.10
N ASP MB 32 -43.31 -21.98 -41.42
CA ASP MB 32 -43.63 -21.66 -42.81
C ASP MB 32 -42.36 -21.42 -43.63
N LYS MB 33 -41.36 -20.77 -43.04
CA LYS MB 33 -40.13 -20.46 -43.77
C LYS MB 33 -39.35 -21.72 -44.10
N ALA MB 34 -39.50 -22.76 -43.29
CA ALA MB 34 -38.70 -23.96 -43.42
C ALA MB 34 -39.00 -24.69 -44.71
N ILE MB 35 -37.99 -25.38 -45.23
CA ILE MB 35 -38.15 -26.26 -46.38
C ILE MB 35 -38.58 -27.62 -45.84
N LYS MB 36 -39.81 -28.02 -46.18
CA LYS MB 36 -40.35 -29.29 -45.72
C LYS MB 36 -40.20 -30.30 -46.83
N LYS MB 37 -39.70 -31.48 -46.48
CA LYS MB 37 -39.49 -32.56 -47.44
C LYS MB 37 -40.09 -33.83 -46.84
N PHE MB 38 -41.26 -34.23 -47.32
CA PHE MB 38 -41.87 -35.46 -46.88
C PHE MB 38 -41.54 -36.55 -47.89
N VAL MB 39 -40.89 -37.62 -47.43
CA VAL MB 39 -40.41 -38.68 -48.28
C VAL MB 39 -40.99 -40.00 -47.81
N ILE MB 40 -41.51 -40.78 -48.75
CA ILE MB 40 -41.96 -42.14 -48.50
C ILE MB 40 -40.86 -43.07 -49.02
N ARG MB 41 -40.12 -43.67 -48.10
CA ARG MB 41 -38.96 -44.46 -48.45
C ARG MB 41 -39.25 -45.95 -48.31
N ASN MB 42 -38.27 -46.75 -48.70
CA ASN MB 42 -38.35 -48.19 -48.54
C ASN MB 42 -37.47 -48.63 -47.39
N ILE MB 43 -37.97 -49.56 -46.58
CA ILE MB 43 -37.17 -50.14 -45.51
C ILE MB 43 -35.96 -50.84 -46.11
N VAL MB 44 -36.20 -51.68 -47.10
CA VAL MB 44 -35.16 -52.39 -47.82
C VAL MB 44 -34.93 -51.63 -49.11
N GLU MB 45 -33.69 -51.22 -49.37
CA GLU MB 45 -33.40 -50.59 -50.63
C GLU MB 45 -33.49 -51.61 -51.77
N ALA MB 46 -33.36 -51.13 -52.99
CA ALA MB 46 -33.41 -52.02 -54.14
C ALA MB 46 -32.27 -53.03 -54.13
N ALA MB 47 -31.20 -52.76 -53.39
CA ALA MB 47 -30.04 -53.64 -53.38
C ALA MB 47 -30.35 -55.01 -52.79
N ALA MB 48 -31.30 -55.08 -51.85
CA ALA MB 48 -31.64 -56.33 -51.21
C ALA MB 48 -33.14 -56.60 -51.23
N VAL MB 49 -33.89 -55.85 -52.04
CA VAL MB 49 -35.34 -55.93 -52.00
C VAL MB 49 -35.82 -57.32 -52.41
N ARG MB 50 -35.13 -57.95 -53.35
CA ARG MB 50 -35.51 -59.29 -53.78
C ARG MB 50 -34.94 -60.35 -52.86
N ASP MB 51 -33.72 -60.14 -52.35
CA ASP MB 51 -33.11 -61.12 -51.45
C ASP MB 51 -33.93 -61.29 -50.18
N ILE MB 52 -34.40 -60.17 -49.62
CA ILE MB 52 -35.18 -60.23 -48.39
C ILE MB 52 -36.48 -60.99 -48.61
N SER MB 53 -37.20 -60.67 -49.68
CA SER MB 53 -38.47 -61.33 -49.94
C SER MB 53 -38.28 -62.80 -50.25
N GLU MB 54 -37.19 -63.16 -50.92
CA GLU MB 54 -36.95 -64.57 -51.22
C GLU MB 54 -36.45 -65.35 -50.00
N ALA MB 55 -35.86 -64.66 -49.02
CA ALA MB 55 -35.40 -65.30 -47.80
C ALA MB 55 -36.41 -65.24 -46.67
N SER MB 56 -37.53 -64.54 -46.86
CA SER MB 56 -38.55 -64.52 -45.82
C SER MB 56 -39.36 -65.82 -45.86
N VAL MB 57 -40.03 -66.10 -44.74
CA VAL MB 57 -40.86 -67.30 -44.65
C VAL MB 57 -42.27 -67.08 -45.18
N PHE MB 58 -42.67 -65.83 -45.39
CA PHE MB 58 -44.00 -65.55 -45.92
C PHE MB 58 -43.96 -65.53 -47.45
N ASP MB 59 -45.10 -65.84 -48.06
CA ASP MB 59 -45.14 -65.96 -49.51
C ASP MB 59 -45.10 -64.60 -50.20
N ALA MB 60 -45.84 -63.62 -49.69
CA ALA MB 60 -45.87 -62.28 -50.28
C ALA MB 60 -45.98 -61.27 -49.15
N TYR MB 61 -44.83 -60.80 -48.68
CA TYR MB 61 -44.77 -59.83 -47.59
C TYR MB 61 -44.52 -58.46 -48.20
N VAL MB 62 -45.56 -57.63 -48.24
CA VAL MB 62 -45.41 -56.27 -48.73
C VAL MB 62 -44.57 -55.50 -47.71
N LEU MB 63 -43.41 -55.03 -48.15
CA LEU MB 63 -42.50 -54.38 -47.25
C LEU MB 63 -43.10 -53.08 -46.72
N PRO MB 64 -42.87 -52.75 -45.46
CA PRO MB 64 -43.32 -51.46 -44.95
C PRO MB 64 -42.47 -50.33 -45.49
N LYS MB 65 -43.04 -49.12 -45.45
CA LYS MB 65 -42.37 -47.93 -45.94
C LYS MB 65 -41.90 -47.09 -44.76
N LEU MB 66 -41.16 -46.04 -45.08
CA LEU MB 66 -40.80 -45.00 -44.12
C LEU MB 66 -41.62 -43.75 -44.42
N TYR MB 67 -42.05 -43.08 -43.37
CA TYR MB 67 -42.77 -41.81 -43.50
C TYR MB 67 -42.13 -40.82 -42.56
N VAL MB 68 -41.07 -40.18 -43.03
CA VAL MB 68 -40.33 -39.19 -42.26
C VAL MB 68 -40.42 -37.86 -42.97
N LYS MB 69 -40.75 -36.82 -42.22
CA LYS MB 69 -40.85 -35.46 -42.74
C LYS MB 69 -39.65 -34.66 -42.25
N LEU MB 70 -38.90 -34.10 -43.19
CA LEU MB 70 -37.67 -33.39 -42.90
C LEU MB 70 -37.91 -31.89 -42.98
N HIS MB 71 -37.15 -31.15 -42.20
CA HIS MB 71 -37.19 -29.69 -42.20
C HIS MB 71 -35.79 -29.15 -42.39
N TYR MB 72 -35.68 -28.08 -43.17
CA TYR MB 72 -34.39 -27.49 -43.43
C TYR MB 72 -34.47 -25.97 -43.33
N CYS MB 73 -33.46 -25.39 -42.70
CA CYS MB 73 -33.15 -24.00 -42.95
C CYS MB 73 -32.64 -23.87 -44.38
N VAL MB 74 -32.73 -22.66 -44.94
CA VAL MB 74 -32.35 -22.51 -46.34
C VAL MB 74 -30.86 -22.76 -46.54
N SER MB 75 -30.03 -22.50 -45.53
CA SER MB 75 -28.61 -22.81 -45.65
C SER MB 75 -28.40 -24.30 -45.85
N CYS MB 76 -28.97 -25.10 -44.97
CA CYS MB 76 -28.80 -26.54 -45.07
C CYS MB 76 -29.49 -27.09 -46.32
N ALA MB 77 -30.63 -26.54 -46.69
CA ALA MB 77 -31.33 -27.01 -47.88
C ALA MB 77 -30.48 -26.77 -49.13
N ILE MB 78 -29.94 -25.56 -49.26
CA ILE MB 78 -29.12 -25.26 -50.43
C ILE MB 78 -27.86 -26.11 -50.44
N HIS MB 79 -27.22 -26.25 -49.27
CA HIS MB 79 -26.02 -27.07 -49.18
C HIS MB 79 -26.32 -28.54 -49.47
N SER MB 80 -27.56 -28.97 -49.19
CA SER MB 80 -27.99 -30.31 -49.52
C SER MB 80 -28.45 -30.45 -50.96
N LYS MB 81 -28.61 -29.34 -51.66
CA LYS MB 81 -29.16 -29.33 -53.02
C LYS MB 81 -30.57 -29.89 -53.05
N VAL MB 82 -31.28 -29.78 -51.93
CA VAL MB 82 -32.71 -30.05 -51.93
C VAL MB 82 -33.41 -29.07 -52.84
N VAL MB 83 -33.03 -27.80 -52.77
CA VAL MB 83 -33.53 -26.75 -53.65
C VAL MB 83 -32.35 -26.20 -54.43
N ARG MB 84 -32.65 -25.29 -55.35
CA ARG MB 84 -31.62 -24.64 -56.16
C ARG MB 84 -32.00 -23.18 -56.35
N ASN MB 85 -30.99 -22.33 -56.52
CA ASN MB 85 -31.25 -20.96 -56.94
C ASN MB 85 -31.76 -20.96 -58.37
N ARG MB 86 -32.70 -20.06 -58.66
CA ARG MB 86 -33.28 -19.95 -59.98
C ARG MB 86 -33.15 -18.50 -60.44
N SER MB 87 -33.64 -18.23 -61.65
CA SER MB 87 -33.49 -16.90 -62.21
C SER MB 87 -34.48 -15.94 -61.59
N ARG MB 88 -34.35 -14.67 -61.97
CA ARG MB 88 -35.35 -13.68 -61.57
C ARG MB 88 -36.72 -14.03 -62.10
N GLU MB 89 -36.79 -14.52 -63.34
CA GLU MB 89 -38.06 -14.91 -63.93
C GLU MB 89 -38.62 -16.17 -63.27
N ALA MB 90 -37.78 -17.19 -63.10
CA ALA MB 90 -38.24 -18.48 -62.57
C ALA MB 90 -38.40 -18.47 -61.07
N ARG MB 91 -38.00 -17.40 -60.38
CA ARG MB 91 -38.31 -17.30 -58.96
C ARG MB 91 -39.82 -17.23 -58.73
N LYS MB 92 -40.56 -16.72 -59.70
CA LYS MB 92 -42.01 -16.64 -59.58
C LYS MB 92 -42.71 -17.96 -59.83
N ASP MB 93 -41.99 -18.96 -60.32
CA ASP MB 93 -42.59 -20.24 -60.68
C ASP MB 93 -42.73 -21.08 -59.41
N ARG MB 94 -43.94 -21.15 -58.87
CA ARG MB 94 -44.19 -21.82 -57.60
C ARG MB 94 -44.57 -23.29 -57.76
N THR MB 95 -44.69 -23.79 -58.98
CA THR MB 95 -45.06 -25.18 -59.12
C THR MB 95 -43.85 -26.10 -58.85
N PRO MB 96 -44.07 -27.25 -58.23
CA PRO MB 96 -42.97 -28.17 -57.97
C PRO MB 96 -42.44 -28.79 -59.26
N PRO MB 97 -41.21 -29.28 -59.26
CA PRO MB 97 -40.67 -29.98 -60.43
C PRO MB 97 -41.39 -31.30 -60.65
N PRO MB 98 -41.38 -31.81 -61.88
CA PRO MB 98 -42.06 -33.09 -62.16
C PRO MB 98 -41.32 -34.25 -61.51
N ARG MB 99 -42.06 -35.34 -61.30
CA ARG MB 99 -41.51 -36.53 -60.69
C ARG MB 99 -40.95 -37.53 -61.71
N PHE MB 100 -41.13 -37.28 -63.00
CA PHE MB 100 -40.60 -38.12 -64.09
C PHE MB 100 -41.10 -39.56 -64.01
N ARG MB 101 -42.16 -39.81 -63.27
CA ARG MB 101 -42.60 -41.17 -62.96
C ARG MB 101 -43.30 -41.92 -64.10
N PRO MB 102 -44.06 -41.26 -64.99
CA PRO MB 102 -44.63 -42.17 -66.00
C PRO MB 102 -43.68 -42.45 -67.16
N PRO NB 1 -66.78 -3.08 -70.91
CA PRO NB 1 -68.13 -2.51 -70.96
C PRO NB 1 -68.14 -1.02 -70.64
N LEU NB 2 -67.92 -0.19 -71.65
CA LEU NB 2 -67.95 1.25 -71.43
C LEU NB 2 -69.36 1.79 -71.28
N ALA NB 3 -70.35 1.10 -71.84
CA ALA NB 3 -71.68 1.69 -71.97
C ALA NB 3 -72.75 0.90 -71.24
N LYS NB 4 -72.49 0.51 -70.01
CA LYS NB 4 -73.50 -0.15 -69.19
C LYS NB 4 -74.65 0.80 -68.93
N ASP NB 5 -75.88 0.31 -69.08
CA ASP NB 5 -77.08 1.14 -68.91
C ASP NB 5 -77.46 1.15 -67.43
N LEU NB 6 -76.79 2.02 -66.68
CA LEU NB 6 -77.06 2.14 -65.25
C LEU NB 6 -78.43 2.73 -64.97
N LEU NB 7 -79.03 3.43 -65.94
CA LEU NB 7 -80.35 3.99 -65.71
C LEU NB 7 -81.40 2.91 -65.53
N HIS NB 8 -81.36 1.88 -66.37
CA HIS NB 8 -82.35 0.81 -66.34
C HIS NB 8 -81.63 -0.54 -66.36
N PRO NB 9 -81.04 -0.96 -65.26
CA PRO NB 9 -80.48 -2.31 -65.19
C PRO NB 9 -81.58 -3.34 -65.04
N SER NB 10 -81.40 -4.47 -65.71
CA SER NB 10 -82.43 -5.50 -65.71
C SER NB 10 -82.57 -6.14 -64.34
N PRO NB 11 -83.78 -6.58 -63.99
CA PRO NB 11 -84.01 -7.11 -62.64
C PRO NB 11 -83.16 -8.32 -62.30
N GLU NB 12 -82.78 -9.14 -63.27
CA GLU NB 12 -82.00 -10.33 -62.96
C GLU NB 12 -80.64 -9.97 -62.38
N GLU NB 13 -80.13 -8.78 -62.67
CA GLU NB 13 -78.93 -8.31 -62.00
C GLU NB 13 -79.26 -7.37 -60.86
N GLU NB 14 -80.39 -6.66 -60.92
CA GLU NB 14 -80.76 -5.79 -59.82
C GLU NB 14 -80.93 -6.58 -58.53
N LYS NB 15 -81.73 -7.65 -58.57
CA LYS NB 15 -81.88 -8.51 -57.39
C LYS NB 15 -80.61 -9.28 -57.08
N ARG NB 16 -79.75 -9.48 -58.08
CA ARG NB 16 -78.48 -10.16 -57.83
C ARG NB 16 -77.55 -9.29 -57.00
N LYS NB 17 -77.62 -7.97 -57.17
CA LYS NB 17 -76.76 -7.04 -56.45
C LYS NB 17 -77.01 -7.12 -54.94
N HIS NB 18 -76.11 -6.51 -54.19
CA HIS NB 18 -76.27 -6.41 -52.75
C HIS NB 18 -77.41 -5.45 -52.42
N LYS NB 19 -78.00 -5.65 -51.24
CA LYS NB 19 -79.24 -4.99 -50.87
C LYS NB 19 -79.12 -3.47 -50.90
N LYS NB 20 -78.07 -2.93 -50.29
CA LYS NB 20 -77.87 -1.49 -50.30
C LYS NB 20 -77.28 -0.98 -51.60
N LYS NB 21 -76.73 -1.87 -52.44
CA LYS NB 21 -75.98 -1.48 -53.62
C LYS NB 21 -76.83 -1.53 -54.89
N ARG NB 22 -78.14 -1.74 -54.77
CA ARG NB 22 -79.02 -1.58 -55.91
C ARG NB 22 -79.35 -0.10 -56.10
N LEU NB 23 -80.19 0.19 -57.09
CA LEU NB 23 -80.62 1.57 -57.29
C LEU NB 23 -81.40 2.08 -56.09
N VAL NB 24 -82.32 1.26 -55.58
CA VAL NB 24 -83.11 1.61 -54.41
C VAL NB 24 -83.10 0.43 -53.47
N GLN NB 25 -83.29 0.70 -52.18
CA GLN NB 25 -83.20 -0.35 -51.18
C GLN NB 25 -84.52 -1.10 -51.08
N SER NB 26 -84.53 -2.35 -51.56
CA SER NB 26 -85.63 -3.27 -51.35
C SER NB 26 -85.04 -4.48 -50.64
N PRO NB 27 -85.43 -4.74 -49.41
CA PRO NB 27 -84.79 -5.83 -48.65
C PRO NB 27 -85.12 -7.19 -49.23
N ASN NB 28 -84.18 -8.12 -49.04
CA ASN NB 28 -84.40 -9.50 -49.48
C ASN NB 28 -85.47 -10.20 -48.68
N SER NB 29 -85.74 -9.76 -47.46
CA SER NB 29 -86.72 -10.39 -46.58
C SER NB 29 -88.14 -10.05 -47.03
N TYR NB 30 -89.11 -10.75 -46.44
CA TYR NB 30 -90.51 -10.56 -46.80
C TYR NB 30 -91.39 -11.12 -45.68
N PHE NB 31 -92.69 -11.15 -45.93
CA PHE NB 31 -93.70 -11.61 -44.99
C PHE NB 31 -94.52 -12.73 -45.62
N MET NB 32 -94.80 -13.76 -44.82
CA MET NB 32 -95.53 -14.91 -45.33
C MET NB 32 -96.69 -15.25 -44.41
N ASP NB 33 -97.75 -15.80 -44.99
CA ASP NB 33 -98.94 -16.17 -44.20
C ASP NB 33 -98.82 -17.63 -43.78
N VAL NB 34 -98.29 -17.84 -42.59
CA VAL NB 34 -98.11 -19.19 -42.07
C VAL NB 34 -99.45 -19.73 -41.61
N LYS NB 35 -99.75 -20.97 -41.99
CA LYS NB 35 -100.94 -21.67 -41.55
C LYS NB 35 -100.54 -22.72 -40.51
N CYS NB 36 -101.16 -22.68 -39.34
CA CYS NB 36 -100.91 -23.70 -38.33
C CYS NB 36 -101.65 -24.97 -38.71
N PRO NB 37 -100.97 -26.09 -38.93
CA PRO NB 37 -101.68 -27.33 -39.27
C PRO NB 37 -102.59 -27.76 -38.13
N GLY NB 38 -103.73 -28.33 -38.51
CA GLY NB 38 -104.73 -28.69 -37.52
C GLY NB 38 -105.34 -27.49 -36.83
N CYS NB 39 -105.59 -26.42 -37.58
CA CYS NB 39 -106.20 -25.21 -37.02
C CYS NB 39 -106.91 -24.48 -38.14
N TYR NB 40 -107.52 -23.34 -37.79
CA TYR NB 40 -108.34 -22.60 -38.74
C TYR NB 40 -107.92 -21.13 -38.86
N LYS NB 41 -106.79 -20.74 -38.27
CA LYS NB 41 -106.35 -19.36 -38.30
C LYS NB 41 -105.04 -19.22 -39.08
N ILE NB 42 -104.77 -17.99 -39.50
CA ILE NB 42 -103.60 -17.66 -40.30
C ILE NB 42 -102.80 -16.60 -39.56
N THR NB 43 -101.48 -16.68 -39.64
CA THR NB 43 -100.63 -15.69 -38.98
C THR NB 43 -99.65 -15.09 -39.99
N THR NB 44 -99.25 -13.85 -39.73
CA THR NB 44 -98.28 -13.15 -40.56
C THR NB 44 -96.91 -13.24 -39.90
N VAL NB 45 -95.93 -13.79 -40.62
CA VAL NB 45 -94.63 -14.07 -40.05
C VAL NB 45 -93.54 -13.48 -40.94
N PHE NB 46 -92.62 -12.75 -40.31
CA PHE NB 46 -91.42 -12.28 -40.98
C PHE NB 46 -90.56 -13.47 -41.39
N SER NB 47 -89.94 -13.38 -42.57
CA SER NB 47 -89.16 -14.51 -43.05
C SER NB 47 -87.87 -14.72 -42.27
N HIS NB 48 -87.40 -13.70 -41.56
CA HIS NB 48 -86.10 -13.76 -40.92
C HIS NB 48 -86.27 -13.62 -39.42
N ALA NB 49 -87.20 -14.38 -38.85
CA ALA NB 49 -87.55 -14.28 -37.45
C ALA NB 49 -86.36 -14.59 -36.55
N GLN NB 50 -86.30 -13.89 -35.41
CA GLN NB 50 -85.31 -14.19 -34.39
C GLN NB 50 -85.92 -14.77 -33.12
N THR NB 51 -87.24 -14.86 -33.03
CA THR NB 51 -87.91 -15.40 -31.87
C THR NB 51 -88.87 -16.50 -32.28
N VAL NB 52 -88.96 -17.54 -31.45
CA VAL NB 52 -89.91 -18.61 -31.70
C VAL NB 52 -91.33 -18.08 -31.58
N VAL NB 53 -92.12 -18.28 -32.62
CA VAL NB 53 -93.48 -17.76 -32.69
C VAL NB 53 -94.45 -18.91 -32.53
N LEU NB 54 -95.62 -18.61 -31.97
CA LEU NB 54 -96.64 -19.62 -31.70
C LEU NB 54 -98.02 -19.02 -31.94
N CYS NB 55 -98.73 -19.51 -32.96
CA CYS NB 55 -100.10 -19.06 -33.13
C CYS NB 55 -100.97 -19.67 -32.05
N VAL NB 56 -101.98 -18.92 -31.62
CA VAL NB 56 -102.71 -19.26 -30.40
C VAL NB 56 -103.41 -20.60 -30.55
N GLY NB 57 -103.98 -20.87 -31.72
CA GLY NB 57 -104.63 -22.15 -31.94
C GLY NB 57 -103.63 -23.30 -32.00
N CYS NB 58 -102.46 -23.07 -32.57
CA CYS NB 58 -101.46 -24.12 -32.74
C CYS NB 58 -100.52 -24.08 -31.56
N SER NB 59 -100.69 -25.01 -30.61
CA SER NB 59 -99.85 -25.02 -29.43
C SER NB 59 -98.39 -25.33 -29.74
N THR NB 60 -98.13 -25.96 -30.88
CA THR NB 60 -96.77 -26.26 -31.30
C THR NB 60 -96.14 -25.05 -31.99
N VAL NB 61 -94.81 -25.08 -32.11
CA VAL NB 61 -94.06 -23.93 -32.60
C VAL NB 61 -94.21 -23.80 -34.11
N LEU NB 62 -93.88 -22.62 -34.63
CA LEU NB 62 -93.97 -22.33 -36.06
C LEU NB 62 -92.60 -22.09 -36.68
N CYS NB 63 -91.85 -21.14 -36.16
CA CYS NB 63 -90.60 -20.73 -36.77
C CYS NB 63 -89.46 -20.98 -35.78
N GLN NB 64 -88.44 -21.69 -36.24
CA GLN NB 64 -87.26 -21.89 -35.43
C GLN NB 64 -86.18 -20.94 -35.91
N PRO NB 65 -85.86 -19.89 -35.16
CA PRO NB 65 -84.92 -18.88 -35.65
C PRO NB 65 -83.53 -19.47 -35.88
N THR NB 66 -82.89 -18.98 -36.94
CA THR NB 66 -81.56 -19.42 -37.34
C THR NB 66 -80.79 -18.18 -37.79
N GLY NB 67 -79.70 -18.39 -38.52
CA GLY NB 67 -78.97 -17.29 -39.09
C GLY NB 67 -79.82 -16.42 -40.00
N GLY NB 68 -80.27 -16.97 -41.13
CA GLY NB 68 -81.00 -16.17 -42.08
C GLY NB 68 -82.51 -16.21 -42.04
N LYS NB 69 -83.10 -17.39 -42.17
CA LYS NB 69 -84.54 -17.54 -42.24
C LYS NB 69 -84.97 -18.72 -41.38
N ALA NB 70 -85.98 -18.49 -40.54
CA ALA NB 70 -86.39 -19.50 -39.59
C ALA NB 70 -86.99 -20.70 -40.28
N ARG NB 71 -86.75 -21.88 -39.72
CA ARG NB 71 -87.16 -23.15 -40.32
C ARG NB 71 -88.59 -23.45 -39.91
N LEU NB 72 -89.52 -23.26 -40.84
CA LEU NB 72 -90.90 -23.66 -40.59
C LEU NB 72 -90.99 -25.17 -40.48
N THR NB 73 -91.78 -25.64 -39.52
CA THR NB 73 -91.97 -27.07 -39.35
C THR NB 73 -92.86 -27.63 -40.45
N GLU NB 74 -92.78 -28.95 -40.64
CA GLU NB 74 -93.56 -29.61 -41.68
C GLU NB 74 -95.04 -29.53 -41.36
N GLY NB 75 -95.84 -29.27 -42.38
CA GLY NB 75 -97.26 -29.01 -42.22
C GLY NB 75 -97.61 -27.54 -42.16
N CYS NB 76 -96.63 -26.65 -42.24
CA CYS NB 76 -96.87 -25.22 -42.23
C CYS NB 76 -96.85 -24.71 -43.67
N SER NB 77 -98.01 -24.32 -44.16
CA SER NB 77 -98.11 -23.71 -45.48
C SER NB 77 -97.80 -22.22 -45.36
N PHE NB 78 -96.98 -21.71 -46.27
CA PHE NB 78 -96.66 -20.30 -46.32
C PHE NB 78 -96.89 -19.82 -47.75
N ARG NB 79 -97.09 -18.51 -47.86
CA ARG NB 79 -97.31 -17.87 -49.15
C ARG NB 79 -96.98 -16.39 -48.99
N ARG NB 80 -96.39 -15.81 -50.04
CA ARG NB 80 -95.97 -14.42 -50.02
C ARG NB 80 -97.15 -13.50 -49.76
N LYS NB 81 -96.92 -12.47 -48.94
CA LYS NB 81 -97.95 -11.46 -48.69
C LYS NB 81 -97.57 -10.22 -49.49
N GLN NB 82 -98.05 -10.16 -50.73
CA GLN NB 82 -97.80 -9.04 -51.65
C GLN NB 82 -96.30 -8.84 -51.88
N HIS NB 83 -95.72 -9.84 -52.55
CA HIS NB 83 -94.28 -9.93 -52.83
C HIS NB 83 -93.49 -10.09 -51.54
N VAL OB 1 12.14 18.34 -38.51
CA VAL OB 1 11.28 18.96 -39.50
C VAL OB 1 11.86 18.81 -40.90
N HIS OB 2 11.43 19.67 -41.82
CA HIS OB 2 11.84 19.59 -43.22
C HIS OB 2 12.34 20.93 -43.74
N GLY OB 3 12.02 22.02 -43.05
CA GLY OB 3 12.36 23.34 -43.52
C GLY OB 3 11.63 23.71 -44.81
N SER OB 4 10.40 23.23 -44.97
CA SER OB 4 9.69 23.29 -46.24
C SER OB 4 9.49 24.71 -46.75
N LEU OB 5 9.55 25.71 -45.88
CA LEU OB 5 9.34 27.08 -46.30
C LEU OB 5 10.51 27.64 -47.10
N ALA OB 6 11.68 26.98 -47.05
CA ALA OB 6 12.87 27.54 -47.66
C ALA OB 6 12.75 27.72 -49.18
N ARG OB 7 11.78 27.06 -49.81
CA ARG OB 7 11.59 27.16 -51.25
C ARG OB 7 10.44 28.07 -51.65
N ALA OB 8 9.98 28.93 -50.75
CA ALA OB 8 8.96 29.90 -51.13
C ALA OB 8 9.50 30.86 -52.18
N GLY OB 9 8.68 31.15 -53.19
CA GLY OB 9 9.07 32.09 -54.22
C GLY OB 9 10.13 31.59 -55.17
N LYS OB 10 10.37 30.27 -55.18
CA LYS OB 10 11.47 29.73 -55.99
C LYS OB 10 11.20 29.93 -57.49
N VAL OB 11 10.00 29.61 -57.94
CA VAL OB 11 9.72 29.67 -59.37
C VAL OB 11 9.68 31.12 -59.86
N ARG OB 12 9.01 32.00 -59.11
CA ARG OB 12 8.93 33.40 -59.51
C ARG OB 12 10.30 34.07 -59.47
N GLY OB 13 11.16 33.63 -58.55
CA GLY OB 13 12.54 34.07 -58.59
C GLY OB 13 13.29 33.54 -59.81
N GLN OB 14 13.00 32.30 -60.20
CA GLN OB 14 13.72 31.66 -61.29
C GLN OB 14 13.30 32.16 -62.67
N THR OB 15 12.12 32.75 -62.81
CA THR OB 15 11.62 33.11 -64.13
C THR OB 15 12.52 34.16 -64.78
N PRO OB 16 12.86 34.01 -66.05
CA PRO OB 16 13.57 35.07 -66.76
C PRO OB 16 12.69 36.29 -66.93
N LYS OB 17 13.32 37.46 -66.94
CA LYS OB 17 12.60 38.73 -67.07
C LYS OB 17 12.45 39.05 -68.56
N VAL OB 18 11.21 39.28 -69.00
CA VAL OB 18 10.92 39.64 -70.38
C VAL OB 18 10.06 40.89 -70.37
N ALA OB 19 10.56 41.97 -70.95
CA ALA OB 19 9.84 43.23 -70.96
C ALA OB 19 8.65 43.15 -71.92
N LYS OB 20 7.58 43.84 -71.56
CA LYS OB 20 6.44 43.96 -72.46
C LYS OB 20 6.82 44.79 -73.68
N GLN OB 21 6.49 44.29 -74.86
CA GLN OB 21 6.80 45.00 -76.09
C GLN OB 21 5.85 46.18 -76.28
N GLU OB 22 6.29 47.13 -77.09
CA GLU OB 22 5.55 48.37 -77.30
C GLU OB 22 4.31 48.14 -78.17
N LYS OB 23 3.29 48.94 -77.92
CA LYS OB 23 1.99 48.76 -78.57
C LYS OB 23 1.25 50.10 -78.60
N LYS OB 24 0.58 50.35 -79.72
CA LYS OB 24 -0.25 51.54 -79.86
C LYS OB 24 -1.42 51.50 -78.87
N LYS OB 25 -1.93 52.68 -78.54
CA LYS OB 25 -3.06 52.78 -77.62
C LYS OB 25 -4.27 52.03 -78.17
N LYS OB 26 -4.83 51.15 -77.34
CA LYS OB 26 -6.06 50.47 -77.70
C LYS OB 26 -7.22 51.45 -77.68
N LYS OB 27 -8.09 51.35 -78.68
CA LYS OB 27 -9.28 52.20 -78.70
C LYS OB 27 -10.19 51.85 -77.54
N THR OB 28 -10.73 52.87 -76.89
CA THR OB 28 -11.49 52.71 -75.67
C THR OB 28 -12.89 53.29 -75.84
N GLY OB 29 -13.89 52.55 -75.36
CA GLY OB 29 -15.25 53.01 -75.37
C GLY OB 29 -16.03 52.60 -76.61
N ARG OB 30 -16.79 53.54 -77.16
CA ARG OB 30 -17.57 53.23 -78.36
C ARG OB 30 -16.67 52.89 -79.53
N ALA OB 31 -15.44 53.39 -79.56
CA ALA OB 31 -14.49 52.94 -80.57
C ALA OB 31 -14.18 51.46 -80.41
N LYS OB 32 -13.98 51.00 -79.17
CA LYS OB 32 -13.72 49.59 -78.94
C LYS OB 32 -14.93 48.74 -79.32
N ARG OB 33 -16.13 49.18 -78.94
CA ARG OB 33 -17.33 48.42 -79.29
C ARG OB 33 -17.51 48.36 -80.79
N ARG OB 34 -17.28 49.48 -81.48
CA ARG OB 34 -17.33 49.51 -82.94
C ARG OB 34 -16.30 48.56 -83.54
N MET OB 35 -15.10 48.53 -82.97
CA MET OB 35 -14.05 47.67 -83.50
C MET OB 35 -14.44 46.21 -83.38
N GLN OB 36 -14.96 45.81 -82.22
CA GLN OB 36 -15.34 44.41 -82.05
C GLN OB 36 -16.52 44.03 -82.92
N TYR OB 37 -17.51 44.93 -83.04
CA TYR OB 37 -18.67 44.63 -83.89
C TYR OB 37 -18.25 44.53 -85.35
N ASN OB 38 -17.37 45.41 -85.80
CA ASN OB 38 -16.84 45.33 -87.16
C ASN OB 38 -16.06 44.04 -87.37
N ARG OB 39 -15.25 43.65 -86.39
CA ARG OB 39 -14.41 42.47 -86.54
C ARG OB 39 -15.24 41.20 -86.62
N ARG OB 40 -16.21 41.04 -85.73
CA ARG OB 40 -16.94 39.79 -85.62
C ARG OB 40 -18.29 39.79 -86.31
N PHE OB 41 -18.66 40.89 -86.97
CA PHE OB 41 -19.98 40.95 -87.59
C PHE OB 41 -19.93 41.29 -89.08
N VAL OB 42 -18.99 42.10 -89.52
CA VAL OB 42 -18.94 42.48 -90.93
C VAL OB 42 -17.78 41.77 -91.62
N ASN OB 43 -16.71 41.51 -90.87
CA ASN OB 43 -15.51 40.90 -91.43
C ASN OB 43 -15.61 39.38 -91.48
N VAL OB 44 -16.81 38.82 -91.42
CA VAL OB 44 -17.00 37.38 -91.49
C VAL OB 44 -16.89 36.94 -92.94
N VAL OB 45 -15.93 36.08 -93.22
CA VAL OB 45 -15.71 35.58 -94.58
C VAL OB 45 -15.94 34.08 -94.59
N PRO OB 46 -16.50 33.52 -95.67
CA PRO OB 46 -16.70 32.08 -95.73
C PRO OB 46 -15.39 31.31 -95.66
N THR OB 47 -15.43 30.17 -94.97
CA THR OB 47 -14.26 29.34 -94.75
C THR OB 47 -14.73 27.93 -94.41
N PHE OB 48 -13.79 26.98 -94.50
CA PHE OB 48 -14.06 25.59 -94.14
C PHE OB 48 -13.69 25.27 -92.70
N GLY OB 49 -13.13 26.24 -91.96
CA GLY OB 49 -12.65 26.02 -90.61
C GLY OB 49 -13.71 25.94 -89.53
N LYS OB 50 -14.98 25.99 -89.91
CA LYS OB 50 -16.11 25.89 -88.97
C LYS OB 50 -16.04 26.95 -87.89
N LYS OB 51 -15.67 28.18 -88.28
CA LYS OB 51 -15.74 29.37 -87.42
C LYS OB 51 -14.89 29.20 -86.16
N LYS OB 52 -13.58 29.12 -86.39
CA LYS OB 52 -12.61 29.05 -85.31
C LYS OB 52 -12.71 30.28 -84.41
N GLY OB 53 -12.21 30.14 -83.18
CA GLY OB 53 -12.30 31.20 -82.20
C GLY OB 53 -11.44 32.39 -82.52
N PRO OB 54 -11.70 33.52 -81.84
CA PRO OB 54 -10.92 34.74 -82.13
C PRO OB 54 -9.47 34.65 -81.72
N ASN OB 55 -9.13 33.73 -80.83
CA ASN OB 55 -7.75 33.43 -80.48
C ASN OB 55 -7.26 32.24 -81.27
N ALA OB 56 -7.66 32.16 -82.53
CA ALA OB 56 -7.33 31.04 -83.40
C ALA OB 56 -5.84 30.80 -83.41
N ASN OB 57 -5.46 29.53 -83.28
CA ASN OB 57 -4.09 29.21 -82.91
C ASN OB 57 -3.54 28.12 -83.83
N SER OB 58 -4.44 27.33 -84.40
CA SER OB 58 -4.04 26.32 -85.38
C SER OB 58 -4.18 26.88 -86.79
P A2M PB 27 -18.61 51.22 -45.08
OP1 A2M PB 27 -18.38 52.55 -44.43
O5' A2M PB 27 -17.17 50.13 -45.11
C5' A2M PB 27 -16.66 49.81 -43.92
C4' A2M PB 27 -15.74 48.61 -44.03
O4' A2M PB 27 -16.48 47.49 -44.41
C3' A2M PB 27 -14.67 48.83 -45.07
O3' A2M PB 27 -13.76 49.69 -44.52
C2' A2M PB 27 -14.25 47.41 -45.34
O2' A2M PB 27 -13.49 46.88 -44.31
C1' A2M PB 27 -15.66 46.80 -45.32
CM' A2M PB 27 -13.50 45.49 -44.35
N9 A2M PB 27 -16.33 46.75 -46.58
C8 A2M PB 27 -17.40 47.45 -47.11
N7 A2M PB 27 -17.71 47.07 -48.35
C5 A2M PB 27 -16.80 46.07 -48.62
C6 A2M PB 27 -16.56 45.26 -49.69
N6 A2M PB 27 -17.32 45.35 -50.84
N1 A2M PB 27 -15.58 44.32 -49.71
C2 A2M PB 27 -14.84 44.24 -48.58
N3 A2M PB 27 -14.92 44.94 -47.46
C4 A2M PB 27 -15.93 45.84 -47.52
OP2 A2M PB 27 -18.80 51.18 -46.56
N1 PSU PB 93 -36.41 72.96 -26.67
C2 PSU PB 93 -35.50 73.55 -27.51
N3 PSU PB 93 -35.93 74.11 -28.70
C4 PSU PB 93 -37.26 74.07 -29.02
C5 PSU PB 93 -38.18 73.49 -28.15
C6 PSU PB 93 -37.72 72.93 -26.97
O2 PSU PB 93 -34.31 73.57 -27.23
O4 PSU PB 93 -37.63 74.58 -30.07
C1' PSU PB 93 -39.62 73.44 -28.52
C2' PSU PB 93 -39.74 72.40 -29.64
O2' PSU PB 93 -40.79 72.77 -30.51
C3' PSU PB 93 -40.12 71.16 -28.85
C4' PSU PB 93 -41.07 71.74 -27.82
O3' PSU PB 93 -40.69 70.13 -29.64
O4' PSU PB 93 -40.45 73.00 -27.46
C5' PSU PB 93 -41.31 70.91 -26.58
O5' PSU PB 93 -40.30 69.93 -26.41
P PSU PB 93 -39.58 69.74 -25.01
OP1 PSU PB 93 -39.67 68.32 -24.63
OP2 PSU PB 93 -38.26 70.33 -25.35
P A2M PB 99 -29.29 49.77 -28.67
OP1 A2M PB 99 -28.42 49.43 -29.84
O5' A2M PB 99 -28.42 50.35 -27.21
C5' A2M PB 99 -27.83 49.42 -26.48
C4' A2M PB 99 -27.94 49.79 -25.01
O4' A2M PB 99 -27.96 51.18 -24.91
C3' A2M PB 99 -29.22 49.27 -24.39
O3' A2M PB 99 -29.07 47.93 -24.16
C2' A2M PB 99 -29.39 50.21 -23.23
O2' A2M PB 99 -28.46 49.97 -22.22
C1' A2M PB 99 -28.99 51.48 -24.00
CM' A2M PB 99 -29.05 50.12 -20.96
N9 A2M PB 99 -30.04 52.16 -24.70
C8 A2M PB 99 -30.25 52.46 -26.04
N7 A2M PB 99 -31.41 53.12 -26.26
C5 A2M PB 99 -31.94 53.25 -24.99
C6 A2M PB 99 -33.09 53.82 -24.49
N6 A2M PB 99 -33.99 54.43 -25.32
N1 A2M PB 99 -33.41 53.80 -23.17
C2 A2M PB 99 -32.50 53.19 -22.37
N3 A2M PB 99 -31.34 52.60 -22.67
C4 A2M PB 99 -31.12 52.65 -24.00
OP2 A2M PB 99 -29.98 48.68 -27.93
N1 PSU PB 105 -46.26 47.92 -27.44
C2 PSU PB 105 -45.90 47.57 -28.71
N3 PSU PB 105 -44.91 48.25 -29.36
C4 PSU PB 105 -44.27 49.29 -28.74
C5 PSU PB 105 -44.65 49.65 -27.45
C6 PSU PB 105 -45.65 48.95 -26.81
O2 PSU PB 105 -46.46 46.63 -29.28
O4 PSU PB 105 -43.39 49.89 -29.35
C1' PSU PB 105 -43.96 50.78 -26.73
C2' PSU PB 105 -44.28 52.12 -27.39
O2' PSU PB 105 -43.14 52.94 -27.31
C3' PSU PB 105 -45.38 52.65 -26.48
C4' PSU PB 105 -44.92 52.17 -25.11
O3' PSU PB 105 -45.52 54.05 -26.54
O4' PSU PB 105 -44.37 50.85 -25.38
C5' PSU PB 105 -45.99 52.07 -24.06
O5' PSU PB 105 -47.12 51.34 -24.51
P PSU PB 105 -48.01 50.52 -23.48
OP1 PSU PB 105 -48.69 51.51 -22.63
OP2 PSU PB 105 -48.83 49.45 -24.10
N1 PSU PB 109 -57.02 53.93 -33.05
C2 PSU PB 109 -56.98 53.63 -31.72
N3 PSU PB 109 -58.04 52.97 -31.12
C4 PSU PB 109 -59.14 52.64 -31.87
C5 PSU PB 109 -59.18 52.96 -33.22
C6 PSU PB 109 -58.11 53.61 -33.80
O2 PSU PB 109 -55.99 53.92 -31.05
O4 PSU PB 109 -60.08 52.05 -31.35
C1' PSU PB 109 -60.37 52.58 -34.05
C2' PSU PB 109 -61.50 53.58 -33.92
O2' PSU PB 109 -62.74 52.89 -34.05
C3' PSU PB 109 -61.27 54.47 -35.12
C4' PSU PB 109 -60.79 53.49 -36.17
O3' PSU PB 109 -62.41 55.20 -35.52
O4' PSU PB 109 -60.00 52.54 -35.42
C5' PSU PB 109 -59.95 54.08 -37.27
O5' PSU PB 109 -59.01 55.01 -36.74
P PSU PB 109 -57.84 55.58 -37.64
OP1 PSU PB 109 -58.43 56.34 -38.76
OP2 PSU PB 109 -56.93 56.23 -36.67
N1 OMU PB 116 -56.85 69.05 -18.22
C2 OMU PB 116 -56.10 68.90 -19.51
N3 OMU PB 116 -56.82 68.43 -20.74
C4 OMU PB 116 -58.24 68.11 -20.68
C5 OMU PB 116 -58.98 68.26 -19.39
C6 OMU PB 116 -58.26 68.72 -18.17
O2 OMU PB 116 -54.91 69.16 -19.56
O4 OMU PB 116 -58.78 67.76 -21.61
C1' OMU PB 116 -56.16 69.48 -16.99
C2' OMU PB 116 -55.93 70.98 -16.92
O2' OMU PB 116 -54.65 71.22 -16.34
CM2 OMU PB 116 -53.59 70.65 -17.03
C3' OMU PB 116 -57.05 71.43 -15.98
C4' OMU PB 116 -57.22 70.24 -15.04
O3' OMU PB 116 -56.73 72.62 -15.27
O4' OMU PB 116 -56.92 69.09 -15.88
C5' OMU PB 116 -58.60 70.08 -14.46
O5' OMU PB 116 -59.57 69.90 -15.47
P OMU PB 116 -61.07 69.47 -15.12
OP1 OMU PB 116 -61.54 70.31 -13.97
OP2 OMU PB 116 -61.85 69.43 -16.41
N1 OMU PB 121 -59.48 83.41 -29.43
C2 OMU PB 121 -60.45 82.44 -28.81
N3 OMU PB 121 -60.25 82.01 -27.39
C4 OMU PB 121 -59.13 82.53 -26.62
C5 OMU PB 121 -58.18 83.48 -27.26
C6 OMU PB 121 -58.39 83.92 -28.66
O2 OMU PB 121 -61.39 82.00 -29.43
O4 OMU PB 121 -58.98 82.19 -25.55
C1' OMU PB 121 -59.68 83.84 -30.83
C2' OMU PB 121 -60.72 84.95 -30.97
O2' OMU PB 121 -61.48 84.73 -32.15
CM2 OMU PB 121 -62.13 83.50 -32.22
C3' OMU PB 121 -59.84 86.18 -31.14
C4' OMU PB 121 -58.65 85.64 -31.89
O3' OMU PB 121 -60.48 87.24 -31.82
O4' OMU PB 121 -58.45 84.33 -31.31
C5' OMU PB 121 -57.39 86.44 -31.76
O5' OMU PB 121 -57.08 86.69 -30.39
P OMU PB 121 -55.68 87.28 -29.96
OP1 OMU PB 121 -55.43 88.51 -30.79
OP2 OMU PB 121 -55.67 87.37 -28.45
P A2M PB 159 -8.72 85.59 -5.07
OP1 A2M PB 159 -8.86 86.63 -6.14
O5' A2M PB 159 -9.49 84.28 -6.10
C5' A2M PB 159 -9.05 84.16 -7.37
C4' A2M PB 159 -9.37 82.75 -7.90
O4' A2M PB 159 -8.80 81.75 -7.08
C3' A2M PB 159 -10.86 82.53 -7.97
O3' A2M PB 159 -11.21 83.06 -9.18
C2' A2M PB 159 -11.01 81.02 -7.75
O2' A2M PB 159 -10.81 80.23 -8.90
C1' A2M PB 159 -9.82 80.83 -6.79
CM' A2M PB 159 -10.74 78.87 -8.57
N9 A2M PB 159 -10.13 80.91 -5.39
C8 A2M PB 159 -10.05 81.93 -4.46
N7 A2M PB 159 -10.46 81.57 -3.24
C5 A2M PB 159 -10.84 80.26 -3.42
C6 A2M PB 159 -11.36 79.30 -2.58
N6 A2M PB 159 -11.62 79.55 -1.25
N1 A2M PB 159 -11.66 78.04 -3.00
C2 A2M PB 159 -11.40 77.80 -4.32
N3 A2M PB 159 -10.90 78.61 -5.26
C4 A2M PB 159 -10.64 79.83 -4.75
OP2 A2M PB 159 -9.39 85.84 -3.74
P A2M PB 166 -25.87 97.25 6.68
OP1 A2M PB 166 -26.45 97.85 7.91
O5' A2M PB 166 -25.38 98.87 6.02
C5' A2M PB 166 -24.60 99.62 6.82
C4' A2M PB 166 -24.29 100.94 6.16
O4' A2M PB 166 -23.16 100.79 5.34
C3' A2M PB 166 -25.45 101.43 5.30
O3' A2M PB 166 -26.38 101.96 6.19
C2' A2M PB 166 -24.74 102.31 4.29
O2' A2M PB 166 -24.42 103.60 4.77
C1' A2M PB 166 -23.44 101.47 4.14
CM' A2M PB 166 -23.35 104.15 4.05
N9 A2M PB 166 -23.42 100.52 3.06
C8 A2M PB 166 -23.48 99.13 3.02
N7 A2M PB 166 -23.43 98.63 1.76
C5 A2M PB 166 -23.33 99.79 0.98
C6 A2M PB 166 -23.25 100.02 -0.37
N6 A2M PB 166 -23.24 98.97 -1.28
N1 A2M PB 166 -23.15 101.26 -0.89
C2 A2M PB 166 -23.15 102.29 -0.01
N3 A2M PB 166 -23.23 102.26 1.32
C4 A2M PB 166 -23.32 100.97 1.76
OP2 A2M PB 166 -26.76 96.44 5.78
N1 OMU PB 172 -48.13 96.92 -16.15
C2 OMU PB 172 -47.86 96.05 -17.33
N3 OMU PB 172 -47.84 96.65 -18.71
C4 OMU PB 172 -48.11 98.07 -18.88
C5 OMU PB 172 -48.39 98.91 -17.68
C6 OMU PB 172 -48.39 98.33 -16.32
O2 OMU PB 172 -47.63 94.86 -17.17
O4 OMU PB 172 -48.10 98.53 -19.91
C1' OMU PB 172 -48.15 96.33 -14.80
C2' OMU PB 172 -46.90 96.62 -13.96
O2' OMU PB 172 -45.84 95.75 -14.27
CM2 OMU PB 172 -44.66 96.06 -13.60
C3' OMU PB 172 -47.46 96.46 -12.56
C4' OMU PB 172 -48.84 97.10 -12.70
O3' OMU PB 172 -47.64 95.08 -12.29
O4' OMU PB 172 -49.24 96.88 -14.08
C5' OMU PB 172 -48.88 98.57 -12.39
O5' OMU PB 172 -47.61 99.07 -11.98
P OMU PB 172 -47.00 100.39 -12.61
OP1 OMU PB 172 -47.11 100.29 -14.12
OP2 OMU PB 172 -47.60 101.57 -11.92
N1 OMC PB 174 -45.61 94.52 -4.09
C2 OMC PB 174 -45.69 95.72 -3.35
N3 OMC PB 174 -46.17 96.82 -3.96
C4 OMC PB 174 -46.56 96.79 -5.20
C5 OMC PB 174 -46.51 95.61 -5.98
C6 OMC PB 174 -46.02 94.51 -5.38
O2 OMC PB 174 -45.32 95.74 -2.18
N4 OMC PB 174 -47.04 97.91 -5.74
C1' OMC PB 174 -45.09 93.26 -3.51
C2' OMC PB 174 -46.16 92.45 -2.77
O2' OMC PB 174 -45.59 91.93 -1.57
CM2 OMC PB 174 -45.04 92.90 -0.71
C3' OMC PB 174 -46.44 91.30 -3.74
C4' OMC PB 174 -45.11 91.11 -4.43
O4' OMC PB 174 -44.59 92.45 -4.56
O3' OMC PB 174 -46.90 90.11 -3.12
C5' OMC PB 174 -45.18 90.46 -5.78
O5' OMC PB 174 -46.11 91.13 -6.61
P OMC PB 174 -46.45 90.60 -8.08
OP1 OMC PB 174 -46.58 89.09 -8.01
OP2 OMC PB 174 -47.61 91.43 -8.60
N1 OMU PB 293 -56.82 44.72 -31.77
C2 OMU PB 293 -55.73 45.56 -32.36
N3 OMU PB 293 -55.02 46.54 -31.50
C4 OMU PB 293 -55.36 46.68 -30.10
C5 OMU PB 293 -56.43 45.81 -29.52
C6 OMU PB 293 -57.15 44.84 -30.37
O2 OMU PB 293 -55.45 45.45 -33.54
O4 OMU PB 293 -54.81 47.43 -29.45
C1' OMU PB 293 -57.51 43.74 -32.64
C2' OMU PB 293 -56.65 42.49 -32.84
O2' OMU PB 293 -56.99 41.92 -34.08
CM2 OMU PB 293 -56.41 42.56 -35.18
C3' OMU PB 293 -57.16 41.63 -31.70
C4' OMU PB 293 -58.66 41.91 -31.77
O3' OMU PB 293 -56.83 40.26 -31.83
O4' OMU PB 293 -58.71 43.33 -32.02
C5' OMU PB 293 -59.46 41.56 -30.54
O5' OMU PB 293 -58.85 42.05 -29.35
P OMU PB 293 -59.61 41.94 -27.96
OP1 OMU PB 293 -60.16 40.55 -27.82
OP2 OMU PB 293 -58.72 42.51 -26.89
N1 PSU PB 345 -34.84 39.50 -25.35
C2 PSU PB 345 -36.09 39.80 -25.85
N3 PSU PB 345 -36.32 39.77 -27.20
C4 PSU PB 345 -35.30 39.44 -28.05
C5 PSU PB 345 -34.04 39.14 -27.54
C6 PSU PB 345 -33.83 39.17 -26.18
O2 PSU PB 345 -37.00 40.11 -25.08
O4 PSU PB 345 -35.48 39.40 -29.25
C1' PSU PB 345 -32.93 38.76 -28.49
C2' PSU PB 345 -32.21 39.99 -29.05
O2' PSU PB 345 -31.84 39.69 -30.38
C3' PSU PB 345 -31.00 40.06 -28.15
C4' PSU PB 345 -30.67 38.59 -27.94
O3' PSU PB 345 -29.92 40.77 -28.72
O4' PSU PB 345 -31.96 37.97 -27.83
C5' PSU PB 345 -29.84 38.29 -26.71
O5' PSU PB 345 -30.21 39.13 -25.63
P PSU PB 345 -30.04 38.64 -24.14
OP1 PSU PB 345 -28.63 38.80 -23.73
OP2 PSU PB 345 -31.12 39.27 -23.36
N1 OMU PB 367 -32.83 62.04 -42.59
C2 OMU PB 367 -31.49 62.64 -42.94
N3 OMU PB 367 -30.54 61.89 -43.81
C4 OMU PB 367 -30.92 60.58 -44.34
C5 OMU PB 367 -32.25 60.00 -43.99
C6 OMU PB 367 -33.19 60.75 -43.11
O2 OMU PB 367 -31.18 63.73 -42.50
O4 OMU PB 367 -30.20 60.00 -45.00
C1' OMU PB 367 -33.78 62.75 -41.73
C2' OMU PB 367 -35.23 62.43 -42.05
O2' OMU PB 367 -35.72 63.21 -43.12
CM2 OMU PB 367 -36.50 62.48 -44.01
C3' OMU PB 367 -35.92 62.69 -40.70
C4' OMU PB 367 -34.83 62.38 -39.68
O3' OMU PB 367 -36.29 64.07 -40.62
O4' OMU PB 367 -33.58 62.32 -40.40
C5' OMU PB 367 -35.03 61.10 -38.91
O5' OMU PB 367 -35.63 60.11 -39.72
P OMU PB 367 -35.26 58.57 -39.52
OP1 OMU PB 367 -35.75 58.17 -38.16
OP2 OMU PB 367 -35.73 57.81 -40.73
P OMG PB 375 -24.98 62.57 -19.07
OP1 OMG PB 375 -25.45 63.21 -17.77
OP2 OMG PB 375 -24.25 63.39 -20.11
O5' OMG PB 375 -24.07 61.32 -18.72
C5' OMG PB 375 -23.90 60.27 -19.66
C4' OMG PB 375 -23.39 59.01 -19.01
O4' OMG PB 375 -22.16 59.30 -18.28
C3' OMG PB 375 -24.29 58.38 -17.97
O3' OMG PB 375 -25.36 57.63 -18.51
C2' OMG PB 375 -23.30 57.58 -17.15
O2' OMG PB 375 -22.86 56.44 -17.89
CM2 OMG PB 375 -21.82 55.72 -17.29
C1' OMG PB 375 -22.16 58.57 -17.07
N9 OMG PB 375 -22.38 59.52 -15.97
C8 OMG PB 375 -22.73 60.84 -16.08
N7 OMG PB 375 -22.87 61.39 -14.92
C5 OMG PB 375 -22.61 60.41 -14.01
C6 OMG PB 375 -22.62 60.44 -12.60
O6 OMG PB 375 -22.85 61.39 -11.88
N1 OMG PB 375 -22.29 59.20 -12.08
C2 OMG PB 375 -21.99 58.08 -12.80
N2 OMG PB 375 -21.69 56.97 -12.11
N3 OMG PB 375 -22.00 58.05 -14.10
C4 OMG PB 375 -22.30 59.23 -14.65
N1 OMC PB 401 -8.18 72.60 -9.26
C2 OMC PB 401 -8.64 72.98 -7.98
N3 OMC PB 401 -9.13 72.03 -7.17
C4 OMC PB 401 -9.18 70.77 -7.53
C5 OMC PB 401 -8.73 70.34 -8.82
C6 OMC PB 401 -8.24 71.30 -9.63
O2 OMC PB 401 -8.60 74.14 -7.62
N4 OMC PB 401 -9.68 69.87 -6.69
C1' OMC PB 401 -7.62 73.56 -10.24
C2' OMC PB 401 -6.31 74.20 -9.77
O2' OMC PB 401 -6.26 75.53 -10.22
CM2 OMC PB 401 -7.22 76.37 -9.62
C3' OMC PB 401 -5.29 73.34 -10.50
C4' OMC PB 401 -5.98 73.08 -11.82
O4' OMC PB 401 -7.36 72.88 -11.45
O3' OMC PB 401 -4.03 73.97 -10.63
C5' OMC PB 401 -5.47 71.90 -12.60
O5' OMC PB 401 -5.64 70.69 -11.87
P OMC PB 401 -5.39 69.28 -12.57
OP1 OMC PB 401 -4.04 69.36 -13.28
OP2 OMC PB 401 -5.64 68.19 -11.54
P A2M PB 407 -16.50 74.79 -0.78
OP1 A2M PB 407 -17.72 75.64 -0.58
O5' A2M PB 407 -16.49 75.06 -2.55
C5' A2M PB 407 -16.74 76.31 -2.95
C4' A2M PB 407 -15.99 76.59 -4.23
O4' A2M PB 407 -14.70 76.07 -4.11
C3' A2M PB 407 -16.66 75.94 -5.42
O3' A2M PB 407 -17.76 76.74 -5.75
C2' A2M PB 407 -15.50 75.79 -6.40
O2' A2M PB 407 -15.17 76.99 -7.07
C1' A2M PB 407 -14.41 75.45 -5.34
CM' A2M PB 407 -13.80 77.04 -7.38
N9 A2M PB 407 -14.16 74.06 -5.09
C8 A2M PB 407 -14.45 73.23 -4.02
N7 A2M PB 407 -14.01 71.97 -4.20
C5 A2M PB 407 -13.41 72.02 -5.45
C6 A2M PB 407 -12.77 71.09 -6.23
N6 A2M PB 407 -12.61 69.78 -5.83
N1 A2M PB 407 -12.25 71.40 -7.45
C2 A2M PB 407 -12.42 72.68 -7.85
N3 A2M PB 407 -13.01 73.70 -7.21
C4 A2M PB 407 -13.49 73.31 -6.02
OP2 A2M PB 407 -16.52 73.36 -0.32
P A2M PB 423 -10.55 49.61 -38.52
OP1 A2M PB 423 -9.53 50.68 -38.79
O5' A2M PB 423 -11.90 50.63 -39.14
C5' A2M PB 423 -11.80 51.09 -40.39
C4' A2M PB 423 -13.17 51.37 -40.92
O4' A2M PB 423 -13.87 50.14 -40.92
C3' A2M PB 423 -13.91 52.35 -40.01
O3' A2M PB 423 -13.60 53.65 -40.47
C2' A2M PB 423 -15.35 51.87 -40.09
O2' A2M PB 423 -16.05 52.37 -41.20
C1' A2M PB 423 -15.11 50.36 -40.29
CM' A2M PB 423 -17.42 52.06 -41.09
N9 A2M PB 423 -15.20 49.55 -39.09
C8 A2M PB 423 -14.26 49.07 -38.17
N7 A2M PB 423 -14.82 48.35 -37.18
C5 A2M PB 423 -16.17 48.39 -37.47
C6 A2M PB 423 -17.29 47.87 -36.88
N6 A2M PB 423 -17.22 47.12 -35.72
N1 A2M PB 423 -18.54 48.05 -37.37
C2 A2M PB 423 -18.61 48.77 -38.49
N3 A2M PB 423 -17.64 49.35 -39.21
C4 A2M PB 423 -16.43 49.12 -38.65
OP2 A2M PB 423 -10.71 49.09 -37.13
P OMG PB 448 -30.41 70.61 -37.81
OP1 OMG PB 448 -31.06 69.25 -37.99
OP2 OMG PB 448 -28.96 70.66 -37.33
O5' OMG PB 448 -30.51 71.42 -39.18
C5' OMG PB 448 -31.75 71.56 -39.87
C4' OMG PB 448 -31.86 72.90 -40.54
O4' OMG PB 448 -31.49 73.95 -39.61
C3' OMG PB 448 -30.94 73.12 -41.72
O3' OMG PB 448 -31.43 72.53 -42.91
C2' OMG PB 448 -30.84 74.64 -41.80
O2' OMG PB 448 -31.95 75.18 -42.51
CM2 OMG PB 448 -31.92 76.58 -42.65
C1' OMG PB 448 -30.98 75.05 -40.32
N9 OMG PB 448 -29.68 75.42 -39.73
C8 OMG PB 448 -29.06 74.78 -38.68
N7 OMG PB 448 -27.94 75.35 -38.37
C5 OMG PB 448 -27.81 76.41 -39.22
C6 OMG PB 448 -26.78 77.38 -39.34
O6 OMG PB 448 -25.76 77.50 -38.69
N1 OMG PB 448 -27.07 78.29 -40.35
C2 OMG PB 448 -28.18 78.26 -41.15
N2 OMG PB 448 -28.28 79.23 -42.07
N3 OMG PB 448 -29.13 77.37 -41.04
C4 OMG PB 448 -28.90 76.47 -40.07
N1 OMC PB 456 -22.23 55.45 -50.11
C2 OMC PB 456 -23.61 55.72 -50.11
N3 OMC PB 456 -24.02 56.94 -50.50
C4 OMC PB 456 -23.18 57.87 -50.87
C5 OMC PB 456 -21.77 57.64 -50.88
C6 OMC PB 456 -21.37 56.42 -50.50
O2 OMC PB 456 -24.38 54.84 -49.76
N4 OMC PB 456 -23.64 59.05 -51.24
C1' OMC PB 456 -21.70 54.13 -49.71
C2' OMC PB 456 -21.85 53.08 -50.81
O2' OMC PB 456 -21.96 51.80 -50.21
CM2 OMC PB 456 -23.14 51.11 -50.55
C3' OMC PB 456 -20.50 53.22 -51.52
C4' OMC PB 456 -19.55 53.46 -50.35
O4' OMC PB 456 -20.32 54.25 -49.42
O3' OMC PB 456 -20.17 52.11 -52.32
C5' OMC PB 456 -18.29 54.19 -50.71
O5' OMC PB 456 -18.60 55.38 -51.40
P OMC PB 456 -17.47 56.46 -51.73
OP1 OMC PB 456 -18.20 57.78 -51.97
OP2 OMC PB 456 -16.42 56.35 -50.65
P A2M PB 515 -18.90 88.10 -53.68
OP1 A2M PB 515 -17.44 87.77 -53.60
O5' A2M PB 515 -19.43 86.35 -53.65
C5' A2M PB 515 -18.73 85.50 -54.42
C4' A2M PB 515 -17.65 84.82 -53.59
O4' A2M PB 515 -18.09 84.71 -52.25
C3' A2M PB 515 -17.33 83.43 -54.09
O3' A2M PB 515 -16.43 83.59 -55.15
C2' A2M PB 515 -16.91 82.73 -52.81
O2' A2M PB 515 -15.65 83.11 -52.34
C1' A2M PB 515 -18.00 83.35 -51.93
CM' A2M PB 515 -15.47 82.66 -51.02
N9 A2M PB 515 -19.32 82.79 -52.09
C8 A2M PB 515 -20.56 83.34 -52.43
N7 A2M PB 515 -21.54 82.44 -52.47
C5 A2M PB 515 -20.90 81.25 -52.13
C6 A2M PB 515 -21.33 79.94 -51.99
N6 A2M PB 515 -22.65 79.59 -52.19
N1 A2M PB 515 -20.49 78.94 -51.65
C2 A2M PB 515 -19.19 79.29 -51.46
N3 A2M PB 515 -18.62 80.49 -51.55
C4 A2M PB 515 -19.52 81.44 -51.90
OP2 A2M PB 515 -19.41 88.90 -54.82
P OMG PB 540 -12.49 26.45 -71.36
OP1 OMG PB 540 -12.98 26.82 -72.76
OP2 OMG PB 540 -11.72 27.47 -70.54
O5' OMG PB 540 -13.76 25.94 -70.55
C5' OMG PB 540 -14.75 25.16 -71.18
C4' OMG PB 540 -15.20 24.01 -70.31
O4' OMG PB 540 -14.27 23.80 -69.25
C3' OMG PB 540 -16.53 24.20 -69.59
O3' OMG PB 540 -17.62 23.84 -70.39
C2' OMG PB 540 -16.40 23.32 -68.33
O2' OMG PB 540 -17.08 22.09 -68.53
CM2 OMG PB 540 -16.83 21.05 -67.61
C1' OMG PB 540 -14.89 23.04 -68.26
N9 OMG PB 540 -14.27 23.40 -66.96
C8 OMG PB 540 -12.97 23.80 -66.91
N7 OMG PB 540 -12.56 24.05 -65.72
C5 OMG PB 540 -13.63 23.79 -64.93
C6 OMG PB 540 -13.73 23.88 -63.52
O6 OMG PB 540 -12.86 24.25 -62.75
N1 OMG PB 540 -15.01 23.54 -63.08
C2 OMG PB 540 -16.03 23.16 -63.88
N2 OMG PB 540 -17.19 22.86 -63.28
N3 OMG PB 540 -15.93 23.05 -65.19
C4 OMG PB 540 -14.72 23.37 -65.67
N1 OMU PB 566 11.27 16.97 -66.73
C2 OMU PB 566 12.59 17.67 -66.88
N3 OMU PB 566 13.64 17.53 -65.82
C4 OMU PB 566 13.35 16.71 -64.65
C5 OMU PB 566 12.04 16.02 -64.50
C6 OMU PB 566 11.01 16.16 -65.57
O2 OMU PB 566 12.81 18.35 -67.87
O4 OMU PB 566 14.13 16.59 -63.83
C1' OMU PB 566 10.24 17.09 -67.76
C2' OMU PB 566 10.22 15.92 -68.74
O2' OMU PB 566 11.17 16.11 -69.77
CM2 OMU PB 566 12.11 15.08 -69.85
C3' OMU PB 566 8.77 15.92 -69.20
C4' OMU PB 566 8.01 16.35 -67.95
O3' OMU PB 566 8.60 16.91 -70.22
O4' OMU PB 566 8.97 17.08 -67.13
C5' OMU PB 566 7.42 15.23 -67.14
O5' OMU PB 566 7.99 15.16 -65.84
P OMU PB 566 8.28 13.75 -65.16
OP1 OMU PB 566 7.07 12.88 -65.36
OP2 OMU PB 566 9.63 13.26 -65.59
P OMG PB 583 -18.87 54.47 -63.57
OP1 OMG PB 583 -19.65 54.34 -64.86
OP2 OMG PB 583 -19.32 55.50 -62.52
O5' OMG PB 583 -18.84 53.03 -62.87
C5' OMG PB 583 -18.95 51.85 -63.66
C4' OMG PB 583 -17.60 51.24 -63.96
O4' OMG PB 583 -16.55 52.08 -63.46
C3' OMG PB 583 -17.32 49.90 -63.30
O3' OMG PB 583 -17.96 48.81 -63.97
C2' OMG PB 583 -15.80 49.82 -63.32
O2' OMG PB 583 -15.34 49.36 -64.58
CM2 OMG PB 583 -13.95 49.18 -64.63
C1' OMG PB 583 -15.41 51.30 -63.17
N9 OMG PB 583 -14.96 51.62 -61.82
C8 OMG PB 583 -15.61 52.43 -60.92
N7 OMG PB 583 -14.97 52.54 -59.81
C5 OMG PB 583 -13.85 51.77 -59.96
C6 OMG PB 583 -12.78 51.51 -59.07
O6 OMG PB 583 -12.61 51.92 -57.94
N1 OMG PB 583 -11.84 50.65 -59.66
C2 OMG PB 583 -11.92 50.14 -60.92
N2 OMG PB 583 -10.91 49.33 -61.30
N3 OMG PB 583 -12.90 50.38 -61.73
C4 OMG PB 583 -13.83 51.20 -61.22
N1 PSU PB 588 -18.94 37.97 -48.87
C2 PSU PB 588 -19.76 38.97 -49.35
N3 PSU PB 588 -20.34 39.86 -48.48
C4 PSU PB 588 -20.11 39.75 -47.13
C5 PSU PB 588 -19.28 38.75 -46.64
C6 PSU PB 588 -18.71 37.87 -47.54
O2 PSU PB 588 -19.96 39.05 -50.56
O4 PSU PB 588 -20.63 40.55 -46.36
C1' PSU PB 588 -19.03 38.64 -45.18
C2' PSU PB 588 -20.16 37.88 -44.49
O2' PSU PB 588 -20.27 38.34 -43.15
C3' PSU PB 588 -19.62 36.46 -44.52
C4' PSU PB 588 -18.13 36.67 -44.27
O3' PSU PB 588 -20.23 35.60 -43.58
O4' PSU PB 588 -17.84 37.91 -44.94
C5' PSU PB 588 -17.22 35.59 -44.80
O5' PSU PB 588 -17.56 35.26 -46.14
P PSU PB 588 -16.49 34.66 -47.13
OP1 PSU PB 588 -16.07 33.32 -46.67
OP2 PSU PB 588 -17.05 34.85 -48.48
N1 PSU PB 590 -25.61 36.73 -47.58
C2 PSU PB 590 -25.46 36.96 -48.92
N3 PSU PB 590 -26.42 37.65 -49.62
C4 PSU PB 590 -27.53 38.13 -48.97
C5 PSU PB 590 -27.68 37.90 -47.61
C6 PSU PB 590 -26.69 37.20 -46.92
O2 PSU PB 590 -24.47 36.53 -49.51
O4 PSU PB 590 -28.38 38.74 -49.59
C1' PSU PB 590 -28.86 38.42 -46.87
C2' PSU PB 590 -30.13 37.62 -47.17
O2' PSU PB 590 -31.23 38.53 -47.17
C3' PSU PB 590 -30.22 36.70 -45.97
C4' PSU PB 590 -29.65 37.55 -44.85
O3' PSU PB 590 -31.53 36.24 -45.69
O4' PSU PB 590 -28.62 38.34 -45.48
C5' PSU PB 590 -29.07 36.79 -43.69
O5' PSU PB 590 -28.19 35.78 -44.14
P PSU PB 590 -27.12 35.13 -43.17
OP1 PSU PB 590 -27.85 34.41 -42.09
OP2 PSU PB 590 -26.15 34.42 -44.03
P A2M PB 607 -32.92 2.11 -47.03
OP1 A2M PB 607 -32.01 1.47 -46.03
O5' A2M PB 607 -32.21 3.52 -47.88
C5' A2M PB 607 -33.05 4.27 -48.59
C4' A2M PB 607 -32.27 5.28 -49.36
O4' A2M PB 607 -32.99 5.62 -50.48
C3' A2M PB 607 -32.04 6.52 -48.54
O3' A2M PB 607 -30.98 6.19 -47.69
C2' A2M PB 607 -31.81 7.57 -49.63
O2' A2M PB 607 -30.46 7.73 -49.95
C1' A2M PB 607 -32.53 6.89 -50.82
CM' A2M PB 607 -30.02 9.01 -49.58
N9 A2M PB 607 -33.62 7.59 -51.43
C8 A2M PB 607 -34.78 8.17 -50.92
N7 A2M PB 607 -35.53 8.74 -51.88
C5 A2M PB 607 -34.82 8.49 -53.04
C6 A2M PB 607 -35.02 8.79 -54.37
N6 A2M PB 607 -36.13 9.47 -54.80
N1 A2M PB 607 -34.14 8.42 -55.32
C2 A2M PB 607 -33.06 7.75 -54.90
N3 A2M PB 607 -32.70 7.38 -53.67
C4 A2M PB 607 -33.63 7.78 -52.78
OP2 A2M PB 607 -34.09 2.90 -46.56
N1 PSU PB 620 -60.83 19.45 -33.22
C2 PSU PB 620 -61.31 18.19 -33.47
N3 PSU PB 620 -61.00 17.55 -34.65
C4 PSU PB 620 -60.20 18.18 -35.57
C5 PSU PB 620 -59.72 19.45 -35.32
C6 PSU PB 620 -60.06 20.07 -34.13
O2 PSU PB 620 -62.03 17.65 -32.63
O4 PSU PB 620 -59.92 17.61 -36.62
C1' PSU PB 620 -58.83 20.14 -36.30
C2' PSU PB 620 -59.57 20.73 -37.50
O2' PSU PB 620 -58.73 20.60 -38.63
C3' PSU PB 620 -59.69 22.19 -37.10
C4' PSU PB 620 -58.40 22.45 -36.34
O3' PSU PB 620 -59.85 23.06 -38.21
O4' PSU PB 620 -58.14 21.20 -35.66
C5' PSU PB 620 -58.45 23.57 -35.34
O5' PSU PB 620 -59.74 23.70 -34.77
P PSU PB 620 -59.93 23.95 -33.21
OP1 PSU PB 620 -60.20 25.38 -33.00
OP2 PSU PB 620 -60.87 22.93 -32.71
P OMG PB 622 -65.36 21.55 -41.98
OP1 OMG PB 622 -65.26 22.70 -42.97
OP2 OMG PB 622 -65.69 21.81 -40.52
O5' OMG PB 622 -66.45 20.50 -42.50
C5' OMG PB 622 -67.47 20.05 -41.63
C4' OMG PB 622 -67.61 18.56 -41.70
O4' OMG PB 622 -66.80 17.94 -40.66
C3' OMG PB 622 -69.03 18.03 -41.49
O3' OMG PB 622 -69.73 17.87 -42.70
C2' OMG PB 622 -68.82 16.71 -40.73
O2' OMG PB 622 -68.53 15.65 -41.62
CM2 OMG PB 622 -68.79 14.39 -41.05
C1' OMG PB 622 -67.56 17.03 -39.93
N9 OMG PB 622 -67.86 17.63 -38.62
C8 OMG PB 622 -67.49 18.89 -38.21
N7 OMG PB 622 -67.89 19.14 -37.01
C5 OMG PB 622 -68.53 18.00 -36.60
C6 OMG PB 622 -69.16 17.70 -35.37
O6 OMG PB 622 -69.28 18.40 -34.38
N1 OMG PB 622 -69.69 16.42 -35.39
C2 OMG PB 622 -69.63 15.55 -36.43
N2 OMG PB 622 -70.20 14.35 -36.24
N3 OMG PB 622 -69.04 15.82 -37.56
C4 OMG PB 622 -68.51 17.05 -37.59
N1 PSU PB 625 -79.36 18.17 -44.08
C2 PSU PB 625 -79.80 18.45 -42.80
N3 PSU PB 625 -81.13 18.38 -42.49
C4 PSU PB 625 -82.04 18.05 -43.46
C5 PSU PB 625 -81.60 17.77 -44.75
C6 PSU PB 625 -80.24 17.84 -45.03
O2 PSU PB 625 -78.98 18.75 -41.92
O4 PSU PB 625 -83.23 17.99 -43.17
C1' PSU PB 625 -82.57 17.40 -45.83
C2' PSU PB 625 -83.41 18.60 -46.25
O2' PSU PB 625 -84.68 18.13 -46.66
C3' PSU PB 625 -82.62 19.11 -47.45
C4' PSU PB 625 -82.15 17.82 -48.09
O3' PSU PB 625 -83.39 19.92 -48.32
O4' PSU PB 625 -81.86 16.96 -46.97
C5' PSU PB 625 -80.94 17.95 -48.98
O5' PSU PB 625 -79.94 18.75 -48.38
P PSU PB 625 -78.41 18.56 -48.76
OP1 PSU PB 625 -78.14 19.21 -50.05
OP2 PSU PB 625 -77.71 18.95 -47.52
N1 OMU PB 670 -82.00 34.36 -34.93
C2 OMU PB 670 -80.91 33.48 -34.37
N3 OMU PB 670 -80.30 32.40 -35.22
C4 OMU PB 670 -80.76 32.21 -36.58
C5 OMU PB 670 -81.85 33.08 -37.12
C6 OMU PB 670 -82.45 34.15 -36.28
O2 OMU PB 670 -80.51 33.64 -33.23
O4 OMU PB 670 -80.32 31.40 -37.24
C1' OMU PB 670 -82.62 35.42 -34.11
C2' OMU PB 670 -81.67 36.58 -33.84
O2' OMU PB 670 -82.04 37.21 -32.64
CM2 OMU PB 670 -81.64 36.50 -31.50
C3' OMU PB 670 -81.98 37.48 -35.03
C4' OMU PB 670 -83.48 37.31 -35.19
O3' OMU PB 670 -81.59 38.83 -34.83
O4' OMU PB 670 -83.73 35.93 -34.81
C5' OMU PB 670 -84.01 37.56 -36.58
O5' OMU PB 670 -85.38 37.23 -36.69
P OMU PB 670 -86.21 37.64 -37.98
OP1 OMU PB 670 -86.35 39.13 -38.00
OP2 OMU PB 670 -85.57 36.95 -39.16
N1 PSU PB 672 -75.35 35.26 -39.29
C2 PSU PB 672 -74.95 34.11 -39.93
N3 PSU PB 672 -73.90 33.38 -39.42
C4 PSU PB 672 -73.25 33.78 -38.29
C5 PSU PB 672 -73.65 34.95 -37.66
C6 PSU PB 672 -74.71 35.67 -38.17
O2 PSU PB 672 -75.54 33.75 -40.94
O4 PSU PB 672 -72.32 33.11 -37.86
C1' PSU PB 672 -72.98 35.45 -36.41
C2' PSU PB 672 -71.60 36.04 -36.73
O2' PSU PB 672 -70.79 35.88 -35.58
C3' PSU PB 672 -71.94 37.49 -36.95
C4' PSU PB 672 -73.03 37.74 -35.92
O3' PSU PB 672 -70.83 38.37 -36.80
O4' PSU PB 672 -73.77 36.50 -35.90
C5' PSU PB 672 -73.96 38.88 -36.24
O5' PSU PB 672 -74.02 39.80 -35.16
P PSU PB 672 -75.37 39.99 -34.32
OP1 PSU PB 672 -75.13 40.98 -33.26
OP2 PSU PB 672 -76.40 40.18 -35.36
N1 PSU PB 685 -45.43 57.75 -50.60
C2 PSU PB 685 -46.06 56.61 -50.14
N3 PSU PB 685 -45.33 55.54 -49.72
C4 PSU PB 685 -43.95 55.60 -49.74
C5 PSU PB 685 -43.32 56.74 -50.21
C6 PSU PB 685 -44.08 57.82 -50.63
O2 PSU PB 685 -47.28 56.56 -50.12
O4 PSU PB 685 -43.29 54.64 -49.37
C1' PSU PB 685 -41.83 56.82 -50.24
C2' PSU PB 685 -41.26 55.97 -51.37
O2' PSU PB 685 -40.03 55.44 -50.96
C3' PSU PB 685 -41.06 57.02 -52.46
C4' PSU PB 685 -40.61 58.22 -51.66
O3' PSU PB 685 -40.11 56.63 -53.42
O4' PSU PB 685 -41.42 58.16 -50.46
C5' PSU PB 685 -40.79 59.56 -52.33
O5' PSU PB 685 -42.16 59.79 -52.64
P PSU PB 685 -42.68 61.27 -52.94
OP1 PSU PB 685 -41.96 61.80 -54.11
OP2 PSU PB 685 -44.16 61.16 -52.94
N1 PSU PB 734 -75.25 30.09 -47.35
C2 PSU PB 734 -74.71 31.00 -46.48
N3 PSU PB 734 -73.37 30.98 -46.19
C4 PSU PB 734 -72.55 30.05 -46.79
C5 PSU PB 734 -73.10 29.13 -47.67
C6 PSU PB 734 -74.46 29.17 -47.94
O2 PSU PB 734 -75.45 31.83 -45.94
O4 PSU PB 734 -71.35 30.01 -46.55
C1' PSU PB 734 -72.22 28.11 -48.32
C2' PSU PB 734 -71.94 26.94 -47.39
O2' PSU PB 734 -70.64 26.44 -47.67
C3' PSU PB 734 -73.00 25.94 -47.83
C4' PSU PB 734 -73.11 26.19 -49.32
O3' PSU PB 734 -72.68 24.60 -47.53
O4' PSU PB 734 -72.88 27.62 -49.46
C5' PSU PB 734 -74.43 25.84 -49.94
O5' PSU PB 734 -75.47 26.59 -49.33
P PSU PB 734 -77.00 26.28 -49.65
OP1 PSU PB 734 -76.99 24.88 -50.13
OP2 PSU PB 734 -77.82 26.66 -48.48
N1 PSU PB 737 -76.63 27.46 -37.81
C2 PSU PB 737 -77.44 28.38 -38.44
N3 PSU PB 737 -78.01 29.41 -37.72
C4 PSU PB 737 -77.77 29.49 -36.37
C5 PSU PB 737 -76.97 28.56 -35.74
C6 PSU PB 737 -76.40 27.54 -36.49
O2 PSU PB 737 -77.63 28.30 -39.65
O4 PSU PB 737 -78.28 30.39 -35.71
C1' PSU PB 737 -76.71 28.67 -34.28
C2' PSU PB 737 -77.79 28.13 -33.35
O2' PSU PB 737 -77.85 28.97 -32.20
C3' PSU PB 737 -77.25 26.76 -32.99
C4' PSU PB 737 -75.75 26.98 -32.97
O3' PSU PB 737 -77.75 26.28 -31.76
O4' PSU PB 737 -75.50 27.98 -34.00
C5' PSU PB 737 -74.93 25.75 -33.28
O5' PSU PB 737 -75.27 25.22 -34.55
P PSU PB 737 -74.65 23.85 -35.07
OP1 PSU PB 737 -74.43 22.97 -33.91
OP2 PSU PB 737 -75.49 23.39 -36.20
P OMG PB 738 -77.75 24.71 -31.46
OP1 OMG PB 738 -76.74 24.43 -30.34
OP2 OMG PB 738 -77.63 23.96 -32.78
O5' OMG PB 738 -79.21 24.45 -30.89
C5' OMG PB 738 -80.34 24.90 -31.61
C4' OMG PB 738 -81.02 26.06 -30.91
O4' OMG PB 738 -80.59 27.31 -31.49
C3' OMG PB 738 -82.54 26.06 -31.00
O3' OMG PB 738 -83.14 25.76 -29.75
C2' OMG PB 738 -82.95 27.42 -31.56
O2' OMG PB 738 -83.37 28.30 -30.53
CM2 OMG PB 738 -83.63 29.61 -30.98
C1' OMG PB 738 -81.64 27.96 -32.12
N9 OMG PB 738 -81.50 27.84 -33.58
C8 OMG PB 738 -80.76 26.93 -34.30
N7 OMG PB 738 -80.81 27.16 -35.57
C5 OMG PB 738 -81.60 28.27 -35.70
C6 OMG PB 738 -82.01 28.97 -36.86
O6 OMG PB 738 -81.75 28.75 -38.04
N1 OMG PB 738 -82.82 30.05 -36.52
C2 OMG PB 738 -83.19 30.41 -35.26
N2 OMG PB 738 -83.97 31.49 -35.13
N3 OMG PB 738 -82.80 29.76 -34.20
C4 OMG PB 738 -82.02 28.71 -34.48
N1 PSU PB 837 -13.28 -39.75 -23.13
C2 PSU PB 837 -13.90 -40.81 -23.75
N3 PSU PB 837 -15.21 -41.10 -23.48
C4 PSU PB 837 -15.91 -40.33 -22.59
C5 PSU PB 837 -15.28 -39.25 -21.96
C6 PSU PB 837 -13.95 -38.99 -22.25
O2 PSU PB 837 -13.27 -41.50 -24.54
O4 PSU PB 837 -17.09 -40.61 -22.37
C1' PSU PB 837 -16.00 -38.37 -20.98
C2' PSU PB 837 -16.37 -39.15 -19.72
O2' PSU PB 837 -17.52 -38.55 -19.15
C3' PSU PB 837 -15.16 -38.88 -18.85
C4' PSU PB 837 -14.85 -37.44 -19.16
O3' PSU PB 837 -15.39 -39.11 -17.47
O4' PSU PB 837 -15.13 -37.33 -20.59
C5' PSU PB 837 -13.44 -37.00 -18.89
O5' PSU PB 837 -12.51 -37.73 -19.67
P PSU PB 837 -10.95 -37.59 -19.39
OP1 PSU PB 837 -10.86 -37.32 -17.94
OP2 PSU PB 837 -10.28 -38.77 -19.98
N1 PSU PB 875 -60.32 -29.88 -22.84
C2 PSU PB 875 -59.99 -29.14 -21.73
N3 PSU PB 875 -60.65 -29.33 -20.54
C4 PSU PB 875 -61.65 -30.25 -20.46
C5 PSU PB 875 -61.99 -31.00 -21.58
C6 PSU PB 875 -61.31 -30.80 -22.76
O2 PSU PB 875 -59.09 -28.31 -21.80
O4 PSU PB 875 -62.24 -30.41 -19.39
C1' PSU PB 875 -63.08 -32.02 -21.52
C2' PSU PB 875 -64.45 -31.35 -21.46
O2' PSU PB 875 -65.33 -32.18 -20.72
C3' PSU PB 875 -64.83 -31.36 -22.93
C4' PSU PB 875 -64.29 -32.71 -23.39
O3' PSU PB 875 -66.22 -31.23 -23.15
O4' PSU PB 875 -63.05 -32.83 -22.66
C5' PSU PB 875 -64.04 -32.84 -24.87
O5' PSU PB 875 -63.10 -31.90 -25.33
P PSU PB 875 -62.52 -32.00 -26.81
OP1 PSU PB 875 -63.63 -32.52 -27.63
OP2 PSU PB 875 -61.85 -30.73 -27.16
P A2M PB 902 -51.46 2.60 -17.22
OP1 A2M PB 902 -51.18 2.11 -15.83
O5' A2M PB 902 -52.23 1.39 -18.32
C5' A2M PB 902 -53.48 1.03 -18.02
C4' A2M PB 902 -53.97 0.05 -19.06
O4' A2M PB 902 -54.33 0.76 -20.22
C3' A2M PB 902 -52.87 -0.91 -19.43
O3' A2M PB 902 -52.82 -1.88 -18.44
C2' A2M PB 902 -53.26 -1.32 -20.82
O2' A2M PB 902 -54.32 -2.22 -20.83
C1' A2M PB 902 -53.75 0.06 -21.29
CM' A2M PB 902 -54.93 -2.23 -22.09
N9 A2M PB 902 -52.78 0.89 -21.93
C8 A2M PB 902 -52.08 2.03 -21.53
N7 A2M PB 902 -51.25 2.49 -22.47
C5 A2M PB 902 -51.44 1.61 -23.52
C6 A2M PB 902 -50.91 1.51 -24.78
N6 A2M PB 902 -49.97 2.42 -25.25
N1 A2M PB 902 -51.26 0.54 -25.65
C2 A2M PB 902 -52.17 -0.35 -25.19
N3 A2M PB 902 -52.79 -0.40 -24.01
C4 A2M PB 902 -52.38 0.62 -23.21
OP2 A2M PB 902 -50.32 2.84 -18.15
N1 PSU PB 916 -35.82 -29.14 -16.04
C2 PSU PB 916 -36.20 -28.54 -17.23
N3 PSU PB 916 -36.46 -29.32 -18.34
C4 PSU PB 916 -36.34 -30.69 -18.28
C5 PSU PB 916 -35.96 -31.27 -17.09
C6 PSU PB 916 -35.71 -30.48 -15.98
O2 PSU PB 916 -36.30 -27.33 -17.27
O4 PSU PB 916 -36.58 -31.37 -19.27
C1' PSU PB 916 -35.81 -32.76 -16.96
C2' PSU PB 916 -34.59 -33.27 -17.71
O2' PSU PB 916 -34.83 -34.61 -18.10
C3' PSU PB 916 -33.54 -33.22 -16.63
C4' PSU PB 916 -34.32 -33.63 -15.39
O3' PSU PB 916 -32.43 -34.05 -16.87
O4' PSU PB 916 -35.63 -33.07 -15.60
C5' PSU PB 916 -33.77 -33.15 -14.07
O5' PSU PB 916 -32.65 -32.30 -14.27
P PSU PB 916 -32.41 -31.04 -13.34
OP1 PSU PB 916 -32.32 -31.52 -11.95
OP2 PSU PB 916 -31.35 -30.17 -13.89
N1 PSU PB 917 -33.03 -29.06 -18.10
C2 PSU PB 917 -33.27 -27.75 -18.43
N3 PSU PB 917 -33.67 -27.40 -19.69
C4 PSU PB 917 -33.82 -28.39 -20.64
C5 PSU PB 917 -33.58 -29.71 -20.31
C6 PSU PB 917 -33.19 -30.03 -19.02
O2 PSU PB 917 -33.12 -26.88 -17.58
O4 PSU PB 917 -34.18 -28.07 -21.78
C1' PSU PB 917 -33.75 -30.81 -21.30
C2' PSU PB 917 -32.69 -30.81 -22.40
O2' PSU PB 917 -33.31 -31.23 -23.61
C3' PSU PB 917 -31.71 -31.85 -21.90
C4' PSU PB 917 -32.59 -32.85 -21.17
O3' PSU PB 917 -30.99 -32.48 -22.95
O4' PSU PB 917 -33.64 -32.03 -20.60
C5' PSU PB 917 -31.92 -33.63 -20.08
O5' PSU PB 917 -31.67 -32.82 -18.94
P PSU PB 917 -31.11 -33.46 -17.59
OP1 PSU PB 917 -30.23 -34.62 -17.87
OP2 PSU PB 917 -30.60 -32.35 -16.76
N1 PSU PB 927 -6.91 -27.13 -31.55
C2 PSU PB 927 -6.94 -25.77 -31.36
N3 PSU PB 927 -7.38 -24.93 -32.35
C4 PSU PB 927 -7.79 -25.45 -33.55
C5 PSU PB 927 -7.75 -26.82 -33.75
C6 PSU PB 927 -7.30 -27.64 -32.73
O2 PSU PB 927 -6.59 -25.29 -30.28
O4 PSU PB 927 -8.18 -24.71 -34.45
C1' PSU PB 927 -8.20 -27.39 -35.05
C2' PSU PB 927 -7.16 -27.20 -36.15
O2' PSU PB 927 -7.84 -27.03 -37.37
C3' PSU PB 927 -6.43 -28.53 -36.13
C4' PSU PB 927 -7.53 -29.51 -35.79
O3' PSU PB 927 -5.78 -28.83 -37.34
O4' PSU PB 927 -8.40 -28.78 -34.88
C5' PSU PB 927 -7.08 -30.79 -35.14
O5' PSU PB 927 -5.90 -30.58 -34.38
P PSU PB 927 -5.57 -31.48 -33.13
OP1 PSU PB 927 -4.97 -32.74 -33.64
OP2 PSU PB 927 -4.85 -30.69 -32.12
N1 PSU PB 952 -40.75 -2.97 -25.54
C2 PSU PB 952 -40.84 -4.33 -25.75
N3 PSU PB 952 -39.70 -5.06 -25.98
C4 PSU PB 952 -38.48 -4.42 -26.01
C5 PSU PB 952 -38.41 -3.05 -25.80
C6 PSU PB 952 -39.56 -2.34 -25.56
O2 PSU PB 952 -41.93 -4.89 -25.73
O4 PSU PB 952 -37.48 -5.08 -26.23
C1' PSU PB 952 -37.10 -2.32 -25.81
C2' PSU PB 952 -36.45 -2.18 -27.19
O2' PSU PB 952 -35.07 -2.50 -27.09
C3' PSU PB 952 -36.62 -0.69 -27.48
C4' PSU PB 952 -36.58 -0.07 -26.11
O3' PSU PB 952 -35.63 -0.18 -28.34
O4' PSU PB 952 -37.24 -1.03 -25.26
C5' PSU PB 952 -37.23 1.28 -25.98
O5' PSU PB 952 -38.56 1.27 -26.45
P PSU PB 952 -39.77 1.52 -25.46
OP1 PSU PB 952 -39.78 2.94 -25.07
OP2 PSU PB 952 -40.97 0.93 -26.06
N1 PSU PB 1045 -26.34 15.12 -21.96
C2 PSU PB 1045 -27.63 15.32 -22.40
N3 PSU PB 1045 -28.24 16.53 -22.19
C4 PSU PB 1045 -27.58 17.53 -21.53
C5 PSU PB 1045 -26.30 17.32 -21.07
C6 PSU PB 1045 -25.69 16.10 -21.30
O2 PSU PB 1045 -28.21 14.43 -23.00
O4 PSU PB 1045 -28.13 18.61 -21.33
C1' PSU PB 1045 -25.56 18.40 -20.35
C2' PSU PB 1045 -26.03 18.56 -18.91
O2' PSU PB 1045 -25.88 19.93 -18.54
C3' PSU PB 1045 -25.03 17.70 -18.17
C4' PSU PB 1045 -23.75 17.92 -18.94
O3' PSU PB 1045 -24.90 18.04 -16.80
O4' PSU PB 1045 -24.19 18.06 -20.32
C5' PSU PB 1045 -22.75 16.82 -18.85
O5' PSU PB 1045 -23.31 15.59 -19.27
P PSU PB 1045 -22.44 14.26 -19.27
OP1 PSU PB 1045 -21.51 14.36 -18.14
OP2 PSU PB 1045 -23.36 13.10 -19.36
N1 PSU PB 1048 -34.14 12.51 -14.67
C2 PSU PB 1048 -33.78 11.54 -15.59
N3 PSU PB 1048 -34.70 11.07 -16.49
C4 PSU PB 1048 -35.98 11.57 -16.47
C5 PSU PB 1048 -36.32 12.54 -15.55
C6 PSU PB 1048 -35.39 13.00 -14.65
O2 PSU PB 1048 -32.64 11.10 -15.60
O4 PSU PB 1048 -36.82 11.16 -17.26
C1' PSU PB 1048 -37.73 13.04 -15.56
C2' PSU PB 1048 -38.59 12.12 -14.71
O2' PSU PB 1048 -39.89 12.08 -15.27
C3' PSU PB 1048 -38.60 12.87 -13.39
C4' PSU PB 1048 -38.67 14.32 -13.84
O3' PSU PB 1048 -39.68 12.51 -12.54
O4' PSU PB 1048 -37.82 14.34 -15.02
C5' PSU PB 1048 -38.19 15.34 -12.85
O5' PSU PB 1048 -36.79 15.30 -12.67
P PSU PB 1048 -36.05 16.50 -11.96
OP1 PSU PB 1048 -37.01 17.03 -10.97
OP2 PSU PB 1048 -34.69 16.10 -11.53
N1 PSU PB 1103 23.19 -36.19 -65.95
C2 PSU PB 1103 22.12 -36.05 -65.09
N3 PSU PB 1103 21.00 -35.36 -65.48
C4 PSU PB 1103 20.95 -34.81 -66.73
C5 PSU PB 1103 22.03 -34.95 -67.58
C6 PSU PB 1103 23.15 -35.64 -67.18
O2 PSU PB 1103 22.15 -36.54 -63.97
O4 PSU PB 1103 19.94 -34.21 -67.06
C1' PSU PB 1103 21.99 -34.35 -68.96
C2' PSU PB 1103 22.06 -32.83 -68.90
O2' PSU PB 1103 21.29 -32.31 -69.96
C3' PSU PB 1103 23.54 -32.60 -69.15
C4' PSU PB 1103 23.86 -33.67 -70.17
O3' PSU PB 1103 23.84 -31.31 -69.63
O4' PSU PB 1103 23.08 -34.80 -69.73
C5' PSU PB 1103 25.31 -34.05 -70.30
O5' PSU PB 1103 25.79 -34.68 -69.13
P PSU PB 1103 27.24 -35.33 -69.12
OP1 PSU PB 1103 28.12 -34.56 -70.00
OP2 PSU PB 1103 27.62 -35.54 -67.71
N1 PSU PB 1115 24.38 -19.37 -65.38
C2 PSU PB 1115 23.88 -20.06 -66.46
N3 PSU PB 1115 23.22 -19.39 -67.47
C4 PSU PB 1115 23.07 -18.02 -67.39
C5 PSU PB 1115 23.57 -17.33 -66.30
C6 PSU PB 1115 24.23 -18.04 -65.30
O2 PSU PB 1115 24.01 -21.28 -66.54
O4 PSU PB 1115 22.48 -17.42 -68.29
C1' PSU PB 1115 23.42 -15.85 -66.20
C2' PSU PB 1115 22.00 -15.52 -65.72
O2' PSU PB 1115 21.62 -14.28 -66.29
C3' PSU PB 1115 22.23 -15.37 -64.23
C4' PSU PB 1115 23.58 -14.72 -64.16
O3' PSU PB 1115 21.23 -14.62 -63.57
O4' PSU PB 1115 24.32 -15.32 -65.26
C5' PSU PB 1115 24.34 -14.92 -62.88
O5' PSU PB 1115 24.81 -16.26 -62.76
P PSU PB 1115 25.78 -16.68 -61.57
OP1 PSU PB 1115 25.35 -15.76 -60.50
OP2 PSU PB 1115 25.69 -18.13 -61.37
O5' B8N PB 1119 5.66 -22.95 -61.91
C5' B8N PB 1119 6.23 -24.23 -61.71
C4' B8N PB 1119 5.29 -25.31 -62.16
O4' B8N PB 1119 4.13 -25.30 -61.28
C3' B8N PB 1119 4.71 -25.13 -63.55
O3' B8N PB 1119 5.54 -25.70 -64.54
C2' B8N PB 1119 3.35 -25.80 -63.47
O2' B8N PB 1119 3.46 -27.20 -63.67
C1' B8N PB 1119 2.96 -25.56 -62.01
C5 B8N PB 1119 1.97 -24.36 -61.79
C6 B8N PB 1119 2.51 -23.06 -61.62
N1 B8N PB 1119 1.45 -21.95 -61.39
C2 B8N PB 1119 -0.06 -22.31 -61.32
N3 B8N PB 1119 -0.49 -23.64 -61.48
C4 B8N PB 1119 0.35 -24.56 -61.69
C34 B8N PB 1119 -4.60 -24.01 -61.27
CN1 B8N PB 1119 1.87 -20.55 -61.21
N34 B8N PB 1119 -4.56 -24.19 -58.85
O2 B8N PB 1119 -0.87 -21.45 -61.14
O4 B8N PB 1119 -0.11 -25.65 -61.81
OP1 B8N PB 1119 5.47 -20.49 -61.38
OP2 B8N PB 1119 4.83 -22.32 -59.64
P B8N PB 1119 5.72 -21.85 -60.76
C31 B8N PB 1119 -1.93 -23.95 -61.44
C32 B8N PB 1119 -2.43 -24.04 -60.01
C33 B8N PB 1119 -3.87 -24.58 -60.06
O36 B8N PB 1119 -4.89 -22.79 -61.33
O35 B8N PB 1119 -4.93 -24.78 -62.23
N1 OMC PB 1143 45.29 -1.42 -75.36
C2 OMC PB 1143 43.89 -1.32 -75.21
N3 OMC PB 1143 43.38 -1.43 -73.97
C4 OMC PB 1143 44.14 -1.65 -72.92
C5 OMC PB 1143 45.56 -1.76 -73.04
C6 OMC PB 1143 46.06 -1.64 -74.28
O2 OMC PB 1143 43.16 -1.12 -76.17
N4 OMC PB 1143 43.57 -1.76 -71.73
C1' OMC PB 1143 46.01 -1.33 -76.66
C2' OMC PB 1143 45.84 0.03 -77.36
O2' OMC PB 1143 45.67 -0.21 -78.74
CM2 OMC PB 1143 44.48 -0.88 -79.08
C3' OMC PB 1143 47.18 0.69 -77.10
C4' OMC PB 1143 48.15 -0.48 -77.06
O4' OMC PB 1143 47.38 -1.52 -76.41
O3' OMC PB 1143 47.56 1.64 -78.08
C5' OMC PB 1143 49.42 -0.24 -76.29
O5' OMC PB 1143 49.15 0.15 -74.95
P OMC PB 1143 50.02 -0.43 -73.77
OP1 OMC PB 1143 51.37 0.28 -73.80
OP2 OMC PB 1143 49.19 -0.43 -72.49
N1 OMU PB 1159 56.32 12.32 -81.86
C2 OMU PB 1159 57.09 11.42 -82.82
N3 OMU PB 1159 58.59 11.45 -82.83
C4 OMU PB 1159 59.30 12.34 -81.93
C5 OMU PB 1159 58.56 13.21 -80.99
C6 OMU PB 1159 57.08 13.18 -80.98
O2 OMU PB 1159 56.53 10.67 -83.62
O4 OMU PB 1159 60.44 12.35 -81.93
C1' OMU PB 1159 54.85 12.39 -81.75
C2' OMU PB 1159 54.17 11.02 -81.75
O2' OMU PB 1159 52.96 11.11 -82.48
CM2 OMU PB 1159 53.09 10.74 -83.81
C3' OMU PB 1159 53.89 10.80 -80.26
C4' OMU PB 1159 53.62 12.21 -79.77
O3' OMU PB 1159 52.80 9.93 -80.01
O4' OMU PB 1159 54.55 13.03 -80.53
C5' OMU PB 1159 53.83 12.43 -78.29
O5' OMU PB 1159 53.51 13.76 -77.92
P OMU PB 1159 54.64 14.74 -77.35
OP1 OMU PB 1159 54.44 14.86 -75.88
OP2 OMU PB 1159 55.96 14.28 -77.92
N1 OMU PB 1197 25.53 -11.23 -74.73
C2 OMU PB 1197 25.19 -12.67 -74.44
N3 OMU PB 1197 24.76 -13.56 -75.54
C4 OMU PB 1197 24.71 -13.04 -76.90
C5 OMU PB 1197 25.04 -11.62 -77.18
C6 OMU PB 1197 25.46 -10.72 -76.07
O2 OMU PB 1197 25.24 -13.07 -73.29
O4 OMU PB 1197 24.39 -13.72 -77.75
C1' OMU PB 1197 25.93 -10.34 -73.66
C2' OMU PB 1197 27.30 -9.70 -73.85
O2' OMU PB 1197 28.33 -10.56 -73.41
CM2 OMU PB 1197 29.61 -10.02 -73.59
C3' OMU PB 1197 27.16 -8.43 -73.04
C4' OMU PB 1197 25.69 -8.05 -73.26
O3' OMU PB 1197 27.34 -8.73 -71.65
O4' OMU PB 1197 25.01 -9.27 -73.63
C5' OMU PB 1197 25.43 -7.00 -74.32
O5' OMU PB 1197 26.29 -7.13 -75.45
P OMU PB 1197 26.91 -5.84 -76.14
OP1 OMU PB 1197 27.63 -6.28 -77.39
OP2 OMU PB 1197 25.82 -4.83 -76.25
P OMG PB 1199 22.80 -7.34 -67.32
OP1 OMG PB 1199 22.79 -8.77 -66.81
OP2 OMG PB 1199 22.32 -7.03 -68.74
O5' OMG PB 1199 21.95 -6.46 -66.30
C5' OMG PB 1199 22.41 -6.24 -64.98
C4' OMG PB 1199 21.57 -5.20 -64.29
O4' OMG PB 1199 22.00 -3.89 -64.70
C3' OMG PB 1199 20.09 -5.24 -64.63
O3' OMG PB 1199 19.39 -6.15 -63.79
C2' OMG PB 1199 19.64 -3.80 -64.44
O2' OMG PB 1199 19.35 -3.54 -63.08
CM2 OMG PB 1199 18.99 -2.20 -62.83
C1' OMG PB 1199 20.91 -3.02 -64.82
N9 OMG PB 1199 20.88 -2.51 -66.19
C8 OMG PB 1199 21.58 -2.99 -67.26
N7 OMG PB 1199 21.38 -2.29 -68.34
C5 OMG PB 1199 20.51 -1.31 -67.97
C6 OMG PB 1199 19.93 -0.26 -68.71
O6 OMG PB 1199 20.08 0.02 -69.90
N1 OMG PB 1199 19.10 0.52 -67.92
C2 OMG PB 1199 18.84 0.33 -66.60
N2 OMG PB 1199 18.00 1.19 -66.03
N3 OMG PB 1199 19.37 -0.64 -65.90
C4 OMG PB 1199 20.19 -1.42 -66.62
P 4AC PB 1208 5.25 -14.62 -83.83
OP1 4AC PB 1208 5.09 -15.54 -85.01
OP2 4AC PB 1208 4.19 -13.57 -83.55
O5' 4AC PB 1208 5.46 -15.50 -82.52
C5' 4AC PB 1208 6.45 -16.52 -82.50
C4' 4AC PB 1208 6.73 -17.02 -81.11
O4' 4AC PB 1208 7.23 -15.94 -80.28
C3' 4AC PB 1208 5.55 -17.56 -80.32
O3' 4AC PB 1208 5.23 -18.89 -80.68
C2' 4AC PB 1208 6.02 -17.42 -78.89
O2' 4AC PB 1208 6.89 -18.48 -78.54
C1' 4AC PB 1208 6.83 -16.13 -78.94
N1 4AC PB 1208 6.05 -14.95 -78.50
C2 4AC PB 1208 6.01 -14.66 -77.14
O2 4AC PB 1208 6.61 -15.40 -76.35
N3 4AC PB 1208 5.30 -13.59 -76.72
C4 4AC PB 1208 4.66 -12.83 -77.61
N4 4AC PB 1208 3.97 -11.75 -77.02
C5 4AC PB 1208 4.70 -13.10 -78.99
C6 4AC PB 1208 5.40 -14.16 -79.40
C7 4AC PB 1208 3.19 -10.81 -77.60
O7 4AC PB 1208 2.96 -10.74 -78.80
CM7 4AC PB 1208 2.59 -9.82 -76.65
N1 PSU PB 1238 -27.95 -30.89 -80.33
C2 PSU PB 1238 -27.31 -29.68 -80.46
N3 PSU PB 1238 -26.77 -29.30 -81.66
C4 PSU PB 1238 -26.89 -30.14 -82.74
C5 PSU PB 1238 -27.52 -31.36 -82.61
C6 PSU PB 1238 -28.06 -31.72 -81.38
O2 PSU PB 1238 -27.21 -28.93 -79.49
O4 PSU PB 1238 -26.41 -29.80 -83.82
C1' PSU PB 1238 -27.67 -32.29 -83.78
C2' PSU PB 1238 -26.38 -33.07 -84.07
O2' PSU PB 1238 -26.30 -33.32 -85.46
C3' PSU PB 1238 -26.66 -34.38 -83.32
C4' PSU PB 1238 -28.15 -34.57 -83.54
O3' PSU PB 1238 -25.89 -35.46 -83.78
O4' PSU PB 1238 -28.69 -33.22 -83.50
C5' PSU PB 1238 -28.83 -35.42 -82.51
O5' PSU PB 1238 -28.50 -34.98 -81.19
P PSU PB 1238 -29.27 -35.55 -79.93
OP1 PSU PB 1238 -29.01 -37.01 -79.80
OP2 PSU PB 1238 -28.83 -34.62 -78.87
P A2M PB 1254 -22.02 -13.13 -94.58
OP1 A2M PB 1254 -21.70 -13.56 -95.98
O5' A2M PB 1254 -20.65 -12.40 -93.66
C5' A2M PB 1254 -20.37 -11.12 -93.94
C4' A2M PB 1254 -19.52 -10.53 -92.84
O4' A2M PB 1254 -20.35 -10.02 -91.82
C3' A2M PB 1254 -18.61 -11.55 -92.23
O3' A2M PB 1254 -17.60 -11.74 -93.16
C2' A2M PB 1254 -18.30 -10.91 -90.88
O2' A2M PB 1254 -17.39 -9.84 -90.96
C1' A2M PB 1254 -19.71 -10.35 -90.60
CM' A2M PB 1254 -17.51 -9.01 -89.83
N9 A2M PB 1254 -20.56 -11.24 -89.88
C8 A2M PB 1254 -21.73 -11.92 -90.23
N7 A2M PB 1254 -22.20 -12.68 -89.22
C5 A2M PB 1254 -21.29 -12.47 -88.21
C6 A2M PB 1254 -21.17 -12.93 -86.93
N6 A2M PB 1254 -22.09 -13.81 -86.39
N1 A2M PB 1254 -20.15 -12.57 -86.12
C2 A2M PB 1254 -19.26 -11.71 -86.64
N3 A2M PB 1254 -19.21 -11.17 -87.85
C4 A2M PB 1254 -20.26 -11.58 -88.60
OP2 A2M PB 1254 -22.29 -14.16 -93.54
N1 OMC PB 1262 -1.20 -28.63 -98.48
C2 OMC PB 1262 -1.44 -29.33 -97.29
N3 OMC PB 1262 -2.70 -29.66 -96.99
C4 OMC PB 1262 -3.69 -29.35 -97.78
C5 OMC PB 1262 -3.50 -28.63 -99.00
C6 OMC PB 1262 -2.23 -28.30 -99.28
O2 OMC PB 1262 -0.50 -29.62 -96.57
N4 OMC PB 1262 -4.93 -29.71 -97.44
C1' OMC PB 1262 0.16 -28.20 -98.87
C2' OMC PB 1262 0.97 -29.35 -99.48
O2' OMC PB 1262 2.34 -29.16 -99.15
CM2 OMC PB 1262 2.61 -29.15 -97.77
C3' OMC PB 1262 0.74 -29.11 -100.96
C4' OMC PB 1262 0.76 -27.60 -101.05
O4' OMC PB 1262 0.06 -27.19 -99.85
O3' OMC PB 1262 1.71 -29.74 -101.79
C5' OMC PB 1262 0.11 -27.00 -102.26
O5' OMC PB 1262 -1.28 -27.28 -102.31
P OMC PB 1262 -2.23 -26.50 -103.31
OP1 OMC PB 1262 -1.51 -26.35 -104.65
OP2 OMC PB 1262 -3.61 -27.13 -103.26
N1 OMU PB 1313 4.13 -49.87 -117.72
C2 OMU PB 1313 5.35 -50.70 -117.38
N3 OMU PB 1313 6.57 -50.59 -118.22
C4 OMU PB 1313 6.58 -49.69 -119.36
C5 OMU PB 1313 5.36 -48.87 -119.68
C6 OMU PB 1313 4.15 -48.99 -118.84
O2 OMU PB 1313 5.32 -51.45 -116.42
O4 OMU PB 1313 7.51 -49.61 -120.00
C1' OMU PB 1313 2.91 -49.98 -116.90
C2' OMU PB 1313 3.06 -49.33 -115.52
O2' OMU PB 1313 2.31 -50.08 -114.59
CM2 OMU PB 1313 2.80 -51.37 -114.37
C3' OMU PB 1313 2.42 -47.96 -115.76
C4' OMU PB 1313 1.30 -48.29 -116.73
O3' OMU PB 1313 1.95 -47.36 -114.57
O4' OMU PB 1313 1.87 -49.32 -117.58
C5' OMU PB 1313 0.85 -47.14 -117.57
O5' OMU PB 1313 1.20 -45.91 -116.96
P OMU PB 1313 1.53 -44.62 -117.83
OP1 OMU PB 1313 0.47 -44.47 -118.89
OP2 OMU PB 1313 1.85 -43.48 -116.89
P OMG PB 1361 4.21 -9.81 -67.44
OP1 OMG PB 1361 5.28 -9.94 -66.37
OP2 OMG PB 1361 4.60 -9.75 -68.91
O5' OMG PB 1361 3.19 -11.00 -67.22
C5' OMG PB 1361 3.39 -11.95 -66.18
C4' OMG PB 1361 3.90 -13.26 -66.74
O4' OMG PB 1361 3.00 -13.73 -67.76
C3' OMG PB 1361 5.26 -13.21 -67.41
O3' OMG PB 1361 6.32 -13.33 -66.49
C2' OMG PB 1361 5.19 -14.37 -68.40
O2' OMG PB 1361 5.44 -15.59 -67.76
CM2 OMG PB 1361 5.25 -16.72 -68.58
C1' OMG PB 1361 3.73 -14.32 -68.82
N9 OMG PB 1361 3.50 -13.50 -70.02
C8 OMG PB 1361 2.69 -12.40 -70.10
N7 OMG PB 1361 2.68 -11.89 -71.28
C5 OMG PB 1361 3.49 -12.68 -72.02
C6 OMG PB 1361 3.84 -12.60 -73.39
O6 OMG PB 1361 3.48 -11.78 -74.19
N1 OMG PB 1361 4.71 -13.64 -73.74
C2 OMG PB 1361 5.17 -14.60 -72.90
N2 OMG PB 1361 6.00 -15.51 -73.43
N3 OMG PB 1361 4.85 -14.68 -71.65
C4 OMG PB 1361 4.01 -13.70 -71.26
P G7M PB 1510 5.57 -50.59 -57.69
OP1 G7M PB 1510 5.05 -52.00 -57.76
OP2 G7M PB 1510 5.05 -49.58 -58.67
O5' G7M PB 1510 5.16 -50.10 -56.23
C5' G7M PB 1510 5.51 -50.90 -55.11
C4' G7M PB 1510 5.37 -50.12 -53.84
O4' G7M PB 1510 6.65 -49.53 -53.48
C3' G7M PB 1510 4.46 -48.91 -53.90
O3' G7M PB 1510 3.09 -49.26 -53.84
C2' G7M PB 1510 4.93 -48.06 -52.74
O2' G7M PB 1510 4.41 -48.55 -51.51
C1' G7M PB 1510 6.44 -48.35 -52.75
N9 G7M PB 1510 7.21 -47.24 -53.34
C8 G7M PB 1510 7.63 -47.78 -54.49
N7 G7M PB 1510 8.37 -46.85 -55.12
CN7 G7M PB 1510 8.99 -47.14 -56.42
C5 G7M PB 1510 8.39 -45.76 -54.36
C6 G7M PB 1510 9.07 -44.38 -54.56
O6 G7M PB 1510 9.70 -44.16 -55.53
N1 G7M PB 1510 8.92 -43.37 -53.55
C2 G7M PB 1510 8.14 -43.65 -52.37
N2 G7M PB 1510 7.99 -42.62 -51.36
N3 G7M PB 1510 7.50 -44.96 -52.20
C4 G7M PB 1510 7.66 -46.00 -53.24
N1 OMC PB 1574 -11.50 -4.72 -50.49
C2 OMC PB 1574 -12.04 -5.62 -49.57
N3 OMC PB 1574 -11.23 -6.54 -49.03
C4 OMC PB 1574 -9.97 -6.61 -49.35
C5 OMC PB 1574 -9.37 -5.71 -50.28
C6 OMC PB 1574 -10.19 -4.79 -50.82
O2 OMC PB 1574 -13.22 -5.54 -49.31
N4 OMC PB 1574 -9.23 -7.54 -48.77
C1' OMC PB 1574 -12.31 -3.69 -51.16
C2' OMC PB 1574 -12.68 -2.51 -50.26
O2' OMC PB 1574 -14.00 -2.13 -50.55
CM2 OMC PB 1574 -14.98 -2.82 -49.82
C3' OMC PB 1574 -11.70 -1.44 -50.73
C4' OMC PB 1574 -11.52 -1.76 -52.20
O4' OMC PB 1574 -11.60 -3.20 -52.27
O3' OMC PB 1574 -12.18 -0.14 -50.52
C5' OMC PB 1574 -10.22 -1.32 -52.81
O5' OMC PB 1574 -9.15 -2.18 -52.41
P OMC PB 1574 -7.81 -2.26 -53.26
OP1 OMC PB 1574 -7.44 -0.87 -53.73
OP2 OMC PB 1574 -6.80 -3.09 -52.48
C2 6MZ PB 1703 -15.25 -5.96 -46.81
C4 6MZ PB 1703 -15.75 -7.08 -44.85
C5 6MZ PB 1703 -14.52 -7.59 -44.82
O1P 6MZ PB 1703 -17.93 -13.14 -41.29
O2P 6MZ PB 1703 -15.58 -12.11 -41.92
N9 6MZ PB 1703 -16.41 -7.55 -43.77
N3 6MZ PB 1703 -16.12 -6.26 -45.83
N1 6MZ PB 1703 -14.00 -6.47 -46.79
C6 6MZ PB 1703 -13.64 -7.27 -45.83
N6 6MZ PB 1703 -12.25 -7.77 -45.90
C9 6MZ PB 1703 -11.90 -9.15 -45.63
N7 6MZ PB 1703 -14.42 -8.36 -43.73
C8 6MZ PB 1703 -15.59 -8.34 -43.09
O5' 6MZ PB 1703 -17.69 -10.77 -42.05
C5' 6MZ PB 1703 -18.79 -10.10 -41.48
C4' 6MZ PB 1703 -19.11 -8.86 -42.28
O4' 6MZ PB 1703 -18.02 -7.92 -42.14
C1' 6MZ PB 1703 -17.79 -7.25 -43.35
C2' 6MZ PB 1703 -18.84 -7.73 -44.36
O2' 6MZ PB 1703 -19.94 -6.83 -44.30
C3' 6MZ PB 1703 -19.23 -9.08 -43.77
O3' 6MZ PB 1703 -20.53 -9.50 -44.14
P 6MZ PB 1703 -16.99 -11.97 -41.29
P 4AC PB 1713 -26.92 -5.05 -36.11
OP1 4AC PB 1713 -26.30 -3.70 -35.82
OP2 4AC PB 1713 -26.30 -6.31 -35.55
O5' 4AC PB 1713 -28.43 -5.02 -35.64
C5' 4AC PB 1713 -29.32 -4.02 -36.10
C4' 4AC PB 1713 -30.68 -4.20 -35.51
O4' 4AC PB 1713 -31.24 -5.47 -35.94
C3' 4AC PB 1713 -30.74 -4.27 -33.99
O3' 4AC PB 1713 -30.74 -2.97 -33.40
C2' 4AC PB 1713 -32.00 -5.05 -33.73
O2' 4AC PB 1713 -33.14 -4.20 -33.86
C1' 4AC PB 1713 -32.00 -6.03 -34.89
N1 4AC PB 1713 -31.40 -7.33 -34.55
C2 4AC PB 1713 -32.06 -8.22 -33.69
O2 4AC PB 1713 -33.15 -7.87 -33.20
N3 4AC PB 1713 -31.49 -9.41 -33.40
C4 4AC PB 1713 -30.32 -9.74 -33.93
N4 4AC PB 1713 -29.85 -11.00 -33.55
C5 4AC PB 1713 -29.64 -8.88 -34.81
C6 4AC PB 1713 -30.20 -7.69 -35.10
C7 4AC PB 1713 -28.66 -11.59 -33.81
O7 4AC PB 1713 -27.74 -11.06 -34.42
CM7 4AC PB 1713 -28.53 -12.99 -33.28
C2 MA6 PB 1721 -7.24 -9.03 -33.98
C4 MA6 PB 1721 -8.16 -8.19 -32.02
C5 MA6 PB 1721 -8.33 -9.43 -31.55
P MA6 PB 1721 -10.84 -7.23 -26.66
OP1 MA6 PB 1721 -11.91 -6.53 -25.86
OP2 MA6 PB 1721 -10.91 -8.72 -26.94
O5' MA6 PB 1721 -10.71 -6.51 -28.07
C5' MA6 PB 1721 -10.44 -5.12 -28.16
C4' MA6 PB 1721 -9.95 -4.75 -29.53
O4' MA6 PB 1721 -8.68 -5.41 -29.78
C1' MA6 PB 1721 -8.63 -5.89 -31.10
N9 MA6 PB 1721 -8.61 -7.36 -31.07
N3 MA6 PB 1721 -7.60 -7.97 -33.23
N1 MA6 PB 1721 -7.41 -10.30 -33.50
C6 MA6 PB 1721 -7.95 -10.51 -32.33
N6 MA6 PB 1721 -7.95 -11.95 -32.23
C9 MA6 PB 1721 -7.64 -12.79 -33.38
C10 MA6 PB 1721 -8.27 -12.58 -30.92
N7 MA6 PB 1721 -8.89 -9.37 -30.33
C8 MA6 PB 1721 -9.08 -8.08 -30.02
C2' MA6 PB 1721 -9.85 -5.34 -31.82
O2' MA6 PB 1721 -9.50 -4.07 -32.33
C3' MA6 PB 1721 -10.83 -5.20 -30.68
O3' MA6 PB 1721 -11.89 -4.31 -30.95
C2 MA6 PB 1722 -10.34 -9.83 -36.65
C4 MA6 PB 1722 -11.42 -8.62 -34.98
C5 MA6 PB 1722 -11.57 -9.74 -34.26
P MA6 PB 1722 -13.36 -4.59 -30.38
OP1 MA6 PB 1722 -13.59 -3.65 -29.22
OP2 MA6 PB 1722 -13.47 -6.09 -30.17
O5' MA6 PB 1722 -14.31 -4.17 -31.57
C5' MA6 PB 1722 -14.72 -5.11 -32.54
C4' MA6 PB 1722 -13.89 -5.01 -33.79
O4' MA6 PB 1722 -12.55 -5.51 -33.52
C1' MA6 PB 1722 -12.07 -6.22 -34.64
N9 MA6 PB 1722 -11.95 -7.63 -34.27
N3 MA6 PB 1722 -10.81 -8.65 -36.18
N1 MA6 PB 1722 -10.49 -10.97 -35.92
C6 MA6 PB 1722 -11.08 -10.93 -34.75
N6 MA6 PB 1722 -11.03 -12.32 -34.33
C9 MA6 PB 1722 -11.34 -12.66 -32.94
C10 MA6 PB 1722 -10.71 -13.40 -35.30
N7 MA6 PB 1722 -12.20 -9.42 -33.11
C8 MA6 PB 1722 -12.46 -8.10 -33.11
C2' MA6 PB 1722 -13.07 -6.03 -35.76
O2' MA6 PB 1722 -12.75 -4.83 -36.45
C3' MA6 PB 1722 -14.35 -5.85 -34.97
O3' MA6 PB 1722 -15.40 -5.24 -35.69
N MET QB 1 -18.72 -39.55 -86.79
CA MET QB 1 -19.56 -38.36 -86.75
C MET QB 1 -18.83 -37.14 -87.34
N GLY QB 2 -19.59 -36.09 -87.63
CA GLY QB 2 -19.02 -34.88 -88.20
C GLY QB 2 -19.22 -34.71 -89.69
N ARG QB 3 -20.46 -34.87 -90.16
CA ARG QB 3 -20.78 -34.69 -91.57
C ARG QB 3 -21.82 -33.60 -91.80
N VAL QB 4 -22.00 -32.70 -90.84
CA VAL QB 4 -22.99 -31.64 -90.97
C VAL QB 4 -22.50 -30.62 -91.99
N ARG QB 5 -23.41 -30.07 -92.76
CA ARG QB 5 -23.08 -29.04 -93.73
C ARG QB 5 -22.98 -27.67 -93.06
N THR QB 6 -22.51 -26.70 -93.83
CA THR QB 6 -22.31 -25.34 -93.34
C THR QB 6 -23.32 -24.41 -94.00
N LYS QB 7 -23.49 -23.23 -93.39
CA LYS QB 7 -24.43 -22.25 -93.94
C LYS QB 7 -23.99 -21.75 -95.31
N THR QB 8 -22.69 -21.70 -95.57
CA THR QB 8 -22.23 -21.21 -96.87
C THR QB 8 -22.66 -22.15 -98.00
N VAL QB 9 -22.54 -23.45 -97.80
CA VAL QB 9 -23.01 -24.37 -98.82
C VAL QB 9 -24.54 -24.47 -98.82
N LYS QB 10 -25.17 -24.47 -97.64
CA LYS QB 10 -26.60 -24.64 -97.55
C LYS QB 10 -27.35 -23.49 -98.22
N LYS QB 11 -26.99 -22.25 -97.89
CA LYS QB 11 -27.70 -21.10 -98.44
C LYS QB 11 -27.51 -20.99 -99.94
N ALA QB 12 -26.30 -21.25 -100.43
CA ALA QB 12 -26.06 -21.22 -101.87
C ALA QB 12 -26.89 -22.28 -102.57
N ALA QB 13 -26.98 -23.47 -101.97
CA ALA QB 13 -27.84 -24.51 -102.56
C ALA QB 13 -29.29 -24.05 -102.61
N ARG QB 14 -29.77 -23.44 -101.52
CA ARG QB 14 -31.16 -22.96 -101.50
C ARG QB 14 -31.40 -21.93 -102.58
N VAL QB 15 -30.48 -20.96 -102.71
CA VAL QB 15 -30.65 -19.88 -103.66
C VAL QB 15 -30.64 -20.41 -105.09
N ILE QB 16 -29.72 -21.31 -105.40
CA ILE QB 16 -29.66 -21.81 -106.77
C ILE QB 16 -30.85 -22.70 -107.08
N ILE QB 17 -31.36 -23.45 -106.09
CA ILE QB 17 -32.56 -24.24 -106.33
C ILE QB 17 -33.74 -23.31 -106.62
N GLU QB 18 -33.88 -22.23 -105.84
CA GLU QB 18 -35.02 -21.35 -106.02
C GLU QB 18 -34.93 -20.56 -107.32
N LYS QB 19 -33.72 -20.17 -107.72
CA LYS QB 19 -33.60 -19.39 -108.95
C LYS QB 19 -33.62 -20.27 -110.19
N TYR QB 20 -32.78 -21.29 -110.23
CA TYR QB 20 -32.72 -22.24 -111.34
C TYR QB 20 -33.24 -23.57 -110.81
N TYR QB 21 -34.56 -23.75 -110.83
CA TYR QB 21 -35.09 -25.05 -110.41
C TYR QB 21 -35.23 -26.00 -111.58
N THR QB 22 -35.75 -25.50 -112.71
CA THR QB 22 -36.11 -26.39 -113.82
C THR QB 22 -34.88 -27.09 -114.38
N ARG QB 23 -33.75 -26.40 -114.44
CA ARG QB 23 -32.55 -27.00 -115.00
C ARG QB 23 -31.94 -28.06 -114.09
N LEU QB 24 -32.19 -27.99 -112.78
CA LEU QB 24 -31.59 -28.94 -111.86
C LEU QB 24 -32.23 -30.31 -112.01
N GLY QB 25 -31.75 -31.27 -111.23
CA GLY QB 25 -32.22 -32.63 -111.36
C GLY QB 25 -31.96 -33.44 -110.11
N ASN QB 26 -32.28 -34.73 -110.19
CA ASN QB 26 -32.12 -35.64 -109.08
C ASN QB 26 -30.85 -36.47 -109.15
N ASP QB 27 -29.99 -36.24 -110.15
CA ASP QB 27 -28.70 -36.90 -110.23
C ASP QB 27 -27.64 -35.96 -109.68
N PHE QB 28 -26.79 -36.47 -108.79
CA PHE QB 28 -25.75 -35.64 -108.20
C PHE QB 28 -24.79 -35.13 -109.25
N HIS QB 29 -24.37 -36.01 -110.17
CA HIS QB 29 -23.41 -35.61 -111.19
C HIS QB 29 -24.00 -34.53 -112.10
N THR QB 30 -25.26 -34.68 -112.47
CA THR QB 30 -25.93 -33.65 -113.26
C THR QB 30 -26.01 -32.34 -112.48
N ASN QB 31 -26.31 -32.43 -111.18
CA ASN QB 31 -26.43 -31.23 -110.36
C ASN QB 31 -25.10 -30.49 -110.28
N LYS QB 32 -24.01 -31.22 -110.07
CA LYS QB 32 -22.72 -30.57 -110.04
C LYS QB 32 -22.33 -30.03 -111.41
N ARG QB 33 -22.77 -30.68 -112.49
CA ARG QB 33 -22.46 -30.17 -113.82
C ARG QB 33 -23.14 -28.84 -114.08
N VAL QB 34 -24.43 -28.73 -113.78
CA VAL QB 34 -25.11 -27.45 -113.98
C VAL QB 34 -24.57 -26.40 -113.02
N CYS QB 35 -24.31 -26.78 -111.77
CA CYS QB 35 -23.79 -25.84 -110.79
C CYS QB 35 -22.44 -25.28 -111.21
N GLU QB 36 -21.58 -26.12 -111.78
CA GLU QB 36 -20.26 -25.69 -112.20
C GLU QB 36 -20.34 -24.51 -113.17
N GLU QB 37 -21.30 -24.54 -114.09
CA GLU QB 37 -21.34 -23.48 -115.09
C GLU QB 37 -22.21 -22.31 -114.66
N ILE QB 38 -23.34 -22.55 -113.99
CA ILE QB 38 -24.23 -21.44 -113.68
C ILE QB 38 -23.84 -20.73 -112.39
N ALA QB 39 -22.93 -21.31 -111.62
CA ALA QB 39 -22.47 -20.69 -110.38
C ALA QB 39 -20.96 -20.67 -110.37
N ILE QB 40 -20.40 -19.68 -109.67
CA ILE QB 40 -18.96 -19.51 -109.62
C ILE QB 40 -18.44 -20.01 -108.28
N ILE QB 41 -18.04 -21.28 -108.24
CA ILE QB 41 -17.46 -21.88 -107.04
C ILE QB 41 -15.97 -22.09 -107.31
N PRO QB 42 -15.09 -21.43 -106.56
CA PRO QB 42 -13.65 -21.60 -106.80
C PRO QB 42 -13.14 -23.01 -106.57
N SER QB 43 -13.76 -23.78 -105.68
CA SER QB 43 -13.21 -25.07 -105.27
C SER QB 43 -14.13 -26.22 -105.68
N LYS QB 44 -13.50 -27.32 -106.08
CA LYS QB 44 -14.25 -28.54 -106.38
C LYS QB 44 -14.96 -29.08 -105.15
N LYS QB 45 -14.31 -28.97 -103.99
CA LYS QB 45 -14.90 -29.46 -102.75
C LYS QB 45 -16.19 -28.73 -102.42
N LEU QB 46 -16.15 -27.41 -102.43
CA LEU QB 46 -17.36 -26.63 -102.24
C LEU QB 46 -18.38 -26.90 -103.33
N ARG QB 47 -17.91 -27.11 -104.57
CA ARG QB 47 -18.80 -27.38 -105.68
C ARG QB 47 -19.64 -28.64 -105.42
N ASN QB 48 -18.97 -29.76 -105.13
CA ASN QB 48 -19.74 -30.99 -104.99
C ASN QB 48 -20.47 -31.07 -103.67
N LYS QB 49 -20.03 -30.33 -102.64
CA LYS QB 49 -20.86 -30.22 -101.44
C LYS QB 49 -22.17 -29.50 -101.74
N ILE QB 50 -22.10 -28.42 -102.52
CA ILE QB 50 -23.30 -27.71 -102.94
C ILE QB 50 -24.20 -28.65 -103.73
N ALA QB 51 -23.61 -29.40 -104.66
CA ALA QB 51 -24.41 -30.32 -105.47
C ALA QB 51 -25.09 -31.39 -104.63
N GLY QB 52 -24.37 -31.94 -103.64
CA GLY QB 52 -24.99 -32.93 -102.78
C GLY QB 52 -26.16 -32.37 -101.99
N TYR QB 53 -26.01 -31.16 -101.45
CA TYR QB 53 -27.13 -30.57 -100.73
C TYR QB 53 -28.29 -30.28 -101.66
N VAL QB 54 -28.00 -29.86 -102.89
CA VAL QB 54 -29.04 -29.63 -103.88
C VAL QB 54 -29.80 -30.91 -104.16
N THR QB 55 -29.08 -32.03 -104.29
CA THR QB 55 -29.72 -33.31 -104.54
C THR QB 55 -30.62 -33.72 -103.37
N HIS QB 56 -30.14 -33.53 -102.14
CA HIS QB 56 -30.94 -33.90 -100.98
C HIS QB 56 -32.21 -33.07 -100.92
N LEU QB 57 -32.09 -31.77 -101.16
CA LEU QB 57 -33.29 -30.94 -101.19
C LEU QB 57 -34.19 -31.30 -102.36
N MET QB 58 -33.62 -31.81 -103.46
CA MET QB 58 -34.46 -32.29 -104.56
C MET QB 58 -35.31 -33.46 -104.11
N LYS QB 59 -34.70 -34.41 -103.40
CA LYS QB 59 -35.46 -35.52 -102.82
C LYS QB 59 -36.53 -35.01 -101.86
N ARG QB 60 -36.24 -33.96 -101.11
CA ARG QB 60 -37.25 -33.43 -100.20
C ARG QB 60 -38.41 -32.78 -100.96
N ILE QB 61 -38.09 -31.94 -101.95
CA ILE QB 61 -39.11 -31.15 -102.62
C ILE QB 61 -39.96 -31.98 -103.55
N GLN QB 62 -39.44 -33.11 -104.03
CA GLN QB 62 -40.28 -33.94 -104.89
C GLN QB 62 -41.38 -34.66 -104.13
N ARG QB 63 -41.37 -34.61 -102.79
CA ARG QB 63 -42.39 -35.30 -102.01
C ARG QB 63 -42.94 -34.46 -100.88
N GLY QB 64 -42.50 -33.21 -100.70
CA GLY QB 64 -43.06 -32.35 -99.69
C GLY QB 64 -42.46 -30.97 -99.73
N PRO QB 65 -43.31 -29.94 -99.61
CA PRO QB 65 -42.80 -28.56 -99.59
C PRO QB 65 -41.92 -28.31 -98.40
N VAL QB 66 -40.88 -27.50 -98.62
CA VAL QB 66 -39.90 -27.22 -97.59
C VAL QB 66 -39.87 -25.72 -97.34
N ARG QB 67 -38.97 -25.28 -96.46
CA ARG QB 67 -38.82 -23.86 -96.20
C ARG QB 67 -38.42 -23.11 -97.46
N GLY QB 68 -37.64 -23.76 -98.33
CA GLY QB 68 -37.41 -23.20 -99.66
C GLY QB 68 -38.71 -23.12 -100.43
N ILE QB 69 -38.92 -21.99 -101.09
CA ILE QB 69 -40.18 -21.67 -101.76
C ILE QB 69 -39.91 -21.39 -103.23
N SER QB 70 -40.70 -22.01 -104.10
CA SER QB 70 -40.67 -21.73 -105.53
C SER QB 70 -42.06 -21.29 -105.95
N ILE QB 71 -42.15 -20.20 -106.70
CA ILE QB 71 -43.45 -19.60 -106.97
C ILE QB 71 -44.27 -20.49 -107.90
N LYS QB 72 -43.66 -21.03 -108.95
CA LYS QB 72 -44.37 -21.95 -109.83
C LYS QB 72 -44.75 -23.24 -109.11
N LEU QB 73 -43.87 -23.71 -108.22
CA LEU QB 73 -44.18 -24.88 -107.41
C LEU QB 73 -45.41 -24.63 -106.56
N GLN QB 74 -45.50 -23.45 -105.95
CA GLN QB 74 -46.66 -23.13 -105.12
C GLN QB 74 -47.92 -22.98 -105.96
N GLU QB 75 -47.80 -22.39 -107.16
CA GLU QB 75 -48.96 -22.31 -108.05
C GLU QB 75 -49.47 -23.70 -108.41
N GLU QB 76 -48.56 -24.62 -108.72
CA GLU QB 76 -48.98 -25.97 -109.05
C GLU QB 76 -49.56 -26.69 -107.84
N GLU QB 77 -48.98 -26.46 -106.66
CA GLU QB 77 -49.45 -27.15 -105.47
C GLU QB 77 -50.82 -26.64 -105.03
N ARG QB 78 -51.12 -25.35 -105.26
CA ARG QB 78 -52.46 -24.87 -104.99
C ARG QB 78 -53.43 -25.28 -106.09
N GLU QB 79 -52.97 -25.41 -107.35
CA GLU QB 79 -53.83 -25.91 -108.41
C GLU QB 79 -54.28 -27.33 -108.12
N ARG QB 80 -53.34 -28.22 -107.84
CA ARG QB 80 -53.70 -29.56 -107.43
C ARG QB 80 -54.04 -29.55 -105.95
N ARG QB 81 -54.28 -30.74 -105.39
CA ARG QB 81 -54.66 -30.91 -103.98
C ARG QB 81 -55.89 -30.06 -103.65
N ASP QB 82 -56.89 -30.13 -104.52
CA ASP QB 82 -58.13 -29.40 -104.33
C ASP QB 82 -58.83 -29.87 -103.07
N ASN QB 83 -59.29 -31.12 -103.08
CA ASN QB 83 -60.09 -31.66 -101.99
C ASN QB 83 -60.12 -33.17 -102.12
N TYR QB 84 -60.54 -33.81 -101.03
CA TYR QB 84 -61.01 -35.18 -101.10
C TYR QB 84 -62.31 -35.28 -101.89
N VAL QB 85 -62.94 -34.15 -102.19
CA VAL QB 85 -64.24 -33.98 -102.84
C VAL QB 85 -65.22 -35.06 -102.38
N PRO QB 86 -65.63 -35.04 -101.12
CA PRO QB 86 -66.59 -36.05 -100.65
C PRO QB 86 -67.90 -35.97 -101.41
N GLU QB 87 -68.51 -37.14 -101.62
CA GLU QB 87 -69.79 -37.18 -102.31
C GLU QB 87 -70.86 -36.44 -101.53
N VAL QB 88 -70.86 -36.56 -100.21
CA VAL QB 88 -71.72 -35.79 -99.33
C VAL QB 88 -70.84 -35.01 -98.35
N SER QB 89 -71.23 -33.77 -98.08
CA SER QB 89 -70.49 -32.96 -97.14
C SER QB 89 -70.63 -33.52 -95.72
N ALA QB 90 -69.59 -33.34 -94.93
CA ALA QB 90 -69.62 -33.85 -93.57
C ALA QB 90 -70.62 -33.11 -92.69
N LEU QB 91 -71.11 -31.96 -93.13
CA LEU QB 91 -71.94 -31.09 -92.31
C LEU QB 91 -73.29 -30.85 -92.96
N ASP QB 92 -73.91 -31.92 -93.47
CA ASP QB 92 -75.27 -31.84 -93.98
C ASP QB 92 -76.07 -33.04 -93.48
N GLN QB 93 -75.74 -33.51 -92.29
CA GLN QB 93 -76.26 -34.76 -91.78
C GLN QB 93 -77.77 -34.67 -91.54
N GLU QB 94 -78.44 -35.82 -91.69
CA GLU QB 94 -79.90 -35.83 -91.65
C GLU QB 94 -80.44 -35.53 -90.26
N ILE QB 95 -79.68 -35.87 -89.21
CA ILE QB 95 -80.09 -35.56 -87.85
C ILE QB 95 -78.92 -34.90 -87.13
N ILE QB 96 -79.27 -33.99 -86.22
CA ILE QB 96 -78.29 -33.21 -85.47
C ILE QB 96 -78.61 -33.33 -83.99
N GLU QB 97 -77.68 -33.87 -83.22
CA GLU QB 97 -77.80 -33.88 -81.76
C GLU QB 97 -77.75 -32.45 -81.25
N VAL QB 98 -78.65 -32.11 -80.33
CA VAL QB 98 -78.81 -30.72 -79.90
C VAL QB 98 -79.04 -30.69 -78.40
N ASP QB 99 -78.27 -29.86 -77.71
CA ASP QB 99 -78.50 -29.60 -76.29
C ASP QB 99 -79.86 -28.92 -76.12
N PRO QB 100 -80.63 -29.28 -75.08
CA PRO QB 100 -81.90 -28.58 -74.85
C PRO QB 100 -81.75 -27.07 -74.70
N ASP QB 101 -80.67 -26.62 -74.09
CA ASP QB 101 -80.42 -25.19 -73.96
C ASP QB 101 -80.28 -24.54 -75.33
N THR QB 102 -79.48 -25.15 -76.22
CA THR QB 102 -79.36 -24.60 -77.57
C THR QB 102 -80.64 -24.75 -78.36
N LYS QB 103 -81.46 -25.76 -78.05
CA LYS QB 103 -82.73 -25.90 -78.76
C LYS QB 103 -83.66 -24.76 -78.42
N GLU QB 104 -83.79 -24.43 -77.13
CA GLU QB 104 -84.63 -23.28 -76.79
C GLU QB 104 -84.00 -21.95 -77.22
N MET QB 105 -82.66 -21.89 -77.30
CA MET QB 105 -82.02 -20.72 -77.88
C MET QB 105 -82.40 -20.55 -79.35
N LEU QB 106 -82.40 -21.65 -80.11
CA LEU QB 106 -82.83 -21.60 -81.50
C LEU QB 106 -84.32 -21.34 -81.62
N LYS QB 107 -85.10 -21.77 -80.63
CA LYS QB 107 -86.51 -21.42 -80.58
C LYS QB 107 -86.70 -19.91 -80.43
N LEU QB 108 -85.92 -19.28 -79.55
CA LEU QB 108 -85.91 -17.82 -79.50
C LEU QB 108 -85.33 -17.18 -80.75
N LEU QB 109 -84.45 -17.90 -81.46
CA LEU QB 109 -83.94 -17.47 -82.75
C LEU QB 109 -84.96 -17.64 -83.86
N ASP QB 110 -86.05 -18.35 -83.58
CA ASP QB 110 -87.24 -18.69 -84.35
C ASP QB 110 -86.94 -19.64 -85.52
N PHE QB 111 -85.70 -20.10 -85.67
CA PHE QB 111 -85.35 -21.06 -86.71
C PHE QB 111 -85.29 -22.49 -86.18
N GLY QB 112 -86.07 -22.80 -85.16
CA GLY QB 112 -86.20 -24.15 -84.65
C GLY QB 112 -87.28 -24.91 -85.37
N SER QB 113 -87.89 -25.86 -84.65
CA SER QB 113 -89.02 -26.66 -85.13
C SER QB 113 -88.72 -27.37 -86.45
N LEU QB 114 -87.54 -27.95 -86.55
CA LEU QB 114 -87.15 -28.77 -87.69
C LEU QB 114 -86.85 -30.19 -87.23
N SER QB 115 -87.29 -31.17 -88.02
CA SER QB 115 -86.98 -32.56 -87.73
C SER QB 115 -85.52 -32.90 -88.01
N ASN QB 116 -84.76 -31.98 -88.61
CA ASN QB 116 -83.35 -32.22 -88.88
C ASN QB 116 -82.50 -32.15 -87.62
N LEU QB 117 -83.00 -31.53 -86.55
CA LEU QB 117 -82.30 -31.47 -85.28
C LEU QB 117 -83.20 -32.02 -84.18
N GLN QB 118 -82.57 -32.70 -83.22
CA GLN QB 118 -83.30 -33.37 -82.14
C GLN QB 118 -82.67 -33.00 -80.80
N VAL QB 119 -83.48 -33.14 -79.75
CA VAL QB 119 -83.10 -32.74 -78.40
C VAL QB 119 -82.78 -33.98 -77.60
N THR QB 120 -81.62 -33.98 -76.95
CA THR QB 120 -81.17 -35.12 -76.17
C THR QB 120 -81.32 -34.85 -74.68
N GLN QB 121 -81.12 -35.89 -73.89
CA GLN QB 121 -81.20 -35.77 -72.44
C GLN QB 121 -80.06 -34.92 -71.93
N PRO QB 122 -80.34 -33.85 -71.18
CA PRO QB 122 -79.25 -33.10 -70.55
C PRO QB 122 -78.51 -33.95 -69.53
N THR QB 123 -77.18 -33.79 -69.51
CA THR QB 123 -76.36 -34.55 -68.57
C THR QB 123 -76.56 -34.02 -67.16
N VAL QB 124 -76.45 -34.94 -66.19
CA VAL QB 124 -76.73 -34.64 -64.79
C VAL QB 124 -75.50 -35.01 -63.97
N GLY QB 125 -75.15 -34.14 -63.03
CA GLY QB 125 -74.01 -34.36 -62.18
C GLY QB 125 -73.27 -33.06 -61.95
N MET QB 126 -73.31 -32.19 -62.94
CA MET QB 126 -72.79 -30.82 -62.85
C MET QB 126 -71.30 -30.78 -62.55
N ASN QB 127 -70.58 -31.88 -62.80
CA ASN QB 127 -69.16 -31.99 -62.49
C ASN QB 127 -68.38 -31.97 -63.79
N PHE QB 128 -67.74 -30.84 -64.06
CA PHE QB 128 -66.89 -30.71 -65.23
C PHE QB 128 -65.54 -30.08 -64.90
N LYS QB 129 -65.24 -29.87 -63.63
CA LYS QB 129 -64.02 -29.19 -63.23
C LYS QB 129 -62.99 -30.19 -62.69
N THR QB 130 -61.75 -29.97 -63.05
CA THR QB 130 -60.67 -30.82 -62.61
C THR QB 130 -60.48 -30.69 -61.09
N PRO QB 131 -60.23 -31.79 -60.39
CA PRO QB 131 -59.93 -31.70 -58.96
C PRO QB 131 -58.70 -30.82 -58.70
N ARG QB 132 -58.75 -30.10 -57.60
CA ARG QB 132 -57.72 -29.11 -57.30
C ARG QB 132 -56.60 -29.73 -56.48
N GLY QB 133 -55.46 -29.05 -56.46
CA GLY QB 133 -54.30 -29.52 -55.77
C GLY QB 133 -53.49 -30.46 -56.64
N PRO QB 134 -52.24 -30.71 -56.27
CA PRO QB 134 -51.44 -31.69 -57.01
C PRO QB 134 -52.00 -33.09 -56.81
N VAL QB 135 -52.14 -33.82 -57.93
CA VAL QB 135 -52.76 -35.15 -58.03
C VAL QB 135 -53.95 -35.33 -57.08
N MET RB 1 29.70 -27.89 -112.03
CA MET RB 1 30.88 -27.07 -112.20
C MET RB 1 31.51 -26.77 -110.84
N ALA RB 2 32.81 -26.99 -110.73
CA ALA RB 2 33.49 -26.82 -109.44
C ALA RB 2 33.55 -25.36 -109.02
N VAL RB 3 33.78 -24.46 -109.98
CA VAL RB 3 33.75 -23.04 -109.66
C VAL RB 3 32.34 -22.60 -109.28
N GLN RB 4 31.35 -23.03 -110.06
CA GLN RB 4 29.96 -22.70 -109.77
C GLN RB 4 29.49 -23.46 -108.53
N ILE RB 5 28.40 -22.98 -107.94
CA ILE RB 5 27.89 -23.52 -106.69
C ILE RB 5 26.58 -24.26 -106.99
N SER RB 6 26.08 -24.96 -105.99
CA SER RB 6 24.85 -25.73 -106.14
C SER RB 6 23.66 -24.81 -106.40
N LYS RB 7 22.65 -25.36 -107.06
CA LYS RB 7 21.43 -24.60 -107.35
C LYS RB 7 20.73 -24.19 -106.06
N LYS RB 8 20.74 -25.08 -105.07
CA LYS RB 8 20.18 -24.75 -103.76
C LYS RB 8 20.86 -23.50 -103.19
N ARG RB 9 22.19 -23.50 -103.16
CA ARG RB 9 22.92 -22.35 -102.66
C ARG RB 9 22.73 -21.14 -103.56
N LYS RB 10 22.48 -21.34 -104.85
CA LYS RB 10 22.23 -20.23 -105.75
C LYS RB 10 20.95 -19.50 -105.37
N PHE RB 11 19.86 -20.25 -105.21
CA PHE RB 11 18.60 -19.63 -104.83
C PHE RB 11 18.68 -19.03 -103.43
N VAL RB 12 19.39 -19.70 -102.52
CA VAL RB 12 19.57 -19.15 -101.19
C VAL RB 12 20.31 -17.82 -101.26
N ALA RB 13 21.36 -17.76 -102.06
CA ALA RB 13 22.15 -16.54 -102.16
C ALA RB 13 21.33 -15.41 -102.76
N ASP RB 14 20.53 -15.71 -103.79
CA ASP RB 14 19.73 -14.66 -104.40
C ASP RB 14 18.65 -14.16 -103.45
N GLY RB 15 18.03 -15.06 -102.69
CA GLY RB 15 17.07 -14.61 -101.69
C GLY RB 15 17.72 -13.76 -100.61
N ILE RB 16 18.92 -14.13 -100.18
CA ILE RB 16 19.63 -13.35 -99.18
C ILE RB 16 19.95 -11.97 -99.73
N PHE RB 17 20.38 -11.91 -101.00
CA PHE RB 17 20.66 -10.62 -101.61
C PHE RB 17 19.41 -9.77 -101.68
N LYS RB 18 18.29 -10.37 -102.05
CA LYS RB 18 17.03 -9.63 -102.11
C LYS RB 18 16.65 -9.08 -100.74
N ALA RB 19 16.80 -9.90 -99.70
CA ALA RB 19 16.46 -9.46 -98.36
C ALA RB 19 17.35 -8.31 -97.91
N GLU RB 20 18.66 -8.44 -98.11
CA GLU RB 20 19.57 -7.37 -97.71
C GLU RB 20 19.28 -6.10 -98.51
N LEU RB 21 19.04 -6.25 -99.80
CA LEU RB 21 18.74 -5.10 -100.65
C LEU RB 21 17.48 -4.39 -100.19
N ASN RB 22 16.44 -5.16 -99.88
CA ASN RB 22 15.18 -4.58 -99.44
C ASN RB 22 15.34 -3.86 -98.11
N GLU RB 23 16.08 -4.47 -97.18
CA GLU RB 23 16.30 -3.83 -95.89
C GLU RB 23 17.10 -2.53 -96.04
N PHE RB 24 18.17 -2.57 -96.84
CA PHE RB 24 18.99 -1.38 -97.02
C PHE RB 24 18.21 -0.29 -97.72
N LEU RB 25 17.43 -0.64 -98.74
CA LEU RB 25 16.64 0.36 -99.43
C LEU RB 25 15.55 0.93 -98.52
N THR RB 26 15.01 0.11 -97.61
CA THR RB 26 14.08 0.64 -96.62
C THR RB 26 14.76 1.67 -95.73
N ARG RB 27 15.91 1.32 -95.17
CA ARG RB 27 16.62 2.24 -94.28
C ARG RB 27 17.19 3.43 -95.04
N GLU RB 28 17.25 3.37 -96.36
CA GLU RB 28 17.75 4.48 -97.16
C GLU RB 28 16.65 5.40 -97.63
N LEU RB 29 15.45 4.88 -97.91
CA LEU RB 29 14.37 5.66 -98.49
C LEU RB 29 13.11 5.63 -97.64
N ALA RB 30 13.26 5.43 -96.33
CA ALA RB 30 12.09 5.39 -95.45
C ALA RB 30 11.32 6.70 -95.48
N GLU RB 31 12.03 7.82 -95.47
CA GLU RB 31 11.37 9.12 -95.57
C GLU RB 31 10.92 9.45 -96.99
N ASP RB 32 11.43 8.75 -98.00
CA ASP RB 32 11.10 9.01 -99.39
C ASP RB 32 9.90 8.22 -99.86
N GLY RB 33 9.09 7.71 -98.94
CA GLY RB 33 7.96 6.89 -99.32
C GLY RB 33 8.37 5.58 -99.98
N TYR RB 34 9.36 4.90 -99.43
CA TYR RB 34 9.72 3.59 -99.96
C TYR RB 34 8.57 2.63 -99.80
N SER RB 35 8.26 1.90 -100.86
CA SER RB 35 7.24 0.87 -100.80
C SER RB 35 7.80 -0.51 -101.04
N GLY RB 36 8.53 -0.71 -102.14
CA GLY RB 36 9.01 -2.04 -102.43
C GLY RB 36 10.11 -2.03 -103.45
N VAL RB 37 10.54 -3.23 -103.83
CA VAL RB 37 11.62 -3.37 -104.80
C VAL RB 37 11.50 -4.75 -105.44
N GLU RB 38 11.98 -4.86 -106.67
CA GLU RB 38 12.05 -6.16 -107.32
C GLU RB 38 13.30 -6.21 -108.20
N VAL RB 39 13.72 -7.44 -108.51
CA VAL RB 39 14.91 -7.70 -109.32
C VAL RB 39 14.53 -8.67 -110.42
N ARG RB 40 14.95 -8.36 -111.65
CA ARG RB 40 14.91 -9.30 -112.75
C ARG RB 40 16.36 -9.60 -113.11
N VAL RB 41 16.79 -10.83 -112.86
CA VAL RB 41 18.18 -11.23 -113.07
C VAL RB 41 18.26 -12.05 -114.36
N THR RB 42 19.12 -11.61 -115.26
CA THR RB 42 19.47 -12.32 -116.48
C THR RB 42 20.98 -12.39 -116.54
N PRO RB 43 21.54 -13.38 -117.24
CA PRO RB 43 23.01 -13.46 -117.33
C PRO RB 43 23.64 -12.22 -117.92
N THR RB 44 22.92 -11.51 -118.80
CA THR RB 44 23.46 -10.27 -119.35
C THR RB 44 23.57 -9.19 -118.30
N ARG RB 45 22.53 -9.02 -117.48
CA ARG RB 45 22.48 -7.91 -116.53
C ARG RB 45 21.35 -8.18 -115.54
N THR RB 46 21.32 -7.37 -114.49
CA THR RB 46 20.24 -7.40 -113.51
C THR RB 46 19.58 -6.04 -113.51
N GLU RB 47 18.25 -6.02 -113.48
CA GLU RB 47 17.48 -4.79 -113.44
C GLU RB 47 16.72 -4.74 -112.14
N ILE RB 48 16.95 -3.70 -111.35
CA ILE RB 48 16.33 -3.54 -110.04
C ILE RB 48 15.42 -2.34 -110.12
N ILE RB 49 14.14 -2.55 -109.83
CA ILE RB 49 13.13 -1.51 -109.94
C ILE RB 49 12.57 -1.26 -108.54
N ILE RB 50 12.57 0.00 -108.13
CA ILE RB 50 12.19 0.40 -106.79
C ILE RB 50 10.86 1.12 -106.87
N LEU RB 51 9.85 0.59 -106.17
CA LEU RB 51 8.54 1.19 -106.09
C LEU RB 51 8.53 2.20 -104.94
N ALA RB 52 8.32 3.47 -105.27
CA ALA RB 52 8.28 4.52 -104.27
C ALA RB 52 7.15 5.49 -104.59
N THR RB 53 6.86 6.36 -103.62
CA THR RB 53 5.76 7.32 -103.80
C THR RB 53 6.22 8.57 -104.52
N ARG RB 54 7.43 9.05 -104.21
CA ARG RB 54 7.96 10.26 -104.82
C ARG RB 54 9.26 9.90 -105.53
N THR RB 55 9.12 9.42 -106.77
CA THR RB 55 10.28 9.11 -107.58
C THR RB 55 11.07 10.36 -107.93
N GLN RB 56 10.42 11.52 -107.96
CA GLN RB 56 11.13 12.77 -108.15
C GLN RB 56 12.10 13.04 -107.01
N ASN RB 57 11.77 12.58 -105.80
CA ASN RB 57 12.71 12.70 -104.69
C ASN RB 57 13.68 11.54 -104.62
N VAL RB 58 13.26 10.36 -105.08
CA VAL RB 58 14.19 9.23 -105.18
C VAL RB 58 15.31 9.57 -106.14
N LEU RB 59 14.97 10.13 -107.30
CA LEU RB 59 15.94 10.76 -108.16
C LEU RB 59 16.58 11.94 -107.45
N GLY RB 60 17.87 12.13 -107.67
CA GLY RB 60 18.58 13.27 -107.15
C GLY RB 60 18.47 14.45 -108.07
N GLU RB 61 19.41 15.39 -107.91
CA GLU RB 61 19.51 16.51 -108.83
C GLU RB 61 19.93 15.96 -110.18
N LYS RB 62 18.97 15.88 -111.10
CA LYS RB 62 19.11 15.16 -112.36
C LYS RB 62 19.49 13.70 -112.12
N GLY RB 63 18.95 13.13 -111.05
CA GLY RB 63 19.23 11.73 -110.72
C GLY RB 63 20.54 11.50 -110.00
N ARG RB 64 21.02 12.50 -109.25
CA ARG RB 64 22.26 12.33 -108.49
C ARG RB 64 22.12 11.25 -107.43
N ARG RB 65 21.00 11.23 -106.72
CA ARG RB 65 20.75 10.17 -105.74
C ARG RB 65 20.72 8.81 -106.41
N ILE RB 66 20.09 8.72 -107.57
CA ILE RB 66 19.99 7.43 -108.26
C ILE RB 66 21.36 6.95 -108.72
N ARG RB 67 22.19 7.86 -109.22
CA ARG RB 67 23.56 7.49 -109.56
C ARG RB 67 24.32 7.01 -108.33
N GLU RB 68 24.14 7.72 -107.20
CA GLU RB 68 24.81 7.33 -105.96
C GLU RB 68 24.42 5.92 -105.53
N LEU RB 69 23.11 5.62 -105.56
CA LEU RB 69 22.62 4.29 -105.17
C LEU RB 69 23.08 3.21 -106.13
N THR RB 70 22.98 3.45 -107.44
CA THR RB 70 23.34 2.41 -108.39
C THR RB 70 24.85 2.16 -108.38
N ALA RB 71 25.64 3.15 -107.98
CA ALA RB 71 27.06 2.86 -107.78
C ALA RB 71 27.29 2.08 -106.51
N VAL RB 72 26.61 2.47 -105.42
CA VAL RB 72 26.95 1.87 -104.13
C VAL RB 72 26.51 0.42 -104.07
N VAL RB 73 25.44 0.06 -104.78
CA VAL RB 73 25.03 -1.34 -104.75
C VAL RB 73 26.04 -2.22 -105.47
N GLN RB 74 26.60 -1.75 -106.58
CA GLN RB 74 27.67 -2.49 -107.24
C GLN RB 74 28.89 -2.59 -106.34
N LYS RB 75 29.22 -1.50 -105.65
CA LYS RB 75 30.36 -1.53 -104.73
C LYS RB 75 30.18 -2.61 -103.68
N ARG RB 76 28.98 -2.70 -103.10
CA ARG RB 76 28.75 -3.65 -102.02
C ARG RB 76 28.72 -5.08 -102.54
N PHE RB 77 27.99 -5.33 -103.61
CA PHE RB 77 27.71 -6.70 -104.03
C PHE RB 77 28.66 -7.22 -105.11
N GLY RB 78 29.68 -6.45 -105.46
CA GLY RB 78 30.66 -6.93 -106.43
C GLY RB 78 30.12 -7.13 -107.81
N PHE RB 79 29.27 -6.22 -108.28
CA PHE RB 79 28.69 -6.33 -109.60
C PHE RB 79 29.62 -5.74 -110.65
N PRO RB 80 29.43 -6.10 -111.91
CA PRO RB 80 30.11 -5.38 -113.00
C PRO RB 80 29.48 -4.01 -113.21
N GLU RB 81 30.19 -3.19 -113.99
CA GLU RB 81 29.76 -1.81 -114.22
C GLU RB 81 28.42 -1.77 -114.96
N GLY RB 82 28.28 -2.54 -116.02
CA GLY RB 82 27.09 -2.55 -116.83
C GLY RB 82 26.15 -3.72 -116.64
N SER RB 83 26.37 -4.54 -115.62
CA SER RB 83 25.49 -5.67 -115.35
C SER RB 83 24.57 -5.44 -114.16
N VAL RB 84 24.55 -4.22 -113.61
CA VAL RB 84 23.63 -3.84 -112.54
C VAL RB 84 22.95 -2.55 -112.94
N GLU RB 85 21.62 -2.53 -112.88
CA GLU RB 85 20.84 -1.40 -113.35
C GLU RB 85 19.77 -1.05 -112.34
N LEU RB 86 19.49 0.25 -112.22
CA LEU RB 86 18.61 0.76 -111.18
C LEU RB 86 17.56 1.66 -111.80
N TYR RB 87 16.30 1.42 -111.47
CA TYR RB 87 15.18 2.19 -111.99
C TYR RB 87 14.23 2.53 -110.86
N ALA RB 88 13.62 3.70 -110.96
CA ALA RB 88 12.63 4.17 -109.99
C ALA RB 88 11.27 4.19 -110.66
N GLU RB 89 10.29 3.56 -110.00
CA GLU RB 89 8.93 3.50 -110.51
C GLU RB 89 7.97 3.98 -109.42
N LYS RB 90 7.00 4.78 -109.83
CA LYS RB 90 5.99 5.25 -108.90
C LYS RB 90 5.02 4.13 -108.55
N VAL RB 91 4.50 4.19 -107.34
CA VAL RB 91 3.61 3.18 -106.81
C VAL RB 91 2.20 3.42 -107.35
N ALA RB 92 1.64 2.40 -108.00
CA ALA RB 92 0.24 2.44 -108.38
C ALA RB 92 -0.64 2.33 -107.14
N THR RB 93 -1.73 3.10 -107.13
CA THR RB 93 -2.70 3.20 -106.02
C THR RB 93 -2.00 3.17 -104.66
N ARG RB 94 -1.20 4.22 -104.43
CA ARG RB 94 -0.31 4.26 -103.27
C ARG RB 94 -1.06 4.27 -101.95
N GLY RB 95 -2.37 4.54 -101.95
CA GLY RB 95 -3.12 4.48 -100.72
C GLY RB 95 -3.34 3.07 -100.22
N LEU RB 96 -3.09 2.07 -101.06
CA LEU RB 96 -3.35 0.68 -100.72
C LEU RB 96 -2.09 -0.12 -100.46
N CYS RB 97 -0.93 0.53 -100.38
CA CYS RB 97 0.31 -0.14 -100.04
C CYS RB 97 0.53 -0.05 -98.55
N ALA RB 98 0.65 -1.21 -97.89
CA ALA RB 98 0.75 -1.21 -96.43
C ALA RB 98 2.04 -0.56 -95.97
N ILE RB 99 3.14 -0.80 -96.66
CA ILE RB 99 4.43 -0.26 -96.23
C ILE RB 99 4.45 1.26 -96.39
N ALA RB 100 4.00 1.77 -97.54
CA ALA RB 100 3.99 3.21 -97.77
C ALA RB 100 3.04 3.91 -96.81
N GLN RB 101 1.87 3.33 -96.56
CA GLN RB 101 0.94 3.91 -95.61
C GLN RB 101 1.51 3.91 -94.20
N ALA RB 102 2.13 2.80 -93.80
CA ALA RB 102 2.74 2.74 -92.48
C ALA RB 102 3.84 3.78 -92.33
N GLU RB 103 4.64 3.99 -93.38
CA GLU RB 103 5.73 4.95 -93.28
C GLU RB 103 5.23 6.39 -93.27
N SER RB 104 4.18 6.68 -94.04
CA SER RB 104 3.60 8.02 -93.99
C SER RB 104 3.00 8.29 -92.61
N LEU RB 105 2.32 7.29 -92.04
CA LEU RB 105 1.85 7.43 -90.67
C LEU RB 105 3.01 7.60 -89.70
N ARG RB 106 4.12 6.91 -89.94
CA ARG RB 106 5.28 7.03 -89.07
C ARG RB 106 5.83 8.43 -89.10
N TYR RB 107 5.91 9.03 -90.29
CA TYR RB 107 6.36 10.41 -90.39
C TYR RB 107 5.39 11.36 -89.69
N LYS RB 108 4.08 11.10 -89.83
CA LYS RB 108 3.10 11.94 -89.13
C LYS RB 108 3.30 11.87 -87.62
N LEU RB 109 3.51 10.66 -87.09
CA LEU RB 109 3.74 10.51 -85.65
C LEU RB 109 5.02 11.20 -85.23
N LEU RB 110 6.08 11.09 -86.03
CA LEU RB 110 7.33 11.77 -85.72
C LEU RB 110 7.14 13.28 -85.73
N GLY RB 111 6.32 13.79 -86.65
CA GLY RB 111 5.93 15.19 -86.61
C GLY RB 111 5.13 15.55 -85.37
N GLY RB 112 4.42 14.60 -84.81
CA GLY RB 112 3.81 14.78 -83.51
C GLY RB 112 2.32 14.97 -83.47
N LEU RB 113 1.57 14.42 -84.42
CA LEU RB 113 0.13 14.53 -84.38
C LEU RB 113 -0.44 13.73 -83.22
N ALA RB 114 -1.71 13.98 -82.93
CA ALA RB 114 -2.43 13.13 -82.00
C ALA RB 114 -2.51 11.73 -82.57
N VAL RB 115 -2.38 10.73 -81.69
CA VAL RB 115 -2.38 9.35 -82.15
C VAL RB 115 -3.71 8.99 -82.78
N ARG RB 116 -4.81 9.32 -82.11
CA ARG RB 116 -6.13 9.05 -82.66
C ARG RB 116 -6.33 9.78 -83.97
N ARG RB 117 -5.90 11.04 -84.03
CA ARG RB 117 -6.13 11.84 -85.24
C ARG RB 117 -5.33 11.30 -86.42
N ALA RB 118 -4.06 10.95 -86.21
CA ALA RB 118 -3.25 10.40 -87.30
C ALA RB 118 -3.77 9.05 -87.76
N CYS RB 119 -4.12 8.18 -86.80
CA CYS RB 119 -4.63 6.86 -87.17
C CYS RB 119 -5.94 6.96 -87.92
N TYR RB 120 -6.84 7.83 -87.47
CA TYR RB 120 -8.09 8.00 -88.19
C TYR RB 120 -7.89 8.64 -89.55
N GLY RB 121 -6.91 9.54 -89.67
CA GLY RB 121 -6.63 10.13 -90.97
C GLY RB 121 -6.16 9.11 -91.99
N VAL RB 122 -5.20 8.28 -91.59
CA VAL RB 122 -4.73 7.27 -92.52
C VAL RB 122 -5.81 6.21 -92.75
N LEU RB 123 -6.64 5.95 -91.75
CA LEU RB 123 -7.75 5.01 -91.90
C LEU RB 123 -8.73 5.49 -92.96
N ARG RB 124 -9.16 6.74 -92.84
CA ARG RB 124 -10.07 7.31 -93.83
C ARG RB 124 -9.40 7.37 -95.20
N PHE RB 125 -8.11 7.67 -95.24
CA PHE RB 125 -7.42 7.70 -96.53
C PHE RB 125 -7.48 6.35 -97.22
N ILE RB 126 -7.17 5.28 -96.49
CA ILE RB 126 -7.24 3.94 -97.08
C ILE RB 126 -8.65 3.61 -97.51
N MET RB 127 -9.64 3.90 -96.66
CA MET RB 127 -11.01 3.49 -96.96
C MET RB 127 -11.54 4.23 -98.17
N GLU RB 128 -11.38 5.54 -98.22
CA GLU RB 128 -11.86 6.28 -99.38
C GLU RB 128 -11.00 6.09 -100.62
N SER RB 129 -9.76 5.59 -100.47
CA SER RB 129 -9.04 5.16 -101.65
C SER RB 129 -9.49 3.79 -102.12
N GLY RB 130 -10.19 3.04 -101.27
CA GLY RB 130 -10.88 1.85 -101.73
C GLY RB 130 -10.28 0.55 -101.24
N ALA RB 131 -10.88 -0.01 -100.20
CA ALA RB 131 -10.40 -1.26 -99.63
C ALA RB 131 -11.57 -1.95 -98.95
N LYS RB 132 -11.48 -3.27 -98.86
CA LYS RB 132 -12.54 -4.02 -98.19
C LYS RB 132 -12.50 -3.80 -96.69
N GLY RB 133 -11.31 -3.64 -96.12
CA GLY RB 133 -11.21 -3.36 -94.70
C GLY RB 133 -9.78 -3.18 -94.23
N CYS RB 134 -9.55 -2.20 -93.37
CA CYS RB 134 -8.20 -1.92 -92.90
C CYS RB 134 -8.19 -1.86 -91.38
N GLU RB 135 -6.98 -1.98 -90.83
CA GLU RB 135 -6.81 -2.17 -89.40
C GLU RB 135 -5.42 -1.69 -89.03
N VAL RB 136 -5.33 -0.85 -87.99
CA VAL RB 136 -4.06 -0.33 -87.51
C VAL RB 136 -3.99 -0.52 -86.01
N VAL RB 137 -2.85 -0.99 -85.52
CA VAL RB 137 -2.61 -1.19 -84.11
C VAL RB 137 -1.29 -0.51 -83.76
N VAL RB 138 -1.36 0.49 -82.90
CA VAL RB 138 -0.19 1.26 -82.51
C VAL RB 138 0.03 1.06 -81.01
N SER RB 139 1.20 0.54 -80.65
CA SER RB 139 1.47 0.24 -79.26
C SER RB 139 2.65 1.07 -78.77
N GLY RB 140 2.64 1.36 -77.47
CA GLY RB 140 3.79 1.97 -76.85
C GLY RB 140 3.40 2.75 -75.61
N LYS RB 141 4.36 3.47 -75.08
CA LYS RB 141 4.21 4.30 -73.89
C LYS RB 141 4.14 5.75 -74.33
N LEU RB 142 3.06 6.43 -73.96
CA LEU RB 142 2.88 7.83 -74.35
C LEU RB 142 2.38 8.61 -73.15
N ARG RB 143 3.22 9.52 -72.65
CA ARG RB 143 2.93 10.31 -71.45
C ARG RB 143 2.49 9.40 -70.31
N GLY RB 144 3.24 8.33 -70.10
CA GLY RB 144 2.92 7.36 -69.07
C GLY RB 144 3.83 6.15 -69.14
N GLN RB 145 4.17 5.58 -67.99
CA GLN RB 145 5.00 4.37 -67.98
C GLN RB 145 4.27 3.20 -68.62
N ARG RB 146 2.99 3.01 -68.28
CA ARG RB 146 2.26 1.87 -68.82
C ARG RB 146 2.14 1.99 -70.33
N ALA RB 147 2.34 0.87 -71.01
CA ALA RB 147 2.17 0.83 -72.44
C ALA RB 147 0.72 0.50 -72.77
N LYS RB 148 0.23 1.10 -73.85
CA LYS RB 148 -1.11 0.84 -74.32
C LYS RB 148 -1.08 0.51 -75.80
N SER RB 149 -2.11 -0.22 -76.22
CA SER RB 149 -2.30 -0.60 -77.61
C SER RB 149 -3.58 0.05 -78.12
N MET RB 150 -3.46 0.90 -79.12
CA MET RB 150 -4.60 1.58 -79.72
C MET RB 150 -4.93 0.89 -81.03
N LYS RB 151 -6.19 0.45 -81.16
CA LYS RB 151 -6.65 -0.32 -82.30
C LYS RB 151 -7.72 0.46 -83.05
N PHE RB 152 -7.56 0.57 -84.36
CA PHE RB 152 -8.50 1.30 -85.21
C PHE RB 152 -8.77 0.44 -86.43
N VAL RB 153 -9.99 -0.07 -86.55
CA VAL RB 153 -10.34 -1.01 -87.60
C VAL RB 153 -11.66 -0.60 -88.23
N ASP RB 154 -11.76 -0.76 -89.54
CA ASP RB 154 -13.06 -0.66 -90.20
C ASP RB 154 -13.10 -1.63 -91.36
N GLY RB 155 -14.31 -1.99 -91.75
CA GLY RB 155 -14.49 -2.89 -92.88
C GLY RB 155 -14.23 -4.34 -92.50
N LEU RB 156 -14.03 -5.16 -93.53
CA LEU RB 156 -13.95 -6.61 -93.41
C LEU RB 156 -12.49 -7.04 -93.38
N MET RB 157 -12.17 -7.97 -92.50
CA MET RB 157 -10.82 -8.49 -92.39
C MET RB 157 -10.86 -9.99 -92.18
N ILE RB 158 -9.76 -10.66 -92.55
CA ILE RB 158 -9.63 -12.09 -92.37
C ILE RB 158 -8.34 -12.38 -91.60
N HIS RB 159 -8.27 -13.58 -91.03
CA HIS RB 159 -7.12 -13.96 -90.24
C HIS RB 159 -6.65 -15.39 -90.48
N SER RB 160 -7.22 -16.12 -91.42
CA SER RB 160 -6.89 -17.53 -91.58
C SER RB 160 -6.70 -17.87 -93.05
N GLY RB 161 -6.10 -19.04 -93.27
CA GLY RB 161 -6.09 -19.67 -94.57
C GLY RB 161 -5.05 -19.12 -95.53
N ASP RB 162 -4.97 -19.78 -96.68
CA ASP RB 162 -4.21 -19.25 -97.80
C ASP RB 162 -4.62 -17.85 -98.25
N PRO RB 163 -5.91 -17.50 -98.37
CA PRO RB 163 -6.26 -16.20 -99.00
C PRO RB 163 -5.72 -14.98 -98.28
N VAL RB 164 -5.42 -15.08 -96.99
CA VAL RB 164 -5.00 -13.91 -96.25
C VAL RB 164 -3.65 -13.41 -96.72
N ASN RB 165 -2.80 -14.29 -97.25
CA ASN RB 165 -1.48 -13.89 -97.72
C ASN RB 165 -1.60 -12.94 -98.91
N TYR RB 166 -2.47 -13.24 -99.85
CA TYR RB 166 -2.62 -12.42 -101.05
C TYR RB 166 -3.86 -11.54 -101.02
N TYR RB 167 -4.53 -11.44 -99.88
CA TYR RB 167 -5.54 -10.41 -99.68
C TYR RB 167 -5.10 -9.33 -98.71
N VAL RB 168 -4.48 -9.69 -97.60
CA VAL RB 168 -4.10 -8.71 -96.59
C VAL RB 168 -2.64 -8.35 -96.78
N ASP RB 169 -2.38 -7.06 -96.94
CA ASP RB 169 -1.04 -6.52 -96.97
C ASP RB 169 -0.70 -6.03 -95.57
N THR RB 170 0.41 -6.52 -95.02
CA THR RB 170 0.79 -6.26 -93.64
C THR RB 170 2.12 -5.51 -93.59
N ALA RB 171 2.19 -4.53 -92.70
CA ALA RB 171 3.39 -3.73 -92.54
C ALA RB 171 3.59 -3.43 -91.07
N VAL RB 172 4.79 -3.69 -90.57
CA VAL RB 172 5.15 -3.43 -89.18
C VAL RB 172 6.33 -2.48 -89.18
N ARG RB 173 6.16 -1.34 -88.51
CA ARG RB 173 7.17 -0.30 -88.48
C ARG RB 173 7.47 0.08 -87.03
N HIS RB 174 8.63 0.69 -86.85
CA HIS RB 174 9.07 1.16 -85.55
C HIS RB 174 9.23 2.67 -85.59
N VAL RB 175 8.81 3.34 -84.53
CA VAL RB 175 8.89 4.79 -84.43
C VAL RB 175 9.68 5.13 -83.17
N LEU RB 176 10.59 6.08 -83.29
CA LEU RB 176 11.43 6.50 -82.18
C LEU RB 176 10.91 7.82 -81.62
N LEU RB 177 10.66 7.85 -80.31
CA LEU RB 177 10.21 9.04 -79.64
C LEU RB 177 11.08 9.29 -78.43
N ARG RB 178 10.81 10.41 -77.74
CA ARG RB 178 11.56 10.70 -76.52
C ARG RB 178 11.29 9.67 -75.45
N GLN RB 179 10.03 9.24 -75.32
CA GLN RB 179 9.68 8.27 -74.27
C GLN RB 179 10.17 6.87 -74.63
N GLY RB 180 10.02 6.47 -75.89
CA GLY RB 180 10.41 5.13 -76.27
C GLY RB 180 9.99 4.82 -77.68
N VAL RB 181 9.83 3.53 -77.93
CA VAL RB 181 9.50 3.03 -79.26
C VAL RB 181 7.99 2.87 -79.37
N LEU RB 182 7.45 3.29 -80.51
CA LEU RB 182 6.04 3.17 -80.82
C LEU RB 182 5.93 2.23 -82.01
N GLY RB 183 5.29 1.08 -81.81
CA GLY RB 183 5.16 0.12 -82.88
C GLY RB 183 3.89 0.32 -83.68
N ILE RB 184 4.04 0.24 -85.00
CA ILE RB 184 2.94 0.45 -85.94
C ILE RB 184 2.66 -0.87 -86.65
N LYS RB 185 1.40 -1.30 -86.61
CA LYS RB 185 0.97 -2.49 -87.33
C LYS RB 185 -0.17 -2.10 -88.23
N VAL RB 186 -0.02 -2.34 -89.54
CA VAL RB 186 -1.02 -2.02 -90.53
C VAL RB 186 -1.38 -3.27 -91.29
N LYS RB 187 -2.68 -3.54 -91.43
CA LYS RB 187 -3.19 -4.61 -92.26
C LYS RB 187 -4.28 -4.05 -93.15
N ILE RB 188 -4.18 -4.32 -94.45
CA ILE RB 188 -5.11 -3.79 -95.44
C ILE RB 188 -5.60 -4.93 -96.32
N MET RB 189 -6.92 -5.14 -96.37
CA MET RB 189 -7.49 -6.15 -97.23
C MET RB 189 -7.82 -5.54 -98.58
N LEU RB 190 -7.04 -5.89 -99.59
CA LEU RB 190 -7.32 -5.42 -100.94
C LEU RB 190 -8.57 -6.11 -101.48
N PRO RB 191 -9.46 -5.38 -102.14
CA PRO RB 191 -10.65 -5.99 -102.70
C PRO RB 191 -10.30 -6.82 -103.93
N TRP RB 192 -11.18 -7.78 -104.21
CA TRP RB 192 -11.02 -8.63 -105.39
C TRP RB 192 -11.14 -7.78 -106.63
N ASP RB 193 -10.04 -7.57 -107.32
CA ASP RB 193 -10.02 -6.77 -108.55
C ASP RB 193 -9.80 -7.70 -109.73
N PRO RB 194 -10.79 -7.85 -110.61
CA PRO RB 194 -10.65 -8.79 -111.73
C PRO RB 194 -9.52 -8.45 -112.67
N THR RB 195 -9.20 -7.18 -112.85
CA THR RB 195 -8.10 -6.82 -113.74
C THR RB 195 -6.75 -7.13 -113.12
N GLY RB 196 -6.65 -7.14 -111.80
CA GLY RB 196 -5.39 -7.35 -111.14
C GLY RB 196 -4.52 -6.13 -111.01
N LYS RB 197 -4.99 -4.96 -111.45
CA LYS RB 197 -4.21 -3.74 -111.31
C LYS RB 197 -4.05 -3.38 -109.84
N ILE RB 198 -5.14 -3.41 -109.07
CA ILE RB 198 -5.12 -2.97 -107.69
C ILE RB 198 -5.39 -4.09 -106.71
N GLY RB 199 -5.96 -5.20 -107.14
CA GLY RB 199 -6.29 -6.27 -106.24
C GLY RB 199 -6.29 -7.59 -106.97
N PRO RB 200 -6.11 -8.67 -106.23
CA PRO RB 200 -5.97 -9.99 -106.86
C PRO RB 200 -7.24 -10.38 -107.60
N LYS RB 201 -7.05 -11.13 -108.68
CA LYS RB 201 -8.17 -11.53 -109.50
C LYS RB 201 -8.85 -12.80 -109.01
N LYS RB 202 -8.25 -13.51 -108.06
CA LYS RB 202 -8.91 -14.68 -107.50
C LYS RB 202 -10.02 -14.25 -106.56
N PRO RB 203 -11.13 -14.99 -106.52
CA PRO RB 203 -12.22 -14.67 -105.60
C PRO RB 203 -12.02 -15.33 -104.24
N LEU RB 204 -12.77 -14.86 -103.27
CA LEU RB 204 -12.73 -15.47 -101.96
C LEU RB 204 -13.27 -16.90 -102.03
N PRO RB 205 -12.60 -17.86 -101.40
CA PRO RB 205 -13.04 -19.26 -101.53
C PRO RB 205 -14.46 -19.50 -101.06
N ASP RB 206 -14.89 -18.83 -100.00
CA ASP RB 206 -16.26 -18.92 -99.54
C ASP RB 206 -17.22 -18.10 -100.38
N HIS RB 207 -16.71 -17.14 -101.14
CA HIS RB 207 -17.56 -16.29 -101.96
C HIS RB 207 -18.10 -17.07 -103.14
N VAL RB 208 -19.42 -17.12 -103.26
CA VAL RB 208 -20.08 -17.79 -104.37
C VAL RB 208 -20.96 -16.77 -105.06
N SER RB 209 -20.62 -16.44 -106.31
CA SER RB 209 -21.39 -15.51 -107.11
C SER RB 209 -22.23 -16.29 -108.10
N ILE RB 210 -23.51 -15.95 -108.19
CA ILE RB 210 -24.46 -16.65 -109.03
C ILE RB 210 -25.01 -15.67 -110.05
N VAL RB 211 -24.98 -16.05 -111.32
CA VAL RB 211 -25.52 -15.18 -112.36
C VAL RB 211 -27.04 -15.13 -112.26
N GLU RB 212 -27.62 -14.12 -112.89
CA GLU RB 212 -29.08 -14.09 -112.86
C GLU RB 212 -29.64 -14.65 -114.16
N PRO RB 213 -30.76 -15.38 -114.08
CA PRO RB 213 -31.37 -15.91 -115.31
C PRO RB 213 -31.96 -14.81 -116.15
N LYS RB 214 -32.07 -15.07 -117.45
CA LYS RB 214 -32.73 -14.11 -118.34
C LYS RB 214 -34.24 -14.13 -118.18
N ASP RB 215 -34.81 -15.22 -117.65
CA ASP RB 215 -36.22 -15.35 -117.29
C ASP RB 215 -37.16 -15.26 -118.48
N GLU RB 216 -36.64 -15.19 -119.70
CA GLU RB 216 -37.48 -15.17 -120.89
C GLU RB 216 -37.58 -16.59 -121.46
N ILE RB 217 -38.36 -17.41 -120.74
CA ILE RB 217 -38.50 -18.82 -121.09
C ILE RB 217 -39.23 -18.98 -122.41
N LEU RB 218 -40.32 -18.22 -122.61
CA LEU RB 218 -41.14 -18.27 -123.82
C LEU RB 218 -41.56 -19.69 -124.21
N PRO RB 219 -42.34 -20.37 -123.36
CA PRO RB 219 -42.73 -21.75 -123.65
C PRO RB 219 -44.05 -21.83 -124.44
N THR RB 220 -44.01 -21.36 -125.68
CA THR RB 220 -45.23 -21.18 -126.45
C THR RB 220 -45.50 -22.38 -127.35
N THR RB 221 -46.51 -22.24 -128.22
CA THR RB 221 -46.91 -23.29 -129.13
C THR RB 221 -45.80 -23.56 -130.16
N PRO RB 222 -45.66 -24.80 -130.61
CA PRO RB 222 -44.57 -25.13 -131.54
C PRO RB 222 -44.70 -24.41 -132.87
N ILE RB 223 -43.60 -23.78 -133.28
CA ILE RB 223 -43.47 -23.21 -134.62
C ILE RB 223 -42.08 -23.53 -135.12
N SER RB 224 -41.90 -23.45 -136.43
CA SER RB 224 -40.64 -23.79 -137.08
C SER RB 224 -40.06 -22.57 -137.76
N GLU RB 225 -38.73 -22.45 -137.73
CA GLU RB 225 -38.02 -21.36 -138.36
C GLU RB 225 -37.03 -21.94 -139.36
N GLN RB 226 -37.35 -21.81 -140.64
CA GLN RB 226 -36.43 -22.27 -141.67
C GLN RB 226 -35.24 -21.34 -141.78
N LYS RB 227 -34.04 -21.92 -141.75
CA LYS RB 227 -32.81 -21.15 -141.84
C LYS RB 227 -31.94 -21.69 -142.97
N ASP SB 1 -9.93 -78.20 -95.57
CA ASP SB 1 -9.67 -77.73 -96.93
C ASP SB 1 -8.77 -76.50 -96.91
N ILE SB 2 -8.99 -75.64 -95.92
CA ILE SB 2 -8.20 -74.43 -95.81
C ILE SB 2 -6.76 -74.75 -95.42
N LYS SB 3 -6.57 -75.68 -94.48
CA LYS SB 3 -5.26 -76.15 -94.05
C LYS SB 3 -4.40 -74.99 -93.52
N LEU SB 4 -4.85 -74.43 -92.40
CA LEU SB 4 -4.03 -73.45 -91.71
C LEU SB 4 -2.72 -74.08 -91.29
N PHE SB 5 -1.61 -73.40 -91.59
CA PHE SB 5 -0.27 -73.93 -91.38
C PHE SB 5 -0.07 -75.25 -92.11
N GLY SB 6 -0.75 -75.43 -93.24
CA GLY SB 6 -0.58 -76.61 -94.04
C GLY SB 6 -1.31 -77.85 -93.55
N LYS SB 7 -2.15 -77.73 -92.53
CA LYS SB 7 -2.87 -78.89 -91.99
C LYS SB 7 -4.01 -78.38 -91.13
N TRP SB 8 -4.62 -79.28 -90.35
CA TRP SB 8 -5.63 -78.94 -89.34
C TRP SB 8 -6.84 -78.24 -89.97
N SER SB 9 -7.59 -79.03 -90.72
CA SER SB 9 -8.81 -78.55 -91.37
C SER SB 9 -9.75 -77.92 -90.35
N THR SB 10 -10.35 -76.80 -90.74
CA THR SB 10 -11.21 -76.05 -89.85
C THR SB 10 -12.68 -76.43 -89.98
N ASP SB 11 -13.01 -77.37 -90.86
CA ASP SB 11 -14.41 -77.75 -91.08
C ASP SB 11 -14.95 -78.74 -90.08
N ASP SB 12 -14.08 -79.43 -89.33
CA ASP SB 12 -14.48 -80.42 -88.35
C ASP SB 12 -14.69 -79.82 -86.97
N VAL SB 13 -14.55 -78.51 -86.82
CA VAL SB 13 -14.65 -77.86 -85.53
C VAL SB 13 -16.10 -77.57 -85.20
N GLN SB 14 -16.37 -77.22 -83.95
CA GLN SB 14 -17.71 -76.92 -83.50
C GLN SB 14 -17.62 -75.99 -82.29
N ILE SB 15 -18.72 -75.28 -82.03
CA ILE SB 15 -18.84 -74.40 -80.88
C ILE SB 15 -20.10 -74.81 -80.12
N ASN SB 16 -19.96 -74.98 -78.80
CA ASN SB 16 -21.08 -75.48 -77.99
C ASN SB 16 -22.03 -74.37 -77.55
N ASP SB 17 -21.55 -73.13 -77.46
CA ASP SB 17 -22.36 -72.03 -76.95
C ASP SB 17 -22.59 -71.00 -78.05
N ILE SB 18 -23.86 -70.66 -78.28
CA ILE SB 18 -24.21 -69.76 -79.38
C ILE SB 18 -23.63 -68.38 -79.15
N SER SB 19 -23.43 -68.00 -77.89
CA SER SB 19 -22.93 -66.67 -77.57
C SER SB 19 -21.56 -66.43 -78.19
N LEU SB 20 -20.68 -67.43 -78.11
CA LEU SB 20 -19.38 -67.31 -78.76
C LEU SB 20 -19.38 -67.88 -80.18
N GLN SB 21 -20.46 -68.56 -80.57
CA GLN SB 21 -20.53 -69.14 -81.91
C GLN SB 21 -20.46 -68.05 -82.98
N ASP SB 22 -21.19 -66.96 -82.80
CA ASP SB 22 -21.16 -65.88 -83.77
C ASP SB 22 -20.03 -64.89 -83.53
N TYR SB 23 -19.26 -65.06 -82.45
CA TYR SB 23 -18.15 -64.16 -82.17
C TYR SB 23 -16.80 -64.86 -82.26
N ILE SB 24 -16.76 -66.09 -82.75
CA ILE SB 24 -15.51 -66.77 -83.08
C ILE SB 24 -15.40 -66.88 -84.59
N ALA SB 25 -14.22 -66.57 -85.12
CA ALA SB 25 -14.01 -66.52 -86.56
C ALA SB 25 -13.07 -67.63 -87.00
N VAL SB 26 -13.32 -68.85 -86.51
CA VAL SB 26 -12.58 -70.03 -86.94
C VAL SB 26 -13.28 -70.74 -88.09
N LYS SB 27 -14.41 -70.23 -88.55
CA LYS SB 27 -15.20 -70.91 -89.57
C LYS SB 27 -14.48 -70.89 -90.91
N GLU SB 28 -15.12 -71.52 -91.90
CA GLU SB 28 -14.45 -71.80 -93.18
C GLU SB 28 -14.10 -70.51 -93.92
N LYS SB 29 -14.98 -69.51 -93.89
CA LYS SB 29 -14.68 -68.27 -94.59
C LYS SB 29 -13.65 -67.45 -93.83
N TYR SB 30 -13.64 -67.53 -92.51
CA TYR SB 30 -12.65 -66.87 -91.68
C TYR SB 30 -11.49 -67.79 -91.33
N ALA SB 31 -11.24 -68.79 -92.16
CA ALA SB 31 -10.09 -69.68 -91.99
C ALA SB 31 -9.03 -69.28 -93.00
N LYS SB 32 -7.81 -69.07 -92.51
CA LYS SB 32 -6.73 -68.52 -93.29
C LYS SB 32 -5.57 -69.51 -93.33
N TYR SB 33 -4.77 -69.44 -94.39
CA TYR SB 33 -3.62 -70.34 -94.50
C TYR SB 33 -2.57 -70.03 -93.44
N LEU SB 34 -2.40 -68.76 -93.11
CA LEU SB 34 -1.49 -68.32 -92.06
C LEU SB 34 -2.23 -67.39 -91.11
N PRO SB 35 -1.80 -67.33 -89.85
CA PRO SB 35 -2.39 -66.39 -88.89
C PRO SB 35 -1.82 -64.98 -89.00
N HIS SB 36 -1.66 -64.49 -90.23
CA HIS SB 36 -0.99 -63.22 -90.50
C HIS SB 36 -1.73 -62.52 -91.64
N SER SB 37 -2.61 -61.58 -91.28
CA SER SB 37 -3.35 -60.82 -92.27
C SER SB 37 -3.82 -59.54 -91.58
N ALA SB 38 -3.26 -58.40 -91.98
CA ALA SB 38 -3.64 -57.12 -91.41
C ALA SB 38 -4.78 -56.55 -92.24
N GLY SB 39 -5.98 -57.05 -91.99
CA GLY SB 39 -7.16 -56.63 -92.71
C GLY SB 39 -7.87 -55.42 -92.17
N ARG SB 40 -7.22 -54.65 -91.28
CA ARG SB 40 -7.79 -53.46 -90.66
C ARG SB 40 -9.09 -53.81 -89.93
N TYR SB 41 -8.94 -54.64 -88.90
CA TYR SB 41 -10.06 -55.11 -88.10
C TYR SB 41 -10.25 -54.30 -86.83
N ALA SB 42 -9.56 -53.17 -86.71
CA ALA SB 42 -9.77 -52.25 -85.61
C ALA SB 42 -10.23 -50.88 -86.09
N ALA SB 43 -10.45 -50.72 -87.40
CA ALA SB 43 -10.78 -49.42 -87.97
C ALA SB 43 -12.11 -48.90 -87.47
N LYS SB 44 -13.11 -49.78 -87.35
CA LYS SB 44 -14.39 -49.40 -86.77
C LYS SB 44 -14.78 -50.49 -85.77
N ARG SB 45 -15.86 -50.23 -85.04
CA ARG SB 45 -16.25 -51.10 -83.94
C ARG SB 45 -16.69 -52.47 -84.45
N PHE SB 46 -16.49 -53.49 -83.59
CA PHE SB 46 -16.97 -54.85 -83.82
C PHE SB 46 -16.38 -55.50 -85.06
N ARG SB 47 -15.14 -55.15 -85.41
CA ARG SB 47 -14.48 -55.79 -86.55
C ARG SB 47 -13.42 -56.80 -86.13
N LYS SB 48 -12.91 -56.72 -84.90
CA LYS SB 48 -12.07 -57.79 -84.40
C LYS SB 48 -12.82 -59.11 -84.29
N ALA SB 49 -14.15 -59.07 -84.21
CA ALA SB 49 -14.93 -60.29 -84.30
C ALA SB 49 -14.79 -60.93 -85.67
N GLN SB 50 -14.87 -60.12 -86.73
CA GLN SB 50 -14.64 -60.65 -88.07
C GLN SB 50 -13.19 -61.03 -88.29
N CYS SB 51 -12.28 -60.47 -87.51
CA CYS SB 51 -10.88 -60.89 -87.58
C CYS SB 51 -10.75 -62.34 -87.15
N PRO SB 52 -9.93 -63.14 -87.86
CA PRO SB 52 -9.76 -64.54 -87.48
C PRO SB 52 -9.14 -64.69 -86.11
N ILE SB 53 -9.54 -65.73 -85.39
CA ILE SB 53 -9.16 -65.86 -83.99
C ILE SB 53 -7.66 -66.14 -83.86
N VAL SB 54 -7.10 -66.97 -84.74
CA VAL SB 54 -5.70 -67.31 -84.63
C VAL SB 54 -4.82 -66.09 -84.87
N GLU SB 55 -5.30 -65.14 -85.68
CA GLU SB 55 -4.63 -63.85 -85.79
C GLU SB 55 -4.65 -63.14 -84.44
N ARG SB 56 -5.79 -63.19 -83.75
CA ARG SB 56 -5.90 -62.56 -82.45
C ARG SB 56 -4.94 -63.18 -81.46
N LEU SB 57 -4.66 -64.48 -81.59
CA LEU SB 57 -3.76 -65.12 -80.63
C LEU SB 57 -2.37 -64.50 -80.66
N THR SB 58 -1.79 -64.38 -81.84
CA THR SB 58 -0.51 -63.68 -81.95
C THR SB 58 -0.64 -62.21 -81.59
N ASN SB 59 -1.78 -61.59 -81.94
CA ASN SB 59 -2.00 -60.19 -81.63
C ASN SB 59 -1.86 -59.93 -80.14
N SER SB 60 -2.58 -60.69 -79.32
CA SER SB 60 -2.46 -60.55 -77.88
C SER SB 60 -1.15 -61.13 -77.36
N MET SB 61 -0.49 -61.99 -78.12
CA MET SB 61 0.78 -62.55 -77.66
C MET SB 61 1.89 -61.49 -77.65
N MET SB 62 2.00 -60.71 -78.71
CA MET SB 62 3.08 -59.74 -78.80
C MET SB 62 2.85 -58.61 -77.79
N MET SB 63 3.60 -58.63 -76.68
CA MET SB 63 3.36 -57.68 -75.60
C MET SB 63 4.67 -57.36 -74.90
N HIS SB 64 4.64 -56.28 -74.11
CA HIS SB 64 5.67 -55.95 -73.12
C HIS SB 64 6.99 -55.53 -73.78
N GLY SB 65 6.91 -54.63 -74.75
CA GLY SB 65 8.06 -53.84 -75.18
C GLY SB 65 9.11 -54.52 -76.01
N ARG SB 66 9.80 -55.49 -75.42
CA ARG SB 66 10.92 -56.15 -76.08
C ARG SB 66 10.49 -56.83 -77.37
N ASN SB 67 9.27 -57.34 -77.42
CA ASN SB 67 8.69 -57.91 -78.64
C ASN SB 67 7.32 -57.27 -78.82
N ASN SB 68 7.30 -56.06 -79.39
CA ASN SB 68 6.06 -55.37 -79.62
C ASN SB 68 5.73 -55.21 -81.10
N GLY SB 69 6.70 -55.36 -81.98
CA GLY SB 69 6.41 -55.26 -83.40
C GLY SB 69 6.53 -56.59 -84.10
N LYS SB 70 7.14 -57.55 -83.44
CA LYS SB 70 7.45 -58.84 -84.05
C LYS SB 70 6.18 -59.65 -84.23
N LYS SB 71 5.74 -59.79 -85.48
CA LYS SB 71 4.64 -60.70 -85.78
C LYS SB 71 5.14 -62.07 -86.19
N LEU SB 72 6.28 -62.14 -86.88
CA LEU SB 72 6.79 -63.42 -87.37
C LEU SB 72 7.17 -64.34 -86.21
N MET SB 73 7.76 -63.77 -85.16
CA MET SB 73 8.10 -64.59 -84.00
C MET SB 73 6.85 -65.15 -83.34
N THR SB 74 5.81 -64.34 -83.19
CA THR SB 74 4.59 -64.87 -82.59
C THR SB 74 3.91 -65.88 -83.50
N VAL SB 75 4.07 -65.73 -84.81
CA VAL SB 75 3.51 -66.70 -85.74
C VAL SB 75 4.22 -68.05 -85.61
N ARG SB 76 5.55 -68.04 -85.56
CA ARG SB 76 6.24 -69.31 -85.34
C ARG SB 76 5.97 -69.85 -83.95
N ILE SB 77 5.67 -68.98 -82.98
CA ILE SB 77 5.31 -69.43 -81.66
C ILE SB 77 3.98 -70.18 -81.70
N VAL SB 78 2.96 -69.61 -82.35
CA VAL SB 78 1.68 -70.29 -82.42
C VAL SB 78 1.81 -71.57 -83.25
N LYS SB 79 2.68 -71.56 -84.26
CA LYS SB 79 2.92 -72.77 -85.04
C LYS SB 79 3.46 -73.89 -84.18
N HIS SB 80 4.50 -73.59 -83.40
CA HIS SB 80 5.11 -74.62 -82.55
C HIS SB 80 4.15 -75.06 -81.46
N ALA SB 81 3.37 -74.13 -80.92
CA ALA SB 81 2.41 -74.50 -79.89
C ALA SB 81 1.35 -75.45 -80.43
N PHE SB 82 0.86 -75.18 -81.65
CA PHE SB 82 -0.10 -76.08 -82.27
C PHE SB 82 0.51 -77.45 -82.50
N GLU SB 83 1.76 -77.49 -82.96
CA GLU SB 83 2.40 -78.78 -83.15
C GLU SB 83 2.47 -79.54 -81.83
N ILE SB 84 2.87 -78.86 -80.77
CA ILE SB 84 3.07 -79.51 -79.48
C ILE SB 84 1.73 -80.05 -78.94
N ILE SB 85 0.68 -79.24 -79.00
CA ILE SB 85 -0.59 -79.69 -78.46
C ILE SB 85 -1.16 -80.83 -79.28
N HIS SB 86 -0.99 -80.78 -80.61
CA HIS SB 86 -1.52 -81.90 -81.38
C HIS SB 86 -0.73 -83.18 -81.12
N LEU SB 87 0.59 -83.09 -80.97
CA LEU SB 87 1.34 -84.29 -80.62
C LEU SB 87 0.88 -84.86 -79.29
N LEU SB 88 0.67 -84.02 -78.29
CA LEU SB 88 0.40 -84.58 -76.97
C LEU SB 88 -1.08 -84.80 -76.69
N THR SB 89 -1.98 -84.43 -77.59
CA THR SB 89 -3.38 -84.78 -77.43
C THR SB 89 -3.93 -85.63 -78.56
N GLY SB 90 -3.70 -85.24 -79.82
CA GLY SB 90 -4.22 -85.94 -80.96
C GLY SB 90 -5.43 -85.31 -81.62
N GLU SB 91 -6.14 -84.43 -80.93
CA GLU SB 91 -7.30 -83.79 -81.51
C GLU SB 91 -6.88 -82.47 -82.17
N ASN SB 92 -7.85 -81.80 -82.78
CA ASN SB 92 -7.56 -80.60 -83.56
C ASN SB 92 -7.04 -79.48 -82.66
N PRO SB 93 -5.86 -78.94 -82.93
CA PRO SB 93 -5.36 -77.82 -82.11
C PRO SB 93 -6.30 -76.63 -82.07
N LEU SB 94 -6.92 -76.28 -83.20
CA LEU SB 94 -7.84 -75.15 -83.21
C LEU SB 94 -9.09 -75.45 -82.40
N GLN SB 95 -9.62 -76.67 -82.52
CA GLN SB 95 -10.80 -77.05 -81.75
C GLN SB 95 -10.51 -77.01 -80.26
N VAL SB 96 -9.36 -77.55 -79.85
CA VAL SB 96 -9.04 -77.54 -78.43
C VAL SB 96 -8.72 -76.14 -77.95
N LEU SB 97 -8.21 -75.27 -78.84
CA LEU SB 97 -8.02 -73.87 -78.49
C LEU SB 97 -9.36 -73.18 -78.26
N VAL SB 98 -10.35 -73.47 -79.11
CA VAL SB 98 -11.68 -72.90 -78.92
C VAL SB 98 -12.27 -73.36 -77.59
N ASN SB 99 -12.11 -74.64 -77.29
CA ASN SB 99 -12.58 -75.15 -76.00
C ASN SB 99 -11.86 -74.48 -74.84
N ALA SB 100 -10.56 -74.22 -74.98
CA ALA SB 100 -9.82 -73.53 -73.93
C ALA SB 100 -10.33 -72.10 -73.74
N ILE SB 101 -10.62 -71.42 -74.85
CA ILE SB 101 -11.17 -70.07 -74.78
C ILE SB 101 -12.49 -70.09 -74.03
N ILE SB 102 -13.37 -71.01 -74.38
CA ILE SB 102 -14.69 -71.08 -73.75
C ILE SB 102 -14.57 -71.39 -72.27
N ASN SB 103 -13.70 -72.34 -71.90
CA ASN SB 103 -13.50 -72.66 -70.50
C ASN SB 103 -12.95 -71.47 -69.73
N SER SB 104 -12.04 -70.71 -70.34
CA SER SB 104 -11.38 -69.62 -69.63
C SER SB 104 -12.21 -68.35 -69.53
N GLY SB 105 -13.17 -68.13 -70.43
CA GLY SB 105 -13.93 -66.91 -70.45
C GLY SB 105 -14.72 -66.65 -69.18
N PRO SB 106 -14.46 -65.52 -68.53
CA PRO SB 106 -15.21 -65.14 -67.32
C PRO SB 106 -16.57 -64.55 -67.67
N ARG SB 107 -17.63 -65.21 -67.21
CA ARG SB 107 -18.98 -64.80 -67.57
C ARG SB 107 -19.46 -63.56 -66.82
N GLU SB 108 -18.81 -63.19 -65.72
CA GLU SB 108 -19.24 -62.03 -64.95
C GLU SB 108 -18.03 -61.27 -64.43
N ASP SB 109 -18.25 -59.98 -64.16
CA ASP SB 109 -17.23 -59.12 -63.57
C ASP SB 109 -17.93 -58.11 -62.67
N SER SB 110 -17.19 -57.09 -62.24
CA SER SB 110 -17.72 -56.07 -61.35
C SER SB 110 -17.51 -54.69 -61.93
N THR SB 111 -18.29 -53.73 -61.43
CA THR SB 111 -18.24 -52.37 -61.94
C THR SB 111 -17.41 -51.41 -61.10
N ARG SB 112 -17.16 -51.74 -59.83
CA ARG SB 112 -16.29 -51.00 -58.90
C ARG SB 112 -16.90 -49.67 -58.49
N ILE SB 113 -18.00 -49.26 -59.14
CA ILE SB 113 -18.65 -47.99 -58.84
C ILE SB 113 -20.09 -48.32 -58.46
N GLY SB 114 -20.28 -49.45 -57.77
CA GLY SB 114 -21.60 -49.80 -57.31
C GLY SB 114 -22.23 -48.76 -56.40
N ARG SB 115 -21.39 -47.99 -55.69
CA ARG SB 115 -21.85 -46.79 -54.99
C ARG SB 115 -20.76 -45.73 -55.15
N ALA SB 116 -21.13 -44.47 -54.91
CA ALA SB 116 -20.27 -43.35 -55.29
C ALA SB 116 -19.18 -43.09 -54.27
N GLY SB 117 -19.53 -43.04 -52.98
CA GLY SB 117 -18.55 -42.66 -51.97
C GLY SB 117 -17.52 -43.74 -51.70
N THR SB 118 -17.95 -44.98 -51.67
CA THR SB 118 -17.09 -46.12 -51.32
C THR SB 118 -17.12 -47.11 -52.48
N VAL SB 119 -16.05 -47.88 -52.64
CA VAL SB 119 -16.08 -48.95 -53.63
C VAL SB 119 -17.07 -50.01 -53.20
N ARG SB 120 -17.93 -50.41 -54.14
CA ARG SB 120 -18.98 -51.39 -53.87
C ARG SB 120 -18.88 -52.64 -54.73
N ARG SB 121 -18.40 -52.52 -55.98
CA ARG SB 121 -18.23 -53.65 -56.89
C ARG SB 121 -19.55 -54.36 -57.16
N GLN SB 122 -20.47 -53.65 -57.78
CA GLN SB 122 -21.70 -54.28 -58.24
C GLN SB 122 -21.36 -55.31 -59.32
N ALA SB 123 -21.92 -56.51 -59.17
CA ALA SB 123 -21.62 -57.60 -60.09
C ALA SB 123 -22.52 -57.52 -61.32
N VAL SB 124 -21.91 -57.59 -62.50
CA VAL SB 124 -22.61 -57.51 -63.77
C VAL SB 124 -22.11 -58.64 -64.66
N ASP SB 125 -22.89 -58.91 -65.71
CA ASP SB 125 -22.52 -59.93 -66.68
C ASP SB 125 -21.45 -59.37 -67.62
N VAL SB 126 -21.10 -60.13 -68.65
CA VAL SB 126 -20.04 -59.78 -69.58
C VAL SB 126 -20.55 -60.01 -71.00
N SER SB 127 -20.39 -59.01 -71.86
CA SER SB 127 -20.73 -59.17 -73.26
C SER SB 127 -19.82 -60.20 -73.91
N PRO SB 128 -20.29 -60.90 -74.95
CA PRO SB 128 -19.43 -61.92 -75.60
C PRO SB 128 -18.13 -61.37 -76.16
N LEU SB 129 -18.11 -60.13 -76.64
CA LEU SB 129 -16.85 -59.55 -77.10
C LEU SB 129 -15.88 -59.36 -75.96
N ARG SB 130 -16.36 -58.82 -74.84
CA ARG SB 130 -15.51 -58.74 -73.66
C ARG SB 130 -15.10 -60.12 -73.19
N ARG SB 131 -15.97 -61.12 -73.37
CA ARG SB 131 -15.64 -62.49 -73.01
C ARG SB 131 -14.44 -62.99 -73.79
N VAL SB 132 -14.48 -62.88 -75.11
CA VAL SB 132 -13.39 -63.40 -75.91
C VAL SB 132 -12.13 -62.59 -75.67
N ASN SB 133 -12.26 -61.27 -75.48
CA ASN SB 133 -11.09 -60.45 -75.20
C ASN SB 133 -10.43 -60.85 -73.90
N GLN SB 134 -11.22 -60.98 -72.82
CA GLN SB 134 -10.66 -61.37 -71.54
C GLN SB 134 -10.05 -62.76 -71.60
N ALA SB 135 -10.70 -63.70 -72.30
CA ALA SB 135 -10.18 -65.06 -72.37
C ALA SB 135 -8.82 -65.10 -73.06
N ILE SB 136 -8.72 -64.46 -74.22
CA ILE SB 136 -7.45 -64.51 -74.94
C ILE SB 136 -6.37 -63.74 -74.18
N TRP SB 137 -6.74 -62.63 -73.55
CA TRP SB 137 -5.79 -61.84 -72.78
C TRP SB 137 -5.25 -62.65 -71.61
N LEU SB 138 -6.14 -63.32 -70.88
CA LEU SB 138 -5.74 -64.14 -69.74
C LEU SB 138 -4.85 -65.29 -70.18
N LEU SB 139 -5.17 -65.94 -71.30
CA LEU SB 139 -4.34 -67.06 -71.76
C LEU SB 139 -2.94 -66.59 -72.14
N CYS SB 140 -2.86 -65.50 -72.91
CA CYS SB 140 -1.56 -65.00 -73.35
C CYS SB 140 -0.72 -64.57 -72.16
N THR SB 141 -1.30 -63.80 -71.24
CA THR SB 141 -0.53 -63.42 -70.07
C THR SB 141 -0.23 -64.59 -69.16
N GLY SB 142 -1.04 -65.66 -69.20
CA GLY SB 142 -0.73 -66.84 -68.43
C GLY SB 142 0.52 -67.54 -68.93
N ALA SB 143 0.63 -67.70 -70.25
CA ALA SB 143 1.88 -68.24 -70.79
C ALA SB 143 3.06 -67.32 -70.49
N ARG SB 144 2.84 -66.01 -70.63
CA ARG SB 144 3.89 -65.05 -70.33
C ARG SB 144 4.43 -65.21 -68.93
N GLU SB 145 3.54 -65.31 -67.94
CA GLU SB 145 3.96 -65.44 -66.55
C GLU SB 145 4.31 -66.87 -66.17
N ALA SB 146 4.00 -67.84 -67.02
CA ALA SB 146 4.49 -69.18 -66.77
C ALA SB 146 5.97 -69.30 -67.12
N ALA SB 147 6.39 -68.74 -68.26
CA ALA SB 147 7.74 -69.04 -68.75
C ALA SB 147 8.61 -67.79 -68.82
N PHE SB 148 8.62 -66.98 -67.76
CA PHE SB 148 9.49 -65.82 -67.75
C PHE SB 148 10.87 -66.12 -67.17
N ARG SB 149 10.97 -67.01 -66.19
CA ARG SB 149 12.23 -67.22 -65.49
C ARG SB 149 12.54 -68.72 -65.36
N ASN SB 150 12.46 -69.44 -66.47
CA ASN SB 150 12.71 -70.88 -66.42
C ASN SB 150 13.40 -71.32 -67.70
N ILE SB 151 13.82 -72.58 -67.71
CA ILE SB 151 14.27 -73.23 -68.93
C ILE SB 151 13.10 -73.42 -69.89
N LYS SB 152 11.87 -73.41 -69.38
CA LYS SB 152 10.71 -73.73 -70.20
C LYS SB 152 10.46 -72.62 -71.22
N THR SB 153 10.22 -73.02 -72.46
CA THR SB 153 10.15 -72.05 -73.54
C THR SB 153 8.73 -71.54 -73.73
N ILE SB 154 8.62 -70.44 -74.47
CA ILE SB 154 7.34 -69.77 -74.65
C ILE SB 154 6.37 -70.64 -75.44
N ALA SB 155 6.86 -71.34 -76.47
CA ALA SB 155 5.98 -72.24 -77.21
C ALA SB 155 5.48 -73.37 -76.32
N GLU SB 156 6.36 -73.94 -75.51
CA GLU SB 156 5.97 -75.01 -74.61
C GLU SB 156 4.94 -74.53 -73.60
N CYS SB 157 5.15 -73.35 -73.02
CA CYS SB 157 4.23 -72.84 -72.01
C CYS SB 157 2.92 -72.37 -72.61
N LEU SB 158 2.92 -71.83 -73.83
CA LEU SB 158 1.65 -71.55 -74.48
C LEU SB 158 0.88 -72.82 -74.74
N ALA SB 159 1.58 -73.87 -75.18
CA ALA SB 159 0.94 -75.15 -75.40
C ALA SB 159 0.28 -75.68 -74.13
N ASP SB 160 1.04 -75.74 -73.03
CA ASP SB 160 0.44 -76.36 -71.85
C ASP SB 160 -0.57 -75.45 -71.15
N GLU SB 161 -0.46 -74.12 -71.32
CA GLU SB 161 -1.52 -73.24 -70.83
C GLU SB 161 -2.81 -73.51 -71.58
N LEU SB 162 -2.73 -73.67 -72.90
CA LEU SB 162 -3.93 -74.00 -73.67
C LEU SB 162 -4.50 -75.35 -73.26
N ILE SB 163 -3.64 -76.34 -73.04
CA ILE SB 163 -4.12 -77.66 -72.64
C ILE SB 163 -4.85 -77.58 -71.30
N ASN SB 164 -4.22 -76.93 -70.32
CA ASN SB 164 -4.81 -76.82 -68.99
C ASN SB 164 -6.11 -76.04 -69.02
N ALA SB 165 -6.16 -74.97 -69.82
CA ALA SB 165 -7.38 -74.20 -69.94
C ALA SB 165 -8.48 -75.02 -70.59
N ALA SB 166 -8.14 -75.79 -71.62
CA ALA SB 166 -9.14 -76.61 -72.29
C ALA SB 166 -9.72 -77.65 -71.33
N LYS SB 167 -8.86 -78.25 -70.51
CA LYS SB 167 -9.35 -79.27 -69.59
C LYS SB 167 -9.90 -78.70 -68.29
N GLY SB 168 -9.74 -77.39 -68.05
CA GLY SB 168 -10.23 -76.78 -66.82
C GLY SB 168 -9.56 -77.35 -65.59
N SER SB 169 -8.25 -77.56 -65.65
CA SER SB 169 -7.54 -78.31 -64.64
C SER SB 169 -7.24 -77.52 -63.37
N SER SB 170 -7.74 -76.29 -63.26
CA SER SB 170 -7.69 -75.43 -62.08
C SER SB 170 -6.28 -74.95 -61.73
N ASN SB 171 -5.25 -75.39 -62.45
CA ASN SB 171 -3.90 -74.88 -62.27
C ASN SB 171 -3.49 -73.92 -63.37
N SER SB 172 -4.31 -73.77 -64.40
CA SER SB 172 -4.04 -72.80 -65.45
C SER SB 172 -4.26 -71.38 -64.94
N TYR SB 173 -3.46 -70.45 -65.46
CA TYR SB 173 -3.53 -69.07 -65.01
C TYR SB 173 -4.87 -68.43 -65.36
N ALA SB 174 -5.29 -68.60 -66.62
CA ALA SB 174 -6.58 -68.05 -67.04
C ALA SB 174 -7.72 -68.67 -66.25
N ILE SB 175 -7.67 -69.98 -66.02
CA ILE SB 175 -8.71 -70.64 -65.25
C ILE SB 175 -8.75 -70.10 -63.83
N LYS SB 176 -7.58 -69.90 -63.22
CA LYS SB 176 -7.54 -69.39 -61.86
C LYS SB 176 -8.11 -67.98 -61.76
N LYS SB 177 -7.73 -67.10 -62.68
CA LYS SB 177 -8.26 -65.74 -62.60
C LYS SB 177 -9.75 -65.72 -62.91
N LYS SB 178 -10.21 -66.58 -63.81
CA LYS SB 178 -11.65 -66.71 -64.04
C LYS SB 178 -12.35 -67.16 -62.78
N ASP SB 179 -11.78 -68.14 -62.07
CA ASP SB 179 -12.38 -68.61 -60.84
C ASP SB 179 -12.45 -67.51 -59.80
N GLU SB 180 -11.37 -66.74 -59.67
CA GLU SB 180 -11.36 -65.63 -58.73
C GLU SB 180 -12.41 -64.58 -59.09
N LEU SB 181 -12.56 -64.30 -60.37
CA LEU SB 181 -13.55 -63.33 -60.82
C LEU SB 181 -14.97 -63.81 -60.55
N GLU SB 182 -15.27 -65.08 -60.81
CA GLU SB 182 -16.58 -65.60 -60.47
C GLU SB 182 -16.82 -65.60 -58.96
N ARG SB 183 -15.78 -65.88 -58.19
CA ARG SB 183 -15.90 -65.85 -56.74
C ARG SB 183 -16.25 -64.46 -56.25
N VAL SB 184 -15.58 -63.42 -56.76
CA VAL SB 184 -15.91 -62.07 -56.30
C VAL SB 184 -17.26 -61.63 -56.86
N ALA SB 185 -17.66 -62.13 -58.03
CA ALA SB 185 -18.99 -61.83 -58.53
C ALA SB 185 -20.06 -62.38 -57.60
N LYS SB 186 -19.87 -63.61 -57.11
CA LYS SB 186 -20.79 -64.12 -56.10
C LYS SB 186 -20.65 -63.37 -54.79
N SER SB 187 -19.44 -62.91 -54.48
CA SER SB 187 -19.19 -62.23 -53.23
C SER SB 187 -20.00 -60.93 -53.14
N ASN SB 188 -20.02 -60.16 -54.22
CA ASN SB 188 -20.76 -58.90 -54.22
C ASN SB 188 -21.73 -58.85 -55.39
N ARG SB 189 -22.50 -59.92 -55.56
CA ARG SB 189 -23.62 -59.89 -56.48
C ARG SB 189 -24.84 -59.22 -55.87
N MET TB 1 42.43 8.87 -86.31
CA MET TB 1 43.63 8.55 -85.55
C MET TB 1 44.88 8.55 -86.43
N LEU TB 2 45.95 7.93 -85.94
CA LEU TB 2 47.22 7.94 -86.65
C LEU TB 2 47.13 7.08 -87.89
N MET TB 3 47.02 7.72 -89.06
CA MET TB 3 47.02 7.06 -90.35
C MET TB 3 48.14 7.62 -91.21
N PRO TB 4 48.81 6.80 -92.00
CA PRO TB 4 49.82 7.32 -92.93
C PRO TB 4 49.20 8.22 -93.98
N LYS TB 5 50.00 9.19 -94.43
CA LYS TB 5 49.56 10.13 -95.45
C LYS TB 5 49.12 9.41 -96.72
N LYS TB 6 49.85 8.35 -97.08
CA LYS TB 6 49.49 7.54 -98.24
C LYS TB 6 48.11 6.93 -98.06
N ASN TB 7 47.83 6.39 -96.87
CA ASN TB 7 46.53 5.79 -96.61
C ASN TB 7 45.41 6.83 -96.67
N ARG TB 8 45.62 7.99 -96.03
CA ARG TB 8 44.59 9.02 -96.05
C ARG TB 8 44.32 9.52 -97.46
N ILE TB 9 45.38 9.74 -98.25
CA ILE TB 9 45.16 10.24 -99.60
C ILE TB 9 44.54 9.16 -100.48
N ALA TB 10 44.86 7.88 -100.25
CA ALA TB 10 44.22 6.82 -101.03
C ALA TB 10 42.73 6.75 -100.75
N ILE TB 11 42.37 6.83 -99.46
CA ILE TB 11 40.97 6.83 -99.09
C ILE TB 11 40.25 8.01 -99.73
N TYR TB 12 40.86 9.20 -99.65
CA TYR TB 12 40.23 10.38 -100.22
C TYR TB 12 40.11 10.29 -101.74
N GLU TB 13 41.14 9.74 -102.39
CA GLU TB 13 41.11 9.67 -103.85
C GLU TB 13 40.05 8.69 -104.33
N LEU TB 14 39.82 7.59 -103.61
CA LEU TB 14 38.72 6.73 -104.00
C LEU TB 14 37.37 7.38 -103.70
N LEU TB 15 37.27 8.04 -102.54
CA LEU TB 15 36.05 8.73 -102.16
C LEU TB 15 35.67 9.83 -103.14
N PHE TB 16 36.64 10.40 -103.85
CA PHE TB 16 36.30 11.38 -104.88
C PHE TB 16 36.19 10.79 -106.27
N LYS TB 17 36.88 9.69 -106.56
CA LYS TB 17 36.66 9.01 -107.83
C LYS TB 17 35.23 8.52 -107.92
N GLU TB 18 34.68 8.02 -106.80
CA GLU TB 18 33.28 7.64 -106.74
C GLU TB 18 32.66 8.20 -105.47
N GLY TB 19 31.44 8.74 -105.61
CA GLY TB 19 30.78 9.46 -104.53
C GLY TB 19 30.40 8.62 -103.33
N VAL TB 20 30.54 7.30 -103.43
CA VAL TB 20 30.26 6.39 -102.33
C VAL TB 20 31.55 5.67 -101.96
N MET TB 21 31.52 5.02 -100.80
CA MET TB 21 32.56 4.08 -100.43
C MET TB 21 32.01 3.19 -99.33
N VAL TB 22 32.25 1.89 -99.45
CA VAL TB 22 31.65 0.91 -98.56
C VAL TB 22 32.74 0.22 -97.75
N ALA TB 23 32.32 -0.42 -96.67
CA ALA TB 23 33.25 -1.15 -95.82
C ALA TB 23 32.47 -2.16 -94.99
N LYS TB 24 32.86 -3.43 -95.08
CA LYS TB 24 32.35 -4.43 -94.16
C LYS TB 24 32.85 -4.13 -92.75
N LYS TB 25 31.95 -4.26 -91.77
CA LYS TB 25 32.30 -3.90 -90.40
C LYS TB 25 33.27 -4.91 -89.80
N ASP TB 26 34.55 -4.61 -89.86
CA ASP TB 26 35.58 -5.51 -89.35
C ASP TB 26 36.83 -4.68 -89.05
N VAL TB 27 37.20 -4.60 -87.78
CA VAL TB 27 38.45 -3.93 -87.43
C VAL TB 27 39.64 -4.82 -87.75
N HIS TB 28 39.45 -6.14 -87.73
CA HIS TB 28 40.52 -7.09 -87.97
C HIS TB 28 40.69 -7.43 -89.44
N MET TB 29 39.95 -6.78 -90.32
CA MET TB 29 40.07 -7.06 -91.74
C MET TB 29 41.47 -6.71 -92.22
N PRO TB 30 42.23 -7.65 -92.76
CA PRO TB 30 43.65 -7.39 -93.03
C PRO TB 30 43.88 -6.30 -94.07
N LYS TB 31 43.21 -6.40 -95.21
CA LYS TB 31 43.27 -5.36 -96.22
C LYS TB 31 41.89 -5.19 -96.81
N HIS TB 32 41.57 -3.96 -97.20
CA HIS TB 32 40.28 -3.67 -97.79
C HIS TB 32 40.15 -4.39 -99.13
N PRO TB 33 39.00 -5.02 -99.41
CA PRO TB 33 38.84 -5.71 -100.70
C PRO TB 33 39.01 -4.78 -101.89
N GLU TB 34 38.50 -3.55 -101.79
CA GLU TB 34 38.91 -2.51 -102.71
C GLU TB 34 40.25 -1.95 -102.27
N LEU TB 35 41.03 -1.47 -103.24
CA LEU TB 35 42.32 -0.81 -103.00
C LEU TB 35 43.23 -1.63 -102.08
N ALA TB 36 43.20 -2.96 -102.24
CA ALA TB 36 43.98 -3.84 -101.38
C ALA TB 36 45.48 -3.64 -101.57
N ASP TB 37 45.91 -3.32 -102.79
CA ASP TB 37 47.33 -3.19 -103.08
C ASP TB 37 47.99 -2.03 -102.34
N LYS TB 38 47.21 -1.12 -101.76
CA LYS TB 38 47.77 0.01 -101.04
C LYS TB 38 48.10 -0.30 -99.59
N ASN TB 39 47.83 -1.53 -99.13
CA ASN TB 39 48.27 -2.02 -97.82
C ASN TB 39 47.65 -1.20 -96.68
N VAL TB 40 46.32 -1.20 -96.63
CA VAL TB 40 45.60 -0.54 -95.55
C VAL TB 40 44.45 -1.43 -95.06
N PRO TB 41 44.36 -1.67 -93.76
CA PRO TB 41 43.21 -2.43 -93.24
C PRO TB 41 41.96 -1.57 -93.26
N ASN TB 42 40.85 -2.21 -92.87
CA ASN TB 42 39.55 -1.56 -92.96
C ASN TB 42 39.37 -0.51 -91.87
N LEU TB 43 40.09 -0.62 -90.76
CA LEU TB 43 39.88 0.29 -89.64
C LEU TB 43 40.31 1.72 -89.96
N HIS TB 44 41.38 1.88 -90.73
CA HIS TB 44 41.80 3.22 -91.09
C HIS TB 44 40.74 3.92 -91.93
N VAL TB 45 40.12 3.20 -92.86
CA VAL TB 45 39.00 3.75 -93.61
C VAL TB 45 37.85 4.07 -92.68
N MET TB 46 37.56 3.17 -91.74
CA MET TB 46 36.47 3.39 -90.79
C MET TB 46 36.64 4.71 -90.05
N LYS TB 47 37.82 4.90 -89.45
CA LYS TB 47 38.06 6.09 -88.66
C LYS TB 47 38.18 7.35 -89.50
N ALA TB 48 38.81 7.27 -90.67
CA ALA TB 48 38.92 8.45 -91.53
C ALA TB 48 37.56 8.93 -92.01
N MET TB 49 36.71 8.01 -92.46
CA MET TB 49 35.40 8.46 -92.92
C MET TB 49 34.46 8.79 -91.78
N GLN TB 50 34.58 8.14 -90.63
CA GLN TB 50 33.77 8.55 -89.50
C GLN TB 50 34.22 9.91 -88.96
N SER TB 51 35.49 10.25 -89.12
CA SER TB 51 35.92 11.60 -88.77
C SER TB 51 35.45 12.62 -89.79
N LEU TB 52 35.39 12.24 -91.07
CA LEU TB 52 34.76 13.11 -92.05
C LEU TB 52 33.29 13.33 -91.71
N LYS TB 53 32.60 12.28 -91.28
CA LYS TB 53 31.22 12.44 -90.83
C LYS TB 53 31.14 13.33 -89.60
N SER TB 54 32.08 13.16 -88.66
CA SER TB 54 32.12 14.00 -87.48
C SER TB 54 32.32 15.47 -87.83
N ARG TB 55 33.08 15.74 -88.88
CA ARG TB 55 33.29 17.09 -89.35
C ARG TB 55 32.21 17.57 -90.32
N GLY TB 56 31.30 16.68 -90.73
CA GLY TB 56 30.18 17.09 -91.54
C GLY TB 56 30.50 17.09 -93.02
N TYR TB 57 31.11 16.02 -93.50
CA TYR TB 57 31.46 15.91 -94.91
C TYR TB 57 30.94 14.64 -95.57
N VAL TB 58 30.45 13.67 -94.81
CA VAL TB 58 29.95 12.43 -95.37
C VAL TB 58 28.78 11.93 -94.53
N LYS TB 59 27.80 11.35 -95.20
CA LYS TB 59 26.60 10.82 -94.55
C LYS TB 59 26.79 9.33 -94.29
N GLU TB 60 26.50 8.90 -93.07
CA GLU TB 60 26.72 7.52 -92.66
C GLU TB 60 25.41 6.74 -92.77
N GLN TB 61 25.47 5.56 -93.36
CA GLN TB 61 24.36 4.64 -93.40
C GLN TB 61 24.87 3.24 -93.10
N PHE TB 62 24.08 2.48 -92.35
CA PHE TB 62 24.52 1.18 -91.85
C PHE TB 62 23.51 0.12 -92.26
N ALA TB 63 23.91 -0.79 -93.12
CA ALA TB 63 23.07 -1.94 -93.46
C ALA TB 63 23.42 -3.09 -92.53
N TRP TB 64 23.02 -4.31 -92.88
CA TRP TB 64 23.27 -5.51 -92.09
C TRP TB 64 24.67 -5.53 -91.49
N ARG TB 65 25.70 -5.53 -92.33
CA ARG TB 65 27.07 -5.52 -91.83
C ARG TB 65 27.97 -4.64 -92.69
N HIS TB 66 27.44 -3.55 -93.24
CA HIS TB 66 28.24 -2.71 -94.11
C HIS TB 66 27.94 -1.24 -93.88
N PHE TB 67 28.91 -0.40 -94.24
CA PHE TB 67 28.74 1.04 -94.27
C PHE TB 67 28.43 1.52 -95.68
N TYR TB 68 27.71 2.63 -95.76
CA TYR TB 68 27.22 3.18 -97.02
C TYR TB 68 27.41 4.68 -97.06
N TRP TB 69 28.63 5.12 -96.78
CA TRP TB 69 28.95 6.54 -96.71
C TRP TB 69 28.65 7.25 -98.02
N TYR TB 70 28.11 8.46 -97.91
CA TYR TB 70 27.69 9.26 -99.07
C TYR TB 70 28.35 10.62 -99.03
N LEU TB 71 28.93 11.04 -100.15
CA LEU TB 71 29.64 12.30 -100.19
C LEU TB 71 28.69 13.46 -100.46
N THR TB 72 28.83 14.52 -99.66
CA THR TB 72 28.00 15.71 -99.79
C THR TB 72 28.79 16.85 -100.43
N ASN TB 73 28.11 17.98 -100.66
CA ASN TB 73 28.76 19.12 -101.31
C ASN TB 73 29.87 19.69 -100.44
N GLU TB 74 29.65 19.78 -99.13
CA GLU TB 74 30.71 20.21 -98.24
C GLU TB 74 31.87 19.23 -98.26
N GLY TB 75 31.57 17.94 -98.34
CA GLY TB 75 32.63 16.96 -98.53
C GLY TB 75 33.39 17.16 -99.81
N ILE TB 76 32.70 17.51 -100.89
CA ILE TB 76 33.35 17.75 -102.18
C ILE TB 76 34.31 18.92 -102.08
N GLN TB 77 33.84 20.05 -101.54
CA GLN TB 77 34.70 21.23 -101.49
C GLN TB 77 35.84 21.04 -100.49
N TYR TB 78 35.57 20.38 -99.35
CA TYR TB 78 36.62 20.11 -98.39
C TYR TB 78 37.67 19.18 -98.96
N LEU TB 79 37.22 18.16 -99.70
CA LEU TB 79 38.15 17.29 -100.40
C LEU TB 79 38.96 18.07 -101.41
N ARG TB 80 38.33 19.01 -102.11
CA ARG TB 80 39.06 19.80 -103.09
C ARG TB 80 40.15 20.63 -102.45
N ASP TB 81 39.84 21.32 -101.34
CA ASP TB 81 40.87 22.15 -100.74
C ASP TB 81 41.91 21.31 -99.99
N TYR TB 82 41.55 20.10 -99.55
CA TYR TB 82 42.52 19.23 -98.91
C TYR TB 82 43.48 18.63 -99.93
N LEU TB 83 42.96 18.17 -101.05
CA LEU TB 83 43.76 17.46 -102.03
C LEU TB 83 44.29 18.37 -103.13
N HIS TB 84 43.96 19.66 -103.08
CA HIS TB 84 44.45 20.67 -104.01
C HIS TB 84 44.12 20.30 -105.46
N LEU TB 85 42.82 20.08 -105.70
CA LEU TB 85 42.19 19.76 -106.97
C LEU TB 85 41.54 21.00 -107.58
N PRO TB 86 41.54 21.10 -108.89
CA PRO TB 86 40.90 22.23 -109.55
C PRO TB 86 39.39 22.12 -109.43
N PRO TB 87 38.66 23.23 -109.63
CA PRO TB 87 37.19 23.20 -109.63
C PRO TB 87 36.58 22.67 -110.93
N GLU TB 88 37.13 21.58 -111.42
CA GLU TB 88 36.62 20.88 -112.59
C GLU TB 88 36.44 19.39 -112.36
N ILE TB 89 37.17 18.81 -111.42
CA ILE TB 89 37.09 17.38 -111.15
C ILE TB 89 35.85 17.11 -110.32
N VAL TB 90 35.05 16.13 -110.75
CA VAL TB 90 33.85 15.71 -110.03
C VAL TB 90 33.78 14.20 -110.03
N PRO TB 91 33.13 13.62 -109.02
CA PRO TB 91 32.93 12.16 -109.00
C PRO TB 91 32.01 11.73 -110.13
N ALA TB 92 32.12 10.45 -110.49
CA ALA TB 92 31.24 9.89 -111.50
C ALA TB 92 29.79 9.94 -111.05
N THR TB 93 29.55 9.88 -109.74
CA THR TB 93 28.20 10.01 -109.23
C THR TB 93 27.63 11.39 -109.52
N LEU TB 94 28.43 12.44 -109.32
CA LEU TB 94 27.95 13.80 -109.56
C LEU TB 94 27.74 14.05 -111.05
N ARG TB 95 28.73 13.72 -111.87
CA ARG TB 95 28.64 13.93 -113.30
C ARG TB 95 29.16 12.70 -114.02
N ARG TB 96 28.48 12.29 -115.09
CA ARG TB 96 28.95 11.21 -115.95
C ARG TB 96 28.90 11.69 -117.40
N SER TB 97 29.95 12.41 -117.80
CA SER TB 97 30.13 12.89 -119.18
C SER TB 97 28.95 13.75 -119.64
N ARG TB 98 28.63 14.76 -118.85
CA ARG TB 98 27.67 15.78 -119.28
C ARG TB 98 28.15 17.17 -118.86
N VAL UB 1 65.84 40.52 -106.90
CA VAL UB 1 65.74 39.45 -105.92
C VAL UB 1 64.30 38.95 -105.89
N MET UB 2 63.38 39.79 -106.38
CA MET UB 2 61.98 39.39 -106.45
C MET UB 2 61.78 38.26 -107.45
N ASP UB 3 62.56 38.23 -108.53
CA ASP UB 3 62.45 37.12 -109.47
C ASP UB 3 62.92 35.82 -108.83
N VAL UB 4 63.95 35.89 -107.99
CA VAL UB 4 64.36 34.70 -107.24
C VAL UB 4 63.26 34.27 -106.28
N ASN UB 5 62.62 35.23 -105.61
CA ASN UB 5 61.53 34.90 -104.70
C ASN UB 5 60.38 34.22 -105.44
N THR UB 6 59.99 34.78 -106.59
CA THR UB 6 58.91 34.19 -107.36
C THR UB 6 59.32 32.87 -107.99
N ALA UB 7 60.61 32.65 -108.16
CA ALA UB 7 61.08 31.35 -108.64
C ALA UB 7 60.98 30.29 -107.54
N LEU UB 8 61.38 30.65 -106.33
CA LEU UB 8 61.37 29.67 -105.24
C LEU UB 8 59.97 29.40 -104.71
N GLN UB 9 59.11 30.43 -104.67
CA GLN UB 9 57.81 30.30 -104.02
C GLN UB 9 56.93 29.28 -104.73
N GLU UB 10 56.77 29.43 -106.05
CA GLU UB 10 55.95 28.48 -106.80
C GLU UB 10 56.57 27.09 -106.79
N VAL UB 11 57.90 27.00 -106.75
CA VAL UB 11 58.56 25.70 -106.72
C VAL UB 11 58.17 24.95 -105.45
N LEU UB 12 58.25 25.60 -104.29
CA LEU UB 12 57.84 24.85 -103.12
C LEU UB 12 56.34 24.74 -103.00
N LYS UB 13 55.57 25.56 -103.72
CA LYS UB 13 54.13 25.33 -103.77
C LYS UB 13 53.80 24.03 -104.51
N THR UB 14 54.44 23.82 -105.67
CA THR UB 14 54.29 22.53 -106.34
C THR UB 14 54.87 21.38 -105.51
N ALA UB 15 55.91 21.68 -104.72
CA ALA UB 15 56.38 20.69 -103.76
C ALA UB 15 55.36 20.38 -102.68
N LEU UB 16 54.53 21.36 -102.30
CA LEU UB 16 53.39 21.09 -101.42
C LEU UB 16 52.37 20.20 -102.11
N ILE UB 17 52.09 20.47 -103.38
CA ILE UB 17 51.12 19.65 -104.11
C ILE UB 17 51.60 18.20 -104.17
N HIS UB 18 52.87 18.00 -104.48
CA HIS UB 18 53.50 16.70 -104.38
C HIS UB 18 54.04 16.52 -102.96
N ASP UB 19 54.92 15.56 -102.74
CA ASP UB 19 55.51 15.36 -101.43
C ASP UB 19 57.04 15.42 -101.47
N GLY UB 20 57.58 16.21 -102.39
CA GLY UB 20 59.02 16.40 -102.45
C GLY UB 20 59.49 17.64 -101.71
N LEU UB 21 59.11 17.74 -100.43
CA LEU UB 21 59.22 18.95 -99.65
C LEU UB 21 60.40 18.93 -98.69
N ALA UB 22 60.48 17.93 -97.80
CA ALA UB 22 61.66 17.63 -96.98
C ALA UB 22 62.07 18.83 -96.11
N ARG UB 23 61.23 19.13 -95.13
CA ARG UB 23 61.52 20.16 -94.15
C ARG UB 23 62.00 19.52 -92.86
N GLY UB 24 63.03 20.12 -92.26
CA GLY UB 24 63.65 19.57 -91.08
C GLY UB 24 65.01 18.97 -91.38
N ILE UB 25 65.85 18.87 -90.34
CA ILE UB 25 67.21 18.38 -90.53
C ILE UB 25 67.19 16.92 -90.94
N ARG UB 26 66.42 16.09 -90.23
CA ARG UB 26 66.44 14.66 -90.48
C ARG UB 26 66.04 14.33 -91.91
N GLU UB 27 64.89 14.84 -92.33
CA GLU UB 27 64.39 14.62 -93.68
C GLU UB 27 65.29 15.29 -94.72
N ALA UB 28 65.72 16.53 -94.44
CA ALA UB 28 66.54 17.27 -95.38
C ALA UB 28 67.85 16.55 -95.65
N ALA UB 29 68.52 16.07 -94.59
CA ALA UB 29 69.77 15.37 -94.75
C ALA UB 29 69.57 14.02 -95.43
N LYS UB 30 68.52 13.29 -95.04
CA LYS UB 30 68.26 11.99 -95.65
C LYS UB 30 67.91 12.11 -97.13
N ALA UB 31 67.52 13.30 -97.58
CA ALA UB 31 67.32 13.49 -99.01
C ALA UB 31 68.65 13.55 -99.76
N LEU UB 32 69.49 14.55 -99.44
CA LEU UB 32 70.64 14.81 -100.29
C LEU UB 32 71.80 13.86 -100.00
N ASP UB 33 71.79 13.11 -98.90
CA ASP UB 33 72.76 12.04 -98.82
C ASP UB 33 72.28 10.77 -99.52
N LYS UB 34 71.00 10.69 -99.84
CA LYS UB 34 70.46 9.68 -100.73
C LYS UB 34 70.46 10.14 -102.18
N ARG UB 35 70.91 11.38 -102.43
CA ARG UB 35 71.17 11.96 -103.74
C ARG UB 35 69.91 12.39 -104.46
N GLN UB 36 68.75 12.32 -103.79
CA GLN UB 36 67.50 12.82 -104.34
C GLN UB 36 67.24 14.19 -103.73
N ALA UB 37 67.86 15.20 -104.33
CA ALA UB 37 67.66 16.57 -103.91
C ALA UB 37 67.83 17.48 -105.12
N HIS UB 38 66.89 18.40 -105.27
CA HIS UB 38 66.92 19.35 -106.38
C HIS UB 38 67.34 20.74 -105.95
N LEU UB 39 66.96 21.17 -104.74
CA LEU UB 39 67.36 22.49 -104.27
C LEU UB 39 67.22 22.56 -102.76
N CYS UB 40 68.13 23.29 -102.11
CA CYS UB 40 68.13 23.43 -100.66
C CYS UB 40 67.86 24.88 -100.28
N VAL UB 41 66.99 25.08 -99.30
CA VAL UB 41 66.63 26.40 -98.79
C VAL UB 41 66.94 26.44 -97.30
N LEU UB 42 67.74 27.41 -96.90
CA LEU UB 42 68.20 27.58 -95.53
C LEU UB 42 67.77 28.95 -95.01
N ALA UB 43 67.24 28.98 -93.79
CA ALA UB 43 66.87 30.23 -93.15
C ALA UB 43 68.12 30.90 -92.60
N SER UB 44 68.47 32.06 -93.17
CA SER UB 44 69.63 32.82 -92.72
C SER UB 44 69.47 33.27 -91.28
N ASN UB 45 68.23 33.46 -90.82
CA ASN UB 45 67.98 33.92 -89.46
C ASN UB 45 67.98 32.72 -88.50
N CYS UB 46 69.16 32.12 -88.36
CA CYS UB 46 69.37 31.04 -87.41
C CYS UB 46 70.37 31.49 -86.36
N ASP UB 47 70.01 31.33 -85.08
CA ASP UB 47 70.84 31.74 -83.97
C ASP UB 47 71.53 30.55 -83.32
N GLU UB 48 71.92 29.57 -84.12
CA GLU UB 48 72.81 28.50 -83.67
C GLU UB 48 73.84 28.24 -84.76
N PRO UB 49 75.12 28.44 -84.48
CA PRO UB 49 76.10 28.46 -85.58
C PRO UB 49 76.39 27.10 -86.17
N MET UB 50 76.43 26.04 -85.35
CA MET UB 50 76.73 24.71 -85.85
C MET UB 50 75.69 24.26 -86.87
N TYR UB 51 74.44 24.67 -86.70
CA TYR UB 51 73.39 24.33 -87.64
C TYR UB 51 73.74 24.84 -89.03
N VAL UB 52 74.05 26.13 -89.14
CA VAL UB 52 74.37 26.73 -90.42
C VAL UB 52 75.67 26.15 -90.97
N LYS UB 53 76.67 25.98 -90.12
CA LYS UB 53 77.95 25.44 -90.58
C LYS UB 53 77.79 24.04 -91.15
N LEU UB 54 77.08 23.17 -90.44
CA LEU UB 54 76.89 21.80 -90.89
C LEU UB 54 76.08 21.74 -92.19
N VAL UB 55 75.00 22.53 -92.27
CA VAL UB 55 74.19 22.56 -93.47
C VAL UB 55 75.03 22.98 -94.66
N GLU UB 56 75.76 24.08 -94.52
CA GLU UB 56 76.58 24.58 -95.62
C GLU UB 56 77.66 23.60 -96.00
N ALA UB 57 78.31 22.98 -95.03
CA ALA UB 57 79.39 22.04 -95.32
C ALA UB 57 78.88 20.87 -96.14
N LEU UB 58 77.81 20.22 -95.69
CA LEU UB 58 77.32 19.05 -96.42
C LEU UB 58 76.72 19.43 -97.77
N CYS UB 59 75.99 20.56 -97.84
CA CYS UB 59 75.36 20.93 -99.10
C CYS UB 59 76.39 21.38 -100.13
N ALA UB 60 77.51 21.94 -99.67
CA ALA UB 60 78.59 22.28 -100.58
C ALA UB 60 79.35 21.03 -101.02
N GLU UB 61 79.55 20.07 -100.10
CA GLU UB 61 80.19 18.83 -100.51
C GLU UB 61 79.37 18.12 -101.57
N HIS UB 62 78.06 18.05 -101.39
CA HIS UB 62 77.20 17.50 -102.42
C HIS UB 62 77.01 18.52 -103.54
N GLN UB 63 76.47 18.04 -104.65
CA GLN UB 63 76.23 18.89 -105.81
C GLN UB 63 74.77 19.37 -105.81
N ILE UB 64 74.47 20.24 -104.86
CA ILE UB 64 73.12 20.75 -104.64
C ILE UB 64 73.14 22.26 -104.65
N ASN UB 65 72.08 22.86 -105.19
CA ASN UB 65 71.96 24.31 -105.20
C ASN UB 65 71.62 24.84 -103.81
N LEU UB 66 72.33 25.89 -103.41
CA LEU UB 66 72.12 26.58 -102.14
C LEU UB 66 71.23 27.80 -102.37
N ILE UB 67 70.25 27.97 -101.49
CA ILE UB 67 69.36 29.13 -101.51
C ILE UB 67 69.12 29.55 -100.06
N LYS UB 68 69.13 30.85 -99.80
CA LYS UB 68 68.93 31.36 -98.45
C LYS UB 68 67.65 32.21 -98.39
N VAL UB 69 67.09 32.30 -97.19
CA VAL UB 69 65.83 33.00 -96.94
C VAL UB 69 65.98 33.89 -95.72
N ASP UB 70 65.50 35.13 -95.82
CA ASP UB 70 65.78 36.13 -94.79
C ASP UB 70 65.19 35.77 -93.43
N ASP UB 71 63.97 35.23 -93.40
CA ASP UB 71 63.29 34.96 -92.13
C ASP UB 71 62.90 33.49 -92.03
N ASN UB 72 63.11 32.91 -90.84
CA ASN UB 72 62.79 31.51 -90.63
C ASN UB 72 61.28 31.28 -90.63
N LYS UB 73 60.49 32.28 -90.27
CA LYS UB 73 59.05 32.14 -90.33
C LYS UB 73 58.51 32.36 -91.73
N LYS UB 74 59.24 33.09 -92.57
CA LYS UB 74 58.77 33.39 -93.93
C LYS UB 74 58.71 32.13 -94.79
N LEU UB 75 59.77 31.31 -94.75
CA LEU UB 75 59.69 30.07 -95.51
C LEU UB 75 58.72 29.10 -94.86
N GLY UB 76 58.48 29.21 -93.56
CA GLY UB 76 57.40 28.43 -92.96
C GLY UB 76 56.04 28.79 -93.55
N GLU UB 77 55.79 30.08 -93.74
CA GLU UB 77 54.58 30.52 -94.42
C GLU UB 77 54.53 29.99 -95.84
N TRP UB 78 55.66 30.04 -96.55
CA TRP UB 78 55.67 29.58 -97.94
C TRP UB 78 55.54 28.06 -98.05
N VAL UB 79 55.97 27.32 -97.03
CA VAL UB 79 55.84 25.88 -97.04
C VAL UB 79 54.52 25.45 -96.42
N GLY UB 80 53.77 26.38 -95.85
CA GLY UB 80 52.46 26.05 -95.29
C GLY UB 80 52.54 25.17 -94.06
N LEU UB 81 53.48 25.45 -93.17
CA LEU UB 81 53.58 24.73 -91.90
C LEU UB 81 52.93 25.57 -90.80
N CYS UB 82 51.62 25.71 -90.92
CA CYS UB 82 50.79 26.46 -89.96
C CYS UB 82 49.35 25.95 -90.08
N LYS UB 83 48.41 26.73 -89.53
CA LYS UB 83 47.00 26.40 -89.65
C LYS UB 83 46.49 26.57 -91.07
N ILE UB 84 47.14 27.42 -91.88
CA ILE UB 84 46.79 27.68 -93.28
C ILE UB 84 45.35 28.18 -93.36
N ASP UB 85 45.05 29.25 -92.64
CA ASP UB 85 43.69 29.78 -92.56
C ASP UB 85 43.72 31.31 -92.69
N ARG UB 86 44.37 31.80 -93.75
CA ARG UB 86 44.70 33.22 -93.85
C ARG UB 86 43.46 34.11 -93.75
N GLU UB 87 42.35 33.71 -94.36
CA GLU UB 87 41.15 34.55 -94.32
C GLU UB 87 40.40 34.44 -92.99
N GLY UB 88 40.57 33.33 -92.27
CA GLY UB 88 39.80 33.09 -91.06
C GLY UB 88 40.53 33.34 -89.75
N LYS UB 89 41.74 32.83 -89.61
CA LYS UB 89 42.51 32.84 -88.38
C LYS UB 89 43.91 33.37 -88.65
N PRO UB 90 44.61 33.86 -87.61
CA PRO UB 90 45.99 34.30 -87.83
C PRO UB 90 46.92 33.21 -88.35
N ARG UB 91 46.70 31.96 -87.91
CA ARG UB 91 47.51 30.80 -88.29
C ARG UB 91 48.99 31.05 -87.95
N LYS UB 92 49.24 31.14 -86.65
CA LYS UB 92 50.60 31.37 -86.15
C LYS UB 92 51.51 30.23 -86.57
N VAL UB 93 52.57 30.57 -87.30
CA VAL UB 93 53.45 29.59 -87.93
C VAL UB 93 54.35 28.94 -86.90
N VAL UB 94 55.05 27.88 -87.32
CA VAL UB 94 56.02 27.19 -86.50
C VAL UB 94 57.41 27.44 -87.08
N GLY UB 95 58.42 27.30 -86.23
CA GLY UB 95 59.79 27.52 -86.67
C GLY UB 95 60.35 26.43 -87.56
N CYS UB 96 60.50 26.73 -88.85
CA CYS UB 96 61.10 25.82 -89.81
C CYS UB 96 62.21 26.56 -90.55
N SER UB 97 63.39 25.93 -90.62
CA SER UB 97 64.56 26.63 -91.12
C SER UB 97 65.37 25.82 -92.13
N CYS UB 98 64.76 24.88 -92.84
CA CYS UB 98 65.40 24.19 -93.95
C CYS UB 98 64.35 23.42 -94.74
N VAL UB 99 64.38 23.56 -96.06
CA VAL UB 99 63.46 22.86 -96.95
C VAL UB 99 64.23 22.39 -98.18
N VAL UB 100 64.15 21.09 -98.48
CA VAL UB 100 64.87 20.53 -99.62
C VAL UB 100 63.83 20.08 -100.65
N VAL UB 101 63.64 20.88 -101.68
CA VAL UB 101 62.71 20.51 -102.74
C VAL UB 101 63.38 19.47 -103.63
N LYS UB 102 62.65 18.38 -103.90
CA LYS UB 102 63.18 17.30 -104.72
C LYS UB 102 62.17 16.72 -105.72
N ASP UB 103 60.93 17.21 -105.74
CA ASP UB 103 59.90 16.62 -106.59
C ASP UB 103 59.90 17.20 -108.00
N TYR UB 104 59.81 18.53 -108.11
CA TYR UB 104 59.67 19.22 -109.39
C TYR UB 104 58.53 18.61 -110.20
N GLY UB 105 57.42 18.33 -109.53
CA GLY UB 105 56.28 17.70 -110.19
C GLY UB 105 55.60 18.60 -111.21
N LYS UB 106 55.59 19.91 -110.97
CA LYS UB 106 55.00 20.86 -111.88
C LYS UB 106 55.95 22.05 -112.05
N GLU UB 107 56.25 22.38 -113.30
CA GLU UB 107 57.28 23.36 -113.64
C GLU UB 107 56.64 24.60 -114.25
N SER UB 108 56.75 25.73 -113.55
CA SER UB 108 56.29 27.01 -114.09
C SER UB 108 57.41 28.05 -114.14
N GLN UB 109 58.15 28.22 -113.05
CA GLN UB 109 59.29 29.14 -113.00
C GLN UB 109 60.55 28.40 -112.61
N ALA UB 110 60.59 27.10 -112.88
CA ALA UB 110 61.84 26.37 -112.78
C ALA UB 110 62.89 26.95 -113.72
N LYS UB 111 62.45 27.54 -114.84
CA LYS UB 111 63.36 28.28 -115.70
C LYS UB 111 63.97 29.46 -114.96
N ASP UB 112 63.16 30.19 -114.19
CA ASP UB 112 63.68 31.30 -113.39
C ASP UB 112 64.70 30.82 -112.38
N VAL UB 113 64.35 29.79 -111.61
CA VAL UB 113 65.27 29.35 -110.56
C VAL UB 113 66.53 28.73 -111.17
N ILE UB 114 66.41 28.07 -112.32
CA ILE UB 114 67.57 27.49 -112.95
C ILE UB 114 68.45 28.55 -113.61
N GLU UB 115 67.86 29.67 -114.04
CA GLU UB 115 68.68 30.79 -114.51
C GLU UB 115 69.46 31.42 -113.36
N GLU UB 116 68.83 31.54 -112.18
CA GLU UB 116 69.58 32.01 -111.01
C GLU UB 116 70.72 31.06 -110.67
N TYR UB 117 70.44 29.76 -110.65
CA TYR UB 117 71.47 28.77 -110.35
C TYR UB 117 72.59 28.81 -111.37
N PHE UB 118 72.25 28.97 -112.65
CA PHE UB 118 73.26 29.02 -113.69
C PHE UB 118 74.13 30.27 -113.57
N LYS UB 119 73.52 31.42 -113.29
CA LYS UB 119 74.32 32.63 -113.11
C LYS UB 119 75.21 32.51 -111.87
N CYS UB 120 74.72 31.85 -110.83
CA CYS UB 120 75.51 31.68 -109.62
C CYS UB 120 76.67 30.72 -109.84
N LYS UB 121 76.50 29.69 -110.67
CA LYS UB 121 77.53 28.69 -110.88
C LYS UB 121 78.45 28.97 -112.06
N LYS UB 122 78.13 29.96 -112.90
CA LYS UB 122 78.95 30.26 -114.07
C LYS UB 122 80.05 31.25 -113.76
N THR VB 1 63.75 -45.28 -64.32
CA THR VB 1 63.46 -45.98 -65.58
C THR VB 1 62.06 -45.65 -66.08
N TYR VB 2 61.94 -45.51 -67.40
CA TYR VB 2 60.70 -45.08 -68.03
C TYR VB 2 60.03 -46.18 -68.84
N ARG VB 3 60.78 -46.88 -69.70
CA ARG VB 3 60.24 -48.00 -70.47
C ARG VB 3 61.22 -49.16 -70.45
N GLY VB 4 61.80 -49.44 -69.28
CA GLY VB 4 62.96 -50.29 -69.20
C GLY VB 4 64.27 -49.58 -69.48
N VAL VB 5 64.23 -48.28 -69.74
CA VAL VB 5 65.42 -47.48 -69.99
C VAL VB 5 65.47 -46.37 -68.96
N ASP VB 6 66.66 -46.07 -68.47
CA ASP VB 6 66.80 -45.09 -67.41
C ASP VB 6 67.39 -43.80 -67.95
N LEU VB 7 67.60 -42.84 -67.04
CA LEU VB 7 68.02 -41.49 -67.41
C LEU VB 7 69.37 -41.45 -68.11
N ASP VB 8 70.22 -42.47 -67.90
CA ASP VB 8 71.57 -42.46 -68.48
C ASP VB 8 71.51 -42.34 -69.99
N GLN VB 9 70.59 -43.06 -70.64
CA GLN VB 9 70.30 -42.86 -72.05
C GLN VB 9 69.11 -41.96 -72.32
N LEU VB 10 68.18 -41.82 -71.37
CA LEU VB 10 67.02 -40.95 -71.59
C LEU VB 10 67.44 -39.50 -71.81
N LEU VB 11 68.49 -39.04 -71.13
CA LEU VB 11 68.91 -37.65 -71.27
C LEU VB 11 69.40 -37.36 -72.67
N ASP VB 12 70.21 -38.24 -73.25
CA ASP VB 12 70.85 -37.97 -74.53
C ASP VB 12 70.12 -38.58 -75.72
N MET VB 13 69.00 -39.25 -75.49
CA MET VB 13 68.17 -39.69 -76.60
C MET VB 13 67.45 -38.50 -77.22
N SER VB 14 67.47 -38.42 -78.55
CA SER VB 14 66.80 -37.34 -79.26
C SER VB 14 65.30 -37.60 -79.29
N TYR VB 15 64.56 -36.58 -79.74
CA TYR VB 15 63.11 -36.70 -79.82
C TYR VB 15 62.69 -37.79 -80.80
N GLU VB 16 63.50 -38.02 -81.84
CA GLU VB 16 63.16 -39.07 -82.80
C GLU VB 16 63.15 -40.44 -82.14
N GLN VB 17 64.07 -40.66 -81.20
CA GLN VB 17 64.02 -41.88 -80.40
C GLN VB 17 62.94 -41.81 -79.34
N LEU VB 18 62.67 -40.61 -78.82
CA LEU VB 18 61.64 -40.44 -77.80
C LEU VB 18 60.24 -40.72 -78.32
N MET VB 19 60.04 -40.61 -79.63
CA MET VB 19 58.72 -40.86 -80.21
C MET VB 19 58.19 -42.23 -79.83
N GLN VB 20 58.99 -43.26 -80.07
CA GLN VB 20 58.59 -44.62 -79.72
C GLN VB 20 58.67 -44.89 -78.23
N LEU VB 21 59.26 -43.98 -77.46
CA LEU VB 21 59.32 -44.09 -76.01
C LEU VB 21 58.10 -43.53 -75.32
N TYR VB 22 57.45 -42.53 -75.92
CA TYR VB 22 56.28 -41.91 -75.32
C TYR VB 22 55.00 -42.68 -75.70
N SER VB 23 53.91 -42.29 -75.05
CA SER VB 23 52.61 -42.85 -75.40
C SER VB 23 52.15 -42.30 -76.76
N ALA VB 24 50.97 -42.74 -77.19
CA ALA VB 24 50.44 -42.30 -78.48
C ALA VB 24 50.19 -40.80 -78.49
N ARG VB 25 49.60 -40.28 -77.42
CA ARG VB 25 49.24 -38.86 -77.38
C ARG VB 25 50.49 -37.98 -77.35
N GLN VB 26 51.45 -38.31 -76.49
CA GLN VB 26 52.70 -37.56 -76.45
C GLN VB 26 53.45 -37.69 -77.77
N ARG VB 27 53.40 -38.87 -78.37
CA ARG VB 27 54.09 -39.11 -79.64
C ARG VB 27 53.54 -38.21 -80.74
N ARG VB 28 52.21 -38.08 -80.82
CA ARG VB 28 51.64 -37.15 -81.77
C ARG VB 28 51.92 -35.69 -81.40
N ARG VB 29 51.95 -35.40 -80.09
CA ARG VB 29 52.26 -34.04 -79.64
C ARG VB 29 53.65 -33.62 -80.11
N LEU VB 30 54.62 -34.51 -79.96
CA LEU VB 30 55.97 -34.24 -80.46
C LEU VB 30 56.03 -34.30 -81.97
N ASN VB 31 55.20 -35.15 -82.58
CA ASN VB 31 55.19 -35.27 -84.03
C ASN VB 31 54.77 -33.96 -84.69
N ARG VB 32 53.73 -33.34 -84.17
CA ARG VB 32 53.42 -31.98 -84.57
C ARG VB 32 54.48 -31.03 -84.00
N GLY VB 33 54.63 -29.89 -84.66
CA GLY VB 33 55.73 -29.00 -84.35
C GLY VB 33 55.66 -28.47 -82.93
N LEU VB 34 56.85 -28.25 -82.35
CA LEU VB 34 56.98 -27.72 -81.00
C LEU VB 34 57.07 -26.21 -81.07
N ARG VB 35 56.10 -25.53 -80.45
CA ARG VB 35 55.95 -24.10 -80.68
C ARG VB 35 56.98 -23.31 -79.90
N ARG VB 36 57.10 -22.02 -80.27
CA ARG VB 36 58.13 -21.17 -79.73
C ARG VB 36 57.96 -20.89 -78.25
N LYS VB 37 56.73 -20.93 -77.73
CA LYS VB 37 56.55 -20.80 -76.30
C LYS VB 37 57.17 -21.98 -75.55
N GLN VB 38 56.94 -23.19 -76.05
CA GLN VB 38 57.56 -24.37 -75.46
C GLN VB 38 59.08 -24.29 -75.57
N HIS VB 39 59.57 -23.85 -76.72
CA HIS VB 39 61.02 -23.69 -76.89
C HIS VB 39 61.59 -22.68 -75.91
N SER VB 40 60.88 -21.57 -75.69
CA SER VB 40 61.34 -20.55 -74.74
C SER VB 40 61.36 -21.09 -73.32
N LEU VB 41 60.34 -21.86 -72.94
CA LEU VB 41 60.34 -22.45 -71.60
C LEU VB 41 61.49 -23.44 -71.43
N LEU VB 42 61.75 -24.25 -72.47
CA LEU VB 42 62.88 -25.16 -72.43
C LEU VB 42 64.20 -24.41 -72.27
N LYS VB 43 64.36 -23.32 -73.02
CA LYS VB 43 65.58 -22.53 -72.93
C LYS VB 43 65.73 -21.90 -71.55
N ARG VB 44 64.62 -21.40 -70.97
CA ARG VB 44 64.66 -20.82 -69.64
C ARG VB 44 65.06 -21.84 -68.60
N LEU VB 45 64.50 -23.05 -68.69
CA LEU VB 45 64.90 -24.10 -67.75
C LEU VB 45 66.35 -24.51 -67.93
N ARG VB 46 66.82 -24.54 -69.17
CA ARG VB 46 68.23 -24.80 -69.41
C ARG VB 46 69.11 -23.75 -68.77
N LYS VB 47 68.75 -22.47 -68.93
CA LYS VB 47 69.53 -21.39 -68.34
C LYS VB 47 69.53 -21.48 -66.82
N ALA VB 48 68.37 -21.77 -66.23
CA ALA VB 48 68.29 -21.89 -64.79
C ALA VB 48 69.14 -23.05 -64.28
N LYS VB 49 69.11 -24.18 -64.99
CA LYS VB 49 69.93 -25.31 -64.58
C LYS VB 49 71.42 -25.01 -64.73
N LYS VB 50 71.81 -24.32 -65.80
CA LYS VB 50 73.21 -24.02 -66.02
C LYS VB 50 73.74 -22.92 -65.10
N GLU VB 51 72.85 -22.13 -64.49
CA GLU VB 51 73.27 -21.14 -63.51
C GLU VB 51 72.92 -21.54 -62.09
N ALA VB 52 72.34 -22.72 -61.88
CA ALA VB 52 72.04 -23.18 -60.53
C ALA VB 52 73.33 -23.64 -59.84
N PRO VB 53 73.44 -23.45 -58.52
CA PRO VB 53 74.57 -24.02 -57.80
C PRO VB 53 74.46 -25.54 -57.78
N PRO VB 54 75.60 -26.24 -57.74
CA PRO VB 54 75.54 -27.70 -57.65
C PRO VB 54 74.96 -28.17 -56.32
N MET VB 55 74.27 -29.31 -56.39
CA MET VB 55 73.62 -29.91 -55.22
C MET VB 55 72.61 -28.95 -54.59
N GLU VB 56 71.93 -28.17 -55.43
CA GLU VB 56 70.85 -27.31 -54.97
C GLU VB 56 69.82 -27.18 -56.08
N LYS VB 57 68.57 -26.93 -55.70
CA LYS VB 57 67.51 -26.77 -56.67
C LYS VB 57 67.64 -25.43 -57.37
N PRO VB 58 67.33 -25.36 -58.67
CA PRO VB 58 67.41 -24.09 -59.39
C PRO VB 58 66.27 -23.16 -58.98
N GLU VB 59 66.41 -21.91 -59.35
CA GLU VB 59 65.36 -20.93 -59.09
C GLU VB 59 64.09 -21.30 -59.86
N VAL VB 60 62.95 -21.07 -59.23
CA VAL VB 60 61.68 -21.41 -59.85
C VAL VB 60 61.44 -20.52 -61.05
N VAL VB 61 61.03 -21.13 -62.16
CA VAL VB 61 60.71 -20.42 -63.39
C VAL VB 61 59.21 -20.57 -63.61
N LYS VB 62 58.51 -19.46 -63.77
CA LYS VB 62 57.05 -19.50 -63.85
C LYS VB 62 56.61 -19.59 -65.31
N THR VB 63 55.37 -20.05 -65.50
CA THR VB 63 54.82 -20.23 -66.84
C THR VB 63 53.33 -20.45 -66.76
N HIS VB 64 52.62 -19.99 -67.78
CA HIS VB 64 51.19 -20.17 -67.92
C HIS VB 64 50.79 -21.50 -68.53
N LEU VB 65 51.55 -21.98 -69.52
CA LEU VB 65 51.10 -23.12 -70.30
C LEU VB 65 51.30 -24.41 -69.51
N ARG VB 66 50.20 -25.02 -69.11
CA ARG VB 66 50.18 -26.27 -68.36
C ARG VB 66 50.08 -27.47 -69.28
N ASP VB 67 50.16 -27.26 -70.59
CA ASP VB 67 50.14 -28.32 -71.58
C ASP VB 67 51.52 -28.81 -71.95
N MET VB 68 52.57 -28.28 -71.34
CA MET VB 68 53.93 -28.67 -71.67
C MET VB 68 54.18 -30.09 -71.19
N ILE VB 69 54.53 -30.97 -72.11
CA ILE VB 69 54.88 -32.33 -71.71
C ILE VB 69 56.26 -32.31 -71.07
N ILE VB 70 56.50 -33.27 -70.18
CA ILE VB 70 57.73 -33.32 -69.40
C ILE VB 70 58.76 -34.09 -70.18
N LEU VB 71 59.94 -33.51 -70.34
CA LEU VB 71 61.03 -34.10 -71.09
C LEU VB 71 62.15 -34.53 -70.15
N PRO VB 72 62.97 -35.50 -70.57
CA PRO VB 72 64.04 -35.96 -69.68
C PRO VB 72 65.03 -34.88 -69.30
N GLU VB 73 65.25 -33.89 -70.16
CA GLU VB 73 66.17 -32.81 -69.84
C GLU VB 73 65.52 -31.73 -69.00
N MET VB 74 64.24 -31.86 -68.66
CA MET VB 74 63.55 -30.93 -67.78
C MET VB 74 63.53 -31.38 -66.33
N VAL VB 75 64.11 -32.52 -66.00
CA VAL VB 75 63.85 -33.16 -64.72
C VAL VB 75 64.73 -32.51 -63.65
N GLY VB 76 64.13 -32.22 -62.50
CA GLY VB 76 64.85 -31.64 -61.38
C GLY VB 76 64.71 -30.14 -61.23
N SER VB 77 63.85 -29.50 -62.01
CA SER VB 77 63.72 -28.05 -61.97
C SER VB 77 62.55 -27.64 -61.09
N MET VB 78 62.56 -26.37 -60.72
CA MET VB 78 61.46 -25.75 -59.97
C MET VB 78 60.68 -24.86 -60.92
N VAL VB 79 59.40 -25.17 -61.09
CA VAL VB 79 58.57 -24.47 -62.06
C VAL VB 79 57.30 -23.99 -61.39
N GLY VB 80 56.96 -22.72 -61.60
CA GLY VB 80 55.70 -22.19 -61.13
C GLY VB 80 54.66 -22.30 -62.23
N VAL VB 81 53.85 -23.34 -62.16
CA VAL VB 81 52.84 -23.60 -63.17
C VAL VB 81 51.58 -22.84 -62.77
N TYR VB 82 51.06 -22.03 -63.69
CA TYR VB 82 49.84 -21.30 -63.40
C TYR VB 82 48.66 -22.26 -63.26
N ASN VB 83 47.74 -21.93 -62.35
CA ASN VB 83 46.54 -22.72 -62.16
C ASN VB 83 45.26 -21.90 -62.31
N GLY VB 84 45.33 -20.75 -62.95
CA GLY VB 84 44.22 -19.82 -63.06
C GLY VB 84 44.25 -18.72 -62.03
N LYS VB 85 44.98 -18.90 -60.94
CA LYS VB 85 45.10 -17.87 -59.93
C LYS VB 85 46.55 -17.48 -59.65
N THR VB 86 47.45 -18.44 -59.63
CA THR VB 86 48.84 -18.21 -59.25
C THR VB 86 49.69 -19.34 -59.80
N PHE VB 87 51.00 -19.14 -59.78
CA PHE VB 87 51.94 -20.16 -60.22
C PHE VB 87 52.32 -21.02 -59.03
N ASN VB 88 51.77 -22.22 -58.97
CA ASN VB 88 52.12 -23.17 -57.93
C ASN VB 88 53.49 -23.77 -58.24
N GLN VB 89 54.34 -23.82 -57.22
CA GLN VB 89 55.72 -24.27 -57.40
C GLN VB 89 55.79 -25.78 -57.30
N VAL VB 90 56.23 -26.44 -58.38
CA VAL VB 90 56.33 -27.88 -58.42
C VAL VB 90 57.70 -28.27 -59.00
N GLU VB 91 58.06 -29.52 -58.76
CA GLU VB 91 59.35 -30.07 -59.17
C GLU VB 91 59.12 -31.30 -60.03
N ILE VB 92 60.11 -31.63 -60.84
CA ILE VB 92 60.00 -32.69 -61.83
C ILE VB 92 60.79 -33.90 -61.36
N LYS VB 93 60.12 -35.03 -61.29
CA LYS VB 93 60.61 -36.35 -60.93
C LYS VB 93 60.89 -37.16 -62.18
N PRO VB 94 61.94 -37.99 -62.20
CA PRO VB 94 62.20 -38.81 -63.39
C PRO VB 94 61.20 -39.94 -63.60
N GLU VB 95 60.16 -40.01 -62.79
CA GLU VB 95 59.11 -41.01 -62.97
C GLU VB 95 57.77 -40.39 -63.38
N MET VB 96 57.73 -39.09 -63.64
CA MET VB 96 56.54 -38.44 -64.16
C MET VB 96 56.82 -37.79 -65.50
N ILE VB 97 57.74 -38.37 -66.28
CA ILE VB 97 58.14 -37.78 -67.55
C ILE VB 97 56.98 -37.79 -68.54
N GLY VB 98 56.22 -38.87 -68.58
CA GLY VB 98 55.11 -38.96 -69.51
C GLY VB 98 53.85 -38.26 -69.04
N HIS VB 99 53.96 -36.96 -68.78
CA HIS VB 99 52.85 -36.20 -68.21
C HIS VB 99 52.98 -34.74 -68.62
N TYR VB 100 51.90 -34.00 -68.43
CA TYR VB 100 51.88 -32.57 -68.71
C TYR VB 100 52.24 -31.80 -67.45
N LEU VB 101 52.04 -30.48 -67.50
CA LEU VB 101 52.21 -29.63 -66.33
C LEU VB 101 50.90 -29.36 -65.60
N GLY VB 102 49.80 -29.95 -66.06
CA GLY VB 102 48.50 -29.61 -65.52
C GLY VB 102 48.03 -30.49 -64.40
N GLU VB 103 48.31 -31.79 -64.49
CA GLU VB 103 47.82 -32.73 -63.49
C GLU VB 103 48.46 -32.50 -62.13
N PHE VB 104 49.61 -31.82 -62.09
CA PHE VB 104 50.35 -31.62 -60.86
C PHE VB 104 50.18 -30.21 -60.29
N SER VB 105 49.24 -29.42 -60.81
CA SER VB 105 48.95 -28.09 -60.28
C SER VB 105 47.44 -27.89 -60.39
N ILE VB 106 46.73 -28.25 -59.32
CA ILE VB 106 45.27 -28.25 -59.38
C ILE VB 106 44.74 -26.83 -59.51
N THR VB 107 43.59 -26.70 -60.15
CA THR VB 107 42.94 -25.42 -60.38
C THR VB 107 41.74 -25.19 -59.48
N TYR VB 108 41.31 -26.19 -58.73
CA TYR VB 108 40.14 -26.06 -57.88
C TYR VB 108 40.46 -26.59 -56.48
N LYS VB 109 39.81 -25.99 -55.50
CA LYS VB 109 39.96 -26.52 -54.15
C LYS VB 109 39.14 -27.80 -54.00
N PRO VB 110 39.61 -28.76 -53.22
CA PRO VB 110 38.76 -29.89 -52.84
C PRO VB 110 37.55 -29.42 -52.06
N VAL VB 111 36.42 -30.08 -52.27
CA VAL VB 111 35.17 -29.62 -51.68
C VAL VB 111 35.05 -30.11 -50.25
N LYS VB 112 34.62 -29.21 -49.36
CA LYS VB 112 34.32 -29.52 -47.97
C LYS VB 112 32.89 -29.03 -47.72
N HIS VB 113 31.95 -29.96 -47.77
CA HIS VB 113 30.54 -29.59 -47.80
C HIS VB 113 30.02 -29.23 -46.42
N GLY VB 114 29.21 -28.16 -46.37
CA GLY VB 114 28.55 -27.74 -45.16
C GLY VB 114 27.16 -28.34 -45.02
N ARG VB 115 26.39 -27.79 -44.09
CA ARG VB 115 25.03 -28.26 -43.87
C ARG VB 115 24.13 -27.85 -45.03
N PRO VB 116 23.27 -28.72 -45.52
CA PRO VB 116 22.31 -28.32 -46.56
C PRO VB 116 21.08 -27.66 -45.93
N GLY VB 117 20.72 -26.49 -46.45
CA GLY VB 117 19.57 -25.78 -45.93
C GLY VB 117 18.34 -25.85 -46.81
N ILE VB 118 18.53 -25.70 -48.12
CA ILE VB 118 17.46 -25.74 -49.10
C ILE VB 118 17.81 -26.78 -50.16
N GLY VB 119 16.79 -27.51 -50.61
CA GLY VB 119 16.99 -28.54 -51.60
C GLY VB 119 16.14 -29.75 -51.30
N ALA VB 120 15.57 -29.79 -50.10
CA ALA VB 120 14.69 -30.87 -49.69
C ALA VB 120 13.29 -30.63 -50.28
N THR VB 121 12.29 -31.35 -49.75
CA THR VB 121 10.90 -31.28 -50.21
C THR VB 121 10.78 -31.64 -51.69
N SER WB 1 -1.69 -71.20 -130.35
CA SER WB 1 -0.51 -71.79 -129.72
C SER WB 1 0.75 -71.05 -130.11
N LYS WB 2 0.61 -70.03 -130.96
CA LYS WB 2 1.77 -69.29 -131.44
C LYS WB 2 1.50 -67.78 -131.50
N GLY WB 3 0.54 -67.28 -130.74
CA GLY WB 3 0.22 -65.87 -130.75
C GLY WB 3 1.24 -65.03 -130.00
N PRO WB 4 1.87 -64.09 -130.72
CA PRO WB 4 2.89 -63.25 -130.08
C PRO WB 4 2.31 -62.00 -129.45
N LEU WB 5 3.18 -61.26 -128.75
CA LEU WB 5 2.84 -59.94 -128.18
C LEU WB 5 1.72 -60.04 -127.16
N GLN WB 6 1.50 -61.22 -126.59
CA GLN WB 6 0.45 -61.43 -125.60
C GLN WB 6 1.04 -61.15 -124.22
N SER WB 7 1.09 -59.88 -123.86
CA SER WB 7 1.77 -59.48 -122.65
C SER WB 7 1.04 -58.33 -121.98
N VAL WB 8 1.03 -58.37 -120.64
CA VAL WB 8 0.58 -57.28 -119.79
C VAL WB 8 1.65 -57.03 -118.75
N GLN WB 9 1.58 -55.87 -118.10
CA GLN WB 9 2.49 -55.55 -117.01
C GLN WB 9 1.68 -54.82 -115.94
N VAL WB 10 1.50 -55.47 -114.80
CA VAL WB 10 0.62 -54.98 -113.75
C VAL WB 10 1.42 -54.83 -112.47
N PHE WB 11 1.30 -53.68 -111.82
CA PHE WB 11 2.02 -53.43 -110.58
C PHE WB 11 1.13 -53.71 -109.38
N GLY WB 12 1.75 -53.73 -108.21
CA GLY WB 12 1.06 -53.77 -106.95
C GLY WB 12 1.95 -53.19 -105.87
N ARG WB 13 1.44 -52.23 -105.10
CA ARG WB 13 2.26 -51.56 -104.10
C ARG WB 13 1.52 -51.44 -102.78
N LYS WB 14 2.29 -51.45 -101.70
CA LYS WB 14 1.76 -51.20 -100.36
C LYS WB 14 2.92 -50.80 -99.46
N LYS WB 15 2.80 -49.63 -98.82
CA LYS WB 15 3.83 -49.11 -97.93
C LYS WB 15 5.17 -48.96 -98.65
N THR WB 16 5.17 -48.13 -99.69
CA THR WB 16 6.38 -47.73 -100.42
C THR WB 16 7.19 -48.94 -100.89
N ALA WB 17 6.49 -50.00 -101.27
CA ALA WB 17 7.12 -51.23 -101.74
C ALA WB 17 6.36 -51.69 -102.98
N THR WB 18 6.89 -51.38 -104.15
CA THR WB 18 6.20 -51.73 -105.38
C THR WB 18 6.74 -53.04 -105.95
N ALA WB 19 5.88 -53.76 -106.66
CA ALA WB 19 6.27 -55.00 -107.31
C ALA WB 19 5.48 -55.10 -108.60
N VAL WB 20 6.19 -55.11 -109.72
CA VAL WB 20 5.58 -55.16 -111.05
C VAL WB 20 5.73 -56.57 -111.58
N ALA WB 21 4.62 -57.16 -112.00
CA ALA WB 21 4.61 -58.47 -112.63
C ALA WB 21 4.40 -58.29 -114.13
N HIS WB 22 5.32 -58.83 -114.92
CA HIS WB 22 5.19 -58.91 -116.36
C HIS WB 22 4.64 -60.29 -116.70
N CYS WB 23 3.51 -60.33 -117.37
CA CYS WB 23 2.78 -61.55 -117.68
C CYS WB 23 2.72 -61.75 -119.18
N LYS WB 24 3.02 -62.96 -119.63
CA LYS WB 24 3.08 -63.27 -121.05
C LYS WB 24 2.79 -64.75 -121.23
N ARG WB 25 2.52 -65.13 -122.48
CA ARG WB 25 2.26 -66.51 -122.81
C ARG WB 25 3.51 -67.35 -122.61
N GLY WB 26 3.34 -68.53 -122.03
CA GLY WB 26 4.45 -69.46 -121.88
C GLY WB 26 4.09 -70.61 -120.97
N ASN WB 27 5.11 -71.42 -120.69
CA ASN WB 27 4.95 -72.54 -119.78
C ASN WB 27 4.66 -72.05 -118.37
N GLY WB 28 3.87 -72.84 -117.65
CA GLY WB 28 3.54 -72.52 -116.27
C GLY WB 28 4.74 -72.47 -115.36
N LEU WB 29 5.12 -71.27 -114.94
CA LEU WB 29 6.31 -71.07 -114.13
C LEU WB 29 6.17 -69.74 -113.40
N ILE WB 30 6.93 -69.61 -112.32
CA ILE WB 30 6.82 -68.43 -111.45
C ILE WB 30 8.21 -68.03 -110.98
N LYS WB 31 8.47 -66.72 -110.93
CA LYS WB 31 9.72 -66.21 -110.42
C LYS WB 31 9.55 -64.77 -109.98
N VAL WB 32 10.04 -64.46 -108.78
CA VAL WB 32 10.13 -63.10 -108.28
C VAL WB 32 11.61 -62.77 -108.10
N ASN WB 33 12.05 -61.67 -108.73
CA ASN WB 33 13.43 -61.20 -108.63
C ASN WB 33 14.42 -62.29 -109.06
N GLY WB 34 14.03 -63.07 -110.07
CA GLY WB 34 14.90 -64.10 -110.59
C GLY WB 34 14.97 -65.36 -109.77
N ARG WB 35 14.16 -65.50 -108.73
CA ARG WB 35 14.14 -66.72 -107.93
C ARG WB 35 12.69 -67.15 -107.68
N PRO WB 36 12.45 -68.45 -107.59
CA PRO WB 36 11.08 -68.92 -107.38
C PRO WB 36 10.55 -68.53 -106.01
N LEU WB 37 9.22 -68.44 -105.93
CA LEU WB 37 8.58 -68.03 -104.69
C LEU WB 37 8.86 -69.01 -103.57
N GLU WB 38 9.04 -70.29 -103.89
CA GLU WB 38 9.33 -71.28 -102.86
C GLU WB 38 10.67 -70.99 -102.20
N MET WB 39 11.65 -70.56 -102.97
CA MET WB 39 12.92 -70.10 -102.42
C MET WB 39 12.81 -68.60 -102.15
N ILE WB 40 11.96 -68.28 -101.18
CA ILE WB 40 11.84 -66.92 -100.68
C ILE WB 40 12.54 -66.85 -99.32
N GLU WB 41 12.88 -65.64 -98.92
CA GLU WB 41 13.70 -65.49 -97.72
C GLU WB 41 12.86 -65.67 -96.45
N PRO WB 42 11.77 -64.91 -96.20
CA PRO WB 42 10.98 -65.18 -94.99
C PRO WB 42 10.02 -66.33 -95.19
N ARG WB 43 10.51 -67.56 -95.03
CA ARG WB 43 9.72 -68.74 -95.35
C ARG WB 43 8.56 -68.97 -94.39
N THR WB 44 8.52 -68.27 -93.25
CA THR WB 44 7.36 -68.38 -92.37
C THR WB 44 6.13 -67.74 -93.01
N LEU WB 45 6.31 -66.88 -94.00
CA LEU WB 45 5.22 -66.29 -94.77
C LEU WB 45 5.10 -66.91 -96.15
N GLN WB 46 5.76 -68.04 -96.39
CA GLN WB 46 5.79 -68.62 -97.73
C GLN WB 46 4.40 -69.09 -98.16
N TYR WB 47 3.57 -69.49 -97.19
CA TYR WB 47 2.19 -69.83 -97.49
C TYR WB 47 1.41 -68.64 -98.00
N LYS WB 48 1.72 -67.42 -97.55
CA LYS WB 48 1.07 -66.24 -98.11
C LYS WB 48 1.41 -66.04 -99.57
N LEU WB 49 2.65 -66.32 -99.97
CA LEU WB 49 3.02 -66.12 -101.38
C LEU WB 49 2.48 -67.24 -102.26
N LEU WB 50 2.44 -68.48 -101.78
CA LEU WB 50 1.83 -69.54 -102.57
C LEU WB 50 0.31 -69.59 -102.40
N GLU WB 51 -0.26 -68.71 -101.57
CA GLU WB 51 -1.71 -68.68 -101.39
C GLU WB 51 -2.48 -68.37 -102.67
N PRO WB 52 -2.17 -67.31 -103.44
CA PRO WB 52 -3.00 -67.04 -104.64
C PRO WB 52 -3.04 -68.18 -105.63
N VAL WB 53 -1.90 -68.84 -105.86
CA VAL WB 53 -1.88 -69.93 -106.82
C VAL WB 53 -2.66 -71.14 -106.31
N LEU WB 54 -2.64 -71.39 -104.99
CA LEU WB 54 -3.44 -72.49 -104.47
C LEU WB 54 -4.91 -72.16 -104.42
N LEU WB 55 -5.29 -70.88 -104.49
CA LEU WB 55 -6.71 -70.56 -104.48
C LEU WB 55 -7.41 -71.15 -105.69
N LEU WB 56 -7.00 -70.78 -106.89
CA LEU WB 56 -7.58 -71.28 -108.12
C LEU WB 56 -6.83 -72.48 -108.68
N GLY WB 57 -5.80 -72.95 -108.00
CA GLY WB 57 -5.05 -74.10 -108.45
C GLY WB 57 -4.06 -73.76 -109.54
N LYS WB 58 -3.17 -74.72 -109.80
CA LYS WB 58 -2.19 -74.58 -110.86
C LYS WB 58 -2.79 -74.75 -112.25
N GLU WB 59 -4.04 -75.20 -112.33
CA GLU WB 59 -4.63 -75.52 -113.63
C GLU WB 59 -4.72 -74.29 -114.52
N ARG WB 60 -5.14 -73.16 -113.96
CA ARG WB 60 -5.17 -71.94 -114.74
C ARG WB 60 -3.81 -71.27 -114.82
N PHE WB 61 -2.84 -71.70 -114.02
CA PHE WB 61 -1.48 -71.19 -114.09
C PHE WB 61 -0.61 -71.99 -115.06
N ALA WB 62 -1.13 -73.10 -115.59
CA ALA WB 62 -0.35 -73.93 -116.49
C ALA WB 62 -0.03 -73.22 -117.79
N GLY WB 63 -0.92 -72.34 -118.26
CA GLY WB 63 -0.73 -71.70 -119.55
C GLY WB 63 -0.26 -70.26 -119.46
N VAL WB 64 0.42 -69.90 -118.37
CA VAL WB 64 0.82 -68.53 -118.13
C VAL WB 64 2.31 -68.50 -117.81
N ASP WB 65 2.93 -67.35 -118.06
CA ASP WB 65 4.36 -67.15 -117.81
C ASP WB 65 4.55 -65.76 -117.22
N ILE WB 66 4.93 -65.69 -115.94
CA ILE WB 66 4.91 -64.45 -115.18
C ILE WB 66 6.21 -64.26 -114.42
N ARG WB 67 6.73 -63.03 -114.43
CA ARG WB 67 7.94 -62.70 -113.69
C ARG WB 67 7.79 -61.34 -113.03
N VAL WB 68 8.21 -61.25 -111.77
CA VAL WB 68 7.94 -60.07 -110.94
C VAL WB 68 9.27 -59.46 -110.50
N ARG WB 69 9.32 -58.14 -110.48
CA ARG WB 69 10.44 -57.37 -109.95
C ARG WB 69 9.94 -56.44 -108.85
N VAL WB 70 10.69 -56.38 -107.75
CA VAL WB 70 10.24 -55.72 -106.54
C VAL WB 70 11.29 -54.71 -106.10
N LYS WB 71 10.84 -53.53 -105.66
CA LYS WB 71 11.74 -52.52 -105.14
C LYS WB 71 11.04 -51.69 -104.08
N GLY WB 72 11.78 -51.34 -103.03
CA GLY WB 72 11.33 -50.44 -102.01
C GLY WB 72 10.78 -51.16 -100.79
N GLY WB 73 10.72 -50.42 -99.68
CA GLY WB 73 10.08 -50.91 -98.48
C GLY WB 73 10.85 -52.02 -97.79
N GLY WB 74 10.12 -52.79 -96.98
CA GLY WB 74 10.66 -53.90 -96.23
C GLY WB 74 10.13 -55.24 -96.70
N HIS WB 75 10.44 -56.25 -95.89
CA HIS WB 75 10.19 -57.63 -96.30
C HIS WB 75 8.70 -57.95 -96.38
N VAL WB 76 7.94 -57.61 -95.33
CA VAL WB 76 6.53 -57.92 -95.31
C VAL WB 76 5.79 -57.14 -96.40
N ALA WB 77 6.14 -55.87 -96.57
CA ALA WB 77 5.53 -55.08 -97.63
C ALA WB 77 5.86 -55.65 -99.00
N GLN WB 78 7.08 -56.14 -99.18
CA GLN WB 78 7.44 -56.82 -100.41
C GLN WB 78 6.57 -58.05 -100.63
N ILE WB 79 6.33 -58.81 -99.56
CA ILE WB 79 5.52 -60.03 -99.68
C ILE WB 79 4.10 -59.70 -100.12
N TYR WB 80 3.48 -58.73 -99.43
CA TYR WB 80 2.11 -58.37 -99.76
C TYR WB 80 2.00 -57.78 -101.16
N ALA WB 81 2.94 -56.92 -101.53
CA ALA WB 81 2.94 -56.34 -102.86
C ALA WB 81 3.14 -57.41 -103.92
N ILE WB 82 3.97 -58.42 -103.64
CA ILE WB 82 4.18 -59.51 -104.59
C ILE WB 82 2.89 -60.28 -104.82
N ARG WB 83 2.22 -60.68 -103.74
CA ARG WB 83 1.02 -61.50 -103.93
C ARG WB 83 -0.09 -60.72 -104.63
N GLN WB 84 -0.27 -59.45 -104.26
CA GLN WB 84 -1.29 -58.67 -104.96
C GLN WB 84 -0.89 -58.39 -106.40
N SER WB 85 0.41 -58.23 -106.67
CA SER WB 85 0.88 -58.09 -108.04
C SER WB 85 0.56 -59.34 -108.85
N ILE WB 86 0.77 -60.51 -108.26
CA ILE WB 86 0.47 -61.77 -108.94
C ILE WB 86 -1.02 -61.85 -109.27
N SER WB 87 -1.87 -61.62 -108.28
CA SER WB 87 -3.30 -61.79 -108.51
C SER WB 87 -3.81 -60.77 -109.52
N LYS WB 88 -3.41 -59.50 -109.37
CA LYS WB 88 -3.88 -58.47 -110.28
C LYS WB 88 -3.38 -58.71 -111.70
N ALA WB 89 -2.12 -59.13 -111.86
CA ALA WB 89 -1.60 -59.39 -113.18
C ALA WB 89 -2.32 -60.56 -113.84
N LEU WB 90 -2.58 -61.62 -113.09
CA LEU WB 90 -3.30 -62.76 -113.67
C LEU WB 90 -4.70 -62.35 -114.09
N VAL WB 91 -5.42 -61.62 -113.23
CA VAL WB 91 -6.79 -61.27 -113.56
C VAL WB 91 -6.85 -60.29 -114.73
N ALA WB 92 -5.88 -59.37 -114.82
CA ALA WB 92 -5.86 -58.43 -115.94
C ALA WB 92 -5.50 -59.11 -117.25
N TYR WB 93 -4.51 -60.00 -117.23
CA TYR WB 93 -4.16 -60.76 -118.43
C TYR WB 93 -5.33 -61.61 -118.89
N TYR WB 94 -6.02 -62.25 -117.94
CA TYR WB 94 -7.18 -63.04 -118.27
C TYR WB 94 -8.27 -62.19 -118.91
N GLN WB 95 -8.63 -61.06 -118.30
CA GLN WB 95 -9.68 -60.23 -118.87
C GLN WB 95 -9.27 -59.68 -120.23
N LYS WB 96 -7.97 -59.46 -120.44
CA LYS WB 96 -7.53 -58.92 -121.71
C LYS WB 96 -7.65 -59.94 -122.84
N TYR WB 97 -7.20 -61.18 -122.59
CA TYR WB 97 -7.04 -62.09 -123.70
C TYR WB 97 -8.10 -63.18 -123.80
N VAL WB 98 -8.93 -63.37 -122.78
CA VAL WB 98 -10.11 -64.21 -122.86
C VAL WB 98 -11.29 -63.46 -122.23
N ASP WB 99 -12.44 -64.13 -122.23
CA ASP WB 99 -13.67 -63.46 -121.80
C ASP WB 99 -13.68 -63.24 -120.29
N GLU WB 100 -14.46 -62.25 -119.87
CA GLU WB 100 -14.62 -61.94 -118.47
C GLU WB 100 -15.69 -62.79 -117.80
N ALA WB 101 -16.48 -63.53 -118.57
CA ALA WB 101 -17.46 -64.43 -117.98
C ALA WB 101 -16.78 -65.52 -117.17
N SER WB 102 -15.56 -65.90 -117.55
CA SER WB 102 -14.75 -66.79 -116.74
C SER WB 102 -13.74 -66.05 -115.88
N LYS WB 103 -13.53 -64.76 -116.12
CA LYS WB 103 -12.69 -63.98 -115.23
C LYS WB 103 -13.41 -63.68 -113.92
N LYS WB 104 -14.74 -63.60 -113.96
CA LYS WB 104 -15.51 -63.34 -112.76
C LYS WB 104 -15.33 -64.45 -111.73
N GLU WB 105 -15.34 -65.71 -112.19
CA GLU WB 105 -15.25 -66.84 -111.27
C GLU WB 105 -13.85 -67.04 -110.71
N ILE WB 106 -12.86 -66.28 -111.18
CA ILE WB 106 -11.56 -66.24 -110.54
C ILE WB 106 -11.35 -64.96 -109.74
N LYS WB 107 -11.99 -63.85 -110.11
CA LYS WB 107 -11.89 -62.63 -109.33
C LYS WB 107 -12.66 -62.75 -108.03
N ASP WB 108 -13.79 -63.47 -108.06
CA ASP WB 108 -14.63 -63.57 -106.87
C ASP WB 108 -13.96 -64.36 -105.77
N ILE WB 109 -13.17 -65.36 -106.13
CA ILE WB 109 -12.43 -66.11 -105.12
C ILE WB 109 -11.44 -65.20 -104.40
N LEU WB 110 -10.73 -64.37 -105.16
CA LEU WB 110 -9.75 -63.47 -104.56
C LEU WB 110 -10.43 -62.45 -103.65
N ILE WB 111 -11.53 -61.86 -104.11
CA ILE WB 111 -12.17 -60.82 -103.29
C ILE WB 111 -12.84 -61.43 -102.07
N GLN WB 112 -13.40 -62.63 -102.20
CA GLN WB 112 -14.02 -63.27 -101.05
C GLN WB 112 -12.98 -63.79 -100.06
N TYR WB 113 -11.75 -64.03 -100.52
CA TYR WB 113 -10.70 -64.48 -99.62
C TYR WB 113 -10.04 -63.30 -98.91
N ASP WB 114 -9.51 -62.35 -99.68
CA ASP WB 114 -8.86 -61.18 -99.10
C ASP WB 114 -8.93 -60.05 -100.10
N ARG WB 115 -9.47 -58.91 -99.70
CA ARG WB 115 -9.59 -57.77 -100.60
C ARG WB 115 -8.22 -57.28 -101.06
N THR WB 116 -7.20 -57.44 -100.22
CA THR WB 116 -5.86 -56.93 -100.56
C THR WB 116 -5.27 -57.62 -101.76
N LEU WB 117 -5.78 -58.80 -102.13
CA LEU WB 117 -5.27 -59.50 -103.31
C LEU WB 117 -5.52 -58.73 -104.59
N LEU WB 118 -6.49 -57.82 -104.59
CA LEU WB 118 -6.79 -57.02 -105.77
C LEU WB 118 -6.96 -55.54 -105.47
N VAL WB 119 -6.96 -55.13 -104.21
CA VAL WB 119 -7.09 -53.72 -103.84
C VAL WB 119 -5.98 -53.41 -102.85
N ALA WB 120 -5.07 -52.52 -103.24
CA ALA WB 120 -3.92 -52.18 -102.40
C ALA WB 120 -4.36 -51.42 -101.16
N ASP WB 121 -3.60 -51.58 -100.09
CA ASP WB 121 -3.89 -50.88 -98.85
C ASP WB 121 -3.33 -49.47 -98.92
N PRO WB 122 -4.16 -48.43 -98.75
CA PRO WB 122 -3.65 -47.07 -98.92
C PRO WB 122 -2.86 -46.52 -97.76
N ARG WB 123 -2.94 -47.12 -96.58
CA ARG WB 123 -2.30 -46.52 -95.40
C ARG WB 123 -0.79 -46.61 -95.52
N ARG WB 124 -0.12 -45.47 -95.40
CA ARG WB 124 1.33 -45.43 -95.54
C ARG WB 124 2.03 -45.06 -94.24
N CYS WB 125 1.79 -43.87 -93.70
CA CYS WB 125 2.47 -43.41 -92.49
C CYS WB 125 1.90 -42.05 -92.13
N GLU WB 126 2.23 -41.58 -90.93
CA GLU WB 126 1.86 -40.27 -90.45
C GLU WB 126 3.10 -39.50 -90.06
N SER WB 127 3.02 -38.18 -90.11
CA SER WB 127 4.17 -37.34 -89.83
C SER WB 127 4.42 -37.25 -88.33
N LYS WB 128 5.70 -37.24 -87.97
CA LYS WB 128 6.10 -37.00 -86.58
C LYS WB 128 6.04 -35.53 -86.28
N LYS WB 129 5.46 -35.17 -85.13
CA LYS WB 129 5.33 -33.78 -84.73
C LYS WB 129 6.40 -33.42 -83.72
N PHE WB 130 6.67 -32.12 -83.62
CA PHE WB 130 7.79 -31.63 -82.83
C PHE WB 130 7.49 -31.57 -81.35
N GLY WB 131 6.47 -32.29 -80.87
CA GLY WB 131 6.17 -32.26 -79.45
C GLY WB 131 6.50 -33.55 -78.74
N GLY WB 132 6.77 -34.60 -79.49
CA GLY WB 132 7.01 -35.89 -78.91
C GLY WB 132 7.83 -36.79 -79.81
N PRO WB 133 8.04 -38.03 -79.38
CA PRO WB 133 8.88 -38.94 -80.16
C PRO WB 133 8.33 -39.24 -81.56
N GLY WB 134 7.02 -39.29 -81.71
CA GLY WB 134 6.47 -39.73 -82.98
C GLY WB 134 5.25 -38.98 -83.46
N ALA WB 135 4.40 -39.67 -84.23
CA ALA WB 135 3.27 -39.02 -84.87
C ALA WB 135 2.26 -38.52 -83.84
N ARG WB 136 1.93 -39.35 -82.85
CA ARG WB 136 0.98 -38.94 -81.82
C ARG WB 136 1.52 -39.05 -80.41
N ALA WB 137 2.53 -39.90 -80.16
CA ALA WB 137 3.12 -39.99 -78.85
C ALA WB 137 3.82 -38.67 -78.51
N ARG WB 138 3.58 -38.17 -77.31
CA ARG WB 138 4.17 -36.91 -76.87
C ARG WB 138 5.26 -37.18 -75.87
N TYR WB 139 6.08 -36.15 -75.63
CA TYR WB 139 7.10 -36.23 -74.61
C TYR WB 139 6.46 -36.14 -73.22
N GLN WB 140 7.25 -36.53 -72.22
CA GLN WB 140 6.77 -36.45 -70.85
C GLN WB 140 6.65 -34.99 -70.41
N LYS WB 141 5.94 -34.79 -69.31
CA LYS WB 141 5.87 -33.50 -68.65
C LYS WB 141 5.74 -33.74 -67.16
N SER WB 142 6.14 -32.75 -66.37
CA SER WB 142 6.02 -32.82 -64.92
C SER WB 142 5.56 -31.49 -64.38
N TYR WB 143 4.58 -31.53 -63.48
CA TYR WB 143 4.15 -30.31 -62.80
C TYR WB 143 4.99 -29.99 -61.58
N ARG WB 144 5.75 -30.95 -61.08
CA ARG WB 144 6.54 -30.73 -59.87
C ARG WB 144 8.00 -31.14 -60.09
N MET XB 1 31.08 -89.80 -76.72
CA MET XB 1 29.96 -89.41 -77.56
C MET XB 1 28.74 -89.00 -76.73
N SER XB 2 28.80 -87.77 -76.20
CA SER XB 2 27.77 -87.24 -75.29
C SER XB 2 27.57 -88.20 -74.11
N LEU XB 3 28.68 -88.67 -73.55
CA LEU XB 3 28.64 -89.76 -72.60
C LEU XB 3 28.50 -89.24 -71.17
N VAL XB 4 28.50 -90.18 -70.23
CA VAL XB 4 28.42 -89.85 -68.80
C VAL XB 4 29.73 -89.23 -68.36
N ILE XB 5 29.75 -88.72 -67.14
CA ILE XB 5 30.96 -88.15 -66.56
C ILE XB 5 32.03 -89.23 -66.44
N PRO XB 6 33.20 -89.04 -67.02
CA PRO XB 6 34.30 -89.99 -66.82
C PRO XB 6 34.83 -89.95 -65.40
N GLU XB 7 35.56 -91.00 -65.04
CA GLU XB 7 36.15 -91.06 -63.71
C GLU XB 7 37.19 -89.97 -63.51
N LYS XB 8 38.00 -89.70 -64.54
CA LYS XB 8 39.03 -88.68 -64.47
C LYS XB 8 38.39 -87.33 -64.79
N PHE XB 9 37.74 -86.78 -63.77
CA PHE XB 9 37.05 -85.51 -63.85
C PHE XB 9 37.30 -84.73 -62.57
N GLN XB 10 37.35 -83.41 -62.69
CA GLN XB 10 37.39 -82.53 -61.53
C GLN XB 10 36.26 -81.53 -61.66
N HIS XB 11 35.42 -81.47 -60.63
CA HIS XB 11 34.28 -80.56 -60.67
C HIS XB 11 34.67 -79.16 -60.21
N ILE XB 12 35.49 -79.07 -59.18
CA ILE XB 12 36.19 -77.85 -58.82
C ILE XB 12 37.68 -78.15 -58.90
N LEU XB 13 38.44 -77.27 -59.56
CA LEU XB 13 39.84 -77.54 -59.79
C LEU XB 13 40.64 -76.26 -59.72
N ARG XB 14 41.89 -76.40 -59.28
CA ARG XB 14 42.73 -75.27 -58.93
C ARG XB 14 43.65 -74.91 -60.10
N VAL XB 15 43.70 -73.62 -60.42
CA VAL XB 15 44.62 -73.09 -61.42
C VAL XB 15 45.37 -71.91 -60.82
N LEU XB 16 46.70 -71.94 -60.89
CA LEU XB 16 47.57 -70.99 -60.20
C LEU XB 16 47.23 -70.96 -58.72
N ASN XB 17 46.57 -69.89 -58.27
CA ASN XB 17 46.23 -69.71 -56.87
C ASN XB 17 44.75 -69.44 -56.67
N THR XB 18 43.90 -69.88 -57.61
CA THR XB 18 42.46 -69.69 -57.49
C THR XB 18 41.75 -70.84 -58.18
N ASN XB 19 40.56 -71.15 -57.68
CA ASN XB 19 39.77 -72.24 -58.23
C ASN XB 19 38.86 -71.73 -59.33
N ILE XB 20 38.55 -72.62 -60.27
CA ILE XB 20 37.60 -72.33 -61.34
C ILE XB 20 36.59 -73.46 -61.41
N ASP XB 21 35.42 -73.14 -61.95
CA ASP XB 21 34.34 -74.13 -62.03
C ASP XB 21 34.70 -75.22 -63.05
N GLY XB 22 33.89 -76.28 -63.04
CA GLY XB 22 34.10 -77.38 -63.97
C GLY XB 22 32.97 -77.53 -64.96
N ARG XB 23 31.74 -77.24 -64.54
CA ARG XB 23 30.57 -77.46 -65.38
C ARG XB 23 30.51 -76.50 -66.56
N ARG XB 24 31.21 -75.37 -66.48
CA ARG XB 24 31.19 -74.39 -67.55
C ARG XB 24 31.98 -74.89 -68.76
N LYS XB 25 31.73 -74.26 -69.90
CA LYS XB 25 32.52 -74.53 -71.09
C LYS XB 25 33.98 -74.20 -70.82
N ILE XB 26 34.87 -74.81 -71.59
CA ILE XB 26 36.28 -74.78 -71.24
C ILE XB 26 36.84 -73.37 -71.37
N ALA XB 27 36.39 -72.62 -72.37
CA ALA XB 27 36.89 -71.25 -72.54
C ALA XB 27 36.31 -70.30 -71.52
N PHE XB 28 34.99 -70.39 -71.28
CA PHE XB 28 34.34 -69.47 -70.36
C PHE XB 28 34.68 -69.76 -68.91
N ALA XB 29 35.04 -71.00 -68.59
CA ALA XB 29 35.35 -71.36 -67.21
C ALA XB 29 36.65 -70.72 -66.76
N ILE XB 30 37.61 -70.54 -67.66
CA ILE XB 30 38.91 -70.01 -67.26
C ILE XB 30 38.95 -68.49 -67.24
N THR XB 31 37.93 -67.81 -67.76
CA THR XB 31 37.92 -66.35 -67.66
C THR XB 31 37.79 -65.87 -66.22
N ALA XB 32 37.43 -66.77 -65.30
CA ALA XB 32 37.39 -66.43 -63.88
C ALA XB 32 38.75 -66.06 -63.34
N ILE XB 33 39.83 -66.43 -64.04
CA ILE XB 33 41.16 -65.94 -63.66
C ILE XB 33 41.17 -64.43 -63.81
N LYS XB 34 41.67 -63.75 -62.79
CA LYS XB 34 41.55 -62.31 -62.67
C LYS XB 34 42.52 -61.65 -63.66
N GLY XB 35 42.04 -61.39 -64.87
CA GLY XB 35 42.89 -60.75 -65.85
C GLY XB 35 42.69 -61.23 -67.27
N VAL XB 36 41.91 -62.29 -67.45
CA VAL XB 36 41.63 -62.85 -68.77
C VAL XB 36 40.14 -62.71 -69.05
N GLY XB 37 39.82 -62.21 -70.25
CA GLY XB 37 38.45 -62.14 -70.71
C GLY XB 37 38.14 -63.18 -71.76
N ARG XB 38 36.98 -63.02 -72.37
CA ARG XB 38 36.50 -64.00 -73.34
C ARG XB 38 37.41 -64.09 -74.57
N ARG XB 39 37.88 -62.95 -75.07
CA ARG XB 39 38.73 -62.95 -76.26
C ARG XB 39 40.07 -63.61 -75.98
N TYR XB 40 40.72 -63.25 -74.88
CA TYR XB 40 42.00 -63.84 -74.53
C TYR XB 40 41.87 -65.34 -74.29
N ALA XB 41 40.83 -65.75 -73.55
CA ALA XB 41 40.63 -67.17 -73.30
C ALA XB 41 40.41 -67.93 -74.60
N HIS XB 42 39.59 -67.38 -75.49
CA HIS XB 42 39.31 -68.07 -76.74
C HIS XB 42 40.55 -68.19 -77.61
N VAL XB 43 41.35 -67.13 -77.71
CA VAL XB 43 42.53 -67.22 -78.56
C VAL XB 43 43.57 -68.16 -77.97
N VAL XB 44 43.77 -68.13 -76.65
CA VAL XB 44 44.78 -69.03 -76.10
C VAL XB 44 44.28 -70.49 -76.15
N LEU XB 45 42.98 -70.73 -76.05
CA LEU XB 45 42.50 -72.10 -76.18
C LEU XB 45 42.53 -72.60 -77.62
N ARG XB 46 42.26 -71.71 -78.58
CA ARG XB 46 42.42 -72.07 -79.98
C ARG XB 46 43.87 -72.41 -80.28
N LYS XB 47 44.81 -71.71 -79.65
CA LYS XB 47 46.21 -72.11 -79.75
C LYS XB 47 46.50 -73.38 -78.98
N ALA XB 48 45.74 -73.66 -77.91
CA ALA XB 48 45.86 -74.94 -77.21
C ALA XB 48 45.40 -76.11 -78.06
N ASP XB 49 44.55 -75.85 -79.07
CA ASP XB 49 44.26 -76.82 -80.13
C ASP XB 49 43.59 -78.07 -79.57
N ILE XB 50 42.45 -77.89 -78.92
CA ILE XB 50 41.73 -78.98 -78.30
C ILE XB 50 40.24 -78.80 -78.59
N ASP XB 51 39.44 -79.72 -78.05
CA ASP XB 51 37.99 -79.62 -78.17
C ASP XB 51 37.46 -78.47 -77.33
N LEU XB 52 36.69 -77.60 -77.97
CA LEU XB 52 36.12 -76.45 -77.29
C LEU XB 52 34.75 -76.73 -76.67
N THR XB 53 34.06 -77.78 -77.11
CA THR XB 53 32.73 -78.07 -76.59
C THR XB 53 32.76 -78.83 -75.28
N LYS XB 54 33.94 -79.25 -74.81
CA LYS XB 54 34.04 -80.01 -73.58
C LYS XB 54 34.24 -79.08 -72.39
N ARG XB 55 33.78 -79.54 -71.23
CA ARG XB 55 33.78 -78.71 -70.04
C ARG XB 55 35.14 -78.71 -69.37
N ALA XB 56 35.24 -78.01 -68.23
CA ALA XB 56 36.54 -77.77 -67.62
C ALA XB 56 37.09 -79.03 -66.95
N GLY XB 57 36.23 -79.92 -66.48
CA GLY XB 57 36.69 -81.15 -65.87
C GLY XB 57 37.09 -82.23 -66.84
N GLU XB 58 36.72 -82.09 -68.11
CA GLU XB 58 37.18 -82.97 -69.17
C GLU XB 58 38.56 -82.60 -69.67
N LEU XB 59 39.16 -81.53 -69.12
CA LEU XB 59 40.51 -81.14 -69.44
C LEU XB 59 41.47 -82.01 -68.65
N THR XB 60 42.20 -82.87 -69.34
CA THR XB 60 43.19 -83.71 -68.68
C THR XB 60 44.35 -82.84 -68.18
N GLU XB 61 45.13 -83.42 -67.25
CA GLU XB 61 46.15 -82.63 -66.56
C GLU XB 61 47.24 -82.15 -67.51
N ASP XB 62 47.58 -82.96 -68.51
CA ASP XB 62 48.53 -82.50 -69.51
C ASP XB 62 47.99 -81.31 -70.28
N GLU XB 63 46.68 -81.29 -70.55
CA GLU XB 63 46.08 -80.11 -71.15
C GLU XB 63 46.06 -78.94 -70.17
N VAL XB 64 45.93 -79.21 -68.87
CA VAL XB 64 46.00 -78.15 -67.87
C VAL XB 64 47.35 -77.46 -67.94
N GLU XB 65 48.42 -78.25 -67.86
CA GLU XB 65 49.75 -77.67 -67.91
C GLU XB 65 50.07 -77.10 -69.28
N ARG XB 66 49.42 -77.61 -70.33
CA ARG XB 66 49.59 -77.04 -71.66
C ARG XB 66 48.99 -75.64 -71.73
N VAL XB 67 47.75 -75.49 -71.25
CA VAL XB 67 47.10 -74.20 -71.41
C VAL XB 67 47.71 -73.15 -70.49
N ILE XB 68 48.19 -73.56 -69.30
CA ILE XB 68 48.71 -72.54 -68.38
C ILE XB 68 49.99 -71.93 -68.91
N THR XB 69 50.85 -72.71 -69.58
CA THR XB 69 52.06 -72.14 -70.15
C THR XB 69 51.76 -71.12 -71.22
N ILE XB 70 50.78 -71.41 -72.09
CA ILE XB 70 50.38 -70.45 -73.10
C ILE XB 70 49.83 -69.19 -72.46
N MET XB 71 48.96 -69.36 -71.46
CA MET XB 71 48.33 -68.19 -70.86
C MET XB 71 49.32 -67.36 -70.06
N GLN XB 72 50.40 -67.97 -69.58
CA GLN XB 72 51.38 -67.23 -68.82
C GLN XB 72 52.42 -66.56 -69.71
N ASN XB 73 52.75 -67.17 -70.85
CA ASN XB 73 53.81 -66.68 -71.73
C ASN XB 73 53.27 -66.59 -73.15
N PRO XB 74 52.45 -65.59 -73.44
CA PRO XB 74 51.76 -65.55 -74.74
C PRO XB 74 52.64 -65.12 -75.89
N ARG XB 75 53.60 -64.23 -75.62
CA ARG XB 75 54.35 -63.58 -76.68
C ARG XB 75 55.20 -64.56 -77.47
N GLN XB 76 55.71 -65.60 -76.82
CA GLN XB 76 56.45 -66.64 -77.52
C GLN XB 76 55.55 -67.51 -78.39
N TYR XB 77 54.27 -67.61 -78.04
CA TYR XB 77 53.32 -68.48 -78.74
C TYR XB 77 52.52 -67.72 -79.77
N LYS XB 78 53.14 -66.75 -80.44
CA LYS XB 78 52.60 -66.06 -81.60
C LYS XB 78 51.39 -65.21 -81.26
N ILE XB 79 51.16 -64.92 -79.99
CA ILE XB 79 50.08 -64.03 -79.59
C ILE XB 79 50.46 -62.59 -79.96
N PRO XB 80 49.61 -61.86 -80.66
CA PRO XB 80 49.97 -60.50 -81.08
C PRO XB 80 50.21 -59.58 -79.90
N ASP XB 81 51.16 -58.68 -80.07
CA ASP XB 81 51.52 -57.77 -78.99
C ASP XB 81 50.46 -56.71 -78.74
N TRP XB 82 49.55 -56.50 -79.69
CA TRP XB 82 48.42 -55.60 -79.45
C TRP XB 82 47.31 -56.28 -78.65
N PHE XB 83 47.39 -57.58 -78.45
CA PHE XB 83 46.35 -58.32 -77.76
C PHE XB 83 46.52 -58.28 -76.25
N LEU XB 84 47.65 -57.77 -75.76
CA LEU XB 84 48.06 -58.02 -74.38
C LEU XB 84 47.62 -56.89 -73.46
N ASN XB 85 47.67 -57.16 -72.16
CA ASN XB 85 47.22 -56.20 -71.17
C ASN XB 85 48.25 -55.11 -70.94
N ARG XB 86 49.43 -55.49 -70.48
CA ARG XB 86 50.48 -54.53 -70.12
C ARG XB 86 51.38 -54.26 -71.32
N GLN XB 87 50.77 -53.69 -72.36
CA GLN XB 87 51.55 -53.23 -73.49
C GLN XB 87 52.38 -52.05 -73.07
N LYS XB 88 53.66 -52.06 -73.42
CA LYS XB 88 54.56 -50.91 -73.22
C LYS XB 88 54.53 -50.45 -71.76
N ASP XB 89 54.97 -51.35 -70.88
CA ASP XB 89 54.90 -51.08 -69.45
C ASP XB 89 55.78 -49.90 -69.08
N VAL XB 90 55.38 -49.20 -68.02
CA VAL XB 90 56.15 -48.05 -67.54
C VAL XB 90 57.38 -48.48 -66.74
N LYS XB 91 57.53 -49.77 -66.47
CA LYS XB 91 58.69 -50.24 -65.72
C LYS XB 91 59.75 -50.85 -66.63
N ASP XB 92 59.39 -51.87 -67.40
CA ASP XB 92 60.34 -52.53 -68.28
C ASP XB 92 60.07 -52.28 -69.76
N GLY XB 93 58.90 -51.74 -70.11
CA GLY XB 93 58.57 -51.54 -71.51
C GLY XB 93 58.42 -52.83 -72.27
N LYS XB 94 57.87 -53.86 -71.63
CA LYS XB 94 57.75 -55.17 -72.22
C LYS XB 94 56.31 -55.66 -72.08
N TYR XB 95 55.73 -56.12 -73.18
CA TYR XB 95 54.35 -56.56 -73.17
C TYR XB 95 54.22 -57.81 -72.32
N SER XB 96 53.08 -57.93 -71.63
CA SER XB 96 52.76 -59.10 -70.85
C SER XB 96 51.27 -59.11 -70.56
N GLN XB 97 50.76 -60.27 -70.16
CA GLN XB 97 49.38 -60.40 -69.71
C GLN XB 97 49.41 -60.77 -68.24
N VAL XB 98 48.77 -59.94 -67.41
CA VAL XB 98 48.78 -60.12 -65.97
C VAL XB 98 47.55 -60.89 -65.55
N LEU XB 99 47.74 -61.86 -64.67
CA LEU XB 99 46.69 -62.77 -64.26
C LEU XB 99 46.62 -62.82 -62.74
N ALA XB 100 45.44 -63.20 -62.24
CA ALA XB 100 45.17 -63.48 -60.81
C ALA XB 100 45.63 -62.28 -59.98
N ASN XB 101 46.26 -62.49 -58.83
CA ASN XB 101 46.68 -61.40 -57.98
C ASN XB 101 47.89 -60.63 -58.51
N GLY XB 102 48.55 -61.14 -59.54
CA GLY XB 102 49.54 -60.33 -60.23
C GLY XB 102 48.94 -59.08 -60.81
N LEU XB 103 47.75 -59.21 -61.42
CA LEU XB 103 47.03 -58.04 -61.91
C LEU XB 103 46.67 -57.09 -60.78
N ASP XB 104 46.27 -57.64 -59.63
CA ASP XB 104 46.00 -56.81 -58.46
C ASP XB 104 47.24 -56.04 -58.03
N ASN XB 105 48.39 -56.71 -58.03
CA ASN XB 105 49.65 -56.04 -57.72
C ASN XB 105 49.93 -54.92 -58.69
N LYS XB 106 49.73 -55.16 -59.98
CA LYS XB 106 50.02 -54.14 -60.99
C LYS XB 106 49.10 -52.93 -60.84
N LEU XB 107 47.81 -53.17 -60.64
CA LEU XB 107 46.87 -52.06 -60.50
C LEU XB 107 47.15 -51.25 -59.25
N ARG XB 108 47.43 -51.93 -58.13
CA ARG XB 108 47.83 -51.24 -56.92
C ARG XB 108 49.09 -50.42 -57.16
N GLU XB 109 50.02 -50.97 -57.94
CA GLU XB 109 51.25 -50.26 -58.26
C GLU XB 109 50.97 -48.99 -59.04
N ASP XB 110 50.08 -49.06 -60.03
CA ASP XB 110 49.75 -47.88 -60.81
C ASP XB 110 49.12 -46.80 -59.94
N LEU XB 111 48.19 -47.21 -59.07
CA LEU XB 111 47.56 -46.26 -58.17
C LEU XB 111 48.59 -45.59 -57.28
N GLU XB 112 49.48 -46.37 -56.68
CA GLU XB 112 50.40 -45.78 -55.71
C GLU XB 112 51.51 -44.98 -56.37
N ARG XB 113 51.91 -45.31 -57.60
CA ARG XB 113 52.89 -44.46 -58.25
C ARG XB 113 52.28 -43.13 -58.70
N LEU XB 114 51.02 -43.14 -59.16
CA LEU XB 114 50.34 -41.88 -59.40
C LEU XB 114 50.20 -41.08 -58.12
N LYS XB 115 49.90 -41.76 -57.01
CA LYS XB 115 49.81 -41.10 -55.73
C LYS XB 115 51.14 -40.48 -55.33
N LYS XB 116 52.23 -41.21 -55.55
CA LYS XB 116 53.55 -40.71 -55.20
C LYS XB 116 53.89 -39.45 -56.00
N ILE XB 117 53.63 -39.47 -57.31
CA ILE XB 117 53.90 -38.28 -58.11
C ILE XB 117 52.85 -37.20 -57.93
N ARG XB 118 51.78 -37.48 -57.17
CA ARG XB 118 50.75 -36.49 -56.84
C ARG XB 118 50.11 -35.91 -58.10
N ALA XB 119 49.82 -36.79 -59.06
CA ALA XB 119 49.07 -36.38 -60.23
C ALA XB 119 47.59 -36.23 -59.89
N HIS XB 120 46.88 -35.51 -60.77
CA HIS XB 120 45.45 -35.29 -60.55
C HIS XB 120 44.68 -36.60 -60.57
N ARG XB 121 45.07 -37.52 -61.46
CA ARG XB 121 44.45 -38.84 -61.47
C ARG XB 121 44.68 -39.58 -60.16
N GLY XB 122 45.89 -39.49 -59.61
CA GLY XB 122 46.17 -40.14 -58.34
C GLY XB 122 45.38 -39.54 -57.20
N LEU XB 123 45.22 -38.21 -57.20
CA LEU XB 123 44.44 -37.57 -56.15
C LEU XB 123 42.98 -37.93 -56.25
N ARG XB 124 42.43 -37.98 -57.47
CA ARG XB 124 41.07 -38.45 -57.64
C ARG XB 124 40.92 -39.90 -57.19
N HIS XB 125 41.92 -40.73 -57.46
CA HIS XB 125 41.90 -42.12 -57.01
C HIS XB 125 41.86 -42.21 -55.50
N PHE XB 126 42.73 -41.44 -54.83
CA PHE XB 126 42.76 -41.47 -53.38
C PHE XB 126 41.43 -40.99 -52.79
N TRP XB 127 40.90 -39.90 -53.32
CA TRP XB 127 39.63 -39.40 -52.81
C TRP XB 127 38.44 -40.22 -53.31
N GLY XB 128 38.68 -41.23 -54.15
CA GLY XB 128 37.62 -42.14 -54.56
C GLY XB 128 36.70 -41.58 -55.61
N LEU XB 129 36.96 -40.38 -56.11
CA LEU XB 129 36.09 -39.71 -57.05
C LEU XB 129 36.27 -40.32 -58.43
N ARG XB 130 35.70 -39.67 -59.44
CA ARG XB 130 35.88 -40.14 -60.80
C ARG XB 130 37.17 -39.59 -61.39
N VAL XB 131 37.83 -40.41 -62.19
CA VAL XB 131 39.14 -40.07 -62.73
C VAL XB 131 39.10 -39.80 -64.22
N ARG XB 132 38.07 -40.25 -64.94
CA ARG XB 132 38.01 -40.14 -66.39
C ARG XB 132 37.22 -38.91 -66.84
N GLY XB 133 37.17 -37.87 -66.01
CA GLY XB 133 36.64 -36.58 -66.44
C GLY XB 133 35.13 -36.44 -66.43
N GLN XB 134 34.39 -37.49 -66.08
CA GLN XB 134 32.96 -37.41 -66.07
C GLN XB 134 32.48 -36.56 -64.89
N HIS XB 135 31.21 -36.14 -64.96
CA HIS XB 135 30.63 -35.29 -63.93
C HIS XB 135 30.40 -36.06 -62.64
N THR XB 136 30.27 -35.32 -61.54
CA THR XB 136 30.06 -35.92 -60.23
C THR XB 136 28.96 -35.24 -59.42
N LYS XB 137 28.17 -34.37 -60.04
CA LYS XB 137 27.15 -33.65 -59.29
C LYS XB 137 26.04 -34.58 -58.82
N THR XB 138 25.56 -35.45 -59.70
CA THR XB 138 24.38 -36.26 -59.41
C THR XB 138 24.66 -37.75 -59.27
N THR XB 139 25.70 -38.27 -59.91
CA THR XB 139 25.99 -39.69 -59.89
C THR XB 139 27.04 -40.01 -58.82
N GLY XB 140 27.23 -41.31 -58.59
CA GLY XB 140 28.11 -41.78 -57.55
C GLY XB 140 27.52 -41.79 -56.17
N ARG XB 141 26.26 -41.38 -56.03
CA ARG XB 141 25.63 -41.27 -54.73
C ARG XB 141 25.40 -42.63 -54.07
N ARG XB 142 25.28 -43.69 -54.85
CA ARG XB 142 25.27 -45.02 -54.26
C ARG XB 142 26.58 -45.33 -53.56
N GLY XB 143 27.70 -45.02 -54.22
CA GLY XB 143 28.99 -45.26 -53.60
C GLY XB 143 29.29 -44.31 -52.46
N ARG XB 144 28.69 -43.14 -52.46
CA ARG XB 144 28.93 -42.17 -51.39
C ARG XB 144 28.00 -42.33 -50.20
N THR XB 145 26.79 -42.86 -50.40
CA THR XB 145 25.85 -43.13 -49.30
C THR XB 145 25.14 -44.45 -49.50
N PRO YB 1 18.47 -80.47 -116.55
CA PRO YB 1 18.10 -79.19 -115.96
C PRO YB 1 19.28 -78.26 -115.75
N GLY YB 2 19.16 -77.03 -116.25
CA GLY YB 2 20.15 -76.01 -116.00
C GLY YB 2 19.87 -75.30 -114.69
N VAL YB 3 20.61 -75.63 -113.64
CA VAL YB 3 20.37 -75.09 -112.31
C VAL YB 3 21.36 -73.98 -112.03
N THR YB 4 20.85 -72.81 -111.69
CA THR YB 4 21.64 -71.66 -111.31
C THR YB 4 21.55 -71.45 -109.80
N VAL YB 5 22.51 -70.69 -109.27
CA VAL YB 5 22.58 -70.49 -107.83
C VAL YB 5 21.34 -69.77 -107.31
N LYS YB 6 20.69 -68.99 -108.16
CA LYS YB 6 19.47 -68.29 -107.74
C LYS YB 6 18.30 -69.24 -107.55
N ASP YB 7 18.43 -70.50 -107.97
CA ASP YB 7 17.38 -71.49 -107.84
C ASP YB 7 17.53 -72.34 -106.58
N VAL YB 8 18.54 -72.08 -105.75
CA VAL YB 8 18.83 -72.92 -104.60
C VAL YB 8 18.81 -72.08 -103.33
N ASN YB 9 18.57 -72.77 -102.21
CA ASN YB 9 18.58 -72.12 -100.90
C ASN YB 9 19.99 -71.65 -100.55
N GLN YB 10 20.10 -70.39 -100.14
CA GLN YB 10 21.42 -69.81 -99.92
C GLN YB 10 22.08 -70.29 -98.64
N GLN YB 11 21.30 -70.64 -97.62
CA GLN YB 11 21.90 -71.17 -96.39
C GLN YB 11 22.67 -72.46 -96.67
N GLU YB 12 22.09 -73.35 -97.47
CA GLU YB 12 22.79 -74.57 -97.85
C GLU YB 12 23.88 -74.29 -98.89
N PHE YB 13 23.62 -73.36 -99.81
CA PHE YB 13 24.57 -73.07 -100.87
C PHE YB 13 25.87 -72.51 -100.33
N VAL YB 14 25.80 -71.63 -99.33
CA VAL YB 14 26.99 -71.01 -98.79
C VAL YB 14 27.89 -72.06 -98.13
N ARG YB 15 27.30 -72.93 -97.31
CA ARG YB 15 28.12 -73.96 -96.68
C ARG YB 15 28.63 -74.97 -97.69
N ALA YB 16 27.87 -75.21 -98.78
CA ALA YB 16 28.38 -76.07 -99.84
C ALA YB 16 29.63 -75.47 -100.49
N LEU YB 17 29.57 -74.18 -100.80
CA LEU YB 17 30.73 -73.53 -101.42
C LEU YB 17 31.92 -73.51 -100.48
N ALA YB 18 31.68 -73.24 -99.19
CA ALA YB 18 32.78 -73.23 -98.23
C ALA YB 18 33.39 -74.61 -98.09
N ALA YB 19 32.56 -75.66 -98.13
CA ALA YB 19 33.09 -77.02 -98.11
C ALA YB 19 33.95 -77.27 -99.33
N PHE YB 20 33.50 -76.80 -100.50
CA PHE YB 20 34.29 -77.00 -101.72
C PHE YB 20 35.64 -76.30 -101.62
N LEU YB 21 35.65 -75.08 -101.10
CA LEU YB 21 36.92 -74.36 -100.95
C LEU YB 21 37.80 -74.99 -99.89
N LYS YB 22 37.19 -75.64 -98.90
CA LYS YB 22 37.98 -76.43 -97.96
C LYS YB 22 38.61 -77.63 -98.66
N LYS YB 23 37.86 -78.26 -99.56
CA LYS YB 23 38.40 -79.40 -100.32
C LYS YB 23 39.57 -78.97 -101.19
N SER YB 24 39.44 -77.84 -101.88
CA SER YB 24 40.50 -77.37 -102.76
C SER YB 24 41.50 -76.56 -101.97
N GLY YB 25 42.73 -77.06 -101.87
CA GLY YB 25 43.74 -76.41 -101.07
C GLY YB 25 44.45 -75.25 -101.73
N LYS YB 26 44.09 -74.91 -102.97
CA LYS YB 26 44.74 -73.79 -103.65
C LYS YB 26 44.44 -72.47 -102.94
N LEU YB 27 43.25 -72.35 -102.35
CA LEU YB 27 42.90 -71.13 -101.64
C LEU YB 27 43.83 -70.91 -100.47
N LYS YB 28 44.24 -69.66 -100.28
CA LYS YB 28 45.18 -69.28 -99.23
C LYS YB 28 44.44 -68.56 -98.11
N VAL YB 29 44.95 -68.71 -96.90
CA VAL YB 29 44.40 -68.03 -95.73
C VAL YB 29 45.51 -67.29 -95.02
N PRO YB 30 45.22 -66.17 -94.36
CA PRO YB 30 46.23 -65.54 -93.50
C PRO YB 30 46.36 -66.29 -92.18
N GLU YB 31 47.51 -66.10 -91.54
CA GLU YB 31 47.76 -66.80 -90.29
C GLU YB 31 46.96 -66.25 -89.12
N TRP YB 32 46.41 -65.05 -89.25
CA TRP YB 32 45.71 -64.40 -88.15
C TRP YB 32 44.22 -64.71 -88.14
N VAL YB 33 43.80 -65.76 -88.86
CA VAL YB 33 42.38 -66.07 -88.94
C VAL YB 33 41.83 -66.45 -87.57
N ASP YB 34 42.59 -67.19 -86.79
CA ASP YB 34 42.14 -67.67 -85.49
C ASP YB 34 42.26 -66.63 -84.39
N THR YB 35 42.75 -65.42 -84.70
CA THR YB 35 43.07 -64.44 -83.67
C THR YB 35 42.23 -63.17 -83.76
N VAL YB 36 42.01 -62.64 -84.97
CA VAL YB 36 41.42 -61.33 -85.10
C VAL YB 36 39.90 -61.40 -85.05
N LYS YB 37 39.29 -60.28 -84.72
CA LYS YB 37 37.85 -60.13 -84.78
C LYS YB 37 37.42 -59.78 -86.21
N LEU YB 38 36.19 -60.17 -86.54
CA LEU YB 38 35.72 -59.98 -87.91
C LEU YB 38 35.19 -58.57 -88.15
N ALA YB 39 34.98 -57.78 -87.10
CA ALA YB 39 34.42 -56.45 -87.27
C ALA YB 39 34.65 -55.63 -86.00
N LYS YB 40 34.42 -54.33 -86.13
CA LYS YB 40 34.45 -53.44 -84.97
C LYS YB 40 33.26 -53.70 -84.05
N HIS YB 41 32.11 -54.04 -84.61
CA HIS YB 41 30.89 -54.25 -83.84
C HIS YB 41 30.75 -55.67 -83.31
N LYS YB 42 31.71 -56.54 -83.57
CA LYS YB 42 31.68 -57.89 -83.01
C LYS YB 42 32.26 -57.89 -81.61
N GLU YB 43 31.67 -58.70 -80.73
CA GLU YB 43 32.12 -58.82 -79.36
C GLU YB 43 32.97 -60.06 -79.11
N LEU YB 44 33.14 -60.92 -80.10
CA LEU YB 44 33.77 -62.21 -79.88
C LEU YB 44 34.28 -62.72 -81.22
N ALA YB 45 35.23 -63.65 -81.15
CA ALA YB 45 35.72 -64.29 -82.35
C ALA YB 45 34.63 -65.19 -82.94
N PRO YB 46 34.68 -65.45 -84.25
CA PRO YB 46 33.74 -66.41 -84.83
C PRO YB 46 33.91 -67.79 -84.23
N TYR YB 47 32.77 -68.48 -84.03
CA TYR YB 47 32.80 -69.81 -83.45
C TYR YB 47 33.51 -70.80 -84.37
N ASP YB 48 33.22 -70.73 -85.66
CA ASP YB 48 33.77 -71.68 -86.62
C ASP YB 48 35.22 -71.34 -86.91
N GLU YB 49 36.08 -72.36 -86.87
CA GLU YB 49 37.45 -72.21 -87.31
C GLU YB 49 37.58 -72.22 -88.83
N ASN YB 50 36.52 -72.61 -89.54
CA ASN YB 50 36.43 -72.49 -90.99
C ASN YB 50 35.68 -71.24 -91.42
N TRP YB 51 35.67 -70.21 -90.57
CA TRP YB 51 34.94 -68.99 -90.88
C TRP YB 51 35.50 -68.31 -92.11
N PHE YB 52 36.79 -68.50 -92.40
CA PHE YB 52 37.35 -67.88 -93.60
C PHE YB 52 36.77 -68.49 -94.86
N TYR YB 53 36.68 -69.82 -94.92
CA TYR YB 53 36.01 -70.45 -96.04
C TYR YB 53 34.56 -70.03 -96.12
N THR YB 54 33.91 -69.85 -94.97
CA THR YB 54 32.55 -69.32 -94.98
C THR YB 54 32.49 -67.93 -95.60
N ARG YB 55 33.44 -67.08 -95.23
CA ARG YB 55 33.48 -65.71 -95.75
C ARG YB 55 33.67 -65.70 -97.25
N ALA YB 56 34.60 -66.52 -97.73
CA ALA YB 56 34.82 -66.60 -99.17
C ALA YB 56 33.57 -67.10 -99.87
N ALA YB 57 32.90 -68.09 -99.28
CA ALA YB 57 31.68 -68.61 -99.88
C ALA YB 57 30.60 -67.54 -99.97
N SER YB 58 30.46 -66.73 -98.93
CA SER YB 58 29.46 -65.67 -98.97
C SER YB 58 29.80 -64.64 -100.03
N THR YB 59 31.05 -64.17 -100.05
CA THR YB 59 31.39 -63.11 -100.99
C THR YB 59 31.40 -63.61 -102.43
N ALA YB 60 31.58 -64.91 -102.66
CA ALA YB 60 31.53 -65.44 -104.02
C ALA YB 60 30.14 -65.24 -104.62
N ARG YB 61 29.11 -65.71 -103.92
CA ARG YB 61 27.76 -65.50 -104.42
C ARG YB 61 27.37 -64.04 -104.39
N HIS YB 62 27.95 -63.24 -103.50
CA HIS YB 62 27.63 -61.81 -103.51
C HIS YB 62 28.14 -61.14 -104.78
N LEU YB 63 29.39 -61.43 -105.17
CA LEU YB 63 29.90 -60.87 -106.41
C LEU YB 63 29.18 -61.44 -107.62
N TYR YB 64 28.70 -62.69 -107.52
CA TYR YB 64 27.88 -63.21 -108.60
C TYR YB 64 26.57 -62.43 -108.71
N LEU YB 65 25.94 -62.14 -107.56
CA LEU YB 65 24.67 -61.44 -107.58
C LEU YB 65 24.81 -60.04 -108.14
N ARG YB 66 25.86 -59.32 -107.75
CA ARG YB 66 26.16 -58.06 -108.40
C ARG YB 66 27.66 -57.80 -108.38
N GLY YB 67 28.17 -57.25 -109.48
CA GLY YB 67 29.58 -56.98 -109.63
C GLY YB 67 29.95 -55.59 -109.17
N GLY YB 68 31.23 -55.28 -109.32
CA GLY YB 68 31.74 -53.99 -108.89
C GLY YB 68 31.77 -53.79 -107.39
N ALA YB 69 31.67 -54.87 -106.62
CA ALA YB 69 31.62 -54.79 -105.16
C ALA YB 69 33.05 -54.80 -104.62
N GLY YB 70 33.51 -53.64 -104.16
CA GLY YB 70 34.85 -53.49 -103.65
C GLY YB 70 34.95 -53.85 -102.19
N VAL YB 71 36.09 -53.50 -101.59
CA VAL YB 71 36.34 -53.80 -100.18
C VAL YB 71 35.32 -53.08 -99.31
N GLY YB 72 35.08 -51.80 -99.58
CA GLY YB 72 34.08 -51.07 -98.83
C GLY YB 72 32.68 -51.63 -99.02
N SER YB 73 32.36 -52.08 -100.24
CA SER YB 73 31.08 -52.74 -100.45
C SER YB 73 30.96 -53.99 -99.60
N MET YB 74 32.03 -54.78 -99.51
CA MET YB 74 32.02 -55.96 -98.68
C MET YB 74 31.80 -55.61 -97.22
N THR YB 75 32.49 -54.57 -96.74
CA THR YB 75 32.35 -54.20 -95.33
C THR YB 75 30.97 -53.66 -95.03
N LYS YB 76 30.37 -52.90 -95.94
CA LYS YB 76 28.99 -52.47 -95.73
C LYS YB 76 28.04 -53.65 -95.73
N ILE YB 77 28.29 -54.63 -96.61
CA ILE YB 77 27.41 -55.80 -96.67
C ILE YB 77 27.49 -56.58 -95.37
N TYR YB 78 28.69 -56.83 -94.87
CA TYR YB 78 28.88 -57.64 -93.68
C TYR YB 78 28.84 -56.84 -92.40
N GLY YB 79 28.53 -55.54 -92.48
CA GLY YB 79 28.41 -54.75 -91.28
C GLY YB 79 27.22 -55.18 -90.44
N GLY YB 80 27.18 -54.68 -89.21
CA GLY YB 80 26.15 -55.11 -88.29
C GLY YB 80 25.96 -54.12 -87.17
N ARG YB 81 24.91 -54.37 -86.40
CA ARG YB 81 24.56 -53.50 -85.28
C ARG YB 81 25.62 -53.57 -84.20
N GLN YB 82 26.05 -52.40 -83.74
CA GLN YB 82 27.03 -52.28 -82.67
C GLN YB 82 26.29 -51.89 -81.40
N ARG YB 83 26.46 -52.66 -80.33
CA ARG YB 83 25.67 -52.45 -79.13
C ARG YB 83 26.04 -51.18 -78.38
N ASN YB 84 27.25 -50.66 -78.59
CA ASN YB 84 27.71 -49.38 -78.06
C ASN YB 84 27.71 -49.32 -76.54
N GLY YB 85 27.59 -50.46 -75.87
CA GLY YB 85 27.52 -50.45 -74.42
C GLY YB 85 26.25 -49.84 -73.90
N VAL YB 86 26.34 -48.63 -73.34
CA VAL YB 86 25.17 -47.98 -72.78
C VAL YB 86 24.52 -46.99 -73.75
N MET YB 87 25.26 -46.53 -74.76
CA MET YB 87 24.65 -45.70 -75.80
C MET YB 87 23.69 -46.53 -76.65
N PRO YB 88 22.71 -45.90 -77.28
CA PRO YB 88 21.85 -46.63 -78.21
C PRO YB 88 22.66 -47.22 -79.36
N SER YB 89 22.19 -48.36 -79.84
CA SER YB 89 22.92 -49.12 -80.85
C SER YB 89 22.99 -48.34 -82.16
N HIS YB 90 23.95 -48.72 -82.98
CA HIS YB 90 24.18 -48.08 -84.27
C HIS YB 90 24.61 -49.14 -85.25
N PHE YB 91 25.12 -48.69 -86.39
CA PHE YB 91 25.65 -49.59 -87.40
C PHE YB 91 27.14 -49.34 -87.56
N SER YB 92 27.91 -50.42 -87.64
CA SER YB 92 29.33 -50.35 -87.91
C SER YB 92 29.66 -51.27 -89.08
N ARG YB 93 30.71 -50.95 -89.80
CA ARG YB 93 31.09 -51.72 -90.96
C ARG YB 93 32.06 -52.83 -90.58
N GLY YB 94 32.20 -53.79 -91.48
CA GLY YB 94 33.11 -54.91 -91.26
C GLY YB 94 34.56 -54.49 -91.39
N SER YB 95 35.45 -55.44 -91.07
CA SER YB 95 36.87 -55.17 -91.15
C SER YB 95 37.31 -55.06 -92.60
N LYS YB 96 38.11 -54.03 -92.91
CA LYS YB 96 38.61 -53.87 -94.26
C LYS YB 96 39.62 -54.95 -94.59
N SER YB 97 40.43 -55.34 -93.61
CA SER YB 97 41.50 -56.30 -93.87
C SER YB 97 40.97 -57.67 -94.22
N VAL YB 98 39.89 -58.10 -93.58
CA VAL YB 98 39.38 -59.44 -93.88
C VAL YB 98 38.80 -59.48 -95.28
N ALA YB 99 38.12 -58.40 -95.70
CA ALA YB 99 37.63 -58.32 -97.07
C ALA YB 99 38.78 -58.29 -98.06
N ARG YB 100 39.84 -57.54 -97.74
CA ARG YB 100 41.01 -57.50 -98.62
C ARG YB 100 41.63 -58.88 -98.76
N ARG YB 101 41.82 -59.58 -97.65
CA ARG YB 101 42.44 -60.90 -97.69
C ARG YB 101 41.59 -61.89 -98.47
N VAL YB 102 40.27 -61.88 -98.24
CA VAL YB 102 39.41 -62.83 -98.95
C VAL YB 102 39.38 -62.53 -100.44
N LEU YB 103 39.23 -61.26 -100.80
CA LEU YB 103 39.15 -60.91 -102.22
C LEU YB 103 40.48 -61.18 -102.93
N GLN YB 104 41.59 -60.89 -102.25
CA GLN YB 104 42.89 -61.17 -102.85
C GLN YB 104 43.14 -62.67 -102.94
N ALA YB 105 42.65 -63.45 -101.97
CA ALA YB 105 42.78 -64.89 -102.03
C ALA YB 105 41.98 -65.46 -103.19
N LEU YB 106 40.76 -64.98 -103.39
CA LEU YB 106 39.99 -65.38 -104.56
C LEU YB 106 40.68 -64.94 -105.85
N GLU YB 107 41.30 -63.76 -105.84
CA GLU YB 107 42.02 -63.29 -107.01
C GLU YB 107 43.19 -64.20 -107.35
N GLY YB 108 43.94 -64.62 -106.33
CA GLY YB 108 45.00 -65.59 -106.56
C GLY YB 108 44.46 -66.93 -107.03
N LEU YB 109 43.31 -67.33 -106.50
CA LEU YB 109 42.62 -68.53 -106.98
C LEU YB 109 42.14 -68.36 -108.42
N LYS YB 110 42.04 -67.11 -108.89
CA LYS YB 110 41.79 -66.78 -110.28
C LYS YB 110 40.43 -67.28 -110.75
N MET YB 111 39.40 -66.98 -109.96
CA MET YB 111 38.03 -66.96 -110.45
C MET YB 111 37.36 -65.62 -110.17
N VAL YB 112 38.16 -64.62 -109.81
CA VAL YB 112 37.70 -63.25 -109.68
C VAL YB 112 38.84 -62.34 -110.15
N GLU YB 113 38.49 -61.17 -110.66
CA GLU YB 113 39.49 -60.27 -111.21
C GLU YB 113 38.99 -58.84 -111.13
N LYS YB 114 39.94 -57.91 -111.18
CA LYS YB 114 39.58 -56.50 -111.17
C LYS YB 114 38.90 -56.12 -112.48
N ASP YB 115 37.92 -55.21 -112.39
CA ASP YB 115 37.11 -54.84 -113.52
C ASP YB 115 37.76 -53.70 -114.29
N GLN YB 116 37.15 -53.33 -115.42
CA GLN YB 116 37.59 -52.14 -116.14
C GLN YB 116 37.35 -50.89 -115.30
N ASP YB 117 36.33 -50.90 -114.45
CA ASP YB 117 36.14 -49.92 -113.40
C ASP YB 117 36.56 -50.55 -112.08
N GLY YB 118 36.30 -49.83 -110.98
CA GLY YB 118 36.64 -50.35 -109.67
C GLY YB 118 35.81 -51.56 -109.30
N GLY YB 119 36.24 -52.22 -108.23
CA GLY YB 119 35.59 -53.45 -107.82
C GLY YB 119 36.09 -54.63 -108.63
N ARG YB 120 35.51 -55.80 -108.33
CA ARG YB 120 35.91 -57.04 -108.94
C ARG YB 120 34.68 -57.79 -109.44
N LYS YB 121 34.91 -58.72 -110.37
CA LYS YB 121 33.85 -59.54 -110.94
C LYS YB 121 34.36 -60.95 -111.17
N LEU YB 122 33.42 -61.89 -111.25
CA LEU YB 122 33.74 -63.29 -111.48
C LEU YB 122 34.32 -63.51 -112.86
N THR YB 123 35.24 -64.47 -112.96
CA THR YB 123 35.57 -65.04 -114.25
C THR YB 123 34.44 -65.96 -114.67
N PRO YB 124 34.30 -66.22 -115.97
CA PRO YB 124 33.27 -67.19 -116.41
C PRO YB 124 33.44 -68.56 -115.78
N GLN YB 125 34.68 -68.99 -115.52
CA GLN YB 125 34.90 -70.23 -114.79
C GLN YB 125 34.33 -70.15 -113.38
N GLY YB 126 34.36 -68.97 -112.78
CA GLY YB 126 33.76 -68.77 -111.47
C GLY YB 126 32.30 -69.17 -111.42
N GLN YB 127 31.46 -68.53 -112.24
CA GLN YB 127 30.06 -68.91 -112.28
C GLN YB 127 29.85 -70.30 -112.86
N ARG YB 128 30.77 -70.78 -113.69
CA ARG YB 128 30.70 -72.16 -114.15
C ARG YB 128 30.70 -73.13 -112.98
N ASP YB 129 31.67 -73.00 -112.09
CA ASP YB 129 31.71 -73.86 -110.92
C ASP YB 129 30.62 -73.52 -109.90
N LEU YB 130 30.20 -72.26 -109.82
CA LEU YB 130 29.12 -71.91 -108.90
C LEU YB 130 27.82 -72.59 -109.30
N ASP YB 131 27.48 -72.53 -110.59
CA ASP YB 131 26.28 -73.23 -111.04
C ASP YB 131 26.47 -74.74 -111.03
N ARG YB 132 27.70 -75.24 -111.19
CA ARG YB 132 27.94 -76.67 -111.03
C ARG YB 132 27.61 -77.13 -109.61
N ILE YB 133 28.17 -76.44 -108.61
CA ILE YB 133 27.91 -76.84 -107.23
C ILE YB 133 26.45 -76.57 -106.86
N ALA YB 134 25.85 -75.52 -107.43
CA ALA YB 134 24.44 -75.27 -107.18
C ALA YB 134 23.57 -76.39 -107.72
N GLY YB 135 23.89 -76.89 -108.92
CA GLY YB 135 23.15 -78.01 -109.46
C GLY YB 135 23.29 -79.27 -108.63
N GLN YB 136 24.52 -79.59 -108.21
CA GLN YB 136 24.69 -80.81 -107.43
C GLN YB 136 24.05 -80.69 -106.06
N VAL YB 137 24.12 -79.52 -105.43
CA VAL YB 137 23.46 -79.37 -104.13
C VAL YB 137 21.94 -79.35 -104.30
N ALA YB 138 21.43 -78.85 -105.42
CA ALA YB 138 20.00 -78.90 -105.66
C ALA YB 138 19.53 -80.34 -105.83
N ALA YB 139 20.30 -81.15 -106.56
CA ALA YB 139 19.95 -82.55 -106.72
C ALA YB 139 19.96 -83.27 -105.37
N ALA YB 140 20.99 -83.02 -104.57
CA ALA YB 140 21.06 -83.62 -103.23
C ALA YB 140 19.92 -83.12 -102.34
N ASN YB 141 19.50 -81.87 -102.51
CA ASN YB 141 18.43 -81.32 -101.68
C ASN YB 141 17.09 -81.92 -102.06
N LYS YB 142 16.81 -82.01 -103.35
CA LYS YB 142 15.51 -82.54 -103.77
C LYS YB 142 15.41 -84.04 -103.52
N LYS YB 143 16.47 -84.79 -103.82
CA LYS YB 143 16.42 -86.23 -103.57
C LYS YB 143 17.49 -86.61 -102.55
CA ALA ZB 1 25.81 -28.52 -138.72
C ALA ZB 1 24.71 -29.06 -137.80
N ILE ZB 2 24.76 -30.36 -137.52
CA ILE ZB 2 23.80 -30.97 -136.62
C ILE ZB 2 24.07 -30.42 -135.22
N HIS ZB 3 23.16 -29.59 -134.72
CA HIS ZB 3 23.26 -29.01 -133.39
C HIS ZB 3 22.09 -29.46 -132.54
N ARG ZB 4 22.39 -30.06 -131.40
CA ARG ZB 4 21.41 -30.28 -130.36
C ARG ZB 4 21.91 -29.55 -129.12
N ILE ZB 5 20.98 -28.96 -128.39
CA ILE ZB 5 21.35 -28.23 -127.18
C ILE ZB 5 20.42 -28.63 -126.06
N ARG ZB 6 20.88 -28.43 -124.82
CA ARG ZB 6 20.09 -28.67 -123.64
C ARG ZB 6 19.90 -27.34 -122.93
N ILE ZB 7 18.65 -26.95 -122.70
CA ILE ZB 7 18.34 -25.77 -121.92
C ILE ZB 7 17.77 -26.22 -120.59
N THR ZB 8 18.31 -25.68 -119.51
CA THR ZB 8 17.92 -26.01 -118.15
C THR ZB 8 17.12 -24.85 -117.60
N LEU ZB 9 15.92 -25.16 -117.10
CA LEU ZB 9 14.98 -24.21 -116.53
C LEU ZB 9 14.89 -24.47 -115.05
N THR ZB 10 15.06 -23.44 -114.23
CA THR ZB 10 14.99 -23.65 -112.80
C THR ZB 10 14.23 -22.50 -112.17
N SER ZB 11 13.19 -22.82 -111.40
CA SER ZB 11 12.31 -21.80 -110.89
C SER ZB 11 11.95 -22.07 -109.44
N ARG ZB 12 11.58 -21.01 -108.74
CA ARG ZB 12 11.04 -21.11 -107.39
C ARG ZB 12 9.54 -21.38 -107.39
N ASN ZB 13 8.83 -20.90 -108.41
CA ASN ZB 13 7.40 -21.10 -108.53
C ASN ZB 13 7.09 -21.88 -109.80
N VAL ZB 14 5.87 -22.44 -109.85
CA VAL ZB 14 5.52 -23.35 -110.93
C VAL ZB 14 4.83 -22.63 -112.09
N LYS ZB 15 4.09 -21.56 -111.83
CA LYS ZB 15 3.32 -20.94 -112.90
C LYS ZB 15 4.22 -20.27 -113.93
N SER ZB 16 5.25 -19.55 -113.48
CA SER ZB 16 6.20 -18.96 -114.41
C SER ZB 16 6.99 -20.03 -115.14
N LEU ZB 17 7.35 -21.11 -114.44
CA LEU ZB 17 8.11 -22.18 -115.04
C LEU ZB 17 7.33 -22.85 -116.17
N GLU ZB 18 6.09 -23.21 -115.90
CA GLU ZB 18 5.26 -23.81 -116.93
C GLU ZB 18 4.93 -22.83 -118.04
N LYS ZB 19 4.84 -21.54 -117.73
CA LYS ZB 19 4.65 -20.54 -118.78
C LYS ZB 19 5.83 -20.51 -119.74
N VAL ZB 20 7.05 -20.49 -119.20
CA VAL ZB 20 8.24 -20.47 -120.05
C VAL ZB 20 8.35 -21.75 -120.85
N CYS ZB 21 8.11 -22.91 -120.21
CA CYS ZB 21 8.14 -24.16 -120.96
C CYS ZB 21 7.13 -24.15 -122.09
N ALA ZB 22 5.90 -23.69 -121.82
CA ALA ZB 22 4.85 -23.70 -122.83
C ALA ZB 22 5.21 -22.81 -124.01
N ASP ZB 23 5.56 -21.54 -123.74
CA ASP ZB 23 5.79 -20.67 -124.88
C ASP ZB 23 7.12 -20.92 -125.57
N LEU ZB 24 8.08 -21.54 -124.88
CA LEU ZB 24 9.31 -21.90 -125.57
C LEU ZB 24 9.08 -23.11 -126.48
N ILE ZB 25 8.28 -24.08 -126.04
CA ILE ZB 25 7.88 -25.16 -126.93
C ILE ZB 25 7.11 -24.59 -128.12
N ARG ZB 26 6.26 -23.60 -127.86
CA ARG ZB 26 5.50 -22.97 -128.92
C ARG ZB 26 6.42 -22.31 -129.93
N GLY ZB 27 7.47 -21.61 -129.46
CA GLY ZB 27 8.41 -21.01 -130.38
C GLY ZB 27 9.21 -22.04 -131.16
N ALA ZB 28 9.60 -23.13 -130.50
CA ALA ZB 28 10.34 -24.19 -131.17
C ALA ZB 28 9.51 -24.79 -132.30
N LYS ZB 29 8.23 -25.03 -132.05
CA LYS ZB 29 7.37 -25.56 -133.10
C LYS ZB 29 6.94 -24.51 -134.10
N GLU ZB 30 7.02 -23.22 -133.73
CA GLU ZB 30 6.92 -22.15 -134.72
C GLU ZB 30 8.04 -22.25 -135.74
N LYS ZB 31 9.27 -22.44 -135.25
CA LYS ZB 31 10.41 -22.62 -136.14
C LYS ZB 31 10.54 -24.06 -136.62
N ASN ZB 32 9.60 -24.92 -136.24
CA ASN ZB 32 9.51 -26.34 -136.58
C ASN ZB 32 10.83 -27.08 -136.37
N LEU ZB 33 11.57 -26.71 -135.33
CA LEU ZB 33 12.70 -27.49 -134.88
C LEU ZB 33 12.23 -28.62 -133.98
N LYS ZB 34 12.76 -29.81 -134.20
CA LYS ZB 34 12.41 -30.95 -133.37
C LYS ZB 34 12.94 -30.76 -131.96
N VAL ZB 35 12.19 -31.29 -130.99
CA VAL ZB 35 12.51 -31.04 -129.59
C VAL ZB 35 11.80 -32.09 -128.74
N LYS ZB 36 12.50 -32.60 -127.74
CA LYS ZB 36 11.86 -33.53 -126.83
C LYS ZB 36 10.97 -32.78 -125.85
N GLY ZB 37 10.09 -33.51 -125.18
CA GLY ZB 37 9.23 -32.93 -124.19
C GLY ZB 37 10.01 -32.39 -123.02
N PRO ZB 38 9.47 -31.38 -122.35
CA PRO ZB 38 10.18 -30.83 -121.17
C PRO ZB 38 10.18 -31.81 -120.03
N VAL ZB 39 11.33 -32.40 -119.74
CA VAL ZB 39 11.43 -33.42 -118.71
C VAL ZB 39 11.56 -32.74 -117.36
N ARG ZB 40 10.88 -33.29 -116.36
CA ARG ZB 40 10.79 -32.71 -115.03
C ARG ZB 40 11.71 -33.47 -114.09
N MET ZB 41 12.69 -32.76 -113.53
CA MET ZB 41 13.43 -33.31 -112.43
C MET ZB 41 12.57 -33.31 -111.17
N PRO ZB 42 12.88 -34.16 -110.20
CA PRO ZB 42 12.18 -34.10 -108.91
C PRO ZB 42 12.38 -32.74 -108.25
N THR ZB 43 11.34 -32.29 -107.55
CA THR ZB 43 11.33 -30.95 -106.98
C THR ZB 43 12.14 -30.91 -105.69
N LYS ZB 44 13.17 -30.08 -105.65
CA LYS ZB 44 13.92 -29.87 -104.42
C LYS ZB 44 13.02 -29.20 -103.39
N THR ZB 45 13.13 -29.64 -102.14
CA THR ZB 45 12.38 -29.07 -101.03
C THR ZB 45 13.36 -28.75 -99.91
N LEU ZB 46 13.98 -27.57 -100.00
CA LEU ZB 46 14.89 -27.11 -98.96
C LEU ZB 46 14.09 -26.85 -97.70
N ARG ZB 47 14.32 -27.66 -96.67
CA ARG ZB 47 13.57 -27.56 -95.43
C ARG ZB 47 14.48 -27.04 -94.33
N ILE ZB 48 13.99 -26.05 -93.60
CA ILE ZB 48 14.68 -25.55 -92.41
C ILE ZB 48 13.69 -25.53 -91.26
N THR ZB 49 13.99 -26.27 -90.21
CA THR ZB 49 13.11 -26.37 -89.06
C THR ZB 49 13.76 -25.58 -87.94
N THR ZB 50 13.27 -24.35 -87.74
CA THR ZB 50 13.79 -23.55 -86.64
C THR ZB 50 12.72 -23.40 -85.59
N ARG ZB 51 13.07 -22.76 -84.47
CA ARG ZB 51 12.12 -22.61 -83.38
C ARG ZB 51 11.42 -21.26 -83.45
N LYS ZB 52 10.13 -21.26 -83.13
CA LYS ZB 52 9.32 -20.05 -83.29
C LYS ZB 52 9.73 -18.96 -82.32
N THR ZB 53 9.90 -19.30 -81.05
CA THR ZB 53 10.21 -18.31 -80.05
C THR ZB 53 11.60 -17.72 -80.25
N PRO ZB 54 11.78 -16.41 -80.05
CA PRO ZB 54 13.11 -15.82 -80.09
C PRO ZB 54 13.90 -15.96 -78.79
N CYS ZB 55 13.27 -16.48 -77.75
CA CYS ZB 55 13.93 -16.71 -76.47
C CYS ZB 55 13.78 -18.16 -76.08
N GLY ZB 56 14.10 -18.49 -74.83
CA GLY ZB 56 14.02 -19.88 -74.41
C GLY ZB 56 12.66 -20.31 -73.90
N GLU ZB 57 11.81 -19.34 -73.54
CA GLU ZB 57 10.55 -19.64 -72.87
C GLU ZB 57 9.42 -19.83 -73.87
N GLY ZB 58 8.52 -20.76 -73.56
CA GLY ZB 58 7.38 -21.04 -74.41
C GLY ZB 58 6.83 -22.42 -74.19
N SER ZB 59 6.55 -23.13 -75.28
CA SER ZB 59 6.07 -24.51 -75.21
C SER ZB 59 6.73 -25.37 -76.27
N LYS ZB 60 8.01 -25.11 -76.56
CA LYS ZB 60 8.80 -25.87 -77.54
C LYS ZB 60 8.08 -25.96 -78.88
N THR ZB 61 7.86 -24.79 -79.47
CA THR ZB 61 7.10 -24.69 -80.71
C THR ZB 61 8.05 -24.49 -81.89
N TRP ZB 62 7.86 -25.29 -82.93
CA TRP ZB 62 8.79 -25.29 -84.06
C TRP ZB 62 8.11 -24.81 -85.33
N ASP ZB 63 8.84 -24.03 -86.09
CA ASP ZB 63 8.44 -23.51 -87.39
C ASP ZB 63 9.15 -24.31 -88.48
N ARG ZB 64 8.34 -24.84 -89.41
CA ARG ZB 64 8.83 -25.66 -90.52
C ARG ZB 64 8.80 -24.81 -91.79
N PHE ZB 65 9.97 -24.40 -92.27
CA PHE ZB 65 10.08 -23.57 -93.46
C PHE ZB 65 10.48 -24.43 -94.65
N GLN ZB 66 9.83 -24.17 -95.79
CA GLN ZB 66 10.02 -24.94 -97.00
C GLN ZB 66 10.38 -24.02 -98.15
N MET ZB 67 11.13 -24.58 -99.10
CA MET ZB 67 11.45 -23.85 -100.33
C MET ZB 67 11.45 -24.86 -101.48
N ARG ZB 68 10.53 -24.72 -102.41
CA ARG ZB 68 10.38 -25.66 -103.50
C ARG ZB 68 11.08 -25.12 -104.75
N ILE ZB 69 12.08 -25.84 -105.22
CA ILE ZB 69 12.80 -25.52 -106.44
C ILE ZB 69 12.42 -26.56 -107.49
N HIS ZB 70 11.99 -26.11 -108.66
CA HIS ZB 70 11.52 -26.99 -109.71
C HIS ZB 70 12.41 -26.85 -110.94
N LYS ZB 71 12.78 -27.98 -111.53
CA LYS ZB 71 13.77 -28.05 -112.59
C LYS ZB 71 13.17 -28.76 -113.80
N ARG ZB 72 13.32 -28.15 -114.97
CA ARG ZB 72 12.82 -28.70 -116.21
C ARG ZB 72 13.89 -28.61 -117.29
N LEU ZB 73 14.23 -29.74 -117.88
CA LEU ZB 73 15.20 -29.78 -118.97
C LEU ZB 73 14.46 -29.89 -120.29
N ILE ZB 74 14.89 -29.10 -121.27
CA ILE ZB 74 14.38 -29.20 -122.63
C ILE ZB 74 15.56 -29.50 -123.54
N ASP ZB 75 15.40 -30.50 -124.40
CA ASP ZB 75 16.43 -30.90 -125.35
C ASP ZB 75 15.97 -30.54 -126.75
N LEU ZB 76 16.61 -29.53 -127.33
CA LEU ZB 76 16.34 -29.12 -128.69
C LEU ZB 76 17.28 -29.86 -129.63
N HIS ZB 77 16.76 -30.25 -130.79
CA HIS ZB 77 17.56 -30.87 -131.83
C HIS ZB 77 17.33 -30.11 -133.14
N SER ZB 78 18.37 -30.03 -133.97
CA SER ZB 78 18.23 -29.41 -135.27
C SER ZB 78 19.33 -29.90 -136.18
N PRO ZB 79 19.01 -30.30 -137.42
CA PRO ZB 79 20.06 -30.62 -138.39
C PRO ZB 79 20.91 -29.41 -138.77
N SER ZB 80 20.40 -28.21 -138.56
CA SER ZB 80 21.10 -26.98 -138.91
C SER ZB 80 21.61 -26.30 -137.64
N GLU ZB 81 22.17 -25.11 -137.81
CA GLU ZB 81 22.62 -24.32 -136.68
C GLU ZB 81 21.42 -23.71 -135.95
N ILE ZB 82 21.50 -23.70 -134.62
CA ILE ZB 82 20.35 -23.38 -133.79
C ILE ZB 82 20.52 -22.07 -133.01
N VAL ZB 83 21.74 -21.75 -132.58
CA VAL ZB 83 21.97 -20.58 -131.75
C VAL ZB 83 21.58 -19.30 -132.48
N LYS ZB 84 22.00 -19.18 -133.74
CA LYS ZB 84 21.56 -18.07 -134.57
C LYS ZB 84 20.16 -18.26 -135.11
N GLN ZB 85 19.66 -19.49 -135.12
CA GLN ZB 85 18.29 -19.72 -135.55
C GLN ZB 85 17.30 -19.07 -134.59
N ILE ZB 86 17.51 -19.26 -133.29
CA ILE ZB 86 16.69 -18.58 -132.28
C ILE ZB 86 17.61 -17.90 -131.27
N THR ZB 87 17.42 -16.60 -131.10
CA THR ZB 87 18.20 -15.79 -130.18
C THR ZB 87 17.33 -15.15 -129.11
N SER ZB 88 16.17 -15.75 -128.85
CA SER ZB 88 15.20 -15.18 -127.92
C SER ZB 88 15.30 -15.86 -126.56
N ILE ZB 89 15.38 -15.05 -125.52
CA ILE ZB 89 15.36 -15.57 -124.16
C ILE ZB 89 13.94 -15.68 -123.63
N SER ZB 90 13.12 -14.64 -123.85
CA SER ZB 90 11.69 -14.61 -123.54
C SER ZB 90 11.41 -15.09 -122.12
N ILE ZB 91 12.10 -14.47 -121.17
CA ILE ZB 91 12.01 -14.88 -119.77
C ILE ZB 91 11.23 -13.84 -118.99
N GLU ZB 92 10.73 -14.25 -117.83
CA GLU ZB 92 10.09 -13.40 -116.85
C GLU ZB 92 10.78 -13.65 -115.51
N PRO ZB 93 10.71 -12.69 -114.58
CA PRO ZB 93 11.43 -12.85 -113.32
C PRO ZB 93 10.95 -14.06 -112.53
N GLY ZB 94 11.88 -14.62 -111.76
CA GLY ZB 94 11.59 -15.76 -110.91
C GLY ZB 94 12.13 -17.09 -111.40
N VAL ZB 95 12.59 -17.15 -112.64
CA VAL ZB 95 13.07 -18.39 -113.23
C VAL ZB 95 14.34 -18.09 -114.03
N GLU ZB 96 15.34 -18.96 -113.89
CA GLU ZB 96 16.60 -18.77 -114.58
C GLU ZB 96 16.86 -19.94 -115.53
N VAL ZB 97 17.72 -19.68 -116.51
CA VAL ZB 97 17.97 -20.60 -117.61
C VAL ZB 97 19.47 -20.76 -117.81
N GLU ZB 98 19.85 -21.91 -118.37
CA GLU ZB 98 21.22 -22.08 -118.82
C GLU ZB 98 21.26 -23.05 -119.98
N VAL ZB 99 21.98 -22.68 -121.04
CA VAL ZB 99 22.03 -23.45 -122.28
C VAL ZB 99 23.40 -24.10 -122.39
N THR ZB 100 23.40 -25.38 -122.79
CA THR ZB 100 24.60 -26.17 -122.94
C THR ZB 100 24.56 -26.90 -124.27
N ILE ZB 101 25.74 -27.29 -124.74
CA ILE ZB 101 25.89 -28.10 -125.94
C ILE ZB 101 25.61 -29.55 -125.58
N ALA ZB 102 24.97 -30.29 -126.50
CA ALA ZB 102 24.55 -31.65 -126.20
C ALA ZB 102 25.74 -32.57 -126.02
N ASP ZB 103 26.73 -32.50 -126.92
CA ASP ZB 103 27.87 -33.39 -126.84
C ASP ZB 103 28.91 -32.91 -125.81
N ALA ZB 104 28.82 -31.67 -125.35
CA ALA ZB 104 29.78 -31.14 -124.39
C ALA ZB 104 29.09 -30.72 -123.09
N ARG AC 1 12.40 -73.58 -55.13
CA ARG AC 1 12.76 -72.49 -56.02
C ARG AC 1 13.98 -71.72 -55.50
N ASP AC 2 14.98 -72.46 -55.07
CA ASP AC 2 16.19 -71.89 -54.49
C ASP AC 2 17.43 -72.16 -55.34
N LYS AC 3 17.48 -73.30 -56.02
CA LYS AC 3 18.66 -73.69 -56.78
C LYS AC 3 18.27 -74.84 -57.71
N LEU AC 4 18.91 -74.86 -58.88
CA LEU AC 4 18.76 -75.95 -59.83
C LEU AC 4 19.87 -76.98 -59.69
N ASN AC 5 21.12 -76.56 -59.92
CA ASN AC 5 22.28 -77.43 -59.75
C ASN AC 5 22.15 -78.69 -60.59
N ASN AC 6 21.86 -78.51 -61.87
CA ASN AC 6 21.58 -79.63 -62.76
C ASN AC 6 22.87 -80.30 -63.21
N LEU AC 7 22.74 -81.57 -63.60
CA LEU AC 7 23.88 -82.36 -64.03
C LEU AC 7 24.32 -81.93 -65.42
N VAL AC 8 25.57 -81.49 -65.54
CA VAL AC 8 26.09 -81.10 -66.85
C VAL AC 8 26.25 -82.31 -67.75
N LEU AC 9 26.47 -83.49 -67.17
CA LEU AC 9 26.61 -84.73 -67.93
C LEU AC 9 25.91 -85.84 -67.16
N PHE AC 10 25.83 -87.02 -67.78
CA PHE AC 10 25.12 -88.13 -67.17
C PHE AC 10 25.99 -88.83 -66.13
N ASP AC 11 25.42 -89.84 -65.50
CA ASP AC 11 26.14 -90.75 -64.63
C ASP AC 11 25.49 -92.13 -64.77
N LYS AC 12 25.77 -93.01 -63.82
CA LYS AC 12 25.13 -94.32 -63.84
C LYS AC 12 23.62 -94.21 -63.66
N ALA AC 13 23.17 -93.36 -62.73
CA ALA AC 13 21.76 -93.36 -62.34
C ALA AC 13 20.87 -92.70 -63.39
N THR AC 14 21.39 -91.72 -64.13
CA THR AC 14 20.57 -90.92 -65.02
C THR AC 14 20.54 -91.45 -66.45
N TYR AC 15 21.68 -91.93 -66.94
CA TYR AC 15 21.78 -92.37 -68.34
C TYR AC 15 20.86 -93.54 -68.63
N ASP AC 16 20.90 -94.56 -67.78
CA ASP AC 16 20.07 -95.75 -67.97
C ASP AC 16 18.60 -95.42 -67.84
N LYS AC 17 18.22 -94.56 -66.90
CA LYS AC 17 16.83 -94.17 -66.76
C LYS AC 17 16.34 -93.41 -67.98
N LEU AC 18 17.15 -92.49 -68.50
CA LEU AC 18 16.79 -91.80 -69.74
C LEU AC 18 16.57 -92.80 -70.86
N CYS AC 19 17.52 -93.70 -71.06
CA CYS AC 19 17.43 -94.68 -72.13
C CYS AC 19 16.21 -95.58 -72.00
N LYS AC 20 15.80 -95.88 -70.78
CA LYS AC 20 14.67 -96.78 -70.59
C LYS AC 20 13.32 -96.09 -70.62
N GLU AC 21 13.25 -94.79 -70.28
CA GLU AC 21 11.94 -94.17 -70.11
C GLU AC 21 11.60 -93.11 -71.15
N VAL AC 22 12.57 -92.56 -71.88
CA VAL AC 22 12.27 -91.46 -72.80
C VAL AC 22 11.23 -91.83 -73.86
N PRO AC 23 11.35 -93.00 -74.60
CA PRO AC 23 10.39 -93.29 -75.67
C PRO AC 23 9.04 -93.84 -75.18
N ASN AC 24 8.44 -93.16 -74.23
CA ASN AC 24 7.13 -93.56 -73.73
C ASN AC 24 6.11 -92.44 -73.74
N TYR AC 25 6.52 -91.22 -73.45
CA TYR AC 25 5.60 -90.10 -73.33
C TYR AC 25 5.59 -89.27 -74.61
N LYS AC 26 4.49 -88.52 -74.79
CA LYS AC 26 4.23 -87.87 -76.07
C LYS AC 26 5.18 -86.72 -76.34
N LEU AC 27 5.57 -85.99 -75.30
CA LEU AC 27 6.30 -84.73 -75.48
C LEU AC 27 7.78 -84.93 -75.20
N ILE AC 28 8.59 -84.87 -76.25
CA ILE AC 28 10.03 -85.10 -76.14
C ILE AC 28 10.69 -83.80 -76.58
N THR AC 29 10.92 -82.89 -75.64
CA THR AC 29 11.56 -81.62 -75.95
C THR AC 29 12.72 -81.41 -74.99
N PRO AC 30 13.72 -80.62 -75.39
CA PRO AC 30 14.88 -80.40 -74.49
C PRO AC 30 14.52 -79.83 -73.14
N ALA AC 31 13.62 -78.84 -73.08
CA ALA AC 31 13.27 -78.26 -71.80
C ALA AC 31 12.50 -79.24 -70.93
N VAL AC 32 11.59 -80.00 -71.53
CA VAL AC 32 10.79 -80.95 -70.75
C VAL AC 32 11.66 -82.08 -70.22
N VAL AC 33 12.56 -82.62 -71.06
CA VAL AC 33 13.45 -83.66 -70.59
C VAL AC 33 14.41 -83.12 -69.53
N SER AC 34 14.79 -81.85 -69.63
CA SER AC 34 15.59 -81.24 -68.57
C SER AC 34 14.81 -81.17 -67.27
N GLU AC 35 13.53 -80.79 -67.34
CA GLU AC 35 12.71 -80.79 -66.13
C GLU AC 35 12.61 -82.19 -65.53
N ARG AC 36 12.41 -83.19 -66.38
CA ARG AC 36 12.17 -84.53 -65.87
C ARG AC 36 13.42 -85.11 -65.23
N LEU AC 37 14.58 -84.94 -65.87
CA LEU AC 37 15.78 -85.64 -65.42
C LEU AC 37 16.83 -84.73 -64.81
N LYS AC 38 16.49 -83.46 -64.53
CA LYS AC 38 17.39 -82.51 -63.86
C LYS AC 38 18.74 -82.39 -64.56
N ILE AC 39 18.74 -82.54 -65.88
CA ILE AC 39 19.96 -82.39 -66.68
C ILE AC 39 20.12 -80.93 -67.07
N ARG AC 40 21.31 -80.57 -67.58
CA ARG AC 40 21.66 -79.16 -67.78
C ARG AC 40 20.81 -78.51 -68.85
N GLY AC 41 20.89 -79.01 -70.09
CA GLY AC 41 20.12 -78.46 -71.20
C GLY AC 41 20.92 -78.37 -72.47
N SER AC 42 22.20 -78.01 -72.38
CA SER AC 42 23.11 -78.33 -73.46
C SER AC 42 23.26 -79.83 -73.59
N LEU AC 43 23.40 -80.51 -72.45
CA LEU AC 43 23.39 -81.97 -72.43
C LEU AC 43 22.05 -82.52 -72.90
N ALA AC 44 20.95 -81.86 -72.56
CA ALA AC 44 19.64 -82.30 -73.02
C ALA AC 44 19.55 -82.24 -74.54
N ARG AC 45 20.01 -81.14 -75.14
CA ARG AC 45 20.00 -81.04 -76.60
C ARG AC 45 20.91 -82.08 -77.24
N ALA AC 46 22.12 -82.26 -76.69
CA ALA AC 46 23.02 -83.25 -77.25
C ALA AC 46 22.45 -84.66 -77.14
N ALA AC 47 21.84 -84.98 -75.99
CA ALA AC 47 21.28 -86.29 -75.78
C ALA AC 47 20.07 -86.52 -76.69
N LEU AC 48 19.27 -85.48 -76.92
CA LEU AC 48 18.18 -85.59 -77.87
C LEU AC 48 18.68 -85.89 -79.27
N GLN AC 49 19.73 -85.19 -79.71
CA GLN AC 49 20.22 -85.47 -81.06
C GLN AC 49 20.88 -86.85 -81.15
N GLU AC 50 21.54 -87.31 -80.09
CA GLU AC 50 22.08 -88.66 -80.09
C GLU AC 50 20.99 -89.72 -80.09
N LEU AC 51 19.89 -89.50 -79.36
CA LEU AC 51 18.79 -90.45 -79.40
C LEU AC 51 18.09 -90.45 -80.75
N LEU AC 52 18.01 -89.28 -81.39
CA LEU AC 52 17.45 -89.23 -82.73
C LEU AC 52 18.32 -90.01 -83.71
N SER AC 53 19.64 -89.88 -83.58
CA SER AC 53 20.53 -90.66 -84.44
C SER AC 53 20.55 -92.14 -84.04
N LYS AC 54 20.12 -92.47 -82.82
CA LYS AC 54 19.89 -93.88 -82.47
C LYS AC 54 18.61 -94.43 -83.07
N GLY AC 55 17.57 -93.60 -83.18
CA GLY AC 55 16.33 -94.02 -83.80
C GLY AC 55 15.19 -94.32 -82.84
N LEU AC 56 15.32 -93.97 -81.57
CA LEU AC 56 14.27 -94.25 -80.60
C LEU AC 56 13.19 -93.17 -80.58
N ILE AC 57 13.34 -92.12 -81.37
CA ILE AC 57 12.35 -91.06 -81.52
C ILE AC 57 12.32 -90.63 -82.98
N LYS AC 58 11.41 -89.71 -83.30
CA LYS AC 58 11.44 -89.06 -84.59
C LYS AC 58 11.31 -87.55 -84.43
N LEU AC 59 12.04 -86.83 -85.27
CA LEU AC 59 12.00 -85.38 -85.31
C LEU AC 59 10.63 -84.90 -85.75
N VAL AC 60 10.26 -83.71 -85.31
CA VAL AC 60 8.96 -83.16 -85.65
C VAL AC 60 9.13 -81.82 -86.34
N SER AC 61 9.77 -80.87 -85.67
CA SER AC 61 9.79 -79.48 -86.11
C SER AC 61 11.16 -79.03 -86.61
N LYS AC 62 12.21 -79.16 -85.80
CA LYS AC 62 13.55 -78.71 -86.12
C LYS AC 62 13.55 -77.21 -86.46
N HIS AC 63 13.25 -76.41 -85.44
CA HIS AC 63 13.41 -74.97 -85.53
C HIS AC 63 14.60 -74.52 -84.71
N ARG AC 64 15.23 -73.44 -85.18
CA ARG AC 64 16.44 -72.92 -84.54
C ARG AC 64 16.17 -72.40 -83.13
N ALA AC 65 14.92 -72.16 -82.77
CA ALA AC 65 14.60 -71.68 -81.43
C ALA AC 65 14.09 -72.78 -80.53
N GLN AC 66 13.46 -73.82 -81.09
CA GLN AC 66 13.04 -74.97 -80.32
C GLN AC 66 12.78 -76.13 -81.26
N VAL AC 67 13.28 -77.31 -80.89
CA VAL AC 67 13.04 -78.52 -81.65
C VAL AC 67 12.00 -79.35 -80.90
N ILE AC 68 11.31 -80.19 -81.64
CA ILE AC 68 10.34 -81.12 -81.07
C ILE AC 68 10.69 -82.52 -81.54
N TYR AC 69 10.62 -83.47 -80.62
CA TYR AC 69 10.77 -84.88 -80.93
C TYR AC 69 9.56 -85.61 -80.37
N THR AC 70 9.32 -86.80 -80.90
CA THR AC 70 8.21 -87.59 -80.35
C THR AC 70 8.58 -89.06 -80.35
N ARG AC 71 7.95 -89.79 -79.41
CA ARG AC 71 8.12 -91.22 -79.29
C ARG AC 71 7.78 -91.92 -80.59
N ASN AC 72 8.37 -93.09 -80.79
CA ASN AC 72 8.14 -93.85 -82.01
C ASN AC 72 6.68 -94.26 -82.12
N THR AC 73 6.15 -94.19 -83.34
CA THR AC 73 4.82 -94.68 -83.59
C THR AC 73 4.80 -96.20 -83.48
N LYS AC 74 3.85 -96.73 -82.71
CA LYS AC 74 3.79 -98.16 -82.45
C LYS AC 74 2.93 -98.83 -83.52
N GLY AC 75 3.51 -99.82 -84.19
CA GLY AC 75 2.81 -100.55 -85.23
C GLY AC 75 3.51 -101.83 -85.64
N ARG BC 1 -30.93 -75.17 -55.45
CA ARG BC 1 -31.06 -73.79 -55.00
C ARG BC 1 -30.40 -72.83 -55.98
N VAL BC 2 -29.33 -73.29 -56.62
CA VAL BC 2 -28.67 -72.50 -57.65
C VAL BC 2 -29.52 -72.53 -58.91
N GLN BC 3 -29.82 -71.36 -59.44
CA GLN BC 3 -30.56 -71.30 -60.70
C GLN BC 3 -29.66 -71.77 -61.84
N PRO BC 4 -30.20 -72.56 -62.77
CA PRO BC 4 -29.39 -72.98 -63.93
C PRO BC 4 -29.08 -71.82 -64.86
N ILE BC 5 -27.85 -71.82 -65.37
CA ILE BC 5 -27.41 -70.79 -66.31
C ILE BC 5 -28.15 -70.97 -67.63
N LYS BC 6 -28.44 -69.86 -68.30
CA LYS BC 6 -29.07 -69.92 -69.62
C LYS BC 6 -28.57 -68.76 -70.45
N LEU BC 7 -29.25 -68.48 -71.55
CA LEU BC 7 -28.83 -67.44 -72.47
C LEU BC 7 -29.93 -66.41 -72.66
N ALA BC 8 -29.52 -65.20 -73.01
CA ALA BC 8 -30.44 -64.11 -73.30
C ALA BC 8 -30.04 -63.48 -74.62
N ARG BC 9 -31.04 -63.16 -75.44
CA ARG BC 9 -30.83 -62.55 -76.73
C ARG BC 9 -31.10 -61.05 -76.64
N VAL BC 10 -30.13 -60.26 -77.08
CA VAL BC 10 -30.25 -58.81 -77.05
C VAL BC 10 -31.27 -58.37 -78.10
N THR BC 11 -32.27 -57.61 -77.65
CA THR BC 11 -33.19 -57.00 -78.60
C THR BC 11 -32.73 -55.59 -78.98
N LYS BC 12 -32.39 -54.77 -77.98
CA LYS BC 12 -31.85 -53.45 -78.26
C LYS BC 12 -31.08 -52.95 -77.05
N VAL BC 13 -30.29 -51.91 -77.29
CA VAL BC 13 -29.44 -51.31 -76.27
C VAL BC 13 -30.11 -50.05 -75.75
N LEU BC 14 -30.20 -49.92 -74.43
CA LEU BC 14 -30.92 -48.79 -73.85
C LEU BC 14 -30.03 -47.56 -73.73
N GLY BC 15 -28.82 -47.73 -73.20
CA GLY BC 15 -27.92 -46.59 -73.06
C GLY BC 15 -26.69 -47.00 -72.26
N ARG BC 16 -25.93 -45.97 -71.89
CA ARG BC 16 -24.71 -46.15 -71.11
C ARG BC 16 -24.98 -45.80 -69.64
N THR BC 17 -24.38 -46.56 -68.74
CA THR BC 17 -24.57 -46.34 -67.31
C THR BC 17 -23.32 -46.77 -66.57
N GLY BC 18 -23.32 -46.56 -65.26
CA GLY BC 18 -22.21 -46.95 -64.42
C GLY BC 18 -21.39 -45.81 -63.86
N SER BC 19 -21.83 -44.57 -64.04
CA SER BC 19 -21.20 -43.34 -63.58
C SER BC 19 -19.92 -43.02 -64.32
N GLN BC 20 -19.45 -43.90 -65.20
CA GLN BC 20 -18.33 -43.60 -66.07
C GLN BC 20 -18.55 -44.08 -67.48
N GLY BC 21 -19.73 -44.61 -67.81
CA GLY BC 21 -19.99 -45.18 -69.11
C GLY BC 21 -19.43 -46.56 -69.31
N GLN BC 22 -18.86 -47.17 -68.28
CA GLN BC 22 -18.22 -48.48 -68.41
C GLN BC 22 -19.24 -49.58 -68.68
N CYS BC 23 -20.48 -49.39 -68.26
CA CYS BC 23 -21.51 -50.41 -68.44
C CYS BC 23 -22.48 -49.98 -69.54
N THR BC 24 -23.39 -50.88 -69.88
CA THR BC 24 -24.31 -50.65 -70.98
C THR BC 24 -25.62 -51.38 -70.70
N GLN BC 25 -26.69 -50.60 -70.48
CA GLN BC 25 -28.00 -51.20 -70.28
C GLN BC 25 -28.51 -51.81 -71.57
N VAL BC 26 -29.19 -52.96 -71.44
CA VAL BC 26 -29.68 -53.67 -72.60
C VAL BC 26 -31.01 -54.31 -72.25
N ARG BC 27 -31.89 -54.43 -73.24
CA ARG BC 27 -33.11 -55.20 -73.09
C ARG BC 27 -32.90 -56.56 -73.75
N VAL BC 28 -33.14 -57.62 -72.99
CA VAL BC 28 -32.85 -58.97 -73.44
C VAL BC 28 -34.05 -59.86 -73.11
N GLU BC 29 -34.41 -60.73 -74.03
CA GLU BC 29 -35.38 -61.77 -73.78
C GLU BC 29 -34.71 -63.12 -73.97
N PHE BC 30 -35.03 -64.05 -73.09
CA PHE BC 30 -34.48 -65.38 -73.20
C PHE BC 30 -35.14 -66.11 -74.36
N MET BC 31 -34.33 -66.78 -75.18
CA MET BC 31 -34.89 -67.65 -76.21
C MET BC 31 -35.61 -68.84 -75.60
N ASP BC 32 -35.32 -69.15 -74.33
CA ASP BC 32 -35.99 -70.25 -73.65
C ASP BC 32 -37.44 -69.90 -73.34
N ASP BC 33 -37.72 -68.65 -73.02
CA ASP BC 33 -39.07 -68.14 -72.82
C ASP BC 33 -39.12 -66.77 -73.49
N THR BC 34 -39.57 -66.74 -74.75
CA THR BC 34 -39.50 -65.53 -75.53
C THR BC 34 -40.46 -64.44 -75.06
N SER BC 35 -41.40 -64.76 -74.16
CA SER BC 35 -42.32 -63.74 -73.68
C SER BC 35 -41.69 -62.80 -72.66
N ARG BC 36 -40.73 -63.29 -71.87
CA ARG BC 36 -40.17 -62.53 -70.77
C ARG BC 36 -38.99 -61.71 -71.24
N SER BC 37 -39.08 -60.39 -71.08
CA SER BC 37 -38.03 -59.47 -71.49
C SER BC 37 -37.62 -58.62 -70.28
N ILE BC 38 -36.33 -58.68 -69.94
CA ILE BC 38 -35.81 -57.95 -68.78
C ILE BC 38 -34.64 -57.09 -69.22
N ILE BC 39 -34.34 -56.08 -68.41
CA ILE BC 39 -33.20 -55.21 -68.63
C ILE BC 39 -32.04 -55.75 -67.82
N ARG BC 40 -30.87 -55.83 -68.45
CA ARG BC 40 -29.67 -56.27 -67.77
C ARG BC 40 -28.53 -55.30 -68.08
N ASN BC 41 -27.60 -55.18 -67.14
CA ASN BC 41 -26.44 -54.31 -67.25
C ASN BC 41 -25.21 -55.16 -67.55
N VAL BC 42 -24.61 -54.94 -68.71
CA VAL BC 42 -23.53 -55.77 -69.19
C VAL BC 42 -22.21 -55.01 -69.06
N LYS BC 43 -21.10 -55.72 -69.31
CA LYS BC 43 -19.77 -55.14 -69.26
C LYS BC 43 -19.07 -55.46 -70.58
N GLY BC 44 -18.82 -54.43 -71.38
CA GLY BC 44 -18.15 -54.60 -72.65
C GLY BC 44 -19.00 -54.15 -73.81
N PRO BC 45 -18.41 -54.13 -75.00
CA PRO BC 45 -19.13 -53.65 -76.19
C PRO BC 45 -20.11 -54.71 -76.69
N VAL BC 46 -21.39 -54.37 -76.66
CA VAL BC 46 -22.45 -55.29 -77.04
C VAL BC 46 -23.29 -54.64 -78.13
N ARG BC 47 -23.60 -55.39 -79.16
CA ARG BC 47 -24.41 -54.91 -80.25
C ARG BC 47 -25.84 -55.40 -80.06
N GLU BC 48 -26.70 -55.14 -81.04
CA GLU BC 48 -28.07 -55.60 -81.01
C GLU BC 48 -28.18 -56.87 -81.86
N GLY BC 49 -28.85 -57.88 -81.32
CA GLY BC 49 -29.00 -59.15 -81.99
C GLY BC 49 -28.06 -60.23 -81.51
N ASP BC 50 -26.97 -59.86 -80.83
CA ASP BC 50 -26.11 -60.88 -80.24
C ASP BC 50 -26.77 -61.44 -78.98
N VAL BC 51 -26.22 -62.54 -78.49
CA VAL BC 51 -26.73 -63.18 -77.29
C VAL BC 51 -25.58 -63.29 -76.28
N LEU BC 52 -25.96 -63.53 -75.02
CA LEU BC 52 -24.97 -63.62 -73.96
C LEU BC 52 -25.47 -64.54 -72.85
N THR BC 53 -24.52 -65.03 -72.06
CA THR BC 53 -24.84 -65.93 -70.96
C THR BC 53 -25.37 -65.15 -69.77
N LEU BC 54 -26.38 -65.71 -69.12
CA LEU BC 54 -26.89 -65.18 -67.87
C LEU BC 54 -26.89 -66.28 -66.82
N LEU BC 55 -26.22 -65.99 -65.70
CA LEU BC 55 -26.14 -66.92 -64.59
C LEU BC 55 -27.41 -66.92 -63.76
N GLU BC 56 -28.26 -65.90 -63.89
CA GLU BC 56 -29.47 -65.83 -63.11
C GLU BC 56 -30.58 -65.18 -63.94
N SER BC 57 -31.82 -65.42 -63.52
CA SER BC 57 -33.01 -64.88 -64.16
C SER BC 57 -33.72 -63.84 -63.32
N GLU BC 58 -33.89 -64.10 -62.02
CA GLU BC 58 -34.65 -63.18 -61.17
C GLU BC 58 -33.98 -61.82 -61.10
N ARG BC 59 -32.66 -61.80 -61.04
CA ARG BC 59 -31.92 -60.57 -60.83
C ARG BC 59 -32.07 -59.66 -62.05
N GLU BC 60 -32.43 -58.41 -61.82
CA GLU BC 60 -32.55 -57.42 -62.87
C GLU BC 60 -31.44 -56.38 -62.73
N ALA BC 61 -31.48 -55.35 -63.57
CA ALA BC 61 -30.47 -54.31 -63.58
C ALA BC 61 -31.08 -53.01 -63.08
N ARG BC 62 -30.52 -52.49 -62.00
CA ARG BC 62 -30.90 -51.18 -61.50
C ARG BC 62 -30.08 -50.11 -62.21
N ARG BC 63 -30.29 -48.86 -61.81
CA ARG BC 63 -29.45 -47.79 -62.32
C ARG BC 63 -28.04 -47.95 -61.77
N LEU BC 64 -27.07 -47.43 -62.53
CA LEU BC 64 -25.64 -47.58 -62.19
C LEU BC 64 -25.25 -49.05 -62.14
N GLY CC 1 46.74 -4.49 -78.67
CA GLY CC 1 47.22 -3.38 -79.45
C GLY CC 1 48.45 -3.72 -80.24
N HIS CC 2 49.44 -4.30 -79.55
CA HIS CC 2 50.66 -4.74 -80.21
C HIS CC 2 50.32 -5.81 -81.25
N GLN CC 3 50.93 -5.67 -82.44
CA GLN CC 3 50.46 -6.37 -83.62
C GLN CC 3 50.47 -7.88 -83.46
N GLN CC 4 51.40 -8.41 -82.66
CA GLN CC 4 51.60 -9.86 -82.65
C GLN CC 4 50.46 -10.56 -81.92
N LEU CC 5 50.07 -10.03 -80.76
CA LEU CC 5 49.08 -10.71 -79.92
C LEU CC 5 47.70 -10.10 -80.03
N TYR CC 6 47.50 -9.11 -80.91
CA TYR CC 6 46.15 -8.59 -81.08
C TYR CC 6 45.23 -9.61 -81.72
N TRP CC 7 45.79 -10.53 -82.51
CA TRP CC 7 44.99 -11.53 -83.21
C TRP CC 7 45.70 -12.87 -83.21
N SER CC 8 46.67 -13.06 -82.31
CA SER CC 8 47.49 -14.28 -82.34
C SER CC 8 46.65 -15.51 -82.09
N HIS CC 9 45.50 -15.36 -81.45
CA HIS CC 9 44.67 -16.52 -81.18
C HIS CC 9 44.10 -17.04 -82.49
N PRO CC 10 44.33 -18.31 -82.84
CA PRO CC 10 43.75 -18.86 -84.07
C PRO CC 10 42.25 -19.03 -83.90
N ARG CC 11 41.50 -18.51 -84.87
CA ARG CC 11 40.07 -18.72 -84.96
C ARG CC 11 39.69 -19.09 -86.38
N LYS CC 12 40.42 -20.06 -86.93
CA LYS CC 12 40.10 -20.62 -88.24
C LYS CC 12 39.01 -21.67 -88.18
N PHE CC 13 38.48 -21.95 -86.99
CA PHE CC 13 37.35 -22.85 -86.84
C PHE CC 13 36.56 -22.42 -85.62
N GLY CC 14 35.64 -23.27 -85.18
CA GLY CC 14 34.94 -23.02 -83.94
C GLY CC 14 33.89 -21.94 -84.05
N GLN CC 15 33.21 -21.73 -82.93
CA GLN CC 15 32.07 -20.82 -82.92
C GLN CC 15 32.50 -19.36 -83.07
N GLY CC 16 33.73 -19.04 -82.71
CA GLY CC 16 34.19 -17.68 -82.87
C GLY CC 16 34.56 -17.30 -84.29
N SER CC 17 34.81 -18.28 -85.15
CA SER CC 17 35.14 -17.98 -86.54
C SER CC 17 33.94 -17.42 -87.29
N ARG CC 18 32.75 -17.93 -87.01
CA ARG CC 18 31.55 -17.59 -87.77
C ARG CC 18 30.66 -16.67 -86.96
N SER CC 19 29.80 -15.93 -87.66
CA SER CC 19 28.86 -15.04 -86.99
C SER CC 19 27.69 -14.77 -87.91
N CYS CC 20 26.60 -14.27 -87.33
CA CYS CC 20 25.41 -13.99 -88.12
C CYS CC 20 25.66 -12.84 -89.07
N ARG CC 21 25.27 -13.02 -90.33
CA ARG CC 21 25.48 -12.02 -91.36
C ARG CC 21 24.54 -10.83 -91.23
N VAL CC 22 23.72 -10.79 -90.19
CA VAL CC 22 22.78 -9.70 -89.95
C VAL CC 22 23.07 -8.98 -88.64
N CYS CC 23 23.40 -9.71 -87.58
CA CYS CC 23 23.56 -9.11 -86.28
C CYS CC 23 24.82 -9.55 -85.55
N SER CC 24 25.67 -10.35 -86.18
CA SER CC 24 26.99 -10.74 -85.67
C SER CC 24 26.91 -11.58 -84.40
N ASN CC 25 25.74 -12.11 -84.07
CA ASN CC 25 25.64 -13.05 -82.96
C ASN CC 25 26.11 -14.43 -83.41
N ARG CC 26 26.70 -15.17 -82.49
CA ARG CC 26 27.23 -16.49 -82.76
C ARG CC 26 26.44 -17.59 -82.04
N HIS CC 27 25.16 -17.34 -81.79
CA HIS CC 27 24.30 -18.32 -81.13
C HIS CC 27 23.08 -18.57 -82.00
N GLY CC 28 22.72 -19.84 -82.15
CA GLY CC 28 21.61 -20.20 -83.01
C GLY CC 28 21.85 -19.85 -84.46
N LEU CC 29 23.08 -20.03 -84.93
CA LEU CC 29 23.43 -19.68 -86.30
C LEU CC 29 23.07 -20.83 -87.22
N ILE CC 30 22.36 -20.53 -88.30
CA ILE CC 30 21.91 -21.53 -89.25
C ILE CC 30 22.83 -21.47 -90.46
N ARG CC 31 23.62 -22.52 -90.65
CA ARG CC 31 24.60 -22.57 -91.74
C ARG CC 31 24.15 -23.44 -92.91
N LYS CC 32 22.90 -23.91 -92.91
CA LYS CC 32 22.44 -24.77 -93.98
C LYS CC 32 22.35 -24.00 -95.29
N TYR CC 33 22.77 -24.64 -96.38
CA TYR CC 33 22.76 -24.06 -97.73
C TYR CC 33 23.53 -22.74 -97.78
N GLY CC 34 24.53 -22.59 -96.91
CA GLY CC 34 25.26 -21.34 -96.86
C GLY CC 34 24.44 -20.16 -96.40
N LEU CC 35 23.49 -20.38 -95.49
CA LEU CC 35 22.66 -19.29 -95.00
C LEU CC 35 23.47 -18.37 -94.09
N ASN CC 36 24.18 -18.95 -93.12
CA ASN CC 36 25.02 -18.22 -92.18
C ASN CC 36 24.26 -17.10 -91.50
N MET CC 37 23.13 -17.44 -90.90
CA MET CC 37 22.17 -16.45 -90.42
C MET CC 37 21.69 -16.81 -89.03
N CYS CC 38 21.68 -15.82 -88.14
CA CYS CC 38 21.05 -15.96 -86.84
C CYS CC 38 19.58 -16.33 -86.99
N ARG CC 39 19.11 -17.22 -86.11
CA ARG CC 39 17.81 -17.84 -86.29
C ARG CC 39 16.67 -16.83 -86.11
N GLN CC 40 16.77 -15.99 -85.08
CA GLN CC 40 15.75 -14.97 -84.88
C GLN CC 40 15.77 -13.93 -86.00
N CYS CC 41 16.86 -13.87 -86.76
CA CYS CC 41 16.98 -12.98 -87.90
C CYS CC 41 16.36 -13.62 -89.13
N PHE CC 42 16.58 -14.92 -89.29
CA PHE CC 42 16.06 -15.64 -90.44
C PHE CC 42 14.57 -15.79 -90.36
N ARG CC 43 14.03 -15.97 -89.16
CA ARG CC 43 12.59 -15.95 -89.01
C ARG CC 43 12.03 -14.61 -89.44
N GLN CC 44 12.82 -13.54 -89.30
CA GLN CC 44 12.39 -12.21 -89.71
C GLN CC 44 12.44 -12.06 -91.22
N TYR CC 45 13.48 -12.58 -91.85
CA TYR CC 45 13.66 -12.41 -93.30
C TYR CC 45 13.22 -13.63 -94.09
N ALA CC 46 12.44 -14.53 -93.49
CA ALA CC 46 12.13 -15.80 -94.14
C ALA CC 46 11.34 -15.60 -95.43
N LYS CC 47 10.39 -14.67 -95.41
CA LYS CC 47 9.57 -14.43 -96.60
C LYS CC 47 10.41 -13.90 -97.75
N ASP CC 48 11.35 -13.00 -97.44
CA ASP CC 48 12.14 -12.38 -98.50
C ASP CC 48 13.00 -13.39 -99.24
N ILE CC 49 13.60 -14.33 -98.51
CA ILE CC 49 14.42 -15.34 -99.14
C ILE CC 49 13.57 -16.26 -100.01
N GLY CC 50 12.34 -16.53 -99.58
CA GLY CC 50 11.47 -17.40 -100.35
C GLY CC 50 11.04 -18.61 -99.56
N PHE CC 51 11.39 -18.63 -98.28
CA PHE CC 51 10.99 -19.74 -97.43
C PHE CC 51 9.56 -19.52 -96.94
N ILE CC 52 8.72 -20.51 -97.17
CA ILE CC 52 7.30 -20.43 -96.84
C ILE CC 52 6.90 -21.69 -96.08
N LYS CC 53 6.16 -21.51 -95.00
CA LYS CC 53 5.63 -22.64 -94.25
C LYS CC 53 4.44 -23.19 -95.02
N LEU CC 54 4.73 -24.12 -95.94
CA LEU CC 54 3.66 -24.77 -96.69
C LEU CC 54 2.80 -25.66 -95.80
N ASP CC 55 3.32 -26.04 -94.65
CA ASP CC 55 2.61 -26.95 -93.75
C ASP CC 55 3.13 -26.78 -92.33
N TYR DC 1 37.41 -4.25 -56.27
CA TYR DC 1 38.59 -4.03 -57.09
C TYR DC 1 39.87 -4.18 -56.29
N THR DC 2 40.20 -3.13 -55.53
CA THR DC 2 41.36 -3.03 -54.64
C THR DC 2 42.61 -3.70 -55.24
N THR DC 3 43.04 -3.18 -56.39
CA THR DC 3 44.24 -3.69 -57.05
C THR DC 3 45.45 -3.48 -56.15
N PRO DC 4 46.22 -4.53 -55.88
CA PRO DC 4 47.35 -4.38 -54.94
C PRO DC 4 48.55 -3.68 -55.56
N LYS DC 5 48.75 -3.80 -56.86
CA LYS DC 5 49.86 -3.13 -57.52
C LYS DC 5 49.58 -1.64 -57.68
N LYS DC 6 50.62 -0.91 -58.04
CA LYS DC 6 50.45 0.51 -58.36
C LYS DC 6 50.28 0.67 -59.86
N ASN DC 7 49.84 1.86 -60.25
CA ASN DC 7 49.67 2.16 -61.66
C ASN DC 7 51.03 2.36 -62.31
N LYS DC 8 51.38 1.47 -63.23
CA LYS DC 8 52.70 1.49 -63.85
C LYS DC 8 52.88 2.75 -64.68
N HIS DC 9 54.08 3.32 -64.60
CA HIS DC 9 54.40 4.54 -65.35
C HIS DC 9 54.82 4.17 -66.76
N LYS DC 10 54.07 4.66 -67.74
CA LYS DC 10 54.35 4.31 -69.13
C LYS DC 10 55.62 5.00 -69.62
N ARG DC 11 56.09 4.56 -70.78
CA ARG DC 11 57.35 5.04 -71.33
C ARG DC 11 57.26 6.53 -71.65
N LYS DC 12 58.26 7.28 -71.19
CA LYS DC 12 58.39 8.70 -71.46
C LYS DC 12 59.60 8.91 -72.36
N LYS DC 13 59.38 9.49 -73.53
CA LYS DC 13 60.48 9.79 -74.43
C LYS DC 13 61.31 10.94 -73.88
N VAL DC 14 62.62 10.86 -74.10
CA VAL DC 14 63.55 11.80 -73.50
C VAL DC 14 63.51 13.18 -74.14
N LYS DC 15 62.75 13.36 -75.23
CA LYS DC 15 62.62 14.64 -75.91
C LYS DC 15 63.99 15.15 -76.38
N LEU DC 16 64.58 14.40 -77.31
CA LEU DC 16 65.93 14.71 -77.79
C LEU DC 16 65.95 15.97 -78.64
N ALA DC 17 67.10 16.66 -78.60
CA ALA DC 17 67.37 17.81 -79.45
C ALA DC 17 67.83 17.34 -80.82
N VAL DC 18 68.45 18.24 -81.59
CA VAL DC 18 68.95 17.87 -82.90
C VAL DC 18 69.96 16.73 -82.78
N LEU DC 19 69.93 15.83 -83.76
CA LEU DC 19 70.78 14.64 -83.83
C LEU DC 19 72.28 14.97 -83.77
N LYS DC 20 72.83 15.64 -84.79
CA LYS DC 20 74.19 16.23 -84.74
C LYS DC 20 75.28 15.19 -84.43
N TYR DC 21 75.10 13.96 -84.90
CA TYR DC 21 76.08 12.91 -84.67
C TYR DC 21 77.02 12.74 -85.85
N TYR DC 22 77.20 13.78 -86.65
CA TYR DC 22 78.19 13.74 -87.72
C TYR DC 22 78.79 15.15 -87.84
N LYS DC 23 80.11 15.22 -87.77
CA LYS DC 23 80.78 16.49 -87.59
C LYS DC 23 81.54 16.89 -88.85
N VAL DC 24 81.99 18.14 -88.86
CA VAL DC 24 82.78 18.69 -89.95
C VAL DC 24 83.99 19.40 -89.34
N ASP DC 25 85.15 19.21 -89.96
CA ASP DC 25 86.40 19.74 -89.45
C ASP DC 25 87.22 20.33 -90.59
N GLU DC 26 88.17 21.19 -90.21
CA GLU DC 26 89.08 21.86 -91.14
C GLU DC 26 88.29 22.61 -92.23
N ASN DC 27 87.50 23.58 -91.77
CA ASN DC 27 86.67 24.42 -92.62
C ASN DC 27 85.66 23.61 -93.42
N GLY DC 28 85.24 22.47 -92.90
CA GLY DC 28 84.22 21.67 -93.54
C GLY DC 28 84.74 20.44 -94.23
N LYS DC 29 84.61 19.29 -93.56
CA LYS DC 29 84.93 17.99 -94.12
C LYS DC 29 83.94 16.99 -93.55
N ILE DC 30 83.12 16.40 -94.40
CA ILE DC 30 82.05 15.54 -93.90
C ILE DC 30 82.65 14.26 -93.32
N SER DC 31 82.45 14.07 -92.01
CA SER DC 31 82.93 12.90 -91.31
C SER DC 31 81.82 12.41 -90.38
N ARG DC 32 81.57 11.10 -90.42
CA ARG DC 32 80.48 10.50 -89.67
C ARG DC 32 81.04 9.45 -88.72
N LEU DC 33 80.32 9.19 -87.64
CA LEU DC 33 80.76 8.21 -86.66
C LEU DC 33 79.78 7.07 -86.46
N ARG DC 34 78.63 7.10 -87.15
CA ARG DC 34 77.61 6.07 -87.03
C ARG DC 34 77.64 5.17 -88.26
N ARG DC 35 77.44 3.88 -88.01
CA ARG DC 35 77.36 2.89 -89.08
C ARG DC 35 76.20 3.22 -90.01
N GLU DC 36 76.22 2.64 -91.21
CA GLU DC 36 75.15 2.76 -92.17
C GLU DC 36 74.62 1.37 -92.47
N CYS DC 37 73.32 1.15 -92.23
CA CYS DC 37 72.78 -0.18 -92.47
C CYS DC 37 72.70 -0.41 -93.96
N PRO DC 38 73.27 -1.51 -94.48
CA PRO DC 38 73.45 -1.66 -95.93
C PRO DC 38 72.28 -2.32 -96.66
N SER DC 39 71.12 -2.47 -96.04
CA SER DC 39 69.96 -2.97 -96.76
C SER DC 39 69.46 -1.92 -97.74
N ASP DC 40 69.06 -2.37 -98.93
CA ASP DC 40 68.76 -1.43 -100.01
C ASP DC 40 67.47 -0.66 -99.77
N GLU DC 41 66.47 -1.27 -99.14
CA GLU DC 41 65.28 -0.53 -98.75
C GLU DC 41 65.52 0.34 -97.53
N CYS DC 42 66.55 0.01 -96.73
CA CYS DC 42 66.85 0.82 -95.55
C CYS DC 42 67.24 2.24 -95.94
N GLY DC 43 68.20 2.36 -96.85
CA GLY DC 43 68.67 3.65 -97.32
C GLY DC 43 70.08 3.96 -96.86
N ALA DC 44 70.63 5.02 -97.46
CA ALA DC 44 71.92 5.55 -97.06
C ALA DC 44 71.79 6.81 -96.23
N GLY DC 45 70.56 7.31 -96.04
CA GLY DC 45 70.33 8.37 -95.07
C GLY DC 45 70.16 7.88 -93.66
N VAL DC 46 69.78 6.63 -93.49
CA VAL DC 46 69.57 6.06 -92.16
C VAL DC 46 70.91 5.66 -91.56
N PHE DC 47 71.10 5.98 -90.29
CA PHE DC 47 72.31 5.64 -89.57
C PHE DC 47 71.97 4.60 -88.51
N MET DC 48 72.84 3.60 -88.37
CA MET DC 48 72.65 2.59 -87.36
C MET DC 48 72.92 3.16 -85.97
N ALA DC 49 72.15 2.69 -85.00
CA ALA DC 49 72.32 3.13 -83.62
C ALA DC 49 73.66 2.64 -83.06
N SER DC 50 74.30 3.47 -82.25
CA SER DC 50 75.55 3.09 -81.61
C SER DC 50 75.29 2.69 -80.17
N HIS DC 51 75.65 1.46 -79.83
CA HIS DC 51 75.57 0.94 -78.47
C HIS DC 51 76.97 0.59 -77.99
N PHE DC 52 77.04 -0.04 -76.82
CA PHE DC 52 78.34 -0.39 -76.28
C PHE DC 52 79.01 -1.49 -77.10
N ASP DC 53 78.24 -2.48 -77.56
CA ASP DC 53 78.83 -3.56 -78.33
C ASP DC 53 78.00 -3.97 -79.55
N ARG DC 54 76.94 -3.22 -79.88
CA ARG DC 54 76.06 -3.60 -80.97
C ARG DC 54 75.64 -2.36 -81.74
N HIS DC 55 75.10 -2.59 -82.94
CA HIS DC 55 74.55 -1.54 -83.77
C HIS DC 55 73.25 -2.04 -84.40
N TYR DC 56 72.20 -1.22 -84.33
CA TYR DC 56 70.90 -1.57 -84.88
C TYR DC 56 70.37 -0.40 -85.70
N CYS DC 57 70.18 -0.64 -86.99
CA CYS DC 57 69.66 0.39 -87.89
C CYS DC 57 68.21 0.72 -87.54
N GLY DC 58 67.82 1.97 -87.82
CA GLY DC 58 66.48 2.41 -87.48
C GLY DC 58 65.39 1.64 -88.20
N LYS DC 59 65.67 1.21 -89.42
CA LYS DC 59 64.78 0.31 -90.13
C LYS DC 59 65.04 -1.12 -89.66
N CYS DC 60 64.51 -2.10 -90.40
CA CYS DC 60 64.78 -3.49 -90.10
C CYS DC 60 66.11 -3.90 -90.71
N CYS DC 61 67.16 -3.11 -90.45
CA CYS DC 61 68.48 -3.40 -91.03
C CYS DC 61 69.27 -4.33 -90.11
N LEU DC 62 68.63 -5.41 -89.66
CA LEU DC 62 69.26 -6.41 -88.80
C LEU DC 62 69.94 -5.81 -87.58
N THR DC 63 70.93 -6.53 -87.06
CA THR DC 63 71.72 -6.05 -85.93
C THR DC 63 73.07 -6.76 -86.00
N TYR DC 64 74.13 -6.02 -86.26
CA TYR DC 64 75.49 -6.58 -86.29
C TYR DC 64 76.24 -6.12 -85.05
N CYS DC 65 76.44 -7.03 -84.12
CA CYS DC 65 77.26 -6.83 -82.95
C CYS DC 65 78.61 -7.51 -83.16
N PHE DC 66 79.42 -7.51 -82.12
CA PHE DC 66 80.77 -8.06 -82.20
C PHE DC 66 80.85 -9.29 -81.28
N ASN DC 67 80.65 -10.46 -81.87
CA ASN DC 67 80.76 -11.71 -81.14
C ASN DC 67 82.22 -12.05 -80.87
N THR EC 1 -51.50 -57.55 -131.38
CA THR EC 1 -51.59 -58.62 -130.40
C THR EC 1 -50.20 -58.92 -129.84
N GLU EC 2 -49.17 -58.60 -130.61
CA GLU EC 2 -47.81 -58.78 -130.15
C GLU EC 2 -47.50 -57.79 -129.03
N GLN EC 3 -46.96 -58.31 -127.93
CA GLN EC 3 -46.71 -57.49 -126.75
C GLN EC 3 -45.38 -57.89 -126.15
N MET EC 4 -44.80 -56.98 -125.36
CA MET EC 4 -43.52 -57.24 -124.74
C MET EC 4 -43.66 -58.27 -123.63
N THR EC 5 -42.68 -59.15 -123.53
CA THR EC 5 -42.59 -60.13 -122.47
C THR EC 5 -41.15 -60.12 -121.97
N LEU EC 6 -40.98 -60.25 -120.67
CA LEU EC 6 -39.66 -60.19 -120.06
C LEU EC 6 -38.99 -61.56 -120.17
N ARG EC 7 -37.84 -61.60 -120.82
CA ARG EC 7 -37.07 -62.84 -120.93
C ARG EC 7 -35.88 -62.89 -120.00
N GLY EC 8 -35.24 -61.76 -119.73
CA GLY EC 8 -34.09 -61.77 -118.84
C GLY EC 8 -33.50 -60.39 -118.71
N THR EC 9 -32.33 -60.35 -118.08
CA THR EC 9 -31.64 -59.09 -117.82
C THR EC 9 -30.15 -59.34 -117.83
N LEU EC 10 -29.41 -58.43 -118.45
CA LEU EC 10 -27.96 -58.46 -118.45
C LEU EC 10 -27.47 -57.83 -117.16
N LYS EC 11 -26.68 -58.60 -116.40
CA LYS EC 11 -26.16 -58.23 -115.10
C LYS EC 11 -24.64 -58.39 -115.11
N GLY EC 12 -23.95 -57.40 -114.55
CA GLY EC 12 -22.50 -57.36 -114.57
C GLY EC 12 -21.99 -55.95 -114.71
N HIS EC 13 -22.88 -55.02 -115.04
CA HIS EC 13 -22.53 -53.60 -115.01
C HIS EC 13 -22.55 -53.09 -113.57
N ASN EC 14 -22.05 -51.87 -113.40
CA ASN EC 14 -22.02 -51.29 -112.06
C ASN EC 14 -22.48 -49.85 -112.01
N GLY EC 15 -22.91 -49.25 -113.13
CA GLY EC 15 -23.28 -47.85 -113.15
C GLY EC 15 -24.53 -47.62 -113.98
N TRP EC 16 -24.91 -46.35 -114.06
CA TRP EC 16 -26.08 -45.98 -114.85
C TRP EC 16 -25.80 -46.27 -116.32
N VAL EC 17 -26.57 -47.18 -116.89
CA VAL EC 17 -26.38 -47.58 -118.28
C VAL EC 17 -26.69 -46.38 -119.16
N THR EC 18 -25.66 -45.80 -119.78
CA THR EC 18 -25.85 -44.55 -120.50
C THR EC 18 -26.41 -44.76 -121.89
N GLN EC 19 -25.96 -45.80 -122.59
CA GLN EC 19 -26.36 -46.02 -123.97
C GLN EC 19 -26.12 -47.48 -124.31
N ILE EC 20 -26.87 -47.99 -125.27
CA ILE EC 20 -26.70 -49.35 -125.78
C ILE EC 20 -26.52 -49.27 -127.29
N ALA EC 21 -25.51 -49.95 -127.81
CA ALA EC 21 -25.21 -49.99 -129.23
C ALA EC 21 -25.25 -51.41 -129.73
N THR EC 22 -25.99 -51.64 -130.81
CA THR EC 22 -26.11 -52.95 -131.43
C THR EC 22 -25.84 -52.81 -132.92
N THR EC 23 -25.61 -53.97 -133.56
CA THR EC 23 -25.25 -54.01 -134.97
C THR EC 23 -26.22 -54.91 -135.73
N PRO EC 24 -26.54 -54.57 -136.98
CA PRO EC 24 -27.53 -55.35 -137.73
C PRO EC 24 -27.06 -56.75 -138.07
N GLN EC 25 -25.84 -56.87 -138.55
CA GLN EC 25 -25.36 -58.16 -139.04
C GLN EC 25 -24.91 -59.09 -137.93
N PHE EC 26 -24.72 -58.60 -136.71
CA PHE EC 26 -24.43 -59.45 -135.55
C PHE EC 26 -25.39 -59.10 -134.42
N PRO EC 27 -26.68 -59.41 -134.56
CA PRO EC 27 -27.60 -59.17 -133.45
C PRO EC 27 -27.35 -60.06 -132.25
N ASP EC 28 -26.55 -61.11 -132.41
CA ASP EC 28 -26.25 -62.02 -131.32
C ASP EC 28 -25.32 -61.41 -130.28
N MET EC 29 -24.74 -60.24 -130.56
CA MET EC 29 -23.93 -59.53 -129.60
C MET EC 29 -24.32 -58.07 -129.59
N ILE EC 30 -24.25 -57.46 -128.41
CA ILE EC 30 -24.52 -56.05 -128.23
C ILE EC 30 -23.43 -55.47 -127.34
N LEU EC 31 -23.48 -54.16 -127.10
CA LEU EC 31 -22.55 -53.61 -126.13
C LEU EC 31 -23.13 -52.34 -125.53
N SER EC 32 -23.07 -52.24 -124.22
CA SER EC 32 -23.73 -51.17 -123.48
C SER EC 32 -22.71 -50.39 -122.67
N ALA EC 33 -22.70 -49.08 -122.87
CA ALA EC 33 -21.93 -48.19 -122.02
C ALA EC 33 -22.69 -47.94 -120.72
N SER EC 34 -21.97 -47.48 -119.71
CA SER EC 34 -22.58 -47.19 -118.42
C SER EC 34 -21.70 -46.18 -117.70
N ARG EC 35 -22.09 -45.87 -116.47
CA ARG EC 35 -21.31 -45.00 -115.59
C ARG EC 35 -20.27 -45.78 -114.80
N ASP EC 36 -19.88 -46.94 -115.29
CA ASP EC 36 -18.76 -47.68 -114.72
C ASP EC 36 -17.44 -47.22 -115.31
N LYS EC 37 -17.45 -46.16 -116.12
CA LYS EC 37 -16.27 -45.64 -116.81
C LYS EC 37 -15.63 -46.71 -117.68
N THR EC 38 -16.45 -47.58 -118.25
CA THR EC 38 -16.02 -48.66 -119.13
C THR EC 38 -17.23 -49.12 -119.92
N ILE EC 39 -16.97 -49.72 -121.08
CA ILE EC 39 -18.03 -50.35 -121.85
C ILE EC 39 -17.69 -51.82 -121.94
N ILE EC 40 -18.72 -52.66 -122.04
CA ILE EC 40 -18.53 -54.09 -122.21
C ILE EC 40 -19.44 -54.55 -123.33
N MET EC 41 -19.10 -55.68 -123.92
CA MET EC 41 -19.95 -56.29 -124.92
C MET EC 41 -20.55 -57.57 -124.35
N TRP EC 42 -21.82 -57.77 -124.63
CA TRP EC 42 -22.57 -58.93 -124.19
C TRP EC 42 -22.77 -59.85 -125.39
N LYS EC 43 -22.28 -61.08 -125.27
CA LYS EC 43 -22.61 -62.16 -126.19
C LYS EC 43 -23.89 -62.78 -125.68
N LEU EC 44 -24.99 -62.59 -126.41
CA LEU EC 44 -26.27 -63.14 -126.01
C LEU EC 44 -26.27 -64.64 -126.25
N THR EC 45 -26.46 -65.41 -125.18
CA THR EC 45 -26.46 -66.85 -125.26
C THR EC 45 -27.86 -67.44 -125.34
N ARG EC 46 -28.88 -66.67 -124.93
CA ARG EC 46 -30.29 -67.05 -125.07
C ARG EC 46 -30.58 -68.40 -124.41
N ASP EC 47 -30.11 -68.55 -123.18
CA ASP EC 47 -30.35 -69.79 -122.45
C ASP EC 47 -31.18 -69.50 -121.21
N GLU EC 48 -31.49 -70.57 -120.48
CA GLU EC 48 -32.31 -70.46 -119.28
C GLU EC 48 -31.59 -69.73 -118.16
N THR EC 49 -30.28 -69.92 -118.03
CA THR EC 49 -29.56 -69.31 -116.91
C THR EC 49 -29.50 -67.79 -117.04
N ASN EC 50 -29.28 -67.28 -118.26
CA ASN EC 50 -29.22 -65.85 -118.49
C ASN EC 50 -29.43 -65.58 -119.97
N TYR EC 51 -29.80 -64.35 -120.29
CA TYR EC 51 -29.94 -63.97 -121.68
C TYR EC 51 -28.59 -63.80 -122.37
N GLY EC 52 -27.59 -63.29 -121.66
CA GLY EC 52 -26.30 -63.06 -122.28
C GLY EC 52 -25.21 -62.92 -121.24
N ILE EC 53 -23.97 -63.01 -121.70
CA ILE EC 53 -22.82 -62.93 -120.81
C ILE EC 53 -21.78 -61.97 -121.39
N PRO EC 54 -21.05 -61.24 -120.56
CA PRO EC 54 -19.99 -60.37 -121.07
C PRO EC 54 -18.80 -61.18 -121.57
N GLN EC 55 -18.15 -60.68 -122.61
CA GLN EC 55 -17.07 -61.42 -123.25
C GLN EC 55 -15.83 -60.56 -123.48
N ARG EC 56 -16.01 -59.26 -123.68
CA ARG EC 56 -14.88 -58.36 -123.91
C ARG EC 56 -15.21 -57.00 -123.34
N ALA EC 57 -14.34 -56.49 -122.47
CA ALA EC 57 -14.52 -55.21 -121.80
C ALA EC 57 -13.50 -54.21 -122.32
N LEU EC 58 -13.98 -53.04 -122.73
CA LEU EC 58 -13.15 -51.97 -123.24
C LEU EC 58 -13.12 -50.86 -122.20
N ARG EC 59 -11.92 -50.49 -121.79
CA ARG EC 59 -11.72 -49.58 -120.67
C ARG EC 59 -10.52 -48.68 -120.93
N GLY EC 60 -10.54 -47.50 -120.32
CA GLY EC 60 -9.52 -46.52 -120.52
C GLY EC 60 -10.02 -45.09 -120.46
N HIS EC 61 -11.34 -44.92 -120.55
CA HIS EC 61 -11.92 -43.61 -120.30
C HIS EC 61 -11.71 -43.18 -118.86
N SER EC 62 -11.35 -41.92 -118.67
CA SER EC 62 -11.17 -41.40 -117.32
C SER EC 62 -12.49 -41.28 -116.58
N HIS EC 63 -13.58 -40.99 -117.29
CA HIS EC 63 -14.84 -40.72 -116.61
C HIS EC 63 -15.99 -41.54 -117.18
N PHE EC 64 -17.21 -41.23 -116.76
CA PHE EC 64 -18.40 -41.93 -117.24
C PHE EC 64 -18.48 -41.86 -118.75
N VAL EC 65 -18.30 -42.99 -119.41
CA VAL EC 65 -18.57 -43.05 -120.83
C VAL EC 65 -20.05 -42.85 -121.05
N SER EC 66 -20.40 -41.96 -121.98
CA SER EC 66 -21.78 -41.53 -122.14
C SER EC 66 -22.44 -42.04 -123.42
N ASP EC 67 -21.71 -42.14 -124.53
CA ASP EC 67 -22.32 -42.53 -125.79
C ASP EC 67 -21.43 -43.53 -126.49
N VAL EC 68 -22.04 -44.40 -127.29
CA VAL EC 68 -21.30 -45.36 -128.10
C VAL EC 68 -22.13 -45.70 -129.33
N VAL EC 69 -21.47 -45.79 -130.47
CA VAL EC 69 -22.10 -46.15 -131.74
C VAL EC 69 -21.20 -47.13 -132.48
N ILE EC 70 -21.80 -48.22 -133.01
CA ILE EC 70 -21.09 -49.17 -133.84
C ILE EC 70 -20.93 -48.60 -135.24
N SER EC 71 -19.90 -49.03 -135.95
CA SER EC 71 -19.71 -48.66 -137.34
C SER EC 71 -20.68 -49.44 -138.23
N SER EC 72 -20.65 -49.12 -139.52
CA SER EC 72 -21.53 -49.80 -140.46
C SER EC 72 -21.19 -51.28 -140.59
N ASP EC 73 -19.89 -51.60 -140.69
CA ASP EC 73 -19.46 -52.98 -140.81
C ASP EC 73 -19.27 -53.65 -139.45
N GLY EC 74 -19.34 -52.91 -138.36
CA GLY EC 74 -19.25 -53.48 -137.03
C GLY EC 74 -17.85 -53.66 -136.49
N GLN EC 75 -16.82 -53.41 -137.30
CA GLN EC 75 -15.45 -53.61 -136.83
C GLN EC 75 -15.04 -52.53 -135.82
N PHE EC 76 -15.54 -51.31 -135.96
CA PHE EC 76 -15.18 -50.22 -135.08
C PHE EC 76 -16.38 -49.80 -134.25
N ALA EC 77 -16.12 -49.25 -133.07
CA ALA EC 77 -17.18 -48.75 -132.19
C ALA EC 77 -16.63 -47.53 -131.45
N LEU EC 78 -17.26 -46.38 -131.64
CA LEU EC 78 -16.75 -45.15 -131.07
C LEU EC 78 -17.56 -44.78 -129.82
N SER EC 79 -16.84 -44.36 -128.78
CA SER EC 79 -17.43 -44.02 -127.49
C SER EC 79 -16.97 -42.64 -127.07
N GLY EC 80 -17.92 -41.81 -126.67
CA GLY EC 80 -17.65 -40.48 -126.15
C GLY EC 80 -18.01 -40.41 -124.68
N SER EC 81 -17.12 -39.82 -123.88
CA SER EC 81 -17.21 -39.88 -122.44
C SER EC 81 -17.20 -38.48 -121.84
N TRP EC 82 -17.63 -38.40 -120.59
CA TRP EC 82 -17.65 -37.14 -119.86
C TRP EC 82 -16.27 -36.53 -119.71
N ASP EC 83 -15.22 -37.35 -119.80
CA ASP EC 83 -13.85 -36.89 -119.61
C ASP EC 83 -13.36 -35.95 -120.70
N GLY EC 84 -14.17 -35.67 -121.72
CA GLY EC 84 -13.78 -34.77 -122.79
C GLY EC 84 -12.99 -35.41 -123.90
N THR EC 85 -12.92 -36.73 -123.96
CA THR EC 85 -12.18 -37.43 -124.99
C THR EC 85 -13.08 -38.46 -125.66
N LEU EC 86 -12.80 -38.72 -126.93
CA LEU EC 86 -13.51 -39.76 -127.67
C LEU EC 86 -12.55 -40.87 -128.03
N ARG EC 87 -13.02 -42.12 -127.97
CA ARG EC 87 -12.18 -43.28 -128.20
C ARG EC 87 -12.82 -44.19 -129.23
N LEU EC 88 -12.05 -44.58 -130.25
CA LEU EC 88 -12.54 -45.37 -131.36
C LEU EC 88 -12.03 -46.80 -131.18
N TRP EC 89 -12.79 -47.62 -130.46
CA TRP EC 89 -12.39 -48.99 -130.23
C TRP EC 89 -12.50 -49.81 -131.52
N ASP EC 90 -11.69 -50.87 -131.59
CA ASP EC 90 -11.92 -51.95 -132.54
C ASP EC 90 -12.42 -53.17 -131.78
N LEU EC 91 -13.25 -53.96 -132.45
CA LEU EC 91 -13.95 -55.04 -131.77
C LEU EC 91 -13.16 -56.34 -131.73
N THR EC 92 -12.33 -56.60 -132.74
CA THR EC 92 -11.57 -57.84 -132.74
C THR EC 92 -10.48 -57.83 -131.67
N THR EC 93 -9.85 -56.67 -131.46
CA THR EC 93 -8.76 -56.55 -130.51
C THR EC 93 -9.20 -55.98 -129.16
N GLY EC 94 -10.30 -55.22 -129.13
CA GLY EC 94 -10.69 -54.56 -127.91
C GLY EC 94 -9.76 -53.44 -127.50
N THR EC 95 -9.28 -52.66 -128.46
CA THR EC 95 -8.28 -51.64 -128.21
C THR EC 95 -8.71 -50.34 -128.89
N THR EC 96 -8.37 -49.22 -128.27
CA THR EC 96 -8.66 -47.91 -128.83
C THR EC 96 -7.71 -47.62 -129.98
N THR EC 97 -8.21 -47.67 -131.21
CA THR EC 97 -7.40 -47.35 -132.38
C THR EC 97 -7.00 -45.88 -132.37
N ARG EC 98 -7.97 -45.00 -132.14
CA ARG EC 98 -7.75 -43.56 -132.27
C ARG EC 98 -8.47 -42.84 -131.14
N ARG EC 99 -7.97 -41.64 -130.84
CA ARG EC 99 -8.59 -40.79 -129.85
C ARG EC 99 -8.86 -39.41 -130.45
N PHE EC 100 -9.87 -38.75 -129.91
CA PHE EC 100 -10.34 -37.47 -130.40
C PHE EC 100 -10.31 -36.50 -129.23
N VAL EC 101 -9.46 -35.48 -129.34
CA VAL EC 101 -9.12 -34.57 -128.26
C VAL EC 101 -9.31 -33.14 -128.75
N GLY EC 102 -9.88 -32.30 -127.90
CA GLY EC 102 -10.10 -30.91 -128.24
C GLY EC 102 -11.35 -30.33 -127.63
N HIS EC 103 -12.29 -31.18 -127.25
CA HIS EC 103 -13.42 -30.72 -126.46
C HIS EC 103 -12.94 -30.25 -125.10
N THR EC 104 -13.30 -29.03 -124.74
CA THR EC 104 -12.91 -28.50 -123.45
C THR EC 104 -13.78 -29.01 -122.31
N LYS EC 105 -14.93 -29.60 -122.62
CA LYS EC 105 -15.91 -29.96 -121.60
C LYS EC 105 -16.44 -31.35 -121.89
N ASP EC 106 -17.51 -31.73 -121.19
CA ASP EC 106 -17.99 -33.10 -121.17
C ASP EC 106 -18.63 -33.46 -122.51
N VAL EC 107 -18.02 -34.41 -123.22
CA VAL EC 107 -18.60 -34.94 -124.45
C VAL EC 107 -19.75 -35.87 -124.06
N LEU EC 108 -20.99 -35.46 -124.33
CA LEU EC 108 -22.13 -36.27 -123.95
C LEU EC 108 -22.75 -37.03 -125.11
N SER EC 109 -22.71 -36.51 -126.33
CA SER EC 109 -23.36 -37.21 -127.43
C SER EC 109 -22.42 -37.33 -128.61
N VAL EC 110 -22.49 -38.47 -129.30
CA VAL EC 110 -21.69 -38.74 -130.49
C VAL EC 110 -22.61 -39.27 -131.58
N ALA EC 111 -22.14 -39.15 -132.81
CA ALA EC 111 -22.90 -39.62 -133.96
C ALA EC 111 -21.92 -40.03 -135.06
N PHE EC 112 -22.12 -41.24 -135.57
CA PHE EC 112 -21.26 -41.87 -136.55
C PHE EC 112 -21.93 -41.82 -137.91
N SER EC 113 -21.23 -41.31 -138.92
CA SER EC 113 -21.84 -41.16 -140.23
C SER EC 113 -22.09 -42.51 -140.88
N SER EC 114 -23.17 -42.60 -141.66
CA SER EC 114 -23.53 -43.85 -142.30
C SER EC 114 -22.45 -44.29 -143.28
N ASP EC 115 -21.87 -43.35 -144.02
CA ASP EC 115 -20.82 -43.65 -144.98
C ASP EC 115 -19.45 -43.82 -144.34
N ASN EC 116 -19.38 -43.90 -143.01
CA ASN EC 116 -18.15 -44.21 -142.27
C ASN EC 116 -17.04 -43.20 -142.57
N ARG EC 117 -17.41 -41.94 -142.65
CA ARG EC 117 -16.46 -40.90 -143.01
C ARG EC 117 -16.39 -39.76 -142.00
N GLN EC 118 -17.51 -39.40 -141.39
CA GLN EC 118 -17.58 -38.21 -140.56
C GLN EC 118 -18.12 -38.53 -139.17
N ILE EC 119 -17.63 -37.78 -138.18
CA ILE EC 119 -18.00 -37.97 -136.78
C ILE EC 119 -18.50 -36.63 -136.25
N VAL EC 120 -19.70 -36.64 -135.66
CA VAL EC 120 -20.27 -35.43 -135.09
C VAL EC 120 -20.34 -35.61 -133.58
N SER EC 121 -19.81 -34.65 -132.83
CA SER EC 121 -19.71 -34.74 -131.39
C SER EC 121 -20.29 -33.50 -130.74
N GLY EC 122 -21.15 -33.73 -129.75
CA GLY EC 122 -21.79 -32.66 -128.99
C GLY EC 122 -21.45 -32.74 -127.52
N SER EC 123 -20.97 -31.61 -126.99
CA SER EC 123 -20.44 -31.50 -125.64
C SER EC 123 -21.10 -30.33 -124.93
N ARG EC 124 -20.91 -30.29 -123.61
CA ARG EC 124 -21.44 -29.20 -122.79
C ARG EC 124 -20.81 -27.85 -123.13
N ASP EC 125 -19.71 -27.83 -123.88
CA ASP EC 125 -19.03 -26.59 -124.26
C ASP EC 125 -19.79 -25.78 -125.29
N LYS EC 126 -21.02 -26.18 -125.61
CA LYS EC 126 -21.91 -25.42 -126.49
C LYS EC 126 -21.33 -25.25 -127.88
N THR EC 127 -20.52 -26.22 -128.32
CA THR EC 127 -19.97 -26.22 -129.68
C THR EC 127 -20.05 -27.63 -130.23
N ILE EC 128 -20.20 -27.75 -131.54
CA ILE EC 128 -20.28 -29.06 -132.20
C ILE EC 128 -18.98 -29.28 -132.94
N LYS EC 129 -18.41 -30.49 -132.81
CA LYS EC 129 -17.15 -30.80 -133.47
C LYS EC 129 -17.36 -31.88 -134.51
N LEU EC 130 -16.91 -31.61 -135.73
CA LEU EC 130 -16.99 -32.56 -136.82
C LEU EC 130 -15.60 -33.00 -137.23
N TRP EC 131 -15.36 -34.31 -137.18
CA TRP EC 131 -14.05 -34.93 -137.37
C TRP EC 131 -14.09 -35.85 -138.58
N ASN EC 132 -12.94 -36.00 -139.23
CA ASN EC 132 -12.78 -36.92 -140.34
C ASN EC 132 -12.50 -38.32 -139.80
N THR EC 133 -12.19 -39.26 -140.70
CA THR EC 133 -11.81 -40.60 -140.27
C THR EC 133 -10.47 -40.59 -139.54
N LEU EC 134 -9.62 -39.62 -139.83
CA LEU EC 134 -8.25 -39.59 -139.32
C LEU EC 134 -8.12 -38.77 -138.04
N GLY EC 135 -9.20 -38.61 -137.28
CA GLY EC 135 -9.12 -38.05 -135.95
C GLY EC 135 -8.86 -36.57 -135.87
N VAL EC 136 -9.00 -35.84 -136.99
CA VAL EC 136 -8.74 -34.41 -137.04
C VAL EC 136 -10.07 -33.68 -137.12
N CYS EC 137 -10.23 -32.66 -136.28
CA CYS EC 137 -11.46 -31.87 -136.26
C CYS EC 137 -11.51 -31.00 -137.50
N LYS EC 138 -12.20 -31.46 -138.53
CA LYS EC 138 -12.33 -30.66 -139.75
C LYS EC 138 -13.09 -29.38 -139.49
N TYR EC 139 -14.16 -29.43 -138.70
CA TYR EC 139 -14.91 -28.20 -138.46
C TYR EC 139 -15.39 -28.16 -137.02
N THR EC 140 -15.60 -26.95 -136.52
CA THR EC 140 -16.20 -26.73 -135.21
C THR EC 140 -17.33 -25.73 -135.38
N VAL EC 141 -18.55 -26.24 -135.45
CA VAL EC 141 -19.73 -25.39 -135.54
C VAL EC 141 -19.93 -24.64 -134.25
N GLN EC 142 -19.71 -23.33 -134.31
CA GLN EC 142 -20.06 -22.38 -133.27
C GLN EC 142 -20.95 -21.26 -133.79
N ASP EC 143 -21.09 -21.12 -135.10
CA ASP EC 143 -21.92 -20.07 -135.68
C ASP EC 143 -23.39 -20.42 -135.47
N GLU EC 144 -24.11 -19.53 -134.77
CA GLU EC 144 -25.51 -19.74 -134.42
C GLU EC 144 -25.70 -21.08 -133.71
N SER EC 145 -24.83 -21.33 -132.73
CA SER EC 145 -24.74 -22.63 -132.10
C SER EC 145 -26.00 -22.96 -131.32
N HIS EC 146 -26.09 -24.22 -130.87
CA HIS EC 146 -27.23 -24.65 -130.08
C HIS EC 146 -27.28 -23.92 -128.74
N SER EC 147 -26.12 -23.74 -128.12
CA SER EC 147 -25.95 -23.05 -126.83
C SER EC 147 -26.64 -23.78 -125.68
N GLU EC 148 -26.18 -23.52 -124.47
CA GLU EC 148 -26.68 -24.15 -123.25
C GLU EC 148 -26.65 -25.68 -123.36
N TRP EC 149 -25.44 -26.18 -123.55
CA TRP EC 149 -25.12 -27.61 -123.63
C TRP EC 149 -25.69 -28.27 -124.88
N VAL EC 150 -24.99 -29.28 -125.38
CA VAL EC 150 -25.46 -30.08 -126.51
C VAL EC 150 -25.24 -31.54 -126.10
N SER EC 151 -26.27 -32.16 -125.54
CA SER EC 151 -26.19 -33.55 -125.11
C SER EC 151 -27.03 -34.46 -126.01
N CYS EC 152 -27.09 -34.14 -127.30
CA CYS EC 152 -28.13 -34.69 -128.15
C CYS EC 152 -27.70 -34.50 -129.59
N VAL EC 153 -27.47 -35.60 -130.31
CA VAL EC 153 -27.08 -35.51 -131.72
C VAL EC 153 -27.40 -36.84 -132.39
N ARG EC 154 -27.73 -36.76 -133.68
CA ARG EC 154 -28.05 -37.95 -134.46
C ARG EC 154 -27.99 -37.61 -135.95
N PHE EC 155 -27.41 -38.51 -136.74
CA PHE EC 155 -27.35 -38.36 -138.19
C PHE EC 155 -28.73 -38.59 -138.80
N SER EC 156 -28.84 -38.38 -140.12
CA SER EC 156 -30.00 -38.88 -140.85
C SER EC 156 -29.72 -40.28 -141.36
N PRO EC 157 -30.67 -41.21 -141.23
CA PRO EC 157 -30.45 -42.57 -141.77
C PRO EC 157 -30.32 -42.62 -143.27
N ASN EC 158 -30.97 -41.70 -143.99
CA ASN EC 158 -30.89 -41.72 -145.43
C ASN EC 158 -29.61 -41.02 -145.91
N SER EC 159 -29.37 -41.12 -147.22
CA SER EC 159 -28.16 -40.57 -147.82
C SER EC 159 -28.39 -39.30 -148.62
N SER EC 160 -29.54 -39.14 -149.25
CA SER EC 160 -29.81 -37.94 -150.04
C SER EC 160 -29.97 -36.75 -149.12
N ASN EC 161 -29.18 -35.70 -149.37
CA ASN EC 161 -29.13 -34.48 -148.57
C ASN EC 161 -28.92 -34.83 -147.10
N PRO EC 162 -27.74 -35.30 -146.71
CA PRO EC 162 -27.53 -35.72 -145.32
C PRO EC 162 -27.68 -34.57 -144.35
N ILE EC 163 -28.33 -34.84 -143.23
CA ILE EC 163 -28.59 -33.83 -142.21
C ILE EC 163 -28.15 -34.37 -140.85
N ILE EC 164 -27.91 -33.44 -139.94
CA ILE EC 164 -27.56 -33.75 -138.57
C ILE EC 164 -28.53 -33.03 -137.64
N VAL EC 165 -29.00 -33.73 -136.62
CA VAL EC 165 -30.10 -33.29 -135.77
C VAL EC 165 -29.59 -33.20 -134.34
N SER EC 166 -29.97 -32.14 -133.62
CA SER EC 166 -29.64 -31.99 -132.22
C SER EC 166 -30.83 -31.44 -131.47
N CYS EC 167 -30.95 -31.83 -130.20
CA CYS EC 167 -31.96 -31.27 -129.31
C CYS EC 167 -31.39 -30.56 -128.09
N GLY EC 168 -30.18 -30.88 -127.65
CA GLY EC 168 -29.48 -30.11 -126.63
C GLY EC 168 -30.25 -29.98 -125.34
N TRP EC 169 -30.15 -28.79 -124.73
CA TRP EC 169 -30.86 -28.46 -123.51
C TRP EC 169 -31.60 -27.14 -123.55
N ASP EC 170 -31.48 -26.37 -124.64
CA ASP EC 170 -32.05 -25.04 -124.72
C ASP EC 170 -33.52 -25.07 -125.13
N LYS EC 171 -34.18 -26.21 -125.01
CA LYS EC 171 -35.58 -26.38 -125.38
C LYS EC 171 -35.80 -26.01 -126.85
N LEU EC 172 -34.92 -26.50 -127.71
CA LEU EC 172 -34.97 -26.22 -129.14
C LEU EC 172 -34.28 -27.35 -129.88
N VAL EC 173 -34.70 -27.62 -131.11
CA VAL EC 173 -34.07 -28.61 -131.96
C VAL EC 173 -33.47 -27.90 -133.16
N LYS EC 174 -32.19 -28.14 -133.39
CA LYS EC 174 -31.47 -27.53 -134.51
C LYS EC 174 -30.99 -28.61 -135.47
N VAL EC 175 -31.15 -28.32 -136.76
CA VAL EC 175 -30.75 -29.24 -137.82
C VAL EC 175 -29.78 -28.52 -138.74
N TRP EC 176 -28.66 -29.17 -139.04
CA TRP EC 176 -27.68 -28.63 -139.97
C TRP EC 176 -27.48 -29.57 -141.15
N ASN EC 177 -27.02 -29.01 -142.25
CA ASN EC 177 -26.56 -29.79 -143.39
C ASN EC 177 -25.05 -29.86 -143.35
N LEU EC 178 -24.51 -31.07 -143.39
CA LEU EC 178 -23.06 -31.24 -143.41
C LEU EC 178 -22.45 -30.86 -144.74
N ALA EC 179 -23.26 -30.60 -145.77
CA ALA EC 179 -22.72 -30.22 -147.06
C ALA EC 179 -22.09 -28.83 -147.00
N ASN EC 180 -22.77 -27.87 -146.38
CA ASN EC 180 -22.27 -26.50 -146.31
C ASN EC 180 -22.08 -26.00 -144.89
N CYS EC 181 -22.45 -26.77 -143.88
CA CYS EC 181 -22.27 -26.43 -142.47
C CYS EC 181 -22.99 -25.12 -142.11
N LYS EC 182 -24.31 -25.15 -142.25
CA LYS EC 182 -25.15 -24.04 -141.83
C LYS EC 182 -26.51 -24.57 -141.40
N LEU EC 183 -27.19 -23.80 -140.55
CA LEU EC 183 -28.50 -24.21 -140.06
C LEU EC 183 -29.51 -24.22 -141.19
N LYS EC 184 -30.44 -25.16 -141.14
CA LYS EC 184 -31.42 -25.32 -142.18
C LYS EC 184 -32.86 -25.19 -141.70
N THR EC 185 -33.15 -25.66 -140.49
CA THR EC 185 -34.48 -25.55 -139.92
C THR EC 185 -34.38 -25.57 -138.40
N ASN EC 186 -35.33 -24.90 -137.76
CA ASN EC 186 -35.38 -24.76 -136.32
C ASN EC 186 -36.74 -25.21 -135.82
N HIS EC 187 -36.78 -25.66 -134.57
CA HIS EC 187 -38.01 -26.23 -134.01
C HIS EC 187 -38.14 -25.80 -132.56
N ILE EC 188 -38.89 -24.72 -132.34
CA ILE EC 188 -39.18 -24.22 -131.00
C ILE EC 188 -40.48 -24.85 -130.51
N GLY EC 189 -40.63 -24.94 -129.19
CA GLY EC 189 -41.89 -25.40 -128.65
C GLY EC 189 -41.81 -26.30 -127.43
N HIS EC 190 -40.59 -26.64 -127.00
CA HIS EC 190 -40.41 -27.49 -125.85
C HIS EC 190 -40.33 -26.66 -124.58
N THR EC 191 -40.98 -27.15 -123.53
CA THR EC 191 -41.09 -26.42 -122.27
C THR EC 191 -40.04 -26.82 -121.24
N GLY EC 192 -39.17 -27.77 -121.57
CA GLY EC 192 -38.14 -28.20 -120.66
C GLY EC 192 -36.91 -28.63 -121.43
N TYR EC 193 -35.80 -28.73 -120.71
CA TYR EC 193 -34.55 -29.14 -121.36
C TYR EC 193 -34.67 -30.55 -121.88
N LEU EC 194 -34.19 -30.77 -123.09
CA LEU EC 194 -34.33 -32.05 -123.74
C LEU EC 194 -33.12 -32.93 -123.44
N ASN EC 195 -33.25 -34.19 -123.78
CA ASN EC 195 -32.14 -35.13 -123.61
C ASN EC 195 -31.86 -35.92 -124.88
N THR EC 196 -32.88 -36.32 -125.63
CA THR EC 196 -32.69 -37.23 -126.72
C THR EC 196 -33.59 -36.87 -127.90
N VAL EC 197 -33.03 -37.06 -129.10
CA VAL EC 197 -33.76 -36.99 -130.36
C VAL EC 197 -33.45 -38.23 -131.15
N THR EC 198 -34.44 -38.75 -131.87
CA THR EC 198 -34.27 -39.93 -132.68
C THR EC 198 -34.91 -39.69 -134.04
N VAL EC 199 -34.33 -40.30 -135.07
CA VAL EC 199 -34.84 -40.15 -136.42
C VAL EC 199 -35.49 -41.47 -136.82
N SER EC 200 -36.60 -41.39 -137.52
CA SER EC 200 -37.25 -42.58 -138.03
C SER EC 200 -36.33 -43.30 -139.00
N PRO EC 201 -36.43 -44.63 -139.10
CA PRO EC 201 -35.51 -45.37 -139.98
C PRO EC 201 -35.58 -44.95 -141.43
N ASP EC 202 -36.73 -44.49 -141.89
CA ASP EC 202 -36.88 -44.00 -143.26
C ASP EC 202 -36.47 -42.54 -143.41
N GLY EC 203 -36.06 -41.89 -142.34
CA GLY EC 203 -35.60 -40.51 -142.40
C GLY EC 203 -36.67 -39.50 -142.76
N SER EC 204 -37.86 -39.63 -142.17
CA SER EC 204 -38.94 -38.68 -142.42
C SER EC 204 -39.40 -37.94 -141.18
N LEU EC 205 -38.87 -38.27 -140.01
CA LEU EC 205 -39.33 -37.64 -138.79
C LEU EC 205 -38.19 -37.64 -137.76
N CYS EC 206 -38.15 -36.58 -136.96
CA CYS EC 206 -37.27 -36.48 -135.80
C CYS EC 206 -38.14 -36.23 -134.57
N ALA EC 207 -37.95 -37.06 -133.55
CA ALA EC 207 -38.74 -37.00 -132.32
C ALA EC 207 -37.79 -36.69 -131.17
N SER EC 208 -38.11 -35.63 -130.43
CA SER EC 208 -37.25 -35.16 -129.34
C SER EC 208 -38.06 -35.08 -128.05
N GLY EC 209 -37.44 -35.49 -126.95
CA GLY EC 209 -38.14 -35.49 -125.66
C GLY EC 209 -37.19 -35.23 -124.51
N GLY EC 210 -37.78 -34.90 -123.36
CA GLY EC 210 -37.01 -34.64 -122.17
C GLY EC 210 -37.82 -34.19 -120.97
N LYS EC 211 -37.28 -33.22 -120.23
CA LYS EC 211 -37.92 -32.72 -119.01
C LYS EC 211 -39.27 -32.10 -119.28
N ASP EC 212 -39.54 -31.68 -120.52
CA ASP EC 212 -40.82 -31.07 -120.83
C ASP EC 212 -41.99 -32.02 -120.59
N GLY EC 213 -41.74 -33.31 -120.52
CA GLY EC 213 -42.80 -34.26 -120.26
C GLY EC 213 -43.59 -34.69 -121.47
N GLN EC 214 -43.16 -34.32 -122.66
CA GLN EC 214 -43.82 -34.78 -123.88
C GLN EC 214 -42.78 -35.05 -124.95
N ALA EC 215 -43.15 -35.90 -125.90
CA ALA EC 215 -42.33 -36.19 -127.07
C ALA EC 215 -42.90 -35.38 -128.23
N MET EC 216 -42.07 -34.51 -128.79
CA MET EC 216 -42.45 -33.63 -129.89
C MET EC 216 -41.83 -34.14 -131.18
N LEU EC 217 -42.66 -34.33 -132.20
CA LEU EC 217 -42.29 -34.99 -133.44
C LEU EC 217 -42.43 -34.00 -134.58
N TRP EC 218 -41.32 -33.77 -135.29
CA TRP EC 218 -41.26 -32.85 -136.41
C TRP EC 218 -40.83 -33.62 -137.64
N ASP EC 219 -41.10 -33.05 -138.81
CA ASP EC 219 -40.73 -33.64 -140.08
C ASP EC 219 -39.56 -32.87 -140.67
N LEU EC 220 -38.52 -33.59 -141.10
CA LEU EC 220 -37.31 -32.93 -141.58
C LEU EC 220 -37.48 -32.39 -142.99
N ASN EC 221 -38.15 -33.13 -143.87
CA ASN EC 221 -38.28 -32.72 -145.26
C ASN EC 221 -39.39 -31.69 -145.48
N GLU EC 222 -40.23 -31.44 -144.47
CA GLU EC 222 -41.23 -30.39 -144.54
C GLU EC 222 -40.96 -29.23 -143.60
N GLY EC 223 -40.18 -29.46 -142.54
CA GLY EC 223 -39.80 -28.38 -141.64
C GLY EC 223 -40.95 -27.76 -140.88
N LYS EC 224 -41.77 -28.58 -140.23
CA LYS EC 224 -42.89 -28.08 -139.45
C LYS EC 224 -43.21 -29.09 -138.34
N HIS EC 225 -44.23 -28.76 -137.55
CA HIS EC 225 -44.64 -29.63 -136.46
C HIS EC 225 -45.58 -30.70 -136.96
N LEU EC 226 -45.35 -31.94 -136.51
CA LEU EC 226 -46.16 -33.07 -136.93
C LEU EC 226 -47.04 -33.58 -135.79
N TYR EC 227 -46.45 -33.91 -134.64
CA TYR EC 227 -47.26 -34.44 -133.55
C TYR EC 227 -46.57 -34.21 -132.22
N THR EC 228 -47.27 -34.57 -131.15
CA THR EC 228 -46.76 -34.46 -129.79
C THR EC 228 -47.58 -35.38 -128.90
N LEU EC 229 -46.90 -36.22 -128.12
CA LEU EC 229 -47.56 -37.08 -127.14
C LEU EC 229 -46.94 -36.84 -125.77
N ASP EC 230 -47.76 -36.49 -124.79
CA ASP EC 230 -47.26 -36.26 -123.45
C ASP EC 230 -47.21 -37.57 -122.66
N GLY EC 231 -46.14 -37.73 -121.88
CA GLY EC 231 -46.00 -38.85 -120.98
C GLY EC 231 -46.18 -38.42 -119.53
N GLY EC 232 -45.76 -39.31 -118.63
CA GLY EC 232 -45.91 -39.04 -117.21
C GLY EC 232 -44.69 -38.44 -116.56
N ASP EC 233 -43.52 -38.61 -117.15
CA ASP EC 233 -42.28 -38.13 -116.54
C ASP EC 233 -41.32 -37.73 -117.65
N ILE EC 234 -40.04 -37.59 -117.30
CA ILE EC 234 -39.03 -37.18 -118.25
C ILE EC 234 -38.84 -38.28 -119.29
N ILE EC 235 -38.87 -37.91 -120.56
CA ILE EC 235 -38.58 -38.84 -121.65
C ILE EC 235 -37.11 -38.62 -122.01
N ASN EC 236 -36.24 -39.37 -121.35
CA ASN EC 236 -34.81 -39.23 -121.52
C ASN EC 236 -34.20 -40.21 -122.52
N ALA EC 237 -34.96 -41.17 -123.02
CA ALA EC 237 -34.47 -42.12 -124.01
C ALA EC 237 -35.54 -42.35 -125.07
N LEU EC 238 -35.15 -42.30 -126.33
CA LEU EC 238 -36.06 -42.48 -127.45
C LEU EC 238 -35.47 -43.49 -128.42
N CYS EC 239 -36.34 -44.09 -129.23
CA CYS EC 239 -35.90 -44.99 -130.29
C CYS EC 239 -37.00 -45.14 -131.33
N PHE EC 240 -36.64 -45.77 -132.45
CA PHE EC 240 -37.54 -46.03 -133.56
C PHE EC 240 -37.37 -47.46 -134.02
N SER EC 241 -38.46 -48.21 -134.07
CA SER EC 241 -38.39 -49.59 -134.53
C SER EC 241 -38.09 -49.63 -136.03
N PRO EC 242 -37.13 -50.45 -136.47
CA PRO EC 242 -36.85 -50.50 -137.91
C PRO EC 242 -37.91 -51.23 -138.70
N ASN EC 243 -38.46 -52.32 -138.15
CA ASN EC 243 -39.46 -53.10 -138.88
C ASN EC 243 -40.74 -52.31 -139.07
N ARG EC 244 -41.23 -51.67 -138.01
CA ARG EC 244 -42.55 -51.05 -138.04
C ARG EC 244 -42.50 -49.60 -137.58
N TYR EC 245 -43.66 -49.00 -137.34
CA TYR EC 245 -43.79 -47.58 -137.04
C TYR EC 245 -43.94 -47.33 -135.54
N TRP EC 246 -43.20 -48.05 -134.70
CA TRP EC 246 -43.36 -47.92 -133.25
C TRP EC 246 -42.35 -46.94 -132.67
N LEU EC 247 -42.84 -46.05 -131.79
CA LEU EC 247 -42.05 -45.00 -131.16
C LEU EC 247 -41.97 -45.26 -129.67
N CYS EC 248 -40.77 -45.08 -129.13
CA CYS EC 248 -40.42 -45.42 -127.75
C CYS EC 248 -40.64 -44.22 -126.83
N ALA EC 249 -40.58 -44.50 -125.53
CA ALA EC 249 -40.58 -43.48 -124.50
C ALA EC 249 -40.09 -44.09 -123.18
N ALA EC 250 -39.05 -43.51 -122.59
CA ALA EC 250 -38.57 -43.92 -121.29
C ALA EC 250 -39.10 -42.92 -120.27
N THR EC 251 -40.36 -43.10 -119.87
CA THR EC 251 -41.02 -42.20 -118.95
C THR EC 251 -40.61 -42.56 -117.53
N GLY EC 252 -39.40 -42.15 -117.17
CA GLY EC 252 -38.82 -42.53 -115.91
C GLY EC 252 -38.66 -44.03 -115.83
N PRO EC 253 -39.09 -44.60 -114.69
CA PRO EC 253 -38.99 -46.07 -114.54
C PRO EC 253 -39.79 -46.85 -115.56
N SER EC 254 -40.94 -46.33 -115.98
CA SER EC 254 -41.82 -47.05 -116.90
C SER EC 254 -41.36 -46.86 -118.34
N ILE EC 255 -41.84 -47.74 -119.21
CA ILE EC 255 -41.58 -47.67 -120.64
C ILE EC 255 -42.91 -47.58 -121.36
N LYS EC 256 -43.06 -46.59 -122.22
CA LYS EC 256 -44.25 -46.42 -123.04
C LYS EC 256 -43.88 -46.66 -124.50
N ILE EC 257 -44.60 -47.55 -125.17
CA ILE EC 257 -44.40 -47.79 -126.59
C ILE EC 257 -45.72 -47.54 -127.29
N TRP EC 258 -45.68 -46.83 -128.42
CA TRP EC 258 -46.91 -46.60 -129.16
C TRP EC 258 -46.65 -46.52 -130.67
N ASP EC 259 -47.66 -46.93 -131.44
CA ASP EC 259 -47.58 -46.84 -132.89
C ASP EC 259 -47.91 -45.44 -133.35
N LEU EC 260 -47.06 -44.88 -134.23
CA LEU EC 260 -47.28 -43.52 -134.70
C LEU EC 260 -48.42 -43.42 -135.71
N GLU EC 261 -48.78 -44.53 -136.35
CA GLU EC 261 -49.84 -44.50 -137.35
C GLU EC 261 -51.21 -44.28 -136.72
N GLY EC 262 -51.45 -44.81 -135.53
CA GLY EC 262 -52.73 -44.65 -134.89
C GLY EC 262 -52.67 -43.66 -133.73
N LYS EC 263 -51.47 -43.50 -133.17
CA LYS EC 263 -51.24 -42.61 -132.01
C LYS EC 263 -52.07 -43.05 -130.81
N ILE EC 264 -52.07 -44.36 -130.55
CA ILE EC 264 -52.58 -44.93 -129.32
C ILE EC 264 -51.43 -45.71 -128.67
N ILE EC 265 -51.33 -45.63 -127.35
CA ILE EC 265 -50.26 -46.33 -126.64
C ILE EC 265 -50.39 -47.83 -126.89
N VAL EC 266 -49.36 -48.41 -127.51
CA VAL EC 266 -49.31 -49.86 -127.69
C VAL EC 266 -49.23 -50.56 -126.33
N ASP EC 267 -48.20 -50.24 -125.54
CA ASP EC 267 -48.05 -50.95 -124.28
C ASP EC 267 -47.28 -50.11 -123.27
N GLU EC 268 -47.47 -50.47 -122.00
CA GLU EC 268 -46.81 -49.87 -120.85
C GLU EC 268 -46.06 -50.96 -120.10
N LEU EC 269 -44.82 -50.68 -119.73
CA LEU EC 269 -43.96 -51.64 -119.06
C LEU EC 269 -43.53 -51.06 -117.72
N LYS EC 270 -43.73 -51.83 -116.66
CA LYS EC 270 -43.44 -51.39 -115.29
C LYS EC 270 -42.26 -52.15 -114.68
N GLN EC 271 -41.45 -52.81 -115.50
CA GLN EC 271 -40.26 -53.57 -115.10
C GLN EC 271 -40.57 -54.69 -114.11
N GLU EC 272 -41.86 -55.00 -113.89
CA GLU EC 272 -42.30 -56.01 -112.92
C GLU EC 272 -41.66 -55.78 -111.56
N VAL EC 273 -41.80 -54.56 -111.04
CA VAL EC 273 -41.29 -54.24 -109.72
C VAL EC 273 -42.14 -54.96 -108.67
N ILE EC 274 -41.48 -55.75 -107.81
CA ILE EC 274 -42.17 -56.57 -106.82
C ILE EC 274 -41.74 -56.12 -105.44
N SER EC 275 -40.54 -55.53 -105.33
CA SER EC 275 -39.97 -55.19 -104.03
C SER EC 275 -40.87 -54.21 -103.27
N THR EC 276 -41.43 -53.22 -103.98
CA THR EC 276 -42.37 -52.22 -103.47
C THR EC 276 -42.01 -51.77 -102.05
N SER EC 277 -40.75 -51.43 -101.87
CA SER EC 277 -40.26 -50.99 -100.56
C SER EC 277 -40.82 -49.63 -100.18
N SER EC 278 -41.20 -48.80 -101.15
CA SER EC 278 -41.74 -47.44 -101.01
C SER EC 278 -40.71 -46.46 -100.48
N LYS EC 279 -39.52 -46.93 -100.11
CA LYS EC 279 -38.44 -46.05 -99.67
C LYS EC 279 -37.35 -45.95 -100.72
N ALA EC 280 -37.48 -46.66 -101.83
CA ALA EC 280 -36.55 -46.57 -102.94
C ALA EC 280 -37.36 -46.42 -104.22
N GLU EC 281 -37.05 -45.39 -104.99
CA GLU EC 281 -37.70 -45.21 -106.27
C GLU EC 281 -37.21 -46.29 -107.25
N PRO EC 282 -38.07 -46.74 -108.16
CA PRO EC 282 -37.62 -47.68 -109.17
C PRO EC 282 -36.55 -47.06 -110.05
N PRO EC 283 -35.63 -47.87 -110.57
CA PRO EC 283 -34.52 -47.33 -111.38
C PRO EC 283 -35.05 -46.72 -112.67
N GLN EC 284 -34.86 -45.41 -112.81
CA GLN EC 284 -35.37 -44.71 -113.98
C GLN EC 284 -34.67 -45.18 -115.24
N CYS EC 285 -35.44 -45.51 -116.26
CA CYS EC 285 -34.87 -45.94 -117.53
C CYS EC 285 -34.13 -44.79 -118.18
N THR EC 286 -32.90 -45.07 -118.63
CA THR EC 286 -32.11 -44.04 -119.26
C THR EC 286 -31.38 -44.51 -120.51
N SER EC 287 -31.25 -45.82 -120.75
CA SER EC 287 -30.68 -46.30 -122.00
C SER EC 287 -31.67 -47.25 -122.66
N LEU EC 288 -31.90 -47.06 -123.95
CA LEU EC 288 -32.88 -47.87 -124.66
C LEU EC 288 -32.42 -48.07 -126.10
N ALA EC 289 -32.50 -49.31 -126.58
CA ALA EC 289 -32.05 -49.59 -127.93
C ALA EC 289 -32.87 -50.70 -128.57
N TRP EC 290 -33.16 -50.52 -129.86
CA TRP EC 290 -33.78 -51.56 -130.67
C TRP EC 290 -32.74 -52.53 -131.19
N SER EC 291 -33.15 -53.34 -132.16
CA SER EC 291 -32.26 -54.25 -132.87
C SER EC 291 -32.72 -54.32 -134.32
N ALA EC 292 -31.83 -54.80 -135.19
CA ALA EC 292 -32.26 -55.12 -136.54
C ALA EC 292 -33.25 -56.27 -136.56
N ASP EC 293 -33.26 -57.10 -135.50
CA ASP EC 293 -34.32 -58.08 -135.33
C ASP EC 293 -35.68 -57.41 -135.18
N GLY EC 294 -35.74 -56.31 -134.42
CA GLY EC 294 -36.94 -55.54 -134.29
C GLY EC 294 -37.97 -56.15 -133.37
N GLN EC 295 -37.75 -57.36 -132.88
CA GLN EC 295 -38.64 -58.01 -131.93
C GLN EC 295 -38.04 -58.08 -130.54
N THR EC 296 -36.79 -57.65 -130.37
CA THR EC 296 -36.14 -57.55 -129.08
C THR EC 296 -35.74 -56.10 -128.82
N LEU EC 297 -35.83 -55.71 -127.55
CA LEU EC 297 -35.52 -54.36 -127.13
C LEU EC 297 -34.74 -54.41 -125.83
N PHE EC 298 -33.74 -53.54 -125.69
CA PHE EC 298 -32.84 -53.58 -124.54
C PHE EC 298 -32.95 -52.26 -123.79
N ALA EC 299 -33.16 -52.35 -122.48
CA ALA EC 299 -33.41 -51.19 -121.63
C ALA EC 299 -32.47 -51.25 -120.43
N GLY EC 300 -31.43 -50.42 -120.45
CA GLY EC 300 -30.52 -50.31 -119.33
C GLY EC 300 -30.95 -49.18 -118.40
N TYR EC 301 -30.86 -49.45 -117.10
CA TYR EC 301 -31.34 -48.54 -116.08
C TYR EC 301 -30.18 -48.06 -115.20
N THR EC 302 -30.52 -47.28 -114.18
CA THR EC 302 -29.53 -46.76 -113.26
C THR EC 302 -29.11 -47.80 -112.21
N ASP EC 303 -29.82 -48.91 -112.12
CA ASP EC 303 -29.43 -50.02 -111.25
C ASP EC 303 -28.47 -50.98 -111.95
N ASN EC 304 -27.74 -50.49 -112.95
CA ASN EC 304 -26.83 -51.23 -113.82
C ASN EC 304 -27.37 -52.60 -114.23
N LEU EC 305 -28.64 -52.64 -114.58
CA LEU EC 305 -29.27 -53.82 -115.15
C LEU EC 305 -29.83 -53.45 -116.52
N VAL EC 306 -29.65 -54.35 -117.50
CA VAL EC 306 -30.16 -54.12 -118.85
C VAL EC 306 -31.22 -55.17 -119.13
N ARG EC 307 -32.48 -54.81 -118.93
CA ARG EC 307 -33.59 -55.75 -119.14
C ARG EC 307 -33.86 -55.91 -120.64
N VAL EC 308 -34.07 -57.15 -121.07
CA VAL EC 308 -34.40 -57.45 -122.45
C VAL EC 308 -35.87 -57.81 -122.53
N TRP EC 309 -36.56 -57.26 -123.54
CA TRP EC 309 -37.97 -57.53 -123.76
C TRP EC 309 -38.16 -58.04 -125.17
N GLN EC 310 -38.94 -59.11 -125.30
CA GLN EC 310 -39.18 -59.72 -126.60
C GLN EC 310 -40.68 -59.73 -126.88
N VAL EC 311 -41.06 -59.45 -128.12
CA VAL EC 311 -42.47 -59.51 -128.44
C VAL EC 311 -42.93 -60.96 -128.50
N THR EC 312 -44.21 -61.17 -128.21
CA THR EC 312 -44.81 -62.49 -128.29
C THR EC 312 -45.66 -62.57 -129.56
N ILE EC 313 -46.05 -63.78 -129.91
CA ILE EC 313 -46.84 -63.99 -131.13
C ILE EC 313 -48.26 -63.53 -130.90
N ASN FC 1 12.01 86.25 -23.51
CA ASN FC 1 10.64 85.99 -23.09
C ASN FC 1 9.66 86.60 -24.07
N PHE FC 2 10.08 86.71 -25.33
CA PHE FC 2 9.27 87.35 -26.36
C PHE FC 2 8.76 86.33 -27.36
N THR FC 3 7.79 86.77 -28.16
CA THR FC 3 7.03 85.88 -29.03
C THR FC 3 7.89 85.38 -30.19
N VAL FC 4 7.35 84.39 -30.92
CA VAL FC 4 8.09 83.74 -31.99
C VAL FC 4 8.35 84.66 -33.17
N ASP FC 5 7.68 85.82 -33.22
CA ASP FC 5 7.90 86.75 -34.33
C ASP FC 5 9.34 87.27 -34.32
N GLN FC 6 9.79 87.81 -33.19
CA GLN FC 6 11.18 88.24 -33.08
C GLN FC 6 12.13 87.06 -33.09
N ILE FC 7 11.65 85.86 -32.71
CA ILE FC 7 12.46 84.65 -32.84
C ILE FC 7 12.80 84.41 -34.30
N ARG FC 8 11.80 84.50 -35.18
CA ARG FC 8 12.09 84.39 -36.61
C ARG FC 8 12.94 85.55 -37.10
N ALA FC 9 12.68 86.76 -36.57
CA ALA FC 9 13.40 87.95 -37.01
C ALA FC 9 14.89 87.85 -36.70
N ILE FC 10 15.24 87.14 -35.62
CA ILE FC 10 16.65 86.89 -35.33
C ILE FC 10 17.12 85.56 -35.91
N MET FC 11 16.21 84.67 -36.27
CA MET FC 11 16.58 83.37 -36.81
C MET FC 11 17.07 83.49 -38.23
N ASP FC 12 16.48 84.38 -39.01
CA ASP FC 12 16.86 84.48 -40.43
C ASP FC 12 18.28 84.99 -40.62
N LYS FC 13 18.83 85.70 -39.64
CA LYS FC 13 20.23 86.09 -39.70
C LYS FC 13 21.10 84.88 -39.41
N LYS FC 14 22.14 84.68 -40.23
CA LYS FC 14 22.95 83.48 -40.13
C LYS FC 14 24.38 83.73 -39.70
N ALA FC 15 24.72 84.94 -39.28
CA ALA FC 15 26.05 85.22 -38.74
C ALA FC 15 26.03 85.48 -37.25
N ASN FC 16 24.86 85.57 -36.63
CA ASN FC 16 24.74 85.76 -35.19
C ASN FC 16 24.27 84.51 -34.47
N ILE FC 17 24.13 83.39 -35.19
CA ILE FC 17 23.74 82.14 -34.55
C ILE FC 17 24.98 81.40 -34.10
N ARG FC 18 24.87 80.69 -32.98
CA ARG FC 18 25.99 79.93 -32.42
C ARG FC 18 25.45 78.61 -31.88
N ASN FC 19 25.44 77.59 -32.72
CA ASN FC 19 25.07 76.25 -32.26
C ASN FC 19 26.25 75.66 -31.51
N MET FC 20 26.06 75.40 -30.22
CA MET FC 20 27.14 74.92 -29.38
C MET FC 20 26.63 73.85 -28.44
N SER FC 21 27.57 73.05 -27.95
CA SER FC 21 27.29 72.02 -26.95
C SER FC 21 28.22 72.18 -25.77
N VAL FC 22 27.73 71.83 -24.60
CA VAL FC 22 28.54 71.81 -23.38
C VAL FC 22 28.91 70.36 -23.09
N ILE FC 23 30.20 70.13 -22.85
CA ILE FC 23 30.70 68.77 -22.66
C ILE FC 23 31.61 68.74 -21.44
N ALA FC 24 31.43 67.73 -20.61
CA ALA FC 24 32.19 67.61 -19.37
C ALA FC 24 32.11 66.18 -18.85
N HIS FC 25 33.02 65.86 -17.95
CA HIS FC 25 32.98 64.63 -17.19
C HIS FC 25 31.79 64.65 -16.24
N VAL FC 26 31.36 63.45 -15.82
CA VAL FC 26 30.21 63.34 -14.94
C VAL FC 26 30.49 64.06 -13.63
N ASP FC 27 29.43 64.58 -13.01
CA ASP FC 27 29.49 65.26 -11.71
C ASP FC 27 30.41 66.48 -11.77
N HIS FC 28 30.30 67.23 -12.86
CA HIS FC 28 31.10 68.44 -13.04
C HIS FC 28 30.29 69.72 -13.02
N GLY FC 29 28.96 69.63 -13.09
CA GLY FC 29 28.11 70.79 -13.05
C GLY FC 29 27.60 71.26 -14.39
N LYS FC 30 27.51 70.37 -15.39
CA LYS FC 30 26.98 70.75 -16.69
C LYS FC 30 25.53 71.18 -16.59
N SER FC 31 24.72 70.41 -15.87
CA SER FC 31 23.31 70.77 -15.70
C SER FC 31 23.18 72.09 -14.97
N THR FC 32 24.00 72.31 -13.95
CA THR FC 32 23.95 73.56 -13.20
C THR FC 32 24.31 74.74 -14.08
N LEU FC 33 25.35 74.60 -14.90
CA LEU FC 33 25.74 75.72 -15.78
C LEU FC 33 24.68 75.97 -16.83
N THR FC 34 24.11 74.90 -17.40
CA THR FC 34 23.05 75.06 -18.38
C THR FC 34 21.86 75.77 -17.77
N ASP FC 35 21.46 75.40 -16.56
CA ASP FC 35 20.30 76.01 -15.96
C ASP FC 35 20.58 77.43 -15.51
N SER FC 36 21.81 77.75 -15.12
CA SER FC 36 22.13 79.14 -14.80
C SER FC 36 22.09 80.02 -16.04
N LEU FC 37 22.61 79.53 -17.16
CA LEU FC 37 22.52 80.31 -18.39
C LEU FC 37 21.10 80.37 -18.92
N VAL FC 38 20.28 79.37 -18.62
CA VAL FC 38 18.85 79.47 -18.89
C VAL FC 38 18.22 80.54 -18.00
N CYS FC 39 18.68 80.63 -16.76
CA CYS FC 39 18.20 81.67 -15.85
C CYS FC 39 18.51 83.06 -16.38
N LYS FC 40 19.71 83.24 -16.93
CA LYS FC 40 20.06 84.56 -17.43
C LYS FC 40 19.45 84.82 -18.79
N ALA FC 41 19.87 84.08 -19.80
CA ALA FC 41 19.44 84.29 -21.16
C ALA FC 41 18.21 83.43 -21.46
N GLY FC 42 17.89 83.27 -22.74
CA GLY FC 42 16.80 82.40 -23.12
C GLY FC 42 15.82 83.07 -24.07
N ILE FC 43 15.35 82.32 -25.07
CA ILE FC 43 14.36 82.86 -25.98
C ILE FC 43 13.06 83.13 -25.25
N ILE FC 44 12.64 82.18 -24.41
CA ILE FC 44 11.52 82.39 -23.50
C ILE FC 44 11.95 81.87 -22.14
N ALA FC 45 13.18 81.35 -22.07
CA ALA FC 45 13.65 80.66 -20.88
C ALA FC 45 13.78 81.61 -19.69
N SER FC 46 13.14 81.25 -18.58
CA SER FC 46 13.05 82.08 -17.39
C SER FC 46 14.19 81.73 -16.43
N ALA FC 47 14.07 82.18 -15.18
CA ALA FC 47 15.08 81.99 -14.15
C ALA FC 47 14.54 81.23 -12.95
N ARG FC 48 13.81 80.14 -13.21
CA ARG FC 48 13.30 79.30 -12.13
C ARG FC 48 14.43 78.50 -11.49
N ALA FC 49 14.44 78.45 -10.16
CA ALA FC 49 15.47 77.75 -9.40
C ALA FC 49 14.88 76.58 -8.62
N GLY FC 50 13.92 75.89 -9.21
CA GLY FC 50 13.40 74.66 -8.63
C GLY FC 50 14.21 73.45 -9.07
N GLU FC 51 15.40 73.28 -8.48
CA GLU FC 51 16.35 72.22 -8.81
C GLU FC 51 16.78 72.27 -10.27
N THR FC 52 16.24 71.39 -11.10
CA THR FC 52 16.68 71.25 -12.48
C THR FC 52 15.63 71.83 -13.43
N ARG FC 53 16.10 72.40 -14.53
CA ARG FC 53 15.27 73.05 -15.54
C ARG FC 53 14.85 72.03 -16.60
N PHE FC 54 14.39 72.52 -17.75
CA PHE FC 54 13.83 71.68 -18.81
C PHE FC 54 14.83 70.67 -19.35
N THR FC 55 16.13 70.88 -19.12
CA THR FC 55 17.14 69.94 -19.61
C THR FC 55 17.04 68.57 -18.95
N ASP FC 56 16.29 68.45 -17.85
CA ASP FC 56 15.90 67.15 -17.30
C ASP FC 56 14.39 67.01 -17.52
N THR FC 57 14.02 66.54 -18.70
CA THR FC 57 12.61 66.39 -19.06
C THR FC 57 11.99 65.11 -18.50
N ARG FC 58 12.81 64.16 -18.05
CA ARG FC 58 12.33 62.84 -17.69
C ARG FC 58 12.23 62.70 -16.18
N LYS FC 59 11.15 62.07 -15.73
CA LYS FC 59 10.92 61.90 -14.29
C LYS FC 59 12.04 61.08 -13.67
N ASP FC 60 12.46 60.01 -14.34
CA ASP FC 60 13.57 59.20 -13.82
C ASP FC 60 14.88 59.97 -13.84
N GLU FC 61 15.07 60.82 -14.87
CA GLU FC 61 16.27 61.65 -14.94
C GLU FC 61 16.35 62.59 -13.75
N GLN FC 62 15.24 63.25 -13.39
CA GLN FC 62 15.21 64.08 -12.20
C GLN FC 62 15.30 63.26 -10.90
N GLU FC 63 14.68 62.08 -10.88
CA GLU FC 63 14.67 61.25 -9.67
C GLU FC 63 16.06 60.79 -9.30
N ARG FC 64 16.78 60.19 -10.25
CA ARG FC 64 18.11 59.70 -9.97
C ARG FC 64 19.16 60.79 -10.07
N CYS FC 65 18.81 61.93 -10.68
CA CYS FC 65 19.71 63.08 -10.85
C CYS FC 65 20.94 62.72 -11.68
N ILE FC 66 20.77 61.80 -12.62
CA ILE FC 66 21.76 61.53 -13.66
C ILE FC 66 21.20 62.05 -14.98
N THR FC 67 21.96 62.90 -15.65
CA THR FC 67 21.58 63.35 -16.99
C THR FC 67 21.51 62.17 -17.94
N ILE FC 68 20.41 62.07 -18.68
CA ILE FC 68 20.22 60.96 -19.60
C ILE FC 68 20.02 61.47 -21.02
N LYS FC 69 18.97 62.24 -21.25
CA LYS FC 69 18.59 62.67 -22.59
C LYS FC 69 19.05 64.09 -22.86
N SER FC 70 19.35 64.38 -24.13
CA SER FC 70 19.79 65.71 -24.52
C SER FC 70 18.60 66.55 -24.98
N THR FC 71 18.55 67.79 -24.50
CA THR FC 71 17.50 68.73 -24.87
C THR FC 71 18.15 70.03 -25.31
N ALA FC 72 17.75 70.53 -26.47
CA ALA FC 72 18.36 71.70 -27.08
C ALA FC 72 17.53 72.94 -26.78
N ILE FC 73 18.19 74.00 -26.31
CA ILE FC 73 17.53 75.23 -25.93
C ILE FC 73 18.18 76.38 -26.68
N SER FC 74 17.49 77.50 -26.75
CA SER FC 74 17.95 78.67 -27.49
C SER FC 74 18.02 79.86 -26.54
N LEU FC 75 19.10 80.62 -26.65
CA LEU FC 75 19.34 81.79 -25.81
C LEU FC 75 19.59 82.99 -26.70
N PHE FC 76 18.64 83.92 -26.73
CA PHE FC 76 18.77 85.16 -27.44
C PHE FC 76 19.04 86.28 -26.45
N TYR FC 77 19.95 87.18 -26.81
CA TYR FC 77 20.26 88.30 -25.94
C TYR FC 77 20.98 89.38 -26.76
N GLU FC 78 21.50 90.38 -26.06
CA GLU FC 78 22.22 91.48 -26.68
C GLU FC 78 23.38 91.91 -25.79
N LEU FC 79 24.39 92.49 -26.41
CA LEU FC 79 25.59 92.95 -25.73
C LEU FC 79 26.02 94.29 -26.31
N SER FC 80 26.93 94.96 -25.61
CA SER FC 80 27.31 96.32 -25.95
C SER FC 80 28.10 96.36 -27.25
N GLU FC 81 28.18 97.56 -27.84
CA GLU FC 81 28.88 97.73 -29.11
C GLU FC 81 30.39 97.70 -28.92
N ASN FC 82 30.87 98.30 -27.83
CA ASN FC 82 32.29 98.25 -27.53
C ASN FC 82 32.77 96.84 -27.26
N ASP FC 83 31.86 95.93 -26.89
CA ASP FC 83 32.19 94.51 -26.79
C ASP FC 83 31.94 93.78 -28.10
N LEU FC 84 31.00 94.28 -28.92
CA LEU FC 84 30.85 93.77 -30.28
C LEU FC 84 32.12 93.96 -31.08
N ASN FC 85 32.90 94.99 -30.75
CA ASN FC 85 34.20 95.20 -31.39
C ASN FC 85 35.14 94.01 -31.20
N PHE FC 86 34.92 93.18 -30.17
CA PHE FC 86 35.80 92.04 -29.95
C PHE FC 86 35.53 90.91 -30.94
N ILE FC 87 34.30 90.78 -31.42
CA ILE FC 87 33.92 89.71 -32.32
C ILE FC 87 34.55 90.02 -33.68
N LYS FC 88 35.59 89.28 -34.05
CA LYS FC 88 36.22 89.46 -35.34
C LYS FC 88 35.57 88.61 -36.43
N GLN FC 89 34.52 87.87 -36.10
CA GLN FC 89 33.80 87.06 -37.07
C GLN FC 89 32.79 87.93 -37.80
N SER FC 90 31.88 87.26 -38.53
CA SER FC 90 30.81 87.95 -39.23
C SER FC 90 29.74 88.39 -38.24
N LYS FC 91 29.54 89.70 -38.11
CA LYS FC 91 28.61 90.25 -37.14
C LYS FC 91 27.46 90.96 -37.86
N ASP FC 92 26.30 91.00 -37.20
CA ASP FC 92 25.12 91.64 -37.79
C ASP FC 92 24.16 92.05 -36.67
N GLY FC 93 24.16 93.33 -36.33
CA GLY FC 93 23.20 93.86 -35.39
C GLY FC 93 23.61 93.67 -33.93
N ALA FC 94 22.59 93.73 -33.07
CA ALA FC 94 22.79 93.58 -31.64
C ALA FC 94 22.33 92.25 -31.09
N GLY FC 95 21.33 91.62 -31.72
CA GLY FC 95 20.79 90.37 -31.19
C GLY FC 95 21.66 89.19 -31.55
N PHE FC 96 21.84 88.30 -30.58
CA PHE FC 96 22.59 87.06 -30.77
C PHE FC 96 21.78 85.89 -30.28
N LEU FC 97 21.78 84.82 -31.06
CA LEU FC 97 21.05 83.61 -30.75
C LEU FC 97 22.02 82.44 -30.62
N ILE FC 98 21.83 81.66 -29.57
CA ILE FC 98 22.68 80.51 -29.26
C ILE FC 98 21.79 79.28 -29.21
N ASN FC 99 22.25 78.21 -29.83
CA ASN FC 99 21.56 76.92 -29.75
C ASN FC 99 22.42 76.00 -28.90
N LEU FC 100 22.11 75.94 -27.61
CA LEU FC 100 22.83 75.10 -26.67
C LEU FC 100 22.26 73.69 -26.68
N ILE FC 101 23.17 72.71 -26.67
CA ILE FC 101 22.80 71.30 -26.63
C ILE FC 101 23.48 70.69 -25.42
N ASP FC 102 22.69 70.23 -24.46
CA ASP FC 102 23.22 69.65 -23.22
C ASP FC 102 23.33 68.14 -23.39
N SER FC 103 24.52 67.67 -23.66
CA SER FC 103 24.72 66.26 -23.89
C SER FC 103 25.07 65.54 -22.59
N PRO FC 104 24.63 64.28 -22.45
CA PRO FC 104 25.00 63.51 -21.25
C PRO FC 104 26.50 63.25 -21.20
N GLY FC 105 27.01 63.20 -19.98
CA GLY FC 105 28.44 63.09 -19.74
C GLY FC 105 28.96 61.71 -19.42
N HIS FC 106 28.14 60.68 -19.52
CA HIS FC 106 28.63 59.34 -19.26
C HIS FC 106 29.28 58.75 -20.50
N VAL FC 107 30.22 57.84 -20.26
CA VAL FC 107 30.89 57.16 -21.36
C VAL FC 107 29.88 56.34 -22.16
N ASP FC 108 28.86 55.81 -21.50
CA ASP FC 108 27.86 55.00 -22.17
C ASP FC 108 26.92 55.84 -23.03
N PHE FC 109 26.97 57.17 -22.91
CA PHE FC 109 26.15 58.07 -23.71
C PHE FC 109 26.99 58.84 -24.72
N SER FC 110 28.18 58.31 -25.03
CA SER FC 110 29.01 58.92 -26.06
C SER FC 110 28.35 58.92 -27.43
N SER FC 111 27.41 58.01 -27.67
CA SER FC 111 26.65 58.06 -28.91
C SER FC 111 25.80 59.33 -28.99
N GLU FC 112 25.12 59.67 -27.90
CA GLU FC 112 24.41 60.94 -27.87
C GLU FC 112 25.37 62.11 -27.96
N VAL FC 113 26.56 61.96 -27.41
CA VAL FC 113 27.58 63.01 -27.55
C VAL FC 113 27.93 63.22 -29.02
N THR FC 114 28.14 62.13 -29.76
CA THR FC 114 28.46 62.22 -31.17
C THR FC 114 27.30 62.85 -31.95
N ALA FC 115 26.07 62.43 -31.65
CA ALA FC 115 24.92 62.98 -32.35
C ALA FC 115 24.80 64.48 -32.09
N ALA FC 116 25.05 64.91 -30.85
CA ALA FC 116 25.05 66.34 -30.55
C ALA FC 116 26.17 67.05 -31.30
N LEU FC 117 27.34 66.41 -31.41
CA LEU FC 117 28.45 67.01 -32.10
C LEU FC 117 28.13 67.25 -33.57
N ARG FC 118 27.39 66.34 -34.19
CA ARG FC 118 27.00 66.55 -35.58
C ARG FC 118 26.21 67.84 -35.74
N VAL FC 119 25.28 68.11 -34.81
CA VAL FC 119 24.47 69.30 -34.89
C VAL FC 119 25.31 70.53 -34.59
N THR FC 120 26.20 70.44 -33.61
CA THR FC 120 26.84 71.64 -33.11
C THR FC 120 27.95 72.12 -34.03
N ASP FC 121 28.33 73.39 -33.84
CA ASP FC 121 29.49 73.99 -34.50
C ASP FC 121 30.53 74.49 -33.51
N GLY FC 122 30.14 74.84 -32.29
CA GLY FC 122 31.08 75.22 -31.26
C GLY FC 122 30.79 74.47 -29.97
N ALA FC 123 31.76 74.53 -29.06
CA ALA FC 123 31.55 73.81 -27.82
C ALA FC 123 32.13 74.60 -26.66
N LEU FC 124 31.46 74.49 -25.52
CA LEU FC 124 32.01 74.87 -24.23
C LEU FC 124 32.38 73.60 -23.49
N VAL FC 125 33.62 73.53 -23.04
CA VAL FC 125 34.13 72.40 -22.28
C VAL FC 125 34.19 72.82 -20.83
N VAL FC 126 33.70 71.98 -19.94
CA VAL FC 126 33.64 72.28 -18.52
C VAL FC 126 34.54 71.30 -17.79
N VAL FC 127 35.39 71.82 -16.92
CA VAL FC 127 36.29 70.99 -16.13
C VAL FC 127 36.24 71.44 -14.68
N ASP FC 128 36.05 70.50 -13.76
CA ASP FC 128 36.15 70.82 -12.35
C ASP FC 128 37.59 71.13 -12.01
N CYS FC 129 37.81 72.27 -11.34
CA CYS FC 129 39.18 72.66 -11.00
C CYS FC 129 39.77 71.84 -9.86
N VAL FC 130 38.95 71.03 -9.18
CA VAL FC 130 39.48 70.13 -8.15
C VAL FC 130 39.98 68.84 -8.79
N SER FC 131 39.14 68.22 -9.63
CA SER FC 131 39.50 66.95 -10.23
C SER FC 131 40.50 67.08 -11.35
N GLY FC 132 40.57 68.24 -12.00
CA GLY FC 132 41.39 68.34 -13.19
C GLY FC 132 40.70 67.66 -14.36
N VAL FC 133 41.49 67.35 -15.38
CA VAL FC 133 40.95 66.70 -16.58
C VAL FC 133 40.81 65.22 -16.30
N CYS FC 134 39.58 64.73 -16.30
CA CYS FC 134 39.29 63.33 -16.06
C CYS FC 134 39.25 62.59 -17.39
N VAL FC 135 38.74 61.36 -17.38
CA VAL FC 135 38.75 60.53 -18.57
C VAL FC 135 37.74 61.04 -19.59
N GLN FC 136 36.53 61.37 -19.14
CA GLN FC 136 35.47 61.68 -20.08
C GLN FC 136 35.71 63.01 -20.80
N THR FC 137 36.28 63.98 -20.11
CA THR FC 137 36.60 65.24 -20.77
C THR FC 137 37.59 65.02 -21.90
N GLU FC 138 38.62 64.21 -21.64
CA GLU FC 138 39.57 63.87 -22.68
C GLU FC 138 38.88 63.20 -23.86
N THR FC 139 38.00 62.24 -23.58
CA THR FC 139 37.36 61.50 -24.65
C THR FC 139 36.44 62.39 -25.48
N VAL FC 140 35.62 63.20 -24.83
CA VAL FC 140 34.70 64.05 -25.57
C VAL FC 140 35.44 65.14 -26.30
N LEU FC 141 36.57 65.60 -25.75
CA LEU FC 141 37.39 66.57 -26.47
C LEU FC 141 37.96 65.93 -27.73
N ARG FC 142 38.42 64.69 -27.64
CA ARG FC 142 38.86 63.96 -28.83
C ARG FC 142 37.75 63.89 -29.86
N GLN FC 143 36.54 63.57 -29.41
CA GLN FC 143 35.40 63.47 -30.34
C GLN FC 143 35.12 64.81 -30.99
N ALA FC 144 35.12 65.90 -30.22
CA ALA FC 144 34.82 67.22 -30.76
C ALA FC 144 35.88 67.68 -31.75
N ILE FC 145 37.15 67.47 -31.42
CA ILE FC 145 38.21 67.93 -32.31
C ILE FC 145 38.39 67.01 -33.51
N ALA FC 146 37.91 65.77 -33.44
CA ALA FC 146 37.78 64.97 -34.64
C ALA FC 146 36.58 65.38 -35.48
N GLU FC 147 35.55 65.93 -34.85
CA GLU FC 147 34.39 66.45 -35.55
C GLU FC 147 34.57 67.91 -35.92
N ARG FC 148 35.76 68.46 -35.69
CA ARG FC 148 36.13 69.82 -36.10
C ARG FC 148 35.22 70.86 -35.44
N ILE FC 149 35.26 70.86 -34.12
CA ILE FC 149 34.49 71.81 -33.31
C ILE FC 149 35.48 72.66 -32.54
N LYS FC 150 35.26 73.97 -32.55
CA LYS FC 150 36.10 74.86 -31.75
C LYS FC 150 35.65 74.79 -30.29
N PRO FC 151 36.49 74.36 -29.37
CA PRO FC 151 36.15 74.37 -27.96
C PRO FC 151 36.68 75.60 -27.23
N VAL FC 152 35.89 76.05 -26.26
CA VAL FC 152 36.30 77.10 -25.33
C VAL FC 152 36.16 76.54 -23.92
N LEU FC 153 37.20 76.72 -23.10
CA LEU FC 153 37.28 76.03 -21.82
C LEU FC 153 36.67 76.85 -20.70
N MET FC 154 36.22 76.16 -19.66
CA MET FC 154 35.67 76.81 -18.48
C MET FC 154 35.92 75.90 -17.29
N MET FC 155 36.62 76.40 -16.28
CA MET FC 155 36.85 75.65 -15.06
C MET FC 155 35.79 75.99 -14.03
N ASN FC 156 35.01 75.00 -13.66
CA ASN FC 156 33.90 75.14 -12.73
C ASN FC 156 34.37 74.88 -11.31
N LYS FC 157 33.51 75.24 -10.35
CA LYS FC 157 33.69 74.92 -8.94
C LYS FC 157 34.98 75.52 -8.37
N MET FC 158 35.23 76.80 -8.68
CA MET FC 158 36.33 77.51 -8.04
C MET FC 158 36.10 77.68 -6.55
N ASP FC 159 34.83 77.74 -6.13
CA ASP FC 159 34.52 77.77 -4.71
C ASP FC 159 35.01 76.52 -4.00
N ARG FC 160 35.00 75.38 -4.69
CA ARG FC 160 35.51 74.14 -4.11
C ARG FC 160 37.00 74.26 -3.82
N ALA FC 161 37.77 74.78 -4.77
CA ALA FC 161 39.20 74.92 -4.53
C ALA FC 161 39.49 75.96 -3.46
N LEU FC 162 38.69 77.02 -3.38
CA LEU FC 162 39.01 78.11 -2.47
C LEU FC 162 38.42 77.93 -1.07
N LEU FC 163 37.48 77.02 -0.88
CA LEU FC 163 36.89 76.76 0.43
C LEU FC 163 37.11 75.33 0.89
N GLU FC 164 36.66 74.35 0.09
CA GLU FC 164 36.82 72.95 0.46
C GLU FC 164 38.29 72.55 0.50
N LEU FC 165 39.09 73.06 -0.44
CA LEU FC 165 40.50 72.71 -0.52
C LEU FC 165 41.41 73.72 0.16
N GLN FC 166 40.96 74.96 0.33
CA GLN FC 166 41.76 76.03 0.93
C GLN FC 166 43.11 76.18 0.21
N LEU FC 167 43.03 76.30 -1.12
CA LEU FC 167 44.24 76.45 -1.91
C LEU FC 167 44.76 77.88 -1.82
N GLU FC 168 46.08 78.03 -1.69
CA GLU FC 168 46.68 79.33 -1.72
C GLU FC 168 46.72 79.82 -3.18
N PRO FC 169 46.81 81.14 -3.39
CA PRO FC 169 46.68 81.68 -4.75
C PRO FC 169 47.70 81.14 -5.73
N GLU FC 170 48.94 80.92 -5.30
CA GLU FC 170 49.99 80.46 -6.21
C GLU FC 170 49.67 79.07 -6.74
N GLU FC 171 49.35 78.14 -5.85
CA GLU FC 171 49.02 76.79 -6.30
C GLU FC 171 47.68 76.73 -7.01
N LEU FC 172 46.76 77.65 -6.71
CA LEU FC 172 45.54 77.72 -7.50
C LEU FC 172 45.86 78.07 -8.95
N TYR FC 173 46.72 79.06 -9.16
CA TYR FC 173 47.16 79.39 -10.51
C TYR FC 173 47.87 78.22 -11.16
N GLN FC 174 48.69 77.51 -10.37
CA GLN FC 174 49.41 76.35 -10.89
C GLN FC 174 48.44 75.27 -11.36
N THR FC 175 47.39 75.00 -10.58
CA THR FC 175 46.40 74.00 -10.97
C THR FC 175 45.65 74.43 -12.21
N PHE FC 176 45.29 75.71 -12.30
CA PHE FC 176 44.66 76.23 -13.51
C PHE FC 176 45.54 75.99 -14.73
N GLN FC 177 46.82 76.31 -14.61
CA GLN FC 177 47.74 76.09 -15.73
C GLN FC 177 47.92 74.61 -16.04
N ARG FC 178 47.88 73.74 -15.02
CA ARG FC 178 47.95 72.31 -15.28
C ARG FC 178 46.77 71.85 -16.13
N ILE FC 179 45.57 72.32 -15.80
CA ILE FC 179 44.39 71.95 -16.58
C ILE FC 179 44.51 72.49 -17.99
N VAL FC 180 44.98 73.72 -18.13
CA VAL FC 180 45.16 74.31 -19.46
C VAL FC 180 46.15 73.49 -20.28
N GLU FC 181 47.27 73.11 -19.68
CA GLU FC 181 48.27 72.32 -20.39
C GLU FC 181 47.72 70.98 -20.82
N ASN FC 182 46.97 70.31 -19.93
CA ASN FC 182 46.44 69.00 -20.27
C ASN FC 182 45.44 69.07 -21.41
N VAL FC 183 44.56 70.07 -21.39
CA VAL FC 183 43.65 70.26 -22.52
C VAL FC 183 44.43 70.56 -23.80
N ASN FC 184 45.46 71.40 -23.69
CA ASN FC 184 46.23 71.79 -24.88
C ASN FC 184 46.94 70.59 -25.49
N VAL FC 185 47.53 69.73 -24.67
CA VAL FC 185 48.20 68.57 -25.23
C VAL FC 185 47.17 67.61 -25.81
N ILE FC 186 45.98 67.52 -25.22
CA ILE FC 186 44.94 66.67 -25.79
C ILE FC 186 44.62 67.13 -27.21
N ILE FC 187 44.34 68.41 -27.36
CA ILE FC 187 43.94 68.88 -28.69
C ILE FC 187 45.11 68.91 -29.67
N SER FC 188 46.34 69.09 -29.18
CA SER FC 188 47.50 69.03 -30.05
C SER FC 188 47.71 67.63 -30.60
N THR FC 189 47.65 66.62 -29.73
CA THR FC 189 47.88 65.26 -30.19
C THR FC 189 46.74 64.78 -31.08
N TYR FC 190 45.50 65.00 -30.65
CA TYR FC 190 44.37 64.40 -31.34
C TYR FC 190 43.70 65.35 -32.33
N GLY FC 191 44.30 66.50 -32.61
CA GLY FC 191 43.79 67.41 -33.62
C GLY FC 191 44.76 67.61 -34.77
N GLU FC 192 44.37 68.50 -35.67
CA GLU FC 192 45.19 68.83 -36.82
C GLU FC 192 46.17 69.94 -36.45
N GLY FC 193 47.01 70.32 -37.40
CA GLY FC 193 48.05 71.28 -37.14
C GLY FC 193 47.52 72.70 -36.96
N GLU FC 194 48.41 73.56 -36.46
CA GLU FC 194 48.10 74.99 -36.37
C GLU FC 194 47.87 75.58 -37.75
N SER FC 195 48.50 75.01 -38.77
CA SER FC 195 48.29 75.40 -40.15
C SER FC 195 47.03 74.80 -40.74
N GLY FC 196 46.29 74.02 -39.97
CA GLY FC 196 45.15 73.28 -40.47
C GLY FC 196 44.02 74.18 -40.89
N PRO FC 197 43.03 73.61 -41.59
CA PRO FC 197 41.90 74.41 -42.08
C PRO FC 197 41.12 75.09 -40.97
N MET FC 198 41.03 74.44 -39.81
CA MET FC 198 40.46 75.09 -38.62
C MET FC 198 41.36 76.19 -38.10
N GLY FC 199 42.67 75.95 -38.11
CA GLY FC 199 43.64 76.96 -37.69
C GLY FC 199 44.21 76.66 -36.32
N ASN FC 200 44.67 77.71 -35.63
CA ASN FC 200 45.12 77.57 -34.25
C ASN FC 200 43.91 77.35 -33.35
N ILE FC 201 43.90 76.25 -32.63
CA ILE FC 201 42.79 75.90 -31.76
C ILE FC 201 43.19 75.82 -30.30
N MET FC 202 44.49 75.86 -30.00
CA MET FC 202 44.95 75.81 -28.62
C MET FC 202 44.45 77.02 -27.85
N ILE FC 203 43.92 76.77 -26.67
CA ILE FC 203 43.25 77.79 -25.89
C ILE FC 203 44.24 78.47 -24.96
N ASP FC 204 44.21 79.80 -24.93
CA ASP FC 204 45.10 80.57 -24.09
C ASP FC 204 44.26 81.58 -23.31
N PRO FC 205 44.53 81.75 -22.01
CA PRO FC 205 43.80 82.77 -21.24
C PRO FC 205 44.03 84.18 -21.75
N VAL FC 206 45.21 84.44 -22.32
CA VAL FC 206 45.46 85.73 -22.94
C VAL FC 206 44.62 85.88 -24.20
N LEU FC 207 44.26 84.76 -24.83
CA LEU FC 207 43.26 84.78 -25.90
C LEU FC 207 41.84 84.80 -25.36
N GLY FC 208 41.66 84.64 -24.05
CA GLY FC 208 40.33 84.69 -23.48
C GLY FC 208 39.44 83.55 -23.89
N THR FC 209 40.00 82.37 -24.13
CA THR FC 209 39.24 81.19 -24.48
C THR FC 209 39.18 80.18 -23.35
N VAL FC 210 39.45 80.61 -22.11
CA VAL FC 210 39.26 79.80 -20.93
C VAL FC 210 38.73 80.68 -19.81
N GLY FC 211 37.69 80.20 -19.12
CA GLY FC 211 37.00 80.97 -18.11
C GLY FC 211 37.05 80.28 -16.75
N PHE FC 212 36.63 81.02 -15.73
CA PHE FC 212 36.65 80.52 -14.37
C PHE FC 212 35.34 80.90 -13.69
N GLY FC 213 35.16 80.39 -12.48
CA GLY FC 213 33.98 80.66 -11.68
C GLY FC 213 33.37 79.38 -11.15
N SER FC 214 32.14 79.50 -10.66
CA SER FC 214 31.38 78.36 -10.16
C SER FC 214 29.93 78.55 -10.54
N GLY FC 215 29.36 77.60 -11.26
CA GLY FC 215 27.98 77.71 -11.69
C GLY FC 215 26.98 77.49 -10.57
N LEU FC 216 27.35 76.74 -9.53
CA LEU FC 216 26.43 76.48 -8.44
C LEU FC 216 26.08 77.76 -7.69
N HIS FC 217 27.06 78.64 -7.52
CA HIS FC 217 26.85 79.89 -6.81
C HIS FC 217 26.46 81.04 -7.72
N GLY FC 218 26.37 80.81 -9.03
CA GLY FC 218 25.84 81.80 -9.94
C GLY FC 218 26.79 82.89 -10.38
N TRP FC 219 28.10 82.71 -10.17
CA TRP FC 219 29.07 83.72 -10.55
C TRP FC 219 30.17 83.09 -11.40
N ALA FC 220 30.72 83.89 -12.30
CA ALA FC 220 31.84 83.48 -13.14
C ALA FC 220 32.45 84.73 -13.75
N PHE FC 221 33.62 84.55 -14.36
CA PHE FC 221 34.36 85.65 -14.94
C PHE FC 221 35.39 85.07 -15.92
N THR FC 222 36.01 85.97 -16.68
CA THR FC 222 37.06 85.60 -17.60
C THR FC 222 38.22 86.57 -17.46
N LEU FC 223 39.18 86.52 -18.38
CA LEU FC 223 40.27 87.48 -18.33
C LEU FC 223 39.83 88.85 -18.85
N LYS FC 224 38.69 88.93 -19.52
CA LYS FC 224 38.28 90.17 -20.16
C LYS FC 224 37.77 91.19 -19.14
N GLN FC 225 36.97 90.74 -18.16
CA GLN FC 225 36.30 91.66 -17.26
C GLN FC 225 37.30 92.45 -16.42
N PHE FC 226 38.22 91.74 -15.76
CA PHE FC 226 39.16 92.42 -14.87
C PHE FC 226 40.06 93.36 -15.66
N ALA FC 227 40.52 92.93 -16.83
CA ALA FC 227 41.34 93.80 -17.67
C ALA FC 227 40.57 95.04 -18.10
N GLU FC 228 39.31 94.87 -18.49
CA GLU FC 228 38.52 96.01 -18.94
C GLU FC 228 38.29 97.01 -17.81
N MET FC 229 37.91 96.51 -16.63
CA MET FC 229 37.66 97.43 -15.53
C MET FC 229 38.95 98.04 -14.98
N TYR FC 230 40.08 97.35 -15.08
CA TYR FC 230 41.35 97.98 -14.72
C TYR FC 230 41.78 99.02 -15.74
N VAL FC 231 41.49 98.81 -17.02
CA VAL FC 231 41.78 99.84 -18.01
C VAL FC 231 40.92 101.07 -17.75
N ALA FC 232 39.63 100.86 -17.47
CA ALA FC 232 38.78 102.00 -17.10
C ALA FC 232 39.27 102.65 -15.81
N LYS FC 233 39.88 101.88 -14.91
CA LYS FC 233 40.47 102.45 -13.71
C LYS FC 233 41.69 103.30 -14.03
N PHE FC 234 42.52 102.83 -14.95
CA PHE FC 234 43.78 103.50 -15.27
C PHE FC 234 43.56 104.83 -15.98
N ALA FC 245 37.00 100.67 -30.28
CA ALA FC 245 38.10 101.22 -31.07
C ALA FC 245 39.41 101.11 -30.32
N GLU FC 246 39.68 102.10 -29.46
CA GLU FC 246 40.84 102.05 -28.60
C GLU FC 246 40.61 101.12 -27.41
N ARG FC 247 39.35 100.98 -26.99
CA ARG FC 247 39.04 100.12 -25.85
C ARG FC 247 39.39 98.67 -26.13
N ALA FC 248 39.05 98.18 -27.33
CA ALA FC 248 39.36 96.80 -27.69
C ALA FC 248 40.86 96.56 -27.71
N LYS FC 249 41.61 97.49 -28.29
CA LYS FC 249 43.06 97.37 -28.30
C LYS FC 249 43.63 97.32 -26.90
N LYS FC 250 43.15 98.21 -26.03
CA LYS FC 250 43.66 98.27 -24.66
C LYS FC 250 43.38 96.99 -23.90
N VAL FC 251 42.13 96.51 -23.94
CA VAL FC 251 41.82 95.29 -23.21
C VAL FC 251 42.54 94.08 -23.81
N GLU FC 252 42.71 94.05 -25.13
CA GLU FC 252 43.36 92.90 -25.76
C GLU FC 252 44.82 92.83 -25.35
N ASP FC 253 45.56 93.93 -25.48
CA ASP FC 253 46.97 93.84 -25.13
C ASP FC 253 47.19 93.89 -23.63
N MET FC 254 46.15 94.20 -22.85
CA MET FC 254 46.30 94.11 -21.40
C MET FC 254 46.07 92.70 -20.89
N MET FC 255 45.24 91.90 -21.58
CA MET FC 255 45.03 90.53 -21.13
C MET FC 255 46.32 89.71 -21.15
N LYS FC 256 47.25 90.06 -22.04
CA LYS FC 256 48.53 89.36 -22.08
C LYS FC 256 49.35 89.61 -20.82
N LYS FC 257 49.27 90.81 -20.26
CA LYS FC 257 49.85 91.05 -18.94
C LYS FC 257 49.00 90.46 -17.83
N LEU FC 258 47.70 90.31 -18.07
CA LEU FC 258 46.79 89.73 -17.07
C LEU FC 258 47.16 88.27 -16.77
N TRP FC 259 47.48 87.49 -17.79
CA TRP FC 259 47.82 86.09 -17.59
C TRP FC 259 49.24 85.80 -18.06
N GLY FC 260 49.94 84.92 -17.34
CA GLY FC 260 51.22 84.40 -17.75
C GLY FC 260 52.18 84.29 -16.58
N ASP FC 261 53.45 84.04 -16.90
CA ASP FC 261 54.52 84.04 -15.90
C ASP FC 261 55.14 85.43 -15.74
N ARG FC 262 54.27 86.43 -15.56
CA ARG FC 262 54.68 87.82 -15.45
C ARG FC 262 54.49 88.25 -14.01
N TYR FC 263 55.47 88.99 -13.48
CA TYR FC 263 55.50 89.32 -12.06
C TYR FC 263 55.26 90.81 -11.86
N PHE FC 264 54.19 91.15 -11.16
CA PHE FC 264 53.78 92.53 -10.95
C PHE FC 264 53.94 92.88 -9.49
N ASP FC 265 54.63 93.99 -9.23
CA ASP FC 265 54.82 94.47 -7.87
C ASP FC 265 53.77 95.51 -7.53
N PRO FC 266 52.90 95.26 -6.54
CA PRO FC 266 51.98 96.32 -6.12
C PRO FC 266 52.70 97.54 -5.59
N ALA FC 267 53.84 97.35 -4.94
CA ALA FC 267 54.63 98.49 -4.47
C ALA FC 267 55.16 99.31 -5.64
N ASN FC 268 55.62 98.64 -6.70
CA ASN FC 268 56.16 99.36 -7.85
C ASN FC 268 55.07 100.09 -8.62
N GLY FC 269 53.95 99.43 -8.87
CA GLY FC 269 52.93 100.01 -9.72
C GLY FC 269 53.18 99.84 -11.21
N LYS FC 270 54.22 99.11 -11.60
CA LYS FC 270 54.50 98.81 -12.99
C LYS FC 270 54.82 97.32 -13.13
N PHE FC 271 54.36 96.72 -14.21
CA PHE FC 271 54.58 95.30 -14.45
C PHE FC 271 56.06 95.03 -14.69
N SER FC 272 56.52 93.87 -14.23
CA SER FC 272 57.90 93.46 -14.39
C SER FC 272 57.94 92.07 -14.99
N LYS FC 273 59.04 91.77 -15.67
CA LYS FC 273 59.27 90.46 -16.26
C LYS FC 273 60.34 89.70 -15.50
N SER FC 274 60.64 90.09 -14.28
CA SER FC 274 61.60 89.42 -13.43
C SER FC 274 60.97 89.15 -12.08
N ALA FC 275 61.05 87.90 -11.63
CA ALA FC 275 60.49 87.52 -10.34
C ALA FC 275 61.29 88.07 -9.17
N THR FC 276 62.45 88.66 -9.42
CA THR FC 276 63.26 89.30 -8.38
C THR FC 276 63.34 90.78 -8.68
N SER FC 277 63.03 91.61 -7.68
CA SER FC 277 63.15 93.06 -7.80
C SER FC 277 64.61 93.46 -7.71
N PRO FC 278 64.94 94.71 -8.07
CA PRO FC 278 66.27 95.22 -7.73
C PRO FC 278 66.56 95.18 -6.24
N GLU FC 279 65.51 95.27 -5.41
CA GLU FC 279 65.63 95.09 -3.97
C GLU FC 279 65.73 93.63 -3.56
N GLY FC 280 65.58 92.69 -4.51
CA GLY FC 280 65.68 91.28 -4.22
C GLY FC 280 64.42 90.64 -3.70
N LYS FC 281 63.36 91.41 -3.50
CA LYS FC 281 62.11 90.86 -2.98
C LYS FC 281 61.35 90.15 -4.09
N LYS FC 282 60.79 88.99 -3.76
CA LYS FC 282 60.03 88.21 -4.73
C LYS FC 282 58.74 88.93 -5.10
N LEU FC 283 58.41 88.88 -6.38
CA LEU FC 283 57.21 89.55 -6.89
C LEU FC 283 56.13 88.52 -7.14
N PRO FC 284 54.94 88.68 -6.58
CA PRO FC 284 53.82 87.82 -6.95
C PRO FC 284 53.46 88.05 -8.41
N ARG FC 285 53.04 86.98 -9.07
CA ARG FC 285 52.71 87.13 -10.48
C ARG FC 285 51.42 87.93 -10.63
N THR FC 286 51.23 88.47 -11.84
CA THR FC 286 50.18 89.44 -12.09
C THR FC 286 48.79 88.84 -11.91
N PHE FC 287 48.60 87.59 -12.37
CA PHE FC 287 47.28 86.97 -12.28
C PHE FC 287 46.84 86.85 -10.83
N CYS FC 288 47.67 86.24 -9.98
CA CYS FC 288 47.33 86.15 -8.56
C CYS FC 288 47.27 87.52 -7.91
N GLN FC 289 48.08 88.47 -8.38
CA GLN FC 289 48.18 89.76 -7.72
C GLN FC 289 46.94 90.62 -7.95
N LEU FC 290 46.43 90.67 -9.17
CA LEU FC 290 45.32 91.56 -9.49
C LEU FC 290 44.14 90.84 -10.12
N ILE FC 291 43.98 89.54 -9.89
CA ILE FC 291 42.69 88.91 -10.09
C ILE FC 291 42.36 88.13 -8.84
N LEU FC 292 43.29 87.29 -8.40
CA LEU FC 292 43.03 86.38 -7.31
C LEU FC 292 43.07 87.06 -5.95
N ASP FC 293 43.87 88.11 -5.80
CA ASP FC 293 43.92 88.81 -4.52
C ASP FC 293 42.57 89.40 -4.12
N PRO FC 294 41.87 90.17 -4.96
CA PRO FC 294 40.54 90.66 -4.54
C PRO FC 294 39.55 89.55 -4.28
N ILE FC 295 39.59 88.47 -5.05
CA ILE FC 295 38.66 87.38 -4.86
C ILE FC 295 38.90 86.69 -3.52
N PHE FC 296 40.17 86.43 -3.20
CA PHE FC 296 40.51 85.83 -1.92
C PHE FC 296 40.11 86.74 -0.77
N LYS FC 297 40.34 88.05 -0.93
CA LYS FC 297 40.02 88.99 0.14
C LYS FC 297 38.52 89.06 0.40
N VAL FC 298 37.71 89.14 -0.66
CA VAL FC 298 36.27 89.16 -0.46
C VAL FC 298 35.77 87.83 0.08
N PHE FC 299 36.36 86.70 -0.33
CA PHE FC 299 35.97 85.42 0.26
C PHE FC 299 36.27 85.39 1.75
N ASP FC 300 37.47 85.80 2.15
CA ASP FC 300 37.79 85.73 3.56
C ASP FC 300 36.93 86.67 4.38
N ALA FC 301 36.69 87.88 3.89
CA ALA FC 301 35.86 88.82 4.63
C ALA FC 301 34.44 88.31 4.79
N ILE FC 302 33.84 87.78 3.72
CA ILE FC 302 32.47 87.31 3.84
C ILE FC 302 32.40 86.03 4.68
N MET FC 303 33.36 85.12 4.51
CA MET FC 303 33.26 83.85 5.22
C MET FC 303 33.61 84.00 6.70
N ASN FC 304 34.43 84.98 7.07
CA ASN FC 304 34.74 85.21 8.47
C ASN FC 304 33.96 86.39 9.05
N PHE FC 305 32.98 86.91 8.30
CA PHE FC 305 31.94 87.80 8.83
C PHE FC 305 32.50 89.14 9.27
N LYS FC 306 33.54 89.62 8.57
CA LYS FC 306 34.17 90.89 8.87
C LYS FC 306 33.35 91.98 8.17
N LYS FC 307 32.40 92.54 8.92
CA LYS FC 307 31.38 93.40 8.35
C LYS FC 307 31.97 94.68 7.78
N GLU FC 308 32.87 95.33 8.51
CA GLU FC 308 33.51 96.54 8.00
C GLU FC 308 34.36 96.23 6.79
N GLU FC 309 35.01 95.07 6.77
CA GLU FC 309 35.79 94.65 5.61
C GLU FC 309 34.91 94.52 4.38
N THR FC 310 33.75 93.86 4.53
CA THR FC 310 32.86 93.70 3.39
C THR FC 310 32.29 95.04 2.94
N ALA FC 311 32.01 95.94 3.87
CA ALA FC 311 31.52 97.27 3.50
C ALA FC 311 32.57 98.02 2.68
N LYS FC 312 33.82 98.01 3.14
CA LYS FC 312 34.90 98.67 2.40
C LYS FC 312 35.09 98.03 1.03
N LEU FC 313 35.02 96.70 0.96
CA LEU FC 313 35.20 96.02 -0.31
C LEU FC 313 34.09 96.39 -1.29
N ILE FC 314 32.85 96.46 -0.80
CA ILE FC 314 31.73 96.84 -1.66
C ILE FC 314 31.94 98.26 -2.18
N GLU FC 315 32.36 99.17 -1.31
CA GLU FC 315 32.53 100.55 -1.74
C GLU FC 315 33.70 100.72 -2.70
N LYS FC 316 34.77 99.95 -2.52
CA LYS FC 316 35.90 100.04 -3.44
C LYS FC 316 35.57 99.40 -4.79
N LEU FC 317 34.80 98.31 -4.79
CA LEU FC 317 34.47 97.59 -6.00
C LEU FC 317 33.15 98.04 -6.61
N ASP FC 318 32.56 99.13 -6.10
CA ASP FC 318 31.28 99.71 -6.53
C ASP FC 318 30.21 98.66 -6.77
N ILE FC 319 30.18 97.64 -5.91
CA ILE FC 319 29.21 96.56 -6.04
C ILE FC 319 27.84 97.07 -5.64
N LYS FC 320 26.84 96.77 -6.46
CA LYS FC 320 25.46 97.18 -6.22
C LYS FC 320 24.67 95.97 -5.72
N LEU FC 321 24.52 95.87 -4.40
CA LEU FC 321 23.63 94.90 -3.80
C LEU FC 321 22.19 95.42 -3.83
N ASP FC 322 21.25 94.49 -3.72
CA ASP FC 322 19.84 94.86 -3.64
C ASP FC 322 19.31 94.56 -2.25
N SER FC 323 18.04 94.91 -2.03
CA SER FC 323 17.38 94.59 -0.78
C SER FC 323 17.20 93.08 -0.67
N GLU FC 324 17.01 92.62 0.56
CA GLU FC 324 16.84 91.22 0.96
C GLU FC 324 18.17 90.46 0.84
N ASP FC 325 19.18 91.10 0.25
CA ASP FC 325 20.53 90.57 0.27
C ASP FC 325 21.37 91.20 1.35
N LYS FC 326 20.91 92.31 1.93
CA LYS FC 326 21.69 93.08 2.90
C LYS FC 326 21.57 92.52 4.31
N ASP FC 327 20.77 91.48 4.51
CA ASP FC 327 20.59 90.88 5.82
C ASP FC 327 21.19 89.49 5.94
N LYS FC 328 21.71 88.92 4.85
CA LYS FC 328 22.24 87.57 4.88
C LYS FC 328 23.75 87.57 5.12
N GLU FC 329 24.26 86.39 5.49
CA GLU FC 329 25.64 86.26 5.92
C GLU FC 329 26.12 84.86 5.57
N GLY FC 330 27.43 84.72 5.45
CA GLY FC 330 28.03 83.43 5.17
C GLY FC 330 28.07 83.14 3.69
N LYS FC 331 27.96 81.86 3.33
CA LYS FC 331 27.98 81.50 1.92
C LYS FC 331 26.81 82.03 1.11
N PRO FC 332 25.58 82.24 1.65
CA PRO FC 332 24.58 82.91 0.80
C PRO FC 332 24.91 84.36 0.51
N LEU FC 333 25.47 85.09 1.49
CA LEU FC 333 25.96 86.43 1.21
C LEU FC 333 27.08 86.38 0.18
N LEU FC 334 27.93 85.35 0.25
CA LEU FC 334 28.97 85.18 -0.76
C LEU FC 334 28.35 84.99 -2.14
N LYS FC 335 27.33 84.15 -2.24
CA LYS FC 335 26.65 83.95 -3.52
C LYS FC 335 26.09 85.25 -4.05
N ALA FC 336 25.45 86.04 -3.17
CA ALA FC 336 24.86 87.30 -3.59
C ALA FC 336 25.91 88.27 -4.12
N VAL FC 337 26.95 88.51 -3.32
CA VAL FC 337 27.97 89.48 -3.72
C VAL FC 337 28.66 89.03 -5.00
N MET FC 338 28.98 87.74 -5.10
CA MET FC 338 29.66 87.27 -6.29
C MET FC 338 28.73 87.28 -7.51
N ARG FC 339 27.45 86.99 -7.31
CA ARG FC 339 26.50 87.02 -8.42
C ARG FC 339 26.36 88.41 -8.99
N ARG FC 340 26.31 89.42 -8.12
CA ARG FC 340 26.21 90.79 -8.62
C ARG FC 340 27.52 91.26 -9.21
N TRP FC 341 28.65 90.94 -8.58
CA TRP FC 341 29.92 91.51 -9.00
C TRP FC 341 30.42 90.86 -10.29
N LEU FC 342 30.31 89.54 -10.40
CA LEU FC 342 30.83 88.79 -11.55
C LEU FC 342 29.71 87.93 -12.11
N PRO FC 343 28.84 88.51 -12.94
CA PRO FC 343 27.71 87.75 -13.47
C PRO FC 343 28.18 86.62 -14.37
N ALA FC 344 27.88 85.38 -13.94
CA ALA FC 344 28.24 84.21 -14.72
C ALA FC 344 27.59 84.26 -16.09
N GLY FC 345 26.32 84.67 -16.16
CA GLY FC 345 25.64 84.74 -17.43
C GLY FC 345 26.32 85.69 -18.39
N ASP FC 346 26.65 86.89 -17.91
CA ASP FC 346 27.30 87.87 -18.76
C ASP FC 346 28.66 87.37 -19.23
N ALA FC 347 29.46 86.81 -18.31
CA ALA FC 347 30.79 86.34 -18.69
C ALA FC 347 30.70 85.26 -19.76
N LEU FC 348 29.88 84.25 -19.53
CA LEU FC 348 29.81 83.14 -20.48
C LEU FC 348 29.17 83.56 -21.80
N LEU FC 349 28.15 84.41 -21.75
CA LEU FC 349 27.52 84.87 -22.98
C LEU FC 349 28.47 85.68 -23.83
N GLN FC 350 29.25 86.57 -23.20
CA GLN FC 350 30.25 87.32 -23.95
C GLN FC 350 31.29 86.39 -24.55
N MET FC 351 31.74 85.40 -23.77
CA MET FC 351 32.71 84.44 -24.29
C MET FC 351 32.17 83.70 -25.50
N ILE FC 352 30.93 83.25 -25.43
CA ILE FC 352 30.32 82.50 -26.52
C ILE FC 352 30.21 83.38 -27.76
N THR FC 353 29.71 84.61 -27.59
CA THR FC 353 29.53 85.47 -28.74
C THR FC 353 30.86 85.85 -29.39
N ILE FC 354 31.93 85.92 -28.61
CA ILE FC 354 33.19 86.35 -29.17
C ILE FC 354 33.93 85.20 -29.84
N HIS FC 355 34.11 84.07 -29.14
CA HIS FC 355 35.08 83.10 -29.60
C HIS FC 355 34.48 81.83 -30.19
N LEU FC 356 33.21 81.54 -29.94
CA LEU FC 356 32.61 80.36 -30.56
C LEU FC 356 32.33 80.64 -32.04
N PRO FC 357 32.48 79.64 -32.90
CA PRO FC 357 32.40 79.89 -34.35
C PRO FC 357 30.99 79.81 -34.93
N SER FC 358 30.63 80.80 -35.75
CA SER FC 358 29.34 80.84 -36.39
C SER FC 358 29.25 79.75 -37.46
N PRO FC 359 28.04 79.38 -37.88
CA PRO FC 359 27.92 78.41 -38.98
C PRO FC 359 28.60 78.88 -40.26
N VAL FC 360 28.53 80.18 -40.56
CA VAL FC 360 29.07 80.70 -41.80
C VAL FC 360 30.58 80.50 -41.86
N THR FC 361 31.26 80.59 -40.72
CA THR FC 361 32.70 80.38 -40.68
C THR FC 361 33.10 78.95 -40.36
N ALA FC 362 32.20 78.17 -39.76
CA ALA FC 362 32.56 76.81 -39.37
C ALA FC 362 32.35 75.82 -40.50
N GLN FC 363 31.27 75.99 -41.27
CA GLN FC 363 30.97 75.05 -42.33
C GLN FC 363 32.01 75.07 -43.43
N LYS FC 364 32.76 76.16 -43.58
CA LYS FC 364 33.77 76.23 -44.63
C LYS FC 364 34.81 75.13 -44.47
N TYR FC 365 35.30 74.94 -43.24
CA TYR FC 365 36.26 73.89 -42.95
C TYR FC 365 35.62 72.69 -42.26
N ARG FC 366 34.29 72.65 -42.17
CA ARG FC 366 33.61 71.45 -41.70
C ARG FC 366 32.95 70.65 -42.82
N CYS FC 367 32.66 71.25 -43.97
CA CYS FC 367 31.90 70.58 -45.02
C CYS FC 367 32.63 69.40 -45.62
N GLU FC 368 33.96 69.32 -45.47
CA GLU FC 368 34.71 68.19 -46.00
C GLU FC 368 34.32 66.90 -45.29
N LEU FC 369 33.98 66.97 -44.01
CA LEU FC 369 33.59 65.79 -43.25
C LEU FC 369 32.09 65.56 -43.25
N LEU FC 370 31.34 66.36 -43.99
CA LEU FC 370 29.89 66.29 -43.94
C LEU FC 370 29.25 65.86 -45.25
N TYR FC 371 29.81 66.27 -46.39
CA TYR FC 371 29.25 65.93 -47.70
C TYR FC 371 30.05 64.80 -48.33
N GLU FC 372 29.38 63.67 -48.56
CA GLU FC 372 30.04 62.50 -49.14
C GLU FC 372 30.32 62.63 -50.62
N GLY FC 373 29.61 63.52 -51.34
CA GLY FC 373 29.91 63.74 -52.73
C GLY FC 373 31.12 64.63 -52.92
N PRO FC 374 31.52 64.80 -54.18
CA PRO FC 374 32.64 65.68 -54.47
C PRO FC 374 32.30 67.12 -54.12
N PRO FC 375 33.28 67.92 -53.68
CA PRO FC 375 33.00 69.32 -53.34
C PRO FC 375 32.55 70.15 -54.52
N ASP FC 376 32.79 69.67 -55.75
CA ASP FC 376 32.39 70.42 -56.94
C ASP FC 376 30.88 70.48 -57.12
N ASP FC 377 30.12 69.72 -56.34
CA ASP FC 377 28.66 69.73 -56.45
C ASP FC 377 28.12 71.11 -56.09
N GLU FC 378 27.01 71.47 -56.73
CA GLU FC 378 26.38 72.76 -56.45
C GLU FC 378 25.82 72.81 -55.03
N ALA FC 379 25.34 71.68 -54.52
CA ALA FC 379 24.93 71.63 -53.11
C ALA FC 379 26.12 71.85 -52.19
N ALA FC 380 27.28 71.27 -52.55
CA ALA FC 380 28.49 71.51 -51.80
C ALA FC 380 28.91 72.98 -51.85
N MET FC 381 28.73 73.63 -53.00
CA MET FC 381 28.98 75.06 -53.07
C MET FC 381 28.00 75.84 -52.21
N GLY FC 382 26.74 75.41 -52.17
CA GLY FC 382 25.75 76.09 -51.38
C GLY FC 382 25.96 75.99 -49.89
N ILE FC 383 26.39 74.83 -49.38
CA ILE FC 383 26.46 74.59 -47.95
C ILE FC 383 27.60 75.33 -47.28
N LYS FC 384 28.41 76.08 -48.04
CA LYS FC 384 29.55 76.78 -47.44
C LYS FC 384 29.08 77.97 -46.61
N SER FC 385 28.02 78.67 -47.05
CA SER FC 385 27.39 79.71 -46.27
C SER FC 385 25.89 79.50 -46.12
N CYS FC 386 25.33 78.51 -46.82
CA CYS FC 386 23.91 78.15 -46.81
C CYS FC 386 22.99 79.38 -46.93
N ASP FC 387 23.18 80.09 -48.04
CA ASP FC 387 22.28 81.18 -48.39
C ASP FC 387 20.87 80.61 -48.59
N PRO FC 388 19.85 81.38 -48.23
CA PRO FC 388 18.47 80.85 -48.30
C PRO FC 388 18.07 80.41 -49.70
N LYS FC 389 18.55 81.09 -50.73
CA LYS FC 389 18.18 80.73 -52.09
C LYS FC 389 18.89 79.47 -52.57
N GLY FC 390 19.89 78.99 -51.84
CA GLY FC 390 20.59 77.78 -52.18
C GLY FC 390 19.74 76.55 -51.97
N PRO FC 391 20.13 75.44 -52.59
CA PRO FC 391 19.32 74.21 -52.51
C PRO FC 391 19.20 73.71 -51.09
N LEU FC 392 18.02 73.20 -50.76
CA LEU FC 392 17.75 72.74 -49.41
C LEU FC 392 18.38 71.38 -49.19
N MET FC 393 19.15 71.26 -48.10
CA MET FC 393 19.72 69.98 -47.70
C MET FC 393 20.05 70.07 -46.22
N MET FC 394 19.65 69.07 -45.46
CA MET FC 394 19.74 69.12 -44.01
C MET FC 394 19.92 67.70 -43.47
N TYR FC 395 20.41 67.62 -42.23
CA TYR FC 395 20.79 66.38 -41.59
C TYR FC 395 19.85 66.09 -40.43
N ILE FC 396 19.69 64.80 -40.14
CA ILE FC 396 18.90 64.34 -39.01
C ILE FC 396 19.82 63.61 -38.05
N SER FC 397 19.87 64.10 -36.80
CA SER FC 397 20.68 63.46 -35.79
C SER FC 397 19.90 62.63 -34.79
N LYS FC 398 18.60 62.91 -34.60
CA LYS FC 398 17.86 62.13 -33.61
C LYS FC 398 16.38 62.17 -33.96
N MET FC 399 15.60 61.41 -33.19
CA MET FC 399 14.14 61.43 -33.28
C MET FC 399 13.61 61.49 -31.85
N VAL FC 400 13.18 62.68 -31.43
CA VAL FC 400 12.81 62.88 -30.03
C VAL FC 400 11.38 62.37 -29.81
N PRO FC 401 11.16 61.52 -28.81
CA PRO FC 401 9.79 61.12 -28.48
C PRO FC 401 9.03 62.26 -27.81
N THR FC 402 7.77 62.39 -28.17
CA THR FC 402 6.89 63.41 -27.64
C THR FC 402 5.93 62.75 -26.63
N SER FC 403 4.90 63.51 -26.22
CA SER FC 403 4.03 63.05 -25.14
C SER FC 403 3.32 61.75 -25.46
N ASP FC 404 2.78 61.62 -26.67
CA ASP FC 404 2.06 60.40 -27.02
C ASP FC 404 3.04 59.34 -27.54
N LYS FC 405 2.83 58.10 -27.11
CA LYS FC 405 3.71 57.02 -27.52
C LYS FC 405 3.52 56.70 -29.00
N GLY FC 406 4.63 56.47 -29.70
CA GLY FC 406 4.60 56.04 -31.08
C GLY FC 406 4.93 57.09 -32.11
N ARG FC 407 4.97 58.37 -31.72
CA ARG FC 407 5.32 59.44 -32.64
C ARG FC 407 6.59 60.13 -32.18
N PHE FC 408 7.53 60.29 -33.11
CA PHE FC 408 8.80 60.93 -32.83
C PHE FC 408 8.99 62.10 -33.78
N TYR FC 409 9.50 63.19 -33.24
CA TYR FC 409 9.81 64.38 -34.04
C TYR FC 409 11.20 64.20 -34.64
N ALA FC 410 11.28 64.28 -35.96
CA ALA FC 410 12.55 64.11 -36.64
C ALA FC 410 13.43 65.33 -36.39
N PHE FC 411 14.38 65.19 -35.47
CA PHE FC 411 15.12 66.34 -34.96
C PHE FC 411 16.50 66.41 -35.62
N GLY FC 412 16.79 67.56 -36.21
CA GLY FC 412 18.05 67.79 -36.88
C GLY FC 412 18.30 69.27 -37.03
N ARG FC 413 19.26 69.59 -37.88
CA ARG FC 413 19.66 70.97 -38.12
C ARG FC 413 19.58 71.27 -39.61
N VAL FC 414 19.19 72.49 -39.96
CA VAL FC 414 19.12 72.88 -41.36
C VAL FC 414 20.50 73.37 -41.80
N PHE FC 415 21.08 72.68 -42.78
CA PHE FC 415 22.44 72.98 -43.22
C PHE FC 415 22.50 73.73 -44.53
N SER FC 416 21.38 73.89 -45.23
CA SER FC 416 21.38 74.65 -46.48
C SER FC 416 19.95 75.05 -46.82
N GLY FC 417 19.84 76.20 -47.49
CA GLY FC 417 18.57 76.67 -47.98
C GLY FC 417 17.63 77.10 -46.87
N LEU FC 418 16.33 76.96 -47.13
CA LEU FC 418 15.30 77.29 -46.17
C LEU FC 418 14.20 76.24 -46.25
N VAL FC 419 13.75 75.77 -45.10
CA VAL FC 419 12.67 74.80 -45.00
C VAL FC 419 11.35 75.54 -44.85
N SER FC 420 10.37 75.18 -45.67
CA SER FC 420 9.02 75.69 -45.55
C SER FC 420 8.06 74.52 -45.36
N THR FC 421 7.03 74.73 -44.55
CA THR FC 421 6.10 73.67 -44.23
C THR FC 421 5.35 73.22 -45.49
N GLY FC 422 5.03 71.93 -45.52
CA GLY FC 422 4.33 71.37 -46.66
C GLY FC 422 5.13 71.40 -47.95
N LEU FC 423 6.40 71.05 -47.88
CA LEU FC 423 7.28 71.06 -49.04
C LEU FC 423 7.66 69.64 -49.42
N LYS FC 424 7.48 69.30 -50.69
CA LYS FC 424 7.89 68.00 -51.19
C LYS FC 424 9.41 67.94 -51.20
N VAL FC 425 9.98 66.91 -50.54
CA VAL FC 425 11.42 66.76 -50.41
C VAL FC 425 11.79 65.30 -50.58
N ARG FC 426 13.09 65.04 -50.63
CA ARG FC 426 13.67 63.72 -50.83
C ARG FC 426 14.34 63.31 -49.52
N ILE FC 427 13.87 62.23 -48.92
CA ILE FC 427 14.46 61.67 -47.71
C ILE FC 427 15.32 60.50 -48.12
N MET FC 428 16.55 60.49 -47.61
CA MET FC 428 17.51 59.44 -47.93
C MET FC 428 18.16 58.95 -46.64
N GLY FC 429 18.11 57.64 -46.42
CA GLY FC 429 18.59 57.05 -45.19
C GLY FC 429 20.06 56.66 -45.25
N PRO FC 430 20.51 55.95 -44.22
CA PRO FC 430 21.94 55.57 -44.15
C PRO FC 430 22.38 54.68 -45.30
N ASN FC 431 21.51 53.79 -45.76
CA ASN FC 431 21.85 52.87 -46.83
C ASN FC 431 21.51 53.43 -48.20
N TYR FC 432 21.14 54.70 -48.28
CA TYR FC 432 20.88 55.33 -49.56
C TYR FC 432 22.17 55.47 -50.36
N THR FC 433 22.04 55.34 -51.68
CA THR FC 433 23.10 55.68 -52.61
C THR FC 433 22.53 56.56 -53.71
N PRO FC 434 23.32 57.50 -54.22
CA PRO FC 434 22.80 58.40 -55.26
C PRO FC 434 22.43 57.69 -56.54
N GLY FC 435 23.13 56.62 -56.89
CA GLY FC 435 22.85 55.94 -58.15
C GLY FC 435 21.49 55.26 -58.15
N LYS FC 436 21.05 54.74 -57.02
CA LYS FC 436 19.86 53.92 -56.93
C LYS FC 436 18.79 54.58 -56.09
N LYS FC 437 17.54 54.45 -56.51
CA LYS FC 437 16.41 55.07 -55.84
C LYS FC 437 15.98 54.33 -54.58
N GLU FC 438 16.71 53.30 -54.15
CA GLU FC 438 16.37 52.64 -52.90
C GLU FC 438 16.63 53.59 -51.73
N ASP FC 439 15.80 53.47 -50.69
CA ASP FC 439 15.88 54.30 -49.49
C ASP FC 439 15.69 55.77 -49.79
N LEU FC 440 14.95 56.06 -50.86
CA LEU FC 440 14.61 57.43 -51.25
C LEU FC 440 13.10 57.59 -51.17
N TYR FC 441 12.66 58.63 -50.48
CA TYR FC 441 11.24 58.82 -50.21
C TYR FC 441 10.83 60.26 -50.50
N LEU FC 442 9.89 60.42 -51.44
CA LEU FC 442 9.50 61.73 -51.94
C LEU FC 442 8.28 62.21 -51.17
N LYS FC 443 8.51 62.86 -50.04
CA LYS FC 443 7.41 63.12 -49.14
C LYS FC 443 7.38 64.58 -48.70
N PRO FC 444 6.22 65.11 -48.34
CA PRO FC 444 6.14 66.46 -47.80
C PRO FC 444 6.13 66.46 -46.27
N ILE FC 445 6.22 67.66 -45.71
CA ILE FC 445 6.30 67.87 -44.28
C ILE FC 445 4.94 68.34 -43.77
N GLN FC 446 4.47 67.75 -42.68
CA GLN FC 446 3.25 68.25 -42.04
C GLN FC 446 3.52 69.60 -41.41
N ARG FC 447 4.46 69.67 -40.47
CA ARG FC 447 4.77 70.90 -39.77
C ARG FC 447 6.22 70.89 -39.32
N THR FC 448 6.72 72.08 -39.03
CA THR FC 448 8.05 72.29 -38.46
C THR FC 448 7.90 72.83 -37.04
N ILE FC 449 8.86 72.49 -36.19
CA ILE FC 449 8.77 72.83 -34.78
C ILE FC 449 10.16 73.21 -34.26
N LEU FC 450 10.20 74.06 -33.23
CA LEU FC 450 11.41 74.31 -32.48
C LEU FC 450 11.16 73.94 -31.02
N MET FC 451 12.15 73.31 -30.41
CA MET FC 451 12.02 72.72 -29.09
C MET FC 451 12.53 73.69 -28.03
N MET FC 452 11.87 73.65 -26.86
CA MET FC 452 12.33 74.36 -25.68
C MET FC 452 12.27 73.44 -24.45
N GLY FC 453 12.32 72.14 -24.68
CA GLY FC 453 12.26 71.19 -23.59
C GLY FC 453 10.87 70.65 -23.37
N ARG FC 454 10.37 70.77 -22.13
CA ARG FC 454 9.01 70.37 -21.82
C ARG FC 454 7.98 71.25 -22.51
N TYR FC 455 8.40 72.38 -23.08
CA TYR FC 455 7.56 73.21 -23.92
C TYR FC 455 8.10 73.18 -25.34
N VAL FC 456 7.21 73.06 -26.32
CA VAL FC 456 7.58 73.00 -27.72
C VAL FC 456 6.74 73.99 -28.51
N GLU FC 457 7.25 74.42 -29.67
CA GLU FC 457 6.53 75.47 -30.37
C GLU FC 457 6.56 75.27 -31.89
N PRO FC 458 5.41 75.11 -32.53
CA PRO FC 458 5.39 74.95 -33.99
C PRO FC 458 5.62 76.27 -34.70
N ILE FC 459 6.25 76.17 -35.87
CA ILE FC 459 6.61 77.32 -36.68
C ILE FC 459 6.25 77.00 -38.13
N GLU FC 460 6.31 78.03 -38.97
CA GLU FC 460 5.94 77.90 -40.37
C GLU FC 460 7.14 77.60 -41.25
N ASP FC 461 8.26 78.29 -41.05
CA ASP FC 461 9.45 78.07 -41.87
C ASP FC 461 10.70 78.28 -41.03
N VAL FC 462 11.79 77.65 -41.46
CA VAL FC 462 13.06 77.66 -40.74
C VAL FC 462 14.22 77.79 -41.73
N PRO FC 463 15.06 78.80 -41.60
CA PRO FC 463 16.21 78.90 -42.50
C PRO FC 463 17.38 78.03 -42.05
N CYS FC 464 18.52 78.13 -42.72
CA CYS FC 464 19.68 77.36 -42.33
C CYS FC 464 20.28 77.91 -41.04
N GLY FC 465 20.98 77.04 -40.32
CA GLY FC 465 21.61 77.42 -39.08
C GLY FC 465 20.74 77.27 -37.87
N ASN FC 466 19.67 76.49 -37.98
CA ASN FC 466 18.70 76.35 -36.92
C ASN FC 466 18.36 74.90 -36.68
N ILE FC 467 18.05 74.61 -35.43
CA ILE FC 467 17.61 73.28 -35.01
C ILE FC 467 16.10 73.18 -35.22
N VAL FC 468 15.66 72.10 -35.83
CA VAL FC 468 14.28 71.97 -36.24
C VAL FC 468 13.83 70.53 -36.07
N GLY FC 469 12.56 70.38 -35.71
CA GLY FC 469 11.90 69.09 -35.72
C GLY FC 469 10.83 69.05 -36.79
N LEU FC 470 10.98 68.13 -37.72
CA LEU FC 470 9.93 67.86 -38.66
C LEU FC 470 8.93 66.90 -38.04
N VAL FC 471 7.66 67.05 -38.39
CA VAL FC 471 6.65 66.08 -37.97
C VAL FC 471 5.96 65.51 -39.20
N GLY FC 472 5.59 64.24 -39.12
CA GLY FC 472 5.11 63.48 -40.25
C GLY FC 472 6.18 62.65 -40.92
N VAL FC 473 7.42 63.15 -40.94
CA VAL FC 473 8.56 62.44 -41.52
C VAL FC 473 8.94 61.19 -40.75
N ASP FC 474 8.34 60.98 -39.57
CA ASP FC 474 8.81 59.95 -38.64
C ASP FC 474 8.76 58.56 -39.25
N GLN FC 475 7.66 58.23 -39.93
CA GLN FC 475 7.46 56.86 -40.40
C GLN FC 475 8.23 56.53 -41.67
N PHE FC 476 8.98 57.47 -42.23
CA PHE FC 476 9.59 57.26 -43.54
C PHE FC 476 11.09 56.99 -43.47
N LEU FC 477 11.72 57.26 -42.35
CA LEU FC 477 13.09 56.82 -42.10
C LEU FC 477 13.24 56.52 -40.62
N VAL FC 478 14.28 55.78 -40.29
CA VAL FC 478 14.58 55.41 -38.92
C VAL FC 478 16.00 55.86 -38.60
N LYS FC 479 16.20 56.31 -37.37
CA LYS FC 479 17.51 56.54 -36.76
C LYS FC 479 18.23 57.75 -37.34
N THR FC 480 18.81 57.59 -38.53
CA THR FC 480 19.66 58.63 -39.12
C THR FC 480 19.31 58.79 -40.59
N GLY FC 481 19.47 60.02 -41.10
CA GLY FC 481 19.25 60.26 -42.51
C GLY FC 481 19.41 61.74 -42.84
N THR FC 482 19.17 62.05 -44.11
CA THR FC 482 19.23 63.43 -44.59
C THR FC 482 18.03 63.73 -45.48
N ILE FC 483 17.70 65.01 -45.56
CA ILE FC 483 16.58 65.50 -46.36
C ILE FC 483 17.09 66.57 -47.31
N THR FC 484 16.81 66.40 -48.60
CA THR FC 484 17.30 67.33 -49.60
C THR FC 484 16.18 67.67 -50.56
N THR FC 485 16.45 68.66 -51.41
CA THR FC 485 15.58 69.00 -52.53
C THR FC 485 16.29 68.87 -53.87
N PHE FC 486 17.60 69.04 -53.89
CA PHE FC 486 18.38 68.73 -55.09
C PHE FC 486 18.36 67.24 -55.35
N GLU FC 487 17.99 66.85 -56.56
CA GLU FC 487 17.81 65.44 -56.87
C GLU FC 487 19.14 64.68 -56.87
N HIS FC 488 20.20 65.30 -57.38
CA HIS FC 488 21.49 64.63 -57.44
C HIS FC 488 22.31 64.84 -56.18
N ALA FC 489 21.69 65.33 -55.11
CA ALA FC 489 22.42 65.55 -53.86
C ALA FC 489 22.83 64.24 -53.23
N HIS FC 490 24.04 64.21 -52.68
CA HIS FC 490 24.59 63.00 -52.10
C HIS FC 490 24.35 62.97 -50.60
N ASN FC 491 24.17 61.75 -50.08
CA ASN FC 491 23.90 61.57 -48.66
C ASN FC 491 25.07 62.09 -47.83
N MET FC 492 24.77 62.53 -46.61
CA MET FC 492 25.82 63.06 -45.78
C MET FC 492 26.59 61.93 -45.10
N ARG FC 493 27.74 62.28 -44.53
CA ARG FC 493 28.59 61.31 -43.87
C ARG FC 493 27.92 60.76 -42.62
N VAL FC 494 28.15 59.47 -42.36
CA VAL FC 494 27.62 58.85 -41.15
C VAL FC 494 28.39 59.37 -39.93
N MET FC 495 27.77 59.20 -38.77
CA MET FC 495 28.40 59.61 -37.52
C MET FC 495 29.45 58.60 -37.11
N LYS FC 496 30.59 59.09 -36.61
CA LYS FC 496 31.68 58.22 -36.17
C LYS FC 496 31.49 57.96 -34.68
N PHE FC 497 31.01 56.76 -34.34
CA PHE FC 497 30.70 56.42 -32.97
C PHE FC 497 31.91 55.81 -32.28
N SER FC 498 32.40 56.47 -31.22
CA SER FC 498 33.41 55.85 -30.38
C SER FC 498 32.87 54.60 -29.71
N VAL FC 499 31.64 54.66 -29.22
CA VAL FC 499 31.01 53.50 -28.63
C VAL FC 499 30.42 52.61 -29.72
N SER FC 500 30.30 51.33 -29.40
CA SER FC 500 29.72 50.35 -30.30
C SER FC 500 28.84 49.44 -29.47
N PRO FC 501 27.85 48.80 -30.10
CA PRO FC 501 26.93 47.93 -29.34
C PRO FC 501 27.58 46.62 -28.92
N VAL FC 502 28.31 46.64 -27.81
CA VAL FC 502 28.99 45.47 -27.29
C VAL FC 502 28.16 44.77 -26.22
N VAL FC 503 27.65 45.52 -25.26
CA VAL FC 503 26.97 44.91 -24.12
C VAL FC 503 25.59 44.45 -24.62
N ARG FC 504 25.35 43.15 -24.58
CA ARG FC 504 24.16 42.55 -25.17
C ARG FC 504 23.39 41.75 -24.12
N VAL FC 505 22.08 41.98 -24.07
CA VAL FC 505 21.19 41.32 -23.12
C VAL FC 505 20.01 40.73 -23.87
N ALA FC 506 19.48 39.62 -23.36
CA ALA FC 506 18.33 38.97 -23.94
C ALA FC 506 17.12 39.26 -23.07
N VAL FC 507 16.02 39.69 -23.69
CA VAL FC 507 14.82 40.00 -22.93
C VAL FC 507 13.65 39.18 -23.45
N GLU FC 508 12.66 39.02 -22.58
CA GLU FC 508 11.42 38.35 -22.94
C GLU FC 508 10.29 38.89 -22.07
N ALA FC 509 9.08 38.82 -22.58
CA ALA FC 509 7.91 39.21 -21.78
C ALA FC 509 7.64 38.16 -20.71
N LYS FC 510 7.20 38.60 -19.53
CA LYS FC 510 6.90 37.64 -18.47
C LYS FC 510 5.63 36.86 -18.79
N ASN FC 511 4.62 37.52 -19.32
CA ASN FC 511 3.45 36.81 -19.82
C ASN FC 511 3.51 36.72 -21.32
N PRO FC 512 3.26 35.54 -21.90
CA PRO FC 512 3.51 35.35 -23.34
C PRO FC 512 2.69 36.25 -24.25
N ALA FC 513 1.45 36.57 -23.87
CA ALA FC 513 0.58 37.33 -24.76
C ALA FC 513 1.01 38.80 -24.90
N ASP FC 514 1.96 39.25 -24.10
CA ASP FC 514 2.38 40.65 -24.13
C ASP FC 514 3.50 40.90 -25.14
N LEU FC 515 3.93 39.87 -25.86
CA LEU FC 515 5.02 40.06 -26.82
C LEU FC 515 4.72 41.04 -27.94
N PRO FC 516 3.48 41.25 -28.40
CA PRO FC 516 3.28 42.32 -29.40
C PRO FC 516 3.58 43.71 -28.87
N LYS FC 517 3.06 44.04 -27.68
CA LYS FC 517 3.42 45.31 -27.07
C LYS FC 517 4.90 45.37 -26.78
N LEU FC 518 5.50 44.22 -26.43
CA LEU FC 518 6.94 44.18 -26.24
C LEU FC 518 7.69 44.57 -27.50
N VAL FC 519 7.32 43.99 -28.64
CA VAL FC 519 8.08 44.24 -29.86
C VAL FC 519 7.82 45.64 -30.39
N GLU FC 520 6.64 46.20 -30.18
CA GLU FC 520 6.47 47.60 -30.56
C GLU FC 520 7.25 48.51 -29.62
N GLY FC 521 7.40 48.13 -28.35
CA GLY FC 521 8.32 48.84 -27.48
C GLY FC 521 9.75 48.75 -27.96
N LEU FC 522 10.14 47.57 -28.48
CA LEU FC 522 11.47 47.41 -29.06
C LEU FC 522 11.67 48.33 -30.26
N LYS FC 523 10.64 48.45 -31.12
CA LYS FC 523 10.76 49.35 -32.26
C LYS FC 523 10.90 50.81 -31.81
N ARG FC 524 10.14 51.21 -30.79
CA ARG FC 524 10.31 52.55 -30.25
C ARG FC 524 11.69 52.76 -29.65
N LEU FC 525 12.23 51.73 -28.97
CA LEU FC 525 13.57 51.86 -28.39
C LEU FC 525 14.63 52.04 -29.47
N ALA FC 526 14.57 51.21 -30.52
CA ALA FC 526 15.52 51.33 -31.61
C ALA FC 526 15.41 52.69 -32.29
N LYS FC 527 14.18 53.16 -32.51
CA LYS FC 527 14.00 54.45 -33.15
C LYS FC 527 14.56 55.58 -32.28
N SER FC 528 14.28 55.56 -30.98
CA SER FC 528 14.71 56.64 -30.11
C SER FC 528 16.22 56.67 -29.94
N ASP FC 529 16.82 55.53 -29.60
CA ASP FC 529 18.24 55.69 -29.35
C ASP FC 529 19.05 55.54 -30.63
N PRO FC 530 20.00 56.44 -30.87
CA PRO FC 530 20.75 56.41 -32.13
C PRO FC 530 21.70 55.24 -32.28
N MET FC 531 21.95 54.47 -31.22
CA MET FC 531 22.96 53.43 -31.25
C MET FC 531 22.46 52.06 -30.84
N VAL FC 532 21.35 51.97 -30.11
CA VAL FC 532 20.88 50.68 -29.61
C VAL FC 532 20.48 49.78 -30.76
N GLN FC 533 20.73 48.48 -30.61
CA GLN FC 533 20.42 47.51 -31.65
C GLN FC 533 19.54 46.42 -31.08
N CYS FC 534 18.33 46.31 -31.62
CA CYS FC 534 17.35 45.31 -31.19
C CYS FC 534 17.32 44.23 -32.27
N ILE FC 535 18.18 43.24 -32.12
CA ILE FC 535 18.36 42.23 -33.15
C ILE FC 535 17.69 40.94 -32.71
N ILE FC 536 17.41 40.09 -33.70
CA ILE FC 536 16.80 38.79 -33.48
C ILE FC 536 17.83 37.73 -33.86
N GLU FC 537 18.11 36.82 -32.93
CA GLU FC 537 19.12 35.81 -33.14
C GLU FC 537 18.46 34.52 -33.65
N GLU FC 538 19.27 33.50 -33.91
CA GLU FC 538 18.79 32.23 -34.43
C GLU FC 538 18.03 31.41 -33.39
N SER FC 539 17.97 31.87 -32.15
CA SER FC 539 17.22 31.20 -31.10
C SER FC 539 15.85 31.80 -30.85
N GLY FC 540 15.42 32.75 -31.69
CA GLY FC 540 14.11 33.35 -31.50
C GLY FC 540 14.02 34.30 -30.33
N GLU FC 541 15.15 34.85 -29.88
CA GLU FC 541 15.18 35.77 -28.75
C GLU FC 541 15.33 37.21 -29.23
N HIS FC 542 15.16 38.13 -28.28
CA HIS FC 542 15.33 39.55 -28.54
C HIS FC 542 16.59 40.04 -27.83
N ILE FC 543 17.59 40.46 -28.61
CA ILE FC 543 18.87 40.88 -28.09
C ILE FC 543 18.97 42.39 -28.21
N ILE FC 544 19.18 43.07 -27.09
CA ILE FC 544 19.45 44.50 -27.05
C ILE FC 544 20.95 44.67 -26.88
N ALA FC 545 21.56 45.44 -27.79
CA ALA FC 545 22.99 45.69 -27.80
C ALA FC 545 23.24 47.17 -27.67
N GLY FC 546 24.11 47.53 -26.72
CA GLY FC 546 24.45 48.92 -26.47
C GLY FC 546 25.88 49.12 -26.02
N ALA FC 547 26.19 50.35 -25.58
CA ALA FC 547 27.56 50.71 -25.25
C ALA FC 547 28.01 50.04 -23.96
N GLY FC 548 27.35 50.36 -22.84
CA GLY FC 548 27.81 49.91 -21.55
C GLY FC 548 26.65 49.49 -20.67
N GLU FC 549 27.02 48.96 -19.50
CA GLU FC 549 26.04 48.38 -18.59
C GLU FC 549 25.08 49.44 -18.07
N LEU FC 550 25.58 50.65 -17.82
CA LEU FC 550 24.69 51.72 -17.38
C LEU FC 550 23.69 52.09 -18.47
N HIS FC 551 24.15 52.13 -19.72
CA HIS FC 551 23.25 52.43 -20.83
C HIS FC 551 22.20 51.35 -20.97
N LEU FC 552 22.59 50.09 -20.81
CA LEU FC 552 21.61 49.00 -20.82
C LEU FC 552 20.62 49.14 -19.67
N GLU FC 553 21.10 49.54 -18.49
CA GLU FC 553 20.20 49.76 -17.36
C GLU FC 553 19.16 50.81 -17.68
N ILE FC 554 19.61 51.95 -18.19
CA ILE FC 554 18.71 53.04 -18.52
C ILE FC 554 17.70 52.58 -19.57
N CYS FC 555 18.18 51.89 -20.60
CA CYS FC 555 17.30 51.48 -21.69
C CYS FC 555 16.28 50.45 -21.23
N LEU FC 556 16.69 49.49 -20.39
CA LEU FC 556 15.77 48.49 -19.91
C LEU FC 556 14.69 49.12 -19.03
N LYS FC 557 15.10 50.02 -18.13
CA LYS FC 557 14.11 50.70 -17.29
C LYS FC 557 13.16 51.54 -18.14
N ASP FC 558 13.70 52.23 -19.15
CA ASP FC 558 12.88 53.06 -20.01
C ASP FC 558 11.90 52.21 -20.81
N LEU FC 559 12.30 51.03 -21.24
CA LEU FC 559 11.39 50.17 -21.98
C LEU FC 559 10.33 49.58 -21.06
N GLU FC 560 10.70 49.24 -19.83
CA GLU FC 560 9.72 48.67 -18.91
C GLU FC 560 8.74 49.71 -18.38
N GLU FC 561 9.10 51.00 -18.42
CA GLU FC 561 8.23 52.01 -17.86
C GLU FC 561 7.54 52.89 -18.90
N ASP FC 562 8.12 53.06 -20.08
CA ASP FC 562 7.59 53.96 -21.09
C ASP FC 562 7.22 53.26 -22.39
N HIS FC 563 8.16 52.54 -23.01
CA HIS FC 563 7.93 52.05 -24.36
C HIS FC 563 6.97 50.86 -24.36
N ALA FC 564 7.10 49.97 -23.38
CA ALA FC 564 6.30 48.76 -23.34
C ALA FC 564 5.30 48.74 -22.19
N CYS FC 565 5.78 48.96 -20.96
CA CYS FC 565 4.98 48.82 -19.73
C CYS FC 565 4.53 47.38 -19.53
N ILE FC 566 5.47 46.44 -19.68
CA ILE FC 566 5.25 45.04 -19.36
C ILE FC 566 6.39 44.57 -18.46
N PRO FC 567 6.12 43.73 -17.45
CA PRO FC 567 7.23 43.07 -16.76
C PRO FC 567 7.98 42.15 -17.72
N ILE FC 568 9.31 42.28 -17.71
CA ILE FC 568 10.15 41.52 -18.63
C ILE FC 568 11.25 40.84 -17.84
N LYS FC 569 11.72 39.73 -18.39
CA LYS FC 569 12.82 38.96 -17.82
C LYS FC 569 14.05 39.13 -18.70
N LYS FC 570 15.21 39.27 -18.06
CA LYS FC 570 16.46 39.56 -18.76
C LYS FC 570 17.50 38.52 -18.39
N SER FC 571 18.32 38.14 -19.37
CA SER FC 571 19.32 37.11 -19.16
C SER FC 571 20.43 37.27 -20.19
N ASP FC 572 21.38 36.34 -20.15
CA ASP FC 572 22.45 36.30 -21.13
C ASP FC 572 21.88 35.94 -22.51
N PRO FC 573 22.52 36.41 -23.58
CA PRO FC 573 22.11 35.97 -24.91
C PRO FC 573 22.37 34.48 -25.10
N VAL FC 574 21.56 33.88 -25.97
CA VAL FC 574 21.75 32.47 -26.30
C VAL FC 574 22.90 32.36 -27.29
N VAL FC 575 23.92 31.59 -26.92
CA VAL FC 575 25.06 31.36 -27.79
C VAL FC 575 24.76 30.18 -28.70
N SER FC 576 24.93 30.37 -29.99
CA SER FC 576 24.74 29.32 -30.97
C SER FC 576 26.10 28.71 -31.31
N TYR FC 577 26.21 27.40 -31.11
CA TYR FC 577 27.43 26.66 -31.42
C TYR FC 577 27.18 25.76 -32.61
N ARG FC 578 28.24 25.06 -33.03
CA ARG FC 578 28.11 24.11 -34.12
C ARG FC 578 28.67 22.76 -33.68
N GLU FC 579 28.29 21.71 -34.39
CA GLU FC 579 28.78 20.37 -34.14
C GLU FC 579 29.58 19.91 -35.35
N THR FC 580 30.77 19.37 -35.11
CA THR FC 580 31.66 18.94 -36.18
C THR FC 580 32.31 17.64 -35.76
N VAL FC 581 33.12 17.08 -36.67
CA VAL FC 581 33.91 15.89 -36.36
C VAL FC 581 35.37 16.28 -36.34
N SER FC 582 36.18 15.43 -35.71
CA SER FC 582 37.61 15.67 -35.59
C SER FC 582 38.43 14.82 -36.54
N GLU FC 583 38.14 13.52 -36.63
CA GLU FC 583 38.82 12.63 -37.56
C GLU FC 583 37.77 11.75 -38.24
N GLU FC 584 38.23 10.93 -39.18
CA GLU FC 584 37.32 10.11 -39.96
C GLU FC 584 36.73 9.00 -39.10
N SER FC 585 35.61 8.45 -39.58
CA SER FC 585 34.86 7.47 -38.82
C SER FC 585 35.68 6.21 -38.60
N ASN FC 586 35.46 5.57 -37.46
CA ASN FC 586 36.22 4.36 -37.15
C ASN FC 586 35.76 3.19 -37.99
N VAL FC 587 34.46 3.08 -38.24
CA VAL FC 587 33.87 1.96 -38.96
C VAL FC 587 32.91 2.50 -40.01
N LEU FC 588 32.67 1.69 -41.04
CA LEU FC 588 31.64 2.01 -42.01
C LEU FC 588 30.27 1.85 -41.36
N CYS FC 589 29.43 2.88 -41.51
CA CYS FC 589 28.15 2.91 -40.83
C CYS FC 589 27.06 2.42 -41.77
N LEU FC 590 26.34 1.38 -41.32
CA LEU FC 590 25.25 0.78 -42.06
C LEU FC 590 23.94 1.14 -41.36
N SER FC 591 23.01 1.64 -42.15
CA SER FC 591 21.68 1.99 -41.67
C SER FC 591 20.65 1.24 -42.51
N LYS FC 592 19.57 0.81 -41.88
CA LYS FC 592 18.54 0.03 -42.54
C LYS FC 592 17.21 0.78 -42.51
N SER FC 593 16.49 0.69 -43.63
CA SER FC 593 15.19 1.32 -43.77
C SER FC 593 14.20 0.67 -42.79
N PRO FC 594 13.11 1.36 -42.45
CA PRO FC 594 12.12 0.76 -41.54
C PRO FC 594 11.57 -0.56 -42.04
N ASN FC 595 11.51 -0.78 -43.35
CA ASN FC 595 11.06 -2.04 -43.90
C ASN FC 595 12.15 -3.09 -43.99
N LYS FC 596 13.38 -2.74 -43.60
CA LYS FC 596 14.50 -3.67 -43.55
C LYS FC 596 14.88 -4.21 -44.92
N HIS FC 597 14.71 -3.42 -45.97
CA HIS FC 597 15.17 -3.76 -47.31
C HIS FC 597 16.28 -2.83 -47.77
N ASN FC 598 16.03 -1.52 -47.79
CA ASN FC 598 17.07 -0.58 -48.16
C ASN FC 598 18.14 -0.55 -47.08
N ARG FC 599 19.40 -0.55 -47.52
CA ARG FC 599 20.53 -0.44 -46.62
C ARG FC 599 21.51 0.58 -47.18
N LEU FC 600 22.04 1.41 -46.30
CA LEU FC 600 22.95 2.50 -46.67
C LEU FC 600 24.25 2.35 -45.90
N TYR FC 601 25.37 2.50 -46.61
CA TYR FC 601 26.70 2.44 -46.03
C TYR FC 601 27.39 3.77 -46.30
N MET FC 602 27.74 4.47 -45.22
CA MET FC 602 28.38 5.78 -45.32
C MET FC 602 29.52 5.87 -44.32
N LYS FC 603 30.25 6.98 -44.42
CA LYS FC 603 31.31 7.32 -43.47
C LYS FC 603 31.43 8.83 -43.42
N ALA FC 604 32.20 9.31 -42.44
CA ALA FC 604 32.36 10.75 -42.24
C ALA FC 604 33.84 11.10 -42.15
N ARG FC 605 34.13 12.38 -42.40
CA ARG FC 605 35.49 12.91 -42.30
C ARG FC 605 35.45 14.41 -42.18
N PRO FC 606 36.34 15.02 -41.41
CA PRO FC 606 36.38 16.49 -41.34
C PRO FC 606 36.92 17.09 -42.61
N PHE FC 607 36.68 18.40 -42.76
CA PHE FC 607 37.13 19.13 -43.92
C PHE FC 607 38.63 19.40 -43.85
N PRO FC 608 39.27 19.67 -44.99
CA PRO FC 608 40.55 20.39 -44.96
C PRO FC 608 40.34 21.82 -44.48
N ASP FC 609 41.38 22.37 -43.88
CA ASP FC 609 41.26 23.66 -43.21
C ASP FC 609 40.99 24.77 -44.21
N GLY FC 610 40.08 25.67 -43.85
CA GLY FC 610 39.69 26.78 -44.70
C GLY FC 610 38.56 26.49 -45.66
N LEU FC 611 38.12 25.24 -45.76
CA LEU FC 611 37.08 24.88 -46.72
C LEU FC 611 35.76 25.58 -46.39
N ALA FC 612 35.30 25.47 -45.14
CA ALA FC 612 34.09 26.16 -44.73
C ALA FC 612 34.26 27.68 -44.80
N GLU FC 613 35.48 28.19 -44.58
CA GLU FC 613 35.75 29.60 -44.75
C GLU FC 613 35.50 30.03 -46.20
N ASP FC 614 35.95 29.23 -47.16
CA ASP FC 614 35.67 29.53 -48.55
C ASP FC 614 34.20 29.41 -48.88
N ILE FC 615 33.54 28.38 -48.32
CA ILE FC 615 32.15 28.11 -48.64
C ILE FC 615 31.26 29.27 -48.20
N ASP FC 616 31.46 29.78 -46.98
CA ASP FC 616 30.58 30.83 -46.49
C ASP FC 616 30.83 32.16 -47.20
N LYS FC 617 32.09 32.52 -47.41
CA LYS FC 617 32.37 33.81 -48.04
C LYS FC 617 32.10 33.81 -49.54
N GLY FC 618 32.01 32.65 -50.18
CA GLY FC 618 31.52 32.57 -51.54
C GLY FC 618 32.51 32.13 -52.58
N GLU FC 619 33.72 31.72 -52.19
CA GLU FC 619 34.65 31.18 -53.17
C GLU FC 619 34.11 29.91 -53.81
N VAL FC 620 33.55 29.02 -52.99
CA VAL FC 620 32.89 27.82 -53.46
C VAL FC 620 31.45 27.86 -52.97
N SER FC 621 30.51 27.61 -53.86
CA SER FC 621 29.11 27.61 -53.49
C SER FC 621 28.40 26.48 -54.20
N ALA FC 622 27.28 26.05 -53.61
CA ALA FC 622 26.44 25.06 -54.25
C ALA FC 622 25.93 25.55 -55.60
N ARG FC 623 25.64 26.85 -55.70
CA ARG FC 623 25.15 27.41 -56.94
C ARG FC 623 26.20 27.43 -58.04
N GLN FC 624 27.47 27.25 -57.67
CA GLN FC 624 28.51 27.12 -58.69
C GLN FC 624 28.36 25.80 -59.41
N GLU FC 625 28.68 25.81 -60.71
CA GLU FC 625 28.57 24.60 -61.50
C GLU FC 625 29.66 23.59 -61.13
N LEU FC 626 29.31 22.31 -61.28
CA LEU FC 626 30.04 21.26 -60.60
C LEU FC 626 31.46 21.10 -61.12
N LYS FC 627 31.68 21.34 -62.42
CA LYS FC 627 33.03 21.15 -62.95
C LYS FC 627 33.99 22.20 -62.41
N GLN FC 628 33.55 23.46 -62.34
CA GLN FC 628 34.40 24.51 -61.77
C GLN FC 628 34.63 24.27 -60.29
N ARG FC 629 33.58 23.87 -59.56
CA ARG FC 629 33.77 23.58 -58.15
C ARG FC 629 34.72 22.40 -57.95
N ALA FC 630 34.58 21.36 -58.77
CA ALA FC 630 35.43 20.19 -58.65
C ALA FC 630 36.89 20.54 -58.92
N ARG FC 631 37.15 21.33 -59.96
CA ARG FC 631 38.53 21.70 -60.24
C ARG FC 631 39.07 22.67 -59.20
N TYR FC 632 38.22 23.52 -58.62
CA TYR FC 632 38.64 24.37 -57.52
C TYR FC 632 39.14 23.53 -56.35
N LEU FC 633 38.32 22.57 -55.92
CA LEU FC 633 38.72 21.70 -54.82
C LEU FC 633 39.89 20.80 -55.21
N ALA FC 634 40.03 20.47 -56.48
CA ALA FC 634 41.15 19.64 -56.91
C ALA FC 634 42.46 20.40 -56.83
N GLU FC 635 42.47 21.64 -57.31
CA GLU FC 635 43.68 22.44 -57.34
C GLU FC 635 43.94 23.19 -56.04
N LYS FC 636 43.00 23.15 -55.10
CA LYS FC 636 43.21 23.80 -53.81
C LYS FC 636 43.31 22.82 -52.66
N TYR FC 637 42.33 21.92 -52.51
CA TYR FC 637 42.26 21.02 -51.38
C TYR FC 637 42.53 19.56 -51.78
N GLU FC 638 43.08 19.34 -52.98
CA GLU FC 638 43.53 18.03 -53.43
C GLU FC 638 42.41 17.01 -53.42
N TRP FC 639 41.24 17.39 -53.93
CA TRP FC 639 40.14 16.47 -54.13
C TRP FC 639 40.18 15.87 -55.53
N ASP FC 640 39.62 14.69 -55.67
CA ASP FC 640 39.56 14.05 -56.97
C ASP FC 640 38.56 14.78 -57.86
N VAL FC 641 38.88 14.87 -59.16
CA VAL FC 641 38.01 15.56 -60.10
C VAL FC 641 36.66 14.88 -60.20
N ALA FC 642 36.65 13.56 -60.34
CA ALA FC 642 35.38 12.83 -60.43
C ALA FC 642 34.64 12.86 -59.10
N GLU FC 643 35.35 12.69 -57.99
CA GLU FC 643 34.70 12.68 -56.69
C GLU FC 643 34.04 14.02 -56.39
N ALA FC 644 34.73 15.11 -56.70
CA ALA FC 644 34.15 16.43 -56.52
C ALA FC 644 33.24 16.82 -57.67
N ARG FC 645 33.19 16.03 -58.73
CA ARG FC 645 32.10 16.13 -59.69
C ARG FC 645 30.83 15.48 -59.17
N LYS FC 646 30.96 14.50 -58.28
CA LYS FC 646 29.83 13.82 -57.67
C LYS FC 646 29.27 14.57 -56.46
N ILE FC 647 29.49 15.88 -56.39
CA ILE FC 647 29.01 16.67 -55.27
C ILE FC 647 27.49 16.84 -55.38
N TRP FC 648 26.78 16.55 -54.28
CA TRP FC 648 25.33 16.49 -54.30
C TRP FC 648 24.66 17.74 -53.72
N CYS FC 649 24.96 18.07 -52.46
CA CYS FC 649 24.31 19.19 -51.81
C CYS FC 649 25.18 19.71 -50.69
N PHE FC 650 24.88 20.93 -50.24
CA PHE FC 650 25.78 21.69 -49.37
C PHE FC 650 25.06 22.01 -48.06
N GLY FC 651 25.47 21.35 -46.99
CA GLY FC 651 25.12 21.71 -45.63
C GLY FC 651 23.63 21.87 -45.38
N PRO FC 652 23.27 22.64 -44.36
CA PRO FC 652 21.86 22.99 -44.18
C PRO FC 652 21.42 24.00 -45.22
N ASP FC 653 20.12 23.98 -45.52
CA ASP FC 653 19.45 24.96 -46.38
C ASP FC 653 20.05 25.05 -47.78
N GLY FC 654 20.82 24.04 -48.18
CA GLY FC 654 21.38 24.00 -49.52
C GLY FC 654 22.60 24.86 -49.73
N THR FC 655 23.05 25.61 -48.71
CA THR FC 655 24.24 26.43 -48.84
C THR FC 655 25.19 26.30 -47.66
N GLY FC 656 24.93 25.39 -46.73
CA GLY FC 656 25.77 25.23 -45.57
C GLY FC 656 27.09 24.59 -45.92
N PRO FC 657 28.07 24.70 -45.02
CA PRO FC 657 29.42 24.20 -45.29
C PRO FC 657 29.60 22.74 -44.87
N ASN FC 658 28.70 21.88 -45.32
CA ASN FC 658 28.85 20.44 -45.15
C ASN FC 658 28.76 19.78 -46.52
N ILE FC 659 29.58 18.76 -46.73
CA ILE FC 659 29.68 18.11 -48.04
C ILE FC 659 29.00 16.76 -47.95
N LEU FC 660 28.04 16.51 -48.84
CA LEU FC 660 27.49 15.18 -49.05
C LEU FC 660 27.93 14.72 -50.42
N THR FC 661 28.84 13.76 -50.47
CA THR FC 661 29.30 13.25 -51.75
C THR FC 661 29.22 11.73 -51.73
N ASP FC 662 28.92 11.18 -52.88
CA ASP FC 662 28.81 9.74 -53.04
C ASP FC 662 30.04 9.23 -53.78
N ILE FC 663 30.68 8.22 -53.20
CA ILE FC 663 31.73 7.49 -53.88
C ILE FC 663 31.19 6.14 -54.36
N THR FC 664 29.88 6.04 -54.48
CA THR FC 664 29.24 4.79 -54.83
C THR FC 664 29.60 4.37 -56.25
N LYS FC 665 29.86 3.08 -56.42
CA LYS FC 665 30.25 2.52 -57.70
C LYS FC 665 29.25 1.45 -58.12
N GLY FC 666 28.66 1.62 -59.30
CA GLY FC 666 27.87 0.59 -59.94
C GLY FC 666 26.46 0.42 -59.41
N VAL FC 667 26.06 1.16 -58.37
CA VAL FC 667 24.69 1.06 -57.90
C VAL FC 667 23.75 1.65 -58.94
N GLN FC 668 22.50 1.20 -58.90
CA GLN FC 668 21.56 1.50 -59.99
C GLN FC 668 20.43 2.41 -59.57
N TYR FC 669 19.70 2.07 -58.52
CA TYR FC 669 18.47 2.77 -58.16
C TYR FC 669 18.70 3.91 -57.20
N LEU FC 670 19.96 4.22 -56.88
CA LEU FC 670 20.27 5.37 -56.03
C LEU FC 670 19.83 6.68 -56.68
N ASN FC 671 19.82 6.74 -58.01
CA ASN FC 671 19.41 7.97 -58.68
C ASN FC 671 17.92 8.24 -58.49
N GLU FC 672 17.14 7.20 -58.19
CA GLU FC 672 15.72 7.43 -57.93
C GLU FC 672 15.52 8.11 -56.59
N ILE FC 673 16.35 7.78 -55.60
CA ILE FC 673 16.18 8.29 -54.25
C ILE FC 673 17.21 9.37 -53.92
N LYS FC 674 17.91 9.88 -54.93
CA LYS FC 674 18.84 10.98 -54.71
C LYS FC 674 18.17 12.17 -54.03
N ASP FC 675 16.97 12.54 -54.48
CA ASP FC 675 16.27 13.67 -53.85
C ASP FC 675 16.00 13.42 -52.38
N SER FC 676 15.52 12.21 -52.06
CA SER FC 676 15.22 11.89 -50.67
C SER FC 676 16.50 11.87 -49.82
N VAL FC 677 17.59 11.34 -50.39
CA VAL FC 677 18.85 11.32 -49.66
C VAL FC 677 19.34 12.74 -49.40
N VAL FC 678 19.21 13.61 -50.41
CA VAL FC 678 19.61 15.01 -50.24
C VAL FC 678 18.77 15.67 -49.15
N ALA FC 679 17.46 15.42 -49.14
CA ALA FC 679 16.60 16.01 -48.12
C ALA FC 679 16.97 15.50 -46.72
N GLY FC 680 17.28 14.21 -46.61
CA GLY FC 680 17.74 13.66 -45.34
C GLY FC 680 19.05 14.29 -44.89
N PHE FC 681 19.94 14.56 -45.83
CA PHE FC 681 21.17 15.27 -45.50
C PHE FC 681 20.87 16.67 -44.98
N GLN FC 682 19.95 17.37 -45.63
CA GLN FC 682 19.60 18.71 -45.18
C GLN FC 682 19.03 18.68 -43.76
N TRP FC 683 18.17 17.69 -43.49
CA TRP FC 683 17.58 17.56 -42.17
C TRP FC 683 18.63 17.27 -41.11
N ALA FC 684 19.55 16.34 -41.40
CA ALA FC 684 20.56 15.99 -40.41
C ALA FC 684 21.60 17.08 -40.23
N THR FC 685 21.83 17.90 -41.25
CA THR FC 685 22.77 19.01 -41.08
C THR FC 685 22.13 20.15 -40.30
N LYS FC 686 20.84 20.40 -40.53
CA LYS FC 686 20.16 21.43 -39.75
C LYS FC 686 20.08 21.05 -38.29
N GLU FC 687 19.79 19.78 -38.00
CA GLU FC 687 19.67 19.33 -36.62
C GLU FC 687 20.68 18.22 -36.38
N GLY FC 688 21.65 18.47 -35.51
CA GLY FC 688 22.74 17.56 -35.28
C GLY FC 688 22.36 16.41 -34.38
N ALA FC 689 23.39 15.77 -33.81
CA ALA FC 689 23.22 14.62 -32.95
C ALA FC 689 23.42 14.93 -31.47
N LEU FC 690 24.44 15.73 -31.15
CA LEU FC 690 24.76 15.98 -29.74
C LEU FC 690 23.65 16.77 -29.06
N CYS FC 691 23.35 17.96 -29.56
CA CYS FC 691 22.41 18.85 -28.91
C CYS FC 691 21.50 19.55 -29.91
N GLU FC 692 21.30 18.95 -31.08
CA GLU FC 692 20.42 19.49 -32.12
C GLU FC 692 20.86 20.90 -32.53
N GLU FC 693 22.07 20.98 -33.06
CA GLU FC 693 22.62 22.22 -33.58
C GLU FC 693 23.13 22.00 -34.99
N ASN FC 694 23.42 23.10 -35.68
CA ASN FC 694 23.87 23.01 -37.05
C ASN FC 694 25.25 22.38 -37.14
N MET FC 695 25.40 21.42 -38.05
CA MET FC 695 26.71 20.87 -38.36
C MET FC 695 27.48 21.87 -39.23
N ARG FC 696 28.81 21.77 -39.16
CA ARG FC 696 29.66 22.65 -39.95
C ARG FC 696 30.99 21.96 -40.20
N GLY FC 697 31.44 21.98 -41.45
CA GLY FC 697 32.72 21.40 -41.82
C GLY FC 697 32.79 19.89 -41.70
N VAL FC 698 31.75 19.18 -42.13
CA VAL FC 698 31.70 17.73 -42.07
C VAL FC 698 31.44 17.21 -43.48
N ARG FC 699 32.20 16.19 -43.90
CA ARG FC 699 32.10 15.59 -45.21
C ARG FC 699 31.64 14.15 -45.06
N PHE FC 700 30.55 13.81 -45.74
CA PHE FC 700 29.98 12.48 -45.71
C PHE FC 700 30.24 11.78 -47.04
N ASP FC 701 30.77 10.57 -46.94
CA ASP FC 701 31.08 9.74 -48.08
C ASP FC 701 30.07 8.61 -48.14
N VAL FC 702 29.29 8.58 -49.22
CA VAL FC 702 28.32 7.51 -49.42
C VAL FC 702 29.07 6.37 -50.10
N HIS FC 703 29.43 5.36 -49.32
CA HIS FC 703 30.23 4.24 -49.85
C HIS FC 703 29.37 3.31 -50.68
N ASP FC 704 28.23 2.87 -50.15
CA ASP FC 704 27.50 1.84 -50.86
C ASP FC 704 26.03 1.90 -50.48
N VAL FC 705 25.17 1.41 -51.37
CA VAL FC 705 23.75 1.23 -51.06
C VAL FC 705 23.32 -0.12 -51.58
N THR FC 706 22.27 -0.66 -50.96
CA THR FC 706 21.55 -1.81 -51.49
C THR FC 706 20.06 -1.51 -51.34
N LEU FC 707 19.42 -1.17 -52.45
CA LEU FC 707 18.02 -0.78 -52.45
C LEU FC 707 17.15 -1.91 -52.97
N HIS FC 708 15.90 -1.91 -52.54
CA HIS FC 708 14.95 -2.88 -53.03
C HIS FC 708 14.60 -2.59 -54.48
N ALA FC 709 14.06 -3.62 -55.15
CA ALA FC 709 13.70 -3.48 -56.56
C ALA FC 709 12.59 -2.46 -56.75
N ASP FC 710 11.59 -2.47 -55.86
CA ASP FC 710 10.36 -1.74 -56.07
C ASP FC 710 10.47 -0.32 -55.52
N ALA FC 711 10.08 0.65 -56.34
CA ALA FC 711 10.15 2.05 -55.93
C ALA FC 711 9.27 2.32 -54.72
N ILE FC 712 8.16 1.60 -54.58
CA ILE FC 712 7.32 1.77 -53.41
C ILE FC 712 8.07 1.34 -52.16
N HIS FC 713 8.84 0.26 -52.25
CA HIS FC 713 9.66 -0.18 -51.14
C HIS FC 713 10.88 0.71 -50.91
N ARG FC 714 11.28 1.48 -51.90
CA ARG FC 714 12.35 2.47 -51.71
C ARG FC 714 11.82 3.89 -51.87
N GLY FC 715 10.62 4.16 -51.36
CA GLY FC 715 10.05 5.48 -51.39
C GLY FC 715 10.73 6.42 -50.42
N GLY FC 716 10.23 7.66 -50.40
CA GLY FC 716 10.86 8.71 -49.60
C GLY FC 716 10.79 8.42 -48.11
N GLY FC 717 9.64 7.97 -47.62
CA GLY FC 717 9.50 7.61 -46.21
C GLY FC 717 10.33 6.43 -45.79
N GLN FC 718 10.86 5.68 -46.75
CA GLN FC 718 11.81 4.61 -46.47
C GLN FC 718 13.27 5.02 -46.66
N ILE FC 719 13.52 6.22 -47.16
CA ILE FC 719 14.87 6.66 -47.51
C ILE FC 719 15.34 7.80 -46.60
N ILE FC 720 14.51 8.83 -46.44
CA ILE FC 720 14.90 9.96 -45.59
C ILE FC 720 15.17 9.55 -44.14
N PRO FC 721 14.32 8.76 -43.47
CA PRO FC 721 14.64 8.40 -42.07
C PRO FC 721 15.94 7.64 -41.93
N THR FC 722 16.16 6.63 -42.76
CA THR FC 722 17.41 5.89 -42.68
C THR FC 722 18.60 6.74 -43.12
N ALA FC 723 18.39 7.76 -43.95
CA ALA FC 723 19.49 8.66 -44.31
C ALA FC 723 19.88 9.54 -43.13
N ARG FC 724 18.89 10.10 -42.44
CA ARG FC 724 19.21 10.86 -41.24
C ARG FC 724 19.87 9.98 -40.19
N ARG FC 725 19.39 8.75 -40.04
CA ARG FC 725 20.01 7.82 -39.10
C ARG FC 725 21.42 7.46 -39.51
N CYS FC 726 21.69 7.31 -40.81
CA CYS FC 726 23.04 7.01 -41.27
C CYS FC 726 23.99 8.16 -40.98
N LEU FC 727 23.55 9.40 -41.22
CA LEU FC 727 24.40 10.53 -40.90
C LEU FC 727 24.62 10.66 -39.40
N TYR FC 728 23.59 10.39 -38.60
CA TYR FC 728 23.76 10.40 -37.16
C TYR FC 728 24.75 9.33 -36.71
N ALA FC 729 24.68 8.15 -37.32
CA ALA FC 729 25.62 7.08 -36.98
C ALA FC 729 27.04 7.45 -37.36
N SER FC 730 27.23 8.06 -38.54
CA SER FC 730 28.57 8.45 -38.94
C SER FC 730 29.14 9.52 -38.01
N VAL FC 731 28.33 10.52 -37.65
CA VAL FC 731 28.85 11.57 -36.78
C VAL FC 731 29.08 11.06 -35.37
N LEU FC 732 28.33 10.06 -34.92
CA LEU FC 732 28.61 9.50 -33.61
C LEU FC 732 29.81 8.59 -33.61
N THR FC 733 30.05 7.87 -34.71
CA THR FC 733 31.23 7.00 -34.78
C THR FC 733 32.50 7.82 -34.92
N ALA FC 734 32.48 8.86 -35.75
CA ALA FC 734 33.58 9.82 -35.72
C ALA FC 734 33.51 10.59 -34.41
N GLN FC 735 34.66 11.05 -33.96
CA GLN FC 735 34.72 11.72 -32.66
C GLN FC 735 34.13 13.11 -32.76
N PRO FC 736 32.94 13.36 -32.22
CA PRO FC 736 32.28 14.64 -32.45
C PRO FC 736 32.75 15.69 -31.46
N ARG FC 737 33.01 16.89 -31.97
CA ARG FC 737 33.48 18.00 -31.16
C ARG FC 737 32.62 19.22 -31.42
N LEU FC 738 32.42 20.01 -30.37
CA LEU FC 738 31.67 21.25 -30.51
C LEU FC 738 32.55 22.33 -31.13
N MET FC 739 31.91 23.42 -31.55
CA MET FC 739 32.60 24.56 -32.10
C MET FC 739 31.93 25.82 -31.55
N GLU FC 740 32.69 26.60 -30.79
CA GLU FC 740 32.22 27.87 -30.26
C GLU FC 740 32.48 28.99 -31.27
N PRO FC 741 31.64 30.01 -31.27
CA PRO FC 741 31.79 31.11 -32.25
C PRO FC 741 32.81 32.16 -31.83
N ILE FC 742 34.08 31.84 -32.00
CA ILE FC 742 35.16 32.76 -31.63
C ILE FC 742 35.07 33.98 -32.53
N TYR FC 743 34.84 35.14 -31.94
CA TYR FC 743 34.55 36.34 -32.70
C TYR FC 743 35.56 37.43 -32.38
N LEU FC 744 35.79 38.29 -33.36
CA LEU FC 744 36.87 39.26 -33.27
C LEU FC 744 36.45 40.48 -32.47
N VAL FC 745 37.41 41.00 -31.72
CA VAL FC 745 37.24 42.23 -30.96
C VAL FC 745 38.38 43.17 -31.29
N GLU FC 746 38.08 44.47 -31.29
CA GLU FC 746 39.03 45.51 -31.63
C GLU FC 746 38.93 46.61 -30.58
N ILE FC 747 40.00 46.85 -29.83
CA ILE FC 747 39.96 47.76 -28.70
C ILE FC 747 40.94 48.89 -28.94
N GLN FC 748 40.47 50.12 -28.77
CA GLN FC 748 41.33 51.30 -28.78
C GLN FC 748 41.44 51.84 -27.37
N CYS FC 749 42.67 52.03 -26.90
CA CYS FC 749 42.90 52.37 -25.50
C CYS FC 749 44.28 52.97 -25.32
N PRO FC 750 44.44 54.02 -24.51
CA PRO FC 750 45.76 54.62 -24.34
C PRO FC 750 46.74 53.65 -23.69
N GLU FC 751 48.01 53.80 -24.06
CA GLU FC 751 49.05 52.88 -23.65
C GLU FC 751 49.31 52.89 -22.15
N GLN FC 752 48.97 53.97 -21.45
CA GLN FC 752 49.24 54.00 -20.02
C GLN FC 752 48.34 53.04 -19.25
N VAL FC 753 47.23 52.61 -19.84
CA VAL FC 753 46.31 51.68 -19.19
C VAL FC 753 46.03 50.49 -20.09
N VAL FC 754 46.95 50.24 -21.03
CA VAL FC 754 46.75 49.13 -21.96
C VAL FC 754 47.21 47.82 -21.35
N GLY FC 755 47.82 47.87 -20.16
CA GLY FC 755 48.31 46.66 -19.51
C GLY FC 755 47.22 45.77 -18.93
N GLY FC 756 46.06 46.34 -18.59
CA GLY FC 756 44.99 45.51 -18.05
C GLY FC 756 44.17 44.78 -19.08
N ILE FC 757 44.25 45.21 -20.34
CA ILE FC 757 43.50 44.56 -21.41
C ILE FC 757 43.91 43.10 -21.54
N TYR FC 758 45.23 42.86 -21.53
CA TYR FC 758 45.72 41.49 -21.61
C TYR FC 758 45.35 40.67 -20.37
N GLY FC 759 45.29 41.30 -19.20
CA GLY FC 759 44.83 40.57 -18.02
C GLY FC 759 43.39 40.09 -18.16
N VAL FC 760 42.52 40.99 -18.63
CA VAL FC 760 41.13 40.59 -18.84
C VAL FC 760 41.04 39.49 -19.88
N LEU FC 761 41.81 39.60 -20.96
CA LEU FC 761 41.77 38.57 -21.99
C LEU FC 761 42.26 37.23 -21.46
N ASN FC 762 43.32 37.23 -20.67
CA ASN FC 762 43.82 35.99 -20.10
C ASN FC 762 42.79 35.36 -19.18
N ARG FC 763 42.09 36.18 -18.40
CA ARG FC 763 41.04 35.62 -17.54
C ARG FC 763 39.85 35.11 -18.36
N LYS FC 764 39.58 35.73 -19.50
CA LYS FC 764 38.40 35.43 -20.29
C LYS FC 764 38.68 34.55 -21.50
N ARG FC 765 39.86 33.93 -21.55
CA ARG FC 765 40.29 33.00 -22.61
C ARG FC 765 40.47 33.67 -23.96
N GLY FC 766 40.48 35.00 -24.01
CA GLY FC 766 40.76 35.67 -25.26
C GLY FC 766 42.20 35.50 -25.68
N HIS FC 767 42.42 35.59 -26.99
CA HIS FC 767 43.74 35.44 -27.59
C HIS FC 767 44.01 36.66 -28.48
N VAL FC 768 44.82 37.58 -27.99
CA VAL FC 768 45.18 38.76 -28.76
C VAL FC 768 46.23 38.37 -29.78
N PHE FC 769 46.14 38.97 -30.98
CA PHE FC 769 47.11 38.73 -32.04
C PHE FC 769 47.65 40.00 -32.66
N GLU FC 770 47.00 41.15 -32.46
CA GLU FC 770 47.51 42.41 -32.97
C GLU FC 770 47.58 43.43 -31.86
N GLU FC 771 48.66 44.21 -31.85
CA GLU FC 771 48.80 45.30 -30.89
C GLU FC 771 49.73 46.35 -31.49
N SER FC 772 49.17 47.48 -31.92
CA SER FC 772 49.98 48.51 -32.53
C SER FC 772 49.48 49.89 -32.12
N GLN FC 773 50.40 50.84 -32.10
CA GLN FC 773 50.03 52.22 -31.80
C GLN FC 773 49.18 52.79 -32.93
N VAL FC 774 48.43 53.84 -32.59
CA VAL FC 774 47.58 54.55 -33.55
C VAL FC 774 48.37 55.78 -33.99
N ALA FC 775 49.23 55.61 -35.00
CA ALA FC 775 49.99 56.70 -35.63
C ALA FC 775 50.72 57.49 -34.54
N GLY FC 776 50.68 58.81 -34.55
CA GLY FC 776 51.38 59.60 -33.55
C GLY FC 776 50.69 59.71 -32.21
N THR FC 777 49.39 59.41 -32.14
CA THR FC 777 48.68 59.49 -30.88
C THR FC 777 49.09 58.33 -29.98
N PRO FC 778 49.11 58.53 -28.66
CA PRO FC 778 49.59 57.47 -27.76
C PRO FC 778 48.59 56.37 -27.51
N MET FC 779 47.54 56.27 -28.33
CA MET FC 779 46.59 55.18 -28.22
C MET FC 779 47.16 53.91 -28.83
N PHE FC 780 46.68 52.77 -28.33
CA PHE FC 780 46.95 51.46 -28.90
C PHE FC 780 45.66 50.86 -29.43
N VAL FC 781 45.72 50.31 -30.63
CA VAL FC 781 44.68 49.44 -31.16
C VAL FC 781 45.17 48.01 -30.98
N VAL FC 782 44.37 47.19 -30.33
CA VAL FC 782 44.65 45.77 -30.19
C VAL FC 782 43.50 45.00 -30.83
N LYS FC 783 43.84 43.93 -31.53
CA LYS FC 783 42.87 43.08 -32.20
C LYS FC 783 43.03 41.66 -31.69
N ALA FC 784 41.91 41.05 -31.29
CA ALA FC 784 41.95 39.84 -30.51
C ALA FC 784 40.77 38.94 -30.86
N TYR FC 785 40.88 37.69 -30.47
CA TYR FC 785 39.85 36.68 -30.66
C TYR FC 785 39.23 36.37 -29.31
N LEU FC 786 37.90 36.42 -29.22
CA LEU FC 786 37.25 36.19 -27.95
C LEU FC 786 36.09 35.23 -28.11
N PRO FC 787 35.86 34.35 -27.14
CA PRO FC 787 34.66 33.50 -27.18
C PRO FC 787 33.40 34.28 -26.82
N VAL FC 788 32.31 33.95 -27.51
CA VAL FC 788 31.04 34.60 -27.25
C VAL FC 788 30.55 34.27 -25.85
N ASN FC 789 30.58 33.00 -25.48
CA ASN FC 789 30.10 32.59 -24.16
C ASN FC 789 30.96 33.15 -23.04
N GLU FC 790 32.15 33.65 -23.35
CA GLU FC 790 33.00 34.32 -22.38
C GLU FC 790 33.03 35.83 -22.57
N SER FC 791 32.25 36.34 -23.52
CA SER FC 791 32.12 37.78 -23.71
C SER FC 791 31.07 38.42 -22.80
N PHE FC 792 30.44 37.65 -21.92
CA PHE FC 792 29.40 38.18 -21.06
C PHE FC 792 30.04 38.97 -19.92
N GLY FC 793 29.65 40.23 -19.79
CA GLY FC 793 30.28 41.10 -18.83
C GLY FC 793 31.68 41.51 -19.20
N PHE FC 794 32.09 41.21 -20.43
CA PHE FC 794 33.46 41.49 -20.83
C PHE FC 794 33.77 42.96 -20.80
N THR FC 795 32.85 43.80 -21.29
CA THR FC 795 33.08 45.24 -21.26
C THR FC 795 33.08 45.77 -19.84
N ALA FC 796 32.24 45.22 -18.96
CA ALA FC 796 32.26 45.63 -17.56
C ALA FC 796 33.60 45.34 -16.92
N ASP FC 797 34.13 44.13 -17.13
CA ASP FC 797 35.44 43.79 -16.57
C ASP FC 797 36.54 44.63 -17.21
N LEU FC 798 36.47 44.84 -18.52
CA LEU FC 798 37.50 45.61 -19.21
C LEU FC 798 37.55 47.04 -18.71
N ARG FC 799 36.38 47.67 -18.53
CA ARG FC 799 36.35 49.01 -17.98
C ARG FC 799 36.80 49.03 -16.53
N SER FC 800 36.42 48.01 -15.75
CA SER FC 800 36.88 47.94 -14.37
C SER FC 800 38.40 47.91 -14.30
N ASN FC 801 39.05 47.25 -15.25
CA ASN FC 801 40.50 47.18 -15.22
C ASN FC 801 41.16 48.41 -15.83
N THR FC 802 40.62 48.97 -16.90
CA THR FC 802 41.26 50.09 -17.57
C THR FC 802 40.69 51.43 -17.16
N GLY FC 803 39.93 51.48 -16.07
CA GLY FC 803 39.41 52.74 -15.59
C GLY FC 803 38.46 53.41 -16.56
N GLY FC 804 37.68 52.61 -17.29
CA GLY FC 804 36.75 53.16 -18.26
C GLY FC 804 37.44 53.91 -19.38
N GLN FC 805 38.61 53.44 -19.80
CA GLN FC 805 39.38 54.13 -20.82
C GLN FC 805 39.63 53.29 -22.07
N ALA FC 806 39.24 52.02 -22.06
CA ALA FC 806 39.40 51.14 -23.21
C ALA FC 806 38.07 51.00 -23.92
N PHE FC 807 38.06 51.27 -25.23
CA PHE FC 807 36.84 51.19 -26.01
C PHE FC 807 36.86 49.95 -26.89
N PRO FC 808 36.06 48.94 -26.59
CA PRO FC 808 36.05 47.71 -27.38
C PRO FC 808 34.95 47.70 -28.43
N GLN FC 809 35.21 46.93 -29.48
CA GLN FC 809 34.25 46.70 -30.56
C GLN FC 809 34.16 45.19 -30.80
N CYS FC 810 32.94 44.75 -31.08
CA CYS FC 810 32.62 43.33 -31.23
C CYS FC 810 32.13 43.05 -32.64
N VAL FC 811 32.56 41.92 -33.21
CA VAL FC 811 32.04 41.47 -34.50
C VAL FC 811 32.35 39.98 -34.63
N PHE FC 812 31.47 39.24 -35.30
CA PHE FC 812 31.75 37.82 -35.53
C PHE FC 812 32.98 37.67 -36.41
N ASP FC 813 33.79 36.66 -36.11
CA ASP FC 813 34.93 36.34 -36.96
C ASP FC 813 34.84 34.94 -37.57
N HIS FC 814 34.75 33.91 -36.75
CA HIS FC 814 34.92 32.54 -37.24
C HIS FC 814 34.44 31.58 -36.15
N TRP FC 815 34.77 30.31 -36.31
CA TRP FC 815 34.50 29.30 -35.31
C TRP FC 815 35.79 28.56 -34.99
N GLN FC 816 35.87 28.06 -33.76
CA GLN FC 816 36.99 27.24 -33.33
C GLN FC 816 36.46 26.10 -32.48
N ILE FC 817 37.17 24.98 -32.49
CA ILE FC 817 36.71 23.79 -31.80
C ILE FC 817 36.93 23.94 -30.31
N LEU FC 818 35.92 23.57 -29.53
CA LEU FC 818 36.08 23.48 -28.09
C LEU FC 818 37.07 22.36 -27.77
N PRO FC 819 38.06 22.61 -26.91
CA PRO FC 819 39.17 21.65 -26.76
C PRO FC 819 38.77 20.28 -26.26
N GLY FC 820 37.77 20.19 -25.38
CA GLY FC 820 37.44 18.93 -24.74
C GLY FC 820 36.69 18.00 -25.67
N ASP FC 821 36.19 16.91 -25.08
CA ASP FC 821 35.31 15.98 -25.76
C ASP FC 821 33.95 15.99 -25.07
N PRO FC 822 32.85 16.17 -25.81
CA PRO FC 822 31.54 16.28 -25.15
C PRO FC 822 31.06 15.01 -24.49
N PHE FC 823 31.72 13.87 -24.69
CA PHE FC 823 31.29 12.65 -24.01
C PHE FC 823 31.71 12.66 -22.55
N ASP FC 824 32.89 13.22 -22.25
CA ASP FC 824 33.42 13.19 -20.89
C ASP FC 824 32.54 14.02 -19.96
N ASN FC 825 31.85 13.33 -19.04
CA ASN FC 825 30.82 13.97 -18.22
C ASN FC 825 31.37 15.16 -17.43
N SER FC 826 32.65 15.15 -17.07
CA SER FC 826 33.24 16.19 -16.26
C SER FC 826 34.01 17.21 -17.10
N SER FC 827 33.52 17.51 -18.30
CA SER FC 827 34.19 18.40 -19.22
C SER FC 827 33.29 19.56 -19.63
N ARG FC 828 33.95 20.63 -20.07
CA ARG FC 828 33.22 21.80 -20.56
C ARG FC 828 32.29 21.50 -21.72
N PRO FC 829 32.71 20.81 -22.79
CA PRO FC 829 31.75 20.51 -23.87
C PRO FC 829 30.59 19.64 -23.42
N SER FC 830 30.81 18.70 -22.49
CA SER FC 830 29.68 17.92 -21.99
C SER FC 830 28.71 18.80 -21.23
N GLN FC 831 29.22 19.75 -20.44
CA GLN FC 831 28.33 20.68 -19.78
C GLN FC 831 27.55 21.51 -20.78
N VAL FC 832 28.21 21.95 -21.86
CA VAL FC 832 27.54 22.76 -22.87
C VAL FC 832 26.41 21.97 -23.53
N VAL FC 833 26.72 20.73 -23.94
CA VAL FC 833 25.72 19.91 -24.62
C VAL FC 833 24.55 19.63 -23.69
N ALA FC 834 24.84 19.28 -22.43
CA ALA FC 834 23.76 18.97 -21.49
C ALA FC 834 22.89 20.19 -21.25
N GLU FC 835 23.51 21.36 -21.10
CA GLU FC 835 22.74 22.58 -20.89
C GLU FC 835 21.84 22.88 -22.07
N THR FC 836 22.36 22.75 -23.29
CA THR FC 836 21.54 23.06 -24.45
C THR FC 836 20.44 22.02 -24.65
N ARG FC 837 20.70 20.76 -24.28
CA ARG FC 837 19.64 19.76 -24.32
C ARG FC 837 18.54 20.11 -23.33
N LYS FC 838 18.92 20.57 -22.14
CA LYS FC 838 17.92 20.99 -21.17
C LYS FC 838 17.12 22.19 -21.69
N ARG FC 839 17.78 23.13 -22.36
CA ARG FC 839 17.09 24.31 -22.86
C ARG FC 839 16.13 23.95 -24.00
N LYS FC 840 16.59 23.13 -24.94
CA LYS FC 840 15.81 22.79 -26.11
C LYS FC 840 14.71 21.77 -25.83
N GLY FC 841 14.81 20.99 -24.76
CA GLY FC 841 13.80 20.01 -24.47
C GLY FC 841 14.02 18.70 -25.18
N LEU FC 842 15.20 18.12 -24.99
CA LEU FC 842 15.52 16.81 -25.52
C LEU FC 842 15.77 15.85 -24.35
N LYS FC 843 16.24 14.65 -24.68
CA LYS FC 843 16.51 13.65 -23.67
C LYS FC 843 17.62 14.13 -22.74
N GLU FC 844 17.73 13.49 -21.58
CA GLU FC 844 18.73 13.90 -20.61
C GLU FC 844 20.14 13.61 -21.11
N GLY FC 845 20.32 12.54 -21.89
CA GLY FC 845 21.64 12.09 -22.30
C GLY FC 845 21.85 12.16 -23.81
N ILE FC 846 23.11 12.01 -24.18
CA ILE FC 846 23.49 11.93 -25.60
C ILE FC 846 22.84 10.71 -26.22
N PRO FC 847 22.37 10.77 -27.47
CA PRO FC 847 21.80 9.58 -28.11
C PRO FC 847 22.79 8.44 -28.15
N ALA FC 848 22.27 7.23 -27.91
CA ALA FC 848 23.11 6.04 -27.97
C ALA FC 848 23.43 5.69 -29.41
N LEU FC 849 24.60 5.10 -29.61
CA LEU FC 849 25.08 4.79 -30.96
C LEU FC 849 24.20 3.76 -31.65
N ASP FC 850 23.65 2.81 -30.89
CA ASP FC 850 22.83 1.76 -31.48
C ASP FC 850 21.54 2.34 -32.08
N ASN FC 851 21.11 3.51 -31.63
CA ASN FC 851 19.90 4.10 -32.17
C ASN FC 851 20.08 4.60 -33.59
N PHE FC 852 21.32 4.67 -34.09
CA PHE FC 852 21.57 5.07 -35.45
C PHE FC 852 22.43 4.09 -36.25
N LEU FC 853 23.12 3.16 -35.61
CA LEU FC 853 23.85 2.12 -36.33
C LEU FC 853 23.09 0.80 -36.26
N ASP FC 854 22.96 0.14 -37.41
CA ASP FC 854 22.35 -1.17 -37.50
C ASP FC 854 23.41 -2.21 -37.84
N LYS FC 855 23.40 -3.32 -37.13
CA LYS FC 855 24.27 -4.44 -37.45
C LYS FC 855 23.58 -5.37 -38.44
N LEU FC 856 24.35 -5.85 -39.40
CA LEU FC 856 23.83 -6.76 -40.42
C LEU FC 856 23.42 -8.10 -39.81
N GLN GC 1 -37.35 31.33 107.59
CA GLN GC 1 -37.05 32.36 108.57
C GLN GC 1 -38.32 33.08 109.02
N GLN GC 2 -39.41 32.88 108.28
CA GLN GC 2 -40.65 33.60 108.51
C GLN GC 2 -41.56 32.93 109.54
N GLU GC 3 -41.23 31.71 109.98
CA GLU GC 3 -42.13 30.96 110.85
C GLU GC 3 -42.22 31.58 112.24
N GLN GC 4 -43.37 31.37 112.89
CA GLN GC 4 -43.63 31.86 114.23
C GLN GC 4 -42.94 30.98 115.27
N THR GC 5 -43.04 31.38 116.53
CA THR GC 5 -42.37 30.64 117.61
C THR GC 5 -43.08 30.95 118.93
N ILE GC 6 -42.44 30.59 120.04
CA ILE GC 6 -43.00 30.68 121.39
C ILE GC 6 -43.10 32.13 121.84
N ALA GC 7 -42.67 33.06 120.98
CA ALA GC 7 -42.56 34.46 121.36
C ALA GC 7 -43.90 35.10 121.71
N GLU GC 8 -45.03 34.45 121.41
CA GLU GC 8 -46.35 35.02 121.66
C GLU GC 8 -47.04 34.30 122.81
N ASP GC 9 -47.62 35.10 123.72
CA ASP GC 9 -48.42 34.54 124.80
C ASP GC 9 -49.66 33.83 124.26
N LEU GC 10 -50.17 34.26 123.10
CA LEU GC 10 -51.23 33.51 122.44
C LEU GC 10 -50.76 32.12 122.07
N VAL GC 11 -49.53 32.03 121.55
CA VAL GC 11 -48.96 30.73 121.20
C VAL GC 11 -48.79 29.86 122.44
N VAL GC 12 -48.32 30.46 123.56
CA VAL GC 12 -48.14 29.69 124.79
C VAL GC 12 -49.48 29.19 125.33
N THR GC 13 -50.51 30.04 125.33
CA THR GC 13 -51.81 29.62 125.85
C THR GC 13 -52.44 28.53 124.98
N LYS GC 14 -52.33 28.67 123.66
CA LYS GC 14 -52.87 27.61 122.81
C LYS GC 14 -52.04 26.33 122.90
N TYR GC 15 -50.73 26.43 123.20
CA TYR GC 15 -49.97 25.23 123.54
C TYR GC 15 -50.50 24.56 124.80
N LYS GC 16 -50.79 25.35 125.83
CA LYS GC 16 -51.35 24.77 127.06
C LYS GC 16 -52.65 24.04 126.78
N MET GC 17 -53.54 24.65 125.99
CA MET GC 17 -54.83 23.98 125.74
C MET GC 17 -54.69 22.79 124.80
N GLY GC 18 -53.79 22.85 123.82
CA GLY GC 18 -53.57 21.69 122.96
C GLY GC 18 -52.97 20.52 123.72
N GLY GC 19 -51.99 20.81 124.59
CA GLY GC 19 -51.46 19.78 125.45
C GLY GC 19 -52.50 19.21 126.39
N ASP GC 20 -53.40 20.05 126.89
CA ASP GC 20 -54.49 19.55 127.73
C ASP GC 20 -55.39 18.60 126.95
N ILE GC 21 -55.70 18.95 125.69
CA ILE GC 21 -56.53 18.07 124.86
C ILE GC 21 -55.83 16.73 124.63
N ALA GC 22 -54.55 16.76 124.29
CA ALA GC 22 -53.82 15.51 124.05
C ALA GC 22 -53.72 14.68 125.31
N ASN GC 23 -53.41 15.29 126.45
CA ASN GC 23 -53.29 14.53 127.69
C ASN GC 23 -54.63 13.94 128.10
N ARG GC 24 -55.72 14.69 127.95
CA ARG GC 24 -57.03 14.15 128.30
C ARG GC 24 -57.44 13.00 127.39
N VAL GC 25 -57.15 13.07 126.09
CA VAL GC 25 -57.51 11.94 125.24
C VAL GC 25 -56.65 10.72 125.53
N LEU GC 26 -55.35 10.90 125.83
CA LEU GC 26 -54.55 9.74 126.22
C LEU GC 26 -55.01 9.14 127.55
N ARG GC 27 -55.44 9.98 128.49
CA ARG GC 27 -55.91 9.46 129.78
C ARG GC 27 -57.21 8.68 129.60
N SER GC 28 -58.14 9.20 128.80
CA SER GC 28 -59.32 8.41 128.49
C SER GC 28 -58.97 7.15 127.71
N LEU GC 29 -57.91 7.17 126.89
CA LEU GC 29 -57.48 5.97 126.18
C LEU GC 29 -56.98 4.90 127.14
N VAL GC 30 -56.13 5.28 128.10
CA VAL GC 30 -55.64 4.30 129.07
C VAL GC 30 -56.76 3.85 130.00
N GLU GC 31 -57.80 4.66 130.14
CA GLU GC 31 -58.99 4.19 130.85
C GLU GC 31 -59.72 3.12 130.05
N ALA GC 32 -59.93 3.35 128.76
CA ALA GC 32 -60.74 2.47 127.92
C ALA GC 32 -59.99 1.22 127.46
N SER GC 33 -58.67 1.19 127.62
CA SER GC 33 -57.86 0.05 127.18
C SER GC 33 -58.00 -1.10 128.16
N SER GC 34 -58.66 -2.17 127.72
CA SER GC 34 -58.86 -3.37 128.53
C SER GC 34 -58.89 -4.59 127.61
N SER GC 35 -59.06 -5.77 128.21
CA SER GC 35 -59.04 -7.01 127.45
C SER GC 35 -60.41 -7.31 126.86
N GLY GC 36 -60.43 -7.65 125.58
CA GLY GC 36 -61.66 -7.89 124.86
C GLY GC 36 -61.97 -6.88 123.78
N VAL GC 37 -61.06 -5.95 123.51
CA VAL GC 37 -61.33 -4.88 122.55
C VAL GC 37 -60.33 -4.97 121.40
N SER GC 38 -60.42 -4.04 120.46
CA SER GC 38 -59.60 -4.03 119.26
C SER GC 38 -58.79 -2.75 119.16
N VAL GC 39 -57.53 -2.90 118.72
CA VAL GC 39 -56.64 -1.77 118.54
C VAL GC 39 -57.20 -0.79 117.52
N LEU GC 40 -57.84 -1.33 116.48
CA LEU GC 40 -58.48 -0.48 115.48
C LEU GC 40 -59.59 0.37 116.11
N SER GC 41 -60.39 -0.24 116.99
CA SER GC 41 -61.44 0.50 117.67
C SER GC 41 -60.87 1.61 118.54
N LEU GC 42 -59.78 1.31 119.26
CA LEU GC 42 -59.15 2.33 120.09
C LEU GC 42 -58.64 3.49 119.24
N CYS GC 43 -57.98 3.18 118.13
CA CYS GC 43 -57.44 4.22 117.26
C CYS GC 43 -58.54 5.08 116.67
N GLU GC 44 -59.63 4.46 116.19
CA GLU GC 44 -60.68 5.22 115.54
C GLU GC 44 -61.43 6.10 116.53
N LYS GC 45 -61.71 5.59 117.74
CA LYS GC 45 -62.38 6.44 118.70
C LYS GC 45 -61.48 7.59 119.16
N GLY GC 46 -60.17 7.33 119.29
CA GLY GC 46 -59.27 8.43 119.64
C GLY GC 46 -59.23 9.51 118.58
N ASP GC 47 -59.15 9.12 117.30
CA ASP GC 47 -59.13 10.10 116.24
C ASP GC 47 -60.46 10.85 116.16
N ALA GC 48 -61.58 10.17 116.40
CA ALA GC 48 -62.87 10.87 116.43
C ALA GC 48 -62.91 11.88 117.57
N MET GC 49 -62.37 11.52 118.73
CA MET GC 49 -62.29 12.46 119.84
C MET GC 49 -61.48 13.69 119.47
N ILE GC 50 -60.34 13.48 118.83
CA ILE GC 50 -59.52 14.61 118.40
C ILE GC 50 -60.30 15.49 117.43
N MET GC 51 -60.98 14.88 116.46
CA MET GC 51 -61.70 15.63 115.45
C MET GC 51 -62.79 16.49 116.09
N GLU GC 52 -63.61 15.90 116.95
CA GLU GC 52 -64.71 16.67 117.53
C GLU GC 52 -64.22 17.72 118.52
N GLU GC 53 -63.15 17.44 119.28
CA GLU GC 53 -62.66 18.44 120.23
C GLU GC 53 -62.04 19.63 119.51
N THR GC 54 -61.23 19.38 118.47
CA THR GC 54 -60.70 20.51 117.71
C THR GC 54 -61.79 21.20 116.90
N GLY GC 55 -62.85 20.49 116.52
CA GLY GC 55 -63.96 21.15 115.85
C GLY GC 55 -64.87 21.94 116.77
N LYS GC 56 -64.79 21.70 118.08
CA LYS GC 56 -65.55 22.51 119.02
C LYS GC 56 -64.74 23.67 119.60
N ILE GC 57 -63.42 23.54 119.74
CA ILE GC 57 -62.64 24.66 120.26
C ILE GC 57 -62.35 25.66 119.15
N PHE GC 58 -61.93 26.86 119.57
CA PHE GC 58 -61.57 27.95 118.66
C PHE GC 58 -62.67 28.23 117.64
N LYS GC 59 -63.91 28.29 118.11
CA LYS GC 59 -65.03 28.64 117.24
C LYS GC 59 -64.96 30.08 116.76
N LYS GC 60 -64.19 30.92 117.44
CA LYS GC 60 -64.06 32.33 117.10
C LYS GC 60 -62.98 32.59 116.06
N GLU GC 61 -62.30 31.55 115.57
CA GLU GC 61 -61.37 31.66 114.46
C GLU GC 61 -61.55 30.46 113.56
N LYS GC 62 -61.89 30.70 112.29
CA LYS GC 62 -62.17 29.63 111.35
C LYS GC 62 -61.33 29.68 110.09
N GLU GC 63 -60.41 30.64 109.96
CA GLU GC 63 -59.52 30.63 108.80
C GLU GC 63 -58.46 29.54 108.91
N MET GC 64 -58.06 29.21 110.13
CA MET GC 64 -57.06 28.18 110.37
C MET GC 64 -57.68 26.80 110.14
N LYS GC 65 -56.88 25.76 110.34
CA LYS GC 65 -57.38 24.40 110.23
C LYS GC 65 -56.98 23.60 111.46
N LYS GC 66 -57.91 22.73 111.89
CA LYS GC 66 -57.75 21.93 113.09
C LYS GC 66 -57.99 20.47 112.75
N GLY GC 67 -57.56 19.59 113.65
CA GLY GC 67 -57.74 18.18 113.44
C GLY GC 67 -56.58 17.40 114.01
N ILE GC 68 -56.31 16.26 113.39
CA ILE GC 68 -55.31 15.32 113.89
C ILE GC 68 -53.94 15.75 113.41
N ALA GC 69 -52.99 15.88 114.35
CA ALA GC 69 -51.62 16.18 113.98
C ALA GC 69 -50.80 14.94 113.69
N PHE GC 70 -51.09 13.84 114.37
CA PHE GC 70 -50.38 12.59 114.20
C PHE GC 70 -51.39 11.47 114.42
N PRO GC 71 -51.52 10.53 113.49
CA PRO GC 71 -52.52 9.47 113.65
C PRO GC 71 -52.24 8.61 114.87
N THR GC 72 -53.31 8.06 115.43
CA THR GC 72 -53.23 7.31 116.69
C THR GC 72 -52.40 6.05 116.48
N SER GC 73 -51.18 6.04 117.00
CA SER GC 73 -50.25 4.93 116.82
C SER GC 73 -50.26 4.09 118.08
N ILE GC 74 -50.96 2.96 118.05
CA ILE GC 74 -51.09 2.07 119.20
C ILE GC 74 -50.46 0.74 118.83
N SER GC 75 -49.30 0.44 119.42
CA SER GC 75 -48.55 -0.77 119.12
C SER GC 75 -48.47 -1.65 120.35
N VAL GC 76 -48.35 -2.96 120.14
CA VAL GC 76 -48.41 -3.93 121.23
C VAL GC 76 -47.41 -5.06 121.01
N ASN GC 77 -46.34 -5.06 121.80
CA ASN GC 77 -45.43 -6.19 122.03
C ASN GC 77 -44.55 -6.54 120.84
N ASN GC 78 -44.83 -5.95 119.67
CA ASN GC 78 -44.14 -6.39 118.47
C ASN GC 78 -43.76 -5.26 117.52
N CYS GC 79 -44.32 -4.07 117.65
CA CYS GC 79 -44.10 -2.99 116.70
C CYS GC 79 -43.31 -1.87 117.35
N VAL GC 80 -42.20 -1.49 116.73
CA VAL GC 80 -41.37 -0.42 117.26
C VAL GC 80 -42.11 0.91 117.20
N CYS GC 81 -42.65 1.26 116.04
CA CYS GC 81 -43.34 2.53 115.88
C CYS GC 81 -44.20 2.48 114.62
N HIS GC 82 -45.11 3.44 114.52
CA HIS GC 82 -45.97 3.62 113.34
C HIS GC 82 -46.84 2.39 113.07
N PHE GC 83 -47.75 2.11 114.00
CA PHE GC 83 -48.73 1.04 113.85
C PHE GC 83 -50.13 1.63 113.77
N SER GC 84 -50.87 1.30 112.72
CA SER GC 84 -52.25 1.75 112.55
C SER GC 84 -52.95 0.77 111.62
N PRO GC 85 -53.72 -0.17 112.17
CA PRO GC 85 -54.44 -1.13 111.31
C PRO GC 85 -55.52 -0.44 110.52
N LEU GC 86 -55.82 -1.01 109.35
CA LEU GC 86 -56.93 -0.56 108.52
C LEU GC 86 -58.12 -1.49 108.74
N LYS GC 87 -59.25 -1.11 108.13
CA LYS GC 87 -60.43 -1.96 108.21
C LYS GC 87 -60.20 -3.28 107.47
N SER GC 88 -59.63 -3.22 106.26
CA SER GC 88 -59.40 -4.43 105.49
C SER GC 88 -58.31 -5.30 106.11
N ASP GC 89 -57.31 -4.68 106.71
CA ASP GC 89 -56.19 -5.42 107.29
C ASP GC 89 -56.64 -6.27 108.47
N GLN GC 90 -55.84 -7.28 108.79
CA GLN GC 90 -56.14 -8.12 109.94
C GLN GC 90 -55.95 -7.32 111.22
N ASP GC 91 -56.67 -7.71 112.26
CA ASP GC 91 -56.74 -6.96 113.51
C ASP GC 91 -55.87 -7.59 114.59
N TYR GC 92 -55.71 -6.85 115.68
CA TYR GC 92 -55.07 -7.36 116.88
C TYR GC 92 -56.01 -7.13 118.05
N ILE GC 93 -56.22 -8.19 118.84
CA ILE GC 93 -57.12 -8.12 120.00
C ILE GC 93 -56.30 -7.92 121.25
N LEU GC 94 -56.72 -6.96 122.07
CA LEU GC 94 -55.99 -6.56 123.26
C LEU GC 94 -56.27 -7.54 124.39
N LYS GC 95 -55.21 -8.12 124.97
CA LYS GC 95 -55.35 -9.19 125.94
C LYS GC 95 -54.67 -8.82 127.26
N GLU GC 96 -54.73 -9.76 128.20
CA GLU GC 96 -54.14 -9.58 129.52
C GLU GC 96 -52.62 -9.52 129.43
N GLY GC 97 -52.03 -8.57 130.16
CA GLY GC 97 -50.59 -8.54 130.34
C GLY GC 97 -49.80 -8.24 129.09
N ASP GC 98 -50.28 -7.33 128.25
CA ASP GC 98 -49.58 -6.91 127.04
C ASP GC 98 -49.26 -5.43 127.13
N LEU GC 99 -48.03 -5.06 126.83
CA LEU GC 99 -47.62 -3.66 126.83
C LEU GC 99 -48.03 -2.98 125.53
N VAL GC 100 -48.62 -1.80 125.65
CA VAL GC 100 -49.07 -1.01 124.52
C VAL GC 100 -48.46 0.38 124.61
N LYS GC 101 -48.07 0.89 123.45
CA LYS GC 101 -47.39 2.18 123.32
C LYS GC 101 -48.21 3.02 122.36
N ILE GC 102 -48.66 4.18 122.82
CA ILE GC 102 -49.61 5.02 122.11
C ILE GC 102 -48.97 6.37 121.84
N ASP GC 103 -48.98 6.78 120.58
CA ASP GC 103 -48.46 8.06 120.12
C ASP GC 103 -49.62 8.84 119.51
N LEU GC 104 -49.76 10.11 119.92
CA LEU GC 104 -50.83 10.91 119.35
C LEU GC 104 -50.45 12.38 119.45
N GLY GC 105 -50.93 13.15 118.47
CA GLY GC 105 -50.66 14.57 118.42
C GLY GC 105 -51.91 15.34 118.00
N VAL GC 106 -52.01 16.55 118.54
CA VAL GC 106 -53.10 17.47 118.24
C VAL GC 106 -52.50 18.80 117.82
N HIS GC 107 -53.04 19.39 116.76
CA HIS GC 107 -52.46 20.61 116.19
C HIS GC 107 -53.44 21.77 116.24
N VAL GC 108 -52.90 22.96 116.48
CA VAL GC 108 -53.62 24.21 116.27
C VAL GC 108 -52.67 25.18 115.57
N ASP GC 109 -53.17 25.84 114.52
CA ASP GC 109 -52.39 26.79 113.73
C ASP GC 109 -51.10 26.19 113.19
N GLY GC 110 -51.13 24.91 112.85
CA GLY GC 110 -49.94 24.23 112.36
C GLY GC 110 -49.02 23.80 113.48
N PHE GC 111 -49.01 24.58 114.57
CA PHE GC 111 -48.19 24.22 115.71
C PHE GC 111 -48.79 23.01 116.41
N ILE GC 112 -47.95 22.01 116.65
CA ILE GC 112 -48.40 20.69 117.05
C ILE GC 112 -47.94 20.40 118.47
N ALA GC 113 -48.84 19.79 119.25
CA ALA GC 113 -48.47 19.14 120.50
C ALA GC 113 -48.49 17.63 120.27
N ASN GC 114 -47.52 16.95 120.85
CA ASN GC 114 -47.31 15.54 120.57
C ASN GC 114 -46.92 14.83 121.86
N VAL GC 115 -47.45 13.62 122.06
CA VAL GC 115 -47.29 12.92 123.32
C VAL GC 115 -47.37 11.42 123.07
N ALA GC 116 -46.68 10.65 123.92
CA ALA GC 116 -46.69 9.20 123.86
C ALA GC 116 -46.73 8.62 125.27
N HIS GC 117 -47.17 7.36 125.34
CA HIS GC 117 -47.24 6.67 126.62
C HIS GC 117 -47.03 5.17 126.38
N THR GC 118 -46.45 4.51 127.37
CA THR GC 118 -46.24 3.06 127.33
C THR GC 118 -46.76 2.46 128.62
N PHE GC 119 -47.69 1.51 128.51
CA PHE GC 119 -48.32 0.98 129.71
C PHE GC 119 -48.91 -0.39 129.43
N VAL GC 120 -49.18 -1.13 130.51
CA VAL GC 120 -49.82 -2.43 130.45
C VAL GC 120 -51.31 -2.26 130.71
N VAL GC 121 -52.13 -3.04 130.01
CA VAL GC 121 -53.56 -2.99 130.16
C VAL GC 121 -54.01 -4.01 131.19
N ASP GC 122 -55.25 -3.85 131.68
CA ASP GC 122 -55.87 -4.79 132.62
C ASP GC 122 -55.08 -4.93 133.92
N VAL GC 123 -54.46 -3.83 134.36
CA VAL GC 123 -53.56 -3.88 135.51
C VAL GC 123 -54.40 -4.10 136.78
N ALA GC 124 -54.04 -5.12 137.55
CA ALA GC 124 -54.63 -5.30 138.87
C ALA GC 124 -54.15 -4.19 139.79
N GLN GC 125 -55.08 -3.58 140.52
CA GLN GC 125 -54.76 -2.39 141.29
C GLN GC 125 -53.93 -2.75 142.52
N GLY GC 126 -52.76 -2.11 142.65
CA GLY GC 126 -51.91 -2.33 143.79
C GLY GC 126 -50.95 -3.49 143.69
N THR GC 127 -50.78 -4.07 142.51
CA THR GC 127 -49.93 -5.24 142.32
C THR GC 127 -48.66 -4.86 141.55
N GLN GC 128 -47.73 -5.80 141.51
CA GLN GC 128 -46.42 -5.56 140.92
C GLN GC 128 -46.07 -6.70 139.97
N VAL GC 129 -45.60 -6.36 138.77
CA VAL GC 129 -45.19 -7.33 137.76
C VAL GC 129 -43.73 -7.05 137.40
N THR GC 130 -42.92 -8.10 137.38
CA THR GC 130 -41.49 -8.01 137.13
C THR GC 130 -41.16 -8.59 135.75
N GLY GC 131 -39.89 -8.63 135.42
CA GLY GC 131 -39.40 -9.20 134.18
C GLY GC 131 -38.65 -8.18 133.35
N ARG GC 132 -38.13 -8.65 132.22
CA ARG GC 132 -37.37 -7.80 131.31
C ARG GC 132 -38.25 -6.79 130.60
N LYS GC 133 -39.57 -6.97 130.62
CA LYS GC 133 -40.49 -5.96 130.12
C LYS GC 133 -40.79 -4.88 131.14
N ALA GC 134 -40.43 -5.08 132.41
CA ALA GC 134 -40.71 -4.11 133.46
C ALA GC 134 -39.53 -3.16 133.72
N ASP GC 135 -38.32 -3.51 133.29
CA ASP GC 135 -37.20 -2.60 133.43
C ASP GC 135 -37.07 -1.67 132.23
N VAL GC 136 -37.51 -2.12 131.05
CA VAL GC 136 -37.37 -1.31 129.84
C VAL GC 136 -38.28 -0.09 129.92
N ILE GC 137 -39.47 -0.24 130.49
CA ILE GC 137 -40.38 0.90 130.61
C ILE GC 137 -39.84 1.92 131.61
N LYS GC 138 -39.24 1.46 132.72
CA LYS GC 138 -38.58 2.38 133.63
C LYS GC 138 -37.39 3.06 132.96
N ALA GC 139 -36.68 2.33 132.09
CA ALA GC 139 -35.58 2.94 131.35
C ALA GC 139 -36.09 4.05 130.44
N ALA GC 140 -37.21 3.82 129.76
CA ALA GC 140 -37.80 4.86 128.91
C ALA GC 140 -38.26 6.06 129.73
N HIS GC 141 -38.85 5.83 130.90
CA HIS GC 141 -39.26 6.94 131.74
C HIS GC 141 -38.05 7.73 132.25
N LEU GC 142 -36.97 7.03 132.61
CA LEU GC 142 -35.78 7.72 133.04
C LEU GC 142 -35.13 8.47 131.88
N CYS GC 143 -35.25 7.95 130.66
CA CYS GC 143 -34.80 8.71 129.49
C CYS GC 143 -35.62 9.99 129.33
N ALA GC 144 -36.93 9.89 129.55
CA ALA GC 144 -37.78 11.08 129.50
C ALA GC 144 -37.34 12.11 130.54
N GLU GC 145 -37.05 11.65 131.75
CA GLU GC 145 -36.54 12.55 132.79
C GLU GC 145 -35.20 13.14 132.41
N ALA GC 146 -34.31 12.37 131.79
CA ALA GC 146 -33.01 12.89 131.37
C ALA GC 146 -33.16 13.99 130.34
N ALA GC 147 -33.99 13.77 129.33
CA ALA GC 147 -34.23 14.79 128.32
C ALA GC 147 -34.84 16.04 128.93
N LEU GC 148 -35.84 15.85 129.81
CA LEU GC 148 -36.48 16.97 130.49
C LEU GC 148 -35.50 17.76 131.32
N ARG GC 149 -34.53 17.09 131.93
CA ARG GC 149 -33.54 17.83 132.73
C ARG GC 149 -32.58 18.61 131.84
N LEU GC 150 -32.03 17.98 130.81
CA LEU GC 150 -30.92 18.61 130.10
C LEU GC 150 -31.38 19.43 128.89
N VAL GC 151 -32.69 19.56 128.66
CA VAL GC 151 -33.17 20.48 127.63
C VAL GC 151 -32.93 21.91 128.11
N LYS GC 152 -31.95 22.58 127.50
CA LYS GC 152 -31.51 23.91 127.94
C LYS GC 152 -30.61 24.52 126.88
N PRO GC 153 -30.75 25.81 126.58
CA PRO GC 153 -29.89 26.43 125.56
C PRO GC 153 -28.42 26.40 125.97
N GLY GC 154 -27.55 26.25 124.97
CA GLY GC 154 -26.13 26.13 125.22
C GLY GC 154 -25.60 24.73 125.26
N ASN GC 155 -26.45 23.72 125.08
CA ASN GC 155 -26.05 22.32 125.16
C ASN GC 155 -26.00 21.72 123.75
N GLN GC 156 -25.44 20.53 123.65
CA GLN GC 156 -25.37 19.85 122.37
C GLN GC 156 -26.42 18.75 122.28
N ASN GC 157 -26.80 18.42 121.04
CA ASN GC 157 -27.66 17.29 120.79
C ASN GC 157 -26.99 15.96 121.11
N THR GC 158 -25.64 15.92 121.09
CA THR GC 158 -24.93 14.71 121.44
C THR GC 158 -25.08 14.35 122.90
N GLN GC 159 -25.37 15.31 123.77
CA GLN GC 159 -25.56 15.01 125.19
C GLN GC 159 -26.75 14.09 125.40
N VAL GC 160 -27.84 14.31 124.66
CA VAL GC 160 -29.03 13.47 124.81
C VAL GC 160 -28.72 12.02 124.42
N THR GC 161 -28.06 11.82 123.28
CA THR GC 161 -27.79 10.46 122.83
C THR GC 161 -26.71 9.78 123.65
N GLU GC 162 -25.71 10.53 124.13
CA GLU GC 162 -24.74 9.94 125.05
C GLU GC 162 -25.42 9.53 126.36
N ALA GC 163 -26.34 10.36 126.87
CA ALA GC 163 -27.05 10.02 128.09
C ALA GC 163 -27.91 8.79 127.91
N TRP GC 164 -28.59 8.69 126.76
CA TRP GC 164 -29.42 7.52 126.53
C TRP GC 164 -28.58 6.27 126.30
N ASN GC 165 -27.41 6.41 125.67
CA ASN GC 165 -26.48 5.29 125.58
C ASN GC 165 -26.01 4.84 126.96
N LYS GC 166 -25.70 5.80 127.83
CA LYS GC 166 -25.26 5.49 129.19
C LYS GC 166 -26.33 4.72 129.95
N VAL GC 167 -27.56 5.25 129.96
CA VAL GC 167 -28.62 4.60 130.70
C VAL GC 167 -29.01 3.25 130.08
N ALA GC 168 -28.92 3.12 128.75
CA ALA GC 168 -29.23 1.85 128.11
C ALA GC 168 -28.20 0.78 128.46
N HIS GC 169 -26.92 1.13 128.37
CA HIS GC 169 -25.88 0.17 128.75
C HIS GC 169 -25.98 -0.19 130.22
N SER GC 170 -26.34 0.79 131.05
CA SER GC 170 -26.47 0.52 132.48
C SER GC 170 -27.68 -0.36 132.79
N PHE GC 171 -28.73 -0.30 131.98
CA PHE GC 171 -29.92 -1.10 132.24
C PHE GC 171 -30.02 -2.30 131.31
N ASN GC 172 -28.95 -2.60 130.56
CA ASN GC 172 -28.90 -3.76 129.65
C ASN GC 172 -30.01 -3.70 128.60
N CYS GC 173 -30.29 -2.49 128.12
CA CYS GC 173 -31.19 -2.25 126.99
C CYS GC 173 -30.48 -1.37 125.98
N THR GC 174 -31.21 -0.87 124.98
CA THR GC 174 -30.59 -0.06 123.94
C THR GC 174 -31.65 0.81 123.30
N PRO GC 175 -31.27 1.94 122.70
CA PRO GC 175 -32.19 2.66 121.82
C PRO GC 175 -32.42 1.89 120.53
N ILE GC 176 -33.49 2.26 119.83
CA ILE GC 176 -33.76 1.69 118.52
C ILE GC 176 -32.83 2.32 117.49
N GLU GC 177 -32.30 1.50 116.59
CA GLU GC 177 -31.35 1.96 115.58
C GLU GC 177 -31.97 3.04 114.71
N GLY GC 178 -31.22 4.13 114.50
CA GLY GC 178 -31.62 5.19 113.60
C GLY GC 178 -32.89 5.92 113.97
N MET GC 179 -33.03 6.32 115.22
CA MET GC 179 -34.22 7.04 115.68
C MET GC 179 -33.90 8.51 115.85
N LEU GC 180 -34.83 9.36 115.43
CA LEU GC 180 -34.59 10.79 115.29
C LEU GC 180 -35.73 11.59 115.90
N SER GC 181 -35.41 12.79 116.36
CA SER GC 181 -36.34 13.80 116.84
C SER GC 181 -36.07 15.10 116.10
N HIS GC 182 -36.98 16.06 116.20
CA HIS GC 182 -36.82 17.28 115.42
C HIS GC 182 -37.37 18.48 116.18
N GLN GC 183 -36.88 19.65 115.79
CA GLN GC 183 -37.42 20.92 116.25
C GLN GC 183 -38.81 21.14 115.63
N LEU GC 184 -39.64 21.88 116.34
CA LEU GC 184 -41.03 22.11 115.94
C LEU GC 184 -41.21 23.56 115.56
N LYS GC 185 -41.61 23.80 114.31
CA LYS GC 185 -42.10 25.11 113.89
C LYS GC 185 -43.46 24.95 113.23
N GLN GC 186 -43.95 25.99 112.59
CA GLN GC 186 -45.31 25.98 112.06
C GLN GC 186 -45.43 24.96 110.94
N HIS GC 187 -46.34 24.00 111.11
CA HIS GC 187 -46.70 22.97 110.13
C HIS GC 187 -45.54 22.05 109.77
N VAL GC 188 -44.43 22.10 110.50
CA VAL GC 188 -43.23 21.36 110.14
C VAL GC 188 -42.85 20.43 111.28
N ILE GC 189 -43.02 19.13 111.04
CA ILE GC 189 -42.56 18.09 111.95
C ILE GC 189 -41.18 17.56 111.56
N ASP GC 190 -40.60 18.08 110.48
CA ASP GC 190 -39.34 17.59 109.95
C ASP GC 190 -38.27 18.69 109.91
N GLY GC 191 -38.13 19.44 110.99
CA GLY GC 191 -37.18 20.53 111.00
C GLY GC 191 -35.74 20.08 110.87
N GLU GC 192 -34.88 21.01 110.50
CA GLU GC 192 -33.46 20.67 110.29
C GLU GC 192 -32.75 20.38 111.61
N LYS GC 193 -33.17 21.01 112.71
CA LYS GC 193 -32.56 20.78 114.01
C LYS GC 193 -33.03 19.42 114.52
N THR GC 194 -32.22 18.39 114.31
CA THR GC 194 -32.61 17.01 114.54
C THR GC 194 -31.77 16.40 115.66
N ILE GC 195 -32.44 15.60 116.49
CA ILE GC 195 -31.85 14.96 117.66
C ILE GC 195 -31.70 13.48 117.32
N ILE GC 196 -30.49 13.02 117.26
CA ILE GC 196 -30.23 11.63 116.89
C ILE GC 196 -30.08 10.79 118.15
N GLN GC 197 -30.54 9.54 118.09
CA GLN GC 197 -30.20 8.56 119.12
C GLN GC 197 -29.84 7.25 118.46
N ASN GC 198 -29.05 6.45 119.18
CA ASN GC 198 -28.39 5.25 118.67
C ASN GC 198 -27.73 5.56 117.33
N PRO GC 199 -26.63 6.30 117.32
CA PRO GC 199 -25.96 6.62 116.07
C PRO GC 199 -24.96 5.55 115.65
N THR GC 200 -24.75 5.46 114.34
CA THR GC 200 -23.61 4.73 113.79
C THR GC 200 -22.89 5.65 112.80
N ASP GC 201 -21.97 5.10 112.01
CA ASP GC 201 -21.08 5.95 111.21
C ASP GC 201 -21.85 6.69 110.11
N GLN GC 202 -22.66 5.97 109.34
CA GLN GC 202 -23.35 6.58 108.21
C GLN GC 202 -24.35 7.63 108.67
N GLN GC 203 -25.16 7.30 109.68
CA GLN GC 203 -26.13 8.25 110.21
C GLN GC 203 -25.43 9.44 110.87
N LYS GC 204 -24.32 9.20 111.55
CA LYS GC 204 -23.57 10.30 112.15
C LYS GC 204 -23.06 11.25 111.08
N LYS GC 205 -22.49 10.72 110.00
CA LYS GC 205 -21.92 11.58 108.98
C LYS GC 205 -22.97 12.22 108.08
N ASP GC 206 -24.18 11.67 108.01
CA ASP GC 206 -25.28 12.40 107.39
C ASP GC 206 -25.86 13.46 108.30
N HIS GC 207 -25.83 13.22 109.61
CA HIS GC 207 -26.43 14.09 110.60
C HIS GC 207 -25.64 15.40 110.71
N GLU GC 208 -26.26 16.38 111.34
CA GLU GC 208 -25.65 17.69 111.58
C GLU GC 208 -25.32 17.82 113.06
N LYS GC 209 -24.07 18.10 113.38
CA LYS GC 209 -23.69 18.41 114.74
C LYS GC 209 -24.31 19.75 115.11
N ALA GC 210 -25.38 19.71 115.89
CA ALA GC 210 -26.21 20.88 116.13
C ALA GC 210 -26.28 21.23 117.61
N GLU GC 211 -26.84 22.40 117.89
CA GLU GC 211 -26.80 23.03 119.20
C GLU GC 211 -28.10 23.80 119.44
N PHE GC 212 -28.59 23.75 120.68
CA PHE GC 212 -29.90 24.30 120.99
C PHE GC 212 -29.86 25.82 120.99
N GLU GC 213 -31.04 26.43 120.90
CA GLU GC 213 -31.18 27.87 120.75
C GLU GC 213 -32.44 28.30 121.49
N VAL GC 214 -32.45 29.56 121.94
CA VAL GC 214 -33.52 30.02 122.82
C VAL GC 214 -34.83 30.13 122.05
N HIS GC 215 -35.94 30.05 122.80
CA HIS GC 215 -37.29 30.32 122.31
C HIS GC 215 -37.64 29.43 121.12
N GLU GC 216 -37.75 28.13 121.41
CA GLU GC 216 -38.15 27.16 120.40
C GLU GC 216 -38.86 25.99 121.05
N VAL GC 217 -39.24 25.02 120.21
CA VAL GC 217 -40.00 23.84 120.62
C VAL GC 217 -39.23 22.60 120.20
N TYR GC 218 -39.22 21.58 121.06
CA TYR GC 218 -38.59 20.31 120.76
C TYR GC 218 -39.59 19.19 121.04
N ALA GC 219 -39.31 18.01 120.48
CA ALA GC 219 -40.04 16.79 120.84
C ALA GC 219 -39.00 15.69 120.96
N VAL GC 220 -38.45 15.54 122.17
CA VAL GC 220 -37.46 14.49 122.43
C VAL GC 220 -38.14 13.13 122.39
N ASP GC 221 -37.57 12.21 121.62
CA ASP GC 221 -38.19 10.91 121.37
C ASP GC 221 -37.18 9.83 121.68
N VAL GC 222 -37.51 8.99 122.66
CA VAL GC 222 -36.67 7.86 123.04
C VAL GC 222 -37.43 6.57 122.76
N LEU GC 223 -36.73 5.59 122.21
CA LEU GC 223 -37.31 4.29 121.88
C LEU GC 223 -36.39 3.23 122.44
N VAL GC 224 -36.74 2.65 123.58
CA VAL GC 224 -35.90 1.70 124.29
C VAL GC 224 -36.53 0.32 124.13
N SER GC 225 -35.76 -0.62 123.59
CA SER GC 225 -36.18 -2.00 123.44
C SER GC 225 -35.20 -2.92 124.15
N SER GC 226 -35.74 -3.94 124.83
CA SER GC 226 -34.93 -4.84 125.63
C SER GC 226 -34.01 -5.72 124.79
N GLY GC 227 -34.19 -5.75 123.47
CA GLY GC 227 -33.32 -6.55 122.63
C GLY GC 227 -32.00 -5.87 122.37
N GLU GC 228 -31.44 -6.07 121.18
CA GLU GC 228 -30.20 -5.42 120.77
C GLU GC 228 -30.42 -4.23 119.88
N GLY GC 229 -31.67 -3.89 119.54
CA GLY GC 229 -31.93 -2.79 118.64
C GLY GC 229 -32.03 -3.24 117.20
N LYS GC 230 -32.94 -4.18 116.93
CA LYS GC 230 -33.10 -4.75 115.60
C LYS GC 230 -34.54 -4.53 115.13
N ALA GC 231 -34.68 -3.86 113.99
CA ALA GC 231 -35.97 -3.49 113.44
C ALA GC 231 -36.02 -3.78 111.95
N LYS GC 232 -37.15 -4.30 111.48
CA LYS GC 232 -37.30 -4.69 110.08
C LYS GC 232 -38.79 -4.72 109.76
N ASP GC 233 -39.13 -5.28 108.60
CA ASP GC 233 -40.51 -5.38 108.14
C ASP GC 233 -40.86 -6.85 107.91
N ALA GC 234 -42.09 -7.23 108.29
CA ALA GC 234 -42.56 -8.60 108.15
C ALA GC 234 -43.76 -8.71 107.22
N GLY GC 235 -44.04 -7.69 106.42
CA GLY GC 235 -45.14 -7.74 105.49
C GLY GC 235 -46.43 -7.14 106.01
N GLN GC 236 -46.37 -5.90 106.47
CA GLN GC 236 -47.56 -5.14 106.84
C GLN GC 236 -47.65 -3.88 105.99
N ARG GC 237 -48.85 -3.64 105.45
CA ARG GC 237 -49.11 -2.46 104.64
C ARG GC 237 -48.81 -1.19 105.43
N THR GC 238 -47.83 -0.42 104.95
CA THR GC 238 -47.48 0.83 105.60
C THR GC 238 -48.67 1.78 105.53
N THR GC 239 -48.97 2.41 106.67
CA THR GC 239 -50.17 3.21 106.80
C THR GC 239 -49.92 4.71 106.77
N ILE GC 240 -48.96 5.20 107.54
CA ILE GC 240 -48.81 6.64 107.73
C ILE GC 240 -48.04 7.23 106.55
N TYR GC 241 -48.57 8.31 105.97
CA TYR GC 241 -47.89 9.04 104.92
C TYR GC 241 -47.98 10.53 105.22
N LYS GC 242 -46.94 11.27 104.82
CA LYS GC 242 -46.86 12.70 105.10
C LYS GC 242 -46.44 13.45 103.85
N ARG GC 243 -47.14 14.52 103.52
CA ARG GC 243 -46.82 15.29 102.33
C ARG GC 243 -45.46 15.95 102.49
N ASP GC 244 -44.74 16.09 101.37
CA ASP GC 244 -43.50 16.87 101.32
C ASP GC 244 -43.71 18.08 100.41
N PRO GC 245 -43.96 19.27 100.97
CA PRO GC 245 -44.27 20.43 100.11
C PRO GC 245 -43.10 20.92 99.27
N SER GC 246 -41.88 20.46 99.54
CA SER GC 246 -40.74 20.87 98.72
C SER GC 246 -40.67 20.12 97.40
N LYS GC 247 -41.47 19.07 97.21
CA LYS GC 247 -41.42 18.26 96.01
C LYS GC 247 -42.81 18.21 95.38
N GLN GC 248 -42.83 18.06 94.06
CA GLN GC 248 -44.06 17.88 93.32
C GLN GC 248 -43.77 17.05 92.08
N TYR GC 249 -44.84 16.45 91.55
CA TYR GC 249 -44.72 15.59 90.37
C TYR GC 249 -46.09 15.51 89.73
N GLY GC 250 -46.10 15.36 88.40
CA GLY GC 250 -47.36 15.26 87.69
C GLY GC 250 -48.04 13.92 87.89
N LEU GC 251 -49.12 13.92 88.65
CA LEU GC 251 -49.86 12.69 88.95
C LEU GC 251 -50.36 12.06 87.68
N LYS GC 252 -50.14 10.76 87.53
CA LYS GC 252 -50.57 10.03 86.35
C LYS GC 252 -51.79 9.15 86.61
N MET GC 253 -52.54 9.44 87.67
CA MET GC 253 -53.76 8.72 87.99
C MET GC 253 -54.83 9.70 88.44
N LYS GC 254 -56.06 9.47 87.96
CA LYS GC 254 -57.18 10.29 88.40
C LYS GC 254 -57.49 10.06 89.88
N THR GC 255 -57.45 8.80 90.32
CA THR GC 255 -57.64 8.51 91.74
C THR GC 255 -56.49 9.04 92.59
N SER GC 256 -55.27 9.08 92.05
CA SER GC 256 -54.17 9.69 92.79
C SER GC 256 -54.31 11.20 92.90
N ARG GC 257 -54.83 11.86 91.86
CA ARG GC 257 -55.13 13.29 91.99
C ARG GC 257 -56.23 13.54 92.99
N ALA GC 258 -57.27 12.71 93.00
CA ALA GC 258 -58.31 12.84 94.01
C ALA GC 258 -57.76 12.60 95.42
N PHE GC 259 -56.92 11.58 95.57
CA PHE GC 259 -56.27 11.29 96.85
C PHE GC 259 -55.41 12.45 97.30
N PHE GC 260 -54.62 13.03 96.39
CA PHE GC 260 -53.74 14.14 96.75
C PHE GC 260 -54.55 15.38 97.10
N SER GC 261 -55.65 15.64 96.39
CA SER GC 261 -56.50 16.76 96.75
C SER GC 261 -57.13 16.56 98.12
N GLU GC 262 -57.53 15.32 98.43
CA GLU GC 262 -58.06 15.04 99.77
C GLU GC 262 -57.01 15.25 100.85
N VAL GC 263 -55.77 14.83 100.59
CA VAL GC 263 -54.69 15.07 101.55
C VAL GC 263 -54.45 16.57 101.70
N GLU GC 264 -54.51 17.33 100.61
CA GLU GC 264 -54.33 18.77 100.69
C GLU GC 264 -55.45 19.41 101.51
N ARG GC 265 -56.67 18.94 101.34
CA ARG GC 265 -57.81 19.51 102.07
C ARG GC 265 -57.82 19.12 103.54
N ARG GC 266 -57.24 17.98 103.90
CA ARG GC 266 -57.36 17.48 105.26
C ARG GC 266 -56.06 17.52 106.05
N PHE GC 267 -54.99 16.93 105.53
CA PHE GC 267 -53.75 16.72 106.28
C PHE GC 267 -52.54 17.15 105.45
N ASP GC 268 -52.58 18.35 104.89
CA ASP GC 268 -51.61 18.74 103.87
C ASP GC 268 -50.19 18.89 104.42
N ALA GC 269 -50.02 19.09 105.72
CA ALA GC 269 -48.71 19.32 106.28
C ALA GC 269 -48.32 18.30 107.34
N MET GC 270 -49.23 17.43 107.73
CA MET GC 270 -48.99 16.54 108.86
C MET GC 270 -49.23 15.11 108.45
N PRO GC 271 -48.54 14.16 109.09
CA PRO GC 271 -48.83 12.75 108.83
C PRO GC 271 -50.26 12.39 109.18
N PHE GC 272 -50.82 11.48 108.39
CA PHE GC 272 -52.19 11.03 108.60
C PHE GC 272 -52.25 9.51 108.52
N THR GC 273 -53.45 8.95 108.58
CA THR GC 273 -53.67 7.53 108.44
C THR GC 273 -54.58 7.26 107.25
N LEU GC 274 -54.45 6.07 106.67
CA LEU GC 274 -55.31 5.71 105.56
C LEU GC 274 -56.70 5.29 106.01
N ARG GC 275 -56.93 5.18 107.32
CA ARG GC 275 -58.27 4.94 107.83
C ARG GC 275 -59.21 6.09 107.49
N ALA GC 276 -58.67 7.30 107.28
CA ALA GC 276 -59.48 8.49 107.06
C ALA GC 276 -60.21 8.47 105.73
N PHE GC 277 -59.91 7.52 104.85
CA PHE GC 277 -60.55 7.47 103.55
C PHE GC 277 -61.51 6.29 103.44
N GLU GC 280 -61.32 4.04 101.16
CA GLU GC 280 -60.31 3.10 101.63
C GLU GC 280 -60.13 2.03 100.56
N LYS GC 281 -61.14 1.92 99.69
CA LYS GC 281 -61.05 1.04 98.54
C LYS GC 281 -60.11 1.62 97.48
N LYS GC 282 -60.17 2.94 97.29
CA LYS GC 282 -59.38 3.61 96.27
C LYS GC 282 -58.18 4.35 96.82
N ALA GC 283 -58.13 4.60 98.12
CA ALA GC 283 -57.00 5.32 98.71
C ALA GC 283 -55.72 4.50 98.59
N ARG GC 284 -55.80 3.18 98.77
CA ARG GC 284 -54.63 2.34 98.62
C ARG GC 284 -54.09 2.40 97.19
N MET GC 285 -54.99 2.36 96.21
CA MET GC 285 -54.57 2.51 94.82
C MET GC 285 -53.93 3.86 94.58
N GLY GC 286 -54.47 4.90 95.21
CA GLY GC 286 -53.92 6.23 95.05
C GLY GC 286 -52.55 6.43 95.65
N VAL GC 287 -52.31 5.89 96.84
CA VAL GC 287 -51.11 6.25 97.58
C VAL GC 287 -49.83 5.66 96.97
N VAL GC 288 -49.95 4.56 96.20
CA VAL GC 288 -48.74 3.90 95.72
C VAL GC 288 -48.00 4.78 94.72
N GLU GC 289 -48.73 5.54 93.89
CA GLU GC 289 -48.07 6.37 92.89
C GLU GC 289 -47.35 7.54 93.55
N CYS GC 290 -47.98 8.19 94.52
CA CYS GC 290 -47.35 9.28 95.25
C CYS GC 290 -46.13 8.78 96.01
N ALA GC 291 -46.25 7.66 96.71
CA ALA GC 291 -45.12 7.13 97.45
C ALA GC 291 -43.99 6.71 96.52
N LYS GC 292 -44.32 6.18 95.34
CA LYS GC 292 -43.30 5.81 94.38
C LYS GC 292 -42.55 7.04 93.88
N HIS GC 293 -43.27 8.11 93.56
CA HIS GC 293 -42.66 9.32 93.02
C HIS GC 293 -42.30 10.33 94.09
N GLU GC 294 -42.25 9.90 95.35
CA GLU GC 294 -41.75 10.72 96.47
C GLU GC 294 -42.56 12.00 96.64
N LEU GC 295 -43.86 11.90 96.46
CA LEU GC 295 -44.77 12.95 96.89
C LEU GC 295 -45.11 12.83 98.36
N LEU GC 296 -45.21 11.60 98.87
CA LEU GC 296 -45.51 11.34 100.27
C LEU GC 296 -44.37 10.56 100.90
N GLN GC 297 -43.85 11.08 102.00
CA GLN GC 297 -42.92 10.33 102.83
C GLN GC 297 -43.69 9.26 103.60
N PRO GC 298 -43.34 7.99 103.44
CA PRO GC 298 -44.01 6.95 104.23
C PRO GC 298 -43.36 6.79 105.60
N PHE GC 299 -44.15 6.25 106.53
CA PHE GC 299 -43.69 5.88 107.86
C PHE GC 299 -43.86 4.36 107.94
N ASN GC 300 -42.82 3.63 107.58
CA ASN GC 300 -42.90 2.17 107.56
C ASN GC 300 -43.14 1.64 108.97
N VAL GC 301 -43.84 0.52 109.03
CA VAL GC 301 -44.02 -0.19 110.30
C VAL GC 301 -42.78 -1.04 110.57
N LEU GC 302 -42.23 -0.90 111.77
CA LEU GC 302 -41.03 -1.62 112.17
C LEU GC 302 -41.39 -2.64 113.24
N TYR GC 303 -40.71 -3.79 113.20
CA TYR GC 303 -40.90 -4.86 114.17
C TYR GC 303 -39.59 -5.09 114.91
N GLU GC 304 -39.54 -6.17 115.68
CA GLU GC 304 -38.33 -6.59 116.36
C GLU GC 304 -38.25 -8.11 116.26
N LYS GC 305 -37.25 -8.69 116.90
CA LYS GC 305 -37.23 -10.14 117.04
C LYS GC 305 -38.43 -10.58 117.87
N GLU GC 306 -39.08 -11.65 117.43
CA GLU GC 306 -40.34 -12.06 118.01
C GLU GC 306 -40.13 -12.52 119.45
N GLY GC 307 -40.50 -11.68 120.41
CA GLY GC 307 -40.29 -11.97 121.81
C GLY GC 307 -39.70 -10.82 122.60
N GLU GC 308 -39.14 -9.83 121.92
CA GLU GC 308 -38.55 -8.69 122.61
C GLU GC 308 -39.66 -7.77 123.16
N PHE GC 309 -39.26 -6.65 123.74
CA PHE GC 309 -40.19 -5.72 124.35
C PHE GC 309 -39.71 -4.28 124.14
N VAL GC 310 -40.66 -3.39 123.82
CA VAL GC 310 -40.35 -2.02 123.42
C VAL GC 310 -41.09 -1.06 124.34
N ALA GC 311 -40.52 0.13 124.53
CA ALA GC 311 -41.17 1.21 125.26
C ALA GC 311 -40.63 2.54 124.79
N GLN GC 312 -41.52 3.52 124.62
CA GLN GC 312 -41.12 4.86 124.25
C GLN GC 312 -41.61 5.85 125.30
N PHE GC 313 -41.02 7.04 125.24
CA PHE GC 313 -41.56 8.21 125.95
C PHE GC 313 -41.12 9.42 125.14
N LYS GC 314 -42.02 9.93 124.32
CA LYS GC 314 -41.77 11.14 123.56
C LYS GC 314 -42.88 12.15 123.80
N PHE GC 315 -42.50 13.42 123.85
CA PHE GC 315 -43.45 14.48 124.12
C PHE GC 315 -42.85 15.82 123.74
N THR GC 316 -43.71 16.81 123.56
CA THR GC 316 -43.29 18.16 123.21
C THR GC 316 -42.86 18.91 124.47
N VAL GC 317 -41.64 19.47 124.43
CA VAL GC 317 -41.09 20.23 125.53
C VAL GC 317 -40.49 21.52 124.97
N LEU GC 318 -40.65 22.61 125.71
CA LEU GC 318 -40.29 23.92 125.21
C LEU GC 318 -38.85 24.27 125.57
N LEU GC 319 -38.37 25.38 125.03
CA LEU GC 319 -37.11 25.99 125.46
C LEU GC 319 -37.40 27.41 125.93
N MET GC 320 -37.11 27.68 127.20
CA MET GC 320 -37.49 28.93 127.83
C MET GC 320 -36.40 29.38 128.79
N PRO GC 321 -36.08 30.69 128.83
CA PRO GC 321 -35.04 31.16 129.76
C PRO GC 321 -35.33 30.87 131.22
N ASN GC 322 -36.58 31.02 131.65
CA ASN GC 322 -36.92 30.71 133.05
C ASN GC 322 -37.33 29.25 133.20
N GLY GC 323 -36.46 28.36 132.71
CA GLY GC 323 -36.69 26.95 132.81
C GLY GC 323 -37.64 26.44 131.74
N PRO GC 324 -37.28 25.31 131.13
CA PRO GC 324 -38.20 24.67 130.17
C PRO GC 324 -39.45 24.16 130.85
N MET GC 325 -40.55 24.13 130.10
CA MET GC 325 -41.82 23.65 130.63
C MET GC 325 -42.35 22.51 129.76
N ARG GC 326 -43.00 21.56 130.43
CA ARG GC 326 -43.56 20.37 129.80
C ARG GC 326 -45.07 20.55 129.67
N ILE GC 327 -45.53 20.85 128.47
CA ILE GC 327 -46.94 21.14 128.25
C ILE GC 327 -47.79 19.87 128.22
N THR GC 328 -47.21 18.74 127.82
CA THR GC 328 -47.91 17.47 127.72
C THR GC 328 -47.38 16.52 128.78
N SER GC 329 -48.29 15.94 129.55
CA SER GC 329 -47.94 15.07 130.66
C SER GC 329 -48.46 13.67 130.41
N GLY GC 330 -47.73 12.67 130.92
CA GLY GC 330 -48.13 11.30 130.80
C GLY GC 330 -48.54 10.72 132.13
N PRO GC 331 -49.56 9.85 132.12
CA PRO GC 331 -50.03 9.23 133.38
C PRO GC 331 -49.26 7.95 133.72
N PHE GC 332 -48.02 8.12 134.15
CA PHE GC 332 -47.17 7.02 134.61
C PHE GC 332 -46.95 7.16 136.12
N GLU GC 333 -47.11 6.06 136.83
CA GLU GC 333 -46.91 6.04 138.28
C GLU GC 333 -45.83 5.04 138.65
N PRO GC 334 -44.65 5.48 139.09
CA PRO GC 334 -43.56 4.55 139.39
C PRO GC 334 -43.75 3.75 140.66
N ASP GC 335 -44.92 3.85 141.31
CA ASP GC 335 -45.13 3.13 142.55
C ASP GC 335 -45.28 1.63 142.33
N LEU GC 336 -46.00 1.22 141.28
CA LEU GC 336 -46.19 -0.18 140.96
C LEU GC 336 -45.24 -0.66 139.86
N TYR GC 337 -44.27 0.15 139.47
CA TYR GC 337 -43.32 -0.21 138.42
C TYR GC 337 -41.91 -0.08 138.96
N LYS GC 338 -41.21 -1.20 139.08
CA LYS GC 338 -39.85 -1.23 139.59
C LYS GC 338 -38.97 -2.08 138.69
N SER GC 339 -37.68 -1.76 138.68
CA SER GC 339 -36.68 -2.45 137.86
C SER GC 339 -35.67 -3.14 138.76
N GLU GC 340 -35.16 -4.28 138.29
CA GLU GC 340 -34.18 -5.02 139.07
C GLU GC 340 -32.82 -4.35 139.06
N MET GC 341 -32.57 -3.41 138.15
CA MET GC 341 -31.31 -2.70 138.06
C MET GC 341 -31.53 -1.22 138.35
N GLU GC 342 -30.76 -0.69 139.30
CA GLU GC 342 -30.86 0.69 139.71
C GLU GC 342 -29.87 1.55 138.93
N VAL GC 343 -29.70 2.79 139.37
CA VAL GC 343 -28.81 3.74 138.73
C VAL GC 343 -27.44 3.65 139.37
N GLN GC 344 -26.41 3.38 138.57
CA GLN GC 344 -25.03 3.39 139.03
C GLN GC 344 -24.28 4.65 138.67
N ASP GC 345 -24.95 5.63 138.07
CA ASP GC 345 -24.32 6.88 137.64
C ASP GC 345 -24.74 8.00 138.58
N ALA GC 346 -23.78 8.58 139.28
CA ALA GC 346 -24.05 9.67 140.21
C ALA GC 346 -24.62 10.89 139.48
N GLU GC 347 -24.12 11.17 138.28
CA GLU GC 347 -24.72 12.23 137.48
C GLU GC 347 -26.18 11.93 137.17
N LEU GC 348 -26.50 10.67 136.88
CA LEU GC 348 -27.88 10.31 136.57
C LEU GC 348 -28.79 10.49 137.78
N LYS GC 349 -28.36 9.99 138.95
CA LYS GC 349 -29.16 10.15 140.15
C LYS GC 349 -29.26 11.60 140.60
N ALA GC 350 -28.31 12.46 140.19
CA ALA GC 350 -28.43 13.87 140.50
C ALA GC 350 -29.35 14.58 139.51
N LEU GC 351 -29.26 14.24 138.23
CA LEU GC 351 -30.01 14.95 137.20
C LEU GC 351 -31.48 14.63 137.26
N LEU GC 352 -31.84 13.35 137.49
CA LEU GC 352 -33.26 13.05 137.60
C LEU GC 352 -33.88 13.71 138.83
N GLN GC 353 -33.09 13.85 139.90
CA GLN GC 353 -33.59 14.54 141.09
C GLN GC 353 -33.78 16.02 140.84
N SER GC 354 -32.76 16.66 140.24
CA SER GC 354 -32.81 18.10 140.00
C SER GC 354 -33.74 18.43 138.84
N SER GC 355 -34.28 19.65 138.87
CA SER GC 355 -35.22 20.13 137.87
C SER GC 355 -34.63 21.32 137.13
N ALA GC 356 -34.86 21.36 135.82
CA ALA GC 356 -34.30 22.41 134.97
C ALA GC 356 -35.04 23.73 135.16
MG MG HC . -6.74 -10.67 24.52
MG MG IC . 25.82 -11.64 63.79
MG MG JC . 6.01 12.68 37.92
MG MG KC . 35.50 -19.98 36.66
MG MG LC . -48.82 -53.11 66.17
MG MG MC . 9.99 -30.18 38.20
MG MG NC . 13.18 16.73 38.76
MG MG OC . 29.02 -5.25 35.83
MG MG PC . 50.63 -18.31 60.70
MG MG QC . -25.80 -82.01 65.66
MG MG RC . 5.28 -50.54 47.81
MG MG SC . 23.63 -59.12 59.07
MG MG TC . 14.49 -9.46 42.80
MG MG UC . 28.77 5.45 44.63
MG MG VC . 30.88 -3.30 54.20
MG MG WC . 3.90 -23.31 72.19
MG MG XC . 4.67 -3.49 90.34
MG MG YC . -2.09 -2.12 23.48
MG MG ZC . 12.18 -26.30 57.01
MG MG AD . 12.67 5.89 44.18
MG MG BD . 15.04 10.42 41.60
MG MG CD . -23.06 -46.28 62.25
MG MG DD . -12.91 -62.42 66.95
MG MG ED . 0.51 -19.31 76.56
MG MG FD . -11.69 -10.58 21.97
MG MG GD . 37.85 -7.79 52.53
MG MG HD . 15.71 -30.52 42.39
MG MG ID . -1.58 -36.31 114.15
MG MG JD . 5.14 -25.43 105.03
MG MG KD . 30.21 -20.39 43.62
MG MG LD . 9.46 -10.34 41.99
MG MG MD . -8.37 -41.62 56.08
MG MG ND . 29.90 -6.62 41.31
MG MG OD . 47.96 -16.02 65.12
MG MG PD . 35.91 -17.44 61.46
MG MG QD . 1.75 -32.07 37.19
MG MG RD . -1.97 -29.57 26.63
MG MG SD . 4.24 -42.74 39.24
MG MG TD . 24.37 -71.42 67.08
MG MG UD . 10.17 -76.06 38.54
MG MG VD . 6.06 -23.42 52.62
MG MG WD . -13.70 -65.89 62.60
MG MG XD . -17.77 -6.38 57.68
MG MG YD . 17.12 13.86 30.85
MG MG ZD . 18.78 1.31 45.27
MG MG AE . 35.76 -13.94 48.55
MG MG BE . 25.15 -15.44 44.57
MG MG CE . 48.56 -14.87 52.21
MG MG DE . 12.26 -34.82 40.39
MG MG EE . 5.67 -30.42 107.78
MG MG FE . -35.46 28.86 49.60
MG MG GE . 19.37 -8.39 47.36
MG MG HE . 54.59 23.64 27.35
MG MG IE . -2.06 23.11 60.72
MG MG JE . -12.85 0.88 33.27
MG MG KE . -13.69 0.92 53.80
MG MG LE . 1.74 24.56 58.23
MG MG ME . 58.02 -4.50 48.18
MG MG NE . -30.69 -83.03 59.39
MG MG OE . 57.80 -24.25 18.00
MG MG PE . -16.61 49.01 33.96
MG MG QE . -51.17 -9.97 48.45
MG MG RE . -10.38 7.38 25.17
MG MG SE . 58.84 -23.50 27.18
MG MG TE . -14.35 5.21 30.80
MG MG UE . 22.26 -25.91 35.03
MG MG VE . -47.08 -22.60 50.98
MG MG WE . 49.75 5.73 54.26
MG MG XE . 63.15 -13.43 13.86
MG MG YE . -35.97 6.94 21.40
MG MG ZE . 15.89 0.70 55.90
MG MG AF . 8.81 -3.87 102.46
MG MG BF . 72.03 9.49 64.36
MG MG CF . -44.76 -20.77 54.69
MG MG DF . -23.09 -0.63 60.41
MG MG EF . -46.84 5.82 67.16
MG MG FF . -32.57 11.02 22.16
MG MG GF . 29.98 -35.55 27.19
MG MG HF . -36.20 32.92 52.76
MG MG IF . -21.98 1.42 15.80
MG MG JF . -23.34 -12.86 15.52
MG MG KF . -3.27 17.66 34.77
MG MG LF . -2.65 -17.46 6.95
MG MG MF . -14.67 15.77 72.06
MG MG NF . -14.78 22.08 25.69
MG MG OF . 17.57 -22.60 71.47
MG MG PF . -14.81 -9.56 42.70
MG MG QF . 17.75 -13.45 74.30
MG MG RF . 60.93 2.33 68.60
MG MG SF . -45.17 1.42 64.16
MG MG TF . -30.80 27.15 46.50
MG MG UF . -34.32 7.61 73.23
MG MG VF . -20.49 26.85 54.92
MG MG WF . 57.44 -26.20 24.28
MG MG XF . 49.69 11.45 44.30
MG MG YF . -21.31 24.40 63.11
MG MG ZF . -27.72 1.20 76.49
MG MG AG . -51.85 -10.32 68.85
MG MG BG . 42.17 -4.61 83.45
MG MG CG . 17.79 -8.27 70.71
MG MG DG . -9.29 40.84 25.04
MG MG EG . -25.02 -6.45 2.70
MG MG FG . 66.51 -8.47 90.68
MG MG GG . 33.66 -40.71 55.26
MG MG HG . -7.53 13.50 37.23
MG MG IG . 39.80 32.03 20.76
MG MG JG . 61.35 -61.69 55.20
MG MG KG . 56.62 15.29 53.34
MG MG LG . 59.63 21.85 61.78
MG MG MG . 118.13 -19.53 66.80
MG MG NG . -30.12 -12.70 43.93
MG MG OG . -2.69 22.56 11.53
MG MG PG . 65.58 -17.84 -0.58
MG MG QG . -8.68 -25.25 21.56
MG MG RG . -10.24 24.46 59.62
MG MG SG . 32.69 45.22 45.92
MG MG TG . -0.72 1.45 -3.69
MG MG UG . 1.77 -36.75 17.77
MG MG VG . 67.13 -59.81 -0.35
MG MG WG . -6.94 3.81 -13.72
MG MG XG . 4.47 48.54 31.91
MG MG YG . 35.48 -9.46 32.45
MG MG ZG . -13.38 15.35 84.67
MG MG AH . 51.95 -50.16 11.45
MG MG BH . 22.63 29.25 23.45
MG MG CH . -7.43 59.04 41.66
MG MG DH . 4.53 -71.25 77.56
MG MG EH . -14.52 -16.28 -3.85
MG MG FH . 49.78 53.85 29.30
MG MG GH . -2.85 -47.09 106.55
MG MG HH . 49.57 27.82 -10.54
MG MG IH . 52.18 -64.45 47.19
MG MG JH . -38.21 10.62 56.30
MG MG KH . 53.75 -64.86 17.75
MG MG LH . -0.03 26.71 15.97
MG MG MH . -12.04 -52.66 4.46
MG MG NH . -5.13 -4.29 -10.60
MG MG OH . -4.98 10.26 -0.72
MG MG PH . 25.68 39.95 33.63
MG MG QH . 4.35 27.16 18.09
MG MG RH . 31.10 17.59 46.59
MG MG SH . 38.77 10.90 13.00
MG MG TH . 11.57 22.14 63.26
MG MG UH . 55.01 45.31 23.71
MG MG VH . 99.01 11.09 62.23
MG MG WH . -22.91 13.12 59.80
MG MG XH . 35.65 48.91 3.67
MG MG YH . -12.93 42.57 22.03
MG MG ZH . -25.87 19.37 6.76
MG MG AI . 62.43 -54.70 -2.01
MG MG BI . -0.23 9.81 25.43
MG MG CI . 4.40 -26.78 33.22
MG MG DI . -24.13 7.29 54.32
MG MG EI . 24.66 -36.58 29.75
MG MG FI . 51.36 -6.66 52.75
MG MG GI . -1.85 7.19 7.41
MG MG HI . -74.38 12.67 57.73
MG MG II . 57.55 -11.81 65.48
N1 SPM JI . 62.79 -30.15 8.15
C2 SPM JI . 62.67 -29.32 9.33
C3 SPM JI . 63.99 -29.32 10.08
C4 SPM JI . 63.85 -28.44 11.32
N5 SPM JI . 63.95 -27.03 10.95
C6 SPM JI . 63.67 -26.21 12.10
C7 SPM JI . 63.84 -24.75 11.75
C8 SPM JI . 62.56 -23.99 12.10
C9 SPM JI . 62.95 -22.66 12.71
N10 SPM JI . 61.78 -21.85 13.00
C11 SPM JI . 62.20 -20.64 13.65
C12 SPM JI . 60.99 -19.77 14.00
C13 SPM JI . 60.52 -19.02 12.76
N14 SPM JI . 59.37 -18.23 13.14
MG MG KI . 42.33 -10.21 30.83
MG MG LI . 6.82 -12.67 83.23
N1 SPD MI . 18.48 -38.26 34.60
C2 SPD MI . 18.29 -39.34 33.66
C3 SPD MI . 18.07 -40.63 34.44
C4 SPD MI . 18.29 -41.81 33.50
C5 SPD MI . 19.00 -42.90 34.27
N6 SPD MI . 18.96 -44.14 33.52
C7 SPD MI . 19.66 -45.16 34.26
C8 SPD MI . 19.51 -46.48 33.54
C9 SPD MI . 20.52 -47.47 34.09
N10 SPD MI . 20.09 -48.81 33.75
MG MG NI . -18.14 64.19 54.28
N1 SPM OI . 34.17 -26.60 36.64
C2 SPM OI . 32.82 -26.06 36.61
C3 SPM OI . 32.17 -26.40 35.27
C4 SPM OI . 32.09 -25.12 34.44
N5 SPM OI . 31.81 -25.48 33.06
C6 SPM OI . 33.01 -26.03 32.47
C7 SPM OI . 32.80 -26.23 30.97
C8 SPM OI . 32.72 -24.88 30.28
C9 SPM OI . 32.53 -25.06 28.78
N10 SPM OI . 32.32 -23.75 28.20
C11 SPM OI . 33.04 -23.65 26.94
C12 SPM OI . 34.53 -23.49 27.21
C13 SPM OI . 35.21 -22.95 25.96
N14 SPM OI . 34.50 -21.75 25.55
N1 SPM PI . 7.50 -57.04 38.48
C2 SPM PI . 6.17 -56.63 38.06
C3 SPM PI . 6.07 -55.12 38.15
C4 SPM PI . 6.00 -54.73 39.62
N5 SPM PI . 5.89 -53.30 39.73
C6 SPM PI . 4.91 -52.97 40.75
C7 SPM PI . 4.59 -51.48 40.67
C8 SPM PI . 3.37 -51.17 41.53
C9 SPM PI . 2.96 -49.72 41.29
N10 SPM PI . 1.93 -49.35 42.23
C11 SPM PI . 2.52 -49.24 43.54
C12 SPM PI . 1.51 -48.61 44.49
C13 SPM PI . 1.87 -48.98 45.91
N14 SPM PI . 1.02 -48.23 46.80
MG MG QI . -68.51 10.35 51.88
MG MG RI . -26.42 -14.45 11.43
N1 SPM SI . -11.49 -32.60 40.35
C2 SPM SI . -10.63 -31.53 40.81
C3 SPM SI . -10.05 -30.77 39.61
C4 SPM SI . -8.70 -30.19 39.98
N5 SPM SI . -7.87 -30.09 38.80
C6 SPM SI . -8.26 -28.92 38.05
C7 SPM SI . -7.32 -28.75 36.86
C8 SPM SI . -6.06 -28.03 37.33
C9 SPM SI . -4.87 -28.42 36.45
N10 SPM SI . -5.27 -28.34 35.06
C11 SPM SI . -4.10 -28.08 34.25
C12 SPM SI . -4.55 -27.81 32.82
C13 SPM SI . -3.35 -27.66 31.89
N14 SPM SI . -3.74 -26.93 30.70
MG MG TI . -21.75 -1.01 31.09
MG MG UI . -56.08 -42.02 43.09
MG MG VI . -38.25 42.65 41.75
MG MG WI . -43.43 46.49 22.92
MG MG XI . 22.90 -8.61 50.44
MG MG YI . 73.52 55.06 16.85
MG MG ZI . 14.01 -4.84 62.23
MG MG AJ . -12.96 -24.82 -9.05
MG MG BJ . -42.67 49.26 45.38
MG MG CJ . 16.18 -55.33 85.37
MG MG DJ . -81.88 4.35 17.25
MG MG EJ . -22.87 -0.26 6.76
MG MG FJ . -71.63 20.80 68.52
MG MG GJ . -10.14 -80.24 58.72
N1 SPD HJ . -20.24 -0.59 37.26
C2 SPD HJ . -20.52 0.69 37.87
C3 SPD HJ . -19.64 1.76 37.23
C4 SPD HJ . -20.03 3.15 37.74
C5 SPD HJ . -19.24 4.21 36.96
N6 SPD HJ . -19.35 5.50 37.60
C7 SPD HJ . -18.49 6.44 36.91
C8 SPD HJ . -18.62 7.84 37.50
C9 SPD HJ . -18.26 8.87 36.43
N10 SPD HJ . -18.39 10.21 36.98
N1 SPD IJ . -14.37 -77.22 54.53
C2 SPD IJ . -13.79 -76.66 55.73
C3 SPD IJ . -13.82 -75.14 55.64
C4 SPD IJ . -13.72 -74.57 57.06
C5 SPD IJ . -13.28 -73.12 56.99
N6 SPD IJ . -13.50 -72.51 58.30
C7 SPD IJ . -13.04 -71.14 58.24
C8 SPD IJ . -14.11 -70.22 58.83
C9 SPD IJ . -13.60 -68.78 58.84
N10 SPD IJ . -12.48 -68.68 59.76
N1 SPD JJ . -30.14 12.15 33.13
C2 SPD JJ . -30.10 13.35 32.31
C3 SPD JJ . -28.65 13.64 31.91
C4 SPD JJ . -28.67 14.64 30.75
C5 SPD JJ . -27.53 14.32 29.79
N6 SPD JJ . -27.75 15.04 28.56
C7 SPD JJ . -27.50 16.45 28.76
C8 SPD JJ . -27.56 17.17 27.42
C9 SPD JJ . -27.31 18.67 27.60
N10 SPD JJ . -27.07 19.27 26.31
N1 SPD KJ . 42.99 2.86 38.20
C2 SPD KJ . 43.51 4.11 37.69
C3 SPD KJ . 42.50 5.22 37.96
C4 SPD KJ . 43.03 6.54 37.40
C5 SPD KJ . 41.87 7.46 37.06
N6 SPD KJ . 41.19 7.86 38.27
C7 SPD KJ . 39.98 8.59 37.96
C8 SPD KJ . 39.17 8.78 39.24
C9 SPD KJ . 38.07 9.81 39.00
N10 SPD KJ . 37.68 10.42 40.25
N1 SPD LJ . -43.74 -53.21 51.40
C2 SPD LJ . -44.34 -51.92 51.73
C3 SPD LJ . -45.28 -52.11 52.92
C4 SPD LJ . -46.05 -50.81 53.18
C5 SPD LJ . -45.45 -50.13 54.39
N6 SPD LJ . -46.07 -48.82 54.58
C7 SPD LJ . -46.07 -48.49 55.99
C8 SPD LJ . -47.47 -48.09 56.43
C9 SPD LJ . -47.86 -46.81 55.71
N10 SPD LJ . -49.21 -46.45 56.08
N1 SPD MJ . 29.49 8.97 76.40
C2 SPD MJ . 30.52 9.38 77.35
C3 SPD MJ . 31.39 10.46 76.70
C4 SPD MJ . 30.56 11.72 76.48
C5 SPD MJ . 31.30 12.63 75.51
N6 SPD MJ . 32.72 12.58 75.79
C7 SPD MJ . 33.43 13.37 74.80
C8 SPD MJ . 33.08 14.84 74.98
C9 SPD MJ . 32.69 15.44 73.63
N10 SPD MJ . 32.35 16.84 73.82
N1 SPM NJ . 27.82 39.47 35.73
C2 SPM NJ . 29.24 39.16 35.78
C3 SPM NJ . 29.86 39.78 37.03
C4 SPM NJ . 31.30 39.32 37.14
N5 SPM NJ . 31.31 37.89 37.44
C6 SPM NJ . 32.42 37.26 36.76
C7 SPM NJ . 31.96 35.91 36.22
C8 SPM NJ . 31.06 36.10 35.00
C9 SPM NJ . 31.11 34.86 34.12
N10 SPM NJ . 32.45 34.29 34.18
C11 SPM NJ . 32.80 33.74 32.88
C12 SPM NJ . 34.16 34.28 32.45
C13 SPM NJ . 34.67 33.47 31.26
N14 SPM NJ . 36.07 33.75 31.04
N1 SPD OJ . 30.92 49.90 28.22
C2 SPD OJ . 30.30 49.77 29.52
C3 SPD OJ . 30.40 48.33 30.01
C4 SPD OJ . 29.40 48.10 31.13
C5 SPD OJ . 29.09 46.62 31.30
N6 SPD OJ . 30.04 46.06 32.25
C7 SPD OJ . 29.73 44.67 32.48
C8 SPD OJ . 30.52 44.16 33.70
C9 SPD OJ . 30.01 42.77 34.07
N10 SPD OJ . 30.96 42.14 34.97
N1 SPD PJ . 0.40 -25.76 56.35
C2 SPD PJ . -1.03 -25.84 56.35
C3 SPD PJ . -1.49 -26.80 57.45
C4 SPD PJ . -0.86 -26.35 58.77
C5 SPD PJ . -1.56 -27.03 59.94
N6 SPD PJ . -1.39 -28.46 59.84
C7 SPD PJ . -2.40 -29.09 60.67
C8 SPD PJ . -1.73 -29.82 61.82
C9 SPD PJ . -1.03 -31.07 61.27
N10 SPD PJ . 0.38 -31.03 61.64
N1 SPM QJ . -12.84 9.18 -2.39
C2 SPM QJ . -11.95 8.21 -1.79
C3 SPM QJ . -12.70 6.89 -1.57
C4 SPM QJ . -11.68 5.77 -1.37
N5 SPM QJ . -12.10 4.84 -0.35
C6 SPM QJ . -11.28 3.63 -0.46
C7 SPM QJ . -11.16 2.91 0.88
C8 SPM QJ . -12.56 2.66 1.46
C9 SPM QJ . -13.00 1.24 1.14
N10 SPM QJ . -12.63 0.36 2.23
C11 SPM QJ . -13.81 -0.04 2.99
C12 SPM QJ . -13.44 -1.11 4.02
C13 SPM QJ . -11.95 -1.39 3.99
N14 SPM QJ . -11.71 -2.80 4.24
N1 SPM RJ . 26.40 25.15 57.48
C2 SPM RJ . 27.01 24.32 58.49
C3 SPM RJ . 28.45 23.98 58.08
C4 SPM RJ . 29.03 22.99 59.09
N5 SPM RJ . 30.33 22.54 58.61
C6 SPM RJ . 31.34 23.55 58.88
C7 SPM RJ . 32.57 23.33 58.00
C8 SPM RJ . 33.29 22.03 58.39
C9 SPM RJ . 34.78 22.18 58.10
N10 SPM RJ . 35.51 21.04 58.64
C11 SPM RJ . 36.79 21.49 59.18
C12 SPM RJ . 37.46 20.37 59.95
C13 SPM RJ . 38.15 20.96 61.18
N14 SPM RJ . 39.07 20.00 61.77
MG MG SJ . 61.48 -3.74 43.18
MG MG TJ . 87.19 -25.88 -3.45
MG MG UJ . 74.22 -7.55 28.09
MG MG VJ . 12.80 5.25 86.52
MG MG WJ . 17.40 -18.86 89.38
MG MG XJ . 17.58 12.21 84.48
MG MG YJ . -57.28 -70.03 38.81
MG MG ZJ . -32.06 -33.94 100.14
MG MG AK . -8.73 -18.08 15.45
MG MG BK . 48.90 -8.25 18.67
N1 SPD CK . -19.63 -48.90 30.14
C2 SPD CK . -20.01 -48.65 31.51
C3 SPD CK . -19.36 -49.69 32.41
C4 SPD CK . -20.19 -49.88 33.68
C5 SPD CK . -20.51 -51.36 33.82
N6 SPD CK . -20.49 -51.76 35.21
C7 SPD CK . -21.72 -51.36 35.87
C8 SPD CK . -21.81 -52.08 37.21
C9 SPD CK . -20.54 -51.84 38.00
N10 SPD CK . -20.15 -50.45 37.88
MG MG DK . -10.16 10.62 57.94
MG MG EK . 7.60 29.98 22.23
MG MG FK . 25.77 -0.13 75.61
ZN ZN GK . -74.58 -16.00 23.42
MG MG HK . -29.94 -16.41 46.37
ZN ZN IK . -27.05 -27.47 61.24
ZN ZN JK . 54.09 36.37 13.67
ZN ZN KK . 36.60 -76.71 12.10
ZN ZN LK . -68.15 -12.00 10.06
MG MG MK . -46.99 106.00 -14.13
ZN ZN NK . -29.78 -26.49 -41.08
MG MG OK . -27.75 -8.85 -51.33
MG MG PK . -35.93 17.74 -50.76
MG MG QK . -0.57 31.82 -68.98
MG MG RK . -61.17 14.55 -28.82
MG MG SK . -73.57 19.35 -43.93
MG MG TK . -56.88 12.83 -43.11
MG MG UK . -30.53 46.73 -27.99
MG MG VK . -36.04 63.37 -20.22
MG MG WK . -45.76 80.24 -17.90
MG MG XK . -15.23 -41.33 -25.62
MG MG YK . -33.66 4.32 -44.78
MG MG ZK . -28.62 15.53 -41.43
MG MG AL . -10.98 -23.96 -91.61
MG MG BL . 37.40 -53.91 -69.15
MG MG CL . -22.51 -23.52 -43.71
MG MG DL . -35.32 -15.66 -9.36
MG MG EL . -19.17 -14.76 -41.42
MG MG FL . -36.16 51.99 -37.46
MG MG GL . -18.80 -13.35 -39.56
MG MG HL . -32.76 64.19 -15.23
MG MG IL . -25.12 -29.99 -21.39
MG MG JL . -31.31 33.10 -49.48
MG MG KL . -39.91 -11.94 -21.14
MG MG LL . -42.95 -10.11 -35.47
MG MG ML . -38.46 61.44 -33.58
MG MG NL . -8.70 58.92 -71.29
#